data_8ENV
#
_entry.id   8ENV
#
loop_
_entity.id
_entity.type
_entity.pdbx_description
1 polymer 'Sheath protein gp31'
2 polymer 'Structural protein gp33'
3 polymer 'Sheath initiator gp34'
4 polymer 'Ripcord gp36'
5 polymer 'Baseplate_J domain-containing protein gp44'
6 polymer 'Structural protein gp45'
#
loop_
_entity_poly.entity_id
_entity_poly.type
_entity_poly.pdbx_seq_one_letter_code
_entity_poly.pdbx_strand_id
1 'polypeptide(L)'
;MISQSRYIRIISGVGAAAPVAGRKLILRVMTTNNVIPPGIVIEFDNANAVLSYFGAQSEEYQRAAAYFKFISKSVNSPSS
ISFARWVNTAIAPMVVGDNLPKTIADFAGFSAGVLTIMVGAAEQNITAIDTSAATSMDNVASIIQTEIRKNADPQLAQAT
VTWNQNTNQFTLVGATIGTGVLAVAKSADPQDMSTALGWSTSNVVNVAGQSADLPDAAVAKSTNVSNNFGSFLFAGAPLD
NDQIKAVSAWNAAQNNQFIYTVATSLANLGTLFTLVNGNAGTALNVLSATAANDFVEQCPSEILAATNYDEPGASQNYMY
YQFPGRNITVSDDTVANTVDKSRGNYIGVTQANGQQLAFYQRGILCGGPTDAVDMNVYANEIWLKSAIAQALLDLFLNVN
AVPASSTGEAMTLAVLQPVLDKATANGTFTYGKEISAVQQQYITQVTGDRRAWRQVQTLGYWINITFSSYTNSNTGLTEW
KANYTLIYSKGDAIRFVEGSDVMI
;
A,B,C,D,E,F
2 'polypeptide(L)'
;KIPLTAVPNQAISFNAGSSYWKIRLYQNMDMMNADISRDGVIVCHGVRCFGGIPLLQYSHQYRPDYGNFVFDRDADWTLF
GDGINLFYLDGAEFAEYQALAT
;
G,L,Q,V,a,f
3 'polypeptide(L)'
;STSTIRTGTNNDILLDDNGNMVILRDVEACAQDVRAAMLMRTGENIFDVNSGVGYFEYIFSPQKSYDDARKSIADAILSS
PDVTGIEQLDIDITGEVFGVDAKVITIH
;
H,M,R,W,b,g
4 'polypeptide(L)'
;MINVSGFGTGIVIVSASSFPMGFSLSKFADDESPISSKELEPFGYEMLYDGGLFAFDKAAPLEVSVSVIAGSEDDINLRI
LLNSKKGSFRFLPGIIPDMTTLVATLPDGGRTVLSNGTILKGPAIDTIQNTGRRKGNTYTFVFGSYLGAQTA
;
I,N,S,X,c,h
5 'polypeptide(L)'
;MANYNYIVDTGVIVADTADVLSDVEAEFRAALGANINLAASTPQGSLVAAEAIARSSVMRNEARIANTINPNVSFGTFLD
AICALMGIERGSDLSTFGYGVQVTGRSQTRISTGSRVQTPAGAIFTVMSDVTIPAGGVATIDIKSQEYGNIPLPVGNLII
IDGTIGWSGAKVIASTRVDPGSRQMSDAELKNARVNRLAIQGRNSTMAIKAYVSAVPNVTSVNVIENNTGAVQVVNGVSF
TLPYAVWVCVAGNPDKQAVADALWAAHNGGTPWDYGATNNGVPVDGPNGVPVRDPASGRKYVVKWTTPIMYDGYVNVTVQ
QGSSSVAPEAIQNAVVNYAQGKVEGEEGLVVGASLSAFEVAGAIAREIPGIYIKLCQVACVAAGSPAPAPGDFTSEYVMS
AFGQATISVGNVRVTFV
;
J,O,T,Y,d,i
6 'polypeptide(L)'
;LPAYNSDIQQALKWLHNQAPGITGLIQRKAQWYDRFSRQFWANWERDVFHLKTANPFGLMVWCIILGTPSKGFGLYPKNS
SWAFGRLRQNFIYSGTQVPPPADASPGGNFYGGGNAEILNLDEIRKVLQLRYVALISNGSIAYINRMLRYIFNDDEPWDE
ATGLYFYLMDSTGENGPVENLAVYRKDWEGMVLLSSSPRTNHVLTSTPASDADWPGVDPAASGIPVTVETASATAPDGSA
TVCKLTKPAGSTAYVSAPIDGPLGSGSTVTFSFFAKAGSTRFIAIQSAADFPSRADAVFDLDSGNVISDQMLDSSVVSAR
MIRLENGWWRCVLTTKTVSSSFRAAYVAPAETNFSWIDSNSSAAIDVLIWGAQIELGDTPTGYLKTTGAPVTITDYVLQN
AQTGTVKFTQPLPTGVEAYWTGDWKGGTAAEPARFAVGNGTQDTFTLSDPAYIGLPTSGAFKLEYRVGPALNLSPQLINL
MNDRAVGIMPTCAGCDVKVI
;
K,P,U,Z,e,j
#
# COMPACT_ATOMS: atom_id res chain seq x y z
N MET A 1 13.96 69.04 -22.87
CA MET A 1 14.74 68.59 -21.73
C MET A 1 15.60 67.40 -22.14
N ILE A 2 16.18 67.49 -23.34
CA ILE A 2 16.97 66.49 -24.05
C ILE A 2 16.10 65.26 -24.29
N SER A 3 16.45 64.43 -25.26
CA SER A 3 15.55 63.41 -25.79
C SER A 3 15.92 62.04 -25.25
N GLN A 4 14.93 61.33 -24.71
CA GLN A 4 15.15 59.96 -24.29
C GLN A 4 15.52 59.08 -25.47
N SER A 5 15.19 59.51 -26.70
CA SER A 5 15.51 58.73 -27.88
C SER A 5 16.98 58.82 -28.26
N ARG A 6 17.70 59.82 -27.76
CA ARG A 6 19.13 59.88 -28.00
C ARG A 6 19.86 58.72 -27.34
N TYR A 7 19.29 58.15 -26.29
CA TYR A 7 19.90 57.04 -25.56
C TYR A 7 19.34 55.68 -25.96
N ILE A 8 18.06 55.61 -26.29
CA ILE A 8 17.39 54.35 -26.61
C ILE A 8 16.61 54.54 -27.90
N ARG A 9 16.68 53.57 -28.80
CA ARG A 9 15.97 53.66 -30.06
C ARG A 9 15.38 52.30 -30.41
N ILE A 10 14.08 52.29 -30.74
CA ILE A 10 13.38 51.08 -31.14
C ILE A 10 12.69 51.37 -32.47
N ILE A 11 12.89 50.49 -33.45
CA ILE A 11 12.34 50.73 -34.77
C ILE A 11 10.94 50.12 -34.92
N SER A 12 10.73 48.97 -34.30
CA SER A 12 9.43 48.26 -34.32
C SER A 12 9.13 47.86 -35.77
N GLY A 13 7.93 48.07 -36.26
CA GLY A 13 7.56 47.60 -37.58
C GLY A 13 6.71 46.34 -37.52
N VAL A 14 5.74 46.26 -38.42
CA VAL A 14 4.79 45.15 -38.44
C VAL A 14 5.54 43.89 -38.88
N GLY A 15 4.92 42.73 -38.69
CA GLY A 15 5.55 41.47 -39.02
C GLY A 15 5.79 41.30 -40.51
N ALA A 16 6.18 40.07 -40.87
CA ALA A 16 6.49 39.70 -42.24
C ALA A 16 7.56 40.61 -42.84
N ALA A 17 8.56 40.96 -42.02
CA ALA A 17 9.68 41.78 -42.45
C ALA A 17 10.84 40.83 -42.73
N ALA A 18 11.14 40.62 -44.01
CA ALA A 18 12.19 39.70 -44.43
C ALA A 18 13.19 40.42 -45.32
N PRO A 19 14.24 41.03 -44.76
CA PRO A 19 15.26 41.65 -45.60
C PRO A 19 15.97 40.62 -46.47
N VAL A 20 16.32 41.04 -47.67
CA VAL A 20 16.93 40.16 -48.66
C VAL A 20 18.15 40.84 -49.26
N ALA A 21 19.20 40.06 -49.50
CA ALA A 21 20.40 40.53 -50.17
C ALA A 21 20.72 39.58 -51.31
N GLY A 22 20.86 40.12 -52.52
CA GLY A 22 21.14 39.36 -53.69
C GLY A 22 20.14 39.65 -54.78
N ARG A 23 20.20 38.87 -55.85
CA ARG A 23 19.27 39.05 -56.96
C ARG A 23 17.85 38.82 -56.50
N LYS A 24 16.97 39.75 -56.84
CA LYS A 24 15.56 39.66 -56.49
C LYS A 24 14.72 39.67 -57.77
N LEU A 25 13.69 38.84 -57.77
CA LEU A 25 12.88 38.61 -58.96
C LEU A 25 11.61 39.44 -58.84
N ILE A 26 11.57 40.58 -59.53
CA ILE A 26 10.46 41.51 -59.42
C ILE A 26 9.97 41.86 -60.81
N LEU A 27 8.75 42.39 -60.86
CA LEU A 27 8.11 42.72 -62.13
C LEU A 27 8.54 44.11 -62.59
N ARG A 28 8.87 44.23 -63.87
CA ARG A 28 9.21 45.51 -64.49
C ARG A 28 8.36 45.69 -65.73
N VAL A 29 7.74 46.85 -65.87
CA VAL A 29 6.77 47.11 -66.93
C VAL A 29 7.16 48.35 -67.71
N MET A 30 7.08 48.26 -69.04
CA MET A 30 7.31 49.39 -69.91
C MET A 30 6.02 50.16 -70.11
N THR A 31 6.11 51.48 -70.11
CA THR A 31 4.94 52.33 -70.28
C THR A 31 5.26 53.47 -71.23
N THR A 32 4.21 54.03 -71.83
CA THR A 32 4.33 55.16 -72.73
C THR A 32 3.93 56.47 -72.07
N ASN A 33 3.75 56.48 -70.75
CA ASN A 33 3.41 57.71 -70.04
C ASN A 33 4.55 58.71 -70.17
N ASN A 34 4.20 59.98 -70.37
CA ASN A 34 5.20 61.01 -70.59
C ASN A 34 5.93 61.41 -69.32
N VAL A 35 5.41 61.05 -68.14
CA VAL A 35 6.01 61.52 -66.90
C VAL A 35 7.40 60.92 -66.69
N ILE A 36 7.61 59.68 -67.12
CA ILE A 36 8.86 58.97 -66.82
C ILE A 36 9.93 59.30 -67.85
N PRO A 37 11.11 59.78 -67.43
CA PRO A 37 12.16 60.06 -68.39
C PRO A 37 12.65 58.80 -69.06
N PRO A 38 13.14 58.88 -70.30
CA PRO A 38 13.51 57.67 -71.03
C PRO A 38 14.62 56.86 -70.39
N GLY A 39 15.60 57.51 -69.77
CA GLY A 39 16.81 56.83 -69.34
C GLY A 39 16.88 56.40 -67.90
N ILE A 40 15.76 56.43 -67.16
CA ILE A 40 15.77 56.15 -65.72
C ILE A 40 14.71 55.12 -65.41
N VAL A 41 15.04 54.19 -64.52
CA VAL A 41 14.08 53.22 -64.00
C VAL A 41 13.78 53.57 -62.56
N ILE A 42 12.57 53.22 -62.11
CA ILE A 42 12.09 53.60 -60.79
C ILE A 42 11.57 52.35 -60.08
N GLU A 43 11.80 52.30 -58.77
CA GLU A 43 11.35 51.19 -57.95
C GLU A 43 10.48 51.70 -56.82
N PHE A 44 9.39 50.99 -56.54
CA PHE A 44 8.48 51.32 -55.46
C PHE A 44 8.32 50.13 -54.54
N ASP A 45 8.09 50.42 -53.26
CA ASP A 45 7.91 49.38 -52.26
C ASP A 45 6.48 49.24 -51.77
N ASN A 46 5.54 50.01 -52.34
CA ASN A 46 4.18 50.00 -51.85
C ASN A 46 3.26 50.54 -52.93
N ALA A 47 1.98 50.19 -52.82
CA ALA A 47 0.98 50.72 -53.74
C ALA A 47 0.72 52.21 -53.47
N ASN A 48 0.85 52.64 -52.22
CA ASN A 48 0.62 54.04 -51.90
C ASN A 48 1.65 54.94 -52.57
N ALA A 49 2.90 54.47 -52.66
CA ALA A 49 3.91 55.26 -53.36
C ALA A 49 3.56 55.42 -54.83
N VAL A 50 3.08 54.35 -55.47
CA VAL A 50 2.66 54.44 -56.86
C VAL A 50 1.49 55.40 -56.99
N LEU A 51 0.55 55.34 -56.05
CA LEU A 51 -0.58 56.26 -56.07
C LEU A 51 -0.14 57.70 -55.96
N SER A 52 0.81 57.98 -55.08
CA SER A 52 1.31 59.34 -54.92
C SER A 52 2.03 59.81 -56.19
N TYR A 53 2.81 58.93 -56.81
CA TYR A 53 3.58 59.34 -57.98
C TYR A 53 2.72 59.50 -59.22
N PHE A 54 1.69 58.68 -59.38
CA PHE A 54 0.89 58.67 -60.61
C PHE A 54 -0.53 59.14 -60.42
N GLY A 55 -1.25 58.60 -59.45
CA GLY A 55 -2.61 59.01 -59.21
C GLY A 55 -3.61 57.91 -59.52
N ALA A 56 -4.81 58.04 -58.92
CA ALA A 56 -5.80 56.98 -59.02
C ALA A 56 -6.27 56.78 -60.45
N GLN A 57 -6.46 57.85 -61.21
CA GLN A 57 -6.96 57.73 -62.57
C GLN A 57 -5.99 56.98 -63.47
N SER A 58 -4.70 57.00 -63.14
CA SER A 58 -3.71 56.30 -63.95
C SER A 58 -3.90 54.79 -63.84
N GLU A 59 -3.94 54.12 -64.99
CA GLU A 59 -4.13 52.66 -64.99
C GLU A 59 -2.95 51.95 -64.35
N GLU A 60 -1.78 52.59 -64.33
CA GLU A 60 -0.62 51.99 -63.69
C GLU A 60 -0.88 51.75 -62.21
N TYR A 61 -1.59 52.67 -61.56
CA TYR A 61 -1.96 52.44 -60.17
C TYR A 61 -2.84 51.22 -60.04
N GLN A 62 -3.77 51.02 -60.99
CA GLN A 62 -4.62 49.84 -60.95
C GLN A 62 -3.79 48.57 -61.09
N ARG A 63 -2.85 48.56 -62.03
CA ARG A 63 -2.00 47.39 -62.21
C ARG A 63 -1.20 47.10 -60.94
N ALA A 64 -0.62 48.14 -60.34
CA ALA A 64 0.17 47.95 -59.14
C ALA A 64 -0.70 47.45 -57.98
N ALA A 65 -1.91 47.99 -57.84
CA ALA A 65 -2.79 47.57 -56.77
C ALA A 65 -3.17 46.11 -56.93
N ALA A 66 -3.49 45.68 -58.15
CA ALA A 66 -3.78 44.27 -58.38
C ALA A 66 -2.57 43.40 -58.09
N TYR A 67 -1.40 43.85 -58.52
CA TYR A 67 -0.18 43.06 -58.39
C TYR A 67 0.23 42.87 -56.93
N PHE A 68 0.05 43.91 -56.11
CA PHE A 68 0.57 43.84 -54.75
C PHE A 68 -0.26 42.92 -53.86
N LYS A 69 -1.58 42.95 -53.99
CA LYS A 69 -2.45 42.19 -53.09
C LYS A 69 -2.54 40.73 -53.55
N PHE A 70 -1.44 40.02 -53.34
CA PHE A 70 -1.39 38.60 -53.66
C PHE A 70 -0.68 37.86 -52.55
N ILE A 71 -1.23 36.71 -52.16
CA ILE A 71 -0.66 35.87 -51.12
C ILE A 71 -0.43 34.48 -51.70
N SER A 72 0.76 33.95 -51.51
CA SER A 72 1.06 32.60 -51.96
C SER A 72 0.60 31.60 -50.91
N LYS A 73 0.84 30.31 -51.18
CA LYS A 73 0.47 29.28 -50.21
C LYS A 73 1.18 29.49 -48.90
N SER A 74 2.50 29.61 -48.93
CA SER A 74 3.22 30.20 -47.82
C SER A 74 3.05 31.71 -47.89
N VAL A 75 2.72 32.32 -46.76
CA VAL A 75 2.34 33.73 -46.77
C VAL A 75 3.53 34.57 -47.25
N ASN A 76 3.33 35.27 -48.37
CA ASN A 76 4.37 36.08 -48.97
C ASN A 76 3.72 37.09 -49.90
N SER A 77 4.48 38.13 -50.23
CA SER A 77 4.01 39.20 -51.09
C SER A 77 5.14 39.66 -51.99
N PRO A 78 4.82 40.21 -53.16
CA PRO A 78 5.88 40.64 -54.08
C PRO A 78 6.85 41.65 -53.49
N SER A 79 6.36 42.60 -52.70
CA SER A 79 7.18 43.54 -51.93
C SER A 79 8.04 44.46 -52.80
N SER A 80 7.86 44.47 -54.11
CA SER A 80 8.60 45.41 -54.95
C SER A 80 7.99 45.43 -56.34
N ILE A 81 8.39 46.46 -57.10
CA ILE A 81 7.94 46.62 -58.48
C ILE A 81 8.87 47.61 -59.16
N SER A 82 8.99 47.48 -60.48
CA SER A 82 9.89 48.34 -61.26
C SER A 82 9.14 48.94 -62.43
N PHE A 83 9.55 50.14 -62.82
CA PHE A 83 8.94 50.87 -63.92
C PHE A 83 10.01 51.38 -64.86
N ALA A 84 9.65 51.47 -66.15
CA ALA A 84 10.58 51.98 -67.15
C ALA A 84 9.78 52.63 -68.25
N ARG A 85 10.46 53.47 -69.03
CA ARG A 85 9.83 54.30 -70.04
C ARG A 85 10.19 53.79 -71.43
N TRP A 86 9.18 53.67 -72.29
CA TRP A 86 9.36 53.38 -73.70
C TRP A 86 8.82 54.55 -74.50
N VAL A 87 9.61 55.02 -75.47
CA VAL A 87 9.20 56.11 -76.33
C VAL A 87 8.95 55.55 -77.72
N ASN A 88 7.74 55.79 -78.24
CA ASN A 88 7.33 55.31 -79.54
C ASN A 88 7.17 56.43 -80.57
N THR A 89 7.45 57.67 -80.19
CA THR A 89 7.34 58.80 -81.10
C THR A 89 8.51 59.74 -80.86
N ALA A 90 8.97 60.39 -81.93
CA ALA A 90 10.06 61.35 -81.81
C ALA A 90 9.68 62.44 -80.82
N ILE A 91 10.62 62.78 -79.95
CA ILE A 91 10.35 63.68 -78.83
C ILE A 91 11.38 64.79 -78.80
N ALA A 92 10.99 65.93 -78.25
CA ALA A 92 11.88 67.07 -78.07
C ALA A 92 12.75 66.88 -76.83
N PRO A 93 13.93 67.49 -76.83
CA PRO A 93 14.79 67.42 -75.63
C PRO A 93 14.12 68.09 -74.44
N MET A 94 14.46 67.62 -73.25
CA MET A 94 13.83 68.12 -72.04
C MET A 94 14.80 68.00 -70.87
N VAL A 95 14.51 68.77 -69.83
CA VAL A 95 15.31 68.75 -68.60
C VAL A 95 14.36 68.80 -67.41
N VAL A 96 14.66 67.97 -66.40
CA VAL A 96 13.90 67.95 -65.15
C VAL A 96 14.71 67.27 -64.06
N GLY A 97 14.75 67.87 -62.87
CA GLY A 97 15.56 67.29 -61.82
C GLY A 97 15.11 67.44 -60.38
N ASP A 98 13.87 67.86 -60.15
CA ASP A 98 13.43 68.17 -58.80
C ASP A 98 12.74 66.94 -58.21
N ASN A 99 13.05 66.65 -56.94
CA ASN A 99 12.34 65.66 -56.17
C ASN A 99 11.96 66.13 -54.78
N LEU A 100 12.60 67.17 -54.26
CA LEU A 100 12.32 67.64 -52.92
C LEU A 100 11.00 68.42 -52.89
N PRO A 101 10.31 68.45 -51.74
CA PRO A 101 9.11 69.28 -51.60
C PRO A 101 9.46 70.74 -51.36
N LYS A 102 10.37 71.27 -52.17
CA LYS A 102 10.87 72.63 -51.98
C LYS A 102 9.86 73.68 -52.39
N THR A 103 8.94 73.34 -53.29
CA THR A 103 8.05 74.34 -53.88
C THR A 103 6.96 74.69 -52.88
N ILE A 104 7.19 75.78 -52.13
CA ILE A 104 6.21 76.29 -51.19
C ILE A 104 5.98 77.77 -51.51
N ALA A 105 6.21 78.12 -52.77
CA ALA A 105 6.07 79.50 -53.26
C ALA A 105 7.02 80.44 -52.53
N ASP A 106 8.31 80.18 -52.69
CA ASP A 106 9.36 81.03 -52.16
C ASP A 106 9.91 82.01 -53.19
N PHE A 107 9.25 82.12 -54.35
CA PHE A 107 9.71 83.04 -55.38
C PHE A 107 9.52 84.51 -54.99
N ALA A 108 8.80 84.79 -53.91
CA ALA A 108 8.60 86.16 -53.48
C ALA A 108 9.93 86.81 -53.12
N GLY A 109 10.11 88.05 -53.57
CA GLY A 109 11.36 88.77 -53.36
C GLY A 109 12.46 88.43 -54.33
N PHE A 110 12.21 87.55 -55.30
CA PHE A 110 13.20 87.15 -56.28
C PHE A 110 13.01 87.83 -57.63
N SER A 111 12.14 88.84 -57.69
CA SER A 111 11.81 89.46 -58.98
C SER A 111 13.03 90.13 -59.60
N ALA A 112 13.83 90.81 -58.79
CA ALA A 112 14.97 91.54 -59.31
C ALA A 112 16.05 90.58 -59.79
N GLY A 113 16.54 90.80 -61.01
CA GLY A 113 17.72 90.12 -61.52
C GLY A 113 17.67 88.61 -61.56
N VAL A 114 16.83 88.05 -62.42
CA VAL A 114 16.83 86.61 -62.67
C VAL A 114 17.86 86.30 -63.75
N LEU A 115 18.88 85.53 -63.39
CA LEU A 115 20.04 85.30 -64.25
C LEU A 115 20.27 83.82 -64.45
N THR A 116 19.23 83.09 -64.81
CA THR A 116 19.41 81.70 -65.20
C THR A 116 20.18 81.62 -66.51
N ILE A 117 20.81 80.47 -66.74
CA ILE A 117 21.67 80.26 -67.90
C ILE A 117 21.17 79.05 -68.66
N MET A 118 20.99 79.19 -69.97
CA MET A 118 20.66 78.09 -70.86
C MET A 118 21.90 77.69 -71.63
N VAL A 119 22.17 76.39 -71.68
CA VAL A 119 23.32 75.85 -72.40
C VAL A 119 22.80 74.94 -73.50
N GLY A 120 23.23 75.21 -74.73
CA GLY A 120 22.80 74.42 -75.87
C GLY A 120 23.74 74.53 -77.05
N ALA A 121 23.20 74.61 -78.26
CA ALA A 121 24.03 74.84 -79.43
C ALA A 121 24.70 76.21 -79.38
N ALA A 122 23.95 77.23 -78.96
CA ALA A 122 24.47 78.57 -78.79
C ALA A 122 24.12 79.07 -77.40
N GLU A 123 25.11 79.64 -76.71
CA GLU A 123 24.90 80.12 -75.35
C GLU A 123 23.88 81.26 -75.34
N GLN A 124 22.95 81.20 -74.38
CA GLN A 124 21.94 82.24 -74.23
C GLN A 124 21.69 82.48 -72.74
N ASN A 125 21.30 83.72 -72.42
CA ASN A 125 21.02 84.13 -71.05
C ASN A 125 19.60 84.67 -70.97
N ILE A 126 19.04 84.63 -69.76
CA ILE A 126 17.64 84.98 -69.53
C ILE A 126 17.58 86.32 -68.80
N THR A 127 16.74 87.22 -69.30
CA THR A 127 16.54 88.52 -68.68
C THR A 127 15.88 88.35 -67.30
N ALA A 128 15.95 89.41 -66.50
CA ALA A 128 15.33 89.38 -65.18
C ALA A 128 13.83 89.12 -65.29
N ILE A 129 13.32 88.31 -64.36
CA ILE A 129 11.95 87.84 -64.38
C ILE A 129 11.27 88.24 -63.08
N ASP A 130 10.06 88.78 -63.19
CA ASP A 130 9.31 89.21 -62.01
C ASP A 130 8.71 88.00 -61.31
N THR A 131 9.08 87.80 -60.05
CA THR A 131 8.54 86.72 -59.24
C THR A 131 8.13 87.18 -57.85
N SER A 132 8.16 88.48 -57.58
CA SER A 132 7.73 88.97 -56.27
C SER A 132 6.26 88.73 -56.02
N ALA A 133 5.44 88.69 -57.08
CA ALA A 133 4.02 88.42 -56.90
C ALA A 133 3.79 87.03 -56.33
N ALA A 134 4.37 86.01 -56.98
CA ALA A 134 4.30 84.62 -56.51
C ALA A 134 2.85 84.18 -56.25
N THR A 135 1.96 84.55 -57.16
CA THR A 135 0.55 84.24 -56.98
C THR A 135 0.29 82.74 -57.04
N SER A 136 0.83 82.07 -58.06
CA SER A 136 0.64 80.65 -58.21
C SER A 136 1.75 80.09 -59.09
N MET A 137 2.16 78.85 -58.79
CA MET A 137 3.31 78.26 -59.47
C MET A 137 3.07 78.06 -60.96
N ASP A 138 1.83 77.75 -61.36
CA ASP A 138 1.54 77.67 -62.79
C ASP A 138 1.68 79.04 -63.46
N ASN A 139 1.28 80.11 -62.76
CA ASN A 139 1.55 81.45 -63.27
C ASN A 139 3.04 81.69 -63.42
N VAL A 140 3.83 81.25 -62.44
CA VAL A 140 5.28 81.39 -62.54
C VAL A 140 5.81 80.66 -63.76
N ALA A 141 5.31 79.45 -64.00
CA ALA A 141 5.71 78.69 -65.17
C ALA A 141 5.37 79.44 -66.45
N SER A 142 4.18 80.03 -66.51
CA SER A 142 3.80 80.81 -67.68
C SER A 142 4.74 82.01 -67.89
N ILE A 143 5.11 82.68 -66.79
CA ILE A 143 5.98 83.84 -66.89
C ILE A 143 7.35 83.43 -67.44
N ILE A 144 7.92 82.36 -66.88
CA ILE A 144 9.21 81.89 -67.36
C ILE A 144 9.11 81.42 -68.80
N GLN A 145 7.97 80.81 -69.16
CA GLN A 145 7.76 80.39 -70.53
C GLN A 145 7.80 81.58 -71.48
N THR A 146 7.13 82.67 -71.11
CA THR A 146 7.15 83.87 -71.94
C THR A 146 8.56 84.43 -72.06
N GLU A 147 9.28 84.50 -70.93
CA GLU A 147 10.64 85.03 -70.96
C GLU A 147 11.54 84.18 -71.84
N ILE A 148 11.34 82.87 -71.84
CA ILE A 148 12.10 82.00 -72.74
C ILE A 148 11.70 82.25 -74.18
N ARG A 149 10.40 82.44 -74.42
CA ARG A 149 9.94 82.75 -75.78
C ARG A 149 10.55 84.03 -76.31
N LYS A 150 10.97 84.93 -75.40
CA LYS A 150 11.57 86.18 -75.85
C LYS A 150 12.90 86.00 -76.57
N ASN A 151 13.52 84.81 -76.50
CA ASN A 151 14.77 84.59 -77.19
C ASN A 151 14.52 84.24 -78.66
N ALA A 152 15.60 83.93 -79.39
CA ALA A 152 15.54 83.73 -80.83
C ALA A 152 15.93 82.33 -81.28
N ASP A 153 16.62 81.57 -80.46
CA ASP A 153 17.01 80.22 -80.85
C ASP A 153 15.76 79.37 -81.06
N PRO A 154 15.64 78.70 -82.20
CA PRO A 154 14.38 77.99 -82.52
C PRO A 154 13.97 76.96 -81.49
N GLN A 155 14.91 76.33 -80.79
CA GLN A 155 14.52 75.38 -79.75
C GLN A 155 13.76 76.06 -78.62
N LEU A 156 14.22 77.24 -78.19
CA LEU A 156 13.55 77.99 -77.12
C LEU A 156 12.53 78.98 -77.66
N ALA A 157 12.36 79.07 -78.97
CA ALA A 157 11.39 79.99 -79.55
C ALA A 157 9.96 79.49 -79.39
N GLN A 158 9.76 78.20 -79.14
CA GLN A 158 8.43 77.65 -78.93
C GLN A 158 8.42 76.67 -77.76
N ALA A 159 9.15 76.98 -76.69
CA ALA A 159 9.27 76.09 -75.55
C ALA A 159 8.03 76.16 -74.67
N THR A 160 7.90 75.15 -73.81
CA THR A 160 6.82 75.09 -72.84
C THR A 160 7.39 74.71 -71.49
N VAL A 161 6.66 75.05 -70.43
CA VAL A 161 7.02 74.70 -69.07
C VAL A 161 5.80 74.12 -68.37
N THR A 162 5.99 73.03 -67.64
CA THR A 162 4.89 72.33 -66.98
C THR A 162 5.25 72.06 -65.52
N TRP A 163 4.24 72.16 -64.66
CA TRP A 163 4.37 71.86 -63.24
C TRP A 163 3.37 70.81 -62.83
N ASN A 164 3.84 69.79 -62.13
CA ASN A 164 2.99 68.74 -61.58
C ASN A 164 2.84 68.92 -60.08
N GLN A 165 1.69 68.53 -59.56
CA GLN A 165 1.35 68.74 -58.15
C GLN A 165 1.66 67.53 -57.28
N ASN A 166 1.18 66.34 -57.67
CA ASN A 166 1.43 65.14 -56.88
C ASN A 166 2.93 64.87 -56.76
N THR A 167 3.67 65.07 -57.84
CA THR A 167 5.12 65.04 -57.79
C THR A 167 5.67 66.41 -58.21
N ASN A 168 6.71 66.84 -57.50
CA ASN A 168 7.23 68.20 -57.60
C ASN A 168 8.33 68.25 -58.66
N GLN A 169 7.96 68.60 -59.88
CA GLN A 169 8.92 68.72 -60.97
C GLN A 169 8.53 69.88 -61.89
N PHE A 170 9.54 70.66 -62.27
CA PHE A 170 9.41 71.64 -63.34
C PHE A 170 10.09 71.07 -64.58
N THR A 171 9.39 71.13 -65.72
CA THR A 171 9.90 70.56 -66.96
C THR A 171 10.02 71.63 -68.03
N LEU A 172 11.08 71.50 -68.83
CA LEU A 172 11.29 72.32 -70.02
C LEU A 172 11.23 71.42 -71.23
N VAL A 173 10.57 71.88 -72.29
CA VAL A 173 10.42 71.11 -73.51
C VAL A 173 10.84 71.98 -74.69
N GLY A 174 11.69 71.46 -75.56
CA GLY A 174 12.10 72.17 -76.74
C GLY A 174 11.05 72.14 -77.83
N ALA A 175 11.29 72.93 -78.88
CA ALA A 175 10.36 73.01 -80.00
C ALA A 175 10.57 71.87 -80.98
N THR A 176 11.76 71.79 -81.58
CA THR A 176 12.04 70.77 -82.56
C THR A 176 12.03 69.39 -81.92
N ILE A 177 11.69 68.38 -82.72
CA ILE A 177 11.51 67.02 -82.24
C ILE A 177 12.54 66.10 -82.90
N GLY A 178 13.10 65.20 -82.12
CA GLY A 178 13.98 64.17 -82.63
C GLY A 178 15.44 64.54 -82.74
N THR A 179 15.81 65.78 -82.47
CA THR A 179 17.20 66.21 -82.57
C THR A 179 17.43 67.40 -81.67
N GLY A 180 18.60 67.43 -81.03
CA GLY A 180 18.97 68.54 -80.18
C GLY A 180 19.36 68.12 -78.78
N VAL A 181 20.21 68.91 -78.13
CA VAL A 181 20.65 68.65 -76.76
C VAL A 181 20.59 69.96 -75.99
N LEU A 182 20.08 69.89 -74.76
CA LEU A 182 19.99 71.05 -73.89
C LEU A 182 20.75 70.80 -72.59
N ALA A 183 21.18 71.89 -71.96
CA ALA A 183 21.86 71.82 -70.69
C ALA A 183 21.65 73.13 -69.94
N VAL A 184 21.92 73.09 -68.64
CA VAL A 184 21.77 74.26 -67.79
C VAL A 184 22.94 74.32 -66.82
N ALA A 185 23.48 75.51 -66.61
CA ALA A 185 24.60 75.73 -65.70
C ALA A 185 24.28 76.90 -64.78
N LYS A 186 24.66 76.75 -63.51
CA LYS A 186 24.46 77.83 -62.55
C LYS A 186 25.46 78.95 -62.79
N SER A 187 25.11 80.15 -62.32
CA SER A 187 25.94 81.33 -62.47
C SER A 187 26.46 81.77 -61.11
N ALA A 188 27.43 82.69 -61.14
CA ALA A 188 27.98 83.24 -59.92
C ALA A 188 27.04 84.22 -59.24
N ASP A 189 26.00 84.67 -59.92
CA ASP A 189 25.05 85.61 -59.32
C ASP A 189 24.26 84.90 -58.23
N PRO A 190 24.30 85.37 -56.99
CA PRO A 190 23.48 84.73 -55.94
C PRO A 190 22.00 84.76 -56.23
N GLN A 191 21.52 85.80 -56.93
CA GLN A 191 20.09 85.92 -57.25
C GLN A 191 19.82 85.09 -58.51
N ASP A 192 19.77 83.78 -58.32
CA ASP A 192 19.60 82.85 -59.43
C ASP A 192 18.49 81.86 -59.09
N MET A 193 17.59 81.64 -60.05
CA MET A 193 16.52 80.67 -59.85
C MET A 193 17.03 79.24 -59.99
N SER A 194 18.00 79.02 -60.89
CA SER A 194 18.44 77.65 -61.19
C SER A 194 19.00 76.97 -59.95
N THR A 195 19.76 77.69 -59.13
CA THR A 195 20.24 77.13 -57.88
C THR A 195 19.05 76.75 -56.99
N ALA A 196 18.05 77.62 -56.90
CA ALA A 196 16.88 77.32 -56.11
C ALA A 196 15.96 76.33 -56.82
N LEU A 197 15.87 76.41 -58.15
CA LEU A 197 15.02 75.50 -58.89
C LEU A 197 15.69 74.13 -59.01
N GLY A 198 14.92 73.17 -59.52
CA GLY A 198 15.37 71.79 -59.50
C GLY A 198 16.59 71.55 -60.35
N TRP A 199 16.58 72.05 -61.58
CA TRP A 199 17.65 71.70 -62.50
C TRP A 199 18.91 72.51 -62.22
N SER A 200 20.02 72.04 -62.82
CA SER A 200 21.36 72.57 -62.59
C SER A 200 21.81 72.40 -61.15
N THR A 201 21.23 71.46 -60.41
CA THR A 201 21.56 71.23 -59.02
C THR A 201 21.61 69.74 -58.73
N SER A 202 22.83 69.20 -58.62
CA SER A 202 23.07 67.83 -58.15
C SER A 202 22.33 66.86 -59.08
N ASN A 203 21.58 65.90 -58.56
CA ASN A 203 20.94 64.87 -59.37
C ASN A 203 19.82 65.49 -60.20
N VAL A 204 20.07 65.68 -61.48
CA VAL A 204 19.10 66.23 -62.42
C VAL A 204 19.09 65.35 -63.65
N VAL A 205 17.89 64.97 -64.10
CA VAL A 205 17.75 64.11 -65.26
C VAL A 205 17.70 64.98 -66.50
N ASN A 206 18.55 64.67 -67.47
CA ASN A 206 18.60 65.38 -68.74
C ASN A 206 18.24 64.41 -69.86
N VAL A 207 17.59 64.93 -70.90
CA VAL A 207 17.06 64.11 -71.98
C VAL A 207 17.54 64.68 -73.30
N ALA A 208 17.99 63.79 -74.19
CA ALA A 208 18.41 64.17 -75.53
C ALA A 208 17.33 63.79 -76.54
N GLY A 209 16.96 64.74 -77.39
CA GLY A 209 15.99 64.49 -78.44
C GLY A 209 16.44 63.40 -79.38
N GLN A 210 15.53 62.49 -79.75
CA GLN A 210 15.90 61.36 -80.59
C GLN A 210 14.63 60.74 -81.16
N SER A 211 14.79 60.03 -82.27
CA SER A 211 13.67 59.47 -83.00
C SER A 211 13.04 58.30 -82.23
N ALA A 212 11.94 57.79 -82.77
CA ALA A 212 11.27 56.65 -82.16
C ALA A 212 12.13 55.40 -82.29
N ASP A 213 12.05 54.54 -81.27
CA ASP A 213 12.85 53.32 -81.21
C ASP A 213 11.95 52.10 -81.17
N LEU A 214 12.47 51.00 -81.72
CA LEU A 214 11.75 49.73 -81.66
C LEU A 214 11.67 49.25 -80.21
N PRO A 215 10.60 48.53 -79.85
CA PRO A 215 10.45 48.09 -78.46
C PRO A 215 11.60 47.22 -77.96
N ASP A 216 12.13 46.34 -78.82
CA ASP A 216 13.23 45.50 -78.39
C ASP A 216 14.46 46.33 -78.05
N ALA A 217 14.74 47.36 -78.85
CA ALA A 217 15.84 48.25 -78.52
C ALA A 217 15.60 48.94 -77.20
N ALA A 218 14.37 49.36 -76.94
CA ALA A 218 14.06 50.03 -75.69
C ALA A 218 14.31 49.13 -74.49
N VAL A 219 13.86 47.87 -74.58
CA VAL A 219 14.09 46.98 -73.46
C VAL A 219 15.58 46.67 -73.33
N ALA A 220 16.31 46.68 -74.45
CA ALA A 220 17.76 46.49 -74.37
C ALA A 220 18.42 47.61 -73.59
N LYS A 221 18.04 48.85 -73.88
CA LYS A 221 18.61 49.98 -73.12
C LYS A 221 18.21 49.89 -71.65
N SER A 222 16.96 49.50 -71.39
CA SER A 222 16.52 49.36 -70.00
C SER A 222 17.37 48.35 -69.25
N THR A 223 17.63 47.20 -69.87
CA THR A 223 18.50 46.21 -69.24
C THR A 223 19.90 46.75 -69.03
N ASN A 224 20.43 47.46 -70.04
CA ASN A 224 21.76 48.02 -69.90
C ASN A 224 21.85 48.99 -68.73
N VAL A 225 20.77 49.73 -68.46
CA VAL A 225 20.76 50.59 -67.28
C VAL A 225 20.77 49.74 -66.01
N SER A 226 19.91 48.73 -65.95
CA SER A 226 19.87 47.82 -64.82
C SER A 226 19.14 46.55 -65.24
N ASN A 227 19.58 45.42 -64.69
CA ASN A 227 19.04 44.11 -65.04
C ASN A 227 18.51 43.37 -63.83
N ASN A 228 18.13 44.08 -62.78
CA ASN A 228 17.65 43.44 -61.56
C ASN A 228 16.12 43.36 -61.60
N PHE A 229 15.63 42.35 -62.33
CA PHE A 229 14.20 42.13 -62.46
C PHE A 229 13.96 40.75 -63.06
N GLY A 230 12.70 40.46 -63.34
CA GLY A 230 12.32 39.27 -64.08
C GLY A 230 10.89 39.38 -64.53
N SER A 231 10.58 38.74 -65.66
CA SER A 231 9.21 38.66 -66.17
C SER A 231 8.63 40.05 -66.47
N PHE A 232 9.21 40.68 -67.48
CA PHE A 232 8.75 41.98 -67.94
C PHE A 232 7.55 41.83 -68.88
N LEU A 233 6.89 42.95 -69.17
CA LEU A 233 5.78 42.99 -70.11
C LEU A 233 5.59 44.41 -70.63
N PHE A 234 4.68 44.56 -71.59
CA PHE A 234 4.31 45.85 -72.15
C PHE A 234 2.90 46.22 -71.73
N ALA A 235 2.75 47.43 -71.21
CA ALA A 235 1.44 47.93 -70.81
C ALA A 235 0.75 48.64 -71.97
N GLY A 236 -0.52 48.99 -71.75
CA GLY A 236 -1.27 49.75 -72.74
C GLY A 236 -1.82 48.92 -73.89
N ALA A 237 -1.82 49.50 -75.08
CA ALA A 237 -2.42 48.85 -76.22
C ALA A 237 -1.62 47.61 -76.64
N PRO A 238 -2.28 46.59 -77.18
CA PRO A 238 -1.56 45.44 -77.71
C PRO A 238 -0.73 45.81 -78.92
N LEU A 239 0.33 45.05 -79.14
CA LEU A 239 1.28 45.32 -80.21
C LEU A 239 1.01 44.42 -81.41
N ASP A 240 1.53 44.85 -82.56
CA ASP A 240 1.41 44.05 -83.77
C ASP A 240 2.30 42.82 -83.68
N ASN A 241 1.85 41.73 -84.30
CA ASN A 241 2.50 40.43 -84.15
C ASN A 241 3.99 40.48 -84.47
N ASP A 242 4.38 41.33 -85.42
CA ASP A 242 5.79 41.46 -85.75
C ASP A 242 6.59 41.96 -84.54
N GLN A 243 6.02 42.91 -83.79
CA GLN A 243 6.71 43.44 -82.63
C GLN A 243 6.90 42.36 -81.56
N ILE A 244 5.87 41.57 -81.29
CA ILE A 244 6.01 40.48 -80.34
C ILE A 244 7.03 39.48 -80.82
N LYS A 245 7.04 39.18 -82.12
CA LYS A 245 8.02 38.24 -82.64
C LYS A 245 9.44 38.76 -82.42
N ALA A 246 9.68 40.04 -82.72
CA ALA A 246 11.01 40.60 -82.52
C ALA A 246 11.42 40.57 -81.05
N VAL A 247 10.49 40.94 -80.16
CA VAL A 247 10.83 40.96 -78.74
C VAL A 247 11.13 39.55 -78.25
N SER A 248 10.35 38.57 -78.70
CA SER A 248 10.59 37.19 -78.31
C SER A 248 11.94 36.70 -78.80
N ALA A 249 12.29 37.05 -80.04
CA ALA A 249 13.61 36.67 -80.55
C ALA A 249 14.71 37.28 -79.71
N TRP A 250 14.58 38.56 -79.36
CA TRP A 250 15.61 39.21 -78.55
C TRP A 250 15.72 38.55 -77.19
N ASN A 251 14.58 38.21 -76.58
CA ASN A 251 14.62 37.53 -75.29
C ASN A 251 15.29 36.16 -75.41
N ALA A 252 15.00 35.43 -76.49
CA ALA A 252 15.64 34.15 -76.70
C ALA A 252 17.14 34.31 -76.92
N ALA A 253 17.57 35.49 -77.39
CA ALA A 253 19.00 35.74 -77.51
C ALA A 253 19.68 35.66 -76.14
N GLN A 254 19.06 36.25 -75.13
CA GLN A 254 19.48 35.99 -73.75
C GLN A 254 19.17 34.53 -73.41
N ASN A 255 19.96 33.95 -72.53
CA ASN A 255 19.85 32.54 -72.18
C ASN A 255 19.26 32.43 -70.78
N ASN A 256 17.97 32.08 -70.71
CA ASN A 256 17.30 31.80 -69.45
C ASN A 256 17.43 32.95 -68.47
N GLN A 257 17.23 34.18 -68.96
CA GLN A 257 17.41 35.35 -68.13
C GLN A 257 16.10 35.93 -67.63
N PHE A 258 15.08 36.02 -68.47
CA PHE A 258 13.82 36.65 -68.08
C PHE A 258 12.65 35.84 -68.67
N ILE A 259 11.45 36.31 -68.39
CA ILE A 259 10.21 35.73 -68.92
C ILE A 259 9.45 36.83 -69.64
N TYR A 260 9.00 36.55 -70.85
CA TYR A 260 8.21 37.49 -71.62
C TYR A 260 6.76 37.04 -71.58
N THR A 261 5.92 37.80 -70.88
CA THR A 261 4.50 37.49 -70.75
C THR A 261 3.69 38.45 -71.60
N VAL A 262 2.75 37.92 -72.38
CA VAL A 262 1.89 38.73 -73.22
C VAL A 262 0.45 38.28 -73.03
N ALA A 263 -0.46 39.16 -73.42
CA ALA A 263 -1.89 38.87 -73.40
C ALA A 263 -2.41 38.86 -74.83
N THR A 264 -3.18 37.85 -75.18
CA THR A 264 -3.73 37.74 -76.52
C THR A 264 -5.15 37.21 -76.44
N SER A 265 -5.92 37.50 -77.49
CA SER A 265 -7.29 37.00 -77.58
C SER A 265 -7.29 35.55 -78.02
N LEU A 266 -8.43 34.88 -77.77
CA LEU A 266 -8.53 33.46 -78.08
C LEU A 266 -8.41 33.22 -79.58
N ALA A 267 -9.04 34.07 -80.39
CA ALA A 267 -8.99 33.88 -81.83
C ALA A 267 -7.62 34.19 -82.41
N ASN A 268 -6.74 34.82 -81.64
CA ASN A 268 -5.43 35.21 -82.14
C ASN A 268 -4.37 34.14 -81.93
N LEU A 269 -4.66 33.07 -81.20
CA LEU A 269 -3.63 32.09 -80.84
C LEU A 269 -3.09 31.38 -82.07
N GLY A 270 -3.96 31.09 -83.05
CA GLY A 270 -3.51 30.35 -84.20
C GLY A 270 -2.39 31.04 -84.95
N THR A 271 -2.45 32.38 -85.03
CA THR A 271 -1.40 33.12 -85.73
C THR A 271 -0.09 33.09 -84.95
N LEU A 272 -0.14 33.40 -83.65
CA LEU A 272 1.09 33.60 -82.90
C LEU A 272 1.89 32.30 -82.77
N PHE A 273 1.22 31.19 -82.49
CA PHE A 273 1.95 29.97 -82.17
C PHE A 273 2.88 29.56 -83.29
N THR A 274 2.45 29.71 -84.54
CA THR A 274 3.34 29.43 -85.65
C THR A 274 4.53 30.36 -85.66
N LEU A 275 4.31 31.64 -85.31
CA LEU A 275 5.39 32.61 -85.37
C LEU A 275 6.43 32.35 -84.28
N VAL A 276 5.99 32.00 -83.08
CA VAL A 276 6.89 31.93 -81.93
C VAL A 276 7.10 30.50 -81.47
N ASN A 277 7.02 29.55 -82.40
CA ASN A 277 7.47 28.20 -82.10
C ASN A 277 8.93 28.25 -81.66
N GLY A 278 9.26 27.47 -80.64
CA GLY A 278 10.56 27.66 -80.02
C GLY A 278 10.58 28.99 -79.29
N ASN A 279 11.74 29.64 -79.28
CA ASN A 279 11.91 30.94 -78.64
C ASN A 279 11.50 30.88 -77.18
N ALA A 280 12.21 30.07 -76.41
CA ALA A 280 11.83 29.81 -75.03
C ALA A 280 11.89 31.09 -74.20
N GLY A 281 11.08 31.13 -73.15
CA GLY A 281 10.97 32.29 -72.31
C GLY A 281 9.77 33.16 -72.56
N THR A 282 8.84 32.73 -73.39
CA THR A 282 7.66 33.51 -73.74
C THR A 282 6.41 32.81 -73.24
N ALA A 283 5.56 33.56 -72.55
CA ALA A 283 4.32 33.02 -72.01
C ALA A 283 3.13 33.60 -72.76
N LEU A 284 2.18 32.73 -73.10
CA LEU A 284 0.98 33.13 -73.82
C LEU A 284 -0.23 32.97 -72.93
N ASN A 285 -1.05 34.02 -72.84
CA ASN A 285 -2.22 34.03 -71.98
C ASN A 285 -3.44 34.45 -72.77
N VAL A 286 -4.58 33.85 -72.44
CA VAL A 286 -5.83 34.09 -73.16
C VAL A 286 -6.58 35.24 -72.49
N LEU A 287 -7.02 36.20 -73.28
CA LEU A 287 -7.71 37.38 -72.79
C LEU A 287 -9.16 37.37 -73.28
N SER A 288 -10.06 37.78 -72.39
CA SER A 288 -11.49 37.79 -72.68
C SER A 288 -11.88 39.08 -73.39
N ALA A 289 -12.57 38.94 -74.52
CA ALA A 289 -12.97 40.11 -75.30
C ALA A 289 -14.11 40.86 -74.64
N THR A 290 -15.08 40.14 -74.07
CA THR A 290 -16.30 40.77 -73.59
C THR A 290 -16.03 41.69 -72.40
N ALA A 291 -15.34 41.17 -71.39
CA ALA A 291 -15.23 41.88 -70.11
C ALA A 291 -13.96 42.75 -70.10
N ALA A 292 -13.68 43.34 -68.95
CA ALA A 292 -12.47 44.12 -68.78
C ALA A 292 -11.24 43.22 -68.75
N ASN A 293 -10.08 43.81 -69.00
CA ASN A 293 -8.85 43.02 -69.11
C ASN A 293 -8.51 42.32 -67.81
N ASP A 294 -8.64 43.04 -66.68
CA ASP A 294 -8.35 42.50 -65.35
C ASP A 294 -6.89 42.12 -65.19
N PHE A 295 -6.07 42.40 -66.21
CA PHE A 295 -4.63 42.12 -66.19
C PHE A 295 -4.35 40.65 -65.89
N VAL A 296 -4.80 39.79 -66.80
CA VAL A 296 -4.59 38.36 -66.62
C VAL A 296 -3.12 38.00 -66.77
N GLU A 297 -2.40 38.71 -67.64
CA GLU A 297 -1.04 38.32 -68.01
C GLU A 297 -0.05 38.45 -66.86
N GLN A 298 -0.44 39.11 -65.77
CA GLN A 298 0.49 39.30 -64.66
C GLN A 298 0.63 38.08 -63.77
N CYS A 299 -0.27 37.10 -63.87
CA CYS A 299 -0.31 36.02 -62.89
C CYS A 299 1.01 35.27 -62.75
N PRO A 300 1.66 34.80 -63.83
CA PRO A 300 2.97 34.16 -63.63
C PRO A 300 3.98 35.07 -62.98
N SER A 301 3.95 36.36 -63.31
CA SER A 301 4.91 37.28 -62.71
C SER A 301 4.70 37.40 -61.20
N GLU A 302 3.43 37.54 -60.77
CA GLU A 302 3.17 37.64 -59.34
C GLU A 302 3.57 36.36 -58.63
N ILE A 303 3.25 35.20 -59.21
CA ILE A 303 3.60 33.94 -58.56
C ILE A 303 5.11 33.82 -58.45
N LEU A 304 5.83 34.16 -59.51
CA LEU A 304 7.28 34.06 -59.49
C LEU A 304 7.89 35.02 -58.48
N ALA A 305 7.41 36.25 -58.42
CA ALA A 305 7.96 37.23 -57.51
C ALA A 305 7.61 36.93 -56.06
N ALA A 306 6.55 36.17 -55.82
CA ALA A 306 6.15 35.88 -54.44
C ALA A 306 7.16 34.96 -53.75
N THR A 307 7.69 33.99 -54.48
CA THR A 307 8.51 32.95 -53.85
C THR A 307 9.86 33.49 -53.43
N ASN A 308 10.46 32.81 -52.46
CA ASN A 308 11.81 33.10 -51.99
C ASN A 308 12.64 31.82 -52.05
N TYR A 309 13.95 31.99 -52.24
CA TYR A 309 14.82 30.86 -52.50
C TYR A 309 15.78 30.57 -51.35
N ASP A 310 15.51 31.07 -50.16
CA ASP A 310 16.41 30.79 -49.04
C ASP A 310 15.88 29.69 -48.13
N GLU A 311 14.58 29.66 -47.88
CA GLU A 311 14.03 28.63 -47.00
C GLU A 311 13.86 27.32 -47.76
N PRO A 312 13.88 26.20 -47.06
CA PRO A 312 13.70 24.91 -47.73
C PRO A 312 12.28 24.75 -48.27
N GLY A 313 12.16 23.84 -49.24
CA GLY A 313 10.88 23.56 -49.86
C GLY A 313 10.29 24.75 -50.60
N ALA A 314 11.12 25.42 -51.39
CA ALA A 314 10.73 26.68 -52.02
C ALA A 314 10.02 26.48 -53.36
N SER A 315 10.42 25.49 -54.16
CA SER A 315 9.85 25.31 -55.48
C SER A 315 8.35 25.05 -55.39
N GLN A 316 7.57 25.79 -56.18
CA GLN A 316 6.13 25.69 -56.14
C GLN A 316 5.60 25.42 -57.54
N ASN A 317 4.38 24.89 -57.58
CA ASN A 317 3.71 24.61 -58.84
C ASN A 317 2.82 25.77 -59.23
N TYR A 318 2.68 25.98 -60.54
CA TYR A 318 1.79 27.01 -61.07
C TYR A 318 0.46 26.44 -61.53
N MET A 319 0.20 25.16 -61.27
CA MET A 319 -0.96 24.48 -61.82
C MET A 319 -2.26 24.94 -61.19
N TYR A 320 -2.27 25.13 -59.86
CA TYR A 320 -3.50 25.40 -59.12
C TYR A 320 -3.31 26.62 -58.23
N TYR A 321 -3.58 27.81 -58.77
CA TYR A 321 -3.70 29.01 -57.97
C TYR A 321 -4.97 29.74 -58.35
N GLN A 322 -5.68 30.23 -57.34
CA GLN A 322 -6.95 30.88 -57.54
C GLN A 322 -6.81 32.40 -57.41
N PHE A 323 -7.28 33.13 -58.41
CA PHE A 323 -7.33 34.58 -58.35
C PHE A 323 -8.78 35.01 -58.31
N PRO A 324 -9.31 35.39 -57.16
CA PRO A 324 -10.74 35.78 -57.10
C PRO A 324 -11.06 36.98 -57.97
N GLY A 325 -10.13 37.92 -58.10
CA GLY A 325 -10.43 39.13 -58.86
C GLY A 325 -10.64 38.88 -60.34
N ARG A 326 -9.84 37.99 -60.92
CA ARG A 326 -9.86 37.82 -62.37
C ARG A 326 -11.17 37.18 -62.83
N ASN A 327 -11.41 37.28 -64.12
CA ASN A 327 -12.60 36.71 -64.75
C ASN A 327 -12.30 35.32 -65.29
N ILE A 328 -13.32 34.70 -65.88
CA ILE A 328 -13.24 33.34 -66.38
C ILE A 328 -13.38 33.36 -67.89
N THR A 329 -12.54 32.58 -68.56
CA THR A 329 -12.49 32.58 -70.02
C THR A 329 -13.21 31.40 -70.66
N VAL A 330 -12.81 30.17 -70.34
CA VAL A 330 -13.26 29.00 -71.07
C VAL A 330 -13.88 27.99 -70.11
N SER A 331 -14.83 27.21 -70.64
CA SER A 331 -15.51 26.20 -69.83
C SER A 331 -15.79 24.91 -70.59
N ASP A 332 -15.20 24.70 -71.77
CA ASP A 332 -15.50 23.54 -72.59
C ASP A 332 -14.27 22.64 -72.71
N ASP A 333 -14.51 21.34 -72.89
CA ASP A 333 -13.42 20.40 -73.04
C ASP A 333 -12.70 20.59 -74.37
N THR A 334 -13.46 20.69 -75.47
CA THR A 334 -12.83 20.82 -76.78
C THR A 334 -12.04 22.11 -76.89
N VAL A 335 -12.60 23.21 -76.35
CA VAL A 335 -11.89 24.48 -76.37
C VAL A 335 -10.59 24.37 -75.60
N ALA A 336 -10.63 23.73 -74.42
CA ALA A 336 -9.42 23.55 -73.64
C ALA A 336 -8.40 22.70 -74.38
N ASN A 337 -8.86 21.65 -75.06
CA ASN A 337 -7.93 20.81 -75.81
C ASN A 337 -7.25 21.60 -76.94
N THR A 338 -8.02 22.41 -77.66
CA THR A 338 -7.44 23.21 -78.72
C THR A 338 -6.43 24.21 -78.16
N VAL A 339 -6.77 24.87 -77.05
CA VAL A 339 -5.86 25.83 -76.46
C VAL A 339 -4.57 25.14 -76.00
N ASP A 340 -4.71 23.97 -75.38
CA ASP A 340 -3.53 23.24 -74.94
C ASP A 340 -2.65 22.85 -76.12
N LYS A 341 -3.27 22.37 -77.20
CA LYS A 341 -2.50 22.09 -78.42
C LYS A 341 -1.79 23.33 -78.91
N SER A 342 -2.38 24.51 -78.69
CA SER A 342 -1.75 25.76 -79.05
C SER A 342 -0.81 26.28 -77.97
N ARG A 343 -0.66 25.56 -76.85
CA ARG A 343 0.27 25.93 -75.79
C ARG A 343 -0.06 27.30 -75.21
N GLY A 344 -1.24 27.41 -74.60
CA GLY A 344 -1.69 28.64 -74.00
C GLY A 344 -2.06 28.47 -72.53
N ASN A 345 -2.13 29.59 -71.83
CA ASN A 345 -2.51 29.62 -70.43
C ASN A 345 -3.82 30.38 -70.28
N TYR A 346 -4.60 30.00 -69.28
CA TYR A 346 -5.94 30.53 -69.11
C TYR A 346 -6.43 30.20 -67.71
N ILE A 347 -7.68 30.57 -67.44
CA ILE A 347 -8.35 30.26 -66.19
C ILE A 347 -9.63 29.52 -66.52
N GLY A 348 -9.78 28.32 -66.00
CA GLY A 348 -10.91 27.44 -66.31
C GLY A 348 -11.78 27.24 -65.09
N VAL A 349 -13.09 27.15 -65.31
CA VAL A 349 -14.07 26.94 -64.26
C VAL A 349 -14.59 25.51 -64.35
N THR A 350 -14.90 24.93 -63.21
CA THR A 350 -15.44 23.57 -63.15
C THR A 350 -16.95 23.52 -63.01
N GLN A 351 -17.55 24.35 -62.16
CA GLN A 351 -18.99 24.51 -62.10
C GLN A 351 -19.32 25.91 -61.63
N ALA A 352 -20.56 26.33 -61.92
CA ALA A 352 -21.10 27.58 -61.42
C ALA A 352 -22.14 27.36 -60.32
N ASN A 353 -22.02 26.27 -59.58
CA ASN A 353 -22.97 25.95 -58.52
C ASN A 353 -22.66 26.80 -57.29
N GLY A 354 -23.26 26.44 -56.15
CA GLY A 354 -23.10 27.24 -54.95
C GLY A 354 -21.64 27.44 -54.59
N GLN A 355 -20.84 26.39 -54.68
CA GLN A 355 -19.40 26.57 -54.68
C GLN A 355 -18.93 26.84 -56.09
N GLN A 356 -17.91 27.69 -56.21
CA GLN A 356 -17.31 27.97 -57.51
C GLN A 356 -15.81 28.00 -57.34
N LEU A 357 -15.10 27.27 -58.21
CA LEU A 357 -13.65 27.27 -58.17
C LEU A 357 -13.11 27.37 -59.59
N ALA A 358 -12.03 28.13 -59.73
CA ALA A 358 -11.32 28.27 -60.99
C ALA A 358 -9.86 28.56 -60.67
N PHE A 359 -8.98 28.25 -61.62
CA PHE A 359 -7.56 28.42 -61.35
C PHE A 359 -6.79 28.50 -62.65
N TYR A 360 -5.57 29.05 -62.55
CA TYR A 360 -4.66 29.22 -63.66
C TYR A 360 -4.20 27.86 -64.18
N GLN A 361 -4.75 27.43 -65.32
CA GLN A 361 -4.65 26.04 -65.71
C GLN A 361 -3.24 25.55 -65.99
N ARG A 362 -2.61 26.03 -67.05
CA ARG A 362 -1.41 25.40 -67.57
C ARG A 362 -0.16 26.15 -67.12
N GLY A 363 0.82 25.42 -66.63
CA GLY A 363 2.09 26.00 -66.29
C GLY A 363 3.11 25.80 -67.39
N ILE A 364 2.65 25.56 -68.61
CA ILE A 364 3.55 25.30 -69.72
C ILE A 364 4.00 26.61 -70.33
N LEU A 365 5.04 26.56 -71.15
CA LEU A 365 5.69 27.75 -71.68
C LEU A 365 6.31 27.38 -73.02
N CYS A 366 6.06 28.20 -74.03
CA CYS A 366 6.46 27.86 -75.39
C CYS A 366 7.98 27.84 -75.52
N GLY A 367 8.49 26.90 -76.30
CA GLY A 367 9.92 26.78 -76.50
C GLY A 367 10.24 25.56 -77.33
N GLY A 368 11.53 25.43 -77.65
CA GLY A 368 12.01 24.36 -78.49
C GLY A 368 12.09 23.05 -77.74
N PRO A 369 12.31 21.96 -78.49
CA PRO A 369 12.37 20.64 -77.86
C PRO A 369 13.48 20.50 -76.84
N THR A 370 14.62 21.15 -77.07
CA THR A 370 15.77 20.96 -76.18
C THR A 370 15.56 21.66 -74.84
N ASP A 371 15.02 22.87 -74.86
CA ASP A 371 14.97 23.69 -73.66
C ASP A 371 13.77 23.31 -72.79
N ALA A 372 13.86 23.65 -71.52
CA ALA A 372 12.83 23.32 -70.55
C ALA A 372 11.52 24.01 -70.89
N VAL A 373 10.41 23.31 -70.63
CA VAL A 373 9.10 23.77 -71.01
C VAL A 373 8.33 24.38 -69.84
N ASP A 374 8.24 23.65 -68.73
CA ASP A 374 7.43 24.14 -67.62
C ASP A 374 8.11 25.36 -66.99
N MET A 375 7.30 26.16 -66.29
CA MET A 375 7.81 27.44 -65.78
C MET A 375 8.68 27.28 -64.55
N ASN A 376 8.35 26.31 -63.68
CA ASN A 376 9.06 26.22 -62.42
C ASN A 376 10.54 25.92 -62.63
N VAL A 377 10.85 25.01 -63.55
CA VAL A 377 12.24 24.72 -63.86
C VAL A 377 12.93 25.94 -64.45
N TYR A 378 12.20 26.73 -65.23
CA TYR A 378 12.77 27.96 -65.78
C TYR A 378 13.20 28.91 -64.67
N ALA A 379 12.31 29.14 -63.70
CA ALA A 379 12.65 30.03 -62.60
C ALA A 379 13.82 29.48 -61.79
N ASN A 380 13.81 28.18 -61.54
CA ASN A 380 14.91 27.57 -60.81
C ASN A 380 16.23 27.76 -61.54
N GLU A 381 16.22 27.61 -62.86
CA GLU A 381 17.44 27.84 -63.64
C GLU A 381 17.91 29.27 -63.52
N ILE A 382 16.98 30.23 -63.56
CA ILE A 382 17.36 31.63 -63.41
C ILE A 382 18.09 31.83 -62.09
N TRP A 383 17.50 31.36 -61.00
CA TRP A 383 18.11 31.55 -59.70
C TRP A 383 19.47 30.86 -59.62
N LEU A 384 19.57 29.64 -60.17
CA LEU A 384 20.82 28.91 -60.11
C LEU A 384 21.93 29.63 -60.86
N LYS A 385 21.63 30.14 -62.05
CA LYS A 385 22.65 30.86 -62.81
C LYS A 385 23.12 32.09 -62.05
N SER A 386 22.18 32.85 -61.48
CA SER A 386 22.58 34.03 -60.72
C SER A 386 23.51 33.66 -59.58
N ALA A 387 23.15 32.61 -58.83
CA ALA A 387 23.95 32.24 -57.67
C ALA A 387 25.35 31.79 -58.09
N ILE A 388 25.44 30.99 -59.15
CA ILE A 388 26.75 30.50 -59.60
C ILE A 388 27.63 31.67 -60.01
N ALA A 389 27.09 32.59 -60.79
CA ALA A 389 27.89 33.73 -61.22
C ALA A 389 28.37 34.54 -60.03
N GLN A 390 27.49 34.76 -59.06
CA GLN A 390 27.89 35.53 -57.88
C GLN A 390 29.02 34.84 -57.13
N ALA A 391 28.94 33.52 -56.98
CA ALA A 391 29.99 32.80 -56.26
C ALA A 391 31.33 32.92 -56.99
N LEU A 392 31.31 32.77 -58.32
CA LEU A 392 32.57 32.85 -59.05
C LEU A 392 33.20 34.23 -58.94
N LEU A 393 32.38 35.29 -59.05
CA LEU A 393 32.93 36.63 -58.91
C LEU A 393 33.48 36.86 -57.51
N ASP A 394 32.83 36.34 -56.49
CA ASP A 394 33.40 36.47 -55.15
C ASP A 394 34.75 35.78 -55.07
N LEU A 395 34.87 34.60 -55.66
CA LEU A 395 36.16 33.92 -55.68
C LEU A 395 37.24 34.80 -56.30
N PHE A 396 36.98 35.31 -57.50
CA PHE A 396 38.02 36.13 -58.15
C PHE A 396 38.33 37.38 -57.35
N LEU A 397 37.33 38.03 -56.77
CA LEU A 397 37.59 39.26 -56.03
C LEU A 397 38.38 39.00 -54.76
N ASN A 398 38.22 37.84 -54.13
CA ASN A 398 38.84 37.64 -52.82
C ASN A 398 40.28 37.13 -52.91
N VAL A 399 40.48 35.98 -53.55
CA VAL A 399 41.83 35.41 -53.61
C VAL A 399 42.70 36.24 -54.56
N ASN A 400 44.00 36.26 -54.29
CA ASN A 400 44.90 37.09 -55.09
C ASN A 400 45.18 36.47 -56.46
N ALA A 401 45.28 35.15 -56.53
CA ALA A 401 45.56 34.49 -57.80
C ALA A 401 44.98 33.09 -57.78
N VAL A 402 44.48 32.65 -58.93
CA VAL A 402 43.97 31.29 -59.08
C VAL A 402 44.91 30.55 -60.03
N PRO A 403 45.81 29.73 -59.50
CA PRO A 403 46.76 29.03 -60.38
C PRO A 403 46.04 28.09 -61.33
N ALA A 404 46.62 27.92 -62.51
CA ALA A 404 46.07 27.00 -63.51
C ALA A 404 46.57 25.58 -63.26
N SER A 405 46.36 25.12 -62.03
CA SER A 405 46.77 23.79 -61.62
C SER A 405 45.60 23.11 -60.91
N SER A 406 45.87 21.92 -60.38
CA SER A 406 44.81 21.16 -59.71
C SER A 406 44.28 21.89 -58.49
N THR A 407 45.16 22.58 -57.75
CA THR A 407 44.73 23.29 -56.56
C THR A 407 43.72 24.37 -56.89
N GLY A 408 43.91 25.06 -58.02
CA GLY A 408 42.98 26.11 -58.39
C GLY A 408 41.57 25.58 -58.60
N GLU A 409 41.45 24.48 -59.33
CA GLU A 409 40.12 23.93 -59.58
C GLU A 409 39.55 23.27 -58.35
N ALA A 410 40.40 22.76 -57.46
CA ALA A 410 39.90 22.35 -56.15
C ALA A 410 39.29 23.53 -55.40
N MET A 411 39.95 24.68 -55.45
CA MET A 411 39.40 25.88 -54.82
C MET A 411 38.06 26.26 -55.44
N THR A 412 37.96 26.19 -56.76
CA THR A 412 36.71 26.55 -57.42
C THR A 412 35.58 25.63 -56.97
N LEU A 413 35.84 24.33 -56.92
CA LEU A 413 34.79 23.40 -56.50
C LEU A 413 34.41 23.64 -55.05
N ALA A 414 35.40 23.91 -54.19
CA ALA A 414 35.09 24.20 -52.79
C ALA A 414 34.21 25.42 -52.66
N VAL A 415 34.46 26.44 -53.49
CA VAL A 415 33.62 27.63 -53.46
C VAL A 415 32.21 27.31 -53.93
N LEU A 416 32.08 26.47 -54.98
CA LEU A 416 30.75 26.14 -55.47
C LEU A 416 29.94 25.30 -54.50
N GLN A 417 30.58 24.59 -53.58
CA GLN A 417 29.84 23.68 -52.70
C GLN A 417 28.64 24.29 -51.97
N PRO A 418 28.76 25.44 -51.29
CA PRO A 418 27.58 25.97 -50.57
C PRO A 418 26.40 26.29 -51.47
N VAL A 419 26.64 26.76 -52.69
CA VAL A 419 25.54 27.03 -53.60
C VAL A 419 24.79 25.76 -53.93
N LEU A 420 25.52 24.67 -54.18
CA LEU A 420 24.88 23.40 -54.43
C LEU A 420 24.11 22.90 -53.22
N ASP A 421 24.64 23.11 -52.02
CA ASP A 421 23.90 22.73 -50.81
C ASP A 421 22.58 23.50 -50.72
N LYS A 422 22.63 24.81 -50.96
CA LYS A 422 21.40 25.59 -50.93
C LYS A 422 20.42 25.12 -52.00
N ALA A 423 20.93 24.79 -53.18
CA ALA A 423 20.06 24.34 -54.26
C ALA A 423 19.37 23.04 -53.90
N THR A 424 20.11 22.09 -53.33
CA THR A 424 19.47 20.83 -52.94
C THR A 424 18.55 21.02 -51.74
N ALA A 425 18.74 22.10 -50.98
CA ALA A 425 17.79 22.41 -49.92
C ALA A 425 16.49 22.96 -50.47
N ASN A 426 16.56 23.83 -51.47
CA ASN A 426 15.36 24.48 -51.99
C ASN A 426 14.40 23.47 -52.61
N GLY A 427 14.89 22.64 -53.52
CA GLY A 427 14.02 21.75 -54.25
C GLY A 427 14.22 21.86 -55.74
N THR A 428 15.20 22.67 -56.14
CA THR A 428 15.55 22.75 -57.55
C THR A 428 16.21 21.48 -58.03
N PHE A 429 16.80 20.72 -57.13
CA PHE A 429 17.35 19.40 -57.43
C PHE A 429 16.42 18.33 -56.87
N THR A 430 16.45 17.16 -57.50
CA THR A 430 15.61 16.04 -57.07
C THR A 430 16.45 14.78 -57.06
N TYR A 431 16.02 13.82 -56.26
CA TYR A 431 16.75 12.57 -56.10
C TYR A 431 15.78 11.40 -56.16
N GLY A 432 16.29 10.26 -56.60
CA GLY A 432 15.52 9.04 -56.65
C GLY A 432 14.77 8.79 -57.94
N LYS A 433 14.75 9.76 -58.86
CA LYS A 433 14.04 9.56 -60.12
C LYS A 433 14.72 8.48 -60.95
N GLU A 434 13.91 7.64 -61.58
CA GLU A 434 14.44 6.61 -62.47
C GLU A 434 14.88 7.22 -63.79
N ILE A 435 15.78 6.52 -64.47
CA ILE A 435 16.40 6.98 -65.71
C ILE A 435 16.11 5.98 -66.81
N SER A 436 15.65 6.48 -67.95
CA SER A 436 15.42 5.63 -69.11
C SER A 436 16.71 5.40 -69.87
N ALA A 437 16.68 4.42 -70.77
CA ALA A 437 17.87 4.08 -71.55
C ALA A 437 18.32 5.24 -72.42
N VAL A 438 17.37 5.91 -73.07
CA VAL A 438 17.72 7.03 -73.94
C VAL A 438 18.36 8.15 -73.13
N GLN A 439 17.81 8.44 -71.96
CA GLN A 439 18.41 9.47 -71.11
C GLN A 439 19.80 9.09 -70.66
N GLN A 440 20.01 7.81 -70.33
CA GLN A 440 21.34 7.37 -69.94
C GLN A 440 22.34 7.55 -71.07
N GLN A 441 21.94 7.18 -72.29
CA GLN A 441 22.82 7.39 -73.43
C GLN A 441 23.11 8.87 -73.64
N TYR A 442 22.08 9.71 -73.49
CA TYR A 442 22.27 11.15 -73.66
C TYR A 442 23.26 11.69 -72.64
N ILE A 443 23.14 11.26 -71.39
CA ILE A 443 24.06 11.73 -70.35
C ILE A 443 25.48 11.28 -70.66
N THR A 444 25.65 10.01 -71.02
CA THR A 444 26.99 9.51 -71.32
C THR A 444 27.57 10.20 -72.55
N GLN A 445 26.70 10.66 -73.45
CA GLN A 445 27.18 11.40 -74.62
C GLN A 445 27.63 12.80 -74.24
N VAL A 446 26.88 13.46 -73.35
CA VAL A 446 27.19 14.85 -73.00
C VAL A 446 28.52 14.93 -72.26
N THR A 447 28.71 14.08 -71.25
CA THR A 447 29.96 14.02 -70.51
C THR A 447 30.65 12.70 -70.82
N GLY A 448 31.97 12.77 -71.08
CA GLY A 448 32.68 11.60 -71.53
C GLY A 448 32.71 10.46 -70.54
N ASP A 449 32.38 10.73 -69.28
CA ASP A 449 32.47 9.71 -68.24
C ASP A 449 31.22 8.86 -68.20
N ARG A 450 31.41 7.55 -68.21
CA ARG A 450 30.34 6.60 -67.95
C ARG A 450 30.17 6.43 -66.45
N ARG A 451 28.98 6.01 -66.05
CA ARG A 451 28.57 5.81 -64.66
C ARG A 451 28.27 7.12 -63.93
N ALA A 452 28.18 8.24 -64.65
CA ALA A 452 27.73 9.47 -64.02
C ALA A 452 26.23 9.44 -63.76
N TRP A 453 25.48 8.70 -64.58
CA TRP A 453 24.04 8.65 -64.38
C TRP A 453 23.70 8.01 -63.04
N ARG A 454 24.58 7.16 -62.50
CA ARG A 454 24.37 6.65 -61.15
C ARG A 454 24.34 7.79 -60.15
N GLN A 455 25.30 8.70 -60.24
CA GLN A 455 25.33 9.83 -59.32
C GLN A 455 24.14 10.74 -59.54
N VAL A 456 23.76 10.96 -60.80
CA VAL A 456 22.58 11.80 -61.06
C VAL A 456 21.34 11.16 -60.45
N GLN A 457 21.22 9.84 -60.53
CA GLN A 457 20.09 9.16 -59.92
C GLN A 457 20.11 9.26 -58.40
N THR A 458 21.29 9.15 -57.79
CA THR A 458 21.35 9.09 -56.34
C THR A 458 21.30 10.49 -55.71
N LEU A 459 22.29 11.33 -56.00
CA LEU A 459 22.33 12.65 -55.38
C LEU A 459 21.59 13.72 -56.17
N GLY A 460 21.54 13.59 -57.49
CA GLY A 460 20.81 14.54 -58.30
C GLY A 460 21.65 15.55 -59.05
N TYR A 461 22.97 15.53 -58.90
CA TYR A 461 23.81 16.44 -59.66
C TYR A 461 25.20 15.81 -59.85
N TRP A 462 25.90 16.30 -60.86
CA TRP A 462 27.24 15.84 -61.18
C TRP A 462 28.01 16.99 -61.79
N ILE A 463 29.21 17.25 -61.30
CA ILE A 463 29.98 18.42 -61.70
C ILE A 463 31.40 18.00 -62.04
N ASN A 464 32.04 18.79 -62.92
CA ASN A 464 33.42 18.55 -63.32
C ASN A 464 34.08 19.88 -63.64
N ILE A 465 35.39 19.93 -63.48
CA ILE A 465 36.15 21.15 -63.72
C ILE A 465 37.35 20.81 -64.62
N THR A 466 37.63 21.69 -65.57
CA THR A 466 38.76 21.51 -66.47
C THR A 466 39.18 22.86 -66.99
N PHE A 467 40.49 23.08 -67.13
CA PHE A 467 41.02 24.32 -67.65
C PHE A 467 41.86 24.06 -68.90
N SER A 468 41.91 25.07 -69.76
CA SER A 468 42.61 24.95 -71.03
C SER A 468 43.16 26.32 -71.42
N SER A 469 43.55 26.46 -72.68
CA SER A 469 44.11 27.70 -73.19
C SER A 469 43.38 28.10 -74.47
N TYR A 470 43.34 29.41 -74.71
CA TYR A 470 42.65 29.97 -75.86
C TYR A 470 43.19 31.35 -76.13
N THR A 471 42.77 31.93 -77.25
CA THR A 471 43.14 33.29 -77.61
C THR A 471 41.88 34.11 -77.86
N ASN A 472 41.87 35.34 -77.35
CA ASN A 472 40.71 36.20 -77.48
C ASN A 472 40.75 36.97 -78.79
N SER A 473 39.59 37.46 -79.20
CA SER A 473 39.48 38.13 -80.49
C SER A 473 40.07 39.54 -80.45
N ASN A 474 39.86 40.25 -79.34
CA ASN A 474 40.28 41.64 -79.27
C ASN A 474 41.79 41.79 -79.36
N THR A 475 42.53 40.89 -78.74
CA THR A 475 43.98 40.98 -78.70
C THR A 475 44.57 39.63 -79.09
N GLY A 476 45.70 39.66 -79.79
CA GLY A 476 46.32 38.43 -80.25
C GLY A 476 46.85 37.53 -79.15
N LEU A 477 46.92 38.02 -77.93
CA LEU A 477 47.50 37.24 -76.84
C LEU A 477 46.60 36.06 -76.49
N THR A 478 47.11 35.19 -75.61
CA THR A 478 46.41 34.00 -75.16
C THR A 478 46.28 34.02 -73.65
N GLU A 479 45.17 33.47 -73.15
CA GLU A 479 44.93 33.34 -71.72
C GLU A 479 44.49 31.92 -71.40
N TRP A 480 44.22 31.70 -70.13
CA TRP A 480 43.79 30.40 -69.62
C TRP A 480 42.36 30.52 -69.11
N LYS A 481 41.50 29.59 -69.52
CA LYS A 481 40.10 29.60 -69.12
C LYS A 481 39.74 28.25 -68.54
N ALA A 482 38.73 28.25 -67.68
CA ALA A 482 38.26 27.04 -67.01
C ALA A 482 36.87 26.68 -67.53
N ASN A 483 36.70 25.40 -67.87
CA ASN A 483 35.43 24.89 -68.38
C ASN A 483 34.85 23.92 -67.38
N TYR A 484 33.57 24.10 -67.04
CA TYR A 484 32.88 23.24 -66.12
C TYR A 484 31.55 22.83 -66.70
N THR A 485 31.10 21.64 -66.33
CA THR A 485 29.84 21.08 -66.82
C THR A 485 29.01 20.61 -65.65
N LEU A 486 27.72 20.95 -65.67
CA LEU A 486 26.82 20.62 -64.57
C LEU A 486 25.58 19.93 -65.13
N ILE A 487 25.24 18.78 -64.57
CA ILE A 487 24.06 18.02 -64.95
C ILE A 487 23.25 17.74 -63.69
N TYR A 488 21.95 18.00 -63.75
CA TYR A 488 21.11 17.78 -62.58
C TYR A 488 19.72 17.31 -63.02
N SER A 489 19.02 16.66 -62.09
CA SER A 489 17.70 16.13 -62.35
C SER A 489 16.66 17.24 -62.18
N LYS A 490 15.84 17.43 -63.20
CA LYS A 490 14.91 18.55 -63.21
C LYS A 490 13.87 18.39 -62.11
N GLY A 491 13.44 19.52 -61.54
CA GLY A 491 12.40 19.49 -60.53
C GLY A 491 11.04 19.14 -61.12
N ASP A 492 10.16 18.63 -60.27
CA ASP A 492 8.85 18.18 -60.70
C ASP A 492 7.76 18.81 -59.84
N ALA A 493 6.56 18.89 -60.41
CA ALA A 493 5.39 19.36 -59.69
C ALA A 493 4.19 18.53 -60.10
N ILE A 494 3.29 18.27 -59.15
CA ILE A 494 2.16 17.40 -59.40
C ILE A 494 1.14 18.12 -60.27
N ARG A 495 0.70 17.44 -61.31
CA ARG A 495 -0.34 17.98 -62.19
C ARG A 495 -1.54 17.05 -62.32
N PHE A 496 -1.32 15.76 -62.38
CA PHE A 496 -2.37 14.77 -62.60
C PHE A 496 -2.26 13.71 -61.52
N VAL A 497 -3.40 13.23 -61.05
CA VAL A 497 -3.44 12.17 -60.04
C VAL A 497 -4.23 11.01 -60.59
N GLU A 498 -3.63 9.82 -60.55
CA GLU A 498 -4.26 8.60 -61.03
C GLU A 498 -4.23 7.58 -59.92
N GLY A 499 -5.38 6.95 -59.66
CA GLY A 499 -5.50 6.00 -58.57
C GLY A 499 -6.20 4.74 -59.03
N SER A 500 -6.20 3.75 -58.14
CA SER A 500 -6.89 2.50 -58.37
C SER A 500 -7.32 1.92 -57.04
N ASP A 501 -8.48 1.28 -57.03
CA ASP A 501 -9.05 0.69 -55.83
C ASP A 501 -9.45 -0.75 -56.11
N VAL A 502 -9.12 -1.64 -55.17
CA VAL A 502 -9.51 -3.04 -55.26
C VAL A 502 -10.21 -3.41 -53.96
N MET A 503 -11.37 -4.07 -54.08
CA MET A 503 -12.11 -4.46 -52.89
C MET A 503 -11.32 -5.44 -52.04
N ILE A 504 -10.65 -6.40 -52.66
CA ILE A 504 -9.79 -7.32 -51.93
C ILE A 504 -8.89 -8.11 -52.88
N MET B 1 9.43 -73.19 11.18
CA MET B 1 8.56 -72.79 10.08
C MET B 1 9.37 -71.84 9.20
N ILE B 2 10.69 -72.02 9.23
CA ILE B 2 11.67 -71.10 8.65
C ILE B 2 11.58 -69.76 9.38
N SER B 3 12.73 -69.14 9.59
CA SER B 3 12.83 -67.97 10.45
C SER B 3 12.89 -66.71 9.61
N GLN B 4 12.12 -65.69 10.01
CA GLN B 4 12.25 -64.39 9.37
C GLN B 4 13.66 -63.83 9.53
N SER B 5 14.41 -64.36 10.50
CA SER B 5 15.80 -63.99 10.71
C SER B 5 16.75 -64.65 9.72
N ARG B 6 16.30 -65.66 8.99
CA ARG B 6 17.13 -66.21 7.93
C ARG B 6 17.30 -65.22 6.79
N TYR B 7 16.35 -64.31 6.62
CA TYR B 7 16.41 -63.30 5.57
C TYR B 7 16.79 -61.93 6.08
N ILE B 8 16.34 -61.56 7.28
CA ILE B 8 16.52 -60.22 7.81
C ILE B 8 17.14 -60.33 9.20
N ARG B 9 18.22 -59.60 9.44
CA ARG B 9 18.88 -59.66 10.73
C ARG B 9 19.22 -58.26 11.21
N ILE B 10 18.79 -57.93 12.42
CA ILE B 10 19.11 -56.66 13.06
C ILE B 10 19.74 -56.97 14.41
N ILE B 11 20.90 -56.36 14.67
CA ILE B 11 21.64 -56.71 15.88
C ILE B 11 21.28 -55.81 17.04
N SER B 12 20.75 -54.61 16.77
CA SER B 12 20.35 -53.64 17.80
C SER B 12 21.58 -53.31 18.63
N GLY B 13 21.47 -53.19 19.94
CA GLY B 13 22.59 -52.82 20.80
C GLY B 13 22.37 -51.46 21.41
N VAL B 14 22.66 -51.33 22.70
CA VAL B 14 22.49 -50.07 23.39
C VAL B 14 23.51 -49.05 22.88
N GLY B 15 23.24 -47.78 23.16
CA GLY B 15 24.09 -46.71 22.69
C GLY B 15 25.50 -46.76 23.28
N ALA B 16 26.27 -45.72 22.93
CA ALA B 16 27.66 -45.59 23.36
C ALA B 16 28.48 -46.81 22.95
N ALA B 17 28.24 -47.32 21.75
CA ALA B 17 29.01 -48.42 21.19
C ALA B 17 30.04 -47.82 20.24
N ALA B 18 31.31 -47.88 20.63
CA ALA B 18 32.42 -47.32 19.86
C ALA B 18 33.48 -48.38 19.65
N PRO B 19 33.33 -49.24 18.65
CA PRO B 19 34.38 -50.23 18.35
C PRO B 19 35.67 -49.53 17.96
N VAL B 20 36.78 -50.10 18.40
CA VAL B 20 38.10 -49.50 18.22
C VAL B 20 39.08 -50.57 17.81
N ALA B 21 40.02 -50.20 16.94
CA ALA B 21 41.12 -51.06 16.54
C ALA B 21 42.43 -50.34 16.80
N GLY B 22 43.29 -50.93 17.61
CA GLY B 22 44.54 -50.32 18.00
C GLY B 22 44.92 -50.79 19.39
N ARG B 23 45.95 -50.17 19.95
CA ARG B 23 46.44 -50.56 21.25
C ARG B 23 45.49 -50.07 22.33
N LYS B 24 45.14 -50.97 23.25
CA LYS B 24 44.21 -50.65 24.32
C LYS B 24 44.97 -50.19 25.55
N LEU B 25 44.57 -49.05 26.11
CA LEU B 25 45.23 -48.49 27.27
C LEU B 25 44.46 -48.89 28.53
N ILE B 26 44.44 -50.19 28.81
CA ILE B 26 43.54 -50.76 29.80
C ILE B 26 44.32 -51.19 31.03
N LEU B 27 43.59 -51.35 32.13
CA LEU B 27 44.19 -51.76 33.39
C LEU B 27 44.53 -53.24 33.38
N ARG B 28 45.62 -53.59 34.07
CA ARG B 28 45.99 -54.99 34.28
C ARG B 28 46.50 -55.14 35.71
N VAL B 29 46.02 -56.19 36.40
CA VAL B 29 46.30 -56.39 37.81
C VAL B 29 46.97 -57.74 38.02
N MET B 30 47.91 -57.79 38.95
CA MET B 30 48.54 -59.04 39.35
C MET B 30 47.93 -59.50 40.67
N THR B 31 47.50 -60.75 40.71
CA THR B 31 46.84 -61.29 41.88
C THR B 31 47.48 -62.60 42.29
N THR B 32 47.32 -62.94 43.56
CA THR B 32 47.83 -64.18 44.11
C THR B 32 46.75 -65.24 44.27
N ASN B 33 45.56 -65.01 43.69
CA ASN B 33 44.51 -66.00 43.74
C ASN B 33 44.93 -67.27 43.02
N ASN B 34 44.59 -68.42 43.60
CA ASN B 34 45.02 -69.69 43.04
C ASN B 34 44.26 -70.06 41.78
N VAL B 35 43.12 -69.41 41.51
CA VAL B 35 42.29 -69.79 40.38
C VAL B 35 43.00 -69.50 39.06
N ILE B 36 43.78 -68.43 38.98
CA ILE B 36 44.37 -68.00 37.72
C ILE B 36 45.62 -68.81 37.42
N PRO B 37 45.69 -69.48 36.26
CA PRO B 37 46.91 -70.19 35.89
C PRO B 37 48.07 -69.23 35.69
N PRO B 38 49.29 -69.64 35.98
CA PRO B 38 50.42 -68.70 35.92
C PRO B 38 50.67 -68.09 34.55
N GLY B 39 50.45 -68.84 33.48
CA GLY B 39 50.89 -68.37 32.17
C GLY B 39 49.83 -67.81 31.25
N ILE B 40 48.66 -67.48 31.79
CA ILE B 40 47.52 -67.05 30.98
C ILE B 40 47.01 -65.72 31.52
N VAL B 41 46.65 -64.81 30.61
CA VAL B 41 46.00 -63.56 30.96
C VAL B 41 44.56 -63.61 30.47
N ILE B 42 43.69 -62.89 31.16
CA ILE B 42 42.25 -62.93 30.88
C ILE B 42 41.75 -61.50 30.73
N GLU B 43 40.82 -61.31 29.81
CA GLU B 43 40.21 -60.01 29.56
C GLU B 43 38.70 -60.10 29.73
N PHE B 44 38.12 -59.13 30.43
CA PHE B 44 36.69 -59.07 30.66
C PHE B 44 36.14 -57.76 30.12
N ASP B 45 34.90 -57.80 29.64
CA ASP B 45 34.25 -56.63 29.07
C ASP B 45 33.15 -56.08 29.98
N ASN B 46 32.96 -56.66 31.16
CA ASN B 46 31.86 -56.24 32.01
C ASN B 46 32.14 -56.65 33.44
N ALA B 47 31.50 -55.96 34.38
CA ALA B 47 31.62 -56.33 35.79
C ALA B 47 30.90 -57.64 36.09
N ASN B 48 29.79 -57.91 35.38
CA ASN B 48 29.04 -59.14 35.63
C ASN B 48 29.87 -60.37 35.28
N ALA B 49 30.66 -60.29 34.21
CA ALA B 49 31.53 -61.40 33.86
C ALA B 49 32.54 -61.68 34.96
N VAL B 50 33.13 -60.62 35.52
CA VAL B 50 34.07 -60.79 36.61
C VAL B 50 33.37 -61.39 37.82
N LEU B 51 32.15 -60.93 38.09
CA LEU B 51 31.38 -61.47 39.22
C LEU B 51 31.13 -62.96 39.06
N SER B 52 30.72 -63.37 37.85
CA SER B 52 30.46 -64.79 37.61
C SER B 52 31.74 -65.61 37.71
N TYR B 53 32.86 -65.09 37.20
CA TYR B 53 34.09 -65.85 37.20
C TYR B 53 34.71 -65.95 38.59
N PHE B 54 34.56 -64.93 39.43
CA PHE B 54 35.24 -64.87 40.70
C PHE B 54 34.32 -64.95 41.90
N GLY B 55 33.26 -64.15 41.94
CA GLY B 55 32.34 -64.18 43.06
C GLY B 55 32.40 -62.90 43.87
N ALA B 56 31.28 -62.59 44.53
CA ALA B 56 31.14 -61.32 45.23
C ALA B 56 32.11 -61.21 46.39
N GLN B 57 32.34 -62.31 47.12
CA GLN B 57 33.19 -62.25 48.30
C GLN B 57 34.61 -61.85 47.95
N SER B 58 35.12 -62.29 46.80
CA SER B 58 36.47 -61.96 46.39
C SER B 58 36.60 -60.47 46.13
N GLU B 59 37.69 -59.88 46.64
CA GLU B 59 37.89 -58.45 46.51
C GLU B 59 38.12 -58.00 45.08
N GLU B 60 38.53 -58.91 44.20
CA GLU B 60 38.73 -58.55 42.80
C GLU B 60 37.44 -58.05 42.16
N TYR B 61 36.31 -58.65 42.54
CA TYR B 61 35.04 -58.14 42.05
C TYR B 61 34.80 -56.73 42.52
N GLN B 62 35.17 -56.43 43.77
CA GLN B 62 35.01 -55.07 44.27
C GLN B 62 35.87 -54.09 43.47
N ARG B 63 37.13 -54.47 43.21
CA ARG B 63 38.01 -53.60 42.44
C ARG B 63 37.44 -53.35 41.05
N ALA B 64 36.97 -54.40 40.40
CA ALA B 64 36.41 -54.26 39.06
C ALA B 64 35.15 -53.39 39.08
N ALA B 65 34.29 -53.59 40.08
CA ALA B 65 33.07 -52.81 40.18
C ALA B 65 33.39 -51.32 40.33
N ALA B 66 34.35 -51.00 41.20
CA ALA B 66 34.76 -49.60 41.34
C ALA B 66 35.36 -49.08 40.04
N TYR B 67 36.15 -49.91 39.37
CA TYR B 67 36.83 -49.49 38.15
C TYR B 67 35.86 -49.14 37.04
N PHE B 68 34.80 -49.95 36.88
CA PHE B 68 33.95 -49.79 35.70
C PHE B 68 33.07 -48.55 35.78
N LYS B 69 32.51 -48.25 36.96
CA LYS B 69 31.56 -47.16 37.08
C LYS B 69 32.33 -45.85 37.19
N PHE B 70 32.81 -45.37 36.04
CA PHE B 70 33.50 -44.09 35.97
C PHE B 70 33.14 -43.40 34.67
N ILE B 71 32.83 -42.11 34.75
CA ILE B 71 32.48 -41.30 33.59
C ILE B 71 33.41 -40.11 33.53
N SER B 72 34.02 -39.87 32.38
CA SER B 72 34.86 -38.71 32.18
C SER B 72 34.00 -37.51 31.82
N LYS B 73 34.64 -36.36 31.59
CA LYS B 73 33.90 -35.18 31.17
C LYS B 73 33.15 -35.44 29.87
N SER B 74 33.87 -35.91 28.85
CA SER B 74 33.20 -36.55 27.73
C SER B 74 32.77 -37.95 28.16
N VAL B 75 31.52 -38.30 27.87
CA VAL B 75 30.95 -39.53 28.41
C VAL B 75 31.72 -40.71 27.85
N ASN B 76 32.40 -41.45 28.72
CA ASN B 76 33.21 -42.58 28.32
C ASN B 76 33.40 -43.50 29.52
N SER B 77 33.78 -44.73 29.23
CA SER B 77 33.98 -45.75 30.26
C SER B 77 35.17 -46.61 29.87
N PRO B 78 35.84 -47.21 30.85
CA PRO B 78 37.02 -48.04 30.53
C PRO B 78 36.75 -49.16 29.55
N SER B 79 35.62 -49.83 29.66
CA SER B 79 35.14 -50.84 28.72
C SER B 79 36.05 -52.06 28.60
N SER B 80 37.04 -52.21 29.47
CA SER B 80 37.87 -53.42 29.43
C SER B 80 38.71 -53.49 30.71
N ILE B 81 39.26 -54.68 30.95
CA ILE B 81 40.13 -54.91 32.09
C ILE B 81 40.91 -56.18 31.83
N SER B 82 42.07 -56.30 32.47
CA SER B 82 42.95 -57.44 32.28
C SER B 82 43.38 -58.01 33.63
N PHE B 83 43.60 -59.32 33.66
CA PHE B 83 43.99 -60.02 34.87
C PHE B 83 45.21 -60.90 34.58
N ALA B 84 46.05 -61.09 35.60
CA ALA B 84 47.22 -61.92 35.46
C ALA B 84 47.56 -62.51 36.82
N ARG B 85 48.36 -63.58 36.79
CA ARG B 85 48.67 -64.35 37.98
C ARG B 85 50.12 -64.13 38.39
N TRP B 86 50.34 -63.92 39.68
CA TRP B 86 51.66 -63.89 40.28
C TRP B 86 51.73 -64.97 41.34
N VAL B 87 52.79 -65.78 41.29
CA VAL B 87 52.99 -66.85 42.25
C VAL B 87 54.15 -66.48 43.16
N ASN B 88 53.86 -66.31 44.44
CA ASN B 88 54.87 -65.94 45.43
C ASN B 88 55.37 -67.11 46.26
N THR B 89 54.89 -68.32 45.99
CA THR B 89 55.29 -69.51 46.75
C THR B 89 55.47 -70.66 45.77
N ALA B 90 56.40 -71.56 46.10
CA ALA B 90 56.63 -72.75 45.28
C ALA B 90 55.33 -73.53 45.15
N ILE B 91 55.05 -73.98 43.93
CA ILE B 91 53.76 -74.58 43.62
C ILE B 91 53.98 -75.97 43.02
N ALA B 92 52.98 -76.82 43.17
CA ALA B 92 52.98 -78.14 42.57
C ALA B 92 52.45 -78.08 41.14
N PRO B 93 52.90 -78.99 40.27
CA PRO B 93 52.37 -79.02 38.90
C PRO B 93 50.89 -79.33 38.90
N MET B 94 50.19 -78.80 37.90
CA MET B 94 48.74 -78.95 37.83
C MET B 94 48.29 -78.85 36.39
N VAL B 95 47.08 -79.35 36.13
CA VAL B 95 46.50 -79.34 34.79
C VAL B 95 45.02 -79.01 34.91
N VAL B 96 44.54 -78.17 33.98
CA VAL B 96 43.13 -77.82 33.90
C VAL B 96 42.83 -77.23 32.53
N GLY B 97 41.72 -77.65 31.92
CA GLY B 97 41.44 -77.19 30.57
C GLY B 97 40.00 -76.98 30.18
N ASP B 98 39.10 -76.85 31.15
CA ASP B 98 37.68 -76.74 30.83
C ASP B 98 37.21 -75.29 30.85
N ASN B 99 36.33 -74.96 29.90
CA ASN B 99 35.57 -73.73 29.94
C ASN B 99 34.12 -73.91 29.55
N LEU B 100 33.73 -75.04 28.96
CA LEU B 100 32.38 -75.26 28.47
C LEU B 100 31.44 -75.59 29.63
N PRO B 101 30.14 -75.28 29.48
CA PRO B 101 29.17 -75.70 30.50
C PRO B 101 28.83 -77.16 30.35
N LYS B 102 29.86 -78.00 30.29
CA LYS B 102 29.68 -79.42 30.01
C LYS B 102 29.06 -80.18 31.18
N THR B 103 29.27 -79.71 32.41
CA THR B 103 28.94 -80.50 33.58
C THR B 103 27.43 -80.43 33.82
N ILE B 104 26.71 -81.43 33.32
CA ILE B 104 25.30 -81.58 33.58
C ILE B 104 25.05 -83.00 34.07
N ALA B 105 26.10 -83.60 34.64
CA ALA B 105 26.07 -84.97 35.17
C ALA B 105 25.72 -85.98 34.07
N ASP B 106 26.62 -86.08 33.10
CA ASP B 106 26.55 -87.11 32.07
C ASP B 106 27.39 -88.33 32.42
N PHE B 107 27.94 -88.39 33.62
CA PHE B 107 28.83 -89.48 34.01
C PHE B 107 28.12 -90.82 34.12
N ALA B 108 26.79 -90.84 34.12
CA ALA B 108 26.07 -92.09 34.27
C ALA B 108 26.32 -93.01 33.07
N GLY B 109 26.48 -94.30 33.37
CA GLY B 109 26.75 -95.29 32.34
C GLY B 109 28.19 -95.39 31.90
N PHE B 110 29.10 -94.63 32.51
CA PHE B 110 30.51 -94.62 32.14
C PHE B 110 31.38 -95.42 33.10
N SER B 111 30.77 -96.19 34.01
CA SER B 111 31.54 -96.89 35.02
C SER B 111 32.43 -97.97 34.43
N ALA B 112 32.09 -98.47 33.25
CA ALA B 112 32.85 -99.58 32.66
C ALA B 112 34.19 -99.08 32.14
N GLY B 113 35.27 -99.75 32.54
CA GLY B 113 36.59 -99.58 31.97
C GLY B 113 37.06 -98.15 31.78
N VAL B 114 37.26 -97.43 32.87
CA VAL B 114 37.82 -96.08 32.78
C VAL B 114 39.32 -96.18 32.59
N LEU B 115 39.79 -95.71 31.43
CA LEU B 115 41.19 -95.90 31.05
C LEU B 115 41.85 -94.57 30.72
N THR B 116 41.65 -93.56 31.57
CA THR B 116 42.36 -92.30 31.36
C THR B 116 43.86 -92.51 31.51
N ILE B 117 44.62 -91.91 30.60
CA ILE B 117 46.06 -92.10 30.53
C ILE B 117 46.75 -90.80 30.94
N MET B 118 47.69 -90.91 31.87
CA MET B 118 48.50 -89.79 32.31
C MET B 118 49.93 -90.02 31.84
N VAL B 119 50.57 -88.98 31.33
CA VAL B 119 51.93 -89.06 30.81
C VAL B 119 52.76 -88.00 31.53
N GLY B 120 53.76 -88.44 32.29
CA GLY B 120 54.68 -87.53 32.94
C GLY B 120 56.11 -87.80 32.52
N ALA B 121 57.01 -87.95 33.49
CA ALA B 121 58.34 -88.47 33.18
C ALA B 121 58.23 -89.90 32.68
N ALA B 122 57.37 -90.70 33.29
CA ALA B 122 57.02 -92.03 32.83
C ALA B 122 55.50 -92.14 32.67
N GLU B 123 55.06 -93.02 31.79
CA GLU B 123 53.65 -93.17 31.48
C GLU B 123 53.01 -94.20 32.41
N GLN B 124 51.82 -93.88 32.92
CA GLN B 124 51.04 -94.80 33.72
C GLN B 124 49.57 -94.68 33.33
N ASN B 125 48.83 -95.76 33.58
CA ASN B 125 47.42 -95.84 33.21
C ASN B 125 46.56 -95.95 34.47
N ILE B 126 45.31 -95.50 34.35
CA ILE B 126 44.38 -95.47 35.47
C ILE B 126 43.43 -96.65 35.35
N THR B 127 43.22 -97.34 36.47
CA THR B 127 42.33 -98.49 36.52
C THR B 127 40.88 -98.06 36.26
N ALA B 128 40.04 -99.04 35.96
CA ALA B 128 38.62 -98.77 35.73
C ALA B 128 37.99 -98.14 36.96
N ILE B 129 37.15 -97.13 36.73
CA ILE B 129 36.54 -96.33 37.80
C ILE B 129 35.03 -96.43 37.70
N ASP B 130 34.38 -96.62 38.84
CA ASP B 130 32.93 -96.67 38.90
C ASP B 130 32.37 -95.25 38.90
N THR B 131 31.65 -94.89 37.84
CA THR B 131 31.06 -93.56 37.77
C THR B 131 29.65 -93.58 37.19
N SER B 132 29.02 -94.75 37.02
CA SER B 132 27.66 -94.79 36.52
C SER B 132 26.66 -94.27 37.54
N ALA B 133 27.03 -94.22 38.82
CA ALA B 133 26.12 -93.67 39.83
C ALA B 133 25.87 -92.19 39.58
N ALA B 134 26.94 -91.42 39.38
CA ALA B 134 26.85 -89.99 39.07
C ALA B 134 26.04 -89.24 40.14
N THR B 135 26.32 -89.55 41.41
CA THR B 135 25.58 -88.93 42.50
C THR B 135 25.86 -87.44 42.59
N SER B 136 27.13 -87.06 42.60
CA SER B 136 27.50 -85.64 42.64
C SER B 136 28.93 -85.49 42.16
N MET B 137 29.23 -84.31 41.59
CA MET B 137 30.53 -84.09 40.97
C MET B 137 31.66 -84.04 41.99
N ASP B 138 31.41 -83.51 43.19
CA ASP B 138 32.42 -83.60 44.23
C ASP B 138 32.67 -85.05 44.63
N ASN B 139 31.60 -85.86 44.67
CA ASN B 139 31.77 -87.28 44.95
C ASN B 139 32.64 -87.96 43.91
N VAL B 140 32.36 -87.70 42.63
CA VAL B 140 33.15 -88.34 41.59
C VAL B 140 34.58 -87.82 41.60
N ALA B 141 34.77 -86.55 41.97
CA ALA B 141 36.13 -86.05 42.12
C ALA B 141 36.87 -86.81 43.21
N SER B 142 36.20 -87.07 44.33
CA SER B 142 36.81 -87.88 45.38
C SER B 142 37.12 -89.29 44.88
N ILE B 143 36.22 -89.85 44.08
CA ILE B 143 36.43 -91.20 43.56
C ILE B 143 37.67 -91.25 42.68
N ILE B 144 37.80 -90.31 41.75
CA ILE B 144 38.96 -90.27 40.88
C ILE B 144 40.22 -89.99 41.70
N GLN B 145 40.10 -89.17 42.74
CA GLN B 145 41.25 -88.92 43.61
C GLN B 145 41.72 -90.21 44.27
N THR B 146 40.78 -91.02 44.76
CA THR B 146 41.14 -92.29 45.37
C THR B 146 41.80 -93.22 44.34
N GLU B 147 41.23 -93.28 43.14
CA GLU B 147 41.80 -94.15 42.11
C GLU B 147 43.22 -93.71 41.74
N ILE B 148 43.45 -92.41 41.65
CA ILE B 148 44.80 -91.92 41.39
C ILE B 148 45.73 -92.26 42.54
N ARG B 149 45.27 -92.08 43.77
CA ARG B 149 46.08 -92.42 44.93
C ARG B 149 46.41 -93.90 44.97
N LYS B 150 45.60 -94.73 44.33
CA LYS B 150 45.90 -96.15 44.24
C LYS B 150 47.19 -96.42 43.45
N ASN B 151 47.63 -95.47 42.63
CA ASN B 151 48.90 -95.62 41.93
C ASN B 151 50.06 -95.38 42.89
N ALA B 152 51.24 -95.86 42.48
CA ALA B 152 52.45 -95.74 43.29
C ALA B 152 53.34 -94.58 42.87
N ASP B 153 52.90 -93.76 41.90
CA ASP B 153 53.72 -92.66 41.44
C ASP B 153 53.89 -91.62 42.54
N PRO B 154 55.09 -91.05 42.70
CA PRO B 154 55.31 -90.11 43.83
C PRO B 154 54.39 -88.91 43.79
N GLN B 155 54.12 -88.35 42.61
CA GLN B 155 53.19 -87.23 42.53
C GLN B 155 51.74 -87.69 42.63
N LEU B 156 51.42 -88.84 42.06
CA LEU B 156 50.05 -89.33 42.06
C LEU B 156 49.64 -89.93 43.41
N ALA B 157 50.60 -90.24 44.27
CA ALA B 157 50.28 -90.83 45.57
C ALA B 157 49.50 -89.86 46.44
N GLN B 158 49.91 -88.59 46.46
CA GLN B 158 49.28 -87.57 47.29
C GLN B 158 48.64 -86.48 46.43
N ALA B 159 47.97 -86.89 45.36
CA ALA B 159 47.32 -85.95 44.46
C ALA B 159 46.02 -85.42 45.08
N THR B 160 45.50 -84.36 44.47
CA THR B 160 44.26 -83.74 44.92
C THR B 160 43.45 -83.32 43.71
N VAL B 161 42.12 -83.41 43.82
CA VAL B 161 41.22 -83.01 42.76
C VAL B 161 40.19 -82.04 43.33
N THR B 162 39.93 -80.95 42.63
CA THR B 162 39.01 -79.92 43.06
C THR B 162 38.13 -79.52 41.89
N TRP B 163 36.86 -79.21 42.17
CA TRP B 163 35.94 -78.70 41.17
C TRP B 163 35.34 -77.40 41.65
N ASN B 164 35.02 -76.51 40.70
CA ASN B 164 34.44 -75.21 41.00
C ASN B 164 33.04 -75.12 40.41
N GLN B 165 32.18 -74.34 41.06
CA GLN B 165 30.78 -74.26 40.69
C GLN B 165 30.48 -73.09 39.75
N ASN B 166 30.85 -71.87 40.14
CA ASN B 166 30.54 -70.70 39.31
C ASN B 166 31.17 -70.81 37.94
N THR B 167 32.41 -71.28 37.87
CA THR B 167 33.01 -71.69 36.61
C THR B 167 32.97 -73.21 36.53
N ASN B 168 33.53 -73.77 35.46
CA ASN B 168 33.47 -75.22 35.23
C ASN B 168 34.88 -75.70 34.89
N GLN B 169 35.65 -76.06 35.91
CA GLN B 169 36.99 -76.58 35.73
C GLN B 169 37.26 -77.73 36.68
N PHE B 170 37.86 -78.79 36.16
CA PHE B 170 38.36 -79.90 36.96
C PHE B 170 39.87 -79.77 37.09
N THR B 171 40.36 -79.79 38.33
CA THR B 171 41.75 -79.48 38.61
C THR B 171 42.46 -80.68 39.20
N LEU B 172 43.64 -80.99 38.66
CA LEU B 172 44.56 -81.95 39.25
C LEU B 172 45.72 -81.19 39.88
N VAL B 173 46.21 -81.68 41.02
CA VAL B 173 47.33 -81.07 41.71
C VAL B 173 48.33 -82.17 42.10
N GLY B 174 49.60 -81.94 41.81
CA GLY B 174 50.63 -82.89 42.20
C GLY B 174 51.02 -82.76 43.66
N ALA B 175 51.81 -83.74 44.11
CA ALA B 175 52.24 -83.76 45.50
C ALA B 175 53.46 -82.87 45.72
N THR B 176 54.56 -83.18 45.05
CA THR B 176 55.79 -82.41 45.23
C THR B 176 55.61 -80.99 44.71
N ILE B 177 56.36 -80.06 45.32
CA ILE B 177 56.22 -78.64 45.05
C ILE B 177 57.50 -78.12 44.42
N GLY B 178 57.35 -77.29 43.39
CA GLY B 178 58.46 -76.59 42.79
C GLY B 178 59.23 -77.33 41.73
N THR B 179 58.90 -78.60 41.47
CA THR B 179 59.62 -79.38 40.47
C THR B 179 58.70 -80.47 39.93
N GLY B 180 58.81 -80.73 38.64
CA GLY B 180 58.04 -81.78 38.02
C GLY B 180 57.14 -81.26 36.92
N VAL B 181 56.85 -82.12 35.94
CA VAL B 181 55.96 -81.80 34.84
C VAL B 181 54.99 -82.95 34.65
N LEU B 182 53.71 -82.62 34.44
CA LEU B 182 52.69 -83.61 34.19
C LEU B 182 51.98 -83.29 32.87
N ALA B 183 51.38 -84.32 32.29
CA ALA B 183 50.64 -84.17 31.05
C ALA B 183 49.66 -85.33 30.92
N VAL B 184 48.72 -85.17 29.99
CA VAL B 184 47.69 -86.18 29.74
C VAL B 184 47.66 -86.47 28.24
N ALA B 185 47.56 -87.75 27.91
CA ALA B 185 47.52 -88.21 26.52
C ALA B 185 46.16 -88.83 26.21
N LYS B 186 45.60 -88.45 25.08
CA LYS B 186 44.34 -89.03 24.63
C LYS B 186 44.51 -90.51 24.34
N SER B 187 43.55 -91.30 24.81
CA SER B 187 43.57 -92.74 24.65
C SER B 187 42.76 -93.16 23.43
N ALA B 188 42.98 -94.41 22.99
CA ALA B 188 42.23 -94.97 21.88
C ALA B 188 40.89 -95.53 22.30
N ASP B 189 40.72 -95.88 23.57
CA ASP B 189 39.47 -96.48 24.03
C ASP B 189 38.38 -95.42 24.05
N PRO B 190 37.28 -95.62 23.32
CA PRO B 190 36.18 -94.63 23.37
C PRO B 190 35.57 -94.47 24.74
N GLN B 191 35.56 -95.53 25.55
CA GLN B 191 34.95 -95.47 26.88
C GLN B 191 35.95 -94.90 27.88
N ASP B 192 36.14 -93.58 27.79
CA ASP B 192 37.11 -92.88 28.62
C ASP B 192 36.54 -91.53 29.03
N MET B 193 37.04 -91.02 30.16
CA MET B 193 36.62 -89.72 30.67
C MET B 193 37.42 -88.56 30.10
N SER B 194 38.54 -88.83 29.43
CA SER B 194 39.38 -87.76 28.92
C SER B 194 38.65 -86.91 27.89
N THR B 195 37.83 -87.54 27.05
CA THR B 195 37.01 -86.78 26.11
C THR B 195 36.02 -85.89 26.87
N ALA B 196 35.32 -86.47 27.85
CA ALA B 196 34.34 -85.69 28.61
C ALA B 196 35.02 -84.67 29.51
N LEU B 197 36.04 -85.10 30.25
CA LEU B 197 36.74 -84.18 31.12
C LEU B 197 37.57 -83.20 30.31
N GLY B 198 37.90 -82.06 30.93
CA GLY B 198 38.47 -80.96 30.18
C GLY B 198 39.82 -81.28 29.57
N TRP B 199 40.71 -81.87 30.35
CA TRP B 199 42.09 -82.03 29.91
C TRP B 199 42.21 -83.09 28.82
N SER B 200 43.30 -82.96 28.04
CA SER B 200 43.52 -83.73 26.82
C SER B 200 42.42 -83.51 25.80
N THR B 201 41.92 -82.27 25.71
CA THR B 201 40.86 -81.93 24.76
C THR B 201 41.06 -80.50 24.28
N SER B 202 41.68 -80.35 23.11
CA SER B 202 41.82 -79.07 22.42
C SER B 202 42.54 -78.10 23.36
N ASN B 203 42.04 -76.88 23.56
CA ASN B 203 42.72 -75.90 24.41
C ASN B 203 42.66 -76.33 25.86
N VAL B 204 43.81 -76.71 26.40
CA VAL B 204 43.94 -77.12 27.80
C VAL B 204 45.17 -76.43 28.36
N VAL B 205 45.02 -75.84 29.54
CA VAL B 205 46.12 -75.13 30.19
C VAL B 205 46.91 -76.11 31.04
N ASN B 206 48.20 -76.19 30.81
CA ASN B 206 49.09 -77.04 31.58
C ASN B 206 50.09 -76.17 32.34
N VAL B 207 50.51 -76.65 33.51
CA VAL B 207 51.34 -75.88 34.42
C VAL B 207 52.54 -76.74 34.81
N ALA B 208 53.72 -76.12 34.85
CA ALA B 208 54.93 -76.79 35.30
C ALA B 208 55.30 -76.28 36.69
N GLY B 209 55.57 -77.20 37.61
CA GLY B 209 55.98 -76.81 38.94
C GLY B 209 57.29 -76.04 38.90
N GLN B 210 57.39 -75.02 39.75
CA GLN B 210 58.55 -74.14 39.75
C GLN B 210 58.57 -73.31 41.03
N SER B 211 59.75 -72.85 41.40
CA SER B 211 59.94 -72.15 42.66
C SER B 211 59.35 -70.74 42.59
N ALA B 212 59.30 -70.09 43.75
CA ALA B 212 58.82 -68.72 43.81
C ALA B 212 59.77 -67.78 43.09
N ASP B 213 59.23 -66.66 42.61
CA ASP B 213 59.98 -65.73 41.80
C ASP B 213 59.71 -64.30 42.25
N LEU B 214 60.65 -63.41 41.91
CA LEU B 214 60.48 -62.00 42.22
C LEU B 214 59.33 -61.40 41.40
N PRO B 215 58.63 -60.41 41.96
CA PRO B 215 57.49 -59.83 41.21
C PRO B 215 57.88 -59.23 39.86
N ASP B 216 59.06 -58.61 39.77
CA ASP B 216 59.48 -58.02 38.51
C ASP B 216 59.60 -59.09 37.42
N ALA B 217 60.16 -60.25 37.77
CA ALA B 217 60.22 -61.33 36.81
C ALA B 217 58.83 -61.75 36.36
N ALA B 218 57.88 -61.80 37.30
CA ALA B 218 56.52 -62.20 36.96
C ALA B 218 55.89 -61.22 35.98
N VAL B 219 56.05 -59.92 36.23
CA VAL B 219 55.48 -58.96 35.30
C VAL B 219 56.19 -59.03 33.96
N ALA B 220 57.48 -59.38 33.96
CA ALA B 220 58.20 -59.56 32.70
C ALA B 220 57.60 -60.69 31.89
N LYS B 221 57.34 -61.82 32.52
CA LYS B 221 56.70 -62.93 31.80
C LYS B 221 55.31 -62.54 31.32
N SER B 222 54.57 -61.81 32.14
CA SER B 222 53.23 -61.38 31.74
C SER B 222 53.30 -60.51 30.48
N THR B 223 54.24 -59.56 30.44
CA THR B 223 54.42 -58.75 29.24
C THR B 223 54.81 -59.61 28.05
N ASN B 224 55.71 -60.56 28.26
CA ASN B 224 56.14 -61.43 27.17
C ASN B 224 54.96 -62.21 26.59
N VAL B 225 54.00 -62.59 27.44
CA VAL B 225 52.80 -63.24 26.93
C VAL B 225 51.99 -62.25 26.10
N SER B 226 51.77 -61.05 26.62
CA SER B 226 51.04 -60.01 25.90
C SER B 226 51.36 -58.68 26.54
N ASN B 227 51.43 -57.63 25.72
CA ASN B 227 51.78 -56.29 26.19
C ASN B 227 50.70 -55.27 25.88
N ASN B 228 49.46 -55.71 25.68
CA ASN B 228 48.37 -54.81 25.33
C ASN B 228 47.66 -54.35 26.60
N PHE B 229 48.25 -53.37 27.25
CA PHE B 229 47.69 -52.80 28.47
C PHE B 229 48.42 -51.51 28.80
N GLY B 230 48.09 -50.94 29.96
CA GLY B 230 48.82 -49.79 30.48
C GLY B 230 48.46 -49.59 31.93
N SER B 231 49.41 -49.05 32.69
CA SER B 231 49.19 -48.68 34.09
C SER B 231 48.77 -49.89 34.93
N PHE B 232 49.71 -50.81 35.08
CA PHE B 232 49.52 -51.97 35.94
C PHE B 232 49.74 -51.62 37.41
N LEU B 233 49.35 -52.55 38.29
CA LEU B 233 49.57 -52.40 39.73
C LEU B 233 49.55 -53.79 40.37
N PHE B 234 49.78 -53.81 41.68
CA PHE B 234 49.80 -55.04 42.47
C PHE B 234 48.65 -55.05 43.46
N ALA B 235 47.86 -56.11 43.45
CA ALA B 235 46.73 -56.23 44.34
C ALA B 235 47.12 -56.90 45.65
N GLY B 236 46.21 -56.86 46.61
CA GLY B 236 46.42 -57.54 47.88
C GLY B 236 47.28 -56.77 48.87
N ALA B 237 48.12 -57.50 49.60
CA ALA B 237 48.92 -56.88 50.64
C ALA B 237 49.98 -55.95 50.04
N PRO B 238 50.35 -54.90 50.76
CA PRO B 238 51.44 -54.04 50.29
C PRO B 238 52.77 -54.77 50.30
N LEU B 239 53.66 -54.35 49.42
CA LEU B 239 54.94 -55.00 49.22
C LEU B 239 56.04 -54.27 50.01
N ASP B 240 57.12 -55.00 50.27
CA ASP B 240 58.27 -54.40 50.93
C ASP B 240 58.95 -53.41 49.99
N ASN B 241 59.55 -52.36 50.58
CA ASN B 241 60.10 -51.26 49.80
C ASN B 241 61.10 -51.75 48.74
N ASP B 242 61.84 -52.80 49.05
CA ASP B 242 62.79 -53.34 48.08
C ASP B 242 62.06 -53.85 46.83
N GLN B 243 60.91 -54.49 47.02
CA GLN B 243 60.15 -54.99 45.88
C GLN B 243 59.68 -53.85 44.99
N ILE B 244 59.15 -52.78 45.59
CA ILE B 244 58.74 -51.63 44.79
C ILE B 244 59.94 -51.02 44.07
N LYS B 245 61.09 -50.93 44.75
CA LYS B 245 62.27 -50.38 44.11
C LYS B 245 62.66 -51.20 42.88
N ALA B 246 62.66 -52.53 43.03
CA ALA B 246 63.03 -53.38 41.90
C ALA B 246 62.03 -53.23 40.76
N VAL B 247 60.73 -53.22 41.07
CA VAL B 247 59.72 -53.10 40.02
C VAL B 247 59.85 -51.76 39.31
N SER B 248 60.09 -50.69 40.07
CA SER B 248 60.26 -49.38 39.45
C SER B 248 61.48 -49.35 38.55
N ALA B 249 62.57 -49.96 38.99
CA ALA B 249 63.75 -50.02 38.13
C ALA B 249 63.46 -50.77 36.84
N TRP B 250 62.76 -51.90 36.94
CA TRP B 250 62.44 -52.66 35.73
C TRP B 250 61.54 -51.86 34.80
N ASN B 251 60.57 -51.14 35.37
CA ASN B 251 59.70 -50.32 34.52
C ASN B 251 60.49 -49.21 33.84
N ALA B 252 61.42 -48.59 34.58
CA ALA B 252 62.26 -47.57 33.98
C ALA B 252 63.16 -48.15 32.90
N ALA B 253 63.45 -49.44 32.96
CA ALA B 253 64.19 -50.07 31.88
C ALA B 253 63.42 -49.97 30.57
N GLN B 254 62.12 -50.22 30.61
CA GLN B 254 61.27 -49.88 29.48
C GLN B 254 61.22 -48.36 29.33
N ASN B 255 61.02 -47.90 28.11
CA ASN B 255 61.05 -46.46 27.82
C ASN B 255 59.64 -45.98 27.51
N ASN B 256 59.02 -45.33 28.49
CA ASN B 256 57.71 -44.71 28.32
C ASN B 256 56.67 -45.71 27.82
N GLN B 257 56.65 -46.89 28.43
CA GLN B 257 55.74 -47.94 27.98
C GLN B 257 54.52 -48.10 28.87
N PHE B 258 54.68 -48.04 30.19
CA PHE B 258 53.57 -48.25 31.11
C PHE B 258 53.68 -47.28 32.27
N ILE B 259 52.71 -47.36 33.18
CA ILE B 259 52.68 -46.58 34.40
C ILE B 259 52.61 -47.53 35.58
N TYR B 260 53.46 -47.32 36.57
CA TYR B 260 53.44 -48.10 37.79
C TYR B 260 52.77 -47.29 38.89
N THR B 261 51.65 -47.78 39.40
CA THR B 261 50.90 -47.10 40.44
C THR B 261 50.97 -47.90 41.73
N VAL B 262 51.24 -47.22 42.83
CA VAL B 262 51.35 -47.85 44.14
C VAL B 262 50.54 -47.06 45.14
N ALA B 263 50.29 -47.69 46.29
CA ALA B 263 49.58 -47.06 47.38
C ALA B 263 50.47 -47.07 48.62
N THR B 264 50.45 -45.97 49.37
CA THR B 264 51.24 -45.86 50.57
C THR B 264 50.62 -44.84 51.50
N SER B 265 51.03 -44.88 52.76
CA SER B 265 50.60 -43.91 53.75
C SER B 265 51.58 -42.75 53.81
N LEU B 266 51.08 -41.59 54.23
CA LEU B 266 51.91 -40.39 54.27
C LEU B 266 53.06 -40.52 55.26
N ALA B 267 52.95 -41.43 56.23
CA ALA B 267 54.07 -41.68 57.13
C ALA B 267 55.22 -42.39 56.42
N ASN B 268 54.91 -43.09 55.32
CA ASN B 268 55.91 -43.85 54.59
C ASN B 268 56.55 -43.08 53.46
N LEU B 269 56.04 -41.90 53.11
CA LEU B 269 56.55 -41.18 51.95
C LEU B 269 57.97 -40.67 52.16
N GLY B 270 58.32 -40.32 53.40
CA GLY B 270 59.63 -39.73 53.64
C GLY B 270 60.77 -40.64 53.22
N THR B 271 60.61 -41.94 53.43
CA THR B 271 61.67 -42.88 53.06
C THR B 271 61.52 -43.41 51.65
N LEU B 272 60.28 -43.63 51.19
CA LEU B 272 60.08 -44.26 49.89
C LEU B 272 60.51 -43.35 48.75
N PHE B 273 60.33 -42.04 48.90
CA PHE B 273 60.68 -41.12 47.82
C PHE B 273 62.16 -41.14 47.53
N THR B 274 62.99 -41.20 48.57
CA THR B 274 64.43 -41.21 48.35
C THR B 274 64.87 -42.44 47.58
N LEU B 275 64.28 -43.60 47.89
CA LEU B 275 64.64 -44.82 47.19
C LEU B 275 64.28 -44.73 45.71
N VAL B 276 63.10 -44.22 45.39
CA VAL B 276 62.58 -44.23 44.03
C VAL B 276 62.63 -42.82 43.44
N ASN B 277 63.50 -41.96 43.96
CA ASN B 277 63.74 -40.68 43.32
C ASN B 277 64.26 -40.92 41.91
N GLY B 278 63.78 -40.11 40.97
CA GLY B 278 64.04 -40.46 39.59
C GLY B 278 63.18 -41.64 39.20
N ASN B 279 63.70 -42.45 38.28
CA ASN B 279 63.02 -43.66 37.81
C ASN B 279 61.63 -43.34 37.28
N ALA B 280 61.61 -42.55 36.20
CA ALA B 280 60.35 -42.02 35.68
C ALA B 280 59.42 -43.14 35.26
N GLY B 281 58.12 -42.92 35.47
CA GLY B 281 57.09 -43.87 35.12
C GLY B 281 56.29 -44.42 36.27
N THR B 282 56.54 -43.98 37.49
CA THR B 282 55.85 -44.50 38.66
C THR B 282 55.06 -43.39 39.34
N ALA B 283 53.92 -43.75 39.92
CA ALA B 283 53.04 -42.81 40.58
C ALA B 283 52.89 -43.16 42.04
N LEU B 284 52.92 -42.14 42.90
CA LEU B 284 52.80 -42.30 44.34
C LEU B 284 51.45 -41.76 44.78
N ASN B 285 50.75 -42.54 45.61
CA ASN B 285 49.43 -42.17 46.09
C ASN B 285 49.37 -42.33 47.59
N VAL B 286 48.57 -41.47 48.24
CA VAL B 286 48.46 -41.45 49.69
C VAL B 286 47.25 -42.26 50.12
N LEU B 287 47.45 -43.18 51.05
CA LEU B 287 46.41 -44.08 51.53
C LEU B 287 46.08 -43.77 52.98
N SER B 288 44.79 -43.81 53.30
CA SER B 288 44.31 -43.48 54.64
C SER B 288 44.38 -44.70 55.54
N ALA B 289 45.00 -44.52 56.72
CA ALA B 289 45.14 -45.64 57.64
C ALA B 289 43.82 -45.96 58.34
N THR B 290 43.06 -44.94 58.70
CA THR B 290 41.88 -45.15 59.54
C THR B 290 40.80 -45.94 58.82
N ALA B 291 40.44 -45.51 57.60
CA ALA B 291 39.28 -46.07 56.92
C ALA B 291 39.68 -47.22 55.99
N ALA B 292 38.71 -47.69 55.23
CA ALA B 292 38.97 -48.73 54.24
C ALA B 292 39.81 -48.16 53.09
N ASN B 293 40.44 -49.08 52.35
CA ASN B 293 41.37 -48.65 51.30
C ASN B 293 40.65 -47.87 50.20
N ASP B 294 39.47 -48.35 49.78
CA ASP B 294 38.66 -47.75 48.73
C ASP B 294 39.37 -47.71 47.38
N PHE B 295 40.55 -48.32 47.26
CA PHE B 295 41.29 -48.43 46.01
C PHE B 295 41.56 -47.04 45.41
N VAL B 296 42.31 -46.24 46.15
CA VAL B 296 42.62 -44.89 45.69
C VAL B 296 43.54 -44.93 44.48
N GLU B 297 44.47 -45.91 44.45
CA GLU B 297 45.52 -45.92 43.46
C GLU B 297 45.02 -46.19 42.04
N GLN B 298 43.77 -46.59 41.87
CA GLN B 298 43.25 -46.86 40.54
C GLN B 298 42.87 -45.61 39.78
N CYS B 299 42.84 -44.45 40.44
CA CYS B 299 42.33 -43.24 39.78
C CYS B 299 43.11 -42.86 38.53
N PRO B 300 44.44 -42.74 38.53
CA PRO B 300 45.13 -42.41 37.28
C PRO B 300 44.88 -43.44 36.19
N SER B 301 44.82 -44.73 36.55
CA SER B 301 44.55 -45.75 35.56
C SER B 301 43.16 -45.59 34.96
N GLU B 302 42.16 -45.30 35.81
CA GLU B 302 40.81 -45.10 35.30
C GLU B 302 40.76 -43.93 34.34
N ILE B 303 41.39 -42.82 34.72
CA ILE B 303 41.38 -41.63 33.88
C ILE B 303 42.05 -41.93 32.55
N LEU B 304 43.20 -42.61 32.59
CA LEU B 304 43.93 -42.91 31.37
C LEU B 304 43.14 -43.85 30.47
N ALA B 305 42.49 -44.85 31.04
CA ALA B 305 41.73 -45.80 30.24
C ALA B 305 40.46 -45.19 29.67
N ALA B 306 39.92 -44.17 30.32
CA ALA B 306 38.67 -43.58 29.86
C ALA B 306 38.85 -42.88 28.51
N THR B 307 39.97 -42.18 28.32
CA THR B 307 40.11 -41.32 27.16
C THR B 307 40.33 -42.12 25.88
N ASN B 308 39.97 -41.50 24.76
CA ASN B 308 40.20 -42.05 23.43
C ASN B 308 40.98 -41.03 22.63
N TYR B 309 41.76 -41.53 21.67
CA TYR B 309 42.67 -40.67 20.93
C TYR B 309 42.24 -40.40 19.49
N ASP B 310 41.17 -41.03 19.01
CA ASP B 310 40.75 -40.80 17.64
C ASP B 310 40.07 -39.45 17.46
N GLU B 311 39.22 -39.06 18.41
CA GLU B 311 38.48 -37.81 18.24
C GLU B 311 39.34 -36.62 18.66
N PRO B 312 39.07 -35.43 18.12
CA PRO B 312 39.84 -34.25 18.49
C PRO B 312 39.60 -33.84 19.93
N GLY B 313 40.53 -33.05 20.46
CA GLY B 313 40.44 -32.53 21.81
C GLY B 313 40.48 -33.60 22.88
N ALA B 314 41.43 -34.53 22.77
CA ALA B 314 41.50 -35.67 23.68
C ALA B 314 42.31 -35.41 24.93
N SER B 315 43.41 -34.67 24.82
CA SER B 315 44.28 -34.43 25.99
C SER B 315 43.51 -33.71 27.08
N GLN B 316 43.61 -34.21 28.30
CA GLN B 316 42.85 -33.67 29.42
C GLN B 316 43.73 -33.59 30.65
N ASN B 317 43.36 -32.67 31.55
CA ASN B 317 44.06 -32.52 32.81
C ASN B 317 43.67 -33.66 33.74
N TYR B 318 44.52 -33.92 34.74
CA TYR B 318 44.25 -34.96 35.71
C TYR B 318 43.96 -34.46 37.11
N MET B 319 44.07 -33.16 37.38
CA MET B 319 43.98 -32.70 38.76
C MET B 319 42.59 -32.20 39.15
N TYR B 320 41.60 -32.30 38.27
CA TYR B 320 40.23 -31.92 38.65
C TYR B 320 39.29 -33.04 38.23
N TYR B 321 39.16 -34.02 39.10
CA TYR B 321 38.20 -35.09 38.90
C TYR B 321 37.68 -35.50 40.27
N GLN B 322 36.38 -35.74 40.35
CA GLN B 322 35.73 -36.01 41.62
C GLN B 322 35.35 -37.48 41.68
N PHE B 323 35.78 -38.16 42.74
CA PHE B 323 35.42 -39.54 42.98
C PHE B 323 34.57 -39.58 44.24
N PRO B 324 33.24 -39.63 44.13
CA PRO B 324 32.41 -39.62 45.34
C PRO B 324 32.67 -40.80 46.25
N GLY B 325 33.02 -41.97 45.70
CA GLY B 325 33.21 -43.14 46.53
C GLY B 325 34.40 -43.03 47.45
N ARG B 326 35.49 -42.42 46.97
CA ARG B 326 36.73 -42.42 47.73
C ARG B 326 36.61 -41.54 48.97
N ASN B 327 37.60 -41.68 49.86
CA ASN B 327 37.61 -40.98 51.13
C ASN B 327 38.71 -39.92 51.17
N ILE B 328 38.42 -38.84 51.89
CA ILE B 328 39.32 -37.69 51.95
C ILE B 328 40.47 -38.01 52.90
N THR B 329 41.66 -37.48 52.57
CA THR B 329 42.86 -37.76 53.34
C THR B 329 43.42 -36.54 54.05
N VAL B 330 43.70 -35.46 53.34
CA VAL B 330 44.39 -34.31 53.92
C VAL B 330 43.51 -33.07 53.82
N SER B 331 43.62 -32.21 54.83
CA SER B 331 42.84 -30.98 54.86
C SER B 331 43.63 -29.79 55.41
N ASP B 332 44.94 -29.77 55.28
CA ASP B 332 45.76 -28.69 55.80
C ASP B 332 46.76 -28.23 54.75
N ASP B 333 47.17 -26.96 54.84
CA ASP B 333 48.10 -26.43 53.86
C ASP B 333 49.51 -26.97 54.07
N THR B 334 49.96 -27.04 55.33
CA THR B 334 51.34 -27.46 55.58
C THR B 334 51.57 -28.90 55.15
N VAL B 335 50.65 -29.79 55.49
CA VAL B 335 50.80 -31.19 55.10
C VAL B 335 50.74 -31.31 53.58
N ALA B 336 49.91 -30.49 52.93
CA ALA B 336 49.85 -30.49 51.48
C ALA B 336 51.19 -30.07 50.88
N ASN B 337 51.81 -29.03 51.46
CA ASN B 337 53.11 -28.60 50.97
C ASN B 337 54.16 -29.69 51.15
N THR B 338 54.15 -30.36 52.30
CA THR B 338 55.12 -31.43 52.53
C THR B 338 54.92 -32.56 51.52
N VAL B 339 53.68 -32.97 51.30
CA VAL B 339 53.41 -34.05 50.35
C VAL B 339 53.82 -33.64 48.94
N ASP B 340 53.52 -32.41 48.55
CA ASP B 340 53.90 -31.94 47.23
C ASP B 340 55.43 -31.95 47.07
N LYS B 341 56.15 -31.48 48.09
CA LYS B 341 57.60 -31.57 48.04
C LYS B 341 58.07 -33.01 47.94
N SER B 342 57.29 -33.94 48.50
CA SER B 342 57.57 -35.36 48.36
C SER B 342 57.00 -35.95 47.08
N ARG B 343 56.35 -35.14 46.24
CA ARG B 343 55.83 -35.58 44.94
C ARG B 343 54.82 -36.71 45.10
N GLY B 344 53.73 -36.45 45.81
CA GLY B 344 52.69 -37.41 46.01
C GLY B 344 51.35 -36.96 45.47
N ASN B 345 50.44 -37.91 45.30
CA ASN B 345 49.10 -37.65 44.83
C ASN B 345 48.10 -38.01 45.93
N TYR B 346 46.98 -37.30 45.96
CA TYR B 346 46.00 -37.50 47.02
C TYR B 346 44.69 -36.83 46.62
N ILE B 347 43.68 -37.04 47.45
CA ILE B 347 42.38 -36.40 47.30
C ILE B 347 42.19 -35.50 48.50
N GLY B 348 42.33 -34.19 48.30
CA GLY B 348 42.26 -33.22 49.37
C GLY B 348 40.98 -32.42 49.30
N VAL B 349 40.39 -32.16 50.46
CA VAL B 349 39.16 -31.39 50.54
C VAL B 349 39.50 -29.92 50.72
N THR B 350 38.70 -29.06 50.10
CA THR B 350 38.87 -27.62 50.23
C THR B 350 37.62 -26.93 50.75
N GLN B 351 36.55 -27.67 51.05
CA GLN B 351 35.27 -27.07 51.42
C GLN B 351 34.83 -27.44 52.82
N ALA B 352 34.65 -28.73 53.11
CA ALA B 352 34.28 -29.20 54.45
C ALA B 352 33.11 -28.41 55.03
N ASN B 353 32.06 -28.23 54.23
CA ASN B 353 30.98 -27.33 54.61
C ASN B 353 29.70 -27.90 54.01
N GLY B 354 28.62 -27.12 54.02
CA GLY B 354 27.30 -27.54 53.57
C GLY B 354 27.29 -28.42 52.34
N GLN B 355 28.01 -28.01 51.30
CA GLN B 355 28.32 -28.90 50.19
C GLN B 355 29.76 -29.38 50.35
N GLN B 356 30.03 -30.58 49.82
CA GLN B 356 31.34 -31.18 49.95
C GLN B 356 31.84 -31.56 48.55
N LEU B 357 33.11 -31.31 48.30
CA LEU B 357 33.71 -31.60 47.00
C LEU B 357 35.22 -31.57 47.14
N ALA B 358 35.86 -32.66 46.75
CA ALA B 358 37.31 -32.76 46.70
C ALA B 358 37.70 -33.33 45.35
N PHE B 359 39.01 -33.39 45.10
CA PHE B 359 39.46 -33.88 43.81
C PHE B 359 40.90 -34.37 43.91
N TYR B 360 41.25 -35.27 43.00
CA TYR B 360 42.62 -35.71 42.82
C TYR B 360 43.52 -34.51 42.64
N GLN B 361 44.58 -34.43 43.45
CA GLN B 361 45.22 -33.13 43.63
C GLN B 361 46.22 -32.81 42.54
N ARG B 362 47.24 -33.65 42.36
CA ARG B 362 48.31 -33.34 41.43
C ARG B 362 48.53 -34.50 40.48
N GLY B 363 48.85 -34.16 39.23
CA GLY B 363 49.09 -35.15 38.22
C GLY B 363 50.57 -35.27 37.88
N ILE B 364 51.41 -35.28 38.89
CA ILE B 364 52.85 -35.31 38.68
C ILE B 364 53.36 -36.72 38.93
N LEU B 365 54.54 -37.00 38.38
CA LEU B 365 55.18 -38.30 38.49
C LEU B 365 56.62 -38.12 38.97
N CYS B 366 57.11 -39.12 39.68
CA CYS B 366 58.51 -39.12 40.08
C CYS B 366 59.39 -39.50 38.90
N GLY B 367 60.47 -38.75 38.72
CA GLY B 367 61.37 -39.01 37.60
C GLY B 367 62.50 -38.00 37.59
N GLY B 368 63.44 -38.26 36.70
CA GLY B 368 64.61 -37.41 36.57
C GLY B 368 64.30 -36.11 35.88
N PRO B 369 65.28 -35.20 35.90
CA PRO B 369 65.07 -33.88 35.29
C PRO B 369 64.77 -33.94 33.79
N THR B 370 65.36 -34.90 33.08
CA THR B 370 65.20 -34.93 31.63
C THR B 370 63.81 -35.40 31.22
N ASP B 371 63.27 -36.39 31.93
CA ASP B 371 62.04 -37.02 31.48
C ASP B 371 60.83 -36.21 31.91
N ALA B 372 59.73 -36.40 31.19
CA ALA B 372 58.50 -35.67 31.46
C ALA B 372 57.95 -36.04 32.83
N VAL B 373 57.35 -35.05 33.49
CA VAL B 373 56.85 -35.21 34.84
C VAL B 373 55.33 -35.33 34.87
N ASP B 374 54.62 -34.49 34.13
CA ASP B 374 53.17 -34.53 34.12
C ASP B 374 52.67 -35.83 33.48
N MET B 375 51.50 -36.27 33.93
CA MET B 375 50.96 -37.55 33.46
C MET B 375 50.46 -37.46 32.03
N ASN B 376 49.81 -36.36 31.67
CA ASN B 376 49.20 -36.27 30.35
C ASN B 376 50.27 -36.37 29.26
N VAL B 377 51.41 -35.73 29.47
CA VAL B 377 52.52 -35.84 28.53
C VAL B 377 52.95 -37.29 28.40
N TYR B 378 53.01 -38.00 29.52
CA TYR B 378 53.40 -39.41 29.50
C TYR B 378 52.44 -40.23 28.65
N ALA B 379 51.14 -40.06 28.87
CA ALA B 379 50.17 -40.83 28.10
C ALA B 379 50.25 -40.50 26.62
N ASN B 380 50.39 -39.22 26.30
CA ASN B 380 50.49 -38.82 24.91
C ASN B 380 51.72 -39.45 24.26
N GLU B 381 52.83 -39.49 24.98
CA GLU B 381 54.03 -40.12 24.44
C GLU B 381 53.80 -41.60 24.19
N ILE B 382 53.11 -42.28 25.11
CA ILE B 382 52.83 -43.70 24.90
C ILE B 382 52.05 -43.89 23.61
N TRP B 383 50.98 -43.13 23.44
CA TRP B 383 50.16 -43.29 22.24
C TRP B 383 50.95 -42.97 20.98
N LEU B 384 51.76 -41.92 21.03
CA LEU B 384 52.54 -41.52 19.87
C LEU B 384 53.53 -42.60 19.46
N LYS B 385 54.23 -43.18 20.44
CA LYS B 385 55.18 -44.24 20.11
C LYS B 385 54.47 -45.43 19.48
N SER B 386 53.33 -45.83 20.05
CA SER B 386 52.61 -46.96 19.47
C SER B 386 52.22 -46.68 18.02
N ALA B 387 51.69 -45.48 17.77
CA ALA B 387 51.24 -45.17 16.42
C ALA B 387 52.40 -45.17 15.43
N ILE B 388 53.54 -44.57 15.82
CA ILE B 388 54.68 -44.51 14.92
C ILE B 388 55.16 -45.91 14.58
N ALA B 389 55.28 -46.77 15.60
CA ALA B 389 55.74 -48.12 15.33
C ALA B 389 54.80 -48.85 14.39
N GLN B 390 53.49 -48.71 14.62
CA GLN B 390 52.52 -49.39 13.76
C GLN B 390 52.66 -48.91 12.32
N ALA B 391 52.81 -47.60 12.12
CA ALA B 391 52.92 -47.08 10.76
C ALA B 391 54.17 -47.62 10.06
N LEU B 392 55.30 -47.64 10.76
CA LEU B 392 56.53 -48.12 10.13
C LEU B 392 56.43 -49.60 9.77
N LEU B 393 55.86 -50.41 10.66
CA LEU B 393 55.70 -51.83 10.32
C LEU B 393 54.76 -52.02 9.14
N ASP B 394 53.71 -51.21 9.03
CA ASP B 394 52.88 -51.30 7.83
C ASP B 394 53.69 -50.96 6.59
N LEU B 395 54.53 -49.94 6.67
CA LEU B 395 55.41 -49.62 5.55
C LEU B 395 56.23 -50.83 5.10
N PHE B 396 56.92 -51.46 6.05
CA PHE B 396 57.77 -52.59 5.67
C PHE B 396 56.94 -53.75 5.12
N LEU B 397 55.78 -54.02 5.73
CA LEU B 397 54.97 -55.14 5.28
C LEU B 397 54.44 -54.94 3.88
N ASN B 398 54.05 -53.72 3.53
CA ASN B 398 53.33 -53.53 2.28
C ASN B 398 54.20 -53.15 1.09
N VAL B 399 55.51 -53.04 1.27
CA VAL B 399 56.41 -52.64 0.19
C VAL B 399 57.40 -53.75 -0.09
N ASN B 400 57.66 -54.01 -1.37
CA ASN B 400 58.60 -55.07 -1.73
C ASN B 400 60.02 -54.72 -1.29
N ALA B 401 60.41 -53.45 -1.44
CA ALA B 401 61.75 -53.05 -1.04
C ALA B 401 61.76 -51.55 -0.79
N VAL B 402 62.48 -51.13 0.25
CA VAL B 402 62.68 -49.72 0.53
C VAL B 402 64.12 -49.36 0.19
N PRO B 403 64.35 -48.71 -0.95
CA PRO B 403 65.73 -48.43 -1.37
C PRO B 403 66.42 -47.50 -0.40
N ALA B 404 67.74 -47.67 -0.28
CA ALA B 404 68.55 -46.80 0.57
C ALA B 404 69.00 -45.58 -0.23
N SER B 405 68.01 -44.83 -0.70
CA SER B 405 68.24 -43.62 -1.47
C SER B 405 67.30 -42.54 -0.96
N SER B 406 67.27 -41.41 -1.66
CA SER B 406 66.39 -40.32 -1.26
C SER B 406 64.93 -40.72 -1.39
N THR B 407 64.57 -41.43 -2.46
CA THR B 407 63.18 -41.74 -2.72
C THR B 407 62.58 -42.61 -1.62
N GLY B 408 63.33 -43.61 -1.15
CA GLY B 408 62.80 -44.49 -0.12
C GLY B 408 62.50 -43.76 1.18
N GLU B 409 63.41 -42.88 1.59
CA GLU B 409 63.18 -42.16 2.83
C GLU B 409 62.11 -41.09 2.68
N ALA B 410 61.96 -40.54 1.47
CA ALA B 410 60.78 -39.70 1.21
C ALA B 410 59.50 -40.52 1.36
N MET B 411 59.51 -41.76 0.88
CA MET B 411 58.37 -42.65 1.08
C MET B 411 58.08 -42.84 2.55
N THR B 412 59.13 -43.04 3.35
CA THR B 412 58.94 -43.21 4.79
C THR B 412 58.26 -41.99 5.39
N LEU B 413 58.76 -40.81 5.06
CA LEU B 413 58.18 -39.59 5.62
C LEU B 413 56.71 -39.45 5.21
N ALA B 414 56.41 -39.74 3.94
CA ALA B 414 55.03 -39.67 3.49
C ALA B 414 54.15 -40.64 4.28
N VAL B 415 54.68 -41.82 4.60
CA VAL B 415 53.89 -42.77 5.38
C VAL B 415 53.64 -42.25 6.79
N LEU B 416 54.66 -41.65 7.42
CA LEU B 416 54.42 -41.08 8.75
C LEU B 416 53.41 -39.95 8.76
N GLN B 417 53.31 -39.20 7.66
CA GLN B 417 52.50 -37.96 7.67
C GLN B 417 51.12 -38.09 8.30
N PRO B 418 50.28 -39.08 7.96
CA PRO B 418 48.95 -39.13 8.61
C PRO B 418 48.99 -39.26 10.12
N VAL B 419 50.00 -39.91 10.67
CA VAL B 419 50.10 -40.03 12.12
C VAL B 419 50.28 -38.66 12.75
N LEU B 420 51.14 -37.82 12.19
CA LEU B 420 51.29 -36.48 12.75
C LEU B 420 50.06 -35.62 12.50
N ASP B 421 49.34 -35.83 11.40
CA ASP B 421 48.07 -35.14 11.24
C ASP B 421 47.11 -35.49 12.36
N LYS B 422 46.98 -36.79 12.65
CA LYS B 422 46.11 -37.21 13.74
C LYS B 422 46.57 -36.66 15.07
N ALA B 423 47.89 -36.61 15.28
CA ALA B 423 48.41 -36.09 16.53
C ALA B 423 48.10 -34.61 16.70
N THR B 424 48.31 -33.81 15.66
CA THR B 424 48.05 -32.38 15.80
C THR B 424 46.57 -32.09 15.92
N ALA B 425 45.71 -32.92 15.31
CA ALA B 425 44.28 -32.74 15.55
C ALA B 425 43.88 -33.24 16.93
N ASN B 426 44.65 -34.16 17.49
CA ASN B 426 44.29 -34.78 18.75
C ASN B 426 44.45 -33.82 19.92
N GLY B 427 45.58 -33.13 19.98
CA GLY B 427 45.90 -32.27 21.11
C GLY B 427 47.21 -32.58 21.79
N THR B 428 47.97 -33.57 21.32
CA THR B 428 49.27 -33.86 21.90
C THR B 428 50.35 -32.88 21.44
N PHE B 429 50.09 -32.13 20.38
CA PHE B 429 50.98 -31.09 19.92
C PHE B 429 50.39 -29.73 20.24
N THR B 430 51.26 -28.73 20.40
CA THR B 430 50.83 -27.40 20.75
C THR B 430 51.55 -26.38 19.89
N TYR B 431 50.81 -25.38 19.43
CA TYR B 431 51.34 -24.34 18.58
C TYR B 431 51.24 -22.98 19.27
N GLY B 432 52.15 -22.08 18.90
CA GLY B 432 52.15 -20.74 19.44
C GLY B 432 52.86 -20.56 20.76
N LYS B 433 53.49 -21.60 21.28
CA LYS B 433 54.19 -21.50 22.56
C LYS B 433 55.39 -20.59 22.45
N GLU B 434 55.75 -19.97 23.57
CA GLU B 434 56.95 -19.14 23.62
C GLU B 434 58.18 -20.01 23.88
N ILE B 435 59.32 -19.51 23.40
CA ILE B 435 60.60 -20.23 23.51
C ILE B 435 61.59 -19.33 24.23
N SER B 436 62.25 -19.89 25.24
CA SER B 436 63.30 -19.18 25.96
C SER B 436 64.64 -19.40 25.29
N ALA B 437 65.63 -18.58 25.67
CA ALA B 437 66.95 -18.67 25.07
C ALA B 437 67.58 -20.03 25.34
N VAL B 438 67.47 -20.52 26.56
CA VAL B 438 68.06 -21.81 26.91
C VAL B 438 67.42 -22.93 26.09
N GLN B 439 66.10 -22.89 25.95
CA GLN B 439 65.42 -23.90 25.15
C GLN B 439 65.85 -23.82 23.68
N GLN B 440 66.01 -22.61 23.16
CA GLN B 440 66.45 -22.46 21.78
C GLN B 440 67.83 -23.05 21.59
N GLN B 441 68.75 -22.79 22.52
CA GLN B 441 70.07 -23.38 22.44
C GLN B 441 70.00 -24.90 22.54
N TYR B 442 69.14 -25.41 23.41
CA TYR B 442 68.99 -26.86 23.55
C TYR B 442 68.52 -27.49 22.25
N ILE B 443 67.54 -26.87 21.60
CA ILE B 443 67.04 -27.40 20.33
C ILE B 443 68.14 -27.38 19.27
N THR B 444 68.84 -26.25 19.17
CA THR B 444 69.90 -26.16 18.17
C THR B 444 71.02 -27.14 18.46
N GLN B 445 71.21 -27.50 19.73
CA GLN B 445 72.23 -28.49 20.07
C GLN B 445 71.77 -29.90 19.68
N VAL B 446 70.49 -30.22 19.91
CA VAL B 446 70.01 -31.57 19.66
C VAL B 446 70.06 -31.89 18.17
N THR B 447 69.57 -30.97 17.35
CA THR B 447 69.60 -31.14 15.90
C THR B 447 70.54 -30.10 15.30
N GLY B 448 71.38 -30.53 14.37
CA GLY B 448 72.42 -29.66 13.84
C GLY B 448 71.90 -28.42 13.16
N ASP B 449 70.62 -28.41 12.78
CA ASP B 449 70.05 -27.30 12.03
C ASP B 449 69.63 -26.17 12.96
N ARG B 450 70.10 -24.97 12.66
CA ARG B 450 69.58 -23.75 13.26
C ARG B 450 68.28 -23.35 12.56
N ARG B 451 67.47 -22.55 13.25
CA ARG B 451 66.17 -22.08 12.76
C ARG B 451 65.12 -23.18 12.72
N ALA B 452 65.35 -24.30 13.39
CA ALA B 452 64.29 -25.27 13.61
C ALA B 452 63.33 -24.83 14.70
N TRP B 453 63.81 -24.02 15.66
CA TRP B 453 62.92 -23.56 16.71
C TRP B 453 61.80 -22.70 16.16
N ARG B 454 62.02 -22.03 15.03
CA ARG B 454 60.92 -21.35 14.37
C ARG B 454 59.82 -22.33 13.96
N GLN B 455 60.23 -23.47 13.40
CA GLN B 455 59.27 -24.49 13.01
C GLN B 455 58.53 -25.02 14.23
N VAL B 456 59.27 -25.29 15.31
CA VAL B 456 58.62 -25.79 16.51
C VAL B 456 57.64 -24.78 17.09
N GLN B 457 57.98 -23.49 17.05
CA GLN B 457 57.08 -22.47 17.56
C GLN B 457 55.84 -22.35 16.70
N THR B 458 55.99 -22.47 15.38
CA THR B 458 54.84 -22.25 14.50
C THR B 458 53.95 -23.49 14.40
N LEU B 459 54.49 -24.59 13.89
CA LEU B 459 53.69 -25.79 13.67
C LEU B 459 53.63 -26.70 14.88
N GLY B 460 54.66 -26.71 15.72
CA GLY B 460 54.68 -27.56 16.88
C GLY B 460 55.51 -28.82 16.76
N TYR B 461 56.09 -29.08 15.60
CA TYR B 461 56.94 -30.26 15.46
C TYR B 461 57.92 -30.05 14.32
N TRP B 462 58.97 -30.87 14.33
CA TRP B 462 60.02 -30.81 13.31
C TRP B 462 60.62 -32.20 13.19
N ILE B 463 60.75 -32.69 11.96
CA ILE B 463 61.16 -34.07 11.72
C ILE B 463 62.26 -34.10 10.68
N ASN B 464 63.10 -35.13 10.76
CA ASN B 464 64.18 -35.33 9.81
C ASN B 464 64.42 -36.82 9.64
N ILE B 465 64.91 -37.21 8.47
CA ILE B 465 65.16 -38.62 8.15
C ILE B 465 66.57 -38.73 7.58
N THR B 466 67.30 -39.76 8.03
CA THR B 466 68.66 -39.98 7.57
C THR B 466 68.97 -41.46 7.65
N PHE B 467 69.60 -41.99 6.62
CA PHE B 467 69.95 -43.39 6.54
C PHE B 467 71.46 -43.56 6.51
N SER B 468 71.96 -44.58 7.21
CA SER B 468 73.38 -44.82 7.32
C SER B 468 73.62 -46.32 7.27
N SER B 469 74.84 -46.74 7.61
CA SER B 469 75.23 -48.13 7.56
C SER B 469 75.88 -48.54 8.88
N TYR B 470 75.72 -49.81 9.23
CA TYR B 470 76.21 -50.32 10.50
C TYR B 470 76.35 -51.84 10.40
N THR B 471 76.91 -52.43 11.45
CA THR B 471 77.04 -53.88 11.58
C THR B 471 76.37 -54.35 12.86
N ASN B 472 75.69 -55.48 12.78
CA ASN B 472 74.98 -56.02 13.93
C ASN B 472 75.88 -56.96 14.73
N SER B 473 75.50 -57.17 15.99
CA SER B 473 76.33 -57.96 16.90
C SER B 473 76.23 -59.45 16.62
N ASN B 474 75.03 -59.93 16.27
CA ASN B 474 74.83 -61.37 16.13
C ASN B 474 75.63 -61.94 14.97
N THR B 475 75.72 -61.22 13.87
CA THR B 475 76.42 -61.68 12.68
C THR B 475 77.40 -60.61 12.22
N GLY B 476 78.53 -61.05 11.69
CA GLY B 476 79.55 -60.11 11.26
C GLY B 476 79.16 -59.23 10.10
N LEU B 477 78.05 -59.53 9.43
CA LEU B 477 77.68 -58.78 8.23
C LEU B 477 77.25 -57.36 8.59
N THR B 478 77.17 -56.52 7.56
CA THR B 478 76.75 -55.14 7.70
C THR B 478 75.35 -54.94 7.14
N GLU B 479 74.70 -53.87 7.59
CA GLU B 479 73.33 -53.60 7.20
C GLU B 479 73.09 -52.11 7.18
N TRP B 480 71.99 -51.71 6.54
CA TRP B 480 71.62 -50.31 6.39
C TRP B 480 70.45 -49.99 7.31
N LYS B 481 70.56 -48.90 8.06
CA LYS B 481 69.52 -48.48 8.99
C LYS B 481 69.19 -47.01 8.76
N ALA B 482 67.99 -46.63 9.16
CA ALA B 482 67.51 -45.27 9.00
C ALA B 482 67.34 -44.64 10.39
N ASN B 483 67.85 -43.42 10.53
CA ASN B 483 67.76 -42.68 11.79
C ASN B 483 66.90 -41.45 11.58
N TYR B 484 65.94 -41.24 12.48
CA TYR B 484 65.05 -40.10 12.41
C TYR B 484 64.96 -39.44 13.77
N THR B 485 64.74 -38.13 13.77
CA THR B 485 64.64 -37.35 14.99
C THR B 485 63.37 -36.52 14.96
N LEU B 486 62.65 -36.52 16.07
CA LEU B 486 61.38 -35.81 16.17
C LEU B 486 61.40 -34.92 17.40
N ILE B 487 61.08 -33.64 17.21
CA ILE B 487 61.00 -32.66 18.29
C ILE B 487 59.63 -32.01 18.23
N TYR B 488 58.95 -31.93 19.37
CA TYR B 488 57.62 -31.33 19.40
C TYR B 488 57.41 -30.61 20.72
N SER B 489 56.46 -29.67 20.72
CA SER B 489 56.13 -28.91 21.91
C SER B 489 55.03 -29.63 22.68
N LYS B 490 55.32 -29.98 23.92
CA LYS B 490 54.41 -30.79 24.71
C LYS B 490 53.11 -30.04 25.01
N GLY B 491 52.04 -30.79 25.18
CA GLY B 491 50.78 -30.20 25.56
C GLY B 491 50.76 -29.77 27.01
N ASP B 492 49.82 -28.89 27.34
CA ASP B 492 49.72 -28.36 28.69
C ASP B 492 48.26 -28.36 29.13
N ALA B 493 48.07 -28.40 30.44
CA ALA B 493 46.75 -28.37 31.04
C ALA B 493 46.74 -27.33 32.15
N ILE B 494 45.59 -26.67 32.32
CA ILE B 494 45.50 -25.56 33.26
C ILE B 494 45.54 -26.09 34.68
N ARG B 495 46.43 -25.52 35.49
CA ARG B 495 46.57 -25.87 36.89
C ARG B 495 46.22 -24.73 37.83
N PHE B 496 46.73 -23.54 37.56
CA PHE B 496 46.58 -22.40 38.44
C PHE B 496 46.08 -21.22 37.63
N VAL B 497 45.12 -20.48 38.15
CA VAL B 497 44.54 -19.33 37.46
C VAL B 497 44.90 -18.07 38.23
N GLU B 498 45.50 -17.11 37.55
CA GLU B 498 45.93 -15.87 38.15
C GLU B 498 45.31 -14.72 37.38
N GLY B 499 44.70 -13.78 38.11
CA GLY B 499 43.98 -12.70 37.47
C GLY B 499 44.26 -11.38 38.14
N SER B 500 43.83 -10.31 37.48
CA SER B 500 43.96 -8.97 37.99
C SER B 500 42.71 -8.17 37.62
N ASP B 501 42.56 -7.03 38.28
CA ASP B 501 41.39 -6.19 38.03
C ASP B 501 41.77 -4.74 38.32
N VAL B 502 41.29 -3.84 37.48
CA VAL B 502 41.50 -2.41 37.65
C VAL B 502 40.17 -1.71 37.46
N MET B 503 39.82 -0.83 38.38
CA MET B 503 38.55 -0.12 38.28
C MET B 503 38.52 0.81 37.06
N ILE B 504 39.66 1.37 36.68
CA ILE B 504 39.76 2.17 35.48
C ILE B 504 41.22 2.44 35.14
N MET C 1 -18.70 21.64 -69.09
CA MET C 1 -18.45 22.61 -68.03
C MET C 1 -17.07 22.26 -67.45
N ILE C 2 -16.26 21.67 -68.33
CA ILE C 2 -14.99 20.99 -68.08
C ILE C 2 -15.25 19.84 -67.12
N SER C 3 -14.34 18.87 -67.06
CA SER C 3 -14.59 17.61 -66.37
C SER C 3 -13.69 17.47 -65.15
N GLN C 4 -14.28 17.16 -64.00
CA GLN C 4 -13.50 16.89 -62.81
C GLN C 4 -12.62 15.66 -63.00
N SER C 5 -12.95 14.82 -63.97
CA SER C 5 -12.16 13.62 -64.26
C SER C 5 -10.95 13.90 -65.12
N ARG C 6 -10.84 15.10 -65.70
CA ARG C 6 -9.63 15.45 -66.42
C ARG C 6 -8.44 15.58 -65.47
N TYR C 7 -8.70 15.81 -64.19
CA TYR C 7 -7.65 15.94 -63.19
C TYR C 7 -7.52 14.73 -62.28
N ILE C 8 -8.62 14.06 -61.97
CA ILE C 8 -8.63 12.94 -61.03
C ILE C 8 -9.30 11.76 -61.71
N ARG C 9 -8.67 10.58 -61.63
CA ARG C 9 -9.21 9.38 -62.24
C ARG C 9 -9.03 8.21 -61.30
N ILE C 10 -10.13 7.62 -60.86
CA ILE C 10 -10.13 6.40 -60.05
C ILE C 10 -10.82 5.30 -60.84
N ILE C 11 -10.14 4.17 -61.01
CA ILE C 11 -10.69 3.10 -61.83
C ILE C 11 -11.57 2.16 -61.01
N SER C 12 -11.30 2.05 -59.71
CA SER C 12 -12.06 1.17 -58.79
C SER C 12 -11.99 -0.25 -59.33
N GLY C 13 -13.07 -1.01 -59.32
CA GLY C 13 -13.04 -2.40 -59.73
C GLY C 13 -13.21 -3.33 -58.54
N VAL C 14 -14.00 -4.39 -58.76
CA VAL C 14 -14.27 -5.33 -57.68
C VAL C 14 -12.98 -6.06 -57.29
N GLY C 15 -13.00 -6.63 -56.10
CA GLY C 15 -11.83 -7.29 -55.57
C GLY C 15 -11.45 -8.53 -56.35
N ALA C 16 -10.50 -9.29 -55.77
CA ALA C 16 -9.96 -10.50 -56.38
C ALA C 16 -9.41 -10.22 -57.78
N ALA C 17 -8.74 -9.08 -57.94
CA ALA C 17 -8.09 -8.71 -59.19
C ALA C 17 -6.60 -8.98 -59.05
N ALA C 18 -6.10 -9.92 -59.84
CA ALA C 18 -4.70 -10.33 -59.79
C ALA C 18 -4.08 -10.29 -61.18
N PRO C 19 -3.49 -9.16 -61.58
CA PRO C 19 -2.79 -9.11 -62.86
C PRO C 19 -1.64 -10.09 -62.89
N VAL C 20 -1.45 -10.72 -64.05
CA VAL C 20 -0.46 -11.78 -64.21
C VAL C 20 0.30 -11.55 -65.51
N ALA C 21 1.61 -11.82 -65.47
CA ALA C 21 2.44 -11.83 -66.66
C ALA C 21 3.18 -13.14 -66.71
N GLY C 22 2.99 -13.90 -67.79
CA GLY C 22 3.58 -15.20 -67.94
C GLY C 22 2.66 -16.11 -68.71
N ARG C 23 2.99 -17.39 -68.73
CA ARG C 23 2.22 -18.35 -69.52
C ARG C 23 0.94 -18.69 -68.78
N LYS C 24 -0.17 -18.69 -69.50
CA LYS C 24 -1.48 -18.96 -68.93
C LYS C 24 -1.83 -20.42 -69.16
N LEU C 25 -2.27 -21.09 -68.10
CA LEU C 25 -2.61 -22.51 -68.16
C LEU C 25 -4.12 -22.66 -68.32
N ILE C 26 -4.63 -22.12 -69.43
CA ILE C 26 -6.07 -21.95 -69.61
C ILE C 26 -6.59 -22.99 -70.57
N LEU C 27 -7.91 -23.19 -70.53
CA LEU C 27 -8.55 -24.19 -71.36
C LEU C 27 -8.58 -23.77 -72.82
N ARG C 28 -8.47 -24.74 -73.72
CA ARG C 28 -8.66 -24.52 -75.15
C ARG C 28 -9.59 -25.60 -75.68
N VAL C 29 -10.61 -25.19 -76.43
CA VAL C 29 -11.62 -26.10 -76.96
C VAL C 29 -11.62 -26.00 -78.48
N MET C 30 -11.76 -27.16 -79.13
CA MET C 30 -11.81 -27.22 -80.58
C MET C 30 -13.23 -27.55 -80.99
N THR C 31 -13.83 -26.70 -81.82
CA THR C 31 -15.24 -26.83 -82.16
C THR C 31 -15.41 -26.85 -83.68
N THR C 32 -16.54 -27.39 -84.11
CA THR C 32 -16.90 -27.46 -85.52
C THR C 32 -17.93 -26.40 -85.91
N ASN C 33 -18.13 -25.40 -85.06
CA ASN C 33 -19.05 -24.33 -85.37
C ASN C 33 -18.57 -23.56 -86.59
N ASN C 34 -19.52 -23.09 -87.40
CA ASN C 34 -19.17 -22.38 -88.63
C ASN C 34 -18.82 -20.92 -88.39
N VAL C 35 -19.15 -20.38 -87.23
CA VAL C 35 -18.94 -18.95 -86.99
C VAL C 35 -17.46 -18.62 -86.89
N ILE C 36 -16.67 -19.53 -86.34
CA ILE C 36 -15.26 -19.23 -86.06
C ILE C 36 -14.43 -19.46 -87.32
N PRO C 37 -13.62 -18.50 -87.75
CA PRO C 37 -12.75 -18.73 -88.89
C PRO C 37 -11.68 -19.76 -88.56
N PRO C 38 -11.14 -20.46 -89.54
CA PRO C 38 -10.19 -21.54 -89.27
C PRO C 38 -8.88 -21.08 -88.64
N GLY C 39 -8.27 -20.04 -89.20
CA GLY C 39 -6.92 -19.68 -88.83
C GLY C 39 -6.77 -18.75 -87.65
N ILE C 40 -7.84 -18.42 -86.95
CA ILE C 40 -7.81 -17.43 -85.88
C ILE C 40 -8.30 -18.06 -84.59
N VAL C 41 -7.62 -17.78 -83.49
CA VAL C 41 -8.05 -18.20 -82.17
C VAL C 41 -8.55 -16.97 -81.43
N ILE C 42 -9.49 -17.20 -80.49
CA ILE C 42 -10.15 -16.13 -79.79
C ILE C 42 -10.18 -16.47 -78.30
N GLU C 43 -10.27 -15.43 -77.47
CA GLU C 43 -10.29 -15.57 -76.02
C GLU C 43 -11.42 -14.76 -75.44
N PHE C 44 -11.83 -15.12 -74.22
CA PHE C 44 -12.87 -14.41 -73.51
C PHE C 44 -12.55 -14.39 -72.02
N ASP C 45 -12.87 -13.28 -71.37
CA ASP C 45 -12.61 -13.11 -69.95
C ASP C 45 -13.85 -13.30 -69.09
N ASN C 46 -14.98 -13.64 -69.69
CA ASN C 46 -16.23 -13.74 -68.95
C ASN C 46 -17.21 -14.61 -69.72
N ALA C 47 -18.17 -15.17 -68.99
CA ALA C 47 -19.22 -15.95 -69.63
C ALA C 47 -20.18 -15.07 -70.43
N ASN C 48 -20.35 -13.82 -70.00
CA ASN C 48 -21.25 -12.91 -70.72
C ASN C 48 -20.72 -12.63 -72.12
N ALA C 49 -19.41 -12.49 -72.27
CA ALA C 49 -18.83 -12.31 -73.60
C ALA C 49 -19.11 -13.52 -74.48
N VAL C 50 -19.00 -14.72 -73.92
CA VAL C 50 -19.30 -15.93 -74.67
C VAL C 50 -20.76 -15.93 -75.09
N LEU C 51 -21.66 -15.52 -74.19
CA LEU C 51 -23.07 -15.45 -74.53
C LEU C 51 -23.31 -14.47 -75.67
N SER C 52 -22.66 -13.31 -75.62
CA SER C 52 -22.83 -12.32 -76.67
C SER C 52 -22.33 -12.85 -78.00
N TYR C 53 -21.20 -13.55 -78.00
CA TYR C 53 -20.62 -14.01 -79.25
C TYR C 53 -21.38 -15.20 -79.84
N PHE C 54 -21.89 -16.08 -78.98
CA PHE C 54 -22.47 -17.34 -79.44
C PHE C 54 -23.97 -17.45 -79.20
N GLY C 55 -24.42 -17.26 -77.96
CA GLY C 55 -25.82 -17.36 -77.66
C GLY C 55 -26.15 -18.55 -76.77
N ALA C 56 -27.32 -18.47 -76.12
CA ALA C 56 -27.68 -19.45 -75.11
C ALA C 56 -27.92 -20.83 -75.71
N GLN C 57 -28.51 -20.87 -76.91
CA GLN C 57 -28.85 -22.17 -77.50
C GLN C 57 -27.60 -23.00 -77.77
N SER C 58 -26.52 -22.37 -78.21
CA SER C 58 -25.29 -23.08 -78.49
C SER C 58 -24.70 -23.66 -77.19
N GLU C 59 -24.25 -24.91 -77.28
CA GLU C 59 -23.74 -25.61 -76.11
C GLU C 59 -22.43 -25.03 -75.60
N GLU C 60 -21.70 -24.28 -76.43
CA GLU C 60 -20.45 -23.68 -75.98
C GLU C 60 -20.68 -22.74 -74.81
N TYR C 61 -21.81 -22.04 -74.80
CA TYR C 61 -22.13 -21.22 -73.62
C TYR C 61 -22.30 -22.10 -72.39
N GLN C 62 -22.93 -23.26 -72.55
CA GLN C 62 -23.09 -24.16 -71.41
C GLN C 62 -21.73 -24.61 -70.88
N ARG C 63 -20.83 -24.99 -71.79
CA ARG C 63 -19.50 -25.40 -71.36
C ARG C 63 -18.77 -24.28 -70.65
N ALA C 64 -18.86 -23.06 -71.19
CA ALA C 64 -18.18 -21.93 -70.57
C ALA C 64 -18.77 -21.62 -69.20
N ALA C 65 -20.09 -21.71 -69.07
CA ALA C 65 -20.72 -21.44 -67.78
C ALA C 65 -20.28 -22.46 -66.74
N ALA C 66 -20.23 -23.75 -67.13
CA ALA C 66 -19.72 -24.76 -66.21
C ALA C 66 -18.28 -24.49 -65.84
N TYR C 67 -17.47 -24.09 -66.83
CA TYR C 67 -16.06 -23.83 -66.60
C TYR C 67 -15.83 -22.69 -65.62
N PHE C 68 -16.58 -21.61 -65.75
CA PHE C 68 -16.23 -20.38 -65.04
C PHE C 68 -16.62 -20.43 -63.57
N LYS C 69 -17.73 -21.10 -63.23
CA LYS C 69 -18.24 -21.07 -61.86
C LYS C 69 -17.59 -22.19 -61.04
N PHE C 70 -16.28 -22.04 -60.84
CA PHE C 70 -15.50 -22.97 -60.03
C PHE C 70 -14.63 -22.20 -59.06
N ILE C 71 -14.53 -22.71 -57.85
CA ILE C 71 -13.72 -22.09 -56.80
C ILE C 71 -12.80 -23.15 -56.22
N SER C 72 -11.52 -22.83 -56.10
CA SER C 72 -10.56 -23.73 -55.50
C SER C 72 -10.58 -23.59 -53.99
N LYS C 73 -9.75 -24.39 -53.30
CA LYS C 73 -9.66 -24.27 -51.85
C LYS C 73 -9.23 -22.88 -51.45
N SER C 74 -8.11 -22.41 -52.00
CA SER C 74 -7.84 -20.98 -52.00
C SER C 74 -8.70 -20.33 -53.06
N VAL C 75 -9.37 -19.25 -52.69
CA VAL C 75 -10.39 -18.67 -53.57
C VAL C 75 -9.72 -18.22 -54.87
N ASN C 76 -10.13 -18.84 -55.97
CA ASN C 76 -9.57 -18.54 -57.28
C ASN C 76 -10.54 -19.00 -58.34
N SER C 77 -10.35 -18.49 -59.56
CA SER C 77 -11.23 -18.81 -60.67
C SER C 77 -10.38 -18.85 -61.93
N PRO C 78 -10.83 -19.59 -62.96
CA PRO C 78 -10.02 -19.71 -64.18
C PRO C 78 -9.70 -18.37 -64.83
N SER C 79 -10.65 -17.45 -64.87
CA SER C 79 -10.46 -16.08 -65.33
C SER C 79 -10.06 -15.98 -66.80
N SER C 80 -10.11 -17.06 -67.56
CA SER C 80 -9.82 -16.98 -68.99
C SER C 80 -10.25 -18.27 -69.67
N ILE C 81 -10.38 -18.19 -71.00
CA ILE C 81 -10.71 -19.35 -71.82
C ILE C 81 -10.39 -18.99 -73.26
N SER C 82 -10.11 -20.01 -74.07
CA SER C 82 -9.75 -19.81 -75.46
C SER C 82 -10.54 -20.76 -76.35
N PHE C 83 -10.76 -20.33 -77.59
CA PHE C 83 -11.54 -21.08 -78.56
C PHE C 83 -10.77 -21.18 -79.86
N ALA C 84 -10.98 -22.29 -80.58
CA ALA C 84 -10.38 -22.46 -81.89
C ALA C 84 -11.24 -23.43 -82.68
N ARG C 85 -11.11 -23.36 -84.00
CA ARG C 85 -11.98 -24.09 -84.90
C ARG C 85 -11.25 -25.26 -85.57
N TRP C 86 -11.94 -26.38 -85.69
CA TRP C 86 -11.49 -27.51 -86.48
C TRP C 86 -12.48 -27.72 -87.61
N VAL C 87 -12.01 -27.72 -88.84
CA VAL C 87 -12.85 -27.93 -90.00
C VAL C 87 -12.95 -29.43 -90.27
N ASN C 88 -14.18 -29.93 -90.36
CA ASN C 88 -14.40 -31.35 -90.54
C ASN C 88 -14.64 -31.76 -91.98
N THR C 89 -15.04 -30.83 -92.85
CA THR C 89 -15.37 -31.14 -94.22
C THR C 89 -14.80 -30.05 -95.12
N ALA C 90 -14.53 -30.42 -96.38
CA ALA C 90 -14.04 -29.47 -97.35
C ALA C 90 -15.00 -28.29 -97.45
N ILE C 91 -14.45 -27.08 -97.45
CA ILE C 91 -15.23 -25.87 -97.28
C ILE C 91 -14.88 -24.89 -98.40
N ALA C 92 -15.83 -24.02 -98.72
CA ALA C 92 -15.65 -22.99 -99.72
C ALA C 92 -14.85 -21.81 -99.16
N PRO C 93 -14.09 -21.12 -100.01
CA PRO C 93 -13.39 -19.92 -99.55
C PRO C 93 -14.36 -18.84 -99.14
N MET C 94 -13.94 -18.01 -98.21
CA MET C 94 -14.82 -16.97 -97.68
C MET C 94 -13.98 -15.83 -97.11
N VAL C 95 -14.64 -14.68 -96.94
CA VAL C 95 -14.01 -13.50 -96.36
C VAL C 95 -14.95 -12.88 -95.36
N VAL C 96 -14.40 -12.42 -94.23
CA VAL C 96 -15.15 -11.73 -93.20
C VAL C 96 -14.20 -10.92 -92.33
N GLY C 97 -14.53 -9.67 -92.06
CA GLY C 97 -13.61 -8.84 -91.31
C GLY C 97 -14.19 -7.79 -90.38
N ASP C 98 -15.49 -7.83 -90.11
CA ASP C 98 -16.11 -6.77 -89.34
C ASP C 98 -16.25 -7.14 -87.87
N ASN C 99 -15.94 -6.18 -87.00
CA ASN C 99 -16.22 -6.32 -85.58
C ASN C 99 -16.85 -5.09 -84.95
N LEU C 100 -16.77 -3.93 -85.58
CA LEU C 100 -17.34 -2.72 -85.01
C LEU C 100 -18.86 -2.75 -85.12
N PRO C 101 -19.57 -2.07 -84.22
CA PRO C 101 -21.03 -1.95 -84.31
C PRO C 101 -21.47 -0.93 -85.34
N LYS C 102 -20.86 -1.00 -86.53
CA LYS C 102 -21.14 -0.05 -87.60
C LYS C 102 -22.55 -0.21 -88.17
N THR C 103 -23.12 -1.41 -88.10
CA THR C 103 -24.37 -1.70 -88.80
C THR C 103 -25.51 -1.00 -88.06
N ILE C 104 -25.87 0.18 -88.56
CA ILE C 104 -26.96 0.95 -88.01
C ILE C 104 -27.88 1.35 -89.16
N ALA C 105 -27.82 0.59 -90.25
CA ALA C 105 -28.58 0.85 -91.47
C ALA C 105 -28.22 2.22 -92.04
N ASP C 106 -26.95 2.37 -92.40
CA ASP C 106 -26.43 3.59 -93.02
C ASP C 106 -26.32 3.48 -94.53
N PHE C 107 -26.88 2.43 -95.13
CA PHE C 107 -26.82 2.27 -96.57
C PHE C 107 -27.70 3.26 -97.32
N ALA C 108 -28.56 3.98 -96.61
CA ALA C 108 -29.44 4.95 -97.26
C ALA C 108 -28.62 6.06 -97.91
N GLY C 109 -29.01 6.44 -99.12
CA GLY C 109 -28.29 7.43 -99.88
C GLY C 109 -27.07 6.92 -100.61
N PHE C 110 -26.82 5.61 -100.59
CA PHE C 110 -25.66 5.02 -101.24
C PHE C 110 -26.05 4.21 -102.47
N SER C 111 -27.28 4.38 -102.98
CA SER C 111 -27.76 3.56 -104.08
C SER C 111 -26.96 3.80 -105.35
N ALA C 112 -26.61 5.05 -105.62
CA ALA C 112 -25.91 5.37 -106.86
C ALA C 112 -24.49 4.81 -106.85
N GLY C 113 -24.12 4.17 -107.96
CA GLY C 113 -22.74 3.80 -108.22
C GLY C 113 -22.01 3.02 -107.15
N VAL C 114 -22.41 1.76 -106.93
CA VAL C 114 -21.68 0.87 -106.03
C VAL C 114 -20.60 0.16 -106.86
N LEU C 115 -19.34 0.38 -106.50
CA LEU C 115 -18.20 -0.08 -107.28
C LEU C 115 -17.24 -0.89 -106.43
N THR C 116 -17.77 -1.85 -105.69
CA THR C 116 -16.91 -2.77 -104.96
C THR C 116 -16.12 -3.65 -105.93
N ILE C 117 -14.91 -4.02 -105.53
CA ILE C 117 -14.00 -4.82 -106.34
C ILE C 117 -13.90 -6.20 -105.74
N MET C 118 -14.15 -7.23 -106.55
CA MET C 118 -13.98 -8.62 -106.15
C MET C 118 -12.69 -9.13 -106.79
N VAL C 119 -11.70 -9.45 -105.97
CA VAL C 119 -10.40 -9.93 -106.46
C VAL C 119 -10.42 -11.44 -106.29
N GLY C 120 -10.86 -12.14 -107.33
CA GLY C 120 -10.84 -13.59 -107.37
C GLY C 120 -9.62 -14.10 -108.12
N ALA C 121 -9.81 -15.19 -108.87
CA ALA C 121 -8.76 -15.65 -109.76
C ALA C 121 -8.45 -14.60 -110.82
N ALA C 122 -9.50 -13.99 -111.38
CA ALA C 122 -9.38 -12.84 -112.26
C ALA C 122 -10.15 -11.68 -111.65
N GLU C 123 -9.55 -10.49 -111.68
CA GLU C 123 -10.16 -9.33 -111.04
C GLU C 123 -11.51 -9.01 -111.66
N GLN C 124 -12.45 -8.58 -110.83
CA GLN C 124 -13.81 -8.29 -111.29
C GLN C 124 -14.32 -7.03 -110.60
N ASN C 125 -15.29 -6.39 -111.24
CA ASN C 125 -15.95 -5.21 -110.71
C ASN C 125 -17.44 -5.47 -110.60
N ILE C 126 -18.09 -4.75 -109.67
CA ILE C 126 -19.49 -4.97 -109.34
C ILE C 126 -20.31 -3.78 -109.84
N THR C 127 -21.43 -4.08 -110.48
CA THR C 127 -22.34 -3.06 -110.99
C THR C 127 -22.92 -2.25 -109.82
N ALA C 128 -23.43 -1.06 -110.14
CA ALA C 128 -24.06 -0.21 -109.14
C ALA C 128 -25.21 -0.95 -108.46
N ILE C 129 -25.29 -0.80 -107.14
CA ILE C 129 -26.24 -1.52 -106.30
C ILE C 129 -27.11 -0.51 -105.57
N ASP C 130 -28.42 -0.70 -105.64
CA ASP C 130 -29.36 0.20 -104.98
C ASP C 130 -29.42 -0.11 -103.49
N THR C 131 -29.09 0.88 -102.66
CA THR C 131 -29.16 0.74 -101.21
C THR C 131 -29.86 1.90 -100.53
N SER C 132 -30.38 2.87 -101.29
CA SER C 132 -31.08 3.99 -100.67
C SER C 132 -32.35 3.56 -99.95
N ALA C 133 -32.92 2.43 -100.36
CA ALA C 133 -34.11 1.92 -99.67
C ALA C 133 -33.77 1.55 -98.22
N ALA C 134 -32.73 0.74 -98.03
CA ALA C 134 -32.25 0.37 -96.70
C ALA C 134 -33.37 -0.19 -95.82
N THR C 135 -34.19 -1.06 -96.42
CA THR C 135 -35.32 -1.62 -95.68
C THR C 135 -34.86 -2.51 -94.55
N SER C 136 -33.95 -3.44 -94.83
CA SER C 136 -33.43 -4.34 -93.81
C SER C 136 -32.09 -4.91 -94.27
N MET C 137 -31.22 -5.19 -93.31
CA MET C 137 -29.87 -5.63 -93.64
C MET C 137 -29.85 -6.99 -94.34
N ASP C 138 -30.76 -7.90 -93.97
CA ASP C 138 -30.85 -9.15 -94.72
C ASP C 138 -31.33 -8.90 -96.14
N ASN C 139 -32.20 -7.92 -96.34
CA ASN C 139 -32.56 -7.51 -97.70
C ASN C 139 -31.36 -6.98 -98.44
N VAL C 140 -30.50 -6.21 -97.76
CA VAL C 140 -29.27 -5.74 -98.38
C VAL C 140 -28.39 -6.92 -98.79
N ALA C 141 -28.30 -7.93 -97.94
CA ALA C 141 -27.53 -9.12 -98.27
C ALA C 141 -28.11 -9.82 -99.49
N SER C 142 -29.43 -9.93 -99.57
CA SER C 142 -30.05 -10.56 -100.73
C SER C 142 -29.76 -9.77 -102.00
N ILE C 143 -29.83 -8.44 -101.91
CA ILE C 143 -29.58 -7.60 -103.09
C ILE C 143 -28.14 -7.77 -103.56
N ILE C 144 -27.20 -7.73 -102.62
CA ILE C 144 -25.80 -7.91 -102.97
C ILE C 144 -25.56 -9.30 -103.53
N GLN C 145 -26.26 -10.30 -102.99
CA GLN C 145 -26.14 -11.66 -103.50
C GLN C 145 -26.62 -11.74 -104.95
N THR C 146 -27.72 -11.07 -105.26
CA THR C 146 -28.21 -11.05 -106.63
C THR C 146 -27.22 -10.36 -107.56
N GLU C 147 -26.65 -9.24 -107.10
CA GLU C 147 -25.65 -8.55 -107.92
C GLU C 147 -24.44 -9.42 -108.17
N ILE C 148 -24.02 -10.19 -107.16
CA ILE C 148 -22.93 -11.14 -107.36
C ILE C 148 -23.35 -12.24 -108.34
N ARG C 149 -24.60 -12.69 -108.24
CA ARG C 149 -25.12 -13.65 -109.21
C ARG C 149 -25.00 -13.12 -110.63
N LYS C 150 -25.14 -11.80 -110.80
CA LYS C 150 -25.05 -11.22 -112.13
C LYS C 150 -23.68 -11.41 -112.77
N ASN C 151 -22.65 -11.71 -111.98
CA ASN C 151 -21.34 -11.98 -112.56
C ASN C 151 -21.32 -13.37 -113.19
N ALA C 152 -20.28 -13.62 -113.99
CA ALA C 152 -20.19 -14.85 -114.77
C ALA C 152 -19.09 -15.80 -114.28
N ASP C 153 -18.20 -15.37 -113.40
CA ASP C 153 -17.14 -16.24 -112.93
C ASP C 153 -17.74 -17.39 -112.12
N PRO C 154 -17.17 -18.59 -112.20
CA PRO C 154 -17.82 -19.76 -111.57
C PRO C 154 -18.01 -19.64 -110.07
N GLN C 155 -17.07 -19.01 -109.36
CA GLN C 155 -17.17 -18.97 -107.91
C GLN C 155 -18.25 -17.99 -107.45
N LEU C 156 -18.34 -16.83 -108.08
CA LEU C 156 -19.37 -15.87 -107.73
C LEU C 156 -20.70 -16.18 -108.39
N ALA C 157 -20.76 -17.21 -109.25
CA ALA C 157 -22.02 -17.59 -109.86
C ALA C 157 -23.00 -18.14 -108.83
N GLN C 158 -22.51 -18.91 -107.86
CA GLN C 158 -23.33 -19.50 -106.81
C GLN C 158 -22.86 -19.06 -105.43
N ALA C 159 -22.53 -17.77 -105.30
CA ALA C 159 -22.10 -17.24 -104.02
C ALA C 159 -23.28 -17.09 -103.07
N THR C 160 -22.95 -16.89 -101.79
CA THR C 160 -23.96 -16.74 -100.75
C THR C 160 -23.48 -15.69 -99.74
N VAL C 161 -24.41 -14.88 -99.26
CA VAL C 161 -24.12 -13.83 -98.28
C VAL C 161 -24.99 -14.05 -97.05
N THR C 162 -24.38 -13.90 -95.87
CA THR C 162 -25.07 -14.10 -94.61
C THR C 162 -24.66 -12.99 -93.64
N TRP C 163 -25.60 -12.61 -92.77
CA TRP C 163 -25.31 -11.64 -91.72
C TRP C 163 -25.76 -12.21 -90.39
N ASN C 164 -25.11 -11.75 -89.32
CA ASN C 164 -25.39 -12.20 -87.96
C ASN C 164 -25.80 -11.01 -87.10
N GLN C 165 -26.65 -11.29 -86.10
CA GLN C 165 -27.25 -10.23 -85.29
C GLN C 165 -26.45 -9.93 -84.02
N ASN C 166 -26.31 -10.92 -83.13
CA ASN C 166 -25.66 -10.68 -81.85
C ASN C 166 -24.22 -10.20 -82.04
N THR C 167 -23.50 -10.83 -82.95
CA THR C 167 -22.22 -10.32 -83.42
C THR C 167 -22.41 -9.70 -84.80
N ASN C 168 -21.49 -8.83 -85.20
CA ASN C 168 -21.68 -7.97 -86.37
C ASN C 168 -20.60 -8.28 -87.39
N GLN C 169 -20.90 -9.20 -88.30
CA GLN C 169 -20.00 -9.52 -89.40
C GLN C 169 -20.82 -9.79 -90.66
N PHE C 170 -20.29 -9.37 -91.80
CA PHE C 170 -20.84 -9.69 -93.11
C PHE C 170 -20.02 -10.80 -93.74
N THR C 171 -20.68 -11.87 -94.15
CA THR C 171 -20.00 -13.06 -94.63
C THR C 171 -20.26 -13.25 -96.12
N LEU C 172 -19.19 -13.48 -96.86
CA LEU C 172 -19.26 -13.82 -98.28
C LEU C 172 -18.66 -15.21 -98.46
N VAL C 173 -19.41 -16.10 -99.10
CA VAL C 173 -19.01 -17.49 -99.25
C VAL C 173 -18.92 -17.84 -100.72
N GLY C 174 -17.90 -18.61 -101.09
CA GLY C 174 -17.72 -19.04 -102.45
C GLY C 174 -18.57 -20.25 -102.82
N ALA C 175 -18.41 -20.69 -104.06
CA ALA C 175 -19.22 -21.78 -104.59
C ALA C 175 -18.55 -23.15 -104.44
N THR C 176 -17.38 -23.33 -105.06
CA THR C 176 -16.73 -24.63 -105.02
C THR C 176 -16.16 -24.90 -103.64
N ILE C 177 -15.82 -26.16 -103.40
CA ILE C 177 -15.37 -26.62 -102.09
C ILE C 177 -13.94 -27.13 -102.21
N GLY C 178 -13.09 -26.71 -101.27
CA GLY C 178 -11.75 -27.25 -101.14
C GLY C 178 -10.68 -26.62 -102.00
N THR C 179 -11.03 -25.65 -102.85
CA THR C 179 -10.04 -25.04 -103.74
C THR C 179 -10.46 -23.61 -104.06
N GLY C 180 -9.48 -22.75 -104.26
CA GLY C 180 -9.72 -21.39 -104.67
C GLY C 180 -9.39 -20.39 -103.57
N VAL C 181 -9.04 -19.18 -103.99
CA VAL C 181 -8.73 -18.09 -103.07
C VAL C 181 -9.41 -16.83 -103.57
N LEU C 182 -10.04 -16.10 -102.65
CA LEU C 182 -10.70 -14.85 -102.98
C LEU C 182 -10.05 -13.70 -102.23
N ALA C 183 -10.30 -12.49 -102.71
CA ALA C 183 -9.82 -11.28 -102.06
C ALA C 183 -10.74 -10.13 -102.42
N VAL C 184 -10.65 -9.06 -101.64
CA VAL C 184 -11.43 -7.85 -101.84
C VAL C 184 -10.51 -6.64 -101.70
N ALA C 185 -10.63 -5.70 -102.62
CA ALA C 185 -9.76 -4.53 -102.65
C ALA C 185 -10.60 -3.27 -102.80
N LYS C 186 -10.22 -2.23 -102.06
CA LYS C 186 -10.88 -0.95 -102.18
C LYS C 186 -10.45 -0.24 -103.46
N SER C 187 -11.28 0.71 -103.90
CA SER C 187 -11.02 1.47 -105.10
C SER C 187 -10.90 2.96 -104.76
N ALA C 188 -10.50 3.74 -105.77
CA ALA C 188 -10.42 5.18 -105.61
C ALA C 188 -11.78 5.86 -105.63
N ASP C 189 -12.83 5.13 -106.02
CA ASP C 189 -14.16 5.72 -106.06
C ASP C 189 -14.65 5.99 -104.65
N PRO C 190 -14.98 7.23 -104.29
CA PRO C 190 -15.48 7.50 -102.93
C PRO C 190 -16.80 6.81 -102.63
N GLN C 191 -17.56 6.42 -103.65
CA GLN C 191 -18.87 5.79 -103.46
C GLN C 191 -18.68 4.28 -103.59
N ASP C 192 -18.22 3.66 -102.51
CA ASP C 192 -17.97 2.23 -102.47
C ASP C 192 -18.53 1.65 -101.17
N MET C 193 -18.80 0.34 -101.20
CA MET C 193 -19.32 -0.33 -100.01
C MET C 193 -18.22 -0.99 -99.20
N SER C 194 -17.13 -1.40 -99.86
CA SER C 194 -16.07 -2.12 -99.17
C SER C 194 -15.45 -1.28 -98.07
N THR C 195 -15.28 0.01 -98.31
CA THR C 195 -14.80 0.91 -97.26
C THR C 195 -15.77 0.92 -96.09
N ALA C 196 -17.07 1.00 -96.38
CA ALA C 196 -18.06 0.97 -95.32
C ALA C 196 -18.23 -0.44 -94.75
N LEU C 197 -18.25 -1.44 -95.62
CA LEU C 197 -18.39 -2.81 -95.15
C LEU C 197 -17.11 -3.28 -94.46
N GLY C 198 -17.21 -4.44 -93.80
CA GLY C 198 -16.09 -4.92 -93.02
C GLY C 198 -14.87 -5.24 -93.86
N TRP C 199 -15.08 -5.94 -94.97
CA TRP C 199 -13.95 -6.45 -95.73
C TRP C 199 -13.19 -5.32 -96.43
N SER C 200 -11.95 -5.63 -96.81
CA SER C 200 -11.04 -4.70 -97.48
C SER C 200 -10.71 -3.49 -96.62
N THR C 201 -10.83 -3.60 -95.30
CA THR C 201 -10.54 -2.51 -94.39
C THR C 201 -9.79 -3.03 -93.17
N SER C 202 -8.49 -2.79 -93.13
CA SER C 202 -7.64 -3.05 -91.96
C SER C 202 -7.75 -4.55 -91.60
N ASN C 203 -7.98 -4.88 -90.33
CA ASN C 203 -7.99 -6.26 -89.88
C ASN C 203 -9.20 -6.98 -90.45
N VAL C 204 -8.98 -7.77 -91.52
CA VAL C 204 -10.03 -8.56 -92.14
C VAL C 204 -9.51 -9.98 -92.27
N VAL C 205 -10.33 -10.94 -91.84
CA VAL C 205 -9.95 -12.34 -91.89
C VAL C 205 -10.31 -12.90 -93.26
N ASN C 206 -9.35 -13.56 -93.89
CA ASN C 206 -9.56 -14.20 -95.18
C ASN C 206 -9.34 -15.69 -95.04
N VAL C 207 -10.06 -16.47 -95.85
CA VAL C 207 -10.06 -17.92 -95.75
C VAL C 207 -9.75 -18.50 -97.12
N ALA C 208 -8.90 -19.53 -97.15
CA ALA C 208 -8.58 -20.24 -98.37
C ALA C 208 -9.31 -21.58 -98.39
N GLY C 209 -9.98 -21.86 -99.51
CA GLY C 209 -10.64 -23.15 -99.65
C GLY C 209 -9.64 -24.29 -99.57
N GLN C 210 -10.01 -25.33 -98.82
CA GLN C 210 -9.11 -26.45 -98.57
C GLN C 210 -9.91 -27.59 -97.97
N SER C 211 -9.48 -28.81 -98.26
CA SER C 211 -10.26 -30.00 -97.96
C SER C 211 -10.21 -30.33 -96.46
N ALA C 212 -10.86 -31.42 -96.09
CA ALA C 212 -10.89 -31.85 -94.70
C ALA C 212 -9.51 -32.32 -94.26
N ASP C 213 -9.24 -32.17 -92.96
CA ASP C 213 -7.95 -32.52 -92.38
C ASP C 213 -8.13 -33.34 -91.11
N LEU C 214 -7.10 -34.14 -90.80
CA LEU C 214 -7.11 -34.92 -89.58
C LEU C 214 -7.06 -33.98 -88.36
N PRO C 215 -7.66 -34.38 -87.24
CA PRO C 215 -7.67 -33.49 -86.07
C PRO C 215 -6.29 -33.12 -85.56
N ASP C 216 -5.33 -34.05 -85.62
CA ASP C 216 -4.00 -33.74 -85.12
C ASP C 216 -3.36 -32.60 -85.91
N ALA C 217 -3.55 -32.60 -87.22
CA ALA C 217 -3.04 -31.49 -88.03
C ALA C 217 -3.70 -30.19 -87.62
N ALA C 218 -5.00 -30.22 -87.31
CA ALA C 218 -5.70 -29.01 -86.91
C ALA C 218 -5.14 -28.46 -85.60
N VAL C 219 -4.92 -29.34 -84.62
CA VAL C 219 -4.39 -28.85 -83.35
C VAL C 219 -2.96 -28.37 -83.51
N ALA C 220 -2.17 -29.03 -84.38
CA ALA C 220 -0.82 -28.56 -84.63
C ALA C 220 -0.82 -27.17 -85.25
N LYS C 221 -1.71 -26.92 -86.21
CA LYS C 221 -1.80 -25.60 -86.81
C LYS C 221 -2.23 -24.58 -85.77
N SER C 222 -3.18 -24.94 -84.91
CA SER C 222 -3.61 -24.02 -83.86
C SER C 222 -2.46 -23.65 -82.94
N THR C 223 -1.65 -24.65 -82.55
CA THR C 223 -0.48 -24.35 -81.73
C THR C 223 0.49 -23.45 -82.48
N ASN C 224 0.71 -23.71 -83.77
CA ASN C 224 1.59 -22.86 -84.56
C ASN C 224 1.10 -21.42 -84.58
N VAL C 225 -0.21 -21.22 -84.53
CA VAL C 225 -0.73 -19.86 -84.41
C VAL C 225 -0.40 -19.29 -83.04
N SER C 226 -0.65 -20.05 -81.98
CA SER C 226 -0.33 -19.64 -80.63
C SER C 226 -0.39 -20.86 -79.71
N ASN C 227 0.43 -20.85 -78.67
CA ASN C 227 0.53 -21.98 -77.75
C ASN C 227 0.42 -21.52 -76.31
N ASN C 228 -0.39 -20.52 -76.05
CA ASN C 228 -0.57 -19.99 -74.70
C ASN C 228 -1.81 -20.61 -74.07
N PHE C 229 -1.70 -21.90 -73.76
CA PHE C 229 -2.83 -22.62 -73.16
C PHE C 229 -2.31 -23.90 -72.51
N GLY C 230 -3.24 -24.67 -71.97
CA GLY C 230 -2.93 -25.99 -71.47
C GLY C 230 -4.20 -26.81 -71.34
N SER C 231 -4.06 -28.12 -71.48
CA SER C 231 -5.17 -29.05 -71.28
C SER C 231 -6.34 -28.77 -72.25
N PHE C 232 -6.06 -28.99 -73.53
CA PHE C 232 -7.08 -28.87 -74.56
C PHE C 232 -7.96 -30.12 -74.61
N LEU C 233 -9.07 -30.01 -75.35
CA LEU C 233 -9.96 -31.15 -75.59
C LEU C 233 -10.74 -30.91 -76.87
N PHE C 234 -11.60 -31.86 -77.22
CA PHE C 234 -12.45 -31.79 -78.40
C PHE C 234 -13.91 -31.74 -77.98
N ALA C 235 -14.63 -30.73 -78.48
CA ALA C 235 -16.03 -30.57 -78.14
C ALA C 235 -16.92 -31.32 -79.12
N GLY C 236 -18.19 -31.46 -78.76
CA GLY C 236 -19.17 -32.06 -79.64
C GLY C 236 -19.22 -33.57 -79.59
N ALA C 237 -19.39 -34.19 -80.75
CA ALA C 237 -19.54 -35.64 -80.81
C ALA C 237 -18.24 -36.34 -80.43
N PRO C 238 -18.33 -37.53 -79.84
CA PRO C 238 -17.13 -38.28 -79.53
C PRO C 238 -16.41 -38.74 -80.79
N LEU C 239 -15.10 -38.88 -80.68
CA LEU C 239 -14.27 -39.26 -81.81
C LEU C 239 -14.05 -40.77 -81.82
N ASP C 240 -13.63 -41.27 -82.98
CA ASP C 240 -13.32 -42.68 -83.10
C ASP C 240 -12.00 -42.98 -82.40
N ASN C 241 -11.78 -44.28 -82.12
CA ASN C 241 -10.60 -44.68 -81.37
C ASN C 241 -9.31 -44.33 -82.10
N ASP C 242 -9.29 -44.52 -83.42
CA ASP C 242 -8.07 -44.25 -84.18
C ASP C 242 -7.69 -42.77 -84.11
N GLN C 243 -8.68 -41.89 -84.23
CA GLN C 243 -8.39 -40.46 -84.16
C GLN C 243 -7.83 -40.08 -82.80
N ILE C 244 -8.42 -40.62 -81.73
CA ILE C 244 -7.94 -40.32 -80.38
C ILE C 244 -6.52 -40.84 -80.22
N LYS C 245 -6.23 -42.04 -80.73
CA LYS C 245 -4.89 -42.59 -80.63
C LYS C 245 -3.88 -41.70 -81.35
N ALA C 246 -4.24 -41.23 -82.55
CA ALA C 246 -3.34 -40.36 -83.30
C ALA C 246 -3.09 -39.06 -82.54
N VAL C 247 -4.15 -38.47 -81.98
CA VAL C 247 -3.98 -37.22 -81.25
C VAL C 247 -3.09 -37.44 -80.03
N SER C 248 -3.30 -38.56 -79.32
CA SER C 248 -2.48 -38.84 -78.15
C SER C 248 -1.02 -39.03 -78.54
N ALA C 249 -0.76 -39.70 -79.65
CA ALA C 249 0.62 -39.86 -80.11
C ALA C 249 1.23 -38.51 -80.42
N TRP C 250 0.49 -37.63 -81.10
CA TRP C 250 1.02 -36.32 -81.42
C TRP C 250 1.32 -35.52 -80.15
N ASN C 251 0.44 -35.61 -79.16
CA ASN C 251 0.69 -34.93 -77.90
C ASN C 251 1.94 -35.47 -77.22
N ALA C 252 2.11 -36.80 -77.25
CA ALA C 252 3.31 -37.39 -76.66
C ALA C 252 4.55 -36.96 -77.42
N ALA C 253 4.41 -36.60 -78.69
CA ALA C 253 5.56 -36.10 -79.44
C ALA C 253 6.11 -34.83 -78.80
N GLN C 254 5.24 -33.90 -78.43
CA GLN C 254 5.66 -32.80 -77.57
C GLN C 254 6.06 -33.38 -76.21
N ASN C 255 7.20 -32.93 -75.69
CA ASN C 255 7.73 -33.50 -74.47
C ASN C 255 7.12 -32.79 -73.27
N ASN C 256 5.97 -33.30 -72.81
CA ASN C 256 5.32 -32.83 -71.60
C ASN C 256 5.04 -31.32 -71.72
N GLN C 257 4.11 -30.99 -72.61
CA GLN C 257 3.71 -29.61 -72.84
C GLN C 257 2.27 -29.34 -72.47
N PHE C 258 1.35 -30.25 -72.80
CA PHE C 258 -0.07 -30.02 -72.58
C PHE C 258 -0.68 -31.28 -71.99
N ILE C 259 -1.98 -31.21 -71.72
CA ILE C 259 -2.77 -32.32 -71.19
C ILE C 259 -3.89 -32.61 -72.17
N TYR C 260 -4.05 -33.88 -72.52
CA TYR C 260 -5.13 -34.29 -73.40
C TYR C 260 -6.20 -34.98 -72.56
N THR C 261 -7.41 -34.43 -72.58
CA THR C 261 -8.52 -34.94 -71.79
C THR C 261 -9.62 -35.40 -72.73
N VAL C 262 -10.12 -36.62 -72.49
CA VAL C 262 -11.19 -37.18 -73.30
C VAL C 262 -12.25 -37.75 -72.38
N ALA C 263 -13.44 -37.93 -72.92
CA ALA C 263 -14.55 -38.56 -72.21
C ALA C 263 -14.87 -39.89 -72.87
N THR C 264 -15.23 -40.88 -72.06
CA THR C 264 -15.57 -42.19 -72.58
C THR C 264 -16.49 -42.91 -71.60
N SER C 265 -17.14 -43.95 -72.10
CA SER C 265 -18.02 -44.79 -71.29
C SER C 265 -17.28 -46.02 -70.82
N LEU C 266 -17.91 -46.75 -69.88
CA LEU C 266 -17.27 -47.89 -69.26
C LEU C 266 -16.90 -48.97 -70.27
N ALA C 267 -17.62 -49.03 -71.39
CA ALA C 267 -17.36 -50.08 -72.38
C ALA C 267 -15.98 -49.93 -73.01
N ASN C 268 -15.55 -48.70 -73.26
CA ASN C 268 -14.36 -48.47 -74.05
C ASN C 268 -13.07 -48.61 -73.28
N LEU C 269 -13.11 -48.69 -71.95
CA LEU C 269 -11.88 -48.76 -71.16
C LEU C 269 -11.06 -49.99 -71.53
N GLY C 270 -11.72 -51.13 -71.72
CA GLY C 270 -11.00 -52.32 -72.16
C GLY C 270 -10.37 -52.16 -73.52
N THR C 271 -10.84 -51.18 -74.31
CA THR C 271 -10.29 -50.95 -75.63
C THR C 271 -9.19 -49.90 -75.60
N LEU C 272 -9.53 -48.69 -75.13
CA LEU C 272 -8.59 -47.57 -75.24
C LEU C 272 -7.30 -47.83 -74.48
N PHE C 273 -7.39 -48.40 -73.27
CA PHE C 273 -6.21 -48.54 -72.44
C PHE C 273 -5.11 -49.31 -73.15
N THR C 274 -5.49 -50.37 -73.88
CA THR C 274 -4.50 -51.10 -74.67
C THR C 274 -3.90 -50.21 -75.75
N LEU C 275 -4.73 -49.38 -76.38
CA LEU C 275 -4.24 -48.55 -77.48
C LEU C 275 -3.29 -47.47 -76.99
N VAL C 276 -3.61 -46.84 -75.84
CA VAL C 276 -2.86 -45.67 -75.40
C VAL C 276 -2.04 -45.97 -74.16
N ASN C 277 -1.59 -47.21 -74.02
CA ASN C 277 -0.58 -47.51 -73.02
C ASN C 277 0.64 -46.64 -73.25
N GLY C 278 1.21 -46.12 -72.17
CA GLY C 278 2.23 -45.11 -72.37
C GLY C 278 1.60 -43.84 -72.88
N ASN C 279 2.36 -43.12 -73.70
CA ASN C 279 1.91 -41.86 -74.30
C ASN C 279 1.45 -40.89 -73.22
N ALA C 280 2.40 -40.47 -72.38
CA ALA C 280 2.07 -39.65 -71.23
C ALA C 280 1.47 -38.32 -71.66
N GLY C 281 0.54 -37.83 -70.85
CA GLY C 281 -0.16 -36.60 -71.12
C GLY C 281 -1.62 -36.73 -71.46
N THR C 282 -2.18 -37.93 -71.37
CA THR C 282 -3.57 -38.19 -71.74
C THR C 282 -4.36 -38.60 -70.50
N ALA C 283 -5.53 -37.99 -70.33
CA ALA C 283 -6.38 -38.27 -69.19
C ALA C 283 -7.67 -38.94 -69.66
N LEU C 284 -8.06 -40.02 -68.98
CA LEU C 284 -9.26 -40.77 -69.30
C LEU C 284 -10.30 -40.52 -68.23
N ASN C 285 -11.53 -40.21 -68.64
CA ASN C 285 -12.62 -39.92 -67.73
C ASN C 285 -13.84 -40.75 -68.10
N VAL C 286 -14.58 -41.18 -67.09
CA VAL C 286 -15.72 -42.05 -67.28
C VAL C 286 -16.98 -41.20 -67.43
N LEU C 287 -17.77 -41.49 -68.47
CA LEU C 287 -18.97 -40.75 -68.78
C LEU C 287 -20.20 -41.64 -68.59
N SER C 288 -21.26 -41.06 -68.03
CA SER C 288 -22.48 -41.80 -67.75
C SER C 288 -23.37 -41.86 -68.98
N ALA C 289 -23.82 -43.06 -69.32
CA ALA C 289 -24.67 -43.23 -70.51
C ALA C 289 -26.08 -42.71 -70.25
N THR C 290 -26.63 -42.97 -69.07
CA THR C 290 -28.04 -42.68 -68.83
C THR C 290 -28.33 -41.19 -68.84
N ALA C 291 -27.57 -40.41 -68.09
CA ALA C 291 -27.90 -39.01 -67.85
C ALA C 291 -27.22 -38.11 -68.88
N ALA C 292 -27.39 -36.80 -68.72
CA ALA C 292 -26.73 -35.84 -69.56
C ALA C 292 -25.23 -35.85 -69.30
N ASN C 293 -24.46 -35.39 -70.30
CA ASN C 293 -23.01 -35.47 -70.21
C ASN C 293 -22.47 -34.61 -69.07
N ASP C 294 -22.99 -33.40 -68.91
CA ASP C 294 -22.60 -32.47 -67.86
C ASP C 294 -21.12 -32.08 -67.91
N PHE C 295 -20.42 -32.46 -68.98
CA PHE C 295 -19.02 -32.09 -69.19
C PHE C 295 -18.15 -32.55 -68.02
N VAL C 296 -18.10 -33.86 -67.82
CA VAL C 296 -17.27 -34.40 -66.74
C VAL C 296 -15.79 -34.26 -67.08
N GLU C 297 -15.44 -34.35 -68.36
CA GLU C 297 -14.04 -34.39 -68.76
C GLU C 297 -13.30 -33.09 -68.51
N GLN C 298 -14.01 -32.02 -68.19
CA GLN C 298 -13.34 -30.74 -68.00
C GLN C 298 -12.59 -30.64 -66.68
N CYS C 299 -13.02 -31.39 -65.67
CA CYS C 299 -12.61 -31.11 -64.28
C CYS C 299 -11.12 -30.88 -64.10
N PRO C 300 -10.22 -31.70 -64.64
CA PRO C 300 -8.79 -31.38 -64.51
C PRO C 300 -8.44 -30.03 -65.11
N SER C 301 -9.14 -29.58 -66.15
CA SER C 301 -8.83 -28.29 -66.75
C SER C 301 -9.12 -27.15 -65.78
N GLU C 302 -10.30 -27.15 -65.13
CA GLU C 302 -10.56 -26.12 -64.14
C GLU C 302 -9.58 -26.22 -62.98
N ILE C 303 -9.29 -27.43 -62.51
CA ILE C 303 -8.38 -27.56 -61.38
C ILE C 303 -7.02 -26.98 -61.72
N LEU C 304 -6.53 -27.24 -62.94
CA LEU C 304 -5.24 -26.71 -63.34
C LEU C 304 -5.28 -25.19 -63.50
N ALA C 305 -6.28 -24.68 -64.23
CA ALA C 305 -6.32 -23.27 -64.54
C ALA C 305 -6.60 -22.40 -63.33
N ALA C 306 -7.17 -22.98 -62.26
CA ALA C 306 -7.51 -22.17 -61.11
C ALA C 306 -6.28 -21.67 -60.37
N THR C 307 -5.20 -22.45 -60.36
CA THR C 307 -4.10 -22.19 -59.45
C THR C 307 -3.07 -21.23 -60.05
N ASN C 308 -2.43 -20.46 -59.17
CA ASN C 308 -1.34 -19.59 -59.53
C ASN C 308 -0.06 -20.09 -58.87
N TYR C 309 1.04 -19.94 -59.58
CA TYR C 309 2.32 -20.48 -59.12
C TYR C 309 3.20 -19.45 -58.43
N ASP C 310 2.78 -18.19 -58.39
CA ASP C 310 3.62 -17.17 -57.76
C ASP C 310 3.55 -17.23 -56.25
N GLU C 311 2.38 -17.51 -55.69
CA GLU C 311 2.28 -17.50 -54.24
C GLU C 311 2.79 -18.82 -53.65
N PRO C 312 3.27 -18.79 -52.41
CA PRO C 312 3.79 -20.03 -51.80
C PRO C 312 2.68 -21.04 -51.54
N GLY C 313 3.11 -22.30 -51.45
CA GLY C 313 2.19 -23.38 -51.14
C GLY C 313 1.12 -23.63 -52.18
N ALA C 314 1.50 -23.68 -53.45
CA ALA C 314 0.52 -23.85 -54.52
C ALA C 314 0.36 -25.30 -54.98
N SER C 315 1.28 -26.19 -54.62
CA SER C 315 1.12 -27.60 -54.97
C SER C 315 -0.12 -28.15 -54.31
N GLN C 316 -0.92 -28.90 -55.06
CA GLN C 316 -2.22 -29.34 -54.59
C GLN C 316 -2.39 -30.84 -54.83
N ASN C 317 -3.63 -31.28 -54.63
CA ASN C 317 -4.04 -32.64 -54.91
C ASN C 317 -5.29 -32.57 -55.78
N TYR C 318 -5.48 -33.59 -56.61
CA TYR C 318 -6.64 -33.63 -57.49
C TYR C 318 -7.68 -34.66 -57.07
N MET C 319 -7.55 -35.27 -55.90
CA MET C 319 -8.39 -36.42 -55.61
C MET C 319 -9.61 -36.07 -54.76
N TYR C 320 -9.57 -34.93 -54.07
CA TYR C 320 -10.72 -34.46 -53.30
C TYR C 320 -11.11 -33.06 -53.73
N TYR C 321 -11.94 -32.99 -54.77
CA TYR C 321 -12.72 -31.82 -55.12
C TYR C 321 -14.14 -32.26 -55.41
N GLN C 322 -15.11 -31.49 -54.93
CA GLN C 322 -16.51 -31.82 -55.11
C GLN C 322 -17.13 -30.90 -56.15
N PHE C 323 -17.78 -31.48 -57.15
CA PHE C 323 -18.51 -30.73 -58.15
C PHE C 323 -19.99 -31.01 -57.97
N PRO C 324 -20.76 -30.10 -57.37
CA PRO C 324 -22.19 -30.37 -57.18
C PRO C 324 -22.95 -30.56 -58.47
N GLY C 325 -22.55 -29.87 -59.53
CA GLY C 325 -23.28 -29.97 -60.79
C GLY C 325 -23.18 -31.34 -61.42
N ARG C 326 -22.04 -32.00 -61.31
CA ARG C 326 -21.82 -33.26 -62.00
C ARG C 326 -22.69 -34.35 -61.39
N ASN C 327 -22.69 -35.52 -62.05
CA ASN C 327 -23.53 -36.64 -61.68
C ASN C 327 -22.68 -37.85 -61.32
N ILE C 328 -23.09 -38.56 -60.27
CA ILE C 328 -22.34 -39.71 -59.78
C ILE C 328 -22.42 -40.85 -60.80
N THR C 329 -21.32 -41.60 -60.91
CA THR C 329 -21.24 -42.68 -61.89
C THR C 329 -21.12 -44.05 -61.25
N VAL C 330 -20.13 -44.28 -60.38
CA VAL C 330 -19.84 -45.61 -59.86
C VAL C 330 -20.01 -45.62 -58.35
N SER C 331 -20.51 -46.76 -57.84
CA SER C 331 -20.73 -46.91 -56.40
C SER C 331 -20.39 -48.31 -55.89
N ASP C 332 -19.45 -49.00 -56.51
CA ASP C 332 -19.10 -50.36 -56.11
C ASP C 332 -17.60 -50.49 -55.96
N ASP C 333 -17.18 -51.36 -55.04
CA ASP C 333 -15.75 -51.59 -54.84
C ASP C 333 -15.13 -52.32 -56.02
N THR C 334 -15.77 -53.39 -56.50
CA THR C 334 -15.20 -54.14 -57.61
C THR C 334 -15.14 -53.32 -58.88
N VAL C 335 -16.19 -52.54 -59.14
CA VAL C 335 -16.18 -51.66 -60.31
C VAL C 335 -15.05 -50.66 -60.20
N ALA C 336 -14.86 -50.08 -59.01
CA ALA C 336 -13.78 -49.14 -58.80
C ALA C 336 -12.43 -49.80 -59.03
N ASN C 337 -12.26 -51.03 -58.56
CA ASN C 337 -10.99 -51.73 -58.77
C ASN C 337 -10.72 -51.97 -60.24
N THR C 338 -11.74 -52.39 -60.98
CA THR C 338 -11.55 -52.62 -62.41
C THR C 338 -11.18 -51.32 -63.13
N VAL C 339 -11.88 -50.24 -62.82
CA VAL C 339 -11.58 -48.96 -63.44
C VAL C 339 -10.17 -48.51 -63.05
N ASP C 340 -9.77 -48.78 -61.82
CA ASP C 340 -8.44 -48.40 -61.36
C ASP C 340 -7.38 -49.14 -62.16
N LYS C 341 -7.53 -50.46 -62.29
CA LYS C 341 -6.59 -51.22 -63.10
C LYS C 341 -6.58 -50.74 -64.54
N SER C 342 -7.69 -50.19 -65.01
CA SER C 342 -7.75 -49.60 -66.34
C SER C 342 -7.27 -48.15 -66.36
N ARG C 343 -6.86 -47.60 -65.22
CA ARG C 343 -6.32 -46.24 -65.14
C ARG C 343 -7.33 -45.21 -65.64
N GLY C 344 -8.44 -45.10 -64.93
CA GLY C 344 -9.47 -44.14 -65.28
C GLY C 344 -9.77 -43.17 -64.14
N ASN C 345 -10.45 -42.09 -64.50
CA ASN C 345 -10.90 -41.09 -63.54
C ASN C 345 -12.42 -41.04 -63.55
N TYR C 346 -12.99 -40.71 -62.41
CA TYR C 346 -14.45 -40.77 -62.24
C TYR C 346 -14.83 -39.99 -60.99
N ILE C 347 -16.11 -40.04 -60.65
CA ILE C 347 -16.64 -39.44 -59.43
C ILE C 347 -17.38 -40.52 -58.67
N GLY C 348 -16.92 -40.82 -57.46
CA GLY C 348 -17.47 -41.90 -56.66
C GLY C 348 -18.19 -41.35 -55.44
N VAL C 349 -19.18 -42.10 -54.98
CA VAL C 349 -20.01 -41.71 -53.85
C VAL C 349 -19.71 -42.64 -52.68
N THR C 350 -19.85 -42.10 -51.47
CA THR C 350 -19.71 -42.90 -50.26
C THR C 350 -21.05 -43.47 -49.78
N GLN C 351 -22.07 -42.64 -49.66
CA GLN C 351 -23.45 -43.11 -49.53
C GLN C 351 -24.36 -41.90 -49.58
N ALA C 352 -25.65 -42.15 -49.80
CA ALA C 352 -26.65 -41.10 -49.81
C ALA C 352 -27.33 -40.91 -48.46
N ASN C 353 -27.09 -41.80 -47.51
CA ASN C 353 -27.73 -41.68 -46.21
C ASN C 353 -27.20 -40.46 -45.48
N GLY C 354 -28.09 -39.76 -44.78
CA GLY C 354 -27.72 -38.51 -44.17
C GLY C 354 -27.42 -37.49 -45.25
N GLN C 355 -26.19 -36.97 -45.26
CA GLN C 355 -25.75 -36.07 -46.31
C GLN C 355 -25.35 -36.90 -47.53
N GLN C 356 -24.67 -36.26 -48.48
CA GLN C 356 -24.06 -36.94 -49.61
C GLN C 356 -22.73 -36.29 -49.89
N LEU C 357 -21.72 -37.09 -50.25
CA LEU C 357 -20.47 -36.53 -50.71
C LEU C 357 -19.93 -37.38 -51.85
N ALA C 358 -19.29 -36.72 -52.81
CA ALA C 358 -18.64 -37.39 -53.92
C ALA C 358 -17.50 -36.50 -54.39
N PHE C 359 -16.53 -37.09 -55.05
CA PHE C 359 -15.40 -36.30 -55.51
C PHE C 359 -14.72 -36.96 -56.70
N TYR C 360 -14.00 -36.14 -57.46
CA TYR C 360 -13.22 -36.59 -58.60
C TYR C 360 -12.04 -37.39 -58.07
N GLN C 361 -12.14 -38.71 -58.11
CA GLN C 361 -11.32 -39.52 -57.19
C GLN C 361 -9.91 -39.77 -57.71
N ARG C 362 -9.76 -40.51 -58.80
CA ARG C 362 -8.41 -40.82 -59.25
C ARG C 362 -7.75 -39.61 -59.90
N GLY C 363 -6.55 -39.29 -59.44
CA GLY C 363 -5.77 -38.23 -60.03
C GLY C 363 -4.60 -38.77 -60.81
N ILE C 364 -4.71 -40.01 -61.28
CA ILE C 364 -3.63 -40.63 -62.03
C ILE C 364 -3.78 -40.33 -63.50
N LEU C 365 -2.73 -40.53 -64.26
CA LEU C 365 -2.67 -40.13 -65.66
C LEU C 365 -1.87 -41.18 -66.42
N CYS C 366 -2.41 -41.64 -67.55
CA CYS C 366 -1.80 -42.76 -68.25
C CYS C 366 -0.46 -42.36 -68.86
N GLY C 367 0.50 -43.28 -68.80
CA GLY C 367 1.82 -43.02 -69.33
C GLY C 367 2.73 -44.20 -69.10
N GLY C 368 3.94 -44.08 -69.65
CA GLY C 368 4.92 -45.14 -69.55
C GLY C 368 5.57 -45.21 -68.18
N PRO C 369 6.34 -46.27 -67.97
CA PRO C 369 7.00 -46.44 -66.66
C PRO C 369 7.95 -45.32 -66.31
N THR C 370 8.65 -44.75 -67.29
CA THR C 370 9.64 -43.73 -67.01
C THR C 370 9.01 -42.38 -66.68
N ASP C 371 7.93 -42.03 -67.36
CA ASP C 371 7.36 -40.71 -67.23
C ASP C 371 6.53 -40.56 -65.96
N ALA C 372 6.28 -39.32 -65.58
CA ALA C 372 5.47 -39.03 -64.40
C ALA C 372 4.04 -39.47 -64.61
N VAL C 373 3.47 -40.07 -63.57
CA VAL C 373 2.11 -40.60 -63.63
C VAL C 373 1.10 -39.66 -62.98
N ASP C 374 1.42 -39.15 -61.80
CA ASP C 374 0.50 -38.26 -61.11
C ASP C 374 0.38 -36.94 -61.85
N MET C 375 -0.79 -36.31 -61.72
CA MET C 375 -1.09 -35.12 -62.52
C MET C 375 -0.40 -33.87 -61.98
N ASN C 376 -0.33 -33.71 -60.66
CA ASN C 376 0.27 -32.51 -60.10
C ASN C 376 1.74 -32.39 -60.51
N VAL C 377 2.44 -33.51 -60.55
CA VAL C 377 3.82 -33.51 -61.02
C VAL C 377 3.90 -33.01 -62.45
N TYR C 378 2.97 -33.46 -63.29
CA TYR C 378 2.93 -33.03 -64.69
C TYR C 378 2.76 -31.52 -64.79
N ALA C 379 1.80 -30.98 -64.03
CA ALA C 379 1.57 -29.54 -64.09
C ALA C 379 2.79 -28.77 -63.62
N ASN C 380 3.40 -29.22 -62.52
CA ASN C 380 4.58 -28.53 -62.01
C ASN C 380 5.70 -28.56 -63.03
N GLU C 381 5.87 -29.69 -63.73
CA GLU C 381 6.89 -29.77 -64.76
C GLU C 381 6.62 -28.78 -65.88
N ILE C 382 5.36 -28.66 -66.29
CA ILE C 382 5.02 -27.68 -67.32
C ILE C 382 5.46 -26.29 -66.90
N TRP C 383 5.08 -25.89 -65.69
CA TRP C 383 5.42 -24.54 -65.24
C TRP C 383 6.92 -24.36 -65.16
N LEU C 384 7.63 -25.38 -64.66
CA LEU C 384 9.08 -25.27 -64.52
C LEU C 384 9.77 -25.11 -65.86
N LYS C 385 9.36 -25.90 -66.85
CA LYS C 385 9.97 -25.77 -68.17
C LYS C 385 9.74 -24.38 -68.75
N SER C 386 8.51 -23.87 -68.62
CA SER C 386 8.24 -22.53 -69.13
C SER C 386 9.15 -21.50 -68.47
N ALA C 387 9.29 -21.57 -67.15
CA ALA C 387 10.10 -20.58 -66.44
C ALA C 387 11.56 -20.66 -66.85
N ILE C 388 12.11 -21.87 -66.96
CA ILE C 388 13.51 -22.03 -67.34
C ILE C 388 13.74 -21.43 -68.72
N ALA C 389 12.85 -21.75 -69.67
CA ALA C 389 13.04 -21.22 -71.02
C ALA C 389 13.00 -19.70 -71.02
N GLN C 390 12.05 -19.12 -70.30
CA GLN C 390 11.95 -17.66 -70.28
C GLN C 390 13.21 -17.04 -69.70
N ALA C 391 13.73 -17.61 -68.61
CA ALA C 391 14.93 -17.05 -68.01
C ALA C 391 16.12 -17.11 -68.95
N LEU C 392 16.32 -18.25 -69.63
CA LEU C 392 17.47 -18.36 -70.52
C LEU C 392 17.36 -17.40 -71.70
N LEU C 393 16.16 -17.26 -72.28
CA LEU C 393 16.01 -16.30 -73.37
C LEU C 393 16.26 -14.88 -72.89
N ASP C 394 15.83 -14.52 -71.69
CA ASP C 394 16.14 -13.19 -71.19
C ASP C 394 17.64 -13.00 -71.05
N LEU C 395 18.35 -14.01 -70.55
CA LEU C 395 19.81 -13.92 -70.47
C LEU C 395 20.42 -13.62 -71.83
N PHE C 396 20.05 -14.41 -72.84
CA PHE C 396 20.62 -14.17 -74.16
C PHE C 396 20.27 -12.79 -74.70
N LEU C 397 19.05 -12.34 -74.43
CA LEU C 397 18.62 -11.07 -75.01
C LEU C 397 19.20 -9.86 -74.28
N ASN C 398 19.71 -10.02 -73.06
CA ASN C 398 20.20 -8.84 -72.36
C ASN C 398 21.71 -8.65 -72.48
N VAL C 399 22.50 -9.67 -72.15
CA VAL C 399 23.95 -9.53 -72.23
C VAL C 399 24.40 -9.52 -73.68
N ASN C 400 25.50 -8.83 -73.97
CA ASN C 400 25.96 -8.71 -75.34
C ASN C 400 26.60 -10.00 -75.85
N ALA C 401 27.30 -10.72 -74.98
CA ALA C 401 27.92 -11.97 -75.39
C ALA C 401 28.08 -12.87 -74.18
N VAL C 402 27.97 -14.17 -74.42
CA VAL C 402 28.16 -15.17 -73.37
C VAL C 402 29.42 -15.96 -73.70
N PRO C 403 30.56 -15.65 -73.09
CA PRO C 403 31.79 -16.36 -73.43
C PRO C 403 31.69 -17.83 -73.09
N ALA C 404 32.35 -18.66 -73.89
CA ALA C 404 32.40 -20.10 -73.64
C ALA C 404 33.53 -20.42 -72.66
N SER C 405 33.39 -19.87 -71.45
CA SER C 405 34.37 -20.05 -70.40
C SER C 405 33.64 -20.24 -69.07
N SER C 406 34.41 -20.28 -67.99
CA SER C 406 33.81 -20.47 -66.67
C SER C 406 32.87 -19.33 -66.31
N THR C 407 33.25 -18.10 -66.66
CA THR C 407 32.40 -16.95 -66.34
C THR C 407 31.03 -17.08 -67.00
N GLY C 408 30.96 -17.69 -68.18
CA GLY C 408 29.66 -17.92 -68.78
C GLY C 408 28.78 -18.82 -67.94
N GLU C 409 29.37 -19.88 -67.40
CA GLU C 409 28.59 -20.79 -66.55
C GLU C 409 28.19 -20.09 -65.26
N ALA C 410 29.05 -19.23 -64.74
CA ALA C 410 28.67 -18.42 -63.58
C ALA C 410 27.48 -17.54 -63.91
N MET C 411 27.48 -16.91 -65.09
CA MET C 411 26.35 -16.10 -65.51
C MET C 411 25.08 -16.93 -65.59
N THR C 412 25.18 -18.15 -66.14
CA THR C 412 23.99 -18.99 -66.25
C THR C 412 23.44 -19.35 -64.87
N LEU C 413 24.31 -19.70 -63.93
CA LEU C 413 23.84 -19.98 -62.57
C LEU C 413 23.16 -18.77 -61.96
N ALA C 414 23.77 -17.60 -62.13
CA ALA C 414 23.21 -16.39 -61.53
C ALA C 414 21.83 -16.08 -62.09
N VAL C 415 21.66 -16.21 -63.42
CA VAL C 415 20.37 -15.90 -64.00
C VAL C 415 19.34 -16.96 -63.65
N LEU C 416 19.79 -18.20 -63.43
CA LEU C 416 18.85 -19.26 -63.11
C LEU C 416 18.35 -19.19 -61.67
N GLN C 417 19.18 -18.75 -60.73
CA GLN C 417 18.85 -18.91 -59.31
C GLN C 417 17.45 -18.43 -58.91
N PRO C 418 16.97 -17.25 -59.33
CA PRO C 418 15.63 -16.84 -58.88
C PRO C 418 14.53 -17.82 -59.24
N VAL C 419 14.63 -18.48 -60.39
CA VAL C 419 13.59 -19.43 -60.78
C VAL C 419 13.55 -20.59 -59.79
N LEU C 420 14.72 -21.11 -59.41
CA LEU C 420 14.71 -22.22 -58.45
C LEU C 420 14.30 -21.76 -57.06
N ASP C 421 14.60 -20.52 -56.69
CA ASP C 421 14.08 -20.01 -55.42
C ASP C 421 12.56 -19.96 -55.42
N LYS C 422 11.98 -19.45 -56.52
CA LYS C 422 10.53 -19.43 -56.63
C LYS C 422 9.97 -20.84 -56.61
N ALA C 423 10.64 -21.78 -57.24
CA ALA C 423 10.16 -23.15 -57.27
C ALA C 423 10.19 -23.77 -55.87
N THR C 424 11.27 -23.57 -55.12
CA THR C 424 11.35 -24.20 -53.81
C THR C 424 10.39 -23.54 -52.82
N ALA C 425 10.12 -22.25 -52.97
CA ALA C 425 9.07 -21.64 -52.15
C ALA C 425 7.68 -22.02 -52.64
N ASN C 426 7.57 -22.45 -53.89
CA ASN C 426 6.26 -22.73 -54.48
C ASN C 426 5.68 -24.03 -53.95
N GLY C 427 6.50 -25.08 -53.88
CA GLY C 427 6.02 -26.40 -53.53
C GLY C 427 6.28 -27.45 -54.59
N THR C 428 6.85 -27.11 -55.74
CA THR C 428 7.15 -28.13 -56.74
C THR C 428 8.38 -28.94 -56.34
N PHE C 429 9.20 -28.42 -55.45
CA PHE C 429 10.33 -29.16 -54.89
C PHE C 429 10.00 -29.59 -53.47
N THR C 430 10.59 -30.70 -53.05
CA THR C 430 10.36 -31.23 -51.72
C THR C 430 11.70 -31.62 -51.10
N TYR C 431 11.75 -31.57 -49.78
CA TYR C 431 12.98 -31.81 -49.03
C TYR C 431 12.71 -32.79 -47.90
N GLY C 432 13.76 -33.48 -47.48
CA GLY C 432 13.68 -34.39 -46.36
C GLY C 432 13.22 -35.79 -46.69
N LYS C 433 12.88 -36.08 -47.94
CA LYS C 433 12.43 -37.42 -48.29
C LYS C 433 13.58 -38.42 -48.22
N GLU C 434 13.24 -39.68 -48.05
CA GLU C 434 14.21 -40.76 -48.00
C GLU C 434 14.46 -41.32 -49.39
N ILE C 435 15.66 -41.87 -49.58
CA ILE C 435 16.10 -42.39 -50.86
C ILE C 435 16.39 -43.88 -50.71
N SER C 436 15.81 -44.68 -51.61
CA SER C 436 16.10 -46.11 -51.63
C SER C 436 17.41 -46.38 -52.37
N ALA C 437 17.93 -47.59 -52.18
CA ALA C 437 19.22 -47.95 -52.79
C ALA C 437 19.14 -47.90 -54.31
N VAL C 438 18.07 -48.43 -54.89
CA VAL C 438 17.94 -48.43 -56.34
C VAL C 438 17.87 -47.00 -56.86
N GLN C 439 17.15 -46.12 -56.14
CA GLN C 439 17.09 -44.72 -56.54
C GLN C 439 18.46 -44.06 -56.47
N GLN C 440 19.23 -44.37 -55.42
CA GLN C 440 20.57 -43.81 -55.31
C GLN C 440 21.45 -44.25 -56.47
N GLN C 441 21.37 -45.53 -56.83
CA GLN C 441 22.13 -46.01 -57.97
C GLN C 441 21.68 -45.32 -59.26
N TYR C 442 20.38 -45.14 -59.42
CA TYR C 442 19.87 -44.46 -60.61
C TYR C 442 20.41 -43.04 -60.70
N ILE C 443 20.40 -42.32 -59.58
CA ILE C 443 20.88 -40.95 -59.57
C ILE C 443 22.36 -40.90 -59.91
N THR C 444 23.15 -41.78 -59.29
CA THR C 444 24.59 -41.78 -59.57
C THR C 444 24.86 -42.20 -61.01
N GLN C 445 23.97 -42.98 -61.61
CA GLN C 445 24.17 -43.36 -63.00
C GLN C 445 23.84 -42.20 -63.94
N VAL C 446 22.80 -41.43 -63.64
CA VAL C 446 22.39 -40.35 -64.53
C VAL C 446 23.45 -39.26 -64.57
N THR C 447 23.92 -38.82 -63.41
CA THR C 447 24.96 -37.82 -63.32
C THR C 447 26.23 -38.45 -62.79
N GLY C 448 27.36 -38.13 -63.42
CA GLY C 448 28.60 -38.81 -63.10
C GLY C 448 29.08 -38.61 -61.68
N ASP C 449 28.53 -37.63 -60.98
CA ASP C 449 29.01 -37.30 -59.64
C ASP C 449 28.29 -38.15 -58.60
N ARG C 450 29.06 -38.97 -57.89
CA ARG C 450 28.54 -39.60 -56.68
C ARG C 450 28.40 -38.54 -55.59
N ARG C 451 27.53 -38.82 -54.63
CA ARG C 451 27.21 -37.98 -53.47
C ARG C 451 26.30 -36.82 -53.84
N ALA C 452 25.71 -36.81 -55.03
CA ALA C 452 24.67 -35.84 -55.32
C ALA C 452 23.36 -36.20 -54.65
N TRP C 453 23.13 -37.47 -54.34
CA TRP C 453 21.89 -37.84 -53.70
C TRP C 453 21.76 -37.23 -52.31
N ARG C 454 22.89 -36.93 -51.65
CA ARG C 454 22.82 -36.17 -50.41
C ARG C 454 22.22 -34.80 -50.66
N GLN C 455 22.65 -34.14 -51.74
CA GLN C 455 22.09 -32.85 -52.09
C GLN C 455 20.61 -32.95 -52.37
N VAL C 456 20.21 -33.98 -53.13
CA VAL C 456 18.80 -34.13 -53.47
C VAL C 456 17.97 -34.36 -52.21
N GLN C 457 18.49 -35.17 -51.29
CA GLN C 457 17.78 -35.42 -50.04
C GLN C 457 17.65 -34.17 -49.19
N THR C 458 18.71 -33.35 -49.14
CA THR C 458 18.69 -32.19 -48.25
C THR C 458 17.97 -31.00 -48.85
N LEU C 459 18.50 -30.44 -49.94
CA LEU C 459 17.90 -29.26 -50.54
C LEU C 459 16.75 -29.58 -51.48
N GLY C 460 16.83 -30.68 -52.20
CA GLY C 460 15.77 -31.07 -53.12
C GLY C 460 16.10 -30.91 -54.58
N TYR C 461 17.28 -30.41 -54.94
CA TYR C 461 17.65 -30.26 -56.34
C TYR C 461 19.15 -30.27 -56.48
N TRP C 462 19.61 -30.46 -57.71
CA TRP C 462 21.03 -30.51 -58.02
C TRP C 462 21.19 -30.14 -59.49
N ILE C 463 22.10 -29.23 -59.78
CA ILE C 463 22.23 -28.68 -61.13
C ILE C 463 23.70 -28.63 -61.51
N ASN C 464 23.94 -28.67 -62.82
CA ASN C 464 25.30 -28.62 -63.36
C ASN C 464 25.28 -27.97 -64.73
N ILE C 465 26.41 -27.42 -65.12
CA ILE C 465 26.57 -26.74 -66.40
C ILE C 465 27.82 -27.25 -67.09
N THR C 466 27.72 -27.49 -68.39
CA THR C 466 28.86 -27.91 -69.19
C THR C 466 28.66 -27.41 -70.61
N PHE C 467 29.72 -26.88 -71.21
CA PHE C 467 29.68 -26.36 -72.57
C PHE C 467 30.58 -27.20 -73.46
N SER C 468 30.14 -27.42 -74.70
CA SER C 468 30.85 -28.28 -75.63
C SER C 468 30.74 -27.69 -77.03
N SER C 469 31.08 -28.50 -78.03
CA SER C 469 31.05 -28.08 -79.42
C SER C 469 30.31 -29.12 -80.26
N TYR C 470 29.73 -28.66 -81.35
CA TYR C 470 28.94 -29.53 -82.22
C TYR C 470 28.80 -28.84 -83.58
N THR C 471 28.27 -29.57 -84.55
CA THR C 471 27.96 -29.04 -85.86
C THR C 471 26.48 -29.24 -86.16
N ASN C 472 25.86 -28.23 -86.76
CA ASN C 472 24.44 -28.28 -87.06
C ASN C 472 24.21 -28.90 -88.44
N SER C 473 22.98 -29.36 -88.65
CA SER C 473 22.65 -30.05 -89.89
C SER C 473 22.50 -29.10 -91.06
N ASN C 474 21.90 -27.93 -90.83
CA ASN C 474 21.58 -27.03 -91.93
C ASN C 474 22.84 -26.49 -92.59
N THR C 475 23.86 -26.16 -91.81
CA THR C 475 25.09 -25.62 -92.34
C THR C 475 26.26 -26.44 -91.82
N GLY C 476 27.29 -26.59 -92.65
CA GLY C 476 28.43 -27.39 -92.25
C GLY C 476 29.25 -26.82 -91.12
N LEU C 477 29.00 -25.58 -90.73
CA LEU C 477 29.80 -24.93 -89.72
C LEU C 477 29.59 -25.58 -88.35
N THR C 478 30.50 -25.28 -87.43
CA THR C 478 30.45 -25.78 -86.08
C THR C 478 30.03 -24.66 -85.12
N GLU C 479 29.48 -25.06 -83.98
CA GLU C 479 28.96 -24.10 -83.02
C GLU C 479 29.16 -24.64 -81.61
N TRP C 480 29.01 -23.75 -80.64
CA TRP C 480 29.20 -24.06 -79.23
C TRP C 480 27.86 -24.05 -78.53
N LYS C 481 27.60 -25.08 -77.73
CA LYS C 481 26.36 -25.20 -76.99
C LYS C 481 26.65 -25.56 -75.54
N ALA C 482 25.68 -25.28 -74.67
CA ALA C 482 25.79 -25.57 -73.25
C ALA C 482 24.79 -26.64 -72.86
N ASN C 483 25.24 -27.62 -72.08
CA ASN C 483 24.41 -28.71 -71.61
C ASN C 483 24.26 -28.60 -70.10
N TYR C 484 23.03 -28.74 -69.62
CA TYR C 484 22.76 -28.71 -68.19
C TYR C 484 21.88 -29.89 -67.82
N THR C 485 21.99 -30.31 -66.56
CA THR C 485 21.21 -31.43 -66.05
C THR C 485 20.60 -31.04 -64.72
N LEU C 486 19.32 -31.37 -64.54
CA LEU C 486 18.59 -31.00 -63.33
C LEU C 486 17.88 -32.23 -62.79
N ILE C 487 18.07 -32.50 -61.50
CA ILE C 487 17.40 -33.59 -60.81
C ILE C 487 16.78 -33.04 -59.54
N TYR C 488 15.51 -33.35 -59.31
CA TYR C 488 14.83 -32.83 -58.13
C TYR C 488 13.86 -33.88 -57.60
N SER C 489 13.52 -33.75 -56.32
CA SER C 489 12.57 -34.65 -55.69
C SER C 489 11.15 -34.15 -55.93
N LYS C 490 10.34 -34.97 -56.59
CA LYS C 490 9.01 -34.54 -57.00
C LYS C 490 8.12 -34.26 -55.80
N GLY C 491 7.16 -33.36 -56.00
CA GLY C 491 6.18 -33.10 -54.97
C GLY C 491 5.19 -34.24 -54.85
N ASP C 492 4.49 -34.27 -53.72
CA ASP C 492 3.54 -35.33 -53.44
C ASP C 492 2.32 -34.76 -52.73
N ALA C 493 1.24 -35.53 -52.76
CA ALA C 493 -0.01 -35.15 -52.11
C ALA C 493 -0.55 -36.34 -51.33
N ILE C 494 -1.25 -36.03 -50.24
CA ILE C 494 -1.79 -37.06 -49.37
C ILE C 494 -2.97 -37.73 -50.06
N ARG C 495 -2.95 -39.04 -50.14
CA ARG C 495 -4.05 -39.80 -50.72
C ARG C 495 -4.67 -40.79 -49.76
N PHE C 496 -3.85 -41.51 -48.99
CA PHE C 496 -4.34 -42.55 -48.11
C PHE C 496 -3.75 -42.33 -46.72
N VAL C 497 -4.62 -42.25 -45.72
CA VAL C 497 -4.21 -42.03 -44.34
C VAL C 497 -4.30 -43.36 -43.59
N GLU C 498 -3.22 -43.71 -42.90
CA GLU C 498 -3.13 -44.96 -42.17
C GLU C 498 -2.70 -44.65 -40.75
N GLY C 499 -3.41 -45.21 -39.77
CA GLY C 499 -3.16 -44.90 -38.37
C GLY C 499 -3.21 -46.13 -37.51
N SER C 500 -2.83 -45.93 -36.24
CA SER C 500 -2.82 -47.00 -35.25
C SER C 500 -3.10 -46.39 -33.88
N ASP C 501 -3.42 -47.26 -32.92
CA ASP C 501 -3.76 -46.80 -31.58
C ASP C 501 -3.57 -47.93 -30.58
N VAL C 502 -2.92 -47.63 -29.46
CA VAL C 502 -2.79 -48.56 -28.35
C VAL C 502 -3.04 -47.78 -27.06
N MET C 503 -3.66 -48.44 -26.08
CA MET C 503 -4.04 -47.73 -24.86
C MET C 503 -2.92 -47.68 -23.84
N ILE C 504 -1.81 -48.39 -24.08
CA ILE C 504 -0.60 -48.20 -23.29
C ILE C 504 0.53 -49.03 -23.91
N MET D 1 -21.42 -48.84 -51.19
CA MET D 1 -21.15 -47.66 -51.99
C MET D 1 -19.77 -47.11 -51.67
N ILE D 2 -18.75 -47.94 -51.89
CA ILE D 2 -17.36 -47.64 -51.53
C ILE D 2 -17.24 -47.58 -50.02
N SER D 3 -16.09 -47.97 -49.48
CA SER D 3 -15.89 -48.05 -48.05
C SER D 3 -14.98 -46.92 -47.59
N GLN D 4 -15.33 -46.28 -46.47
CA GLN D 4 -14.40 -45.34 -45.86
C GLN D 4 -13.10 -46.05 -45.49
N SER D 5 -13.13 -47.38 -45.35
CA SER D 5 -11.91 -48.14 -45.11
C SER D 5 -10.96 -48.10 -46.30
N ARG D 6 -11.44 -47.76 -47.49
CA ARG D 6 -10.53 -47.60 -48.62
C ARG D 6 -9.73 -46.31 -48.54
N TYR D 7 -10.17 -45.35 -47.71
CA TYR D 7 -9.50 -44.08 -47.57
C TYR D 7 -8.89 -43.88 -46.19
N ILE D 8 -9.54 -44.38 -45.15
CA ILE D 8 -9.08 -44.23 -43.78
C ILE D 8 -9.04 -45.60 -43.14
N ARG D 9 -7.93 -45.94 -42.50
CA ARG D 9 -7.79 -47.23 -41.86
C ARG D 9 -7.15 -47.06 -40.50
N ILE D 10 -7.84 -47.52 -39.46
CA ILE D 10 -7.32 -47.47 -38.09
C ILE D 10 -7.34 -48.89 -37.54
N ILE D 11 -6.18 -49.36 -37.09
CA ILE D 11 -6.09 -50.75 -36.64
C ILE D 11 -6.47 -50.88 -35.17
N SER D 12 -6.30 -49.82 -34.39
CA SER D 12 -6.62 -49.82 -32.95
C SER D 12 -5.81 -50.94 -32.29
N GLY D 13 -6.40 -51.67 -31.34
CA GLY D 13 -5.69 -52.69 -30.61
C GLY D 13 -5.54 -52.33 -29.14
N VAL D 14 -5.62 -53.33 -28.26
CA VAL D 14 -5.52 -53.07 -26.83
C VAL D 14 -4.11 -52.59 -26.50
N GLY D 15 -3.98 -51.98 -25.33
CA GLY D 15 -2.71 -51.46 -24.89
C GLY D 15 -1.70 -52.56 -24.61
N ALA D 16 -0.55 -52.13 -24.08
CA ALA D 16 0.56 -53.02 -23.73
C ALA D 16 1.03 -53.81 -24.95
N ALA D 17 1.07 -53.15 -26.10
CA ALA D 17 1.58 -53.73 -27.33
C ALA D 17 3.00 -53.22 -27.57
N ALA D 18 3.95 -54.14 -27.67
CA ALA D 18 5.36 -53.80 -27.84
C ALA D 18 5.96 -54.61 -28.98
N PRO D 19 6.06 -54.03 -30.18
CA PRO D 19 6.75 -54.72 -31.26
C PRO D 19 8.21 -54.97 -30.91
N VAL D 20 8.71 -56.13 -31.30
CA VAL D 20 10.05 -56.58 -30.92
C VAL D 20 10.74 -57.18 -32.13
N ALA D 21 12.06 -57.03 -32.17
CA ALA D 21 12.90 -57.68 -33.17
C ALA D 21 14.19 -58.13 -32.51
N GLY D 22 14.46 -59.42 -32.56
CA GLY D 22 15.62 -60.00 -31.95
C GLY D 22 15.30 -61.39 -31.43
N ARG D 23 16.27 -61.99 -30.75
CA ARG D 23 16.09 -63.35 -30.25
C ARG D 23 15.10 -63.35 -29.10
N LYS D 24 14.25 -64.38 -29.07
CA LYS D 24 13.18 -64.47 -28.09
C LYS D 24 13.52 -65.53 -27.06
N LEU D 25 13.35 -65.18 -25.79
CA LEU D 25 13.69 -66.08 -24.68
C LEU D 25 12.44 -66.82 -24.22
N ILE D 26 11.82 -67.54 -25.13
CA ILE D 26 10.50 -68.11 -24.90
C ILE D 26 10.62 -69.60 -24.59
N LEU D 27 9.58 -70.12 -23.96
CA LEU D 27 9.55 -71.53 -23.58
C LEU D 27 9.34 -72.42 -24.80
N ARG D 28 9.99 -73.58 -24.81
CA ARG D 28 9.75 -74.61 -25.80
C ARG D 28 9.74 -75.96 -25.10
N VAL D 29 8.68 -76.73 -25.32
CA VAL D 29 8.46 -77.99 -24.61
C VAL D 29 8.36 -79.12 -25.62
N MET D 30 8.96 -80.25 -25.28
CA MET D 30 8.89 -81.45 -26.08
C MET D 30 7.79 -82.34 -25.54
N THR D 31 6.92 -82.81 -26.44
CA THR D 31 5.78 -83.61 -26.04
C THR D 31 5.71 -84.88 -26.90
N THR D 32 5.06 -85.89 -26.35
CA THR D 32 4.85 -87.15 -27.06
C THR D 32 3.47 -87.23 -27.68
N ASN D 33 2.75 -86.11 -27.78
CA ASN D 33 1.45 -86.11 -28.42
C ASN D 33 1.57 -86.49 -29.89
N ASN D 34 0.54 -87.16 -30.40
CA ASN D 34 0.57 -87.70 -31.75
C ASN D 34 0.28 -86.63 -32.80
N VAL D 35 -0.47 -85.59 -32.46
CA VAL D 35 -0.98 -84.67 -33.48
C VAL D 35 0.15 -83.90 -34.13
N ILE D 36 1.18 -83.55 -33.37
CA ILE D 36 2.25 -82.70 -33.89
C ILE D 36 3.20 -83.56 -34.74
N PRO D 37 3.51 -83.17 -35.96
CA PRO D 37 4.48 -83.92 -36.77
C PRO D 37 5.88 -83.76 -36.21
N PRO D 38 6.78 -84.72 -36.49
CA PRO D 38 8.10 -84.70 -35.87
C PRO D 38 8.98 -83.53 -36.29
N GLY D 39 9.11 -83.29 -37.59
CA GLY D 39 10.10 -82.37 -38.09
C GLY D 39 9.73 -80.90 -38.09
N ILE D 40 8.58 -80.53 -37.54
CA ILE D 40 8.08 -79.16 -37.61
C ILE D 40 7.83 -78.66 -36.19
N VAL D 41 8.28 -77.44 -35.93
CA VAL D 41 7.99 -76.74 -34.68
C VAL D 41 6.86 -75.76 -34.92
N ILE D 42 6.01 -75.57 -33.92
CA ILE D 42 4.83 -74.74 -34.04
C ILE D 42 4.86 -73.68 -32.94
N GLU D 43 4.20 -72.56 -33.20
CA GLU D 43 4.29 -71.40 -32.33
C GLU D 43 2.90 -70.80 -32.14
N PHE D 44 2.63 -70.30 -30.93
CA PHE D 44 1.33 -69.74 -30.60
C PHE D 44 1.51 -68.41 -29.87
N ASP D 45 0.56 -67.51 -30.07
CA ASP D 45 0.58 -66.20 -29.45
C ASP D 45 -0.42 -66.04 -28.31
N ASN D 46 -1.24 -67.05 -28.04
CA ASN D 46 -2.30 -66.90 -27.06
C ASN D 46 -2.70 -68.27 -26.54
N ALA D 47 -3.32 -68.28 -25.36
CA ALA D 47 -3.84 -69.52 -24.81
C ALA D 47 -5.03 -70.03 -25.59
N ASN D 48 -5.83 -69.13 -26.16
CA ASN D 48 -7.00 -69.54 -26.94
C ASN D 48 -6.59 -70.33 -28.16
N ALA D 49 -5.51 -69.93 -28.83
CA ALA D 49 -5.02 -70.68 -29.98
C ALA D 49 -4.59 -72.08 -29.58
N VAL D 50 -3.91 -72.20 -28.43
CA VAL D 50 -3.52 -73.52 -27.94
C VAL D 50 -4.75 -74.36 -27.65
N LEU D 51 -5.77 -73.75 -27.06
CA LEU D 51 -7.01 -74.47 -26.77
C LEU D 51 -7.67 -74.96 -28.05
N SER D 52 -7.70 -74.10 -29.08
CA SER D 52 -8.29 -74.49 -30.36
C SER D 52 -7.53 -75.64 -30.99
N TYR D 53 -6.20 -75.60 -30.92
CA TYR D 53 -5.39 -76.62 -31.56
C TYR D 53 -5.41 -77.94 -30.78
N PHE D 54 -5.55 -77.89 -29.47
CA PHE D 54 -5.34 -79.08 -28.64
C PHE D 54 -6.56 -79.50 -27.85
N GLY D 55 -7.33 -78.57 -27.31
CA GLY D 55 -8.49 -78.92 -26.53
C GLY D 55 -8.20 -78.97 -25.03
N ALA D 56 -9.26 -78.76 -24.25
CA ALA D 56 -9.10 -78.60 -22.81
C ALA D 56 -8.66 -79.90 -22.12
N GLN D 57 -9.04 -81.05 -22.67
CA GLN D 57 -8.71 -82.31 -22.01
C GLN D 57 -7.20 -82.52 -21.95
N SER D 58 -6.49 -82.19 -23.02
CA SER D 58 -5.05 -82.36 -23.05
C SER D 58 -4.37 -81.43 -22.07
N GLU D 59 -3.37 -81.96 -21.36
CA GLU D 59 -2.70 -81.19 -20.30
C GLU D 59 -1.84 -80.07 -20.87
N GLU D 60 -1.50 -80.11 -22.15
CA GLU D 60 -0.75 -79.01 -22.74
C GLU D 60 -1.50 -77.70 -22.64
N TYR D 61 -2.83 -77.75 -22.76
CA TYR D 61 -3.61 -76.55 -22.54
C TYR D 61 -3.47 -76.06 -21.11
N GLN D 62 -3.43 -76.99 -20.15
CA GLN D 62 -3.24 -76.59 -18.76
C GLN D 62 -1.91 -75.90 -18.57
N ARG D 63 -0.84 -76.47 -19.15
CA ARG D 63 0.48 -75.89 -19.02
C ARG D 63 0.51 -74.49 -19.63
N ALA D 64 -0.05 -74.35 -20.83
CA ALA D 64 -0.05 -73.04 -21.49
C ALA D 64 -0.87 -72.02 -20.70
N ALA D 65 -2.02 -72.44 -20.19
CA ALA D 65 -2.86 -71.52 -19.42
C ALA D 65 -2.13 -71.04 -18.17
N ALA D 66 -1.47 -71.95 -17.47
CA ALA D 66 -0.68 -71.53 -16.31
C ALA D 66 0.45 -70.61 -16.73
N TYR D 67 1.07 -70.89 -17.88
CA TYR D 67 2.24 -70.14 -18.30
C TYR D 67 1.90 -68.70 -18.68
N PHE D 68 0.82 -68.49 -19.43
CA PHE D 68 0.55 -67.13 -19.91
C PHE D 68 0.16 -66.17 -18.80
N LYS D 69 -0.67 -66.59 -17.84
CA LYS D 69 -1.18 -65.65 -16.84
C LYS D 69 -0.12 -65.42 -15.77
N PHE D 70 0.91 -64.65 -16.14
CA PHE D 70 1.96 -64.28 -15.22
C PHE D 70 2.30 -62.81 -15.42
N ILE D 71 2.53 -62.11 -14.32
CA ILE D 71 2.86 -60.69 -14.35
C ILE D 71 4.12 -60.47 -13.55
N SER D 72 5.08 -59.75 -14.13
CA SER D 72 6.30 -59.41 -13.42
C SER D 72 6.10 -58.12 -12.63
N LYS D 73 7.17 -57.67 -11.96
CA LYS D 73 7.09 -56.42 -11.22
C LYS D 73 6.75 -55.26 -12.15
N SER D 74 7.52 -55.10 -13.22
CA SER D 74 7.07 -54.28 -14.32
C SER D 74 6.08 -55.10 -15.14
N VAL D 75 4.94 -54.48 -15.47
CA VAL D 75 3.84 -55.23 -16.07
C VAL D 75 4.31 -55.79 -17.41
N ASN D 76 4.35 -57.12 -17.50
CA ASN D 76 4.83 -57.80 -18.70
C ASN D 76 4.28 -59.22 -18.70
N SER D 77 4.25 -59.81 -19.90
CA SER D 77 3.74 -61.15 -20.09
C SER D 77 4.62 -61.87 -21.10
N PRO D 78 4.70 -63.20 -21.02
CA PRO D 78 5.57 -63.93 -21.96
C PRO D 78 5.25 -63.71 -23.43
N SER D 79 3.96 -63.64 -23.77
CA SER D 79 3.49 -63.29 -25.10
C SER D 79 3.92 -64.25 -26.20
N SER D 80 4.45 -65.43 -25.86
CA SER D 80 4.78 -66.42 -26.87
C SER D 80 5.06 -67.76 -26.22
N ILE D 81 5.03 -68.82 -27.04
CA ILE D 81 5.34 -70.17 -26.58
C ILE D 81 5.61 -71.01 -27.82
N SER D 82 6.42 -72.06 -27.66
CA SER D 82 6.80 -72.92 -28.76
C SER D 82 6.61 -74.38 -28.37
N PHE D 83 6.35 -75.21 -29.39
CA PHE D 83 6.09 -76.63 -29.19
C PHE D 83 6.91 -77.45 -30.17
N ALA D 84 7.24 -78.67 -29.76
CA ALA D 84 7.97 -79.59 -30.61
C ALA D 84 7.66 -81.01 -30.17
N ARG D 85 7.92 -81.97 -31.05
CA ARG D 85 7.60 -83.36 -30.80
C ARG D 85 8.87 -84.18 -30.57
N TRP D 86 8.81 -85.05 -29.58
CA TRP D 86 9.82 -86.08 -29.37
C TRP D 86 9.15 -87.42 -29.58
N VAL D 87 9.67 -88.21 -30.51
CA VAL D 87 9.11 -89.52 -30.80
C VAL D 87 9.75 -90.55 -29.87
N ASN D 88 8.91 -91.37 -29.24
CA ASN D 88 9.38 -92.34 -28.27
C ASN D 88 9.44 -93.76 -28.80
N THR D 89 8.66 -94.06 -29.84
CA THR D 89 8.59 -95.40 -30.40
C THR D 89 8.64 -95.32 -31.91
N ALA D 90 9.09 -96.41 -32.54
CA ALA D 90 9.15 -96.48 -33.98
C ALA D 90 7.78 -96.20 -34.58
N ILE D 91 7.74 -95.41 -35.64
CA ILE D 91 6.50 -94.88 -36.18
C ILE D 91 6.44 -95.16 -37.67
N ALA D 92 5.21 -95.27 -38.19
CA ALA D 92 4.97 -95.47 -39.61
C ALA D 92 4.97 -94.14 -40.35
N PRO D 93 5.32 -94.14 -41.64
CA PRO D 93 5.29 -92.90 -42.41
C PRO D 93 3.86 -92.39 -42.58
N MET D 94 3.75 -91.08 -42.74
CA MET D 94 2.44 -90.44 -42.85
C MET D 94 2.61 -89.10 -43.55
N VAL D 95 1.50 -88.58 -44.05
CA VAL D 95 1.46 -87.28 -44.70
C VAL D 95 0.24 -86.51 -44.21
N VAL D 96 0.36 -85.19 -44.19
CA VAL D 96 -0.74 -84.30 -43.82
C VAL D 96 -0.39 -82.90 -44.30
N GLY D 97 -1.39 -82.21 -44.86
CA GLY D 97 -1.12 -80.88 -45.39
C GLY D 97 -2.20 -79.84 -45.27
N ASP D 98 -3.33 -80.16 -44.65
CA ASP D 98 -4.47 -79.25 -44.60
C ASP D 98 -4.37 -78.37 -43.38
N ASN D 99 -4.55 -77.07 -43.56
CA ASN D 99 -4.66 -76.15 -42.43
C ASN D 99 -5.83 -75.21 -42.60
N LEU D 100 -6.23 -74.96 -43.85
CA LEU D 100 -7.26 -73.94 -44.00
C LEU D 100 -8.64 -74.57 -44.08
N PRO D 101 -9.65 -73.95 -43.46
CA PRO D 101 -10.98 -74.57 -43.30
C PRO D 101 -11.79 -74.58 -44.59
N LYS D 102 -11.32 -75.36 -45.56
CA LYS D 102 -12.07 -75.58 -46.79
C LYS D 102 -12.94 -76.83 -46.73
N THR D 103 -12.95 -77.54 -45.61
CA THR D 103 -13.73 -78.77 -45.47
C THR D 103 -15.15 -78.39 -45.07
N ILE D 104 -16.04 -78.32 -46.05
CA ILE D 104 -17.44 -78.02 -45.80
C ILE D 104 -18.23 -79.23 -46.31
N ALA D 105 -17.58 -80.39 -46.32
CA ALA D 105 -18.17 -81.64 -46.80
C ALA D 105 -18.65 -81.53 -48.24
N ASP D 106 -18.03 -80.65 -49.03
CA ASP D 106 -18.46 -80.42 -50.41
C ASP D 106 -17.81 -81.44 -51.35
N PHE D 107 -17.99 -82.71 -51.01
CA PHE D 107 -17.55 -83.82 -51.84
C PHE D 107 -18.60 -84.22 -52.86
N ALA D 108 -19.75 -83.55 -52.88
CA ALA D 108 -20.81 -83.89 -53.83
C ALA D 108 -20.35 -83.57 -55.25
N GLY D 109 -20.73 -84.43 -56.20
CA GLY D 109 -20.29 -84.29 -57.57
C GLY D 109 -18.89 -84.78 -57.85
N PHE D 110 -18.22 -85.37 -56.86
CA PHE D 110 -16.85 -85.81 -56.99
C PHE D 110 -16.70 -87.33 -56.99
N SER D 111 -17.81 -88.07 -57.09
CA SER D 111 -17.73 -89.53 -56.99
C SER D 111 -17.10 -90.16 -58.22
N ALA D 112 -17.19 -89.50 -59.38
CA ALA D 112 -16.85 -90.13 -60.65
C ALA D 112 -15.34 -90.20 -60.84
N GLY D 113 -14.82 -91.40 -61.05
CA GLY D 113 -13.48 -91.60 -61.56
C GLY D 113 -12.36 -90.96 -60.76
N VAL D 114 -12.39 -91.12 -59.44
CA VAL D 114 -11.36 -90.52 -58.59
C VAL D 114 -10.03 -91.23 -58.83
N LEU D 115 -8.99 -90.45 -59.08
CA LEU D 115 -7.67 -91.00 -59.41
C LEU D 115 -6.62 -90.25 -58.58
N THR D 116 -6.36 -90.73 -57.38
CA THR D 116 -5.31 -90.16 -56.54
C THR D 116 -4.03 -90.98 -56.71
N ILE D 117 -2.93 -90.30 -56.96
CA ILE D 117 -1.65 -90.94 -57.23
C ILE D 117 -0.92 -91.16 -55.91
N MET D 118 -0.58 -92.41 -55.63
CA MET D 118 0.18 -92.78 -54.45
C MET D 118 1.60 -93.08 -54.87
N VAL D 119 2.57 -92.42 -54.23
CA VAL D 119 3.96 -92.61 -54.60
C VAL D 119 4.74 -93.18 -53.42
N GLY D 120 4.87 -94.49 -53.38
CA GLY D 120 5.67 -95.18 -52.38
C GLY D 120 7.02 -95.59 -52.93
N ALA D 121 7.44 -96.80 -52.57
CA ALA D 121 8.62 -97.37 -53.21
C ALA D 121 8.40 -97.56 -54.71
N ALA D 122 7.23 -98.05 -55.07
CA ALA D 122 6.78 -98.14 -56.46
C ALA D 122 5.45 -97.40 -56.59
N GLU D 123 5.30 -96.65 -57.66
CA GLU D 123 4.10 -95.83 -57.84
C GLU D 123 2.88 -96.70 -58.07
N GLN D 124 1.75 -96.29 -57.50
CA GLN D 124 0.47 -96.95 -57.71
C GLN D 124 -0.64 -95.91 -57.76
N ASN D 125 -1.78 -96.31 -58.31
CA ASN D 125 -2.91 -95.43 -58.52
C ASN D 125 -4.14 -96.01 -57.81
N ILE D 126 -5.10 -95.12 -57.52
CA ILE D 126 -6.31 -95.47 -56.78
C ILE D 126 -7.51 -95.37 -57.71
N THR D 127 -8.37 -96.38 -57.64
CA THR D 127 -9.54 -96.45 -58.51
C THR D 127 -10.59 -95.42 -58.07
N ALA D 128 -11.73 -95.44 -58.76
CA ALA D 128 -12.76 -94.43 -58.54
C ALA D 128 -13.34 -94.54 -57.14
N ILE D 129 -13.52 -93.37 -56.50
CA ILE D 129 -14.00 -93.29 -55.13
C ILE D 129 -15.33 -92.54 -55.14
N ASP D 130 -16.35 -93.14 -54.51
CA ASP D 130 -17.69 -92.59 -54.53
C ASP D 130 -17.84 -91.57 -53.40
N THR D 131 -18.09 -90.31 -53.76
CA THR D 131 -18.27 -89.25 -52.78
C THR D 131 -19.53 -88.43 -53.05
N SER D 132 -20.43 -88.92 -53.90
CA SER D 132 -21.69 -88.21 -54.13
C SER D 132 -22.53 -88.17 -52.85
N ALA D 133 -22.53 -89.26 -52.09
CA ALA D 133 -23.33 -89.31 -50.86
C ALA D 133 -22.87 -88.24 -49.87
N ALA D 134 -21.57 -88.23 -49.57
CA ALA D 134 -20.97 -87.22 -48.69
C ALA D 134 -21.73 -87.12 -47.37
N THR D 135 -22.10 -88.27 -46.81
CA THR D 135 -22.92 -88.28 -45.60
C THR D 135 -22.16 -87.67 -44.42
N SER D 136 -20.90 -88.06 -44.24
CA SER D 136 -20.10 -87.52 -43.15
C SER D 136 -18.62 -87.72 -43.47
N MET D 137 -17.79 -86.87 -42.86
CA MET D 137 -16.36 -86.90 -43.15
C MET D 137 -15.71 -88.20 -42.68
N ASP D 138 -16.14 -88.73 -41.53
CA ASP D 138 -15.64 -90.03 -41.12
C ASP D 138 -16.03 -91.12 -42.10
N ASN D 139 -17.24 -91.03 -42.68
CA ASN D 139 -17.62 -91.96 -43.74
C ASN D 139 -16.70 -91.83 -44.94
N VAL D 140 -16.32 -90.61 -45.30
CA VAL D 140 -15.41 -90.39 -46.40
C VAL D 140 -14.06 -91.04 -46.10
N ALA D 141 -13.57 -90.85 -44.88
CA ALA D 141 -12.29 -91.45 -44.50
C ALA D 141 -12.38 -92.97 -44.55
N SER D 142 -13.49 -93.53 -44.09
CA SER D 142 -13.66 -94.98 -44.14
C SER D 142 -13.67 -95.50 -45.57
N ILE D 143 -14.36 -94.79 -46.46
CA ILE D 143 -14.42 -95.21 -47.87
C ILE D 143 -13.04 -95.18 -48.49
N ILE D 144 -12.31 -94.08 -48.27
CA ILE D 144 -10.96 -93.95 -48.82
C ILE D 144 -10.05 -95.03 -48.24
N GLN D 145 -10.19 -95.31 -46.94
CA GLN D 145 -9.40 -96.35 -46.31
C GLN D 145 -9.68 -97.71 -46.94
N THR D 146 -10.95 -98.03 -47.16
CA THR D 146 -11.29 -99.31 -47.75
C THR D 146 -10.71 -99.46 -49.15
N GLU D 147 -10.86 -98.43 -49.98
CA GLU D 147 -10.34 -98.55 -51.34
C GLU D 147 -8.82 -98.48 -51.38
N ILE D 148 -8.17 -97.91 -50.36
CA ILE D 148 -6.73 -98.02 -50.23
C ILE D 148 -6.33 -99.44 -49.86
N ARG D 149 -7.07 -100.05 -48.93
CA ARG D 149 -6.83 -101.45 -48.58
C ARG D 149 -7.02 -102.35 -49.79
N LYS D 150 -7.87 -101.95 -50.74
CA LYS D 150 -8.04 -102.72 -51.96
C LYS D 150 -6.75 -102.83 -52.77
N ASN D 151 -5.80 -101.92 -52.58
CA ASN D 151 -4.51 -102.06 -53.24
C ASN D 151 -3.70 -103.19 -52.62
N ALA D 152 -2.73 -103.68 -53.38
CA ALA D 152 -1.95 -104.86 -52.98
C ALA D 152 -0.59 -104.50 -52.39
N ASP D 153 -0.17 -103.24 -52.43
CA ASP D 153 1.13 -102.89 -51.89
C ASP D 153 1.14 -103.06 -50.37
N PRO D 154 2.23 -103.58 -49.80
CA PRO D 154 2.22 -103.90 -48.37
C PRO D 154 1.95 -102.72 -47.46
N GLN D 155 2.44 -101.52 -47.81
CA GLN D 155 2.28 -100.38 -46.92
C GLN D 155 0.84 -99.90 -46.88
N LEU D 156 0.16 -99.89 -48.01
CA LEU D 156 -1.23 -99.45 -48.08
C LEU D 156 -2.22 -100.58 -47.87
N ALA D 157 -1.75 -101.79 -47.60
CA ALA D 157 -2.63 -102.92 -47.33
C ALA D 157 -3.18 -102.91 -45.91
N GLN D 158 -2.64 -102.09 -45.02
CA GLN D 158 -3.13 -101.98 -43.65
C GLN D 158 -3.15 -100.53 -43.17
N ALA D 159 -3.40 -99.60 -44.08
CA ALA D 159 -3.34 -98.18 -43.76
C ALA D 159 -4.62 -97.71 -43.07
N THR D 160 -4.54 -96.52 -42.48
CA THR D 160 -5.67 -95.89 -41.81
C THR D 160 -5.72 -94.42 -42.22
N VAL D 161 -6.91 -93.83 -42.05
CA VAL D 161 -7.13 -92.41 -42.32
C VAL D 161 -7.91 -91.81 -41.15
N THR D 162 -7.52 -90.59 -40.75
CA THR D 162 -8.12 -89.93 -39.61
C THR D 162 -8.45 -88.48 -39.93
N TRP D 163 -9.62 -88.04 -39.48
CA TRP D 163 -10.04 -86.64 -39.54
C TRP D 163 -10.17 -86.08 -38.13
N ASN D 164 -9.62 -84.89 -37.93
CA ASN D 164 -9.70 -84.18 -36.66
C ASN D 164 -10.64 -82.98 -36.80
N GLN D 165 -11.39 -82.68 -35.75
CA GLN D 165 -12.42 -81.65 -35.82
C GLN D 165 -11.88 -80.26 -35.47
N ASN D 166 -11.24 -80.11 -34.31
CA ASN D 166 -10.79 -78.80 -33.88
C ASN D 166 -9.79 -78.22 -34.86
N THR D 167 -8.88 -79.05 -35.35
CA THR D 167 -7.94 -78.66 -36.39
C THR D 167 -8.21 -79.47 -37.64
N ASN D 168 -8.28 -78.79 -38.79
CA ASN D 168 -8.68 -79.42 -40.03
C ASN D 168 -7.46 -80.07 -40.66
N GLN D 169 -7.32 -81.37 -40.45
CA GLN D 169 -6.21 -82.12 -41.01
C GLN D 169 -6.66 -83.50 -41.45
N PHE D 170 -6.17 -83.93 -42.61
CA PHE D 170 -6.38 -85.27 -43.12
C PHE D 170 -5.06 -86.02 -43.01
N THR D 171 -5.05 -87.13 -42.28
CA THR D 171 -3.85 -87.90 -42.05
C THR D 171 -4.04 -89.33 -42.52
N LEU D 172 -3.01 -89.88 -43.16
CA LEU D 172 -2.99 -91.28 -43.55
C LEU D 172 -1.67 -91.88 -43.11
N VAL D 173 -1.73 -93.08 -42.52
CA VAL D 173 -0.59 -93.69 -41.87
C VAL D 173 -0.35 -95.06 -42.51
N GLY D 174 0.92 -95.39 -42.75
CA GLY D 174 1.28 -96.66 -43.31
C GLY D 174 1.25 -97.78 -42.27
N ALA D 175 1.54 -98.99 -42.75
CA ALA D 175 1.48 -100.16 -41.88
C ALA D 175 2.83 -100.42 -41.21
N THR D 176 3.88 -100.60 -42.00
CA THR D 176 5.19 -100.93 -41.45
C THR D 176 5.72 -99.78 -40.60
N ILE D 177 6.48 -100.13 -39.58
CA ILE D 177 6.96 -99.17 -38.58
C ILE D 177 8.48 -99.06 -38.67
N GLY D 178 8.98 -97.84 -38.66
CA GLY D 178 10.41 -97.58 -38.58
C GLY D 178 11.15 -97.60 -39.89
N THR D 179 10.48 -97.87 -41.01
CA THR D 179 11.16 -97.92 -42.30
C THR D 179 10.14 -97.64 -43.40
N GLY D 180 10.54 -96.86 -44.39
CA GLY D 180 9.71 -96.57 -45.53
C GLY D 180 9.48 -95.08 -45.71
N VAL D 181 9.22 -94.70 -46.96
CA VAL D 181 8.94 -93.31 -47.32
C VAL D 181 7.74 -93.30 -48.27
N LEU D 182 6.85 -92.33 -48.07
CA LEU D 182 5.68 -92.17 -48.92
C LEU D 182 5.66 -90.76 -49.53
N ALA D 183 4.97 -90.64 -50.66
CA ALA D 183 4.86 -89.37 -51.35
C ALA D 183 3.57 -89.37 -52.16
N VAL D 184 3.17 -88.19 -52.60
CA VAL D 184 1.97 -88.02 -53.40
C VAL D 184 2.25 -87.01 -54.50
N ALA D 185 1.75 -87.28 -55.71
CA ALA D 185 1.85 -86.37 -56.83
C ALA D 185 0.48 -86.08 -57.39
N LYS D 186 0.22 -84.81 -57.71
CA LYS D 186 -1.05 -84.45 -58.29
C LYS D 186 -1.15 -84.97 -59.73
N SER D 187 -2.37 -85.16 -60.19
CA SER D 187 -2.65 -85.72 -61.50
C SER D 187 -3.22 -84.66 -62.43
N ALA D 188 -3.08 -84.91 -63.73
CA ALA D 188 -3.61 -83.99 -64.73
C ALA D 188 -5.13 -84.08 -64.83
N ASP D 189 -5.74 -85.12 -64.27
CA ASP D 189 -7.18 -85.23 -64.27
C ASP D 189 -7.77 -84.18 -63.33
N PRO D 190 -8.61 -83.26 -63.82
CA PRO D 190 -9.26 -82.31 -62.91
C PRO D 190 -10.20 -82.96 -61.93
N GLN D 191 -10.71 -84.15 -62.22
CA GLN D 191 -11.67 -84.84 -61.37
C GLN D 191 -10.95 -85.68 -60.32
N ASP D 192 -10.21 -84.99 -59.45
CA ASP D 192 -9.35 -85.66 -58.49
C ASP D 192 -9.51 -85.06 -57.10
N MET D 193 -8.94 -85.76 -56.11
CA MET D 193 -9.06 -85.38 -54.71
C MET D 193 -7.82 -84.71 -54.14
N SER D 194 -6.63 -85.04 -54.65
CA SER D 194 -5.39 -84.56 -54.03
C SER D 194 -5.35 -83.04 -54.03
N THR D 195 -5.80 -82.41 -55.11
CA THR D 195 -5.86 -80.94 -55.13
C THR D 195 -6.83 -80.45 -54.06
N ALA D 196 -7.99 -81.08 -53.94
CA ALA D 196 -8.96 -80.70 -52.91
C ALA D 196 -8.55 -81.20 -51.53
N LEU D 197 -7.91 -82.35 -51.45
CA LEU D 197 -7.47 -82.86 -50.16
C LEU D 197 -6.20 -82.13 -49.73
N GLY D 198 -5.82 -82.35 -48.47
CA GLY D 198 -4.74 -81.56 -47.89
C GLY D 198 -3.41 -81.78 -48.58
N TRP D 199 -3.05 -83.04 -48.80
CA TRP D 199 -1.72 -83.35 -49.29
C TRP D 199 -1.61 -83.10 -50.80
N SER D 200 -0.36 -83.07 -51.27
CA SER D 200 0.01 -82.74 -52.65
C SER D 200 -0.37 -81.32 -53.03
N THR D 201 -0.47 -80.40 -52.07
CA THR D 201 -0.85 -79.03 -52.35
C THR D 201 0.02 -78.08 -51.53
N SER D 202 1.07 -77.56 -52.17
CA SER D 202 1.90 -76.48 -51.61
C SER D 202 2.47 -76.95 -50.27
N ASN D 203 2.31 -76.18 -49.19
CA ASN D 203 2.88 -76.55 -47.90
C ASN D 203 2.19 -77.78 -47.32
N VAL D 204 2.84 -78.92 -47.45
CA VAL D 204 2.34 -80.20 -46.93
C VAL D 204 3.45 -80.86 -46.15
N VAL D 205 3.13 -81.32 -44.95
CA VAL D 205 4.11 -81.96 -44.08
C VAL D 205 4.15 -83.44 -44.41
N ASN D 206 5.35 -83.96 -44.61
CA ASN D 206 5.56 -85.36 -44.90
C ASN D 206 6.46 -85.97 -43.84
N VAL D 207 6.27 -87.26 -43.57
CA VAL D 207 6.95 -87.95 -42.49
C VAL D 207 7.58 -89.22 -43.04
N ALA D 208 8.83 -89.48 -42.66
CA ALA D 208 9.52 -90.70 -43.04
C ALA D 208 9.55 -91.66 -41.86
N GLY D 209 9.58 -92.96 -42.17
CA GLY D 209 9.73 -93.98 -41.15
C GLY D 209 11.01 -93.79 -40.36
N GLN D 210 10.94 -93.93 -39.04
CA GLN D 210 12.05 -93.55 -38.19
C GLN D 210 11.94 -94.26 -36.85
N SER D 211 13.04 -94.87 -36.42
CA SER D 211 13.04 -95.69 -35.21
C SER D 211 13.13 -94.82 -33.96
N ALA D 212 13.05 -95.48 -32.80
CA ALA D 212 13.14 -94.76 -31.54
C ALA D 212 14.51 -94.13 -31.38
N ASP D 213 14.54 -92.96 -30.74
CA ASP D 213 15.77 -92.19 -30.60
C ASP D 213 15.88 -91.64 -29.19
N LEU D 214 17.12 -91.36 -28.78
CA LEU D 214 17.34 -90.76 -27.48
C LEU D 214 16.83 -89.32 -27.44
N PRO D 215 16.38 -88.85 -26.28
CA PRO D 215 15.84 -87.48 -26.21
C PRO D 215 16.83 -86.40 -26.61
N ASP D 216 18.11 -86.58 -26.29
CA ASP D 216 19.10 -85.56 -26.63
C ASP D 216 19.20 -85.38 -28.14
N ALA D 217 19.14 -86.48 -28.89
CA ALA D 217 19.14 -86.37 -30.34
C ALA D 217 17.92 -85.60 -30.82
N ALA D 218 16.76 -85.85 -30.20
CA ALA D 218 15.54 -85.16 -30.60
C ALA D 218 15.66 -83.66 -30.37
N VAL D 219 16.17 -83.26 -29.21
CA VAL D 219 16.29 -81.83 -28.96
C VAL D 219 17.34 -81.21 -29.87
N ALA D 220 18.41 -81.95 -30.18
CA ALA D 220 19.41 -81.44 -31.12
C ALA D 220 18.80 -81.21 -32.49
N LYS D 221 17.99 -82.16 -32.97
CA LYS D 221 17.32 -81.97 -34.27
C LYS D 221 16.38 -80.78 -34.22
N SER D 222 15.65 -80.62 -33.11
CA SER D 222 14.74 -79.48 -32.98
C SER D 222 15.50 -78.17 -33.07
N THR D 223 16.65 -78.08 -32.39
CA THR D 223 17.48 -76.89 -32.49
C THR D 223 17.96 -76.67 -33.91
N ASN D 224 18.37 -77.75 -34.58
CA ASN D 224 18.81 -77.62 -35.97
C ASN D 224 17.71 -77.07 -36.85
N VAL D 225 16.45 -77.40 -36.54
CA VAL D 225 15.34 -76.78 -37.26
C VAL D 225 15.26 -75.29 -36.95
N SER D 226 15.33 -74.93 -35.67
CA SER D 226 15.32 -73.54 -35.25
C SER D 226 15.77 -73.46 -33.80
N ASN D 227 16.42 -72.36 -33.46
CA ASN D 227 16.96 -72.17 -32.12
C ASN D 227 16.54 -70.84 -31.51
N ASN D 228 15.33 -70.38 -31.82
CA ASN D 228 14.85 -69.10 -31.31
C ASN D 228 13.98 -69.41 -30.09
N PHE D 229 14.64 -69.70 -28.98
CA PHE D 229 13.95 -70.00 -27.73
C PHE D 229 14.96 -69.97 -26.59
N GLY D 230 14.47 -70.25 -25.39
CA GLY D 230 15.33 -70.43 -24.24
C GLY D 230 14.60 -71.19 -23.16
N SER D 231 15.36 -71.92 -22.34
CA SER D 231 14.84 -72.63 -21.18
C SER D 231 13.77 -73.65 -21.59
N PHE D 232 14.21 -74.67 -22.31
CA PHE D 232 13.34 -75.77 -22.70
C PHE D 232 13.14 -76.74 -21.54
N LEU D 233 12.11 -77.59 -21.67
CA LEU D 233 11.84 -78.63 -20.68
C LEU D 233 11.19 -79.82 -21.38
N PHE D 234 10.92 -80.87 -20.60
CA PHE D 234 10.28 -82.08 -21.10
C PHE D 234 8.94 -82.27 -20.41
N ALA D 235 7.88 -82.42 -21.21
CA ALA D 235 6.55 -82.58 -20.66
C ALA D 235 6.24 -84.06 -20.43
N GLY D 236 5.09 -84.31 -19.81
CA GLY D 236 4.61 -85.67 -19.61
C GLY D 236 5.27 -86.40 -18.47
N ALA D 237 5.51 -87.70 -18.66
CA ALA D 237 6.05 -88.54 -17.61
C ALA D 237 7.48 -88.12 -17.28
N PRO D 238 7.90 -88.31 -16.03
CA PRO D 238 9.29 -88.02 -15.66
C PRO D 238 10.26 -88.96 -16.38
N LEU D 239 11.45 -88.45 -16.65
CA LEU D 239 12.47 -89.20 -17.34
C LEU D 239 13.39 -89.90 -16.35
N ASP D 240 14.15 -90.87 -16.85
CA ASP D 240 15.08 -91.61 -16.02
C ASP D 240 16.33 -90.78 -15.75
N ASN D 241 17.09 -91.20 -14.73
CA ASN D 241 18.29 -90.46 -14.36
C ASN D 241 19.31 -90.44 -15.48
N ASP D 242 19.50 -91.57 -16.15
CA ASP D 242 20.47 -91.62 -17.25
C ASP D 242 20.08 -90.68 -18.38
N GLN D 243 18.79 -90.66 -18.74
CA GLN D 243 18.34 -89.77 -19.80
C GLN D 243 18.58 -88.32 -19.43
N ILE D 244 18.24 -87.94 -18.19
CA ILE D 244 18.43 -86.57 -17.76
C ILE D 244 19.91 -86.21 -17.77
N LYS D 245 20.77 -87.13 -17.33
CA LYS D 245 22.20 -86.86 -17.34
C LYS D 245 22.70 -86.65 -18.76
N ALA D 246 22.23 -87.46 -19.71
CA ALA D 246 22.63 -87.30 -21.10
C ALA D 246 22.19 -85.94 -21.64
N VAL D 247 20.94 -85.55 -21.36
CA VAL D 247 20.46 -84.27 -21.85
C VAL D 247 21.26 -83.13 -21.23
N SER D 248 21.58 -83.23 -19.94
CA SER D 248 22.37 -82.19 -19.29
C SER D 248 23.75 -82.08 -19.91
N ALA D 249 24.38 -83.22 -20.21
CA ALA D 249 25.68 -83.20 -20.86
C ALA D 249 25.59 -82.52 -22.22
N TRP D 250 24.56 -82.86 -22.99
CA TRP D 250 24.42 -82.23 -24.31
C TRP D 250 24.21 -80.74 -24.19
N ASN D 251 23.41 -80.30 -23.23
CA ASN D 251 23.21 -78.87 -23.03
C ASN D 251 24.50 -78.19 -22.63
N ALA D 252 25.28 -78.82 -21.76
CA ALA D 252 26.56 -78.24 -21.38
C ALA D 252 27.52 -78.18 -22.56
N ALA D 253 27.33 -79.07 -23.55
CA ALA D 253 28.15 -79.00 -24.75
C ALA D 253 27.96 -77.65 -25.46
N GLN D 254 26.72 -77.21 -25.59
CA GLN D 254 26.46 -75.83 -25.98
C GLN D 254 26.97 -74.92 -24.86
N ASN D 255 27.66 -73.84 -25.24
CA ASN D 255 28.28 -72.97 -24.25
C ASN D 255 27.33 -71.83 -23.93
N ASN D 256 26.59 -71.99 -22.82
CA ASN D 256 25.75 -70.92 -22.28
C ASN D 256 24.73 -70.45 -23.30
N GLN D 257 23.85 -71.37 -23.68
CA GLN D 257 22.85 -71.07 -24.70
C GLN D 257 21.42 -71.24 -24.21
N PHE D 258 21.13 -72.22 -23.37
CA PHE D 258 19.78 -72.48 -22.90
C PHE D 258 19.80 -72.87 -21.44
N ILE D 259 18.62 -73.06 -20.88
CA ILE D 259 18.44 -73.50 -19.50
C ILE D 259 17.64 -74.80 -19.52
N TYR D 260 18.13 -75.80 -18.81
CA TYR D 260 17.44 -77.08 -18.69
C TYR D 260 16.75 -77.14 -17.34
N THR D 261 15.43 -77.13 -17.34
CA THR D 261 14.65 -77.19 -16.12
C THR D 261 13.98 -78.54 -16.00
N VAL D 262 14.11 -79.17 -14.83
CA VAL D 262 13.52 -80.47 -14.57
C VAL D 262 12.81 -80.44 -13.23
N ALA D 263 11.96 -81.42 -13.00
CA ALA D 263 11.24 -81.58 -11.75
C ALA D 263 11.65 -82.88 -11.09
N THR D 264 11.79 -82.85 -9.77
CA THR D 264 12.15 -84.05 -9.03
C THR D 264 11.59 -83.95 -7.62
N SER D 265 11.55 -85.10 -6.94
CA SER D 265 11.06 -85.17 -5.58
C SER D 265 12.22 -85.06 -4.60
N LEU D 266 11.87 -84.93 -3.32
CA LEU D 266 12.87 -84.76 -2.28
C LEU D 266 13.79 -85.96 -2.19
N ALA D 267 13.21 -87.17 -2.16
CA ALA D 267 14.02 -88.38 -2.03
C ALA D 267 14.91 -88.57 -3.25
N ASN D 268 14.37 -88.33 -4.44
CA ASN D 268 15.14 -88.54 -5.66
C ASN D 268 16.28 -87.54 -5.79
N LEU D 269 16.13 -86.35 -5.19
CA LEU D 269 17.06 -85.25 -5.45
C LEU D 269 18.46 -85.56 -4.95
N GLY D 270 18.59 -86.45 -3.95
CA GLY D 270 19.91 -86.77 -3.44
C GLY D 270 20.81 -87.40 -4.49
N THR D 271 20.22 -88.22 -5.36
CA THR D 271 21.02 -88.93 -6.36
C THR D 271 21.48 -87.99 -7.48
N LEU D 272 20.59 -87.13 -7.96
CA LEU D 272 20.88 -86.35 -9.17
C LEU D 272 22.08 -85.44 -8.97
N PHE D 273 22.21 -84.83 -7.79
CA PHE D 273 23.29 -83.86 -7.58
C PHE D 273 24.65 -84.50 -7.78
N THR D 274 24.83 -85.73 -7.30
CA THR D 274 26.09 -86.43 -7.54
C THR D 274 26.32 -86.67 -9.02
N LEU D 275 25.27 -87.02 -9.75
CA LEU D 275 25.42 -87.30 -11.17
C LEU D 275 25.67 -86.03 -11.96
N VAL D 276 25.05 -84.92 -11.57
CA VAL D 276 25.02 -83.73 -12.41
C VAL D 276 25.77 -82.61 -11.71
N ASN D 277 26.81 -82.96 -10.97
CA ASN D 277 27.75 -81.94 -10.50
C ASN D 277 28.36 -81.24 -11.70
N GLY D 278 28.59 -79.94 -11.57
CA GLY D 278 28.99 -79.18 -12.74
C GLY D 278 27.85 -79.14 -13.74
N ASN D 279 28.20 -79.20 -15.03
CA ASN D 279 27.21 -79.24 -16.10
C ASN D 279 26.28 -78.03 -16.03
N ALA D 280 26.86 -76.85 -16.26
CA ALA D 280 26.14 -75.61 -16.08
C ALA D 280 24.97 -75.51 -17.05
N GLY D 281 23.94 -74.79 -16.63
CA GLY D 281 22.74 -74.62 -17.43
C GLY D 281 21.57 -75.48 -17.03
N THR D 282 21.64 -76.16 -15.89
CA THR D 282 20.59 -77.07 -15.46
C THR D 282 20.00 -76.59 -14.14
N ALA D 283 18.67 -76.59 -14.06
CA ALA D 283 17.95 -76.19 -12.87
C ALA D 283 17.24 -77.38 -12.25
N LEU D 284 17.37 -77.52 -10.93
CA LEU D 284 16.72 -78.59 -10.18
C LEU D 284 15.62 -78.02 -9.33
N ASN D 285 14.40 -78.55 -9.49
CA ASN D 285 13.24 -78.06 -8.78
C ASN D 285 12.58 -79.19 -8.00
N VAL D 286 12.03 -78.85 -6.83
CA VAL D 286 11.45 -79.84 -5.93
C VAL D 286 9.96 -79.95 -6.20
N LEU D 287 9.49 -81.19 -6.37
CA LEU D 287 8.09 -81.48 -6.66
C LEU D 287 7.45 -82.20 -5.49
N SER D 288 6.19 -81.89 -5.22
CA SER D 288 5.48 -82.48 -4.08
C SER D 288 4.77 -83.75 -4.52
N ALA D 289 4.94 -84.81 -3.75
CA ALA D 289 4.35 -86.10 -4.11
C ALA D 289 2.85 -86.12 -3.81
N THR D 290 2.43 -85.49 -2.72
CA THR D 290 1.05 -85.62 -2.27
C THR D 290 0.07 -84.98 -3.24
N ALA D 291 0.30 -83.73 -3.62
CA ALA D 291 -0.69 -82.96 -4.37
C ALA D 291 -0.43 -83.06 -5.86
N ALA D 292 -1.18 -82.27 -6.64
CA ALA D 292 -0.97 -82.20 -8.07
C ALA D 292 0.34 -81.49 -8.39
N ASN D 293 0.85 -81.74 -9.60
CA ASN D 293 2.16 -81.21 -9.98
C ASN D 293 2.15 -79.68 -10.02
N ASP D 294 1.11 -79.09 -10.60
CA ASP D 294 0.96 -77.65 -10.72
C ASP D 294 2.05 -77.02 -11.58
N PHE D 295 2.91 -77.86 -12.18
CA PHE D 295 3.97 -77.40 -13.08
C PHE D 295 4.90 -76.40 -12.39
N VAL D 296 5.57 -76.87 -11.34
CA VAL D 296 6.49 -76.00 -10.63
C VAL D 296 7.71 -75.69 -11.48
N GLU D 297 8.11 -76.61 -12.35
CA GLU D 297 9.35 -76.46 -13.11
C GLU D 297 9.31 -75.32 -14.12
N GLN D 298 8.13 -74.75 -14.37
CA GLN D 298 8.04 -73.68 -15.36
C GLN D 298 8.49 -72.33 -14.84
N CYS D 299 8.61 -72.16 -13.52
CA CYS D 299 8.75 -70.82 -12.95
C CYS D 299 9.96 -70.06 -13.49
N PRO D 300 11.18 -70.61 -13.50
CA PRO D 300 12.29 -69.84 -14.08
C PRO D 300 12.07 -69.49 -15.53
N SER D 301 11.43 -70.37 -16.30
CA SER D 301 11.17 -70.05 -17.70
C SER D 301 10.22 -68.88 -17.84
N GLU D 302 9.16 -68.83 -17.02
CA GLU D 302 8.25 -67.71 -17.07
C GLU D 302 8.96 -66.42 -16.68
N ILE D 303 9.77 -66.47 -15.63
CA ILE D 303 10.49 -65.27 -15.21
C ILE D 303 11.41 -64.79 -16.32
N LEU D 304 12.12 -65.71 -16.96
CA LEU D 304 13.04 -65.34 -18.03
C LEU D 304 12.28 -64.73 -19.21
N ALA D 305 11.21 -65.39 -19.65
CA ALA D 305 10.46 -64.88 -20.79
C ALA D 305 9.78 -63.56 -20.50
N ALA D 306 9.50 -63.25 -19.24
CA ALA D 306 8.87 -61.98 -18.93
C ALA D 306 9.82 -60.80 -19.09
N THR D 307 11.12 -61.02 -19.06
CA THR D 307 12.08 -59.92 -19.12
C THR D 307 12.10 -59.28 -20.49
N ASN D 308 12.46 -58.00 -20.51
CA ASN D 308 12.79 -57.30 -21.74
C ASN D 308 14.15 -56.63 -21.57
N TYR D 309 14.98 -56.71 -22.60
CA TYR D 309 16.34 -56.20 -22.52
C TYR D 309 16.52 -54.88 -23.26
N ASP D 310 15.42 -54.19 -23.56
CA ASP D 310 15.53 -52.91 -24.24
C ASP D 310 15.47 -51.73 -23.27
N GLU D 311 14.56 -51.78 -22.32
CA GLU D 311 14.39 -50.69 -21.38
C GLU D 311 15.43 -50.80 -20.26
N PRO D 312 15.81 -49.67 -19.66
CA PRO D 312 16.80 -49.71 -18.58
C PRO D 312 16.25 -50.38 -17.34
N GLY D 313 17.18 -50.81 -16.48
CA GLY D 313 16.83 -51.47 -15.24
C GLY D 313 16.13 -52.80 -15.46
N ALA D 314 16.67 -53.62 -16.36
CA ALA D 314 16.01 -54.86 -16.77
C ALA D 314 16.35 -56.04 -15.86
N SER D 315 17.62 -56.22 -15.51
CA SER D 315 18.01 -57.39 -14.74
C SER D 315 17.31 -57.40 -13.39
N GLN D 316 16.68 -58.53 -13.06
CA GLN D 316 15.95 -58.66 -11.81
C GLN D 316 16.44 -59.90 -11.07
N ASN D 317 15.83 -60.14 -9.93
CA ASN D 317 16.23 -61.22 -9.05
C ASN D 317 15.19 -62.33 -9.12
N TYR D 318 15.62 -63.55 -8.84
CA TYR D 318 14.75 -64.71 -8.88
C TYR D 318 14.33 -65.18 -7.50
N MET D 319 14.79 -64.51 -6.44
CA MET D 319 14.61 -65.02 -5.08
C MET D 319 13.22 -64.74 -4.54
N TYR D 320 12.60 -63.62 -4.89
CA TYR D 320 11.32 -63.24 -4.32
C TYR D 320 10.29 -63.01 -5.41
N TYR D 321 9.62 -64.09 -5.80
CA TYR D 321 8.42 -63.98 -6.63
C TYR D 321 7.37 -64.92 -6.06
N GLN D 322 6.14 -64.45 -6.02
CA GLN D 322 5.04 -65.22 -5.43
C GLN D 322 4.19 -65.82 -6.53
N PHE D 323 3.90 -67.11 -6.42
CA PHE D 323 3.02 -67.80 -7.36
C PHE D 323 1.80 -68.28 -6.60
N PRO D 324 0.68 -67.56 -6.66
CA PRO D 324 -0.50 -67.99 -5.88
C PRO D 324 -1.02 -69.35 -6.27
N GLY D 325 -0.94 -69.70 -7.56
CA GLY D 325 -1.49 -70.97 -8.00
C GLY D 325 -0.73 -72.17 -7.47
N ARG D 326 0.59 -72.07 -7.41
CA ARG D 326 1.42 -73.22 -7.07
C ARG D 326 1.20 -73.65 -5.62
N ASN D 327 1.57 -74.89 -5.33
CA ASN D 327 1.46 -75.44 -3.99
C ASN D 327 2.77 -75.28 -3.23
N ILE D 328 2.70 -75.50 -1.93
CA ILE D 328 3.84 -75.32 -1.03
C ILE D 328 4.49 -76.67 -0.75
N THR D 329 5.81 -76.67 -0.61
CA THR D 329 6.56 -77.92 -0.47
C THR D 329 7.21 -78.07 0.89
N VAL D 330 8.04 -77.12 1.33
CA VAL D 330 8.84 -77.30 2.53
C VAL D 330 8.51 -76.21 3.54
N SER D 331 8.63 -76.56 4.82
CA SER D 331 8.35 -75.61 5.90
C SER D 331 9.32 -75.74 7.06
N ASP D 332 10.41 -76.48 6.90
CA ASP D 332 11.35 -76.72 7.98
C ASP D 332 12.69 -76.07 7.68
N ASP D 333 13.36 -75.61 8.73
CA ASP D 333 14.65 -74.96 8.56
C ASP D 333 15.74 -75.96 8.17
N THR D 334 15.80 -77.10 8.86
CA THR D 334 16.83 -78.10 8.55
C THR D 334 16.62 -78.69 7.17
N VAL D 335 15.37 -78.94 6.80
CA VAL D 335 15.07 -79.43 5.45
C VAL D 335 15.56 -78.44 4.41
N ALA D 336 15.31 -77.15 4.64
CA ALA D 336 15.77 -76.12 3.72
C ALA D 336 17.29 -76.10 3.65
N ASN D 337 17.97 -76.28 4.79
CA ASN D 337 19.42 -76.31 4.77
C ASN D 337 19.95 -77.47 3.94
N THR D 338 19.35 -78.65 4.10
CA THR D 338 19.80 -79.79 3.31
C THR D 338 19.57 -79.57 1.83
N VAL D 339 18.38 -79.05 1.47
CA VAL D 339 18.08 -78.82 0.06
C VAL D 339 19.04 -77.80 -0.52
N ASP D 340 19.32 -76.72 0.21
CA ASP D 340 20.26 -75.72 -0.28
C ASP D 340 21.65 -76.31 -0.46
N LYS D 341 22.11 -77.12 0.51
CA LYS D 341 23.39 -77.77 0.36
C LYS D 341 23.43 -78.66 -0.88
N SER D 342 22.28 -79.20 -1.27
CA SER D 342 22.20 -80.00 -2.48
C SER D 342 21.85 -79.17 -3.72
N ARG D 343 21.78 -77.84 -3.60
CA ARG D 343 21.49 -76.94 -4.72
C ARG D 343 20.17 -77.31 -5.40
N GLY D 344 19.09 -77.11 -4.65
CA GLY D 344 17.75 -77.33 -5.16
C GLY D 344 16.95 -76.05 -5.12
N ASN D 345 15.95 -75.97 -5.99
CA ASN D 345 15.05 -74.84 -6.04
C ASN D 345 13.65 -75.30 -5.66
N TYR D 346 12.90 -74.42 -5.00
CA TYR D 346 11.63 -74.81 -4.41
C TYR D 346 10.88 -73.56 -4.00
N ILE D 347 9.60 -73.76 -3.69
CA ILE D 347 8.74 -72.73 -3.13
C ILE D 347 8.57 -73.04 -1.65
N GLY D 348 9.06 -72.15 -0.80
CA GLY D 348 9.08 -72.39 0.63
C GLY D 348 8.16 -71.44 1.37
N VAL D 349 7.64 -71.91 2.49
CA VAL D 349 6.76 -71.12 3.34
C VAL D 349 7.51 -70.80 4.63
N THR D 350 7.50 -69.54 5.00
CA THR D 350 7.96 -69.09 6.31
C THR D 350 6.86 -68.31 7.00
N GLN D 351 5.62 -68.60 6.62
CA GLN D 351 4.47 -67.81 7.01
C GLN D 351 3.44 -68.54 7.84
N ALA D 352 2.91 -69.66 7.34
CA ALA D 352 1.89 -70.46 8.02
C ALA D 352 0.67 -69.58 8.30
N ASN D 353 0.29 -69.36 9.56
CA ASN D 353 -0.94 -68.64 9.87
C ASN D 353 -0.81 -67.16 9.56
N GLY D 354 -1.92 -66.55 9.19
CA GLY D 354 -1.97 -65.17 8.78
C GLY D 354 -2.18 -65.05 7.28
N GLN D 355 -1.84 -63.87 6.75
CA GLN D 355 -1.81 -63.71 5.30
C GLN D 355 -0.57 -64.41 4.75
N GLN D 356 -0.66 -65.73 4.56
CA GLN D 356 0.53 -66.51 4.27
C GLN D 356 1.18 -66.06 2.97
N LEU D 357 2.49 -66.24 2.90
CA LEU D 357 3.30 -65.89 1.74
C LEU D 357 4.10 -67.11 1.30
N ALA D 358 4.74 -66.99 0.15
CA ALA D 358 5.64 -68.00 -0.36
C ALA D 358 6.37 -67.43 -1.56
N PHE D 359 7.60 -67.90 -1.78
CA PHE D 359 8.34 -67.41 -2.93
C PHE D 359 9.42 -68.40 -3.31
N TYR D 360 9.77 -68.37 -4.60
CA TYR D 360 10.76 -69.25 -5.19
C TYR D 360 12.13 -68.97 -4.59
N GLN D 361 12.59 -69.85 -3.71
CA GLN D 361 13.73 -69.52 -2.85
C GLN D 361 15.02 -69.25 -3.58
N ARG D 362 15.60 -70.26 -4.20
CA ARG D 362 16.98 -70.18 -4.63
C ARG D 362 17.06 -69.78 -6.10
N GLY D 363 17.83 -68.73 -6.38
CA GLY D 363 18.12 -68.38 -7.74
C GLY D 363 19.40 -69.03 -8.21
N ILE D 364 19.83 -70.06 -7.48
CA ILE D 364 21.08 -70.73 -7.80
C ILE D 364 20.82 -71.78 -8.88
N LEU D 365 21.90 -72.25 -9.49
CA LEU D 365 21.82 -73.14 -10.63
C LEU D 365 23.07 -73.99 -10.65
N CYS D 366 22.91 -75.29 -10.84
CA CYS D 366 24.02 -76.21 -10.68
C CYS D 366 25.06 -75.99 -11.77
N GLY D 367 26.34 -76.05 -11.39
CA GLY D 367 27.41 -75.86 -12.33
C GLY D 367 28.76 -75.95 -11.63
N GLY D 368 29.81 -75.93 -12.44
CA GLY D 368 31.16 -76.05 -11.95
C GLY D 368 31.65 -74.77 -11.31
N PRO D 369 32.84 -74.85 -10.70
CA PRO D 369 33.38 -73.67 -10.01
C PRO D 369 33.63 -72.49 -10.93
N THR D 370 34.00 -72.73 -12.18
CA THR D 370 34.34 -71.64 -13.08
C THR D 370 33.12 -70.91 -13.62
N ASP D 371 32.04 -71.63 -13.87
CA ASP D 371 30.89 -71.06 -14.56
C ASP D 371 29.99 -70.29 -13.60
N ALA D 372 29.10 -69.49 -14.19
CA ALA D 372 28.17 -68.70 -13.41
C ALA D 372 27.15 -69.60 -12.70
N VAL D 373 26.79 -69.22 -11.48
CA VAL D 373 25.87 -69.99 -10.67
C VAL D 373 24.50 -69.34 -10.59
N ASP D 374 24.45 -68.02 -10.57
CA ASP D 374 23.18 -67.33 -10.46
C ASP D 374 22.43 -67.36 -11.78
N MET D 375 21.09 -67.31 -11.69
CA MET D 375 20.29 -67.38 -12.90
C MET D 375 20.35 -66.08 -13.70
N ASN D 376 20.29 -64.94 -13.02
CA ASN D 376 20.30 -63.66 -13.73
C ASN D 376 21.58 -63.49 -14.54
N VAL D 377 22.71 -63.90 -13.98
CA VAL D 377 23.97 -63.83 -14.71
C VAL D 377 23.90 -64.68 -15.97
N TYR D 378 23.34 -65.88 -15.85
CA TYR D 378 23.20 -66.76 -17.00
C TYR D 378 22.39 -66.10 -18.10
N ALA D 379 21.23 -65.54 -17.73
CA ALA D 379 20.38 -64.91 -18.73
C ALA D 379 21.08 -63.73 -19.39
N ASN D 380 21.77 -62.92 -18.60
CA ASN D 380 22.48 -61.78 -19.15
C ASN D 380 23.55 -62.23 -20.13
N GLU D 381 24.28 -63.29 -19.81
CA GLU D 381 25.28 -63.79 -20.76
C GLU D 381 24.62 -64.26 -22.05
N ILE D 382 23.47 -64.93 -21.94
CA ILE D 382 22.78 -65.37 -23.15
C ILE D 382 22.47 -64.17 -24.05
N TRP D 383 21.88 -63.13 -23.46
CA TRP D 383 21.51 -61.97 -24.25
C TRP D 383 22.74 -61.30 -24.85
N LEU D 384 23.82 -61.20 -24.06
CA LEU D 384 25.03 -60.54 -24.54
C LEU D 384 25.63 -61.30 -25.72
N LYS D 385 25.70 -62.62 -25.63
CA LYS D 385 26.21 -63.41 -26.74
C LYS D 385 25.40 -63.19 -27.99
N SER D 386 24.07 -63.21 -27.87
CA SER D 386 23.22 -63.01 -29.04
C SER D 386 23.50 -61.66 -29.68
N ALA D 387 23.56 -60.60 -28.86
CA ALA D 387 23.73 -59.26 -29.41
C ALA D 387 25.09 -59.12 -30.09
N ILE D 388 26.15 -59.64 -29.47
CA ILE D 388 27.47 -59.54 -30.07
C ILE D 388 27.50 -60.24 -31.42
N ALA D 389 26.95 -61.46 -31.47
CA ALA D 389 26.96 -62.19 -32.73
C ALA D 389 26.21 -61.43 -33.82
N GLN D 390 25.04 -60.89 -33.47
CA GLN D 390 24.27 -60.17 -34.48
C GLN D 390 25.04 -58.95 -34.99
N ALA D 391 25.69 -58.21 -34.08
CA ALA D 391 26.43 -57.04 -34.51
C ALA D 391 27.58 -57.40 -35.46
N LEU D 392 28.31 -58.47 -35.13
CA LEU D 392 29.44 -58.84 -35.97
C LEU D 392 28.97 -59.31 -37.36
N LEU D 393 27.89 -60.08 -37.42
CA LEU D 393 27.38 -60.48 -38.72
C LEU D 393 26.90 -59.28 -39.52
N ASP D 394 26.30 -58.29 -38.85
CA ASP D 394 25.92 -57.07 -39.57
C ASP D 394 27.15 -56.38 -40.16
N LEU D 395 28.22 -56.30 -39.38
CA LEU D 395 29.47 -55.74 -39.89
C LEU D 395 29.92 -56.45 -41.16
N PHE D 396 30.02 -57.77 -41.10
CA PHE D 396 30.50 -58.50 -42.28
C PHE D 396 29.57 -58.32 -43.47
N LEU D 397 28.26 -58.31 -43.22
CA LEU D 397 27.33 -58.24 -44.34
C LEU D 397 27.27 -56.86 -44.95
N ASN D 398 27.67 -55.83 -44.23
CA ASN D 398 27.48 -54.47 -44.75
C ASN D 398 28.75 -53.87 -45.35
N VAL D 399 29.91 -54.45 -45.09
CA VAL D 399 31.17 -53.90 -45.58
C VAL D 399 31.64 -54.73 -46.76
N ASN D 400 32.20 -54.07 -47.78
CA ASN D 400 32.74 -54.81 -48.91
C ASN D 400 33.97 -55.63 -48.51
N ALA D 401 34.83 -55.07 -47.66
CA ALA D 401 36.01 -55.78 -47.21
C ALA D 401 36.51 -55.17 -45.93
N VAL D 402 36.86 -56.01 -44.96
CA VAL D 402 37.43 -55.56 -43.69
C VAL D 402 38.93 -55.83 -43.74
N PRO D 403 39.77 -54.81 -43.88
CA PRO D 403 41.20 -55.06 -43.99
C PRO D 403 41.77 -55.62 -42.71
N ALA D 404 42.83 -56.41 -42.85
CA ALA D 404 43.54 -56.96 -41.70
C ALA D 404 44.60 -55.98 -41.21
N SER D 405 44.14 -54.79 -40.83
CA SER D 405 45.01 -53.73 -40.36
C SER D 405 44.35 -53.04 -39.17
N SER D 406 44.99 -51.98 -38.69
CA SER D 406 44.47 -51.26 -37.53
C SER D 406 43.11 -50.65 -37.82
N THR D 407 42.91 -50.15 -39.03
CA THR D 407 41.65 -49.53 -39.38
C THR D 407 40.49 -50.51 -39.24
N GLY D 408 40.72 -51.77 -39.65
CA GLY D 408 39.65 -52.76 -39.56
C GLY D 408 39.19 -52.98 -38.13
N GLU D 409 40.14 -53.16 -37.22
CA GLU D 409 39.77 -53.37 -35.83
C GLU D 409 39.21 -52.10 -35.19
N ALA D 410 39.60 -50.93 -35.69
CA ALA D 410 38.91 -49.72 -35.29
C ALA D 410 37.43 -49.78 -35.68
N MET D 411 37.16 -50.26 -36.90
CA MET D 411 35.77 -50.43 -37.32
C MET D 411 35.04 -51.41 -36.43
N THR D 412 35.71 -52.50 -36.03
CA THR D 412 35.07 -53.47 -35.14
C THR D 412 34.70 -52.81 -33.81
N LEU D 413 35.61 -52.04 -33.21
CA LEU D 413 35.26 -51.35 -31.98
C LEU D 413 34.09 -50.42 -32.19
N ALA D 414 34.09 -49.68 -33.30
CA ALA D 414 32.98 -48.77 -33.56
C ALA D 414 31.66 -49.50 -33.64
N VAL D 415 31.66 -50.69 -34.23
CA VAL D 415 30.42 -51.45 -34.37
C VAL D 415 29.96 -51.99 -33.01
N LEU D 416 30.89 -52.52 -32.22
CA LEU D 416 30.49 -53.08 -30.93
C LEU D 416 30.13 -52.02 -29.89
N GLN D 417 30.47 -50.75 -30.12
CA GLN D 417 30.19 -49.74 -29.09
C GLN D 417 28.72 -49.66 -28.69
N PRO D 418 27.75 -49.56 -29.61
CA PRO D 418 26.34 -49.44 -29.18
C PRO D 418 25.84 -50.61 -28.35
N VAL D 419 26.29 -51.83 -28.65
CA VAL D 419 25.86 -52.97 -27.85
C VAL D 419 26.34 -52.82 -26.42
N LEU D 420 27.59 -52.38 -26.23
CA LEU D 420 28.10 -52.16 -24.89
C LEU D 420 27.33 -51.05 -24.18
N ASP D 421 26.98 -49.99 -24.90
CA ASP D 421 26.19 -48.93 -24.30
C ASP D 421 24.84 -49.46 -23.81
N LYS D 422 24.17 -50.24 -24.65
CA LYS D 422 22.88 -50.79 -24.24
C LYS D 422 23.03 -51.75 -23.07
N ALA D 423 24.13 -52.51 -23.04
CA ALA D 423 24.37 -53.40 -21.92
C ALA D 423 24.55 -52.63 -20.62
N THR D 424 25.29 -51.52 -20.67
CA THR D 424 25.40 -50.69 -19.47
C THR D 424 24.05 -50.12 -19.07
N ALA D 425 23.22 -49.79 -20.06
CA ALA D 425 21.90 -49.25 -19.74
C ALA D 425 21.03 -50.30 -19.04
N ASN D 426 21.06 -51.55 -19.51
CA ASN D 426 20.19 -52.57 -18.93
C ASN D 426 20.50 -52.82 -17.48
N GLY D 427 21.76 -53.09 -17.18
CA GLY D 427 22.17 -53.54 -15.86
C GLY D 427 22.95 -54.83 -15.86
N THR D 428 23.27 -55.40 -17.03
CA THR D 428 24.12 -56.58 -17.06
C THR D 428 25.54 -56.24 -16.64
N PHE D 429 25.95 -54.99 -16.80
CA PHE D 429 27.22 -54.51 -16.31
C PHE D 429 27.00 -53.73 -15.02
N THR D 430 27.99 -53.76 -14.14
CA THR D 430 27.93 -53.05 -12.88
C THR D 430 29.23 -52.31 -12.63
N TYR D 431 29.13 -51.19 -11.94
CA TYR D 431 30.26 -50.31 -11.71
C TYR D 431 30.40 -50.02 -10.23
N GLY D 432 31.64 -49.77 -9.79
CA GLY D 432 31.91 -49.39 -8.43
C GLY D 432 32.24 -50.51 -7.48
N LYS D 433 32.15 -51.76 -7.92
CA LYS D 433 32.43 -52.87 -7.03
C LYS D 433 33.90 -52.91 -6.63
N GLU D 434 34.16 -53.50 -5.47
CA GLU D 434 35.52 -53.64 -4.96
C GLU D 434 36.12 -54.93 -5.49
N ILE D 435 37.41 -54.89 -5.77
CA ILE D 435 38.14 -56.01 -6.37
C ILE D 435 39.12 -56.55 -5.35
N SER D 436 39.04 -57.85 -5.08
CA SER D 436 39.95 -58.50 -4.15
C SER D 436 41.30 -58.77 -4.81
N ALA D 437 42.30 -59.06 -3.99
CA ALA D 437 43.65 -59.26 -4.51
C ALA D 437 43.71 -60.46 -5.45
N VAL D 438 43.10 -61.57 -5.07
CA VAL D 438 43.12 -62.76 -5.91
C VAL D 438 42.40 -62.48 -7.22
N GLN D 439 41.31 -61.73 -7.17
CA GLN D 439 40.60 -61.37 -8.40
C GLN D 439 41.47 -60.49 -9.29
N GLN D 440 42.20 -59.55 -8.70
CA GLN D 440 43.08 -58.71 -9.49
C GLN D 440 44.17 -59.53 -10.17
N GLN D 441 44.75 -60.48 -9.42
CA GLN D 441 45.74 -61.37 -10.03
C GLN D 441 45.13 -62.18 -11.16
N TYR D 442 43.90 -62.67 -10.96
CA TYR D 442 43.23 -63.44 -12.00
C TYR D 442 43.04 -62.61 -13.26
N ILE D 443 42.60 -61.37 -13.11
CA ILE D 443 42.39 -60.50 -14.27
C ILE D 443 43.70 -60.26 -14.98
N THR D 444 44.75 -59.93 -14.22
CA THR D 444 46.04 -59.67 -14.86
C THR D 444 46.60 -60.92 -15.52
N GLN D 445 46.22 -62.10 -15.03
CA GLN D 445 46.67 -63.33 -15.67
C GLN D 445 45.92 -63.58 -16.98
N VAL D 446 44.61 -63.30 -16.99
CA VAL D 446 43.82 -63.58 -18.18
C VAL D 446 44.24 -62.69 -19.34
N THR D 447 44.35 -61.38 -19.10
CA THR D 447 44.81 -60.44 -20.10
C THR D 447 46.19 -59.93 -19.73
N GLY D 448 47.09 -59.89 -20.69
CA GLY D 448 48.48 -59.58 -20.41
C GLY D 448 48.70 -58.19 -19.85
N ASP D 449 47.71 -57.31 -19.96
CA ASP D 449 47.88 -55.93 -19.54
C ASP D 449 47.55 -55.77 -18.06
N ARG D 450 48.45 -55.13 -17.34
CA ARG D 450 48.18 -54.72 -15.97
C ARG D 450 47.39 -53.41 -15.97
N ARG D 451 46.77 -53.10 -14.84
CA ARG D 451 45.94 -51.92 -14.63
C ARG D 451 44.64 -51.96 -15.39
N ALA D 452 44.25 -53.11 -15.93
CA ALA D 452 42.91 -53.27 -16.46
C ALA D 452 41.87 -53.44 -15.36
N TRP D 453 42.27 -53.96 -14.20
CA TRP D 453 41.34 -54.11 -13.10
C TRP D 453 40.78 -52.77 -12.67
N ARG D 454 41.58 -51.70 -12.77
CA ARG D 454 41.05 -50.37 -12.50
C ARG D 454 39.96 -50.01 -13.49
N GLN D 455 40.15 -50.37 -14.76
CA GLN D 455 39.14 -50.09 -15.76
C GLN D 455 37.84 -50.82 -15.46
N VAL D 456 37.93 -52.10 -15.10
CA VAL D 456 36.71 -52.84 -14.84
C VAL D 456 36.09 -52.43 -13.52
N GLN D 457 36.87 -51.84 -12.61
CA GLN D 457 36.29 -51.30 -11.39
C GLN D 457 35.55 -50.00 -11.66
N THR D 458 36.08 -49.17 -12.54
CA THR D 458 35.46 -47.86 -12.78
C THR D 458 34.29 -47.95 -13.73
N LEU D 459 34.51 -48.51 -14.93
CA LEU D 459 33.44 -48.58 -15.93
C LEU D 459 32.73 -49.91 -15.97
N GLY D 460 33.39 -51.00 -15.62
CA GLY D 460 32.74 -52.29 -15.59
C GLY D 460 33.03 -53.19 -16.77
N TYR D 461 33.81 -52.76 -17.75
CA TYR D 461 34.18 -53.64 -18.84
C TYR D 461 35.52 -53.22 -19.42
N TRP D 462 36.14 -54.14 -20.14
CA TRP D 462 37.42 -53.91 -20.77
C TRP D 462 37.52 -54.79 -22.01
N ILE D 463 37.82 -54.19 -23.14
CA ILE D 463 37.78 -54.89 -24.42
C ILE D 463 39.09 -54.67 -25.16
N ASN D 464 39.43 -55.61 -26.03
CA ASN D 464 40.67 -55.53 -26.80
C ASN D 464 40.53 -56.39 -28.04
N ILE D 465 41.09 -55.91 -29.16
CA ILE D 465 40.98 -56.58 -30.44
C ILE D 465 42.37 -56.89 -30.97
N THR D 466 42.54 -58.07 -31.56
CA THR D 466 43.80 -58.48 -32.15
C THR D 466 43.50 -59.43 -33.29
N PHE D 467 44.23 -59.29 -34.39
CA PHE D 467 44.04 -60.11 -35.57
C PHE D 467 45.31 -60.92 -35.84
N SER D 468 45.12 -62.17 -36.25
CA SER D 468 46.23 -63.08 -36.50
C SER D 468 45.89 -63.94 -37.71
N SER D 469 46.69 -64.98 -37.93
CA SER D 469 46.50 -65.87 -39.07
C SER D 469 46.54 -67.32 -38.60
N TYR D 470 45.85 -68.17 -39.34
CA TYR D 470 45.73 -69.58 -38.99
C TYR D 470 45.38 -70.36 -40.25
N THR D 471 45.34 -71.68 -40.10
CA THR D 471 44.93 -72.57 -41.18
C THR D 471 43.74 -73.42 -40.74
N ASN D 472 42.78 -73.60 -41.63
CA ASN D 472 41.57 -74.35 -41.30
C ASN D 472 41.76 -75.83 -41.61
N SER D 473 40.92 -76.65 -40.99
CA SER D 473 41.05 -78.10 -41.13
C SER D 473 40.53 -78.60 -42.46
N ASN D 474 39.45 -78.01 -42.97
CA ASN D 474 38.82 -78.52 -44.18
C ASN D 474 39.73 -78.37 -45.39
N THR D 475 40.44 -77.27 -45.50
CA THR D 475 41.31 -77.00 -46.63
C THR D 475 42.68 -76.58 -46.13
N GLY D 476 43.72 -76.97 -46.87
CA GLY D 476 45.07 -76.65 -46.46
C GLY D 476 45.41 -75.18 -46.45
N LEU D 477 44.57 -74.34 -47.06
CA LEU D 477 44.87 -72.93 -47.15
C LEU D 477 44.84 -72.27 -45.78
N THR D 478 45.26 -71.01 -45.74
CA THR D 478 45.31 -70.23 -44.52
C THR D 478 44.47 -68.96 -44.66
N GLU D 479 43.87 -68.54 -43.56
CA GLU D 479 43.09 -67.31 -43.51
C GLU D 479 43.50 -66.49 -42.32
N TRP D 480 42.90 -65.30 -42.22
CA TRP D 480 43.15 -64.36 -41.15
C TRP D 480 41.92 -64.30 -40.26
N LYS D 481 42.14 -64.35 -38.94
CA LYS D 481 41.05 -64.30 -37.97
C LYS D 481 41.35 -63.20 -36.96
N ALA D 482 40.28 -62.71 -36.33
CA ALA D 482 40.36 -61.64 -35.35
C ALA D 482 39.98 -62.17 -33.98
N ASN D 483 40.86 -61.97 -33.01
CA ASN D 483 40.59 -62.39 -31.65
C ASN D 483 39.82 -61.33 -30.88
N TYR D 484 39.42 -61.67 -29.67
CA TYR D 484 38.52 -60.85 -28.87
C TYR D 484 38.72 -61.22 -27.42
N THR D 485 38.59 -60.23 -26.54
CA THR D 485 38.60 -60.50 -25.11
C THR D 485 37.69 -59.49 -24.42
N LEU D 486 36.75 -59.98 -23.64
CA LEU D 486 35.82 -59.13 -22.93
C LEU D 486 35.76 -59.57 -21.47
N ILE D 487 35.93 -58.62 -20.57
CA ILE D 487 35.88 -58.87 -19.13
C ILE D 487 34.96 -57.84 -18.51
N TYR D 488 33.99 -58.28 -17.74
CA TYR D 488 33.01 -57.37 -17.15
C TYR D 488 32.62 -57.85 -15.76
N SER D 489 32.11 -56.91 -14.97
CA SER D 489 31.69 -57.20 -13.60
C SER D 489 30.24 -57.66 -13.62
N LYS D 490 30.00 -58.89 -13.13
CA LYS D 490 28.68 -59.48 -13.16
C LYS D 490 27.71 -58.67 -12.30
N GLY D 491 26.44 -58.67 -12.74
CA GLY D 491 25.40 -57.99 -11.99
C GLY D 491 25.01 -58.76 -10.74
N ASP D 492 24.45 -58.03 -9.77
CA ASP D 492 24.13 -58.62 -8.48
C ASP D 492 22.66 -58.39 -8.15
N ALA D 493 22.13 -59.26 -7.31
CA ALA D 493 20.77 -59.15 -6.82
C ALA D 493 20.76 -59.35 -5.31
N ILE D 494 19.87 -58.64 -4.64
CA ILE D 494 19.80 -58.68 -3.19
C ILE D 494 19.07 -59.95 -2.75
N ARG D 495 19.68 -60.70 -1.85
CA ARG D 495 19.06 -61.87 -1.28
C ARG D 495 18.97 -61.82 0.23
N PHE D 496 20.00 -61.28 0.89
CA PHE D 496 20.07 -61.22 2.34
C PHE D 496 20.38 -59.80 2.78
N VAL D 497 19.65 -59.32 3.78
CA VAL D 497 19.82 -57.97 4.29
C VAL D 497 20.30 -58.05 5.73
N GLU D 498 21.36 -57.32 6.04
CA GLU D 498 21.93 -57.28 7.38
C GLU D 498 21.98 -55.84 7.84
N GLY D 499 21.59 -55.61 9.09
CA GLY D 499 21.53 -54.26 9.61
C GLY D 499 22.09 -54.18 11.01
N SER D 500 22.23 -52.95 11.48
CA SER D 500 22.65 -52.66 12.84
C SER D 500 21.95 -51.40 13.31
N ASP D 501 21.87 -51.23 14.63
CA ASP D 501 21.17 -50.09 15.19
C ASP D 501 21.68 -49.85 16.60
N VAL D 502 22.47 -48.80 16.76
CA VAL D 502 23.02 -48.41 18.05
C VAL D 502 22.32 -47.13 18.49
N MET D 503 21.94 -47.08 19.76
CA MET D 503 21.13 -45.97 20.24
C MET D 503 21.85 -44.64 20.11
N ILE D 504 23.13 -44.61 20.45
CA ILE D 504 23.90 -43.38 20.32
C ILE D 504 25.40 -43.67 20.40
N MET E 1 41.14 -25.67 55.85
CA MET E 1 40.86 -26.80 54.96
C MET E 1 41.21 -26.47 53.53
N ILE E 2 42.48 -26.11 53.29
CA ILE E 2 43.00 -25.72 51.98
C ILE E 2 42.34 -24.42 51.53
N SER E 3 43.13 -23.53 50.95
CA SER E 3 42.67 -22.20 50.60
C SER E 3 42.39 -22.09 49.10
N GLN E 4 41.24 -21.52 48.76
CA GLN E 4 40.96 -21.23 47.35
C GLN E 4 41.98 -20.26 46.79
N SER E 5 42.70 -19.54 47.66
CA SER E 5 43.73 -18.62 47.19
C SER E 5 44.85 -19.37 46.48
N ARG E 6 45.21 -20.56 46.98
CA ARG E 6 46.26 -21.33 46.32
C ARG E 6 45.81 -21.90 44.97
N TYR E 7 44.52 -21.81 44.65
CA TYR E 7 44.02 -22.19 43.33
C TYR E 7 43.67 -20.99 42.48
N ILE E 8 43.05 -19.98 43.07
CA ILE E 8 42.59 -18.79 42.36
C ILE E 8 43.09 -17.57 43.11
N ARG E 9 43.67 -16.62 42.39
CA ARG E 9 44.23 -15.42 43.01
C ARG E 9 43.86 -14.21 42.17
N ILE E 10 43.06 -13.31 42.75
CA ILE E 10 42.69 -12.05 42.12
C ILE E 10 43.26 -10.92 42.99
N ILE E 11 43.99 -10.01 42.36
CA ILE E 11 44.64 -8.96 43.12
C ILE E 11 43.76 -7.71 43.21
N SER E 12 42.90 -7.48 42.23
CA SER E 12 41.99 -6.32 42.18
C SER E 12 42.85 -5.06 42.27
N GLY E 13 42.47 -4.07 43.06
CA GLY E 13 43.19 -2.82 43.12
C GLY E 13 42.38 -1.69 42.52
N VAL E 14 42.57 -0.49 43.09
CA VAL E 14 41.81 0.67 42.63
C VAL E 14 42.21 1.02 41.20
N GLY E 15 41.35 1.76 40.53
CA GLY E 15 41.57 2.12 39.15
C GLY E 15 42.73 3.08 38.98
N ALA E 16 42.91 3.51 37.73
CA ALA E 16 43.98 4.44 37.36
C ALA E 16 45.36 3.90 37.73
N ALA E 17 45.55 2.60 37.53
CA ALA E 17 46.84 1.95 37.77
C ALA E 17 47.56 1.80 36.43
N ALA E 18 48.75 2.37 36.32
CA ALA E 18 49.51 2.37 35.08
C ALA E 18 50.96 1.98 35.36
N PRO E 19 51.33 0.71 35.17
CA PRO E 19 52.74 0.34 35.30
C PRO E 19 53.59 1.05 34.27
N VAL E 20 54.79 1.44 34.68
CA VAL E 20 55.69 2.22 33.84
C VAL E 20 57.11 1.68 33.98
N ALA E 21 57.81 1.59 32.85
CA ALA E 21 59.22 1.22 32.83
C ALA E 21 59.98 2.29 32.07
N GLY E 22 60.97 2.89 32.71
CA GLY E 22 61.73 3.96 32.14
C GLY E 22 62.13 4.95 33.21
N ARG E 23 62.70 6.07 32.78
CA ARG E 23 63.17 7.06 33.73
C ARG E 23 62.00 7.79 34.36
N LYS E 24 62.07 7.95 35.68
CA LYS E 24 61.01 8.61 36.43
C LYS E 24 61.34 10.09 36.57
N LEU E 25 60.40 10.95 36.22
CA LEU E 25 60.60 12.39 36.24
C LEU E 25 60.06 12.95 37.57
N ILE E 26 60.58 12.42 38.66
CA ILE E 26 59.98 12.63 39.97
C ILE E 26 60.80 13.64 40.76
N LEU E 27 60.16 14.21 41.77
CA LEU E 27 60.78 15.22 42.61
C LEU E 27 61.80 14.60 43.56
N ARG E 28 62.87 15.33 43.84
CA ARG E 28 63.87 14.94 44.83
C ARG E 28 64.11 16.10 45.78
N VAL E 29 64.13 15.82 47.08
CA VAL E 29 64.23 16.83 48.12
C VAL E 29 65.49 16.59 48.92
N MET E 30 66.30 17.64 49.08
CA MET E 30 67.51 17.57 49.89
C MET E 30 67.21 18.21 51.24
N THR E 31 67.35 17.44 52.31
CA THR E 31 66.95 17.89 53.64
C THR E 31 68.12 17.77 54.61
N THR E 32 68.01 18.50 55.72
CA THR E 32 69.01 18.48 56.78
C THR E 32 68.55 17.70 58.00
N ASN E 33 67.49 16.90 57.86
CA ASN E 33 67.02 16.08 58.96
C ASN E 33 68.08 15.06 59.36
N ASN E 34 68.14 14.76 60.66
CA ASN E 34 69.15 13.84 61.16
C ASN E 34 68.75 12.38 60.97
N VAL E 35 67.49 12.09 60.68
CA VAL E 35 67.04 10.71 60.60
C VAL E 35 67.63 10.02 59.38
N ILE E 36 67.81 10.73 58.28
CA ILE E 36 68.20 10.12 57.02
C ILE E 36 69.72 9.95 56.99
N PRO E 37 70.22 8.76 56.69
CA PRO E 37 71.67 8.60 56.56
C PRO E 37 72.19 9.36 55.36
N PRO E 38 73.46 9.75 55.37
CA PRO E 38 73.99 10.57 54.28
C PRO E 38 74.03 9.89 52.92
N GLY E 39 74.50 8.65 52.87
CA GLY E 39 74.78 8.01 51.61
C GLY E 39 73.65 7.24 50.96
N ILE E 40 72.44 7.32 51.50
CA ILE E 40 71.32 6.51 51.03
C ILE E 40 70.17 7.41 50.65
N VAL E 41 69.56 7.14 49.50
CA VAL E 41 68.35 7.84 49.07
C VAL E 41 67.16 6.91 49.26
N ILE E 42 66.00 7.50 49.48
CA ILE E 42 64.78 6.75 49.79
C ILE E 42 63.64 7.29 48.93
N GLU E 43 62.64 6.44 48.71
CA GLU E 43 61.49 6.78 47.91
C GLU E 43 60.22 6.36 48.63
N PHE E 44 59.11 6.99 48.25
CA PHE E 44 57.81 6.67 48.82
C PHE E 44 56.74 6.78 47.74
N ASP E 45 55.72 5.93 47.83
CA ASP E 45 54.64 5.91 46.86
C ASP E 45 53.35 6.53 47.39
N ASN E 46 53.36 7.07 48.61
CA ASN E 46 52.14 7.58 49.21
C ASN E 46 52.51 8.56 50.31
N ALA E 47 51.58 9.46 50.62
CA ALA E 47 51.78 10.37 51.73
C ALA E 47 51.71 9.66 53.07
N ASN E 48 50.95 8.56 53.14
CA ASN E 48 50.86 7.81 54.39
C ASN E 48 52.21 7.20 54.77
N ALA E 49 52.95 6.71 53.77
CA ALA E 49 54.29 6.19 54.04
C ALA E 49 55.20 7.28 54.59
N VAL E 50 55.10 8.49 54.02
CA VAL E 50 55.89 9.60 54.51
C VAL E 50 55.51 9.93 55.95
N LEU E 51 54.22 9.90 56.25
CA LEU E 51 53.78 10.15 57.62
C LEU E 51 54.33 9.10 58.58
N SER E 52 54.29 7.83 58.16
CA SER E 52 54.80 6.76 59.00
C SER E 52 56.29 6.93 59.26
N TYR E 53 57.04 7.32 58.23
CA TYR E 53 58.49 7.43 58.39
C TYR E 53 58.90 8.67 59.16
N PHE E 54 58.19 9.79 59.00
CA PHE E 54 58.62 11.06 59.56
C PHE E 54 57.71 11.60 60.66
N GLY E 55 56.43 11.74 60.39
CA GLY E 55 55.52 12.25 61.40
C GLY E 55 54.91 13.59 60.98
N ALA E 56 53.78 13.91 61.62
CA ALA E 56 52.99 15.07 61.21
C ALA E 56 53.71 16.38 61.53
N GLN E 57 54.43 16.44 62.64
CA GLN E 57 55.05 17.70 63.05
C GLN E 57 56.10 18.15 62.03
N SER E 58 56.86 17.20 61.48
CA SER E 58 57.90 17.54 60.53
C SER E 58 57.30 18.11 59.25
N GLU E 59 57.93 19.17 58.74
CA GLU E 59 57.42 19.87 57.57
C GLU E 59 57.50 19.03 56.30
N GLU E 60 58.34 17.99 56.28
CA GLU E 60 58.40 17.13 55.11
C GLU E 60 57.06 16.47 54.82
N TYR E 61 56.27 16.17 55.86
CA TYR E 61 54.92 15.71 55.63
C TYR E 61 54.08 16.78 54.93
N GLN E 62 54.26 18.04 55.32
CA GLN E 62 53.54 19.11 54.64
C GLN E 62 53.91 19.15 53.17
N ARG E 63 55.20 19.05 52.88
CA ARG E 63 55.65 19.08 51.49
C ARG E 63 55.06 17.91 50.70
N ALA E 64 55.08 16.71 51.29
CA ALA E 64 54.54 15.55 50.58
C ALA E 64 53.04 15.68 50.37
N ALA E 65 52.32 16.18 51.37
CA ALA E 65 50.89 16.35 51.24
C ALA E 65 50.54 17.33 50.12
N ALA E 66 51.25 18.46 50.07
CA ALA E 66 51.02 19.40 48.99
C ALA E 66 51.37 18.79 47.64
N TYR E 67 52.48 18.06 47.59
CA TYR E 67 52.95 17.48 46.33
C TYR E 67 51.97 16.46 45.77
N PHE E 68 51.43 15.59 46.62
CA PHE E 68 50.71 14.43 46.12
C PHE E 68 49.31 14.78 45.63
N LYS E 69 48.66 15.75 46.26
CA LYS E 69 47.25 16.06 45.96
C LYS E 69 47.16 17.07 44.81
N PHE E 70 47.66 16.63 43.65
CA PHE E 70 47.61 17.42 42.44
C PHE E 70 47.04 16.60 41.30
N ILE E 71 46.19 17.23 40.48
CA ILE E 71 45.57 16.58 39.34
C ILE E 71 45.79 17.45 38.12
N SER E 72 46.27 16.86 37.02
CA SER E 72 46.46 17.59 35.79
C SER E 72 45.17 17.60 34.97
N LYS E 73 45.24 18.19 33.78
CA LYS E 73 44.07 18.21 32.91
C LYS E 73 43.65 16.80 32.54
N SER E 74 44.57 16.01 32.02
CA SER E 74 44.37 14.57 31.99
C SER E 74 44.65 14.03 33.38
N VAL E 75 43.72 13.23 33.90
CA VAL E 75 43.76 12.87 35.32
C VAL E 75 45.02 12.05 35.59
N ASN E 76 45.94 12.64 36.33
CA ASN E 76 47.21 12.01 36.65
C ASN E 76 47.72 12.58 37.97
N SER E 77 48.65 11.86 38.58
CA SER E 77 49.22 12.24 39.85
C SER E 77 50.70 11.87 39.85
N PRO E 78 51.51 12.56 40.65
CA PRO E 78 52.96 12.28 40.64
C PRO E 78 53.31 10.83 40.94
N SER E 79 52.63 10.21 41.88
CA SER E 79 52.75 8.78 42.20
C SER E 79 54.14 8.38 42.68
N SER E 80 55.02 9.34 42.99
CA SER E 80 56.33 8.99 43.53
C SER E 80 57.00 10.24 44.07
N ILE E 81 58.03 10.04 44.89
CA ILE E 81 58.81 11.13 45.45
C ILE E 81 60.12 10.55 45.95
N SER E 82 61.16 11.38 45.98
CA SER E 82 62.49 10.96 46.40
C SER E 82 63.03 11.89 47.47
N PHE E 83 63.81 11.32 48.39
CA PHE E 83 64.39 12.05 49.50
C PHE E 83 65.87 11.73 49.62
N ALA E 84 66.64 12.73 50.01
CA ALA E 84 68.06 12.54 50.25
C ALA E 84 68.54 13.58 51.26
N ARG E 85 69.68 13.31 51.87
CA ARG E 85 70.16 14.11 52.98
C ARG E 85 71.38 14.94 52.57
N TRP E 86 71.43 16.16 53.08
CA TRP E 86 72.59 17.03 52.95
C TRP E 86 73.13 17.33 54.33
N VAL E 87 74.44 17.20 54.51
CA VAL E 87 75.08 17.44 55.79
C VAL E 87 75.80 18.78 55.72
N ASN E 88 75.41 19.71 56.59
CA ASN E 88 76.00 21.03 56.64
C ASN E 88 76.92 21.25 57.83
N THR E 89 77.08 20.26 58.69
CA THR E 89 77.96 20.36 59.84
C THR E 89 78.69 19.04 60.03
N ALA E 90 79.90 19.11 60.56
CA ALA E 90 80.69 17.91 60.83
C ALA E 90 79.92 16.98 61.76
N ILE E 91 79.98 15.69 61.47
CA ILE E 91 79.17 14.71 62.18
C ILE E 91 80.06 13.57 62.65
N ALA E 92 79.64 12.92 63.73
CA ALA E 92 80.32 11.74 64.25
C ALA E 92 79.88 10.50 63.48
N PRO E 93 80.73 9.48 63.41
CA PRO E 93 80.34 8.23 62.75
C PRO E 93 79.19 7.56 63.47
N MET E 94 78.39 6.83 62.69
CA MET E 94 77.20 6.19 63.25
C MET E 94 76.85 4.96 62.43
N VAL E 95 76.02 4.09 63.02
CA VAL E 95 75.57 2.86 62.38
C VAL E 95 74.07 2.70 62.60
N VAL E 96 73.41 2.09 61.63
CA VAL E 96 71.98 1.83 61.70
C VAL E 96 71.65 0.70 60.73
N GLY E 97 70.85 -0.26 61.18
CA GLY E 97 70.58 -1.41 60.34
C GLY E 97 69.22 -2.07 60.42
N ASP E 98 68.23 -1.44 61.03
CA ASP E 98 66.94 -2.07 61.22
C ASP E 98 65.84 -1.32 60.48
N ASN E 99 64.95 -2.09 59.87
CA ASN E 99 63.73 -1.53 59.29
C ASN E 99 62.50 -2.37 59.63
N LEU E 100 62.63 -3.67 59.86
CA LEU E 100 61.50 -4.54 60.11
C LEU E 100 61.11 -4.54 61.59
N PRO E 101 59.82 -4.75 61.89
CA PRO E 101 59.35 -4.62 63.29
C PRO E 101 59.83 -5.77 64.18
N LYS E 102 61.14 -5.84 64.37
CA LYS E 102 61.72 -6.88 65.21
C LYS E 102 61.50 -6.60 66.70
N THR E 103 61.37 -5.33 67.08
CA THR E 103 61.39 -4.95 68.49
C THR E 103 60.00 -5.16 69.09
N ILE E 104 59.84 -6.26 69.83
CA ILE E 104 58.64 -6.51 70.62
C ILE E 104 59.08 -6.83 72.04
N ALA E 105 60.23 -6.28 72.43
CA ALA E 105 60.83 -6.49 73.75
C ALA E 105 61.15 -7.97 73.98
N ASP E 106 62.05 -8.48 73.15
CA ASP E 106 62.55 -9.84 73.29
C ASP E 106 63.87 -9.92 74.06
N PHE E 107 64.36 -8.80 74.60
CA PHE E 107 65.61 -8.82 75.35
C PHE E 107 65.48 -9.59 76.66
N ALA E 108 64.27 -9.87 77.11
CA ALA E 108 64.08 -10.62 78.34
C ALA E 108 64.66 -12.01 78.21
N GLY E 109 65.34 -12.47 79.27
CA GLY E 109 66.01 -13.74 79.25
C GLY E 109 67.36 -13.76 78.58
N PHE E 110 67.87 -12.59 78.15
CA PHE E 110 69.15 -12.49 77.48
C PHE E 110 70.20 -11.79 78.34
N SER E 111 69.96 -11.72 79.65
CA SER E 111 70.84 -10.95 80.53
C SER E 111 72.24 -11.55 80.58
N ALA E 112 72.34 -12.88 80.61
CA ALA E 112 73.64 -13.52 80.74
C ALA E 112 74.46 -13.32 79.47
N GLY E 113 75.75 -13.01 79.65
CA GLY E 113 76.74 -13.06 78.59
C GLY E 113 76.41 -12.33 77.30
N VAL E 114 76.38 -11.01 77.34
CA VAL E 114 76.24 -10.21 76.12
C VAL E 114 77.64 -9.93 75.58
N LEU E 115 77.91 -10.41 74.36
CA LEU E 115 79.24 -10.39 73.79
C LEU E 115 79.22 -9.74 72.41
N THR E 116 78.60 -8.57 72.32
CA THR E 116 78.66 -7.81 71.07
C THR E 116 80.08 -7.33 70.80
N ILE E 117 80.47 -7.34 69.54
CA ILE E 117 81.83 -7.01 69.13
C ILE E 117 81.80 -5.76 68.26
N MET E 118 82.66 -4.79 68.60
CA MET E 118 82.80 -3.56 67.84
C MET E 118 84.15 -3.56 67.15
N VAL E 119 84.16 -3.17 65.87
CA VAL E 119 85.37 -3.16 65.06
C VAL E 119 85.66 -1.72 64.64
N GLY E 120 86.87 -1.25 64.96
CA GLY E 120 87.24 0.11 64.68
C GLY E 120 88.75 0.28 64.57
N ALA E 121 89.27 1.35 65.16
CA ALA E 121 90.71 1.55 65.21
C ALA E 121 91.39 0.42 65.98
N ALA E 122 90.80 0.01 67.10
CA ALA E 122 91.30 -1.10 67.89
C ALA E 122 90.14 -2.03 68.22
N GLU E 123 90.34 -3.33 67.98
CA GLU E 123 89.31 -4.31 68.30
C GLU E 123 89.04 -4.35 69.80
N GLN E 124 87.76 -4.28 70.16
CA GLN E 124 87.36 -4.25 71.56
C GLN E 124 86.03 -4.97 71.72
N ASN E 125 85.83 -5.55 72.90
CA ASN E 125 84.66 -6.37 73.19
C ASN E 125 83.83 -5.71 74.29
N ILE E 126 82.56 -6.11 74.38
CA ILE E 126 81.60 -5.53 75.31
C ILE E 126 81.29 -6.54 76.39
N THR E 127 81.26 -6.08 77.65
CA THR E 127 80.98 -6.93 78.79
C THR E 127 79.52 -7.40 78.76
N ALA E 128 79.24 -8.44 79.54
CA ALA E 128 77.88 -8.97 79.64
C ALA E 128 76.92 -7.88 80.14
N ILE E 129 75.73 -7.85 79.55
CA ILE E 129 74.75 -6.80 79.78
C ILE E 129 73.45 -7.44 80.24
N ASP E 130 72.90 -6.95 81.35
CA ASP E 130 71.64 -7.46 81.87
C ASP E 130 70.48 -6.93 81.03
N THR E 131 69.68 -7.84 80.48
CA THR E 131 68.49 -7.48 79.71
C THR E 131 67.28 -8.30 80.10
N SER E 132 67.39 -9.17 81.11
CA SER E 132 66.26 -9.99 81.51
C SER E 132 65.11 -9.15 82.06
N ALA E 133 65.42 -7.98 82.64
CA ALA E 133 64.37 -7.10 83.13
C ALA E 133 63.48 -6.62 82.00
N ALA E 134 64.08 -6.06 80.95
CA ALA E 134 63.36 -5.65 79.74
C ALA E 134 62.18 -4.74 80.07
N THR E 135 62.42 -3.75 80.95
CA THR E 135 61.35 -2.86 81.37
C THR E 135 60.87 -2.00 80.21
N SER E 136 61.79 -1.36 79.49
CA SER E 136 61.43 -0.55 78.34
C SER E 136 62.65 -0.41 77.43
N MET E 137 62.38 -0.17 76.15
CA MET E 137 63.45 -0.11 75.17
C MET E 137 64.39 1.08 75.41
N ASP E 138 63.87 2.20 75.90
CA ASP E 138 64.75 3.30 76.25
C ASP E 138 65.65 2.94 77.44
N ASN E 139 65.12 2.17 78.39
CA ASN E 139 65.95 1.66 79.47
C ASN E 139 67.05 0.76 78.93
N VAL E 140 66.71 -0.10 77.96
CA VAL E 140 67.71 -0.96 77.35
C VAL E 140 68.79 -0.13 76.68
N ALA E 141 68.37 0.92 75.97
CA ALA E 141 69.34 1.80 75.32
C ALA E 141 70.26 2.45 76.35
N SER E 142 69.70 2.91 77.46
CA SER E 142 70.53 3.51 78.51
C SER E 142 71.51 2.49 79.08
N ILE E 143 71.07 1.25 79.25
CA ILE E 143 71.95 0.21 79.79
C ILE E 143 73.13 -0.03 78.86
N ILE E 144 72.85 -0.23 77.57
CA ILE E 144 73.92 -0.44 76.61
C ILE E 144 74.82 0.78 76.52
N GLN E 145 74.24 1.98 76.64
CA GLN E 145 75.04 3.19 76.62
C GLN E 145 76.01 3.22 77.79
N THR E 146 75.54 2.86 78.98
CA THR E 146 76.42 2.82 80.14
C THR E 146 77.52 1.79 79.97
N GLU E 147 77.18 0.61 79.44
CA GLU E 147 78.20 -0.42 79.23
C GLU E 147 79.25 0.06 78.24
N ILE E 148 78.84 0.79 77.20
CA ILE E 148 79.80 1.37 76.27
C ILE E 148 80.65 2.43 76.97
N ARG E 149 80.03 3.26 77.80
CA ARG E 149 80.78 4.27 78.53
C ARG E 149 81.82 3.63 79.45
N LYS E 150 81.59 2.40 79.88
CA LYS E 150 82.58 1.71 80.71
C LYS E 150 83.89 1.49 79.97
N ASN E 151 83.89 1.54 78.64
CA ASN E 151 85.11 1.43 77.88
C ASN E 151 85.89 2.75 77.93
N ALA E 152 87.17 2.68 77.57
CA ALA E 152 88.05 3.84 77.62
C ALA E 152 88.46 4.36 76.26
N ASP E 153 88.16 3.63 75.18
CA ASP E 153 88.55 4.07 73.85
C ASP E 153 87.79 5.36 73.51
N PRO E 154 88.48 6.45 73.16
CA PRO E 154 87.85 7.77 73.22
C PRO E 154 86.61 7.95 72.38
N GLN E 155 86.52 7.36 71.18
CA GLN E 155 85.31 7.52 70.39
C GLN E 155 84.11 6.83 71.03
N LEU E 156 84.34 5.77 71.80
CA LEU E 156 83.27 5.14 72.57
C LEU E 156 83.19 5.65 74.00
N ALA E 157 84.07 6.58 74.39
CA ALA E 157 84.04 7.10 75.74
C ALA E 157 82.76 7.90 76.01
N GLN E 158 82.34 8.71 75.04
CA GLN E 158 81.15 9.54 75.16
C GLN E 158 80.13 9.18 74.09
N ALA E 159 79.97 7.88 73.84
CA ALA E 159 79.02 7.43 72.84
C ALA E 159 77.59 7.56 73.34
N THR E 160 76.65 7.62 72.39
CA THR E 160 75.24 7.72 72.70
C THR E 160 74.47 6.64 71.94
N VAL E 161 73.17 6.56 72.23
CA VAL E 161 72.29 5.62 71.56
C VAL E 161 70.88 6.21 71.54
N THR E 162 70.10 5.84 70.52
CA THR E 162 68.77 6.39 70.34
C THR E 162 67.84 5.33 69.78
N TRP E 163 66.56 5.43 70.16
CA TRP E 163 65.49 4.61 69.61
C TRP E 163 64.38 5.50 69.05
N ASN E 164 64.00 5.24 67.80
CA ASN E 164 62.87 5.87 67.17
C ASN E 164 61.68 4.91 67.16
N GLN E 165 60.49 5.47 67.31
CA GLN E 165 59.28 4.67 67.43
C GLN E 165 58.51 4.52 66.12
N ASN E 166 58.44 5.57 65.30
CA ASN E 166 57.81 5.43 63.99
C ASN E 166 58.50 4.35 63.17
N THR E 167 59.76 4.59 62.86
CA THR E 167 60.62 3.58 62.26
C THR E 167 61.46 2.90 63.33
N ASN E 168 61.60 1.59 63.19
CA ASN E 168 62.19 0.75 64.24
C ASN E 168 63.65 0.50 63.89
N GLN E 169 64.55 1.25 64.53
CA GLN E 169 65.97 1.02 64.40
C GLN E 169 66.70 1.60 65.60
N PHE E 170 67.88 1.08 65.87
CA PHE E 170 68.75 1.55 66.93
C PHE E 170 69.95 2.26 66.30
N THR E 171 70.32 3.41 66.85
CA THR E 171 71.42 4.20 66.32
C THR E 171 72.53 4.32 67.36
N LEU E 172 73.77 4.11 66.91
CA LEU E 172 74.96 4.34 67.73
C LEU E 172 75.72 5.52 67.16
N VAL E 173 76.03 6.50 68.00
CA VAL E 173 76.72 7.71 67.58
C VAL E 173 77.99 7.86 68.40
N GLY E 174 79.11 8.10 67.71
CA GLY E 174 80.37 8.31 68.38
C GLY E 174 80.51 9.71 68.95
N ALA E 175 81.66 9.94 69.59
CA ALA E 175 81.92 11.22 70.25
C ALA E 175 82.66 12.19 69.32
N THR E 176 83.83 11.79 68.82
CA THR E 176 84.61 12.66 67.96
C THR E 176 83.86 12.95 66.66
N ILE E 177 84.07 14.17 66.15
CA ILE E 177 83.32 14.67 65.01
C ILE E 177 84.27 14.86 63.84
N GLY E 178 83.84 14.42 62.65
CA GLY E 178 84.57 14.70 61.43
C GLY E 178 85.65 13.70 61.07
N THR E 179 85.95 12.73 61.92
CA THR E 179 86.99 11.76 61.64
C THR E 179 86.69 10.47 62.38
N GLY E 180 87.03 9.35 61.76
CA GLY E 180 86.86 8.06 62.38
C GLY E 180 85.88 7.18 61.62
N VAL E 181 86.07 5.87 61.73
CA VAL E 181 85.20 4.88 61.10
C VAL E 181 84.92 3.78 62.11
N LEU E 182 83.66 3.38 62.21
CA LEU E 182 83.26 2.30 63.10
C LEU E 182 82.66 1.16 62.31
N ALA E 183 82.74 -0.04 62.87
CA ALA E 183 82.17 -1.22 62.27
C ALA E 183 81.78 -2.19 63.37
N VAL E 184 80.89 -3.12 63.03
CA VAL E 184 80.39 -4.10 63.98
C VAL E 184 80.39 -5.47 63.30
N ALA E 185 80.85 -6.49 64.02
CA ALA E 185 80.92 -7.85 63.51
C ALA E 185 80.30 -8.81 64.52
N LYS E 186 79.53 -9.77 64.02
CA LYS E 186 78.96 -10.80 64.86
C LYS E 186 80.04 -11.77 65.31
N SER E 187 79.72 -12.52 66.36
CA SER E 187 80.64 -13.49 66.94
C SER E 187 80.06 -14.89 66.82
N ALA E 188 80.85 -15.88 67.27
CA ALA E 188 80.39 -17.25 67.32
C ALA E 188 79.52 -17.54 68.54
N ASP E 189 79.49 -16.64 69.50
CA ASP E 189 78.68 -16.85 70.70
C ASP E 189 77.20 -16.71 70.34
N PRO E 190 76.39 -17.75 70.53
CA PRO E 190 74.96 -17.62 70.23
C PRO E 190 74.27 -16.56 71.08
N GLN E 191 74.74 -16.34 72.31
CA GLN E 191 74.13 -15.37 73.21
C GLN E 191 74.71 -14.00 72.89
N ASP E 192 74.19 -13.39 71.82
CA ASP E 192 74.66 -12.11 71.34
C ASP E 192 73.47 -11.22 71.01
N MET E 193 73.71 -9.91 71.04
CA MET E 193 72.68 -8.94 70.69
C MET E 193 72.77 -8.49 69.25
N SER E 194 73.98 -8.44 68.69
CA SER E 194 74.17 -7.90 67.35
C SER E 194 73.41 -8.70 66.31
N THR E 195 73.33 -10.02 66.48
CA THR E 195 72.51 -10.83 65.60
C THR E 195 71.04 -10.45 65.70
N ALA E 196 70.56 -10.28 66.93
CA ALA E 196 69.16 -9.89 67.13
C ALA E 196 68.95 -8.41 66.84
N LEU E 197 69.92 -7.57 67.20
CA LEU E 197 69.80 -6.14 66.93
C LEU E 197 70.07 -5.89 65.44
N GLY E 198 69.72 -4.67 65.01
CA GLY E 198 69.69 -4.39 63.59
C GLY E 198 71.06 -4.47 62.93
N TRP E 199 72.06 -3.84 63.55
CA TRP E 199 73.35 -3.73 62.90
C TRP E 199 74.09 -5.06 62.89
N SER E 200 75.09 -5.14 62.01
CA SER E 200 75.90 -6.33 61.74
C SER E 200 75.09 -7.47 61.16
N THR E 201 73.93 -7.19 60.56
CA THR E 201 73.06 -8.22 60.03
C THR E 201 72.51 -7.78 58.67
N SER E 202 73.02 -8.38 57.61
CA SER E 202 72.51 -8.19 56.25
C SER E 202 72.60 -6.71 55.90
N ASN E 203 71.54 -6.09 55.37
CA ASN E 203 71.58 -4.70 54.94
C ASN E 203 71.64 -3.79 56.16
N VAL E 204 72.82 -3.24 56.43
CA VAL E 204 73.04 -2.31 57.53
C VAL E 204 73.76 -1.10 56.99
N VAL E 205 73.25 0.09 57.31
CA VAL E 205 73.84 1.33 56.84
C VAL E 205 74.94 1.75 57.80
N ASN E 206 76.12 2.01 57.26
CA ASN E 206 77.26 2.48 58.03
C ASN E 206 77.67 3.86 57.55
N VAL E 207 78.10 4.70 58.47
CA VAL E 207 78.40 6.09 58.19
C VAL E 207 79.82 6.40 58.67
N ALA E 208 80.58 7.11 57.83
CA ALA E 208 81.92 7.54 58.19
C ALA E 208 81.91 9.02 58.55
N GLY E 209 82.57 9.35 59.66
CA GLY E 209 82.69 10.73 60.07
C GLY E 209 83.41 11.57 59.04
N GLN E 210 82.93 12.78 58.80
CA GLN E 210 83.47 13.62 57.75
C GLN E 210 82.99 15.05 57.93
N SER E 211 83.79 16.00 57.45
CA SER E 211 83.51 17.42 57.66
C SER E 211 82.31 17.86 56.83
N ALA E 212 81.88 19.10 57.06
CA ALA E 212 80.77 19.65 56.30
C ALA E 212 81.15 19.83 54.84
N ASP E 213 80.15 19.72 53.97
CA ASP E 213 80.36 19.77 52.53
C ASP E 213 79.48 20.85 51.90
N LEU E 214 79.97 21.40 50.79
CA LEU E 214 79.19 22.36 50.03
C LEU E 214 77.98 21.68 49.42
N PRO E 215 76.87 22.41 49.25
CA PRO E 215 75.66 21.78 48.71
C PRO E 215 75.85 21.15 47.34
N ASP E 216 76.64 21.77 46.46
CA ASP E 216 76.84 21.21 45.13
C ASP E 216 77.51 19.85 45.21
N ALA E 217 78.50 19.71 46.09
CA ALA E 217 79.13 18.40 46.28
C ALA E 217 78.12 17.38 46.78
N ALA E 218 77.23 17.79 47.68
CA ALA E 218 76.23 16.88 48.20
C ALA E 218 75.30 16.39 47.10
N VAL E 219 74.81 17.30 46.26
CA VAL E 219 73.92 16.87 45.20
C VAL E 219 74.65 16.02 44.18
N ALA E 220 75.93 16.33 43.91
CA ALA E 220 76.71 15.50 43.00
C ALA E 220 76.85 14.08 43.54
N LYS E 221 77.14 13.95 44.83
CA LYS E 221 77.25 12.62 45.42
C LYS E 221 75.92 11.90 45.36
N SER E 222 74.82 12.61 45.62
CA SER E 222 73.50 11.98 45.54
C SER E 222 73.23 11.46 44.13
N THR E 223 73.57 12.25 43.11
CA THR E 223 73.40 11.78 41.73
C THR E 223 74.27 10.56 41.48
N ASN E 224 75.51 10.58 41.96
CA ASN E 224 76.39 9.44 41.78
C ASN E 224 75.80 8.19 42.40
N VAL E 225 75.07 8.34 43.51
CA VAL E 225 74.35 7.19 44.07
C VAL E 225 73.24 6.75 43.14
N SER E 226 72.44 7.71 42.66
CA SER E 226 71.36 7.42 41.73
C SER E 226 70.91 8.72 41.09
N ASN E 227 70.55 8.66 39.82
CA ASN E 227 70.17 9.84 39.06
C ASN E 227 68.80 9.70 38.42
N ASN E 228 67.91 8.93 39.04
CA ASN E 228 66.58 8.69 38.48
C ASN E 228 65.60 9.65 39.16
N PHE E 229 65.61 10.89 38.68
CA PHE E 229 64.73 11.92 39.21
C PHE E 229 64.72 13.10 38.25
N GLY E 230 64.04 14.17 38.64
CA GLY E 230 64.09 15.43 37.93
C GLY E 230 63.57 16.55 38.79
N SER E 231 64.09 17.75 38.58
CA SER E 231 63.62 18.95 39.25
C SER E 231 63.77 18.84 40.77
N PHE E 232 65.03 18.81 41.21
CA PHE E 232 65.33 18.80 42.63
C PHE E 232 65.23 20.21 43.23
N LEU E 233 65.27 20.28 44.55
CA LEU E 233 65.24 21.56 45.27
C LEU E 233 65.89 21.39 46.63
N PHE E 234 66.00 22.48 47.36
CA PHE E 234 66.54 22.50 48.72
C PHE E 234 65.44 22.90 49.71
N ALA E 235 65.25 22.08 50.73
CA ALA E 235 64.21 22.34 51.72
C ALA E 235 64.77 23.14 52.89
N GLY E 236 63.86 23.64 53.73
CA GLY E 236 64.25 24.34 54.93
C GLY E 236 64.61 25.80 54.73
N ALA E 237 65.66 26.25 55.40
CA ALA E 237 66.04 27.65 55.35
C ALA E 237 66.51 28.03 53.95
N PRO E 238 66.28 29.26 53.54
CA PRO E 238 66.78 29.71 52.22
C PRO E 238 68.30 29.72 52.19
N LEU E 239 68.83 29.42 51.01
CA LEU E 239 70.27 29.41 50.82
C LEU E 239 70.78 30.82 50.54
N ASP E 240 72.10 30.97 50.65
CA ASP E 240 72.72 32.24 50.34
C ASP E 240 72.91 32.40 48.85
N ASN E 241 73.16 33.63 48.41
CA ASN E 241 73.28 33.90 46.98
C ASN E 241 74.45 33.15 46.37
N ASP E 242 75.58 33.12 47.06
CA ASP E 242 76.75 32.43 46.53
C ASP E 242 76.50 30.94 46.36
N GLN E 243 75.87 30.32 47.36
CA GLN E 243 75.59 28.89 47.28
C GLN E 243 74.64 28.58 46.13
N ILE E 244 73.60 29.40 45.96
CA ILE E 244 72.67 29.19 44.86
C ILE E 244 73.38 29.35 43.53
N LYS E 245 74.25 30.34 43.42
CA LYS E 245 74.99 30.53 42.18
C LYS E 245 75.87 29.33 41.87
N ALA E 246 76.55 28.80 42.88
CA ALA E 246 77.39 27.63 42.67
C ALA E 246 76.55 26.42 42.23
N VAL E 247 75.41 26.21 42.88
CA VAL E 247 74.56 25.08 42.52
C VAL E 247 74.06 25.23 41.09
N SER E 248 73.66 26.45 40.71
CA SER E 248 73.19 26.68 39.35
C SER E 248 74.29 26.42 38.34
N ALA E 249 75.51 26.85 38.65
CA ALA E 249 76.62 26.57 37.73
C ALA E 249 76.84 25.08 37.59
N TRP E 250 76.81 24.34 38.70
CA TRP E 250 76.99 22.91 38.62
C TRP E 250 75.89 22.25 37.79
N ASN E 251 74.65 22.70 37.96
CA ASN E 251 73.57 22.15 37.16
C ASN E 251 73.78 22.45 35.68
N ALA E 252 74.22 23.67 35.37
CA ALA E 252 74.51 24.00 33.98
C ALA E 252 75.64 23.16 33.43
N ALA E 253 76.53 22.68 34.30
CA ALA E 253 77.60 21.79 33.84
C ALA E 253 77.02 20.53 33.21
N GLN E 254 76.03 19.92 33.87
CA GLN E 254 75.24 18.89 33.20
C GLN E 254 74.48 19.52 32.06
N ASN E 255 74.50 18.88 30.89
CA ASN E 255 73.92 19.47 29.70
C ASN E 255 72.45 19.07 29.63
N ASN E 256 71.59 19.92 30.20
CA ASN E 256 70.14 19.75 30.13
C ASN E 256 69.74 18.39 30.68
N GLN E 257 69.87 18.25 31.99
CA GLN E 257 69.52 17.02 32.66
C GLN E 257 68.42 17.17 33.70
N PHE E 258 68.46 18.23 34.51
CA PHE E 258 67.50 18.42 35.58
C PHE E 258 67.02 19.86 35.57
N ILE E 259 66.12 20.17 36.50
CA ILE E 259 65.60 21.52 36.69
C ILE E 259 65.90 21.94 38.12
N TYR E 260 66.47 23.13 38.28
CA TYR E 260 66.76 23.68 39.59
C TYR E 260 65.72 24.72 39.92
N THR E 261 64.96 24.49 40.98
CA THR E 261 63.89 25.40 41.40
C THR E 261 64.25 26.00 42.75
N VAL E 262 64.08 27.31 42.87
CA VAL E 262 64.36 28.01 44.11
C VAL E 262 63.20 28.94 44.42
N ALA E 263 63.11 29.33 45.68
CA ALA E 263 62.13 30.30 46.14
C ALA E 263 62.86 31.54 46.62
N THR E 264 62.42 32.70 46.16
CA THR E 264 63.03 33.96 46.56
C THR E 264 61.97 35.02 46.77
N SER E 265 62.31 36.02 47.56
CA SER E 265 61.40 37.14 47.80
C SER E 265 61.41 38.09 46.62
N LEU E 266 60.37 38.93 46.56
CA LEU E 266 60.24 39.87 45.45
C LEU E 266 61.38 40.87 45.41
N ALA E 267 61.78 41.38 46.57
CA ALA E 267 62.83 42.38 46.62
C ALA E 267 64.20 41.79 46.30
N ASN E 268 64.33 40.47 46.27
CA ASN E 268 65.62 39.84 46.04
C ASN E 268 65.89 39.51 44.58
N LEU E 269 64.92 39.71 43.69
CA LEU E 269 65.09 39.30 42.30
C LEU E 269 66.19 40.09 41.61
N GLY E 270 66.33 41.37 41.95
CA GLY E 270 67.31 42.19 41.28
C GLY E 270 68.72 41.64 41.43
N THR E 271 69.05 41.11 42.62
CA THR E 271 70.38 40.56 42.84
C THR E 271 70.59 39.27 42.06
N LEU E 272 69.66 38.34 42.16
CA LEU E 272 69.88 37.00 41.61
C LEU E 272 70.00 37.02 40.09
N PHE E 273 69.17 37.81 39.41
CA PHE E 273 69.16 37.76 37.96
C PHE E 273 70.50 38.15 37.38
N THR E 274 71.14 39.18 37.95
CA THR E 274 72.47 39.55 37.49
C THR E 274 73.47 38.42 37.75
N LEU E 275 73.37 37.77 38.90
CA LEU E 275 74.31 36.70 39.23
C LEU E 275 74.08 35.47 38.37
N VAL E 276 72.82 35.08 38.17
CA VAL E 276 72.51 33.79 37.56
C VAL E 276 71.90 34.06 36.19
N ASN E 277 72.29 35.17 35.57
CA ASN E 277 71.95 35.38 34.18
C ASN E 277 72.56 34.26 33.33
N GLY E 278 71.79 33.77 32.36
CA GLY E 278 72.26 32.57 31.69
C GLY E 278 72.17 31.38 32.63
N ASN E 279 73.07 30.43 32.42
CA ASN E 279 73.12 29.21 33.22
C ASN E 279 71.76 28.51 33.22
N ALA E 280 71.38 28.04 32.04
CA ALA E 280 70.04 27.52 31.83
C ALA E 280 69.77 26.31 32.72
N GLY E 281 68.49 26.06 32.97
CA GLY E 281 68.07 24.98 33.84
C GLY E 281 67.62 25.39 35.22
N THR E 282 67.52 26.69 35.49
CA THR E 282 67.17 27.19 36.81
C THR E 282 65.88 27.97 36.73
N ALA E 283 64.97 27.74 37.67
CA ALA E 283 63.68 28.40 37.72
C ALA E 283 63.63 29.31 38.94
N LEU E 284 63.14 30.53 38.73
CA LEU E 284 62.99 31.52 39.80
C LEU E 284 61.52 31.71 40.11
N ASN E 285 61.18 31.65 41.39
CA ASN E 285 59.80 31.80 41.84
C ASN E 285 59.72 32.88 42.91
N VAL E 286 58.59 33.59 42.93
CA VAL E 286 58.39 34.69 43.86
C VAL E 286 57.67 34.18 45.10
N LEU E 287 58.21 34.52 46.27
CA LEU E 287 57.68 34.08 47.55
C LEU E 287 57.12 35.27 48.32
N SER E 288 55.99 35.05 49.00
CA SER E 288 55.32 36.12 49.73
C SER E 288 55.88 36.23 51.14
N ALA E 289 56.26 37.45 51.53
CA ALA E 289 56.83 37.65 52.86
C ALA E 289 55.77 37.58 53.95
N THR E 290 54.58 38.13 53.69
CA THR E 290 53.59 38.29 54.75
C THR E 290 53.06 36.95 55.23
N ALA E 291 52.62 36.10 54.30
CA ALA E 291 51.88 34.90 54.67
C ALA E 291 52.83 33.71 54.84
N ALA E 292 52.26 32.53 55.07
CA ALA E 292 53.05 31.32 55.10
C ALA E 292 53.58 31.01 53.70
N ASN E 293 54.63 30.18 53.66
CA ASN E 293 55.30 29.91 52.38
C ASN E 293 54.37 29.23 51.39
N ASP E 294 53.60 28.24 51.86
CA ASP E 294 52.67 27.48 51.02
C ASP E 294 53.40 26.69 49.94
N PHE E 295 54.73 26.75 49.95
CA PHE E 295 55.58 25.88 49.14
C PHE E 295 55.30 26.09 47.65
N VAL E 296 55.54 27.34 47.21
CA VAL E 296 55.22 27.71 45.84
C VAL E 296 56.15 27.01 44.85
N GLU E 297 57.42 26.82 45.22
CA GLU E 297 58.42 26.36 44.26
C GLU E 297 58.16 24.94 43.76
N GLN E 298 57.30 24.18 44.42
CA GLN E 298 57.02 22.83 43.95
C GLN E 298 56.18 22.79 42.69
N CYS E 299 55.58 23.90 42.28
CA CYS E 299 54.61 23.86 41.18
C CYS E 299 55.20 23.33 39.88
N PRO E 300 56.34 23.84 39.37
CA PRO E 300 56.89 23.24 38.14
C PRO E 300 57.21 21.78 38.28
N SER E 301 57.72 21.36 39.45
CA SER E 301 58.04 19.95 39.65
C SER E 301 56.79 19.09 39.60
N GLU E 302 55.70 19.54 40.23
CA GLU E 302 54.46 18.79 40.19
C GLU E 302 53.94 18.68 38.76
N ILE E 303 53.96 19.80 38.03
CA ILE E 303 53.47 19.78 36.66
C ILE E 303 54.29 18.81 35.82
N LEU E 304 55.61 18.85 35.97
CA LEU E 304 56.47 17.98 35.18
C LEU E 304 56.26 16.52 35.54
N ALA E 305 56.19 16.21 36.83
CA ALA E 305 56.06 14.82 37.25
C ALA E 305 54.69 14.25 36.95
N ALA E 306 53.67 15.09 36.78
CA ALA E 306 52.34 14.58 36.50
C ALA E 306 52.21 14.00 35.10
N THR E 307 52.94 14.54 34.13
CA THR E 307 52.74 14.15 32.73
C THR E 307 53.42 12.83 32.43
N ASN E 308 52.87 12.12 31.44
CA ASN E 308 53.44 10.88 30.95
C ASN E 308 53.68 10.99 29.45
N TYR E 309 54.70 10.30 28.97
CA TYR E 309 55.15 10.45 27.60
C TYR E 309 54.79 9.30 26.68
N ASP E 310 54.12 8.26 27.20
CA ASP E 310 53.71 7.18 26.31
C ASP E 310 52.45 7.51 25.53
N GLU E 311 51.54 8.27 26.11
CA GLU E 311 50.28 8.58 25.46
C GLU E 311 50.45 9.71 24.45
N PRO E 312 49.64 9.73 23.40
CA PRO E 312 49.71 10.83 22.43
C PRO E 312 49.23 12.13 23.02
N GLY E 313 49.69 13.22 22.42
CA GLY E 313 49.32 14.55 22.86
C GLY E 313 49.77 14.90 24.26
N ALA E 314 50.99 14.48 24.63
CA ALA E 314 51.46 14.65 26.01
C ALA E 314 51.93 16.06 26.30
N SER E 315 52.43 16.79 25.29
CA SER E 315 52.97 18.12 25.51
C SER E 315 51.92 19.03 26.13
N GLN E 316 52.32 19.77 27.16
CA GLN E 316 51.38 20.59 27.92
C GLN E 316 51.93 22.01 28.01
N ASN E 317 51.13 22.89 28.56
CA ASN E 317 51.52 24.27 28.76
C ASN E 317 51.60 24.52 30.27
N TYR E 318 52.46 25.46 30.66
CA TYR E 318 52.62 25.81 32.06
C TYR E 318 51.96 27.13 32.43
N MET E 319 51.34 27.80 31.46
CA MET E 319 50.91 29.18 31.67
C MET E 319 49.67 29.27 32.54
N TYR E 320 48.71 28.35 32.37
CA TYR E 320 47.42 28.45 33.06
C TYR E 320 47.08 27.16 33.80
N TYR E 321 47.65 26.99 35.00
CA TYR E 321 47.15 26.05 35.99
C TYR E 321 46.83 26.78 37.28
N GLN E 322 45.79 26.32 37.96
CA GLN E 322 45.31 26.94 39.18
C GLN E 322 45.68 26.07 40.37
N PHE E 323 46.27 26.68 41.40
CA PHE E 323 46.56 25.99 42.66
C PHE E 323 45.74 26.63 43.75
N PRO E 324 44.62 26.03 44.15
CA PRO E 324 43.78 26.65 45.18
C PRO E 324 44.49 26.83 46.51
N GLY E 325 45.38 25.92 46.88
CA GLY E 325 46.04 26.02 48.17
C GLY E 325 46.96 27.21 48.29
N ARG E 326 47.66 27.54 47.21
CA ARG E 326 48.69 28.58 47.28
C ARG E 326 48.07 29.95 47.47
N ASN E 327 48.94 30.92 47.75
CA ASN E 327 48.51 32.28 48.07
C ASN E 327 48.97 33.25 47.00
N ILE E 328 48.12 34.24 46.71
CA ILE E 328 48.38 35.21 45.67
C ILE E 328 49.51 36.14 46.10
N THR E 329 50.34 36.55 45.13
CA THR E 329 51.49 37.41 45.40
C THR E 329 51.34 38.80 44.77
N VAL E 330 51.14 38.87 43.45
CA VAL E 330 51.16 40.14 42.75
C VAL E 330 49.78 40.42 42.14
N SER E 331 49.45 41.71 42.04
CA SER E 331 48.16 42.11 41.48
C SER E 331 48.25 43.37 40.62
N ASP E 332 49.44 43.91 40.38
CA ASP E 332 49.60 45.15 39.65
C ASP E 332 50.23 44.88 38.29
N ASP E 333 49.87 45.69 37.31
CA ASP E 333 50.39 45.52 35.96
C ASP E 333 51.87 45.88 35.90
N THR E 334 52.25 47.03 36.47
CA THR E 334 53.65 47.46 36.41
C THR E 334 54.55 46.50 37.18
N VAL E 335 54.08 46.02 38.33
CA VAL E 335 54.85 45.03 39.09
C VAL E 335 55.06 43.79 38.24
N ALA E 336 54.02 43.34 37.54
CA ALA E 336 54.15 42.18 36.68
C ALA E 336 55.16 42.44 35.57
N ASN E 337 55.15 43.63 34.99
CA ASN E 337 56.11 43.94 33.93
C ASN E 337 57.53 43.92 34.45
N THR E 338 57.76 44.49 35.64
CA THR E 338 59.11 44.48 36.21
C THR E 338 59.57 43.07 36.48
N VAL E 339 58.70 42.24 37.07
CA VAL E 339 59.08 40.86 37.35
C VAL E 339 59.35 40.10 36.06
N ASP E 340 58.55 40.36 35.03
CA ASP E 340 58.75 39.68 33.74
C ASP E 340 60.10 40.05 33.15
N LYS E 341 60.44 41.34 33.18
CA LYS E 341 61.77 41.75 32.71
C LYS E 341 62.87 41.10 33.55
N SER E 342 62.59 40.85 34.83
CA SER E 342 63.51 40.10 35.66
C SER E 342 63.40 38.60 35.46
N ARG E 343 62.47 38.14 34.63
CA ARG E 343 62.35 36.73 34.26
C ARG E 343 62.10 35.86 35.49
N GLY E 344 60.95 36.06 36.12
CA GLY E 344 60.54 35.26 37.26
C GLY E 344 59.15 34.65 37.07
N ASN E 345 58.83 33.73 37.96
CA ASN E 345 57.54 33.05 37.95
C ASN E 345 56.77 33.40 39.22
N TYR E 346 55.45 33.41 39.12
CA TYR E 346 54.61 33.86 40.22
C TYR E 346 53.18 33.42 39.94
N ILE E 347 52.25 33.86 40.79
CA ILE E 347 50.83 33.59 40.65
C ILE E 347 50.11 34.93 40.68
N GLY E 348 49.49 35.30 39.56
CA GLY E 348 48.83 36.58 39.43
C GLY E 348 47.32 36.45 39.53
N VAL E 349 46.70 37.40 40.22
CA VAL E 349 45.28 37.37 40.46
C VAL E 349 44.58 38.26 39.44
N THR E 350 43.35 37.88 39.10
CA THR E 350 42.48 38.70 38.27
C THR E 350 41.05 38.51 38.74
N GLN E 351 40.20 39.50 38.41
CA GLN E 351 38.88 39.66 39.01
C GLN E 351 38.97 39.88 40.51
N ALA E 352 38.81 38.80 41.28
CA ALA E 352 38.60 38.83 42.73
C ALA E 352 37.32 39.57 43.10
N ASN E 353 36.36 39.65 42.19
CA ASN E 353 35.06 40.26 42.43
C ASN E 353 34.00 39.36 41.82
N GLY E 354 33.14 38.81 42.67
CA GLY E 354 32.16 37.84 42.22
C GLY E 354 32.76 36.46 42.11
N GLN E 355 33.78 36.34 41.27
CA GLN E 355 34.61 35.16 41.18
C GLN E 355 36.04 35.56 41.50
N GLN E 356 36.91 34.57 41.63
CA GLN E 356 38.33 34.84 41.83
C GLN E 356 39.12 33.70 41.21
N LEU E 357 40.12 34.04 40.41
CA LEU E 357 40.93 33.02 39.76
C LEU E 357 42.32 33.55 39.52
N ALA E 358 43.31 32.70 39.78
CA ALA E 358 44.71 33.04 39.59
C ALA E 358 45.43 31.81 39.06
N PHE E 359 46.54 32.03 38.37
CA PHE E 359 47.30 30.92 37.81
C PHE E 359 48.79 31.24 37.76
N TYR E 360 49.60 30.17 37.83
CA TYR E 360 51.04 30.24 37.72
C TYR E 360 51.41 30.60 36.29
N GLN E 361 51.78 31.86 36.04
CA GLN E 361 51.78 32.34 34.66
C GLN E 361 53.06 31.99 33.89
N ARG E 362 54.18 32.59 34.26
CA ARG E 362 55.34 32.54 33.39
C ARG E 362 55.90 31.12 33.32
N GLY E 363 55.87 30.55 32.12
CA GLY E 363 56.51 29.27 31.90
C GLY E 363 57.93 29.46 31.39
N ILE E 364 58.47 30.65 31.59
CA ILE E 364 59.82 30.95 31.13
C ILE E 364 60.84 30.51 32.17
N LEU E 365 62.09 30.42 31.72
CA LEU E 365 63.15 29.81 32.50
C LEU E 365 64.46 30.49 32.12
N CYS E 366 65.25 30.87 33.12
CA CYS E 366 66.45 31.66 32.87
C CYS E 366 67.49 30.85 32.10
N GLY E 367 68.19 31.51 31.19
CA GLY E 367 69.20 30.84 30.41
C GLY E 367 69.78 31.76 29.36
N GLY E 368 70.80 31.27 28.67
CA GLY E 368 71.47 32.04 27.64
C GLY E 368 70.68 32.09 26.36
N PRO E 369 71.16 32.92 25.43
CA PRO E 369 70.44 33.07 24.16
C PRO E 369 70.35 31.79 23.34
N THR E 370 71.37 30.94 23.42
CA THR E 370 71.39 29.75 22.56
C THR E 370 70.42 28.69 23.06
N ASP E 371 70.35 28.47 24.37
CA ASP E 371 69.59 27.35 24.89
C ASP E 371 68.11 27.69 24.98
N ALA E 372 67.30 26.63 25.07
CA ALA E 372 65.85 26.79 25.12
C ALA E 372 65.44 27.53 26.38
N VAL E 373 64.47 28.44 26.23
CA VAL E 373 64.03 29.30 27.32
C VAL E 373 62.79 28.75 28.00
N ASP E 374 61.78 28.34 27.23
CA ASP E 374 60.55 27.88 27.84
C ASP E 374 60.75 26.48 28.43
N MET E 375 59.87 26.13 29.38
CA MET E 375 60.09 24.93 30.17
C MET E 375 59.65 23.65 29.48
N ASN E 376 58.55 23.69 28.71
CA ASN E 376 58.07 22.46 28.09
C ASN E 376 59.10 21.90 27.11
N VAL E 377 59.79 22.78 26.39
CA VAL E 377 60.87 22.35 25.51
C VAL E 377 61.97 21.66 26.31
N TYR E 378 62.30 22.22 27.48
CA TYR E 378 63.32 21.63 28.33
C TYR E 378 62.93 20.21 28.74
N ALA E 379 61.70 20.03 29.20
CA ALA E 379 61.26 18.71 29.62
C ALA E 379 61.29 17.73 28.45
N ASN E 380 60.83 18.18 27.29
CA ASN E 380 60.82 17.31 26.12
C ASN E 380 62.23 16.87 25.75
N GLU E 381 63.19 17.79 25.83
CA GLU E 381 64.58 17.40 25.53
C GLU E 381 65.10 16.40 26.55
N ILE E 382 64.73 16.57 27.82
CA ILE E 382 65.16 15.60 28.83
C ILE E 382 64.68 14.21 28.44
N TRP E 383 63.39 14.10 28.14
CA TRP E 383 62.84 12.79 27.80
C TRP E 383 63.48 12.24 26.54
N LEU E 384 63.70 13.09 25.55
CA LEU E 384 64.28 12.64 24.29
C LEU E 384 65.69 12.10 24.48
N LYS E 385 66.51 12.81 25.24
CA LYS E 385 67.86 12.34 25.48
C LYS E 385 67.85 11.00 26.19
N SER E 386 66.99 10.85 27.20
CA SER E 386 66.91 9.57 27.89
C SER E 386 66.57 8.45 26.92
N ALA E 387 65.58 8.68 26.05
CA ALA E 387 65.15 7.63 25.14
C ALA E 387 66.25 7.25 24.15
N ILE E 388 66.93 8.25 23.59
CA ILE E 388 68.00 7.95 22.63
C ILE E 388 69.10 7.15 23.29
N ALA E 389 69.51 7.55 24.49
CA ALA E 389 70.57 6.82 25.17
C ALA E 389 70.16 5.37 25.42
N GLN E 390 68.93 5.16 25.87
CA GLN E 390 68.48 3.80 26.15
C GLN E 390 68.48 2.96 24.88
N ALA E 391 68.02 3.53 23.76
CA ALA E 391 67.98 2.78 22.52
C ALA E 391 69.38 2.38 22.07
N LEU E 392 70.33 3.32 22.14
CA LEU E 392 71.69 3.02 21.68
C LEU E 392 72.33 1.93 22.55
N LEU E 393 72.16 2.02 23.87
CA LEU E 393 72.72 0.98 24.73
C LEU E 393 72.08 -0.37 24.45
N ASP E 394 70.78 -0.40 24.17
CA ASP E 394 70.16 -1.68 23.82
C ASP E 394 70.77 -2.26 22.55
N LEU E 395 70.98 -1.41 21.53
CA LEU E 395 71.65 -1.89 20.32
C LEU E 395 73.00 -2.50 20.63
N PHE E 396 73.81 -1.80 21.41
CA PHE E 396 75.14 -2.34 21.71
C PHE E 396 75.04 -3.65 22.47
N LEU E 397 74.09 -3.77 23.38
CA LEU E 397 74.01 -4.97 24.20
C LEU E 397 73.43 -6.17 23.46
N ASN E 398 72.67 -5.96 22.39
CA ASN E 398 72.07 -7.14 21.76
C ASN E 398 72.90 -7.68 20.60
N VAL E 399 73.27 -6.84 19.64
CA VAL E 399 74.00 -7.33 18.49
C VAL E 399 75.44 -7.65 18.91
N ASN E 400 76.04 -8.63 18.24
CA ASN E 400 77.38 -9.07 18.63
C ASN E 400 78.45 -8.09 18.20
N ALA E 401 78.28 -7.45 17.05
CA ALA E 401 79.26 -6.47 16.59
C ALA E 401 78.59 -5.48 15.66
N VAL E 402 79.07 -4.24 15.71
CA VAL E 402 78.56 -3.19 14.83
C VAL E 402 79.67 -2.81 13.88
N PRO E 403 79.67 -3.31 12.65
CA PRO E 403 80.75 -2.99 11.71
C PRO E 403 80.78 -1.51 11.40
N ALA E 404 82.00 -1.01 11.17
CA ALA E 404 82.19 0.39 10.78
C ALA E 404 82.01 0.55 9.27
N SER E 405 80.82 0.19 8.80
CA SER E 405 80.48 0.26 7.39
C SER E 405 79.07 0.80 7.26
N SER E 406 78.55 0.82 6.03
CA SER E 406 77.22 1.37 5.79
C SER E 406 76.16 0.54 6.49
N THR E 407 76.39 -0.77 6.61
CA THR E 407 75.40 -1.62 7.27
C THR E 407 75.24 -1.22 8.74
N GLY E 408 76.32 -0.86 9.41
CA GLY E 408 76.21 -0.37 10.77
C GLY E 408 75.37 0.89 10.84
N GLU E 409 75.55 1.80 9.89
CA GLU E 409 74.73 3.00 9.82
C GLU E 409 73.26 2.65 9.66
N ALA E 410 72.97 1.68 8.80
CA ALA E 410 71.59 1.24 8.63
C ALA E 410 71.02 0.67 9.92
N MET E 411 71.82 -0.12 10.64
CA MET E 411 71.36 -0.66 11.91
C MET E 411 71.04 0.44 12.91
N THR E 412 71.90 1.44 13.00
CA THR E 412 71.64 2.54 13.93
C THR E 412 70.35 3.28 13.57
N LEU E 413 70.15 3.55 12.28
CA LEU E 413 68.92 4.23 11.88
C LEU E 413 67.69 3.38 12.21
N ALA E 414 67.77 2.08 11.94
CA ALA E 414 66.63 1.20 12.21
C ALA E 414 66.30 1.19 13.69
N VAL E 415 67.33 1.19 14.55
CA VAL E 415 67.07 1.21 15.98
C VAL E 415 66.48 2.55 16.40
N LEU E 416 66.94 3.65 15.82
CA LEU E 416 66.42 4.95 16.22
C LEU E 416 65.01 5.23 15.73
N GLN E 417 64.53 4.51 14.71
CA GLN E 417 63.22 4.82 14.16
C GLN E 417 62.08 4.80 15.18
N PRO E 418 61.89 3.77 16.01
CA PRO E 418 60.73 3.77 16.93
C PRO E 418 60.72 4.93 17.90
N VAL E 419 61.89 5.35 18.39
CA VAL E 419 61.93 6.48 19.31
C VAL E 419 61.43 7.74 18.62
N LEU E 420 61.85 7.95 17.37
CA LEU E 420 61.38 9.11 16.62
C LEU E 420 59.89 9.05 16.38
N ASP E 421 59.36 7.87 16.08
CA ASP E 421 57.91 7.74 15.90
C ASP E 421 57.17 8.10 17.18
N LYS E 422 57.64 7.60 18.32
CA LYS E 422 57.00 7.95 19.59
C LYS E 422 57.09 9.44 19.86
N ALA E 423 58.23 10.05 19.53
CA ALA E 423 58.38 11.48 19.74
C ALA E 423 57.38 12.27 18.90
N THR E 424 57.19 11.87 17.64
CA THR E 424 56.19 12.54 16.82
C THR E 424 54.80 12.34 17.40
N ALA E 425 54.53 11.16 17.98
CA ALA E 425 53.24 10.93 18.60
C ALA E 425 53.00 11.84 19.79
N ASN E 426 54.03 12.04 20.62
CA ASN E 426 53.85 12.81 21.86
C ASN E 426 53.47 14.25 21.56
N GLY E 427 54.17 14.87 20.62
CA GLY E 427 54.05 16.30 20.41
C GLY E 427 55.34 17.07 20.67
N THR E 428 56.43 16.40 21.02
CA THR E 428 57.71 17.09 21.14
C THR E 428 58.19 17.57 19.79
N PHE E 429 57.86 16.86 18.72
CA PHE E 429 58.11 17.30 17.36
C PHE E 429 56.84 17.92 16.80
N THR E 430 56.99 19.01 16.05
CA THR E 430 55.86 19.68 15.44
C THR E 430 56.18 19.95 13.98
N TYR E 431 55.12 20.04 13.18
CA TYR E 431 55.23 20.17 11.74
C TYR E 431 54.41 21.35 11.25
N GLY E 432 54.83 21.92 10.13
CA GLY E 432 54.09 22.96 9.46
C GLY E 432 54.53 24.38 9.75
N LYS E 433 55.35 24.59 10.78
CA LYS E 433 55.80 25.95 11.08
C LYS E 433 56.66 26.50 9.96
N GLU E 434 56.48 27.78 9.67
CA GLU E 434 57.27 28.45 8.65
C GLU E 434 58.66 28.76 9.18
N ILE E 435 59.62 28.87 8.26
CA ILE E 435 61.02 29.07 8.58
C ILE E 435 61.46 30.42 8.03
N SER E 436 62.08 31.23 8.89
CA SER E 436 62.59 32.52 8.46
C SER E 436 63.93 32.35 7.76
N ALA E 437 64.34 33.43 7.06
CA ALA E 437 65.57 33.37 6.28
C ALA E 437 66.78 33.12 7.17
N VAL E 438 66.86 33.83 8.30
CA VAL E 438 68.00 33.63 9.20
C VAL E 438 68.00 32.21 9.75
N GLN E 439 66.82 31.66 10.03
CA GLN E 439 66.74 30.29 10.50
C GLN E 439 67.20 29.31 9.42
N GLN E 440 66.83 29.57 8.17
CA GLN E 440 67.28 28.72 7.07
C GLN E 440 68.79 28.75 6.96
N GLN E 441 69.38 29.94 7.05
CA GLN E 441 70.84 30.05 7.00
C GLN E 441 71.47 29.31 8.16
N TYR E 442 70.89 29.43 9.35
CA TYR E 442 71.44 28.74 10.52
C TYR E 442 71.41 27.23 10.32
N ILE E 443 70.30 26.72 9.80
CA ILE E 443 70.17 25.28 9.60
C ILE E 443 71.19 24.80 8.57
N THR E 444 71.31 25.52 7.46
CA THR E 444 72.27 25.12 6.43
C THR E 444 73.71 25.23 6.95
N GLN E 445 73.95 26.13 7.91
CA GLN E 445 75.28 26.24 8.46
C GLN E 445 75.60 25.09 9.41
N VAL E 446 74.62 24.66 10.20
CA VAL E 446 74.86 23.59 11.17
C VAL E 446 75.17 22.28 10.46
N THR E 447 74.34 21.91 9.50
CA THR E 447 74.55 20.71 8.72
C THR E 447 74.91 21.08 7.29
N GLY E 448 75.94 20.44 6.74
CA GLY E 448 76.47 20.84 5.46
C GLY E 448 75.49 20.73 4.32
N ASP E 449 74.42 19.96 4.50
CA ASP E 449 73.46 19.75 3.44
C ASP E 449 72.47 20.91 3.35
N ARG E 450 72.21 21.36 2.13
CA ARG E 450 71.12 22.28 1.85
C ARG E 450 69.86 21.47 1.54
N ARG E 451 68.71 22.10 1.67
CA ARG E 451 67.37 21.53 1.48
C ARG E 451 66.94 20.66 2.64
N ALA E 452 67.69 20.63 3.73
CA ALA E 452 67.21 19.94 4.93
C ALA E 452 66.11 20.75 5.61
N TRP E 453 66.11 22.06 5.42
CA TRP E 453 65.08 22.87 6.04
C TRP E 453 63.70 22.52 5.50
N ARG E 454 63.60 22.04 4.26
CA ARG E 454 62.31 21.61 3.76
C ARG E 454 61.77 20.42 4.54
N GLN E 455 62.63 19.45 4.86
CA GLN E 455 62.16 18.33 5.65
C GLN E 455 61.86 18.73 7.09
N VAL E 456 62.67 19.61 7.68
CA VAL E 456 62.31 20.01 9.04
C VAL E 456 61.02 20.82 9.03
N GLN E 457 60.68 21.45 7.90
CA GLN E 457 59.42 22.16 7.81
C GLN E 457 58.25 21.19 7.65
N THR E 458 58.38 20.19 6.78
CA THR E 458 57.25 19.31 6.49
C THR E 458 57.18 18.14 7.46
N LEU E 459 58.21 17.31 7.50
CA LEU E 459 58.19 16.13 8.35
C LEU E 459 58.42 16.47 9.81
N GLY E 460 59.32 17.41 10.10
CA GLY E 460 59.55 17.87 11.46
C GLY E 460 60.91 17.56 12.04
N TYR E 461 61.71 16.71 11.39
CA TYR E 461 63.02 16.38 11.93
C TYR E 461 63.94 15.96 10.78
N TRP E 462 65.22 15.88 11.08
CA TRP E 462 66.23 15.51 10.11
C TRP E 462 67.41 14.89 10.85
N ILE E 463 67.88 13.74 10.39
CA ILE E 463 68.91 12.99 11.11
C ILE E 463 69.95 12.51 10.11
N ASN E 464 71.18 12.37 10.59
CA ASN E 464 72.29 11.86 9.77
C ASN E 464 73.23 11.06 10.65
N ILE E 465 73.94 10.13 10.03
CA ILE E 465 74.88 9.27 10.73
C ILE E 465 76.22 9.30 10.01
N THR E 466 77.30 9.38 10.77
CA THR E 466 78.64 9.37 10.19
C THR E 466 79.60 8.76 11.21
N PHE E 467 80.48 7.90 10.73
CA PHE E 467 81.45 7.22 11.58
C PHE E 467 82.86 7.63 11.18
N SER E 468 83.72 7.80 12.17
CA SER E 468 85.08 8.23 11.96
C SER E 468 85.99 7.51 12.95
N SER E 469 87.22 7.97 13.08
CA SER E 469 88.19 7.37 13.98
C SER E 469 88.85 8.45 14.82
N TYR E 470 89.33 8.04 15.99
CA TYR E 470 89.88 8.98 16.97
C TYR E 470 90.77 8.20 17.93
N THR E 471 91.50 8.94 18.76
CA THR E 471 92.32 8.35 19.81
C THR E 471 91.88 8.88 21.17
N ASN E 472 91.83 7.99 22.16
CA ASN E 472 91.36 8.36 23.48
C ASN E 472 92.52 8.81 24.36
N SER E 473 92.18 9.53 25.42
CA SER E 473 93.19 10.12 26.29
C SER E 473 93.86 9.07 27.19
N ASN E 474 93.07 8.16 27.75
CA ASN E 474 93.61 7.23 28.75
C ASN E 474 94.65 6.30 28.16
N THR E 475 94.42 5.81 26.95
CA THR E 475 95.34 4.90 26.30
C THR E 475 95.73 5.46 24.94
N GLY E 476 96.96 5.19 24.52
CA GLY E 476 97.43 5.70 23.25
C GLY E 476 96.74 5.11 22.04
N LEU E 477 95.95 4.05 22.22
CA LEU E 477 95.33 3.37 21.10
C LEU E 477 94.29 4.26 20.44
N THR E 478 93.75 3.78 19.32
CA THR E 478 92.73 4.48 18.56
C THR E 478 91.50 3.60 18.41
N GLU E 479 90.33 4.22 18.37
CA GLU E 479 89.08 3.52 18.16
C GLU E 479 88.25 4.24 17.10
N TRP E 480 87.06 3.71 16.85
CA TRP E 480 86.13 4.25 15.87
C TRP E 480 84.87 4.72 16.59
N LYS E 481 84.42 5.93 16.29
CA LYS E 481 83.23 6.49 16.89
C LYS E 481 82.25 6.91 15.81
N ALA E 482 80.99 7.02 16.20
CA ALA E 482 79.91 7.40 15.30
C ALA E 482 79.38 8.77 15.70
N ASN E 483 79.15 9.61 14.71
CA ASN E 483 78.66 10.97 14.93
C ASN E 483 77.29 11.12 14.28
N TYR E 484 76.33 11.62 15.03
CA TYR E 484 75.01 11.88 14.49
C TYR E 484 74.59 13.29 14.85
N THR E 485 73.72 13.87 14.02
CA THR E 485 73.20 15.20 14.23
C THR E 485 71.69 15.18 14.07
N LEU E 486 71.00 15.83 14.99
CA LEU E 486 69.54 15.84 14.99
C LEU E 486 69.05 17.27 15.08
N ILE E 487 68.11 17.63 14.22
CA ILE E 487 67.48 18.96 14.23
C ILE E 487 65.98 18.75 14.11
N TYR E 488 65.22 19.47 14.95
CA TYR E 488 63.77 19.34 14.93
C TYR E 488 63.15 20.67 15.31
N SER E 489 61.88 20.83 14.93
CA SER E 489 61.12 22.03 15.25
C SER E 489 60.51 21.87 16.64
N LYS E 490 60.85 22.78 17.55
CA LYS E 490 60.43 22.65 18.93
C LYS E 490 58.92 22.76 19.07
N GLY E 491 58.39 22.07 20.08
CA GLY E 491 56.98 22.19 20.38
C GLY E 491 56.65 23.54 20.98
N ASP E 492 55.38 23.92 20.86
CA ASP E 492 54.93 25.22 21.34
C ASP E 492 53.56 25.08 22.00
N ALA E 493 53.23 26.08 22.81
CA ALA E 493 51.97 26.12 23.52
C ALA E 493 51.34 27.50 23.40
N ILE E 494 50.02 27.53 23.37
CA ILE E 494 49.30 28.79 23.21
C ILE E 494 49.48 29.64 24.45
N ARG E 495 49.81 30.92 24.25
CA ARG E 495 50.10 31.81 25.36
C ARG E 495 49.29 33.10 25.27
N PHE E 496 49.07 33.58 24.06
CA PHE E 496 48.40 34.84 23.83
C PHE E 496 47.47 34.68 22.63
N VAL E 497 46.41 35.47 22.59
CA VAL E 497 45.39 35.34 21.56
C VAL E 497 45.16 36.69 20.90
N GLU E 498 45.14 36.71 19.57
CA GLU E 498 44.73 37.84 18.77
C GLU E 498 43.37 37.58 18.15
N GLY E 499 42.58 38.64 18.02
CA GLY E 499 41.29 38.52 17.37
C GLY E 499 41.02 39.74 16.51
N SER E 500 40.05 39.58 15.62
CA SER E 500 39.59 40.68 14.78
C SER E 500 38.18 40.36 14.33
N ASP E 501 37.38 41.39 14.07
CA ASP E 501 36.01 41.20 13.66
C ASP E 501 35.52 42.39 12.86
N VAL E 502 34.97 42.12 11.68
CA VAL E 502 34.36 43.13 10.84
C VAL E 502 33.01 42.59 10.38
N MET E 503 32.06 43.50 10.16
CA MET E 503 30.71 43.06 9.82
C MET E 503 30.46 42.94 8.32
N ILE E 504 31.42 43.32 7.49
CA ILE E 504 31.37 43.04 6.06
C ILE E 504 32.66 43.49 5.40
N MET F 1 43.45 44.78 39.14
CA MET F 1 43.80 43.39 39.37
C MET F 1 44.19 42.73 38.06
N ILE F 2 45.18 43.32 37.39
CA ILE F 2 45.74 42.94 36.09
C ILE F 2 44.63 42.98 35.03
N SER F 3 45.02 43.06 33.75
CA SER F 3 44.14 43.59 32.71
C SER F 3 43.84 42.54 31.65
N GLN F 4 42.69 42.69 31.00
CA GLN F 4 42.32 41.81 29.90
C GLN F 4 43.31 41.84 28.77
N SER F 5 43.87 43.01 28.44
CA SER F 5 44.65 43.17 27.24
C SER F 5 45.98 42.42 27.30
N ARG F 6 46.36 41.90 28.46
CA ARG F 6 47.59 41.13 28.56
C ARG F 6 47.41 39.70 28.06
N TYR F 7 46.19 39.17 28.08
CA TYR F 7 45.92 37.82 27.62
C TYR F 7 45.03 37.74 26.39
N ILE F 8 43.99 38.57 26.31
CA ILE F 8 43.03 38.52 25.22
C ILE F 8 42.87 39.91 24.65
N ARG F 9 42.88 40.02 23.33
CA ARG F 9 42.75 41.30 22.66
C ARG F 9 41.89 41.14 21.41
N ILE F 10 40.80 41.90 21.33
CA ILE F 10 39.92 41.90 20.16
C ILE F 10 39.85 43.33 19.65
N ILE F 11 40.13 43.51 18.37
CA ILE F 11 40.18 44.86 17.83
C ILE F 11 38.82 45.31 17.31
N SER F 12 37.96 44.37 16.90
CA SER F 12 36.62 44.66 16.39
C SER F 12 36.76 45.58 15.18
N GLY F 13 35.94 46.62 15.07
CA GLY F 13 35.96 47.49 13.91
C GLY F 13 34.74 47.24 13.03
N VAL F 14 34.17 48.34 12.54
CA VAL F 14 32.97 48.24 11.71
C VAL F 14 33.31 47.55 10.39
N GLY F 15 32.30 47.03 9.73
CA GLY F 15 32.47 46.32 8.48
C GLY F 15 33.01 47.20 7.38
N ALA F 16 33.06 46.62 6.18
CA ALA F 16 33.59 47.28 4.99
C ALA F 16 35.04 47.73 5.21
N ALA F 17 35.80 46.90 5.90
CA ALA F 17 37.23 47.14 6.11
C ALA F 17 38.00 46.24 5.16
N ALA F 18 38.71 46.86 4.21
CA ALA F 18 39.46 46.14 3.19
C ALA F 18 40.93 46.53 3.24
N PRO F 19 41.77 45.78 3.93
CA PRO F 19 43.21 46.08 3.90
C PRO F 19 43.75 45.94 2.48
N VAL F 20 44.63 46.86 2.11
CA VAL F 20 45.10 46.98 0.74
C VAL F 20 46.58 47.33 0.75
N ALA F 21 47.31 46.79 -0.21
CA ALA F 21 48.72 47.12 -0.42
C ALA F 21 48.96 47.26 -1.91
N GLY F 22 49.55 48.38 -2.31
CA GLY F 22 49.83 48.64 -3.70
C GLY F 22 49.56 50.09 -4.03
N ARG F 23 49.54 50.38 -5.33
CA ARG F 23 49.33 51.75 -5.78
C ARG F 23 47.93 52.23 -5.41
N LYS F 24 47.84 53.45 -4.91
CA LYS F 24 46.58 54.05 -4.52
C LYS F 24 46.18 55.10 -5.54
N LEU F 25 44.91 55.09 -5.94
CA LEU F 25 44.37 56.03 -6.92
C LEU F 25 43.48 57.00 -6.16
N ILE F 26 44.08 58.06 -5.63
CA ILE F 26 43.36 58.97 -4.75
C ILE F 26 43.58 60.41 -5.19
N LEU F 27 42.66 61.26 -4.79
CA LEU F 27 42.70 62.67 -5.18
C LEU F 27 43.86 63.39 -4.50
N ARG F 28 44.47 64.31 -5.23
CA ARG F 28 45.48 65.21 -4.68
C ARG F 28 45.10 66.63 -5.01
N VAL F 29 45.06 67.49 -3.98
CA VAL F 29 44.59 68.86 -4.12
C VAL F 29 45.74 69.80 -3.86
N MET F 30 45.99 70.70 -4.81
CA MET F 30 47.02 71.72 -4.68
C MET F 30 46.34 73.01 -4.23
N THR F 31 46.69 73.49 -3.06
CA THR F 31 46.02 74.63 -2.45
C THR F 31 47.01 75.74 -2.14
N THR F 32 46.48 76.95 -2.00
CA THR F 32 47.26 78.12 -1.65
C THR F 32 47.12 78.50 -0.19
N ASN F 33 46.61 77.59 0.64
CA ASN F 33 46.47 77.87 2.06
C ASN F 33 47.84 78.08 2.69
N ASN F 34 47.87 78.96 3.69
CA ASN F 34 49.13 79.31 4.34
C ASN F 34 49.61 78.22 5.29
N VAL F 35 48.67 77.45 5.87
CA VAL F 35 49.03 76.52 6.92
C VAL F 35 49.94 75.39 6.42
N ILE F 36 49.75 74.95 5.18
CA ILE F 36 50.46 73.78 4.69
C ILE F 36 51.89 74.19 4.33
N PRO F 37 52.91 73.51 4.86
CA PRO F 37 54.28 73.82 4.47
C PRO F 37 54.52 73.42 3.01
N PRO F 38 55.43 74.11 2.32
CA PRO F 38 55.58 73.86 0.87
C PRO F 38 56.04 72.45 0.51
N GLY F 39 56.89 71.83 1.33
CA GLY F 39 57.55 70.61 0.93
C GLY F 39 56.98 69.31 1.48
N ILE F 40 55.77 69.33 2.04
CA ILE F 40 55.21 68.16 2.71
C ILE F 40 53.83 67.87 2.12
N VAL F 41 53.50 66.60 2.01
CA VAL F 41 52.17 66.15 1.61
C VAL F 41 51.54 65.44 2.80
N ILE F 42 50.22 65.54 2.91
CA ILE F 42 49.49 65.03 4.05
C ILE F 42 48.37 64.13 3.56
N GLU F 43 48.18 62.99 4.22
CA GLU F 43 47.15 62.04 3.86
C GLU F 43 46.16 61.89 5.01
N PHE F 44 44.87 61.94 4.70
CA PHE F 44 43.81 61.77 5.68
C PHE F 44 42.98 60.54 5.35
N ASP F 45 42.35 59.98 6.38
CA ASP F 45 41.51 58.81 6.23
C ASP F 45 40.05 59.08 6.52
N ASN F 46 39.70 60.31 6.89
CA ASN F 46 38.33 60.61 7.29
C ASN F 46 38.09 62.11 7.10
N ALA F 47 36.80 62.45 6.97
CA ALA F 47 36.44 63.86 6.89
C ALA F 47 36.61 64.56 8.23
N ASN F 48 36.44 63.84 9.33
CA ASN F 48 36.58 64.45 10.65
C ASN F 48 38.00 64.93 10.89
N ALA F 49 38.99 64.16 10.43
CA ALA F 49 40.38 64.58 10.58
C ALA F 49 40.64 65.86 9.80
N VAL F 50 40.10 65.96 8.58
CA VAL F 50 40.25 67.17 7.80
C VAL F 50 39.58 68.34 8.51
N LEU F 51 38.40 68.11 9.08
CA LEU F 51 37.71 69.17 9.82
C LEU F 51 38.54 69.66 10.99
N SER F 52 39.11 68.73 11.75
CA SER F 52 39.92 69.11 12.91
C SER F 52 41.17 69.87 12.48
N TYR F 53 41.80 69.45 11.38
CA TYR F 53 43.04 70.08 10.98
C TYR F 53 42.81 71.45 10.34
N PHE F 54 41.72 71.62 9.61
CA PHE F 54 41.49 72.83 8.83
C PHE F 54 40.37 73.70 9.35
N GLY F 55 39.23 73.13 9.73
CA GLY F 55 38.13 73.92 10.23
C GLY F 55 36.99 74.01 9.23
N ALA F 56 35.79 74.26 9.77
CA ALA F 56 34.57 74.22 8.95
C ALA F 56 34.57 75.32 7.90
N GLN F 57 35.04 76.52 8.25
CA GLN F 57 34.97 77.64 7.32
C GLN F 57 35.83 77.42 6.08
N SER F 58 36.81 76.52 6.16
CA SER F 58 37.74 76.33 5.05
C SER F 58 37.05 75.69 3.85
N GLU F 59 37.46 76.11 2.65
CA GLU F 59 36.98 75.48 1.44
C GLU F 59 37.36 74.01 1.39
N GLU F 60 38.54 73.67 1.91
CA GLU F 60 39.03 72.31 1.84
C GLU F 60 38.13 71.35 2.60
N TYR F 61 37.57 71.79 3.72
CA TYR F 61 36.65 70.91 4.43
C TYR F 61 35.42 70.62 3.60
N GLN F 62 34.89 71.62 2.91
CA GLN F 62 33.73 71.39 2.05
C GLN F 62 34.08 70.43 0.93
N ARG F 63 35.25 70.61 0.30
CA ARG F 63 35.66 69.72 -0.77
C ARG F 63 35.78 68.28 -0.27
N ALA F 64 36.42 68.10 0.88
CA ALA F 64 36.59 66.76 1.42
C ALA F 64 35.26 66.14 1.82
N ALA F 65 34.36 66.94 2.39
CA ALA F 65 33.06 66.40 2.79
C ALA F 65 32.28 65.93 1.57
N ALA F 66 32.30 66.72 0.49
CA ALA F 66 31.65 66.29 -0.74
C ALA F 66 32.31 65.03 -1.30
N TYR F 67 33.65 64.97 -1.21
CA TYR F 67 34.40 63.88 -1.82
C TYR F 67 34.14 62.55 -1.12
N PHE F 68 34.19 62.53 0.21
CA PHE F 68 34.12 61.26 0.93
C PHE F 68 32.76 60.59 0.78
N LYS F 69 31.67 61.35 0.89
CA LYS F 69 30.34 60.74 0.86
C LYS F 69 29.98 60.40 -0.58
N PHE F 70 30.35 59.19 -0.99
CA PHE F 70 30.05 58.71 -2.32
C PHE F 70 30.05 57.19 -2.32
N ILE F 71 29.07 56.61 -3.01
CA ILE F 71 28.92 55.17 -3.09
C ILE F 71 28.86 54.77 -4.55
N SER F 72 29.62 53.75 -4.94
CA SER F 72 29.56 53.22 -6.28
C SER F 72 28.48 52.14 -6.35
N LYS F 73 28.34 51.53 -7.53
CA LYS F 73 27.37 50.45 -7.67
C LYS F 73 27.70 49.30 -6.74
N SER F 74 28.94 48.80 -6.81
CA SER F 74 29.45 47.98 -5.72
C SER F 74 29.85 48.90 -4.58
N VAL F 75 29.35 48.60 -3.38
CA VAL F 75 29.47 49.53 -2.27
C VAL F 75 30.95 49.76 -1.98
N ASN F 76 31.40 51.00 -2.14
CA ASN F 76 32.80 51.36 -1.95
C ASN F 76 32.89 52.86 -1.69
N SER F 77 34.00 53.26 -1.09
CA SER F 77 34.25 54.65 -0.76
C SER F 77 35.71 54.97 -1.04
N PRO F 78 36.02 56.23 -1.32
CA PRO F 78 37.41 56.59 -1.64
C PRO F 78 38.41 56.23 -0.55
N SER F 79 38.05 56.42 0.71
CA SER F 79 38.81 56.00 1.89
C SER F 79 40.19 56.67 1.99
N SER F 80 40.47 57.70 1.20
CA SER F 80 41.73 58.41 1.34
C SER F 80 41.67 59.72 0.57
N ILE F 81 42.61 60.60 0.89
CA ILE F 81 42.75 61.88 0.20
C ILE F 81 44.11 62.46 0.58
N SER F 82 44.68 63.28 -0.30
CA SER F 82 45.98 63.87 -0.06
C SER F 82 45.94 65.36 -0.37
N PHE F 83 46.85 66.11 0.25
CA PHE F 83 46.93 67.55 0.11
C PHE F 83 48.37 67.97 -0.14
N ALA F 84 48.52 69.09 -0.82
CA ALA F 84 49.83 69.66 -1.08
C ALA F 84 49.68 71.15 -1.30
N ARG F 85 50.78 71.88 -1.10
CA ARG F 85 50.76 73.34 -1.18
C ARG F 85 51.42 73.83 -2.46
N TRP F 86 50.86 74.88 -3.03
CA TRP F 86 51.46 75.60 -4.13
C TRP F 86 51.65 77.05 -3.68
N VAL F 87 52.89 77.51 -3.65
CA VAL F 87 53.18 78.87 -3.21
C VAL F 87 52.91 79.82 -4.38
N ASN F 88 51.95 80.72 -4.20
CA ASN F 88 51.59 81.63 -5.28
C ASN F 88 52.59 82.78 -5.39
N THR F 89 53.10 83.26 -4.27
CA THR F 89 53.98 84.42 -4.24
C THR F 89 55.20 84.13 -3.37
N ALA F 90 56.16 85.04 -3.41
CA ALA F 90 57.37 84.88 -2.62
C ALA F 90 57.05 84.84 -1.14
N ILE F 91 57.79 84.02 -0.39
CA ILE F 91 57.52 83.79 1.02
C ILE F 91 58.80 83.94 1.81
N ALA F 92 58.65 84.29 3.09
CA ALA F 92 59.76 84.38 4.02
C ALA F 92 60.07 83.00 4.61
N PRO F 93 61.32 82.77 5.02
CA PRO F 93 61.65 81.49 5.66
C PRO F 93 60.88 81.32 6.96
N MET F 94 60.61 80.06 7.30
CA MET F 94 59.78 79.75 8.46
C MET F 94 60.10 78.35 8.94
N VAL F 95 59.72 78.07 10.20
CA VAL F 95 59.94 76.78 10.81
C VAL F 95 58.70 76.35 11.58
N VAL F 96 58.51 75.04 11.69
CA VAL F 96 57.37 74.46 12.41
C VAL F 96 57.72 73.03 12.77
N GLY F 97 57.43 72.64 14.01
CA GLY F 97 57.85 71.33 14.45
C GLY F 97 56.97 70.56 15.42
N ASP F 98 55.74 70.99 15.66
CA ASP F 98 54.88 70.36 16.64
C ASP F 98 53.69 69.69 15.95
N ASN F 99 53.36 68.49 16.40
CA ASN F 99 52.16 67.81 15.95
C ASN F 99 51.38 67.24 17.12
N LEU F 100 52.06 66.96 18.23
CA LEU F 100 51.46 66.30 19.38
C LEU F 100 50.99 67.32 20.41
N PRO F 101 49.96 66.99 21.19
CA PRO F 101 49.39 67.98 22.12
C PRO F 101 50.31 68.26 23.30
N LYS F 102 51.48 68.81 23.02
CA LYS F 102 52.41 69.18 24.07
C LYS F 102 51.96 70.40 24.87
N THR F 103 51.10 71.23 24.28
CA THR F 103 50.78 72.54 24.86
C THR F 103 49.66 72.36 25.87
N ILE F 104 50.03 72.35 27.15
CA ILE F 104 49.06 72.36 28.25
C ILE F 104 49.47 73.47 29.22
N ALA F 105 50.20 74.46 28.70
CA ALA F 105 50.68 75.59 29.48
C ALA F 105 51.62 75.13 30.60
N ASP F 106 52.75 74.56 30.19
CA ASP F 106 53.81 74.15 31.10
C ASP F 106 54.93 75.18 31.20
N PHE F 107 54.72 76.39 30.67
CA PHE F 107 55.76 77.41 30.70
C PHE F 107 56.03 77.94 32.10
N ALA F 108 55.18 77.60 33.07
CA ALA F 108 55.36 78.09 34.43
C ALA F 108 56.67 77.57 35.01
N GLY F 109 57.41 78.47 35.66
CA GLY F 109 58.70 78.12 36.24
C GLY F 109 59.84 78.04 35.25
N PHE F 110 59.62 78.44 33.99
CA PHE F 110 60.64 78.35 32.96
C PHE F 110 61.23 79.71 32.60
N SER F 111 61.03 80.73 33.44
CA SER F 111 61.45 82.08 33.09
C SER F 111 62.97 82.23 33.12
N ALA F 112 63.63 81.57 34.06
CA ALA F 112 65.04 81.83 34.31
C ALA F 112 65.92 81.37 33.16
N GLY F 113 66.65 82.31 32.57
CA GLY F 113 67.66 81.98 31.59
C GLY F 113 67.18 81.22 30.37
N VAL F 114 66.36 81.85 29.54
CA VAL F 114 65.92 81.23 28.30
C VAL F 114 67.02 81.43 27.26
N LEU F 115 67.63 80.34 26.81
CA LEU F 115 68.77 80.39 25.89
C LEU F 115 68.51 79.54 24.66
N THR F 116 67.36 79.72 24.03
CA THR F 116 67.13 79.10 22.74
C THR F 116 68.12 79.63 21.71
N ILE F 117 68.69 78.73 20.92
CA ILE F 117 69.71 79.08 19.94
C ILE F 117 69.07 79.10 18.56
N MET F 118 69.20 80.23 17.87
CA MET F 118 68.67 80.40 16.52
C MET F 118 69.85 80.45 15.55
N VAL F 119 69.94 79.46 14.68
CA VAL F 119 71.05 79.34 13.75
C VAL F 119 70.59 79.97 12.43
N GLY F 120 70.84 81.27 12.30
CA GLY F 120 70.52 81.99 11.09
C GLY F 120 71.69 82.02 10.13
N ALA F 121 71.84 83.13 9.42
CA ALA F 121 73.06 83.32 8.62
C ALA F 121 74.29 83.36 9.50
N ALA F 122 74.18 84.05 10.64
CA ALA F 122 75.23 84.07 11.66
C ALA F 122 74.64 83.60 12.98
N GLU F 123 75.41 82.80 13.72
CA GLU F 123 74.95 82.24 14.98
C GLU F 123 74.58 83.36 15.96
N GLN F 124 73.39 83.25 16.53
CA GLN F 124 72.89 84.24 17.48
C GLN F 124 72.07 83.54 18.56
N ASN F 125 72.03 84.15 19.73
CA ASN F 125 71.35 83.58 20.90
C ASN F 125 70.34 84.58 21.45
N ILE F 126 69.37 84.04 22.18
CA ILE F 126 68.32 84.85 22.80
C ILE F 126 68.66 85.03 24.27
N THR F 127 68.13 86.11 24.85
CA THR F 127 68.34 86.41 26.26
C THR F 127 67.22 85.80 27.10
N ALA F 128 67.26 86.06 28.41
CA ALA F 128 66.29 85.48 29.33
C ALA F 128 64.88 85.97 29.01
N ILE F 129 63.93 85.04 29.04
CA ILE F 129 62.53 85.31 28.69
C ILE F 129 61.66 84.88 29.85
N ASP F 130 60.76 85.77 30.27
CA ASP F 130 59.90 85.50 31.42
C ASP F 130 58.69 84.68 30.98
N THR F 131 58.59 83.45 31.50
CA THR F 131 57.45 82.59 31.23
C THR F 131 56.81 82.06 32.51
N SER F 132 57.25 82.54 33.68
CA SER F 132 56.67 82.08 34.93
C SER F 132 55.20 82.44 35.04
N ALA F 133 54.78 83.56 34.43
CA ALA F 133 53.37 83.94 34.46
C ALA F 133 52.51 82.90 33.75
N ALA F 134 52.89 82.56 32.51
CA ALA F 134 52.20 81.53 31.73
C ALA F 134 50.69 81.78 31.65
N THR F 135 50.32 83.06 31.47
CA THR F 135 48.91 83.42 31.45
C THR F 135 48.19 82.80 30.25
N SER F 136 48.76 82.95 29.07
CA SER F 136 48.15 82.41 27.86
C SER F 136 49.23 82.25 26.79
N MET F 137 49.04 81.24 25.92
CA MET F 137 50.08 80.91 24.96
C MET F 137 50.28 82.01 23.93
N ASP F 138 49.22 82.75 23.58
CA ASP F 138 49.41 83.90 22.71
C ASP F 138 50.22 84.99 23.40
N ASN F 139 50.03 85.17 24.70
CA ASN F 139 50.81 86.14 25.45
C ASN F 139 52.29 85.78 25.44
N VAL F 140 52.60 84.51 25.72
CA VAL F 140 54.01 84.12 25.73
C VAL F 140 54.57 84.14 24.32
N ALA F 141 53.74 83.88 23.31
CA ALA F 141 54.18 84.02 21.94
C ALA F 141 54.57 85.46 21.63
N SER F 142 53.75 86.42 22.06
CA SER F 142 54.08 87.81 21.87
C SER F 142 55.35 88.19 22.63
N ILE F 143 55.53 87.62 23.83
CA ILE F 143 56.73 87.88 24.60
C ILE F 143 57.97 87.42 23.85
N ILE F 144 57.91 86.19 23.32
CA ILE F 144 59.02 85.65 22.56
C ILE F 144 59.27 86.49 21.31
N GLN F 145 58.19 86.95 20.68
CA GLN F 145 58.32 87.81 19.50
C GLN F 145 59.05 89.10 19.85
N THR F 146 58.68 89.72 20.96
CA THR F 146 59.34 90.95 21.38
C THR F 146 60.82 90.71 21.68
N GLU F 147 61.12 89.61 22.37
CA GLU F 147 62.52 89.32 22.69
C GLU F 147 63.32 89.05 21.42
N ILE F 148 62.70 88.42 20.42
CA ILE F 148 63.37 88.24 19.14
C ILE F 148 63.60 89.58 18.46
N ARG F 149 62.59 90.46 18.49
CA ARG F 149 62.75 91.80 17.92
C ARG F 149 63.87 92.56 18.61
N LYS F 150 64.15 92.24 19.88
CA LYS F 150 65.26 92.88 20.58
C LYS F 150 66.60 92.61 19.89
N ASN F 151 66.72 91.52 19.15
CA ASN F 151 67.94 91.25 18.41
C ASN F 151 68.05 92.20 17.21
N ALA F 152 69.27 92.37 16.72
CA ALA F 152 69.57 93.32 15.66
C ALA F 152 69.73 92.66 14.29
N ASP F 153 69.54 91.35 14.20
CA ASP F 153 69.69 90.68 12.91
C ASP F 153 68.60 91.13 11.95
N PRO F 154 68.92 91.34 10.66
CA PRO F 154 67.90 91.83 9.72
C PRO F 154 66.69 90.92 9.60
N GLN F 155 66.88 89.60 9.69
CA GLN F 155 65.74 88.69 9.58
C GLN F 155 64.91 88.70 10.85
N LEU F 156 65.55 88.77 12.00
CA LEU F 156 64.83 88.71 13.28
C LEU F 156 64.38 90.09 13.77
N ALA F 157 64.72 91.17 13.07
CA ALA F 157 64.31 92.50 13.49
C ALA F 157 62.84 92.76 13.20
N GLN F 158 62.22 91.98 12.33
CA GLN F 158 60.80 92.15 12.02
C GLN F 158 60.10 90.79 11.96
N ALA F 159 60.60 89.82 12.72
CA ALA F 159 60.00 88.49 12.71
C ALA F 159 58.67 88.49 13.45
N THR F 160 57.88 87.45 13.20
CA THR F 160 56.59 87.28 13.83
C THR F 160 56.46 85.86 14.34
N VAL F 161 55.44 85.63 15.17
CA VAL F 161 55.12 84.31 15.69
C VAL F 161 53.62 84.11 15.56
N THR F 162 53.20 82.84 15.53
CA THR F 162 51.79 82.49 15.43
C THR F 162 51.57 81.13 16.08
N TRP F 163 50.44 81.00 16.77
CA TRP F 163 50.03 79.75 17.38
C TRP F 163 48.61 79.42 16.96
N ASN F 164 48.43 78.29 16.30
CA ASN F 164 47.12 77.78 15.94
C ASN F 164 46.60 76.89 17.06
N GLN F 165 45.28 76.77 17.15
CA GLN F 165 44.67 76.10 18.29
C GLN F 165 44.11 74.72 17.97
N ASN F 166 43.32 74.59 16.90
CA ASN F 166 42.75 73.28 16.57
C ASN F 166 43.87 72.28 16.29
N THR F 167 44.86 72.69 15.53
CA THR F 167 46.15 72.01 15.47
C THR F 167 47.14 72.76 16.34
N ASN F 168 48.23 72.10 16.71
CA ASN F 168 49.13 72.60 17.76
C ASN F 168 50.53 72.75 17.18
N GLN F 169 50.83 73.93 16.64
CA GLN F 169 52.17 74.25 16.16
C GLN F 169 52.55 75.66 16.57
N PHE F 170 53.86 75.90 16.64
CA PHE F 170 54.42 77.22 16.83
C PHE F 170 55.25 77.55 15.61
N THR F 171 55.05 78.75 15.05
CA THR F 171 55.67 79.12 13.79
C THR F 171 56.45 80.42 13.92
N LEU F 172 57.60 80.46 13.28
CA LEU F 172 58.38 81.68 13.10
C LEU F 172 58.28 82.12 11.65
N VAL F 173 58.50 83.41 11.41
CA VAL F 173 58.46 83.97 10.07
C VAL F 173 59.61 84.95 9.91
N GLY F 174 60.32 84.87 8.79
CA GLY F 174 61.39 85.80 8.53
C GLY F 174 60.91 87.16 8.07
N ALA F 175 61.84 88.10 8.00
CA ALA F 175 61.51 89.47 7.61
C ALA F 175 61.44 89.62 6.10
N THR F 176 62.56 89.40 5.40
CA THR F 176 62.57 89.57 3.96
C THR F 176 61.83 88.44 3.28
N ILE F 177 61.56 88.61 2.00
CA ILE F 177 60.76 87.67 1.22
C ILE F 177 61.59 87.16 0.05
N GLY F 178 61.55 85.84 -0.16
CA GLY F 178 62.16 85.23 -1.32
C GLY F 178 63.59 84.77 -1.18
N THR F 179 64.25 85.09 -0.07
CA THR F 179 65.64 84.70 0.12
C THR F 179 65.90 84.54 1.62
N GLY F 180 66.81 83.65 1.94
CA GLY F 180 67.22 83.44 3.32
C GLY F 180 66.95 82.03 3.79
N VAL F 181 67.76 81.57 4.74
CA VAL F 181 67.61 80.25 5.33
C VAL F 181 67.76 80.38 6.85
N LEU F 182 66.93 79.67 7.59
CA LEU F 182 66.98 79.67 9.04
C LEU F 182 67.13 78.24 9.55
N ALA F 183 67.67 78.14 10.77
CA ALA F 183 67.81 76.85 11.44
C ALA F 183 67.80 77.10 12.93
N VAL F 184 67.50 76.05 13.68
CA VAL F 184 67.43 76.12 15.14
C VAL F 184 68.10 74.89 15.73
N ALA F 185 68.88 75.11 16.79
CA ALA F 185 69.61 74.04 17.45
C ALA F 185 69.40 74.11 18.95
N LYS F 186 69.40 72.93 19.59
CA LYS F 186 69.33 72.85 21.03
C LYS F 186 70.70 73.08 21.64
N SER F 187 70.71 73.31 22.96
CA SER F 187 71.94 73.61 23.69
C SER F 187 72.01 72.72 24.92
N ALA F 188 73.02 73.00 25.76
CA ALA F 188 73.22 72.28 27.00
C ALA F 188 72.53 72.95 28.19
N ASP F 189 71.89 74.09 27.99
CA ASP F 189 71.18 74.74 29.07
C ASP F 189 69.97 73.89 29.45
N PRO F 190 69.85 73.44 30.70
CA PRO F 190 68.75 72.51 31.05
C PRO F 190 67.37 73.07 30.77
N GLN F 191 67.13 74.35 31.08
CA GLN F 191 65.81 74.93 30.89
C GLN F 191 65.80 75.80 29.63
N ASP F 192 65.68 75.12 28.49
CA ASP F 192 65.61 75.74 27.19
C ASP F 192 64.25 75.47 26.56
N MET F 193 63.75 76.44 25.80
CA MET F 193 62.42 76.32 25.21
C MET F 193 62.41 75.37 24.01
N SER F 194 63.53 75.29 23.28
CA SER F 194 63.54 74.53 22.03
C SER F 194 63.21 73.06 22.27
N THR F 195 63.74 72.48 23.34
CA THR F 195 63.38 71.10 23.67
C THR F 195 61.88 70.98 23.94
N ALA F 196 61.32 71.92 24.71
CA ALA F 196 59.90 71.90 24.97
C ALA F 196 59.10 72.36 23.75
N LEU F 197 59.60 73.35 23.03
CA LEU F 197 58.92 73.82 21.84
C LEU F 197 59.03 72.77 20.74
N GLY F 198 58.18 72.94 19.71
CA GLY F 198 58.14 71.95 18.65
C GLY F 198 59.44 71.86 17.88
N TRP F 199 60.02 73.00 17.55
CA TRP F 199 61.18 73.00 16.67
C TRP F 199 62.43 72.52 17.40
N SER F 200 63.44 72.18 16.60
CA SER F 200 64.75 71.69 17.03
C SER F 200 64.68 70.31 17.67
N THR F 201 63.56 69.60 17.55
CA THR F 201 63.41 68.28 18.16
C THR F 201 62.84 67.32 17.14
N SER F 202 63.65 66.35 16.71
CA SER F 202 63.22 65.21 15.89
C SER F 202 62.58 65.73 14.61
N ASN F 203 61.40 65.26 14.22
CA ASN F 203 60.77 65.65 12.97
C ASN F 203 60.29 67.09 13.08
N VAL F 204 61.00 67.99 12.41
CA VAL F 204 60.64 69.41 12.37
C VAL F 204 60.72 69.86 10.92
N VAL F 205 59.68 70.54 10.46
CA VAL F 205 59.61 71.01 9.08
C VAL F 205 60.28 72.37 9.01
N ASN F 206 61.24 72.51 8.11
CA ASN F 206 61.93 73.77 7.88
C ASN F 206 61.67 74.24 6.45
N VAL F 207 61.67 75.55 6.26
CA VAL F 207 61.32 76.16 5.00
C VAL F 207 62.40 77.15 4.59
N ALA F 208 62.75 77.14 3.31
CA ALA F 208 63.71 78.09 2.76
C ALA F 208 62.96 79.13 1.93
N GLY F 209 63.25 80.40 2.18
CA GLY F 209 62.61 81.45 1.40
C GLY F 209 62.99 81.35 -0.06
N GLN F 210 62.00 81.56 -0.92
CA GLN F 210 62.21 81.39 -2.36
C GLN F 210 61.06 82.05 -3.11
N SER F 211 61.34 82.44 -4.35
CA SER F 211 60.42 83.29 -5.11
C SER F 211 59.21 82.50 -5.60
N ALA F 212 58.33 83.18 -6.32
CA ALA F 212 57.15 82.54 -6.88
C ALA F 212 57.54 81.61 -8.02
N ASP F 213 56.70 80.61 -8.26
CA ASP F 213 56.99 79.58 -9.26
C ASP F 213 55.73 79.26 -10.04
N LEU F 214 55.93 78.73 -11.25
CA LEU F 214 54.82 78.31 -12.08
C LEU F 214 54.15 77.08 -11.46
N PRO F 215 52.84 76.91 -11.67
CA PRO F 215 52.15 75.76 -11.08
C PRO F 215 52.71 74.41 -11.53
N ASP F 216 53.14 74.31 -12.79
CA ASP F 216 53.67 73.04 -13.28
C ASP F 216 54.92 72.63 -12.50
N ALA F 217 55.79 73.59 -12.20
CA ALA F 217 56.96 73.29 -11.38
C ALA F 217 56.54 72.80 -10.01
N ALA F 218 55.51 73.42 -9.43
CA ALA F 218 55.05 73.01 -8.11
C ALA F 218 54.54 71.58 -8.12
N VAL F 219 53.73 71.22 -9.13
CA VAL F 219 53.22 69.85 -9.16
C VAL F 219 54.35 68.87 -9.44
N ALA F 220 55.34 69.27 -10.25
CA ALA F 220 56.48 68.40 -10.48
C ALA F 220 57.24 68.13 -9.19
N LYS F 221 57.48 69.17 -8.40
CA LYS F 221 58.15 68.97 -7.12
C LYS F 221 57.32 68.10 -6.18
N SER F 222 56.01 68.30 -6.18
CA SER F 222 55.14 67.47 -5.35
C SER F 222 55.25 66.00 -5.74
N THR F 223 55.25 65.71 -7.05
CA THR F 223 55.44 64.34 -7.50
C THR F 223 56.79 63.80 -7.07
N ASN F 224 57.84 64.62 -7.21
CA ASN F 224 59.17 64.20 -6.79
C ASN F 224 59.19 63.83 -5.31
N VAL F 225 58.40 64.53 -4.49
CA VAL F 225 58.29 64.14 -3.08
C VAL F 225 57.60 62.79 -2.96
N SER F 226 56.47 62.62 -3.65
CA SER F 226 55.74 61.36 -3.64
C SER F 226 54.77 61.35 -4.82
N ASN F 227 54.50 60.16 -5.35
CA ASN F 227 53.66 60.03 -6.53
C ASN F 227 52.55 58.98 -6.34
N ASN F 228 52.14 58.74 -5.10
CA ASN F 228 51.13 57.73 -4.82
C ASN F 228 49.76 58.38 -4.84
N PHE F 229 49.30 58.71 -6.05
CA PHE F 229 48.00 59.33 -6.22
C PHE F 229 47.58 59.21 -7.69
N GLY F 230 46.40 59.76 -7.98
CA GLY F 230 45.95 59.90 -9.35
C GLY F 230 44.92 60.98 -9.44
N SER F 231 44.84 61.63 -10.60
CA SER F 231 43.85 62.67 -10.86
C SER F 231 43.97 63.85 -9.89
N PHE F 232 45.09 64.56 -10.01
CA PHE F 232 45.33 65.74 -9.19
C PHE F 232 44.42 66.89 -9.62
N LEU F 233 44.41 67.95 -8.81
CA LEU F 233 43.49 69.07 -9.01
C LEU F 233 44.04 70.33 -8.35
N PHE F 234 43.74 71.48 -8.97
CA PHE F 234 43.96 72.79 -8.35
C PHE F 234 42.65 73.32 -7.76
N ALA F 235 42.70 73.72 -6.50
CA ALA F 235 41.53 74.30 -5.84
C ALA F 235 41.61 75.83 -5.88
N GLY F 236 40.64 76.48 -5.25
CA GLY F 236 40.66 77.92 -5.16
C GLY F 236 40.22 78.61 -6.43
N ALA F 237 40.84 79.75 -6.70
CA ALA F 237 40.45 80.57 -7.84
C ALA F 237 40.77 79.84 -9.16
N PRO F 238 39.97 80.08 -10.20
CA PRO F 238 40.29 79.48 -11.50
C PRO F 238 41.57 80.05 -12.08
N LEU F 239 42.25 79.22 -12.86
CA LEU F 239 43.50 79.63 -13.50
C LEU F 239 43.23 80.12 -14.92
N ASP F 240 44.13 80.96 -15.41
CA ASP F 240 44.00 81.46 -16.77
C ASP F 240 44.40 80.38 -17.78
N ASN F 241 44.18 80.69 -19.06
CA ASN F 241 44.35 79.68 -20.10
C ASN F 241 45.80 79.22 -20.21
N ASP F 242 46.75 80.15 -20.16
CA ASP F 242 48.15 79.80 -20.40
C ASP F 242 48.67 78.83 -19.36
N GLN F 243 48.36 79.08 -18.08
CA GLN F 243 48.82 78.18 -17.03
C GLN F 243 48.23 76.79 -17.19
N ILE F 244 46.94 76.73 -17.52
CA ILE F 244 46.30 75.43 -17.72
C ILE F 244 46.95 74.69 -18.89
N LYS F 245 47.25 75.42 -19.97
CA LYS F 245 47.92 74.79 -21.11
C LYS F 245 49.28 74.24 -20.70
N ALA F 246 50.04 75.01 -19.92
CA ALA F 246 51.34 74.54 -19.47
C ALA F 246 51.22 73.27 -18.63
N VAL F 247 50.26 73.26 -17.69
CA VAL F 247 50.09 72.08 -16.85
C VAL F 247 49.67 70.88 -17.69
N SER F 248 48.79 71.10 -18.67
CA SER F 248 48.37 70.00 -19.53
C SER F 248 49.56 69.44 -20.31
N ALA F 249 50.41 70.32 -20.84
CA ALA F 249 51.58 69.84 -21.56
C ALA F 249 52.50 69.04 -20.64
N TRP F 250 52.71 69.53 -19.42
CA TRP F 250 53.57 68.80 -18.50
C TRP F 250 52.99 67.43 -18.16
N ASN F 251 51.68 67.36 -17.96
CA ASN F 251 51.05 66.08 -17.69
C ASN F 251 51.20 65.14 -18.87
N ALA F 252 51.02 65.66 -20.09
CA ALA F 252 51.21 64.84 -21.28
C ALA F 252 52.65 64.38 -21.43
N ALA F 253 53.61 65.10 -20.83
CA ALA F 253 54.99 64.65 -20.88
C ALA F 253 55.13 63.27 -20.24
N GLN F 254 54.55 63.10 -19.05
CA GLN F 254 54.42 61.77 -18.50
C GLN F 254 53.42 60.97 -19.32
N ASN F 255 53.66 59.66 -19.42
CA ASN F 255 52.88 58.81 -20.31
C ASN F 255 51.86 58.03 -19.49
N ASN F 256 50.63 58.53 -19.45
CA ASN F 256 49.51 57.87 -18.80
C ASN F 256 49.81 57.58 -17.33
N GLN F 257 50.00 58.65 -16.56
CA GLN F 257 50.25 58.54 -15.14
C GLN F 257 49.15 59.12 -14.28
N PHE F 258 48.55 60.24 -14.68
CA PHE F 258 47.54 60.90 -13.89
C PHE F 258 46.47 61.48 -14.81
N ILE F 259 45.45 62.08 -14.20
CA ILE F 259 44.36 62.73 -14.92
C ILE F 259 44.29 64.17 -14.47
N TYR F 260 44.23 65.09 -15.41
CA TYR F 260 44.11 66.51 -15.10
C TYR F 260 42.66 66.93 -15.29
N THR F 261 41.99 67.24 -14.19
CA THR F 261 40.60 67.67 -14.21
C THR F 261 40.52 69.16 -13.93
N VAL F 262 39.78 69.88 -14.76
CA VAL F 262 39.62 71.32 -14.60
C VAL F 262 38.14 71.67 -14.71
N ALA F 263 37.81 72.86 -14.25
CA ALA F 263 36.44 73.38 -14.33
C ALA F 263 36.44 74.60 -15.25
N THR F 264 35.37 74.74 -16.03
CA THR F 264 35.24 75.84 -16.96
C THR F 264 33.77 76.06 -17.27
N SER F 265 33.49 77.19 -17.91
CA SER F 265 32.13 77.57 -18.26
C SER F 265 31.85 77.31 -19.73
N LEU F 266 30.59 77.48 -20.11
CA LEU F 266 30.18 77.22 -21.49
C LEU F 266 30.88 78.15 -22.46
N ALA F 267 30.97 79.43 -22.12
CA ALA F 267 31.54 80.41 -23.04
C ALA F 267 33.03 80.19 -23.24
N ASN F 268 33.68 79.47 -22.34
CA ASN F 268 35.13 79.33 -22.39
C ASN F 268 35.60 78.12 -23.17
N LEU F 269 34.69 77.19 -23.54
CA LEU F 269 35.13 75.97 -24.20
C LEU F 269 35.72 76.23 -25.57
N GLY F 270 35.23 77.25 -26.27
CA GLY F 270 35.74 77.55 -27.59
C GLY F 270 37.23 77.83 -27.59
N THR F 271 37.71 78.50 -26.53
CA THR F 271 39.12 78.82 -26.45
C THR F 271 39.95 77.59 -26.07
N LEU F 272 39.57 76.91 -24.99
CA LEU F 272 40.42 75.85 -24.44
C LEU F 272 40.62 74.71 -25.42
N PHE F 273 39.56 74.30 -26.11
CA PHE F 273 39.65 73.13 -26.97
C PHE F 273 40.69 73.34 -28.07
N THR F 274 40.73 74.52 -28.66
CA THR F 274 41.75 74.81 -29.66
C THR F 274 43.14 74.76 -29.06
N LEU F 275 43.28 75.27 -27.84
CA LEU F 275 44.60 75.29 -27.19
C LEU F 275 45.04 73.89 -26.79
N VAL F 276 44.11 73.06 -26.33
CA VAL F 276 44.47 71.80 -25.68
C VAL F 276 43.97 70.63 -26.53
N ASN F 277 43.98 70.81 -27.85
CA ASN F 277 43.80 69.66 -28.73
C ASN F 277 44.94 68.67 -28.49
N GLY F 278 44.60 67.39 -28.52
CA GLY F 278 45.60 66.41 -28.10
C GLY F 278 45.88 66.58 -26.62
N ASN F 279 47.14 66.34 -26.24
CA ASN F 279 47.58 66.49 -24.85
C ASN F 279 46.72 65.61 -23.93
N ALA F 280 46.85 64.31 -24.12
CA ALA F 280 45.99 63.35 -23.45
C ALA F 280 46.13 63.43 -21.94
N GLY F 281 45.09 62.98 -21.25
CA GLY F 281 45.08 62.98 -19.80
C GLY F 281 44.39 64.17 -19.16
N THR F 282 43.69 64.98 -19.92
CA THR F 282 43.05 66.19 -19.42
C THR F 282 41.54 66.08 -19.57
N ALA F 283 40.80 66.41 -18.52
CA ALA F 283 39.35 66.34 -18.52
C ALA F 283 38.77 67.74 -18.43
N LEU F 284 37.76 68.01 -19.26
CA LEU F 284 37.09 69.30 -19.28
C LEU F 284 35.68 69.13 -18.73
N ASN F 285 35.30 70.00 -17.80
CA ASN F 285 34.00 69.94 -17.15
C ASN F 285 33.32 71.29 -17.21
N VAL F 286 32.02 71.29 -17.43
CA VAL F 286 31.23 72.51 -17.54
C VAL F 286 30.76 72.94 -16.17
N LEU F 287 30.90 74.23 -15.88
CA LEU F 287 30.52 74.80 -14.60
C LEU F 287 29.43 75.85 -14.79
N SER F 288 28.49 75.89 -13.85
CA SER F 288 27.36 76.79 -13.93
C SER F 288 27.72 78.13 -13.31
N ALA F 289 27.46 79.21 -14.06
CA ALA F 289 27.80 80.55 -13.59
C ALA F 289 26.82 81.01 -12.51
N THR F 290 25.54 80.71 -12.67
CA THR F 290 24.52 81.28 -11.78
C THR F 290 24.65 80.76 -10.36
N ALA F 291 24.72 79.44 -10.20
CA ALA F 291 24.62 78.82 -8.89
C ALA F 291 26.01 78.63 -8.28
N ALA F 292 26.06 77.97 -7.13
CA ALA F 292 27.33 77.65 -6.50
C ALA F 292 28.07 76.58 -7.30
N ASN F 293 29.39 76.52 -7.08
CA ASN F 293 30.23 75.64 -7.89
C ASN F 293 29.87 74.17 -7.65
N ASP F 294 29.62 73.80 -6.39
CA ASP F 294 29.26 72.43 -6.02
C ASP F 294 30.35 71.42 -6.34
N PHE F 295 31.51 71.90 -6.78
CA PHE F 295 32.68 71.06 -7.04
C PHE F 295 32.35 69.96 -8.07
N VAL F 296 32.00 70.40 -9.28
CA VAL F 296 31.64 69.44 -10.32
C VAL F 296 32.88 68.68 -10.80
N GLU F 297 34.04 69.32 -10.78
CA GLU F 297 35.23 68.74 -11.41
C GLU F 297 35.75 67.51 -10.69
N GLN F 298 35.26 67.21 -9.49
CA GLN F 298 35.77 66.09 -8.73
C GLN F 298 35.16 64.76 -9.15
N CYS F 299 34.09 64.76 -9.95
CA CYS F 299 33.36 63.52 -10.20
C CYS F 299 34.21 62.41 -10.79
N PRO F 300 34.99 62.62 -11.86
CA PRO F 300 35.83 61.53 -12.35
C PRO F 300 36.83 61.05 -11.31
N SER F 301 37.36 61.95 -10.49
CA SER F 301 38.30 61.52 -9.46
C SER F 301 37.63 60.62 -8.43
N GLU F 302 36.41 60.96 -8.01
CA GLU F 302 35.69 60.10 -7.07
C GLU F 302 35.42 58.74 -7.69
N ILE F 303 34.97 58.74 -8.94
CA ILE F 303 34.66 57.47 -9.61
C ILE F 303 35.91 56.61 -9.69
N LEU F 304 37.03 57.20 -10.07
CA LEU F 304 38.27 56.43 -10.18
C LEU F 304 38.73 55.92 -8.83
N ALA F 305 38.66 56.77 -7.79
CA ALA F 305 39.13 56.36 -6.47
C ALA F 305 38.27 55.27 -5.87
N ALA F 306 36.98 55.23 -6.21
CA ALA F 306 36.12 54.18 -5.67
C ALA F 306 36.39 52.83 -6.29
N THR F 307 37.17 52.76 -7.36
CA THR F 307 37.35 51.52 -8.10
C THR F 307 38.27 50.56 -7.34
N ASN F 308 37.86 49.31 -7.25
CA ASN F 308 38.69 48.24 -6.70
C ASN F 308 39.15 47.35 -7.85
N TYR F 309 40.45 47.08 -7.90
CA TYR F 309 41.01 46.39 -9.05
C TYR F 309 41.33 44.93 -8.82
N ASP F 310 41.41 44.47 -7.56
CA ASP F 310 41.77 43.08 -7.33
C ASP F 310 40.58 42.16 -7.58
N GLU F 311 39.38 42.58 -7.23
CA GLU F 311 38.23 41.71 -7.37
C GLU F 311 37.76 41.66 -8.83
N PRO F 312 37.16 40.55 -9.24
CA PRO F 312 36.72 40.44 -10.64
C PRO F 312 35.58 41.38 -10.96
N GLY F 313 35.38 41.60 -12.26
CA GLY F 313 34.31 42.46 -12.75
C GLY F 313 34.47 43.90 -12.30
N ALA F 314 35.68 44.46 -12.46
CA ALA F 314 36.01 45.74 -11.87
C ALA F 314 35.75 46.93 -12.80
N SER F 315 36.01 46.80 -14.09
CA SER F 315 35.88 47.92 -15.01
C SER F 315 34.45 48.45 -15.02
N GLN F 316 34.30 49.76 -14.85
CA GLN F 316 32.99 50.37 -14.76
C GLN F 316 32.87 51.50 -15.79
N ASN F 317 31.64 51.85 -16.09
CA ASN F 317 31.35 52.89 -17.05
C ASN F 317 31.26 54.23 -16.33
N TYR F 318 31.47 55.30 -17.08
CA TYR F 318 31.38 56.66 -16.54
C TYR F 318 30.15 57.41 -17.05
N MET F 319 29.35 56.80 -17.93
CA MET F 319 28.24 57.51 -18.57
C MET F 319 27.09 57.76 -17.62
N TYR F 320 26.77 56.81 -16.74
CA TYR F 320 25.55 56.89 -15.94
C TYR F 320 25.89 56.78 -14.47
N TYR F 321 26.19 57.91 -13.84
CA TYR F 321 26.27 58.00 -12.39
C TYR F 321 25.53 59.25 -11.95
N GLN F 322 24.80 59.14 -10.85
CA GLN F 322 23.93 60.21 -10.38
C GLN F 322 24.55 60.86 -9.16
N PHE F 323 24.64 62.18 -9.18
CA PHE F 323 25.13 62.97 -8.04
C PHE F 323 23.99 63.85 -7.55
N PRO F 324 23.27 63.46 -6.50
CA PRO F 324 22.15 64.28 -6.03
C PRO F 324 22.58 65.67 -5.58
N GLY F 325 23.77 65.81 -4.99
CA GLY F 325 24.18 67.10 -4.48
C GLY F 325 24.41 68.14 -5.56
N ARG F 326 24.96 67.72 -6.69
CA ARG F 326 25.36 68.67 -7.72
C ARG F 326 24.14 69.29 -8.40
N ASN F 327 24.38 70.35 -9.15
CA ASN F 327 23.33 71.05 -9.87
C ASN F 327 23.25 70.56 -11.31
N ILE F 328 22.48 71.26 -12.13
CA ILE F 328 22.23 70.90 -13.52
C ILE F 328 22.65 72.05 -14.42
N THR F 329 23.25 71.72 -15.56
CA THR F 329 23.81 72.72 -16.45
C THR F 329 23.08 72.82 -17.79
N VAL F 330 22.96 71.72 -18.53
CA VAL F 330 22.44 71.77 -19.89
C VAL F 330 21.12 71.01 -19.97
N SER F 331 20.23 71.48 -20.85
CA SER F 331 18.92 70.87 -20.99
C SER F 331 18.41 70.83 -22.43
N ASP F 332 19.24 71.12 -23.42
CA ASP F 332 18.79 71.19 -24.81
C ASP F 332 19.69 70.33 -25.69
N ASP F 333 19.14 69.89 -26.82
CA ASP F 333 19.91 69.06 -27.73
C ASP F 333 21.00 69.85 -28.44
N THR F 334 20.70 71.10 -28.83
CA THR F 334 21.66 71.88 -29.59
C THR F 334 22.92 72.15 -28.76
N VAL F 335 22.73 72.61 -27.52
CA VAL F 335 23.88 72.90 -26.67
C VAL F 335 24.63 71.61 -26.34
N ALA F 336 23.90 70.50 -26.19
CA ALA F 336 24.56 69.23 -25.94
C ALA F 336 25.44 68.82 -27.11
N ASN F 337 24.94 69.01 -28.34
CA ASN F 337 25.73 68.67 -29.51
C ASN F 337 26.97 69.56 -29.61
N THR F 338 26.81 70.86 -29.32
CA THR F 338 27.97 71.75 -29.37
C THR F 338 29.02 71.33 -28.33
N VAL F 339 28.58 71.02 -27.12
CA VAL F 339 29.51 70.61 -26.08
C VAL F 339 30.21 69.32 -26.45
N ASP F 340 29.46 68.35 -26.98
CA ASP F 340 30.08 67.09 -27.38
C ASP F 340 31.12 67.31 -28.47
N LYS F 341 30.79 68.15 -29.47
CA LYS F 341 31.78 68.48 -30.48
C LYS F 341 32.99 69.16 -29.86
N SER F 342 32.79 69.90 -28.78
CA SER F 342 33.90 70.51 -28.05
C SER F 342 34.54 69.57 -27.03
N ARG F 343 34.05 68.33 -26.93
CA ARG F 343 34.63 67.32 -26.04
C ARG F 343 34.61 67.77 -24.59
N GLY F 344 33.43 68.12 -24.10
CA GLY F 344 33.24 68.52 -22.73
C GLY F 344 32.44 67.51 -21.93
N ASN F 345 32.51 67.64 -20.61
CA ASN F 345 31.75 66.80 -19.69
C ASN F 345 30.81 67.67 -18.88
N TYR F 346 29.68 67.11 -18.50
CA TYR F 346 28.65 67.88 -17.82
C TYR F 346 27.67 66.93 -17.14
N ILE F 347 26.69 67.50 -16.45
CA ILE F 347 25.57 66.77 -15.89
C ILE F 347 24.32 67.27 -16.57
N GLY F 348 23.75 66.44 -17.44
CA GLY F 348 22.61 66.82 -18.25
C GLY F 348 21.33 66.28 -17.65
N VAL F 349 20.27 67.07 -17.75
CA VAL F 349 18.97 66.69 -17.21
C VAL F 349 18.13 66.11 -18.33
N THR F 350 17.49 64.98 -18.05
CA THR F 350 16.58 64.39 -19.01
C THR F 350 15.15 64.83 -18.82
N GLN F 351 14.78 65.37 -17.65
CA GLN F 351 13.41 65.78 -17.47
C GLN F 351 13.22 66.64 -16.23
N ALA F 352 12.06 67.26 -16.19
CA ALA F 352 11.41 67.78 -15.00
C ALA F 352 10.05 67.09 -14.87
N ASN F 353 9.20 67.61 -14.00
CA ASN F 353 7.81 67.15 -13.88
C ASN F 353 7.77 65.66 -13.51
N GLY F 354 8.27 65.37 -12.33
CA GLY F 354 8.42 64.02 -11.84
C GLY F 354 9.80 63.87 -11.23
N GLN F 355 10.16 62.63 -10.89
CA GLN F 355 11.51 62.42 -10.39
C GLN F 355 12.53 62.71 -11.49
N GLN F 356 13.55 63.47 -11.14
CA GLN F 356 14.54 63.92 -12.11
C GLN F 356 15.57 62.84 -12.36
N LEU F 357 16.11 62.82 -13.57
CA LEU F 357 17.27 62.02 -13.92
C LEU F 357 18.34 62.93 -14.47
N ALA F 358 19.50 62.91 -13.85
CA ALA F 358 20.67 63.62 -14.35
C ALA F 358 21.89 62.74 -14.06
N PHE F 359 22.87 62.82 -14.95
CA PHE F 359 24.06 62.00 -14.76
C PHE F 359 25.24 62.60 -15.51
N TYR F 360 26.43 62.32 -14.99
CA TYR F 360 27.68 62.76 -15.60
C TYR F 360 27.82 62.03 -16.93
N GLN F 361 27.61 62.75 -18.03
CA GLN F 361 27.30 62.05 -19.29
C GLN F 361 28.56 61.56 -20.00
N ARG F 362 29.38 62.47 -20.50
CA ARG F 362 30.43 62.06 -21.42
C ARG F 362 31.61 61.48 -20.66
N GLY F 363 31.97 60.25 -20.99
CA GLY F 363 33.14 59.64 -20.41
C GLY F 363 34.35 59.84 -21.29
N ILE F 364 34.26 60.81 -22.20
CA ILE F 364 35.33 61.06 -23.15
C ILE F 364 36.37 61.96 -22.50
N LEU F 365 37.52 62.05 -23.14
CA LEU F 365 38.68 62.73 -22.57
C LEU F 365 39.54 63.22 -23.71
N CYS F 366 39.95 64.49 -23.66
CA CYS F 366 40.64 65.09 -24.79
C CYS F 366 42.01 64.46 -24.99
N GLY F 367 42.36 64.25 -26.26
CA GLY F 367 43.64 63.64 -26.58
C GLY F 367 43.78 63.48 -28.08
N GLY F 368 44.97 63.08 -28.48
CA GLY F 368 45.28 62.90 -29.88
C GLY F 368 44.65 61.65 -30.46
N PRO F 369 44.73 61.52 -31.79
CA PRO F 369 44.11 60.36 -32.45
C PRO F 369 44.68 59.03 -32.00
N THR F 370 45.97 58.97 -31.67
CA THR F 370 46.59 57.69 -31.35
C THR F 370 46.19 57.20 -29.98
N ASP F 371 46.10 58.10 -29.00
CA ASP F 371 45.89 57.69 -27.62
C ASP F 371 44.42 57.38 -27.35
N ALA F 372 44.19 56.59 -26.30
CA ALA F 372 42.84 56.25 -25.89
C ALA F 372 42.07 57.49 -25.47
N VAL F 373 40.77 57.49 -25.77
CA VAL F 373 39.91 58.63 -25.49
C VAL F 373 39.02 58.40 -24.28
N ASP F 374 38.48 57.20 -24.14
CA ASP F 374 37.58 56.92 -23.04
C ASP F 374 38.35 56.89 -21.72
N MET F 375 37.64 57.21 -20.63
CA MET F 375 38.28 57.30 -19.33
C MET F 375 38.66 55.94 -18.77
N ASN F 376 37.76 54.96 -18.90
CA ASN F 376 38.01 53.65 -18.31
C ASN F 376 39.27 53.01 -18.87
N VAL F 377 39.49 53.16 -20.19
CA VAL F 377 40.71 52.64 -20.79
C VAL F 377 41.93 53.31 -20.16
N TYR F 378 41.86 54.61 -19.94
CA TYR F 378 42.97 55.33 -19.34
C TYR F 378 43.28 54.78 -17.95
N ALA F 379 42.24 54.61 -17.12
CA ALA F 379 42.46 54.10 -15.78
C ALA F 379 43.05 52.70 -15.81
N ASN F 380 42.54 51.85 -16.70
CA ASN F 380 43.04 50.50 -16.78
C ASN F 380 44.51 50.48 -17.19
N GLU F 381 44.89 51.35 -18.13
CA GLU F 381 46.31 51.43 -18.50
C GLU F 381 47.17 51.88 -17.33
N ILE F 382 46.68 52.84 -16.55
CA ILE F 382 47.43 53.28 -15.37
C ILE F 382 47.70 52.09 -14.46
N TRP F 383 46.65 51.35 -14.12
CA TRP F 383 46.82 50.22 -13.21
C TRP F 383 47.75 49.17 -13.80
N LEU F 384 47.60 48.89 -15.09
CA LEU F 384 48.42 47.87 -15.74
C LEU F 384 49.89 48.25 -15.70
N LYS F 385 50.20 49.51 -16.02
CA LYS F 385 51.60 49.94 -15.98
C LYS F 385 52.17 49.81 -14.58
N SER F 386 51.41 50.21 -13.57
CA SER F 386 51.92 50.09 -12.20
C SER F 386 52.22 48.64 -11.87
N ALA F 387 51.30 47.73 -12.19
CA ALA F 387 51.50 46.32 -11.83
C ALA F 387 52.70 45.74 -12.55
N ILE F 388 52.85 46.04 -13.84
CA ILE F 388 53.97 45.50 -14.61
C ILE F 388 55.29 45.98 -14.00
N ALA F 389 55.38 47.27 -13.70
CA ALA F 389 56.62 47.79 -13.13
C ALA F 389 56.93 47.12 -11.82
N GLN F 390 55.93 46.94 -10.96
CA GLN F 390 56.19 46.31 -9.67
C GLN F 390 56.69 44.89 -9.84
N ALA F 391 56.08 44.14 -10.78
CA ALA F 391 56.52 42.76 -11.00
C ALA F 391 57.96 42.70 -11.48
N LEU F 392 58.34 43.59 -12.40
CA LEU F 392 59.70 43.56 -12.91
C LEU F 392 60.71 43.90 -11.80
N LEU F 393 60.41 44.90 -10.99
CA LEU F 393 61.32 45.21 -9.89
C LEU F 393 61.42 44.08 -8.89
N ASP F 394 60.30 43.38 -8.63
CA ASP F 394 60.38 42.22 -7.74
C ASP F 394 61.31 41.16 -8.30
N LEU F 395 61.19 40.87 -9.60
CA LEU F 395 62.11 39.93 -10.22
C LEU F 395 63.55 40.34 -10.03
N PHE F 396 63.86 41.60 -10.36
CA PHE F 396 65.25 42.04 -10.26
C PHE F 396 65.77 41.94 -8.84
N LEU F 397 64.94 42.27 -7.86
CA LEU F 397 65.38 42.27 -6.48
C LEU F 397 65.47 40.87 -5.89
N ASN F 398 64.80 39.89 -6.48
CA ASN F 398 64.79 38.58 -5.84
C ASN F 398 65.82 37.61 -6.40
N VAL F 399 65.86 37.44 -7.72
CA VAL F 399 66.83 36.52 -8.30
C VAL F 399 68.22 37.14 -8.26
N ASN F 400 69.25 36.30 -8.18
CA ASN F 400 70.61 36.80 -8.06
C ASN F 400 71.15 37.31 -9.39
N ALA F 401 70.73 36.72 -10.50
CA ALA F 401 71.19 37.17 -11.81
C ALA F 401 70.20 36.73 -12.87
N VAL F 402 70.05 37.55 -13.90
CA VAL F 402 69.18 37.27 -15.03
C VAL F 402 70.06 37.12 -16.27
N PRO F 403 70.39 35.90 -16.66
CA PRO F 403 71.25 35.71 -17.83
C PRO F 403 70.58 36.20 -19.10
N ALA F 404 71.40 36.68 -20.02
CA ALA F 404 70.91 37.13 -21.33
C ALA F 404 70.82 35.95 -22.29
N SER F 405 69.89 35.04 -21.96
CA SER F 405 69.69 33.84 -22.76
C SER F 405 68.21 33.46 -22.68
N SER F 406 67.88 32.30 -23.24
CA SER F 406 66.49 31.85 -23.26
C SER F 406 65.96 31.64 -21.85
N THR F 407 66.81 31.27 -20.91
CA THR F 407 66.36 31.09 -19.53
C THR F 407 65.86 32.41 -18.95
N GLY F 408 66.55 33.51 -19.26
CA GLY F 408 66.11 34.80 -18.73
C GLY F 408 64.75 35.20 -19.24
N GLU F 409 64.51 35.03 -20.54
CA GLU F 409 63.20 35.37 -21.08
C GLU F 409 62.12 34.44 -20.55
N ALA F 410 62.45 33.17 -20.33
CA ALA F 410 61.50 32.28 -19.69
C ALA F 410 61.15 32.77 -18.29
N MET F 411 62.14 33.23 -17.54
CA MET F 411 61.86 33.78 -16.21
C MET F 411 60.96 35.00 -16.30
N THR F 412 61.19 35.85 -17.29
CA THR F 412 60.34 37.04 -17.44
C THR F 412 58.90 36.66 -17.73
N LEU F 413 58.68 35.70 -18.62
CA LEU F 413 57.31 35.23 -18.84
C LEU F 413 56.70 34.68 -17.56
N ALA F 414 57.46 33.87 -16.82
CA ALA F 414 56.94 33.28 -15.61
C ALA F 414 56.52 34.35 -14.61
N VAL F 415 57.30 35.42 -14.51
CA VAL F 415 56.96 36.49 -13.58
C VAL F 415 55.73 37.26 -14.05
N LEU F 416 55.64 37.54 -15.36
CA LEU F 416 54.53 38.35 -15.82
C LEU F 416 53.22 37.58 -15.88
N GLN F 417 53.25 36.25 -15.80
CA GLN F 417 52.01 35.49 -15.91
C GLN F 417 50.95 35.88 -14.88
N PRO F 418 51.23 35.96 -13.58
CA PRO F 418 50.14 36.32 -12.63
C PRO F 418 49.52 37.67 -12.89
N VAL F 419 50.29 38.67 -13.34
CA VAL F 419 49.71 39.98 -13.61
C VAL F 419 48.71 39.88 -14.75
N LEU F 420 49.05 39.16 -15.81
CA LEU F 420 48.11 38.99 -16.91
C LEU F 420 46.88 38.21 -16.49
N ASP F 421 47.05 37.22 -15.62
CA ASP F 421 45.88 36.51 -15.11
C ASP F 421 44.96 37.44 -14.32
N LYS F 422 45.54 38.27 -13.45
CA LYS F 422 44.75 39.22 -12.70
C LYS F 422 44.05 40.20 -13.62
N ALA F 423 44.73 40.63 -14.68
CA ALA F 423 44.14 41.58 -15.61
C ALA F 423 42.97 40.96 -16.36
N THR F 424 43.14 39.74 -16.85
CA THR F 424 42.06 39.12 -17.62
C THR F 424 40.87 38.78 -16.73
N ALA F 425 41.11 38.46 -15.46
CA ALA F 425 39.98 38.27 -14.55
C ALA F 425 39.35 39.59 -14.16
N ASN F 426 40.14 40.66 -14.16
CA ASN F 426 39.66 41.97 -13.70
C ASN F 426 38.64 42.55 -14.66
N GLY F 427 38.95 42.56 -15.95
CA GLY F 427 38.10 43.19 -16.93
C GLY F 427 38.81 44.18 -17.84
N THR F 428 40.10 44.46 -17.63
CA THR F 428 40.79 45.37 -18.53
C THR F 428 41.04 44.74 -19.89
N PHE F 429 41.07 43.42 -19.95
CA PHE F 429 41.17 42.72 -21.22
C PHE F 429 39.79 42.20 -21.62
N THR F 430 39.59 42.06 -22.94
CA THR F 430 38.35 41.57 -23.47
C THR F 430 38.64 40.54 -24.56
N TYR F 431 37.70 39.62 -24.75
CA TYR F 431 37.87 38.53 -25.70
C TYR F 431 36.66 38.46 -26.61
N GLY F 432 36.90 37.98 -27.83
CA GLY F 432 35.83 37.72 -28.78
C GLY F 432 35.48 38.87 -29.70
N LYS F 433 36.08 40.03 -29.53
CA LYS F 433 35.75 41.16 -30.40
C LYS F 433 36.22 40.92 -31.82
N GLU F 434 35.50 41.51 -32.77
CA GLU F 434 35.83 41.38 -34.18
C GLU F 434 36.92 42.39 -34.55
N ILE F 435 37.78 41.97 -35.48
CA ILE F 435 38.93 42.76 -35.90
C ILE F 435 38.74 43.18 -37.35
N SER F 436 38.82 44.49 -37.60
CA SER F 436 38.68 45.02 -38.95
C SER F 436 39.98 44.81 -39.74
N ALA F 437 39.86 44.92 -41.06
CA ALA F 437 41.01 44.68 -41.92
C ALA F 437 42.13 45.67 -41.66
N VAL F 438 41.78 46.95 -41.55
CA VAL F 438 42.80 47.96 -41.26
C VAL F 438 43.43 47.70 -39.91
N GLN F 439 42.63 47.26 -38.93
CA GLN F 439 43.18 46.93 -37.63
C GLN F 439 44.14 45.75 -37.72
N GLN F 440 43.80 44.75 -38.51
CA GLN F 440 44.69 43.60 -38.69
C GLN F 440 46.00 44.03 -39.32
N GLN F 441 45.93 44.89 -40.34
CA GLN F 441 47.15 45.39 -40.95
C GLN F 441 47.99 46.18 -39.95
N TYR F 442 47.33 46.99 -39.12
CA TYR F 442 48.06 47.75 -38.11
C TYR F 442 48.77 46.83 -37.13
N ILE F 443 48.08 45.78 -36.68
CA ILE F 443 48.69 44.85 -35.74
C ILE F 443 49.90 44.17 -36.37
N THR F 444 49.74 43.70 -37.61
CA THR F 444 50.86 43.04 -38.27
C THR F 444 52.00 44.00 -38.52
N GLN F 445 51.71 45.28 -38.72
CA GLN F 445 52.79 46.24 -38.90
C GLN F 445 53.54 46.48 -37.60
N VAL F 446 52.81 46.54 -36.48
CA VAL F 446 53.46 46.85 -35.20
C VAL F 446 54.40 45.73 -34.79
N THR F 447 53.93 44.49 -34.84
CA THR F 447 54.74 43.33 -34.51
C THR F 447 54.97 42.51 -35.77
N GLY F 448 56.23 42.15 -36.02
CA GLY F 448 56.58 41.53 -37.28
C GLY F 448 55.90 40.20 -37.53
N ASP F 449 55.34 39.59 -36.50
CA ASP F 449 54.70 38.29 -36.63
C ASP F 449 53.28 38.43 -37.15
N ARG F 450 52.93 37.65 -38.15
CA ARG F 450 51.56 37.53 -38.60
C ARG F 450 50.83 36.50 -37.74
N ARG F 451 49.51 36.47 -37.86
CA ARG F 451 48.60 35.62 -37.09
C ARG F 451 48.58 35.97 -35.61
N ALA F 452 49.14 37.11 -35.21
CA ALA F 452 48.95 37.56 -33.84
C ALA F 452 47.56 38.13 -33.63
N TRP F 453 46.94 38.64 -34.70
CA TRP F 453 45.59 39.16 -34.56
C TRP F 453 44.61 38.07 -34.15
N ARG F 454 44.84 36.84 -34.60
CA ARG F 454 44.02 35.73 -34.13
C ARG F 454 44.17 35.55 -32.63
N GLN F 455 45.41 35.67 -32.14
CA GLN F 455 45.64 35.53 -30.71
C GLN F 455 44.92 36.61 -29.92
N VAL F 456 45.00 37.86 -30.38
CA VAL F 456 44.34 38.92 -29.63
C VAL F 456 42.84 38.86 -29.80
N GLN F 457 42.34 38.21 -30.84
CA GLN F 457 40.90 38.00 -30.96
C GLN F 457 40.43 36.92 -29.99
N THR F 458 41.22 35.86 -29.83
CA THR F 458 40.78 34.75 -28.98
C THR F 458 41.04 35.03 -27.50
N LEU F 459 42.29 35.21 -27.11
CA LEU F 459 42.62 35.42 -25.70
C LEU F 459 42.55 36.88 -25.28
N GLY F 460 42.84 37.80 -26.18
CA GLY F 460 42.79 39.21 -25.85
C GLY F 460 44.13 39.87 -25.62
N TYR F 461 45.24 39.13 -25.69
CA TYR F 461 46.54 39.74 -25.54
C TYR F 461 47.59 38.90 -26.25
N TRP F 462 48.74 39.51 -26.49
CA TRP F 462 49.85 38.86 -27.16
C TRP F 462 51.14 39.51 -26.68
N ILE F 463 52.09 38.69 -26.25
CA ILE F 463 53.31 39.19 -25.64
C ILE F 463 54.52 38.53 -26.29
N ASN F 464 55.66 39.22 -26.22
CA ASN F 464 56.91 38.72 -26.77
C ASN F 464 58.06 39.47 -26.11
N ILE F 465 59.15 38.76 -25.83
CA ILE F 465 60.31 39.37 -25.17
C ILE F 465 61.58 38.99 -25.91
N THR F 466 62.41 39.98 -26.21
CA THR F 466 63.73 39.79 -26.79
C THR F 466 64.70 40.70 -26.09
N PHE F 467 65.99 40.38 -26.19
CA PHE F 467 67.03 41.12 -25.51
C PHE F 467 68.11 41.52 -26.51
N SER F 468 68.77 42.64 -26.24
CA SER F 468 69.74 43.21 -27.16
C SER F 468 70.82 43.93 -26.36
N SER F 469 71.61 44.76 -27.04
CA SER F 469 72.69 45.51 -26.42
C SER F 469 72.61 46.97 -26.83
N TYR F 470 73.14 47.84 -25.98
CA TYR F 470 73.12 49.28 -26.21
C TYR F 470 74.21 49.91 -25.35
N THR F 471 74.43 51.20 -25.57
CA THR F 471 75.36 51.98 -24.78
C THR F 471 74.62 53.17 -24.17
N ASN F 472 74.90 53.46 -22.90
CA ASN F 472 74.22 54.54 -22.21
C ASN F 472 74.97 55.85 -22.38
N SER F 473 74.26 56.95 -22.14
CA SER F 473 74.83 58.27 -22.35
C SER F 473 75.80 58.66 -21.25
N ASN F 474 75.49 58.29 -20.01
CA ASN F 474 76.31 58.73 -18.88
C ASN F 474 77.73 58.17 -18.95
N THR F 475 77.87 56.91 -19.34
CA THR F 475 79.16 56.26 -19.39
C THR F 475 79.32 55.57 -20.74
N GLY F 476 80.54 55.58 -21.27
CA GLY F 476 80.78 54.99 -22.57
C GLY F 476 80.57 53.49 -22.64
N LEU F 477 80.44 52.81 -21.50
CA LEU F 477 80.31 51.37 -21.51
C LEU F 477 78.98 50.95 -22.14
N THR F 478 78.84 49.64 -22.32
CA THR F 478 77.65 49.05 -22.92
C THR F 478 77.02 48.05 -21.97
N GLU F 479 75.69 47.96 -22.00
CA GLU F 479 74.95 47.01 -21.20
C GLU F 479 73.96 46.26 -22.08
N TRP F 480 73.22 45.34 -21.45
CA TRP F 480 72.23 44.52 -22.13
C TRP F 480 70.86 44.87 -21.59
N LYS F 481 69.90 45.05 -22.49
CA LYS F 481 68.53 45.41 -22.12
C LYS F 481 67.55 44.47 -22.79
N ALA F 482 66.38 44.36 -22.20
CA ALA F 482 65.31 43.49 -22.68
C ALA F 482 64.14 44.33 -23.17
N ASN F 483 63.58 43.95 -24.31
CA ASN F 483 62.47 44.65 -24.93
C ASN F 483 61.28 43.73 -25.04
N TYR F 484 60.11 44.19 -24.64
CA TYR F 484 58.89 43.43 -24.86
C TYR F 484 57.88 44.32 -25.57
N THR F 485 56.89 43.67 -26.18
CA THR F 485 55.77 44.36 -26.80
C THR F 485 54.48 43.71 -26.31
N LEU F 486 53.50 44.54 -25.96
CA LEU F 486 52.23 44.05 -25.46
C LEU F 486 51.10 44.67 -26.27
N ILE F 487 50.24 43.82 -26.81
CA ILE F 487 49.06 44.25 -27.56
C ILE F 487 47.86 43.57 -26.93
N TYR F 488 46.81 44.36 -26.65
CA TYR F 488 45.62 43.80 -26.02
C TYR F 488 44.39 44.54 -26.51
N SER F 489 43.24 43.88 -26.38
CA SER F 489 41.97 44.44 -26.81
C SER F 489 41.40 45.31 -25.71
N LYS F 490 41.11 46.56 -26.03
CA LYS F 490 40.66 47.53 -25.04
C LYS F 490 39.30 47.13 -24.49
N GLY F 491 39.08 47.45 -23.22
CA GLY F 491 37.78 47.26 -22.62
C GLY F 491 36.79 48.30 -23.09
N ASP F 492 35.50 47.96 -22.97
CA ASP F 492 34.45 48.86 -23.41
C ASP F 492 33.29 48.84 -22.42
N ALA F 493 32.48 49.88 -22.49
CA ALA F 493 31.29 49.99 -21.66
C ALA F 493 30.15 50.48 -22.53
N ILE F 494 28.93 50.13 -22.13
CA ILE F 494 27.75 50.41 -22.93
C ILE F 494 27.40 51.89 -22.80
N ARG F 495 27.17 52.53 -23.94
CA ARG F 495 26.75 53.93 -23.98
C ARG F 495 25.41 54.14 -24.67
N PHE F 496 25.09 53.33 -25.68
CA PHE F 496 23.93 53.56 -26.51
C PHE F 496 23.35 52.20 -26.90
N VAL F 497 22.03 52.11 -26.94
CA VAL F 497 21.34 50.84 -27.12
C VAL F 497 20.51 50.89 -28.40
N GLU F 498 20.64 49.83 -29.20
CA GLU F 498 19.88 49.66 -30.44
C GLU F 498 18.92 48.49 -30.27
N GLY F 499 17.70 48.67 -30.75
CA GLY F 499 16.70 47.63 -30.64
C GLY F 499 15.80 47.61 -31.86
N SER F 500 15.06 46.51 -31.98
CA SER F 500 14.08 46.32 -33.05
C SER F 500 13.27 45.07 -32.75
N ASP F 501 11.98 45.12 -33.05
CA ASP F 501 11.15 43.94 -32.92
C ASP F 501 10.21 43.85 -34.11
N VAL F 502 9.92 42.61 -34.50
CA VAL F 502 9.07 42.33 -35.65
C VAL F 502 7.98 41.37 -35.20
N MET F 503 6.76 41.59 -35.67
CA MET F 503 5.64 40.78 -35.20
C MET F 503 5.73 39.34 -35.71
N ILE F 504 6.26 39.15 -36.91
CA ILE F 504 6.48 37.80 -37.42
C ILE F 504 7.37 37.83 -38.66
N LYS G 1 -30.33 43.02 -14.38
CA LYS G 1 -29.93 42.50 -15.69
C LYS G 1 -29.90 40.98 -15.72
N ILE G 2 -29.72 40.42 -16.90
CA ILE G 2 -29.68 38.97 -17.10
C ILE G 2 -28.36 38.62 -17.78
N PRO G 3 -27.58 37.69 -17.24
CA PRO G 3 -26.33 37.30 -17.89
C PRO G 3 -26.58 36.54 -19.18
N LEU G 4 -25.78 36.85 -20.20
CA LEU G 4 -25.86 36.23 -21.52
C LEU G 4 -24.46 35.77 -21.91
N THR G 5 -24.32 35.36 -23.17
CA THR G 5 -23.03 35.00 -23.73
C THR G 5 -23.13 35.12 -25.26
N ALA G 6 -22.00 34.91 -25.93
CA ALA G 6 -21.93 35.08 -27.38
C ALA G 6 -22.04 33.71 -28.05
N VAL G 7 -23.28 33.25 -28.20
CA VAL G 7 -23.58 31.97 -28.83
C VAL G 7 -24.78 32.16 -29.75
N PRO G 8 -24.76 31.62 -30.97
CA PRO G 8 -25.91 31.83 -31.87
C PRO G 8 -27.21 31.23 -31.38
N ASN G 9 -27.17 30.29 -30.43
CA ASN G 9 -28.39 29.67 -29.93
C ASN G 9 -28.18 29.29 -28.47
N GLN G 10 -29.04 29.79 -27.59
CA GLN G 10 -28.90 29.54 -26.17
C GLN G 10 -30.25 29.67 -25.49
N ALA G 11 -30.32 29.19 -24.25
CA ALA G 11 -31.53 29.29 -23.46
C ALA G 11 -31.16 29.30 -21.99
N ILE G 12 -31.78 30.19 -21.22
CA ILE G 12 -31.49 30.33 -19.81
C ILE G 12 -32.81 30.36 -19.04
N SER G 13 -32.74 29.92 -17.78
CA SER G 13 -33.87 29.96 -16.87
C SER G 13 -33.45 30.69 -15.60
N PHE G 14 -34.35 31.52 -15.07
CA PHE G 14 -34.05 32.32 -13.90
C PHE G 14 -35.33 32.57 -13.12
N ASN G 15 -35.17 32.87 -11.85
CA ASN G 15 -36.30 33.10 -10.95
C ASN G 15 -36.27 34.56 -10.52
N ALA G 16 -37.17 35.36 -11.08
CA ALA G 16 -37.23 36.78 -10.76
C ALA G 16 -38.67 37.24 -10.79
N GLY G 17 -38.96 38.29 -10.01
CA GLY G 17 -40.31 38.79 -9.92
C GLY G 17 -41.28 37.80 -9.33
N SER G 18 -40.82 36.95 -8.41
CA SER G 18 -41.66 35.93 -7.78
C SER G 18 -42.33 35.03 -8.83
N SER G 19 -41.59 34.70 -9.88
CA SER G 19 -42.10 33.82 -10.93
C SER G 19 -40.94 33.18 -11.65
N TYR G 20 -41.24 32.10 -12.37
CA TYR G 20 -40.23 31.28 -13.03
C TYR G 20 -40.22 31.59 -14.52
N TRP G 21 -39.05 31.94 -15.04
CA TRP G 21 -38.92 32.38 -16.42
C TRP G 21 -37.91 31.51 -17.16
N LYS G 22 -38.14 31.34 -18.46
CA LYS G 22 -37.20 30.64 -19.33
C LYS G 22 -37.24 31.28 -20.70
N ILE G 23 -36.08 31.70 -21.20
CA ILE G 23 -35.98 32.44 -22.45
C ILE G 23 -35.02 31.72 -23.38
N ARG G 24 -35.38 31.66 -24.66
CA ARG G 24 -34.53 31.06 -25.69
C ARG G 24 -34.24 32.09 -26.76
N LEU G 25 -32.97 32.18 -27.17
CA LEU G 25 -32.54 33.11 -28.21
C LEU G 25 -31.89 32.34 -29.34
N TYR G 26 -32.26 32.67 -30.57
CA TYR G 26 -31.72 31.97 -31.73
C TYR G 26 -31.78 32.87 -32.94
N GLN G 27 -30.74 32.83 -33.76
CA GLN G 27 -30.69 33.64 -34.97
C GLN G 27 -31.64 33.08 -36.02
N ASN G 28 -32.21 33.98 -36.81
CA ASN G 28 -33.07 33.60 -37.92
C ASN G 28 -32.79 34.57 -39.07
N MET G 29 -32.02 34.10 -40.05
CA MET G 29 -31.62 34.91 -41.20
C MET G 29 -30.93 36.18 -40.73
N ASP G 30 -31.67 37.29 -40.69
CA ASP G 30 -31.11 38.59 -40.36
C ASP G 30 -31.41 39.02 -38.93
N MET G 31 -32.66 38.94 -38.52
CA MET G 31 -33.03 39.42 -37.19
C MET G 31 -32.89 38.32 -36.14
N MET G 32 -32.66 38.75 -34.91
CA MET G 32 -32.68 37.89 -33.74
C MET G 32 -34.12 37.52 -33.42
N ASN G 33 -34.30 36.47 -32.62
CA ASN G 33 -35.63 36.02 -32.23
C ASN G 33 -35.60 35.51 -30.79
N ALA G 34 -36.78 35.30 -30.24
CA ALA G 34 -36.88 34.89 -28.84
C ALA G 34 -38.13 34.04 -28.64
N ASP G 35 -38.09 33.23 -27.58
CA ASP G 35 -39.22 32.43 -27.14
C ASP G 35 -39.26 32.47 -25.62
N ILE G 36 -40.44 32.76 -25.06
CA ILE G 36 -40.58 33.03 -23.63
C ILE G 36 -41.60 32.07 -23.05
N SER G 37 -41.25 31.47 -21.91
CA SER G 37 -42.13 30.58 -21.18
C SER G 37 -42.15 30.97 -19.71
N ARG G 38 -43.29 30.75 -19.07
CA ARG G 38 -43.45 31.09 -17.66
C ARG G 38 -44.04 29.91 -16.90
N ASP G 39 -43.43 29.56 -15.78
CA ASP G 39 -43.94 28.53 -14.88
C ASP G 39 -44.22 27.23 -15.63
N GLY G 40 -43.33 26.89 -16.56
CA GLY G 40 -43.51 25.69 -17.35
C GLY G 40 -44.61 25.77 -18.38
N VAL G 41 -45.19 26.95 -18.60
CA VAL G 41 -46.26 27.13 -19.55
C VAL G 41 -45.79 28.12 -20.60
N ILE G 42 -45.94 27.75 -21.87
CA ILE G 42 -45.49 28.61 -22.95
C ILE G 42 -46.32 29.89 -22.98
N VAL G 43 -45.70 30.98 -23.44
CA VAL G 43 -46.37 32.27 -23.50
C VAL G 43 -46.41 32.77 -24.94
N CYS G 44 -45.24 33.02 -25.53
CA CYS G 44 -45.16 33.56 -26.87
C CYS G 44 -44.09 32.83 -27.66
N HIS G 45 -44.24 32.86 -28.98
CA HIS G 45 -43.38 32.10 -29.89
C HIS G 45 -42.89 33.01 -31.00
N GLY G 46 -41.58 33.05 -31.19
CA GLY G 46 -41.00 33.73 -32.33
C GLY G 46 -41.28 35.22 -32.42
N VAL G 47 -41.11 35.93 -31.32
CA VAL G 47 -41.25 37.38 -31.35
C VAL G 47 -39.98 38.01 -31.88
N ARG G 48 -40.13 39.01 -32.73
CA ARG G 48 -38.97 39.65 -33.34
C ARG G 48 -38.22 40.50 -32.32
N CYS G 49 -36.99 40.87 -32.68
CA CYS G 49 -36.02 41.46 -31.78
C CYS G 49 -35.61 42.86 -32.22
N PHE G 50 -36.22 43.88 -31.61
CA PHE G 50 -35.86 45.27 -31.83
C PHE G 50 -35.55 45.96 -30.51
N GLY G 51 -34.73 46.99 -30.59
CA GLY G 51 -34.27 47.71 -29.42
C GLY G 51 -35.25 48.73 -28.87
N GLY G 52 -35.55 48.63 -27.58
CA GLY G 52 -36.40 49.58 -26.91
C GLY G 52 -37.87 49.17 -26.87
N ILE G 53 -38.30 48.29 -27.75
CA ILE G 53 -39.68 47.82 -27.79
C ILE G 53 -39.81 46.62 -26.86
N PRO G 54 -40.80 46.61 -25.96
CA PRO G 54 -40.95 45.48 -25.04
C PRO G 54 -41.25 44.19 -25.80
N LEU G 55 -40.76 43.08 -25.23
CA LEU G 55 -40.90 41.78 -25.89
C LEU G 55 -42.36 41.35 -25.95
N LEU G 56 -43.07 41.46 -24.83
CA LEU G 56 -44.46 41.03 -24.77
C LEU G 56 -45.34 42.16 -25.30
N GLN G 57 -46.16 41.84 -26.31
CA GLN G 57 -46.94 42.85 -27.01
C GLN G 57 -48.41 42.83 -26.63
N TYR G 58 -49.09 41.70 -26.79
CA TYR G 58 -50.51 41.65 -26.56
C TYR G 58 -50.83 41.90 -25.09
N SER G 59 -52.05 42.40 -24.84
CA SER G 59 -52.40 42.93 -23.52
C SER G 59 -52.40 41.85 -22.44
N HIS G 60 -52.97 40.68 -22.75
CA HIS G 60 -53.21 39.68 -21.71
C HIS G 60 -51.94 39.06 -21.18
N GLN G 61 -50.80 39.29 -21.81
CA GLN G 61 -49.57 38.62 -21.40
C GLN G 61 -48.71 39.47 -20.48
N TYR G 62 -48.47 40.73 -20.85
CA TYR G 62 -47.34 41.44 -20.27
C TYR G 62 -47.49 41.62 -18.76
N ARG G 63 -48.64 42.11 -18.28
CA ARG G 63 -48.89 41.87 -16.86
C ARG G 63 -50.33 42.20 -16.44
N PRO G 64 -50.92 41.41 -15.56
CA PRO G 64 -51.77 42.00 -14.53
C PRO G 64 -50.90 42.61 -13.44
N ASP G 65 -49.88 41.86 -13.01
CA ASP G 65 -48.92 42.34 -12.04
C ASP G 65 -47.48 41.90 -12.31
N TYR G 66 -47.22 41.20 -13.40
CA TYR G 66 -45.91 40.67 -13.73
C TYR G 66 -45.01 41.77 -14.29
N GLY G 67 -43.88 41.40 -14.88
CA GLY G 67 -42.95 42.33 -15.47
C GLY G 67 -42.92 42.26 -16.98
N ASN G 68 -41.80 42.69 -17.55
CA ASN G 68 -41.59 42.65 -18.99
C ASN G 68 -40.11 42.79 -19.28
N PHE G 69 -39.75 42.67 -20.56
CA PHE G 69 -38.36 42.68 -21.00
C PHE G 69 -38.19 43.64 -22.17
N VAL G 70 -37.10 44.40 -22.15
CA VAL G 70 -36.81 45.39 -23.18
C VAL G 70 -35.32 45.36 -23.51
N PHE G 71 -35.00 45.49 -24.79
CA PHE G 71 -33.62 45.51 -25.27
C PHE G 71 -33.14 46.96 -25.42
N ASP G 72 -31.92 47.22 -24.98
CA ASP G 72 -31.36 48.57 -25.11
C ASP G 72 -31.17 48.95 -26.57
N ARG G 73 -30.61 48.05 -27.37
CA ARG G 73 -30.42 48.26 -28.80
C ARG G 73 -30.79 46.99 -29.54
N ASP G 74 -30.77 47.08 -30.87
CA ASP G 74 -30.99 45.90 -31.70
C ASP G 74 -29.90 44.88 -31.39
N ALA G 75 -30.32 43.63 -31.14
CA ALA G 75 -29.41 42.64 -30.62
C ALA G 75 -28.60 41.97 -31.71
N ASP G 76 -27.41 41.50 -31.33
CA ASP G 76 -26.55 40.70 -32.18
C ASP G 76 -25.77 39.76 -31.30
N TRP G 77 -25.86 38.46 -31.59
CA TRP G 77 -25.28 37.46 -30.69
C TRP G 77 -23.77 37.56 -30.62
N THR G 78 -23.14 38.27 -31.54
CA THR G 78 -21.70 38.49 -31.44
C THR G 78 -21.37 39.50 -30.34
N LEU G 79 -22.22 40.50 -30.15
CA LEU G 79 -21.93 41.61 -29.25
C LEU G 79 -22.46 41.39 -27.83
N PHE G 80 -23.05 40.23 -27.54
CA PHE G 80 -23.56 39.99 -26.20
C PHE G 80 -22.43 40.01 -25.19
N GLY G 81 -22.71 40.56 -24.02
CA GLY G 81 -21.72 40.73 -22.98
C GLY G 81 -20.85 41.95 -23.14
N ASP G 82 -20.91 42.64 -24.27
CA ASP G 82 -20.07 43.80 -24.55
C ASP G 82 -20.94 44.86 -25.23
N GLY G 83 -21.50 45.76 -24.43
CA GLY G 83 -22.28 46.86 -24.96
C GLY G 83 -23.72 46.54 -25.28
N ILE G 84 -24.11 45.28 -25.19
CA ILE G 84 -25.52 44.87 -25.33
C ILE G 84 -25.92 44.14 -24.07
N ASN G 85 -26.99 44.60 -23.44
CA ASN G 85 -27.37 44.14 -22.11
C ASN G 85 -28.85 43.78 -22.10
N LEU G 86 -29.23 43.03 -21.06
CA LEU G 86 -30.62 42.60 -20.86
C LEU G 86 -31.15 43.22 -19.58
N PHE G 87 -32.41 43.63 -19.60
CA PHE G 87 -33.01 44.29 -18.44
C PHE G 87 -34.41 43.79 -18.18
N TYR G 88 -34.71 43.61 -16.90
CA TYR G 88 -36.03 43.23 -16.43
C TYR G 88 -36.64 44.35 -15.60
N LEU G 89 -37.91 44.62 -15.82
CA LEU G 89 -38.64 45.64 -15.09
C LEU G 89 -39.84 45.03 -14.37
N ASP G 90 -40.03 45.40 -13.12
CA ASP G 90 -41.17 44.90 -12.35
C ASP G 90 -42.44 45.63 -12.78
N GLY G 91 -43.53 45.42 -12.05
CA GLY G 91 -44.80 46.01 -12.47
C GLY G 91 -44.78 47.52 -12.45
N ALA G 92 -44.27 48.12 -11.37
CA ALA G 92 -44.33 49.57 -11.23
C ALA G 92 -43.39 50.26 -12.23
N GLU G 93 -42.16 49.77 -12.33
CA GLU G 93 -41.21 50.39 -13.25
C GLU G 93 -41.68 50.26 -14.69
N PHE G 94 -42.19 49.08 -15.07
CA PHE G 94 -42.67 48.93 -16.43
C PHE G 94 -43.89 49.78 -16.68
N ALA G 95 -44.75 49.94 -15.67
CA ALA G 95 -45.93 50.80 -15.84
C ALA G 95 -45.51 52.24 -16.11
N GLU G 96 -44.57 52.76 -15.32
CA GLU G 96 -44.15 54.14 -15.55
C GLU G 96 -43.41 54.27 -16.87
N TYR G 97 -42.66 53.24 -17.26
CA TYR G 97 -42.02 53.24 -18.57
C TYR G 97 -43.04 53.32 -19.69
N GLN G 98 -44.09 52.49 -19.61
CA GLN G 98 -45.09 52.47 -20.66
C GLN G 98 -45.84 53.80 -20.73
N ALA G 99 -46.15 54.38 -19.57
CA ALA G 99 -46.79 55.70 -19.56
C ALA G 99 -45.87 56.74 -20.19
N LEU G 100 -44.58 56.70 -19.86
CA LEU G 100 -43.62 57.63 -20.43
C LEU G 100 -43.42 57.43 -21.92
N ALA G 101 -43.72 56.24 -22.43
CA ALA G 101 -43.50 55.97 -23.85
C ALA G 101 -44.33 56.88 -24.74
N THR G 102 -45.60 57.10 -24.37
CA THR G 102 -46.47 57.93 -25.18
C THR G 102 -46.20 59.41 -24.93
N SER H 1 27.20 4.76 43.79
CA SER H 1 26.08 5.00 44.69
C SER H 1 26.02 3.96 45.78
N THR H 2 26.35 2.71 45.43
CA THR H 2 26.22 1.61 46.35
C THR H 2 27.22 1.71 47.49
N SER H 3 27.15 0.73 48.39
CA SER H 3 28.01 0.69 49.55
C SER H 3 28.09 -0.75 50.06
N THR H 4 29.10 -1.02 50.87
CA THR H 4 29.30 -2.35 51.42
C THR H 4 30.24 -2.26 52.61
N ILE H 5 30.54 -3.42 53.21
CA ILE H 5 31.39 -3.50 54.39
C ILE H 5 32.78 -3.96 53.94
N ARG H 6 33.81 -3.26 54.41
CA ARG H 6 35.17 -3.58 54.00
C ARG H 6 35.58 -4.95 54.51
N THR H 7 36.33 -5.68 53.68
CA THR H 7 36.88 -6.98 54.04
C THR H 7 38.36 -7.01 53.70
N GLY H 8 39.10 -7.85 54.39
CA GLY H 8 40.53 -7.94 54.22
C GLY H 8 40.93 -8.78 53.03
N THR H 9 42.22 -9.10 52.96
CA THR H 9 42.72 -9.93 51.87
C THR H 9 42.05 -11.29 51.89
N ASN H 10 41.86 -11.88 53.08
CA ASN H 10 40.90 -12.95 53.22
C ASN H 10 39.51 -12.37 53.39
N ASN H 11 38.51 -13.13 52.97
CA ASN H 11 37.16 -12.58 52.86
C ASN H 11 36.45 -12.63 54.21
N ASP H 12 36.98 -11.85 55.14
CA ASP H 12 36.42 -11.71 56.47
C ASP H 12 36.28 -10.22 56.79
N ILE H 13 35.38 -9.92 57.71
CA ILE H 13 35.16 -8.53 58.09
C ILE H 13 36.40 -8.00 58.79
N LEU H 14 36.91 -6.86 58.31
CA LEU H 14 38.10 -6.24 58.86
C LEU H 14 37.69 -5.04 59.70
N LEU H 15 38.12 -5.02 60.96
CA LEU H 15 37.78 -3.96 61.89
C LEU H 15 38.96 -3.02 62.06
N ASP H 16 38.64 -1.73 62.19
CA ASP H 16 39.66 -0.73 62.45
C ASP H 16 40.14 -0.83 63.90
N ASP H 17 41.10 0.02 64.25
CA ASP H 17 41.63 0.00 65.62
C ASP H 17 40.56 0.36 66.64
N ASN H 18 39.71 1.34 66.31
CA ASN H 18 38.64 1.75 67.23
C ASN H 18 37.69 0.59 67.52
N GLY H 19 37.47 -0.29 66.55
CA GLY H 19 36.52 -1.36 66.69
C GLY H 19 35.18 -1.09 66.05
N ASN H 20 35.14 -0.46 64.89
CA ASN H 20 33.91 -0.11 64.22
C ASN H 20 33.93 -0.65 62.80
N MET H 21 32.81 -1.23 62.37
CA MET H 21 32.66 -1.60 60.98
C MET H 21 32.57 -0.34 60.12
N VAL H 22 33.14 -0.42 58.92
CA VAL H 22 33.20 0.71 58.01
C VAL H 22 32.37 0.41 56.77
N ILE H 23 31.49 1.32 56.43
CA ILE H 23 30.64 1.20 55.24
C ILE H 23 31.36 1.94 54.13
N LEU H 24 32.00 1.19 53.23
CA LEU H 24 32.74 1.80 52.14
C LEU H 24 31.78 2.50 51.17
N ARG H 25 32.21 3.64 50.66
CA ARG H 25 31.43 4.39 49.68
C ARG H 25 31.66 3.77 48.31
N ASP H 26 31.24 4.47 47.25
CA ASP H 26 31.33 3.94 45.91
C ASP H 26 32.79 3.78 45.47
N VAL H 27 32.95 3.32 44.23
CA VAL H 27 34.26 3.08 43.61
C VAL H 27 34.96 1.92 44.31
N GLU H 28 35.39 2.13 45.56
CA GLU H 28 36.05 1.06 46.29
C GLU H 28 35.09 -0.10 46.52
N ALA H 29 33.83 0.21 46.84
CA ALA H 29 32.82 -0.84 46.93
C ALA H 29 32.69 -1.59 45.61
N CYS H 30 32.83 -0.88 44.50
CA CYS H 30 32.79 -1.53 43.20
C CYS H 30 33.93 -2.53 43.06
N ALA H 31 35.12 -2.15 43.51
CA ALA H 31 36.26 -3.05 43.41
C ALA H 31 36.02 -4.30 44.25
N GLN H 32 35.61 -4.13 45.50
CA GLN H 32 35.37 -5.30 46.35
C GLN H 32 34.27 -6.17 45.76
N ASP H 33 33.20 -5.54 45.27
CA ASP H 33 32.08 -6.31 44.73
C ASP H 33 32.50 -7.11 43.51
N VAL H 34 33.25 -6.49 42.60
CA VAL H 34 33.63 -7.21 41.39
C VAL H 34 34.59 -8.34 41.71
N ARG H 35 35.50 -8.13 42.66
CA ARG H 35 36.38 -9.22 43.07
C ARG H 35 35.58 -10.38 43.64
N ALA H 36 34.64 -10.08 44.56
CA ALA H 36 33.85 -11.15 45.15
C ALA H 36 33.02 -11.87 44.11
N ALA H 37 32.42 -11.13 43.18
CA ALA H 37 31.62 -11.77 42.14
C ALA H 37 32.48 -12.68 41.27
N MET H 38 33.68 -12.23 40.91
CA MET H 38 34.57 -13.08 40.12
C MET H 38 35.02 -14.31 40.89
N LEU H 39 35.02 -14.26 42.23
CA LEU H 39 35.43 -15.40 43.03
C LEU H 39 34.30 -16.35 43.36
N MET H 40 33.07 -16.07 42.90
CA MET H 40 31.90 -16.77 43.43
C MET H 40 31.81 -18.20 42.93
N ARG H 41 31.96 -18.40 41.62
CA ARG H 41 31.77 -19.68 40.92
C ARG H 41 30.30 -20.08 40.94
N THR H 42 29.84 -20.78 39.92
CA THR H 42 28.43 -21.07 39.70
C THR H 42 27.90 -22.15 40.63
N GLY H 43 26.58 -22.18 40.77
CA GLY H 43 25.91 -23.26 41.46
C GLY H 43 25.89 -23.16 42.97
N GLU H 44 26.65 -22.25 43.57
CA GLU H 44 26.66 -22.15 45.02
C GLU H 44 25.52 -21.31 45.55
N ASN H 45 24.97 -20.41 44.73
CA ASN H 45 23.97 -19.47 45.23
C ASN H 45 22.62 -20.16 45.31
N ILE H 46 22.14 -20.41 46.53
CA ILE H 46 20.77 -20.87 46.70
C ILE H 46 19.82 -19.72 46.43
N PHE H 47 18.66 -20.03 45.87
CA PHE H 47 17.62 -19.10 45.39
C PHE H 47 18.01 -18.46 44.06
N ASP H 48 19.19 -18.75 43.51
CA ASP H 48 19.50 -18.31 42.15
C ASP H 48 20.57 -19.25 41.59
N VAL H 49 20.15 -20.21 40.79
CA VAL H 49 21.06 -21.14 40.14
C VAL H 49 21.47 -20.50 38.82
N ASN H 50 22.56 -21.00 38.22
CA ASN H 50 23.09 -20.52 36.94
C ASN H 50 23.72 -19.14 37.04
N SER H 51 24.17 -18.76 38.23
CA SER H 51 24.91 -17.52 38.41
C SER H 51 26.25 -17.82 39.07
N GLY H 52 27.30 -17.18 38.57
CA GLY H 52 28.65 -17.41 39.01
C GLY H 52 29.54 -17.64 37.82
N VAL H 53 30.68 -18.28 38.06
CA VAL H 53 31.66 -18.58 37.02
C VAL H 53 31.78 -20.08 36.90
N GLY H 54 31.60 -20.59 35.69
CA GLY H 54 31.69 -22.02 35.47
C GLY H 54 33.12 -22.51 35.37
N TYR H 55 33.84 -22.52 36.49
CA TYR H 55 35.25 -22.91 36.46
C TYR H 55 35.40 -24.36 36.01
N PHE H 56 34.71 -25.27 36.67
CA PHE H 56 34.96 -26.69 36.44
C PHE H 56 34.36 -27.18 35.13
N GLU H 57 33.52 -26.37 34.50
CA GLU H 57 32.93 -26.78 33.24
C GLU H 57 33.44 -25.98 32.05
N TYR H 58 34.17 -24.89 32.28
CA TYR H 58 34.62 -24.04 31.19
C TYR H 58 36.10 -23.73 31.19
N ILE H 59 36.81 -23.93 32.29
CA ILE H 59 38.22 -23.57 32.34
C ILE H 59 39.07 -24.77 32.69
N PHE H 60 38.84 -25.35 33.87
CA PHE H 60 39.66 -26.46 34.32
C PHE H 60 39.51 -27.67 33.41
N SER H 61 38.29 -27.97 32.99
CA SER H 61 38.07 -29.08 32.08
C SER H 61 38.70 -28.78 30.72
N PRO H 62 39.13 -29.82 30.00
CA PRO H 62 39.59 -29.62 28.62
C PRO H 62 38.46 -29.04 27.77
N GLN H 63 38.80 -28.10 26.91
CA GLN H 63 37.81 -27.37 26.12
C GLN H 63 38.22 -27.30 24.66
N LYS H 64 37.24 -26.91 23.83
CA LYS H 64 37.48 -26.79 22.40
C LYS H 64 37.80 -25.35 22.01
N SER H 65 37.11 -24.38 22.60
CA SER H 65 37.15 -23.01 22.10
C SER H 65 37.77 -22.01 23.06
N TYR H 66 37.41 -22.04 24.33
CA TYR H 66 37.76 -21.09 25.38
C TYR H 66 36.98 -19.79 25.26
N ASP H 67 36.14 -19.61 24.24
CA ASP H 67 35.30 -18.42 24.18
C ASP H 67 34.23 -18.44 25.25
N ASP H 68 33.72 -19.62 25.59
CA ASP H 68 32.62 -19.71 26.55
C ASP H 68 33.07 -19.23 27.93
N ALA H 69 34.31 -19.53 28.31
CA ALA H 69 34.82 -19.02 29.57
C ALA H 69 34.86 -17.49 29.56
N ARG H 70 35.27 -16.91 28.43
CA ARG H 70 35.25 -15.46 28.31
C ARG H 70 33.85 -14.91 28.50
N LYS H 71 32.86 -15.55 27.87
CA LYS H 71 31.48 -15.12 28.04
C LYS H 71 31.04 -15.19 29.49
N SER H 72 31.38 -16.29 30.17
CA SER H 72 30.95 -16.46 31.55
C SER H 72 31.58 -15.41 32.46
N ILE H 73 32.88 -15.15 32.28
CA ILE H 73 33.53 -14.16 33.12
C ILE H 73 32.98 -12.77 32.83
N ALA H 74 32.71 -12.47 31.56
CA ALA H 74 32.15 -11.18 31.22
C ALA H 74 30.79 -10.98 31.86
N ASP H 75 29.96 -12.03 31.89
CA ASP H 75 28.67 -11.93 32.56
C ASP H 75 28.86 -11.75 34.06
N ALA H 76 29.79 -12.49 34.67
CA ALA H 76 29.99 -12.39 36.10
C ALA H 76 30.44 -11.00 36.51
N ILE H 77 31.32 -10.38 35.74
CA ILE H 77 31.75 -9.02 36.06
C ILE H 77 30.57 -8.05 35.97
N LEU H 78 29.68 -8.28 35.02
CA LEU H 78 28.45 -7.52 34.95
C LEU H 78 27.52 -8.01 36.06
N SER H 79 26.27 -7.53 36.03
CA SER H 79 25.26 -7.84 37.05
C SER H 79 25.61 -7.19 38.38
N SER H 80 26.75 -6.51 38.43
CA SER H 80 27.03 -5.65 39.57
C SER H 80 26.16 -4.40 39.48
N PRO H 81 25.79 -3.82 40.62
CA PRO H 81 24.87 -2.67 40.58
C PRO H 81 25.39 -1.48 39.80
N ASP H 82 26.68 -1.20 39.83
CA ASP H 82 27.22 0.02 39.24
C ASP H 82 28.01 -0.19 37.98
N VAL H 83 28.43 -1.41 37.67
CA VAL H 83 29.24 -1.65 36.49
C VAL H 83 28.40 -1.39 35.24
N THR H 84 28.96 -0.60 34.32
CA THR H 84 28.27 -0.25 33.08
C THR H 84 28.77 -1.09 31.91
N GLY H 85 30.07 -1.06 31.65
CA GLY H 85 30.63 -1.80 30.52
C GLY H 85 32.03 -2.26 30.81
N ILE H 86 32.46 -3.25 30.04
CA ILE H 86 33.78 -3.86 30.18
C ILE H 86 34.68 -3.33 29.08
N GLU H 87 35.86 -2.85 29.46
CA GLU H 87 36.75 -2.26 28.47
C GLU H 87 37.68 -3.31 27.85
N GLN H 88 38.46 -4.00 28.67
CA GLN H 88 39.42 -4.98 28.19
C GLN H 88 39.23 -6.33 28.87
N LEU H 89 39.56 -7.38 28.13
CA LEU H 89 39.74 -8.72 28.65
C LEU H 89 40.86 -9.39 27.86
N ASP H 90 41.72 -10.14 28.54
CA ASP H 90 42.95 -10.62 27.92
C ASP H 90 42.98 -12.14 27.73
N ILE H 91 42.83 -12.91 28.80
CA ILE H 91 42.94 -14.37 28.74
C ILE H 91 44.28 -14.76 28.13
N ASP H 92 45.35 -14.64 28.91
CA ASP H 92 46.69 -14.85 28.37
C ASP H 92 46.94 -16.33 28.07
N ILE H 93 46.85 -17.18 29.08
CA ILE H 93 47.11 -18.62 28.95
C ILE H 93 48.55 -18.85 28.51
N THR H 94 49.49 -18.72 29.45
CA THR H 94 50.90 -18.95 29.16
C THR H 94 51.45 -19.95 30.16
N GLY H 95 52.02 -21.04 29.67
CA GLY H 95 52.52 -22.07 30.56
C GLY H 95 51.37 -22.73 31.30
N GLU H 96 51.46 -22.73 32.62
CA GLU H 96 50.43 -23.34 33.46
C GLU H 96 49.37 -22.35 33.91
N VAL H 97 49.73 -21.08 34.04
CA VAL H 97 48.81 -20.09 34.58
C VAL H 97 47.81 -19.67 33.52
N PHE H 98 46.58 -19.41 33.96
CA PHE H 98 45.51 -18.93 33.11
C PHE H 98 45.35 -17.44 33.40
N GLY H 99 46.06 -16.61 32.65
CA GLY H 99 46.06 -15.19 32.92
C GLY H 99 44.71 -14.55 32.61
N VAL H 100 44.31 -13.63 33.46
CA VAL H 100 43.09 -12.84 33.27
C VAL H 100 43.40 -11.40 33.65
N ASP H 101 42.95 -10.47 32.82
CA ASP H 101 43.11 -9.05 33.13
C ASP H 101 41.90 -8.32 32.59
N ALA H 102 41.46 -7.30 33.33
CA ALA H 102 40.25 -6.60 32.94
C ALA H 102 40.27 -5.19 33.52
N LYS H 103 39.59 -4.27 32.82
CA LYS H 103 39.34 -2.92 33.31
C LYS H 103 37.88 -2.59 33.06
N VAL H 104 37.20 -2.09 34.09
CA VAL H 104 35.76 -1.89 34.03
C VAL H 104 35.46 -0.40 33.98
N ILE H 105 34.18 -0.07 33.79
CA ILE H 105 33.72 1.30 33.68
C ILE H 105 32.53 1.49 34.61
N THR H 106 32.56 2.56 35.40
CA THR H 106 31.50 2.86 36.34
C THR H 106 30.98 4.27 36.09
N ILE H 107 29.75 4.52 36.52
CA ILE H 107 29.18 5.86 36.38
C ILE H 107 29.96 6.86 37.21
N HIS H 108 30.36 6.47 38.42
CA HIS H 108 31.07 7.35 39.32
C HIS H 108 32.57 7.12 39.27
N MET I 1 64.89 -43.98 -24.59
CA MET I 1 64.30 -43.29 -25.73
C MET I 1 62.80 -43.52 -25.79
N ILE I 2 62.05 -42.44 -25.92
CA ILE I 2 60.58 -42.49 -25.99
C ILE I 2 60.17 -41.91 -27.33
N ASN I 3 59.40 -42.69 -28.09
CA ASN I 3 58.95 -42.28 -29.41
C ASN I 3 57.58 -41.62 -29.30
N VAL I 4 57.53 -40.32 -29.55
CA VAL I 4 56.29 -39.56 -29.44
C VAL I 4 55.81 -39.08 -30.81
N SER I 5 56.26 -39.71 -31.87
CA SER I 5 55.86 -39.30 -33.21
C SER I 5 54.37 -39.55 -33.44
N GLY I 6 53.77 -38.68 -34.23
CA GLY I 6 52.34 -38.80 -34.52
C GLY I 6 52.04 -39.33 -35.90
N PHE I 7 53.07 -39.62 -36.69
CA PHE I 7 52.86 -40.12 -38.04
C PHE I 7 52.25 -41.52 -37.99
N GLY I 8 51.30 -41.76 -38.89
CA GLY I 8 50.62 -43.04 -38.92
C GLY I 8 49.40 -43.13 -38.05
N THR I 9 48.72 -42.01 -37.80
CA THR I 9 47.54 -41.98 -36.94
C THR I 9 46.28 -41.96 -37.79
N GLY I 10 45.34 -42.83 -37.47
CA GLY I 10 44.08 -42.90 -38.18
C GLY I 10 42.92 -42.62 -37.24
N ILE I 11 41.85 -42.06 -37.80
CA ILE I 11 40.64 -41.74 -37.05
C ILE I 11 39.44 -42.23 -37.84
N VAL I 12 38.50 -42.88 -37.14
CA VAL I 12 37.28 -43.37 -37.76
C VAL I 12 36.10 -42.74 -37.04
N ILE I 13 35.18 -42.16 -37.82
CA ILE I 13 34.01 -41.47 -37.29
C ILE I 13 32.77 -42.19 -37.80
N VAL I 14 31.85 -42.49 -36.90
CA VAL I 14 30.60 -43.15 -37.23
C VAL I 14 29.44 -42.33 -36.67
N SER I 15 28.39 -42.16 -37.46
CA SER I 15 27.24 -41.37 -37.09
C SER I 15 26.00 -42.25 -36.98
N ALA I 16 25.03 -41.77 -36.21
CA ALA I 16 23.82 -42.56 -35.97
C ALA I 16 22.96 -42.65 -37.22
N SER I 17 22.73 -41.53 -37.90
CA SER I 17 21.81 -41.49 -39.02
C SER I 17 22.48 -41.11 -40.33
N SER I 18 23.20 -39.99 -40.38
CA SER I 18 23.76 -39.51 -41.63
C SER I 18 24.80 -40.48 -42.19
N PHE I 19 25.65 -41.02 -41.33
CA PHE I 19 26.70 -41.96 -41.73
C PHE I 19 26.58 -43.21 -40.88
N PRO I 20 25.61 -44.08 -41.16
CA PRO I 20 25.42 -45.25 -40.31
C PRO I 20 26.63 -46.17 -40.27
N MET I 21 27.48 -46.15 -41.29
CA MET I 21 28.66 -46.98 -41.28
C MET I 21 29.94 -46.23 -40.96
N GLY I 22 30.12 -45.02 -41.49
CA GLY I 22 31.24 -44.19 -41.12
C GLY I 22 32.36 -44.20 -42.15
N PHE I 23 33.31 -43.31 -41.93
CA PHE I 23 34.44 -43.12 -42.83
C PHE I 23 35.70 -42.98 -41.98
N SER I 24 36.80 -42.58 -42.63
CA SER I 24 38.08 -42.47 -41.96
C SER I 24 38.78 -41.18 -42.35
N LEU I 25 39.64 -40.70 -41.47
CA LEU I 25 40.44 -39.50 -41.69
C LEU I 25 41.87 -39.92 -41.99
N SER I 26 42.40 -39.46 -43.12
CA SER I 26 43.77 -39.79 -43.48
C SER I 26 44.55 -38.56 -43.90
N LYS I 27 43.88 -37.55 -44.43
CA LYS I 27 44.52 -36.35 -44.93
C LYS I 27 44.43 -35.27 -43.86
N PHE I 28 45.52 -35.06 -43.14
CA PHE I 28 45.57 -34.07 -42.09
C PHE I 28 46.32 -32.84 -42.57
N ALA I 29 45.90 -31.68 -42.08
CA ALA I 29 46.49 -30.42 -42.50
C ALA I 29 47.94 -30.33 -42.01
N ASP I 30 48.64 -29.31 -42.50
CA ASP I 30 50.04 -29.09 -42.19
C ASP I 30 50.30 -27.82 -41.40
N ASP I 31 49.64 -26.72 -41.73
CA ASP I 31 49.89 -25.46 -41.06
C ASP I 31 49.25 -25.35 -39.67
N GLU I 32 48.15 -26.04 -39.43
CA GLU I 32 47.52 -26.03 -38.12
C GLU I 32 47.67 -27.39 -37.44
N SER I 33 47.37 -27.40 -36.15
CA SER I 33 47.47 -28.64 -35.38
C SER I 33 46.47 -29.66 -35.91
N PRO I 34 46.90 -30.87 -36.21
CA PRO I 34 45.97 -31.88 -36.75
C PRO I 34 44.80 -32.16 -35.83
N ILE I 35 45.08 -32.58 -34.61
CA ILE I 35 44.05 -32.82 -33.60
C ILE I 35 44.47 -32.13 -32.31
N SER I 36 43.52 -31.47 -31.66
CA SER I 36 43.81 -30.71 -30.46
C SER I 36 42.58 -30.68 -29.57
N SER I 37 42.80 -30.40 -28.29
CA SER I 37 41.71 -30.42 -27.33
C SER I 37 41.96 -29.37 -26.27
N LYS I 38 40.91 -29.03 -25.54
CA LYS I 38 40.99 -28.11 -24.42
C LYS I 38 41.12 -28.88 -23.12
N GLU I 39 41.39 -28.15 -22.04
CA GLU I 39 41.59 -28.77 -20.74
C GLU I 39 40.27 -29.30 -20.18
N LEU I 40 40.38 -30.22 -19.24
CA LEU I 40 39.24 -30.84 -18.59
C LEU I 40 39.25 -30.46 -17.11
N GLU I 41 38.12 -29.96 -16.62
CA GLU I 41 38.01 -29.46 -15.25
C GLU I 41 36.87 -30.16 -14.55
N PRO I 42 37.07 -31.37 -14.09
CA PRO I 42 36.00 -32.10 -13.40
C PRO I 42 35.96 -31.85 -11.92
N PHE I 43 36.65 -30.83 -11.43
CA PHE I 43 36.67 -30.53 -10.00
C PHE I 43 36.72 -29.02 -9.77
N GLY I 44 36.32 -28.63 -8.57
CA GLY I 44 36.38 -27.24 -8.15
C GLY I 44 36.65 -27.16 -6.66
N TYR I 45 36.83 -25.93 -6.18
CA TYR I 45 37.13 -25.74 -4.78
C TYR I 45 36.48 -24.46 -4.28
N GLU I 46 36.27 -24.42 -2.96
CA GLU I 46 35.63 -23.30 -2.29
C GLU I 46 36.35 -23.05 -0.99
N MET I 47 36.37 -21.79 -0.54
CA MET I 47 36.97 -21.43 0.73
C MET I 47 35.94 -21.26 1.83
N LEU I 48 36.29 -21.73 3.02
CA LEU I 48 35.49 -21.58 4.21
C LEU I 48 35.94 -20.36 4.99
N TYR I 49 35.09 -19.87 5.89
CA TYR I 49 35.40 -18.60 6.53
C TYR I 49 36.48 -18.76 7.58
N ASP I 50 36.83 -19.98 7.95
CA ASP I 50 37.89 -20.24 8.91
C ASP I 50 39.25 -20.44 8.25
N GLY I 51 39.32 -20.38 6.93
CA GLY I 51 40.57 -20.56 6.22
C GLY I 51 40.82 -21.93 5.67
N GLY I 52 39.84 -22.83 5.73
CA GLY I 52 40.01 -24.19 5.27
C GLY I 52 39.82 -24.30 3.77
N LEU I 53 39.71 -25.55 3.32
CA LEU I 53 39.51 -25.87 1.92
C LEU I 53 38.43 -26.92 1.78
N PHE I 54 37.64 -26.81 0.71
CA PHE I 54 36.63 -27.80 0.42
C PHE I 54 36.58 -28.04 -1.09
N ALA I 55 36.49 -29.30 -1.47
CA ALA I 55 36.54 -29.70 -2.87
C ALA I 55 35.29 -30.48 -3.24
N PHE I 56 34.77 -30.21 -4.43
CA PHE I 56 33.55 -30.86 -4.90
C PHE I 56 33.70 -31.30 -6.34
N ASP I 57 32.60 -31.69 -6.97
CA ASP I 57 32.62 -32.25 -8.32
C ASP I 57 31.78 -31.39 -9.24
N LYS I 58 32.34 -31.04 -10.39
CA LYS I 58 31.67 -30.21 -11.38
C LYS I 58 31.16 -31.09 -12.53
N ALA I 59 30.63 -30.44 -13.55
CA ALA I 59 30.25 -31.10 -14.80
C ALA I 59 31.08 -30.49 -15.91
N ALA I 60 31.80 -31.34 -16.66
CA ALA I 60 32.75 -30.83 -17.62
C ALA I 60 32.63 -31.58 -18.95
N PRO I 61 32.55 -30.85 -20.06
CA PRO I 61 32.50 -31.50 -21.36
C PRO I 61 33.89 -31.71 -21.91
N LEU I 62 34.00 -32.22 -23.13
CA LEU I 62 35.29 -32.41 -23.78
C LEU I 62 35.17 -31.87 -25.19
N GLU I 63 36.13 -31.05 -25.60
CA GLU I 63 36.14 -30.44 -26.92
C GLU I 63 37.37 -30.90 -27.69
N VAL I 64 37.18 -31.21 -28.97
CA VAL I 64 38.24 -31.71 -29.82
C VAL I 64 38.20 -30.93 -31.13
N SER I 65 39.37 -30.52 -31.61
CA SER I 65 39.50 -29.80 -32.88
C SER I 65 40.28 -30.66 -33.86
N VAL I 66 39.76 -30.78 -35.08
CA VAL I 66 40.38 -31.58 -36.12
C VAL I 66 40.54 -30.72 -37.36
N SER I 67 41.73 -30.75 -37.97
CA SER I 67 42.03 -29.97 -39.16
C SER I 67 42.43 -30.88 -40.30
N VAL I 68 41.92 -30.60 -41.49
CA VAL I 68 42.19 -31.43 -42.66
C VAL I 68 42.56 -30.54 -43.84
N ILE I 69 43.15 -31.17 -44.85
CA ILE I 69 43.56 -30.46 -46.06
C ILE I 69 42.33 -30.15 -46.89
N ALA I 70 42.22 -28.92 -47.35
CA ALA I 70 41.07 -28.52 -48.17
C ALA I 70 41.04 -29.30 -49.47
N GLY I 71 39.84 -29.64 -49.92
CA GLY I 71 39.66 -30.31 -51.18
C GLY I 71 39.69 -31.82 -51.13
N SER I 72 40.04 -32.41 -49.99
CA SER I 72 40.07 -33.86 -49.88
C SER I 72 38.66 -34.41 -49.65
N GLU I 73 38.55 -35.73 -49.67
CA GLU I 73 37.27 -36.37 -49.37
C GLU I 73 36.87 -36.16 -47.92
N ASP I 74 37.84 -36.12 -47.02
CA ASP I 74 37.53 -35.92 -45.60
C ASP I 74 36.87 -34.57 -45.38
N ASP I 75 37.34 -33.55 -46.09
CA ASP I 75 36.76 -32.22 -45.96
C ASP I 75 35.27 -32.23 -46.33
N ILE I 76 34.93 -32.86 -47.45
CA ILE I 76 33.53 -32.83 -47.87
C ILE I 76 32.68 -33.74 -47.00
N ASN I 77 33.23 -34.83 -46.48
CA ASN I 77 32.48 -35.64 -45.54
C ASN I 77 32.14 -34.85 -44.28
N LEU I 78 33.14 -34.13 -43.74
CA LEU I 78 32.86 -33.31 -42.57
C LEU I 78 31.92 -32.17 -42.90
N ARG I 79 31.95 -31.66 -44.13
CA ARG I 79 31.00 -30.64 -44.53
C ARG I 79 29.58 -31.19 -44.51
N ILE I 80 29.40 -32.43 -44.97
CA ILE I 80 28.08 -33.06 -44.91
C ILE I 80 27.62 -33.22 -43.47
N LEU I 81 28.51 -33.68 -42.60
CA LEU I 81 28.15 -33.78 -41.19
C LEU I 81 27.76 -32.42 -40.62
N LEU I 82 28.49 -31.37 -40.99
CA LEU I 82 28.20 -30.05 -40.48
C LEU I 82 26.85 -29.55 -40.95
N ASN I 83 26.51 -29.80 -42.23
CA ASN I 83 25.27 -29.28 -42.78
C ASN I 83 24.07 -30.15 -42.48
N SER I 84 24.26 -31.36 -41.97
CA SER I 84 23.12 -32.19 -41.57
C SER I 84 22.30 -31.50 -40.49
N LYS I 85 21.06 -31.14 -40.81
CA LYS I 85 20.22 -30.43 -39.85
C LYS I 85 19.71 -31.39 -38.78
N LYS I 86 19.84 -31.00 -37.52
CA LYS I 86 19.46 -31.85 -36.41
C LYS I 86 17.95 -31.90 -36.19
N GLY I 87 17.20 -30.96 -36.75
CA GLY I 87 15.77 -30.94 -36.54
C GLY I 87 15.05 -32.15 -37.12
N SER I 88 15.55 -32.67 -38.24
CA SER I 88 14.87 -33.75 -38.93
C SER I 88 15.02 -35.07 -38.16
N PHE I 89 14.42 -36.13 -38.71
CA PHE I 89 14.42 -37.50 -38.21
C PHE I 89 14.11 -37.65 -36.71
N ARG I 90 14.18 -38.87 -36.22
CA ARG I 90 13.65 -39.24 -34.91
C ARG I 90 14.63 -40.20 -34.24
N PHE I 91 14.70 -40.12 -32.90
CA PHE I 91 15.72 -40.85 -32.15
C PHE I 91 15.07 -41.66 -31.04
N LEU I 92 15.92 -42.31 -30.23
CA LEU I 92 15.49 -43.06 -29.06
C LEU I 92 15.25 -42.12 -27.88
N PRO I 93 14.49 -42.55 -26.88
CA PRO I 93 14.25 -41.70 -25.70
C PRO I 93 15.55 -41.35 -24.99
N GLY I 94 15.84 -40.05 -24.94
CA GLY I 94 16.98 -39.54 -24.20
C GLY I 94 18.33 -40.01 -24.70
N ILE I 95 18.55 -39.95 -26.01
CA ILE I 95 19.76 -40.48 -26.62
C ILE I 95 20.53 -39.44 -27.42
N ILE I 96 19.94 -38.26 -27.67
CA ILE I 96 20.53 -37.19 -28.49
C ILE I 96 20.51 -37.60 -29.95
N PRO I 97 20.03 -36.75 -30.86
CA PRO I 97 20.08 -37.09 -32.29
C PRO I 97 21.52 -37.15 -32.77
N ASP I 98 21.79 -38.10 -33.65
CA ASP I 98 23.10 -38.27 -34.29
C ASP I 98 24.21 -38.39 -33.25
N MET I 99 24.12 -39.44 -32.44
CA MET I 99 25.20 -39.76 -31.52
C MET I 99 26.41 -40.20 -32.33
N THR I 100 27.40 -39.32 -32.44
CA THR I 100 28.58 -39.57 -33.26
C THR I 100 29.70 -40.14 -32.37
N THR I 101 30.24 -41.28 -32.77
CA THR I 101 31.30 -41.95 -32.02
C THR I 101 32.60 -41.84 -32.79
N LEU I 102 33.66 -41.42 -32.11
CA LEU I 102 34.98 -41.27 -32.69
C LEU I 102 35.94 -42.22 -32.01
N VAL I 103 36.72 -42.94 -32.81
CA VAL I 103 37.78 -43.81 -32.30
C VAL I 103 39.06 -43.49 -33.04
N ALA I 104 40.16 -43.34 -32.29
CA ALA I 104 41.44 -42.93 -32.84
C ALA I 104 42.52 -43.91 -32.43
N THR I 105 43.43 -44.19 -33.35
CA THR I 105 44.51 -45.15 -33.13
C THR I 105 45.84 -44.41 -33.12
N LEU I 106 46.63 -44.63 -32.07
CA LEU I 106 47.97 -44.09 -32.00
C LEU I 106 48.94 -45.02 -32.74
N PRO I 107 50.09 -44.48 -33.18
CA PRO I 107 51.02 -45.32 -33.94
C PRO I 107 51.47 -46.57 -33.19
N ASP I 108 51.73 -46.46 -31.89
CA ASP I 108 52.20 -47.64 -31.16
C ASP I 108 51.10 -48.69 -31.03
N GLY I 109 49.85 -48.26 -30.93
CA GLY I 109 48.74 -49.19 -30.79
C GLY I 109 47.68 -48.70 -29.83
N GLY I 110 47.96 -47.59 -29.13
CA GLY I 110 46.99 -47.07 -28.19
C GLY I 110 45.73 -46.60 -28.89
N ARG I 111 44.60 -46.74 -28.19
CA ARG I 111 43.29 -46.48 -28.76
C ARG I 111 42.44 -45.75 -27.75
N THR I 112 41.45 -45.03 -28.25
CA THR I 112 40.55 -44.28 -27.38
C THR I 112 39.22 -44.13 -28.10
N VAL I 113 38.13 -44.29 -27.36
CA VAL I 113 36.79 -44.22 -27.90
C VAL I 113 36.05 -43.08 -27.20
N LEU I 114 35.43 -42.21 -27.97
CA LEU I 114 34.64 -41.10 -27.46
C LEU I 114 33.25 -41.18 -28.05
N SER I 115 32.23 -41.06 -27.19
CA SER I 115 30.85 -41.19 -27.62
C SER I 115 30.01 -40.10 -26.98
N ASN I 116 28.72 -40.10 -27.31
CA ASN I 116 27.76 -39.15 -26.77
C ASN I 116 28.17 -37.71 -27.08
N GLY I 117 28.19 -37.39 -28.38
CA GLY I 117 28.56 -36.05 -28.78
C GLY I 117 28.35 -35.84 -30.26
N THR I 118 28.58 -34.60 -30.68
CA THR I 118 28.34 -34.21 -32.06
C THR I 118 29.26 -33.05 -32.43
N ILE I 119 29.21 -32.69 -33.70
CA ILE I 119 30.00 -31.59 -34.24
C ILE I 119 29.22 -30.31 -34.07
N LEU I 120 29.92 -29.19 -33.85
CA LEU I 120 29.22 -27.95 -33.57
C LEU I 120 29.72 -26.71 -34.31
N LYS I 121 30.89 -26.74 -34.95
CA LYS I 121 31.33 -25.54 -35.65
C LYS I 121 32.31 -25.93 -36.74
N GLY I 122 32.44 -25.06 -37.74
CA GLY I 122 33.33 -25.30 -38.85
C GLY I 122 33.15 -24.29 -39.96
N PRO I 123 34.05 -24.32 -40.95
CA PRO I 123 33.94 -23.39 -42.07
C PRO I 123 32.83 -23.79 -43.02
N ALA I 124 32.29 -22.79 -43.72
CA ALA I 124 31.26 -23.02 -44.72
C ALA I 124 31.82 -23.00 -46.14
N ILE I 125 32.69 -22.04 -46.44
CA ILE I 125 33.38 -21.98 -47.71
C ILE I 125 34.87 -21.81 -47.44
N ASP I 126 35.67 -22.21 -48.41
CA ASP I 126 37.12 -22.19 -48.26
C ASP I 126 37.65 -20.75 -48.24
N THR I 127 38.83 -20.61 -47.64
CA THR I 127 39.47 -19.31 -47.44
C THR I 127 40.77 -19.26 -48.24
N ILE I 128 41.05 -18.10 -48.82
CA ILE I 128 42.28 -17.89 -49.58
C ILE I 128 43.16 -16.95 -48.78
N GLN I 129 44.38 -17.41 -48.46
CA GLN I 129 45.30 -16.61 -47.67
C GLN I 129 46.08 -15.65 -48.55
N ASN I 130 46.99 -14.92 -47.93
CA ASN I 130 47.77 -13.92 -48.65
C ASN I 130 48.66 -14.56 -49.71
N THR I 131 49.32 -15.66 -49.36
CA THR I 131 50.30 -16.28 -50.24
C THR I 131 49.69 -16.90 -51.48
N GLY I 132 48.38 -17.05 -51.53
CA GLY I 132 47.72 -17.66 -52.68
C GLY I 132 47.28 -19.09 -52.48
N ARG I 133 47.36 -19.62 -51.27
CA ARG I 133 46.94 -20.98 -50.98
C ARG I 133 45.56 -20.97 -50.35
N ARG I 134 45.09 -22.14 -49.93
CA ARG I 134 43.80 -22.28 -49.27
C ARG I 134 44.02 -22.64 -47.81
N LYS I 135 43.47 -21.83 -46.92
CA LYS I 135 43.65 -22.03 -45.49
C LYS I 135 43.04 -23.37 -45.07
N GLY I 136 43.76 -24.10 -44.23
CA GLY I 136 43.33 -25.42 -43.82
C GLY I 136 42.10 -25.36 -42.94
N ASN I 137 41.06 -26.10 -43.33
CA ASN I 137 39.81 -26.10 -42.59
C ASN I 137 39.96 -26.80 -41.24
N THR I 138 39.22 -26.32 -40.25
CA THR I 138 39.23 -26.90 -38.92
C THR I 138 37.80 -27.07 -38.41
N TYR I 139 37.55 -28.18 -37.72
CA TYR I 139 36.24 -28.49 -37.18
C TYR I 139 36.37 -28.84 -35.72
N THR I 140 35.29 -28.63 -34.97
CA THR I 140 35.30 -28.88 -33.53
C THR I 140 34.13 -29.77 -33.15
N PHE I 141 34.42 -30.75 -32.28
CA PHE I 141 33.41 -31.65 -31.74
C PHE I 141 33.25 -31.40 -30.24
N VAL I 142 32.28 -32.09 -29.66
CA VAL I 142 32.10 -32.10 -28.22
C VAL I 142 31.65 -33.51 -27.84
N PHE I 143 32.11 -33.97 -26.67
CA PHE I 143 31.78 -35.32 -26.24
C PHE I 143 31.45 -35.33 -24.76
N GLY I 144 30.60 -36.27 -24.37
CA GLY I 144 30.17 -36.36 -22.99
C GLY I 144 30.81 -37.51 -22.25
N SER I 145 31.03 -38.62 -22.95
CA SER I 145 31.58 -39.83 -22.35
C SER I 145 32.79 -40.28 -23.14
N TYR I 146 33.81 -40.76 -22.44
CA TYR I 146 35.03 -41.23 -23.09
C TYR I 146 35.47 -42.53 -22.43
N LEU I 147 36.62 -43.02 -22.88
CA LEU I 147 37.13 -44.34 -22.54
C LEU I 147 38.65 -44.25 -22.59
N GLY I 148 39.31 -45.41 -22.68
CA GLY I 148 40.74 -45.43 -22.95
C GLY I 148 41.36 -46.80 -22.82
N ALA I 149 42.23 -47.16 -23.77
CA ALA I 149 42.92 -48.45 -23.79
C ALA I 149 44.28 -48.21 -24.44
N GLN I 150 45.30 -48.01 -23.62
CA GLN I 150 46.61 -47.59 -24.07
C GLN I 150 47.64 -48.71 -24.11
N THR I 151 47.19 -49.95 -24.19
CA THR I 151 48.08 -51.10 -24.26
C THR I 151 47.90 -51.83 -25.59
N ALA I 152 49.01 -52.14 -26.24
CA ALA I 152 48.98 -52.91 -27.49
C ALA I 152 50.35 -53.50 -27.77
N MET J 1 4.74 50.08 40.14
CA MET J 1 4.00 49.72 38.95
C MET J 1 3.94 48.21 38.77
N ALA J 2 5.12 47.59 38.73
CA ALA J 2 5.26 46.15 38.59
C ALA J 2 5.36 45.44 39.93
N ASN J 3 5.17 46.15 41.03
CA ASN J 3 5.29 45.54 42.36
C ASN J 3 4.23 44.48 42.57
N TYR J 4 4.60 43.45 43.30
CA TYR J 4 3.66 42.46 43.80
C TYR J 4 3.58 42.56 45.32
N ASN J 5 2.36 42.67 45.84
CA ASN J 5 2.14 42.70 47.28
C ASN J 5 2.24 41.26 47.79
N TYR J 6 3.48 40.79 47.88
CA TYR J 6 3.72 39.41 48.31
C TYR J 6 3.55 39.21 49.81
N ILE J 7 3.41 40.28 50.58
CA ILE J 7 3.07 40.18 52.00
C ILE J 7 1.56 40.29 52.13
N VAL J 8 0.89 39.17 52.39
CA VAL J 8 -0.56 39.17 52.49
C VAL J 8 -0.97 38.66 53.86
N ASP J 9 -2.28 38.59 54.10
CA ASP J 9 -2.78 38.13 55.39
C ASP J 9 -2.39 36.69 55.65
N THR J 10 -2.47 35.84 54.63
CA THR J 10 -2.18 34.42 54.83
C THR J 10 -0.72 34.20 55.20
N GLY J 11 0.19 35.04 54.70
CA GLY J 11 1.59 34.90 55.02
C GLY J 11 2.48 35.63 54.04
N VAL J 12 3.59 35.01 53.65
CA VAL J 12 4.56 35.59 52.72
C VAL J 12 4.64 34.69 51.50
N ILE J 13 4.56 35.30 50.32
CA ILE J 13 4.69 34.58 49.05
C ILE J 13 6.05 34.87 48.45
N VAL J 14 6.77 33.82 48.09
CA VAL J 14 8.05 33.92 47.41
C VAL J 14 7.90 33.29 46.04
N ALA J 15 8.35 34.01 45.01
CA ALA J 15 8.22 33.58 43.63
C ALA J 15 9.53 32.98 43.13
N ASP J 16 9.43 32.29 41.99
CA ASP J 16 10.61 31.70 41.38
C ASP J 16 11.48 32.77 40.73
N THR J 17 12.77 32.45 40.61
CA THR J 17 13.72 33.41 40.08
C THR J 17 13.41 33.82 38.64
N ALA J 18 12.79 32.92 37.88
CA ALA J 18 12.42 33.26 36.51
C ALA J 18 11.43 34.41 36.48
N ASP J 19 10.44 34.39 37.38
CA ASP J 19 9.42 35.42 37.38
C ASP J 19 10.00 36.78 37.74
N VAL J 20 10.84 36.82 38.78
CA VAL J 20 11.44 38.10 39.15
C VAL J 20 12.38 38.58 38.06
N LEU J 21 13.07 37.66 37.39
CA LEU J 21 13.93 38.06 36.29
C LEU J 21 13.12 38.68 35.16
N SER J 22 11.99 38.07 34.82
CA SER J 22 11.13 38.63 33.78
C SER J 22 10.60 40.00 34.18
N ASP J 23 10.23 40.16 35.44
CA ASP J 23 9.73 41.45 35.89
C ASP J 23 10.80 42.52 35.79
N VAL J 24 12.03 42.21 36.20
CA VAL J 24 13.10 43.20 36.15
C VAL J 24 13.42 43.55 34.71
N GLU J 25 13.48 42.56 33.83
CA GLU J 25 13.81 42.85 32.44
C GLU J 25 12.69 43.65 31.77
N ALA J 26 11.44 43.40 32.14
CA ALA J 26 10.35 44.23 31.63
C ALA J 26 10.50 45.67 32.13
N GLU J 27 10.90 45.84 33.39
CA GLU J 27 11.16 47.18 33.92
C GLU J 27 12.20 47.90 33.09
N PHE J 28 13.33 47.24 32.84
CA PHE J 28 14.39 47.88 32.07
C PHE J 28 13.95 48.18 30.65
N ARG J 29 13.22 47.24 30.03
CA ARG J 29 12.77 47.44 28.66
C ARG J 29 11.84 48.64 28.56
N ALA J 30 10.95 48.80 29.54
CA ALA J 30 10.11 49.98 29.57
C ALA J 30 10.93 51.24 29.85
N ALA J 31 12.02 51.10 30.61
CA ALA J 31 12.83 52.27 30.94
C ALA J 31 13.49 52.87 29.71
N LEU J 32 13.97 52.03 28.79
CA LEU J 32 14.72 52.49 27.62
C LEU J 32 13.96 52.29 26.32
N GLY J 33 13.50 51.09 26.04
CA GLY J 33 12.76 50.82 24.82
C GLY J 33 12.76 49.34 24.51
N ALA J 34 11.77 48.94 23.73
CA ALA J 34 11.65 47.53 23.34
C ALA J 34 12.77 47.09 22.42
N ASN J 35 13.55 48.02 21.89
CA ASN J 35 14.62 47.73 20.96
C ASN J 35 15.95 47.47 21.63
N ILE J 36 15.98 47.45 22.96
CA ILE J 36 17.24 47.27 23.69
C ILE J 36 17.58 45.79 23.79
N ASN J 37 18.85 45.50 24.07
CA ASN J 37 19.38 44.15 24.15
C ASN J 37 19.76 43.85 25.59
N LEU J 38 19.31 42.71 26.11
CA LEU J 38 19.63 42.29 27.47
C LEU J 38 20.38 40.97 27.42
N ALA J 39 21.71 41.05 27.48
CA ALA J 39 22.56 39.88 27.56
C ALA J 39 23.59 40.10 28.65
N ALA J 40 24.20 39.01 29.10
CA ALA J 40 25.12 39.09 30.23
C ALA J 40 26.31 39.98 29.91
N SER J 41 26.80 39.92 28.67
CA SER J 41 28.02 40.63 28.33
C SER J 41 27.86 42.14 28.47
N THR J 42 26.74 42.69 28.01
CA THR J 42 26.55 44.13 28.04
C THR J 42 26.34 44.63 29.47
N PRO J 43 26.70 45.89 29.75
CA PRO J 43 26.47 46.42 31.10
C PRO J 43 25.02 46.42 31.53
N GLN J 44 24.10 46.61 30.58
CA GLN J 44 22.68 46.54 30.89
C GLN J 44 22.34 45.21 31.54
N GLY J 45 22.86 44.12 30.98
CA GLY J 45 22.62 42.81 31.57
C GLY J 45 23.20 42.71 32.97
N SER J 46 24.34 43.35 33.22
CA SER J 46 24.91 43.35 34.56
C SER J 46 23.97 44.04 35.54
N LEU J 47 23.42 45.19 35.15
CA LEU J 47 22.47 45.87 36.02
C LEU J 47 21.23 45.03 36.25
N VAL J 48 20.73 44.37 35.21
CA VAL J 48 19.54 43.55 35.34
C VAL J 48 19.80 42.40 36.32
N ALA J 49 20.93 41.74 36.17
CA ALA J 49 21.27 40.63 37.06
C ALA J 49 21.43 41.12 38.49
N ALA J 50 22.08 42.27 38.68
CA ALA J 50 22.25 42.81 40.02
C ALA J 50 20.90 43.08 40.67
N GLU J 51 19.98 43.71 39.92
CA GLU J 51 18.66 43.99 40.47
C GLU J 51 17.92 42.72 40.81
N ALA J 52 17.98 41.71 39.94
CA ALA J 52 17.26 40.48 40.19
C ALA J 52 17.79 39.79 41.44
N ILE J 53 19.12 39.69 41.56
CA ILE J 53 19.71 39.05 42.73
C ILE J 53 19.33 39.82 44.00
N ALA J 54 19.41 41.15 43.95
CA ALA J 54 19.09 41.95 45.12
C ALA J 54 17.65 41.73 45.57
N ARG J 55 16.71 41.81 44.62
CA ARG J 55 15.31 41.67 44.97
C ARG J 55 15.02 40.28 45.54
N SER J 56 15.52 39.23 44.87
CA SER J 56 15.28 37.88 45.35
C SER J 56 15.89 37.68 46.72
N SER J 57 17.11 38.16 46.94
CA SER J 57 17.79 37.95 48.21
C SER J 57 17.05 38.64 49.35
N VAL J 58 16.70 39.92 49.16
CA VAL J 58 16.04 40.64 50.25
C VAL J 58 14.69 40.02 50.54
N MET J 59 13.96 39.60 49.50
CA MET J 59 12.64 39.06 49.71
C MET J 59 12.70 37.71 50.42
N ARG J 60 13.65 36.85 50.04
CA ARG J 60 13.81 35.59 50.74
C ARG J 60 14.23 35.80 52.19
N ASN J 61 15.16 36.73 52.43
CA ASN J 61 15.62 36.98 53.78
C ASN J 61 14.47 37.46 54.65
N GLU J 62 13.63 38.36 54.12
CA GLU J 62 12.47 38.81 54.88
C GLU J 62 11.52 37.64 55.15
N ALA J 63 11.33 36.77 54.17
CA ALA J 63 10.49 35.60 54.40
C ALA J 63 11.09 34.66 55.44
N ARG J 64 12.40 34.74 55.69
CA ARG J 64 13.01 33.85 56.66
C ARG J 64 12.56 34.16 58.08
N ILE J 65 12.22 35.41 58.37
CA ILE J 65 11.88 35.82 59.73
C ILE J 65 10.41 36.19 59.75
N ALA J 66 9.61 35.47 58.96
CA ALA J 66 8.20 35.81 58.82
C ALA J 66 7.46 35.69 60.14
N ASN J 67 7.72 34.62 60.89
CA ASN J 67 7.09 34.43 62.19
C ASN J 67 8.12 33.86 63.15
N THR J 68 8.20 34.45 64.34
CA THR J 68 9.21 34.04 65.32
C THR J 68 8.66 33.86 66.73
N ILE J 69 7.53 34.46 67.09
CA ILE J 69 7.00 34.30 68.44
C ILE J 69 6.62 32.84 68.68
N ASN J 70 6.11 32.16 67.66
CA ASN J 70 5.81 30.74 67.81
C ASN J 70 7.11 29.99 68.06
N PRO J 71 7.17 29.13 69.07
CA PRO J 71 8.46 28.53 69.45
C PRO J 71 8.97 27.47 68.48
N ASN J 72 8.39 27.37 67.28
CA ASN J 72 8.96 26.46 66.31
C ASN J 72 10.33 26.93 65.82
N VAL J 73 10.60 28.23 65.91
CA VAL J 73 11.80 28.84 65.36
C VAL J 73 13.03 28.38 66.13
N SER J 74 14.21 28.70 65.60
CA SER J 74 15.46 28.27 66.22
C SER J 74 16.53 29.32 65.96
N PHE J 75 17.78 28.95 66.27
CA PHE J 75 18.98 29.70 65.87
C PHE J 75 18.98 31.12 66.43
N GLY J 76 19.09 31.19 67.76
CA GLY J 76 19.36 32.47 68.40
C GLY J 76 18.13 33.23 68.84
N THR J 77 17.23 33.50 67.89
CA THR J 77 15.96 34.11 68.26
C THR J 77 15.22 33.22 69.26
N PHE J 78 15.08 31.94 68.93
CA PHE J 78 14.50 30.99 69.86
C PHE J 78 15.35 30.81 71.11
N LEU J 79 16.67 30.94 70.96
CA LEU J 79 17.55 30.86 72.12
C LEU J 79 17.17 31.91 73.16
N ASP J 80 16.97 33.14 72.73
CA ASP J 80 16.59 34.17 73.70
C ASP J 80 15.14 34.00 74.11
N ALA J 81 14.29 33.49 73.22
CA ALA J 81 12.90 33.23 73.61
C ALA J 81 12.85 32.26 74.79
N ILE J 82 13.67 31.20 74.75
CA ILE J 82 13.71 30.27 75.88
C ILE J 82 14.50 30.84 77.06
N CYS J 83 15.54 31.63 76.82
CA CYS J 83 16.27 32.23 77.93
C CYS J 83 15.42 33.19 78.73
N ALA J 84 14.39 33.79 78.10
CA ALA J 84 13.48 34.64 78.84
C ALA J 84 12.85 33.91 80.01
N LEU J 85 12.62 32.60 79.87
CA LEU J 85 12.08 31.78 80.94
C LEU J 85 13.17 31.02 81.68
N MET J 86 13.91 30.17 80.96
CA MET J 86 15.05 29.44 81.50
C MET J 86 15.72 28.72 80.34
N GLY J 87 17.05 28.68 80.36
CA GLY J 87 17.76 28.00 79.30
C GLY J 87 19.23 28.36 79.22
N ILE J 88 20.04 27.41 78.79
CA ILE J 88 21.49 27.60 78.65
C ILE J 88 21.86 27.26 77.22
N GLU J 89 22.97 27.84 76.75
CA GLU J 89 23.48 27.57 75.41
C GLU J 89 25.00 27.47 75.53
N ARG J 90 25.67 27.56 74.37
CA ARG J 90 27.10 27.28 74.26
C ARG J 90 27.34 25.85 74.73
N GLY J 91 27.96 25.70 75.90
CA GLY J 91 28.22 24.37 76.40
C GLY J 91 29.07 23.51 75.49
N SER J 92 29.78 24.12 74.54
CA SER J 92 30.73 23.39 73.70
C SER J 92 32.13 23.58 74.27
N ASP J 93 32.34 22.98 75.43
CA ASP J 93 33.61 23.06 76.13
C ASP J 93 34.41 21.78 75.88
N LEU J 94 35.66 21.81 76.32
CA LEU J 94 36.55 20.69 76.15
C LEU J 94 37.25 20.43 77.47
N SER J 95 37.48 19.15 77.78
CA SER J 95 38.04 18.79 79.07
C SER J 95 39.50 19.19 79.15
N THR J 96 39.76 20.41 79.63
CA THR J 96 41.12 20.83 79.88
C THR J 96 41.73 19.98 81.00
N PHE J 97 43.05 19.88 80.99
CA PHE J 97 43.76 18.96 81.86
C PHE J 97 44.84 19.69 82.66
N GLY J 98 45.67 18.90 83.32
CA GLY J 98 46.80 19.41 84.08
C GLY J 98 47.45 18.25 84.79
N TYR J 99 48.68 18.48 85.23
CA TYR J 99 49.46 17.49 85.98
C TYR J 99 49.63 16.21 85.14
N GLY J 100 50.34 16.37 84.02
CA GLY J 100 50.69 15.22 83.21
C GLY J 100 51.89 14.47 83.75
N VAL J 101 52.10 13.27 83.23
CA VAL J 101 53.20 12.41 83.67
C VAL J 101 54.02 12.01 82.45
N GLN J 102 55.31 12.36 82.46
CA GLN J 102 56.21 12.03 81.37
C GLN J 102 57.56 11.62 81.93
N VAL J 103 58.12 10.53 81.38
CA VAL J 103 59.49 10.13 81.63
C VAL J 103 60.20 10.05 80.29
N THR J 104 61.37 10.69 80.20
CA THR J 104 62.08 10.82 78.93
C THR J 104 63.57 10.70 79.21
N GLY J 105 64.37 11.08 78.21
CA GLY J 105 65.79 11.22 78.38
C GLY J 105 66.14 12.55 79.03
N ARG J 106 67.44 12.85 79.04
CA ARG J 106 67.95 14.04 79.70
C ARG J 106 67.88 15.25 78.78
N SER J 107 67.49 16.39 79.35
CA SER J 107 67.48 17.68 78.66
C SER J 107 66.72 17.61 77.35
N GLN J 108 65.63 16.85 77.33
CA GLN J 108 64.80 16.67 76.15
C GLN J 108 63.64 17.65 76.19
N THR J 109 63.29 18.20 75.02
CA THR J 109 62.22 19.18 74.89
C THR J 109 61.06 18.56 74.12
N ARG J 110 59.86 18.67 74.67
CA ARG J 110 58.66 18.15 74.03
C ARG J 110 58.04 19.23 73.15
N ILE J 111 57.79 18.87 71.90
CA ILE J 111 57.22 19.81 70.94
C ILE J 111 55.72 19.95 71.19
N SER J 112 55.21 21.16 71.02
CA SER J 112 53.81 21.43 71.30
C SER J 112 52.91 20.63 70.37
N THR J 113 51.68 20.39 70.83
CA THR J 113 50.62 19.76 70.04
C THR J 113 51.02 18.35 69.58
N GLY J 114 51.53 17.56 70.51
CA GLY J 114 51.73 16.15 70.24
C GLY J 114 50.43 15.38 70.32
N SER J 115 50.44 14.16 69.81
CA SER J 115 49.24 13.33 69.76
C SER J 115 49.29 12.23 70.81
N ARG J 116 48.16 12.02 71.49
CA ARG J 116 48.03 10.98 72.50
C ARG J 116 46.72 10.24 72.28
N VAL J 117 46.73 8.93 72.51
CA VAL J 117 45.53 8.11 72.37
C VAL J 117 45.38 7.25 73.61
N GLN J 118 44.14 7.06 74.04
CA GLN J 118 43.80 6.20 75.15
C GLN J 118 43.22 4.88 74.64
N THR J 119 43.03 3.93 75.57
CA THR J 119 42.58 2.60 75.18
C THR J 119 41.23 2.58 74.45
N PRO J 120 40.22 3.41 74.81
CA PRO J 120 39.01 3.44 73.98
C PRO J 120 39.18 4.27 72.72
N ALA J 121 40.43 4.57 72.36
CA ALA J 121 40.78 5.27 71.13
C ALA J 121 40.27 6.71 71.12
N GLY J 122 40.61 7.45 72.17
CA GLY J 122 40.35 8.87 72.24
C GLY J 122 41.65 9.64 72.02
N ALA J 123 41.61 10.55 71.05
CA ALA J 123 42.79 11.31 70.64
C ALA J 123 42.82 12.64 71.38
N ILE J 124 43.92 12.91 72.08
CA ILE J 124 44.09 14.13 72.85
C ILE J 124 45.47 14.71 72.55
N PHE J 125 45.53 16.03 72.38
CA PHE J 125 46.78 16.73 72.08
C PHE J 125 47.34 17.38 73.35
N THR J 126 48.56 17.89 73.22
CA THR J 126 49.23 18.61 74.29
C THR J 126 49.00 20.11 74.11
N VAL J 127 49.57 20.91 75.03
CA VAL J 127 49.29 22.34 75.04
C VAL J 127 50.59 23.13 74.89
N MET J 128 51.43 23.11 75.91
CA MET J 128 52.65 23.91 75.96
C MET J 128 53.88 23.03 75.92
N SER J 129 54.90 23.51 75.22
CA SER J 129 56.18 22.81 75.17
C SER J 129 56.90 22.96 76.51
N ASP J 130 57.77 21.99 76.79
CA ASP J 130 58.51 22.01 78.04
C ASP J 130 59.78 21.17 77.90
N VAL J 131 60.71 21.40 78.81
CA VAL J 131 61.93 20.63 78.88
C VAL J 131 61.78 19.57 79.97
N THR J 132 62.68 18.60 79.99
CA THR J 132 62.68 17.55 81.00
C THR J 132 63.96 17.61 81.81
N ILE J 133 63.82 17.57 83.12
CA ILE J 133 64.96 17.54 84.03
C ILE J 133 65.59 16.15 83.97
N PRO J 134 66.85 15.98 84.37
CA PRO J 134 67.49 14.67 84.25
C PRO J 134 66.82 13.57 85.05
N ALA J 135 65.99 13.90 86.05
CA ALA J 135 65.31 12.87 86.81
C ALA J 135 64.37 12.07 85.93
N GLY J 136 63.63 12.74 85.04
CA GLY J 136 62.70 12.06 84.16
C GLY J 136 61.26 12.21 84.59
N GLY J 137 60.88 13.41 85.01
CA GLY J 137 59.50 13.65 85.38
C GLY J 137 59.09 15.09 85.17
N VAL J 138 58.00 15.31 84.43
CA VAL J 138 57.46 16.64 84.17
C VAL J 138 55.94 16.55 84.15
N ALA J 139 55.30 17.71 84.17
CA ALA J 139 53.85 17.82 84.14
C ALA J 139 53.40 18.48 82.83
N THR J 140 52.36 17.92 82.23
CA THR J 140 51.85 18.38 80.94
C THR J 140 50.40 18.81 81.05
N ILE J 141 49.90 19.41 79.97
CA ILE J 141 48.53 19.90 79.89
C ILE J 141 47.94 19.40 78.57
N ASP J 142 46.69 18.97 78.59
CA ASP J 142 46.09 18.31 77.44
C ASP J 142 44.82 19.00 76.95
N ILE J 143 44.61 18.86 75.64
CA ILE J 143 43.39 19.27 74.93
C ILE J 143 43.14 18.24 73.84
N LYS J 144 41.89 17.83 73.68
CA LYS J 144 41.53 16.81 72.70
C LYS J 144 41.03 17.47 71.42
N SER J 145 40.67 16.64 70.45
CA SER J 145 40.25 17.17 69.17
C SER J 145 38.83 17.74 69.23
N GLN J 146 37.92 17.05 69.90
CA GLN J 146 36.51 17.43 69.89
C GLN J 146 36.13 18.19 71.15
N GLU J 147 35.21 19.15 71.00
CA GLU J 147 34.68 19.91 72.13
C GLU J 147 33.54 19.14 72.79
N TYR J 148 33.86 17.93 73.25
CA TYR J 148 32.87 16.99 73.73
C TYR J 148 33.16 16.60 75.18
N GLY J 149 32.12 16.17 75.88
CA GLY J 149 32.25 15.74 77.26
C GLY J 149 32.85 14.36 77.42
N ASN J 150 34.03 14.16 76.84
CA ASN J 150 34.67 12.86 76.88
C ASN J 150 35.24 12.61 78.28
N ILE J 151 35.40 11.34 78.62
CA ILE J 151 35.86 10.92 79.94
C ILE J 151 37.18 10.18 79.78
N PRO J 152 38.24 10.56 80.50
CA PRO J 152 39.51 9.84 80.41
C PRO J 152 39.52 8.64 81.33
N LEU J 153 39.63 7.45 80.76
CA LEU J 153 39.69 6.24 81.57
C LEU J 153 40.99 6.19 82.35
N PRO J 154 40.95 5.86 83.63
CA PRO J 154 42.19 5.73 84.40
C PRO J 154 43.06 4.58 83.93
N VAL J 155 43.61 4.68 82.72
CA VAL J 155 44.47 3.66 82.15
C VAL J 155 45.71 4.33 81.58
N GLY J 156 46.81 3.59 81.50
CA GLY J 156 48.00 4.08 80.84
C GLY J 156 47.74 4.42 79.38
N ASN J 157 48.15 5.61 78.95
CA ASN J 157 47.86 6.09 77.62
C ASN J 157 48.79 5.46 76.58
N LEU J 158 48.52 5.78 75.32
CA LEU J 158 49.32 5.33 74.19
C LEU J 158 49.66 6.54 73.33
N ILE J 159 50.90 6.55 72.82
CA ILE J 159 51.45 7.71 72.13
C ILE J 159 51.27 7.53 70.63
N ILE J 160 50.79 8.58 69.96
CA ILE J 160 50.59 8.54 68.51
C ILE J 160 51.72 9.30 67.82
N ILE J 161 51.79 10.60 68.05
CA ILE J 161 52.88 11.42 67.53
C ILE J 161 54.00 11.38 68.56
N ASP J 162 55.20 11.04 68.10
CA ASP J 162 56.31 10.75 69.01
C ASP J 162 57.47 11.68 68.75
N GLY J 163 57.92 12.35 69.81
CA GLY J 163 59.22 12.97 69.80
C GLY J 163 60.29 11.93 70.08
N THR J 164 61.53 12.41 70.13
CA THR J 164 62.63 11.50 70.46
C THR J 164 62.64 11.22 71.96
N ILE J 165 62.91 9.97 72.30
CA ILE J 165 63.15 9.49 73.67
C ILE J 165 62.07 9.96 74.64
N GLY J 166 60.83 10.07 74.17
CA GLY J 166 59.77 10.43 75.08
C GLY J 166 58.60 9.45 75.11
N TRP J 167 58.43 8.77 76.24
CA TRP J 167 57.41 7.72 76.37
C TRP J 167 56.61 7.91 77.66
N SER J 168 55.76 6.92 77.95
CA SER J 168 55.04 6.78 79.22
C SER J 168 54.14 7.99 79.49
N GLY J 169 53.11 8.13 78.65
CA GLY J 169 52.03 9.02 79.00
C GLY J 169 51.16 8.34 80.02
N ALA J 170 51.25 8.78 81.27
CA ALA J 170 50.61 8.09 82.38
C ALA J 170 49.82 9.08 83.22
N LYS J 171 49.04 8.54 84.15
CA LYS J 171 48.11 9.36 84.92
C LYS J 171 48.59 9.49 86.37
N VAL J 172 48.17 10.58 86.99
CA VAL J 172 48.12 10.73 88.44
C VAL J 172 46.79 11.35 88.79
N ILE J 173 46.16 10.83 89.85
CA ILE J 173 44.86 11.37 90.27
C ILE J 173 44.97 12.78 90.82
N ALA J 174 46.18 13.29 91.02
CA ALA J 174 46.37 14.69 91.35
C ALA J 174 46.00 15.61 90.20
N SER J 175 45.80 15.06 89.00
CA SER J 175 45.41 15.85 87.86
C SER J 175 44.01 16.42 88.07
N THR J 176 43.86 17.72 87.87
CA THR J 176 42.55 18.35 88.03
C THR J 176 41.59 17.85 86.96
N ARG J 177 40.34 17.71 87.34
CA ARG J 177 39.28 17.22 86.46
C ARG J 177 38.42 18.38 86.01
N VAL J 178 38.24 18.52 84.70
CA VAL J 178 37.32 19.50 84.13
C VAL J 178 36.30 18.74 83.31
N ASP J 179 35.04 18.78 83.75
CA ASP J 179 33.97 18.12 83.04
C ASP J 179 33.44 19.06 81.96
N PRO J 180 33.60 18.74 80.68
CA PRO J 180 33.16 19.66 79.63
C PRO J 180 31.76 19.33 79.12
N GLY J 181 31.03 20.39 78.77
CA GLY J 181 29.81 20.20 78.02
C GLY J 181 30.12 19.85 76.58
N SER J 182 29.13 19.26 75.90
CA SER J 182 29.23 18.96 74.47
C SER J 182 27.98 19.49 73.78
N ARG J 183 27.97 20.78 73.48
CA ARG J 183 26.83 21.44 72.84
C ARG J 183 25.52 20.87 73.37
N GLN J 184 25.41 20.82 74.70
CA GLN J 184 24.45 19.95 75.38
C GLN J 184 23.01 20.21 74.98
N MET J 185 22.75 21.22 74.16
CA MET J 185 21.38 21.59 73.82
C MET J 185 21.39 22.28 72.45
N SER J 186 20.99 21.55 71.42
CA SER J 186 21.07 22.13 70.09
C SER J 186 19.82 22.91 69.72
N ASP J 187 18.72 22.21 69.42
CA ASP J 187 17.48 22.87 69.03
C ASP J 187 16.20 22.24 69.57
N ALA J 188 16.19 20.94 69.88
CA ALA J 188 14.95 20.23 70.16
C ALA J 188 14.74 19.98 71.64
N GLU J 189 15.82 19.65 72.37
CA GLU J 189 15.72 19.55 73.81
C GLU J 189 15.27 20.86 74.43
N LEU J 190 15.50 21.99 73.74
CA LEU J 190 14.89 23.24 74.18
C LEU J 190 13.38 23.18 74.10
N LYS J 191 12.85 22.61 73.01
CA LYS J 191 11.40 22.43 72.91
C LYS J 191 10.88 21.49 73.99
N ASN J 192 11.63 20.43 74.27
CA ASN J 192 11.23 19.52 75.34
C ASN J 192 11.24 20.22 76.70
N ALA J 193 12.20 21.11 76.92
CA ALA J 193 12.21 21.90 78.14
C ALA J 193 10.99 22.80 78.22
N ARG J 194 10.63 23.43 77.10
CA ARG J 194 9.39 24.19 77.05
C ARG J 194 8.21 23.32 77.47
N VAL J 195 8.12 22.11 76.89
CA VAL J 195 6.99 21.23 77.20
C VAL J 195 6.98 20.90 78.69
N ASN J 196 8.15 20.56 79.24
CA ASN J 196 8.21 20.18 80.66
C ASN J 196 7.82 21.34 81.56
N ARG J 197 8.31 22.54 81.28
CA ARG J 197 7.99 23.68 82.14
C ARG J 197 6.51 24.04 82.04
N LEU J 198 5.94 24.03 80.84
CA LEU J 198 4.52 24.32 80.70
C LEU J 198 3.66 23.23 81.33
N ALA J 199 4.15 21.99 81.37
CA ALA J 199 3.45 20.95 82.12
C ALA J 199 3.55 21.20 83.62
N ILE J 200 4.70 21.68 84.08
CA ILE J 200 4.88 21.95 85.50
C ILE J 200 3.92 23.05 85.95
N GLN J 201 3.88 24.15 85.19
CA GLN J 201 3.06 25.29 85.59
C GLN J 201 1.56 25.05 85.35
N GLY J 202 1.21 24.08 84.51
CA GLY J 202 -0.19 23.91 84.16
C GLY J 202 -1.04 23.42 85.32
N ARG J 203 -0.50 22.52 86.13
CA ARG J 203 -1.28 21.88 87.17
C ARG J 203 -1.66 22.86 88.27
N ASN J 204 -2.76 22.56 88.97
CA ASN J 204 -3.29 23.40 90.02
C ASN J 204 -2.55 23.13 91.33
N SER J 205 -3.04 23.70 92.43
CA SER J 205 -2.36 23.54 93.71
C SER J 205 -2.41 22.10 94.19
N THR J 206 -3.57 21.46 94.09
CA THR J 206 -3.77 20.13 94.65
C THR J 206 -3.27 19.02 93.73
N MET J 207 -3.76 19.01 92.48
CA MET J 207 -3.44 17.93 91.56
C MET J 207 -1.95 17.80 91.30
N ALA J 208 -1.21 18.91 91.39
CA ALA J 208 0.24 18.84 91.19
C ALA J 208 0.92 18.08 92.32
N ILE J 209 0.35 18.12 93.52
CA ILE J 209 1.01 17.52 94.67
C ILE J 209 1.13 16.01 94.49
N LYS J 210 0.03 15.35 94.13
CA LYS J 210 0.06 13.91 93.97
C LYS J 210 0.97 13.50 92.82
N ALA J 211 0.97 14.28 91.73
CA ALA J 211 1.85 13.97 90.61
C ALA J 211 3.31 14.07 91.02
N TYR J 212 3.66 15.11 91.78
CA TYR J 212 5.05 15.27 92.19
C TYR J 212 5.46 14.18 93.17
N VAL J 213 4.58 13.83 94.11
CA VAL J 213 4.91 12.84 95.13
C VAL J 213 5.03 11.46 94.50
N SER J 214 4.18 11.15 93.53
CA SER J 214 4.21 9.83 92.90
C SER J 214 5.55 9.53 92.23
N ALA J 215 6.34 10.56 91.95
CA ALA J 215 7.60 10.36 91.23
C ALA J 215 8.65 9.67 92.11
N VAL J 216 8.56 9.82 93.42
CA VAL J 216 9.60 9.30 94.31
C VAL J 216 9.60 7.78 94.26
N PRO J 217 10.75 7.11 94.34
CA PRO J 217 10.75 5.65 94.30
C PRO J 217 10.11 5.04 95.54
N ASN J 218 9.57 3.84 95.36
CA ASN J 218 8.98 2.98 96.39
C ASN J 218 7.66 3.51 96.93
N VAL J 219 7.18 4.66 96.47
CA VAL J 219 5.88 5.15 96.91
C VAL J 219 4.78 4.26 96.34
N THR J 220 3.66 4.18 97.06
CA THR J 220 2.54 3.34 96.65
C THR J 220 1.26 4.13 96.42
N SER J 221 0.88 5.00 97.34
CA SER J 221 -0.37 5.74 97.21
C SER J 221 -0.28 7.03 97.99
N VAL J 222 -1.21 7.94 97.69
CA VAL J 222 -1.25 9.27 98.27
C VAL J 222 -2.71 9.70 98.40
N ASN J 223 -3.04 10.35 99.52
CA ASN J 223 -4.34 10.97 99.70
C ASN J 223 -4.15 12.42 100.12
N VAL J 224 -4.87 13.33 99.45
CA VAL J 224 -4.79 14.75 99.74
C VAL J 224 -6.19 15.34 99.73
N ILE J 225 -6.53 16.10 100.76
CA ILE J 225 -7.80 16.82 100.83
C ILE J 225 -7.54 18.20 101.40
N GLU J 226 -8.18 19.22 100.80
CA GLU J 226 -8.11 20.59 101.29
C GLU J 226 -9.40 20.90 102.05
N ASN J 227 -9.26 21.35 103.30
CA ASN J 227 -10.44 21.67 104.09
C ASN J 227 -11.16 22.90 103.55
N ASN J 228 -10.42 23.97 103.28
CA ASN J 228 -10.96 25.22 102.75
C ASN J 228 -11.96 25.87 103.70
N THR J 229 -12.16 25.27 104.88
CA THR J 229 -13.05 25.80 105.90
C THR J 229 -12.53 25.40 107.26
N GLY J 230 -13.13 25.98 108.30
CA GLY J 230 -12.86 25.64 109.67
C GLY J 230 -13.75 24.57 110.25
N ALA J 231 -14.55 23.91 109.42
CA ALA J 231 -15.46 22.86 109.83
C ALA J 231 -14.86 21.50 109.48
N VAL J 232 -15.66 20.45 109.63
CA VAL J 232 -15.27 19.09 109.28
C VAL J 232 -15.79 18.82 107.87
N GLN J 233 -14.88 18.58 106.94
CA GLN J 233 -15.26 18.37 105.54
C GLN J 233 -15.34 16.88 105.19
N VAL J 234 -14.29 16.13 105.44
CA VAL J 234 -14.28 14.67 105.29
C VAL J 234 -13.80 14.09 106.61
N VAL J 235 -12.66 14.58 107.08
CA VAL J 235 -12.15 14.24 108.40
C VAL J 235 -12.22 15.49 109.26
N ASN J 236 -12.14 15.29 110.57
CA ASN J 236 -12.28 16.39 111.50
C ASN J 236 -11.03 17.26 111.53
N GLY J 237 -10.82 18.03 110.47
CA GLY J 237 -9.69 18.94 110.44
C GLY J 237 -10.08 20.37 110.78
N VAL J 238 -9.85 20.75 112.02
CA VAL J 238 -10.11 22.11 112.47
C VAL J 238 -8.83 22.55 113.17
N SER J 239 -7.71 21.94 112.78
CA SER J 239 -6.41 22.33 113.34
C SER J 239 -6.17 23.82 113.14
N PHE J 240 -6.52 24.34 111.96
CA PHE J 240 -6.55 25.77 111.71
C PHE J 240 -7.76 26.06 110.84
N THR J 241 -7.96 27.34 110.52
CA THR J 241 -9.09 27.69 109.67
C THR J 241 -8.87 27.23 108.24
N LEU J 242 -7.64 27.27 107.75
CA LEU J 242 -7.32 26.94 106.36
C LEU J 242 -5.99 26.18 106.25
N PRO J 243 -5.92 24.94 106.75
CA PRO J 243 -4.75 24.11 106.48
C PRO J 243 -4.72 23.63 105.04
N TYR J 244 -3.67 22.86 104.73
CA TYR J 244 -3.68 21.89 103.63
C TYR J 244 -3.31 20.53 104.22
N ALA J 245 -4.11 19.52 103.90
CA ALA J 245 -3.99 18.20 104.53
C ALA J 245 -3.44 17.20 103.54
N VAL J 246 -2.43 16.44 103.98
CA VAL J 246 -1.73 15.47 103.13
C VAL J 246 -1.66 14.14 103.85
N TRP J 247 -1.82 13.04 103.11
CA TRP J 247 -1.62 11.70 103.63
C TRP J 247 -0.85 10.89 102.60
N VAL J 248 0.25 10.28 103.03
CA VAL J 248 1.15 9.58 102.12
C VAL J 248 1.43 8.18 102.65
N CYS J 249 1.48 7.21 101.74
CA CYS J 249 1.84 5.84 102.04
C CYS J 249 3.04 5.44 101.20
N VAL J 250 3.81 4.47 101.69
CA VAL J 250 5.04 4.07 101.04
C VAL J 250 5.35 2.63 101.41
N ALA J 251 6.19 1.98 100.62
CA ALA J 251 6.67 0.63 100.91
C ALA J 251 8.04 0.65 101.57
N GLY J 252 8.33 1.67 102.38
CA GLY J 252 9.58 1.72 103.11
C GLY J 252 10.24 3.07 103.10
N ASN J 253 10.09 3.82 102.00
CA ASN J 253 10.68 5.15 101.85
C ASN J 253 12.17 5.13 102.17
N PRO J 254 13.00 4.60 101.28
CA PRO J 254 14.44 4.47 101.59
C PRO J 254 15.10 5.79 101.95
N ASP J 255 14.71 6.89 101.32
CA ASP J 255 15.21 8.21 101.66
C ASP J 255 14.06 9.01 102.26
N LYS J 256 14.11 9.24 103.57
CA LYS J 256 13.10 10.06 104.21
C LYS J 256 13.16 11.50 103.71
N GLN J 257 14.36 11.98 103.37
CA GLN J 257 14.50 13.36 102.92
C GLN J 257 13.86 13.58 101.55
N ALA J 258 13.80 12.54 100.71
CA ALA J 258 13.32 12.72 99.35
C ALA J 258 11.85 13.15 99.33
N VAL J 259 11.03 12.52 100.18
CA VAL J 259 9.61 12.86 100.19
C VAL J 259 9.39 14.30 100.67
N ALA J 260 10.28 14.79 101.55
CA ALA J 260 10.22 16.20 101.92
C ALA J 260 10.56 17.09 100.74
N ASP J 261 11.57 16.72 99.96
CA ASP J 261 11.97 17.52 98.81
C ASP J 261 10.84 17.59 97.79
N ALA J 262 10.19 16.45 97.53
CA ALA J 262 9.08 16.44 96.58
C ALA J 262 7.94 17.32 97.08
N LEU J 263 7.59 17.21 98.36
CA LEU J 263 6.52 18.04 98.91
C LEU J 263 6.89 19.51 98.89
N TRP J 264 8.18 19.82 99.02
CA TRP J 264 8.60 21.21 99.06
C TRP J 264 8.26 21.94 97.77
N ALA J 265 8.39 21.24 96.63
CA ALA J 265 8.17 21.89 95.34
C ALA J 265 6.74 22.37 95.17
N ALA J 266 5.80 21.90 95.99
CA ALA J 266 4.39 22.23 95.86
C ALA J 266 3.97 23.05 97.08
N HIS J 267 4.10 24.37 96.96
CA HIS J 267 3.62 25.28 97.99
C HIS J 267 2.96 26.48 97.32
N ASN J 268 1.96 27.05 98.00
CA ASN J 268 1.13 28.09 97.41
C ASN J 268 1.37 29.48 97.97
N GLY J 269 2.13 29.60 99.06
CA GLY J 269 2.50 30.90 99.58
C GLY J 269 1.56 31.50 100.60
N GLY J 270 0.44 30.85 100.91
CA GLY J 270 -0.47 31.38 101.90
C GLY J 270 -1.14 30.33 102.75
N THR J 271 -0.64 29.10 102.70
CA THR J 271 -1.29 27.96 103.34
C THR J 271 -0.28 27.15 104.14
N PRO J 272 -0.45 27.02 105.45
CA PRO J 272 0.42 26.12 106.22
C PRO J 272 0.06 24.67 105.98
N TRP J 273 0.96 23.78 106.42
CA TRP J 273 0.82 22.36 106.15
C TRP J 273 0.29 21.55 107.34
N ASP J 274 0.31 22.09 108.55
CA ASP J 274 -0.08 21.30 109.71
C ASP J 274 -1.56 20.96 109.67
N TYR J 275 -1.89 19.77 110.17
CA TYR J 275 -3.25 19.28 110.10
C TYR J 275 -3.43 18.19 111.15
N GLY J 276 -4.69 17.92 111.47
CA GLY J 276 -5.03 16.87 112.39
C GLY J 276 -5.48 17.41 113.74
N ALA J 277 -6.11 16.53 114.51
CA ALA J 277 -6.61 16.83 115.85
C ALA J 277 -6.21 15.74 116.83
N THR J 278 -4.93 15.36 116.77
CA THR J 278 -4.34 14.32 117.63
C THR J 278 -5.07 12.98 117.51
N ASN J 279 -5.87 12.82 116.47
CA ASN J 279 -6.61 11.59 116.24
C ASN J 279 -6.55 11.09 114.81
N ASN J 280 -6.06 11.89 113.87
CA ASN J 280 -5.89 11.45 112.49
C ASN J 280 -4.60 10.63 112.38
N GLY J 281 -4.14 10.41 111.15
CA GLY J 281 -2.97 9.57 110.96
C GLY J 281 -1.76 10.08 111.73
N VAL J 282 -0.93 9.14 112.16
CA VAL J 282 0.20 9.44 113.04
C VAL J 282 1.28 10.18 112.27
N PRO J 283 1.68 11.38 112.70
CA PRO J 283 2.75 12.09 112.02
C PRO J 283 4.09 11.42 112.26
N VAL J 284 5.01 11.62 111.32
CA VAL J 284 6.35 11.06 111.44
C VAL J 284 7.10 11.72 112.60
N ASP J 285 7.09 13.05 112.65
CA ASP J 285 7.81 13.78 113.67
C ASP J 285 6.95 14.95 114.13
N GLY J 286 7.24 15.43 115.34
CA GLY J 286 6.40 16.40 116.00
C GLY J 286 6.36 17.75 115.31
N PRO J 287 7.44 18.52 115.41
CA PRO J 287 7.43 19.88 114.86
C PRO J 287 7.70 19.98 113.35
N ASN J 288 8.51 19.09 112.79
CA ASN J 288 8.90 19.22 111.39
C ASN J 288 9.61 17.95 110.92
N GLY J 289 9.65 17.79 109.60
CA GLY J 289 10.39 16.73 108.95
C GLY J 289 11.76 17.13 108.44
N VAL J 290 12.32 18.23 108.93
CA VAL J 290 13.66 18.75 108.63
C VAL J 290 13.99 18.68 107.14
N PRO J 291 13.40 19.56 106.31
CA PRO J 291 13.76 19.59 104.89
C PRO J 291 15.14 20.16 104.64
N VAL J 292 15.62 20.04 103.40
CA VAL J 292 16.88 20.65 103.00
C VAL J 292 16.67 22.16 102.86
N ARG J 293 17.76 22.91 103.05
CA ARG J 293 17.68 24.37 102.96
C ARG J 293 17.21 24.81 101.57
N ASP J 294 18.04 24.58 100.55
CA ASP J 294 17.70 24.90 99.16
C ASP J 294 18.80 24.40 98.25
N PRO J 295 18.47 23.88 97.06
CA PRO J 295 19.52 23.57 96.08
C PRO J 295 20.22 24.80 95.56
N ALA J 296 19.63 25.98 95.67
CA ALA J 296 20.19 27.17 95.05
C ALA J 296 19.84 28.40 95.89
N SER J 297 20.79 28.82 96.73
CA SER J 297 20.77 30.14 97.38
C SER J 297 19.49 30.34 98.20
N GLY J 298 19.35 29.52 99.23
CA GLY J 298 18.18 29.58 100.07
C GLY J 298 18.43 29.02 101.45
N ARG J 299 17.34 28.85 102.19
CA ARG J 299 17.37 28.54 103.61
C ARG J 299 16.26 27.55 103.95
N LYS J 300 16.35 26.97 105.15
CA LYS J 300 15.68 25.71 105.46
C LYS J 300 14.26 25.94 105.97
N TYR J 301 13.27 25.55 105.16
CA TYR J 301 11.87 25.71 105.51
C TYR J 301 11.37 24.52 106.32
N VAL J 302 10.06 24.45 106.54
CA VAL J 302 9.44 23.41 107.35
C VAL J 302 8.24 22.85 106.60
N VAL J 303 8.02 21.54 106.72
CA VAL J 303 6.89 20.85 106.11
C VAL J 303 6.33 19.83 107.09
N LYS J 304 5.14 19.32 106.77
CA LYS J 304 4.54 18.27 107.59
C LYS J 304 3.77 17.29 106.71
N TRP J 305 4.03 15.99 106.91
CA TRP J 305 3.26 14.95 106.25
C TRP J 305 3.07 13.79 107.21
N THR J 306 1.94 13.10 107.07
CA THR J 306 1.57 12.02 107.97
C THR J 306 1.23 10.76 107.18
N THR J 307 1.56 9.61 107.77
CA THR J 307 1.35 8.28 107.22
C THR J 307 0.12 7.64 107.85
N PRO J 308 -0.61 6.81 107.10
CA PRO J 308 -1.86 6.24 107.63
C PRO J 308 -1.61 5.24 108.73
N ILE J 309 -2.65 5.03 109.54
CA ILE J 309 -2.59 4.07 110.63
C ILE J 309 -2.70 2.67 110.05
N MET J 310 -1.66 1.86 110.25
CA MET J 310 -1.62 0.53 109.66
C MET J 310 -2.70 -0.37 110.28
N TYR J 311 -3.32 -1.19 109.43
CA TYR J 311 -4.35 -2.10 109.86
C TYR J 311 -4.04 -3.50 109.31
N ASP J 312 -4.89 -4.45 109.69
CA ASP J 312 -4.84 -5.80 109.15
C ASP J 312 -6.25 -6.33 108.94
N GLY J 313 -6.42 -7.13 107.90
CA GLY J 313 -7.73 -7.63 107.50
C GLY J 313 -7.82 -9.14 107.72
N TYR J 314 -8.99 -9.58 108.14
CA TYR J 314 -9.25 -10.99 108.42
C TYR J 314 -10.42 -11.46 107.56
N VAL J 315 -10.21 -12.55 106.83
CA VAL J 315 -11.19 -13.03 105.86
C VAL J 315 -11.53 -14.48 106.16
N ASN J 316 -12.82 -14.80 106.20
CA ASN J 316 -13.30 -16.16 106.21
C ASN J 316 -13.87 -16.49 104.84
N VAL J 317 -13.44 -17.62 104.27
CA VAL J 317 -13.91 -18.06 102.97
C VAL J 317 -14.32 -19.53 103.07
N THR J 318 -15.48 -19.85 102.48
CA THR J 318 -15.99 -21.21 102.43
C THR J 318 -16.26 -21.56 100.98
N VAL J 319 -15.80 -22.73 100.56
CA VAL J 319 -15.89 -23.12 99.15
C VAL J 319 -15.84 -24.65 99.06
N GLN J 320 -16.62 -25.19 98.14
CA GLN J 320 -16.58 -26.60 97.81
C GLN J 320 -15.63 -26.80 96.64
N GLN J 321 -15.02 -28.00 96.58
CA GLN J 321 -13.92 -28.21 95.65
C GLN J 321 -14.38 -28.13 94.20
N GLY J 322 -15.51 -28.73 93.89
CA GLY J 322 -15.99 -28.78 92.51
C GLY J 322 -15.62 -30.10 91.84
N SER J 323 -14.92 -30.04 90.71
CA SER J 323 -14.53 -31.23 89.98
C SER J 323 -13.10 -31.12 89.45
N SER J 324 -12.22 -30.44 90.17
CA SER J 324 -10.84 -30.27 89.76
C SER J 324 -9.98 -30.09 91.00
N SER J 325 -8.67 -29.94 90.77
CA SER J 325 -7.70 -29.74 91.84
C SER J 325 -7.23 -28.29 91.82
N VAL J 326 -7.45 -27.58 92.94
CA VAL J 326 -6.99 -26.21 93.10
C VAL J 326 -6.31 -26.10 94.46
N ALA J 327 -5.05 -25.67 94.45
CA ALA J 327 -4.30 -25.57 95.69
C ALA J 327 -4.90 -24.47 96.56
N PRO J 328 -5.23 -24.75 97.83
CA PRO J 328 -5.68 -23.67 98.72
C PRO J 328 -4.66 -22.56 98.84
N GLU J 329 -3.37 -22.91 98.86
CA GLU J 329 -2.33 -21.89 98.85
C GLU J 329 -2.33 -21.11 97.55
N ALA J 330 -2.76 -21.72 96.44
CA ALA J 330 -2.87 -20.98 95.19
C ALA J 330 -3.93 -19.89 95.30
N ILE J 331 -5.08 -20.22 95.87
CA ILE J 331 -6.11 -19.21 96.09
C ILE J 331 -5.61 -18.15 97.05
N GLN J 332 -4.91 -18.56 98.12
CA GLN J 332 -4.37 -17.62 99.08
C GLN J 332 -3.43 -16.62 98.42
N ASN J 333 -2.50 -17.12 97.61
CA ASN J 333 -1.52 -16.23 96.99
C ASN J 333 -2.19 -15.35 95.94
N ALA J 334 -3.15 -15.89 95.21
CA ALA J 334 -3.89 -15.08 94.24
C ALA J 334 -4.58 -13.91 94.93
N VAL J 335 -5.21 -14.18 96.07
CA VAL J 335 -5.87 -13.11 96.80
C VAL J 335 -4.86 -12.08 97.29
N VAL J 336 -3.77 -12.54 97.90
CA VAL J 336 -2.85 -11.59 98.54
C VAL J 336 -2.14 -10.73 97.51
N ASN J 337 -1.79 -11.30 96.34
CA ASN J 337 -1.19 -10.48 95.31
C ASN J 337 -2.23 -9.76 94.45
N TYR J 338 -3.51 -10.07 94.64
CA TYR J 338 -4.55 -9.11 94.26
C TYR J 338 -4.53 -7.90 95.17
N ALA J 339 -4.24 -8.10 96.46
CA ALA J 339 -4.26 -6.98 97.39
C ALA J 339 -3.29 -5.88 96.97
N GLN J 340 -2.18 -6.25 96.34
CA GLN J 340 -1.29 -5.25 95.77
C GLN J 340 -1.73 -4.80 94.38
N GLY J 341 -2.68 -5.50 93.76
CA GLY J 341 -3.24 -5.07 92.50
C GLY J 341 -2.33 -5.27 91.30
N LYS J 342 -2.05 -6.52 90.93
CA LYS J 342 -1.23 -6.77 89.76
C LYS J 342 -1.97 -6.44 88.48
N VAL J 343 -3.29 -6.60 88.48
CA VAL J 343 -4.09 -6.61 87.27
C VAL J 343 -4.60 -5.20 86.99
N GLU J 344 -4.65 -4.85 85.71
CA GLU J 344 -5.15 -3.55 85.30
C GLU J 344 -6.62 -3.41 85.66
N GLY J 345 -7.03 -2.17 85.92
CA GLY J 345 -8.41 -1.86 86.25
C GLY J 345 -8.74 -1.92 87.72
N GLU J 346 -7.82 -2.38 88.56
CA GLU J 346 -8.05 -2.47 90.00
C GLU J 346 -6.83 -1.91 90.70
N GLU J 347 -7.00 -0.75 91.37
CA GLU J 347 -5.88 -0.08 92.01
C GLU J 347 -5.33 -0.88 93.18
N GLY J 348 -6.21 -1.46 93.98
CA GLY J 348 -5.78 -2.23 95.14
C GLY J 348 -6.25 -1.64 96.45
N LEU J 349 -5.56 -1.97 97.54
CA LEU J 349 -5.93 -1.48 98.87
C LEU J 349 -5.07 -0.26 99.22
N VAL J 350 -5.35 0.82 98.50
CA VAL J 350 -4.65 2.09 98.72
C VAL J 350 -5.25 2.77 99.94
N VAL J 351 -4.61 3.85 100.39
CA VAL J 351 -5.11 4.59 101.55
C VAL J 351 -6.54 5.02 101.32
N GLY J 352 -7.35 4.93 102.38
CA GLY J 352 -8.75 5.33 102.29
C GLY J 352 -9.56 4.49 101.33
N ALA J 353 -9.31 3.18 101.29
CA ALA J 353 -10.05 2.27 100.44
C ALA J 353 -10.72 1.20 101.30
N SER J 354 -12.04 1.15 101.25
CA SER J 354 -12.76 0.13 101.98
C SER J 354 -12.55 -1.24 101.34
N LEU J 355 -12.75 -2.28 102.14
CA LEU J 355 -12.57 -3.65 101.68
C LEU J 355 -13.89 -4.39 101.85
N SER J 356 -14.32 -5.06 100.79
CA SER J 356 -15.56 -5.83 100.80
C SER J 356 -15.32 -7.21 100.25
N ALA J 357 -16.04 -8.19 100.82
CA ALA J 357 -15.90 -9.57 100.35
C ALA J 357 -16.39 -9.73 98.92
N PHE J 358 -17.29 -8.86 98.47
CA PHE J 358 -17.78 -8.95 97.10
C PHE J 358 -16.65 -8.76 96.10
N GLU J 359 -15.81 -7.76 96.33
CA GLU J 359 -14.70 -7.52 95.42
C GLU J 359 -13.65 -8.62 95.48
N VAL J 360 -13.45 -9.20 96.67
CA VAL J 360 -12.54 -10.35 96.77
C VAL J 360 -13.06 -11.53 95.97
N ALA J 361 -14.36 -11.81 96.09
CA ALA J 361 -14.96 -12.88 95.30
C ALA J 361 -14.87 -12.58 93.82
N GLY J 362 -15.03 -11.32 93.44
CA GLY J 362 -14.88 -10.95 92.04
C GLY J 362 -13.47 -11.18 91.53
N ALA J 363 -12.48 -10.83 92.35
CA ALA J 363 -11.09 -11.08 91.97
C ALA J 363 -10.84 -12.57 91.80
N ILE J 364 -11.37 -13.39 92.71
CA ILE J 364 -11.22 -14.83 92.60
C ILE J 364 -11.87 -15.33 91.31
N ALA J 365 -13.08 -14.84 91.01
CA ALA J 365 -13.81 -15.31 89.83
C ALA J 365 -13.07 -14.93 88.55
N ARG J 366 -12.61 -13.68 88.45
CA ARG J 366 -11.87 -13.29 87.26
C ARG J 366 -10.55 -14.02 87.16
N GLU J 367 -9.97 -14.40 88.30
CA GLU J 367 -8.74 -15.19 88.27
C GLU J 367 -8.98 -16.61 87.79
N ILE J 368 -10.02 -17.26 88.31
CA ILE J 368 -10.36 -18.61 87.88
C ILE J 368 -11.88 -18.78 87.83
N PRO J 369 -12.46 -19.01 86.66
CA PRO J 369 -13.90 -19.24 86.60
C PRO J 369 -14.26 -20.70 86.79
N GLY J 370 -15.55 -21.02 86.70
CA GLY J 370 -15.98 -22.40 86.80
C GLY J 370 -15.88 -23.01 88.17
N ILE J 371 -15.93 -22.20 89.24
CA ILE J 371 -15.83 -22.69 90.60
C ILE J 371 -16.96 -22.08 91.42
N TYR J 372 -17.68 -22.93 92.15
CA TYR J 372 -18.71 -22.45 93.05
C TYR J 372 -18.11 -21.83 94.30
N ILE J 373 -18.74 -20.76 94.77
CA ILE J 373 -18.33 -20.07 95.99
C ILE J 373 -19.50 -20.11 96.97
N LYS J 374 -19.24 -20.60 98.19
CA LYS J 374 -20.29 -20.76 99.17
C LYS J 374 -20.52 -19.49 99.98
N LEU J 375 -19.49 -19.01 100.67
CA LEU J 375 -19.63 -17.82 101.49
C LEU J 375 -18.26 -17.21 101.72
N CYS J 376 -18.25 -15.88 101.86
CA CYS J 376 -17.02 -15.16 102.18
C CYS J 376 -17.39 -13.96 103.03
N GLN J 377 -16.81 -13.87 104.23
CA GLN J 377 -17.01 -12.73 105.11
C GLN J 377 -15.66 -12.23 105.58
N VAL J 378 -15.64 -10.98 106.04
CA VAL J 378 -14.40 -10.28 106.34
C VAL J 378 -14.51 -9.58 107.68
N ALA J 379 -13.35 -9.29 108.28
CA ALA J 379 -13.26 -8.48 109.47
C ALA J 379 -11.96 -7.70 109.44
N CYS J 380 -11.94 -6.57 110.15
CA CYS J 380 -10.75 -5.73 110.21
C CYS J 380 -10.67 -5.08 111.58
N VAL J 381 -9.47 -5.04 112.15
CA VAL J 381 -9.24 -4.49 113.47
C VAL J 381 -7.85 -3.88 113.47
N ALA J 382 -7.50 -3.21 114.57
CA ALA J 382 -6.20 -2.56 114.68
C ALA J 382 -5.08 -3.58 114.65
N ALA J 383 -3.93 -3.16 114.12
CA ALA J 383 -2.79 -4.06 113.98
C ALA J 383 -2.20 -4.39 115.34
N GLY J 384 -1.73 -5.64 115.49
CA GLY J 384 -1.13 -6.10 116.71
C GLY J 384 -2.07 -6.74 117.70
N SER J 385 -3.38 -6.62 117.50
CA SER J 385 -4.36 -7.22 118.38
C SER J 385 -4.43 -8.72 118.16
N PRO J 386 -4.81 -9.50 119.18
CA PRO J 386 -4.98 -10.94 119.00
C PRO J 386 -6.10 -11.24 118.01
N ALA J 387 -6.14 -12.50 117.58
CA ALA J 387 -7.14 -12.92 116.61
C ALA J 387 -8.54 -12.85 117.23
N PRO J 388 -9.48 -12.16 116.60
CA PRO J 388 -10.82 -12.02 117.18
C PRO J 388 -11.69 -13.26 116.96
N ALA J 389 -12.82 -13.28 117.66
CA ALA J 389 -13.76 -14.37 117.57
C ALA J 389 -14.47 -14.35 116.21
N PRO J 390 -14.99 -15.50 115.77
CA PRO J 390 -15.70 -15.53 114.49
C PRO J 390 -16.91 -14.62 114.44
N GLY J 391 -17.49 -14.25 115.59
CA GLY J 391 -18.62 -13.34 115.60
C GLY J 391 -18.27 -11.91 115.24
N ASP J 392 -16.99 -11.61 115.05
CA ASP J 392 -16.55 -10.27 114.71
C ASP J 392 -16.42 -10.04 113.20
N PHE J 393 -16.77 -11.03 112.38
CA PHE J 393 -16.67 -10.90 110.94
C PHE J 393 -17.93 -10.27 110.35
N THR J 394 -17.81 -9.78 109.12
CA THR J 394 -18.91 -9.12 108.44
C THR J 394 -18.69 -9.20 106.94
N SER J 395 -19.68 -8.72 106.19
CA SER J 395 -19.56 -8.69 104.74
C SER J 395 -18.64 -7.57 104.28
N GLU J 396 -18.76 -6.39 104.88
CA GLU J 396 -18.02 -5.22 104.44
C GLU J 396 -17.54 -4.45 105.66
N TYR J 397 -16.34 -3.92 105.57
CA TYR J 397 -15.73 -3.11 106.63
C TYR J 397 -15.44 -1.72 106.08
N VAL J 398 -16.23 -0.73 106.51
CA VAL J 398 -15.94 0.65 106.16
C VAL J 398 -14.66 1.08 106.86
N MET J 399 -13.76 1.72 106.11
CA MET J 399 -12.42 2.02 106.60
C MET J 399 -12.17 3.52 106.46
N SER J 400 -11.42 4.08 107.41
CA SER J 400 -11.32 5.52 107.55
C SER J 400 -10.47 6.13 106.44
N ALA J 401 -10.59 7.45 106.29
CA ALA J 401 -9.84 8.16 105.26
C ALA J 401 -8.35 8.10 105.54
N PHE J 402 -7.94 8.22 106.81
CA PHE J 402 -6.54 8.26 107.19
C PHE J 402 -6.02 6.89 107.66
N GLY J 403 -6.55 5.81 107.08
CA GLY J 403 -6.09 4.48 107.45
C GLY J 403 -5.57 3.70 106.26
N GLN J 404 -4.85 2.61 106.54
CA GLN J 404 -4.33 1.73 105.50
C GLN J 404 -4.51 0.29 105.93
N ALA J 405 -4.93 -0.56 104.99
CA ALA J 405 -5.19 -1.97 105.26
C ALA J 405 -4.17 -2.84 104.56
N THR J 406 -3.84 -3.97 105.20
CA THR J 406 -2.84 -4.89 104.68
C THR J 406 -3.34 -6.32 104.84
N ILE J 407 -2.91 -7.20 103.95
CA ILE J 407 -3.32 -8.60 103.94
C ILE J 407 -2.08 -9.49 103.93
N SER J 408 -2.09 -10.52 104.77
CA SER J 408 -1.00 -11.49 104.84
C SER J 408 -1.49 -12.85 104.37
N VAL J 409 -0.56 -13.64 103.84
CA VAL J 409 -0.92 -14.95 103.30
C VAL J 409 -1.49 -15.84 104.39
N GLY J 410 -0.79 -15.94 105.52
CA GLY J 410 -1.26 -16.77 106.61
C GLY J 410 -2.38 -16.17 107.44
N ASN J 411 -2.59 -14.85 107.34
CA ASN J 411 -3.64 -14.22 108.14
C ASN J 411 -5.02 -14.74 107.74
N VAL J 412 -5.25 -14.88 106.44
CA VAL J 412 -6.53 -15.38 105.96
C VAL J 412 -6.58 -16.89 106.11
N ARG J 413 -7.73 -17.40 106.54
CA ARG J 413 -7.96 -18.82 106.73
C ARG J 413 -9.00 -19.30 105.72
N VAL J 414 -8.75 -20.46 105.12
CA VAL J 414 -9.64 -21.02 104.12
C VAL J 414 -10.25 -22.30 104.66
N THR J 415 -11.46 -22.60 104.20
CA THR J 415 -12.21 -23.77 104.63
C THR J 415 -12.74 -24.50 103.41
N PHE J 416 -12.55 -25.82 103.38
CA PHE J 416 -12.99 -26.66 102.27
C PHE J 416 -14.04 -27.63 102.80
N VAL J 417 -15.30 -27.20 102.75
CA VAL J 417 -16.40 -28.03 103.22
C VAL J 417 -16.86 -28.94 102.09
N LEU K 1 20.98 21.62 52.07
CA LEU K 1 22.39 21.27 52.03
C LEU K 1 23.19 22.03 50.95
N PRO K 2 22.66 22.15 49.72
CA PRO K 2 23.36 22.97 48.72
C PRO K 2 23.52 24.41 49.20
N ALA K 3 24.64 25.01 48.86
CA ALA K 3 24.94 26.35 49.33
C ALA K 3 24.10 27.40 48.60
N TYR K 4 23.77 28.47 49.32
CA TYR K 4 23.07 29.61 48.77
C TYR K 4 23.98 30.82 48.88
N ASN K 5 24.27 31.47 47.75
CA ASN K 5 25.26 32.55 47.74
C ASN K 5 24.63 33.90 48.10
N SER K 6 23.67 34.35 47.31
CA SER K 6 22.95 35.61 47.55
C SER K 6 23.92 36.79 47.72
N ASP K 7 24.72 37.02 46.68
CA ASP K 7 25.68 38.11 46.67
C ASP K 7 25.41 39.04 45.50
N ILE K 8 25.51 40.34 45.77
CA ILE K 8 25.25 41.33 44.73
C ILE K 8 26.38 41.33 43.71
N GLN K 9 27.62 41.18 44.17
CA GLN K 9 28.77 41.34 43.30
C GLN K 9 28.91 40.22 42.28
N GLN K 10 27.96 39.28 42.21
CA GLN K 10 28.02 38.25 41.18
C GLN K 10 27.87 38.82 39.79
N ALA K 11 27.34 40.04 39.65
CA ALA K 11 27.15 40.61 38.33
C ALA K 11 28.45 40.97 37.65
N LEU K 12 29.47 41.35 38.42
CA LEU K 12 30.75 41.70 37.83
C LEU K 12 31.43 40.45 37.27
N LYS K 13 32.11 40.62 36.13
CA LYS K 13 32.65 39.51 35.37
C LYS K 13 34.07 39.84 34.93
N TRP K 14 34.66 38.93 34.14
CA TRP K 14 35.99 39.18 33.56
C TRP K 14 36.06 40.52 32.87
N LEU K 15 35.08 40.81 32.02
CA LEU K 15 35.07 41.95 31.14
C LEU K 15 35.14 43.28 31.87
N HIS K 16 35.00 43.31 33.19
CA HIS K 16 35.07 44.53 33.97
C HIS K 16 36.20 44.42 34.99
N ASN K 17 37.41 44.78 34.57
CA ASN K 17 38.54 44.86 35.49
C ASN K 17 39.11 46.25 35.59
N GLN K 18 39.37 46.91 34.46
CA GLN K 18 39.86 48.27 34.44
C GLN K 18 38.74 49.28 34.27
N ALA K 19 37.53 48.93 34.69
CA ALA K 19 36.39 49.83 34.57
C ALA K 19 36.14 50.48 35.93
N PRO K 20 36.39 51.77 36.08
CA PRO K 20 36.11 52.41 37.36
C PRO K 20 34.63 52.70 37.56
N GLY K 21 33.92 52.97 36.46
CA GLY K 21 32.54 53.40 36.54
C GLY K 21 31.56 52.33 36.93
N ILE K 22 31.39 51.33 36.08
CA ILE K 22 30.37 50.31 36.31
C ILE K 22 30.67 49.53 37.58
N THR K 23 31.95 49.20 37.81
CA THR K 23 32.31 48.48 39.01
C THR K 23 32.01 49.31 40.25
N GLY K 24 32.34 50.60 40.21
CA GLY K 24 32.02 51.46 41.33
C GLY K 24 30.53 51.53 41.60
N LEU K 25 29.74 51.62 40.53
CA LEU K 25 28.28 51.65 40.68
C LEU K 25 27.78 50.40 41.37
N ILE K 26 28.17 49.22 40.87
CA ILE K 26 27.70 47.98 41.46
C ILE K 26 28.16 47.85 42.90
N GLN K 27 29.41 48.20 43.18
CA GLN K 27 29.91 48.09 44.54
C GLN K 27 29.14 49.01 45.48
N ARG K 28 28.86 50.23 45.05
CA ARG K 28 28.12 51.16 45.91
C ARG K 28 26.72 50.64 46.19
N LYS K 29 26.06 50.09 45.17
CA LYS K 29 24.79 49.41 45.43
C LYS K 29 24.96 48.29 46.43
N ALA K 30 26.10 47.59 46.36
CA ALA K 30 26.34 46.48 47.28
C ALA K 30 26.39 46.97 48.72
N GLN K 31 27.18 48.00 49.01
CA GLN K 31 27.20 48.41 50.41
C GLN K 31 25.91 49.12 50.81
N TRP K 32 25.17 49.69 49.86
CA TRP K 32 23.86 50.22 50.22
C TRP K 32 22.96 49.13 50.77
N TYR K 33 22.86 48.01 50.04
CA TYR K 33 22.04 46.91 50.55
C TYR K 33 22.66 46.31 51.80
N ASP K 34 23.98 46.29 51.90
CA ASP K 34 24.61 45.76 53.11
C ASP K 34 24.20 46.59 54.32
N ARG K 35 24.19 47.91 54.18
CA ARG K 35 23.86 48.79 55.31
C ARG K 35 22.38 48.71 55.64
N PHE K 36 21.51 48.69 54.64
CA PHE K 36 20.08 48.85 54.88
C PHE K 36 19.28 47.57 54.72
N SER K 37 19.92 46.41 54.63
CA SER K 37 19.09 45.22 54.52
C SER K 37 19.43 44.12 55.52
N ARG K 38 20.71 43.93 55.82
CA ARG K 38 21.12 42.83 56.71
C ARG K 38 21.69 43.32 58.03
N GLN K 39 22.59 44.30 58.01
CA GLN K 39 23.04 44.89 59.25
C GLN K 39 21.88 45.48 60.03
N PHE K 40 20.86 45.97 59.32
CA PHE K 40 19.65 46.43 59.99
C PHE K 40 19.00 45.29 60.76
N TRP K 41 18.90 44.11 60.15
CA TRP K 41 18.33 42.96 60.85
C TRP K 41 19.19 42.55 62.04
N ALA K 42 20.51 42.62 61.89
CA ALA K 42 21.38 42.26 63.01
C ALA K 42 21.15 43.20 64.20
N ASN K 43 21.12 44.50 63.93
CA ASN K 43 20.85 45.45 65.01
C ASN K 43 19.46 45.25 65.59
N TRP K 44 18.48 44.97 64.73
CA TRP K 44 17.11 44.78 65.18
C TRP K 44 17.00 43.60 66.12
N GLU K 45 17.63 42.48 65.77
CA GLU K 45 17.56 41.31 66.65
C GLU K 45 18.35 41.54 67.92
N ARG K 46 19.50 42.21 67.83
CA ARG K 46 20.27 42.49 69.04
C ARG K 46 19.53 43.45 69.96
N ASP K 47 18.63 44.26 69.43
CA ASP K 47 17.82 45.15 70.26
C ASP K 47 16.57 44.46 70.79
N VAL K 48 15.95 43.59 69.99
CA VAL K 48 14.74 42.90 70.45
C VAL K 48 15.10 41.83 71.48
N PHE K 49 16.33 41.33 71.46
CA PHE K 49 16.80 40.48 72.56
C PHE K 49 16.61 41.16 73.90
N HIS K 50 15.81 40.53 74.75
CA HIS K 50 15.38 41.17 75.99
C HIS K 50 16.54 41.35 76.95
N LEU K 51 17.46 40.38 77.00
CA LEU K 51 18.59 40.45 77.91
C LEU K 51 19.51 41.62 77.62
N LYS K 52 19.47 42.16 76.39
CA LYS K 52 20.35 43.25 76.01
C LYS K 52 19.57 44.40 75.36
N THR K 53 18.24 44.41 75.50
CA THR K 53 17.44 45.46 74.90
C THR K 53 17.80 46.83 75.44
N ALA K 54 18.37 47.69 74.59
CA ALA K 54 18.68 49.06 74.95
C ALA K 54 17.71 50.07 74.35
N ASN K 55 16.95 49.69 73.35
CA ASN K 55 16.02 50.62 72.71
C ASN K 55 14.80 50.83 73.59
N PRO K 56 14.50 52.06 73.99
CA PRO K 56 13.23 52.31 74.69
C PRO K 56 12.01 51.94 73.85
N PHE K 57 12.11 52.04 72.52
CA PHE K 57 11.02 51.58 71.68
C PHE K 57 10.79 50.08 71.84
N GLY K 58 11.87 49.30 71.89
CA GLY K 58 11.73 47.88 72.12
C GLY K 58 11.15 47.57 73.49
N LEU K 59 11.56 48.34 74.50
CA LEU K 59 11.01 48.13 75.84
C LEU K 59 9.52 48.45 75.88
N MET K 60 9.10 49.53 75.20
CA MET K 60 7.68 49.84 75.12
C MET K 60 6.92 48.75 74.38
N VAL K 61 7.55 48.19 73.34
CA VAL K 61 6.93 47.09 72.61
C VAL K 61 6.75 45.89 73.54
N TRP K 62 7.75 45.57 74.34
CA TRP K 62 7.63 44.49 75.31
C TRP K 62 6.50 44.77 76.29
N CYS K 63 6.41 46.02 76.76
CA CYS K 63 5.34 46.38 77.68
C CYS K 63 3.98 46.18 77.05
N ILE K 64 3.84 46.53 75.76
CA ILE K 64 2.58 46.28 75.06
C ILE K 64 2.34 44.78 74.93
N ILE K 65 3.40 44.00 74.77
CA ILE K 65 3.25 42.55 74.73
C ILE K 65 2.65 42.04 76.04
N LEU K 66 3.18 42.52 77.16
CA LEU K 66 2.76 42.04 78.47
C LEU K 66 1.65 42.85 79.10
N GLY K 67 1.28 43.99 78.52
CA GLY K 67 0.14 44.76 78.97
C GLY K 67 0.37 45.64 80.17
N THR K 68 1.60 45.74 80.67
CA THR K 68 1.86 46.57 81.83
C THR K 68 1.72 48.04 81.49
N PRO K 69 1.36 48.88 82.46
CA PRO K 69 1.43 50.33 82.26
C PRO K 69 2.86 50.79 82.07
N SER K 70 3.01 52.08 81.77
CA SER K 70 4.32 52.64 81.45
C SER K 70 4.62 53.97 82.12
N LYS K 71 3.71 54.50 82.95
CA LYS K 71 3.92 55.84 83.51
C LYS K 71 5.16 55.90 84.38
N GLY K 72 5.34 54.92 85.26
CA GLY K 72 6.37 55.03 86.28
C GLY K 72 7.78 54.75 85.82
N PHE K 73 7.99 54.49 84.54
CA PHE K 73 9.29 54.08 84.03
C PHE K 73 9.94 55.24 83.30
N GLY K 74 11.17 55.57 83.69
CA GLY K 74 11.95 56.55 82.95
C GLY K 74 12.27 56.03 81.56
N LEU K 75 11.87 56.76 80.53
CA LEU K 75 12.00 56.26 79.17
C LEU K 75 13.44 56.33 78.68
N TYR K 76 13.99 57.53 78.61
CA TYR K 76 15.28 57.74 77.97
C TYR K 76 16.02 58.92 78.58
N PRO K 77 17.35 58.88 78.60
CA PRO K 77 18.15 60.09 78.84
C PRO K 77 18.56 60.82 77.58
N LYS K 78 17.97 60.50 76.43
CA LYS K 78 18.43 60.98 75.14
C LYS K 78 18.13 62.47 74.97
N ASN K 79 18.70 63.03 73.89
CA ASN K 79 18.49 64.43 73.55
C ASN K 79 17.03 64.77 73.31
N SER K 80 16.21 63.78 72.92
CA SER K 80 14.81 64.05 72.62
C SER K 80 14.04 64.59 73.83
N SER K 81 14.55 64.35 75.04
CA SER K 81 13.92 64.91 76.22
C SER K 81 14.07 66.43 76.22
N TRP K 82 13.15 67.08 76.93
CA TRP K 82 13.09 68.53 76.94
C TRP K 82 14.37 69.12 77.52
N ALA K 83 14.83 70.22 76.93
CA ALA K 83 15.96 71.00 77.43
C ALA K 83 17.23 70.14 77.49
N PHE K 84 17.69 69.73 76.31
CA PHE K 84 18.97 69.04 76.16
C PHE K 84 19.65 69.53 74.90
N GLY K 85 20.97 69.71 74.97
CA GLY K 85 21.72 70.18 73.82
C GLY K 85 23.20 70.15 74.10
N ARG K 86 23.97 70.37 73.03
CA ARG K 86 25.43 70.36 73.14
C ARG K 86 25.93 71.50 74.02
N LEU K 87 25.36 72.69 73.87
CA LEU K 87 25.71 73.80 74.74
C LEU K 87 24.75 73.92 75.92
N ARG K 88 23.46 74.14 75.62
CA ARG K 88 22.36 74.15 76.59
C ARG K 88 22.64 75.04 77.81
N GLN K 89 23.64 75.90 77.72
CA GLN K 89 24.03 76.75 78.84
C GLN K 89 23.19 78.01 78.97
N ASN K 90 22.41 78.34 77.95
CA ASN K 90 21.58 79.54 78.01
C ASN K 90 20.36 79.30 78.89
N PHE K 91 19.81 80.39 79.41
CA PHE K 91 18.58 80.38 80.21
C PHE K 91 18.71 79.52 81.46
N ILE K 92 19.95 79.29 81.93
CA ILE K 92 20.20 78.53 83.14
C ILE K 92 21.20 79.30 83.99
N TYR K 93 21.30 78.92 85.26
CA TYR K 93 22.20 79.58 86.20
C TYR K 93 23.61 79.09 85.91
N SER K 94 24.30 79.79 85.01
CA SER K 94 25.63 79.40 84.54
C SER K 94 26.75 79.96 85.40
N GLY K 95 26.48 80.29 86.65
CA GLY K 95 27.45 80.88 87.53
C GLY K 95 27.43 82.39 87.55
N THR K 96 26.85 83.03 86.53
CA THR K 96 26.70 84.48 86.56
C THR K 96 25.74 84.90 87.66
N GLN K 97 24.65 84.15 87.85
CA GLN K 97 23.69 84.44 88.90
C GLN K 97 23.95 83.65 90.17
N VAL K 98 23.88 82.32 90.09
CA VAL K 98 24.02 81.46 91.27
C VAL K 98 24.69 80.15 90.86
N PRO K 99 25.67 79.66 91.62
CA PRO K 99 26.23 78.34 91.36
C PRO K 99 25.22 77.25 91.66
N PRO K 100 24.90 76.39 90.68
CA PRO K 100 23.91 75.35 90.89
C PRO K 100 24.55 74.06 91.36
N PRO K 101 23.76 73.07 91.80
CA PRO K 101 24.33 71.78 92.18
C PRO K 101 25.03 71.10 91.01
N ALA K 102 26.07 70.34 91.34
CA ALA K 102 26.89 69.68 90.34
C ALA K 102 26.54 68.20 90.13
N ASP K 103 26.18 67.48 91.20
CA ASP K 103 25.83 66.07 91.09
C ASP K 103 24.36 65.95 90.68
N ALA K 104 24.11 66.15 89.39
CA ALA K 104 22.77 66.08 88.85
C ALA K 104 22.82 65.55 87.43
N SER K 105 21.71 64.98 86.98
CA SER K 105 21.61 64.45 85.63
C SER K 105 21.60 65.59 84.62
N PRO K 106 22.15 65.37 83.42
CA PRO K 106 22.09 66.38 82.37
C PRO K 106 20.65 66.70 82.00
N GLY K 107 20.40 67.95 81.66
CA GLY K 107 19.06 68.42 81.38
C GLY K 107 18.35 68.94 82.63
N GLY K 108 17.32 69.73 82.40
CA GLY K 108 16.54 70.31 83.48
C GLY K 108 15.97 69.25 84.42
N ASN K 109 16.12 69.47 85.72
CA ASN K 109 15.79 68.46 86.73
C ASN K 109 14.32 68.09 86.76
N PHE K 110 13.48 68.72 85.92
CA PHE K 110 12.07 68.33 85.86
C PHE K 110 11.91 66.88 85.40
N TYR K 111 12.82 66.39 84.57
CA TYR K 111 12.79 64.99 84.16
C TYR K 111 13.27 64.09 85.29
N GLY K 112 12.59 62.97 85.46
CA GLY K 112 12.94 62.06 86.54
C GLY K 112 12.46 62.49 87.91
N GLY K 113 11.60 63.50 87.98
CA GLY K 113 11.12 63.97 89.26
C GLY K 113 10.18 62.98 89.92
N GLY K 114 9.88 63.24 91.19
CA GLY K 114 9.06 62.34 91.97
C GLY K 114 9.85 61.14 92.44
N ASN K 115 9.10 60.17 92.99
CA ASN K 115 9.71 58.96 93.52
C ASN K 115 9.75 57.84 92.48
N ALA K 116 8.58 57.44 91.97
CA ALA K 116 8.47 56.23 91.17
C ALA K 116 9.32 56.26 89.91
N GLU K 117 9.70 57.43 89.43
CA GLU K 117 10.48 57.51 88.19
C GLU K 117 11.88 56.94 88.40
N ILE K 118 12.39 56.26 87.38
CA ILE K 118 13.72 55.67 87.43
C ILE K 118 14.60 56.41 86.45
N LEU K 119 15.90 56.47 86.75
CA LEU K 119 16.88 57.07 85.86
C LEU K 119 17.81 56.05 85.22
N ASN K 120 17.67 54.77 85.51
CA ASN K 120 18.52 53.73 84.94
C ASN K 120 17.63 52.69 84.26
N LEU K 121 18.20 52.01 83.27
CA LEU K 121 17.43 51.18 82.36
C LEU K 121 17.55 49.68 82.61
N ASP K 122 18.70 49.21 83.09
CA ASP K 122 18.83 47.77 83.30
C ASP K 122 17.91 47.28 84.40
N GLU K 123 17.67 48.11 85.43
CA GLU K 123 16.65 47.75 86.41
C GLU K 123 15.28 47.65 85.75
N ILE K 124 15.01 48.48 84.74
CA ILE K 124 13.77 48.32 83.99
C ILE K 124 13.75 46.96 83.30
N ARG K 125 14.89 46.56 82.71
CA ARG K 125 14.94 45.25 82.08
C ARG K 125 14.62 44.15 83.09
N LYS K 126 15.22 44.24 84.29
CA LYS K 126 14.91 43.26 85.32
C LYS K 126 13.43 43.28 85.69
N VAL K 127 12.81 44.47 85.74
CA VAL K 127 11.42 44.48 86.20
C VAL K 127 10.50 43.88 85.14
N LEU K 128 10.79 44.07 83.85
CA LEU K 128 9.98 43.37 82.86
C LEU K 128 10.20 41.87 82.92
N GLN K 129 11.45 41.43 83.14
CA GLN K 129 11.68 40.00 83.28
C GLN K 129 10.89 39.44 84.46
N LEU K 130 10.89 40.17 85.57
CA LEU K 130 10.13 39.76 86.75
C LEU K 130 8.65 39.72 86.46
N ARG K 131 8.14 40.68 85.69
CA ARG K 131 6.72 40.67 85.34
C ARG K 131 6.37 39.44 84.54
N TYR K 132 7.21 39.07 83.58
CA TYR K 132 6.94 37.85 82.82
C TYR K 132 6.99 36.63 83.72
N VAL K 133 7.98 36.56 84.61
CA VAL K 133 8.07 35.41 85.52
C VAL K 133 6.83 35.31 86.37
N ALA K 134 6.34 36.44 86.88
CA ALA K 134 5.12 36.44 87.67
C ALA K 134 3.92 35.99 86.85
N LEU K 135 3.81 36.48 85.62
CA LEU K 135 2.65 36.15 84.80
C LEU K 135 2.64 34.67 84.43
N ILE K 136 3.80 34.04 84.34
CA ILE K 136 3.83 32.63 83.97
C ILE K 136 3.78 31.70 85.19
N SER K 137 4.14 32.17 86.37
CA SER K 137 4.25 31.29 87.52
C SER K 137 2.88 30.79 87.97
N ASN K 138 2.90 29.65 88.67
CA ASN K 138 1.70 29.04 89.23
C ASN K 138 1.53 29.35 90.71
N GLY K 139 2.63 29.52 91.45
CA GLY K 139 2.57 29.79 92.87
C GLY K 139 3.68 29.13 93.65
N SER K 140 4.31 28.12 93.09
CA SER K 140 5.41 27.44 93.78
C SER K 140 6.60 28.38 93.89
N ILE K 141 7.17 28.47 95.09
CA ILE K 141 8.13 29.53 95.38
C ILE K 141 9.58 29.12 95.17
N ALA K 142 9.88 27.82 95.18
CA ALA K 142 11.27 27.39 95.01
C ALA K 142 11.80 27.81 93.65
N TYR K 143 11.01 27.58 92.59
CA TYR K 143 11.40 28.04 91.27
C TYR K 143 11.46 29.55 91.22
N ILE K 144 10.57 30.24 91.94
CA ILE K 144 10.62 31.70 91.96
C ILE K 144 11.94 32.18 92.52
N ASN K 145 12.39 31.59 93.62
CA ASN K 145 13.66 31.98 94.21
C ASN K 145 14.83 31.64 93.29
N ARG K 146 14.79 30.48 92.64
CA ARG K 146 15.85 30.11 91.71
C ARG K 146 15.93 31.11 90.56
N MET K 147 14.78 31.46 89.99
CA MET K 147 14.76 32.42 88.89
C MET K 147 15.20 33.79 89.35
N LEU K 148 14.84 34.17 90.57
CA LEU K 148 15.27 35.45 91.11
C LEU K 148 16.79 35.50 91.25
N ARG K 149 17.38 34.42 91.75
CA ARG K 149 18.84 34.35 91.80
C ARG K 149 19.43 34.48 90.41
N TYR K 150 18.85 33.77 89.44
CA TYR K 150 19.36 33.82 88.07
C TYR K 150 19.33 35.24 87.52
N ILE K 151 18.20 35.93 87.69
CA ILE K 151 18.04 37.25 87.08
C ILE K 151 18.90 38.28 87.80
N PHE K 152 18.97 38.23 89.12
CA PHE K 152 19.64 39.30 89.85
C PHE K 152 21.14 39.05 90.03
N ASN K 153 21.51 37.89 90.55
CA ASN K 153 22.91 37.57 90.79
C ASN K 153 23.58 36.93 89.58
N ASP K 154 22.94 36.98 88.41
CA ASP K 154 23.48 36.41 87.18
C ASP K 154 23.76 34.92 87.34
N ASP K 155 22.91 34.22 88.09
CA ASP K 155 23.03 32.79 88.34
C ASP K 155 24.42 32.47 88.91
N GLU K 156 24.68 33.02 90.09
CA GLU K 156 25.96 32.90 90.76
C GLU K 156 25.74 32.64 92.24
N PRO K 157 26.58 31.80 92.85
CA PRO K 157 26.38 31.46 94.28
C PRO K 157 26.42 32.69 95.18
N TRP K 158 25.60 32.65 96.22
CA TRP K 158 25.34 33.79 97.08
C TRP K 158 26.36 33.89 98.22
N ASP K 159 26.28 35.00 98.94
CA ASP K 159 26.99 35.19 100.20
C ASP K 159 26.01 35.74 101.22
N GLU K 160 26.06 35.21 102.44
CA GLU K 160 25.10 35.59 103.47
C GLU K 160 25.49 36.88 104.19
N ALA K 161 26.70 37.39 103.98
CA ALA K 161 27.15 38.59 104.67
C ALA K 161 26.26 39.80 104.39
N THR K 162 25.51 39.78 103.29
CA THR K 162 24.62 40.86 102.94
C THR K 162 23.14 40.50 103.05
N GLY K 163 22.79 39.23 102.93
CA GLY K 163 21.41 38.81 103.02
C GLY K 163 20.55 39.46 101.96
N LEU K 164 20.80 39.14 100.69
CA LEU K 164 20.21 39.86 99.57
C LEU K 164 18.78 39.40 99.34
N TYR K 165 18.23 39.77 98.18
CA TYR K 165 16.81 39.66 97.89
C TYR K 165 16.35 38.21 97.87
N PHE K 166 15.52 37.82 98.84
CA PHE K 166 14.85 36.54 98.86
C PHE K 166 13.36 36.74 99.11
N TYR K 167 12.57 35.74 98.74
CA TYR K 167 11.12 35.90 98.69
C TYR K 167 10.52 36.17 100.06
N LEU K 168 10.43 35.16 100.91
CA LEU K 168 10.23 35.30 102.36
C LEU K 168 10.11 33.92 102.99
N MET K 169 10.00 33.88 104.31
CA MET K 169 9.88 32.64 105.05
C MET K 169 8.45 32.13 105.14
N ASP K 170 7.49 32.85 104.57
CA ASP K 170 6.07 32.48 104.57
C ASP K 170 5.51 32.45 106.00
N SER K 171 4.20 32.23 106.14
CA SER K 171 3.63 32.10 107.46
C SER K 171 4.25 30.95 108.24
N THR K 172 4.84 29.98 107.55
CA THR K 172 5.58 28.92 108.22
C THR K 172 6.84 29.49 108.88
N GLY K 173 7.19 28.91 110.02
CA GLY K 173 8.45 29.24 110.64
C GLY K 173 9.63 28.71 109.85
N GLU K 174 10.81 29.23 110.15
CA GLU K 174 12.00 28.86 109.39
C GLU K 174 12.83 27.80 110.11
N ASN K 175 13.30 28.12 111.32
CA ASN K 175 14.14 27.21 112.08
C ASN K 175 14.09 27.55 113.56
N GLY K 176 14.25 26.52 114.40
CA GLY K 176 14.26 26.70 115.83
C GLY K 176 15.64 26.50 116.42
N PRO K 177 15.87 25.31 116.98
CA PRO K 177 17.14 25.04 117.68
C PRO K 177 18.32 25.01 116.74
N VAL K 178 19.50 24.91 117.33
CA VAL K 178 20.75 24.78 116.56
C VAL K 178 20.97 23.33 116.20
N GLU K 179 21.30 23.07 114.95
CA GLU K 179 21.58 21.72 114.48
C GLU K 179 22.83 21.73 113.61
N ASN K 180 23.58 20.64 113.68
CA ASN K 180 24.81 20.46 112.90
C ASN K 180 25.82 21.57 113.21
N LEU K 181 26.25 21.61 114.47
CA LEU K 181 27.19 22.61 114.93
C LEU K 181 28.61 22.27 114.47
N ALA K 182 29.51 23.23 114.67
CA ALA K 182 30.92 23.03 114.37
C ALA K 182 31.74 23.90 115.31
N VAL K 183 33.00 23.52 115.48
CA VAL K 183 33.93 24.25 116.32
C VAL K 183 35.22 24.50 115.55
N TYR K 184 35.67 25.76 115.54
CA TYR K 184 36.89 26.15 114.85
C TYR K 184 37.69 27.04 115.81
N ARG K 185 38.50 26.40 116.65
CA ARG K 185 39.40 27.14 117.51
C ARG K 185 40.56 27.75 116.71
N LYS K 186 41.00 28.93 117.14
CA LYS K 186 42.09 29.66 116.51
C LYS K 186 43.35 29.58 117.38
N ASP K 187 44.39 28.97 116.84
CA ASP K 187 45.73 29.01 117.40
C ASP K 187 46.71 28.91 116.23
N TRP K 188 47.95 28.52 116.54
CA TRP K 188 48.95 28.32 115.50
C TRP K 188 48.45 27.42 114.37
N GLU K 189 47.69 26.37 114.70
CA GLU K 189 47.25 25.40 113.71
C GLU K 189 46.19 25.95 112.75
N GLY K 190 45.64 27.13 113.02
CA GLY K 190 44.73 27.74 112.06
C GLY K 190 43.37 27.07 112.03
N MET K 191 42.76 27.08 110.84
CA MET K 191 41.44 26.49 110.62
C MET K 191 41.41 25.03 111.04
N VAL K 192 40.73 24.72 112.14
CA VAL K 192 40.69 23.37 112.68
C VAL K 192 39.27 23.07 113.13
N LEU K 193 38.69 22.00 112.58
CA LEU K 193 37.41 21.50 113.03
C LEU K 193 37.61 20.28 113.93
N LEU K 194 36.67 20.04 114.82
CA LEU K 194 36.71 18.92 115.75
C LEU K 194 35.41 18.14 115.67
N SER K 195 35.29 17.11 116.51
CA SER K 195 34.10 16.26 116.55
C SER K 195 33.71 15.97 117.99
N SER K 196 32.40 15.86 118.22
CA SER K 196 31.91 15.49 119.55
C SER K 196 32.11 14.01 119.85
N SER K 197 32.08 13.17 118.82
CA SER K 197 32.28 11.74 119.02
C SER K 197 33.69 11.47 119.53
N PRO K 198 33.86 10.44 120.35
CA PRO K 198 35.21 10.07 120.80
C PRO K 198 36.11 9.73 119.61
N ARG K 199 37.36 10.16 119.71
CA ARG K 199 38.32 10.03 118.63
C ARG K 199 39.35 8.94 118.94
N THR K 200 40.07 8.54 117.90
CA THR K 200 41.07 7.48 118.01
C THR K 200 42.38 7.96 117.39
N ASN K 201 43.49 7.39 117.86
CA ASN K 201 44.80 7.72 117.31
C ASN K 201 45.73 6.55 117.54
N HIS K 202 45.98 5.77 116.50
CA HIS K 202 46.70 4.51 116.63
C HIS K 202 48.21 4.66 116.54
N VAL K 203 48.72 5.88 116.42
CA VAL K 203 50.17 6.08 116.34
C VAL K 203 50.80 5.82 117.69
N LEU K 204 51.94 5.13 117.69
CA LEU K 204 52.63 4.80 118.94
C LEU K 204 53.35 6.01 119.53
N THR K 205 53.93 6.87 118.70
CA THR K 205 54.74 7.96 119.21
C THR K 205 54.56 9.18 118.34
N SER K 206 54.77 10.35 118.95
CA SER K 206 54.79 11.61 118.21
C SER K 206 56.20 12.07 117.90
N THR K 207 57.18 11.65 118.70
CA THR K 207 58.56 12.04 118.53
C THR K 207 59.44 10.81 118.39
N PRO K 208 60.19 10.67 117.31
CA PRO K 208 61.14 9.54 117.19
C PRO K 208 62.21 9.60 118.26
N ALA K 209 62.64 8.41 118.71
CA ALA K 209 63.65 8.30 119.76
C ALA K 209 64.94 7.68 119.25
N SER K 210 64.88 6.49 118.67
CA SER K 210 66.07 5.79 118.21
C SER K 210 65.67 4.82 117.10
N ASP K 211 66.58 3.90 116.76
CA ASP K 211 66.30 2.95 115.69
C ASP K 211 65.09 2.07 116.03
N ALA K 212 65.00 1.60 117.26
CA ALA K 212 63.90 0.72 117.64
C ALA K 212 62.56 1.44 117.64
N ASP K 213 62.56 2.76 117.81
CA ASP K 213 61.31 3.51 117.75
C ASP K 213 60.68 3.41 116.36
N TRP K 214 61.48 3.56 115.32
CA TRP K 214 61.01 3.62 113.95
C TRP K 214 61.86 2.63 113.14
N PRO K 215 61.58 1.33 113.25
CA PRO K 215 62.42 0.34 112.56
C PRO K 215 62.37 0.52 111.05
N GLY K 216 63.52 0.29 110.43
CA GLY K 216 63.69 0.50 109.00
C GLY K 216 63.79 -0.82 108.26
N VAL K 217 63.13 -0.90 107.10
CA VAL K 217 63.09 -2.10 106.27
C VAL K 217 63.67 -1.77 104.91
N ASP K 218 64.65 -2.55 104.48
CA ASP K 218 65.30 -2.37 103.19
C ASP K 218 65.19 -3.60 102.28
N PRO K 219 64.32 -3.57 101.28
CA PRO K 219 64.20 -4.74 100.37
C PRO K 219 65.48 -5.03 99.61
N ALA K 220 65.98 -4.04 98.87
CA ALA K 220 67.21 -4.22 98.12
C ALA K 220 68.43 -4.26 99.02
N ALA K 221 68.40 -3.52 100.13
CA ALA K 221 69.50 -3.46 101.10
C ALA K 221 70.81 -3.07 100.41
N SER K 222 70.74 -2.00 99.62
CA SER K 222 71.93 -1.52 98.91
C SER K 222 73.02 -1.05 99.85
N GLY K 223 72.67 -0.73 101.10
CA GLY K 223 73.65 -0.30 102.08
C GLY K 223 73.04 -0.08 103.44
N ILE K 224 73.45 1.00 104.10
CA ILE K 224 72.93 1.31 105.43
C ILE K 224 71.46 1.67 105.33
N PRO K 225 70.61 1.28 106.29
CA PRO K 225 69.23 1.78 106.31
C PRO K 225 69.19 3.24 106.73
N VAL K 226 67.97 3.77 106.79
CA VAL K 226 67.77 5.14 107.22
C VAL K 226 67.93 5.22 108.73
N THR K 227 68.80 6.11 109.19
CA THR K 227 69.02 6.31 110.62
C THR K 227 68.02 7.32 111.16
N VAL K 228 67.77 7.24 112.46
CA VAL K 228 66.86 8.15 113.15
C VAL K 228 67.60 8.78 114.31
N GLU K 229 67.59 10.12 114.37
CA GLU K 229 68.28 10.87 115.40
C GLU K 229 67.42 12.07 115.79
N THR K 230 67.11 12.17 117.08
CA THR K 230 66.27 13.25 117.58
C THR K 230 67.05 14.55 117.53
N ALA K 231 66.52 15.53 116.81
CA ALA K 231 67.20 16.80 116.57
C ALA K 231 66.69 17.87 117.51
N SER K 232 67.37 19.01 117.50
CA SER K 232 67.03 20.17 118.32
C SER K 232 66.68 21.34 117.40
N ALA K 233 65.39 21.68 117.34
CA ALA K 233 64.94 22.79 116.54
C ALA K 233 63.64 23.32 117.12
N THR K 234 63.28 24.53 116.72
CA THR K 234 62.12 25.22 117.27
C THR K 234 60.84 24.50 116.85
N ALA K 235 60.25 23.77 117.79
CA ALA K 235 58.96 23.12 117.53
C ALA K 235 57.86 24.17 117.42
N PRO K 236 56.79 23.87 116.67
CA PRO K 236 55.70 24.85 116.54
C PRO K 236 55.02 25.19 117.85
N ASP K 237 54.94 24.23 118.78
CA ASP K 237 54.21 24.44 120.01
C ASP K 237 55.02 25.16 121.08
N GLY K 238 56.33 25.28 120.91
CA GLY K 238 57.15 26.05 121.84
C GLY K 238 58.16 25.23 122.61
N SER K 239 58.66 24.16 122.00
CA SER K 239 59.66 23.31 122.65
C SER K 239 60.73 22.95 121.62
N ALA K 240 61.59 22.01 121.98
CA ALA K 240 62.61 21.47 121.09
C ALA K 240 62.49 19.94 121.16
N THR K 241 61.60 19.39 120.33
CA THR K 241 61.36 17.94 120.35
C THR K 241 61.25 17.37 118.96
N VAL K 242 61.79 18.04 117.94
CA VAL K 242 61.74 17.54 116.58
C VAL K 242 62.76 16.42 116.43
N CYS K 243 62.67 15.67 115.33
CA CYS K 243 63.64 14.63 115.03
C CYS K 243 64.00 14.71 113.56
N LYS K 244 65.22 14.28 113.23
CA LYS K 244 65.74 14.32 111.89
C LYS K 244 66.19 12.94 111.44
N LEU K 245 66.32 12.78 110.13
CA LEU K 245 66.80 11.54 109.55
C LEU K 245 67.55 11.86 108.26
N THR K 246 68.43 10.94 107.86
CA THR K 246 69.25 11.11 106.67
C THR K 246 69.11 9.90 105.77
N LYS K 247 69.39 10.12 104.48
CA LYS K 247 69.32 9.08 103.46
C LYS K 247 70.69 8.99 102.80
N PRO K 248 71.61 8.20 103.36
CA PRO K 248 72.94 8.09 102.76
C PRO K 248 72.88 7.50 101.36
N ALA K 249 73.86 7.88 100.55
CA ALA K 249 73.88 7.47 99.16
C ALA K 249 73.95 5.94 99.04
N GLY K 250 73.31 5.42 98.01
CA GLY K 250 73.27 3.98 97.80
C GLY K 250 72.48 3.23 98.85
N SER K 251 71.32 3.76 99.24
CA SER K 251 70.45 3.14 100.24
C SER K 251 69.02 3.13 99.73
N THR K 252 68.32 2.03 99.99
CA THR K 252 66.89 1.88 99.65
C THR K 252 66.21 1.29 100.87
N ALA K 253 65.73 2.15 101.77
CA ALA K 253 65.13 1.71 103.01
C ALA K 253 64.02 2.67 103.42
N TYR K 254 63.14 2.18 104.28
CA TYR K 254 62.05 3.00 104.82
C TYR K 254 61.77 2.57 106.24
N VAL K 255 61.44 3.54 107.09
CA VAL K 255 61.23 3.32 108.51
C VAL K 255 59.72 3.34 108.79
N SER K 256 59.29 2.44 109.68
CA SER K 256 57.88 2.35 110.03
C SER K 256 57.74 1.61 111.36
N ALA K 257 57.24 2.28 112.37
CA ALA K 257 56.95 1.62 113.64
C ALA K 257 55.73 0.73 113.49
N PRO K 258 55.74 -0.49 114.01
CA PRO K 258 54.55 -1.34 113.91
C PRO K 258 53.36 -0.70 114.58
N ILE K 259 52.19 -0.89 113.98
CA ILE K 259 50.93 -0.34 114.49
C ILE K 259 49.96 -1.49 114.65
N ASP K 260 48.98 -1.30 115.52
CA ASP K 260 47.96 -2.31 115.74
C ASP K 260 47.18 -2.58 114.46
N GLY K 261 46.81 -3.83 114.26
CA GLY K 261 46.10 -4.24 113.08
C GLY K 261 44.99 -5.23 113.38
N PRO K 262 43.90 -5.18 112.59
CA PRO K 262 43.76 -4.25 111.47
C PRO K 262 43.27 -2.86 111.86
N LEU K 263 43.64 -1.87 111.07
CA LEU K 263 43.30 -0.48 111.39
C LEU K 263 41.79 -0.25 111.31
N GLY K 264 41.14 -0.85 110.32
CA GLY K 264 39.69 -0.68 110.16
C GLY K 264 39.15 -1.68 109.19
N SER K 265 37.83 -1.62 109.00
CA SER K 265 37.11 -2.55 108.13
C SER K 265 36.61 -1.78 106.91
N GLY K 266 37.48 -1.66 105.91
CA GLY K 266 37.10 -1.05 104.64
C GLY K 266 36.56 0.36 104.75
N SER K 267 37.14 1.17 105.64
CA SER K 267 36.68 2.53 105.87
C SER K 267 37.81 3.51 105.59
N THR K 268 37.49 4.80 105.73
CA THR K 268 38.44 5.85 105.37
C THR K 268 39.61 5.91 106.36
N VAL K 269 40.78 6.23 105.83
CA VAL K 269 42.00 6.39 106.61
C VAL K 269 42.58 7.76 106.32
N THR K 270 42.87 8.53 107.36
CA THR K 270 43.40 9.88 107.23
C THR K 270 44.77 9.94 107.90
N PHE K 271 45.82 9.74 107.11
CA PHE K 271 47.18 9.92 107.60
C PHE K 271 47.46 11.41 107.77
N SER K 272 48.26 11.74 108.79
CA SER K 272 48.61 13.12 109.06
C SER K 272 50.11 13.21 109.36
N PHE K 273 50.66 14.41 109.13
CA PHE K 273 52.10 14.58 109.18
C PHE K 273 52.44 16.06 109.25
N PHE K 274 53.54 16.38 109.92
CA PHE K 274 54.03 17.75 110.05
C PHE K 274 55.36 17.90 109.31
N ALA K 275 55.52 19.01 108.60
CA ALA K 275 56.61 19.16 107.64
C ALA K 275 57.57 20.26 108.06
N LYS K 276 58.81 19.86 108.36
CA LYS K 276 59.97 20.74 108.50
C LYS K 276 61.02 20.39 107.45
N ALA K 277 61.50 21.42 106.76
CA ALA K 277 62.48 21.23 105.70
C ALA K 277 63.81 20.77 106.26
N GLY K 278 64.57 20.08 105.42
CA GLY K 278 65.93 19.70 105.75
C GLY K 278 66.86 20.08 104.62
N SER K 279 67.72 19.16 104.19
CA SER K 279 68.55 19.42 103.02
C SER K 279 67.73 19.53 101.75
N THR K 280 66.70 18.69 101.62
CA THR K 280 65.85 18.68 100.45
C THR K 280 64.65 19.60 100.64
N ARG K 281 63.67 19.49 99.73
CA ARG K 281 62.43 20.26 99.82
C ARG K 281 61.22 19.41 99.45
N PHE K 282 61.34 18.09 99.53
CA PHE K 282 60.24 17.17 99.23
C PHE K 282 60.20 16.08 100.29
N ILE K 283 59.03 15.48 100.47
CA ILE K 283 58.84 14.39 101.42
C ILE K 283 57.96 13.31 100.79
N ALA K 284 58.30 12.06 101.03
CA ALA K 284 57.61 10.92 100.45
C ALA K 284 56.78 10.21 101.53
N ILE K 285 55.53 9.94 101.21
CA ILE K 285 54.58 9.31 102.14
C ILE K 285 53.92 8.13 101.43
N GLN K 286 53.91 6.98 102.09
CA GLN K 286 53.31 5.76 101.53
C GLN K 286 52.40 5.13 102.58
N SER K 287 51.20 4.75 102.16
CA SER K 287 50.25 4.05 103.01
C SER K 287 50.15 2.61 102.51
N ALA K 288 50.80 1.69 103.21
CA ALA K 288 50.85 0.30 102.79
C ALA K 288 49.48 -0.37 102.95
N ALA K 289 49.32 -1.48 102.24
CA ALA K 289 48.10 -2.28 102.28
C ALA K 289 48.45 -3.70 101.84
N ASP K 290 47.43 -4.49 101.54
CA ASP K 290 47.65 -5.84 101.05
C ASP K 290 48.42 -5.81 99.73
N PHE K 291 49.37 -6.72 99.60
CA PHE K 291 50.21 -6.76 98.41
C PHE K 291 49.47 -7.44 97.26
N PRO K 292 49.34 -6.78 96.09
CA PRO K 292 49.71 -5.37 95.89
C PRO K 292 48.53 -4.40 95.93
N SER K 293 48.49 -3.50 96.91
CA SER K 293 47.49 -2.44 96.89
C SER K 293 47.98 -1.11 97.47
N ARG K 294 49.28 -0.92 97.68
CA ARG K 294 49.74 0.28 98.37
C ARG K 294 49.46 1.53 97.56
N ALA K 295 49.11 2.61 98.26
CA ALA K 295 48.92 3.93 97.67
C ALA K 295 49.81 4.92 98.42
N ASP K 296 50.56 5.71 97.66
CA ASP K 296 51.57 6.59 98.24
C ASP K 296 51.43 8.00 97.67
N ALA K 297 52.15 8.94 98.29
CA ALA K 297 52.05 10.33 97.91
C ALA K 297 53.35 11.05 98.22
N VAL K 298 53.55 12.19 97.57
CA VAL K 298 54.73 13.04 97.77
C VAL K 298 54.27 14.48 97.89
N PHE K 299 54.84 15.21 98.86
CA PHE K 299 54.47 16.59 99.12
C PHE K 299 55.68 17.48 98.85
N ASP K 300 55.43 18.62 98.19
CA ASP K 300 56.47 19.63 97.95
C ASP K 300 56.44 20.62 99.11
N LEU K 301 57.51 20.61 99.91
CA LEU K 301 57.54 21.45 101.11
C LEU K 301 57.55 22.92 100.77
N ASP K 302 58.43 23.33 99.85
CA ASP K 302 58.61 24.75 99.58
C ASP K 302 57.45 25.31 98.74
N SER K 303 57.22 24.72 97.57
CA SER K 303 56.16 25.22 96.69
C SER K 303 54.79 25.03 97.32
N GLY K 304 54.55 23.88 97.96
CA GLY K 304 53.27 23.62 98.58
C GLY K 304 52.26 23.02 97.63
N ASN K 305 52.70 22.05 96.83
CA ASN K 305 51.82 21.36 95.90
C ASN K 305 52.07 19.86 95.98
N VAL K 306 51.00 19.09 95.99
CA VAL K 306 51.11 17.63 95.92
C VAL K 306 51.45 17.25 94.49
N ILE K 307 52.28 16.23 94.33
CA ILE K 307 52.73 15.85 92.99
C ILE K 307 52.25 14.45 92.64
N SER K 308 52.70 13.45 93.39
CA SER K 308 52.51 12.06 93.01
C SER K 308 51.47 11.41 93.91
N ASP K 309 50.48 10.77 93.28
CA ASP K 309 49.48 9.95 93.96
C ASP K 309 49.20 8.74 93.07
N GLN K 310 49.48 7.55 93.59
CA GLN K 310 49.52 6.36 92.76
C GLN K 310 48.44 5.38 93.21
N MET K 311 47.86 4.69 92.23
CA MET K 311 46.72 3.80 92.44
C MET K 311 47.10 2.37 92.11
N LEU K 312 47.13 1.51 93.12
CA LEU K 312 47.03 0.07 92.89
C LEU K 312 45.60 -0.41 93.11
N ASP K 313 44.91 0.20 94.05
CA ASP K 313 43.52 -0.05 94.36
C ASP K 313 42.72 1.23 94.13
N SER K 314 41.47 1.24 94.58
CA SER K 314 40.63 2.42 94.47
C SER K 314 40.85 3.33 95.68
N SER K 315 42.04 3.23 96.26
CA SER K 315 42.31 3.73 97.60
C SER K 315 42.10 5.23 97.80
N VAL K 316 42.92 6.05 97.15
CA VAL K 316 43.05 7.45 97.56
C VAL K 316 41.78 8.22 97.27
N VAL K 317 41.46 9.16 98.15
CA VAL K 317 40.35 10.09 97.94
C VAL K 317 40.92 11.46 97.62
N SER K 318 41.72 12.02 98.53
CA SER K 318 42.28 13.34 98.33
C SER K 318 43.53 13.50 99.19
N ALA K 319 44.38 14.45 98.79
CA ALA K 319 45.58 14.80 99.53
C ALA K 319 45.77 16.31 99.44
N ARG K 320 45.89 16.96 100.58
CA ARG K 320 45.88 18.42 100.65
C ARG K 320 47.01 18.90 101.56
N MET K 321 47.53 20.08 101.25
CA MET K 321 48.60 20.72 102.00
C MET K 321 48.13 22.07 102.49
N ILE K 322 48.45 22.40 103.74
CA ILE K 322 47.93 23.60 104.38
C ILE K 322 49.10 24.47 104.86
N ARG K 323 48.98 25.78 104.64
CA ARG K 323 50.05 26.74 104.90
C ARG K 323 49.78 27.52 106.19
N LEU K 324 50.82 27.62 107.04
CA LEU K 324 50.84 28.62 108.10
C LEU K 324 52.19 29.33 108.04
N GLU K 325 52.52 30.13 109.07
CA GLU K 325 53.69 31.00 109.01
C GLU K 325 54.94 30.28 109.48
N ASN K 326 56.06 30.52 108.77
CA ASN K 326 57.41 30.10 109.16
C ASN K 326 57.64 28.60 109.03
N GLY K 327 57.17 28.00 107.93
CA GLY K 327 57.71 26.73 107.47
C GLY K 327 56.97 25.47 107.87
N TRP K 328 55.92 25.57 108.68
CA TRP K 328 55.14 24.38 109.01
C TRP K 328 54.12 24.07 107.93
N TRP K 329 54.01 22.80 107.57
CA TRP K 329 53.01 22.31 106.63
C TRP K 329 52.32 21.09 107.22
N ARG K 330 51.13 20.82 106.71
CA ARG K 330 50.28 19.73 107.20
C ARG K 330 49.89 18.83 106.04
N CYS K 331 50.27 17.56 106.14
CA CYS K 331 50.06 16.59 105.08
C CYS K 331 48.92 15.65 105.46
N VAL K 332 47.94 15.51 104.58
CA VAL K 332 46.81 14.62 104.80
C VAL K 332 46.72 13.66 103.63
N LEU K 333 46.21 12.46 103.90
CA LEU K 333 46.06 11.45 102.87
C LEU K 333 44.80 10.65 103.18
N THR K 334 43.77 10.85 102.38
CA THR K 334 42.48 10.20 102.57
C THR K 334 42.38 8.99 101.65
N THR K 335 41.95 7.86 102.21
CA THR K 335 41.91 6.60 101.49
C THR K 335 40.56 5.93 101.68
N LYS K 336 39.97 5.49 100.58
CA LYS K 336 38.76 4.66 100.60
C LYS K 336 39.06 3.38 99.85
N THR K 337 39.15 2.27 100.57
CA THR K 337 39.52 0.99 99.97
C THR K 337 38.42 -0.04 100.26
N VAL K 338 38.12 -0.85 99.25
CA VAL K 338 37.06 -1.84 99.39
C VAL K 338 37.46 -2.92 100.38
N SER K 339 38.68 -3.44 100.26
CA SER K 339 39.19 -4.40 101.21
C SER K 339 39.49 -3.71 102.53
N SER K 340 39.78 -4.53 103.55
CA SER K 340 40.09 -4.03 104.88
C SER K 340 41.50 -4.39 105.32
N SER K 341 42.35 -4.82 104.40
CA SER K 341 43.68 -5.33 104.75
C SER K 341 44.68 -4.18 104.83
N PHE K 342 44.44 -3.30 105.80
CA PHE K 342 45.41 -2.28 106.16
C PHE K 342 46.53 -2.92 106.96
N ARG K 343 47.77 -2.65 106.58
CA ARG K 343 48.91 -3.30 107.23
C ARG K 343 49.84 -2.31 107.92
N ALA K 344 50.31 -1.28 107.22
CA ALA K 344 51.31 -0.38 107.78
C ALA K 344 51.24 0.96 107.04
N ALA K 345 52.24 1.80 107.28
CA ALA K 345 52.34 3.10 106.63
C ALA K 345 53.79 3.55 106.69
N TYR K 346 54.41 3.76 105.53
CA TYR K 346 55.84 4.02 105.45
C TYR K 346 56.09 5.49 105.16
N VAL K 347 57.16 6.03 105.72
CA VAL K 347 57.61 7.39 105.45
C VAL K 347 59.13 7.38 105.28
N ALA K 348 59.60 8.04 104.24
CA ALA K 348 61.02 8.06 103.89
C ALA K 348 61.31 9.31 103.08
N PRO K 349 62.56 9.77 103.04
CA PRO K 349 62.89 10.95 102.25
C PRO K 349 63.09 10.62 100.78
N ALA K 350 62.80 11.61 99.94
CA ALA K 350 62.88 11.47 98.49
C ALA K 350 63.70 12.61 97.91
N GLU K 351 64.29 12.35 96.74
CA GLU K 351 65.17 13.33 96.11
C GLU K 351 64.38 14.48 95.49
N THR K 352 63.54 14.19 94.50
CA THR K 352 62.80 15.21 93.79
C THR K 352 61.30 15.04 94.03
N ASN K 353 60.53 15.99 93.50
CA ASN K 353 59.08 15.97 93.69
C ASN K 353 58.44 14.73 93.08
N PHE K 354 58.89 14.34 91.89
CA PHE K 354 58.32 13.20 91.20
C PHE K 354 58.96 11.88 91.66
N SER K 355 59.96 11.95 92.53
CA SER K 355 60.67 10.76 92.98
C SER K 355 59.74 9.83 93.74
N TRP K 356 60.17 8.58 93.86
CA TRP K 356 59.38 7.54 94.52
C TRP K 356 60.01 7.19 95.86
N ILE K 357 59.16 6.73 96.79
CA ILE K 357 59.63 6.41 98.13
C ILE K 357 60.60 5.24 98.10
N ASP K 358 60.46 4.34 97.13
CA ASP K 358 61.29 3.16 97.03
C ASP K 358 62.42 3.31 96.02
N SER K 359 62.65 4.53 95.53
CA SER K 359 63.74 4.79 94.61
C SER K 359 65.04 5.04 95.38
N ASN K 360 66.16 4.63 94.77
CA ASN K 360 67.45 4.83 95.40
C ASN K 360 67.85 6.30 95.35
N SER K 361 68.89 6.63 96.12
CA SER K 361 69.40 7.98 96.22
C SER K 361 70.86 8.03 95.78
N SER K 362 71.29 9.21 95.34
CA SER K 362 72.67 9.40 94.91
C SER K 362 73.53 10.11 95.95
N ALA K 363 72.93 10.73 96.95
CA ALA K 363 73.68 11.46 97.97
C ALA K 363 72.91 11.40 99.28
N ALA K 364 73.27 12.26 100.22
CA ALA K 364 72.64 12.32 101.53
C ALA K 364 71.74 13.54 101.61
N ILE K 365 70.50 13.33 102.06
CA ILE K 365 69.53 14.41 102.26
C ILE K 365 68.96 14.28 103.66
N ASP K 366 68.42 15.40 104.15
CA ASP K 366 67.95 15.49 105.53
C ASP K 366 66.56 16.11 105.56
N VAL K 367 65.85 15.83 106.66
CA VAL K 367 64.50 16.34 106.86
C VAL K 367 64.16 16.21 108.33
N LEU K 368 63.28 17.08 108.81
CA LEU K 368 62.89 17.12 110.22
C LEU K 368 61.42 16.72 110.36
N ILE K 369 61.12 15.95 111.40
CA ILE K 369 59.83 15.28 111.56
C ILE K 369 59.33 15.49 112.99
N TRP K 370 58.01 15.67 113.12
CA TRP K 370 57.37 15.71 114.43
C TRP K 370 55.87 15.46 114.27
N GLY K 371 55.25 14.97 115.34
CA GLY K 371 53.81 14.96 115.48
C GLY K 371 52.98 14.18 114.47
N ALA K 372 53.07 12.86 114.52
CA ALA K 372 52.26 12.02 113.64
C ALA K 372 50.95 11.63 114.33
N GLN K 373 49.92 11.40 113.52
CA GLN K 373 48.65 10.91 114.03
C GLN K 373 47.88 10.22 112.91
N ILE K 374 47.09 9.21 113.29
CA ILE K 374 46.26 8.45 112.36
C ILE K 374 44.88 8.29 112.96
N GLU K 375 43.84 8.50 112.16
CA GLU K 375 42.47 8.33 112.64
C GLU K 375 41.58 7.89 111.49
N LEU K 376 40.43 7.32 111.84
CA LEU K 376 39.46 6.83 110.87
C LEU K 376 38.40 7.91 110.63
N GLY K 377 38.71 8.81 109.71
CA GLY K 377 37.78 9.86 109.35
C GLY K 377 37.97 10.33 107.92
N ASP K 378 37.45 11.52 107.60
CA ASP K 378 37.60 12.10 106.28
C ASP K 378 38.06 13.55 106.31
N THR K 379 38.31 14.11 107.50
CA THR K 379 38.69 15.50 107.64
C THR K 379 39.69 15.60 108.79
N PRO K 380 40.79 16.32 108.62
CA PRO K 380 41.74 16.49 109.73
C PRO K 380 41.15 17.32 110.85
N THR K 381 41.72 17.13 112.03
CA THR K 381 41.26 17.82 113.24
C THR K 381 42.47 18.35 114.01
N GLY K 382 42.24 18.83 115.23
CA GLY K 382 43.35 19.24 116.08
C GLY K 382 44.17 18.05 116.53
N TYR K 383 45.41 18.32 116.91
CA TYR K 383 46.34 17.25 117.25
C TYR K 383 46.27 16.91 118.72
N LEU K 384 46.57 15.66 119.03
CA LEU K 384 46.56 15.13 120.39
C LEU K 384 47.75 14.20 120.56
N LYS K 385 48.45 14.34 121.69
CA LYS K 385 49.65 13.56 121.94
C LYS K 385 49.32 12.12 122.30
N THR K 386 50.17 11.20 121.85
CA THR K 386 50.03 9.79 122.15
C THR K 386 51.37 9.21 122.53
N THR K 387 51.32 8.12 123.32
CA THR K 387 52.51 7.31 123.58
C THR K 387 52.05 5.94 124.05
N GLY K 388 52.67 4.90 123.50
CA GLY K 388 52.38 3.55 123.95
C GLY K 388 51.05 3.00 123.47
N ALA K 389 49.97 3.72 123.72
CA ALA K 389 48.63 3.24 123.43
C ALA K 389 47.79 4.37 122.85
N PRO K 390 46.77 4.06 122.06
CA PRO K 390 45.87 5.11 121.57
C PRO K 390 45.14 5.79 122.73
N VAL K 391 44.90 7.09 122.58
CA VAL K 391 44.22 7.89 123.58
C VAL K 391 42.98 8.52 122.94
N THR K 392 41.86 8.46 123.65
CA THR K 392 40.57 8.90 123.14
C THR K 392 40.13 10.12 123.95
N ILE K 393 39.89 11.23 123.27
CA ILE K 393 39.56 12.49 123.92
C ILE K 393 38.38 13.13 123.19
N THR K 394 37.37 13.55 123.95
CA THR K 394 36.29 14.40 123.47
C THR K 394 36.35 15.72 124.23
N ASP K 395 36.35 16.83 123.49
CA ASP K 395 36.58 18.14 124.09
C ASP K 395 35.29 18.86 124.47
N TYR K 396 34.31 18.90 123.59
CA TYR K 396 33.10 19.68 123.81
C TYR K 396 31.89 18.76 123.91
N VAL K 397 30.75 19.36 124.28
CA VAL K 397 29.49 18.65 124.37
C VAL K 397 28.38 19.68 124.31
N LEU K 398 27.20 19.25 123.87
CA LEU K 398 26.05 20.14 123.77
C LEU K 398 25.32 20.20 125.11
N GLN K 399 24.95 21.40 125.53
CA GLN K 399 24.12 21.59 126.71
C GLN K 399 22.66 21.80 126.35
N ASN K 400 22.36 22.71 125.42
CA ASN K 400 20.99 22.95 125.00
C ASN K 400 21.00 23.54 123.59
N ALA K 401 20.02 23.14 122.80
CA ALA K 401 19.82 23.70 121.47
C ALA K 401 18.63 24.64 121.38
N GLN K 402 17.59 24.41 122.18
CA GLN K 402 16.42 25.27 122.15
C GLN K 402 16.76 26.68 122.63
N THR K 403 17.57 26.80 123.67
CA THR K 403 18.01 28.09 124.18
C THR K 403 19.36 28.53 123.62
N GLY K 404 20.03 27.68 122.85
CA GLY K 404 21.31 28.03 122.29
C GLY K 404 22.47 28.05 123.26
N THR K 405 22.36 27.35 124.38
CA THR K 405 23.39 27.34 125.39
C THR K 405 24.19 26.04 125.29
N VAL K 406 25.51 26.17 125.17
CA VAL K 406 26.41 25.03 125.07
C VAL K 406 27.49 25.18 126.13
N LYS K 407 28.09 24.04 126.50
CA LYS K 407 29.13 24.02 127.53
C LYS K 407 30.34 23.28 126.99
N PHE K 408 31.49 23.93 127.04
CA PHE K 408 32.75 23.25 126.74
C PHE K 408 33.33 22.69 128.03
N THR K 409 33.96 21.52 127.92
CA THR K 409 34.30 20.76 129.13
C THR K 409 35.56 21.29 129.80
N GLN K 410 36.69 21.20 129.12
CA GLN K 410 37.97 21.47 129.74
C GLN K 410 38.25 22.98 129.79
N PRO K 411 39.15 23.41 130.68
CA PRO K 411 39.56 24.82 130.67
C PRO K 411 40.41 25.13 129.46
N LEU K 412 39.97 26.12 128.68
CA LEU K 412 40.69 26.52 127.48
C LEU K 412 41.93 27.31 127.88
N PRO K 413 43.03 27.18 127.15
CA PRO K 413 44.19 28.05 127.40
C PRO K 413 43.90 29.48 126.98
N THR K 414 44.78 30.38 127.42
CA THR K 414 44.64 31.80 127.11
C THR K 414 44.89 32.05 125.63
N GLY K 415 44.04 32.89 125.03
CA GLY K 415 44.26 33.32 123.66
C GLY K 415 43.77 32.38 122.58
N VAL K 416 42.84 31.48 122.90
CA VAL K 416 42.27 30.57 121.93
C VAL K 416 40.83 31.02 121.67
N GLU K 417 40.52 31.30 120.41
CA GLU K 417 39.20 31.77 120.00
C GLU K 417 38.57 30.75 119.07
N ALA K 418 37.30 30.45 119.30
CA ALA K 418 36.60 29.38 118.58
C ALA K 418 35.55 29.96 117.64
N TYR K 419 35.32 29.23 116.55
CA TYR K 419 34.33 29.58 115.54
C TYR K 419 33.30 28.46 115.44
N TRP K 420 32.09 28.82 114.98
CA TRP K 420 31.01 27.86 114.88
C TRP K 420 30.16 28.15 113.65
N THR K 421 29.48 27.13 113.16
CA THR K 421 28.59 27.26 112.01
C THR K 421 27.39 26.34 112.19
N GLY K 422 26.32 26.68 111.49
CA GLY K 422 25.06 25.95 111.56
C GLY K 422 23.90 26.90 111.32
N ASP K 423 22.78 26.60 111.99
CA ASP K 423 21.58 27.42 111.92
C ASP K 423 21.04 27.66 113.32
N TRP K 424 20.41 28.82 113.50
CA TRP K 424 19.88 29.19 114.82
C TRP K 424 18.76 30.20 114.64
N LYS K 425 17.63 29.95 115.31
CA LYS K 425 16.44 30.81 115.32
C LYS K 425 16.14 31.40 113.95
N GLY K 426 16.34 30.60 112.90
CA GLY K 426 16.17 31.05 111.53
C GLY K 426 17.46 31.54 110.89
N GLY K 427 18.25 32.31 111.62
CA GLY K 427 19.46 32.86 111.05
C GLY K 427 20.49 31.78 110.75
N THR K 428 21.22 31.98 109.67
CA THR K 428 22.24 31.04 109.21
C THR K 428 23.62 31.62 109.44
N ALA K 429 24.55 30.77 109.87
CA ALA K 429 25.91 31.16 110.19
C ALA K 429 26.91 30.29 109.43
N ALA K 430 26.71 30.19 108.12
CA ALA K 430 27.55 29.31 107.29
C ALA K 430 29.03 29.63 107.45
N GLU K 431 29.37 30.92 107.47
CA GLU K 431 30.75 31.31 107.73
C GLU K 431 31.07 31.12 109.21
N PRO K 432 32.33 30.89 109.56
CA PRO K 432 32.70 30.76 110.97
C PRO K 432 32.35 32.00 111.76
N ALA K 433 31.86 31.79 112.98
CA ALA K 433 31.37 32.87 113.82
C ALA K 433 32.09 32.84 115.16
N ARG K 434 32.68 33.98 115.54
CA ARG K 434 33.43 34.10 116.78
C ARG K 434 32.46 34.19 117.95
N PHE K 435 32.58 33.27 118.91
CA PHE K 435 31.69 33.24 120.06
C PHE K 435 32.40 33.04 121.40
N ALA K 436 33.66 32.62 121.39
CA ALA K 436 34.39 32.36 122.63
C ALA K 436 35.71 33.12 122.63
N VAL K 437 36.11 33.58 123.81
CA VAL K 437 37.38 34.28 124.01
C VAL K 437 38.01 33.68 125.26
N GLY K 438 38.92 32.73 125.07
CA GLY K 438 39.49 32.02 126.21
C GLY K 438 40.48 32.89 126.97
N ASN K 439 40.35 32.90 128.30
CA ASN K 439 41.27 33.63 129.16
C ASN K 439 42.28 32.74 129.88
N GLY K 440 42.02 31.44 129.96
CA GLY K 440 42.98 30.55 130.58
C GLY K 440 42.39 29.45 131.46
N THR K 441 41.23 29.71 132.07
CA THR K 441 40.62 28.75 132.99
C THR K 441 39.14 28.48 132.74
N GLN K 442 38.41 29.39 132.09
CA GLN K 442 36.98 29.21 131.92
C GLN K 442 36.69 28.06 130.96
N ASP K 443 35.50 27.47 131.11
CA ASP K 443 35.05 26.39 130.22
C ASP K 443 33.63 26.56 129.70
N THR K 444 32.79 27.36 130.35
CA THR K 444 31.40 27.52 129.94
C THR K 444 31.22 28.85 129.23
N PHE K 445 30.60 28.82 128.05
CA PHE K 445 30.38 30.02 127.26
C PHE K 445 29.02 29.90 126.57
N THR K 446 28.76 30.83 125.64
CA THR K 446 27.52 30.83 124.87
C THR K 446 27.83 31.24 123.44
N LEU K 447 26.94 30.86 122.53
CA LEU K 447 27.12 31.17 121.12
C LEU K 447 26.85 32.64 120.85
N SER K 448 27.37 33.11 119.70
CA SER K 448 27.19 34.49 119.29
C SER K 448 25.90 34.62 118.48
N ASP K 449 25.69 35.79 117.90
CA ASP K 449 24.48 36.05 117.12
C ASP K 449 24.79 35.93 115.63
N PRO K 450 24.16 35.01 114.91
CA PRO K 450 24.39 34.92 113.46
C PRO K 450 23.70 36.05 112.70
N ALA K 451 23.72 35.97 111.37
CA ALA K 451 23.16 37.03 110.54
C ALA K 451 21.66 37.22 110.76
N TYR K 452 21.00 36.25 111.39
CA TYR K 452 19.59 36.34 111.80
C TYR K 452 18.63 36.26 110.63
N ILE K 453 17.56 35.49 110.80
CA ILE K 453 16.46 35.42 109.84
C ILE K 453 15.16 35.38 110.62
N GLY K 454 14.17 36.15 110.16
CA GLY K 454 12.91 36.31 110.87
C GLY K 454 11.95 35.15 110.67
N LEU K 455 12.20 34.06 111.39
CA LEU K 455 11.58 32.77 111.07
C LEU K 455 10.06 32.80 110.96
N PRO K 456 9.28 33.36 111.92
CA PRO K 456 7.83 33.08 111.89
C PRO K 456 7.10 33.75 110.74
N THR K 457 7.24 35.06 110.62
CA THR K 457 6.38 35.88 109.76
C THR K 457 4.93 35.40 109.88
N SER K 458 4.45 35.42 111.12
CA SER K 458 3.22 34.73 111.47
C SER K 458 2.02 35.34 110.76
N GLY K 459 1.01 34.51 110.55
CA GLY K 459 -0.20 34.94 109.87
C GLY K 459 -0.25 34.49 108.44
N ALA K 460 -1.19 33.61 108.11
CA ALA K 460 -1.36 33.19 106.74
C ALA K 460 -1.88 34.33 105.88
N PHE K 461 -1.78 34.15 104.56
CA PHE K 461 -2.28 35.12 103.58
C PHE K 461 -1.55 36.45 103.66
N LYS K 462 -0.33 36.45 104.17
CA LYS K 462 0.47 37.66 104.30
C LYS K 462 1.85 37.40 103.71
N LEU K 463 2.30 38.29 102.83
CA LEU K 463 3.56 38.10 102.13
C LEU K 463 4.34 39.41 102.08
N GLU K 464 5.67 39.27 102.08
CA GLU K 464 6.58 40.41 102.08
C GLU K 464 7.90 39.96 101.48
N TYR K 465 8.85 40.89 101.39
CA TYR K 465 10.17 40.63 100.84
C TYR K 465 11.22 41.31 101.70
N ARG K 466 12.44 40.75 101.67
CA ARG K 466 13.56 41.32 102.40
C ARG K 466 14.79 41.36 101.48
N VAL K 467 15.51 42.48 101.52
CA VAL K 467 16.62 42.72 100.62
C VAL K 467 17.83 43.16 101.42
N GLY K 468 19.02 42.93 100.87
CA GLY K 468 20.26 43.35 101.48
C GLY K 468 20.83 44.60 100.84
N PRO K 469 22.02 45.01 101.26
CA PRO K 469 22.61 46.23 100.72
C PRO K 469 23.41 46.04 99.44
N ALA K 470 23.94 44.83 99.23
CA ALA K 470 24.84 44.61 98.10
C ALA K 470 24.15 44.78 96.76
N LEU K 471 22.85 44.48 96.69
CA LEU K 471 22.10 44.71 95.46
C LEU K 471 22.10 46.17 95.08
N ASN K 472 21.95 47.06 96.07
CA ASN K 472 21.94 48.51 95.84
C ASN K 472 20.81 48.94 94.93
N LEU K 473 19.70 48.22 94.97
CA LEU K 473 18.53 48.60 94.19
C LEU K 473 18.01 49.96 94.67
N SER K 474 17.54 50.75 93.72
CA SER K 474 16.99 52.07 94.07
C SER K 474 15.79 51.90 94.98
N PRO K 475 15.70 52.66 96.07
CA PRO K 475 14.49 52.62 96.89
C PRO K 475 13.25 53.08 96.14
N GLN K 476 13.42 53.79 95.03
CA GLN K 476 12.28 54.19 94.21
C GLN K 476 11.56 52.97 93.65
N LEU K 477 12.32 51.95 93.25
CA LEU K 477 11.69 50.70 92.82
C LEU K 477 10.90 50.09 93.96
N ILE K 478 11.49 50.07 95.16
CA ILE K 478 10.81 49.52 96.33
C ILE K 478 9.50 50.24 96.55
N ASN K 479 9.50 51.56 96.38
CA ASN K 479 8.28 52.33 96.51
C ASN K 479 7.26 51.96 95.43
N LEU K 480 7.73 51.76 94.20
CA LEU K 480 6.79 51.67 93.10
C LEU K 480 6.13 50.29 93.02
N MET K 481 6.85 49.20 93.28
CA MET K 481 6.20 47.92 93.00
C MET K 481 5.09 47.58 93.98
N ASN K 482 5.01 48.27 95.13
CA ASN K 482 4.07 47.88 96.17
C ASN K 482 2.62 48.01 95.73
N ASP K 483 2.35 48.81 94.70
CA ASP K 483 0.99 49.00 94.24
C ASP K 483 0.51 47.78 93.45
N ARG K 484 -0.81 47.66 93.32
CA ARG K 484 -1.42 46.55 92.60
C ARG K 484 -1.86 46.93 91.20
N ALA K 485 -2.01 48.22 90.91
CA ALA K 485 -2.47 48.64 89.60
C ALA K 485 -1.47 48.29 88.49
N VAL K 486 -0.22 47.99 88.85
CA VAL K 486 0.76 47.58 87.86
C VAL K 486 0.85 46.06 87.77
N GLY K 487 0.85 45.37 88.91
CA GLY K 487 0.85 43.92 88.92
C GLY K 487 2.11 43.32 88.35
N ILE K 488 3.23 43.54 89.03
CA ILE K 488 4.53 43.09 88.56
C ILE K 488 5.23 42.21 89.59
N MET K 489 4.46 41.53 90.44
CA MET K 489 5.00 40.61 91.42
C MET K 489 4.20 39.33 91.43
N PRO K 490 4.83 38.19 91.67
CA PRO K 490 4.08 36.94 91.83
C PRO K 490 3.08 37.07 92.98
N THR K 491 1.90 36.48 92.77
CA THR K 491 0.84 36.58 93.77
C THR K 491 -0.09 35.39 93.62
N CYS K 492 -0.85 35.13 94.69
CA CYS K 492 -1.89 34.12 94.69
C CYS K 492 -3.15 34.71 95.29
N ALA K 493 -4.29 34.35 94.71
CA ALA K 493 -5.56 34.91 95.17
C ALA K 493 -5.82 34.51 96.61
N GLY K 494 -6.25 35.47 97.42
CA GLY K 494 -6.53 35.24 98.82
C GLY K 494 -5.46 35.70 99.78
N CYS K 495 -4.38 36.29 99.29
CA CYS K 495 -3.29 36.75 100.14
C CYS K 495 -2.88 38.16 99.73
N ASP K 496 -2.19 38.83 100.63
CA ASP K 496 -1.66 40.17 100.38
C ASP K 496 -0.14 40.15 100.44
N VAL K 497 0.48 41.06 99.69
CA VAL K 497 1.91 41.05 99.47
C VAL K 497 2.49 42.41 99.80
N LYS K 498 3.60 42.42 100.54
CA LYS K 498 4.41 43.61 100.75
C LYS K 498 5.75 43.44 100.05
N VAL K 499 6.52 44.52 100.02
CA VAL K 499 7.88 44.49 99.49
C VAL K 499 8.94 44.57 100.58
N ILE K 500 8.70 45.32 101.64
CA ILE K 500 9.58 45.29 102.82
C ILE K 500 8.72 45.39 104.07
N LYS L 1 -6.88 46.89 27.15
CA LYS L 1 -6.22 47.43 25.97
C LYS L 1 -6.71 46.74 24.70
N ILE L 2 -6.31 47.24 23.55
CA ILE L 2 -6.71 46.72 22.26
C ILE L 2 -5.46 46.25 21.53
N PRO L 3 -5.34 44.96 21.21
CA PRO L 3 -4.19 44.50 20.41
C PRO L 3 -4.22 45.13 19.01
N LEU L 4 -3.04 45.43 18.50
CA LEU L 4 -2.89 46.08 17.19
C LEU L 4 -1.66 45.50 16.51
N THR L 5 -1.24 46.15 15.43
CA THR L 5 -0.02 45.79 14.72
C THR L 5 0.44 47.01 13.93
N ALA L 6 1.58 46.88 13.25
CA ALA L 6 2.17 47.99 12.51
C ALA L 6 1.83 47.82 11.02
N VAL L 7 0.64 48.27 10.67
CA VAL L 7 0.15 48.17 9.29
C VAL L 7 -0.60 49.47 8.97
N PRO L 8 -0.39 50.07 7.80
CA PRO L 8 -1.07 51.33 7.49
C PRO L 8 -2.59 51.26 7.50
N ASN L 9 -3.16 50.11 7.13
CA ASN L 9 -4.61 49.96 7.06
C ASN L 9 -5.01 48.65 7.73
N GLN L 10 -5.91 48.74 8.70
CA GLN L 10 -6.35 47.54 9.41
C GLN L 10 -7.73 47.78 9.98
N ALA L 11 -8.35 46.69 10.42
CA ALA L 11 -9.66 46.76 11.07
C ALA L 11 -9.84 45.51 11.90
N ILE L 12 -10.30 45.69 13.14
CA ILE L 12 -10.50 44.59 14.07
C ILE L 12 -11.87 44.71 14.70
N SER L 13 -12.44 43.57 15.08
CA SER L 13 -13.72 43.51 15.78
C SER L 13 -13.52 42.76 17.08
N PHE L 14 -14.14 43.26 18.15
CA PHE L 14 -13.98 42.67 19.47
C PHE L 14 -15.26 42.88 20.26
N ASN L 15 -15.43 42.05 21.29
CA ASN L 15 -16.64 42.05 22.10
C ASN L 15 -16.25 42.49 23.51
N ALA L 16 -16.58 43.73 23.85
CA ALA L 16 -16.25 44.25 25.18
C ALA L 16 -17.35 45.20 25.63
N GLY L 17 -17.48 45.34 26.94
CA GLY L 17 -18.54 46.16 27.51
C GLY L 17 -19.92 45.68 27.18
N SER L 18 -20.10 44.36 27.04
CA SER L 18 -21.39 43.76 26.70
C SER L 18 -21.95 44.37 25.41
N SER L 19 -21.07 44.61 24.44
CA SER L 19 -21.50 45.14 23.16
C SER L 19 -20.45 44.79 22.12
N TYR L 20 -20.87 44.85 20.85
CA TYR L 20 -20.04 44.42 19.73
C TYR L 20 -19.44 45.64 19.05
N TRP L 21 -18.12 45.66 18.92
CA TRP L 21 -17.40 46.80 18.38
C TRP L 21 -16.59 46.41 17.15
N LYS L 22 -16.36 47.39 16.28
CA LYS L 22 -15.51 47.20 15.11
C LYS L 22 -14.87 48.53 14.77
N ILE L 23 -13.54 48.56 14.72
CA ILE L 23 -12.78 49.78 14.52
C ILE L 23 -11.88 49.61 13.31
N ARG L 24 -11.83 50.63 12.46
CA ARG L 24 -10.97 50.65 11.29
C ARG L 24 -9.97 51.79 11.44
N LEU L 25 -8.68 51.47 11.27
CA LEU L 25 -7.61 52.45 11.42
C LEU L 25 -6.87 52.58 10.10
N TYR L 26 -6.63 53.83 9.69
CA TYR L 26 -5.95 54.08 8.43
C TYR L 26 -5.29 55.45 8.49
N GLN L 27 -4.30 55.65 7.63
CA GLN L 27 -3.55 56.88 7.58
C GLN L 27 -4.07 57.76 6.45
N ASN L 28 -4.25 59.04 6.73
CA ASN L 28 -4.72 60.01 5.74
C ASN L 28 -3.79 61.20 5.79
N MET L 29 -3.00 61.38 4.73
CA MET L 29 -2.00 62.45 4.68
C MET L 29 -1.06 62.36 5.88
N ASP L 30 -1.28 63.20 6.89
CA ASP L 30 -0.40 63.29 8.04
C ASP L 30 -0.99 62.63 9.29
N MET L 31 -2.19 63.05 9.69
CA MET L 31 -2.81 62.50 10.88
C MET L 31 -3.46 61.15 10.57
N MET L 32 -3.75 60.41 11.63
CA MET L 32 -4.47 59.16 11.53
C MET L 32 -5.97 59.40 11.67
N ASN L 33 -6.76 58.46 11.18
CA ASN L 33 -8.21 58.56 11.21
C ASN L 33 -8.80 57.21 11.60
N ALA L 34 -10.03 57.25 12.09
CA ALA L 34 -10.68 56.03 12.57
C ALA L 34 -12.14 56.01 12.16
N ASP L 35 -12.70 54.81 12.12
CA ASP L 35 -14.12 54.60 11.87
C ASP L 35 -14.63 53.58 12.87
N ILE L 36 -15.70 53.93 13.58
CA ILE L 36 -16.20 53.13 14.70
C ILE L 36 -17.62 52.70 14.38
N SER L 37 -17.89 51.41 14.58
CA SER L 37 -19.22 50.85 14.36
C SER L 37 -19.58 49.98 15.55
N ARG L 38 -20.85 50.01 15.93
CA ARG L 38 -21.34 49.23 17.06
C ARG L 38 -22.53 48.39 16.62
N ASP L 39 -22.49 47.10 16.94
CA ASP L 39 -23.58 46.18 16.67
C ASP L 39 -24.03 46.23 15.22
N GLY L 40 -23.05 46.32 14.31
CA GLY L 40 -23.36 46.36 12.90
C GLY L 40 -23.93 47.65 12.40
N VAL L 41 -23.96 48.68 13.24
CA VAL L 41 -24.52 49.98 12.87
C VAL L 41 -23.40 51.02 12.95
N ILE L 42 -23.25 51.80 11.89
CA ILE L 42 -22.23 52.83 11.86
C ILE L 42 -22.49 53.85 12.96
N VAL L 43 -21.41 54.44 13.48
CA VAL L 43 -21.48 55.45 14.53
C VAL L 43 -20.86 56.77 14.09
N CYS L 44 -19.58 56.75 13.74
CA CYS L 44 -18.88 57.96 13.32
C CYS L 44 -17.93 57.64 12.18
N HIS L 45 -17.60 58.67 11.41
CA HIS L 45 -16.69 58.53 10.28
C HIS L 45 -15.63 59.61 10.32
N GLY L 46 -14.40 59.21 10.03
CA GLY L 46 -13.32 60.17 9.82
C GLY L 46 -13.00 61.04 11.01
N VAL L 47 -12.91 60.46 12.20
CA VAL L 47 -12.53 61.19 13.39
C VAL L 47 -11.01 61.19 13.49
N ARG L 48 -10.44 62.35 13.80
CA ARG L 48 -9.00 62.43 13.97
C ARG L 48 -8.58 61.80 15.30
N CYS L 49 -7.27 61.55 15.43
CA CYS L 49 -6.72 60.90 16.60
C CYS L 49 -5.70 61.82 17.26
N PHE L 50 -5.80 61.96 18.58
CA PHE L 50 -4.83 62.72 19.36
C PHE L 50 -4.66 62.05 20.71
N GLY L 51 -3.55 62.38 21.36
CA GLY L 51 -3.25 61.79 22.65
C GLY L 51 -4.17 62.34 23.73
N GLY L 52 -4.84 61.46 24.47
CA GLY L 52 -5.58 61.84 25.64
C GLY L 52 -7.03 62.18 25.42
N ILE L 53 -7.39 62.78 24.29
CA ILE L 53 -8.77 63.19 24.04
C ILE L 53 -9.57 61.96 23.64
N PRO L 54 -10.87 61.92 23.88
CA PRO L 54 -11.66 60.75 23.51
C PRO L 54 -12.03 60.75 22.04
N LEU L 55 -12.26 59.55 21.51
CA LEU L 55 -12.60 59.41 20.10
C LEU L 55 -14.03 59.87 19.83
N LEU L 56 -14.96 59.51 20.72
CA LEU L 56 -16.37 59.84 20.53
C LEU L 56 -16.63 61.21 21.14
N GLN L 57 -17.03 62.17 20.30
CA GLN L 57 -17.11 63.57 20.71
C GLN L 57 -18.53 64.00 21.05
N TYR L 58 -19.47 63.87 20.11
CA TYR L 58 -20.80 64.41 20.32
C TYR L 58 -21.49 63.70 21.48
N SER L 59 -22.36 64.44 22.17
CA SER L 59 -22.81 64.05 23.50
C SER L 59 -23.58 62.73 23.49
N HIS L 60 -24.48 62.56 22.52
CA HIS L 60 -25.39 61.42 22.58
C HIS L 60 -24.66 60.09 22.42
N GLN L 61 -23.70 60.02 21.50
CA GLN L 61 -23.24 58.73 21.02
C GLN L 61 -22.35 58.02 22.03
N TYR L 62 -21.50 58.76 22.76
CA TYR L 62 -20.44 58.08 23.48
C TYR L 62 -20.98 57.19 24.60
N ARG L 63 -21.89 57.70 25.42
CA ARG L 63 -22.64 56.72 26.21
C ARG L 63 -23.89 57.32 26.86
N PRO L 64 -24.99 56.59 26.86
CA PRO L 64 -25.87 56.61 28.03
C PRO L 64 -25.25 55.74 29.11
N ASP L 65 -24.76 54.55 28.73
CA ASP L 65 -24.08 53.66 29.65
C ASP L 65 -22.90 52.92 29.05
N TYR L 66 -22.54 53.17 27.79
CA TYR L 66 -21.43 52.49 27.13
C TYR L 66 -20.10 53.10 27.57
N GLY L 67 -19.04 52.77 26.84
CA GLY L 67 -17.72 53.30 27.14
C GLY L 67 -17.17 54.25 26.09
N ASN L 68 -15.84 54.33 25.99
CA ASN L 68 -15.18 55.16 24.98
C ASN L 68 -13.74 54.70 24.85
N PHE L 69 -13.00 55.37 23.96
CA PHE L 69 -11.62 55.01 23.64
C PHE L 69 -10.74 56.25 23.65
N VAL L 70 -9.48 56.06 24.06
CA VAL L 70 -8.50 57.14 24.14
C VAL L 70 -7.11 56.58 23.83
N PHE L 71 -6.37 57.26 22.95
CA PHE L 71 -4.95 57.00 22.77
C PHE L 71 -4.12 57.74 23.80
N ASP L 72 -3.07 57.08 24.28
CA ASP L 72 -2.15 57.73 25.22
C ASP L 72 -1.41 58.90 24.56
N ARG L 73 -0.92 58.69 23.35
CA ARG L 73 -0.19 59.75 22.64
C ARG L 73 -0.73 59.92 21.24
N ASP L 74 -0.06 60.72 20.42
CA ASP L 74 -0.46 60.87 19.03
C ASP L 74 -0.24 59.57 18.28
N ALA L 75 -1.17 59.25 17.38
CA ALA L 75 -1.14 57.97 16.70
C ALA L 75 -0.05 57.92 15.64
N ASP L 76 0.50 56.72 15.44
CA ASP L 76 1.46 56.49 14.36
C ASP L 76 1.52 54.99 14.11
N TRP L 77 1.18 54.58 12.89
CA TRP L 77 1.07 53.15 12.60
C TRP L 77 2.41 52.43 12.63
N THR L 78 3.53 53.15 12.64
CA THR L 78 4.83 52.50 12.73
C THR L 78 5.25 52.21 14.16
N LEU L 79 4.62 52.83 15.15
CA LEU L 79 4.96 52.61 16.55
C LEU L 79 3.94 51.74 17.28
N PHE L 80 2.94 51.20 16.58
CA PHE L 80 1.99 50.33 17.23
C PHE L 80 2.68 49.08 17.77
N GLY L 81 2.25 48.64 18.95
CA GLY L 81 2.86 47.53 19.63
C GLY L 81 4.10 47.88 20.41
N ASP L 82 4.63 49.09 20.26
CA ASP L 82 5.87 49.51 20.93
C ASP L 82 5.67 50.95 21.41
N GLY L 83 5.22 51.08 22.66
CA GLY L 83 5.09 52.37 23.29
C GLY L 83 3.85 53.15 22.95
N ILE L 84 3.00 52.64 22.07
CA ILE L 84 1.73 53.28 21.73
C ILE L 84 0.62 52.26 21.93
N ASN L 85 -0.33 52.58 22.81
CA ASN L 85 -1.41 51.67 23.17
C ASN L 85 -2.75 52.39 23.02
N LEU L 86 -3.81 51.57 22.92
CA LEU L 86 -5.18 52.04 22.91
C LEU L 86 -5.96 51.32 24.02
N PHE L 87 -6.72 52.08 24.80
CA PHE L 87 -7.39 51.56 25.97
C PHE L 87 -8.89 51.80 25.90
N TYR L 88 -9.65 50.85 26.42
CA TYR L 88 -11.10 50.93 26.51
C TYR L 88 -11.52 51.07 27.97
N LEU L 89 -12.49 51.95 28.22
CA LEU L 89 -12.95 52.26 29.57
C LEU L 89 -14.46 52.22 29.59
N ASP L 90 -15.04 51.52 30.56
CA ASP L 90 -16.50 51.45 30.64
C ASP L 90 -17.03 52.71 31.31
N GLY L 91 -18.31 52.69 31.68
CA GLY L 91 -19.00 53.92 32.01
C GLY L 91 -18.42 54.64 33.22
N ALA L 92 -18.18 53.91 34.30
CA ALA L 92 -17.81 54.55 35.56
C ALA L 92 -16.49 55.28 35.46
N GLU L 93 -15.44 54.59 35.00
CA GLU L 93 -14.13 55.24 34.97
C GLU L 93 -14.08 56.29 33.88
N PHE L 94 -14.80 56.10 32.77
CA PHE L 94 -14.84 57.14 31.76
C PHE L 94 -15.51 58.40 32.31
N ALA L 95 -16.56 58.23 33.10
CA ALA L 95 -17.22 59.38 33.70
C ALA L 95 -16.29 60.10 34.66
N GLU L 96 -15.59 59.37 35.52
CA GLU L 96 -14.69 60.04 36.45
C GLU L 96 -13.54 60.71 35.71
N TYR L 97 -13.06 60.09 34.62
CA TYR L 97 -12.02 60.70 33.81
C TYR L 97 -12.51 61.98 33.16
N GLN L 98 -13.74 61.98 32.65
CA GLN L 98 -14.31 63.18 32.05
C GLN L 98 -14.45 64.29 33.07
N ALA L 99 -14.88 63.94 34.29
CA ALA L 99 -14.92 64.95 35.35
C ALA L 99 -13.53 65.49 35.65
N LEU L 100 -12.53 64.60 35.70
CA LEU L 100 -11.16 65.04 35.93
C LEU L 100 -10.62 65.91 34.82
N ALA L 101 -11.18 65.80 33.61
CA ALA L 101 -10.69 66.60 32.50
C ALA L 101 -10.84 68.09 32.76
N THR L 102 -11.96 68.50 33.32
CA THR L 102 -12.22 69.91 33.59
C THR L 102 -11.57 70.31 34.92
N SER M 1 17.32 46.92 14.67
CA SER M 1 16.39 46.20 15.55
C SER M 1 17.03 45.92 16.89
N THR M 2 18.25 46.41 17.09
CA THR M 2 18.96 46.29 18.35
C THR M 2 19.48 47.68 18.77
N SER M 3 19.94 47.75 20.01
CA SER M 3 20.48 49.00 20.55
C SER M 3 21.20 48.69 21.85
N THR M 4 22.11 49.57 22.23
CA THR M 4 22.87 49.42 23.47
C THR M 4 23.53 50.74 23.80
N ILE M 5 24.33 50.74 24.87
CA ILE M 5 25.02 51.93 25.36
C ILE M 5 26.48 51.84 24.97
N ARG M 6 27.03 52.94 24.46
CA ARG M 6 28.40 52.94 23.97
C ARG M 6 29.39 52.79 25.11
N THR M 7 30.43 52.00 24.86
CA THR M 7 31.52 51.81 25.81
C THR M 7 32.85 52.03 25.10
N GLY M 8 33.87 52.40 25.87
CA GLY M 8 35.17 52.72 25.33
C GLY M 8 35.98 51.48 25.03
N THR M 9 37.28 51.70 24.78
CA THR M 9 38.18 50.58 24.54
C THR M 9 38.24 49.67 25.75
N ASN M 10 38.29 50.24 26.96
CA ASN M 10 37.95 49.48 28.14
C ASN M 10 36.45 49.40 28.28
N ASN M 11 35.97 48.33 28.91
CA ASN M 11 34.55 48.04 28.90
C ASN M 11 33.85 48.79 30.05
N ASP M 12 33.85 50.11 29.91
CA ASP M 12 33.15 50.99 30.84
C ASP M 12 32.31 51.97 30.04
N ILE M 13 31.28 52.50 30.69
CA ILE M 13 30.38 53.44 30.04
C ILE M 13 31.15 54.70 29.68
N LEU M 14 31.05 55.12 28.43
CA LEU M 14 31.75 56.30 27.94
C LEU M 14 30.75 57.41 27.72
N LEU M 15 31.06 58.59 28.24
CA LEU M 15 30.19 59.75 28.15
C LEU M 15 30.79 60.78 27.19
N ASP M 16 29.92 61.48 26.48
CA ASP M 16 30.34 62.55 25.60
C ASP M 16 30.64 63.82 26.42
N ASP M 17 30.98 64.90 25.71
CA ASP M 17 31.28 66.16 26.38
C ASP M 17 30.05 66.70 27.12
N ASN M 18 28.87 66.56 26.52
CA ASN M 18 27.64 67.04 27.13
C ASN M 18 27.24 66.23 28.35
N GLY M 19 27.89 65.10 28.61
CA GLY M 19 27.53 64.29 29.74
C GLY M 19 26.23 63.52 29.58
N ASN M 20 25.97 63.02 28.37
CA ASN M 20 24.77 62.23 28.09
C ASN M 20 25.19 60.88 27.55
N MET M 21 24.60 59.81 28.10
CA MET M 21 24.78 58.50 27.52
C MET M 21 24.12 58.42 26.16
N VAL M 22 24.78 57.75 25.22
CA VAL M 22 24.31 57.64 23.85
C VAL M 22 23.85 56.21 23.61
N ILE M 23 22.68 56.06 22.99
CA ILE M 23 22.13 54.76 22.67
C ILE M 23 22.45 54.49 21.20
N LEU M 24 23.42 53.61 20.97
CA LEU M 24 23.81 53.29 19.60
C LEU M 24 22.69 52.55 18.88
N ARG M 25 22.49 52.91 17.61
CA ARG M 25 21.52 52.22 16.77
C ARG M 25 22.15 50.92 16.26
N ASP M 26 21.52 50.31 15.26
CA ASP M 26 21.97 49.02 14.74
C ASP M 26 23.36 49.10 14.10
N VAL M 27 23.86 47.96 13.63
CA VAL M 27 25.17 47.82 13.00
C VAL M 27 26.26 48.04 14.04
N GLU M 28 26.45 49.29 14.49
CA GLU M 28 27.47 49.56 15.49
C GLU M 28 27.18 48.82 16.79
N ALA M 29 25.91 48.80 17.19
CA ALA M 29 25.52 48.01 18.36
C ALA M 29 25.85 46.55 18.14
N CYS M 30 25.68 46.05 16.92
CA CYS M 30 26.03 44.67 16.63
C CYS M 30 27.52 44.43 16.86
N ALA M 31 28.37 45.35 16.40
CA ALA M 31 29.80 45.19 16.60
C ALA M 31 30.15 45.18 18.07
N GLN M 32 29.61 46.14 18.83
CA GLN M 32 29.89 46.17 20.27
C GLN M 32 29.44 44.89 20.94
N ASP M 33 28.23 44.43 20.61
CA ASP M 33 27.67 43.25 21.27
C ASP M 33 28.46 42.00 20.93
N VAL M 34 28.88 41.86 19.68
CA VAL M 34 29.62 40.66 19.31
C VAL M 34 31.00 40.66 19.95
N ARG M 35 31.64 41.84 20.05
CA ARG M 35 32.91 41.90 20.77
C ARG M 35 32.73 41.49 22.22
N ALA M 36 31.71 42.02 22.87
CA ALA M 36 31.47 41.67 24.27
C ALA M 36 31.18 40.20 24.43
N ALA M 37 30.38 39.63 23.54
CA ALA M 37 30.06 38.21 23.63
C ALA M 37 31.30 37.35 23.47
N MET M 38 32.16 37.70 22.51
CA MET M 38 33.38 36.93 22.33
C MET M 38 34.32 37.08 23.51
N LEU M 39 34.22 38.18 24.25
CA LEU M 39 35.12 38.43 25.37
C LEU M 39 34.63 37.85 26.70
N MET M 40 33.52 37.11 26.70
CA MET M 40 32.85 36.87 27.98
C MET M 40 33.42 35.67 28.72
N ARG M 41 33.71 34.57 28.02
CA ARG M 41 34.06 33.28 28.60
C ARG M 41 32.85 32.64 29.30
N THR M 42 32.82 31.31 29.31
CA THR M 42 31.76 30.57 29.97
C THR M 42 32.06 30.38 31.46
N GLY M 43 31.04 29.90 32.18
CA GLY M 43 31.20 29.48 33.55
C GLY M 43 30.83 30.49 34.60
N GLU M 44 30.65 31.77 34.24
CA GLU M 44 30.36 32.78 35.25
C GLU M 44 29.00 33.42 35.10
N ASN M 45 28.33 33.25 33.96
CA ASN M 45 27.00 33.83 33.80
C ASN M 45 25.99 33.11 34.68
N ILE M 46 25.61 33.74 35.78
CA ILE M 46 24.53 33.18 36.60
C ILE M 46 23.23 33.27 35.80
N PHE M 47 22.33 32.33 36.09
CA PHE M 47 21.02 32.16 35.45
C PHE M 47 21.13 31.58 34.06
N ASP M 48 22.33 31.40 33.51
CA ASP M 48 22.49 30.66 32.26
C ASP M 48 23.92 30.10 32.28
N VAL M 49 24.05 28.86 32.67
CA VAL M 49 25.34 28.18 32.64
C VAL M 49 25.51 27.55 31.26
N ASN M 50 26.75 27.24 30.91
CA ASN M 50 27.13 26.62 29.64
C ASN M 50 27.04 27.59 28.46
N SER M 51 27.11 28.89 28.73
CA SER M 51 27.16 29.90 27.68
C SER M 51 28.41 30.73 27.87
N GLY M 52 29.12 30.98 26.76
CA GLY M 52 30.37 31.69 26.75
C GLY M 52 31.38 30.95 25.91
N VAL M 53 32.65 31.27 26.11
CA VAL M 53 33.74 30.66 25.37
C VAL M 53 34.55 29.82 26.33
N GLY M 54 34.73 28.56 26.01
CA GLY M 54 35.51 27.67 26.86
C GLY M 54 37.00 27.83 26.64
N TYR M 55 37.55 28.95 27.10
CA TYR M 55 38.98 29.20 26.88
C TYR M 55 39.84 28.17 27.59
N PHE M 56 39.60 27.99 28.89
CA PHE M 56 40.48 27.15 29.70
C PHE M 56 40.28 25.67 29.40
N GLU M 57 39.22 25.29 28.71
CA GLU M 57 39.00 23.90 28.37
C GLU M 57 39.39 23.58 26.94
N TYR M 58 39.30 24.54 26.03
CA TYR M 58 39.42 24.26 24.61
C TYR M 58 40.57 24.96 23.92
N ILE M 59 41.15 26.01 24.51
CA ILE M 59 42.21 26.73 23.81
C ILE M 59 43.50 26.66 24.61
N PHE M 60 43.47 27.18 25.84
CA PHE M 60 44.70 27.28 26.62
C PHE M 60 45.22 25.90 27.00
N SER M 61 44.33 24.99 27.38
CA SER M 61 44.75 23.64 27.72
C SER M 61 45.29 22.93 26.48
N PRO M 62 46.24 22.01 26.65
CA PRO M 62 46.68 21.20 25.51
C PRO M 62 45.50 20.41 24.94
N GLN M 63 45.43 20.36 23.61
CA GLN M 63 44.27 19.78 22.95
C GLN M 63 44.71 18.89 21.80
N LYS M 64 43.74 18.13 21.29
CA LYS M 64 44.00 17.18 20.22
C LYS M 64 43.65 17.74 18.84
N SER M 65 42.42 18.25 18.67
CA SER M 65 41.90 18.58 17.36
C SER M 65 41.77 20.07 17.10
N TYR M 66 41.37 20.86 18.10
CA TYR M 66 41.07 22.28 18.02
C TYR M 66 39.75 22.58 17.33
N ASP M 67 39.02 21.57 16.88
CA ASP M 67 37.72 21.82 16.27
C ASP M 67 36.74 22.34 17.32
N ASP M 68 36.83 21.85 18.54
CA ASP M 68 35.90 22.25 19.59
C ASP M 68 35.97 23.74 19.85
N ALA M 69 37.19 24.31 19.82
CA ALA M 69 37.32 25.74 20.01
C ALA M 69 36.61 26.50 18.90
N ARG M 70 36.74 26.04 17.66
CA ARG M 70 36.06 26.69 16.55
C ARG M 70 34.54 26.62 16.74
N LYS M 71 34.03 25.47 17.15
CA LYS M 71 32.60 25.33 17.40
C LYS M 71 32.13 26.29 18.49
N SER M 72 32.88 26.37 19.58
CA SER M 72 32.49 27.22 20.69
C SER M 72 32.50 28.68 20.30
N ILE M 73 33.52 29.11 19.56
CA ILE M 73 33.59 30.51 19.14
C ILE M 73 32.45 30.81 18.17
N ALA M 74 32.16 29.89 17.26
CA ALA M 74 31.07 30.12 16.32
C ALA M 74 29.74 30.25 17.06
N ASP M 75 29.52 29.43 18.08
CA ASP M 75 28.31 29.56 18.88
C ASP M 75 28.27 30.90 19.61
N ALA M 76 29.39 31.32 20.18
CA ALA M 76 29.42 32.59 20.91
C ALA M 76 29.12 33.76 20.01
N ILE M 77 29.65 33.75 18.78
CA ILE M 77 29.32 34.82 17.83
C ILE M 77 27.83 34.80 17.52
N LEU M 78 27.25 33.61 17.38
CA LEU M 78 25.81 33.50 17.26
C LEU M 78 25.20 33.77 18.63
N SER M 79 23.88 33.59 18.75
CA SER M 79 23.07 33.91 19.91
C SER M 79 22.96 35.41 20.14
N SER M 80 23.64 36.24 19.35
CA SER M 80 23.38 37.65 19.35
C SER M 80 21.99 37.91 18.75
N PRO M 81 21.30 38.96 19.21
CA PRO M 81 19.92 39.18 18.73
C PRO M 81 19.82 39.39 17.23
N ASP M 82 20.83 39.97 16.60
CA ASP M 82 20.71 40.38 15.21
C ASP M 82 21.53 39.51 14.26
N VAL M 83 22.61 38.92 14.74
CA VAL M 83 23.50 38.13 13.88
C VAL M 83 22.73 37.01 13.20
N THR M 84 22.99 36.83 11.91
CA THR M 84 22.36 35.79 11.11
C THR M 84 23.28 34.61 10.82
N GLY M 85 24.44 34.87 10.24
CA GLY M 85 25.35 33.80 9.89
C GLY M 85 26.78 34.28 9.82
N ILE M 86 27.70 33.32 9.85
CA ILE M 86 29.13 33.59 9.83
C ILE M 86 29.65 33.33 8.43
N GLU M 87 30.41 34.30 7.89
CA GLU M 87 30.99 34.14 6.56
C GLU M 87 32.33 33.41 6.59
N GLN M 88 33.24 33.82 7.47
CA GLN M 88 34.59 33.27 7.52
C GLN M 88 35.04 33.07 8.95
N LEU M 89 35.93 32.11 9.14
CA LEU M 89 36.67 31.91 10.38
C LEU M 89 38.01 31.29 10.03
N ASP M 90 39.08 31.72 10.70
CA ASP M 90 40.42 31.39 10.26
C ASP M 90 41.15 30.48 11.24
N ILE M 91 41.33 30.89 12.49
CA ILE M 91 42.08 30.12 13.49
C ILE M 91 43.49 29.86 12.96
N ASP M 92 44.39 30.84 13.13
CA ASP M 92 45.70 30.76 12.49
C ASP M 92 46.64 29.82 13.23
N ILE M 93 46.91 30.10 14.50
CA ILE M 93 47.89 29.37 15.30
C ILE M 93 49.27 29.49 14.66
N THR M 94 49.89 30.66 14.82
CA THR M 94 51.23 30.90 14.30
C THR M 94 52.09 31.49 15.41
N GLY M 95 53.25 30.90 15.65
CA GLY M 95 54.09 31.35 16.73
C GLY M 95 53.44 31.06 18.07
N GLU M 96 53.34 32.10 18.90
CA GLU M 96 52.67 31.97 20.20
C GLU M 96 51.24 32.45 20.17
N VAL M 97 50.92 33.37 19.25
CA VAL M 97 49.59 33.95 19.21
C VAL M 97 48.61 32.98 18.59
N PHE M 98 47.36 33.06 19.02
CA PHE M 98 46.27 32.23 18.51
C PHE M 98 45.39 33.15 17.66
N GLY M 99 45.74 33.29 16.39
CA GLY M 99 45.02 34.22 15.53
C GLY M 99 43.58 33.79 15.32
N VAL M 100 42.68 34.76 15.37
CA VAL M 100 41.27 34.55 15.09
C VAL M 100 40.77 35.69 14.22
N ASP M 101 40.07 35.36 13.14
CA ASP M 101 39.49 36.37 12.27
C ASP M 101 38.10 35.90 11.85
N ALA M 102 37.18 36.84 11.73
CA ALA M 102 35.80 36.49 11.39
C ALA M 102 35.14 37.65 10.65
N LYS M 103 34.18 37.32 9.81
CA LYS M 103 33.33 38.29 9.15
C LYS M 103 31.88 37.87 9.32
N VAL M 104 31.07 38.75 9.89
CA VAL M 104 29.73 38.41 10.34
C VAL M 104 28.71 39.01 9.37
N ILE M 105 27.52 38.41 9.32
CA ILE M 105 26.46 38.84 8.42
C ILE M 105 25.25 39.23 9.25
N THR M 106 24.69 40.40 8.98
CA THR M 106 23.51 40.90 9.67
C THR M 106 22.37 41.10 8.69
N ILE M 107 21.17 41.30 9.23
CA ILE M 107 20.01 41.56 8.37
C ILE M 107 20.16 42.88 7.64
N HIS M 108 20.75 43.87 8.30
CA HIS M 108 20.85 45.21 7.74
C HIS M 108 22.28 45.56 7.39
N MET N 1 64.03 21.18 -46.23
CA MET N 1 64.83 20.92 -45.04
C MET N 1 64.23 21.61 -43.82
N ILE N 2 63.66 20.82 -42.91
CA ILE N 2 63.02 21.32 -41.71
C ILE N 2 63.70 20.67 -40.51
N ASN N 3 64.16 21.49 -39.57
CA ASN N 3 64.89 20.99 -38.41
C ASN N 3 63.89 20.73 -37.28
N VAL N 4 63.73 19.46 -36.92
CA VAL N 4 62.81 19.06 -35.87
C VAL N 4 63.56 18.53 -34.65
N SER N 5 64.83 18.88 -34.51
CA SER N 5 65.62 18.39 -33.39
C SER N 5 65.15 19.01 -32.09
N GLY N 6 65.28 18.24 -31.01
CA GLY N 6 64.91 18.68 -29.68
C GLY N 6 66.07 19.06 -28.78
N PHE N 7 67.28 19.17 -29.32
CA PHE N 7 68.43 19.53 -28.52
C PHE N 7 68.32 20.99 -28.06
N GLY N 8 68.73 21.23 -26.81
CA GLY N 8 68.72 22.58 -26.27
C GLY N 8 67.41 23.02 -25.67
N THR N 9 66.41 22.16 -25.58
CA THR N 9 65.14 22.53 -25.00
C THR N 9 65.27 22.75 -23.50
N GLY N 10 64.69 23.84 -23.01
CA GLY N 10 64.69 24.13 -21.59
C GLY N 10 63.28 24.34 -21.08
N ILE N 11 63.08 23.99 -19.82
CA ILE N 11 61.77 24.08 -19.18
C ILE N 11 61.94 24.71 -17.80
N VAL N 12 61.04 25.64 -17.46
CA VAL N 12 61.07 26.33 -16.19
C VAL N 12 59.72 26.14 -15.51
N ILE N 13 59.74 25.69 -14.26
CA ILE N 13 58.54 25.47 -13.46
C ILE N 13 58.54 26.44 -12.31
N VAL N 14 57.42 27.12 -12.09
CA VAL N 14 57.24 28.04 -10.98
C VAL N 14 55.98 27.64 -10.23
N SER N 15 56.07 27.62 -8.89
CA SER N 15 54.97 27.23 -8.04
C SER N 15 54.53 28.40 -7.17
N ALA N 16 53.25 28.41 -6.82
CA ALA N 16 52.71 29.54 -6.06
C ALA N 16 53.32 29.63 -4.67
N SER N 17 53.47 28.51 -3.98
CA SER N 17 53.90 28.51 -2.59
C SER N 17 55.24 27.81 -2.36
N SER N 18 55.37 26.56 -2.80
CA SER N 18 56.56 25.79 -2.50
C SER N 18 57.81 26.39 -3.15
N PHE N 19 57.69 26.79 -4.41
CA PHE N 19 58.81 27.37 -5.17
C PHE N 19 58.34 28.69 -5.76
N PRO N 20 58.24 29.74 -4.94
CA PRO N 20 57.76 31.03 -5.47
C PRO N 20 58.63 31.62 -6.55
N MET N 21 59.91 31.24 -6.62
CA MET N 21 60.80 31.78 -7.64
C MET N 21 60.98 30.86 -8.82
N GLY N 22 60.91 29.56 -8.63
CA GLY N 22 60.97 28.63 -9.72
C GLY N 22 62.36 28.09 -9.98
N PHE N 23 62.42 26.98 -10.69
CA PHE N 23 63.68 26.34 -11.06
C PHE N 23 63.58 25.93 -12.52
N SER N 24 64.64 25.28 -13.01
CA SER N 24 64.73 24.90 -14.41
C SER N 24 65.14 23.44 -14.53
N LEU N 25 64.71 22.82 -15.62
CA LEU N 25 65.08 21.44 -15.94
C LEU N 25 65.96 21.43 -17.18
N SER N 26 67.08 20.73 -17.09
CA SER N 26 67.95 20.56 -18.25
C SER N 26 68.42 19.13 -18.44
N LYS N 27 68.35 18.28 -17.43
CA LYS N 27 68.82 16.89 -17.54
C LYS N 27 67.60 16.02 -17.80
N PHE N 28 67.43 15.60 -19.05
CA PHE N 28 66.30 14.79 -19.47
C PHE N 28 66.76 13.36 -19.69
N ALA N 29 65.98 12.41 -19.19
CA ALA N 29 66.36 11.01 -19.22
C ALA N 29 66.55 10.53 -20.66
N ASP N 30 67.23 9.40 -20.79
CA ASP N 30 67.62 8.86 -22.08
C ASP N 30 66.67 7.78 -22.61
N ASP N 31 66.37 6.76 -21.81
CA ASP N 31 65.54 5.67 -22.31
C ASP N 31 64.07 6.04 -22.42
N GLU N 32 63.53 6.82 -21.49
CA GLU N 32 62.15 7.24 -21.57
C GLU N 32 61.99 8.47 -22.45
N SER N 33 60.76 8.73 -22.85
CA SER N 33 60.48 9.91 -23.65
C SER N 33 60.60 11.15 -22.76
N PRO N 34 61.45 12.11 -23.10
CA PRO N 34 61.65 13.27 -22.22
C PRO N 34 60.40 14.08 -21.96
N ILE N 35 59.52 14.22 -22.95
CA ILE N 35 58.28 14.96 -22.77
C ILE N 35 57.25 14.40 -23.73
N SER N 36 56.02 14.25 -23.24
CA SER N 36 54.96 13.67 -24.05
C SER N 36 53.62 14.05 -23.43
N SER N 37 52.57 13.89 -24.23
CA SER N 37 51.24 14.30 -23.79
C SER N 37 50.20 13.44 -24.48
N LYS N 38 49.01 13.44 -23.90
CA LYS N 38 47.87 12.78 -24.51
C LYS N 38 47.13 13.77 -25.42
N GLU N 39 46.37 13.23 -26.36
CA GLU N 39 45.71 14.07 -27.35
C GLU N 39 44.54 14.81 -26.73
N LEU N 40 44.45 16.11 -27.03
CA LEU N 40 43.32 16.91 -26.59
C LEU N 40 42.06 16.47 -27.32
N GLU N 41 40.96 16.39 -26.57
CA GLU N 41 39.68 15.94 -27.12
C GLU N 41 38.62 16.92 -26.65
N PRO N 42 38.55 18.10 -27.27
CA PRO N 42 37.62 19.14 -26.82
C PRO N 42 36.29 19.21 -27.55
N PHE N 43 35.95 18.25 -28.40
CA PHE N 43 34.69 18.27 -29.12
C PHE N 43 34.07 16.88 -29.10
N GLY N 44 32.75 16.85 -29.21
CA GLY N 44 32.01 15.60 -29.23
C GLY N 44 30.97 15.61 -30.32
N TYR N 45 30.30 14.47 -30.47
CA TYR N 45 29.27 14.36 -31.49
C TYR N 45 28.32 13.24 -31.11
N GLU N 46 27.11 13.31 -31.65
CA GLU N 46 26.10 12.28 -31.43
C GLU N 46 25.22 12.21 -32.66
N MET N 47 24.70 11.02 -32.94
CA MET N 47 23.92 10.78 -34.14
C MET N 47 22.46 11.08 -33.87
N LEU N 48 21.82 11.78 -34.78
CA LEU N 48 20.43 12.18 -34.62
C LEU N 48 19.49 11.06 -35.04
N TYR N 49 18.24 11.17 -34.60
CA TYR N 49 17.25 10.15 -34.92
C TYR N 49 16.96 10.10 -36.40
N ASP N 50 17.14 11.23 -37.10
CA ASP N 50 16.92 11.25 -38.54
C ASP N 50 18.06 10.57 -39.28
N GLY N 51 19.29 10.83 -38.88
CA GLY N 51 20.45 10.29 -39.57
C GLY N 51 21.53 11.33 -39.75
N GLY N 52 21.27 12.54 -39.28
CA GLY N 52 22.21 13.63 -39.40
C GLY N 52 23.29 13.58 -38.34
N LEU N 53 23.96 14.72 -38.17
CA LEU N 53 25.08 14.84 -37.26
C LEU N 53 24.93 16.11 -36.43
N PHE N 54 25.37 16.04 -35.19
CA PHE N 54 25.36 17.20 -34.31
C PHE N 54 26.65 17.23 -33.51
N ALA N 55 27.21 18.43 -33.36
CA ALA N 55 28.49 18.61 -32.69
C ALA N 55 28.34 19.62 -31.57
N PHE N 56 29.16 19.45 -30.53
CA PHE N 56 29.03 20.27 -29.32
C PHE N 56 30.38 20.36 -28.64
N ASP N 57 30.51 21.36 -27.78
CA ASP N 57 31.72 21.53 -27.00
C ASP N 57 31.78 20.53 -25.85
N LYS N 58 32.94 20.46 -25.22
CA LYS N 58 33.15 19.49 -24.15
C LYS N 58 34.34 19.92 -23.31
N ALA N 59 34.27 19.61 -22.02
CA ALA N 59 35.39 19.87 -21.14
C ALA N 59 36.51 18.87 -21.40
N ALA N 60 37.75 19.34 -21.34
CA ALA N 60 38.87 18.48 -21.62
C ALA N 60 40.12 18.98 -20.89
N PRO N 61 40.83 18.11 -20.19
CA PRO N 61 42.06 18.53 -19.53
C PRO N 61 43.28 18.34 -20.43
N LEU N 62 44.46 18.65 -19.92
CA LEU N 62 45.70 18.37 -20.63
C LEU N 62 46.65 17.68 -19.68
N GLU N 63 47.30 16.61 -20.15
CA GLU N 63 48.25 15.85 -19.35
C GLU N 63 49.61 15.88 -20.01
N VAL N 64 50.65 16.02 -19.19
CA VAL N 64 52.03 16.11 -19.65
C VAL N 64 52.89 15.18 -18.82
N SER N 65 53.81 14.48 -19.47
CA SER N 65 54.74 13.58 -18.79
C SER N 65 56.16 14.07 -19.02
N VAL N 66 56.94 14.12 -17.94
CA VAL N 66 58.32 14.59 -18.00
C VAL N 66 59.21 13.57 -17.32
N SER N 67 60.33 13.24 -17.94
CA SER N 67 61.26 12.23 -17.43
C SER N 67 62.65 12.84 -17.27
N VAL N 68 63.32 12.50 -16.17
CA VAL N 68 64.65 13.02 -15.87
C VAL N 68 65.56 11.89 -15.42
N ILE N 69 66.86 12.17 -15.43
CA ILE N 69 67.84 11.20 -14.96
C ILE N 69 67.70 11.06 -13.45
N ALA N 70 67.69 9.82 -12.97
CA ALA N 70 67.63 9.58 -11.54
C ALA N 70 68.87 10.13 -10.85
N GLY N 71 68.68 10.69 -9.66
CA GLY N 71 69.78 11.19 -8.88
C GLY N 71 70.21 12.61 -9.19
N SER N 72 69.60 13.25 -10.19
CA SER N 72 69.95 14.62 -10.51
C SER N 72 69.27 15.58 -9.54
N GLU N 73 69.65 16.86 -9.65
CA GLU N 73 69.02 17.88 -8.82
C GLU N 73 67.57 18.09 -9.20
N ASP N 74 67.26 18.02 -10.50
CA ASP N 74 65.89 18.18 -10.95
C ASP N 74 64.99 17.11 -10.39
N ASP N 75 65.50 15.88 -10.28
CA ASP N 75 64.73 14.82 -9.65
C ASP N 75 64.38 15.20 -8.21
N ILE N 76 65.33 15.78 -7.48
CA ILE N 76 65.05 16.19 -6.11
C ILE N 76 63.98 17.26 -6.07
N ASN N 77 64.06 18.23 -6.98
CA ASN N 77 63.07 19.31 -6.98
C ASN N 77 61.67 18.77 -7.25
N LEU N 78 61.53 17.93 -8.27
CA LEU N 78 60.20 17.37 -8.54
C LEU N 78 59.75 16.43 -7.43
N ARG N 79 60.69 15.79 -6.73
CA ARG N 79 60.29 15.01 -5.57
C ARG N 79 59.71 15.90 -4.48
N ILE N 80 60.31 17.07 -4.28
CA ILE N 80 59.75 18.02 -3.31
C ILE N 80 58.34 18.43 -3.72
N LEU N 81 58.16 18.74 -5.01
CA LEU N 81 56.83 19.11 -5.48
C LEU N 81 55.82 17.99 -5.24
N LEU N 82 56.21 16.76 -5.53
CA LEU N 82 55.31 15.64 -5.35
C LEU N 82 54.97 15.45 -3.87
N ASN N 83 55.96 15.58 -2.99
CA ASN N 83 55.73 15.34 -1.57
C ASN N 83 54.99 16.48 -0.89
N SER N 84 54.96 17.67 -1.50
CA SER N 84 54.20 18.77 -0.90
C SER N 84 52.74 18.39 -0.72
N LYS N 85 52.20 18.67 0.46
CA LYS N 85 50.85 18.25 0.83
C LYS N 85 49.86 19.35 0.51
N LYS N 86 48.80 18.99 -0.22
CA LYS N 86 47.81 19.98 -0.65
C LYS N 86 46.97 20.49 0.52
N GLY N 87 46.69 19.62 1.49
CA GLY N 87 45.83 20.02 2.60
C GLY N 87 46.37 21.18 3.40
N SER N 88 47.70 21.27 3.51
CA SER N 88 48.34 22.38 4.19
C SER N 88 48.37 23.60 3.28
N PHE N 89 49.21 24.58 3.62
CA PHE N 89 49.30 25.85 2.88
C PHE N 89 47.99 26.62 2.96
N ARG N 90 47.68 27.04 4.19
CA ARG N 90 46.55 27.91 4.44
C ARG N 90 46.61 29.11 3.48
N PHE N 91 45.65 29.20 2.57
CA PHE N 91 45.69 30.23 1.54
C PHE N 91 44.29 30.37 0.96
N LEU N 92 44.09 31.46 0.23
CA LEU N 92 42.80 31.76 -0.37
C LEU N 92 42.35 30.60 -1.26
N PRO N 93 41.16 30.06 -1.05
CA PRO N 93 40.76 28.85 -1.79
C PRO N 93 40.08 29.17 -3.12
N GLY N 94 39.76 28.13 -3.88
CA GLY N 94 39.10 28.28 -5.16
C GLY N 94 40.01 28.62 -6.31
N ILE N 95 41.31 28.77 -6.07
CA ILE N 95 42.25 29.12 -7.14
C ILE N 95 43.27 27.98 -7.27
N ILE N 96 42.84 26.77 -6.95
CA ILE N 96 43.66 25.57 -7.09
C ILE N 96 44.91 25.77 -6.24
N PRO N 97 44.82 25.55 -4.93
CA PRO N 97 45.95 25.90 -4.04
C PRO N 97 47.26 25.31 -4.53
N ASP N 98 48.31 26.14 -4.46
CA ASP N 98 49.63 25.81 -4.99
C ASP N 98 49.58 25.56 -6.50
N MET N 99 49.07 26.56 -7.21
CA MET N 99 49.06 26.52 -8.65
C MET N 99 50.48 26.54 -9.20
N THR N 100 50.73 25.77 -10.26
CA THR N 100 52.04 25.66 -10.86
C THR N 100 51.98 26.05 -12.32
N THR N 101 52.92 26.89 -12.75
CA THR N 101 53.00 27.38 -14.11
C THR N 101 54.27 26.86 -14.76
N LEU N 102 54.15 26.32 -15.97
CA LEU N 102 55.26 25.75 -16.71
C LEU N 102 55.50 26.54 -17.98
N VAL N 103 56.76 26.85 -18.26
CA VAL N 103 57.16 27.54 -19.47
C VAL N 103 58.24 26.72 -20.16
N ALA N 104 58.03 26.40 -21.43
CA ALA N 104 58.95 25.57 -22.19
C ALA N 104 59.41 26.31 -23.43
N THR N 105 60.70 26.18 -23.75
CA THR N 105 61.29 26.84 -24.90
C THR N 105 61.78 25.80 -25.90
N LEU N 106 61.60 26.10 -27.17
CA LEU N 106 62.08 25.27 -28.25
C LEU N 106 63.36 25.82 -28.84
N PRO N 107 64.16 24.98 -29.50
CA PRO N 107 65.42 25.49 -30.07
C PRO N 107 65.24 26.65 -31.02
N ASP N 108 64.18 26.63 -31.83
CA ASP N 108 63.95 27.74 -32.76
C ASP N 108 63.72 29.04 -32.01
N GLY N 109 62.98 28.98 -30.91
CA GLY N 109 62.61 30.17 -30.18
C GLY N 109 61.15 30.10 -29.77
N GLY N 110 60.47 29.05 -30.22
CA GLY N 110 59.08 28.86 -29.82
C GLY N 110 58.95 28.71 -28.32
N ARG N 111 58.00 29.44 -27.74
CA ARG N 111 57.78 29.45 -26.31
C ARG N 111 56.32 29.14 -26.05
N THR N 112 56.04 28.30 -25.07
CA THR N 112 54.69 27.95 -24.69
C THR N 112 54.56 28.02 -23.18
N VAL N 113 53.43 28.52 -22.72
CA VAL N 113 53.17 28.68 -21.29
C VAL N 113 51.89 27.96 -20.93
N LEU N 114 51.91 27.26 -19.80
CA LEU N 114 50.76 26.52 -19.30
C LEU N 114 50.56 26.85 -17.83
N SER N 115 49.31 27.09 -17.45
CA SER N 115 48.98 27.49 -16.08
C SER N 115 47.76 26.73 -15.62
N ASN N 116 47.33 27.03 -14.39
CA ASN N 116 46.16 26.40 -13.78
C ASN N 116 46.31 24.87 -13.74
N GLY N 117 47.30 24.43 -12.97
CA GLY N 117 47.52 23.00 -12.86
C GLY N 117 48.54 22.67 -11.80
N THR N 118 48.68 21.38 -11.54
CA THR N 118 49.55 20.90 -10.48
C THR N 118 50.07 19.51 -10.83
N ILE N 119 51.14 19.12 -10.15
CA ILE N 119 51.69 17.79 -10.35
C ILE N 119 50.69 16.75 -9.87
N LEU N 120 50.70 15.59 -10.52
CA LEU N 120 49.66 14.59 -10.28
C LEU N 120 50.20 13.27 -9.74
N LYS N 121 51.24 12.70 -10.36
CA LYS N 121 51.75 11.43 -9.89
C LYS N 121 53.20 11.27 -10.30
N GLY N 122 53.90 10.39 -9.59
CA GLY N 122 55.30 10.13 -9.84
C GLY N 122 55.85 9.03 -8.94
N PRO N 123 57.13 8.72 -9.09
CA PRO N 123 57.74 7.66 -8.27
C PRO N 123 58.13 8.17 -6.90
N ALA N 124 58.35 7.23 -5.99
CA ALA N 124 58.76 7.52 -4.63
C ALA N 124 60.20 7.13 -4.32
N ILE N 125 60.64 5.97 -4.81
CA ILE N 125 62.02 5.52 -4.62
C ILE N 125 62.55 5.02 -5.95
N ASP N 126 63.88 4.90 -6.02
CA ASP N 126 64.52 4.50 -7.26
C ASP N 126 64.25 3.04 -7.56
N THR N 127 64.41 2.69 -8.83
CA THR N 127 64.13 1.35 -9.34
C THR N 127 65.40 0.77 -9.96
N ILE N 128 65.67 -0.50 -9.68
CA ILE N 128 66.81 -1.19 -10.25
C ILE N 128 66.32 -2.17 -11.30
N GLN N 129 66.99 -2.18 -12.45
CA GLN N 129 66.67 -3.11 -13.52
C GLN N 129 67.70 -4.23 -13.54
N ASN N 130 67.37 -5.30 -14.27
CA ASN N 130 68.23 -6.48 -14.31
C ASN N 130 69.60 -6.15 -14.87
N THR N 131 69.70 -5.12 -15.71
CA THR N 131 70.99 -4.73 -16.26
C THR N 131 71.87 -4.04 -15.25
N GLY N 132 71.33 -3.67 -14.08
CA GLY N 132 72.09 -2.99 -13.07
C GLY N 132 71.97 -1.48 -13.08
N ARG N 133 71.10 -0.93 -13.92
CA ARG N 133 70.93 0.51 -14.06
C ARG N 133 69.77 0.98 -13.19
N ARG N 134 69.62 2.29 -13.10
CA ARG N 134 68.48 2.92 -12.42
C ARG N 134 67.54 3.51 -13.46
N LYS N 135 66.27 3.12 -13.40
CA LYS N 135 65.31 3.56 -14.39
C LYS N 135 65.05 5.06 -14.26
N GLY N 136 64.88 5.73 -15.40
CA GLY N 136 64.60 7.15 -15.38
C GLY N 136 63.22 7.44 -14.81
N ASN N 137 63.17 8.31 -13.82
CA ASN N 137 61.91 8.67 -13.19
C ASN N 137 61.04 9.48 -14.13
N THR N 138 59.72 9.28 -14.02
CA THR N 138 58.76 9.99 -14.84
C THR N 138 57.68 10.62 -13.96
N TYR N 139 57.29 11.84 -14.30
CA TYR N 139 56.29 12.58 -13.54
C TYR N 139 55.20 13.08 -14.48
N THR N 140 53.99 13.21 -13.95
CA THR N 140 52.84 13.59 -14.75
C THR N 140 52.18 14.82 -14.17
N PHE N 141 51.89 15.80 -15.02
CA PHE N 141 51.21 17.02 -14.65
C PHE N 141 49.82 17.05 -15.27
N VAL N 142 49.08 18.11 -14.96
CA VAL N 142 47.79 18.39 -15.59
C VAL N 142 47.60 19.89 -15.59
N PHE N 143 47.00 20.41 -16.66
CA PHE N 143 46.84 21.84 -16.81
C PHE N 143 45.45 22.15 -17.34
N GLY N 144 45.00 23.37 -17.09
CA GLY N 144 43.68 23.79 -17.51
C GLY N 144 43.69 24.89 -18.55
N SER N 145 44.70 25.75 -18.53
CA SER N 145 44.77 26.89 -19.43
C SER N 145 45.71 26.55 -20.59
N TYR N 146 45.15 26.52 -21.80
CA TYR N 146 45.89 26.10 -22.98
C TYR N 146 46.53 27.30 -23.67
N LEU N 147 47.26 28.10 -22.90
CA LEU N 147 47.68 29.42 -23.36
C LEU N 147 48.42 29.33 -24.69
N GLY N 148 47.82 29.89 -25.73
CA GLY N 148 48.30 29.69 -27.09
C GLY N 148 49.49 30.54 -27.46
N ALA N 149 50.65 30.25 -26.89
CA ALA N 149 51.88 30.94 -27.26
C ALA N 149 52.67 30.02 -28.18
N GLN N 150 52.84 30.43 -29.44
CA GLN N 150 53.67 29.71 -30.40
C GLN N 150 54.49 30.72 -31.18
N THR N 151 55.07 31.69 -30.47
CA THR N 151 55.78 32.78 -31.12
C THR N 151 57.02 32.26 -31.84
N ALA N 152 57.45 33.01 -32.85
CA ALA N 152 58.64 32.64 -33.61
C ALA N 152 59.83 33.55 -33.27
N MET O 1 7.97 -5.47 63.97
CA MET O 1 7.66 -4.45 62.99
C MET O 1 7.12 -5.07 61.71
N ALA O 2 7.99 -5.74 60.96
CA ALA O 2 7.60 -6.42 59.73
C ALA O 2 7.10 -7.84 59.98
N ASN O 3 6.79 -8.18 61.23
CA ASN O 3 6.34 -9.52 61.55
C ASN O 3 5.00 -9.81 60.89
N TYR O 4 4.83 -11.06 60.49
CA TYR O 4 3.54 -11.58 60.03
C TYR O 4 3.04 -12.61 61.02
N ASN O 5 1.82 -12.40 61.50
CA ASN O 5 1.20 -13.35 62.43
C ASN O 5 0.50 -14.47 61.67
N TYR O 6 1.33 -15.35 61.08
CA TYR O 6 0.82 -16.44 60.28
C TYR O 6 -0.05 -17.40 61.08
N ILE O 7 0.08 -17.41 62.40
CA ILE O 7 -0.76 -18.25 63.26
C ILE O 7 -2.06 -17.50 63.52
N VAL O 8 -3.14 -17.97 62.91
CA VAL O 8 -4.44 -17.35 63.05
C VAL O 8 -5.45 -18.41 63.51
N ASP O 9 -6.69 -17.96 63.69
CA ASP O 9 -7.74 -18.87 64.16
C ASP O 9 -8.00 -19.99 63.16
N THR O 10 -8.03 -19.67 61.87
CA THR O 10 -8.34 -20.67 60.87
C THR O 10 -7.27 -21.75 60.79
N GLY O 11 -6.00 -21.36 60.93
CA GLY O 11 -4.92 -22.33 60.86
C GLY O 11 -3.56 -21.67 60.83
N VAL O 12 -2.65 -22.21 60.02
CA VAL O 12 -1.31 -21.68 59.87
C VAL O 12 -1.14 -21.19 58.44
N ILE O 13 -0.68 -19.96 58.29
CA ILE O 13 -0.42 -19.37 56.98
C ILE O 13 0.97 -19.79 56.52
N VAL O 14 1.07 -20.22 55.27
CA VAL O 14 2.36 -20.57 54.68
C VAL O 14 2.76 -19.45 53.74
N ALA O 15 4.05 -19.09 53.76
CA ALA O 15 4.57 -18.00 52.97
C ALA O 15 5.57 -18.53 51.95
N ASP O 16 5.48 -18.01 50.73
CA ASP O 16 6.40 -18.39 49.67
C ASP O 16 7.78 -17.79 49.93
N THR O 17 8.81 -18.49 49.46
CA THR O 17 10.18 -18.10 49.78
C THR O 17 10.52 -16.72 49.23
N ALA O 18 9.92 -16.33 48.10
CA ALA O 18 10.18 -15.01 47.56
C ALA O 18 9.71 -13.92 48.52
N ASP O 19 8.56 -14.12 49.15
CA ASP O 19 8.02 -13.10 50.06
C ASP O 19 8.90 -12.92 51.28
N VAL O 20 9.29 -14.04 51.91
CA VAL O 20 10.15 -13.92 53.08
C VAL O 20 11.51 -13.35 52.71
N LEU O 21 12.01 -13.70 51.53
CA LEU O 21 13.27 -13.13 51.08
C LEU O 21 13.17 -11.62 50.93
N SER O 22 12.09 -11.15 50.31
CA SER O 22 11.91 -9.70 50.15
C SER O 22 11.77 -9.02 51.49
N ASP O 23 11.07 -9.65 52.44
CA ASP O 23 10.91 -9.04 53.76
C ASP O 23 12.25 -8.92 54.48
N VAL O 24 13.08 -9.95 54.41
CA VAL O 24 14.39 -9.87 55.05
C VAL O 24 15.26 -8.82 54.38
N GLU O 25 15.19 -8.73 53.05
CA GLU O 25 15.94 -7.70 52.35
C GLU O 25 15.51 -6.31 52.80
N ALA O 26 14.20 -6.09 52.94
CA ALA O 26 13.72 -4.81 53.44
C ALA O 26 14.22 -4.54 54.84
N GLU O 27 14.21 -5.57 55.69
CA GLU O 27 14.69 -5.40 57.06
C GLU O 27 16.14 -4.92 57.08
N PHE O 28 17.01 -5.59 56.34
CA PHE O 28 18.42 -5.19 56.38
C PHE O 28 18.65 -3.84 55.71
N ARG O 29 17.97 -3.57 54.59
CA ARG O 29 18.20 -2.29 53.93
C ARG O 29 17.68 -1.14 54.78
N ALA O 30 16.70 -1.39 55.65
CA ALA O 30 16.36 -0.40 56.66
C ALA O 30 17.38 -0.37 57.78
N ALA O 31 18.02 -1.51 58.06
CA ALA O 31 18.95 -1.58 59.17
C ALA O 31 20.24 -0.78 58.91
N LEU O 32 20.73 -0.82 57.67
CA LEU O 32 22.00 -0.19 57.33
C LEU O 32 21.81 1.05 56.47
N GLY O 33 21.14 0.92 55.33
CA GLY O 33 20.92 2.05 54.45
C GLY O 33 20.21 1.65 53.19
N ALA O 34 19.50 2.59 52.56
CA ALA O 34 18.74 2.28 51.37
C ALA O 34 19.62 1.97 50.17
N ASN O 35 20.92 2.19 50.26
CA ASN O 35 21.81 2.06 49.12
C ASN O 35 22.88 1.02 49.37
N ILE O 36 22.50 -0.13 49.89
CA ILE O 36 23.43 -1.20 50.17
C ILE O 36 23.36 -2.21 49.04
N ASN O 37 24.36 -3.07 48.96
CA ASN O 37 24.42 -4.14 47.97
C ASN O 37 24.06 -5.46 48.62
N LEU O 38 23.14 -6.20 48.00
CA LEU O 38 22.64 -7.46 48.56
C LEU O 38 22.81 -8.55 47.51
N ALA O 39 23.98 -9.17 47.50
CA ALA O 39 24.27 -10.29 46.62
C ALA O 39 25.02 -11.35 47.41
N ALA O 40 24.93 -12.59 46.92
CA ALA O 40 25.48 -13.72 47.67
C ALA O 40 26.98 -13.60 47.88
N SER O 41 27.68 -12.90 46.99
CA SER O 41 29.13 -12.79 47.14
C SER O 41 29.52 -12.03 48.40
N THR O 42 28.81 -10.95 48.71
CA THR O 42 29.15 -10.14 49.86
C THR O 42 28.73 -10.87 51.15
N PRO O 43 29.38 -10.55 52.28
CA PRO O 43 28.94 -11.13 53.56
C PRO O 43 27.51 -10.75 53.91
N GLN O 44 27.09 -9.55 53.54
CA GLN O 44 25.71 -9.12 53.80
C GLN O 44 24.73 -10.07 53.16
N GLY O 45 24.98 -10.46 51.91
CA GLY O 45 24.08 -11.40 51.25
C GLY O 45 24.06 -12.75 51.92
N SER O 46 25.21 -13.19 52.45
CA SER O 46 25.24 -14.44 53.18
C SER O 46 24.38 -14.36 54.44
N LEU O 47 24.44 -13.24 55.15
CA LEU O 47 23.57 -13.06 56.32
C LEU O 47 22.11 -13.05 55.90
N VAL O 48 21.79 -12.40 54.78
CA VAL O 48 20.42 -12.38 54.28
C VAL O 48 19.93 -13.81 54.04
N ALA O 49 20.74 -14.60 53.33
CA ALA O 49 20.35 -15.96 53.01
C ALA O 49 20.18 -16.79 54.27
N ALA O 50 21.10 -16.65 55.22
CA ALA O 50 21.01 -17.42 56.46
C ALA O 50 19.72 -17.10 57.20
N GLU O 51 19.41 -15.81 57.34
CA GLU O 51 18.20 -15.42 58.03
C GLU O 51 16.95 -15.93 57.31
N ALA O 52 16.92 -15.81 55.99
CA ALA O 52 15.75 -16.24 55.24
C ALA O 52 15.53 -17.74 55.39
N ILE O 53 16.60 -18.53 55.26
CA ILE O 53 16.47 -19.97 55.41
C ILE O 53 16.00 -20.32 56.80
N ALA O 54 16.57 -19.68 57.82
CA ALA O 54 16.16 -19.98 59.20
C ALA O 54 14.69 -19.70 59.41
N ARG O 55 14.22 -18.52 58.97
CA ARG O 55 12.83 -18.16 59.18
C ARG O 55 11.91 -19.13 58.45
N SER O 56 12.19 -19.41 57.18
CA SER O 56 11.32 -20.32 56.44
C SER O 56 11.31 -21.71 57.05
N SER O 57 12.48 -22.21 57.45
CA SER O 57 12.55 -23.55 58.01
C SER O 57 11.77 -23.66 59.29
N VAL O 58 11.95 -22.70 60.20
CA VAL O 58 11.24 -22.79 61.49
C VAL O 58 9.74 -22.66 61.27
N MET O 59 9.33 -21.77 60.36
CA MET O 59 7.91 -21.61 60.10
C MET O 59 7.30 -22.90 59.56
N ARG O 60 7.97 -23.53 58.59
CA ARG O 60 7.44 -24.77 58.03
C ARG O 60 7.41 -25.88 59.06
N ASN O 61 8.46 -25.99 59.87
CA ASN O 61 8.51 -27.05 60.88
C ASN O 61 7.36 -26.88 61.87
N GLU O 62 7.12 -25.64 62.32
CA GLU O 62 5.99 -25.41 63.22
C GLU O 62 4.67 -25.75 62.54
N ALA O 63 4.53 -25.39 61.27
CA ALA O 63 3.31 -25.75 60.56
C ALA O 63 3.15 -27.25 60.40
N ARG O 64 4.25 -28.01 60.52
CA ARG O 64 4.15 -29.46 60.37
C ARG O 64 3.35 -30.10 61.49
N ILE O 65 3.46 -29.59 62.71
CA ILE O 65 2.84 -30.22 63.88
C ILE O 65 1.63 -29.37 64.29
N ALA O 66 1.01 -28.72 63.31
CA ALA O 66 -0.07 -27.78 63.61
C ALA O 66 -1.26 -28.49 64.26
N ASN O 67 -1.64 -29.64 63.73
CA ASN O 67 -2.75 -30.42 64.28
C ASN O 67 -2.27 -31.81 64.59
N THR O 68 -2.53 -32.28 65.82
CA THR O 68 -2.08 -33.60 66.22
C THR O 68 -3.13 -34.45 66.93
N ILE O 69 -4.09 -33.85 67.63
CA ILE O 69 -5.09 -34.66 68.33
C ILE O 69 -5.95 -35.45 67.33
N ASN O 70 -6.22 -34.85 66.18
CA ASN O 70 -6.97 -35.55 65.14
C ASN O 70 -6.16 -36.76 64.68
N PRO O 71 -6.77 -37.94 64.60
CA PRO O 71 -5.99 -39.15 64.31
C PRO O 71 -5.42 -39.21 62.90
N ASN O 72 -5.58 -38.15 62.11
CA ASN O 72 -5.02 -38.15 60.77
C ASN O 72 -3.49 -38.13 60.79
N VAL O 73 -2.89 -37.78 61.93
CA VAL O 73 -1.44 -37.63 62.04
C VAL O 73 -0.75 -38.98 61.93
N SER O 74 0.57 -38.97 61.84
CA SER O 74 1.33 -40.18 61.62
C SER O 74 2.73 -40.03 62.22
N PHE O 75 3.49 -41.13 62.18
CA PHE O 75 4.92 -41.16 62.51
C PHE O 75 5.18 -40.68 63.94
N GLY O 76 4.71 -41.49 64.88
CA GLY O 76 5.03 -41.28 66.29
C GLY O 76 3.99 -40.61 67.14
N THR O 77 3.55 -39.41 66.74
CA THR O 77 2.40 -38.81 67.41
C THR O 77 1.19 -39.74 67.30
N PHE O 78 0.93 -40.24 66.09
CA PHE O 78 -0.14 -41.19 65.91
C PHE O 78 0.14 -42.51 66.60
N LEU O 79 1.41 -42.88 66.75
CA LEU O 79 1.75 -44.08 67.50
C LEU O 79 1.33 -43.93 68.96
N ASP O 80 1.61 -42.79 69.57
CA ASP O 80 1.13 -42.54 70.92
C ASP O 80 -0.39 -42.55 70.97
N ALA O 81 -1.03 -41.92 69.98
CA ALA O 81 -2.49 -41.88 69.98
C ALA O 81 -3.10 -43.27 69.93
N ILE O 82 -2.55 -44.16 69.10
CA ILE O 82 -3.10 -45.50 69.00
C ILE O 82 -2.74 -46.34 70.21
N CYS O 83 -1.52 -46.19 70.74
CA CYS O 83 -1.14 -46.94 71.93
C CYS O 83 -1.93 -46.52 73.15
N ALA O 84 -2.52 -45.33 73.12
CA ALA O 84 -3.42 -44.94 74.21
C ALA O 84 -4.52 -45.97 74.41
N LEU O 85 -5.09 -46.48 73.32
CA LEU O 85 -6.09 -47.53 73.42
C LEU O 85 -5.46 -48.91 73.30
N MET O 86 -4.89 -49.21 72.13
CA MET O 86 -4.20 -50.47 71.89
C MET O 86 -3.50 -50.44 70.55
N GLY O 87 -2.24 -50.88 70.50
CA GLY O 87 -1.52 -50.88 69.25
C GLY O 87 -0.09 -51.33 69.39
N ILE O 88 0.45 -51.96 68.36
CA ILE O 88 1.82 -52.45 68.34
C ILE O 88 2.55 -51.71 67.23
N GLU O 89 3.86 -51.58 67.37
CA GLU O 89 4.70 -50.97 66.36
C GLU O 89 5.92 -51.87 66.20
N ARG O 90 6.95 -51.35 65.52
CA ARG O 90 8.11 -52.15 65.12
C ARG O 90 7.63 -53.30 64.25
N GLY O 91 7.57 -54.50 64.80
CA GLY O 91 7.18 -55.65 64.00
C GLY O 91 8.07 -55.83 62.79
N SER O 92 9.37 -55.61 62.96
CA SER O 92 10.34 -55.64 61.88
C SER O 92 11.42 -56.65 62.27
N ASP O 93 11.30 -57.87 61.77
CA ASP O 93 12.18 -58.96 62.15
C ASP O 93 12.62 -59.73 60.91
N LEU O 94 13.71 -60.46 61.07
CA LEU O 94 14.23 -61.34 60.03
C LEU O 94 14.03 -62.79 60.45
N SER O 95 13.71 -63.65 59.49
CA SER O 95 13.46 -65.06 59.77
C SER O 95 14.80 -65.73 60.09
N THR O 96 15.27 -65.48 61.31
CA THR O 96 16.49 -66.10 61.78
C THR O 96 16.30 -67.61 61.87
N PHE O 97 17.39 -68.34 61.71
CA PHE O 97 17.34 -69.80 61.58
C PHE O 97 18.25 -70.47 62.60
N GLY O 98 18.42 -71.76 62.41
CA GLY O 98 19.30 -72.55 63.25
C GLY O 98 19.26 -73.99 62.76
N TYR O 99 20.31 -74.72 63.12
CA TYR O 99 20.46 -76.13 62.75
C TYR O 99 20.42 -76.31 61.23
N GLY O 100 21.43 -75.74 60.57
CA GLY O 100 21.62 -75.97 59.16
C GLY O 100 22.32 -77.28 58.88
N VAL O 101 22.32 -77.69 57.61
CA VAL O 101 22.97 -78.92 57.19
C VAL O 101 23.87 -78.63 56.00
N GLN O 102 25.14 -79.06 56.09
CA GLN O 102 26.11 -78.82 55.04
C GLN O 102 27.06 -80.00 54.96
N VAL O 103 27.31 -80.47 53.73
CA VAL O 103 28.29 -81.51 53.47
C VAL O 103 29.31 -80.97 52.47
N THR O 104 30.59 -81.07 52.82
CA THR O 104 31.66 -80.51 52.01
C THR O 104 32.83 -81.49 52.01
N GLY O 105 33.98 -81.00 51.57
CA GLY O 105 35.22 -81.75 51.72
C GLY O 105 35.77 -81.63 53.13
N ARG O 106 36.87 -82.34 53.34
CA ARG O 106 37.47 -82.39 54.67
C ARG O 106 38.19 -81.08 55.00
N SER O 107 38.11 -80.69 56.28
CA SER O 107 38.83 -79.54 56.82
C SER O 107 38.60 -78.28 55.98
N GLN O 108 37.36 -78.09 55.55
CA GLN O 108 36.99 -76.93 54.75
C GLN O 108 36.30 -75.90 55.62
N THR O 109 36.65 -74.63 55.41
CA THR O 109 36.09 -73.52 56.16
C THR O 109 35.23 -72.67 55.23
N ARG O 110 34.01 -72.38 55.67
CA ARG O 110 33.07 -71.58 54.88
C ARG O 110 33.05 -70.15 55.40
N ILE O 111 33.16 -69.20 54.49
CA ILE O 111 33.23 -67.79 54.84
C ILE O 111 31.83 -67.27 55.11
N SER O 112 31.72 -66.28 56.00
CA SER O 112 30.44 -65.74 56.40
C SER O 112 29.76 -65.02 55.24
N THR O 113 28.47 -64.73 55.43
CA THR O 113 27.67 -63.94 54.50
C THR O 113 27.62 -64.56 53.11
N GLY O 114 27.61 -65.89 53.05
CA GLY O 114 27.36 -66.56 51.79
C GLY O 114 25.92 -66.42 51.36
N SER O 115 25.68 -66.59 50.06
CA SER O 115 24.35 -66.45 49.50
C SER O 115 23.72 -67.82 49.28
N ARG O 116 22.43 -67.92 49.61
CA ARG O 116 21.69 -69.16 49.45
C ARG O 116 20.35 -68.85 48.81
N VAL O 117 19.89 -69.72 47.91
CA VAL O 117 18.62 -69.51 47.22
C VAL O 117 17.82 -70.79 47.24
N GLN O 118 16.50 -70.64 47.16
CA GLN O 118 15.58 -71.77 47.18
C GLN O 118 14.50 -71.51 46.13
N THR O 119 13.61 -72.49 45.96
CA THR O 119 12.90 -72.66 44.68
C THR O 119 12.18 -71.43 44.14
N PRO O 120 11.42 -70.64 44.93
CA PRO O 120 10.79 -69.44 44.35
C PRO O 120 11.76 -68.27 44.25
N ALA O 121 13.06 -68.57 44.32
CA ALA O 121 14.12 -67.58 44.18
C ALA O 121 14.14 -66.59 45.35
N GLY O 122 14.04 -67.12 46.57
CA GLY O 122 14.27 -66.29 47.74
C GLY O 122 15.76 -66.24 48.06
N ALA O 123 16.21 -65.05 48.44
CA ALA O 123 17.62 -64.81 48.72
C ALA O 123 17.87 -64.88 50.21
N ILE O 124 18.81 -65.73 50.62
CA ILE O 124 19.11 -65.98 52.02
C ILE O 124 20.61 -65.89 52.22
N PHE O 125 21.03 -65.20 53.28
CA PHE O 125 22.43 -65.09 53.65
C PHE O 125 22.69 -65.83 54.96
N THR O 126 23.90 -66.37 55.09
CA THR O 126 24.32 -67.04 56.30
C THR O 126 24.90 -66.02 57.29
N VAL O 127 25.23 -66.51 58.48
CA VAL O 127 25.66 -65.62 59.56
C VAL O 127 27.08 -65.95 60.01
N MET O 128 27.29 -67.17 60.49
CA MET O 128 28.53 -67.54 61.15
C MET O 128 29.40 -68.38 60.23
N SER O 129 30.71 -68.22 60.39
CA SER O 129 31.70 -68.99 59.65
C SER O 129 32.17 -70.15 60.53
N ASP O 130 32.37 -71.32 59.92
CA ASP O 130 32.74 -72.50 60.67
C ASP O 130 33.54 -73.45 59.77
N VAL O 131 34.17 -74.42 60.41
CA VAL O 131 34.93 -75.44 59.73
C VAL O 131 34.04 -76.67 59.58
N THR O 132 34.44 -77.60 58.71
CA THR O 132 33.67 -78.80 58.45
C THR O 132 34.40 -80.01 58.99
N ILE O 133 33.68 -80.87 59.70
CA ILE O 133 34.19 -82.14 60.21
C ILE O 133 34.51 -83.02 59.01
N PRO O 134 35.50 -83.89 59.07
CA PRO O 134 35.76 -84.80 57.93
C PRO O 134 34.60 -85.72 57.60
N ALA O 135 33.65 -85.91 58.52
CA ALA O 135 32.48 -86.71 58.19
C ALA O 135 31.65 -86.07 57.08
N GLY O 136 31.49 -84.75 57.12
CA GLY O 136 30.72 -84.05 56.12
C GLY O 136 29.37 -83.57 56.62
N GLY O 137 29.33 -83.06 57.85
CA GLY O 137 28.11 -82.51 58.39
C GLY O 137 28.35 -81.45 59.43
N VAL O 138 27.74 -80.27 59.25
CA VAL O 138 27.85 -79.16 60.20
C VAL O 138 26.51 -78.43 60.26
N ALA O 139 26.39 -77.56 61.25
CA ALA O 139 25.20 -76.75 61.48
C ALA O 139 25.49 -75.29 61.14
N THR O 140 24.57 -74.67 60.40
CA THR O 140 24.73 -73.31 59.92
C THR O 140 23.62 -72.43 60.48
N ILE O 141 23.82 -71.11 60.34
CA ILE O 141 22.86 -70.11 60.80
C ILE O 141 22.56 -69.17 59.65
N ASP O 142 21.28 -68.95 59.37
CA ASP O 142 20.87 -68.14 58.23
C ASP O 142 20.18 -66.86 58.69
N ILE O 143 19.93 -65.99 57.71
CA ILE O 143 19.23 -64.73 57.93
C ILE O 143 18.66 -64.31 56.58
N LYS O 144 17.69 -63.40 56.61
CA LYS O 144 16.94 -63.05 55.41
C LYS O 144 17.55 -61.84 54.73
N SER O 145 17.47 -61.83 53.40
CA SER O 145 17.96 -60.67 52.65
C SER O 145 17.03 -59.47 52.82
N GLN O 146 15.72 -59.69 52.81
CA GLN O 146 14.74 -58.64 53.00
C GLN O 146 14.12 -58.72 54.38
N GLU O 147 13.68 -57.57 54.88
CA GLU O 147 13.08 -57.46 56.20
C GLU O 147 11.61 -57.90 56.14
N TYR O 148 11.41 -59.13 55.69
CA TYR O 148 10.06 -59.64 55.41
C TYR O 148 9.82 -60.95 56.14
N GLY O 149 8.56 -61.16 56.50
CA GLY O 149 8.16 -62.39 57.16
C GLY O 149 8.06 -63.57 56.22
N ASN O 150 9.19 -63.90 55.59
CA ASN O 150 9.20 -64.93 54.56
C ASN O 150 8.97 -66.31 55.16
N ILE O 151 8.57 -67.25 54.32
CA ILE O 151 8.30 -68.62 54.71
C ILE O 151 9.32 -69.53 54.03
N PRO O 152 9.92 -70.48 54.74
CA PRO O 152 10.86 -71.40 54.09
C PRO O 152 10.19 -72.65 53.57
N LEU O 153 10.42 -72.98 52.30
CA LEU O 153 9.90 -74.23 51.76
C LEU O 153 10.80 -75.39 52.16
N PRO O 154 10.27 -76.43 52.78
CA PRO O 154 11.11 -77.57 53.17
C PRO O 154 11.65 -78.33 51.98
N VAL O 155 12.59 -77.73 51.25
CA VAL O 155 13.16 -78.31 50.03
C VAL O 155 14.66 -78.04 50.04
N GLY O 156 15.40 -78.95 49.41
CA GLY O 156 16.82 -78.69 49.19
C GLY O 156 17.03 -77.41 48.39
N ASN O 157 17.94 -76.58 48.89
CA ASN O 157 18.13 -75.24 48.34
C ASN O 157 19.11 -75.27 47.17
N LEU O 158 19.30 -74.09 46.57
CA LEU O 158 20.23 -73.89 45.47
C LEU O 158 21.25 -72.83 45.87
N ILE O 159 22.32 -72.72 45.09
CA ILE O 159 23.50 -71.95 45.47
C ILE O 159 23.59 -70.71 44.60
N ILE O 160 23.86 -69.57 45.23
CA ILE O 160 24.21 -68.35 44.50
C ILE O 160 25.70 -68.09 44.63
N ILE O 161 26.15 -67.84 45.86
CA ILE O 161 27.57 -67.64 46.13
C ILE O 161 28.16 -68.98 46.54
N ASP O 162 29.27 -69.36 45.90
CA ASP O 162 29.85 -70.68 46.08
C ASP O 162 31.23 -70.59 46.71
N GLY O 163 31.39 -71.20 47.87
CA GLY O 163 32.71 -71.52 48.35
C GLY O 163 33.24 -72.74 47.64
N THR O 164 34.52 -73.02 47.87
CA THR O 164 35.11 -74.20 47.24
C THR O 164 34.58 -75.46 47.90
N ILE O 165 34.25 -76.45 47.07
CA ILE O 165 33.86 -77.81 47.46
C ILE O 165 32.81 -77.80 48.57
N GLY O 166 31.85 -76.87 48.49
CA GLY O 166 30.79 -76.86 49.47
C GLY O 166 29.39 -76.81 48.91
N TRP O 167 28.61 -77.87 49.15
CA TRP O 167 27.30 -78.05 48.52
C TRP O 167 26.19 -78.42 49.49
N SER O 168 25.00 -78.68 48.93
CA SER O 168 23.88 -79.31 49.62
C SER O 168 23.39 -78.47 50.81
N GLY O 169 22.95 -77.26 50.50
CA GLY O 169 22.11 -76.55 51.44
C GLY O 169 20.72 -77.16 51.39
N ALA O 170 20.33 -77.91 52.42
CA ALA O 170 19.13 -78.72 52.36
C ALA O 170 18.28 -78.47 53.60
N LYS O 171 17.09 -79.04 53.58
CA LYS O 171 16.19 -78.92 54.72
C LYS O 171 16.62 -79.87 55.84
N VAL O 172 16.12 -79.58 57.03
CA VAL O 172 16.11 -80.52 58.15
C VAL O 172 15.08 -80.02 59.14
N ILE O 173 14.27 -80.94 59.66
CA ILE O 173 13.17 -80.55 60.54
C ILE O 173 13.56 -80.48 62.00
N ALA O 174 14.85 -80.66 62.31
CA ALA O 174 15.38 -80.28 63.60
C ALA O 174 15.70 -78.78 63.64
N SER O 175 15.60 -78.10 62.51
CA SER O 175 15.93 -76.69 62.44
C SER O 175 14.84 -75.85 63.09
N THR O 176 15.24 -74.93 63.96
CA THR O 176 14.29 -73.99 64.53
C THR O 176 13.86 -72.98 63.46
N ARG O 177 12.57 -72.67 63.46
CA ARG O 177 11.99 -71.67 62.58
C ARG O 177 11.37 -70.60 63.45
N VAL O 178 11.85 -69.36 63.32
CA VAL O 178 11.36 -68.23 64.09
C VAL O 178 10.58 -67.34 63.13
N ASP O 179 9.29 -67.18 63.40
CA ASP O 179 8.45 -66.40 62.51
C ASP O 179 8.74 -64.91 62.69
N PRO O 180 9.17 -64.21 61.64
CA PRO O 180 9.50 -62.78 61.79
C PRO O 180 8.33 -61.87 61.46
N GLY O 181 8.18 -60.83 62.25
CA GLY O 181 7.29 -59.74 61.89
C GLY O 181 7.93 -58.86 60.82
N SER O 182 7.09 -58.37 59.92
CA SER O 182 7.56 -57.53 58.80
C SER O 182 6.73 -56.27 58.74
N ARG O 183 7.11 -55.29 59.56
CA ARG O 183 6.49 -53.95 59.59
C ARG O 183 4.98 -54.06 59.40
N GLN O 184 4.36 -54.93 60.19
CA GLN O 184 3.00 -55.38 59.91
C GLN O 184 1.99 -54.24 59.94
N MET O 185 2.35 -53.10 60.51
CA MET O 185 1.43 -51.98 60.68
C MET O 185 2.17 -50.69 60.37
N SER O 186 1.93 -50.14 59.17
CA SER O 186 2.64 -48.92 58.76
C SER O 186 1.93 -47.65 59.24
N ASP O 187 0.82 -47.30 58.57
CA ASP O 187 0.04 -46.11 58.95
C ASP O 187 -1.47 -46.28 58.85
N ALA O 188 -1.99 -47.17 58.02
CA ALA O 188 -3.41 -47.20 57.71
C ALA O 188 -4.16 -48.32 58.40
N GLU O 189 -3.54 -49.50 58.50
CA GLU O 189 -4.15 -50.57 59.29
C GLU O 189 -4.31 -50.14 60.74
N LEU O 190 -3.49 -49.21 61.23
CA LEU O 190 -3.75 -48.64 62.54
C LEU O 190 -5.05 -47.84 62.56
N LYS O 191 -5.30 -47.08 61.49
CA LYS O 191 -6.60 -46.41 61.36
C LYS O 191 -7.74 -47.41 61.36
N ASN O 192 -7.57 -48.53 60.64
CA ASN O 192 -8.62 -49.54 60.61
C ASN O 192 -8.84 -50.16 61.98
N ALA O 193 -7.76 -50.36 62.73
CA ALA O 193 -7.88 -50.87 64.09
C ALA O 193 -8.64 -49.88 64.98
N ARG O 194 -8.34 -48.59 64.82
CA ARG O 194 -9.06 -47.57 65.58
C ARG O 194 -10.55 -47.61 65.23
N VAL O 195 -10.87 -47.73 63.95
CA VAL O 195 -12.26 -47.80 63.53
C VAL O 195 -12.94 -49.01 64.15
N ASN O 196 -12.26 -50.16 64.11
CA ASN O 196 -12.84 -51.39 64.66
C ASN O 196 -13.09 -51.26 66.15
N ARG O 197 -12.14 -50.69 66.89
CA ARG O 197 -12.32 -50.56 68.34
C ARG O 197 -13.45 -49.59 68.67
N LEU O 198 -13.51 -48.44 67.97
CA LEU O 198 -14.60 -47.51 68.23
C LEU O 198 -15.94 -48.06 67.80
N ALA O 199 -15.96 -48.99 66.85
CA ALA O 199 -17.20 -49.69 66.53
C ALA O 199 -17.55 -50.70 67.62
N ILE O 200 -16.53 -51.33 68.21
CA ILE O 200 -16.77 -52.29 69.29
C ILE O 200 -17.40 -51.58 70.48
N GLN O 201 -16.84 -50.43 70.87
CA GLN O 201 -17.32 -49.75 72.07
C GLN O 201 -18.65 -49.04 71.86
N GLY O 202 -19.06 -48.81 70.62
CA GLY O 202 -20.25 -48.01 70.38
C GLY O 202 -21.53 -48.68 70.82
N ARG O 203 -21.62 -49.99 70.64
CA ARG O 203 -22.88 -50.70 70.78
C ARG O 203 -23.33 -50.77 72.24
N ASN O 204 -24.64 -50.96 72.43
CA ASN O 204 -25.23 -51.11 73.76
C ASN O 204 -25.04 -52.55 74.23
N SER O 205 -25.75 -52.92 75.30
CA SER O 205 -25.58 -54.25 75.88
C SER O 205 -26.08 -55.34 74.94
N THR O 206 -27.32 -55.18 74.44
CA THR O 206 -27.95 -56.26 73.70
C THR O 206 -27.51 -56.28 72.24
N MET O 207 -27.46 -55.11 71.60
CA MET O 207 -27.08 -55.06 70.19
C MET O 207 -25.67 -55.59 69.99
N ALA O 208 -24.77 -55.35 70.94
CA ALA O 208 -23.44 -55.91 70.86
C ALA O 208 -23.49 -57.44 70.88
N ILE O 209 -24.34 -58.00 71.74
CA ILE O 209 -24.47 -59.45 71.81
C ILE O 209 -24.98 -59.98 70.48
N LYS O 210 -26.01 -59.33 69.92
CA LYS O 210 -26.57 -59.78 68.65
C LYS O 210 -25.53 -59.74 67.55
N ALA O 211 -24.77 -58.64 67.48
CA ALA O 211 -23.76 -58.52 66.44
C ALA O 211 -22.66 -59.56 66.60
N TYR O 212 -22.20 -59.79 67.84
CA TYR O 212 -21.12 -60.74 68.06
C TYR O 212 -21.56 -62.16 67.72
N VAL O 213 -22.75 -62.54 68.17
CA VAL O 213 -23.22 -63.90 67.93
C VAL O 213 -23.53 -64.11 66.45
N SER O 214 -24.06 -63.08 65.78
CA SER O 214 -24.36 -63.21 64.36
C SER O 214 -23.12 -63.54 63.55
N ALA O 215 -21.94 -63.16 64.04
CA ALA O 215 -20.70 -63.43 63.34
C ALA O 215 -20.27 -64.89 63.43
N VAL O 216 -20.85 -65.66 64.34
CA VAL O 216 -20.45 -67.06 64.53
C VAL O 216 -20.83 -67.86 63.30
N PRO O 217 -19.97 -68.74 62.80
CA PRO O 217 -20.31 -69.53 61.60
C PRO O 217 -21.49 -70.45 61.86
N ASN O 218 -22.27 -70.67 60.80
CA ASN O 218 -23.42 -71.58 60.76
C ASN O 218 -24.61 -71.10 61.58
N VAL O 219 -24.50 -69.97 62.29
CA VAL O 219 -25.60 -69.47 63.09
C VAL O 219 -26.62 -68.80 62.17
N THR O 220 -27.89 -69.14 62.37
CA THR O 220 -28.97 -68.63 61.51
C THR O 220 -29.71 -67.46 62.13
N SER O 221 -30.23 -67.61 63.35
CA SER O 221 -31.03 -66.55 63.96
C SER O 221 -30.75 -66.49 65.45
N VAL O 222 -31.08 -65.36 66.06
CA VAL O 222 -30.81 -65.08 67.46
C VAL O 222 -31.95 -64.25 68.03
N ASN O 223 -32.33 -64.53 69.27
CA ASN O 223 -33.27 -63.70 70.00
C ASN O 223 -32.65 -63.32 71.34
N VAL O 224 -32.83 -62.06 71.73
CA VAL O 224 -32.33 -61.55 73.00
C VAL O 224 -33.40 -60.65 73.61
N ILE O 225 -33.59 -60.76 74.92
CA ILE O 225 -34.54 -59.92 75.63
C ILE O 225 -34.10 -59.77 77.07
N GLU O 226 -34.41 -58.61 77.66
CA GLU O 226 -34.10 -58.31 79.05
C GLU O 226 -35.40 -58.04 79.79
N ASN O 227 -35.62 -58.75 80.90
CA ASN O 227 -36.82 -58.54 81.69
C ASN O 227 -36.80 -57.19 82.38
N ASN O 228 -35.65 -56.83 82.97
CA ASN O 228 -35.44 -55.55 83.64
C ASN O 228 -36.35 -55.38 84.86
N THR O 229 -37.17 -56.38 85.15
CA THR O 229 -38.02 -56.39 86.33
C THR O 229 -38.20 -57.84 86.80
N GLY O 230 -38.98 -58.01 87.86
CA GLY O 230 -39.38 -59.31 88.35
C GLY O 230 -40.71 -59.82 87.81
N ALA O 231 -41.29 -59.12 86.84
CA ALA O 231 -42.57 -59.48 86.26
C ALA O 231 -42.36 -60.16 84.92
N VAL O 232 -43.46 -60.39 84.19
CA VAL O 232 -43.42 -61.00 82.87
C VAL O 232 -43.47 -59.89 81.83
N GLN O 233 -42.44 -59.82 80.98
CA GLN O 233 -42.36 -58.80 79.94
C GLN O 233 -42.73 -59.34 78.57
N VAL O 234 -42.10 -60.44 78.14
CA VAL O 234 -42.53 -61.19 76.97
C VAL O 234 -42.82 -62.64 77.30
N VAL O 235 -41.98 -63.25 78.12
CA VAL O 235 -42.19 -64.60 78.63
C VAL O 235 -42.04 -64.56 80.15
N ASN O 236 -42.27 -65.69 80.80
CA ASN O 236 -42.31 -65.74 82.25
C ASN O 236 -40.91 -65.59 82.83
N GLY O 237 -40.35 -64.39 82.78
CA GLY O 237 -39.06 -64.17 83.39
C GLY O 237 -39.16 -63.66 84.80
N VAL O 238 -39.12 -64.57 85.77
CA VAL O 238 -39.11 -64.22 87.19
C VAL O 238 -38.03 -65.08 87.83
N SER O 239 -37.21 -65.72 86.98
CA SER O 239 -36.16 -66.60 87.49
C SER O 239 -35.29 -65.89 88.51
N PHE O 240 -34.65 -64.80 88.10
CA PHE O 240 -33.97 -63.88 89.00
C PHE O 240 -34.68 -62.53 88.96
N THR O 241 -34.21 -61.60 89.79
CA THR O 241 -34.79 -60.27 89.78
C THR O 241 -34.44 -59.52 88.51
N LEU O 242 -33.19 -59.64 88.04
CA LEU O 242 -32.74 -58.92 86.84
C LEU O 242 -31.82 -59.81 85.99
N PRO O 243 -32.37 -60.84 85.35
CA PRO O 243 -31.56 -61.65 84.43
C PRO O 243 -31.39 -60.94 83.09
N TYR O 244 -30.56 -61.54 82.24
CA TYR O 244 -30.56 -61.28 80.80
C TYR O 244 -30.84 -62.59 80.08
N ALA O 245 -31.90 -62.62 79.28
CA ALA O 245 -32.40 -63.84 78.66
C ALA O 245 -31.95 -63.91 77.20
N VAL O 246 -31.44 -65.07 76.80
CA VAL O 246 -30.84 -65.27 75.49
C VAL O 246 -31.41 -66.53 74.86
N TRP O 247 -31.71 -66.47 73.57
CA TRP O 247 -32.08 -67.64 72.78
C TRP O 247 -31.35 -67.59 71.45
N VAL O 248 -30.72 -68.71 71.08
CA VAL O 248 -29.90 -68.77 69.87
C VAL O 248 -30.30 -69.98 69.06
N CYS O 249 -30.44 -69.79 67.76
CA CYS O 249 -30.68 -70.86 66.81
C CYS O 249 -29.46 -71.04 65.91
N VAL O 250 -29.32 -72.24 65.35
CA VAL O 250 -28.14 -72.57 64.55
C VAL O 250 -28.48 -73.78 63.70
N ALA O 251 -27.71 -73.99 62.64
CA ALA O 251 -27.84 -75.15 61.77
C ALA O 251 -26.96 -76.31 62.22
N GLY O 252 -26.66 -76.40 63.51
CA GLY O 252 -25.88 -77.51 64.03
C GLY O 252 -24.86 -77.11 65.07
N ASN O 253 -24.35 -75.88 64.97
CA ASN O 253 -23.33 -75.35 65.87
C ASN O 253 -22.13 -76.29 65.90
N PRO O 254 -21.33 -76.34 64.84
CA PRO O 254 -20.18 -77.26 64.83
C PRO O 254 -19.17 -76.98 65.92
N ASP O 255 -19.10 -75.74 66.40
CA ASP O 255 -18.11 -75.34 67.41
C ASP O 255 -18.87 -74.98 68.68
N LYS O 256 -18.94 -75.94 69.61
CA LYS O 256 -19.63 -75.71 70.86
C LYS O 256 -18.94 -74.61 71.67
N GLN O 257 -17.61 -74.61 71.69
CA GLN O 257 -16.88 -73.63 72.48
C GLN O 257 -16.97 -72.24 71.88
N ALA O 258 -17.12 -72.13 70.56
CA ALA O 258 -17.08 -70.82 69.91
C ALA O 258 -18.24 -69.94 70.34
N VAL O 259 -19.45 -70.51 70.39
CA VAL O 259 -20.61 -69.71 70.75
C VAL O 259 -20.51 -69.23 72.19
N ALA O 260 -19.89 -70.01 73.07
CA ALA O 260 -19.61 -69.53 74.42
C ALA O 260 -18.61 -68.38 74.39
N ASP O 261 -17.56 -68.50 73.57
CA ASP O 261 -16.56 -67.44 73.50
C ASP O 261 -17.16 -66.14 73.01
N ALA O 262 -18.03 -66.22 71.99
CA ALA O 262 -18.69 -65.02 71.51
C ALA O 262 -19.54 -64.38 72.59
N LEU O 263 -20.31 -65.20 73.32
CA LEU O 263 -21.11 -64.67 74.43
C LEU O 263 -20.23 -64.07 75.50
N TRP O 264 -19.14 -64.75 75.84
CA TRP O 264 -18.24 -64.27 76.89
C TRP O 264 -17.60 -62.94 76.54
N ALA O 265 -17.51 -62.62 75.24
CA ALA O 265 -16.95 -61.33 74.85
C ALA O 265 -17.83 -60.17 75.32
N ALA O 266 -19.14 -60.39 75.37
CA ALA O 266 -20.10 -59.35 75.73
C ALA O 266 -20.65 -59.65 77.12
N HIS O 267 -20.04 -59.04 78.13
CA HIS O 267 -20.50 -59.13 79.51
C HIS O 267 -20.62 -57.73 80.09
N ASN O 268 -21.69 -57.47 80.83
CA ASN O 268 -22.02 -56.13 81.28
C ASN O 268 -21.52 -55.83 82.69
N GLY O 269 -20.95 -56.81 83.38
CA GLY O 269 -20.26 -56.59 84.63
C GLY O 269 -21.11 -56.66 85.89
N GLY O 270 -22.43 -56.72 85.77
CA GLY O 270 -23.26 -56.77 86.96
C GLY O 270 -24.51 -57.62 86.81
N THR O 271 -24.57 -58.44 85.76
CA THR O 271 -25.79 -59.17 85.45
C THR O 271 -25.50 -60.64 85.14
N PRO O 272 -26.16 -61.57 85.83
CA PRO O 272 -26.00 -62.99 85.48
C PRO O 272 -26.78 -63.35 84.23
N TRP O 273 -26.44 -64.51 83.67
CA TRP O 273 -27.02 -64.95 82.40
C TRP O 273 -28.03 -66.07 82.54
N ASP O 274 -28.15 -66.69 83.72
CA ASP O 274 -29.00 -67.87 83.85
C ASP O 274 -30.47 -67.49 83.67
N TYR O 275 -31.20 -68.38 83.01
CA TYR O 275 -32.63 -68.18 82.78
C TYR O 275 -33.31 -69.52 82.58
N GLY O 276 -34.61 -69.53 82.82
CA GLY O 276 -35.43 -70.72 82.62
C GLY O 276 -36.45 -70.86 83.73
N ALA O 277 -37.61 -71.43 83.37
CA ALA O 277 -38.67 -71.72 84.33
C ALA O 277 -39.20 -73.12 84.09
N THR O 278 -38.31 -74.04 83.71
CA THR O 278 -38.61 -75.43 83.40
C THR O 278 -39.61 -75.59 82.26
N ASN O 279 -39.95 -74.49 81.58
CA ASN O 279 -40.85 -74.53 80.44
C ASN O 279 -40.40 -73.69 79.26
N ASN O 280 -39.41 -72.81 79.43
CA ASN O 280 -38.87 -72.02 78.34
C ASN O 280 -37.92 -72.88 77.51
N GLY O 281 -37.12 -72.23 76.66
CA GLY O 281 -36.25 -72.98 75.78
C GLY O 281 -35.31 -73.89 76.55
N VAL O 282 -35.07 -75.07 75.99
CA VAL O 282 -34.30 -76.10 76.69
C VAL O 282 -32.83 -75.70 76.74
N PRO O 283 -32.25 -75.62 77.93
CA PRO O 283 -30.82 -75.30 78.03
C PRO O 283 -29.96 -76.44 77.52
N VAL O 284 -28.77 -76.09 77.03
CA VAL O 284 -27.83 -77.11 76.59
C VAL O 284 -27.32 -77.91 77.77
N ASP O 285 -26.91 -77.22 78.84
CA ASP O 285 -26.37 -77.88 80.02
C ASP O 285 -26.96 -77.25 81.27
N GLY O 286 -26.97 -78.03 82.34
CA GLY O 286 -27.57 -77.62 83.59
C GLY O 286 -26.83 -76.50 84.28
N PRO O 287 -25.64 -76.80 84.81
CA PRO O 287 -24.93 -75.79 85.63
C PRO O 287 -24.11 -74.79 84.84
N ASN O 288 -23.55 -75.17 83.70
CA ASN O 288 -22.65 -74.29 82.97
C ASN O 288 -22.36 -74.86 81.59
N GLY O 289 -21.92 -73.99 80.69
CA GLY O 289 -21.49 -74.38 79.37
C GLY O 289 -19.98 -74.48 79.24
N VAL O 290 -19.30 -74.55 80.39
CA VAL O 290 -17.85 -74.67 80.53
C VAL O 290 -17.11 -73.76 79.55
N PRO O 291 -17.13 -72.44 79.78
CA PRO O 291 -16.40 -71.52 78.90
C PRO O 291 -14.89 -71.71 79.01
N VAL O 292 -14.20 -71.34 77.92
CA VAL O 292 -12.75 -71.37 77.92
C VAL O 292 -12.22 -70.40 78.98
N ARG O 293 -11.05 -70.72 79.53
CA ARG O 293 -10.48 -69.95 80.63
C ARG O 293 -10.32 -68.48 80.27
N ASP O 294 -9.38 -68.19 79.38
CA ASP O 294 -9.14 -66.84 78.88
C ASP O 294 -8.09 -66.88 77.78
N PRO O 295 -8.25 -66.05 76.74
CA PRO O 295 -7.14 -65.90 75.78
C PRO O 295 -5.87 -65.34 76.40
N ALA O 296 -5.98 -64.55 77.47
CA ALA O 296 -4.81 -63.90 78.04
C ALA O 296 -5.08 -63.56 79.50
N SER O 297 -4.35 -64.21 80.40
CA SER O 297 -4.31 -63.83 81.82
C SER O 297 -5.69 -63.89 82.48
N GLY O 298 -6.22 -65.11 82.59
CA GLY O 298 -7.52 -65.24 83.19
C GLY O 298 -7.89 -66.68 83.47
N ARG O 299 -9.14 -66.84 83.88
CA ARG O 299 -9.71 -68.11 84.30
C ARG O 299 -11.18 -68.15 83.88
N LYS O 300 -11.71 -69.36 83.72
CA LYS O 300 -13.02 -69.51 83.09
C LYS O 300 -14.15 -68.98 83.96
N TYR O 301 -15.07 -68.27 83.33
CA TYR O 301 -16.31 -67.85 83.97
C TYR O 301 -17.39 -68.89 83.70
N VAL O 302 -18.64 -68.54 83.97
CA VAL O 302 -19.78 -69.38 83.64
C VAL O 302 -20.78 -68.54 82.86
N VAL O 303 -21.47 -69.18 81.92
CA VAL O 303 -22.43 -68.51 81.06
C VAL O 303 -23.41 -69.55 80.55
N LYS O 304 -24.66 -69.13 80.32
CA LYS O 304 -25.73 -70.05 79.93
C LYS O 304 -26.48 -69.51 78.74
N TRP O 305 -26.73 -70.38 77.76
CA TRP O 305 -27.55 -70.04 76.60
C TRP O 305 -28.47 -71.21 76.28
N THR O 306 -29.67 -70.89 75.79
CA THR O 306 -30.70 -71.88 75.53
C THR O 306 -31.05 -71.91 74.05
N THR O 307 -31.37 -73.11 73.57
CA THR O 307 -31.76 -73.32 72.19
C THR O 307 -33.27 -73.49 72.09
N PRO O 308 -33.89 -73.07 71.00
CA PRO O 308 -35.34 -73.11 70.91
C PRO O 308 -35.86 -74.53 70.76
N ILE O 309 -37.16 -74.68 71.01
CA ILE O 309 -37.83 -75.97 70.88
C ILE O 309 -38.19 -76.20 69.42
N MET O 310 -37.71 -77.31 68.86
CA MET O 310 -37.99 -77.62 67.46
C MET O 310 -39.48 -77.87 67.26
N TYR O 311 -39.93 -77.65 66.02
CA TYR O 311 -41.33 -77.84 65.67
C TYR O 311 -41.43 -78.32 64.23
N ASP O 312 -42.59 -78.85 63.88
CA ASP O 312 -42.89 -79.24 62.51
C ASP O 312 -44.24 -78.66 62.13
N GLY O 313 -44.29 -77.94 61.02
CA GLY O 313 -45.50 -77.32 60.54
C GLY O 313 -46.16 -78.14 59.45
N TYR O 314 -47.49 -78.10 59.43
CA TYR O 314 -48.29 -78.84 58.46
C TYR O 314 -49.18 -77.86 57.71
N VAL O 315 -49.23 -78.02 56.38
CA VAL O 315 -49.96 -77.11 55.52
C VAL O 315 -50.81 -77.91 54.54
N ASN O 316 -52.03 -77.43 54.29
CA ASN O 316 -52.90 -77.98 53.25
C ASN O 316 -53.13 -76.89 52.21
N VAL O 317 -52.97 -77.24 50.94
CA VAL O 317 -53.12 -76.30 49.84
C VAL O 317 -54.02 -76.90 48.78
N THR O 318 -54.96 -76.10 48.29
CA THR O 318 -55.84 -76.48 47.19
C THR O 318 -55.60 -75.52 46.04
N VAL O 319 -55.48 -76.06 44.84
CA VAL O 319 -55.10 -75.25 43.69
C VAL O 319 -55.70 -75.85 42.43
N GLN O 320 -56.08 -74.98 41.50
CA GLN O 320 -56.51 -75.38 40.17
C GLN O 320 -55.38 -75.12 39.17
N GLN O 321 -55.25 -76.01 38.20
CA GLN O 321 -54.12 -75.95 37.28
C GLN O 321 -54.14 -74.67 36.46
N GLY O 322 -55.30 -74.28 35.98
CA GLY O 322 -55.41 -73.12 35.10
C GLY O 322 -55.24 -73.54 33.64
N SER O 323 -54.21 -73.00 32.98
CA SER O 323 -53.94 -73.32 31.58
C SER O 323 -52.49 -73.73 31.34
N SER O 324 -51.70 -73.91 32.40
CA SER O 324 -50.32 -74.35 32.27
C SER O 324 -49.97 -75.16 33.51
N SER O 325 -49.81 -76.47 33.34
CA SER O 325 -49.61 -77.36 34.48
C SER O 325 -48.24 -77.12 35.11
N VAL O 326 -48.16 -77.34 36.43
CA VAL O 326 -46.93 -77.17 37.19
C VAL O 326 -46.74 -78.41 38.05
N ALA O 327 -45.51 -78.91 38.10
CA ALA O 327 -45.21 -80.08 38.92
C ALA O 327 -45.35 -79.71 40.40
N PRO O 328 -46.04 -80.54 41.19
CA PRO O 328 -46.18 -80.22 42.62
C PRO O 328 -44.84 -80.11 43.34
N GLU O 329 -43.85 -80.89 42.94
CA GLU O 329 -42.55 -80.83 43.58
C GLU O 329 -41.89 -79.48 43.39
N ALA O 330 -42.12 -78.82 42.25
CA ALA O 330 -41.56 -77.49 42.03
C ALA O 330 -42.12 -76.49 43.04
N ILE O 331 -43.44 -76.50 43.22
CA ILE O 331 -44.07 -75.60 44.18
C ILE O 331 -43.59 -75.93 45.58
N GLN O 332 -43.49 -77.21 45.91
CA GLN O 332 -43.03 -77.62 47.23
C GLN O 332 -41.61 -77.13 47.49
N ASN O 333 -40.73 -77.25 46.49
CA ASN O 333 -39.36 -76.76 46.64
C ASN O 333 -39.32 -75.25 46.82
N ALA O 334 -40.14 -74.53 46.04
CA ALA O 334 -40.19 -73.08 46.18
C ALA O 334 -40.61 -72.70 47.60
N VAL O 335 -41.62 -73.39 48.13
CA VAL O 335 -42.11 -73.06 49.47
C VAL O 335 -41.04 -73.39 50.53
N VAL O 336 -40.47 -74.60 50.46
CA VAL O 336 -39.56 -75.01 51.52
C VAL O 336 -38.27 -74.21 51.46
N ASN O 337 -37.94 -73.64 50.30
CA ASN O 337 -36.78 -72.75 50.30
C ASN O 337 -37.18 -71.34 50.71
N TYR O 338 -38.43 -70.94 50.50
CA TYR O 338 -38.93 -69.76 51.18
C TYR O 338 -38.81 -69.90 52.69
N ALA O 339 -38.90 -71.12 53.20
CA ALA O 339 -38.69 -71.34 54.63
C ALA O 339 -37.32 -70.84 55.07
N GLN O 340 -36.30 -71.02 54.23
CA GLN O 340 -35.01 -70.37 54.46
C GLN O 340 -34.93 -69.02 53.77
N GLY O 341 -35.76 -68.79 52.75
CA GLY O 341 -35.88 -67.46 52.18
C GLY O 341 -34.77 -67.03 51.24
N LYS O 342 -34.66 -67.67 50.08
CA LYS O 342 -33.67 -67.21 49.10
C LYS O 342 -33.93 -65.77 48.70
N VAL O 343 -35.20 -65.35 48.70
CA VAL O 343 -35.58 -64.07 48.11
C VAL O 343 -35.23 -62.93 49.06
N GLU O 344 -34.95 -61.77 48.48
CA GLU O 344 -34.61 -60.60 49.25
C GLU O 344 -35.83 -60.09 50.01
N GLY O 345 -35.57 -59.49 51.17
CA GLY O 345 -36.60 -58.84 51.94
C GLY O 345 -37.43 -59.75 52.82
N GLU O 346 -37.17 -61.05 52.83
CA GLU O 346 -37.89 -61.99 53.67
C GLU O 346 -36.88 -62.74 54.53
N GLU O 347 -36.94 -62.53 55.84
CA GLU O 347 -35.98 -63.15 56.74
C GLU O 347 -36.17 -64.66 56.81
N GLY O 348 -37.41 -65.12 56.81
CA GLY O 348 -37.71 -66.52 56.91
C GLY O 348 -38.36 -66.89 58.23
N LEU O 349 -38.16 -68.14 58.63
CA LEU O 349 -38.70 -68.67 59.89
C LEU O 349 -37.61 -68.63 60.95
N VAL O 350 -37.38 -67.42 61.47
CA VAL O 350 -36.42 -67.19 62.54
C VAL O 350 -37.07 -67.54 63.87
N VAL O 351 -36.27 -67.57 64.94
CA VAL O 351 -36.81 -67.78 66.27
C VAL O 351 -37.95 -66.82 66.55
N GLY O 352 -39.01 -67.33 67.17
CA GLY O 352 -40.16 -66.49 67.51
C GLY O 352 -40.84 -65.86 66.32
N ALA O 353 -41.00 -66.61 65.24
CA ALA O 353 -41.63 -66.10 64.02
C ALA O 353 -42.84 -66.99 63.71
N SER O 354 -44.04 -66.42 63.85
CA SER O 354 -45.24 -67.14 63.48
C SER O 354 -45.34 -67.25 61.96
N LEU O 355 -46.18 -68.18 61.50
CA LEU O 355 -46.41 -68.37 60.09
C LEU O 355 -47.89 -68.32 59.80
N SER O 356 -48.24 -67.75 58.65
CA SER O 356 -49.63 -67.65 58.21
C SER O 356 -49.75 -68.11 56.77
N ALA O 357 -50.90 -68.69 56.45
CA ALA O 357 -51.15 -69.12 55.08
C ALA O 357 -51.10 -67.95 54.11
N PHE O 358 -51.43 -66.75 54.57
CA PHE O 358 -51.35 -65.58 53.72
C PHE O 358 -49.92 -65.33 53.24
N GLU O 359 -48.95 -65.45 54.15
CA GLU O 359 -47.57 -65.22 53.76
C GLU O 359 -47.07 -66.29 52.81
N VAL O 360 -47.48 -67.54 53.02
CA VAL O 360 -47.10 -68.61 52.10
C VAL O 360 -47.69 -68.37 50.72
N ALA O 361 -48.95 -67.96 50.66
CA ALA O 361 -49.58 -67.65 49.38
C ALA O 361 -48.87 -66.48 48.71
N GLY O 362 -48.46 -65.48 49.50
CA GLY O 362 -47.71 -64.37 48.93
C GLY O 362 -46.37 -64.80 48.38
N ALA O 363 -45.68 -65.70 49.08
CA ALA O 363 -44.42 -66.23 48.56
C ALA O 363 -44.63 -66.96 47.25
N ILE O 364 -45.69 -67.77 47.18
CA ILE O 364 -46.01 -68.47 45.93
C ILE O 364 -46.28 -67.47 44.81
N ALA O 365 -47.07 -66.43 45.12
CA ALA O 365 -47.45 -65.47 44.10
C ALA O 365 -46.24 -64.71 43.57
N ARG O 366 -45.39 -64.22 44.47
CA ARG O 366 -44.19 -63.51 44.03
C ARG O 366 -43.25 -64.46 43.28
N GLU O 367 -43.25 -65.74 43.64
CA GLU O 367 -42.41 -66.70 42.94
C GLU O 367 -42.95 -66.97 41.54
N ILE O 368 -44.25 -67.20 41.41
CA ILE O 368 -44.86 -67.44 40.11
C ILE O 368 -46.20 -66.71 40.01
N PRO O 369 -46.31 -65.69 39.18
CA PRO O 369 -47.60 -65.02 38.98
C PRO O 369 -48.47 -65.75 37.97
N GLY O 370 -49.63 -65.17 37.66
CA GLY O 370 -50.51 -65.75 36.66
C GLY O 370 -51.06 -67.12 37.01
N ILE O 371 -51.34 -67.37 38.29
CA ILE O 371 -51.89 -68.64 38.73
C ILE O 371 -52.99 -68.38 39.75
N TYR O 372 -53.83 -69.39 39.96
CA TYR O 372 -55.00 -69.31 40.83
C TYR O 372 -54.73 -70.12 42.09
N ILE O 373 -54.88 -69.47 43.24
CA ILE O 373 -54.77 -70.12 44.55
C ILE O 373 -56.17 -70.20 45.14
N LYS O 374 -56.60 -71.41 45.49
CA LYS O 374 -57.95 -71.61 46.01
C LYS O 374 -58.01 -71.48 47.52
N LEU O 375 -57.29 -72.33 48.24
CA LEU O 375 -57.33 -72.32 49.69
C LEU O 375 -56.01 -72.84 50.24
N CYS O 376 -55.59 -72.26 51.36
CA CYS O 376 -54.39 -72.70 52.07
C CYS O 376 -54.64 -72.58 53.56
N GLN O 377 -54.37 -73.66 54.29
CA GLN O 377 -54.48 -73.65 55.74
C GLN O 377 -53.25 -74.33 56.33
N VAL O 378 -52.95 -74.00 57.58
CA VAL O 378 -51.69 -74.37 58.21
C VAL O 378 -51.97 -74.95 59.59
N ALA O 379 -51.01 -75.74 60.08
CA ALA O 379 -51.04 -76.25 61.44
C ALA O 379 -49.62 -76.58 61.85
N CYS O 380 -49.38 -76.62 63.16
CA CYS O 380 -48.05 -76.90 63.67
C CYS O 380 -48.19 -77.43 65.10
N VAL O 381 -47.62 -78.61 65.35
CA VAL O 381 -47.65 -79.24 66.66
C VAL O 381 -46.22 -79.60 67.05
N ALA O 382 -46.08 -80.25 68.20
CA ALA O 382 -44.76 -80.62 68.70
C ALA O 382 -44.09 -81.62 67.76
N ALA O 383 -42.77 -81.51 67.67
CA ALA O 383 -42.01 -82.40 66.79
C ALA O 383 -42.01 -83.82 67.31
N GLY O 384 -42.11 -84.78 66.38
CA GLY O 384 -42.13 -86.18 66.72
C GLY O 384 -43.51 -86.79 66.88
N SER O 385 -44.54 -85.96 67.03
CA SER O 385 -45.89 -86.47 67.14
C SER O 385 -46.38 -86.99 65.79
N PRO O 386 -47.31 -87.95 65.79
CA PRO O 386 -47.87 -88.42 64.52
C PRO O 386 -48.63 -87.31 63.80
N ALA O 387 -48.94 -87.57 62.54
CA ALA O 387 -49.59 -86.57 61.70
C ALA O 387 -50.97 -86.24 62.27
N PRO O 388 -51.31 -84.97 62.43
CA PRO O 388 -52.60 -84.61 63.01
C PRO O 388 -53.75 -84.76 62.02
N ALA O 389 -54.96 -84.79 62.58
CA ALA O 389 -56.17 -84.91 61.77
C ALA O 389 -56.42 -83.62 61.01
N PRO O 390 -57.21 -83.68 59.92
CA PRO O 390 -57.51 -82.46 59.17
C PRO O 390 -58.24 -81.41 59.98
N GLY O 391 -58.89 -81.78 61.08
CA GLY O 391 -59.55 -80.80 61.91
C GLY O 391 -58.61 -79.97 62.75
N ASP O 392 -57.32 -80.29 62.76
CA ASP O 392 -56.32 -79.55 63.53
C ASP O 392 -55.71 -78.38 62.76
N PHE O 393 -56.11 -78.16 61.52
CA PHE O 393 -55.53 -77.10 60.71
C PHE O 393 -56.22 -75.77 61.00
N THR O 394 -55.55 -74.69 60.60
CA THR O 394 -56.08 -73.34 60.79
C THR O 394 -55.43 -72.41 59.77
N SER O 395 -55.90 -71.16 59.75
CA SER O 395 -55.34 -70.17 58.85
C SER O 395 -53.98 -69.68 59.35
N GLU O 396 -53.85 -69.47 60.66
CA GLU O 396 -52.63 -68.92 61.24
C GLU O 396 -52.38 -69.60 62.58
N TYR O 397 -51.11 -69.90 62.86
CA TYR O 397 -50.70 -70.53 64.10
C TYR O 397 -49.71 -69.61 64.81
N VAL O 398 -50.17 -68.97 65.88
CA VAL O 398 -49.28 -68.14 66.70
C VAL O 398 -48.25 -69.04 67.37
N MET O 399 -47.00 -68.58 67.38
CA MET O 399 -45.90 -69.40 67.85
C MET O 399 -45.14 -68.65 68.94
N SER O 400 -44.62 -69.41 69.91
CA SER O 400 -44.07 -68.82 71.12
C SER O 400 -42.76 -68.11 70.84
N ALA O 401 -42.39 -67.22 71.77
CA ALA O 401 -41.15 -66.45 71.62
C ALA O 401 -39.93 -67.36 71.65
N PHE O 402 -39.93 -68.36 72.54
CA PHE O 402 -38.79 -69.24 72.72
C PHE O 402 -38.89 -70.53 71.90
N GLY O 403 -39.63 -70.51 70.79
CA GLY O 403 -39.75 -71.70 69.96
C GLY O 403 -39.25 -71.50 68.54
N GLN O 404 -38.94 -72.59 67.86
CA GLN O 404 -38.51 -72.56 66.47
C GLN O 404 -39.36 -73.50 65.64
N ALA O 405 -39.74 -73.04 64.45
CA ALA O 405 -40.58 -73.82 63.53
C ALA O 405 -39.76 -74.26 62.32
N THR O 406 -40.03 -75.46 61.84
CA THR O 406 -39.31 -76.05 60.70
C THR O 406 -40.32 -76.58 59.69
N ILE O 407 -39.92 -76.56 58.43
CA ILE O 407 -40.80 -76.95 57.32
C ILE O 407 -40.15 -78.10 56.58
N SER O 408 -40.93 -79.16 56.33
CA SER O 408 -40.46 -80.34 55.63
C SER O 408 -41.31 -80.59 54.40
N VAL O 409 -40.68 -81.17 53.38
CA VAL O 409 -41.39 -81.48 52.13
C VAL O 409 -42.50 -82.49 52.40
N GLY O 410 -42.21 -83.50 53.23
CA GLY O 410 -43.21 -84.52 53.50
C GLY O 410 -44.45 -83.97 54.18
N ASN O 411 -44.26 -83.02 55.10
CA ASN O 411 -45.42 -82.42 55.76
C ASN O 411 -46.30 -81.68 54.75
N VAL O 412 -45.69 -81.03 53.77
CA VAL O 412 -46.45 -80.29 52.78
C VAL O 412 -47.16 -81.26 51.87
N ARG O 413 -48.50 -81.23 51.89
CA ARG O 413 -49.32 -82.05 51.02
C ARG O 413 -50.13 -81.14 50.12
N VAL O 414 -50.13 -81.43 48.82
CA VAL O 414 -50.81 -80.60 47.83
C VAL O 414 -52.02 -81.35 47.29
N THR O 415 -52.99 -80.59 46.81
CA THR O 415 -54.23 -81.13 46.24
C THR O 415 -54.52 -80.40 44.95
N PHE O 416 -54.35 -81.08 43.82
CA PHE O 416 -54.59 -80.48 42.51
C PHE O 416 -55.99 -80.86 42.02
N VAL O 417 -56.98 -80.37 42.76
CA VAL O 417 -58.37 -80.59 42.42
C VAL O 417 -58.66 -79.95 41.08
N LEU P 1 8.44 -36.27 47.31
CA LEU P 1 9.58 -37.08 46.89
C LEU P 1 10.90 -36.30 46.76
N PRO P 2 10.89 -35.11 46.14
CA PRO P 2 12.12 -34.32 46.09
C PRO P 2 12.62 -33.99 47.48
N ALA P 3 13.94 -34.00 47.64
CA ALA P 3 14.54 -33.77 48.94
C ALA P 3 14.37 -32.33 49.38
N TYR P 4 14.23 -32.14 50.70
CA TYR P 4 14.13 -30.83 51.31
C TYR P 4 15.22 -30.72 52.37
N ASN P 5 16.14 -29.78 52.20
CA ASN P 5 17.32 -29.72 53.05
C ASN P 5 17.10 -28.85 54.28
N SER P 6 16.79 -27.57 54.09
CA SER P 6 16.50 -26.64 55.17
C SER P 6 17.62 -26.60 56.20
N ASP P 7 18.78 -26.14 55.75
CA ASP P 7 19.96 -26.03 56.59
C ASP P 7 20.50 -24.61 56.57
N ILE P 8 21.08 -24.21 57.70
CA ILE P 8 21.63 -22.86 57.79
C ILE P 8 23.03 -22.80 57.19
N GLN P 9 23.77 -23.90 57.22
CA GLN P 9 25.13 -23.91 56.70
C GLN P 9 25.18 -23.57 55.21
N GLN P 10 24.07 -23.74 54.50
CA GLN P 10 24.07 -23.46 53.06
C GLN P 10 24.40 -22.02 52.74
N ALA P 11 24.24 -21.11 53.70
CA ALA P 11 24.55 -19.71 53.44
C ALA P 11 26.03 -19.52 53.19
N LEU P 12 26.88 -20.24 53.89
CA LEU P 12 28.31 -20.10 53.72
C LEU P 12 28.75 -20.51 52.33
N LYS P 13 29.73 -19.79 51.79
CA LYS P 13 30.30 -20.08 50.49
C LYS P 13 31.81 -20.22 50.61
N TRP P 14 32.39 -20.97 49.67
CA TRP P 14 33.79 -21.35 49.74
C TRP P 14 34.72 -20.20 49.42
N LEU P 15 34.17 -19.08 48.97
CA LEU P 15 34.84 -17.81 49.09
C LEU P 15 35.21 -17.53 50.54
N HIS P 16 34.33 -17.88 51.48
CA HIS P 16 34.61 -17.79 52.91
C HIS P 16 35.12 -19.12 53.45
N ASN P 17 36.12 -19.70 52.82
CA ASN P 17 36.53 -21.04 53.25
C ASN P 17 37.32 -21.01 54.57
N GLN P 18 38.21 -20.04 54.74
CA GLN P 18 39.07 -19.99 55.92
C GLN P 18 38.95 -18.67 56.67
N ALA P 19 37.96 -17.85 56.35
CA ALA P 19 37.73 -16.64 57.13
C ALA P 19 37.11 -17.00 58.47
N PRO P 20 37.73 -16.64 59.58
CA PRO P 20 37.22 -17.10 60.89
C PRO P 20 35.93 -16.42 61.34
N GLY P 21 35.78 -15.15 61.02
CA GLY P 21 34.67 -14.37 61.55
C GLY P 21 33.30 -14.76 61.05
N ILE P 22 33.11 -14.70 59.72
CA ILE P 22 31.79 -14.94 59.16
C ILE P 22 31.34 -16.37 59.45
N THR P 23 32.24 -17.34 59.27
CA THR P 23 31.86 -18.72 59.55
C THR P 23 31.53 -18.91 61.03
N GLY P 24 32.24 -18.20 61.91
CA GLY P 24 31.92 -18.28 63.32
C GLY P 24 30.51 -17.76 63.61
N LEU P 25 30.18 -16.61 63.03
CA LEU P 25 28.84 -16.06 63.21
C LEU P 25 27.79 -17.04 62.72
N ILE P 26 27.96 -17.56 61.50
CA ILE P 26 26.96 -18.42 60.90
C ILE P 26 26.79 -19.70 61.70
N GLN P 27 27.91 -20.32 62.10
CA GLN P 27 27.80 -21.58 62.83
C GLN P 27 27.23 -21.37 64.22
N ARG P 28 27.52 -20.24 64.87
CA ARG P 28 26.93 -19.99 66.17
C ARG P 28 25.43 -19.78 66.06
N LYS P 29 24.99 -19.05 65.03
CA LYS P 29 23.56 -18.93 64.79
C LYS P 29 22.93 -20.29 64.52
N ALA P 30 23.62 -21.12 63.73
CA ALA P 30 23.09 -22.44 63.40
C ALA P 30 22.92 -23.29 64.65
N GLN P 31 23.92 -23.30 65.54
CA GLN P 31 23.79 -24.13 66.72
C GLN P 31 22.77 -23.55 67.69
N TRP P 32 22.62 -22.23 67.73
CA TRP P 32 21.54 -21.64 68.52
C TRP P 32 20.19 -22.15 68.05
N TYR P 33 19.95 -22.10 66.74
CA TYR P 33 18.68 -22.60 66.23
C TYR P 33 18.53 -24.10 66.50
N ASP P 34 19.61 -24.86 66.33
CA ASP P 34 19.55 -26.29 66.59
C ASP P 34 19.15 -26.57 68.03
N ARG P 35 19.71 -25.82 68.97
CA ARG P 35 19.37 -26.02 70.38
C ARG P 35 17.92 -25.63 70.66
N PHE P 36 17.47 -24.51 70.10
CA PHE P 36 16.19 -23.93 70.49
C PHE P 36 15.09 -24.08 69.45
N SER P 37 15.28 -24.90 68.42
CA SER P 37 14.19 -25.02 67.46
C SER P 37 13.78 -26.46 67.18
N ARG P 38 14.72 -27.40 67.15
CA ARG P 38 14.40 -28.78 66.82
C ARG P 38 14.64 -29.75 67.97
N GLN P 39 15.76 -29.63 68.67
CA GLN P 39 15.96 -30.43 69.87
C GLN P 39 14.87 -30.14 70.89
N PHE P 40 14.38 -28.90 70.92
CA PHE P 40 13.21 -28.56 71.73
C PHE P 40 12.03 -29.44 71.35
N TRP P 41 11.75 -29.55 70.06
CA TRP P 41 10.60 -30.34 69.63
C TRP P 41 10.82 -31.81 69.93
N ALA P 42 12.06 -32.30 69.85
CA ALA P 42 12.33 -33.69 70.19
C ALA P 42 12.05 -33.95 71.68
N ASN P 43 12.52 -33.05 72.54
CA ASN P 43 12.26 -33.21 73.97
C ASN P 43 10.76 -33.12 74.26
N TRP P 44 10.07 -32.20 73.60
CA TRP P 44 8.62 -32.08 73.78
C TRP P 44 7.91 -33.34 73.32
N GLU P 45 8.37 -33.93 72.22
CA GLU P 45 7.82 -35.19 71.75
C GLU P 45 8.00 -36.29 72.78
N ARG P 46 9.20 -36.41 73.33
CA ARG P 46 9.43 -37.42 74.35
C ARG P 46 8.62 -37.17 75.61
N ASP P 47 8.34 -35.91 75.93
CA ASP P 47 7.51 -35.61 77.09
C ASP P 47 6.05 -35.98 76.84
N VAL P 48 5.51 -35.61 75.68
CA VAL P 48 4.14 -35.99 75.35
C VAL P 48 4.02 -37.50 75.16
N PHE P 49 5.09 -38.15 74.71
CA PHE P 49 5.17 -39.60 74.66
C PHE P 49 4.75 -40.18 76.00
N HIS P 50 3.63 -40.91 76.02
CA HIS P 50 2.97 -41.19 77.29
C HIS P 50 3.72 -42.24 78.10
N LEU P 51 4.28 -43.25 77.43
CA LEU P 51 4.96 -44.32 78.15
C LEU P 51 6.18 -43.82 78.91
N LYS P 52 6.73 -42.67 78.53
CA LYS P 52 7.89 -42.11 79.19
C LYS P 52 7.67 -40.61 79.44
N THR P 53 6.53 -40.28 80.05
CA THR P 53 6.25 -38.90 80.42
C THR P 53 6.98 -38.61 81.71
N ALA P 54 8.30 -38.39 81.60
CA ALA P 54 9.09 -38.07 82.79
C ALA P 54 8.70 -36.74 83.38
N ASN P 55 8.42 -35.73 82.55
CA ASN P 55 8.11 -34.44 83.13
C ASN P 55 6.74 -34.47 83.80
N PRO P 56 6.68 -34.09 85.07
CA PRO P 56 5.38 -33.93 85.73
C PRO P 56 4.53 -32.84 85.11
N PHE P 57 5.13 -31.91 84.36
CA PHE P 57 4.32 -30.99 83.58
C PHE P 57 3.48 -31.74 82.56
N GLY P 58 4.08 -32.75 81.90
CA GLY P 58 3.30 -33.55 80.98
C GLY P 58 2.18 -34.30 81.67
N LEU P 59 2.46 -34.81 82.87
CA LEU P 59 1.43 -35.49 83.64
C LEU P 59 0.29 -34.54 84.00
N MET P 60 0.63 -33.31 84.40
CA MET P 60 -0.39 -32.32 84.70
C MET P 60 -1.21 -31.98 83.46
N VAL P 61 -0.55 -31.86 82.31
CA VAL P 61 -1.26 -31.57 81.07
C VAL P 61 -2.24 -32.70 80.76
N TRP P 62 -1.80 -33.95 80.90
CA TRP P 62 -2.69 -35.07 80.64
C TRP P 62 -3.87 -35.07 81.60
N CYS P 63 -3.61 -34.77 82.88
CA CYS P 63 -4.69 -34.70 83.85
C CYS P 63 -5.70 -33.62 83.46
N ILE P 64 -5.22 -32.48 82.99
CA ILE P 64 -6.12 -31.43 82.52
C ILE P 64 -6.89 -31.92 81.30
N ILE P 65 -6.24 -32.72 80.46
CA ILE P 65 -6.93 -33.29 79.30
C ILE P 65 -8.11 -34.13 79.74
N LEU P 66 -7.89 -35.00 80.72
CA LEU P 66 -8.89 -35.97 81.13
C LEU P 66 -9.85 -35.45 82.19
N GLY P 67 -9.55 -34.31 82.81
CA GLY P 67 -10.46 -33.68 83.76
C GLY P 67 -10.45 -34.25 85.16
N THR P 68 -9.54 -35.16 85.46
CA THR P 68 -9.52 -35.78 86.77
C THR P 68 -8.94 -34.83 87.83
N PRO P 69 -9.36 -34.99 89.08
CA PRO P 69 -8.61 -34.36 90.19
C PRO P 69 -7.20 -34.92 90.26
N SER P 70 -6.28 -34.07 90.75
CA SER P 70 -4.88 -34.44 90.81
C SER P 70 -4.24 -34.20 92.17
N LYS P 71 -5.03 -33.88 93.20
CA LYS P 71 -4.45 -33.54 94.50
C LYS P 71 -3.78 -34.71 95.19
N GLY P 72 -4.25 -35.93 94.95
CA GLY P 72 -3.68 -37.08 95.62
C GLY P 72 -2.38 -37.60 95.05
N PHE P 73 -1.87 -36.98 93.99
CA PHE P 73 -0.68 -37.46 93.29
C PHE P 73 0.52 -36.62 93.70
N GLY P 74 1.61 -37.29 94.04
CA GLY P 74 2.86 -36.60 94.31
C GLY P 74 3.42 -36.02 93.03
N LEU P 75 3.35 -34.69 92.87
CA LEU P 75 3.71 -34.07 91.60
C LEU P 75 5.22 -34.12 91.36
N TYR P 76 6.00 -33.50 92.25
CA TYR P 76 7.43 -33.35 92.03
C TYR P 76 8.21 -33.63 93.31
N PRO P 77 9.18 -34.54 93.26
CA PRO P 77 10.17 -34.62 94.32
C PRO P 77 11.36 -33.73 94.01
N LYS P 78 11.15 -32.81 93.07
CA LYS P 78 12.22 -32.06 92.44
C LYS P 78 12.80 -31.04 93.39
N ASN P 79 13.76 -30.26 92.88
CA ASN P 79 14.46 -29.26 93.68
C ASN P 79 13.55 -28.08 94.04
N SER P 80 12.52 -27.83 93.23
CA SER P 80 11.69 -26.65 93.43
C SER P 80 10.95 -26.68 94.76
N SER P 81 10.69 -27.86 95.32
CA SER P 81 10.04 -27.95 96.61
C SER P 81 10.97 -27.47 97.71
N TRP P 82 10.37 -26.98 98.80
CA TRP P 82 11.15 -26.50 99.92
C TRP P 82 11.86 -27.65 100.62
N ALA P 83 12.94 -27.31 101.33
CA ALA P 83 13.75 -28.27 102.09
C ALA P 83 14.39 -29.30 101.17
N PHE P 84 15.11 -28.79 100.16
CA PHE P 84 15.90 -29.64 99.27
C PHE P 84 16.96 -28.76 98.62
N GLY P 85 18.22 -29.04 98.91
CA GLY P 85 19.32 -28.25 98.37
C GLY P 85 20.61 -29.03 98.42
N ARG P 86 21.68 -28.39 97.97
CA ARG P 86 22.99 -29.04 97.99
C ARG P 86 23.47 -29.26 99.42
N LEU P 87 23.46 -28.21 100.24
CA LEU P 87 23.79 -28.37 101.66
C LEU P 87 22.57 -28.79 102.47
N ARG P 88 21.55 -27.93 102.52
CA ARG P 88 20.23 -28.16 103.11
C ARG P 88 20.29 -28.73 104.52
N GLN P 89 21.47 -28.69 105.14
CA GLN P 89 21.64 -29.22 106.49
C GLN P 89 21.28 -28.19 107.56
N ASN P 90 21.10 -26.94 107.19
CA ASN P 90 20.81 -25.89 108.16
C ASN P 90 19.40 -26.03 108.72
N PHE P 91 19.27 -25.77 110.02
CA PHE P 91 18.00 -25.81 110.74
C PHE P 91 17.33 -27.18 110.69
N ILE P 92 18.12 -28.26 110.64
CA ILE P 92 17.61 -29.62 110.70
C ILE P 92 18.49 -30.43 111.64
N TYR P 93 18.00 -31.61 112.01
CA TYR P 93 18.75 -32.52 112.88
C TYR P 93 19.83 -33.20 112.06
N SER P 94 21.05 -32.68 112.16
CA SER P 94 22.20 -33.23 111.44
C SER P 94 23.06 -34.13 112.32
N GLY P 95 22.45 -34.83 113.27
CA GLY P 95 23.17 -35.65 114.20
C GLY P 95 23.72 -34.92 115.41
N THR P 96 23.57 -33.59 115.46
CA THR P 96 24.07 -32.83 116.60
C THR P 96 23.17 -32.98 117.82
N GLN P 97 21.86 -33.16 117.60
CA GLN P 97 20.90 -33.24 118.70
C GLN P 97 20.22 -34.60 118.77
N VAL P 98 19.57 -35.01 117.68
CA VAL P 98 18.83 -36.27 117.65
C VAL P 98 19.21 -37.03 116.38
N PRO P 99 19.44 -38.35 116.45
CA PRO P 99 19.76 -39.11 115.25
C PRO P 99 18.67 -38.97 114.21
N PRO P 100 19.05 -38.81 112.94
CA PRO P 100 18.04 -38.62 111.89
C PRO P 100 17.69 -39.94 111.23
N PRO P 101 16.41 -40.16 110.91
CA PRO P 101 16.05 -41.31 110.09
C PRO P 101 16.68 -41.20 108.71
N ALA P 102 17.06 -42.35 108.16
CA ALA P 102 17.77 -42.41 106.88
C ALA P 102 16.92 -42.96 105.74
N ASP P 103 16.02 -43.90 106.01
CA ASP P 103 15.17 -44.47 104.97
C ASP P 103 13.98 -43.56 104.76
N ALA P 104 14.15 -42.58 103.88
CA ALA P 104 13.09 -41.61 103.59
C ALA P 104 13.33 -41.03 102.20
N SER P 105 12.30 -40.39 101.67
CA SER P 105 12.41 -39.74 100.37
C SER P 105 13.36 -38.55 100.46
N PRO P 106 14.11 -38.27 99.40
CA PRO P 106 14.98 -37.08 99.40
C PRO P 106 14.16 -35.81 99.57
N GLY P 107 14.70 -34.88 100.35
CA GLY P 107 14.00 -33.66 100.69
C GLY P 107 13.39 -33.72 102.07
N GLY P 108 12.49 -32.75 102.32
CA GLY P 108 11.87 -32.66 103.62
C GLY P 108 11.00 -33.87 103.91
N ASN P 109 10.81 -34.13 105.21
CA ASN P 109 9.98 -35.24 105.64
C ASN P 109 8.49 -34.92 105.59
N PHE P 110 8.13 -33.65 105.47
CA PHE P 110 6.73 -33.24 105.51
C PHE P 110 6.02 -33.32 104.17
N TYR P 111 6.77 -33.49 103.08
CA TYR P 111 6.13 -33.63 101.78
C TYR P 111 5.42 -34.97 101.66
N GLY P 112 4.34 -34.97 100.89
CA GLY P 112 3.52 -36.18 100.79
C GLY P 112 2.86 -36.57 102.09
N GLY P 113 2.38 -35.59 102.85
CA GLY P 113 1.76 -35.89 104.13
C GLY P 113 0.50 -36.71 103.96
N GLY P 114 0.22 -37.54 104.97
CA GLY P 114 -0.89 -38.46 104.91
C GLY P 114 -0.52 -39.73 104.15
N ASN P 115 -1.39 -40.73 104.29
CA ASN P 115 -1.14 -42.01 103.63
C ASN P 115 -1.37 -41.92 102.13
N ALA P 116 -2.47 -41.29 101.71
CA ALA P 116 -2.94 -41.39 100.33
C ALA P 116 -2.01 -40.75 99.32
N GLU P 117 -1.05 -39.93 99.74
CA GLU P 117 -0.17 -39.27 98.78
C GLU P 117 0.76 -40.26 98.11
N ILE P 118 1.12 -39.97 96.86
CA ILE P 118 1.93 -40.85 96.04
C ILE P 118 3.37 -40.35 96.02
N LEU P 119 4.31 -41.27 95.83
CA LEU P 119 5.73 -40.93 95.85
C LEU P 119 6.49 -41.40 94.62
N ASN P 120 5.87 -42.17 93.71
CA ASN P 120 6.52 -42.62 92.50
C ASN P 120 5.66 -42.26 91.29
N LEU P 121 6.31 -41.83 90.21
CA LEU P 121 5.60 -41.37 89.03
C LEU P 121 5.05 -42.52 88.21
N ASP P 122 5.63 -43.72 88.35
CA ASP P 122 5.23 -44.84 87.51
C ASP P 122 3.76 -45.17 87.71
N GLU P 123 3.34 -45.33 88.98
CA GLU P 123 1.94 -45.61 89.22
C GLU P 123 1.05 -44.44 88.87
N ILE P 124 1.58 -43.22 88.86
CA ILE P 124 0.79 -42.09 88.37
C ILE P 124 0.48 -42.28 86.90
N ARG P 125 1.50 -42.59 86.10
CA ARG P 125 1.26 -42.86 84.69
C ARG P 125 0.28 -44.01 84.54
N LYS P 126 0.43 -45.04 85.37
CA LYS P 126 -0.50 -46.17 85.33
C LYS P 126 -1.93 -45.72 85.59
N VAL P 127 -2.12 -44.84 86.58
CA VAL P 127 -3.50 -44.48 86.92
C VAL P 127 -4.10 -43.60 85.84
N LEU P 128 -3.32 -42.73 85.19
CA LEU P 128 -3.92 -41.99 84.07
C LEU P 128 -4.28 -42.93 82.93
N GLN P 129 -3.43 -43.90 82.63
CA GLN P 129 -3.77 -44.86 81.57
C GLN P 129 -5.04 -45.63 81.93
N LEU P 130 -5.14 -46.07 83.18
CA LEU P 130 -6.34 -46.78 83.63
C LEU P 130 -7.57 -45.90 83.53
N ARG P 131 -7.44 -44.62 83.89
CA ARG P 131 -8.58 -43.71 83.80
C ARG P 131 -9.04 -43.57 82.36
N TYR P 132 -8.10 -43.45 81.42
CA TYR P 132 -8.51 -43.36 80.02
C TYR P 132 -9.19 -44.65 79.56
N VAL P 133 -8.64 -45.79 79.96
CA VAL P 133 -9.25 -47.08 79.60
C VAL P 133 -10.67 -47.15 80.12
N ALA P 134 -10.89 -46.71 81.36
CA ALA P 134 -12.23 -46.69 81.92
C ALA P 134 -13.14 -45.75 81.14
N LEU P 135 -12.63 -44.56 80.80
CA LEU P 135 -13.46 -43.58 80.12
C LEU P 135 -13.80 -43.99 78.70
N ILE P 136 -13.06 -44.92 78.12
CA ILE P 136 -13.40 -45.42 76.79
C ILE P 136 -14.19 -46.72 76.83
N SER P 137 -14.12 -47.48 77.92
CA SER P 137 -14.75 -48.80 77.96
C SER P 137 -16.27 -48.69 77.92
N ASN P 138 -16.89 -49.74 77.41
CA ASN P 138 -18.35 -49.86 77.38
C ASN P 138 -18.90 -50.70 78.51
N GLY P 139 -18.12 -51.65 79.03
CA GLY P 139 -18.57 -52.51 80.10
C GLY P 139 -18.05 -53.93 80.00
N SER P 140 -17.64 -54.34 78.80
CA SER P 140 -17.10 -55.68 78.62
C SER P 140 -15.78 -55.83 79.37
N ILE P 141 -15.65 -56.92 80.12
CA ILE P 141 -14.52 -57.05 81.04
C ILE P 141 -13.34 -57.81 80.46
N ALA P 142 -13.54 -58.63 79.42
CA ALA P 142 -12.42 -59.37 78.85
C ALA P 142 -11.38 -58.43 78.27
N TYR P 143 -11.82 -57.41 77.54
CA TYR P 143 -10.89 -56.40 77.05
C TYR P 143 -10.26 -55.63 78.19
N ILE P 144 -11.02 -55.39 79.26
CA ILE P 144 -10.45 -54.70 80.42
C ILE P 144 -9.29 -55.50 80.99
N ASN P 145 -9.49 -56.81 81.13
CA ASN P 145 -8.42 -57.66 81.66
C ASN P 145 -7.22 -57.70 80.72
N ARG P 146 -7.47 -57.79 79.42
CA ARG P 146 -6.36 -57.81 78.46
C ARG P 146 -5.56 -56.52 78.52
N MET P 147 -6.25 -55.38 78.54
CA MET P 147 -5.57 -54.10 78.63
C MET P 147 -4.85 -53.94 79.97
N LEU P 148 -5.44 -54.47 81.04
CA LEU P 148 -4.81 -54.43 82.35
C LEU P 148 -3.51 -55.21 82.37
N ARG P 149 -3.53 -56.40 81.75
CA ARG P 149 -2.28 -57.15 81.59
C ARG P 149 -1.27 -56.35 80.80
N TYR P 150 -1.71 -55.70 79.72
CA TYR P 150 -0.79 -54.91 78.90
C TYR P 150 -0.15 -53.80 79.74
N ILE P 151 -0.96 -53.06 80.49
CA ILE P 151 -0.45 -51.89 81.20
C ILE P 151 0.45 -52.32 82.36
N PHE P 152 0.09 -53.38 83.08
CA PHE P 152 0.83 -53.73 84.29
C PHE P 152 1.95 -54.73 84.01
N ASN P 153 1.63 -55.89 83.47
CA ASN P 153 2.61 -56.94 83.23
C ASN P 153 3.29 -56.84 81.87
N ASP P 154 2.98 -55.79 81.10
CA ASP P 154 3.63 -55.54 79.81
C ASP P 154 3.42 -56.69 78.84
N ASP P 155 2.22 -57.29 78.86
CA ASP P 155 1.86 -58.42 78.00
C ASP P 155 2.86 -59.58 78.18
N GLU P 156 2.88 -60.10 79.40
CA GLU P 156 3.77 -61.18 79.76
C GLU P 156 2.99 -62.21 80.58
N PRO P 157 3.16 -63.50 80.28
CA PRO P 157 2.37 -64.53 80.96
C PRO P 157 2.54 -64.50 82.48
N TRP P 158 1.44 -64.72 83.18
CA TRP P 158 1.39 -64.57 84.62
C TRP P 158 1.76 -65.88 85.32
N ASP P 159 1.96 -65.80 86.63
CA ASP P 159 2.24 -66.96 87.47
C ASP P 159 1.35 -66.87 88.71
N GLU P 160 0.36 -67.76 88.80
CA GLU P 160 -0.61 -67.71 89.88
C GLU P 160 0.00 -68.09 91.22
N ALA P 161 1.23 -68.59 91.25
CA ALA P 161 1.85 -69.03 92.50
C ALA P 161 1.90 -67.91 93.53
N THR P 162 1.92 -66.66 93.08
CA THR P 162 1.89 -65.51 93.98
C THR P 162 0.54 -64.82 94.00
N GLY P 163 -0.51 -65.47 93.50
CA GLY P 163 -1.85 -64.93 93.53
C GLY P 163 -1.96 -63.58 92.84
N LEU P 164 -1.82 -63.57 91.52
CA LEU P 164 -1.62 -62.32 90.79
C LEU P 164 -2.95 -61.58 90.63
N TYR P 165 -2.91 -60.53 89.81
CA TYR P 165 -3.93 -59.48 89.82
C TYR P 165 -4.95 -59.70 88.70
N PHE P 166 -6.24 -59.58 89.05
CA PHE P 166 -7.31 -59.74 88.08
C PHE P 166 -8.54 -58.97 88.57
N TYR P 167 -9.48 -58.76 87.64
CA TYR P 167 -10.65 -57.94 87.94
C TYR P 167 -11.53 -58.56 89.02
N LEU P 168 -12.23 -59.64 88.68
CA LEU P 168 -12.82 -60.58 89.65
C LEU P 168 -13.56 -61.70 88.95
N MET P 169 -14.17 -62.59 89.73
CA MET P 169 -15.05 -63.63 89.21
C MET P 169 -16.49 -63.16 89.02
N ASP P 170 -16.86 -62.01 89.60
CA ASP P 170 -18.19 -61.43 89.50
C ASP P 170 -19.21 -62.37 90.16
N SER P 171 -20.50 -62.04 90.06
CA SER P 171 -21.53 -62.90 90.62
C SER P 171 -21.46 -64.30 90.04
N THR P 172 -20.93 -64.44 88.83
CA THR P 172 -20.70 -65.76 88.27
C THR P 172 -19.66 -66.51 89.08
N GLY P 173 -19.92 -67.80 89.31
CA GLY P 173 -18.95 -68.64 89.96
C GLY P 173 -17.85 -69.06 89.01
N GLU P 174 -16.75 -69.55 89.58
CA GLU P 174 -15.63 -70.00 88.74
C GLU P 174 -15.84 -71.43 88.27
N ASN P 175 -15.85 -72.39 89.20
CA ASN P 175 -15.89 -73.79 88.81
C ASN P 175 -16.46 -74.64 89.93
N GLY P 176 -16.92 -75.83 89.55
CA GLY P 176 -17.38 -76.84 90.48
C GLY P 176 -16.47 -78.06 90.45
N PRO P 177 -16.88 -79.08 89.71
CA PRO P 177 -16.13 -80.35 89.67
C PRO P 177 -14.75 -80.22 89.04
N VAL P 178 -14.05 -81.35 88.92
CA VAL P 178 -12.72 -81.41 88.34
C VAL P 178 -12.79 -81.94 86.92
N GLU P 179 -12.08 -81.27 86.01
CA GLU P 179 -11.96 -81.69 84.63
C GLU P 179 -10.49 -81.76 84.24
N ASN P 180 -10.17 -82.69 83.35
CA ASN P 180 -8.86 -82.79 82.72
C ASN P 180 -7.75 -82.86 83.76
N LEU P 181 -7.80 -83.93 84.55
CA LEU P 181 -6.77 -84.16 85.54
C LEU P 181 -5.52 -84.73 84.89
N ALA P 182 -4.44 -84.80 85.66
CA ALA P 182 -3.18 -85.35 85.18
C ALA P 182 -2.44 -85.97 86.35
N VAL P 183 -1.54 -86.89 86.03
CA VAL P 183 -0.70 -87.56 87.01
C VAL P 183 0.76 -87.28 86.66
N TYR P 184 1.48 -86.63 87.58
CA TYR P 184 2.88 -86.31 87.41
C TYR P 184 3.66 -87.02 88.50
N ARG P 185 4.06 -88.26 88.23
CA ARG P 185 4.73 -89.10 89.22
C ARG P 185 6.23 -88.87 89.18
N LYS P 186 6.83 -88.83 90.38
CA LYS P 186 8.26 -88.58 90.53
C LYS P 186 8.95 -89.88 90.95
N ASP P 187 9.82 -90.39 90.08
CA ASP P 187 10.57 -91.61 90.35
C ASP P 187 11.82 -91.58 89.48
N TRP P 188 12.48 -92.73 89.35
CA TRP P 188 13.72 -92.81 88.58
C TRP P 188 13.53 -92.55 87.09
N GLU P 189 12.30 -92.23 86.65
CA GLU P 189 12.05 -91.74 85.31
C GLU P 189 11.95 -90.23 85.24
N GLY P 190 12.21 -89.52 86.35
CA GLY P 190 11.95 -88.10 86.34
C GLY P 190 10.46 -87.82 86.24
N MET P 191 10.13 -86.71 85.60
CA MET P 191 8.74 -86.32 85.43
C MET P 191 8.06 -87.21 84.40
N VAL P 192 6.88 -87.74 84.76
CA VAL P 192 6.14 -88.63 83.89
C VAL P 192 4.66 -88.28 83.98
N LEU P 193 3.99 -88.26 82.83
CA LEU P 193 2.55 -88.07 82.75
C LEU P 193 1.85 -89.41 82.51
N LEU P 194 0.68 -89.56 83.11
CA LEU P 194 -0.11 -90.78 83.02
C LEU P 194 -1.49 -90.46 82.47
N SER P 195 -2.14 -91.48 81.93
CA SER P 195 -3.48 -91.36 81.35
C SER P 195 -4.39 -92.43 81.93
N SER P 196 -5.65 -92.05 82.19
CA SER P 196 -6.62 -93.01 82.72
C SER P 196 -7.02 -94.04 81.68
N SER P 197 -6.94 -93.70 80.39
CA SER P 197 -7.24 -94.66 79.35
C SER P 197 -6.18 -95.76 79.36
N PRO P 198 -6.56 -97.02 79.09
CA PRO P 198 -5.57 -98.10 79.07
C PRO P 198 -4.54 -97.89 77.96
N ARG P 199 -3.32 -98.33 78.24
CA ARG P 199 -2.21 -98.15 77.31
C ARG P 199 -2.03 -99.38 76.42
N THR P 200 -1.27 -99.20 75.35
CA THR P 200 -0.90 -100.28 74.44
C THR P 200 0.61 -100.26 74.26
N ASN P 201 1.22 -101.45 74.32
CA ASN P 201 2.68 -101.56 74.20
C ASN P 201 2.98 -102.77 73.33
N HIS P 202 3.26 -102.53 72.06
CA HIS P 202 3.37 -103.58 71.07
C HIS P 202 4.77 -104.18 70.97
N VAL P 203 5.69 -103.77 71.84
CA VAL P 203 7.02 -104.37 71.82
C VAL P 203 6.94 -105.82 72.27
N LEU P 204 7.51 -106.72 71.47
CA LEU P 204 7.48 -108.13 71.81
C LEU P 204 8.37 -108.44 73.01
N THR P 205 9.60 -107.94 73.01
CA THR P 205 10.55 -108.20 74.08
C THR P 205 11.16 -106.90 74.56
N SER P 206 11.06 -106.63 75.85
CA SER P 206 11.67 -105.44 76.43
C SER P 206 13.19 -105.56 76.54
N THR P 207 13.73 -106.76 76.45
CA THR P 207 15.17 -106.98 76.48
C THR P 207 15.59 -107.94 75.37
N PRO P 208 16.61 -107.61 74.59
CA PRO P 208 17.11 -108.57 73.61
C PRO P 208 17.80 -109.76 74.25
N ALA P 209 17.76 -110.89 73.55
CA ALA P 209 18.39 -112.13 73.99
C ALA P 209 19.58 -112.51 73.13
N SER P 210 19.39 -112.61 71.82
CA SER P 210 20.47 -112.95 70.89
C SER P 210 20.06 -112.44 69.51
N ASP P 211 20.83 -112.85 68.48
CA ASP P 211 20.49 -112.45 67.13
C ASP P 211 19.15 -113.02 66.69
N ALA P 212 18.82 -114.23 67.15
CA ALA P 212 17.52 -114.82 66.82
C ALA P 212 16.38 -114.01 67.42
N ASP P 213 16.58 -113.47 68.63
CA ASP P 213 15.53 -112.66 69.26
C ASP P 213 15.24 -111.41 68.45
N TRP P 214 16.29 -110.65 68.12
CA TRP P 214 16.19 -109.41 67.34
C TRP P 214 16.99 -109.59 66.06
N PRO P 215 16.35 -110.05 64.98
CA PRO P 215 17.09 -110.31 63.74
C PRO P 215 17.70 -109.05 63.17
N GLY P 216 18.86 -109.22 62.54
CA GLY P 216 19.56 -108.13 61.88
C GLY P 216 19.50 -108.27 60.38
N VAL P 217 19.22 -107.16 59.71
CA VAL P 217 19.06 -107.12 58.26
C VAL P 217 20.16 -106.24 57.68
N ASP P 218 20.85 -106.75 56.67
CA ASP P 218 21.95 -106.04 56.03
C ASP P 218 21.75 -106.03 54.51
N PRO P 219 21.36 -104.89 53.92
CA PRO P 219 21.22 -104.84 52.46
C PRO P 219 22.52 -105.07 51.71
N ALA P 220 23.57 -104.32 52.05
CA ALA P 220 24.87 -104.53 51.42
C ALA P 220 25.58 -105.76 51.97
N ALA P 221 25.44 -106.03 53.26
CA ALA P 221 26.06 -107.18 53.92
C ALA P 221 27.56 -107.20 53.70
N SER P 222 28.21 -106.05 53.87
CA SER P 222 29.65 -105.96 53.70
C SER P 222 30.41 -106.79 54.72
N GLY P 223 29.77 -107.14 55.83
CA GLY P 223 30.40 -107.97 56.84
C GLY P 223 29.36 -108.71 57.66
N ILE P 224 29.73 -109.11 58.88
CA ILE P 224 28.81 -109.81 59.77
C ILE P 224 27.75 -108.83 60.24
N PRO P 225 26.55 -109.29 60.61
CA PRO P 225 25.54 -108.39 61.16
C PRO P 225 25.94 -107.93 62.55
N VAL P 226 25.05 -107.12 63.15
CA VAL P 226 25.30 -106.61 64.49
C VAL P 226 24.98 -107.71 65.50
N THR P 227 25.96 -108.05 66.33
CA THR P 227 25.77 -109.04 67.38
C THR P 227 25.22 -108.35 68.63
N VAL P 228 24.23 -108.98 69.26
CA VAL P 228 23.58 -108.44 70.45
C VAL P 228 23.69 -109.45 71.57
N GLU P 229 24.13 -108.99 72.74
CA GLU P 229 24.28 -109.83 73.91
C GLU P 229 23.88 -109.04 75.15
N THR P 230 23.49 -109.77 76.19
CA THR P 230 23.06 -109.14 77.43
C THR P 230 24.26 -108.88 78.33
N ALA P 231 24.61 -107.61 78.51
CA ALA P 231 25.79 -107.24 79.29
C ALA P 231 25.42 -107.08 80.76
N SER P 232 26.45 -107.11 81.60
CA SER P 232 26.31 -106.96 83.05
C SER P 232 26.77 -105.56 83.42
N ALA P 233 25.82 -104.69 83.75
CA ALA P 233 26.12 -103.34 84.17
C ALA P 233 24.97 -102.83 85.02
N THR P 234 25.24 -101.75 85.76
CA THR P 234 24.25 -101.19 86.68
C THR P 234 23.05 -100.67 85.89
N ALA P 235 21.92 -101.37 85.99
CA ALA P 235 20.71 -100.90 85.36
C ALA P 235 20.17 -99.67 86.09
N PRO P 236 19.48 -98.77 85.38
CA PRO P 236 18.94 -97.57 86.05
C PRO P 236 17.88 -97.88 87.09
N ASP P 237 17.24 -99.05 87.03
CA ASP P 237 16.19 -99.40 87.98
C ASP P 237 16.70 -100.14 89.20
N GLY P 238 17.98 -100.52 89.23
CA GLY P 238 18.52 -101.18 90.40
C GLY P 238 18.77 -102.67 90.20
N SER P 239 19.21 -103.04 89.00
CA SER P 239 19.50 -104.43 88.67
C SER P 239 20.69 -104.46 87.72
N ALA P 240 20.91 -105.62 87.10
CA ALA P 240 21.92 -105.81 86.06
C ALA P 240 21.23 -106.48 84.88
N THR P 241 20.63 -105.67 84.01
CA THR P 241 19.87 -106.22 82.89
C THR P 241 20.13 -105.45 81.59
N VAL P 242 21.23 -104.71 81.49
CA VAL P 242 21.52 -103.99 80.27
C VAL P 242 21.87 -104.96 79.15
N CYS P 243 21.81 -104.47 77.92
CA CYS P 243 22.12 -105.26 76.74
C CYS P 243 23.17 -104.55 75.90
N LYS P 244 24.02 -105.34 75.26
CA LYS P 244 25.20 -104.84 74.57
C LYS P 244 25.17 -105.26 73.11
N LEU P 245 25.56 -104.34 72.23
CA LEU P 245 25.71 -104.66 70.81
C LEU P 245 26.87 -103.85 70.25
N THR P 246 27.61 -104.46 69.33
CA THR P 246 28.77 -103.84 68.73
C THR P 246 28.61 -103.77 67.22
N LYS P 247 29.31 -102.81 66.61
CA LYS P 247 29.24 -102.58 65.17
C LYS P 247 30.62 -102.81 64.56
N PRO P 248 30.92 -104.00 64.07
CA PRO P 248 32.25 -104.26 63.51
C PRO P 248 32.50 -103.43 62.26
N ALA P 249 33.79 -103.20 62.01
CA ALA P 249 34.20 -102.38 60.88
C ALA P 249 33.76 -103.04 59.57
N GLY P 250 33.43 -102.19 58.59
CA GLY P 250 32.97 -102.68 57.30
C GLY P 250 31.67 -103.43 57.36
N SER P 251 30.70 -102.92 58.14
CA SER P 251 29.40 -103.53 58.26
C SER P 251 28.31 -102.50 57.98
N THR P 252 27.24 -102.94 57.33
CA THR P 252 26.05 -102.13 57.09
C THR P 252 24.86 -103.00 57.46
N ALA P 253 24.46 -102.96 58.72
CA ALA P 253 23.43 -103.85 59.24
C ALA P 253 22.67 -103.16 60.35
N TYR P 254 21.48 -103.68 60.63
CA TYR P 254 20.59 -103.10 61.63
C TYR P 254 19.69 -104.20 62.18
N VAL P 255 19.52 -104.20 63.49
CA VAL P 255 18.75 -105.22 64.20
C VAL P 255 17.41 -104.64 64.62
N SER P 256 16.35 -105.42 64.42
CA SER P 256 14.99 -104.97 64.73
C SER P 256 14.25 -106.06 65.49
N ALA P 257 13.53 -105.67 66.54
CA ALA P 257 12.62 -106.59 67.21
C ALA P 257 11.34 -106.70 66.40
N PRO P 258 10.97 -107.89 65.94
CA PRO P 258 9.72 -108.02 65.16
C PRO P 258 8.51 -107.61 66.01
N ILE P 259 7.61 -106.85 65.39
CA ILE P 259 6.42 -106.32 66.04
C ILE P 259 5.22 -106.67 65.19
N ASP P 260 4.06 -106.80 65.84
CA ASP P 260 2.82 -107.05 65.12
C ASP P 260 2.45 -105.85 64.26
N GLY P 261 1.71 -106.13 63.19
CA GLY P 261 1.27 -105.11 62.28
C GLY P 261 -0.16 -105.30 61.85
N PRO P 262 -0.87 -104.19 61.58
CA PRO P 262 -0.34 -102.84 61.67
C PRO P 262 -0.42 -102.20 63.06
N LEU P 263 0.46 -101.21 63.29
CA LEU P 263 0.51 -100.57 64.60
C LEU P 263 -0.71 -99.70 64.85
N GLY P 264 -1.19 -99.00 63.82
CA GLY P 264 -2.34 -98.14 63.98
C GLY P 264 -2.85 -97.69 62.63
N SER P 265 -3.91 -96.89 62.67
CA SER P 265 -4.58 -96.39 61.47
C SER P 265 -4.33 -94.88 61.36
N GLY P 266 -3.20 -94.52 60.77
CA GLY P 266 -2.91 -93.13 60.46
C GLY P 266 -2.94 -92.20 61.66
N SER P 267 -2.40 -92.63 62.79
CA SER P 267 -2.41 -91.83 64.01
C SER P 267 -0.98 -91.69 64.53
N THR P 268 -0.85 -90.99 65.66
CA THR P 268 0.46 -90.71 66.21
C THR P 268 1.16 -91.99 66.68
N VAL P 269 2.46 -92.04 66.48
CA VAL P 269 3.30 -93.16 66.91
C VAL P 269 4.38 -92.61 67.82
N THR P 270 4.49 -93.15 69.03
CA THR P 270 5.46 -92.70 70.02
C THR P 270 6.47 -93.81 70.26
N PHE P 271 7.75 -93.43 70.31
CA PHE P 271 8.85 -94.36 70.51
C PHE P 271 9.60 -93.97 71.78
N SER P 272 10.11 -94.97 72.48
CA SER P 272 10.87 -94.74 73.70
C SER P 272 12.12 -95.60 73.70
N PHE P 273 13.12 -95.17 74.47
CA PHE P 273 14.44 -95.78 74.41
C PHE P 273 15.30 -95.36 75.59
N PHE P 274 16.04 -96.31 76.17
CA PHE P 274 17.03 -96.03 77.20
C PHE P 274 18.43 -96.10 76.59
N ALA P 275 19.26 -95.12 76.94
CA ALA P 275 20.58 -95.01 76.32
C ALA P 275 21.66 -94.92 77.38
N LYS P 276 22.76 -95.63 77.12
CA LYS P 276 23.98 -95.52 77.91
C LYS P 276 25.17 -95.48 76.96
N ALA P 277 26.15 -94.65 77.32
CA ALA P 277 27.30 -94.46 76.45
C ALA P 277 28.16 -95.71 76.41
N GLY P 278 28.50 -96.17 75.21
CA GLY P 278 29.41 -97.27 75.04
C GLY P 278 30.73 -96.83 74.46
N SER P 279 31.27 -97.60 73.51
CA SER P 279 32.47 -97.17 72.82
C SER P 279 32.23 -95.89 72.05
N THR P 280 31.08 -95.79 71.39
CA THR P 280 30.71 -94.60 70.64
C THR P 280 29.95 -93.63 71.55
N ARG P 281 29.37 -92.58 70.97
CA ARG P 281 28.67 -91.57 71.72
C ARG P 281 27.32 -91.19 71.12
N PHE P 282 26.97 -91.71 69.95
CA PHE P 282 25.72 -91.36 69.27
C PHE P 282 24.93 -92.63 68.97
N ILE P 283 23.60 -92.50 69.02
CA ILE P 283 22.69 -93.59 68.69
C ILE P 283 21.64 -93.09 67.71
N ALA P 284 21.18 -93.98 66.85
CA ALA P 284 20.26 -93.62 65.77
C ALA P 284 18.97 -94.43 65.89
N ILE P 285 17.86 -93.78 65.53
CA ILE P 285 16.53 -94.34 65.67
C ILE P 285 15.79 -94.16 64.36
N GLN P 286 15.14 -95.21 63.87
CA GLN P 286 14.35 -95.16 62.65
C GLN P 286 13.00 -95.81 62.87
N SER P 287 11.94 -95.17 62.38
CA SER P 287 10.58 -95.71 62.41
C SER P 287 10.11 -95.82 60.96
N ALA P 288 10.34 -96.99 60.36
CA ALA P 288 10.07 -97.18 58.95
C ALA P 288 8.58 -97.19 58.66
N ALA P 289 8.25 -97.20 57.37
CA ALA P 289 6.87 -97.17 56.90
C ALA P 289 6.87 -97.75 55.49
N ASP P 290 5.78 -97.51 54.74
CA ASP P 290 5.69 -98.00 53.38
C ASP P 290 6.85 -97.48 52.54
N PHE P 291 7.44 -98.36 51.76
CA PHE P 291 8.61 -98.01 50.97
C PHE P 291 8.19 -97.23 49.73
N PRO P 292 8.79 -96.05 49.47
CA PRO P 292 9.70 -95.40 50.41
C PRO P 292 9.06 -94.27 51.23
N SER P 293 8.97 -94.44 52.56
CA SER P 293 8.51 -93.33 53.40
C SER P 293 9.15 -93.29 54.78
N ARG P 294 10.32 -93.90 54.98
CA ARG P 294 10.84 -94.04 56.34
C ARG P 294 11.17 -92.69 56.96
N ALA P 295 10.96 -92.60 58.28
CA ALA P 295 11.33 -91.44 59.07
C ALA P 295 12.27 -91.89 60.19
N ASP P 296 13.31 -91.09 60.44
CA ASP P 296 14.35 -91.50 61.36
C ASP P 296 14.99 -90.27 62.00
N ALA P 297 15.75 -90.52 63.07
CA ALA P 297 16.36 -89.44 63.84
C ALA P 297 17.57 -89.99 64.59
N VAL P 298 18.41 -89.07 65.07
CA VAL P 298 19.63 -89.41 65.79
C VAL P 298 19.70 -88.55 67.05
N PHE P 299 20.17 -89.15 68.14
CA PHE P 299 20.30 -88.47 69.42
C PHE P 299 21.76 -88.39 69.84
N ASP P 300 22.13 -87.27 70.45
CA ASP P 300 23.46 -87.09 71.02
C ASP P 300 23.40 -87.44 72.51
N LEU P 301 24.05 -88.54 72.88
CA LEU P 301 23.96 -89.02 74.26
C LEU P 301 24.56 -88.02 75.24
N ASP P 302 25.72 -87.46 74.88
CA ASP P 302 26.46 -86.64 75.84
C ASP P 302 25.91 -85.21 75.89
N SER P 303 25.93 -84.51 74.76
CA SER P 303 25.47 -83.12 74.75
C SER P 303 23.99 -83.03 75.06
N GLY P 304 23.19 -83.96 74.53
CA GLY P 304 21.77 -83.94 74.79
C GLY P 304 21.00 -83.08 73.81
N ASN P 305 21.33 -83.16 72.53
CA ASN P 305 20.65 -82.44 71.48
C ASN P 305 20.38 -83.37 70.31
N VAL P 306 19.21 -83.24 69.71
CA VAL P 306 18.90 -83.99 68.50
C VAL P 306 19.68 -83.39 67.35
N ILE P 307 20.28 -84.26 66.52
CA ILE P 307 21.12 -83.84 65.42
C ILE P 307 20.41 -83.99 64.08
N SER P 308 19.82 -85.16 63.84
CA SER P 308 19.23 -85.45 62.55
C SER P 308 17.77 -85.89 62.72
N ASP P 309 16.98 -85.59 61.71
CA ASP P 309 15.58 -85.99 61.59
C ASP P 309 15.09 -85.61 60.19
N GLN P 310 14.24 -86.46 59.60
CA GLN P 310 14.01 -86.40 58.17
C GLN P 310 12.53 -86.51 57.85
N MET P 311 12.16 -86.00 56.69
CA MET P 311 10.79 -86.04 56.17
C MET P 311 10.79 -86.72 54.79
N LEU P 312 10.69 -88.04 54.78
CA LEU P 312 10.44 -88.74 53.52
C LEU P 312 8.95 -88.80 53.21
N ASP P 313 8.12 -88.91 54.23
CA ASP P 313 6.68 -88.82 54.16
C ASP P 313 6.23 -87.63 54.99
N SER P 314 4.93 -87.52 55.21
CA SER P 314 4.37 -86.46 56.03
C SER P 314 4.36 -86.81 57.52
N SER P 315 5.28 -87.67 57.95
CA SER P 315 5.12 -88.36 59.23
C SER P 315 5.46 -87.49 60.44
N VAL P 316 6.73 -87.05 60.54
CA VAL P 316 7.28 -86.68 61.84
C VAL P 316 6.54 -85.51 62.47
N VAL P 317 6.44 -85.56 63.81
CA VAL P 317 5.89 -84.47 64.61
C VAL P 317 7.00 -83.73 65.35
N SER P 318 7.71 -84.42 66.23
CA SER P 318 8.75 -83.81 67.05
C SER P 318 9.63 -84.90 67.64
N ALA P 319 10.83 -84.49 68.07
CA ALA P 319 11.75 -85.39 68.75
C ALA P 319 12.43 -84.63 69.87
N ARG P 320 12.46 -85.23 71.06
CA ARG P 320 12.98 -84.57 72.24
C ARG P 320 13.73 -85.58 73.10
N MET P 321 14.68 -85.10 73.88
CA MET P 321 15.52 -85.95 74.72
C MET P 321 15.43 -85.47 76.15
N ILE P 322 15.21 -86.39 77.08
CA ILE P 322 14.91 -86.08 78.48
C ILE P 322 16.13 -86.36 79.33
N ARG P 323 16.46 -85.43 80.22
CA ARG P 323 17.62 -85.55 81.08
C ARG P 323 17.35 -86.53 82.23
N LEU P 324 18.29 -87.45 82.45
CA LEU P 324 18.25 -88.36 83.59
C LEU P 324 19.57 -88.28 84.34
N GLU P 325 19.78 -89.19 85.29
CA GLU P 325 20.93 -89.15 86.17
C GLU P 325 21.90 -90.27 85.82
N ASN P 326 23.19 -89.91 85.72
CA ASN P 326 24.30 -90.86 85.53
C ASN P 326 24.29 -91.49 84.13
N GLY P 327 24.02 -90.69 83.11
CA GLY P 327 24.25 -91.11 81.74
C GLY P 327 23.07 -91.71 81.02
N TRP P 328 21.97 -91.99 81.70
CA TRP P 328 20.77 -92.47 81.03
C TRP P 328 19.96 -91.31 80.46
N TRP P 329 19.20 -91.61 79.40
CA TRP P 329 18.31 -90.63 78.79
C TRP P 329 17.15 -91.40 78.14
N ARG P 330 16.13 -90.65 77.74
CA ARG P 330 14.99 -91.21 77.03
C ARG P 330 14.81 -90.47 75.71
N CYS P 331 14.52 -91.23 74.65
CA CYS P 331 14.35 -90.70 73.32
C CYS P 331 12.91 -90.87 72.87
N VAL P 332 12.28 -89.79 72.43
CA VAL P 332 10.91 -89.81 71.95
C VAL P 332 10.89 -89.43 70.48
N LEU P 333 10.13 -90.18 69.70
CA LEU P 333 9.98 -89.91 68.26
C LEU P 333 8.50 -90.01 67.94
N THR P 334 7.90 -88.88 67.57
CA THR P 334 6.47 -88.79 67.32
C THR P 334 6.23 -88.43 65.86
N THR P 335 5.33 -89.18 65.21
CA THR P 335 5.00 -88.96 63.82
C THR P 335 3.48 -88.99 63.65
N LYS P 336 2.98 -88.28 62.64
CA LYS P 336 1.61 -88.45 62.19
C LYS P 336 1.67 -88.69 60.69
N THR P 337 1.25 -89.86 60.24
CA THR P 337 1.32 -90.21 58.83
C THR P 337 -0.08 -90.36 58.27
N VAL P 338 -0.30 -89.82 57.06
CA VAL P 338 -1.61 -89.91 56.44
C VAL P 338 -1.98 -91.36 56.16
N SER P 339 -1.03 -92.13 55.62
CA SER P 339 -1.24 -93.55 55.48
C SER P 339 -1.20 -94.24 56.84
N SER P 340 -1.40 -95.55 56.82
CA SER P 340 -1.34 -96.36 58.04
C SER P 340 -0.37 -97.52 57.90
N SER P 341 0.52 -97.47 56.90
CA SER P 341 1.39 -98.60 56.58
C SER P 341 2.65 -98.55 57.45
N PHE P 342 2.44 -98.78 58.74
CA PHE P 342 3.55 -99.02 59.66
C PHE P 342 4.00 -100.46 59.52
N ARG P 343 5.27 -100.66 59.22
CA ARG P 343 5.77 -102.01 58.91
C ARG P 343 6.85 -102.48 59.87
N ALA P 344 7.86 -101.65 60.13
CA ALA P 344 8.97 -102.09 60.97
C ALA P 344 9.66 -100.87 61.57
N ALA P 345 10.45 -101.13 62.62
CA ALA P 345 11.27 -100.12 63.27
C ALA P 345 12.65 -100.70 63.53
N TYR P 346 13.68 -99.92 63.21
CA TYR P 346 15.06 -100.39 63.33
C TYR P 346 15.85 -99.43 64.21
N VAL P 347 16.80 -99.97 64.95
CA VAL P 347 17.73 -99.19 65.77
C VAL P 347 19.12 -99.80 65.64
N ALA P 348 20.12 -98.95 65.42
CA ALA P 348 21.49 -99.40 65.23
C ALA P 348 22.42 -98.25 65.60
N PRO P 349 23.67 -98.55 65.98
CA PRO P 349 24.61 -97.49 66.34
C PRO P 349 25.15 -96.76 65.12
N ALA P 350 25.60 -95.53 65.36
CA ALA P 350 26.08 -94.65 64.31
C ALA P 350 27.47 -94.13 64.65
N GLU P 351 28.28 -93.92 63.61
CA GLU P 351 29.65 -93.46 63.82
C GLU P 351 29.68 -92.05 64.37
N THR P 352 28.95 -91.12 63.75
CA THR P 352 28.97 -89.72 64.15
C THR P 352 27.54 -89.24 64.37
N ASN P 353 27.43 -87.98 64.82
CA ASN P 353 26.13 -87.43 65.15
C ASN P 353 25.22 -87.33 63.94
N PHE P 354 25.76 -86.93 62.79
CA PHE P 354 24.95 -86.78 61.60
C PHE P 354 24.79 -88.09 60.84
N SER P 355 25.47 -89.14 61.27
CA SER P 355 25.47 -90.41 60.55
C SER P 355 24.06 -91.01 60.48
N TRP P 356 23.93 -92.02 59.63
CA TRP P 356 22.68 -92.72 59.40
C TRP P 356 22.86 -94.20 59.66
N ILE P 357 21.75 -94.88 59.94
CA ILE P 357 21.81 -96.32 60.23
C ILE P 357 22.36 -97.08 59.04
N ASP P 358 21.90 -96.74 57.83
CA ASP P 358 22.28 -97.45 56.63
C ASP P 358 23.70 -97.13 56.17
N SER P 359 24.36 -96.14 56.78
CA SER P 359 25.74 -95.85 56.46
C SER P 359 26.67 -96.92 57.02
N ASN P 360 27.85 -97.04 56.43
CA ASN P 360 28.82 -98.02 56.88
C ASN P 360 29.58 -97.49 58.10
N SER P 361 30.44 -98.34 58.65
CA SER P 361 31.20 -98.03 59.86
C SER P 361 32.70 -98.17 59.57
N SER P 362 33.48 -97.24 60.09
CA SER P 362 34.92 -97.29 59.91
C SER P 362 35.58 -98.31 60.84
N ALA P 363 35.05 -98.48 62.05
CA ALA P 363 35.68 -99.33 63.05
C ALA P 363 34.59 -99.94 63.93
N ALA P 364 35.00 -100.47 65.07
CA ALA P 364 34.09 -101.14 66.00
C ALA P 364 33.64 -100.16 67.08
N ILE P 365 32.33 -100.05 67.26
CA ILE P 365 31.74 -99.20 68.29
C ILE P 365 30.71 -100.00 69.06
N ASP P 366 30.43 -99.54 70.28
CA ASP P 366 29.58 -100.27 71.21
C ASP P 366 28.64 -99.31 71.91
N VAL P 367 27.51 -99.86 72.37
CA VAL P 367 26.47 -99.05 73.02
C VAL P 367 25.62 -99.98 73.87
N LEU P 368 24.92 -99.41 74.85
CA LEU P 368 24.13 -100.16 75.81
C LEU P 368 22.66 -99.77 75.70
N ILE P 369 21.77 -100.76 75.81
CA ILE P 369 20.36 -100.61 75.53
C ILE P 369 19.53 -101.27 76.64
N TRP P 370 18.39 -100.67 76.95
CA TRP P 370 17.41 -101.27 77.85
C TRP P 370 16.07 -100.60 77.63
N GLY P 371 15.02 -101.21 78.19
CA GLY P 371 13.73 -100.56 78.37
C GLY P 371 13.07 -99.93 77.16
N ALA P 372 12.63 -100.74 76.21
CA ALA P 372 11.96 -100.24 75.02
C ALA P 372 10.45 -100.36 75.16
N GLN P 373 9.74 -99.43 74.52
CA GLN P 373 8.28 -99.47 74.50
C GLN P 373 7.78 -98.68 73.29
N ILE P 374 6.56 -98.99 72.88
CA ILE P 374 5.88 -98.31 71.79
C ILE P 374 4.42 -98.11 72.18
N GLU P 375 3.89 -96.91 71.91
CA GLU P 375 2.50 -96.63 72.23
C GLU P 375 1.93 -95.67 71.20
N LEU P 376 0.59 -95.63 71.14
CA LEU P 376 -0.13 -94.79 70.19
C LEU P 376 -0.59 -93.52 70.90
N GLY P 377 0.30 -92.54 70.96
CA GLY P 377 -0.01 -91.27 71.57
C GLY P 377 0.96 -90.18 71.18
N ASP P 378 0.88 -89.02 71.85
CA ASP P 378 1.77 -87.91 71.58
C ASP P 378 2.69 -87.57 72.75
N THR P 379 2.52 -88.19 73.91
CA THR P 379 3.33 -87.88 75.08
C THR P 379 3.80 -89.16 75.74
N PRO P 380 5.07 -89.23 76.12
CA PRO P 380 5.58 -90.43 76.79
C PRO P 380 4.90 -90.66 78.12
N THR P 381 4.81 -91.93 78.50
CA THR P 381 4.23 -92.32 79.79
C THR P 381 5.22 -93.20 80.56
N GLY P 382 4.78 -93.76 81.68
CA GLY P 382 5.66 -94.59 82.49
C GLY P 382 6.02 -95.90 81.82
N TYR P 383 7.08 -96.51 82.32
CA TYR P 383 7.59 -97.75 81.77
C TYR P 383 6.95 -98.96 82.45
N LEU P 384 6.84 -100.04 81.71
CA LEU P 384 6.17 -101.25 82.17
C LEU P 384 6.81 -102.46 81.51
N LYS P 385 6.89 -103.56 82.27
CA LYS P 385 7.46 -104.79 81.74
C LYS P 385 6.63 -105.32 80.58
N THR P 386 7.31 -105.88 79.58
CA THR P 386 6.64 -106.44 78.43
C THR P 386 7.44 -107.62 77.90
N THR P 387 6.74 -108.73 77.62
CA THR P 387 7.37 -109.89 77.01
C THR P 387 6.28 -110.72 76.35
N GLY P 388 6.53 -111.14 75.11
CA GLY P 388 5.62 -112.04 74.41
C GLY P 388 4.37 -111.38 73.89
N ALA P 389 3.67 -110.64 74.75
CA ALA P 389 2.38 -110.06 74.40
C ALA P 389 2.32 -108.62 74.88
N PRO P 390 1.50 -107.78 74.22
CA PRO P 390 1.31 -106.41 74.71
C PRO P 390 0.72 -106.41 76.11
N VAL P 391 1.17 -105.46 76.92
CA VAL P 391 0.78 -105.38 78.32
C VAL P 391 0.03 -104.06 78.52
N THR P 392 -1.21 -104.16 79.00
CA THR P 392 -2.11 -103.03 79.12
C THR P 392 -2.48 -102.81 80.58
N ILE P 393 -2.26 -101.59 81.08
CA ILE P 393 -2.51 -101.27 82.47
C ILE P 393 -3.18 -99.90 82.55
N THR P 394 -4.21 -99.79 83.40
CA THR P 394 -4.74 -98.52 83.86
C THR P 394 -4.35 -98.35 85.32
N ASP P 395 -3.68 -97.25 85.63
CA ASP P 395 -3.12 -97.07 86.96
C ASP P 395 -4.10 -96.38 87.91
N TYR P 396 -4.69 -95.27 87.50
CA TYR P 396 -5.50 -94.46 88.40
C TYR P 396 -6.92 -94.35 87.88
N VAL P 397 -7.83 -94.07 88.81
CA VAL P 397 -9.21 -93.73 88.49
C VAL P 397 -9.76 -92.97 89.69
N LEU P 398 -10.69 -92.05 89.41
CA LEU P 398 -11.29 -91.26 90.47
C LEU P 398 -12.58 -91.92 90.91
N GLN P 399 -12.70 -92.13 92.23
CA GLN P 399 -13.93 -92.71 92.76
C GLN P 399 -15.07 -91.70 92.76
N ASN P 400 -14.80 -90.45 93.13
CA ASN P 400 -15.83 -89.44 93.22
C ASN P 400 -15.25 -88.09 92.80
N ALA P 401 -15.76 -87.55 91.70
CA ALA P 401 -15.25 -86.28 91.19
C ALA P 401 -15.54 -85.15 92.18
N GLN P 402 -16.78 -85.05 92.66
CA GLN P 402 -17.13 -83.94 93.53
C GLN P 402 -16.47 -84.06 94.89
N THR P 403 -16.15 -85.28 95.33
CA THR P 403 -15.41 -85.44 96.57
C THR P 403 -13.97 -85.00 96.42
N GLY P 404 -13.32 -85.37 95.32
CA GLY P 404 -11.92 -85.07 95.13
C GLY P 404 -11.03 -86.21 95.58
N THR P 405 -11.32 -87.42 95.10
CA THR P 405 -10.59 -88.62 95.51
C THR P 405 -10.11 -89.38 94.29
N VAL P 406 -9.03 -90.14 94.48
CA VAL P 406 -8.48 -91.00 93.44
C VAL P 406 -8.07 -92.31 94.07
N LYS P 407 -8.36 -93.41 93.38
CA LYS P 407 -8.00 -94.75 93.83
C LYS P 407 -7.18 -95.43 92.74
N PHE P 408 -5.98 -95.86 93.09
CA PHE P 408 -5.08 -96.48 92.13
C PHE P 408 -5.35 -97.97 92.01
N THR P 409 -4.94 -98.54 90.87
CA THR P 409 -5.17 -99.96 90.63
C THR P 409 -4.35 -100.82 91.57
N GLN P 410 -3.16 -100.37 91.94
CA GLN P 410 -2.27 -101.10 92.83
C GLN P 410 -1.77 -100.19 93.92
N PRO P 411 -1.38 -100.75 95.07
CA PRO P 411 -0.75 -99.92 96.11
C PRO P 411 0.55 -99.30 95.60
N LEU P 412 0.76 -98.04 95.95
CA LEU P 412 1.94 -97.33 95.51
C LEU P 412 3.16 -97.79 96.30
N PRO P 413 4.35 -97.78 95.69
CA PRO P 413 5.56 -98.17 96.42
C PRO P 413 6.00 -97.14 97.45
N THR P 414 7.18 -97.35 98.04
CA THR P 414 7.73 -96.44 99.02
C THR P 414 8.56 -95.36 98.33
N GLY P 415 8.34 -94.11 98.74
CA GLY P 415 9.07 -92.99 98.20
C GLY P 415 8.51 -92.41 96.92
N VAL P 416 7.47 -93.00 96.36
CA VAL P 416 6.88 -92.49 95.13
C VAL P 416 6.09 -91.23 95.43
N GLU P 417 6.27 -90.20 94.61
CA GLU P 417 5.58 -88.93 94.75
C GLU P 417 4.92 -88.60 93.43
N ALA P 418 3.64 -88.24 93.48
CA ALA P 418 2.88 -87.91 92.28
C ALA P 418 2.36 -86.47 92.35
N TYR P 419 2.31 -85.82 91.21
CA TYR P 419 1.76 -84.48 91.07
C TYR P 419 0.52 -84.53 90.19
N TRP P 420 -0.16 -83.39 90.06
CA TRP P 420 -1.40 -83.32 89.30
C TRP P 420 -1.61 -81.91 88.79
N THR P 421 -2.49 -81.78 87.80
CA THR P 421 -2.91 -80.48 87.30
C THR P 421 -4.33 -80.60 86.75
N GLY P 422 -5.00 -79.47 86.65
CA GLY P 422 -6.38 -79.39 86.22
C GLY P 422 -7.07 -78.20 86.89
N ASP P 423 -8.39 -78.31 87.02
CA ASP P 423 -9.19 -77.27 87.65
C ASP P 423 -10.05 -77.89 88.75
N TRP P 424 -10.01 -77.28 89.94
CA TRP P 424 -10.74 -77.77 91.10
C TRP P 424 -10.96 -76.68 92.13
N LYS P 425 -12.07 -76.81 92.86
CA LYS P 425 -12.53 -75.91 93.91
C LYS P 425 -12.29 -74.46 93.57
N GLY P 426 -12.54 -74.09 92.32
CA GLY P 426 -12.36 -72.73 91.87
C GLY P 426 -10.93 -72.40 91.53
N GLY P 427 -9.99 -72.98 92.26
CA GLY P 427 -8.59 -72.66 92.07
C GLY P 427 -8.00 -73.28 90.82
N THR P 428 -6.77 -72.87 90.54
CA THR P 428 -6.01 -73.35 89.40
C THR P 428 -4.69 -73.92 89.87
N ALA P 429 -4.30 -75.05 89.29
CA ALA P 429 -3.08 -75.75 89.65
C ALA P 429 -2.31 -76.14 88.41
N ALA P 430 -2.11 -75.17 87.52
CA ALA P 430 -1.34 -75.41 86.30
C ALA P 430 0.05 -75.93 86.61
N GLU P 431 0.71 -75.32 87.59
CA GLU P 431 1.94 -75.89 88.12
C GLU P 431 1.59 -77.15 88.92
N PRO P 432 2.41 -78.20 88.82
CA PRO P 432 2.14 -79.42 89.60
C PRO P 432 2.05 -79.13 91.09
N ALA P 433 1.09 -79.79 91.74
CA ALA P 433 0.76 -79.51 93.14
C ALA P 433 0.92 -80.78 93.97
N ARG P 434 1.53 -80.61 95.15
CA ARG P 434 1.75 -81.73 96.06
C ARG P 434 0.44 -82.12 96.72
N PHE P 435 0.05 -83.39 96.60
CA PHE P 435 -1.24 -83.82 97.13
C PHE P 435 -1.15 -85.10 97.96
N ALA P 436 -0.18 -85.96 97.69
CA ALA P 436 -0.12 -87.25 98.38
C ALA P 436 1.31 -87.74 98.46
N VAL P 437 1.54 -88.67 99.38
CA VAL P 437 2.84 -89.32 99.57
C VAL P 437 2.61 -90.81 99.76
N GLY P 438 3.48 -91.62 99.16
CA GLY P 438 3.32 -93.06 99.21
C GLY P 438 4.34 -93.78 100.08
N ASN P 439 3.86 -94.57 101.02
CA ASN P 439 4.74 -95.29 101.96
C ASN P 439 5.01 -96.73 101.56
N GLY P 440 4.20 -97.32 100.68
CA GLY P 440 4.47 -98.68 100.23
C GLY P 440 3.27 -99.58 100.07
N THR P 441 2.19 -99.31 100.79
CA THR P 441 1.02 -100.18 100.77
C THR P 441 -0.30 -99.45 100.51
N GLN P 442 -0.33 -98.13 100.57
CA GLN P 442 -1.59 -97.40 100.41
C GLN P 442 -1.99 -97.33 98.94
N ASP P 443 -3.30 -97.23 98.70
CA ASP P 443 -3.83 -97.07 97.35
C ASP P 443 -4.93 -96.03 97.23
N THR P 444 -5.33 -95.38 98.31
CA THR P 444 -6.36 -94.34 98.28
C THR P 444 -5.83 -93.08 98.97
N PHE P 445 -5.93 -91.95 98.27
CA PHE P 445 -5.47 -90.66 98.79
C PHE P 445 -6.53 -89.61 98.48
N THR P 446 -6.18 -88.36 98.74
CA THR P 446 -7.06 -87.23 98.46
C THR P 446 -6.21 -86.03 98.08
N LEU P 447 -6.67 -85.28 97.06
CA LEU P 447 -5.92 -84.13 96.57
C LEU P 447 -5.84 -83.05 97.63
N SER P 448 -4.78 -82.24 97.54
CA SER P 448 -4.57 -81.15 98.48
C SER P 448 -5.20 -79.88 97.91
N ASP P 449 -4.87 -78.73 98.49
CA ASP P 449 -5.47 -77.46 98.11
C ASP P 449 -4.60 -76.77 97.07
N PRO P 450 -5.08 -76.51 95.87
CA PRO P 450 -4.34 -75.67 94.92
C PRO P 450 -4.19 -74.23 95.37
N ALA P 451 -3.62 -73.38 94.50
CA ALA P 451 -3.48 -71.95 94.80
C ALA P 451 -4.80 -71.29 95.20
N TYR P 452 -5.94 -71.91 94.90
CA TYR P 452 -7.25 -71.50 95.35
C TYR P 452 -7.76 -70.22 94.70
N ILE P 453 -9.05 -70.19 94.39
CA ILE P 453 -9.75 -69.01 93.87
C ILE P 453 -11.12 -68.94 94.54
N GLY P 454 -11.53 -67.73 94.91
CA GLY P 454 -12.80 -67.53 95.57
C GLY P 454 -13.95 -67.70 94.60
N LEU P 455 -14.22 -68.94 94.21
CA LEU P 455 -14.96 -69.21 92.97
C LEU P 455 -16.30 -68.50 92.87
N PRO P 456 -17.23 -68.58 93.86
CA PRO P 456 -18.58 -68.06 93.58
C PRO P 456 -18.65 -66.54 93.49
N THR P 457 -18.16 -65.85 94.50
CA THR P 457 -18.29 -64.40 94.63
C THR P 457 -19.71 -63.96 94.28
N SER P 458 -20.66 -64.52 95.01
CA SER P 458 -22.07 -64.37 94.69
C SER P 458 -22.55 -62.94 94.96
N GLY P 459 -23.62 -62.55 94.27
CA GLY P 459 -24.21 -61.24 94.44
C GLY P 459 -24.16 -60.39 93.19
N ALA P 460 -25.33 -60.07 92.64
CA ALA P 460 -25.39 -59.18 91.49
C ALA P 460 -25.04 -57.75 91.91
N PHE P 461 -24.50 -57.00 90.96
CA PHE P 461 -24.14 -55.59 91.14
C PHE P 461 -23.06 -55.38 92.18
N LYS P 462 -22.39 -56.46 92.61
CA LYS P 462 -21.30 -56.36 93.57
C LYS P 462 -20.03 -56.86 92.90
N LEU P 463 -19.03 -55.98 92.78
CA LEU P 463 -17.80 -56.34 92.12
C LEU P 463 -16.62 -55.73 92.87
N GLU P 464 -15.58 -56.53 93.06
CA GLU P 464 -14.43 -56.14 93.87
C GLU P 464 -13.16 -56.71 93.25
N TYR P 465 -12.10 -55.90 93.24
CA TYR P 465 -10.82 -56.30 92.67
C TYR P 465 -10.03 -57.13 93.67
N ARG P 466 -8.99 -57.79 93.16
CA ARG P 466 -8.13 -58.63 94.00
C ARG P 466 -6.67 -58.40 93.63
N VAL P 467 -5.87 -58.03 94.62
CA VAL P 467 -4.49 -57.57 94.41
C VAL P 467 -3.54 -58.58 95.01
N GLY P 468 -2.51 -58.94 94.24
CA GLY P 468 -1.46 -59.80 94.72
C GLY P 468 -0.30 -59.04 95.32
N PRO P 469 0.61 -59.75 95.98
CA PRO P 469 1.78 -59.09 96.57
C PRO P 469 2.93 -58.91 95.61
N ALA P 470 3.00 -59.78 94.59
CA ALA P 470 4.17 -59.81 93.72
C ALA P 470 4.35 -58.50 92.97
N LEU P 471 3.25 -57.91 92.49
CA LEU P 471 3.35 -56.65 91.75
C LEU P 471 3.78 -55.50 92.64
N ASN P 472 3.70 -55.67 93.97
CA ASN P 472 4.22 -54.70 94.93
C ASN P 472 3.55 -53.34 94.80
N LEU P 473 2.29 -53.32 94.37
CA LEU P 473 1.54 -52.07 94.33
C LEU P 473 1.37 -51.53 95.74
N SER P 474 1.64 -50.23 95.90
CA SER P 474 1.67 -49.65 97.24
C SER P 474 0.24 -49.47 97.78
N PRO P 475 0.08 -49.55 99.10
CA PRO P 475 -1.28 -49.51 99.68
C PRO P 475 -2.01 -48.20 99.48
N GLN P 476 -1.31 -47.07 99.38
CA GLN P 476 -2.03 -45.81 99.18
C GLN P 476 -2.71 -45.75 97.81
N LEU P 477 -2.19 -46.47 96.81
CA LEU P 477 -2.96 -46.66 95.58
C LEU P 477 -4.25 -47.41 95.87
N ILE P 478 -4.19 -48.44 96.71
CA ILE P 478 -5.41 -49.16 97.10
C ILE P 478 -6.41 -48.20 97.73
N ASN P 479 -5.91 -47.32 98.60
CA ASN P 479 -6.79 -46.33 99.22
C ASN P 479 -7.38 -45.38 98.19
N LEU P 480 -6.55 -44.92 97.25
CA LEU P 480 -6.97 -43.92 96.28
C LEU P 480 -7.88 -44.47 95.20
N MET P 481 -7.88 -45.77 94.97
CA MET P 481 -8.69 -46.37 93.92
C MET P 481 -10.04 -46.88 94.41
N ASN P 482 -10.35 -46.69 95.69
CA ASN P 482 -11.63 -47.12 96.23
C ASN P 482 -12.68 -46.03 96.29
N ASP P 483 -12.28 -44.76 96.18
CA ASP P 483 -13.24 -43.68 96.25
C ASP P 483 -14.07 -43.62 94.97
N ARG P 484 -15.28 -43.07 95.10
CA ARG P 484 -16.17 -42.91 93.97
C ARG P 484 -15.97 -41.61 93.21
N ALA P 485 -15.56 -40.54 93.91
CA ALA P 485 -15.54 -39.22 93.28
C ALA P 485 -14.59 -39.15 92.10
N VAL P 486 -13.39 -39.72 92.24
CA VAL P 486 -12.37 -39.54 91.21
C VAL P 486 -12.76 -40.30 89.94
N GLY P 487 -13.45 -41.42 90.08
CA GLY P 487 -13.91 -42.19 88.93
C GLY P 487 -12.78 -42.64 88.02
N ILE P 488 -11.92 -43.53 88.52
CA ILE P 488 -10.78 -44.01 87.76
C ILE P 488 -10.87 -45.51 87.47
N MET P 489 -12.05 -46.09 87.60
CA MET P 489 -12.28 -47.49 87.30
C MET P 489 -13.48 -47.67 86.39
N PRO P 490 -13.49 -48.72 85.56
CA PRO P 490 -14.67 -49.02 84.77
C PRO P 490 -15.86 -49.30 85.69
N THR P 491 -17.04 -48.84 85.26
CA THR P 491 -18.22 -48.99 86.09
C THR P 491 -19.46 -48.98 85.21
N CYS P 492 -20.54 -49.53 85.75
CA CYS P 492 -21.86 -49.47 85.16
C CYS P 492 -22.84 -49.00 86.21
N ALA P 493 -23.84 -48.23 85.79
CA ALA P 493 -24.80 -47.69 86.75
C ALA P 493 -25.54 -48.81 87.46
N GLY P 494 -25.58 -48.75 88.78
CA GLY P 494 -26.26 -49.75 89.58
C GLY P 494 -25.38 -50.77 90.27
N CYS P 495 -24.07 -50.59 90.28
CA CYS P 495 -23.15 -51.51 90.94
C CYS P 495 -22.20 -50.73 91.82
N ASP P 496 -21.34 -51.44 92.54
CA ASP P 496 -20.37 -50.84 93.45
C ASP P 496 -19.02 -51.54 93.31
N VAL P 497 -17.97 -50.81 93.69
CA VAL P 497 -16.60 -51.19 93.38
C VAL P 497 -15.79 -51.23 94.67
N LYS P 498 -14.96 -52.27 94.80
CA LYS P 498 -13.99 -52.39 95.88
C LYS P 498 -12.65 -52.83 95.30
N VAL P 499 -11.57 -52.16 95.70
CA VAL P 499 -10.25 -52.57 95.24
C VAL P 499 -9.85 -53.89 95.87
N ILE P 500 -10.15 -54.07 97.14
CA ILE P 500 -9.93 -55.35 97.82
C ILE P 500 -11.09 -55.64 98.76
N LYS Q 1 1.24 7.70 54.14
CA LYS Q 1 2.39 8.52 53.79
C LYS Q 1 2.08 9.37 52.57
N ILE Q 2 3.10 10.10 52.08
CA ILE Q 2 2.97 10.97 50.93
C ILE Q 2 4.08 10.66 49.95
N PRO Q 3 3.77 10.29 48.71
CA PRO Q 3 4.84 10.10 47.71
C PRO Q 3 5.53 11.41 47.39
N LEU Q 4 6.84 11.35 47.19
CA LEU Q 4 7.64 12.54 46.96
C LEU Q 4 8.77 12.19 45.99
N THR Q 5 9.71 13.12 45.84
CA THR Q 5 10.90 12.91 45.03
C THR Q 5 11.96 13.89 45.48
N ALA Q 6 13.14 13.80 44.86
CA ALA Q 6 14.29 14.64 45.24
C ALA Q 6 14.44 15.77 44.23
N VAL Q 7 13.66 16.82 44.44
CA VAL Q 7 13.67 18.00 43.57
C VAL Q 7 13.52 19.24 44.45
N PRO Q 8 14.30 20.29 44.23
CA PRO Q 8 14.21 21.47 45.11
C PRO Q 8 12.88 22.20 45.03
N ASN Q 9 12.09 22.00 43.98
CA ASN Q 9 10.82 22.71 43.83
C ASN Q 9 9.79 21.74 43.29
N GLN Q 10 8.75 21.47 44.07
CA GLN Q 10 7.73 20.53 43.64
C GLN Q 10 6.39 20.88 44.30
N ALA Q 11 5.33 20.32 43.73
CA ALA Q 11 3.99 20.50 44.27
C ALA Q 11 3.15 19.29 43.90
N ILE Q 12 2.39 18.77 44.85
CA ILE Q 12 1.57 17.58 44.66
C ILE Q 12 0.15 17.86 45.12
N SER Q 13 -0.80 17.22 44.44
CA SER Q 13 -2.22 17.30 44.78
C SER Q 13 -2.70 15.90 45.08
N PHE Q 14 -3.44 15.75 46.18
CA PHE Q 14 -3.94 14.46 46.58
C PHE Q 14 -5.26 14.63 47.31
N ASN Q 15 -6.03 13.55 47.36
CA ASN Q 15 -7.37 13.55 47.95
C ASN Q 15 -7.37 12.59 49.13
N ALA Q 16 -7.34 13.13 50.35
CA ALA Q 16 -7.32 12.31 51.54
C ALA Q 16 -8.13 13.00 52.64
N GLY Q 17 -8.69 12.19 53.53
CA GLY Q 17 -9.52 12.73 54.60
C GLY Q 17 -10.76 13.41 54.09
N SER Q 18 -11.32 12.95 52.97
CA SER Q 18 -12.51 13.55 52.37
C SER Q 18 -12.32 15.04 52.11
N SER Q 19 -11.12 15.41 51.65
CA SER Q 19 -10.84 16.80 51.33
C SER Q 19 -9.73 16.86 50.30
N TYR Q 20 -9.67 17.97 49.57
CA TYR Q 20 -8.73 18.17 48.48
C TYR Q 20 -7.54 18.97 48.99
N TRP Q 21 -6.34 18.40 48.86
CA TRP Q 21 -5.14 19.01 49.39
C TRP Q 21 -4.14 19.29 48.28
N LYS Q 22 -3.33 20.33 48.48
CA LYS Q 22 -2.26 20.66 47.55
C LYS Q 22 -1.12 21.30 48.33
N ILE Q 23 0.06 20.72 48.24
CA ILE Q 23 1.22 21.14 49.03
C ILE Q 23 2.37 21.47 48.08
N ARG Q 24 3.05 22.56 48.36
CA ARG Q 24 4.21 22.99 47.59
C ARG Q 24 5.43 23.02 48.50
N LEU Q 25 6.51 22.37 48.06
CA LEU Q 25 7.75 22.31 48.83
C LEU Q 25 8.86 22.98 48.03
N TYR Q 26 9.61 23.85 48.70
CA TYR Q 26 10.68 24.58 48.03
C TYR Q 26 11.73 24.97 49.05
N GLN Q 27 13.00 24.88 48.66
CA GLN Q 27 14.09 25.24 49.53
C GLN Q 27 14.23 26.75 49.60
N ASN Q 28 14.48 27.27 50.80
CA ASN Q 28 14.71 28.70 51.02
C ASN Q 28 15.96 28.82 51.86
N MET Q 29 17.06 29.24 51.23
CA MET Q 29 18.34 29.40 51.92
C MET Q 29 18.76 28.10 52.60
N ASP Q 30 18.48 27.99 53.90
CA ASP Q 30 18.90 26.84 54.67
C ASP Q 30 17.77 25.88 55.01
N MET Q 31 16.67 26.39 55.56
CA MET Q 31 15.58 25.53 55.99
C MET Q 31 14.61 25.25 54.84
N MET Q 32 13.89 24.15 54.98
CA MET Q 32 12.81 23.79 54.08
C MET Q 32 11.60 24.67 54.36
N ASN Q 33 10.72 24.78 53.37
CA ASN Q 33 9.49 25.56 53.51
C ASN Q 33 8.36 24.89 52.77
N ALA Q 34 7.13 25.21 53.17
CA ALA Q 34 5.96 24.58 52.59
C ALA Q 34 4.81 25.58 52.48
N ASP Q 35 3.95 25.35 51.49
CA ASP Q 35 2.73 26.11 51.30
C ASP Q 35 1.57 25.11 51.15
N ILE Q 36 0.49 25.33 51.89
CA ILE Q 36 -0.59 24.37 52.00
C ILE Q 36 -1.89 25.03 51.55
N SER Q 37 -2.64 24.34 50.70
CA SER Q 37 -3.93 24.80 50.22
C SER Q 37 -4.93 23.66 50.32
N ARG Q 38 -6.18 24.00 50.59
CA ARG Q 38 -7.25 23.02 50.69
C ARG Q 38 -8.45 23.48 49.88
N ASP Q 39 -9.00 22.57 49.09
CA ASP Q 39 -10.25 22.80 48.36
C ASP Q 39 -10.19 24.08 47.54
N GLY Q 40 -9.04 24.33 46.94
CA GLY Q 40 -8.87 25.46 46.05
C GLY Q 40 -8.71 26.80 46.71
N VAL Q 41 -8.72 26.87 48.04
CA VAL Q 41 -8.55 28.10 48.77
C VAL Q 41 -7.30 27.98 49.63
N ILE Q 42 -6.52 29.05 49.69
CA ILE Q 42 -5.26 29.03 50.41
C ILE Q 42 -5.52 28.81 51.90
N VAL Q 43 -4.54 28.20 52.58
CA VAL Q 43 -4.64 27.97 54.01
C VAL Q 43 -3.54 28.73 54.73
N CYS Q 44 -2.28 28.41 54.44
CA CYS Q 44 -1.16 29.06 55.09
C CYS Q 44 0.01 29.19 54.13
N HIS Q 45 0.91 30.10 54.44
CA HIS Q 45 2.03 30.47 53.57
C HIS Q 45 3.33 30.39 54.34
N GLY Q 46 4.38 29.90 53.68
CA GLY Q 46 5.71 29.94 54.25
C GLY Q 46 5.85 29.22 55.57
N VAL Q 47 5.30 28.02 55.69
CA VAL Q 47 5.42 27.25 56.92
C VAL Q 47 6.84 26.70 56.99
N ARG Q 48 7.55 27.04 58.05
CA ARG Q 48 8.88 26.49 58.23
C ARG Q 48 8.80 25.05 58.69
N CYS Q 49 9.78 24.25 58.31
CA CYS Q 49 9.74 22.80 58.43
C CYS Q 49 10.69 22.34 59.53
N PHE Q 50 10.23 21.42 60.37
CA PHE Q 50 11.03 20.83 61.42
C PHE Q 50 10.56 19.42 61.67
N GLY Q 51 11.42 18.63 62.32
CA GLY Q 51 11.10 17.25 62.57
C GLY Q 51 10.22 17.04 63.80
N GLY Q 52 9.04 16.47 63.58
CA GLY Q 52 8.18 16.06 64.66
C GLY Q 52 7.05 17.01 64.99
N ILE Q 53 7.21 18.30 64.72
CA ILE Q 53 6.18 19.26 65.08
C ILE Q 53 5.20 19.40 63.91
N PRO Q 54 3.93 19.68 64.16
CA PRO Q 54 2.96 19.73 63.07
C PRO Q 54 3.18 20.93 62.17
N LEU Q 55 2.68 20.82 60.94
CA LEU Q 55 2.80 21.92 59.99
C LEU Q 55 1.82 23.03 60.31
N LEU Q 56 0.60 22.68 60.73
CA LEU Q 56 -0.44 23.67 60.98
C LEU Q 56 -0.39 24.06 62.46
N GLN Q 57 -0.17 25.35 62.73
CA GLN Q 57 0.05 25.84 64.08
C GLN Q 57 -1.19 26.47 64.70
N TYR Q 58 -1.74 27.50 64.06
CA TYR Q 58 -2.84 28.22 64.67
C TYR Q 58 -4.06 27.33 64.82
N SER Q 59 -4.85 27.61 65.85
CA SER Q 59 -5.88 26.66 66.29
C SER Q 59 -6.97 26.45 65.24
N HIS Q 60 -7.41 27.53 64.59
CA HIS Q 60 -8.55 27.41 63.68
C HIS Q 60 -8.19 26.59 62.45
N GLN Q 61 -6.94 26.68 61.98
CA GLN Q 61 -6.59 26.09 60.71
C GLN Q 61 -6.67 24.57 60.74
N TYR Q 62 -6.02 23.95 61.74
CA TYR Q 62 -5.67 22.54 61.60
C TYR Q 62 -6.90 21.64 61.57
N ARG Q 63 -7.81 21.79 62.54
CA ARG Q 63 -9.02 20.99 62.41
C ARG Q 63 -10.15 21.43 63.32
N PRO Q 64 -11.35 21.61 62.79
CA PRO Q 64 -12.54 21.21 63.53
C PRO Q 64 -12.61 19.70 63.58
N ASP Q 65 -12.48 19.07 62.41
CA ASP Q 65 -12.48 17.62 62.30
C ASP Q 65 -11.46 17.16 61.24
N TYR Q 66 -10.64 18.07 60.70
CA TYR Q 66 -9.71 17.74 59.63
C TYR Q 66 -8.48 17.04 60.20
N GLY Q 67 -7.43 16.92 59.39
CA GLY Q 67 -6.20 16.29 59.80
C GLY Q 67 -5.05 17.27 59.95
N ASN Q 68 -3.83 16.75 59.84
CA ASN Q 68 -2.63 17.56 59.91
C ASN Q 68 -1.46 16.76 59.34
N PHE Q 69 -0.29 17.40 59.28
CA PHE Q 69 0.89 16.82 58.66
C PHE Q 69 2.11 17.01 59.56
N VAL Q 70 2.94 15.98 59.64
CA VAL Q 70 4.16 16.00 60.45
C VAL Q 70 5.29 15.30 59.72
N PHE Q 71 6.47 15.92 59.73
CA PHE Q 71 7.71 15.28 59.29
C PHE Q 71 8.40 14.58 60.45
N ASP Q 72 8.93 13.39 60.18
CA ASP Q 72 9.65 12.66 61.22
C ASP Q 72 10.92 13.37 61.63
N ARG Q 73 11.76 13.76 60.67
CA ARG Q 73 13.00 14.46 60.94
C ARG Q 73 13.04 15.75 60.11
N ASP Q 74 14.06 16.56 60.35
CA ASP Q 74 14.24 17.77 59.56
C ASP Q 74 14.48 17.39 58.10
N ALA Q 75 13.78 18.07 57.20
CA ALA Q 75 13.73 17.68 55.81
C ALA Q 75 14.97 18.16 55.05
N ASP Q 76 15.18 17.53 53.89
CA ASP Q 76 16.26 17.90 52.98
C ASP Q 76 15.91 17.37 51.61
N TRP Q 77 15.87 18.26 50.61
CA TRP Q 77 15.36 17.87 49.30
C TRP Q 77 16.21 16.78 48.65
N THR Q 78 17.43 16.56 49.12
CA THR Q 78 18.24 15.48 48.59
C THR Q 78 17.73 14.12 49.05
N LEU Q 79 17.25 14.04 50.29
CA LEU Q 79 17.03 12.75 50.93
C LEU Q 79 15.64 12.17 50.72
N PHE Q 80 14.72 12.90 50.08
CA PHE Q 80 13.38 12.35 49.88
C PHE Q 80 13.43 11.06 49.08
N GLY Q 81 12.58 10.11 49.46
CA GLY Q 81 12.60 8.78 48.89
C GLY Q 81 13.52 7.81 49.58
N ASP Q 82 14.37 8.28 50.49
CA ASP Q 82 15.34 7.42 51.19
C ASP Q 82 15.53 7.97 52.60
N GLY Q 83 14.81 7.40 53.56
CA GLY Q 83 15.05 7.66 54.96
C GLY Q 83 14.33 8.85 55.55
N ILE Q 84 13.68 9.68 54.73
CA ILE Q 84 12.90 10.80 55.22
C ILE Q 84 11.51 10.71 54.60
N ASN Q 85 10.47 10.81 55.43
CA ASN Q 85 9.10 10.57 55.01
C ASN Q 85 8.19 11.67 55.54
N LEU Q 86 6.98 11.72 55.00
CA LEU Q 86 5.93 12.62 55.45
C LEU Q 86 4.64 11.83 55.60
N PHE Q 87 3.93 12.05 56.71
CA PHE Q 87 2.75 11.24 57.03
C PHE Q 87 1.55 12.13 57.30
N TYR Q 88 0.37 11.58 57.01
CA TYR Q 88 -0.90 12.26 57.23
C TYR Q 88 -1.68 11.56 58.33
N LEU Q 89 -2.34 12.33 59.17
CA LEU Q 89 -3.12 11.82 60.29
C LEU Q 89 -4.53 12.37 60.22
N ASP Q 90 -5.51 11.51 60.50
CA ASP Q 90 -6.90 11.96 60.55
C ASP Q 90 -7.16 12.69 61.87
N GLY Q 91 -8.42 13.04 62.13
CA GLY Q 91 -8.72 13.82 63.32
C GLY Q 91 -8.43 13.07 64.60
N ALA Q 92 -8.86 11.82 64.69
CA ALA Q 92 -8.71 11.07 65.94
C ALA Q 92 -7.25 10.79 66.25
N GLU Q 93 -6.51 10.32 65.25
CA GLU Q 93 -5.09 10.02 65.47
C GLU Q 93 -4.32 11.28 65.81
N PHE Q 94 -4.62 12.39 65.13
CA PHE Q 94 -3.90 13.63 65.43
C PHE Q 94 -4.24 14.14 66.82
N ALA Q 95 -5.50 14.00 67.25
CA ALA Q 95 -5.84 14.40 68.62
C ALA Q 95 -5.09 13.55 69.62
N GLU Q 96 -4.99 12.24 69.37
CA GLU Q 96 -4.24 11.37 70.27
C GLU Q 96 -2.77 11.79 70.33
N TYR Q 97 -2.19 12.09 69.17
CA TYR Q 97 -0.81 12.54 69.09
C TYR Q 97 -0.62 13.84 69.86
N GLN Q 98 -1.55 14.78 69.71
CA GLN Q 98 -1.47 16.05 70.42
C GLN Q 98 -1.55 15.84 71.93
N ALA Q 99 -2.40 14.90 72.37
CA ALA Q 99 -2.44 14.56 73.78
C ALA Q 99 -1.09 14.05 74.26
N LEU Q 100 -0.47 13.16 73.49
CA LEU Q 100 0.87 12.70 73.85
C LEU Q 100 1.93 13.79 73.74
N ALA Q 101 1.64 14.88 73.03
CA ALA Q 101 2.64 15.93 72.86
C ALA Q 101 3.02 16.55 74.20
N THR Q 102 2.05 16.79 75.07
CA THR Q 102 2.32 17.38 76.37
C THR Q 102 2.81 16.31 77.34
N SER R 1 10.67 -42.16 29.04
CA SER R 1 9.29 -42.14 29.50
C SER R 1 8.59 -43.44 29.15
N THR R 2 8.79 -43.90 27.92
CA THR R 2 8.09 -45.07 27.42
C THR R 2 8.44 -46.31 28.23
N SER R 3 7.68 -47.37 28.01
CA SER R 3 7.88 -48.63 28.71
C SER R 3 7.50 -49.78 27.80
N THR R 4 8.09 -50.94 28.04
CA THR R 4 7.85 -52.11 27.20
C THR R 4 8.19 -53.35 27.99
N ILE R 5 7.57 -54.46 27.62
CA ILE R 5 7.90 -55.77 28.20
C ILE R 5 9.10 -56.33 27.49
N ARG R 6 10.10 -56.78 28.27
CA ARG R 6 11.34 -57.26 27.67
C ARG R 6 11.10 -58.53 26.86
N THR R 7 11.76 -58.59 25.71
CA THR R 7 11.70 -59.75 24.84
C THR R 7 13.12 -60.21 24.51
N GLY R 8 13.26 -61.50 24.21
CA GLY R 8 14.56 -62.08 23.94
C GLY R 8 15.01 -61.84 22.52
N THR R 9 16.07 -62.55 22.14
CA THR R 9 16.58 -62.44 20.78
C THR R 9 15.53 -62.92 19.78
N ASN R 10 14.76 -63.94 20.15
CA ASN R 10 13.54 -64.23 19.42
C ASN R 10 12.42 -63.35 19.94
N ASN R 11 11.41 -63.15 19.10
CA ASN R 11 10.42 -62.11 19.33
C ASN R 11 9.30 -62.60 20.25
N ASP R 12 9.71 -63.10 21.41
CA ASP R 12 8.79 -63.67 22.38
C ASP R 12 9.10 -63.09 23.76
N ILE R 13 8.12 -63.19 24.65
CA ILE R 13 8.29 -62.69 26.01
C ILE R 13 9.35 -63.50 26.72
N LEU R 14 10.32 -62.82 27.31
CA LEU R 14 11.39 -63.48 28.07
C LEU R 14 11.11 -63.29 29.55
N LEU R 15 11.18 -64.39 30.29
CA LEU R 15 10.88 -64.40 31.72
C LEU R 15 12.13 -64.64 32.51
N ASP R 16 12.28 -63.93 33.63
CA ASP R 16 13.43 -64.10 34.49
C ASP R 16 13.28 -65.38 35.32
N ASP R 17 14.27 -65.63 36.19
CA ASP R 17 14.25 -66.82 37.03
C ASP R 17 13.05 -66.82 37.98
N ASN R 18 12.74 -65.65 38.55
CA ASN R 18 11.63 -65.53 39.49
C ASN R 18 10.27 -65.73 38.82
N GLY R 19 10.21 -65.75 37.50
CA GLY R 19 8.94 -65.88 36.82
C GLY R 19 8.13 -64.61 36.80
N ASN R 20 8.78 -63.45 36.76
CA ASN R 20 8.11 -62.17 36.73
C ASN R 20 8.46 -61.44 35.44
N MET R 21 7.45 -61.01 34.71
CA MET R 21 7.68 -60.15 33.56
C MET R 21 8.20 -58.79 34.04
N VAL R 22 9.18 -58.26 33.32
CA VAL R 22 9.83 -57.02 33.70
C VAL R 22 9.43 -55.93 32.73
N ILE R 23 9.13 -54.75 33.27
CA ILE R 23 8.74 -53.59 32.47
C ILE R 23 9.98 -52.73 32.30
N LEU R 24 10.56 -52.76 31.10
CA LEU R 24 11.78 -52.01 30.85
C LEU R 24 11.51 -50.51 30.85
N ARG R 25 12.42 -49.76 31.44
CA ARG R 25 12.32 -48.31 31.48
C ARG R 25 12.78 -47.75 30.14
N ASP R 26 13.03 -46.44 30.09
CA ASP R 26 13.38 -45.78 28.85
C ASP R 26 14.74 -46.25 28.34
N VAL R 27 15.16 -45.69 27.21
CA VAL R 27 16.41 -46.01 26.52
C VAL R 27 16.34 -47.43 25.96
N GLU R 28 16.38 -48.44 26.83
CA GLU R 28 16.35 -49.81 26.35
C GLU R 28 15.02 -50.12 25.65
N ALA R 29 13.92 -49.61 26.22
CA ALA R 29 12.63 -49.75 25.55
C ALA R 29 12.68 -49.14 24.16
N CYS R 30 13.36 -48.00 24.02
CA CYS R 30 13.53 -47.41 22.70
C CYS R 30 14.28 -48.34 21.77
N ALA R 31 15.30 -49.03 22.28
CA ALA R 31 16.07 -49.95 21.45
C ALA R 31 15.19 -51.08 20.93
N GLN R 32 14.46 -51.76 21.82
CA GLN R 32 13.60 -52.83 21.35
C GLN R 32 12.52 -52.29 20.41
N ASP R 33 11.99 -51.11 20.71
CA ASP R 33 10.92 -50.55 19.88
C ASP R 33 11.42 -50.27 18.47
N VAL R 34 12.60 -49.68 18.33
CA VAL R 34 13.09 -49.39 16.99
C VAL R 34 13.44 -50.68 16.26
N ARG R 35 13.99 -51.67 16.96
CA ARG R 35 14.25 -52.95 16.32
C ARG R 35 12.96 -53.54 15.75
N ALA R 36 11.94 -53.62 16.60
CA ALA R 36 10.67 -54.20 16.15
C ALA R 36 10.07 -53.39 15.01
N ALA R 37 10.15 -52.06 15.08
CA ALA R 37 9.59 -51.23 14.02
C ALA R 37 10.27 -51.51 12.69
N MET R 38 11.61 -51.59 12.69
CA MET R 38 12.31 -51.91 11.45
C MET R 38 12.03 -53.33 10.99
N LEU R 39 11.61 -54.22 11.88
CA LEU R 39 11.33 -55.59 11.48
C LEU R 39 9.87 -55.86 11.11
N MET R 40 9.04 -54.83 11.00
CA MET R 40 7.61 -55.06 11.08
C MET R 40 6.94 -55.19 9.71
N ARG R 41 7.57 -54.72 8.64
CA ARG R 41 7.05 -54.85 7.27
C ARG R 41 5.80 -54.00 7.05
N THR R 42 5.43 -53.79 5.80
CA THR R 42 4.25 -53.01 5.45
C THR R 42 3.06 -53.92 5.20
N GLY R 43 1.88 -53.31 5.13
CA GLY R 43 0.67 -54.04 4.86
C GLY R 43 0.30 -55.07 5.91
N GLU R 44 0.75 -54.89 7.14
CA GLU R 44 0.57 -55.88 8.18
C GLU R 44 -0.34 -55.41 9.29
N ASN R 45 -0.17 -54.17 9.73
CA ASN R 45 -0.93 -53.59 10.82
C ASN R 45 -2.36 -53.39 10.35
N ILE R 46 -3.26 -54.27 10.78
CA ILE R 46 -4.68 -54.00 10.61
C ILE R 46 -5.06 -52.81 11.48
N PHE R 47 -5.95 -51.96 10.95
CA PHE R 47 -6.35 -50.66 11.48
C PHE R 47 -5.32 -49.58 11.23
N ASP R 48 -4.19 -49.88 10.60
CA ASP R 48 -3.30 -48.83 10.11
C ASP R 48 -2.52 -49.40 8.93
N VAL R 49 -3.02 -49.15 7.72
CA VAL R 49 -2.34 -49.58 6.51
C VAL R 49 -1.32 -48.51 6.14
N ASN R 50 -0.41 -48.86 5.24
CA ASN R 50 0.64 -47.97 4.74
C ASN R 50 1.67 -47.64 5.81
N SER R 51 1.85 -48.51 6.79
CA SER R 51 2.87 -48.35 7.82
C SER R 51 3.74 -49.59 7.86
N GLY R 52 5.04 -49.39 7.95
CA GLY R 52 6.01 -50.47 7.95
C GLY R 52 7.11 -50.18 6.96
N VAL R 53 7.82 -51.22 6.56
CA VAL R 53 8.92 -51.12 5.61
C VAL R 53 8.54 -51.87 4.35
N GLY R 54 8.65 -51.20 3.21
CA GLY R 54 8.30 -51.82 1.95
C GLY R 54 9.40 -52.71 1.42
N TYR R 55 9.66 -53.83 2.08
CA TYR R 55 10.76 -54.70 1.69
C TYR R 55 10.55 -55.26 0.29
N PHE R 56 9.35 -55.77 0.01
CA PHE R 56 9.12 -56.47 -1.24
C PHE R 56 8.93 -55.53 -2.41
N GLU R 57 8.70 -54.25 -2.16
CA GLU R 57 8.54 -53.29 -3.24
C GLU R 57 9.73 -52.37 -3.42
N TYR R 58 10.48 -52.11 -2.34
CA TYR R 58 11.48 -51.06 -2.37
C TYR R 58 12.91 -51.57 -2.26
N ILE R 59 13.12 -52.79 -1.77
CA ILE R 59 14.46 -53.34 -1.56
C ILE R 59 14.69 -54.58 -2.40
N PHE R 60 13.90 -55.63 -2.17
CA PHE R 60 14.15 -56.90 -2.85
C PHE R 60 13.89 -56.79 -4.36
N SER R 61 12.83 -56.09 -4.74
CA SER R 61 12.54 -55.91 -6.14
C SER R 61 13.64 -55.08 -6.82
N PRO R 62 13.90 -55.32 -8.10
CA PRO R 62 14.83 -54.45 -8.82
C PRO R 62 14.31 -53.02 -8.83
N GLN R 63 15.24 -52.07 -8.64
CA GLN R 63 14.84 -50.68 -8.44
C GLN R 63 15.78 -49.76 -9.20
N LYS R 64 15.34 -48.52 -9.36
CA LYS R 64 16.10 -47.53 -10.12
C LYS R 64 17.08 -46.78 -9.24
N SER R 65 16.61 -46.22 -8.14
CA SER R 65 17.39 -45.25 -7.38
C SER R 65 17.85 -45.74 -6.02
N TYR R 66 16.98 -46.44 -5.28
CA TYR R 66 17.16 -46.91 -3.90
C TYR R 66 16.94 -45.80 -2.88
N ASP R 67 16.66 -44.57 -3.30
CA ASP R 67 16.34 -43.52 -2.34
C ASP R 67 15.04 -43.81 -1.62
N ASP R 68 14.08 -44.44 -2.32
CA ASP R 68 12.78 -44.71 -1.72
C ASP R 68 12.90 -45.64 -0.52
N ALA R 69 13.78 -46.63 -0.62
CA ALA R 69 14.02 -47.51 0.53
C ALA R 69 14.56 -46.73 1.71
N ARG R 70 15.48 -45.79 1.45
CA ARG R 70 16.02 -44.98 2.53
C ARG R 70 14.94 -44.16 3.19
N LYS R 71 14.06 -43.55 2.39
CA LYS R 71 12.96 -42.79 2.96
C LYS R 71 12.05 -43.67 3.80
N SER R 72 11.73 -44.86 3.30
CA SER R 72 10.82 -45.75 4.03
C SER R 72 11.43 -46.17 5.36
N ILE R 73 12.72 -46.53 5.37
CA ILE R 73 13.36 -46.94 6.62
C ILE R 73 13.45 -45.76 7.58
N ALA R 74 13.75 -44.57 7.06
CA ALA R 74 13.83 -43.39 7.93
C ALA R 74 12.49 -43.11 8.58
N ASP R 75 11.40 -43.25 7.82
CA ASP R 75 10.08 -43.09 8.41
C ASP R 75 9.80 -44.15 9.45
N ALA R 76 10.18 -45.40 9.17
CA ALA R 76 9.92 -46.48 10.12
C ALA R 76 10.65 -46.27 11.43
N ILE R 77 11.90 -45.78 11.37
CA ILE R 77 12.61 -45.48 12.60
C ILE R 77 11.91 -44.37 13.37
N LEU R 78 11.40 -43.38 12.65
CA LEU R 78 10.54 -42.37 13.27
C LEU R 78 9.19 -43.02 13.59
N SER R 79 8.26 -42.22 14.07
CA SER R 79 6.94 -42.64 14.56
C SER R 79 7.06 -43.42 15.85
N SER R 80 8.26 -43.70 16.34
CA SER R 80 8.40 -44.21 17.69
C SER R 80 8.02 -43.12 18.68
N PRO R 81 7.46 -43.51 19.83
CA PRO R 81 6.98 -42.48 20.78
C PRO R 81 8.06 -41.56 21.29
N ASP R 82 9.31 -42.01 21.35
CA ASP R 82 10.35 -41.24 22.02
C ASP R 82 11.41 -40.73 21.06
N VAL R 83 11.65 -41.42 19.94
CA VAL R 83 12.73 -41.05 19.04
C VAL R 83 12.50 -39.64 18.50
N THR R 84 13.58 -38.85 18.47
CA THR R 84 13.53 -37.46 18.01
C THR R 84 14.01 -37.32 16.57
N GLY R 85 15.24 -37.75 16.30
CA GLY R 85 15.80 -37.57 14.97
C GLY R 85 16.88 -38.60 14.67
N ILE R 86 17.17 -38.74 13.38
CA ILE R 86 18.15 -39.70 12.90
C ILE R 86 19.44 -38.96 12.58
N GLU R 87 20.57 -39.50 13.04
CA GLU R 87 21.86 -38.87 12.80
C GLU R 87 22.55 -39.45 11.57
N GLN R 88 22.64 -40.76 11.45
CA GLN R 88 23.34 -41.40 10.34
C GLN R 88 22.52 -42.54 9.75
N LEU R 89 22.68 -42.74 8.44
CA LEU R 89 22.26 -43.94 7.75
C LEU R 89 23.31 -44.30 6.71
N ASP R 90 23.39 -45.58 6.38
CA ASP R 90 24.46 -46.08 5.52
C ASP R 90 23.96 -46.57 4.16
N ILE R 91 23.07 -47.57 4.15
CA ILE R 91 22.61 -48.21 2.92
C ILE R 91 23.85 -48.63 2.13
N ASP R 92 24.50 -49.71 2.59
CA ASP R 92 25.82 -50.03 2.06
C ASP R 92 25.76 -50.64 0.67
N ILE R 93 25.08 -51.79 0.53
CA ILE R 93 25.03 -52.56 -0.71
C ILE R 93 26.46 -52.93 -1.10
N THR R 94 27.01 -53.95 -0.46
CA THR R 94 28.35 -54.42 -0.75
C THR R 94 28.30 -55.89 -1.08
N GLY R 95 28.79 -56.25 -2.28
CA GLY R 95 28.70 -57.64 -2.70
C GLY R 95 27.25 -58.05 -2.81
N GLU R 96 26.83 -58.95 -1.94
CA GLU R 96 25.45 -59.42 -1.96
C GLU R 96 24.60 -58.76 -0.88
N VAL R 97 25.13 -58.63 0.34
CA VAL R 97 24.31 -58.21 1.47
C VAL R 97 23.93 -56.75 1.32
N PHE R 98 22.81 -56.39 1.92
CA PHE R 98 22.27 -55.03 1.91
C PHE R 98 22.52 -54.46 3.30
N GLY R 99 23.68 -53.82 3.48
CA GLY R 99 24.04 -53.32 4.80
C GLY R 99 23.23 -52.09 5.18
N VAL R 100 22.87 -52.03 6.46
CA VAL R 100 22.17 -50.87 7.01
C VAL R 100 22.79 -50.54 8.36
N ASP R 101 23.06 -49.26 8.58
CA ASP R 101 23.55 -48.78 9.86
C ASP R 101 22.81 -47.50 10.22
N ALA R 102 22.61 -47.29 11.52
CA ALA R 102 21.83 -46.15 11.97
C ALA R 102 22.30 -45.70 13.34
N LYS R 103 21.99 -44.44 13.65
CA LYS R 103 22.29 -43.86 14.96
C LYS R 103 21.21 -42.84 15.27
N VAL R 104 20.41 -43.09 16.30
CA VAL R 104 19.23 -42.31 16.57
C VAL R 104 19.48 -41.39 17.77
N ILE R 105 18.54 -40.48 18.01
CA ILE R 105 18.66 -39.50 19.09
C ILE R 105 17.37 -39.50 19.89
N THR R 106 17.49 -39.60 21.21
CA THR R 106 16.34 -39.59 22.11
C THR R 106 16.41 -38.36 23.00
N ILE R 107 15.29 -38.08 23.66
CA ILE R 107 15.24 -36.94 24.57
C ILE R 107 16.16 -37.17 25.77
N HIS R 108 16.24 -38.41 26.22
CA HIS R 108 17.01 -38.73 27.42
C HIS R 108 18.31 -39.45 27.05
N MET S 1 49.43 -2.92 -65.52
CA MET S 1 50.07 -2.15 -64.46
C MET S 1 49.11 -1.12 -63.88
N ILE S 2 49.04 -1.07 -62.56
CA ILE S 2 48.19 -0.12 -61.84
C ILE S 2 49.08 0.72 -60.94
N ASN S 3 48.95 2.03 -61.06
CA ASN S 3 49.73 2.96 -60.26
C ASN S 3 48.92 3.39 -59.06
N VAL S 4 49.43 3.09 -57.86
CA VAL S 4 48.74 3.40 -56.61
C VAL S 4 49.56 4.33 -55.73
N SER S 5 50.50 5.06 -56.32
CA SER S 5 51.33 5.96 -55.56
C SER S 5 50.51 7.14 -55.03
N GLY S 6 50.89 7.62 -53.84
CA GLY S 6 50.20 8.74 -53.24
C GLY S 6 50.95 10.05 -53.35
N PHE S 7 52.08 10.06 -54.04
CA PHE S 7 52.86 11.27 -54.19
C PHE S 7 52.12 12.27 -55.06
N GLY S 8 52.15 13.54 -54.64
CA GLY S 8 51.48 14.59 -55.36
C GLY S 8 50.06 14.87 -54.92
N THR S 9 49.65 14.37 -53.76
CA THR S 9 48.29 14.56 -53.27
C THR S 9 48.18 15.88 -52.52
N GLY S 10 47.11 16.62 -52.81
CA GLY S 10 46.87 17.88 -52.13
C GLY S 10 45.49 17.90 -51.50
N ILE S 11 45.37 18.69 -50.44
CA ILE S 11 44.13 18.83 -49.69
C ILE S 11 43.85 20.30 -49.45
N VAL S 12 42.61 20.70 -49.66
CA VAL S 12 42.17 22.07 -49.39
C VAL S 12 41.05 22.01 -48.37
N ILE S 13 41.18 22.78 -47.30
CA ILE S 13 40.21 22.82 -46.22
C ILE S 13 39.71 24.25 -46.08
N VAL S 14 38.39 24.42 -46.06
CA VAL S 14 37.79 25.72 -45.87
C VAL S 14 36.72 25.63 -44.80
N SER S 15 36.66 26.64 -43.94
CA SER S 15 35.74 26.70 -42.81
C SER S 15 34.72 27.80 -43.01
N ALA S 16 33.62 27.71 -42.25
CA ALA S 16 32.54 28.66 -42.39
C ALA S 16 32.93 30.03 -41.83
N SER S 17 33.54 30.06 -40.65
CA SER S 17 33.86 31.31 -39.97
C SER S 17 35.35 31.54 -39.79
N SER S 18 36.06 30.58 -39.22
CA SER S 18 37.48 30.79 -38.89
C SER S 18 38.32 30.98 -40.15
N PHE S 19 38.08 30.18 -41.19
CA PHE S 19 38.83 30.26 -42.44
C PHE S 19 37.86 30.30 -43.61
N PRO S 20 37.23 31.45 -43.84
CA PRO S 20 36.24 31.53 -44.92
C PRO S 20 36.82 31.29 -46.30
N MET S 21 38.13 31.48 -46.49
CA MET S 21 38.72 31.29 -47.81
C MET S 21 39.44 29.96 -47.96
N GLY S 22 40.04 29.44 -46.90
CA GLY S 22 40.62 28.12 -46.93
C GLY S 22 42.13 28.15 -47.10
N PHE S 23 42.74 27.01 -46.79
CA PHE S 23 44.17 26.82 -46.93
C PHE S 23 44.43 25.43 -47.50
N SER S 24 45.70 25.12 -47.75
CA SER S 24 46.08 23.89 -48.38
C SER S 24 47.05 23.10 -47.52
N LEU S 25 47.04 21.78 -47.69
CA LEU S 25 47.93 20.87 -46.98
C LEU S 25 48.95 20.31 -47.95
N SER S 26 50.23 20.45 -47.62
CA SER S 26 51.29 19.86 -48.43
C SER S 26 52.38 19.15 -47.64
N LYS S 27 52.61 19.49 -46.38
CA LYS S 27 53.66 18.89 -45.59
C LYS S 27 53.07 17.74 -44.80
N PHE S 28 53.15 16.53 -45.35
CA PHE S 28 52.62 15.35 -44.69
C PHE S 28 53.73 14.62 -43.96
N ALA S 29 53.36 13.98 -42.85
CA ALA S 29 54.34 13.33 -42.00
C ALA S 29 54.96 12.13 -42.70
N ASP S 30 55.93 11.53 -42.04
CA ASP S 30 56.68 10.40 -42.57
C ASP S 30 56.51 9.11 -41.78
N ASP S 31 56.59 9.17 -40.45
CA ASP S 31 56.47 7.97 -39.65
C ASP S 31 55.03 7.48 -39.53
N GLU S 32 54.07 8.40 -39.51
CA GLU S 32 52.67 8.06 -39.33
C GLU S 32 51.93 8.14 -40.66
N SER S 33 50.79 7.46 -40.72
CA SER S 33 50.01 7.42 -41.94
C SER S 33 49.49 8.81 -42.28
N PRO S 34 49.67 9.29 -43.50
CA PRO S 34 49.20 10.64 -43.85
C PRO S 34 47.70 10.78 -43.76
N ILE S 35 46.96 9.91 -44.45
CA ILE S 35 45.50 9.93 -44.43
C ILE S 35 45.02 8.55 -44.01
N SER S 36 44.17 8.51 -43.00
CA SER S 36 43.61 7.25 -42.53
C SER S 36 42.15 7.45 -42.19
N SER S 37 41.40 6.35 -42.22
CA SER S 37 39.99 6.41 -41.92
C SER S 37 39.54 5.08 -41.35
N LYS S 38 38.40 5.10 -40.68
CA LYS S 38 37.82 3.89 -40.12
C LYS S 38 36.73 3.36 -41.05
N GLU S 39 36.31 2.13 -40.77
CA GLU S 39 35.33 1.47 -41.63
C GLU S 39 33.98 2.15 -41.55
N LEU S 40 33.24 2.10 -42.66
CA LEU S 40 31.90 2.65 -42.73
C LEU S 40 30.90 1.51 -42.74
N GLU S 41 29.93 1.56 -41.83
CA GLU S 41 28.97 0.47 -41.63
C GLU S 41 27.55 1.03 -41.65
N PRO S 42 27.02 1.30 -42.83
CA PRO S 42 25.68 1.88 -42.92
C PRO S 42 24.57 0.84 -42.96
N PHE S 43 24.87 -0.40 -42.59
CA PHE S 43 23.88 -1.45 -42.59
C PHE S 43 24.03 -2.32 -41.35
N GLY S 44 22.95 -3.02 -41.00
CA GLY S 44 22.95 -3.92 -39.88
C GLY S 44 22.06 -5.10 -40.20
N TYR S 45 22.04 -6.06 -39.28
CA TYR S 45 21.24 -7.27 -39.50
C TYR S 45 20.80 -7.84 -38.17
N GLU S 46 19.64 -8.53 -38.20
CA GLU S 46 19.01 -9.11 -37.04
C GLU S 46 18.54 -10.51 -37.40
N MET S 47 18.50 -11.39 -36.41
CA MET S 47 18.06 -12.77 -36.61
C MET S 47 16.65 -13.01 -36.11
N LEU S 48 15.90 -13.78 -36.89
CA LEU S 48 14.54 -14.16 -36.56
C LEU S 48 14.53 -15.49 -35.82
N TYR S 49 13.39 -15.82 -35.21
CA TYR S 49 13.37 -17.01 -34.38
C TYR S 49 13.19 -18.28 -35.20
N ASP S 50 12.87 -18.14 -36.48
CA ASP S 50 12.74 -19.29 -37.37
C ASP S 50 14.02 -19.59 -38.13
N GLY S 51 15.07 -18.81 -37.91
CA GLY S 51 16.34 -19.01 -38.58
C GLY S 51 16.62 -18.11 -39.75
N GLY S 52 15.73 -17.16 -40.04
CA GLY S 52 15.90 -16.30 -41.19
C GLY S 52 16.87 -15.16 -40.93
N LEU S 53 16.91 -14.24 -41.89
CA LEU S 53 17.77 -13.08 -41.84
C LEU S 53 16.98 -11.83 -42.21
N PHE S 54 17.23 -10.75 -41.49
CA PHE S 54 16.60 -9.46 -41.81
C PHE S 54 17.64 -8.37 -41.75
N ALA S 55 17.63 -7.49 -42.75
CA ALA S 55 18.62 -6.43 -42.87
C ALA S 55 17.92 -5.08 -42.91
N PHE S 56 18.49 -4.11 -42.18
CA PHE S 56 17.91 -2.79 -42.10
C PHE S 56 18.95 -1.72 -42.40
N ASP S 57 18.62 -0.47 -42.17
CA ASP S 57 19.51 0.65 -42.45
C ASP S 57 19.89 1.32 -41.14
N LYS S 58 21.17 1.64 -41.00
CA LYS S 58 21.72 2.19 -39.77
C LYS S 58 22.42 3.52 -40.06
N ALA S 59 22.34 4.44 -39.10
CA ALA S 59 23.02 5.71 -39.21
C ALA S 59 24.48 5.52 -38.85
N ALA S 60 25.38 6.06 -39.68
CA ALA S 60 26.81 5.90 -39.47
C ALA S 60 27.58 7.13 -39.94
N PRO S 61 28.44 7.69 -39.10
CA PRO S 61 29.26 8.82 -39.52
C PRO S 61 30.57 8.36 -40.13
N LEU S 62 31.42 9.30 -40.52
CA LEU S 62 32.70 8.98 -41.13
C LEU S 62 33.80 9.76 -40.42
N GLU S 63 34.93 9.10 -40.17
CA GLU S 63 36.07 9.73 -39.51
C GLU S 63 37.32 9.59 -40.36
N VAL S 64 38.14 10.63 -40.36
CA VAL S 64 39.42 10.64 -41.07
C VAL S 64 40.49 11.18 -40.14
N SER S 65 41.73 10.80 -40.43
CA SER S 65 42.88 11.23 -39.66
C SER S 65 43.94 11.78 -40.60
N VAL S 66 44.48 12.94 -40.27
CA VAL S 66 45.50 13.61 -41.09
C VAL S 66 46.70 13.90 -40.21
N SER S 67 47.88 13.55 -40.69
CA SER S 67 49.13 13.77 -39.97
C SER S 67 50.05 14.68 -40.76
N VAL S 68 50.66 15.65 -40.08
CA VAL S 68 51.52 16.62 -40.72
C VAL S 68 52.84 16.73 -39.96
N ILE S 69 53.84 17.28 -40.64
CA ILE S 69 55.15 17.46 -40.04
C ILE S 69 55.10 18.59 -39.02
N ALA S 70 55.63 18.34 -37.84
CA ALA S 70 55.59 19.34 -36.78
C ALA S 70 56.38 20.58 -37.18
N GLY S 71 55.87 21.74 -36.77
CA GLY S 71 56.55 23.00 -37.00
C GLY S 71 56.26 23.66 -38.33
N SER S 72 55.51 23.02 -39.21
CA SER S 72 55.18 23.62 -40.49
C SER S 72 54.00 24.58 -40.34
N GLU S 73 53.69 25.28 -41.43
CA GLU S 73 52.57 26.20 -41.44
C GLU S 73 51.24 25.47 -41.31
N ASP S 74 51.15 24.29 -41.91
CA ASP S 74 49.92 23.51 -41.83
C ASP S 74 49.60 23.15 -40.38
N ASP S 75 50.64 22.84 -39.60
CA ASP S 75 50.43 22.50 -38.20
C ASP S 75 49.81 23.66 -37.43
N ILE S 76 50.31 24.87 -37.63
CA ILE S 76 49.76 25.99 -36.87
C ILE S 76 48.36 26.34 -37.36
N ASN S 77 48.10 26.19 -38.67
CA ASN S 77 46.73 26.42 -39.15
C ASN S 77 45.76 25.44 -38.50
N LEU S 78 46.13 24.16 -38.45
CA LEU S 78 45.25 23.18 -37.83
C LEU S 78 45.12 23.41 -36.34
N ARG S 79 46.17 23.90 -35.68
CA ARG S 79 46.07 24.21 -34.26
C ARG S 79 45.08 25.33 -34.02
N ILE S 80 45.11 26.37 -34.86
CA ILE S 80 44.14 27.45 -34.74
C ILE S 80 42.73 26.91 -34.94
N LEU S 81 42.55 26.08 -35.95
CA LEU S 81 41.22 25.53 -36.22
C LEU S 81 40.72 24.70 -35.04
N LEU S 82 41.62 23.94 -34.39
CA LEU S 82 41.23 23.19 -33.22
C LEU S 82 40.87 24.10 -32.05
N ASN S 83 41.65 25.14 -31.83
CA ASN S 83 41.41 26.01 -30.68
C ASN S 83 40.21 26.92 -30.86
N SER S 84 39.71 27.09 -32.08
CA SER S 84 38.48 27.85 -32.26
C SER S 84 37.32 27.22 -31.52
N LYS S 85 36.81 27.91 -30.50
CA LYS S 85 35.71 27.39 -29.69
C LYS S 85 34.38 27.64 -30.37
N LYS S 86 33.47 26.67 -30.27
CA LYS S 86 32.15 26.78 -30.89
C LYS S 86 31.16 27.60 -30.08
N GLY S 87 31.52 27.98 -28.85
CA GLY S 87 30.61 28.81 -28.08
C GLY S 87 30.35 30.16 -28.70
N SER S 88 31.34 30.69 -29.42
CA SER S 88 31.22 32.01 -30.01
C SER S 88 30.38 31.98 -31.28
N PHE S 89 30.28 33.15 -31.92
CA PHE S 89 29.58 33.44 -33.17
C PHE S 89 28.21 32.79 -33.36
N ARG S 90 27.65 32.94 -34.56
CA ARG S 90 26.26 32.61 -34.85
C ARG S 90 26.18 31.85 -36.16
N PHE S 91 25.15 31.02 -36.30
CA PHE S 91 25.00 30.16 -37.45
C PHE S 91 23.57 30.18 -37.98
N LEU S 92 23.43 29.81 -39.25
CA LEU S 92 22.12 29.55 -39.81
C LEU S 92 21.50 28.33 -39.15
N PRO S 93 20.17 28.27 -39.05
CA PRO S 93 19.54 27.21 -38.26
C PRO S 93 19.72 25.83 -38.89
N GLY S 94 20.02 24.85 -38.05
CA GLY S 94 20.24 23.49 -38.49
C GLY S 94 21.45 23.30 -39.38
N ILE S 95 22.51 24.07 -39.14
CA ILE S 95 23.66 24.09 -40.03
C ILE S 95 24.96 23.69 -39.33
N ILE S 96 25.01 23.69 -38.00
CA ILE S 96 26.19 23.38 -37.20
C ILE S 96 27.19 24.51 -37.31
N PRO S 97 27.73 25.00 -36.20
CA PRO S 97 28.77 26.04 -36.29
C PRO S 97 30.02 25.50 -36.98
N ASP S 98 30.60 26.34 -37.84
CA ASP S 98 31.83 26.02 -38.54
C ASP S 98 31.70 24.70 -39.33
N MET S 99 30.77 24.70 -40.27
CA MET S 99 30.65 23.56 -41.18
C MET S 99 31.86 23.57 -42.10
N THR S 100 32.85 22.75 -41.78
CA THR S 100 34.10 22.72 -42.53
C THR S 100 34.04 21.62 -43.57
N THR S 101 34.37 21.96 -44.81
CA THR S 101 34.38 20.99 -45.90
C THR S 101 35.79 20.80 -46.41
N LEU S 102 36.05 19.61 -46.94
CA LEU S 102 37.38 19.19 -47.34
C LEU S 102 37.33 18.68 -48.77
N VAL S 103 38.33 19.05 -49.57
CA VAL S 103 38.47 18.59 -50.93
C VAL S 103 39.86 18.01 -51.09
N ALA S 104 39.93 16.75 -51.56
CA ALA S 104 41.19 16.06 -51.73
C ALA S 104 41.34 15.60 -53.17
N THR S 105 42.53 15.78 -53.73
CA THR S 105 42.81 15.43 -55.12
C THR S 105 43.81 14.28 -55.16
N LEU S 106 43.43 13.21 -55.85
CA LEU S 106 44.37 12.14 -56.09
C LEU S 106 45.31 12.50 -57.23
N PRO S 107 46.51 11.92 -57.25
CA PRO S 107 47.47 12.29 -58.31
C PRO S 107 46.96 12.05 -59.72
N ASP S 108 46.22 10.96 -59.94
CA ASP S 108 45.74 10.69 -61.29
C ASP S 108 44.70 11.71 -61.73
N GLY S 109 43.91 12.24 -60.79
CA GLY S 109 42.92 13.25 -61.12
C GLY S 109 41.63 13.10 -60.34
N GLY S 110 41.42 11.93 -59.72
CA GLY S 110 40.20 11.70 -58.98
C GLY S 110 40.06 12.63 -57.79
N ARG S 111 38.82 12.97 -57.47
CA ARG S 111 38.53 13.91 -56.40
C ARG S 111 37.38 13.40 -55.55
N THR S 112 37.32 13.90 -54.33
CA THR S 112 36.27 13.56 -53.39
C THR S 112 36.01 14.77 -52.50
N VAL S 113 34.74 14.97 -52.15
CA VAL S 113 34.33 16.13 -51.37
C VAL S 113 33.59 15.64 -50.13
N LEU S 114 33.98 16.16 -48.97
CA LEU S 114 33.33 15.83 -47.71
C LEU S 114 32.91 17.13 -47.04
N SER S 115 31.70 17.15 -46.49
CA SER S 115 31.15 18.35 -45.88
C SER S 115 30.34 17.96 -44.66
N ASN S 116 29.79 18.98 -43.99
CA ASN S 116 28.98 18.82 -42.79
C ASN S 116 29.77 18.09 -41.70
N GLY S 117 30.84 18.73 -41.25
CA GLY S 117 31.66 18.11 -40.23
C GLY S 117 32.64 19.09 -39.63
N THR S 118 33.27 18.65 -38.54
CA THR S 118 34.18 19.47 -37.76
C THR S 118 35.45 18.70 -37.41
N ILE S 119 36.24 19.24 -36.49
CA ILE S 119 37.50 18.64 -36.07
C ILE S 119 37.38 18.20 -34.62
N LEU S 120 37.84 16.99 -34.33
CA LEU S 120 37.65 16.39 -33.01
C LEU S 120 38.89 16.47 -32.13
N LYS S 121 40.01 15.91 -32.57
CA LYS S 121 41.14 15.67 -31.70
C LYS S 121 42.41 16.23 -32.29
N GLY S 122 43.38 16.49 -31.42
CA GLY S 122 44.67 16.99 -31.84
C GLY S 122 45.61 17.15 -30.66
N PRO S 123 46.89 17.32 -30.93
CA PRO S 123 47.87 17.53 -29.85
C PRO S 123 47.97 19.02 -29.52
N ALA S 124 47.86 19.33 -28.24
CA ALA S 124 47.97 20.73 -27.82
C ALA S 124 49.41 21.22 -27.89
N ILE S 125 50.36 20.39 -27.45
CA ILE S 125 51.78 20.73 -27.52
C ILE S 125 52.52 19.55 -28.13
N ASP S 126 53.69 19.86 -28.69
CA ASP S 126 54.49 18.87 -29.38
C ASP S 126 55.14 17.89 -28.42
N THR S 127 55.52 16.73 -28.96
CA THR S 127 56.06 15.62 -28.20
C THR S 127 57.47 15.31 -28.67
N ILE S 128 58.38 15.09 -27.73
CA ILE S 128 59.76 14.73 -28.04
C ILE S 128 59.94 13.28 -27.63
N GLN S 129 60.18 12.41 -28.60
CA GLN S 129 60.28 10.99 -28.32
C GLN S 129 61.73 10.59 -28.07
N ASN S 130 61.99 9.28 -28.00
CA ASN S 130 63.25 8.78 -27.48
C ASN S 130 64.43 9.20 -28.36
N THR S 131 64.28 9.07 -29.68
CA THR S 131 65.41 9.30 -30.57
C THR S 131 65.92 10.73 -30.53
N GLY S 132 65.10 11.68 -30.09
CA GLY S 132 65.50 13.06 -30.03
C GLY S 132 64.80 13.98 -31.01
N ARG S 133 63.76 13.51 -31.69
CA ARG S 133 63.02 14.34 -32.64
C ARG S 133 61.57 14.47 -32.19
N ARG S 134 60.83 15.30 -32.92
CA ARG S 134 59.45 15.63 -32.57
C ARG S 134 58.50 14.73 -33.36
N LYS S 135 57.55 14.12 -32.66
CA LYS S 135 56.61 13.22 -33.29
C LYS S 135 55.67 13.99 -34.22
N GLY S 136 55.26 13.32 -35.30
CA GLY S 136 54.34 13.94 -36.23
C GLY S 136 52.96 14.09 -35.62
N ASN S 137 52.44 15.32 -35.63
CA ASN S 137 51.12 15.57 -35.06
C ASN S 137 50.03 14.97 -35.92
N THR S 138 48.95 14.55 -35.27
CA THR S 138 47.81 13.94 -35.96
C THR S 138 46.52 14.60 -35.50
N TYR S 139 45.55 14.68 -36.42
CA TYR S 139 44.27 15.30 -36.15
C TYR S 139 43.17 14.42 -36.72
N THR S 140 41.98 14.54 -36.15
CA THR S 140 40.85 13.71 -36.54
C THR S 140 39.64 14.57 -36.87
N PHE S 141 38.93 14.19 -37.92
CA PHE S 141 37.74 14.89 -38.38
C PHE S 141 36.55 13.94 -38.40
N VAL S 142 35.36 14.52 -38.53
CA VAL S 142 34.13 13.76 -38.71
C VAL S 142 33.34 14.44 -39.82
N PHE S 143 32.67 13.63 -40.65
CA PHE S 143 31.87 14.18 -41.74
C PHE S 143 30.56 13.41 -41.83
N GLY S 144 29.58 14.05 -42.46
CA GLY S 144 28.28 13.45 -42.60
C GLY S 144 27.74 13.41 -44.02
N SER S 145 28.53 13.91 -44.98
CA SER S 145 28.13 13.93 -46.37
C SER S 145 29.22 13.35 -47.25
N TYR S 146 28.82 12.83 -48.41
CA TYR S 146 29.71 12.10 -49.29
C TYR S 146 29.54 12.61 -50.71
N LEU S 147 30.54 12.38 -51.53
CA LEU S 147 30.53 12.77 -52.94
C LEU S 147 31.73 12.07 -53.59
N GLY S 148 32.06 12.46 -54.82
CA GLY S 148 33.28 12.00 -55.43
C GLY S 148 33.19 11.69 -56.92
N ALA S 149 34.09 12.27 -57.69
CA ALA S 149 34.20 12.06 -59.13
C ALA S 149 35.55 11.41 -59.39
N GLN S 150 35.55 10.09 -59.45
CA GLN S 150 36.77 9.32 -59.60
C GLN S 150 37.24 9.23 -61.04
N THR S 151 36.79 10.14 -61.91
CA THR S 151 37.19 10.16 -63.31
C THR S 151 37.81 11.51 -63.63
N ALA S 152 38.97 11.48 -64.29
CA ALA S 152 39.62 12.71 -64.74
C ALA S 152 40.62 12.39 -65.85
N MET T 1 -16.21 -52.05 34.29
CA MET T 1 -15.73 -50.68 34.44
C MET T 1 -15.96 -49.87 33.16
N ALA T 2 -15.34 -50.32 32.07
CA ALA T 2 -15.47 -49.68 30.78
C ALA T 2 -16.56 -50.30 29.91
N ASN T 3 -17.36 -51.20 30.47
CA ASN T 3 -18.39 -51.87 29.71
C ASN T 3 -19.45 -50.88 29.24
N TYR T 4 -19.99 -51.14 28.07
CA TYR T 4 -21.13 -50.39 27.53
C TYR T 4 -22.31 -51.34 27.43
N ASN T 5 -23.46 -50.91 27.95
CA ASN T 5 -24.69 -51.69 27.84
C ASN T 5 -25.28 -51.43 26.46
N TYR T 6 -24.71 -52.07 25.46
CA TYR T 6 -25.16 -51.86 24.09
C TYR T 6 -26.46 -52.58 23.77
N ILE T 7 -26.94 -53.44 24.65
CA ILE T 7 -28.24 -54.09 24.52
C ILE T 7 -29.22 -53.30 25.35
N VAL T 8 -30.19 -52.66 24.70
CA VAL T 8 -31.17 -51.83 25.38
C VAL T 8 -32.56 -52.25 24.93
N ASP T 9 -33.56 -51.55 25.47
CA ASP T 9 -34.95 -51.85 25.10
C ASP T 9 -35.18 -51.59 23.62
N THR T 10 -34.63 -50.50 23.09
CA THR T 10 -34.84 -50.17 21.68
C THR T 10 -34.24 -51.21 20.76
N GLY T 11 -33.13 -51.82 21.16
CA GLY T 11 -32.50 -52.83 20.33
C GLY T 11 -31.06 -53.09 20.71
N VAL T 12 -30.19 -53.24 19.71
CA VAL T 12 -28.77 -53.48 19.94
C VAL T 12 -27.99 -52.39 19.22
N ILE T 13 -26.89 -51.96 19.83
CA ILE T 13 -26.08 -50.86 19.32
C ILE T 13 -24.78 -51.41 18.75
N VAL T 14 -24.44 -50.99 17.54
CA VAL T 14 -23.17 -51.31 16.92
C VAL T 14 -22.35 -50.02 16.83
N ALA T 15 -21.20 -50.01 17.50
CA ALA T 15 -20.33 -48.84 17.53
C ALA T 15 -19.26 -48.97 16.45
N ASP T 16 -18.41 -47.95 16.36
CA ASP T 16 -17.35 -47.91 15.37
C ASP T 16 -16.08 -48.51 15.93
N THR T 17 -15.25 -49.06 15.03
CA THR T 17 -14.04 -49.76 15.47
C THR T 17 -13.08 -48.83 16.21
N ALA T 18 -13.08 -47.55 15.86
CA ALA T 18 -12.21 -46.61 16.57
C ALA T 18 -12.58 -46.51 18.03
N ASP T 19 -13.87 -46.51 18.35
CA ASP T 19 -14.29 -46.35 19.73
C ASP T 19 -13.89 -47.56 20.57
N VAL T 20 -14.16 -48.77 20.07
CA VAL T 20 -13.78 -49.96 20.81
C VAL T 20 -12.26 -50.05 20.94
N LEU T 21 -11.54 -49.65 19.89
CA LEU T 21 -10.08 -49.65 19.97
C LEU T 21 -9.60 -48.73 21.07
N SER T 22 -10.16 -47.52 21.13
CA SER T 22 -9.76 -46.57 22.18
C SER T 22 -10.10 -47.10 23.56
N ASP T 23 -11.25 -47.76 23.70
CA ASP T 23 -11.63 -48.31 24.99
C ASP T 23 -10.65 -49.39 25.44
N VAL T 24 -10.27 -50.28 24.53
CA VAL T 24 -9.31 -51.33 24.88
C VAL T 24 -7.95 -50.71 25.22
N GLU T 25 -7.55 -49.68 24.49
CA GLU T 25 -6.30 -49.00 24.81
C GLU T 25 -6.35 -48.42 26.21
N ALA T 26 -7.47 -47.80 26.58
CA ALA T 26 -7.60 -47.26 27.93
C ALA T 26 -7.54 -48.38 28.96
N GLU T 27 -8.19 -49.51 28.67
CA GLU T 27 -8.15 -50.65 29.59
C GLU T 27 -6.72 -51.09 29.86
N PHE T 28 -5.93 -51.29 28.80
CA PHE T 28 -4.56 -51.74 29.02
C PHE T 28 -3.69 -50.66 29.64
N ARG T 29 -3.95 -49.39 29.32
CA ARG T 29 -3.18 -48.32 29.95
C ARG T 29 -3.42 -48.31 31.46
N ALA T 30 -4.66 -48.50 31.89
CA ALA T 30 -4.92 -48.64 33.31
C ALA T 30 -4.34 -49.93 33.86
N ALA T 31 -4.26 -50.98 33.03
CA ALA T 31 -3.82 -52.29 33.51
C ALA T 31 -2.34 -52.28 33.87
N LEU T 32 -1.50 -51.65 33.06
CA LEU T 32 -0.05 -51.69 33.25
C LEU T 32 0.51 -50.36 33.73
N GLY T 33 0.26 -49.29 32.98
CA GLY T 33 0.76 -47.98 33.36
C GLY T 33 0.35 -46.95 32.34
N ALA T 34 0.31 -45.70 32.79
CA ALA T 34 -0.11 -44.62 31.92
C ALA T 34 0.91 -44.30 30.84
N ASN T 35 2.09 -44.88 30.91
CA ASN T 35 3.20 -44.51 30.04
C ASN T 35 3.74 -45.72 29.29
N ILE T 36 2.83 -46.59 28.84
CA ILE T 36 3.21 -47.76 28.06
C ILE T 36 3.20 -47.41 26.59
N ASN T 37 3.84 -48.24 25.77
CA ASN T 37 3.85 -48.07 24.32
C ASN T 37 2.87 -49.04 23.70
N LEU T 38 1.93 -48.51 22.91
CA LEU T 38 0.92 -49.32 22.24
C LEU T 38 1.06 -49.11 20.73
N ALA T 39 1.95 -49.89 20.13
CA ALA T 39 2.12 -49.91 18.69
C ALA T 39 1.97 -51.35 18.23
N ALA T 40 1.87 -51.52 16.92
CA ALA T 40 1.65 -52.87 16.38
C ALA T 40 2.82 -53.79 16.73
N SER T 41 4.05 -53.32 16.56
CA SER T 41 5.20 -54.20 16.63
C SER T 41 5.36 -54.85 18.00
N THR T 42 5.17 -54.07 19.06
CA THR T 42 5.36 -54.60 20.40
C THR T 42 4.27 -55.62 20.74
N PRO T 43 4.60 -56.63 21.55
CA PRO T 43 3.61 -57.68 21.85
C PRO T 43 2.33 -57.17 22.48
N GLN T 44 2.42 -56.19 23.37
CA GLN T 44 1.20 -55.69 24.00
C GLN T 44 0.26 -55.10 22.96
N GLY T 45 0.81 -54.47 21.93
CA GLY T 45 -0.04 -53.96 20.86
C GLY T 45 -0.76 -55.07 20.12
N SER T 46 -0.09 -56.21 19.93
CA SER T 46 -0.76 -57.37 19.35
C SER T 46 -1.90 -57.83 20.24
N LEU T 47 -1.68 -57.81 21.55
CA LEU T 47 -2.77 -58.16 22.47
C LEU T 47 -3.94 -57.18 22.33
N VAL T 48 -3.62 -55.89 22.20
CA VAL T 48 -4.67 -54.89 21.99
C VAL T 48 -5.48 -55.22 20.75
N ALA T 49 -4.79 -55.50 19.65
CA ALA T 49 -5.48 -55.77 18.40
C ALA T 49 -6.34 -57.02 18.51
N ALA T 50 -5.81 -58.07 19.13
CA ALA T 50 -6.59 -59.30 19.28
C ALA T 50 -7.85 -59.04 20.09
N GLU T 51 -7.71 -58.32 21.21
CA GLU T 51 -8.88 -58.03 22.04
C GLU T 51 -9.91 -57.21 21.28
N ALA T 52 -9.46 -56.19 20.55
CA ALA T 52 -10.39 -55.34 19.82
C ALA T 52 -11.14 -56.12 18.76
N ILE T 53 -10.42 -56.95 17.99
CA ILE T 53 -11.08 -57.75 16.97
C ILE T 53 -12.08 -58.70 17.60
N ALA T 54 -11.70 -59.35 18.70
CA ALA T 54 -12.62 -60.28 19.35
C ALA T 54 -13.89 -59.58 19.79
N ARG T 55 -13.75 -58.45 20.48
CA ARG T 55 -14.92 -57.75 21.00
C ARG T 55 -15.83 -57.30 19.86
N SER T 56 -15.24 -56.66 18.84
CA SER T 56 -16.06 -56.16 17.74
C SER T 56 -16.76 -57.30 17.01
N SER T 57 -16.03 -58.40 16.75
CA SER T 57 -16.60 -59.51 16.00
C SER T 57 -17.76 -60.15 16.77
N VAL T 58 -17.56 -60.43 18.05
CA VAL T 58 -18.61 -61.08 18.81
C VAL T 58 -19.83 -60.17 18.92
N MET T 59 -19.60 -58.88 19.14
CA MET T 59 -20.72 -57.96 19.29
C MET T 59 -21.51 -57.83 18.00
N ARG T 60 -20.82 -57.73 16.86
CA ARG T 60 -21.53 -57.68 15.58
C ARG T 60 -22.28 -58.98 15.32
N ASN T 61 -21.67 -60.11 15.65
CA ASN T 61 -22.34 -61.40 15.41
C ASN T 61 -23.63 -61.48 16.22
N GLU T 62 -23.58 -61.09 17.49
CA GLU T 62 -24.80 -61.08 18.28
C GLU T 62 -25.82 -60.11 17.72
N ALA T 63 -25.37 -58.95 17.23
CA ALA T 63 -26.30 -58.03 16.59
C ALA T 63 -26.91 -58.61 15.32
N ARG T 64 -26.27 -59.61 14.72
CA ARG T 64 -26.82 -60.19 13.49
C ARG T 64 -28.11 -60.95 13.73
N ILE T 65 -28.24 -61.60 14.88
CA ILE T 65 -29.39 -62.46 15.16
C ILE T 65 -30.26 -61.81 16.22
N ALA T 66 -30.31 -60.48 16.20
CA ALA T 66 -31.04 -59.75 17.24
C ALA T 66 -32.51 -60.11 17.25
N ASN T 67 -33.13 -60.23 16.08
CA ASN T 67 -34.52 -60.63 15.98
C ASN T 67 -34.69 -61.60 14.83
N THR T 68 -35.47 -62.66 15.07
CA THR T 68 -35.68 -63.68 14.04
C THR T 68 -37.14 -64.08 13.85
N ILE T 69 -38.00 -63.95 14.86
CA ILE T 69 -39.39 -64.38 14.71
C ILE T 69 -40.10 -63.59 13.62
N ASN T 70 -39.69 -62.35 13.40
CA ASN T 70 -40.28 -61.55 12.34
C ASN T 70 -39.96 -62.18 10.99
N PRO T 71 -40.91 -62.26 10.08
CA PRO T 71 -40.66 -62.94 8.80
C PRO T 71 -39.70 -62.20 7.87
N ASN T 72 -39.09 -61.11 8.35
CA ASN T 72 -38.11 -60.43 7.50
C ASN T 72 -36.83 -61.24 7.35
N VAL T 73 -36.43 -61.98 8.38
CA VAL T 73 -35.14 -62.67 8.41
C VAL T 73 -35.07 -63.75 7.33
N SER T 74 -33.87 -64.28 7.10
CA SER T 74 -33.66 -65.25 6.03
C SER T 74 -32.57 -66.22 6.47
N PHE T 75 -32.09 -67.02 5.50
CA PHE T 75 -30.88 -67.83 5.63
C PHE T 75 -31.00 -68.87 6.75
N GLY T 76 -31.90 -69.82 6.54
CA GLY T 76 -31.95 -71.00 7.37
C GLY T 76 -32.90 -70.92 8.54
N THR T 77 -32.70 -69.92 9.40
CA THR T 77 -33.66 -69.69 10.47
C THR T 77 -35.04 -69.43 9.91
N PHE T 78 -35.13 -68.54 8.92
CA PHE T 78 -36.39 -68.31 8.24
C PHE T 78 -36.85 -69.54 7.47
N LEU T 79 -35.91 -70.33 6.97
CA LEU T 79 -36.28 -71.54 6.24
C LEU T 79 -37.04 -72.51 7.14
N ASP T 80 -36.55 -72.70 8.36
CA ASP T 80 -37.30 -73.57 9.26
C ASP T 80 -38.56 -72.86 9.77
N ALA T 81 -38.53 -71.54 9.90
CA ALA T 81 -39.73 -70.82 10.30
C ALA T 81 -40.87 -71.07 9.31
N ILE T 82 -40.57 -71.03 8.02
CA ILE T 82 -41.59 -71.32 7.01
C ILE T 82 -41.89 -72.81 6.93
N CYS T 83 -40.88 -73.67 7.11
CA CYS T 83 -41.12 -75.10 7.07
C CYS T 83 -42.04 -75.56 8.19
N ALA T 84 -42.08 -74.82 9.30
CA ALA T 84 -43.00 -75.16 10.38
C ALA T 84 -44.44 -75.17 9.88
N LEU T 85 -44.76 -74.28 8.95
CA LEU T 85 -46.08 -74.27 8.34
C LEU T 85 -46.10 -75.10 7.06
N MET T 86 -45.31 -74.69 6.07
CA MET T 86 -45.14 -75.43 4.83
C MET T 86 -44.03 -74.76 4.03
N GLY T 87 -43.18 -75.54 3.38
CA GLY T 87 -42.12 -74.95 2.59
C GLY T 87 -41.03 -75.94 2.22
N ILE T 88 -40.46 -75.77 1.03
CA ILE T 88 -39.40 -76.63 0.53
C ILE T 88 -38.15 -75.78 0.37
N GLU T 89 -36.99 -76.42 0.42
CA GLU T 89 -35.72 -75.77 0.18
C GLU T 89 -34.86 -76.73 -0.63
N ARG T 90 -33.55 -76.47 -0.70
CA ARG T 90 -32.65 -77.15 -1.62
C ARG T 90 -33.15 -76.91 -3.04
N GLY T 91 -33.74 -77.93 -3.65
CA GLY T 91 -34.26 -77.78 -5.00
C GLY T 91 -33.24 -77.30 -5.99
N SER T 92 -31.98 -77.67 -5.83
CA SER T 92 -30.90 -77.30 -6.74
C SER T 92 -30.38 -78.59 -7.35
N ASP T 93 -31.02 -79.02 -8.43
CA ASP T 93 -30.70 -80.27 -9.08
C ASP T 93 -30.40 -80.00 -10.54
N LEU T 94 -29.83 -81.01 -11.21
CA LEU T 94 -29.50 -80.91 -12.61
C LEU T 94 -29.91 -82.19 -13.33
N SER T 95 -30.45 -82.02 -14.54
CA SER T 95 -31.11 -83.11 -15.25
C SER T 95 -30.07 -84.09 -15.78
N THR T 96 -29.71 -85.04 -14.93
CA THR T 96 -28.90 -86.16 -15.37
C THR T 96 -29.71 -87.02 -16.34
N PHE T 97 -29.03 -87.52 -17.37
CA PHE T 97 -29.69 -88.22 -18.46
C PHE T 97 -29.28 -89.70 -18.49
N GLY T 98 -29.75 -90.38 -19.53
CA GLY T 98 -29.34 -91.74 -19.81
C GLY T 98 -29.75 -92.08 -21.24
N TYR T 99 -29.20 -93.18 -21.75
CA TYR T 99 -29.47 -93.64 -23.11
C TYR T 99 -29.09 -92.58 -24.14
N GLY T 100 -27.80 -92.27 -24.19
CA GLY T 100 -27.28 -91.40 -25.22
C GLY T 100 -27.04 -92.14 -26.53
N VAL T 101 -26.95 -91.38 -27.62
CA VAL T 101 -26.74 -91.95 -28.95
C VAL T 101 -25.42 -91.43 -29.48
N GLN T 102 -24.53 -92.35 -29.84
CA GLN T 102 -23.19 -92.00 -30.30
C GLN T 102 -22.76 -92.97 -31.40
N VAL T 103 -22.44 -92.44 -32.57
CA VAL T 103 -21.83 -93.21 -33.65
C VAL T 103 -20.43 -92.67 -33.88
N THR T 104 -19.46 -93.57 -33.88
CA THR T 104 -18.04 -93.18 -33.90
C THR T 104 -17.28 -94.24 -34.71
N GLY T 105 -15.96 -94.25 -34.57
CA GLY T 105 -15.13 -95.29 -35.13
C GLY T 105 -15.28 -96.59 -34.35
N ARG T 106 -14.22 -97.39 -34.39
CA ARG T 106 -14.23 -98.70 -33.76
C ARG T 106 -13.15 -98.80 -32.70
N SER T 107 -13.47 -99.49 -31.60
CA SER T 107 -12.54 -99.82 -30.53
C SER T 107 -11.80 -98.58 -30.03
N GLN T 108 -12.57 -97.66 -29.46
CA GLN T 108 -12.00 -96.44 -28.90
C GLN T 108 -12.78 -96.06 -27.65
N THR T 109 -12.16 -95.22 -26.82
CA THR T 109 -12.73 -94.80 -25.55
C THR T 109 -13.00 -93.31 -25.59
N ARG T 110 -14.22 -92.91 -25.22
CA ARG T 110 -14.56 -91.51 -25.11
C ARG T 110 -14.15 -91.01 -23.74
N ILE T 111 -13.31 -89.97 -23.70
CA ILE T 111 -12.80 -89.47 -22.44
C ILE T 111 -13.92 -88.80 -21.66
N SER T 112 -13.84 -88.91 -20.33
CA SER T 112 -14.88 -88.37 -19.47
C SER T 112 -14.90 -86.85 -19.54
N THR T 113 -16.03 -86.28 -19.11
CA THR T 113 -16.22 -84.83 -19.02
C THR T 113 -16.00 -84.12 -20.35
N GLY T 114 -16.42 -84.75 -21.46
CA GLY T 114 -16.43 -84.05 -22.72
C GLY T 114 -17.53 -83.00 -22.76
N SER T 115 -17.44 -82.11 -23.74
CA SER T 115 -18.36 -80.98 -23.86
C SER T 115 -19.38 -81.24 -24.96
N ARG T 116 -20.63 -80.84 -24.71
CA ARG T 116 -21.70 -80.97 -25.68
C ARG T 116 -22.51 -79.69 -25.71
N VAL T 117 -22.99 -79.31 -26.89
CA VAL T 117 -23.79 -78.11 -27.05
C VAL T 117 -24.98 -78.43 -27.95
N GLN T 118 -26.06 -77.69 -27.76
CA GLN T 118 -27.27 -77.82 -28.55
C GLN T 118 -27.75 -76.43 -28.95
N THR T 119 -28.70 -76.38 -29.88
CA THR T 119 -28.84 -75.23 -30.77
C THR T 119 -28.92 -73.87 -30.10
N PRO T 120 -29.65 -73.65 -28.99
CA PRO T 120 -29.60 -72.33 -28.34
C PRO T 120 -28.36 -72.14 -27.48
N ALA T 121 -27.34 -72.96 -27.73
CA ALA T 121 -26.03 -72.84 -27.07
C ALA T 121 -26.11 -73.15 -25.58
N GLY T 122 -26.68 -74.31 -25.25
CA GLY T 122 -26.60 -74.83 -23.90
C GLY T 122 -25.41 -75.78 -23.78
N ALA T 123 -24.71 -75.68 -22.65
CA ALA T 123 -23.50 -76.45 -22.42
C ALA T 123 -23.83 -77.72 -21.63
N ILE T 124 -23.40 -78.87 -22.15
CA ILE T 124 -23.69 -80.16 -21.54
C ILE T 124 -22.39 -80.97 -21.51
N PHE T 125 -22.14 -81.65 -20.38
CA PHE T 125 -20.98 -82.50 -20.22
C PHE T 125 -21.38 -83.95 -20.04
N THR T 126 -20.52 -84.86 -20.50
CA THR T 126 -20.73 -86.28 -20.30
C THR T 126 -20.30 -86.68 -18.89
N VAL T 127 -20.63 -87.91 -18.52
CA VAL T 127 -20.41 -88.36 -17.15
C VAL T 127 -19.34 -89.43 -17.08
N MET T 128 -19.62 -90.60 -17.64
CA MET T 128 -18.74 -91.75 -17.55
C MET T 128 -18.15 -92.10 -18.91
N SER T 129 -16.88 -92.52 -18.91
CA SER T 129 -16.20 -92.95 -20.12
C SER T 129 -16.68 -94.35 -20.51
N ASP T 130 -16.57 -94.66 -21.79
CA ASP T 130 -16.98 -95.96 -22.29
C ASP T 130 -16.26 -96.25 -23.61
N VAL T 131 -16.29 -97.52 -24.00
CA VAL T 131 -15.68 -97.96 -25.26
C VAL T 131 -16.76 -98.02 -26.33
N THR T 132 -16.35 -98.10 -27.59
CA THR T 132 -17.28 -98.20 -28.70
C THR T 132 -17.11 -99.54 -29.40
N ILE T 133 -18.21 -100.25 -29.58
CA ILE T 133 -18.22 -101.52 -30.29
C ILE T 133 -18.07 -101.25 -31.78
N PRO T 134 -17.63 -102.22 -32.58
CA PRO T 134 -17.42 -101.96 -34.02
C PRO T 134 -18.69 -101.58 -34.76
N ALA T 135 -19.87 -101.87 -34.22
CA ALA T 135 -21.11 -101.51 -34.90
C ALA T 135 -21.23 -100.00 -35.06
N GLY T 136 -20.88 -99.24 -34.02
CA GLY T 136 -20.99 -97.81 -34.07
C GLY T 136 -22.17 -97.26 -33.29
N GLY T 137 -22.42 -97.83 -32.12
CA GLY T 137 -23.50 -97.34 -31.27
C GLY T 137 -23.28 -97.66 -29.81
N VAL T 138 -23.38 -96.64 -28.96
CA VAL T 138 -23.22 -96.79 -27.51
C VAL T 138 -24.19 -95.84 -26.81
N ALA T 139 -24.35 -96.05 -25.51
CA ALA T 139 -25.22 -95.24 -24.67
C ALA T 139 -24.37 -94.43 -23.71
N THR T 140 -24.69 -93.15 -23.57
CA THR T 140 -23.93 -92.22 -22.75
C THR T 140 -24.81 -91.63 -21.67
N ILE T 141 -24.17 -90.94 -20.72
CA ILE T 141 -24.84 -90.25 -19.64
C ILE T 141 -24.33 -88.82 -19.61
N ASP T 142 -25.25 -87.86 -19.50
CA ASP T 142 -24.92 -86.45 -19.64
C ASP T 142 -25.18 -85.69 -18.35
N ILE T 143 -24.64 -84.47 -18.32
CA ILE T 143 -24.82 -83.55 -17.20
C ILE T 143 -24.44 -82.16 -17.72
N LYS T 144 -24.90 -81.12 -17.03
CA LYS T 144 -24.69 -79.75 -17.49
C LYS T 144 -23.79 -79.01 -16.51
N SER T 145 -23.59 -77.72 -16.79
CA SER T 145 -22.72 -76.91 -15.94
C SER T 145 -23.46 -76.34 -14.74
N GLN T 146 -24.59 -75.68 -14.99
CA GLN T 146 -25.32 -74.96 -13.95
C GLN T 146 -26.27 -75.90 -13.20
N GLU T 147 -26.72 -75.44 -12.05
CA GLU T 147 -27.72 -76.16 -11.25
C GLU T 147 -29.13 -75.70 -11.62
N TYR T 148 -29.44 -75.73 -12.92
CA TYR T 148 -30.66 -75.11 -13.42
C TYR T 148 -31.56 -76.15 -14.08
N GLY T 149 -32.87 -75.90 -14.00
CA GLY T 149 -33.86 -76.77 -14.59
C GLY T 149 -33.96 -76.62 -16.09
N ASN T 150 -32.87 -76.90 -16.78
CA ASN T 150 -32.81 -76.72 -18.22
C ASN T 150 -33.67 -77.76 -18.93
N ILE T 151 -33.98 -77.48 -20.19
CA ILE T 151 -34.80 -78.35 -21.03
C ILE T 151 -34.00 -78.68 -22.28
N PRO T 152 -33.88 -79.95 -22.66
CA PRO T 152 -33.16 -80.29 -23.89
C PRO T 152 -34.06 -80.31 -25.11
N LEU T 153 -33.67 -79.61 -26.15
CA LEU T 153 -34.44 -79.65 -27.40
C LEU T 153 -34.19 -80.97 -28.11
N PRO T 154 -35.25 -81.68 -28.50
CA PRO T 154 -35.06 -82.95 -29.23
C PRO T 154 -34.45 -82.75 -30.61
N VAL T 155 -33.20 -82.33 -30.66
CA VAL T 155 -32.50 -82.04 -31.90
C VAL T 155 -31.10 -82.64 -31.83
N GLY T 156 -30.54 -82.97 -32.99
CA GLY T 156 -29.17 -83.42 -33.06
C GLY T 156 -28.20 -82.40 -32.49
N ASN T 157 -27.27 -82.84 -31.66
CA ASN T 157 -26.36 -81.95 -30.96
C ASN T 157 -25.14 -81.64 -31.81
N LEU T 158 -24.26 -80.80 -31.27
CA LEU T 158 -22.98 -80.50 -31.89
C LEU T 158 -21.90 -80.60 -30.83
N ILE T 159 -20.68 -80.92 -31.26
CA ILE T 159 -19.57 -81.24 -30.37
C ILE T 159 -18.77 -79.96 -30.10
N ILE T 160 -18.47 -79.71 -28.82
CA ILE T 160 -17.58 -78.62 -28.45
C ILE T 160 -16.18 -79.17 -28.23
N ILE T 161 -16.02 -80.05 -27.25
CA ILE T 161 -14.75 -80.73 -27.01
C ILE T 161 -14.77 -82.04 -27.77
N ASP T 162 -13.80 -82.23 -28.65
CA ASP T 162 -13.84 -83.31 -29.62
C ASP T 162 -12.79 -84.35 -29.30
N GLY T 163 -13.23 -85.60 -29.17
CA GLY T 163 -12.33 -86.72 -29.21
C GLY T 163 -11.98 -87.07 -30.64
N THR T 164 -11.27 -88.19 -30.79
CA THR T 164 -10.90 -88.64 -32.12
C THR T 164 -12.04 -89.42 -32.74
N ILE T 165 -12.34 -89.11 -34.01
CA ILE T 165 -13.25 -89.82 -34.89
C ILE T 165 -14.60 -90.10 -34.20
N GLY T 166 -14.99 -89.23 -33.27
CA GLY T 166 -16.24 -89.44 -32.59
C GLY T 166 -17.23 -88.30 -32.72
N TRP T 167 -18.34 -88.54 -33.44
CA TRP T 167 -19.30 -87.49 -33.76
C TRP T 167 -20.74 -87.86 -33.47
N SER T 168 -21.66 -86.98 -33.90
CA SER T 168 -23.10 -87.23 -33.93
C SER T 168 -23.67 -87.48 -32.53
N GLY T 169 -23.63 -86.44 -31.71
CA GLY T 169 -24.48 -86.42 -30.53
C GLY T 169 -25.92 -86.28 -30.97
N ALA T 170 -26.70 -87.35 -30.83
CA ALA T 170 -28.02 -87.41 -31.44
C ALA T 170 -29.08 -87.68 -30.39
N LYS T 171 -30.30 -87.26 -30.71
CA LYS T 171 -31.44 -87.46 -29.83
C LYS T 171 -31.89 -88.91 -29.83
N VAL T 172 -32.70 -89.24 -28.82
CA VAL T 172 -33.51 -90.45 -28.82
C VAL T 172 -34.60 -90.26 -27.77
N ILE T 173 -35.82 -90.68 -28.10
CA ILE T 173 -36.91 -90.55 -27.14
C ILE T 173 -36.91 -91.66 -26.11
N ALA T 174 -36.15 -92.72 -26.34
CA ALA T 174 -35.92 -93.73 -25.32
C ALA T 174 -35.07 -93.21 -24.17
N SER T 175 -34.41 -92.08 -24.34
CA SER T 175 -33.59 -91.52 -23.29
C SER T 175 -34.45 -91.02 -22.14
N THR T 176 -34.04 -91.35 -20.92
CA THR T 176 -34.75 -90.86 -19.75
C THR T 176 -34.53 -89.35 -19.60
N ARG T 177 -35.59 -88.68 -19.16
CA ARG T 177 -35.56 -87.25 -18.89
C ARG T 177 -36.00 -87.03 -17.45
N VAL T 178 -35.10 -86.51 -16.62
CA VAL T 178 -35.37 -86.26 -15.21
C VAL T 178 -35.49 -84.75 -15.01
N ASP T 179 -36.63 -84.30 -14.56
CA ASP T 179 -36.87 -82.87 -14.40
C ASP T 179 -36.07 -82.36 -13.19
N PRO T 180 -35.16 -81.41 -13.37
CA PRO T 180 -34.36 -80.93 -12.25
C PRO T 180 -34.92 -79.69 -11.58
N GLY T 181 -34.87 -79.64 -10.25
CA GLY T 181 -35.16 -78.42 -9.55
C GLY T 181 -34.00 -77.46 -9.62
N SER T 182 -34.30 -76.16 -9.66
CA SER T 182 -33.29 -75.12 -9.78
C SER T 182 -33.54 -74.05 -8.72
N ARG T 183 -33.06 -74.30 -7.50
CA ARG T 183 -33.12 -73.35 -6.40
C ARG T 183 -34.41 -72.55 -6.42
N GLN T 184 -35.53 -73.29 -6.54
CA GLN T 184 -36.79 -72.68 -6.95
C GLN T 184 -37.27 -71.61 -6.00
N MET T 185 -36.74 -71.57 -4.78
CA MET T 185 -37.23 -70.65 -3.76
C MET T 185 -36.03 -70.10 -2.99
N SER T 186 -35.64 -68.86 -3.30
CA SER T 186 -34.46 -68.31 -2.65
C SER T 186 -34.77 -67.63 -1.33
N ASP T 187 -35.38 -66.43 -1.38
CA ASP T 187 -35.71 -65.71 -0.15
C ASP T 187 -37.04 -64.97 -0.18
N ALA T 188 -37.55 -64.56 -1.33
CA ALA T 188 -38.69 -63.65 -1.40
C ALA T 188 -39.99 -64.37 -1.74
N GLU T 189 -39.93 -65.31 -2.67
CA GLU T 189 -41.09 -66.16 -2.93
C GLU T 189 -41.51 -66.94 -1.68
N LEU T 190 -40.60 -67.14 -0.73
CA LEU T 190 -41.03 -67.65 0.57
C LEU T 190 -41.95 -66.66 1.26
N LYS T 191 -41.61 -65.38 1.21
CA LYS T 191 -42.49 -64.36 1.79
C LYS T 191 -43.83 -64.33 1.07
N ASN T 192 -43.81 -64.47 -0.26
CA ASN T 192 -45.06 -64.50 -1.02
C ASN T 192 -45.90 -65.71 -0.64
N ALA T 193 -45.26 -66.86 -0.40
CA ALA T 193 -45.99 -68.03 0.06
C ALA T 193 -46.61 -67.78 1.44
N ARG T 194 -45.87 -67.12 2.33
CA ARG T 194 -46.43 -66.73 3.61
C ARG T 194 -47.67 -65.86 3.43
N VAL T 195 -47.57 -64.86 2.55
CA VAL T 195 -48.70 -63.96 2.32
C VAL T 195 -49.89 -64.75 1.79
N ASN T 196 -49.65 -65.64 0.83
CA ASN T 196 -50.75 -66.40 0.24
C ASN T 196 -51.42 -67.30 1.27
N ARG T 197 -50.64 -67.97 2.11
CA ARG T 197 -51.23 -68.86 3.10
C ARG T 197 -52.00 -68.09 4.16
N LEU T 198 -51.46 -66.96 4.62
CA LEU T 198 -52.19 -66.15 5.59
C LEU T 198 -53.45 -65.53 4.98
N ALA T 199 -53.44 -65.30 3.67
CA ALA T 199 -54.68 -64.87 3.01
C ALA T 199 -55.68 -66.02 2.93
N ILE T 200 -55.18 -67.23 2.71
CA ILE T 200 -56.05 -68.41 2.66
C ILE T 200 -56.74 -68.62 3.99
N GLN T 201 -55.97 -68.55 5.08
CA GLN T 201 -56.54 -68.83 6.40
C GLN T 201 -57.41 -67.69 6.92
N GLY T 202 -57.26 -66.47 6.39
CA GLY T 202 -57.95 -65.34 6.97
C GLY T 202 -59.45 -65.37 6.78
N ARG T 203 -59.91 -65.83 5.63
CA ARG T 203 -61.31 -65.70 5.26
C ARG T 203 -62.21 -66.58 6.13
N ASN T 204 -63.47 -66.17 6.24
CA ASN T 204 -64.47 -66.91 6.98
C ASN T 204 -64.99 -68.06 6.12
N SER T 205 -66.09 -68.70 6.56
CA SER T 205 -66.61 -69.86 5.84
C SER T 205 -67.14 -69.49 4.47
N THR T 206 -68.00 -68.48 4.40
CA THR T 206 -68.70 -68.18 3.16
C THR T 206 -67.84 -67.37 2.19
N MET T 207 -67.18 -66.33 2.70
CA MET T 207 -66.39 -65.48 1.82
C MET T 207 -65.25 -66.26 1.17
N ALA T 208 -64.68 -67.23 1.88
CA ALA T 208 -63.67 -68.09 1.28
C ALA T 208 -64.27 -68.88 0.12
N ILE T 209 -65.49 -69.39 0.29
CA ILE T 209 -66.14 -70.13 -0.79
C ILE T 209 -66.34 -69.21 -2.00
N LYS T 210 -66.83 -68.00 -1.75
CA LYS T 210 -67.07 -67.07 -2.84
C LYS T 210 -65.77 -66.76 -3.58
N ALA T 211 -64.71 -66.47 -2.84
CA ALA T 211 -63.43 -66.16 -3.47
C ALA T 211 -62.89 -67.33 -4.27
N TYR T 212 -62.98 -68.54 -3.71
CA TYR T 212 -62.43 -69.71 -4.40
C TYR T 212 -63.21 -70.01 -5.67
N VAL T 213 -64.54 -69.97 -5.59
CA VAL T 213 -65.35 -70.29 -6.76
C VAL T 213 -65.22 -69.21 -7.82
N SER T 214 -65.09 -67.96 -7.41
CA SER T 214 -64.95 -66.87 -8.37
C SER T 214 -63.69 -67.03 -9.23
N ALA T 215 -62.72 -67.81 -8.77
CA ALA T 215 -61.45 -67.95 -9.46
C ALA T 215 -61.48 -68.93 -10.61
N VAL T 216 -62.50 -69.78 -10.71
CA VAL T 216 -62.54 -70.82 -11.74
C VAL T 216 -62.78 -70.16 -13.10
N PRO T 217 -62.33 -70.77 -14.20
CA PRO T 217 -62.52 -70.14 -15.51
C PRO T 217 -63.97 -70.13 -15.94
N ASN T 218 -64.32 -69.13 -16.73
CA ASN T 218 -65.62 -68.96 -17.39
C ASN T 218 -66.77 -68.74 -16.43
N VAL T 219 -66.52 -68.68 -15.12
CA VAL T 219 -67.61 -68.43 -14.18
C VAL T 219 -68.05 -66.97 -14.30
N THR T 220 -69.32 -66.71 -13.97
CA THR T 220 -69.87 -65.37 -14.06
C THR T 220 -70.33 -64.83 -12.72
N SER T 221 -71.16 -65.58 -11.98
CA SER T 221 -71.70 -65.08 -10.72
C SER T 221 -71.93 -66.24 -9.76
N VAL T 222 -72.04 -65.91 -8.48
CA VAL T 222 -72.20 -66.90 -7.42
C VAL T 222 -73.14 -66.32 -6.36
N ASN T 223 -74.00 -67.17 -5.82
CA ASN T 223 -74.82 -66.81 -4.66
C ASN T 223 -74.62 -67.85 -3.56
N VAL T 224 -74.41 -67.37 -2.34
CA VAL T 224 -74.20 -68.23 -1.18
C VAL T 224 -74.97 -67.65 0.00
N ILE T 225 -75.60 -68.54 0.78
CA ILE T 225 -76.30 -68.12 1.99
C ILE T 225 -76.33 -69.29 2.96
N GLU T 226 -76.32 -68.97 4.25
CA GLU T 226 -76.40 -69.97 5.31
C GLU T 226 -77.69 -69.78 6.07
N ASN T 227 -78.49 -70.86 6.18
CA ASN T 227 -79.74 -70.78 6.91
C ASN T 227 -79.50 -70.62 8.41
N ASN T 228 -78.60 -71.44 8.96
CA ASN T 228 -78.22 -71.41 10.37
C ASN T 228 -79.41 -71.73 11.27
N THR T 229 -80.55 -72.05 10.69
CA THR T 229 -81.77 -72.38 11.43
C THR T 229 -82.55 -73.43 10.65
N GLY T 230 -83.55 -74.00 11.32
CA GLY T 230 -84.42 -74.98 10.70
C GLY T 230 -85.69 -74.38 10.12
N ALA T 231 -85.65 -73.08 9.87
CA ALA T 231 -86.79 -72.33 9.35
C ALA T 231 -86.43 -71.74 7.99
N VAL T 232 -87.31 -70.89 7.47
CA VAL T 232 -87.11 -70.24 6.18
C VAL T 232 -86.63 -68.81 6.43
N GLN T 233 -85.42 -68.51 5.96
CA GLN T 233 -84.84 -67.17 6.13
C GLN T 233 -85.00 -66.32 4.89
N VAL T 234 -84.51 -66.81 3.74
CA VAL T 234 -84.74 -66.17 2.45
C VAL T 234 -85.42 -67.10 1.47
N VAL T 235 -84.99 -68.37 1.45
CA VAL T 235 -85.63 -69.41 0.65
C VAL T 235 -86.01 -70.55 1.58
N ASN T 236 -86.84 -71.46 1.06
CA ASN T 236 -87.38 -72.52 1.89
C ASN T 236 -86.33 -73.57 2.21
N GLY T 237 -85.33 -73.22 3.00
CA GLY T 237 -84.35 -74.20 3.42
C GLY T 237 -84.69 -74.80 4.77
N VAL T 238 -85.34 -75.96 4.76
CA VAL T 238 -85.68 -76.69 5.97
C VAL T 238 -85.32 -78.14 5.70
N SER T 239 -84.57 -78.37 4.60
CA SER T 239 -84.17 -79.72 4.22
C SER T 239 -83.53 -80.44 5.40
N PHE T 240 -82.43 -79.89 5.92
CA PHE T 240 -81.83 -80.34 7.16
C PHE T 240 -81.94 -79.22 8.19
N THR T 241 -81.46 -79.50 9.40
CA THR T 241 -81.54 -78.50 10.46
C THR T 241 -80.67 -77.29 10.16
N LEU T 242 -79.38 -77.51 9.83
CA LEU T 242 -78.44 -76.43 9.56
C LEU T 242 -77.58 -76.73 8.34
N PRO T 243 -78.18 -76.73 7.11
CA PRO T 243 -77.35 -76.88 5.91
C PRO T 243 -76.40 -75.71 5.65
N TYR T 244 -75.65 -75.81 4.56
CA TYR T 244 -75.03 -74.68 3.91
C TYR T 244 -75.52 -74.63 2.47
N ALA T 245 -75.99 -73.47 2.02
CA ALA T 245 -76.68 -73.33 0.76
C ALA T 245 -75.79 -72.65 -0.27
N VAL T 246 -75.74 -73.21 -1.48
CA VAL T 246 -74.87 -72.72 -2.54
C VAL T 246 -75.68 -72.62 -3.84
N TRP T 247 -75.39 -71.59 -4.62
CA TRP T 247 -75.91 -71.46 -5.99
C TRP T 247 -74.84 -70.82 -6.87
N VAL T 248 -74.56 -71.45 -8.00
CA VAL T 248 -73.47 -71.02 -8.87
C VAL T 248 -73.99 -70.85 -10.29
N CYS T 249 -73.56 -69.78 -10.94
CA CYS T 249 -73.85 -69.53 -12.35
C CYS T 249 -72.55 -69.59 -13.15
N VAL T 250 -72.69 -69.82 -14.45
CA VAL T 250 -71.53 -69.99 -15.32
C VAL T 250 -71.97 -69.80 -16.76
N ALA T 251 -71.01 -69.52 -17.64
CA ALA T 251 -71.27 -69.40 -19.06
C ALA T 251 -71.04 -70.71 -19.81
N GLY T 252 -71.23 -71.84 -19.13
CA GLY T 252 -71.12 -73.13 -19.79
C GLY T 252 -70.46 -74.21 -18.94
N ASN T 253 -69.70 -73.79 -17.93
CA ASN T 253 -68.94 -74.69 -17.06
C ASN T 253 -68.09 -75.62 -17.90
N PRO T 254 -67.01 -75.12 -18.50
CA PRO T 254 -66.16 -75.99 -19.34
C PRO T 254 -65.55 -77.15 -18.57
N ASP T 255 -65.26 -76.97 -17.29
CA ASP T 255 -64.64 -77.99 -16.46
C ASP T 255 -65.61 -78.35 -15.35
N LYS T 256 -66.33 -79.46 -15.54
CA LYS T 256 -67.29 -79.91 -14.52
C LYS T 256 -66.58 -80.29 -13.24
N GLN T 257 -65.39 -80.90 -13.34
CA GLN T 257 -64.69 -81.34 -12.15
C GLN T 257 -64.05 -80.18 -11.40
N ALA T 258 -63.68 -79.11 -12.10
CA ALA T 258 -62.97 -78.00 -11.46
C ALA T 258 -63.84 -77.30 -10.42
N VAL T 259 -65.11 -77.07 -10.75
CA VAL T 259 -65.99 -76.38 -9.81
C VAL T 259 -66.21 -77.22 -8.56
N ALA T 260 -66.25 -78.54 -8.71
CA ALA T 260 -66.26 -79.41 -7.54
C ALA T 260 -64.95 -79.31 -6.77
N ASP T 261 -63.83 -79.26 -7.49
CA ASP T 261 -62.53 -79.16 -6.84
C ASP T 261 -62.42 -77.87 -6.04
N ALA T 262 -62.88 -76.76 -6.61
CA ALA T 262 -62.87 -75.50 -5.88
C ALA T 262 -63.74 -75.58 -4.63
N LEU T 263 -64.94 -76.15 -4.77
CA LEU T 263 -65.82 -76.28 -3.62
C LEU T 263 -65.20 -77.17 -2.55
N TRP T 264 -64.59 -78.29 -2.97
CA TRP T 264 -64.00 -79.21 -2.03
C TRP T 264 -62.88 -78.58 -1.21
N ALA T 265 -62.27 -77.49 -1.72
CA ALA T 265 -61.23 -76.81 -0.96
C ALA T 265 -61.78 -76.19 0.31
N ALA T 266 -63.07 -75.87 0.35
CA ALA T 266 -63.67 -75.16 1.47
C ALA T 266 -64.75 -76.02 2.10
N HIS T 267 -64.41 -76.68 3.20
CA HIS T 267 -65.38 -77.41 4.02
C HIS T 267 -65.10 -77.12 5.48
N ASN T 268 -66.15 -76.80 6.23
CA ASN T 268 -66.01 -76.33 7.60
C ASN T 268 -65.95 -77.45 8.63
N GLY T 269 -66.08 -78.70 8.21
CA GLY T 269 -65.87 -79.83 9.08
C GLY T 269 -67.04 -80.24 9.94
N GLY T 270 -68.17 -79.54 9.87
CA GLY T 270 -69.31 -79.94 10.66
C GLY T 270 -70.65 -79.71 9.98
N THR T 271 -70.64 -79.45 8.67
CA THR T 271 -71.84 -79.03 7.97
C THR T 271 -72.01 -79.76 6.63
N PRO T 272 -73.19 -80.30 6.35
CA PRO T 272 -73.46 -80.85 5.02
C PRO T 272 -73.77 -79.74 4.02
N TRP T 273 -74.00 -80.16 2.77
CA TRP T 273 -74.14 -79.22 1.67
C TRP T 273 -75.52 -79.15 1.04
N ASP T 274 -76.33 -80.21 1.14
CA ASP T 274 -77.60 -80.22 0.44
C ASP T 274 -78.56 -79.18 1.02
N TYR T 275 -79.44 -78.67 0.17
CA TYR T 275 -80.32 -77.57 0.55
C TYR T 275 -81.55 -77.60 -0.35
N GLY T 276 -82.57 -76.86 0.08
CA GLY T 276 -83.76 -76.69 -0.72
C GLY T 276 -84.84 -77.70 -0.37
N ALA T 277 -86.06 -77.40 -0.83
CA ALA T 277 -87.21 -78.26 -0.60
C ALA T 277 -87.88 -78.59 -1.93
N THR T 278 -87.08 -79.01 -2.91
CA THR T 278 -87.54 -79.35 -4.26
C THR T 278 -88.18 -78.17 -4.97
N ASN T 279 -87.95 -76.95 -4.46
CA ASN T 279 -88.46 -75.74 -5.09
C ASN T 279 -87.36 -74.84 -5.63
N ASN T 280 -86.14 -74.94 -5.12
CA ASN T 280 -85.05 -74.06 -5.51
C ASN T 280 -84.46 -74.53 -6.85
N GLY T 281 -83.29 -74.01 -7.19
CA GLY T 281 -82.69 -74.34 -8.47
C GLY T 281 -82.40 -75.82 -8.60
N VAL T 282 -82.44 -76.29 -9.85
CA VAL T 282 -82.30 -77.71 -10.14
C VAL T 282 -80.85 -78.14 -9.95
N PRO T 283 -80.58 -79.11 -9.09
CA PRO T 283 -79.21 -79.60 -8.93
C PRO T 283 -78.73 -80.31 -10.18
N VAL T 284 -77.41 -80.29 -10.39
CA VAL T 284 -76.83 -80.94 -11.55
C VAL T 284 -77.09 -82.44 -11.50
N ASP T 285 -76.86 -83.05 -10.34
CA ASP T 285 -77.03 -84.49 -10.19
C ASP T 285 -77.74 -84.77 -8.87
N GLY T 286 -78.41 -85.92 -8.82
CA GLY T 286 -79.20 -86.31 -7.67
C GLY T 286 -78.35 -86.64 -6.46
N PRO T 287 -77.61 -87.76 -6.51
CA PRO T 287 -76.86 -88.20 -5.33
C PRO T 287 -75.56 -87.47 -5.08
N ASN T 288 -74.82 -87.13 -6.15
CA ASN T 288 -73.50 -86.54 -5.97
C ASN T 288 -73.00 -85.97 -7.29
N GLY T 289 -72.06 -85.02 -7.18
CA GLY T 289 -71.35 -84.46 -8.31
C GLY T 289 -70.04 -85.13 -8.63
N VAL T 290 -69.80 -86.34 -8.11
CA VAL T 290 -68.63 -87.18 -8.33
C VAL T 290 -67.35 -86.34 -8.30
N PRO T 291 -66.90 -85.91 -7.12
CA PRO T 291 -65.66 -85.13 -7.05
C PRO T 291 -64.43 -86.01 -7.24
N VAL T 292 -63.26 -85.39 -7.31
CA VAL T 292 -62.01 -86.14 -7.28
C VAL T 292 -61.75 -86.59 -5.85
N ARG T 293 -61.06 -87.72 -5.69
CA ARG T 293 -60.85 -88.26 -4.35
C ARG T 293 -60.03 -87.30 -3.48
N ASP T 294 -58.74 -87.13 -3.83
CA ASP T 294 -57.85 -86.17 -3.19
C ASP T 294 -56.56 -86.11 -4.01
N PRO T 295 -56.10 -84.92 -4.40
CA PRO T 295 -54.80 -84.84 -5.09
C PRO T 295 -53.64 -85.31 -4.23
N ALA T 296 -53.76 -85.31 -2.91
CA ALA T 296 -52.65 -85.64 -2.02
C ALA T 296 -53.10 -86.69 -1.00
N SER T 297 -53.02 -87.96 -1.41
CA SER T 297 -53.10 -89.11 -0.50
C SER T 297 -54.41 -89.10 0.31
N GLY T 298 -55.51 -89.27 -0.42
CA GLY T 298 -56.81 -89.29 0.20
C GLY T 298 -57.74 -90.23 -0.53
N ARG T 299 -58.98 -90.27 -0.03
CA ARG T 299 -60.00 -91.20 -0.49
C ARG T 299 -61.20 -90.43 -1.06
N LYS T 300 -62.25 -91.16 -1.40
CA LYS T 300 -63.40 -90.60 -2.08
C LYS T 300 -64.26 -89.77 -1.13
N TYR T 301 -64.61 -88.56 -1.57
CA TYR T 301 -65.52 -87.67 -0.87
C TYR T 301 -66.60 -87.20 -1.84
N VAL T 302 -67.67 -86.65 -1.29
CA VAL T 302 -68.81 -86.19 -2.08
C VAL T 302 -69.12 -84.74 -1.70
N VAL T 303 -69.74 -84.02 -2.64
CA VAL T 303 -70.11 -82.62 -2.45
C VAL T 303 -71.27 -82.31 -3.38
N LYS T 304 -72.06 -81.30 -3.00
CA LYS T 304 -73.30 -80.98 -3.70
C LYS T 304 -73.36 -79.50 -4.04
N TRP T 305 -73.85 -79.18 -5.24
CA TRP T 305 -74.11 -77.80 -5.62
C TRP T 305 -75.20 -77.78 -6.68
N THR T 306 -75.82 -76.61 -6.85
CA THR T 306 -76.91 -76.43 -7.80
C THR T 306 -76.75 -75.11 -8.55
N THR T 307 -77.34 -75.07 -9.76
CA THR T 307 -77.37 -73.95 -10.70
C THR T 307 -78.76 -73.32 -10.73
N PRO T 308 -78.86 -72.03 -11.03
CA PRO T 308 -80.17 -71.37 -10.99
C PRO T 308 -81.02 -71.77 -12.18
N ILE T 309 -82.31 -71.45 -12.07
CA ILE T 309 -83.27 -71.72 -13.14
C ILE T 309 -83.16 -70.60 -14.17
N MET T 310 -82.86 -70.98 -15.41
CA MET T 310 -82.74 -69.98 -16.48
C MET T 310 -84.08 -69.31 -16.72
N TYR T 311 -84.02 -68.02 -17.05
CA TYR T 311 -85.20 -67.23 -17.35
C TYR T 311 -84.95 -66.40 -18.59
N ASP T 312 -86.04 -65.87 -19.15
CA ASP T 312 -85.98 -64.94 -20.27
C ASP T 312 -86.99 -63.83 -20.04
N GLY T 313 -86.58 -62.59 -20.30
CA GLY T 313 -87.41 -61.44 -20.02
C GLY T 313 -87.77 -60.69 -21.28
N TYR T 314 -88.91 -59.99 -21.23
CA TYR T 314 -89.40 -59.20 -22.35
C TYR T 314 -89.48 -57.74 -21.92
N VAL T 315 -89.00 -56.83 -22.77
CA VAL T 315 -89.02 -55.41 -22.48
C VAL T 315 -89.57 -54.66 -23.69
N ASN T 316 -90.48 -53.73 -23.42
CA ASN T 316 -91.07 -52.88 -24.44
C ASN T 316 -90.55 -51.46 -24.25
N VAL T 317 -90.11 -50.83 -25.34
CA VAL T 317 -89.59 -49.48 -25.31
C VAL T 317 -90.29 -48.64 -26.37
N THR T 318 -90.67 -47.42 -25.99
CA THR T 318 -91.23 -46.45 -26.91
C THR T 318 -90.37 -45.20 -26.88
N VAL T 319 -89.97 -44.71 -28.04
CA VAL T 319 -88.99 -43.64 -28.14
C VAL T 319 -89.35 -42.73 -29.31
N GLN T 320 -89.07 -41.44 -29.13
CA GLN T 320 -89.14 -40.46 -30.20
C GLN T 320 -87.73 -40.14 -30.66
N GLN T 321 -87.52 -40.14 -31.97
CA GLN T 321 -86.16 -40.02 -32.51
C GLN T 321 -85.52 -38.69 -32.14
N GLY T 322 -86.28 -37.62 -32.21
CA GLY T 322 -85.75 -36.29 -31.90
C GLY T 322 -85.22 -35.60 -33.13
N SER T 323 -83.92 -35.29 -33.14
CA SER T 323 -83.30 -34.58 -34.25
C SER T 323 -81.95 -35.16 -34.63
N SER T 324 -81.83 -36.49 -34.64
CA SER T 324 -80.59 -37.16 -35.01
C SER T 324 -80.91 -38.57 -35.46
N SER T 325 -79.89 -39.25 -35.97
CA SER T 325 -80.00 -40.63 -36.42
C SER T 325 -79.30 -41.55 -35.42
N VAL T 326 -80.05 -42.50 -34.87
CA VAL T 326 -79.52 -43.49 -33.94
C VAL T 326 -80.01 -44.86 -34.37
N ALA T 327 -79.09 -45.78 -34.61
CA ALA T 327 -79.47 -47.11 -35.06
C ALA T 327 -80.23 -47.82 -33.94
N PRO T 328 -81.46 -48.27 -34.19
CA PRO T 328 -82.17 -49.04 -33.15
C PRO T 328 -81.41 -50.29 -32.74
N GLU T 329 -80.75 -50.94 -33.68
CA GLU T 329 -79.91 -52.08 -33.35
C GLU T 329 -78.73 -51.66 -32.46
N ALA T 330 -78.24 -50.42 -32.64
CA ALA T 330 -77.19 -49.93 -31.74
C ALA T 330 -77.72 -49.78 -30.32
N ILE T 331 -78.94 -49.28 -30.17
CA ILE T 331 -79.55 -49.18 -28.85
C ILE T 331 -79.73 -50.57 -28.25
N GLN T 332 -80.18 -51.53 -29.06
CA GLN T 332 -80.33 -52.90 -28.57
C GLN T 332 -78.99 -53.48 -28.14
N ASN T 333 -77.92 -53.18 -28.89
CA ASN T 333 -76.59 -53.62 -28.49
C ASN T 333 -76.18 -53.00 -27.16
N ALA T 334 -76.48 -51.71 -26.97
CA ALA T 334 -76.18 -51.06 -25.70
C ALA T 334 -76.90 -51.76 -24.56
N VAL T 335 -78.19 -52.05 -24.74
CA VAL T 335 -78.95 -52.72 -23.69
C VAL T 335 -78.37 -54.10 -23.40
N VAL T 336 -78.05 -54.85 -24.46
CA VAL T 336 -77.56 -56.22 -24.25
C VAL T 336 -76.21 -56.20 -23.54
N ASN T 337 -75.30 -55.32 -23.96
CA ASN T 337 -74.01 -55.28 -23.30
C ASN T 337 -74.13 -54.78 -21.86
N TYR T 338 -75.14 -53.96 -21.59
CA TYR T 338 -75.46 -53.68 -20.19
C TYR T 338 -75.89 -54.94 -19.46
N ALA T 339 -76.70 -55.78 -20.11
CA ALA T 339 -77.24 -56.95 -19.43
C ALA T 339 -76.11 -57.89 -18.98
N GLN T 340 -75.12 -58.11 -19.84
CA GLN T 340 -73.98 -58.91 -19.43
C GLN T 340 -73.16 -58.20 -18.36
N GLY T 341 -72.95 -56.90 -18.52
CA GLY T 341 -72.31 -56.10 -17.48
C GLY T 341 -70.88 -55.71 -17.80
N LYS T 342 -70.60 -55.49 -19.08
CA LYS T 342 -69.27 -55.06 -19.50
C LYS T 342 -69.08 -53.55 -19.43
N VAL T 343 -70.09 -52.80 -19.02
CA VAL T 343 -69.92 -51.40 -18.69
C VAL T 343 -69.54 -51.28 -17.22
N GLU T 344 -68.57 -50.41 -16.93
CA GLU T 344 -68.04 -50.31 -15.58
C GLU T 344 -69.07 -49.69 -14.63
N GLY T 345 -69.03 -50.13 -13.38
CA GLY T 345 -69.87 -49.59 -12.34
C GLY T 345 -71.13 -50.36 -12.07
N GLU T 346 -71.58 -51.20 -13.00
CA GLU T 346 -72.79 -51.99 -12.85
C GLU T 346 -72.44 -53.47 -13.02
N GLU T 347 -72.83 -54.27 -12.02
CA GLU T 347 -72.48 -55.69 -12.04
C GLU T 347 -73.18 -56.43 -13.18
N GLY T 348 -74.46 -56.14 -13.41
CA GLY T 348 -75.21 -56.81 -14.45
C GLY T 348 -76.34 -57.65 -13.91
N LEU T 349 -76.83 -58.60 -14.72
CA LEU T 349 -77.94 -59.46 -14.31
C LEU T 349 -77.40 -60.77 -13.75
N VAL T 350 -76.80 -60.65 -12.56
CA VAL T 350 -76.26 -61.80 -11.83
C VAL T 350 -77.41 -62.56 -11.17
N VAL T 351 -77.11 -63.74 -10.63
CA VAL T 351 -78.12 -64.52 -9.94
C VAL T 351 -78.78 -63.69 -8.85
N GLY T 352 -80.09 -63.85 -8.70
CA GLY T 352 -80.82 -63.13 -7.68
C GLY T 352 -80.79 -61.63 -7.85
N ALA T 353 -80.91 -61.15 -9.09
CA ALA T 353 -80.91 -59.73 -9.39
C ALA T 353 -82.15 -59.40 -10.19
N SER T 354 -83.02 -58.55 -9.63
CA SER T 354 -84.20 -58.10 -10.34
C SER T 354 -83.81 -57.09 -11.41
N LEU T 355 -84.75 -56.82 -12.30
CA LEU T 355 -84.54 -55.84 -13.37
C LEU T 355 -85.73 -54.90 -13.41
N SER T 356 -85.45 -53.62 -13.66
CA SER T 356 -86.48 -52.60 -13.76
C SER T 356 -86.23 -51.75 -15.01
N ALA T 357 -87.33 -51.27 -15.59
CA ALA T 357 -87.20 -50.40 -16.76
C ALA T 357 -86.44 -49.14 -16.43
N PHE T 358 -86.45 -48.70 -15.16
CA PHE T 358 -85.70 -47.53 -14.77
C PHE T 358 -84.21 -47.73 -15.00
N GLU T 359 -83.68 -48.89 -14.61
CA GLU T 359 -82.26 -49.14 -14.78
C GLU T 359 -81.90 -49.28 -16.26
N VAL T 360 -82.79 -49.85 -17.07
CA VAL T 360 -82.54 -49.93 -18.50
C VAL T 360 -82.49 -48.52 -19.10
N ALA T 361 -83.43 -47.67 -18.71
CA ALA T 361 -83.41 -46.29 -19.19
C ALA T 361 -82.14 -45.57 -18.74
N GLY T 362 -81.70 -45.84 -17.51
CA GLY T 362 -80.46 -45.25 -17.05
C GLY T 362 -79.26 -45.71 -17.85
N ALA T 363 -79.20 -46.99 -18.19
CA ALA T 363 -78.13 -47.50 -19.03
C ALA T 363 -78.16 -46.82 -20.39
N ILE T 364 -79.35 -46.66 -20.97
CA ILE T 364 -79.46 -45.97 -22.26
C ILE T 364 -78.97 -44.54 -22.13
N ALA T 365 -79.35 -43.85 -21.05
CA ALA T 365 -78.97 -42.45 -20.87
C ALA T 365 -77.46 -42.30 -20.74
N ARG T 366 -76.84 -43.15 -19.92
CA ARG T 366 -75.39 -43.10 -19.79
C ARG T 366 -74.72 -43.42 -21.12
N GLU T 367 -75.25 -44.39 -21.85
CA GLU T 367 -74.67 -44.74 -23.15
C GLU T 367 -74.81 -43.60 -24.15
N ILE T 368 -75.98 -42.96 -24.21
CA ILE T 368 -76.17 -41.82 -25.11
C ILE T 368 -77.07 -40.78 -24.46
N PRO T 369 -76.53 -39.61 -24.12
CA PRO T 369 -77.36 -38.53 -23.60
C PRO T 369 -77.99 -37.73 -24.75
N GLY T 370 -78.67 -36.66 -24.37
CA GLY T 370 -79.30 -35.80 -25.36
C GLY T 370 -80.36 -36.46 -26.20
N ILE T 371 -81.13 -37.39 -25.61
CA ILE T 371 -82.20 -38.07 -26.32
C ILE T 371 -83.41 -38.15 -25.41
N TYR T 372 -84.58 -38.38 -26.03
CA TYR T 372 -85.85 -38.40 -25.34
C TYR T 372 -86.37 -39.83 -25.22
N ILE T 373 -86.81 -40.21 -24.03
CA ILE T 373 -87.38 -41.52 -23.76
C ILE T 373 -88.83 -41.34 -23.35
N LYS T 374 -89.74 -42.03 -24.03
CA LYS T 374 -91.16 -41.87 -23.75
C LYS T 374 -91.65 -42.86 -22.68
N LEU T 375 -91.52 -44.15 -22.96
CA LEU T 375 -92.01 -45.16 -22.03
C LEU T 375 -91.21 -46.45 -22.22
N CYS T 376 -91.03 -47.17 -21.13
CA CYS T 376 -90.38 -48.47 -21.16
C CYS T 376 -91.02 -49.35 -20.10
N GLN T 377 -91.42 -50.56 -20.50
CA GLN T 377 -92.00 -51.52 -19.59
C GLN T 377 -91.34 -52.87 -19.82
N VAL T 378 -91.41 -53.73 -18.80
CA VAL T 378 -90.65 -54.96 -18.77
C VAL T 378 -91.58 -56.12 -18.40
N ALA T 379 -91.13 -57.33 -18.71
CA ALA T 379 -91.81 -58.55 -18.31
C ALA T 379 -90.80 -59.69 -18.36
N CYS T 380 -91.11 -60.75 -17.62
CA CYS T 380 -90.23 -61.93 -17.60
C CYS T 380 -91.08 -63.17 -17.39
N VAL T 381 -90.66 -64.28 -17.99
CA VAL T 381 -91.42 -65.53 -17.96
C VAL T 381 -90.42 -66.67 -18.11
N ALA T 382 -90.87 -67.87 -17.77
CA ALA T 382 -90.00 -69.04 -17.81
C ALA T 382 -89.52 -69.33 -19.23
N ALA T 383 -88.34 -69.93 -19.35
CA ALA T 383 -87.74 -70.20 -20.64
C ALA T 383 -88.52 -71.26 -21.40
N GLY T 384 -88.65 -71.07 -22.71
CA GLY T 384 -89.36 -72.00 -23.57
C GLY T 384 -90.82 -71.68 -23.79
N SER T 385 -91.42 -70.83 -22.96
CA SER T 385 -92.81 -70.47 -23.13
C SER T 385 -92.99 -69.58 -24.35
N PRO T 386 -94.17 -69.60 -24.97
CA PRO T 386 -94.43 -68.70 -26.10
C PRO T 386 -94.39 -67.24 -25.66
N ALA T 387 -94.37 -66.36 -26.66
CA ALA T 387 -94.30 -64.93 -26.38
C ALA T 387 -95.55 -64.47 -25.65
N PRO T 388 -95.41 -63.74 -24.54
CA PRO T 388 -96.60 -63.31 -23.79
C PRO T 388 -97.31 -62.14 -24.45
N ALA T 389 -98.56 -61.95 -24.01
CA ALA T 389 -99.39 -60.86 -24.51
C ALA T 389 -98.90 -59.53 -23.95
N PRO T 390 -99.25 -58.42 -24.62
CA PRO T 390 -98.84 -57.11 -24.10
C PRO T 390 -99.38 -56.81 -22.71
N GLY T 391 -100.47 -57.45 -22.29
CA GLY T 391 -100.98 -57.25 -20.95
C GLY T 391 -100.13 -57.87 -19.86
N ASP T 392 -99.13 -58.67 -20.22
CA ASP T 392 -98.25 -59.32 -19.26
C ASP T 392 -97.06 -58.46 -18.87
N PHE T 393 -96.93 -57.26 -19.41
CA PHE T 393 -95.79 -56.41 -19.12
C PHE T 393 -96.01 -55.64 -17.82
N THR T 394 -94.92 -55.09 -17.30
CA THR T 394 -94.97 -54.32 -16.06
C THR T 394 -93.76 -53.39 -16.01
N SER T 395 -93.71 -52.56 -14.97
CA SER T 395 -92.58 -51.67 -14.78
C SER T 395 -91.35 -52.43 -14.27
N GLU T 396 -91.54 -53.36 -13.35
CA GLU T 396 -90.44 -54.06 -12.72
C GLU T 396 -90.88 -55.48 -12.41
N TYR T 397 -89.97 -56.43 -12.56
CA TYR T 397 -90.22 -57.85 -12.30
C TYR T 397 -89.32 -58.31 -11.16
N VAL T 398 -89.92 -58.60 -10.00
CA VAL T 398 -89.17 -59.14 -8.88
C VAL T 398 -88.77 -60.57 -9.21
N MET T 399 -87.54 -60.95 -8.85
CA MET T 399 -87.02 -62.28 -9.14
C MET T 399 -86.62 -62.98 -7.85
N SER T 400 -86.81 -64.29 -7.83
CA SER T 400 -86.41 -65.09 -6.69
C SER T 400 -84.89 -65.21 -6.61
N ALA T 401 -84.41 -65.64 -5.44
CA ALA T 401 -82.98 -65.72 -5.21
C ALA T 401 -82.31 -66.73 -6.14
N PHE T 402 -82.95 -67.87 -6.35
CA PHE T 402 -82.36 -68.97 -7.12
C PHE T 402 -82.69 -68.90 -8.61
N GLY T 403 -82.96 -67.71 -9.14
CA GLY T 403 -83.21 -67.57 -10.57
C GLY T 403 -82.20 -66.67 -11.26
N GLN T 404 -82.05 -66.84 -12.56
CA GLN T 404 -81.15 -66.02 -13.37
C GLN T 404 -81.83 -65.63 -14.68
N ALA T 405 -81.62 -64.40 -15.11
CA ALA T 405 -82.26 -63.87 -16.31
C ALA T 405 -81.25 -63.66 -17.43
N THR T 406 -81.75 -63.69 -18.67
CA THR T 406 -80.93 -63.48 -19.85
C THR T 406 -81.76 -62.76 -20.90
N ILE T 407 -81.13 -61.85 -21.63
CA ILE T 407 -81.82 -61.05 -22.65
C ILE T 407 -81.06 -61.18 -23.97
N SER T 408 -81.81 -61.40 -25.05
CA SER T 408 -81.25 -61.53 -26.39
C SER T 408 -81.62 -60.34 -27.23
N VAL T 409 -80.89 -60.16 -28.34
CA VAL T 409 -81.12 -59.04 -29.23
C VAL T 409 -82.51 -59.11 -29.86
N GLY T 410 -82.92 -60.29 -30.30
CA GLY T 410 -84.22 -60.44 -30.93
C GLY T 410 -85.38 -60.40 -29.96
N ASN T 411 -85.14 -60.73 -28.69
CA ASN T 411 -86.22 -60.75 -27.71
C ASN T 411 -86.80 -59.35 -27.50
N VAL T 412 -85.95 -58.35 -27.40
CA VAL T 412 -86.42 -56.98 -27.22
C VAL T 412 -87.01 -56.46 -28.53
N ARG T 413 -88.14 -55.77 -28.43
CA ARG T 413 -88.79 -55.13 -29.57
C ARG T 413 -88.87 -53.64 -29.31
N VAL T 414 -88.52 -52.84 -30.31
CA VAL T 414 -88.47 -51.39 -30.16
C VAL T 414 -89.55 -50.77 -31.05
N THR T 415 -89.99 -49.58 -30.65
CA THR T 415 -91.03 -48.84 -31.37
C THR T 415 -90.55 -47.41 -31.57
N PHE T 416 -90.29 -47.04 -32.81
CA PHE T 416 -89.82 -45.69 -33.14
C PHE T 416 -90.99 -44.81 -33.56
N VAL T 417 -91.89 -44.61 -32.60
CA VAL T 417 -93.05 -43.76 -32.83
C VAL T 417 -92.58 -42.33 -33.08
N LEU U 1 -21.07 -56.36 -0.16
CA LEU U 1 -20.24 -57.02 -1.15
C LEU U 1 -18.76 -57.16 -0.73
N PRO U 2 -18.14 -56.11 -0.18
CA PRO U 2 -16.78 -56.28 0.33
C PRO U 2 -16.72 -57.33 1.41
N ALA U 3 -15.63 -58.09 1.42
CA ALA U 3 -15.49 -59.20 2.36
C ALA U 3 -15.23 -58.68 3.77
N TYR U 4 -15.82 -59.37 4.75
CA TYR U 4 -15.59 -59.10 6.16
C TYR U 4 -14.90 -60.31 6.76
N ASN U 5 -13.69 -60.13 7.31
CA ASN U 5 -12.89 -61.26 7.74
C ASN U 5 -13.19 -61.70 9.17
N SER U 6 -13.08 -60.78 10.14
CA SER U 6 -13.41 -61.06 11.53
C SER U 6 -12.68 -62.31 12.05
N ASP U 7 -11.35 -62.23 12.06
CA ASP U 7 -10.51 -63.33 12.49
C ASP U 7 -9.61 -62.88 13.63
N ILE U 8 -9.46 -63.74 14.64
CA ILE U 8 -8.63 -63.40 15.78
C ILE U 8 -7.16 -63.45 15.41
N GLN U 9 -6.75 -64.46 14.64
CA GLN U 9 -5.33 -64.67 14.37
C GLN U 9 -4.70 -63.57 13.53
N GLN U 10 -5.50 -62.69 12.93
CA GLN U 10 -4.93 -61.57 12.19
C GLN U 10 -4.10 -60.66 13.09
N ALA U 11 -4.30 -60.72 14.40
CA ALA U 11 -3.50 -59.92 15.32
C ALA U 11 -2.03 -60.30 15.26
N LEU U 12 -1.74 -61.60 15.12
CA LEU U 12 -0.36 -62.03 14.99
C LEU U 12 0.26 -61.44 13.74
N LYS U 13 1.34 -60.68 13.93
CA LYS U 13 2.08 -60.11 12.83
C LYS U 13 3.36 -60.90 12.65
N TRP U 14 4.06 -60.60 11.57
CA TRP U 14 4.88 -61.63 10.98
C TRP U 14 6.24 -61.69 11.65
N LEU U 15 6.49 -60.73 12.54
CA LEU U 15 7.66 -60.76 13.39
C LEU U 15 7.68 -61.98 14.29
N HIS U 16 6.50 -62.49 14.65
CA HIS U 16 6.38 -63.60 15.60
C HIS U 16 6.38 -64.94 14.89
N ASN U 17 7.39 -65.18 14.08
CA ASN U 17 7.41 -66.42 13.30
C ASN U 17 7.72 -67.62 14.16
N GLN U 18 8.71 -67.51 15.04
CA GLN U 18 9.16 -68.62 15.88
C GLN U 18 9.03 -68.30 17.36
N ALA U 19 7.93 -67.66 17.75
CA ALA U 19 7.68 -67.36 19.15
C ALA U 19 6.75 -68.43 19.71
N PRO U 20 7.22 -69.27 20.63
CA PRO U 20 6.31 -70.29 21.19
C PRO U 20 5.26 -69.71 22.12
N GLY U 21 5.59 -68.66 22.88
CA GLY U 21 4.68 -68.17 23.89
C GLY U 21 3.53 -67.32 23.39
N ILE U 22 3.85 -66.16 22.81
CA ILE U 22 2.80 -65.22 22.44
C ILE U 22 1.86 -65.84 21.41
N THR U 23 2.41 -66.65 20.49
CA THR U 23 1.56 -67.41 19.59
C THR U 23 0.65 -68.34 20.37
N GLY U 24 1.18 -68.95 21.43
CA GLY U 24 0.34 -69.81 22.25
C GLY U 24 -0.82 -69.07 22.86
N LEU U 25 -0.56 -67.89 23.43
CA LEU U 25 -1.64 -67.10 24.02
C LEU U 25 -2.69 -66.75 22.97
N ILE U 26 -2.26 -66.22 21.83
CA ILE U 26 -3.23 -65.79 20.82
C ILE U 26 -4.03 -66.97 20.31
N GLN U 27 -3.36 -68.09 20.03
CA GLN U 27 -4.08 -69.26 19.51
C GLN U 27 -5.07 -69.79 20.53
N ARG U 28 -4.68 -69.88 21.81
CA ARG U 28 -5.59 -70.40 22.82
C ARG U 28 -6.80 -69.50 22.97
N LYS U 29 -6.59 -68.17 22.93
CA LYS U 29 -7.72 -67.27 22.88
C LYS U 29 -8.60 -67.56 21.67
N ALA U 30 -7.97 -67.92 20.54
CA ALA U 30 -8.74 -68.23 19.34
C ALA U 30 -9.65 -69.43 19.56
N GLN U 31 -9.11 -70.53 20.10
CA GLN U 31 -10.00 -71.67 20.34
C GLN U 31 -11.05 -71.35 21.39
N TRP U 32 -10.72 -70.56 22.41
CA TRP U 32 -11.73 -70.21 23.40
C TRP U 32 -12.90 -69.50 22.75
N TYR U 33 -12.62 -68.47 21.97
CA TYR U 33 -13.71 -67.73 21.33
C TYR U 33 -14.43 -68.60 20.31
N ASP U 34 -13.71 -69.45 19.59
CA ASP U 34 -14.36 -70.33 18.62
C ASP U 34 -15.34 -71.27 19.32
N ARG U 35 -14.95 -71.81 20.48
CA ARG U 35 -15.80 -72.75 21.18
C ARG U 35 -17.01 -72.06 21.80
N PHE U 36 -16.79 -70.92 22.46
CA PHE U 36 -17.85 -70.32 23.27
C PHE U 36 -18.52 -69.12 22.61
N SER U 37 -18.25 -68.86 21.34
CA SER U 37 -18.93 -67.73 20.72
C SER U 37 -19.56 -68.06 19.38
N ARG U 38 -19.03 -69.04 18.65
CA ARG U 38 -19.55 -69.40 17.34
C ARG U 38 -20.18 -70.78 17.31
N GLN U 39 -19.43 -71.80 17.71
CA GLN U 39 -20.00 -73.15 17.75
C GLN U 39 -21.19 -73.21 18.70
N PHE U 40 -21.17 -72.39 19.75
CA PHE U 40 -22.33 -72.30 20.63
C PHE U 40 -23.57 -71.86 19.86
N TRP U 41 -23.43 -70.81 19.05
CA TRP U 41 -24.57 -70.35 18.27
C TRP U 41 -24.99 -71.38 17.24
N ALA U 42 -24.04 -72.10 16.65
CA ALA U 42 -24.40 -73.14 15.69
C ALA U 42 -25.24 -74.22 16.37
N ASN U 43 -24.80 -74.68 17.54
CA ASN U 43 -25.57 -75.69 18.26
C ASN U 43 -26.94 -75.14 18.67
N TRP U 44 -26.97 -73.88 19.12
CA TRP U 44 -28.23 -73.29 19.56
C TRP U 44 -29.23 -73.20 18.42
N GLU U 45 -28.79 -72.77 17.25
CA GLU U 45 -29.72 -72.65 16.13
C GLU U 45 -30.11 -74.03 15.60
N ARG U 46 -29.23 -75.03 15.71
CA ARG U 46 -29.66 -76.38 15.37
C ARG U 46 -30.72 -76.88 16.34
N ASP U 47 -30.58 -76.55 17.62
CA ASP U 47 -31.53 -77.06 18.60
C ASP U 47 -32.86 -76.33 18.55
N VAL U 48 -32.85 -75.03 18.24
CA VAL U 48 -34.10 -74.28 18.16
C VAL U 48 -34.92 -74.72 16.96
N PHE U 49 -34.27 -75.20 15.90
CA PHE U 49 -35.00 -75.84 14.80
C PHE U 49 -35.91 -76.95 15.31
N HIS U 50 -37.20 -76.83 14.98
CA HIS U 50 -38.21 -77.72 15.56
C HIS U 50 -38.10 -79.12 14.98
N LEU U 51 -37.75 -79.24 13.70
CA LEU U 51 -37.65 -80.54 13.07
C LEU U 51 -36.55 -81.40 13.68
N LYS U 52 -35.62 -80.80 14.42
CA LYS U 52 -34.51 -81.54 15.02
C LYS U 52 -34.35 -81.23 16.51
N THR U 53 -35.25 -80.42 17.08
CA THR U 53 -35.11 -80.02 18.48
C THR U 53 -35.06 -81.23 19.39
N ALA U 54 -33.93 -81.38 20.10
CA ALA U 54 -33.78 -82.42 21.10
C ALA U 54 -33.72 -81.87 22.52
N ASN U 55 -33.52 -80.58 22.68
CA ASN U 55 -33.40 -79.99 24.01
C ASN U 55 -34.77 -79.91 24.66
N PRO U 56 -34.98 -80.50 25.83
CA PRO U 56 -36.22 -80.27 26.57
C PRO U 56 -36.43 -78.81 26.94
N PHE U 57 -35.36 -78.05 27.16
CA PHE U 57 -35.50 -76.63 27.42
C PHE U 57 -36.12 -75.92 26.23
N GLY U 58 -35.64 -76.23 25.02
CA GLY U 58 -36.24 -75.66 23.83
C GLY U 58 -37.68 -76.07 23.64
N LEU U 59 -38.00 -77.32 23.98
CA LEU U 59 -39.38 -77.79 23.87
C LEU U 59 -40.28 -77.03 24.84
N MET U 60 -39.83 -76.84 26.07
CA MET U 60 -40.61 -76.07 27.04
C MET U 60 -40.76 -74.62 26.60
N VAL U 61 -39.73 -74.04 25.99
CA VAL U 61 -39.84 -72.68 25.46
C VAL U 61 -40.88 -72.65 24.35
N TRP U 62 -40.87 -73.64 23.46
CA TRP U 62 -41.90 -73.74 22.44
C TRP U 62 -43.29 -73.81 23.06
N CYS U 63 -43.42 -74.59 24.14
CA CYS U 63 -44.70 -74.70 24.82
C CYS U 63 -45.14 -73.34 25.36
N ILE U 64 -44.21 -72.58 25.94
CA ILE U 64 -44.53 -71.25 26.43
C ILE U 64 -44.95 -70.35 25.27
N ILE U 65 -44.33 -70.53 24.11
CA ILE U 65 -44.72 -69.77 22.93
C ILE U 65 -46.16 -70.08 22.55
N LEU U 66 -46.50 -71.37 22.54
CA LEU U 66 -47.81 -71.82 22.07
C LEU U 66 -48.87 -71.82 23.17
N GLY U 67 -48.46 -71.77 24.44
CA GLY U 67 -49.39 -71.69 25.54
C GLY U 67 -49.89 -73.02 26.08
N THR U 68 -49.53 -74.13 25.45
CA THR U 68 -49.97 -75.43 25.93
C THR U 68 -49.38 -75.72 27.31
N PRO U 69 -50.14 -76.40 28.18
CA PRO U 69 -49.55 -76.88 29.43
C PRO U 69 -48.51 -77.94 29.16
N SER U 70 -47.51 -78.01 30.04
CA SER U 70 -46.34 -78.82 29.80
C SER U 70 -46.21 -80.04 30.71
N LYS U 71 -46.75 -79.99 31.92
CA LYS U 71 -46.51 -81.10 32.85
C LYS U 71 -47.30 -82.35 32.52
N GLY U 72 -47.97 -82.42 31.37
CA GLY U 72 -48.59 -83.65 30.94
C GLY U 72 -47.70 -84.51 30.07
N PHE U 73 -46.42 -84.16 29.91
CA PHE U 73 -45.53 -84.85 28.99
C PHE U 73 -44.28 -85.31 29.73
N GLY U 74 -43.85 -86.53 29.45
CA GLY U 74 -42.53 -86.96 29.88
C GLY U 74 -41.46 -86.15 29.17
N LEU U 75 -40.50 -85.65 29.94
CA LEU U 75 -39.54 -84.68 29.41
C LEU U 75 -38.25 -85.34 28.90
N TYR U 76 -37.54 -86.04 29.77
CA TYR U 76 -36.18 -86.45 29.48
C TYR U 76 -35.85 -87.79 30.13
N PRO U 77 -34.97 -88.58 29.53
CA PRO U 77 -34.42 -89.76 30.19
C PRO U 77 -33.10 -89.52 30.92
N LYS U 78 -32.71 -88.26 31.14
CA LYS U 78 -31.38 -87.93 31.62
C LYS U 78 -31.24 -88.23 33.11
N ASN U 79 -30.01 -88.06 33.60
CA ASN U 79 -29.69 -88.29 35.01
C ASN U 79 -30.47 -87.38 35.95
N SER U 80 -30.96 -86.23 35.45
CA SER U 80 -31.69 -85.31 36.31
C SER U 80 -32.94 -85.94 36.89
N SER U 81 -33.46 -86.99 36.25
CA SER U 81 -34.59 -87.71 36.80
C SER U 81 -34.19 -88.39 38.11
N TRP U 82 -35.16 -88.48 39.02
CA TRP U 82 -34.88 -88.97 40.36
C TRP U 82 -34.36 -90.40 40.30
N ALA U 83 -33.37 -90.70 41.15
CA ALA U 83 -32.81 -92.04 41.30
C ALA U 83 -32.26 -92.57 39.98
N PHE U 84 -31.21 -91.89 39.51
CA PHE U 84 -30.47 -92.33 38.35
C PHE U 84 -28.98 -92.20 38.62
N GLY U 85 -28.20 -93.10 38.02
CA GLY U 85 -26.75 -93.07 38.19
C GLY U 85 -26.08 -94.04 37.23
N ARG U 86 -24.75 -93.90 37.16
CA ARG U 86 -23.97 -94.77 36.28
C ARG U 86 -24.03 -96.23 36.74
N LEU U 87 -23.95 -96.46 38.05
CA LEU U 87 -24.09 -97.81 38.59
C LEU U 87 -25.52 -98.09 39.03
N ARG U 88 -26.04 -97.30 39.98
CA ARG U 88 -27.41 -97.36 40.51
C ARG U 88 -27.83 -98.78 40.88
N GLN U 89 -26.86 -99.69 41.05
CA GLN U 89 -27.17 -101.07 41.38
C GLN U 89 -27.47 -101.29 42.87
N ASN U 90 -27.13 -100.33 43.72
CA ASN U 90 -27.39 -100.46 45.14
C ASN U 90 -28.82 -100.07 45.46
N PHE U 91 -29.27 -100.47 46.65
CA PHE U 91 -30.60 -100.18 47.17
C PHE U 91 -31.72 -100.72 46.30
N ILE U 92 -31.39 -101.54 45.30
CA ILE U 92 -32.39 -102.14 44.43
C ILE U 92 -32.29 -103.66 44.58
N TYR U 93 -33.34 -104.34 44.14
CA TYR U 93 -33.37 -105.79 44.23
C TYR U 93 -32.45 -106.39 43.17
N SER U 94 -31.19 -106.65 43.56
CA SER U 94 -30.13 -107.00 42.63
C SER U 94 -29.92 -108.51 42.54
N GLY U 95 -30.99 -109.29 42.63
CA GLY U 95 -30.91 -110.74 42.57
C GLY U 95 -30.61 -111.39 43.90
N THR U 96 -29.88 -110.71 44.78
CA THR U 96 -29.69 -111.22 46.13
C THR U 96 -31.01 -111.23 46.90
N GLN U 97 -31.91 -110.30 46.59
CA GLN U 97 -33.24 -110.26 47.20
C GLN U 97 -34.30 -110.80 46.24
N VAL U 98 -34.44 -110.19 45.07
CA VAL U 98 -35.49 -110.53 44.12
C VAL U 98 -34.95 -110.38 42.70
N PRO U 99 -35.21 -111.33 41.80
CA PRO U 99 -34.85 -111.15 40.39
C PRO U 99 -35.87 -110.27 39.68
N PRO U 100 -35.44 -109.12 39.17
CA PRO U 100 -36.38 -108.18 38.56
C PRO U 100 -36.51 -108.39 37.07
N PRO U 101 -37.51 -107.79 36.43
CA PRO U 101 -37.63 -107.88 34.96
C PRO U 101 -36.49 -107.16 34.26
N ALA U 102 -36.22 -107.60 33.04
CA ALA U 102 -35.12 -107.05 32.23
C ALA U 102 -35.57 -105.99 31.24
N ASP U 103 -36.75 -106.15 30.64
CA ASP U 103 -37.26 -105.19 29.65
C ASP U 103 -37.99 -104.05 30.37
N ALA U 104 -37.20 -103.18 30.99
CA ALA U 104 -37.74 -102.06 31.74
C ALA U 104 -36.78 -100.88 31.62
N SER U 105 -37.34 -99.67 31.69
CA SER U 105 -36.55 -98.45 31.59
C SER U 105 -35.65 -98.29 32.83
N PRO U 106 -34.47 -97.71 32.66
CA PRO U 106 -33.58 -97.52 33.81
C PRO U 106 -34.16 -96.56 34.83
N GLY U 107 -33.77 -96.76 36.08
CA GLY U 107 -34.21 -95.91 37.18
C GLY U 107 -35.51 -96.40 37.80
N GLY U 108 -35.83 -95.81 38.94
CA GLY U 108 -37.09 -96.09 39.61
C GLY U 108 -38.27 -95.77 38.71
N ASN U 109 -39.12 -96.76 38.48
CA ASN U 109 -40.13 -96.69 37.43
C ASN U 109 -41.25 -95.71 37.73
N PHE U 110 -41.15 -94.92 38.80
CA PHE U 110 -42.14 -93.87 39.05
C PHE U 110 -42.10 -92.78 37.98
N TYR U 111 -41.05 -92.73 37.17
CA TYR U 111 -40.98 -91.84 36.03
C TYR U 111 -41.56 -92.54 34.81
N GLY U 112 -42.46 -91.86 34.11
CA GLY U 112 -43.17 -92.47 33.00
C GLY U 112 -44.34 -93.33 33.41
N GLY U 113 -44.73 -93.29 34.68
CA GLY U 113 -45.85 -94.09 35.14
C GLY U 113 -47.18 -93.57 34.60
N GLY U 114 -48.22 -94.38 34.80
CA GLY U 114 -49.52 -94.07 34.26
C GLY U 114 -49.58 -94.38 32.78
N ASN U 115 -50.70 -93.99 32.17
CA ASN U 115 -50.87 -94.24 30.74
C ASN U 115 -50.20 -93.16 29.90
N ALA U 116 -50.67 -91.91 30.03
CA ALA U 116 -50.39 -90.87 29.04
C ALA U 116 -48.95 -90.39 29.05
N GLU U 117 -48.13 -90.78 30.02
CA GLU U 117 -46.77 -90.25 30.13
C GLU U 117 -45.91 -90.75 28.98
N ILE U 118 -45.56 -89.85 28.07
CA ILE U 118 -44.74 -90.21 26.91
C ILE U 118 -43.35 -90.67 27.37
N LEU U 119 -42.72 -91.48 26.51
CA LEU U 119 -41.35 -91.94 26.73
C LEU U 119 -40.40 -91.62 25.58
N ASN U 120 -40.92 -91.16 24.44
CA ASN U 120 -40.09 -90.85 23.28
C ASN U 120 -40.36 -89.42 22.84
N LEU U 121 -39.30 -88.71 22.43
CA LEU U 121 -39.37 -87.26 22.25
C LEU U 121 -39.96 -86.85 20.90
N ASP U 122 -39.73 -87.63 19.85
CA ASP U 122 -40.21 -87.20 18.53
C ASP U 122 -41.73 -87.08 18.50
N GLU U 123 -42.42 -87.85 19.34
CA GLU U 123 -43.87 -87.62 19.48
C GLU U 123 -44.15 -86.26 20.09
N ILE U 124 -43.33 -85.81 21.03
CA ILE U 124 -43.51 -84.46 21.56
C ILE U 124 -43.30 -83.42 20.47
N ARG U 125 -42.25 -83.59 19.66
CA ARG U 125 -42.04 -82.66 18.56
C ARG U 125 -43.25 -82.64 17.64
N LYS U 126 -43.74 -83.82 17.28
CA LYS U 126 -44.87 -83.92 16.37
C LYS U 126 -46.12 -83.28 16.98
N VAL U 127 -46.35 -83.49 18.28
CA VAL U 127 -47.59 -82.99 18.87
C VAL U 127 -47.56 -81.46 18.97
N LEU U 128 -46.41 -80.88 19.31
CA LEU U 128 -46.36 -79.41 19.33
C LEU U 128 -46.49 -78.83 17.92
N GLN U 129 -45.83 -79.41 16.92
CA GLN U 129 -45.99 -78.85 15.58
C GLN U 129 -47.42 -79.06 15.06
N LEU U 130 -48.06 -80.17 15.43
CA LEU U 130 -49.47 -80.35 15.10
C LEU U 130 -50.34 -79.33 15.82
N ARG U 131 -49.99 -78.98 17.06
CA ARG U 131 -50.74 -77.96 17.78
C ARG U 131 -50.62 -76.62 17.07
N TYR U 132 -49.44 -76.30 16.55
CA TYR U 132 -49.30 -75.07 15.77
C TYR U 132 -50.16 -75.13 14.51
N VAL U 133 -50.16 -76.28 13.84
CA VAL U 133 -51.01 -76.45 12.66
C VAL U 133 -52.46 -76.21 13.02
N ALA U 134 -52.90 -76.72 14.18
CA ALA U 134 -54.26 -76.50 14.63
C ALA U 134 -54.53 -75.03 14.89
N LEU U 135 -53.59 -74.35 15.56
CA LEU U 135 -53.81 -72.95 15.91
C LEU U 135 -53.85 -72.06 14.68
N ILE U 136 -53.17 -72.45 13.60
CA ILE U 136 -53.21 -71.64 12.39
C ILE U 136 -54.36 -72.02 11.46
N SER U 137 -54.93 -73.21 11.62
CA SER U 137 -55.96 -73.67 10.70
C SER U 137 -57.24 -72.84 10.82
N ASN U 138 -57.98 -72.79 9.72
CA ASN U 138 -59.27 -72.11 9.67
C ASN U 138 -60.45 -73.06 9.75
N GLY U 139 -60.30 -74.29 9.27
CA GLY U 139 -61.37 -75.25 9.31
C GLY U 139 -61.42 -76.16 8.10
N SER U 140 -60.82 -75.73 6.99
CA SER U 140 -60.79 -76.55 5.78
C SER U 140 -59.94 -77.78 6.02
N ILE U 141 -60.45 -78.94 5.58
CA ILE U 141 -59.82 -80.20 5.96
C ILE U 141 -58.86 -80.75 4.93
N ALA U 142 -58.96 -80.33 3.67
CA ALA U 142 -58.04 -80.84 2.65
C ALA U 142 -56.60 -80.47 2.99
N TYR U 143 -56.38 -79.21 3.36
CA TYR U 143 -55.05 -78.81 3.81
C TYR U 143 -54.65 -79.56 5.07
N ILE U 144 -55.60 -79.83 5.96
CA ILE U 144 -55.27 -80.59 7.17
C ILE U 144 -54.75 -81.98 6.80
N ASN U 145 -55.42 -82.65 5.87
CA ASN U 145 -54.96 -83.97 5.46
C ASN U 145 -53.60 -83.91 4.78
N ARG U 146 -53.39 -82.90 3.92
CA ARG U 146 -52.09 -82.77 3.27
C ARG U 146 -50.99 -82.53 4.30
N MET U 147 -51.25 -81.65 5.27
CA MET U 147 -50.26 -81.38 6.31
C MET U 147 -50.02 -82.61 7.16
N LEU U 148 -51.06 -83.40 7.40
CA LEU U 148 -50.91 -84.64 8.16
C LEU U 148 -50.02 -85.61 7.42
N ARG U 149 -50.21 -85.74 6.11
CA ARG U 149 -49.29 -86.51 5.28
C ARG U 149 -47.87 -86.04 5.47
N TYR U 150 -47.65 -84.72 5.35
CA TYR U 150 -46.30 -84.17 5.45
C TYR U 150 -45.68 -84.48 6.81
N ILE U 151 -46.43 -84.26 7.89
CA ILE U 151 -45.88 -84.38 9.23
C ILE U 151 -45.61 -85.83 9.58
N PHE U 152 -46.55 -86.73 9.28
CA PHE U 152 -46.41 -88.11 9.75
C PHE U 152 -45.73 -89.00 8.73
N ASN U 153 -46.26 -89.08 7.51
CA ASN U 153 -45.71 -90.01 6.54
C ASN U 153 -44.37 -89.54 5.98
N ASP U 154 -44.00 -88.28 6.23
CA ASP U 154 -42.81 -87.65 5.66
C ASP U 154 -42.99 -87.40 4.16
N ASP U 155 -44.21 -87.06 3.75
CA ASP U 155 -44.51 -86.50 2.43
C ASP U 155 -44.12 -87.46 1.31
N GLU U 156 -44.81 -88.59 1.27
CA GLU U 156 -44.75 -89.49 0.13
C GLU U 156 -45.99 -90.37 0.15
N PRO U 157 -46.27 -91.10 -0.94
CA PRO U 157 -47.43 -92.00 -0.98
C PRO U 157 -47.56 -92.91 0.24
N TRP U 158 -48.77 -93.38 0.51
CA TRP U 158 -49.11 -93.97 1.80
C TRP U 158 -49.12 -95.49 1.75
N ASP U 159 -49.45 -96.08 2.90
CA ASP U 159 -49.67 -97.52 3.04
C ASP U 159 -51.17 -97.77 2.99
N GLU U 160 -51.60 -98.51 1.97
CA GLU U 160 -53.01 -98.76 1.74
C GLU U 160 -53.52 -100.01 2.45
N ALA U 161 -52.63 -100.96 2.74
CA ALA U 161 -53.01 -102.19 3.43
C ALA U 161 -53.26 -101.98 4.92
N THR U 162 -52.92 -100.82 5.46
CA THR U 162 -53.04 -100.57 6.89
C THR U 162 -54.16 -99.60 7.26
N GLY U 163 -54.73 -98.89 6.29
CA GLY U 163 -55.75 -97.91 6.60
C GLY U 163 -55.23 -96.85 7.55
N LEU U 164 -54.26 -96.07 7.09
CA LEU U 164 -53.46 -95.23 7.98
C LEU U 164 -54.24 -93.97 8.35
N TYR U 165 -53.53 -93.01 8.96
CA TYR U 165 -54.16 -91.88 9.62
C TYR U 165 -54.76 -90.90 8.62
N PHE U 166 -56.09 -90.78 8.64
CA PHE U 166 -56.77 -89.73 7.89
C PHE U 166 -57.78 -89.07 8.81
N TYR U 167 -58.16 -87.84 8.48
CA TYR U 167 -58.91 -87.01 9.40
C TYR U 167 -60.26 -87.65 9.71
N LEU U 168 -61.18 -87.62 8.75
CA LEU U 168 -62.34 -88.52 8.70
C LEU U 168 -63.17 -88.20 7.47
N MET U 169 -64.27 -88.92 7.32
CA MET U 169 -65.19 -88.74 6.20
C MET U 169 -66.29 -87.73 6.50
N ASP U 170 -66.36 -87.22 7.73
CA ASP U 170 -67.34 -86.21 8.14
C ASP U 170 -68.76 -86.78 8.05
N SER U 171 -69.74 -86.00 8.49
CA SER U 171 -71.14 -86.41 8.33
C SER U 171 -71.49 -86.62 6.87
N THR U 172 -70.79 -85.95 5.95
CA THR U 172 -70.97 -86.21 4.53
C THR U 172 -70.49 -87.62 4.19
N GLY U 173 -71.09 -88.18 3.14
CA GLY U 173 -70.76 -89.52 2.74
C GLY U 173 -69.47 -89.60 1.94
N GLU U 174 -69.12 -90.82 1.54
CA GLU U 174 -67.92 -91.07 0.77
C GLU U 174 -68.22 -91.62 -0.63
N ASN U 175 -68.97 -92.71 -0.72
CA ASN U 175 -69.30 -93.30 -2.01
C ASN U 175 -70.36 -94.38 -1.80
N GLY U 176 -71.24 -94.51 -2.80
CA GLY U 176 -72.25 -95.53 -2.80
C GLY U 176 -71.87 -96.68 -3.70
N PRO U 177 -72.43 -96.69 -4.91
CA PRO U 177 -72.14 -97.77 -5.86
C PRO U 177 -70.67 -97.78 -6.26
N VAL U 178 -70.19 -98.97 -6.61
CA VAL U 178 -68.82 -99.11 -7.08
C VAL U 178 -68.71 -98.56 -8.50
N GLU U 179 -67.72 -97.71 -8.71
CA GLU U 179 -67.53 -97.07 -10.01
C GLU U 179 -66.06 -97.10 -10.39
N ASN U 180 -65.81 -97.04 -11.69
CA ASN U 180 -64.45 -97.09 -12.26
C ASN U 180 -63.71 -98.33 -11.77
N LEU U 181 -64.27 -99.49 -12.13
CA LEU U 181 -63.70 -100.77 -11.76
C LEU U 181 -63.18 -101.50 -13.00
N ALA U 182 -62.05 -102.18 -12.83
CA ALA U 182 -61.38 -102.88 -13.92
C ALA U 182 -61.25 -104.35 -13.58
N VAL U 183 -60.88 -105.13 -14.59
CA VAL U 183 -60.71 -106.58 -14.45
C VAL U 183 -59.23 -106.88 -14.58
N TYR U 184 -58.62 -107.34 -13.49
CA TYR U 184 -57.21 -107.68 -13.45
C TYR U 184 -57.11 -109.19 -13.33
N ARG U 185 -57.13 -109.88 -14.47
CA ARG U 185 -57.09 -111.32 -14.51
C ARG U 185 -55.68 -111.81 -14.81
N LYS U 186 -55.26 -112.87 -14.12
CA LYS U 186 -53.92 -113.43 -14.26
C LYS U 186 -53.97 -114.75 -15.00
N ASP U 187 -52.95 -115.00 -15.81
CA ASP U 187 -52.80 -116.25 -16.55
C ASP U 187 -51.34 -116.40 -16.92
N TRP U 188 -51.06 -117.29 -17.88
CA TRP U 188 -49.72 -117.42 -18.43
C TRP U 188 -49.18 -116.07 -18.92
N GLU U 189 -50.06 -115.24 -19.49
CA GLU U 189 -49.64 -113.93 -20.00
C GLU U 189 -49.38 -112.91 -18.91
N GLY U 190 -49.33 -113.30 -17.64
CA GLY U 190 -49.09 -112.36 -16.57
C GLY U 190 -50.32 -111.54 -16.25
N MET U 191 -50.13 -110.58 -15.34
CA MET U 191 -51.22 -109.70 -14.96
C MET U 191 -51.64 -108.84 -16.13
N VAL U 192 -52.95 -108.79 -16.39
CA VAL U 192 -53.49 -108.14 -17.58
C VAL U 192 -54.74 -107.37 -17.21
N LEU U 193 -54.83 -106.12 -17.66
CA LEU U 193 -56.06 -105.34 -17.53
C LEU U 193 -57.05 -105.75 -18.61
N LEU U 194 -58.34 -105.72 -18.25
CA LEU U 194 -59.40 -106.05 -19.18
C LEU U 194 -60.42 -104.92 -19.22
N SER U 195 -61.00 -104.73 -20.41
CA SER U 195 -61.94 -103.64 -20.65
C SER U 195 -63.25 -104.19 -21.20
N SER U 196 -64.35 -103.53 -20.84
CA SER U 196 -65.67 -103.94 -21.31
C SER U 196 -65.93 -103.53 -22.75
N SER U 197 -65.31 -102.45 -23.22
CA SER U 197 -65.56 -102.00 -24.58
C SER U 197 -65.08 -103.04 -25.58
N PRO U 198 -65.84 -103.27 -26.65
CA PRO U 198 -65.42 -104.25 -27.66
C PRO U 198 -64.13 -103.84 -28.35
N ARG U 199 -63.34 -104.85 -28.75
CA ARG U 199 -62.02 -104.62 -29.31
C ARG U 199 -62.08 -104.55 -30.84
N THR U 200 -61.03 -103.96 -31.42
CA THR U 200 -60.89 -103.88 -32.87
C THR U 200 -59.49 -104.36 -33.23
N ASN U 201 -59.37 -105.65 -33.55
CA ASN U 201 -58.08 -106.26 -33.90
C ASN U 201 -58.00 -106.38 -35.41
N HIS U 202 -57.07 -105.62 -36.01
CA HIS U 202 -56.93 -105.60 -37.46
C HIS U 202 -55.89 -106.58 -37.96
N VAL U 203 -55.30 -107.39 -37.08
CA VAL U 203 -54.30 -108.36 -37.51
C VAL U 203 -54.94 -109.43 -38.37
N LEU U 204 -54.36 -109.67 -39.55
CA LEU U 204 -54.89 -110.68 -40.44
C LEU U 204 -54.56 -112.09 -39.98
N THR U 205 -53.43 -112.26 -39.28
CA THR U 205 -53.01 -113.58 -38.82
C THR U 205 -52.44 -113.47 -37.41
N SER U 206 -52.45 -114.60 -36.71
CA SER U 206 -51.80 -114.71 -35.42
C SER U 206 -50.50 -115.49 -35.48
N THR U 207 -50.35 -116.38 -36.47
CA THR U 207 -49.16 -117.20 -36.63
C THR U 207 -48.77 -117.20 -38.10
N PRO U 208 -47.57 -116.73 -38.45
CA PRO U 208 -47.10 -116.87 -39.82
C PRO U 208 -47.01 -118.33 -40.23
N ALA U 209 -47.38 -118.62 -41.48
CA ALA U 209 -47.38 -119.99 -41.98
C ALA U 209 -46.34 -120.17 -43.09
N SER U 210 -46.41 -119.36 -44.14
CA SER U 210 -45.50 -119.46 -45.27
C SER U 210 -45.33 -118.08 -45.88
N ASP U 211 -44.78 -118.04 -47.09
CA ASP U 211 -44.55 -116.76 -47.75
C ASP U 211 -45.86 -116.06 -48.07
N ALA U 212 -46.95 -116.82 -48.21
CA ALA U 212 -48.24 -116.22 -48.52
C ALA U 212 -48.76 -115.36 -47.37
N ASP U 213 -48.50 -115.77 -46.12
CA ASP U 213 -49.03 -115.04 -44.98
C ASP U 213 -48.40 -113.66 -44.86
N TRP U 214 -47.09 -113.54 -45.07
CA TRP U 214 -46.35 -112.32 -44.79
C TRP U 214 -45.48 -111.97 -46.00
N PRO U 215 -46.03 -111.25 -46.96
CA PRO U 215 -45.23 -110.85 -48.13
C PRO U 215 -44.06 -109.96 -47.73
N GLY U 216 -42.95 -110.12 -48.43
CA GLY U 216 -41.71 -109.41 -48.12
C GLY U 216 -41.37 -108.39 -49.19
N VAL U 217 -40.88 -107.23 -48.75
CA VAL U 217 -40.52 -106.12 -49.63
C VAL U 217 -39.08 -105.72 -49.34
N ASP U 218 -38.31 -105.51 -50.41
CA ASP U 218 -36.90 -105.11 -50.29
C ASP U 218 -36.60 -103.96 -51.25
N PRO U 219 -36.21 -102.78 -50.75
CA PRO U 219 -35.87 -101.67 -51.66
C PRO U 219 -34.59 -101.91 -52.44
N ALA U 220 -33.52 -102.26 -51.73
CA ALA U 220 -32.23 -102.50 -52.38
C ALA U 220 -32.16 -103.84 -53.10
N ALA U 221 -32.82 -104.87 -52.55
CA ALA U 221 -32.83 -106.21 -53.15
C ALA U 221 -31.43 -106.74 -53.37
N SER U 222 -30.53 -106.51 -52.41
CA SER U 222 -29.17 -107.03 -52.52
C SER U 222 -29.16 -108.55 -52.53
N GLY U 223 -30.16 -109.17 -51.92
CA GLY U 223 -30.28 -110.62 -51.92
C GLY U 223 -31.73 -111.06 -51.90
N ILE U 224 -31.96 -112.33 -51.57
CA ILE U 224 -33.32 -112.87 -51.51
C ILE U 224 -34.05 -112.26 -50.33
N PRO U 225 -35.38 -112.18 -50.36
CA PRO U 225 -36.12 -111.66 -49.20
C PRO U 225 -36.06 -112.62 -48.04
N VAL U 226 -36.76 -112.25 -46.96
CA VAL U 226 -36.81 -113.09 -45.78
C VAL U 226 -37.83 -114.20 -46.01
N THR U 227 -37.37 -115.45 -45.91
CA THR U 227 -38.27 -116.59 -46.02
C THR U 227 -39.05 -116.76 -44.72
N VAL U 228 -40.29 -117.22 -44.86
CA VAL U 228 -41.17 -117.46 -43.72
C VAL U 228 -41.74 -118.87 -43.85
N GLU U 229 -41.60 -119.66 -42.79
CA GLU U 229 -42.12 -121.02 -42.76
C GLU U 229 -42.35 -121.43 -41.31
N THR U 230 -43.39 -122.22 -41.08
CA THR U 230 -43.78 -122.59 -39.72
C THR U 230 -42.74 -123.50 -39.09
N ALA U 231 -42.32 -123.14 -37.88
CA ALA U 231 -41.37 -123.92 -37.11
C ALA U 231 -42.08 -124.64 -35.97
N SER U 232 -41.32 -125.47 -35.26
CA SER U 232 -41.85 -126.27 -34.16
C SER U 232 -41.11 -125.92 -32.89
N ALA U 233 -41.83 -125.39 -31.91
CA ALA U 233 -41.25 -125.09 -30.60
C ALA U 233 -42.37 -125.05 -29.58
N THR U 234 -41.99 -125.22 -28.31
CA THR U 234 -42.96 -125.30 -27.23
C THR U 234 -43.53 -123.92 -26.93
N ALA U 235 -44.81 -123.73 -27.25
CA ALA U 235 -45.48 -122.48 -26.92
C ALA U 235 -45.74 -122.40 -25.42
N PRO U 236 -45.82 -121.19 -24.86
CA PRO U 236 -46.12 -121.07 -23.42
C PRO U 236 -47.45 -121.68 -23.02
N ASP U 237 -48.45 -121.61 -23.89
CA ASP U 237 -49.78 -122.14 -23.55
C ASP U 237 -49.79 -123.66 -23.50
N GLY U 238 -48.83 -124.32 -24.12
CA GLY U 238 -48.80 -125.78 -24.15
C GLY U 238 -49.06 -126.36 -25.53
N SER U 239 -48.62 -125.65 -26.56
CA SER U 239 -48.83 -126.11 -27.94
C SER U 239 -47.57 -125.93 -28.77
N ALA U 240 -47.67 -126.18 -30.08
CA ALA U 240 -46.56 -126.04 -31.02
C ALA U 240 -47.08 -125.30 -32.24
N THR U 241 -47.01 -123.97 -32.21
CA THR U 241 -47.52 -123.14 -33.31
C THR U 241 -46.61 -121.96 -33.59
N VAL U 242 -45.31 -122.12 -33.38
CA VAL U 242 -44.36 -121.04 -33.58
C VAL U 242 -44.00 -120.94 -35.06
N CYS U 243 -43.36 -119.84 -35.44
CA CYS U 243 -42.83 -119.67 -36.79
C CYS U 243 -41.51 -118.92 -36.70
N LYS U 244 -40.59 -119.26 -37.59
CA LYS U 244 -39.25 -118.69 -37.59
C LYS U 244 -39.01 -117.86 -38.84
N LEU U 245 -37.98 -117.02 -38.75
CA LEU U 245 -37.62 -116.12 -39.83
C LEU U 245 -36.13 -115.84 -39.76
N THR U 246 -35.50 -115.63 -40.91
CA THR U 246 -34.07 -115.41 -40.97
C THR U 246 -33.74 -114.37 -42.03
N LYS U 247 -32.61 -113.69 -41.84
CA LYS U 247 -32.08 -112.73 -42.81
C LYS U 247 -30.87 -113.33 -43.50
N PRO U 248 -30.99 -113.77 -44.75
CA PRO U 248 -29.81 -114.29 -45.45
C PRO U 248 -28.75 -113.21 -45.62
N ALA U 249 -27.49 -113.65 -45.63
CA ALA U 249 -26.38 -112.71 -45.72
C ALA U 249 -26.48 -111.87 -46.98
N GLY U 250 -26.17 -110.58 -46.84
CA GLY U 250 -26.26 -109.66 -47.96
C GLY U 250 -27.66 -109.43 -48.47
N SER U 251 -28.64 -109.39 -47.57
CA SER U 251 -30.02 -109.12 -47.92
C SER U 251 -30.58 -108.02 -47.03
N THR U 252 -31.38 -107.14 -47.62
CA THR U 252 -32.02 -106.03 -46.90
C THR U 252 -33.51 -106.08 -47.26
N ALA U 253 -34.29 -106.82 -46.49
CA ALA U 253 -35.70 -107.02 -46.80
C ALA U 253 -36.52 -106.99 -45.52
N TYR U 254 -37.81 -106.69 -45.69
CA TYR U 254 -38.76 -106.70 -44.59
C TYR U 254 -40.06 -107.28 -45.09
N VAL U 255 -40.85 -107.83 -44.16
CA VAL U 255 -42.11 -108.49 -44.48
C VAL U 255 -43.25 -107.70 -43.86
N SER U 256 -44.38 -107.65 -44.58
CA SER U 256 -45.54 -106.89 -44.11
C SER U 256 -46.79 -107.42 -44.80
N ALA U 257 -47.68 -108.04 -44.03
CA ALA U 257 -48.96 -108.47 -44.57
C ALA U 257 -49.91 -107.28 -44.66
N PRO U 258 -50.48 -106.99 -45.83
CA PRO U 258 -51.34 -105.81 -45.97
C PRO U 258 -52.53 -105.85 -45.01
N ILE U 259 -52.87 -104.68 -44.48
CA ILE U 259 -53.98 -104.51 -43.55
C ILE U 259 -54.86 -103.40 -44.08
N ASP U 260 -56.11 -103.38 -43.60
CA ASP U 260 -57.06 -102.35 -44.01
C ASP U 260 -56.56 -100.97 -43.61
N GLY U 261 -56.86 -99.99 -44.45
CA GLY U 261 -56.47 -98.62 -44.20
C GLY U 261 -57.51 -97.63 -44.68
N PRO U 262 -57.57 -96.45 -44.05
CA PRO U 262 -56.76 -95.99 -42.91
C PRO U 262 -57.09 -96.70 -41.60
N LEU U 263 -56.08 -96.88 -40.75
CA LEU U 263 -56.28 -97.58 -39.49
C LEU U 263 -57.14 -96.77 -38.53
N GLY U 264 -56.95 -95.46 -38.50
CA GLY U 264 -57.69 -94.60 -37.61
C GLY U 264 -57.56 -93.15 -38.03
N SER U 265 -58.20 -92.28 -37.26
CA SER U 265 -58.21 -90.84 -37.52
C SER U 265 -57.45 -90.13 -36.42
N GLY U 266 -56.13 -90.04 -36.58
CA GLY U 266 -55.29 -89.27 -35.66
C GLY U 266 -55.38 -89.72 -34.22
N SER U 267 -55.46 -91.02 -33.98
CA SER U 267 -55.59 -91.55 -32.64
C SER U 267 -54.42 -92.49 -32.34
N THR U 268 -54.35 -92.94 -31.09
CA THR U 268 -53.26 -93.78 -30.64
C THR U 268 -53.30 -95.14 -31.32
N VAL U 269 -52.13 -95.65 -31.67
CA VAL U 269 -51.98 -96.98 -32.25
C VAL U 269 -51.07 -97.79 -31.34
N THR U 270 -51.57 -98.91 -30.84
CA THR U 270 -50.83 -99.76 -29.93
C THR U 270 -50.50 -101.06 -30.64
N PHE U 271 -49.34 -101.09 -31.29
CA PHE U 271 -48.81 -102.34 -31.83
C PHE U 271 -48.44 -103.27 -30.69
N SER U 272 -48.79 -104.55 -30.83
CA SER U 272 -48.48 -105.54 -29.82
C SER U 272 -47.77 -106.72 -30.47
N PHE U 273 -47.01 -107.45 -29.66
CA PHE U 273 -46.16 -108.51 -30.17
C PHE U 273 -45.71 -109.39 -29.03
N PHE U 274 -45.74 -110.70 -29.26
CA PHE U 274 -45.16 -111.67 -28.34
C PHE U 274 -43.85 -112.18 -28.95
N ALA U 275 -42.75 -111.99 -28.24
CA ALA U 275 -41.42 -112.29 -28.75
C ALA U 275 -40.95 -113.63 -28.19
N LYS U 276 -40.53 -114.52 -29.08
CA LYS U 276 -40.02 -115.83 -28.71
C LYS U 276 -38.50 -115.82 -28.71
N ALA U 277 -37.92 -116.99 -28.46
CA ALA U 277 -36.47 -117.12 -28.45
C ALA U 277 -35.91 -117.06 -29.86
N GLY U 278 -34.63 -116.75 -29.96
CA GLY U 278 -33.94 -116.72 -31.24
C GLY U 278 -32.44 -116.78 -31.04
N SER U 279 -31.73 -117.09 -32.13
CA SER U 279 -30.27 -117.11 -32.08
C SER U 279 -29.72 -115.72 -31.77
N THR U 280 -30.25 -114.70 -32.44
CA THR U 280 -29.91 -113.33 -32.10
C THR U 280 -30.66 -112.92 -30.83
N ARG U 281 -30.10 -111.93 -30.13
CA ARG U 281 -30.71 -111.40 -28.93
C ARG U 281 -31.44 -110.09 -29.18
N PHE U 282 -31.55 -109.66 -30.44
CA PHE U 282 -32.20 -108.41 -30.80
C PHE U 282 -33.30 -108.66 -31.81
N ILE U 283 -34.40 -107.92 -31.67
CA ILE U 283 -35.50 -107.96 -32.63
C ILE U 283 -35.96 -106.54 -32.92
N ALA U 284 -36.27 -106.27 -34.18
CA ALA U 284 -36.59 -104.93 -34.65
C ALA U 284 -38.08 -104.81 -34.97
N ILE U 285 -38.69 -103.72 -34.55
CA ILE U 285 -40.10 -103.44 -34.80
C ILE U 285 -40.21 -102.04 -35.40
N GLN U 286 -40.88 -101.95 -36.56
CA GLN U 286 -41.03 -100.69 -37.27
C GLN U 286 -42.50 -100.45 -37.56
N SER U 287 -42.97 -99.24 -37.30
CA SER U 287 -44.35 -98.83 -37.56
C SER U 287 -44.34 -97.78 -38.67
N ALA U 288 -44.90 -98.13 -39.82
CA ALA U 288 -44.92 -97.23 -40.96
C ALA U 288 -46.00 -96.17 -40.80
N ALA U 289 -45.90 -95.13 -41.61
CA ALA U 289 -46.86 -94.03 -41.63
C ALA U 289 -46.68 -93.29 -42.95
N ASP U 290 -47.30 -92.11 -43.06
CA ASP U 290 -47.14 -91.30 -44.25
C ASP U 290 -45.68 -90.89 -44.43
N PHE U 291 -45.23 -90.91 -45.67
CA PHE U 291 -43.84 -90.59 -45.94
C PHE U 291 -43.62 -89.08 -45.96
N PRO U 292 -42.64 -88.56 -45.21
CA PRO U 292 -41.87 -89.34 -44.25
C PRO U 292 -42.33 -89.15 -42.80
N SER U 293 -42.87 -90.20 -42.16
CA SER U 293 -43.16 -90.09 -40.74
C SER U 293 -42.95 -91.39 -39.97
N ARG U 294 -42.22 -92.37 -40.52
CA ARG U 294 -42.13 -93.67 -39.87
C ARG U 294 -41.42 -93.57 -38.52
N ALA U 295 -41.87 -94.40 -37.58
CA ALA U 295 -41.28 -94.52 -36.26
C ALA U 295 -41.04 -95.98 -35.96
N ASP U 296 -39.83 -96.31 -35.50
CA ASP U 296 -39.42 -97.69 -35.28
C ASP U 296 -38.73 -97.82 -33.94
N ALA U 297 -38.46 -99.07 -33.55
CA ALA U 297 -37.77 -99.36 -32.30
C ALA U 297 -37.14 -100.74 -32.40
N VAL U 298 -36.25 -101.03 -31.47
CA VAL U 298 -35.55 -102.31 -31.40
C VAL U 298 -35.68 -102.85 -29.99
N PHE U 299 -35.90 -104.16 -29.88
CA PHE U 299 -36.09 -104.82 -28.60
C PHE U 299 -35.00 -105.85 -28.36
N ASP U 300 -34.66 -106.02 -27.08
CA ASP U 300 -33.65 -106.98 -26.64
C ASP U 300 -34.35 -108.20 -26.06
N LEU U 301 -34.06 -109.38 -26.62
CA LEU U 301 -34.78 -110.58 -26.25
C LEU U 301 -34.48 -111.04 -24.82
N ASP U 302 -33.25 -110.87 -24.37
CA ASP U 302 -32.82 -111.47 -23.11
C ASP U 302 -32.54 -110.44 -22.02
N SER U 303 -31.92 -109.31 -22.34
CA SER U 303 -31.60 -108.33 -21.31
C SER U 303 -32.87 -107.75 -20.69
N GLY U 304 -33.88 -107.50 -21.51
CA GLY U 304 -35.13 -106.95 -21.01
C GLY U 304 -35.12 -105.44 -20.96
N ASN U 305 -34.38 -104.81 -21.87
CA ASN U 305 -34.32 -103.36 -21.99
C ASN U 305 -34.59 -102.99 -23.44
N VAL U 306 -35.45 -101.99 -23.64
CA VAL U 306 -35.65 -101.45 -24.98
C VAL U 306 -34.42 -100.64 -25.35
N ILE U 307 -33.74 -101.06 -26.42
CA ILE U 307 -32.45 -100.45 -26.76
C ILE U 307 -32.65 -99.02 -27.25
N SER U 308 -33.61 -98.82 -28.16
CA SER U 308 -33.80 -97.51 -28.76
C SER U 308 -35.23 -97.35 -29.22
N ASP U 309 -35.69 -96.10 -29.20
CA ASP U 309 -36.95 -95.69 -29.80
C ASP U 309 -36.66 -94.53 -30.73
N GLN U 310 -36.73 -94.77 -32.03
CA GLN U 310 -36.28 -93.81 -33.03
C GLN U 310 -37.48 -93.07 -33.61
N MET U 311 -37.24 -91.85 -34.05
CA MET U 311 -38.31 -90.88 -34.25
C MET U 311 -38.13 -90.18 -35.59
N LEU U 312 -39.25 -89.94 -36.28
CA LEU U 312 -39.29 -89.00 -37.39
C LEU U 312 -40.51 -88.10 -37.36
N ASP U 313 -41.54 -88.46 -36.59
CA ASP U 313 -42.75 -87.66 -36.44
C ASP U 313 -43.00 -87.42 -34.96
N SER U 314 -44.18 -86.90 -34.61
CA SER U 314 -44.56 -86.70 -33.23
C SER U 314 -45.33 -87.90 -32.67
N SER U 315 -45.05 -89.09 -33.18
CA SER U 315 -45.95 -90.22 -32.98
C SER U 315 -45.76 -90.90 -31.63
N VAL U 316 -44.57 -91.46 -31.38
CA VAL U 316 -44.40 -92.42 -30.30
C VAL U 316 -44.66 -91.77 -28.95
N VAL U 317 -45.34 -92.50 -28.08
CA VAL U 317 -45.55 -92.08 -26.69
C VAL U 317 -44.79 -93.00 -25.73
N SER U 318 -44.93 -94.31 -25.91
CA SER U 318 -44.28 -95.25 -25.01
C SER U 318 -44.07 -96.59 -25.72
N ALA U 319 -42.99 -97.27 -25.33
CA ALA U 319 -42.71 -98.61 -25.83
C ALA U 319 -42.02 -99.37 -24.71
N ARG U 320 -42.67 -100.43 -24.21
CA ARG U 320 -42.23 -101.12 -23.01
C ARG U 320 -42.28 -102.62 -23.24
N MET U 321 -41.52 -103.35 -22.42
CA MET U 321 -41.51 -104.81 -22.43
C MET U 321 -42.26 -105.35 -21.22
N ILE U 322 -43.02 -106.42 -21.41
CA ILE U 322 -43.70 -107.10 -20.32
C ILE U 322 -42.93 -108.37 -20.00
N ARG U 323 -42.47 -108.50 -18.77
CA ARG U 323 -41.69 -109.67 -18.38
C ARG U 323 -42.58 -110.89 -18.25
N LEU U 324 -42.21 -111.97 -18.94
CA LEU U 324 -42.96 -113.23 -18.89
C LEU U 324 -41.97 -114.34 -18.54
N GLU U 325 -42.43 -115.57 -18.63
CA GLU U 325 -41.69 -116.72 -18.13
C GLU U 325 -41.29 -117.63 -19.29
N ASN U 326 -40.16 -118.30 -19.11
CA ASN U 326 -39.63 -119.31 -20.04
C ASN U 326 -39.12 -118.69 -21.35
N GLY U 327 -38.51 -117.51 -21.26
CA GLY U 327 -37.79 -116.97 -22.39
C GLY U 327 -38.63 -116.44 -23.53
N TRP U 328 -39.90 -116.13 -23.30
CA TRP U 328 -40.76 -115.57 -24.33
C TRP U 328 -41.53 -114.41 -23.72
N TRP U 329 -41.27 -113.20 -24.20
CA TRP U 329 -41.83 -111.99 -23.62
C TRP U 329 -42.69 -111.24 -24.64
N ARG U 330 -43.51 -110.34 -24.12
CA ARG U 330 -44.44 -109.57 -24.94
C ARG U 330 -43.90 -108.16 -25.16
N CYS U 331 -43.98 -107.69 -26.41
CA CYS U 331 -43.46 -106.39 -26.79
C CYS U 331 -44.60 -105.53 -27.35
N VAL U 332 -44.66 -104.28 -26.90
CA VAL U 332 -45.71 -103.36 -27.31
C VAL U 332 -45.08 -102.06 -27.78
N LEU U 333 -45.84 -101.30 -28.57
CA LEU U 333 -45.38 -100.02 -29.08
C LEU U 333 -46.58 -99.11 -29.28
N THR U 334 -46.52 -97.92 -28.72
CA THR U 334 -47.61 -96.95 -28.78
C THR U 334 -47.18 -95.72 -29.56
N THR U 335 -48.10 -95.18 -30.36
CA THR U 335 -47.84 -93.98 -31.13
C THR U 335 -49.04 -93.04 -31.02
N LYS U 336 -48.79 -91.76 -31.28
CA LYS U 336 -49.83 -90.74 -31.32
C LYS U 336 -49.41 -89.69 -32.34
N THR U 337 -49.86 -89.88 -33.59
CA THR U 337 -49.49 -88.98 -34.68
C THR U 337 -50.64 -88.01 -34.95
N VAL U 338 -50.28 -86.78 -35.33
CA VAL U 338 -51.29 -85.77 -35.60
C VAL U 338 -52.06 -86.10 -36.87
N SER U 339 -51.37 -86.65 -37.87
CA SER U 339 -52.04 -87.10 -39.07
C SER U 339 -52.75 -88.42 -38.82
N SER U 340 -53.33 -88.99 -39.88
CA SER U 340 -54.05 -90.24 -39.79
C SER U 340 -53.67 -91.23 -40.88
N SER U 341 -52.60 -90.96 -41.62
CA SER U 341 -52.23 -91.79 -42.78
C SER U 341 -51.35 -92.96 -42.32
N PHE U 342 -51.95 -93.81 -41.50
CA PHE U 342 -51.33 -95.08 -41.15
C PHE U 342 -51.38 -96.01 -42.35
N ARG U 343 -50.24 -96.63 -42.68
CA ARG U 343 -50.15 -97.45 -43.87
C ARG U 343 -49.84 -98.91 -43.59
N ALA U 344 -48.79 -99.19 -42.81
CA ALA U 344 -48.37 -100.57 -42.59
C ALA U 344 -47.54 -100.63 -41.31
N ALA U 345 -46.91 -101.78 -41.08
CA ALA U 345 -46.05 -101.97 -39.92
C ALA U 345 -45.12 -103.13 -40.22
N TYR U 346 -43.82 -102.83 -40.35
CA TYR U 346 -42.83 -103.81 -40.78
C TYR U 346 -42.14 -104.44 -39.58
N VAL U 347 -41.79 -105.72 -39.72
CA VAL U 347 -41.04 -106.44 -38.71
C VAL U 347 -39.97 -107.27 -39.42
N ALA U 348 -38.73 -107.18 -38.94
CA ALA U 348 -37.61 -107.86 -39.57
C ALA U 348 -36.52 -108.06 -38.52
N PRO U 349 -35.66 -109.06 -38.70
CA PRO U 349 -34.59 -109.29 -37.72
C PRO U 349 -33.55 -108.18 -37.74
N ALA U 350 -32.95 -107.93 -36.58
CA ALA U 350 -31.98 -106.88 -36.40
C ALA U 350 -30.62 -107.49 -36.08
N GLU U 351 -29.59 -107.05 -36.79
CA GLU U 351 -28.25 -107.61 -36.59
C GLU U 351 -27.72 -107.25 -35.21
N THR U 352 -27.83 -105.99 -34.81
CA THR U 352 -27.34 -105.53 -33.51
C THR U 352 -28.44 -104.74 -32.81
N ASN U 353 -28.13 -104.29 -31.60
CA ASN U 353 -29.11 -103.57 -30.79
C ASN U 353 -29.52 -102.25 -31.44
N PHE U 354 -28.57 -101.54 -32.03
CA PHE U 354 -28.86 -100.27 -32.67
C PHE U 354 -29.19 -100.41 -34.15
N SER U 355 -29.30 -101.64 -34.65
CA SER U 355 -29.47 -101.86 -36.07
C SER U 355 -30.81 -101.33 -36.57
N TRP U 356 -30.77 -100.60 -37.68
CA TRP U 356 -31.98 -100.23 -38.39
C TRP U 356 -32.60 -101.44 -39.05
N ILE U 357 -33.93 -101.39 -39.21
CA ILE U 357 -34.64 -102.47 -39.89
C ILE U 357 -34.17 -102.58 -41.34
N ASP U 358 -33.71 -101.48 -41.92
CA ASP U 358 -33.25 -101.44 -43.30
C ASP U 358 -31.74 -101.57 -43.42
N SER U 359 -31.05 -101.81 -42.31
CA SER U 359 -29.61 -102.00 -42.33
C SER U 359 -29.26 -103.39 -42.84
N ASN U 360 -28.19 -103.48 -43.63
CA ASN U 360 -27.78 -104.76 -44.18
C ASN U 360 -27.14 -105.64 -43.11
N SER U 361 -27.03 -106.92 -43.41
CA SER U 361 -26.46 -107.91 -42.50
C SER U 361 -25.36 -108.68 -43.22
N SER U 362 -24.42 -109.20 -42.43
CA SER U 362 -23.30 -109.96 -42.98
C SER U 362 -23.53 -111.46 -42.95
N ALA U 363 -24.50 -111.94 -42.19
CA ALA U 363 -24.71 -113.38 -42.05
C ALA U 363 -26.21 -113.63 -41.84
N ALA U 364 -26.54 -114.83 -41.38
CA ALA U 364 -27.93 -115.22 -41.16
C ALA U 364 -28.21 -115.38 -39.68
N ILE U 365 -29.29 -114.75 -39.22
CA ILE U 365 -29.74 -114.87 -37.84
C ILE U 365 -31.21 -115.27 -37.87
N ASP U 366 -31.59 -116.13 -36.92
CA ASP U 366 -32.93 -116.71 -36.87
C ASP U 366 -33.57 -116.40 -35.52
N VAL U 367 -34.88 -116.15 -35.56
CA VAL U 367 -35.65 -115.85 -34.36
C VAL U 367 -37.08 -116.30 -34.57
N LEU U 368 -37.76 -116.61 -33.47
CA LEU U 368 -39.12 -117.13 -33.47
C LEU U 368 -40.10 -116.04 -33.07
N ILE U 369 -41.29 -116.06 -33.68
CA ILE U 369 -42.34 -115.09 -33.38
C ILE U 369 -43.67 -115.82 -33.26
N TRP U 370 -44.63 -115.15 -32.61
CA TRP U 370 -45.97 -115.68 -32.42
C TRP U 370 -46.85 -114.58 -31.82
N GLY U 371 -48.14 -114.61 -32.16
CA GLY U 371 -49.12 -113.77 -31.51
C GLY U 371 -49.08 -112.29 -31.80
N ALA U 372 -49.41 -111.89 -33.03
CA ALA U 372 -49.46 -110.48 -33.40
C ALA U 372 -50.81 -109.87 -33.07
N GLN U 373 -50.78 -108.65 -32.52
CA GLN U 373 -51.99 -107.95 -32.12
C GLN U 373 -51.86 -106.46 -32.47
N ILE U 374 -52.95 -105.89 -32.99
CA ILE U 374 -53.04 -104.46 -33.28
C ILE U 374 -54.41 -103.97 -32.85
N GLU U 375 -54.46 -102.82 -32.18
CA GLU U 375 -55.73 -102.26 -31.75
C GLU U 375 -55.58 -100.76 -31.58
N LEU U 376 -56.74 -100.09 -31.50
CA LEU U 376 -56.80 -98.63 -31.35
C LEU U 376 -57.05 -98.30 -29.89
N GLY U 377 -55.97 -98.30 -29.11
CA GLY U 377 -56.05 -97.97 -27.70
C GLY U 377 -54.78 -97.34 -27.19
N ASP U 378 -54.57 -97.39 -25.86
CA ASP U 378 -53.36 -96.86 -25.26
C ASP U 378 -52.64 -97.84 -24.35
N THR U 379 -53.30 -98.89 -23.90
CA THR U 379 -52.71 -99.88 -23.00
C THR U 379 -52.98 -101.28 -23.51
N PRO U 380 -52.11 -102.23 -23.20
CA PRO U 380 -52.34 -103.62 -23.62
C PRO U 380 -53.41 -104.30 -22.77
N THR U 381 -53.98 -105.35 -23.35
CA THR U 381 -54.96 -106.20 -22.67
C THR U 381 -54.65 -107.64 -23.07
N GLY U 382 -55.59 -108.54 -22.81
CA GLY U 382 -55.40 -109.93 -23.19
C GLY U 382 -55.47 -110.12 -24.70
N TYR U 383 -55.07 -111.30 -25.13
CA TYR U 383 -54.96 -111.60 -26.56
C TYR U 383 -55.97 -112.65 -26.98
N LEU U 384 -56.40 -112.55 -28.23
CA LEU U 384 -57.31 -113.50 -28.86
C LEU U 384 -56.82 -113.81 -30.27
N LYS U 385 -56.96 -115.07 -30.67
CA LYS U 385 -56.45 -115.49 -31.97
C LYS U 385 -57.34 -114.96 -33.10
N THR U 386 -56.71 -114.62 -34.22
CA THR U 386 -57.40 -114.13 -35.40
C THR U 386 -56.88 -114.86 -36.63
N THR U 387 -57.73 -114.96 -37.65
CA THR U 387 -57.32 -115.55 -38.93
C THR U 387 -58.13 -114.86 -40.04
N GLY U 388 -57.54 -113.83 -40.63
CA GLY U 388 -58.08 -113.20 -41.81
C GLY U 388 -59.25 -112.27 -41.57
N ALA U 389 -59.67 -112.05 -40.33
CA ALA U 389 -60.84 -111.23 -40.09
C ALA U 389 -60.72 -110.52 -38.76
N PRO U 390 -61.11 -109.24 -38.69
CA PRO U 390 -61.14 -108.55 -37.40
C PRO U 390 -62.12 -109.22 -36.45
N VAL U 391 -61.76 -109.23 -35.16
CA VAL U 391 -62.55 -109.89 -34.13
C VAL U 391 -62.93 -108.85 -33.09
N THR U 392 -64.22 -108.81 -32.74
CA THR U 392 -64.78 -107.82 -31.84
C THR U 392 -65.47 -108.57 -30.70
N ILE U 393 -64.81 -108.61 -29.54
CA ILE U 393 -65.25 -109.44 -28.42
C ILE U 393 -65.35 -108.59 -27.15
N THR U 394 -66.47 -108.72 -26.44
CA THR U 394 -66.63 -108.19 -25.10
C THR U 394 -66.79 -109.37 -24.14
N ASP U 395 -66.00 -109.36 -23.06
CA ASP U 395 -65.96 -110.53 -22.19
C ASP U 395 -66.91 -110.44 -21.01
N TYR U 396 -67.13 -109.25 -20.46
CA TYR U 396 -67.93 -109.10 -19.26
C TYR U 396 -68.90 -107.93 -19.41
N VAL U 397 -69.76 -107.77 -18.41
CA VAL U 397 -70.69 -106.65 -18.36
C VAL U 397 -71.12 -106.48 -16.91
N LEU U 398 -71.47 -105.25 -16.55
CA LEU U 398 -71.93 -104.97 -15.20
C LEU U 398 -73.30 -105.59 -14.95
N GLN U 399 -73.49 -106.13 -13.74
CA GLN U 399 -74.77 -106.69 -13.33
C GLN U 399 -75.54 -105.76 -12.40
N ASN U 400 -74.86 -105.19 -11.40
CA ASN U 400 -75.50 -104.25 -10.50
C ASN U 400 -74.45 -103.35 -9.88
N ALA U 401 -74.87 -102.14 -9.52
CA ALA U 401 -73.99 -101.15 -8.92
C ALA U 401 -74.30 -100.90 -7.45
N GLN U 402 -75.58 -100.76 -7.10
CA GLN U 402 -75.94 -100.49 -5.71
C GLN U 402 -75.58 -101.67 -4.80
N THR U 403 -75.86 -102.89 -5.26
CA THR U 403 -75.53 -104.07 -4.47
C THR U 403 -74.10 -104.55 -4.71
N GLY U 404 -73.41 -104.02 -5.71
CA GLY U 404 -72.03 -104.38 -5.95
C GLY U 404 -71.82 -105.74 -6.58
N THR U 405 -72.79 -106.24 -7.34
CA THR U 405 -72.67 -107.53 -7.99
C THR U 405 -72.45 -107.35 -9.48
N VAL U 406 -71.49 -108.12 -10.02
CA VAL U 406 -71.17 -108.09 -11.44
C VAL U 406 -71.19 -109.52 -11.96
N LYS U 407 -71.51 -109.67 -13.24
CA LYS U 407 -71.66 -110.97 -13.86
C LYS U 407 -70.71 -111.10 -15.04
N PHE U 408 -69.98 -112.21 -15.09
CA PHE U 408 -69.12 -112.52 -16.22
C PHE U 408 -69.91 -113.32 -17.24
N THR U 409 -69.66 -113.06 -18.52
CA THR U 409 -70.52 -113.63 -19.56
C THR U 409 -70.17 -115.10 -19.83
N GLN U 410 -68.95 -115.35 -20.29
CA GLN U 410 -68.57 -116.69 -20.71
C GLN U 410 -68.11 -117.52 -19.52
N PRO U 411 -68.18 -118.85 -19.63
CA PRO U 411 -67.67 -119.70 -18.55
C PRO U 411 -66.17 -119.53 -18.34
N LEU U 412 -65.76 -119.60 -17.08
CA LEU U 412 -64.36 -119.39 -16.74
C LEU U 412 -63.60 -120.72 -16.72
N PRO U 413 -62.49 -120.83 -17.43
CA PRO U 413 -61.67 -122.05 -17.34
C PRO U 413 -61.08 -122.21 -15.95
N THR U 414 -60.63 -123.43 -15.66
CA THR U 414 -60.10 -123.76 -14.35
C THR U 414 -58.79 -123.01 -14.10
N GLY U 415 -58.57 -122.68 -12.83
CA GLY U 415 -57.31 -122.07 -12.41
C GLY U 415 -57.04 -120.70 -12.98
N VAL U 416 -58.08 -119.87 -13.11
CA VAL U 416 -57.93 -118.50 -13.59
C VAL U 416 -58.49 -117.57 -12.53
N GLU U 417 -57.70 -116.60 -12.11
CA GLU U 417 -58.07 -115.66 -11.07
C GLU U 417 -58.04 -114.24 -11.61
N ALA U 418 -58.92 -113.39 -11.09
CA ALA U 418 -59.06 -112.02 -11.55
C ALA U 418 -59.11 -111.07 -10.35
N TYR U 419 -58.78 -109.80 -10.62
CA TYR U 419 -58.79 -108.76 -9.62
C TYR U 419 -59.59 -107.57 -10.13
N TRP U 420 -60.04 -106.75 -9.17
CA TRP U 420 -60.79 -105.53 -9.46
C TRP U 420 -60.21 -104.36 -8.68
N THR U 421 -60.22 -103.18 -9.29
CA THR U 421 -59.67 -101.98 -8.67
C THR U 421 -60.66 -100.83 -8.81
N GLY U 422 -60.80 -100.05 -7.75
CA GLY U 422 -61.73 -98.93 -7.73
C GLY U 422 -62.18 -98.66 -6.30
N ASP U 423 -63.40 -98.16 -6.17
CA ASP U 423 -63.99 -97.85 -4.88
C ASP U 423 -65.38 -98.46 -4.80
N TRP U 424 -65.62 -99.24 -3.73
CA TRP U 424 -66.91 -99.89 -3.52
C TRP U 424 -67.33 -99.70 -2.07
N LYS U 425 -68.62 -99.46 -1.87
CA LYS U 425 -69.21 -99.32 -0.53
C LYS U 425 -68.50 -98.22 0.27
N GLY U 426 -67.87 -97.29 -0.46
CA GLY U 426 -67.05 -96.26 0.14
C GLY U 426 -65.64 -96.69 0.48
N GLY U 427 -65.29 -97.95 0.23
CA GLY U 427 -63.95 -98.43 0.53
C GLY U 427 -63.09 -98.47 -0.72
N THR U 428 -61.84 -98.02 -0.57
CA THR U 428 -60.90 -97.97 -1.67
C THR U 428 -60.22 -99.31 -1.85
N ALA U 429 -60.11 -99.75 -3.10
CA ALA U 429 -59.47 -101.01 -3.47
C ALA U 429 -58.56 -100.80 -4.67
N ALA U 430 -57.71 -99.77 -4.59
CA ALA U 430 -56.86 -99.41 -5.72
C ALA U 430 -55.94 -100.55 -6.12
N GLU U 431 -55.34 -101.22 -5.15
CA GLU U 431 -54.55 -102.40 -5.44
C GLU U 431 -55.45 -103.54 -5.90
N PRO U 432 -54.92 -104.46 -6.69
CA PRO U 432 -55.73 -105.61 -7.14
C PRO U 432 -56.25 -106.41 -5.94
N ALA U 433 -57.52 -106.82 -6.02
CA ALA U 433 -58.19 -107.52 -4.94
C ALA U 433 -58.80 -108.81 -5.47
N ARG U 434 -58.54 -109.92 -4.79
CA ARG U 434 -59.02 -111.22 -5.23
C ARG U 434 -60.51 -111.36 -4.93
N PHE U 435 -61.31 -111.58 -5.97
CA PHE U 435 -62.75 -111.67 -5.84
C PHE U 435 -63.37 -112.88 -6.53
N ALA U 436 -62.71 -113.46 -7.53
CA ALA U 436 -63.25 -114.60 -8.25
C ALA U 436 -62.18 -115.68 -8.40
N VAL U 437 -62.59 -116.94 -8.29
CA VAL U 437 -61.71 -118.09 -8.47
C VAL U 437 -62.37 -119.03 -9.46
N GLY U 438 -61.66 -119.37 -10.53
CA GLY U 438 -62.22 -120.20 -11.58
C GLY U 438 -62.44 -121.64 -11.18
N ASN U 439 -63.71 -122.04 -11.05
CA ASN U 439 -64.06 -123.41 -10.69
C ASN U 439 -64.30 -124.31 -11.89
N GLY U 440 -64.36 -123.75 -13.11
CA GLY U 440 -64.41 -124.56 -14.31
C GLY U 440 -65.51 -124.21 -15.28
N THR U 441 -66.72 -123.92 -14.78
CA THR U 441 -67.82 -123.53 -15.66
C THR U 441 -68.62 -122.34 -15.17
N GLN U 442 -68.61 -122.02 -13.87
CA GLN U 442 -69.44 -120.93 -13.36
C GLN U 442 -68.97 -119.59 -13.90
N ASP U 443 -69.92 -118.73 -14.26
CA ASP U 443 -69.61 -117.40 -14.77
C ASP U 443 -70.22 -116.28 -13.93
N THR U 444 -70.82 -116.59 -12.78
CA THR U 444 -71.38 -115.58 -11.89
C THR U 444 -70.52 -115.47 -10.65
N PHE U 445 -70.16 -114.24 -10.29
CA PHE U 445 -69.28 -114.00 -9.15
C PHE U 445 -69.69 -112.70 -8.48
N THR U 446 -69.01 -112.36 -7.40
CA THR U 446 -69.29 -111.15 -6.63
C THR U 446 -67.99 -110.48 -6.22
N LEU U 447 -68.10 -109.22 -5.82
CA LEU U 447 -66.93 -108.44 -5.41
C LEU U 447 -66.38 -108.96 -4.08
N SER U 448 -65.13 -108.59 -3.82
CA SER U 448 -64.47 -108.91 -2.56
C SER U 448 -64.73 -107.80 -1.56
N ASP U 449 -64.03 -107.83 -0.43
CA ASP U 449 -64.21 -106.83 0.61
C ASP U 449 -62.94 -106.02 0.78
N PRO U 450 -62.95 -104.71 0.50
CA PRO U 450 -61.77 -103.89 0.74
C PRO U 450 -61.55 -103.60 2.21
N ALA U 451 -60.58 -102.75 2.53
CA ALA U 451 -60.28 -102.42 3.93
C ALA U 451 -61.44 -101.72 4.63
N TYR U 452 -62.48 -101.32 3.89
CA TYR U 452 -63.69 -100.70 4.41
C TYR U 452 -63.44 -99.28 4.91
N ILE U 453 -64.39 -98.39 4.67
CA ILE U 453 -64.29 -97.00 5.09
C ILE U 453 -65.64 -96.57 5.64
N GLY U 454 -65.62 -95.82 6.74
CA GLY U 454 -66.81 -95.50 7.51
C GLY U 454 -67.66 -94.34 7.02
N LEU U 455 -68.48 -94.59 6.00
CA LEU U 455 -69.32 -93.60 5.33
C LEU U 455 -70.08 -92.68 6.27
N PRO U 456 -71.01 -93.19 7.11
CA PRO U 456 -72.06 -92.31 7.66
C PRO U 456 -71.55 -91.15 8.49
N THR U 457 -70.88 -91.44 9.60
CA THR U 457 -70.63 -90.45 10.64
C THR U 457 -71.88 -89.62 10.86
N SER U 458 -72.99 -90.31 11.12
CA SER U 458 -74.30 -89.69 11.09
C SER U 458 -74.40 -88.60 12.15
N GLY U 459 -74.96 -87.45 11.75
CA GLY U 459 -75.08 -86.32 12.64
C GLY U 459 -73.99 -85.29 12.42
N ALA U 460 -74.40 -84.02 12.34
CA ALA U 460 -73.42 -82.95 12.21
C ALA U 460 -72.75 -82.67 13.55
N PHE U 461 -71.66 -81.92 13.50
CA PHE U 461 -70.98 -81.42 14.70
C PHE U 461 -70.47 -82.56 15.58
N LYS U 462 -69.90 -83.58 14.96
CA LYS U 462 -69.24 -84.66 15.70
C LYS U 462 -68.17 -85.25 14.81
N LEU U 463 -66.96 -85.41 15.36
CA LEU U 463 -65.81 -85.76 14.55
C LEU U 463 -64.94 -86.79 15.27
N GLU U 464 -64.28 -87.63 14.48
CA GLU U 464 -63.42 -88.69 15.02
C GLU U 464 -62.28 -88.94 14.04
N TYR U 465 -61.29 -89.71 14.49
CA TYR U 465 -60.12 -90.02 13.69
C TYR U 465 -59.90 -91.53 13.62
N ARG U 466 -59.11 -91.95 12.64
CA ARG U 466 -58.85 -93.36 12.39
C ARG U 466 -57.36 -93.59 12.21
N VAL U 467 -56.81 -94.55 12.95
CA VAL U 467 -55.37 -94.77 13.03
C VAL U 467 -55.06 -96.21 12.65
N GLY U 468 -54.07 -96.38 11.78
CA GLY U 468 -53.63 -97.69 11.36
C GLY U 468 -52.59 -98.28 12.30
N PRO U 469 -52.12 -99.49 11.98
CA PRO U 469 -51.13 -100.15 12.84
C PRO U 469 -49.68 -99.77 12.55
N ALA U 470 -49.40 -99.40 11.30
CA ALA U 470 -48.01 -99.20 10.87
C ALA U 470 -47.35 -98.06 11.63
N LEU U 471 -48.12 -97.01 11.95
CA LEU U 471 -47.55 -95.86 12.64
C LEU U 471 -47.00 -96.23 14.01
N ASN U 472 -47.63 -97.18 14.69
CA ASN U 472 -47.21 -97.59 16.03
C ASN U 472 -47.24 -96.41 16.99
N LEU U 473 -48.30 -95.62 16.92
CA LEU U 473 -48.52 -94.55 17.89
C LEU U 473 -49.06 -95.16 19.18
N SER U 474 -48.39 -94.89 20.30
CA SER U 474 -48.80 -95.46 21.57
C SER U 474 -50.18 -94.94 21.96
N PRO U 475 -51.08 -95.82 22.42
CA PRO U 475 -52.42 -95.37 22.81
C PRO U 475 -52.43 -94.34 23.92
N GLN U 476 -51.29 -94.11 24.58
CA GLN U 476 -51.19 -93.06 25.57
C GLN U 476 -51.44 -91.68 24.97
N LEU U 477 -50.94 -91.45 23.75
CA LEU U 477 -51.21 -90.19 23.07
C LEU U 477 -52.70 -90.04 22.80
N ILE U 478 -53.34 -91.11 22.34
CA ILE U 478 -54.78 -91.10 22.12
C ILE U 478 -55.50 -90.75 23.41
N ASN U 479 -55.04 -91.31 24.53
CA ASN U 479 -55.66 -91.03 25.82
C ASN U 479 -55.51 -89.57 26.20
N LEU U 480 -54.32 -88.99 25.97
CA LEU U 480 -54.06 -87.65 26.46
C LEU U 480 -54.71 -86.57 25.58
N MET U 481 -54.75 -86.77 24.27
CA MET U 481 -55.13 -85.68 23.38
C MET U 481 -56.64 -85.45 23.31
N ASN U 482 -57.45 -86.39 23.80
CA ASN U 482 -58.89 -86.30 23.60
C ASN U 482 -59.49 -85.10 24.33
N ASP U 483 -58.98 -84.78 25.52
CA ASP U 483 -59.57 -83.72 26.31
C ASP U 483 -59.33 -82.35 25.67
N ARG U 484 -60.22 -81.41 25.99
CA ARG U 484 -60.09 -80.04 25.52
C ARG U 484 -59.19 -79.21 26.42
N ALA U 485 -58.84 -79.71 27.59
CA ALA U 485 -58.01 -78.94 28.51
C ALA U 485 -56.62 -78.69 27.97
N VAL U 486 -56.19 -79.45 26.95
CA VAL U 486 -54.88 -79.23 26.35
C VAL U 486 -55.01 -78.54 25.00
N GLY U 487 -56.11 -78.76 24.27
CA GLY U 487 -56.39 -78.07 23.03
C GLY U 487 -55.27 -78.16 22.00
N ILE U 488 -55.03 -79.35 21.46
CA ILE U 488 -53.89 -79.58 20.60
C ILE U 488 -54.31 -80.19 19.27
N MET U 489 -55.56 -79.94 18.86
CA MET U 489 -56.04 -80.60 17.67
C MET U 489 -57.17 -79.77 17.07
N PRO U 490 -57.22 -79.66 15.74
CA PRO U 490 -58.14 -78.69 15.11
C PRO U 490 -59.59 -78.96 15.45
N THR U 491 -60.35 -77.88 15.63
CA THR U 491 -61.76 -78.00 15.99
C THR U 491 -62.51 -76.77 15.53
N CYS U 492 -63.83 -76.89 15.49
CA CYS U 492 -64.73 -75.78 15.21
C CYS U 492 -65.78 -75.71 16.30
N ALA U 493 -66.26 -74.49 16.57
CA ALA U 493 -67.22 -74.30 17.64
C ALA U 493 -68.51 -75.05 17.35
N GLY U 494 -69.01 -75.75 18.37
CA GLY U 494 -70.25 -76.49 18.27
C GLY U 494 -70.10 -77.98 17.96
N CYS U 495 -68.91 -78.41 17.54
CA CYS U 495 -68.69 -79.81 17.18
C CYS U 495 -67.90 -80.50 18.28
N ASP U 496 -68.13 -81.81 18.41
CA ASP U 496 -67.41 -82.63 19.36
C ASP U 496 -66.44 -83.54 18.61
N VAL U 497 -65.28 -83.76 19.22
CA VAL U 497 -64.14 -84.38 18.54
C VAL U 497 -63.70 -85.62 19.31
N LYS U 498 -63.41 -86.70 18.57
CA LYS U 498 -62.83 -87.90 19.12
C LYS U 498 -61.59 -88.27 18.31
N VAL U 499 -60.79 -89.17 18.86
CA VAL U 499 -59.55 -89.58 18.21
C VAL U 499 -59.74 -90.96 17.58
N ILE U 500 -60.61 -91.77 18.17
CA ILE U 500 -61.04 -93.02 17.55
C ILE U 500 -62.53 -93.20 17.78
N LYS V 1 -14.35 -35.37 39.44
CA LYS V 1 -12.92 -35.23 39.64
C LYS V 1 -12.48 -33.79 39.45
N ILE V 2 -11.21 -33.50 39.72
CA ILE V 2 -10.65 -32.16 39.63
C ILE V 2 -9.48 -32.20 38.66
N PRO V 3 -9.45 -31.37 37.64
CA PRO V 3 -8.28 -31.33 36.74
C PRO V 3 -7.09 -30.69 37.44
N LEU V 4 -5.94 -31.36 37.36
CA LEU V 4 -4.75 -30.89 38.05
C LEU V 4 -3.51 -31.02 37.16
N THR V 5 -2.33 -30.83 37.74
CA THR V 5 -1.09 -30.92 36.99
C THR V 5 0.05 -31.17 37.95
N ALA V 6 1.26 -31.37 37.39
CA ALA V 6 2.44 -31.76 38.17
C ALA V 6 3.30 -30.53 38.41
N VAL V 7 2.89 -29.73 39.39
CA VAL V 7 3.63 -28.54 39.81
C VAL V 7 3.70 -28.53 41.33
N PRO V 8 4.84 -28.20 41.93
CA PRO V 8 4.91 -28.20 43.40
C PRO V 8 4.00 -27.18 44.06
N ASN V 9 3.54 -26.17 43.35
CA ASN V 9 2.64 -25.16 43.91
C ASN V 9 1.65 -24.74 42.85
N GLN V 10 0.37 -24.78 43.19
CA GLN V 10 -0.68 -24.40 42.24
C GLN V 10 -1.94 -24.07 43.00
N ALA V 11 -2.90 -23.48 42.28
CA ALA V 11 -4.18 -23.12 42.85
C ALA V 11 -5.22 -23.08 41.74
N ILE V 12 -6.40 -23.63 42.02
CA ILE V 12 -7.47 -23.70 41.04
C ILE V 12 -8.76 -23.19 41.67
N SER V 13 -9.60 -22.59 40.84
CA SER V 13 -10.92 -22.13 41.22
C SER V 13 -11.95 -22.81 40.34
N PHE V 14 -13.01 -23.35 40.95
CA PHE V 14 -14.03 -24.05 40.21
C PHE V 14 -15.36 -23.86 40.92
N ASN V 15 -16.44 -24.00 40.14
CA ASN V 15 -17.80 -23.80 40.63
C ASN V 15 -18.52 -25.15 40.58
N ALA V 16 -18.67 -25.78 41.74
CA ALA V 16 -19.33 -27.07 41.82
C ALA V 16 -20.20 -27.11 43.06
N GLY V 17 -21.27 -27.91 42.98
CA GLY V 17 -22.21 -28.01 44.09
C GLY V 17 -22.90 -26.70 44.41
N SER V 18 -23.17 -25.87 43.41
CA SER V 18 -23.79 -24.57 43.60
C SER V 18 -23.03 -23.72 44.61
N SER V 19 -21.70 -23.75 44.52
CA SER V 19 -20.86 -22.96 45.41
C SER V 19 -19.52 -22.72 44.75
N TYR V 20 -18.82 -21.69 45.22
CA TYR V 20 -17.55 -21.26 44.65
C TYR V 20 -16.42 -21.79 45.52
N TRP V 21 -15.53 -22.56 44.91
CA TRP V 21 -14.44 -23.20 45.62
C TRP V 21 -13.09 -22.75 45.08
N LYS V 22 -12.10 -22.67 45.96
CA LYS V 22 -10.73 -22.35 45.58
C LYS V 22 -9.79 -23.17 46.44
N ILE V 23 -8.93 -23.97 45.80
CA ILE V 23 -8.01 -24.86 46.48
C ILE V 23 -6.60 -24.59 45.98
N ARG V 24 -5.64 -24.59 46.90
CA ARG V 24 -4.24 -24.49 46.54
C ARG V 24 -3.45 -25.60 47.21
N LEU V 25 -2.47 -26.14 46.49
CA LEU V 25 -1.66 -27.25 46.96
C LEU V 25 -0.20 -26.85 46.93
N TYR V 26 0.55 -27.26 47.96
CA TYR V 26 1.96 -26.91 48.04
C TYR V 26 2.69 -27.95 48.87
N GLN V 27 3.88 -28.30 48.44
CA GLN V 27 4.69 -29.27 49.16
C GLN V 27 5.24 -28.66 50.43
N ASN V 28 5.26 -29.44 51.50
CA ASN V 28 5.84 -29.00 52.77
C ASN V 28 6.63 -30.17 53.34
N MET V 29 7.94 -30.16 53.10
CA MET V 29 8.84 -31.20 53.59
C MET V 29 8.41 -32.58 53.11
N ASP V 30 7.92 -33.40 54.04
CA ASP V 30 7.67 -34.80 53.74
C ASP V 30 6.44 -34.97 52.85
N MET V 31 5.35 -34.29 53.17
CA MET V 31 4.05 -34.58 52.57
C MET V 31 3.39 -33.30 52.07
N MET V 32 2.29 -33.50 51.35
CA MET V 32 1.53 -32.45 50.72
C MET V 32 0.69 -31.70 51.76
N ASN V 33 0.09 -30.59 51.33
CA ASN V 33 -0.77 -29.78 52.17
C ASN V 33 -1.78 -29.07 51.30
N ALA V 34 -2.84 -28.55 51.93
CA ALA V 34 -3.90 -27.90 51.17
C ALA V 34 -4.46 -26.73 51.95
N ASP V 35 -5.04 -25.77 51.23
CA ASP V 35 -5.76 -24.64 51.79
C ASP V 35 -7.04 -24.46 51.01
N ILE V 36 -8.17 -24.46 51.70
CA ILE V 36 -9.48 -24.49 51.07
C ILE V 36 -10.27 -23.26 51.50
N SER V 37 -10.88 -22.59 50.53
CA SER V 37 -11.70 -21.42 50.77
C SER V 37 -12.98 -21.53 49.96
N ARG V 38 -14.07 -20.99 50.51
CA ARG V 38 -15.37 -21.02 49.86
C ARG V 38 -15.96 -19.63 49.82
N ASP V 39 -16.43 -19.22 48.64
CA ASP V 39 -17.13 -17.95 48.46
C ASP V 39 -16.31 -16.79 49.00
N GLY V 40 -15.01 -16.82 48.75
CA GLY V 40 -14.15 -15.74 49.17
C GLY V 40 -13.84 -15.73 50.65
N VAL V 41 -14.26 -16.74 51.39
CA VAL V 41 -14.00 -16.83 52.83
C VAL V 41 -13.21 -18.10 53.08
N ILE V 42 -12.06 -17.96 53.74
CA ILE V 42 -11.22 -19.12 54.02
C ILE V 42 -11.95 -20.06 54.98
N VAL V 43 -11.73 -21.35 54.80
CA VAL V 43 -12.37 -22.37 55.62
C VAL V 43 -11.38 -23.01 56.58
N CYS V 44 -10.36 -23.68 56.07
CA CYS V 44 -9.36 -24.30 56.91
C CYS V 44 -8.02 -24.25 56.21
N HIS V 45 -6.95 -24.23 57.01
CA HIS V 45 -5.60 -24.03 56.52
C HIS V 45 -4.69 -25.15 57.01
N GLY V 46 -3.73 -25.52 56.16
CA GLY V 46 -2.69 -26.46 56.56
C GLY V 46 -3.18 -27.85 56.91
N VAL V 47 -4.03 -28.43 56.08
CA VAL V 47 -4.51 -29.79 56.28
C VAL V 47 -3.63 -30.74 55.51
N ARG V 48 -3.24 -31.84 56.16
CA ARG V 48 -2.49 -32.88 55.48
C ARG V 48 -3.40 -33.66 54.54
N CYS V 49 -2.79 -34.30 53.55
CA CYS V 49 -3.50 -35.10 52.57
C CYS V 49 -3.14 -36.58 52.75
N PHE V 50 -4.17 -37.43 52.71
CA PHE V 50 -3.99 -38.86 52.91
C PHE V 50 -5.03 -39.60 52.08
N GLY V 51 -4.74 -40.88 51.83
CA GLY V 51 -5.64 -41.69 51.03
C GLY V 51 -6.94 -42.03 51.74
N GLY V 52 -8.04 -41.49 51.26
CA GLY V 52 -9.36 -41.85 51.75
C GLY V 52 -9.89 -40.98 52.88
N ILE V 53 -9.03 -40.26 53.58
CA ILE V 53 -9.49 -39.41 54.68
C ILE V 53 -10.00 -38.10 54.10
N PRO V 54 -11.23 -37.69 54.42
CA PRO V 54 -11.76 -36.45 53.86
C PRO V 54 -10.95 -35.24 54.32
N LEU V 55 -10.89 -34.23 53.45
CA LEU V 55 -10.09 -33.05 53.75
C LEU V 55 -10.67 -32.27 54.93
N LEU V 56 -11.97 -32.03 54.93
CA LEU V 56 -12.60 -31.25 55.98
C LEU V 56 -12.91 -32.17 57.16
N GLN V 57 -12.36 -31.84 58.33
CA GLN V 57 -12.45 -32.70 59.50
C GLN V 57 -13.54 -32.26 60.48
N TYR V 58 -13.45 -31.02 60.97
CA TYR V 58 -14.38 -30.57 62.00
C TYR V 58 -15.80 -30.53 61.45
N SER V 59 -16.77 -30.75 62.33
CA SER V 59 -18.14 -31.01 61.91
C SER V 59 -18.78 -29.80 61.24
N HIS V 60 -18.54 -28.61 61.77
CA HIS V 60 -19.26 -27.43 61.30
C HIS V 60 -18.87 -27.03 59.88
N GLN V 61 -17.81 -27.60 59.33
CA GLN V 61 -17.32 -27.18 58.03
C GLN V 61 -17.87 -28.02 56.88
N TYR V 62 -17.80 -29.35 57.01
CA TYR V 62 -17.98 -30.20 55.82
C TYR V 62 -19.36 -30.03 55.20
N ARG V 63 -20.44 -30.12 55.98
CA ARG V 63 -21.71 -29.67 55.41
C ARG V 63 -22.85 -29.58 56.42
N PRO V 64 -23.68 -28.57 56.29
CA PRO V 64 -25.12 -28.80 56.49
C PRO V 64 -25.69 -29.44 55.23
N ASP V 65 -25.27 -28.93 54.07
CA ASP V 65 -25.73 -29.45 52.78
C ASP V 65 -24.61 -29.57 51.74
N TYR V 66 -23.44 -28.99 51.97
CA TYR V 66 -22.37 -28.93 50.98
C TYR V 66 -21.74 -30.31 50.79
N GLY V 67 -20.64 -30.36 50.04
CA GLY V 67 -19.94 -31.59 49.77
C GLY V 67 -18.66 -31.74 50.58
N ASN V 68 -17.72 -32.52 50.02
CA ASN V 68 -16.41 -32.71 50.64
C ASN V 68 -15.45 -33.26 49.60
N PHE V 69 -14.18 -33.39 50.00
CA PHE V 69 -13.10 -33.77 49.11
C PHE V 69 -12.30 -34.91 49.72
N VAL V 70 -11.94 -35.89 48.90
CA VAL V 70 -11.19 -37.06 49.36
C VAL V 70 -10.16 -37.43 48.30
N PHE V 71 -8.96 -37.78 48.77
CA PHE V 71 -7.87 -38.27 47.92
C PHE V 71 -7.85 -39.79 47.94
N ASP V 72 -7.75 -40.41 46.77
CA ASP V 72 -7.73 -41.87 46.71
C ASP V 72 -6.50 -42.45 47.39
N ARG V 73 -5.33 -41.89 47.11
CA ARG V 73 -4.10 -42.38 47.75
C ARG V 73 -3.31 -41.22 48.34
N ASP V 74 -2.12 -41.50 48.84
CA ASP V 74 -1.27 -40.43 49.33
C ASP V 74 -0.84 -39.53 48.17
N ALA V 75 -0.79 -38.23 48.43
CA ALA V 75 -0.54 -37.24 47.39
C ALA V 75 0.95 -37.12 47.10
N ASP V 76 1.27 -36.74 45.87
CA ASP V 76 2.65 -36.48 45.46
C ASP V 76 2.62 -35.65 44.19
N TRP V 77 3.25 -34.47 44.24
CA TRP V 77 3.12 -33.50 43.16
C TRP V 77 3.68 -33.99 41.84
N THR V 78 4.45 -35.08 41.84
CA THR V 78 4.95 -35.62 40.58
C THR V 78 3.87 -36.36 39.80
N LEU V 79 2.90 -36.96 40.48
CA LEU V 79 2.05 -37.97 39.86
C LEU V 79 0.69 -37.46 39.39
N PHE V 80 0.32 -36.22 39.67
CA PHE V 80 -0.95 -35.74 39.15
C PHE V 80 -0.98 -35.76 37.63
N GLY V 81 -2.14 -36.14 37.09
CA GLY V 81 -2.28 -36.43 35.68
C GLY V 81 -1.99 -37.86 35.31
N ASP V 82 -1.38 -38.64 36.20
CA ASP V 82 -1.01 -40.04 35.95
C ASP V 82 -1.22 -40.84 37.22
N GLY V 83 -2.40 -41.46 37.34
CA GLY V 83 -2.63 -42.48 38.34
C GLY V 83 -3.02 -42.01 39.72
N ILE V 84 -3.03 -40.71 39.97
CA ILE V 84 -3.49 -40.16 41.23
C ILE V 84 -4.52 -39.08 40.95
N ASN V 85 -5.62 -39.09 41.70
CA ASN V 85 -6.77 -38.27 41.39
C ASN V 85 -7.35 -37.67 42.66
N LEU V 86 -8.16 -36.63 42.48
CA LEU V 86 -8.92 -35.98 43.53
C LEU V 86 -10.38 -35.91 43.11
N PHE V 87 -11.28 -36.22 44.04
CA PHE V 87 -12.69 -36.35 43.71
C PHE V 87 -13.55 -35.49 44.63
N TYR V 88 -14.66 -35.02 44.07
CA TYR V 88 -15.65 -34.24 44.81
C TYR V 88 -16.94 -35.04 44.94
N LEU V 89 -17.49 -35.05 46.15
CA LEU V 89 -18.70 -35.82 46.46
C LEU V 89 -19.68 -34.89 47.15
N ASP V 90 -20.92 -34.85 46.68
CA ASP V 90 -21.90 -33.94 47.27
C ASP V 90 -22.55 -34.61 48.48
N GLY V 91 -23.61 -33.98 49.00
CA GLY V 91 -24.07 -34.30 50.34
C GLY V 91 -24.51 -35.75 50.50
N ALA V 92 -25.31 -36.26 49.56
CA ALA V 92 -25.92 -37.57 49.73
C ALA V 92 -24.88 -38.68 49.73
N GLU V 93 -24.06 -38.73 48.68
CA GLU V 93 -23.08 -39.81 48.61
C GLU V 93 -21.98 -39.62 49.63
N PHE V 94 -21.67 -38.37 50.00
CA PHE V 94 -20.71 -38.18 51.08
C PHE V 94 -21.24 -38.72 52.39
N ALA V 95 -22.54 -38.52 52.65
CA ALA V 95 -23.13 -39.07 53.85
C ALA V 95 -23.08 -40.60 53.82
N GLU V 96 -23.39 -41.20 52.67
CA GLU V 96 -23.34 -42.66 52.62
C GLU V 96 -21.90 -43.17 52.77
N TYR V 97 -20.93 -42.42 52.22
CA TYR V 97 -19.52 -42.75 52.41
C TYR V 97 -19.14 -42.69 53.88
N GLN V 98 -19.56 -41.62 54.56
CA GLN V 98 -19.21 -41.47 55.97
C GLN V 98 -19.84 -42.57 56.81
N ALA V 99 -21.08 -42.94 56.50
CA ALA V 99 -21.70 -44.06 57.18
C ALA V 99 -20.93 -45.35 56.94
N LEU V 100 -20.50 -45.58 55.69
CA LEU V 100 -19.71 -46.77 55.39
C LEU V 100 -18.35 -46.75 56.07
N ALA V 101 -17.86 -45.57 56.46
CA ALA V 101 -16.54 -45.49 57.05
C ALA V 101 -16.46 -46.26 58.36
N THR V 102 -17.48 -46.16 59.20
CA THR V 102 -17.46 -46.80 60.51
C THR V 102 -17.65 -48.30 60.39
N SER W 1 -8.23 41.50 -30.41
CA SER W 1 -8.95 41.61 -29.16
C SER W 1 -8.51 42.84 -28.38
N THR W 2 -7.45 43.48 -28.86
CA THR W 2 -6.93 44.69 -28.22
C THR W 2 -7.22 45.90 -29.09
N SER W 3 -6.91 47.07 -28.55
CA SER W 3 -7.09 48.33 -29.26
C SER W 3 -6.36 49.43 -28.49
N THR W 4 -5.98 50.48 -29.20
CA THR W 4 -5.29 51.60 -28.60
C THR W 4 -5.37 52.79 -29.55
N ILE W 5 -4.72 53.89 -29.17
CA ILE W 5 -4.73 55.13 -29.93
C ILE W 5 -3.39 55.29 -30.61
N ARG W 6 -3.42 55.62 -31.90
CA ARG W 6 -2.19 55.72 -32.67
C ARG W 6 -1.34 56.87 -32.19
N THR W 7 -0.02 56.64 -32.12
CA THR W 7 0.94 57.66 -31.79
C THR W 7 2.04 57.68 -32.83
N GLY W 8 2.71 58.82 -32.96
CA GLY W 8 3.74 59.00 -33.96
C GLY W 8 5.07 58.43 -33.51
N THR W 9 6.11 58.78 -34.28
CA THR W 9 7.45 58.35 -33.92
C THR W 9 7.86 58.91 -32.57
N ASN W 10 7.35 60.09 -32.21
CA ASN W 10 7.41 60.56 -30.83
C ASN W 10 6.16 60.10 -30.10
N ASN W 11 6.25 60.05 -28.78
CA ASN W 11 5.23 59.39 -27.97
C ASN W 11 4.08 60.35 -27.67
N ASP W 12 3.47 60.84 -28.75
CA ASP W 12 2.37 61.78 -28.64
C ASP W 12 1.25 61.36 -29.56
N ILE W 13 0.04 61.80 -29.24
CA ILE W 13 -1.13 61.44 -30.04
C ILE W 13 -1.01 62.07 -31.41
N LEU W 14 -1.19 61.25 -32.44
CA LEU W 14 -1.10 61.71 -33.83
C LEU W 14 -2.51 61.80 -34.40
N LEU W 15 -2.82 62.94 -35.01
CA LEU W 15 -4.13 63.19 -35.59
C LEU W 15 -4.03 63.18 -37.11
N ASP W 16 -5.06 62.62 -37.76
CA ASP W 16 -5.12 62.62 -39.20
C ASP W 16 -5.56 64.00 -39.72
N ASP W 17 -5.72 64.11 -41.03
CA ASP W 17 -6.10 65.38 -41.63
C ASP W 17 -7.47 65.85 -41.15
N ASN W 18 -8.42 64.92 -41.04
CA ASN W 18 -9.77 65.26 -40.60
C ASN W 18 -9.82 65.68 -39.14
N GLY W 19 -8.73 65.52 -38.39
CA GLY W 19 -8.76 65.86 -36.99
C GLY W 19 -9.50 64.86 -36.12
N ASN W 20 -9.43 63.58 -36.45
CA ASN W 20 -10.09 62.53 -35.69
C ASN W 20 -9.05 61.57 -35.14
N MET W 21 -9.13 61.29 -33.84
CA MET W 21 -8.31 60.25 -33.27
C MET W 21 -8.76 58.89 -33.79
N VAL W 22 -7.79 58.05 -34.14
CA VAL W 22 -8.07 56.74 -34.72
C VAL W 22 -7.76 55.66 -33.69
N ILE W 23 -8.64 54.68 -33.60
CA ILE W 23 -8.48 53.55 -32.68
C ILE W 23 -7.91 52.40 -33.48
N LEU W 24 -6.63 52.10 -33.27
CA LEU W 24 -5.98 51.02 -33.99
C LEU W 24 -6.54 49.67 -33.57
N ARG W 25 -6.78 48.82 -34.54
CA ARG W 25 -7.25 47.46 -34.27
C ARG W 25 -6.06 46.59 -33.87
N ASP W 26 -6.25 45.28 -33.86
CA ASP W 26 -5.22 44.37 -33.38
C ASP W 26 -4.00 44.39 -34.29
N VAL W 27 -3.00 43.57 -33.94
CA VAL W 27 -1.73 43.46 -34.64
C VAL W 27 -0.94 44.75 -34.50
N GLU W 28 -1.38 45.81 -35.18
CA GLU W 28 -0.67 47.08 -35.08
C GLU W 28 -0.68 47.62 -33.65
N ALA W 29 -1.82 47.49 -32.97
CA ALA W 29 -1.87 47.86 -31.57
C ALA W 29 -0.87 47.07 -30.75
N CYS W 30 -0.67 45.80 -31.11
CA CYS W 30 0.32 45.00 -30.41
C CYS W 30 1.72 45.56 -30.61
N ALA W 31 2.04 45.99 -31.82
CA ALA W 31 3.35 46.58 -32.07
C ALA W 31 3.55 47.84 -31.26
N GLN W 32 2.55 48.72 -31.26
CA GLN W 32 2.64 49.94 -30.46
C GLN W 32 2.85 49.60 -28.99
N ASP W 33 2.07 48.64 -28.49
CA ASP W 33 2.13 48.31 -27.07
C ASP W 33 3.48 47.72 -26.70
N VAL W 34 4.04 46.84 -27.53
CA VAL W 34 5.31 46.24 -27.17
C VAL W 34 6.43 47.27 -27.24
N ARG W 35 6.39 48.17 -28.22
CA ARG W 35 7.38 49.24 -28.25
C ARG W 35 7.32 50.07 -26.98
N ALA W 36 6.11 50.48 -26.60
CA ALA W 36 5.96 51.29 -25.39
C ALA W 36 6.43 50.53 -24.16
N ALA W 37 6.09 49.25 -24.07
CA ALA W 37 6.49 48.47 -22.90
C ALA W 37 8.01 48.36 -22.79
N MET W 38 8.69 48.08 -23.90
CA MET W 38 10.14 48.03 -23.84
C MET W 38 10.76 49.39 -23.56
N LEU W 39 10.05 50.47 -23.85
CA LEU W 39 10.60 51.80 -23.62
C LEU W 39 10.25 52.40 -22.26
N MET W 40 9.63 51.62 -21.36
CA MET W 40 8.91 52.26 -20.25
C MET W 40 9.73 52.33 -18.97
N ARG W 41 10.79 51.52 -18.82
CA ARG W 41 11.70 51.56 -17.67
C ARG W 41 11.02 51.11 -16.38
N THR W 42 11.81 50.68 -15.40
CA THR W 42 11.29 50.27 -14.11
C THR W 42 11.17 51.46 -13.17
N GLY W 43 10.41 51.26 -12.09
CA GLY W 43 10.31 52.25 -11.06
C GLY W 43 9.50 53.48 -11.40
N GLU W 44 8.74 53.46 -12.49
CA GLU W 44 7.94 54.62 -12.89
C GLU W 44 6.45 54.43 -12.71
N ASN W 45 5.95 53.20 -12.90
CA ASN W 45 4.52 52.94 -12.80
C ASN W 45 4.12 53.05 -11.34
N ILE W 46 3.53 54.19 -10.97
CA ILE W 46 2.88 54.28 -9.68
C ILE W 46 1.67 53.36 -9.68
N PHE W 47 1.41 52.72 -8.56
CA PHE W 47 0.41 51.68 -8.32
C PHE W 47 0.86 50.32 -8.86
N ASP W 48 2.03 50.22 -9.49
CA ASP W 48 2.62 48.92 -9.76
C ASP W 48 4.13 49.10 -9.85
N VAL W 49 4.80 48.87 -8.72
CA VAL W 49 6.25 48.92 -8.67
C VAL W 49 6.78 47.58 -9.16
N ASN W 50 8.07 47.54 -9.52
CA ASN W 50 8.76 46.35 -10.00
C ASN W 50 8.30 45.91 -11.39
N SER W 51 7.82 46.85 -12.19
CA SER W 51 7.44 46.57 -13.57
C SER W 51 8.18 47.54 -14.49
N GLY W 52 8.65 47.02 -15.61
CA GLY W 52 9.43 47.77 -16.57
C GLY W 52 10.77 47.12 -16.78
N VAL W 53 11.63 47.80 -17.54
CA VAL W 53 12.96 47.31 -17.85
C VAL W 53 13.95 47.96 -16.91
N GLY W 54 14.72 47.15 -16.21
CA GLY W 54 15.71 47.67 -15.28
C GLY W 54 16.99 48.09 -15.99
N TYR W 55 16.93 49.19 -16.73
CA TYR W 55 18.09 49.60 -17.53
C TYR W 55 19.28 49.92 -16.63
N PHE W 56 19.09 50.79 -15.65
CA PHE W 56 20.23 51.34 -14.91
C PHE W 56 20.87 50.30 -14.01
N GLU W 57 20.13 49.26 -13.63
CA GLU W 57 20.71 48.25 -12.76
C GLU W 57 21.25 47.05 -13.53
N TYR W 58 20.71 46.79 -14.73
CA TYR W 58 20.97 45.53 -15.40
C TYR W 58 21.73 45.66 -16.70
N ILE W 59 21.72 46.84 -17.33
CA ILE W 59 22.38 47.04 -18.62
C ILE W 59 23.48 48.07 -18.53
N PHE W 60 23.14 49.30 -18.16
CA PHE W 60 24.13 50.37 -18.17
C PHE W 60 25.22 50.14 -17.14
N SER W 61 24.85 49.69 -15.95
CA SER W 61 25.85 49.40 -14.93
C SER W 61 26.74 48.24 -15.36
N PRO W 62 27.99 48.22 -14.92
CA PRO W 62 28.82 47.04 -15.17
C PRO W 62 28.20 45.81 -14.53
N GLN W 63 28.26 44.69 -15.26
CA GLN W 63 27.52 43.50 -14.86
C GLN W 63 28.39 42.26 -15.03
N LYS W 64 27.93 41.17 -14.42
CA LYS W 64 28.67 39.92 -14.44
C LYS W 64 28.26 39.05 -15.62
N SER W 65 26.98 38.76 -15.75
CA SER W 65 26.51 37.71 -16.65
C SER W 65 25.77 38.21 -17.87
N TYR W 66 24.89 39.21 -17.70
CA TYR W 66 23.98 39.78 -18.69
C TYR W 66 22.74 38.92 -18.90
N ASP W 67 22.62 37.77 -18.24
CA ASP W 67 21.39 36.99 -18.36
C ASP W 67 20.22 37.71 -17.73
N ASP W 68 20.47 38.47 -16.65
CA ASP W 68 19.41 39.17 -15.95
C ASP W 68 18.72 40.18 -16.85
N ALA W 69 19.49 40.89 -17.66
CA ALA W 69 18.90 41.83 -18.60
C ALA W 69 18.01 41.11 -19.60
N ARG W 70 18.44 39.95 -20.08
CA ARG W 70 17.63 39.19 -21.01
C ARG W 70 16.31 38.77 -20.36
N LYS W 71 16.37 38.31 -19.12
CA LYS W 71 15.15 37.93 -18.42
C LYS W 71 14.22 39.13 -18.25
N SER W 72 14.77 40.28 -17.88
CA SER W 72 13.94 41.47 -17.66
C SER W 72 13.27 41.91 -18.96
N ILE W 73 14.01 41.92 -20.06
CA ILE W 73 13.41 42.32 -21.33
C ILE W 73 12.37 41.31 -21.79
N ALA W 74 12.63 40.02 -21.58
CA ALA W 74 11.65 39.00 -21.95
C ALA W 74 10.36 39.17 -21.15
N ASP W 75 10.48 39.50 -19.87
CA ASP W 75 9.28 39.76 -19.07
C ASP W 75 8.55 41.00 -19.57
N ALA W 76 9.30 42.05 -19.90
CA ALA W 76 8.67 43.28 -20.36
C ALA W 76 7.91 43.08 -21.66
N ILE W 77 8.47 42.30 -22.58
CA ILE W 77 7.75 41.98 -23.81
C ILE W 77 6.47 41.21 -23.49
N LEU W 78 6.55 40.31 -22.52
CA LEU W 78 5.35 39.64 -22.03
C LEU W 78 4.55 40.64 -21.21
N SER W 79 3.46 40.17 -20.59
CA SER W 79 2.50 40.96 -19.84
C SER W 79 1.68 41.87 -20.73
N SER W 80 1.94 41.91 -22.03
CA SER W 80 1.03 42.54 -22.94
C SER W 80 -0.26 41.72 -23.04
N PRO W 81 -1.40 42.37 -23.24
CA PRO W 81 -2.67 41.62 -23.24
C PRO W 81 -2.76 40.55 -24.30
N ASP W 82 -2.06 40.71 -25.43
CA ASP W 82 -2.24 39.82 -26.56
C ASP W 82 -1.04 38.93 -26.85
N VAL W 83 0.16 39.34 -26.43
CA VAL W 83 1.35 38.57 -26.74
C VAL W 83 1.28 37.20 -26.08
N THR W 84 1.64 36.17 -26.85
CA THR W 84 1.63 34.79 -26.36
C THR W 84 3.02 34.31 -25.96
N GLY W 85 3.98 34.37 -26.87
CA GLY W 85 5.31 33.87 -26.59
C GLY W 85 6.35 34.58 -27.43
N ILE W 86 7.62 34.34 -27.08
CA ILE W 86 8.75 34.98 -27.73
C ILE W 86 9.48 33.92 -28.54
N GLU W 87 9.78 34.25 -29.80
CA GLU W 87 10.46 33.30 -30.68
C GLU W 87 11.98 33.48 -30.64
N GLN W 88 12.45 34.71 -30.76
CA GLN W 88 13.89 34.99 -30.78
C GLN W 88 14.24 36.15 -29.87
N LEU W 89 15.47 36.13 -29.38
CA LEU W 89 16.09 37.23 -28.67
C LEU W 89 17.59 37.11 -28.85
N ASP W 90 18.25 38.23 -29.18
CA ASP W 90 19.62 38.18 -29.67
C ASP W 90 20.63 38.75 -28.68
N ILE W 91 20.47 40.01 -28.28
CA ILE W 91 21.41 40.67 -27.39
C ILE W 91 22.80 40.64 -28.03
N ASP W 92 23.02 41.48 -29.03
CA ASP W 92 24.25 41.41 -29.81
C ASP W 92 25.47 41.81 -28.99
N ILE W 93 25.36 42.88 -28.19
CA ILE W 93 26.44 43.51 -27.45
C ILE W 93 27.74 43.50 -28.25
N THR W 94 27.67 44.00 -29.48
CA THR W 94 28.81 44.07 -30.38
C THR W 94 29.18 45.53 -30.63
N GLY W 95 30.48 45.82 -30.62
CA GLY W 95 30.90 47.18 -30.81
C GLY W 95 30.58 48.03 -29.59
N GLU W 96 30.03 49.22 -29.85
CA GLU W 96 29.68 50.12 -28.76
C GLU W 96 28.21 49.99 -28.39
N VAL W 97 27.36 49.73 -29.38
CA VAL W 97 25.93 49.65 -29.14
C VAL W 97 25.56 48.32 -28.49
N PHE W 98 24.44 48.32 -27.79
CA PHE W 98 23.88 47.12 -27.17
C PHE W 98 22.71 46.68 -28.03
N GLY W 99 23.00 45.85 -29.04
CA GLY W 99 21.97 45.47 -30.00
C GLY W 99 20.94 44.54 -29.36
N VAL W 100 19.69 44.73 -29.76
CA VAL W 100 18.58 43.89 -29.31
C VAL W 100 17.69 43.61 -30.51
N ASP W 101 17.26 42.37 -30.66
CA ASP W 101 16.34 41.99 -31.72
C ASP W 101 15.42 40.90 -31.20
N ALA W 102 14.15 40.94 -31.61
CA ALA W 102 13.18 39.98 -31.13
C ALA W 102 12.05 39.83 -32.14
N LYS W 103 11.39 38.68 -32.09
CA LYS W 103 10.19 38.41 -32.87
C LYS W 103 9.21 37.66 -31.99
N VAL W 104 7.99 38.17 -31.87
CA VAL W 104 7.03 37.63 -30.92
C VAL W 104 5.88 36.95 -31.65
N ILE W 105 4.98 36.33 -30.90
CA ILE W 105 3.86 35.57 -31.46
C ILE W 105 2.57 36.05 -30.84
N THR W 106 1.58 36.35 -31.69
CA THR W 106 0.26 36.76 -31.24
C THR W 106 -0.75 35.68 -31.59
N ILE W 107 -1.95 35.79 -31.01
CA ILE W 107 -3.00 34.83 -31.32
C ILE W 107 -3.45 34.98 -32.77
N HIS W 108 -3.47 36.21 -33.28
CA HIS W 108 -3.96 36.47 -34.63
C HIS W 108 -2.82 36.78 -35.58
N MET X 1 49.79 -35.57 -54.09
CA MET X 1 49.88 -34.23 -54.63
C MET X 1 48.49 -33.62 -54.83
N ILE X 2 48.20 -32.59 -54.04
CA ILE X 2 46.92 -31.89 -54.12
C ILE X 2 47.22 -30.43 -54.43
N ASN X 3 46.57 -29.91 -55.48
CA ASN X 3 46.80 -28.55 -55.92
C ASN X 3 45.81 -27.62 -55.21
N VAL X 4 46.28 -26.91 -54.20
CA VAL X 4 45.45 -26.00 -53.44
C VAL X 4 45.64 -24.56 -53.87
N SER X 5 46.17 -24.33 -55.07
CA SER X 5 46.42 -22.98 -55.53
C SER X 5 45.13 -22.23 -55.77
N GLY X 6 45.15 -20.92 -55.52
CA GLY X 6 44.02 -20.06 -55.73
C GLY X 6 44.05 -19.23 -57.00
N PHE X 7 45.05 -19.42 -57.85
CA PHE X 7 45.13 -18.67 -59.09
C PHE X 7 43.97 -19.04 -60.01
N GLY X 8 43.46 -18.05 -60.75
CA GLY X 8 42.37 -18.27 -61.67
C GLY X 8 40.99 -18.20 -61.06
N THR X 9 40.88 -17.87 -59.77
CA THR X 9 39.58 -17.75 -59.14
C THR X 9 38.84 -16.54 -59.68
N GLY X 10 37.53 -16.70 -59.86
CA GLY X 10 36.70 -15.59 -60.29
C GLY X 10 35.33 -15.64 -59.66
N ILE X 11 34.76 -14.48 -59.36
CA ILE X 11 33.47 -14.39 -58.70
C ILE X 11 32.57 -13.43 -59.46
N VAL X 12 31.27 -13.67 -59.40
CA VAL X 12 30.27 -12.86 -60.07
C VAL X 12 29.20 -12.47 -59.06
N ILE X 13 28.85 -11.19 -59.03
CA ILE X 13 27.89 -10.65 -58.09
C ILE X 13 26.71 -10.09 -58.87
N VAL X 14 25.50 -10.47 -58.48
CA VAL X 14 24.29 -9.98 -59.11
C VAL X 14 23.36 -9.44 -58.02
N SER X 15 22.73 -8.30 -58.32
CA SER X 15 21.86 -7.63 -57.36
C SER X 15 20.45 -7.52 -57.92
N ALA X 16 19.49 -7.36 -57.02
CA ALA X 16 18.08 -7.31 -57.43
C ALA X 16 17.78 -6.07 -58.24
N SER X 17 18.25 -4.91 -57.80
CA SER X 17 17.92 -3.64 -58.46
C SER X 17 19.14 -2.86 -58.90
N SER X 18 20.19 -2.81 -58.08
CA SER X 18 21.37 -2.02 -58.42
C SER X 18 22.05 -2.55 -59.68
N PHE X 19 22.29 -3.85 -59.73
CA PHE X 19 22.94 -4.50 -60.88
C PHE X 19 22.09 -5.69 -61.27
N PRO X 20 21.00 -5.47 -62.00
CA PRO X 20 20.14 -6.60 -62.38
C PRO X 20 20.86 -7.66 -63.19
N MET X 21 21.88 -7.28 -63.96
CA MET X 21 22.58 -8.24 -64.80
C MET X 21 23.86 -8.75 -64.17
N GLY X 22 24.43 -8.02 -63.23
CA GLY X 22 25.61 -8.47 -62.52
C GLY X 22 26.90 -8.06 -63.20
N PHE X 23 27.97 -8.07 -62.40
CA PHE X 23 29.30 -7.71 -62.88
C PHE X 23 30.31 -8.72 -62.37
N SER X 24 31.40 -8.85 -63.10
CA SER X 24 32.48 -9.75 -62.73
C SER X 24 33.46 -9.04 -61.80
N LEU X 25 34.30 -9.84 -61.14
CA LEU X 25 35.27 -9.33 -60.18
C LEU X 25 36.50 -10.21 -60.23
N SER X 26 37.63 -9.65 -60.67
CA SER X 26 38.81 -10.47 -60.89
C SER X 26 40.05 -9.93 -60.22
N LYS X 27 40.17 -8.61 -60.09
CA LYS X 27 41.38 -7.99 -59.55
C LYS X 27 41.33 -8.05 -58.04
N PHE X 28 42.07 -9.00 -57.46
CA PHE X 28 42.09 -9.23 -56.03
C PHE X 28 43.38 -8.68 -55.44
N ALA X 29 43.25 -7.96 -54.32
CA ALA X 29 44.39 -7.25 -53.76
C ALA X 29 45.47 -8.22 -53.28
N ASP X 30 46.61 -7.65 -52.89
CA ASP X 30 47.78 -8.43 -52.50
C ASP X 30 48.15 -8.28 -51.03
N ASP X 31 47.78 -7.16 -50.41
CA ASP X 31 48.15 -6.96 -49.01
C ASP X 31 47.34 -7.85 -48.07
N GLU X 32 46.04 -7.94 -48.30
CA GLU X 32 45.15 -8.68 -47.41
C GLU X 32 44.68 -9.97 -48.07
N SER X 33 43.94 -10.75 -47.30
CA SER X 33 43.40 -12.00 -47.80
C SER X 33 42.34 -11.72 -48.84
N PRO X 34 42.45 -12.26 -50.05
CA PRO X 34 41.43 -11.97 -51.07
C PRO X 34 40.03 -12.39 -50.68
N ILE X 35 39.88 -13.53 -50.01
CA ILE X 35 38.58 -14.01 -49.55
C ILE X 35 38.75 -14.56 -48.15
N SER X 36 37.87 -14.13 -47.24
CA SER X 36 37.95 -14.56 -45.86
C SER X 36 36.54 -14.76 -45.32
N SER X 37 36.44 -15.55 -44.26
CA SER X 37 35.15 -15.85 -43.65
C SER X 37 35.37 -16.22 -42.20
N LYS X 38 34.27 -16.23 -41.44
CA LYS X 38 34.28 -16.63 -40.06
C LYS X 38 33.56 -17.97 -39.90
N GLU X 39 33.91 -18.68 -38.85
CA GLU X 39 33.44 -20.06 -38.68
C GLU X 39 31.94 -20.09 -38.39
N LEU X 40 31.26 -21.04 -39.04
CA LEU X 40 29.83 -21.20 -38.85
C LEU X 40 29.53 -21.74 -37.45
N GLU X 41 28.37 -21.39 -36.93
CA GLU X 41 27.97 -21.76 -35.57
C GLU X 41 26.55 -22.30 -35.57
N PRO X 42 26.32 -23.45 -36.20
CA PRO X 42 24.95 -23.96 -36.32
C PRO X 42 24.49 -24.89 -35.20
N PHE X 43 25.29 -25.07 -34.14
CA PHE X 43 24.91 -25.94 -33.04
C PHE X 43 25.41 -25.34 -31.73
N GLY X 44 24.76 -25.77 -30.65
CA GLY X 44 25.15 -25.35 -29.32
C GLY X 44 24.92 -26.49 -28.35
N TYR X 45 25.28 -26.28 -27.09
CA TYR X 45 25.08 -27.31 -26.09
C TYR X 45 24.88 -26.67 -24.74
N GLU X 46 24.33 -27.44 -23.81
CA GLU X 46 24.20 -27.02 -22.43
C GLU X 46 24.30 -28.25 -21.55
N MET X 47 24.82 -28.05 -20.34
CA MET X 47 24.93 -29.14 -19.39
C MET X 47 23.64 -29.37 -18.62
N LEU X 48 23.41 -30.63 -18.27
CA LEU X 48 22.23 -31.02 -17.53
C LEU X 48 22.52 -31.02 -16.03
N TYR X 49 21.44 -31.10 -15.26
CA TYR X 49 21.55 -31.01 -13.82
C TYR X 49 22.16 -32.29 -13.24
N ASP X 50 22.02 -33.40 -13.95
CA ASP X 50 22.64 -34.65 -13.56
C ASP X 50 24.14 -34.65 -13.86
N GLY X 51 24.51 -34.18 -15.05
CA GLY X 51 25.89 -34.22 -15.46
C GLY X 51 26.04 -34.61 -16.91
N GLY X 52 24.94 -34.90 -17.57
CA GLY X 52 24.94 -35.30 -18.96
C GLY X 52 25.13 -34.11 -19.88
N LEU X 53 24.82 -34.33 -21.15
CA LEU X 53 25.01 -33.32 -22.17
C LEU X 53 23.79 -33.29 -23.09
N PHE X 54 23.46 -32.09 -23.59
CA PHE X 54 22.34 -31.91 -24.49
C PHE X 54 22.75 -30.96 -25.61
N ALA X 55 22.25 -31.24 -26.81
CA ALA X 55 22.61 -30.47 -28.00
C ALA X 55 21.35 -30.01 -28.72
N PHE X 56 21.47 -28.89 -29.43
CA PHE X 56 20.31 -28.26 -30.05
C PHE X 56 20.78 -27.40 -31.22
N ASP X 57 19.83 -27.01 -32.07
CA ASP X 57 20.11 -26.15 -33.20
C ASP X 57 20.20 -24.70 -32.76
N LYS X 58 20.63 -23.85 -33.69
CA LYS X 58 20.86 -22.45 -33.40
C LYS X 58 20.93 -21.68 -34.70
N ALA X 59 20.37 -20.48 -34.70
CA ALA X 59 20.48 -19.60 -35.87
C ALA X 59 21.92 -19.16 -36.06
N ALA X 60 22.37 -19.12 -37.31
CA ALA X 60 23.74 -18.75 -37.58
C ALA X 60 23.85 -18.00 -38.90
N PRO X 61 24.55 -16.89 -38.95
CA PRO X 61 24.77 -16.20 -40.22
C PRO X 61 26.05 -16.66 -40.91
N LEU X 62 26.32 -16.12 -42.09
CA LEU X 62 27.57 -16.36 -42.78
C LEU X 62 28.18 -15.03 -43.19
N GLU X 63 29.45 -14.84 -42.90
CA GLU X 63 30.14 -13.59 -43.17
C GLU X 63 31.31 -13.84 -44.10
N VAL X 64 31.48 -12.94 -45.09
CA VAL X 64 32.49 -13.09 -46.11
C VAL X 64 33.17 -11.74 -46.30
N SER X 65 34.49 -11.76 -46.47
CA SER X 65 35.28 -10.56 -46.70
C SER X 65 36.00 -10.67 -48.03
N VAL X 66 35.98 -9.57 -48.80
CA VAL X 66 36.61 -9.52 -50.11
C VAL X 66 37.49 -8.28 -50.17
N SER X 67 38.70 -8.43 -50.71
CA SER X 67 39.64 -7.32 -50.85
C SER X 67 39.98 -7.10 -52.31
N VAL X 68 40.10 -5.84 -52.70
CA VAL X 68 40.29 -5.46 -54.10
C VAL X 68 41.31 -4.34 -54.19
N ILE X 69 42.11 -4.36 -55.26
CA ILE X 69 43.09 -3.29 -55.48
C ILE X 69 42.36 -1.95 -55.55
N ALA X 70 42.90 -0.95 -54.86
CA ALA X 70 42.30 0.38 -54.91
C ALA X 70 42.41 0.96 -56.31
N GLY X 71 41.37 1.67 -56.72
CA GLY X 71 41.36 2.31 -58.01
C GLY X 71 40.91 1.45 -59.17
N SER X 72 40.64 0.17 -58.95
CA SER X 72 40.17 -0.69 -60.02
C SER X 72 38.69 -0.46 -60.27
N GLU X 73 38.21 -1.03 -61.37
CA GLU X 73 36.79 -0.89 -61.71
C GLU X 73 35.91 -1.63 -60.71
N ASP X 74 36.35 -2.81 -60.27
CA ASP X 74 35.59 -3.58 -59.29
C ASP X 74 35.43 -2.81 -58.00
N ASP X 75 36.44 -2.04 -57.60
CA ASP X 75 36.31 -1.19 -56.44
C ASP X 75 35.20 -0.17 -56.63
N ILE X 76 35.10 0.40 -57.83
CA ILE X 76 34.03 1.36 -58.11
C ILE X 76 32.66 0.70 -57.99
N ASN X 77 32.54 -0.51 -58.54
CA ASN X 77 31.25 -1.20 -58.47
C ASN X 77 30.87 -1.49 -57.02
N LEU X 78 31.82 -1.97 -56.23
CA LEU X 78 31.53 -2.28 -54.84
C LEU X 78 31.20 -1.01 -54.06
N ARG X 79 31.85 0.10 -54.39
CA ARG X 79 31.48 1.37 -53.78
C ARG X 79 30.06 1.76 -54.13
N ILE X 80 29.64 1.49 -55.37
CA ILE X 80 28.27 1.77 -55.77
C ILE X 80 27.29 0.98 -54.91
N LEU X 81 27.55 -0.31 -54.74
CA LEU X 81 26.68 -1.12 -53.89
C LEU X 81 26.66 -0.61 -52.46
N LEU X 82 27.82 -0.23 -51.93
CA LEU X 82 27.89 0.28 -50.57
C LEU X 82 27.06 1.55 -50.42
N ASN X 83 27.15 2.45 -51.40
CA ASN X 83 26.45 3.71 -51.33
C ASN X 83 24.94 3.53 -51.47
N SER X 84 24.50 2.54 -52.25
CA SER X 84 23.08 2.32 -52.45
C SER X 84 22.34 2.15 -51.13
N LYS X 85 21.20 2.80 -51.00
CA LYS X 85 20.45 2.88 -49.76
C LYS X 85 19.21 1.98 -49.80
N LYS X 86 18.96 1.27 -48.70
CA LYS X 86 17.78 0.41 -48.62
C LYS X 86 16.49 1.21 -48.59
N GLY X 87 16.55 2.48 -48.17
CA GLY X 87 15.34 3.26 -48.03
C GLY X 87 14.59 3.43 -49.33
N SER X 88 15.30 3.55 -50.44
CA SER X 88 14.67 3.66 -51.75
C SER X 88 14.22 2.29 -52.22
N PHE X 89 13.87 2.20 -53.50
CA PHE X 89 13.43 0.98 -54.17
C PHE X 89 12.05 0.55 -53.69
N ARG X 90 11.25 -0.01 -54.59
CA ARG X 90 9.93 -0.48 -54.22
C ARG X 90 10.04 -1.73 -53.36
N PHE X 91 9.15 -1.83 -52.38
CA PHE X 91 9.19 -2.94 -51.45
C PHE X 91 8.73 -4.23 -52.11
N LEU X 92 9.16 -5.35 -51.53
CA LEU X 92 8.78 -6.69 -51.96
C LEU X 92 8.23 -7.43 -50.75
N PRO X 93 7.43 -8.49 -50.96
CA PRO X 93 6.83 -9.19 -49.83
C PRO X 93 7.84 -9.97 -49.00
N GLY X 94 8.73 -9.25 -48.32
CA GLY X 94 9.68 -9.84 -47.39
C GLY X 94 10.77 -10.67 -48.02
N ILE X 95 11.49 -10.11 -48.99
CA ILE X 95 12.59 -10.84 -49.61
C ILE X 95 13.86 -10.00 -49.46
N ILE X 96 13.96 -9.25 -48.36
CA ILE X 96 15.19 -8.53 -48.03
C ILE X 96 15.55 -7.58 -49.16
N PRO X 97 14.89 -6.42 -49.25
CA PRO X 97 15.00 -5.58 -50.44
C PRO X 97 16.43 -5.41 -50.91
N ASP X 98 16.62 -5.52 -52.23
CA ASP X 98 17.93 -5.51 -52.88
C ASP X 98 18.77 -6.68 -52.33
N MET X 99 18.28 -7.88 -52.65
CA MET X 99 18.98 -9.11 -52.26
C MET X 99 20.04 -9.44 -53.29
N THR X 100 21.25 -9.73 -52.82
CA THR X 100 22.41 -9.92 -53.68
C THR X 100 22.85 -11.38 -53.65
N THR X 101 23.14 -11.91 -54.84
CA THR X 101 23.57 -13.29 -54.99
C THR X 101 24.99 -13.32 -55.52
N LEU X 102 25.82 -14.19 -54.94
CA LEU X 102 27.22 -14.30 -55.29
C LEU X 102 27.51 -15.73 -55.75
N VAL X 103 28.31 -15.85 -56.81
CA VAL X 103 28.74 -17.14 -57.33
C VAL X 103 30.25 -17.13 -57.45
N ALA X 104 30.91 -18.10 -56.83
CA ALA X 104 32.36 -18.18 -56.82
C ALA X 104 32.82 -19.43 -57.55
N THR X 105 33.85 -19.27 -58.37
CA THR X 105 34.38 -20.34 -59.20
C THR X 105 35.79 -20.71 -58.73
N LEU X 106 35.99 -21.96 -58.41
CA LEU X 106 37.32 -22.41 -58.05
C LEU X 106 38.10 -22.81 -59.31
N PRO X 107 39.43 -22.76 -59.25
CA PRO X 107 40.22 -23.09 -60.45
C PRO X 107 39.98 -24.49 -60.98
N ASP X 108 39.84 -25.48 -60.10
CA ASP X 108 39.70 -26.85 -60.58
C ASP X 108 38.36 -27.08 -61.26
N GLY X 109 37.34 -26.31 -60.87
CA GLY X 109 36.02 -26.47 -61.42
C GLY X 109 34.94 -26.39 -60.37
N GLY X 110 35.34 -26.36 -59.10
CA GLY X 110 34.38 -26.26 -58.02
C GLY X 110 33.65 -24.94 -58.04
N ARG X 111 32.39 -24.97 -57.61
CA ARG X 111 31.52 -23.80 -57.68
C ARG X 111 30.60 -23.79 -56.48
N THR X 112 30.33 -22.58 -55.97
CA THR X 112 29.46 -22.39 -54.82
C THR X 112 28.62 -21.16 -55.05
N VAL X 113 27.36 -21.22 -54.64
CA VAL X 113 26.42 -20.12 -54.82
C VAL X 113 25.85 -19.71 -53.46
N LEU X 114 25.76 -18.42 -53.23
CA LEU X 114 25.25 -17.87 -51.99
C LEU X 114 24.18 -16.84 -52.30
N SER X 115 23.09 -16.85 -51.53
CA SER X 115 21.96 -15.95 -51.78
C SER X 115 21.38 -15.49 -50.46
N ASN X 116 20.37 -14.62 -50.55
CA ASN X 116 19.70 -14.05 -49.39
C ASN X 116 20.69 -13.31 -48.48
N GLY X 117 21.26 -12.26 -49.04
CA GLY X 117 22.22 -11.47 -48.30
C GLY X 117 22.53 -10.17 -49.00
N THR X 118 23.27 -9.32 -48.30
CA THR X 118 23.56 -7.99 -48.80
C THR X 118 24.90 -7.52 -48.26
N ILE X 119 25.46 -6.51 -48.90
CA ILE X 119 26.71 -5.91 -48.44
C ILE X 119 26.47 -5.27 -47.07
N LEU X 120 27.51 -5.26 -46.25
CA LEU X 120 27.35 -4.82 -44.86
C LEU X 120 28.21 -3.61 -44.52
N LYS X 121 29.50 -3.63 -44.84
CA LYS X 121 30.36 -2.51 -44.49
C LYS X 121 31.58 -2.47 -45.39
N GLY X 122 32.21 -1.30 -45.45
CA GLY X 122 33.36 -1.09 -46.29
C GLY X 122 33.93 0.30 -46.16
N PRO X 123 34.99 0.60 -46.88
CA PRO X 123 35.60 1.93 -46.81
C PRO X 123 34.88 2.92 -47.72
N ALA X 124 35.11 4.20 -47.45
CA ALA X 124 34.53 5.27 -48.24
C ALA X 124 35.55 6.24 -48.82
N ILE X 125 36.82 6.10 -48.46
CA ILE X 125 37.86 6.99 -48.97
C ILE X 125 39.19 6.24 -48.93
N ASP X 126 40.06 6.54 -49.87
CA ASP X 126 41.33 5.86 -49.98
C ASP X 126 42.23 6.19 -48.79
N THR X 127 43.11 5.26 -48.45
CA THR X 127 43.99 5.36 -47.31
C THR X 127 45.44 5.31 -47.78
N ILE X 128 46.29 6.14 -47.18
CA ILE X 128 47.71 6.20 -47.51
C ILE X 128 48.51 5.69 -46.33
N GLN X 129 49.44 4.77 -46.58
CA GLN X 129 50.37 4.33 -45.56
C GLN X 129 51.65 5.13 -45.63
N ASN X 130 52.49 4.95 -44.61
CA ASN X 130 53.75 5.69 -44.55
C ASN X 130 54.66 5.35 -45.72
N THR X 131 54.54 4.14 -46.27
CA THR X 131 55.35 3.75 -47.41
C THR X 131 54.97 4.48 -48.69
N GLY X 132 53.86 5.21 -48.70
CA GLY X 132 53.43 5.94 -49.87
C GLY X 132 52.55 5.17 -50.82
N ARG X 133 52.23 3.91 -50.52
CA ARG X 133 51.40 3.09 -51.38
C ARG X 133 50.04 2.92 -50.75
N ARG X 134 48.99 3.10 -51.54
CA ARG X 134 47.62 2.92 -51.05
C ARG X 134 47.40 1.48 -50.64
N LYS X 135 46.34 1.25 -49.87
CA LYS X 135 46.05 -0.07 -49.34
C LYS X 135 44.80 -0.64 -50.00
N GLY X 136 44.76 -1.96 -50.11
CA GLY X 136 43.65 -2.64 -50.76
C GLY X 136 42.38 -2.51 -49.93
N ASN X 137 41.30 -2.10 -50.59
CA ASN X 137 40.03 -1.90 -49.91
C ASN X 137 39.39 -3.25 -49.59
N THR X 138 38.74 -3.34 -48.44
CA THR X 138 38.10 -4.57 -48.00
C THR X 138 36.62 -4.34 -47.73
N TYR X 139 35.79 -5.30 -48.14
CA TYR X 139 34.35 -5.21 -47.97
C TYR X 139 33.84 -6.49 -47.32
N THR X 140 32.76 -6.36 -46.57
CA THR X 140 32.18 -7.46 -45.81
C THR X 140 30.74 -7.70 -46.24
N PHE X 141 30.40 -8.96 -46.46
CA PHE X 141 29.06 -9.37 -46.85
C PHE X 141 28.41 -10.17 -45.74
N VAL X 142 27.18 -10.63 -45.98
CA VAL X 142 26.50 -11.55 -45.09
C VAL X 142 25.48 -12.30 -45.93
N PHE X 143 25.24 -13.55 -45.57
CA PHE X 143 24.35 -14.40 -46.34
C PHE X 143 23.56 -15.30 -45.41
N GLY X 144 22.41 -15.77 -45.90
CA GLY X 144 21.56 -16.62 -45.11
C GLY X 144 21.39 -18.01 -45.70
N SER X 145 21.52 -18.13 -47.01
CA SER X 145 21.33 -19.41 -47.70
C SER X 145 22.69 -20.02 -48.01
N TYR X 146 23.00 -21.15 -47.40
CA TYR X 146 24.28 -21.82 -47.57
C TYR X 146 24.21 -22.83 -48.70
N LEU X 147 23.76 -22.40 -49.88
CA LEU X 147 23.41 -23.35 -50.94
C LEU X 147 24.59 -24.27 -51.22
N GLY X 148 24.39 -25.56 -50.92
CA GLY X 148 25.48 -26.49 -50.86
C GLY X 148 25.98 -26.96 -52.21
N ALA X 149 26.61 -26.06 -52.97
CA ALA X 149 27.22 -26.42 -54.24
C ALA X 149 28.72 -26.63 -53.99
N GLN X 150 29.18 -27.87 -54.17
CA GLN X 150 30.60 -28.19 -54.11
C GLN X 150 30.97 -29.17 -55.22
N THR X 151 30.31 -29.07 -56.37
CA THR X 151 30.51 -30.02 -57.45
C THR X 151 31.92 -29.88 -58.03
N ALA X 152 32.29 -30.85 -58.86
CA ALA X 152 33.60 -30.85 -59.50
C ALA X 152 33.47 -30.67 -61.01
N MET Y 1 -22.97 58.86 -12.81
CA MET Y 1 -23.28 57.46 -13.06
C MET Y 1 -22.56 56.56 -12.07
N ALA Y 2 -21.23 56.59 -12.11
CA ALA Y 2 -20.39 55.81 -11.20
C ALA Y 2 -20.01 56.58 -9.95
N ASN Y 3 -20.57 57.77 -9.75
CA ASN Y 3 -20.24 58.57 -8.60
C ASN Y 3 -20.70 57.90 -7.31
N TYR Y 4 -19.92 58.08 -6.26
CA TYR Y 4 -20.29 57.67 -4.92
C TYR Y 4 -20.48 58.92 -4.07
N ASN Y 5 -21.65 59.05 -3.45
CA ASN Y 5 -21.89 60.15 -2.51
C ASN Y 5 -21.20 59.78 -1.21
N TYR Y 6 -19.89 60.04 -1.17
CA TYR Y 6 -19.06 59.63 -0.06
C TYR Y 6 -19.19 60.55 1.15
N ILE Y 7 -19.95 61.63 1.05
CA ILE Y 7 -20.30 62.45 2.21
C ILE Y 7 -21.72 62.09 2.62
N VAL Y 8 -21.90 61.72 3.89
CA VAL Y 8 -23.19 61.29 4.40
C VAL Y 8 -23.43 61.96 5.75
N ASP Y 9 -24.56 61.61 6.36
CA ASP Y 9 -24.91 62.17 7.66
C ASP Y 9 -23.89 61.78 8.72
N THR Y 10 -23.45 60.53 8.70
CA THR Y 10 -22.51 60.06 9.71
C THR Y 10 -21.15 60.73 9.58
N GLY Y 11 -20.75 61.08 8.37
CA GLY Y 11 -19.47 61.73 8.17
C GLY Y 11 -19.04 61.63 6.71
N VAL Y 12 -17.74 61.56 6.50
CA VAL Y 12 -17.14 61.42 5.19
C VAL Y 12 -16.52 60.04 5.08
N ILE Y 13 -16.60 59.45 3.89
CA ILE Y 13 -16.13 58.08 3.64
C ILE Y 13 -14.90 58.16 2.77
N VAL Y 14 -13.91 57.32 3.06
CA VAL Y 14 -12.72 57.19 2.23
C VAL Y 14 -12.57 55.74 1.81
N ALA Y 15 -12.31 55.52 0.53
CA ALA Y 15 -12.14 54.20 -0.04
C ALA Y 15 -10.68 53.97 -0.40
N ASP Y 16 -10.32 52.70 -0.52
CA ASP Y 16 -8.96 52.35 -0.87
C ASP Y 16 -8.66 52.69 -2.32
N THR Y 17 -7.37 52.90 -2.60
CA THR Y 17 -6.97 53.36 -3.93
C THR Y 17 -7.33 52.34 -5.00
N ALA Y 18 -7.37 51.06 -4.65
CA ALA Y 18 -7.75 50.04 -5.63
C ALA Y 18 -9.17 50.26 -6.12
N ASP Y 19 -10.08 50.61 -5.22
CA ASP Y 19 -11.49 50.78 -5.60
C ASP Y 19 -11.67 51.95 -6.56
N VAL Y 20 -11.08 53.10 -6.24
CA VAL Y 20 -11.20 54.25 -7.12
C VAL Y 20 -10.50 53.96 -8.45
N LEU Y 21 -9.38 53.25 -8.41
CA LEU Y 21 -8.71 52.89 -9.66
C LEU Y 21 -9.60 52.03 -10.54
N SER Y 22 -10.25 51.03 -9.94
CA SER Y 22 -11.15 50.17 -10.70
C SER Y 22 -12.33 50.95 -11.26
N ASP Y 23 -12.86 51.90 -10.48
CA ASP Y 23 -13.98 52.70 -10.97
C ASP Y 23 -13.57 53.55 -12.16
N VAL Y 24 -12.40 54.17 -12.10
CA VAL Y 24 -11.93 54.97 -13.23
C VAL Y 24 -11.70 54.10 -14.46
N GLU Y 25 -11.14 52.90 -14.23
CA GLU Y 25 -10.95 51.97 -15.34
C GLU Y 25 -12.26 51.62 -15.99
N ALA Y 26 -13.30 51.35 -15.19
CA ALA Y 26 -14.61 51.05 -15.74
C ALA Y 26 -15.16 52.24 -16.52
N GLU Y 27 -14.96 53.44 -16.00
CA GLU Y 27 -15.45 54.63 -16.69
C GLU Y 27 -14.83 54.75 -18.09
N PHE Y 28 -13.50 54.69 -18.17
CA PHE Y 28 -12.87 54.81 -19.49
C PHE Y 28 -13.19 53.63 -20.38
N ARG Y 29 -13.31 52.42 -19.82
CA ARG Y 29 -13.65 51.27 -20.65
C ARG Y 29 -15.02 51.44 -21.29
N ALA Y 30 -15.99 51.96 -20.52
CA ALA Y 30 -17.28 52.28 -21.12
C ALA Y 30 -17.16 53.46 -22.08
N ALA Y 31 -16.19 54.35 -21.85
CA ALA Y 31 -16.07 55.54 -22.68
C ALA Y 31 -15.62 55.22 -24.09
N LEU Y 32 -14.72 54.23 -24.24
CA LEU Y 32 -14.13 53.91 -25.54
C LEU Y 32 -14.57 52.54 -26.04
N GLY Y 33 -14.35 51.50 -25.26
CA GLY Y 33 -14.73 50.16 -25.66
C GLY Y 33 -14.19 49.11 -24.72
N ALA Y 34 -14.75 47.90 -24.77
CA ALA Y 34 -14.31 46.84 -23.87
C ALA Y 34 -12.97 46.25 -24.26
N ASN Y 35 -12.44 46.59 -25.43
CA ASN Y 35 -11.20 46.01 -25.94
C ASN Y 35 -10.03 46.96 -25.83
N ILE Y 36 -10.12 47.99 -25.01
CA ILE Y 36 -9.03 48.94 -24.88
C ILE Y 36 -7.94 48.35 -23.98
N ASN Y 37 -6.73 48.87 -24.15
CA ASN Y 37 -5.59 48.47 -23.33
C ASN Y 37 -5.32 49.56 -22.30
N LEU Y 38 -5.26 49.16 -21.03
CA LEU Y 38 -5.05 50.10 -19.92
C LEU Y 38 -3.78 49.67 -19.19
N ALA Y 39 -2.65 50.20 -19.63
CA ALA Y 39 -1.36 49.98 -19.00
C ALA Y 39 -0.63 51.31 -18.89
N ALA Y 40 0.42 51.33 -18.07
CA ALA Y 40 1.12 52.57 -17.82
C ALA Y 40 1.70 53.16 -19.10
N SER Y 41 2.28 52.32 -19.95
CA SER Y 41 2.99 52.83 -21.11
C SER Y 41 2.08 53.57 -22.07
N THR Y 42 0.89 53.05 -22.34
CA THR Y 42 0.01 53.65 -23.33
C THR Y 42 -0.57 54.95 -22.80
N PRO Y 43 -0.81 55.94 -23.68
CA PRO Y 43 -1.27 57.26 -23.19
C PRO Y 43 -2.55 57.21 -22.38
N GLN Y 44 -3.55 56.44 -22.80
CA GLN Y 44 -4.79 56.40 -22.04
C GLN Y 44 -4.57 55.82 -20.65
N GLY Y 45 -3.59 54.93 -20.50
CA GLY Y 45 -3.22 54.49 -19.17
C GLY Y 45 -2.70 55.63 -18.30
N SER Y 46 -1.92 56.52 -18.90
CA SER Y 46 -1.47 57.71 -18.18
C SER Y 46 -2.65 58.58 -17.79
N LEU Y 47 -3.64 58.70 -18.67
CA LEU Y 47 -4.84 59.44 -18.31
C LEU Y 47 -5.57 58.79 -17.14
N VAL Y 48 -5.65 57.46 -17.14
CA VAL Y 48 -6.27 56.76 -16.02
C VAL Y 48 -5.53 57.09 -14.73
N ALA Y 49 -4.20 57.03 -14.77
CA ALA Y 49 -3.42 57.29 -13.57
C ALA Y 49 -3.64 58.72 -13.08
N ALA Y 50 -3.63 59.69 -13.99
CA ALA Y 50 -3.83 61.07 -13.59
C ALA Y 50 -5.20 61.28 -12.97
N GLU Y 51 -6.23 60.72 -13.58
CA GLU Y 51 -7.58 60.87 -13.05
C GLU Y 51 -7.70 60.23 -11.67
N ALA Y 52 -7.14 59.04 -11.50
CA ALA Y 52 -7.24 58.36 -10.21
C ALA Y 52 -6.53 59.15 -9.12
N ILE Y 53 -5.33 59.63 -9.41
CA ILE Y 53 -4.60 60.42 -8.42
C ILE Y 53 -5.37 61.68 -8.07
N ALA Y 54 -5.91 62.37 -9.08
CA ALA Y 54 -6.64 63.61 -8.81
C ALA Y 54 -7.84 63.35 -7.92
N ARG Y 55 -8.64 62.35 -8.27
CA ARG Y 55 -9.85 62.07 -7.50
C ARG Y 55 -9.50 61.70 -6.06
N SER Y 56 -8.55 60.78 -5.88
CA SER Y 56 -8.20 60.36 -4.54
C SER Y 56 -7.64 61.52 -3.73
N SER Y 57 -6.80 62.34 -4.33
CA SER Y 57 -6.18 63.44 -3.60
C SER Y 57 -7.22 64.46 -3.16
N VAL Y 58 -8.09 64.87 -4.08
CA VAL Y 58 -9.08 65.88 -3.72
C VAL Y 58 -10.03 65.33 -2.66
N MET Y 59 -10.40 64.06 -2.77
CA MET Y 59 -11.34 63.50 -1.81
C MET Y 59 -10.71 63.38 -0.42
N ARG Y 60 -9.45 62.94 -0.35
CA ARG Y 60 -8.76 62.90 0.93
C ARG Y 60 -8.62 64.29 1.54
N ASN Y 61 -8.24 65.27 0.72
CA ASN Y 61 -8.06 66.62 1.23
C ASN Y 61 -9.36 67.18 1.77
N GLU Y 62 -10.47 66.94 1.07
CA GLU Y 62 -11.76 67.38 1.58
C GLU Y 62 -12.10 66.68 2.89
N ALA Y 63 -11.79 65.38 2.99
CA ALA Y 63 -12.01 64.69 4.25
C ALA Y 63 -11.11 65.19 5.37
N ARG Y 64 -10.02 65.89 5.03
CA ARG Y 64 -9.08 66.33 6.07
C ARG Y 64 -9.72 67.35 7.00
N ILE Y 65 -10.50 68.28 6.46
CA ILE Y 65 -11.01 69.41 7.24
C ILE Y 65 -12.52 69.28 7.44
N ALA Y 66 -13.00 68.04 7.51
CA ALA Y 66 -14.44 67.82 7.65
C ALA Y 66 -14.97 68.40 8.96
N ASN Y 67 -14.21 68.26 10.04
CA ASN Y 67 -14.59 68.81 11.34
C ASN Y 67 -13.54 69.82 11.78
N THR Y 68 -13.98 71.02 12.10
CA THR Y 68 -13.05 72.05 12.55
C THR Y 68 -13.47 72.73 13.85
N ILE Y 69 -14.77 72.92 14.06
CA ILE Y 69 -15.22 73.68 15.23
C ILE Y 69 -14.87 72.96 16.52
N ASN Y 70 -14.91 71.64 16.51
CA ASN Y 70 -14.53 70.87 17.69
C ASN Y 70 -13.06 71.16 18.01
N PRO Y 71 -12.73 71.41 19.28
CA PRO Y 71 -11.38 71.85 19.61
C PRO Y 71 -10.33 70.75 19.52
N ASN Y 72 -10.66 69.62 18.91
CA ASN Y 72 -9.65 68.60 18.67
C ASN Y 72 -8.69 68.99 17.54
N VAL Y 73 -9.13 69.85 16.63
CA VAL Y 73 -8.35 70.19 15.43
C VAL Y 73 -7.13 71.00 15.81
N SER Y 74 -6.22 71.20 14.85
CA SER Y 74 -4.97 71.88 15.12
C SER Y 74 -4.54 72.65 13.88
N PHE Y 75 -3.33 73.23 13.95
CA PHE Y 75 -2.59 73.75 12.80
C PHE Y 75 -3.36 74.87 12.09
N GLY Y 76 -3.52 75.98 12.81
CA GLY Y 76 -4.00 77.20 12.18
C GLY Y 76 -5.48 77.46 12.34
N THR Y 77 -6.32 76.54 11.87
CA THR Y 77 -7.75 76.66 12.13
C THR Y 77 -8.00 76.67 13.63
N PHE Y 78 -7.40 75.72 14.35
CA PHE Y 78 -7.47 75.74 15.81
C PHE Y 78 -6.80 76.98 16.38
N LEU Y 79 -5.74 77.47 15.74
CA LEU Y 79 -5.08 78.67 16.23
C LEU Y 79 -6.04 79.84 16.28
N ASP Y 80 -6.78 80.06 15.19
CA ASP Y 80 -7.77 81.13 15.20
C ASP Y 80 -8.91 80.82 16.17
N ALA Y 81 -9.31 79.55 16.25
CA ALA Y 81 -10.41 79.19 17.15
C ALA Y 81 -10.06 79.53 18.59
N ILE Y 82 -8.81 79.30 18.99
CA ILE Y 82 -8.42 79.61 20.37
C ILE Y 82 -8.09 81.09 20.53
N CYS Y 83 -7.52 81.74 19.50
CA CYS Y 83 -7.24 83.16 19.60
C CYS Y 83 -8.50 84.00 19.65
N ALA Y 84 -9.64 83.44 19.25
CA ALA Y 84 -10.91 84.13 19.46
C ALA Y 84 -11.08 84.53 20.91
N LEU Y 85 -10.64 83.68 21.83
CA LEU Y 85 -10.63 84.01 23.25
C LEU Y 85 -9.28 84.59 23.67
N MET Y 86 -8.23 83.79 23.55
CA MET Y 86 -6.87 84.21 23.86
C MET Y 86 -5.93 83.10 23.41
N GLY Y 87 -4.79 83.48 22.85
CA GLY Y 87 -3.81 82.51 22.42
C GLY Y 87 -2.70 83.13 21.61
N ILE Y 88 -1.47 82.71 21.87
CA ILE Y 88 -0.29 83.23 21.19
C ILE Y 88 0.38 82.09 20.46
N GLU Y 89 0.81 82.35 19.23
CA GLU Y 89 1.55 81.39 18.42
C GLU Y 89 2.86 82.03 17.99
N ARG Y 90 3.55 81.39 17.05
CA ARG Y 90 4.92 81.74 16.70
C ARG Y 90 5.75 81.67 17.98
N GLY Y 91 6.14 82.82 18.52
CA GLY Y 91 7.02 82.84 19.65
C GLY Y 91 8.28 82.05 19.34
N SER Y 92 8.69 82.09 18.07
CA SER Y 92 9.87 81.37 17.61
C SER Y 92 11.00 82.37 17.47
N ASP Y 93 11.65 82.65 18.58
CA ASP Y 93 12.69 83.66 18.64
C ASP Y 93 13.92 83.09 19.32
N LEU Y 94 15.09 83.56 18.88
CA LEU Y 94 16.36 83.15 19.47
C LEU Y 94 17.10 84.40 19.94
N SER Y 95 17.67 84.32 21.13
CA SER Y 95 18.17 85.51 21.80
C SER Y 95 19.44 86.05 21.15
N THR Y 96 19.28 87.00 20.24
CA THR Y 96 20.42 87.73 19.73
C THR Y 96 20.98 88.62 20.83
N PHE Y 97 22.30 88.77 20.86
CA PHE Y 97 22.99 89.45 21.95
C PHE Y 97 23.64 90.75 21.46
N GLY Y 98 24.40 91.36 22.37
CA GLY Y 98 25.22 92.51 22.05
C GLY Y 98 26.32 92.61 23.09
N TYR Y 99 27.34 93.40 22.75
CA TYR Y 99 28.46 93.68 23.66
C TYR Y 99 29.18 92.38 24.06
N GLY Y 100 29.77 91.73 23.05
CA GLY Y 100 30.67 90.63 23.32
C GLY Y 100 32.06 91.13 23.70
N VAL Y 101 32.86 90.22 24.26
CA VAL Y 101 34.22 90.54 24.69
C VAL Y 101 35.18 89.61 23.99
N GLN Y 102 36.14 90.18 23.25
CA GLN Y 102 37.10 89.40 22.48
C GLN Y 102 38.47 90.09 22.56
N VAL Y 103 39.48 89.33 22.95
CA VAL Y 103 40.87 89.79 22.96
C VAL Y 103 41.68 88.88 22.05
N THR Y 104 42.55 89.48 21.25
CA THR Y 104 43.34 88.76 20.27
C THR Y 104 44.44 89.69 19.76
N GLY Y 105 45.14 89.25 18.72
CA GLY Y 105 46.18 90.05 18.12
C GLY Y 105 45.62 91.24 17.37
N ARG Y 106 46.54 92.10 16.94
CA ARG Y 106 46.18 93.36 16.32
C ARG Y 106 45.85 93.20 14.85
N SER Y 107 44.93 94.04 14.37
CA SER Y 107 44.59 94.17 12.95
C SER Y 107 44.26 92.83 12.31
N GLN Y 108 43.18 92.21 12.79
CA GLN Y 108 42.70 90.97 12.23
C GLN Y 108 41.18 91.00 12.19
N THR Y 109 40.61 90.15 11.35
CA THR Y 109 39.17 90.05 11.17
C THR Y 109 38.71 88.65 11.54
N ARG Y 110 37.68 88.57 12.37
CA ARG Y 110 37.05 87.29 12.70
C ARG Y 110 35.94 87.02 11.70
N ILE Y 111 36.06 85.93 10.95
CA ILE Y 111 35.06 85.61 9.95
C ILE Y 111 33.73 85.33 10.63
N SER Y 112 32.64 85.63 9.92
CA SER Y 112 31.31 85.44 10.46
C SER Y 112 31.05 83.97 10.74
N THR Y 113 30.01 83.71 11.53
CA THR Y 113 29.54 82.36 11.84
C THR Y 113 30.63 81.50 12.46
N GLY Y 114 31.41 82.08 13.37
CA GLY Y 114 32.25 81.29 14.24
C GLY Y 114 31.43 80.55 15.29
N SER Y 115 32.05 79.55 15.90
CA SER Y 115 31.36 78.69 16.86
C SER Y 115 31.96 78.87 18.25
N ARG Y 116 31.09 79.12 19.22
CA ARG Y 116 31.47 79.21 20.62
C ARG Y 116 30.58 78.31 21.46
N VAL Y 117 31.09 77.85 22.59
CA VAL Y 117 30.40 76.90 23.44
C VAL Y 117 30.42 77.40 24.88
N GLN Y 118 29.41 77.01 25.64
CA GLN Y 118 29.31 77.27 27.07
C GLN Y 118 29.51 75.96 27.83
N THR Y 119 29.74 76.07 29.14
CA THR Y 119 30.04 74.90 29.95
C THR Y 119 29.00 73.78 29.86
N PRO Y 120 27.67 74.04 29.81
CA PRO Y 120 26.74 72.93 29.60
C PRO Y 120 26.66 72.51 28.15
N ALA Y 121 27.65 72.91 27.35
CA ALA Y 121 27.80 72.49 25.95
C ALA Y 121 26.68 73.07 25.07
N GLY Y 122 26.33 74.33 25.30
CA GLY Y 122 25.46 75.04 24.38
C GLY Y 122 26.26 75.71 23.28
N ALA Y 123 25.81 75.53 22.04
CA ALA Y 123 26.52 76.05 20.89
C ALA Y 123 25.96 77.42 20.52
N ILE Y 124 26.84 78.41 20.42
CA ILE Y 124 26.46 79.78 20.12
C ILE Y 124 27.31 80.26 18.94
N PHE Y 125 26.66 80.86 17.95
CA PHE Y 125 27.31 81.34 16.75
C PHE Y 125 27.42 82.86 16.79
N THR Y 126 28.31 83.42 15.97
CA THR Y 126 28.41 84.86 15.87
C THR Y 126 27.65 85.34 14.64
N VAL Y 127 27.59 86.65 14.46
CA VAL Y 127 26.73 87.27 13.44
C VAL Y 127 27.56 87.96 12.36
N MET Y 128 28.33 88.98 12.73
CA MET Y 128 29.02 89.81 11.74
C MET Y 128 30.50 89.91 12.06
N SER Y 129 31.30 89.95 10.99
CA SER Y 129 32.74 90.11 11.12
C SER Y 129 33.09 91.53 11.56
N ASP Y 130 34.27 91.68 12.15
CA ASP Y 130 34.75 92.98 12.57
C ASP Y 130 36.27 92.92 12.72
N VAL Y 131 36.89 94.09 12.64
CA VAL Y 131 38.33 94.22 12.84
C VAL Y 131 38.62 94.18 14.34
N THR Y 132 39.89 94.04 14.70
CA THR Y 132 40.31 94.06 16.09
C THR Y 132 41.22 95.25 16.33
N ILE Y 133 40.92 96.02 17.37
CA ILE Y 133 41.72 97.18 17.78
C ILE Y 133 43.06 96.65 18.27
N PRO Y 134 44.16 97.39 18.09
CA PRO Y 134 45.44 96.93 18.64
C PRO Y 134 45.44 96.76 20.15
N ALA Y 135 44.54 97.42 20.87
CA ALA Y 135 44.47 97.21 22.31
C ALA Y 135 44.08 95.78 22.65
N GLY Y 136 43.13 95.21 21.91
CA GLY Y 136 42.68 93.87 22.18
C GLY Y 136 41.29 93.82 22.79
N GLY Y 137 40.40 94.69 22.33
CA GLY Y 137 39.04 94.67 22.82
C GLY Y 137 38.03 95.08 21.77
N VAL Y 138 37.03 94.22 21.53
CA VAL Y 138 35.98 94.48 20.56
C VAL Y 138 34.67 93.93 21.08
N ALA Y 139 33.58 94.36 20.45
CA ALA Y 139 32.23 93.93 20.80
C ALA Y 139 31.65 93.08 19.69
N THR Y 140 31.03 91.96 20.05
CA THR Y 140 30.52 90.99 19.09
C THR Y 140 29.01 90.86 19.24
N ILE Y 141 28.40 90.21 18.24
CA ILE Y 141 26.98 89.92 18.24
C ILE Y 141 26.79 88.43 18.04
N ASP Y 142 25.98 87.81 18.89
CA ASP Y 142 25.89 86.36 18.94
C ASP Y 142 24.48 85.87 18.61
N ILE Y 143 24.42 84.57 18.34
CA ILE Y 143 23.16 83.86 18.10
C ILE Y 143 23.47 82.38 18.26
N LYS Y 144 22.43 81.59 18.48
CA LYS Y 144 22.61 80.18 18.77
C LYS Y 144 22.23 79.30 17.59
N SER Y 145 22.56 78.01 17.70
CA SER Y 145 22.20 77.06 16.66
C SER Y 145 20.72 76.71 16.76
N GLN Y 146 20.30 76.14 17.88
CA GLN Y 146 18.90 75.77 18.08
C GLN Y 146 18.09 76.99 18.49
N GLU Y 147 16.89 77.10 17.94
CA GLU Y 147 15.99 78.22 18.23
C GLU Y 147 15.20 77.88 19.49
N TYR Y 148 15.86 78.06 20.63
CA TYR Y 148 15.28 77.71 21.92
C TYR Y 148 15.49 78.83 22.92
N GLY Y 149 14.65 78.86 23.96
CA GLY Y 149 14.79 79.82 25.02
C GLY Y 149 15.94 79.48 25.93
N ASN Y 150 17.15 79.49 25.37
CA ASN Y 150 18.31 78.97 26.06
C ASN Y 150 18.68 79.85 27.26
N ILE Y 151 19.31 79.23 28.25
CA ILE Y 151 19.84 79.95 29.40
C ILE Y 151 21.37 79.82 29.40
N PRO Y 152 22.08 80.86 28.98
CA PRO Y 152 23.55 80.80 28.98
C PRO Y 152 24.15 81.24 30.30
N LEU Y 153 24.96 80.38 30.90
CA LEU Y 153 25.58 80.70 32.18
C LEU Y 153 26.61 81.82 32.00
N PRO Y 154 26.66 82.77 32.92
CA PRO Y 154 27.69 83.81 32.86
C PRO Y 154 29.07 83.28 33.25
N VAL Y 155 29.72 82.57 32.33
CA VAL Y 155 31.06 82.04 32.54
C VAL Y 155 31.88 82.32 31.29
N GLY Y 156 33.20 82.39 31.47
CA GLY Y 156 34.08 82.51 30.32
C GLY Y 156 33.85 81.37 29.34
N ASN Y 157 33.70 81.74 28.06
CA ASN Y 157 33.31 80.79 27.03
C ASN Y 157 34.53 80.05 26.48
N LEU Y 158 34.24 79.05 25.66
CA LEU Y 158 35.26 78.31 24.93
C LEU Y 158 34.93 78.36 23.44
N ILE Y 159 35.98 78.46 22.62
CA ILE Y 159 35.85 78.60 21.18
C ILE Y 159 35.95 77.22 20.53
N ILE Y 160 34.97 76.90 19.69
CA ILE Y 160 34.98 75.63 18.97
C ILE Y 160 35.62 75.83 17.60
N ILE Y 161 35.02 76.66 16.76
CA ILE Y 161 35.60 77.03 15.47
C ILE Y 161 36.49 78.23 15.69
N ASP Y 162 37.79 78.06 15.49
CA ASP Y 162 38.79 79.04 15.93
C ASP Y 162 39.43 79.70 14.72
N GLY Y 163 39.40 81.03 14.72
CA GLY Y 163 40.23 81.79 13.81
C GLY Y 163 41.65 81.86 14.33
N THR Y 164 42.48 82.63 13.62
CA THR Y 164 43.87 82.75 14.02
C THR Y 164 43.99 83.64 15.25
N ILE Y 165 44.77 83.15 16.23
CA ILE Y 165 45.22 83.87 17.41
C ILE Y 165 44.08 84.59 18.13
N GLY Y 166 42.86 84.06 18.02
CA GLY Y 166 41.73 84.67 18.68
C GLY Y 166 41.17 83.87 19.83
N TRP Y 167 41.27 84.40 21.05
CA TRP Y 167 40.91 83.66 22.27
C TRP Y 167 39.93 84.45 23.12
N SER Y 168 39.62 83.85 24.27
CA SER Y 168 38.92 84.48 25.38
C SER Y 168 37.53 84.98 24.97
N GLY Y 169 36.68 84.03 24.62
CA GLY Y 169 35.27 84.33 24.59
C GLY Y 169 34.84 84.65 26.01
N ALA Y 170 34.60 85.93 26.29
CA ALA Y 170 34.40 86.39 27.65
C ALA Y 170 33.10 87.17 27.75
N LYS Y 171 32.53 87.16 28.94
CA LYS Y 171 31.27 87.84 29.18
C LYS Y 171 31.51 89.23 29.75
N VAL Y 172 30.48 90.06 29.65
CA VAL Y 172 30.37 91.30 30.39
C VAL Y 172 28.90 91.50 30.73
N ILE Y 173 28.63 92.01 31.93
CA ILE Y 173 27.23 92.25 32.30
C ILE Y 173 26.67 93.48 31.61
N ALA Y 174 27.53 94.31 31.01
CA ALA Y 174 27.05 95.39 30.17
C ALA Y 174 26.41 94.89 28.89
N SER Y 175 26.57 93.60 28.59
CA SER Y 175 25.95 93.01 27.40
C SER Y 175 24.43 92.98 27.57
N THR Y 176 23.72 93.35 26.50
CA THR Y 176 22.28 93.22 26.50
C THR Y 176 21.91 91.75 26.52
N ARG Y 177 21.03 91.37 27.43
CA ARG Y 177 20.62 90.00 27.63
C ARG Y 177 19.16 89.87 27.22
N VAL Y 178 18.86 88.91 26.35
CA VAL Y 178 17.52 88.75 25.80
C VAL Y 178 17.00 87.37 26.17
N ASP Y 179 15.76 87.33 26.65
CA ASP Y 179 15.09 86.05 26.89
C ASP Y 179 14.28 85.70 25.67
N PRO Y 180 14.62 84.62 24.96
CA PRO Y 180 13.88 84.28 23.74
C PRO Y 180 12.73 83.32 23.98
N GLY Y 181 11.59 83.62 23.38
CA GLY Y 181 10.51 82.67 23.34
C GLY Y 181 10.78 81.58 22.31
N SER Y 182 10.37 80.37 22.64
CA SER Y 182 10.66 79.21 21.79
C SER Y 182 9.44 78.31 21.70
N ARG Y 183 8.58 78.59 20.72
CA ARG Y 183 7.43 77.74 20.39
C ARG Y 183 6.76 77.22 21.65
N GLN Y 184 6.52 78.13 22.60
CA GLN Y 184 6.16 77.72 23.96
C GLN Y 184 4.91 76.85 23.97
N MET Y 185 3.91 77.23 23.19
CA MET Y 185 2.65 76.49 23.13
C MET Y 185 2.41 76.04 21.68
N SER Y 186 2.58 74.74 21.43
CA SER Y 186 2.46 74.21 20.07
C SER Y 186 1.01 73.86 19.71
N ASP Y 187 0.50 72.77 20.30
CA ASP Y 187 -0.83 72.27 19.94
C ASP Y 187 -1.71 71.83 21.11
N ALA Y 188 -1.14 71.41 22.23
CA ALA Y 188 -1.91 70.77 23.29
C ALA Y 188 -2.11 71.66 24.50
N GLU Y 189 -1.06 72.35 24.93
CA GLU Y 189 -1.23 73.33 26.01
C GLU Y 189 -2.18 74.44 25.61
N LEU Y 190 -2.40 74.66 24.32
CA LEU Y 190 -3.48 75.55 23.90
C LEU Y 190 -4.83 74.99 24.35
N LYS Y 191 -5.04 73.70 24.16
CA LYS Y 191 -6.27 73.08 24.63
C LYS Y 191 -6.37 73.13 26.14
N ASN Y 192 -5.23 72.95 26.82
CA ASN Y 192 -5.24 73.06 28.29
C ASN Y 192 -5.62 74.48 28.73
N ALA Y 193 -5.11 75.49 28.04
CA ALA Y 193 -5.46 76.87 28.37
C ALA Y 193 -6.94 77.13 28.10
N ARG Y 194 -7.47 76.59 27.01
CA ARG Y 194 -8.90 76.71 26.75
C ARG Y 194 -9.71 76.06 27.86
N VAL Y 195 -9.27 74.87 28.31
CA VAL Y 195 -9.96 74.20 29.40
C VAL Y 195 -9.93 75.06 30.66
N ASN Y 196 -8.77 75.64 30.96
CA ASN Y 196 -8.65 76.47 32.15
C ASN Y 196 -9.57 77.69 32.07
N ARG Y 197 -9.63 78.33 30.91
CA ARG Y 197 -10.49 79.50 30.77
C ARG Y 197 -11.96 79.13 30.91
N LEU Y 198 -12.39 78.04 30.28
CA LEU Y 198 -13.78 77.61 30.43
C LEU Y 198 -14.08 77.19 31.87
N ALA Y 199 -13.09 76.67 32.59
CA ALA Y 199 -13.29 76.41 34.01
C ALA Y 199 -13.43 77.71 34.79
N ILE Y 200 -12.66 78.74 34.42
CA ILE Y 200 -12.74 80.02 35.10
C ILE Y 200 -14.12 80.63 34.91
N GLN Y 201 -14.62 80.63 33.66
CA GLN Y 201 -15.92 81.25 33.40
C GLN Y 201 -17.09 80.46 33.95
N GLY Y 202 -16.89 79.18 34.30
CA GLY Y 202 -17.99 78.38 34.78
C GLY Y 202 -18.52 78.81 36.12
N ARG Y 203 -17.62 79.17 37.03
CA ARG Y 203 -18.01 79.49 38.41
C ARG Y 203 -18.82 80.79 38.46
N ASN Y 204 -19.70 80.87 39.45
CA ASN Y 204 -20.46 82.08 39.70
C ASN Y 204 -19.64 83.02 40.61
N SER Y 205 -20.28 84.06 41.12
CA SER Y 205 -19.56 85.07 41.88
C SER Y 205 -18.94 84.47 43.14
N THR Y 206 -19.74 83.81 43.97
CA THR Y 206 -19.25 83.30 45.24
C THR Y 206 -18.24 82.17 45.03
N MET Y 207 -18.55 81.24 44.13
CA MET Y 207 -17.65 80.12 43.88
C MET Y 207 -16.31 80.60 43.39
N ALA Y 208 -16.30 81.60 42.50
CA ALA Y 208 -15.04 82.15 42.02
C ALA Y 208 -14.24 82.75 43.16
N ILE Y 209 -14.92 83.48 44.05
CA ILE Y 209 -14.22 84.10 45.17
C ILE Y 209 -13.57 83.05 46.06
N LYS Y 210 -14.34 82.03 46.45
CA LYS Y 210 -13.79 81.03 47.36
C LYS Y 210 -12.70 80.22 46.69
N ALA Y 211 -12.85 79.92 45.39
CA ALA Y 211 -11.80 79.19 44.69
C ALA Y 211 -10.52 80.00 44.61
N TYR Y 212 -10.62 81.30 44.29
CA TYR Y 212 -9.43 82.11 44.19
C TYR Y 212 -8.74 82.28 45.54
N VAL Y 213 -9.52 82.54 46.59
CA VAL Y 213 -8.89 82.76 47.90
C VAL Y 213 -8.31 81.46 48.43
N SER Y 214 -8.90 80.32 48.07
CA SER Y 214 -8.33 79.04 48.48
C SER Y 214 -6.93 78.86 47.91
N ALA Y 215 -6.65 79.46 46.76
CA ALA Y 215 -5.35 79.35 46.12
C ALA Y 215 -4.30 80.27 46.74
N VAL Y 216 -4.71 81.23 47.57
CA VAL Y 216 -3.76 82.18 48.15
C VAL Y 216 -2.87 81.44 49.15
N PRO Y 217 -1.55 81.65 49.14
CA PRO Y 217 -0.68 80.93 50.07
C PRO Y 217 -0.98 81.29 51.51
N ASN Y 218 -0.79 80.31 52.39
CA ASN Y 218 -0.92 80.40 53.84
C ASN Y 218 -2.34 80.65 54.32
N VAL Y 219 -3.32 80.74 53.41
CA VAL Y 219 -4.70 80.95 53.83
C VAL Y 219 -5.27 79.62 54.32
N THR Y 220 -5.90 79.66 55.49
CA THR Y 220 -6.45 78.45 56.10
C THR Y 220 -7.91 78.23 55.72
N SER Y 221 -8.78 79.19 56.02
CA SER Y 221 -10.20 79.03 55.75
C SER Y 221 -10.82 80.37 55.40
N VAL Y 222 -11.94 80.31 54.69
CA VAL Y 222 -12.66 81.49 54.21
C VAL Y 222 -14.15 81.23 54.32
N ASN Y 223 -14.90 82.27 54.70
CA ASN Y 223 -16.35 82.23 54.69
C ASN Y 223 -16.90 83.39 53.86
N VAL Y 224 -17.92 83.11 53.05
CA VAL Y 224 -18.53 84.08 52.17
C VAL Y 224 -20.04 83.93 52.24
N ILE Y 225 -20.75 85.05 52.26
CA ILE Y 225 -22.21 85.04 52.23
C ILE Y 225 -22.69 86.33 51.57
N GLU Y 226 -23.81 86.24 50.87
CA GLU Y 226 -24.43 87.37 50.18
C GLU Y 226 -25.76 87.69 50.86
N ASN Y 227 -25.91 88.95 51.28
CA ASN Y 227 -27.15 89.35 51.95
C ASN Y 227 -28.32 89.36 50.98
N ASN Y 228 -28.14 89.97 49.80
CA ASN Y 228 -29.15 90.06 48.76
C ASN Y 228 -30.38 90.83 49.22
N THR Y 229 -30.36 91.34 50.44
CA THR Y 229 -31.46 92.10 51.02
C THR Y 229 -30.91 93.05 52.06
N GLY Y 230 -31.75 94.00 52.48
CA GLY Y 230 -31.43 94.93 53.54
C GLY Y 230 -31.72 94.44 54.95
N ALA Y 231 -32.27 93.25 55.10
CA ALA Y 231 -32.60 92.68 56.40
C ALA Y 231 -31.48 91.75 56.86
N VAL Y 232 -31.73 91.04 57.96
CA VAL Y 232 -30.75 90.07 58.48
C VAL Y 232 -30.94 88.75 57.77
N GLN Y 233 -29.82 88.13 57.39
CA GLN Y 233 -29.83 86.82 56.75
C GLN Y 233 -29.06 85.76 57.53
N VAL Y 234 -27.83 86.04 57.95
CA VAL Y 234 -27.16 85.23 58.96
C VAL Y 234 -26.70 86.16 60.07
N VAL Y 235 -26.17 87.32 59.68
CA VAL Y 235 -25.71 88.34 60.59
C VAL Y 235 -26.36 89.66 60.20
N ASN Y 236 -26.07 90.70 60.98
CA ASN Y 236 -26.73 91.99 60.79
C ASN Y 236 -26.21 92.69 59.55
N GLY Y 237 -26.61 92.20 58.37
CA GLY Y 237 -26.24 92.89 57.16
C GLY Y 237 -27.33 93.85 56.72
N VAL Y 238 -27.20 95.11 57.10
CA VAL Y 238 -28.20 96.12 56.78
C VAL Y 238 -27.43 97.32 56.25
N SER Y 239 -26.11 97.18 56.14
CA SER Y 239 -25.25 98.30 55.74
C SER Y 239 -25.70 98.87 54.40
N PHE Y 240 -25.59 98.08 53.34
CA PHE Y 240 -26.13 98.46 52.04
C PHE Y 240 -27.19 97.46 51.61
N THR Y 241 -27.71 97.61 50.39
CA THR Y 241 -28.67 96.65 49.87
C THR Y 241 -28.00 95.32 49.55
N LEU Y 242 -26.89 95.36 48.81
CA LEU Y 242 -26.18 94.14 48.39
C LEU Y 242 -24.66 94.36 48.43
N PRO Y 243 -24.06 94.33 49.62
CA PRO Y 243 -22.58 94.32 49.69
C PRO Y 243 -22.00 92.94 49.43
N TYR Y 244 -20.69 92.81 49.59
CA TYR Y 244 -20.05 91.52 49.79
C TYR Y 244 -19.80 91.33 51.28
N ALA Y 245 -20.39 90.28 51.85
CA ALA Y 245 -20.15 89.91 53.25
C ALA Y 245 -19.09 88.81 53.22
N VAL Y 246 -17.83 89.21 53.41
CA VAL Y 246 -16.69 88.34 53.19
C VAL Y 246 -15.84 88.29 54.45
N TRP Y 247 -15.41 87.09 54.82
CA TRP Y 247 -14.50 86.89 55.94
C TRP Y 247 -13.40 85.92 55.52
N VAL Y 248 -12.17 86.25 55.85
CA VAL Y 248 -11.01 85.45 55.45
C VAL Y 248 -10.13 85.21 56.65
N CYS Y 249 -9.64 83.98 56.78
CA CYS Y 249 -8.68 83.61 57.82
C CYS Y 249 -7.36 83.22 57.16
N VAL Y 250 -6.27 83.42 57.89
CA VAL Y 250 -4.94 83.20 57.36
C VAL Y 250 -3.99 82.96 58.52
N ALA Y 251 -2.85 82.33 58.23
CA ALA Y 251 -1.81 82.10 59.22
C ALA Y 251 -0.81 83.24 59.29
N GLY Y 252 -1.21 84.45 58.90
CA GLY Y 252 -0.33 85.60 59.01
C GLY Y 252 -0.44 86.57 57.85
N ASN Y 253 -0.99 86.11 56.73
CA ASN Y 253 -1.12 86.89 55.50
C ASN Y 253 0.24 87.43 55.10
N PRO Y 254 1.17 86.57 54.67
CA PRO Y 254 2.49 87.07 54.25
C PRO Y 254 2.41 88.03 53.08
N ASP Y 255 1.47 87.83 52.17
CA ASP Y 255 1.31 88.67 50.99
C ASP Y 255 -0.02 89.41 51.12
N LYS Y 256 0.03 90.56 51.81
CA LYS Y 256 -1.17 91.37 51.98
C LYS Y 256 -1.69 91.86 50.63
N GLN Y 257 -0.77 92.28 49.75
CA GLN Y 257 -1.19 92.77 48.43
C GLN Y 257 -1.84 91.67 47.61
N ALA Y 258 -1.29 90.47 47.65
CA ALA Y 258 -1.80 89.38 46.82
C ALA Y 258 -3.23 88.99 47.20
N VAL Y 259 -3.57 89.11 48.49
CA VAL Y 259 -4.92 88.77 48.91
C VAL Y 259 -5.94 89.69 48.25
N ALA Y 260 -5.64 90.99 48.19
CA ALA Y 260 -6.50 91.90 47.46
C ALA Y 260 -6.48 91.60 45.96
N ASP Y 261 -5.32 91.19 45.44
CA ASP Y 261 -5.22 90.89 44.02
C ASP Y 261 -6.15 89.75 43.63
N ALA Y 262 -6.21 88.70 44.45
CA ALA Y 262 -7.12 87.61 44.18
C ALA Y 262 -8.56 88.08 44.22
N LEU Y 263 -8.90 88.90 45.21
CA LEU Y 263 -10.27 89.41 45.31
C LEU Y 263 -10.62 90.29 44.13
N TRP Y 264 -9.66 91.12 43.69
CA TRP Y 264 -9.92 92.04 42.59
C TRP Y 264 -10.28 91.30 41.31
N ALA Y 265 -9.82 90.06 41.17
CA ALA Y 265 -10.16 89.27 39.99
C ALA Y 265 -11.65 88.94 39.95
N ALA Y 266 -12.25 88.72 41.11
CA ALA Y 266 -13.64 88.28 41.20
C ALA Y 266 -14.52 89.47 41.58
N HIS Y 267 -15.24 89.99 40.60
CA HIS Y 267 -16.22 91.05 40.81
C HIS Y 267 -17.38 90.86 39.85
N ASN Y 268 -18.60 90.86 40.38
CA ASN Y 268 -19.78 90.61 39.56
C ASN Y 268 -19.99 91.73 38.53
N GLY Y 269 -19.87 92.99 38.97
CA GLY Y 269 -20.00 94.12 38.08
C GLY Y 269 -21.05 95.14 38.47
N GLY Y 270 -21.86 94.87 39.48
CA GLY Y 270 -22.87 95.83 39.90
C GLY Y 270 -23.11 95.85 41.39
N THR Y 271 -22.19 95.29 42.17
CA THR Y 271 -22.36 95.16 43.62
C THR Y 271 -21.14 95.71 44.34
N PRO Y 272 -21.31 96.52 45.37
CA PRO Y 272 -20.17 97.11 46.07
C PRO Y 272 -19.50 96.11 47.02
N TRP Y 273 -18.41 96.58 47.63
CA TRP Y 273 -17.55 95.74 48.47
C TRP Y 273 -17.70 95.99 49.96
N ASP Y 274 -17.96 97.23 50.37
CA ASP Y 274 -17.82 97.60 51.78
C ASP Y 274 -18.80 96.83 52.66
N TYR Y 275 -18.33 96.48 53.86
CA TYR Y 275 -19.13 95.73 54.81
C TYR Y 275 -18.80 96.21 56.21
N GLY Y 276 -19.76 96.07 57.11
CA GLY Y 276 -19.56 96.42 58.50
C GLY Y 276 -20.87 96.78 59.17
N ALA Y 277 -20.97 96.41 60.45
CA ALA Y 277 -22.11 96.80 61.28
C ALA Y 277 -21.66 97.18 62.68
N THR Y 278 -20.39 97.61 62.82
CA THR Y 278 -19.80 98.06 64.08
C THR Y 278 -19.74 96.94 65.12
N ASN Y 279 -20.17 95.73 64.74
CA ASN Y 279 -20.09 94.58 65.61
C ASN Y 279 -19.57 93.33 64.92
N ASN Y 280 -19.51 93.30 63.60
CA ASN Y 280 -19.05 92.14 62.86
C ASN Y 280 -17.52 92.09 62.89
N GLY Y 281 -16.95 91.25 62.02
CA GLY Y 281 -15.51 91.06 62.02
C GLY Y 281 -14.79 92.38 61.78
N VAL Y 282 -13.66 92.55 62.47
CA VAL Y 282 -12.91 93.80 62.42
C VAL Y 282 -12.21 93.93 61.07
N PRO Y 283 -12.49 94.99 60.32
CA PRO Y 283 -11.79 95.19 59.05
C PRO Y 283 -10.32 95.49 59.28
N VAL Y 284 -9.51 95.10 58.30
CA VAL Y 284 -8.07 95.39 58.37
C VAL Y 284 -7.83 96.89 58.31
N ASP Y 285 -8.51 97.58 57.39
CA ASP Y 285 -8.35 99.01 57.23
C ASP Y 285 -9.71 99.64 56.97
N GLY Y 286 -9.82 100.92 57.29
CA GLY Y 286 -11.07 101.63 57.25
C GLY Y 286 -11.61 101.85 55.85
N PRO Y 287 -10.96 102.72 55.07
CA PRO Y 287 -11.51 103.08 53.76
C PRO Y 287 -11.13 102.15 52.62
N ASN Y 288 -9.97 101.50 52.69
CA ASN Y 288 -9.52 100.69 51.57
C ASN Y 288 -8.40 99.75 52.02
N GLY Y 289 -8.21 98.69 51.26
CA GLY Y 289 -7.11 97.77 51.47
C GLY Y 289 -5.96 97.99 50.51
N VAL Y 290 -5.93 99.18 49.89
CA VAL Y 290 -4.91 99.65 48.95
C VAL Y 290 -4.51 98.54 47.96
N PRO Y 291 -5.38 98.19 47.01
CA PRO Y 291 -5.04 97.16 46.03
C PRO Y 291 -4.05 97.64 44.97
N VAL Y 292 -3.79 96.81 43.98
CA VAL Y 292 -3.00 97.22 42.82
C VAL Y 292 -3.94 97.84 41.79
N ARG Y 293 -3.43 98.78 41.01
CA ARG Y 293 -4.25 99.42 40.00
C ARG Y 293 -4.74 98.40 38.97
N ASP Y 294 -3.82 97.89 38.16
CA ASP Y 294 -4.11 96.87 37.17
C ASP Y 294 -2.81 96.35 36.58
N PRO Y 295 -2.61 95.04 36.52
CA PRO Y 295 -1.45 94.51 35.80
C PRO Y 295 -1.46 94.80 34.31
N ALA Y 296 -2.63 95.08 33.72
CA ALA Y 296 -2.77 95.21 32.27
C ALA Y 296 -3.50 96.51 31.94
N SER Y 297 -2.74 97.59 31.81
CA SER Y 297 -3.21 98.86 31.24
C SER Y 297 -4.46 99.35 31.96
N GLY Y 298 -4.28 99.67 33.24
CA GLY Y 298 -5.39 100.13 34.04
C GLY Y 298 -4.95 101.00 35.19
N ARG Y 299 -5.94 101.40 35.97
CA ARG Y 299 -5.85 102.39 37.04
C ARG Y 299 -6.38 101.79 38.33
N LYS Y 300 -6.45 102.63 39.36
CA LYS Y 300 -6.69 102.18 40.72
C LYS Y 300 -8.12 101.68 40.91
N TYR Y 301 -8.28 100.75 41.85
CA TYR Y 301 -9.57 100.28 42.33
C TYR Y 301 -9.49 100.07 43.83
N VAL Y 302 -10.65 99.96 44.49
CA VAL Y 302 -10.70 99.77 45.93
C VAL Y 302 -11.59 98.59 46.26
N VAL Y 303 -11.26 97.90 47.35
CA VAL Y 303 -11.98 96.72 47.81
C VAL Y 303 -12.12 96.81 49.33
N LYS Y 304 -12.73 95.77 49.90
CA LYS Y 304 -12.97 95.72 51.34
C LYS Y 304 -13.14 94.27 51.78
N TRP Y 305 -12.25 93.80 52.65
CA TRP Y 305 -12.38 92.48 53.24
C TRP Y 305 -12.06 92.56 54.73
N THR Y 306 -12.70 91.68 55.50
CA THR Y 306 -12.57 91.67 56.95
C THR Y 306 -11.85 90.40 57.41
N THR Y 307 -11.55 90.36 58.69
CA THR Y 307 -10.91 89.21 59.33
C THR Y 307 -11.70 88.85 60.58
N PRO Y 308 -11.68 87.58 60.97
CA PRO Y 308 -12.48 87.15 62.12
C PRO Y 308 -11.89 87.64 63.43
N ILE Y 309 -12.67 87.49 64.49
CA ILE Y 309 -12.23 87.85 65.83
C ILE Y 309 -11.60 86.63 66.48
N MET Y 310 -10.34 86.77 66.91
CA MET Y 310 -9.66 85.67 67.59
C MET Y 310 -10.32 85.37 68.92
N TYR Y 311 -10.30 84.09 69.30
CA TYR Y 311 -10.89 83.62 70.54
C TYR Y 311 -9.96 82.60 71.17
N ASP Y 312 -10.25 82.26 72.42
CA ASP Y 312 -9.56 81.19 73.13
C ASP Y 312 -10.59 80.29 73.79
N GLY Y 313 -10.41 78.98 73.64
CA GLY Y 313 -11.32 77.99 74.20
C GLY Y 313 -10.68 77.27 75.36
N TYR Y 314 -11.48 76.92 76.36
CA TYR Y 314 -11.02 76.25 77.56
C TYR Y 314 -11.76 74.93 77.69
N VAL Y 315 -11.02 73.86 78.00
CA VAL Y 315 -11.58 72.52 78.08
C VAL Y 315 -11.27 71.93 79.44
N ASN Y 316 -12.23 71.19 79.99
CA ASN Y 316 -12.04 70.38 81.19
C ASN Y 316 -12.24 68.93 80.83
N VAL Y 317 -11.26 68.09 81.19
CA VAL Y 317 -11.27 66.67 80.84
C VAL Y 317 -11.06 65.85 82.10
N THR Y 318 -11.96 64.90 82.34
CA THR Y 318 -11.82 63.94 83.42
C THR Y 318 -11.77 62.55 82.81
N VAL Y 319 -10.78 61.75 83.22
CA VAL Y 319 -10.50 60.49 82.54
C VAL Y 319 -9.90 59.51 83.54
N GLN Y 320 -10.22 58.24 83.34
CA GLN Y 320 -9.64 57.14 84.10
C GLN Y 320 -8.54 56.47 83.30
N GLN Y 321 -7.51 56.00 84.02
CA GLN Y 321 -6.34 55.45 83.35
C GLN Y 321 -6.68 54.18 82.57
N GLY Y 322 -7.47 53.28 83.16
CA GLY Y 322 -7.71 51.99 82.55
C GLY Y 322 -6.62 50.99 82.89
N SER Y 323 -6.20 50.21 81.90
CA SER Y 323 -5.15 49.21 82.07
C SER Y 323 -3.94 49.47 81.19
N SER Y 324 -3.88 50.60 80.51
CA SER Y 324 -2.72 50.99 79.73
C SER Y 324 -2.49 52.48 79.95
N SER Y 325 -1.24 52.86 80.20
CA SER Y 325 -0.90 54.22 80.60
C SER Y 325 -0.23 54.96 79.46
N VAL Y 326 -0.76 56.13 79.12
CA VAL Y 326 -0.22 56.98 78.07
C VAL Y 326 -0.16 58.41 78.59
N ALA Y 327 0.95 59.09 78.26
CA ALA Y 327 1.22 60.40 78.83
C ALA Y 327 0.12 61.39 78.45
N PRO Y 328 -0.27 62.28 79.37
CA PRO Y 328 -1.30 63.28 79.03
C PRO Y 328 -0.91 64.20 77.90
N GLU Y 329 0.38 64.54 77.80
CA GLU Y 329 0.83 65.44 76.75
C GLU Y 329 0.59 64.87 75.37
N ALA Y 330 0.60 63.54 75.24
CA ALA Y 330 0.24 62.92 73.96
C ALA Y 330 -1.19 63.25 73.59
N ILE Y 331 -2.11 63.12 74.56
CA ILE Y 331 -3.50 63.46 74.33
C ILE Y 331 -3.65 64.93 74.00
N GLN Y 332 -2.92 65.79 74.72
CA GLN Y 332 -2.99 67.22 74.47
C GLN Y 332 -2.54 67.54 73.05
N ASN Y 333 -1.43 66.94 72.61
CA ASN Y 333 -0.97 67.15 71.25
C ASN Y 333 -1.98 66.66 70.23
N ALA Y 334 -2.55 65.49 70.48
CA ALA Y 334 -3.56 64.95 69.57
C ALA Y 334 -4.71 65.93 69.41
N VAL Y 335 -5.25 66.43 70.52
CA VAL Y 335 -6.38 67.35 70.45
C VAL Y 335 -5.97 68.65 69.76
N VAL Y 336 -4.83 69.20 70.15
CA VAL Y 336 -4.42 70.51 69.63
C VAL Y 336 -4.22 70.44 68.13
N ASN Y 337 -3.55 69.40 67.64
CA ASN Y 337 -3.36 69.28 66.21
C ASN Y 337 -4.61 68.75 65.51
N TYR Y 338 -5.58 68.24 66.27
CA TYR Y 338 -6.92 68.07 65.72
C TYR Y 338 -7.59 69.40 65.45
N ALA Y 339 -7.30 70.41 66.29
CA ALA Y 339 -7.91 71.72 66.08
C ALA Y 339 -7.59 72.26 64.69
N GLN Y 340 -6.44 71.91 64.13
CA GLN Y 340 -6.15 72.21 62.73
C GLN Y 340 -6.54 71.09 61.78
N GLY Y 341 -6.97 69.94 62.31
CA GLY Y 341 -7.45 68.87 61.47
C GLY Y 341 -6.39 68.05 60.79
N LYS Y 342 -5.58 67.30 61.56
CA LYS Y 342 -4.59 66.43 60.94
C LYS Y 342 -5.24 65.30 60.15
N VAL Y 343 -6.39 64.82 60.61
CA VAL Y 343 -6.98 63.60 60.08
C VAL Y 343 -7.91 63.94 58.92
N GLU Y 344 -8.24 62.92 58.15
CA GLU Y 344 -9.10 63.07 56.99
C GLU Y 344 -10.56 63.20 57.42
N GLY Y 345 -11.32 63.96 56.65
CA GLY Y 345 -12.75 64.05 56.82
C GLY Y 345 -13.22 65.05 57.87
N GLU Y 346 -12.30 65.73 58.57
CA GLU Y 346 -12.66 66.71 59.56
C GLU Y 346 -11.95 68.02 59.22
N GLU Y 347 -12.73 69.03 58.84
CA GLU Y 347 -12.15 70.29 58.40
C GLU Y 347 -11.42 71.00 59.53
N GLY Y 348 -11.99 71.00 60.73
CA GLY Y 348 -11.39 71.65 61.87
C GLY Y 348 -12.19 72.84 62.36
N LEU Y 349 -11.50 73.73 63.07
CA LEU Y 349 -12.15 74.91 63.65
C LEU Y 349 -11.99 76.10 62.71
N VAL Y 350 -12.64 75.97 61.55
CA VAL Y 350 -12.64 77.01 60.52
C VAL Y 350 -13.50 78.18 60.98
N VAL Y 351 -13.44 79.29 60.25
CA VAL Y 351 -14.29 80.43 60.56
C VAL Y 351 -15.75 80.02 60.59
N GLY Y 352 -16.48 80.54 61.57
CA GLY Y 352 -17.89 80.22 61.72
C GLY Y 352 -18.16 78.76 61.99
N ALA Y 353 -17.35 78.13 62.84
CA ALA Y 353 -17.52 76.74 63.21
C ALA Y 353 -17.70 76.64 64.72
N SER Y 354 -18.83 76.06 65.14
CA SER Y 354 -19.07 75.87 66.56
C SER Y 354 -18.17 74.76 67.09
N LEU Y 355 -18.04 74.73 68.41
CA LEU Y 355 -17.21 73.74 69.09
C LEU Y 355 -18.03 73.05 70.16
N SER Y 356 -17.97 71.73 70.20
CA SER Y 356 -18.66 70.95 71.23
C SER Y 356 -17.75 69.86 71.75
N ALA Y 357 -17.98 69.46 73.00
CA ALA Y 357 -17.16 68.44 73.62
C ALA Y 357 -17.34 67.08 72.98
N PHE Y 358 -18.47 66.84 72.32
CA PHE Y 358 -18.72 65.53 71.72
C PHE Y 358 -17.72 65.23 70.62
N GLU Y 359 -17.49 66.19 69.73
CA GLU Y 359 -16.52 65.97 68.66
C GLU Y 359 -15.10 65.89 69.20
N VAL Y 360 -14.80 66.60 70.29
CA VAL Y 360 -13.50 66.46 70.92
C VAL Y 360 -13.31 65.03 71.42
N ALA Y 361 -14.30 64.53 72.17
CA ALA Y 361 -14.23 63.16 72.66
C ALA Y 361 -14.12 62.17 71.50
N GLY Y 362 -14.78 62.47 70.39
CA GLY Y 362 -14.60 61.64 69.20
C GLY Y 362 -13.19 61.69 68.68
N ALA Y 363 -12.54 62.85 68.75
CA ALA Y 363 -11.15 62.95 68.31
C ALA Y 363 -10.25 62.07 69.17
N ILE Y 364 -10.43 62.12 70.49
CA ILE Y 364 -9.67 61.21 71.35
C ILE Y 364 -9.98 59.76 71.02
N ALA Y 365 -11.27 59.44 70.82
CA ALA Y 365 -11.65 58.05 70.56
C ALA Y 365 -10.99 57.52 69.31
N ARG Y 366 -10.99 58.31 68.23
CA ARG Y 366 -10.31 57.91 67.01
C ARG Y 366 -8.80 57.80 67.23
N GLU Y 367 -8.24 58.77 67.96
CA GLU Y 367 -6.80 58.76 68.19
C GLU Y 367 -6.36 57.53 68.99
N ILE Y 368 -7.11 57.18 70.02
CA ILE Y 368 -6.81 55.99 70.81
C ILE Y 368 -8.10 55.32 71.30
N PRO Y 369 -8.42 54.15 70.80
CA PRO Y 369 -9.57 53.40 71.29
C PRO Y 369 -9.19 52.60 72.53
N GLY Y 370 -10.14 51.82 73.01
CA GLY Y 370 -9.91 50.98 74.18
C GLY Y 370 -9.61 51.76 75.45
N ILE Y 371 -10.21 52.93 75.62
CA ILE Y 371 -10.00 53.75 76.80
C ILE Y 371 -11.33 54.29 77.29
N TYR Y 372 -11.35 54.71 78.55
CA TYR Y 372 -12.56 55.21 79.20
C TYR Y 372 -12.48 56.72 79.35
N ILE Y 373 -13.53 57.41 78.92
CA ILE Y 373 -13.66 58.85 79.06
C ILE Y 373 -14.79 59.13 80.04
N LYS Y 374 -14.47 59.81 81.14
CA LYS Y 374 -15.49 60.08 82.15
C LYS Y 374 -16.33 61.29 81.77
N LEU Y 375 -15.71 62.46 81.67
CA LEU Y 375 -16.45 63.67 81.34
C LEU Y 375 -15.51 64.65 80.64
N CYS Y 376 -16.05 65.32 79.62
CA CYS Y 376 -15.35 66.38 78.92
C CYS Y 376 -16.18 67.65 79.04
N GLN Y 377 -15.55 68.74 79.46
CA GLN Y 377 -16.22 70.01 79.63
C GLN Y 377 -15.46 71.08 78.88
N VAL Y 378 -16.19 72.08 78.35
CA VAL Y 378 -15.59 73.10 77.51
C VAL Y 378 -16.17 74.46 77.85
N ALA Y 379 -15.44 75.51 77.47
CA ALA Y 379 -15.91 76.88 77.56
C ALA Y 379 -15.04 77.74 76.67
N CYS Y 380 -15.65 78.74 76.05
CA CYS Y 380 -14.93 79.69 75.21
C CYS Y 380 -15.37 81.11 75.54
N VAL Y 381 -14.40 82.01 75.58
CA VAL Y 381 -14.64 83.41 75.95
C VAL Y 381 -13.77 84.27 75.03
N ALA Y 382 -13.96 85.59 75.12
CA ALA Y 382 -13.19 86.52 74.31
C ALA Y 382 -11.70 86.41 74.62
N ALA Y 383 -10.88 86.57 73.60
CA ALA Y 383 -9.44 86.45 73.75
C ALA Y 383 -8.88 87.61 74.55
N GLY Y 384 -7.86 87.32 75.36
CA GLY Y 384 -7.20 88.30 76.18
C GLY Y 384 -7.70 88.41 77.60
N SER Y 385 -8.90 87.93 77.88
CA SER Y 385 -9.44 87.95 79.22
C SER Y 385 -8.74 86.91 80.09
N PRO Y 386 -8.67 87.14 81.41
CA PRO Y 386 -8.09 86.12 82.30
C PRO Y 386 -8.91 84.85 82.28
N ALA Y 387 -8.33 83.81 82.88
CA ALA Y 387 -8.96 82.49 82.87
C ALA Y 387 -10.29 82.54 83.60
N PRO Y 388 -11.37 82.02 83.02
CA PRO Y 388 -12.68 82.06 83.67
C PRO Y 388 -12.81 81.03 84.78
N ALA Y 389 -13.81 81.25 85.62
CA ALA Y 389 -14.11 80.34 86.71
C ALA Y 389 -14.67 79.03 86.18
N PRO Y 390 -14.53 77.94 86.94
CA PRO Y 390 -15.09 76.66 86.48
C PRO Y 390 -16.59 76.67 86.29
N GLY Y 391 -17.31 77.60 86.91
CA GLY Y 391 -18.73 77.70 86.70
C GLY Y 391 -19.13 78.28 85.36
N ASP Y 392 -18.17 78.76 84.58
CA ASP Y 392 -18.43 79.33 83.27
C ASP Y 392 -18.46 78.29 82.15
N PHE Y 393 -18.23 77.02 82.47
CA PHE Y 393 -18.12 75.99 81.44
C PHE Y 393 -19.50 75.49 81.01
N THR Y 394 -19.52 74.82 79.87
CA THR Y 394 -20.76 74.30 79.29
C THR Y 394 -20.43 73.13 78.37
N SER Y 395 -21.46 72.41 77.95
CA SER Y 395 -21.25 71.29 77.04
C SER Y 395 -20.90 71.78 75.64
N GLU Y 396 -21.62 72.78 75.14
CA GLU Y 396 -21.45 73.28 73.79
C GLU Y 396 -21.48 74.80 73.80
N TYR Y 397 -20.59 75.41 73.02
CA TYR Y 397 -20.51 76.86 72.90
C TYR Y 397 -20.84 77.25 71.46
N VAL Y 398 -22.03 77.81 71.26
CA VAL Y 398 -22.40 78.32 69.94
C VAL Y 398 -21.52 79.51 69.62
N MET Y 399 -20.97 79.52 68.40
CA MET Y 399 -20.02 80.54 68.00
C MET Y 399 -20.55 81.30 66.79
N SER Y 400 -20.25 82.59 66.74
CA SER Y 400 -20.84 83.46 65.73
C SER Y 400 -20.23 83.19 64.35
N ALA Y 401 -20.94 83.66 63.33
CA ALA Y 401 -20.50 83.45 61.95
C ALA Y 401 -19.17 84.16 61.69
N PHE Y 402 -19.03 85.39 62.18
CA PHE Y 402 -17.84 86.19 61.92
C PHE Y 402 -16.75 86.03 62.98
N GLY Y 403 -16.71 84.90 63.67
CA GLY Y 403 -15.69 84.67 64.67
C GLY Y 403 -14.80 83.48 64.37
N GLN Y 404 -13.62 83.45 64.98
CA GLN Y 404 -12.69 82.34 64.85
C GLN Y 404 -12.23 81.91 66.23
N ALA Y 405 -12.17 80.60 66.46
CA ALA Y 405 -11.76 80.04 67.73
C ALA Y 405 -10.45 79.28 67.59
N THR Y 406 -9.59 79.38 68.61
CA THR Y 406 -8.30 78.70 68.62
C THR Y 406 -7.97 78.29 70.05
N ILE Y 407 -7.40 77.10 70.19
CA ILE Y 407 -7.08 76.53 71.49
C ILE Y 407 -5.63 76.08 71.50
N SER Y 408 -4.90 76.41 72.57
CA SER Y 408 -3.51 76.03 72.74
C SER Y 408 -3.39 74.97 73.84
N VAL Y 409 -2.17 74.47 74.00
CA VAL Y 409 -1.92 73.43 75.00
C VAL Y 409 -2.16 73.96 76.40
N GLY Y 410 -1.75 75.20 76.67
CA GLY Y 410 -1.89 75.74 78.02
C GLY Y 410 -3.34 75.82 78.47
N ASN Y 411 -4.24 76.23 77.58
CA ASN Y 411 -5.66 76.27 77.92
C ASN Y 411 -6.21 74.89 78.20
N VAL Y 412 -5.63 73.86 77.58
CA VAL Y 412 -6.09 72.50 77.78
C VAL Y 412 -5.60 72.00 79.12
N ARG Y 413 -6.51 71.46 79.94
CA ARG Y 413 -6.17 70.86 81.21
C ARG Y 413 -6.90 69.54 81.35
N VAL Y 414 -6.23 68.56 81.96
CA VAL Y 414 -6.80 67.23 82.17
C VAL Y 414 -6.63 66.87 83.64
N THR Y 415 -7.48 65.95 84.09
CA THR Y 415 -7.47 65.48 85.47
C THR Y 415 -7.43 63.97 85.47
N PHE Y 416 -6.44 63.40 86.16
CA PHE Y 416 -6.32 61.94 86.29
C PHE Y 416 -6.84 61.50 87.65
N VAL Y 417 -8.16 61.48 87.76
CA VAL Y 417 -8.81 61.05 88.98
C VAL Y 417 -8.64 59.54 89.14
N LEU Z 1 -37.89 -18.54 -42.83
CA LEU Z 1 -37.11 -18.73 -44.05
C LEU Z 1 -36.06 -19.86 -43.97
N PRO Z 2 -35.31 -19.98 -42.88
CA PRO Z 2 -34.33 -21.08 -42.80
C PRO Z 2 -35.01 -22.43 -42.91
N ALA Z 3 -34.33 -23.35 -43.58
CA ALA Z 3 -34.92 -24.64 -43.88
C ALA Z 3 -35.02 -25.52 -42.64
N TYR Z 4 -35.99 -26.42 -42.66
CA TYR Z 4 -36.20 -27.39 -41.59
C TYR Z 4 -36.17 -28.78 -42.22
N ASN Z 5 -35.28 -29.64 -41.73
CA ASN Z 5 -35.05 -30.93 -42.37
C ASN Z 5 -36.02 -32.00 -41.87
N SER Z 6 -36.00 -32.29 -40.57
CA SER Z 6 -36.89 -33.26 -39.94
C SER Z 6 -36.85 -34.60 -40.66
N ASP Z 7 -35.65 -35.16 -40.76
CA ASP Z 7 -35.43 -36.44 -41.44
C ASP Z 7 -34.81 -37.44 -40.48
N ILE Z 8 -35.32 -38.66 -40.50
CA ILE Z 8 -34.83 -39.69 -39.58
C ILE Z 8 -33.43 -40.13 -39.95
N GLN Z 9 -33.15 -40.24 -41.25
CA GLN Z 9 -31.89 -40.83 -41.70
C GLN Z 9 -30.68 -39.97 -41.36
N GLN Z 10 -30.87 -38.76 -40.85
CA GLN Z 10 -29.73 -37.93 -40.46
C GLN Z 10 -28.88 -38.60 -39.38
N ALA Z 11 -29.43 -39.55 -38.64
CA ALA Z 11 -28.65 -40.22 -37.62
C ALA Z 11 -27.51 -41.04 -38.23
N LEU Z 12 -27.75 -41.67 -39.37
CA LEU Z 12 -26.71 -42.47 -40.01
C LEU Z 12 -25.56 -41.59 -40.45
N LYS Z 13 -24.35 -42.15 -40.41
CA LYS Z 13 -23.14 -41.40 -40.66
C LYS Z 13 -22.20 -42.18 -41.57
N TRP Z 14 -21.22 -41.46 -42.13
CA TRP Z 14 -20.24 -42.06 -43.03
C TRP Z 14 -19.41 -43.13 -42.36
N LEU Z 15 -19.38 -43.16 -41.03
CA LEU Z 15 -18.81 -44.30 -40.34
C LEU Z 15 -19.56 -45.58 -40.66
N HIS Z 16 -20.79 -45.47 -41.15
CA HIS Z 16 -21.68 -46.61 -41.34
C HIS Z 16 -21.96 -46.76 -42.84
N ASN Z 17 -21.15 -47.56 -43.53
CA ASN Z 17 -21.41 -47.86 -44.93
C ASN Z 17 -21.68 -49.34 -45.16
N GLN Z 18 -20.78 -50.21 -44.71
CA GLN Z 18 -20.94 -51.65 -44.89
C GLN Z 18 -21.58 -52.30 -43.67
N ALA Z 19 -22.44 -51.56 -42.97
CA ALA Z 19 -23.15 -52.11 -41.83
C ALA Z 19 -24.57 -52.44 -42.24
N PRO Z 20 -24.93 -53.71 -42.36
CA PRO Z 20 -26.32 -54.04 -42.71
C PRO Z 20 -27.25 -53.92 -41.52
N GLY Z 21 -26.74 -54.13 -40.31
CA GLY Z 21 -27.58 -54.17 -39.14
C GLY Z 21 -28.11 -52.83 -38.67
N ILE Z 22 -27.21 -51.94 -38.26
CA ILE Z 22 -27.63 -50.66 -37.68
C ILE Z 22 -28.35 -49.82 -38.74
N THR Z 23 -27.86 -49.83 -39.97
CA THR Z 23 -28.55 -49.15 -41.04
C THR Z 23 -29.92 -49.76 -41.28
N GLY Z 24 -30.02 -51.08 -41.19
CA GLY Z 24 -31.32 -51.72 -41.32
C GLY Z 24 -32.30 -51.23 -40.27
N LEU Z 25 -31.85 -51.17 -39.01
CA LEU Z 25 -32.72 -50.69 -37.95
C LEU Z 25 -33.19 -49.26 -38.23
N ILE Z 26 -32.25 -48.38 -38.54
CA ILE Z 26 -32.61 -46.98 -38.74
C ILE Z 26 -33.56 -46.83 -39.92
N GLN Z 27 -33.27 -47.52 -41.02
CA GLN Z 27 -34.13 -47.41 -42.19
C GLN Z 27 -35.53 -47.93 -41.90
N ARG Z 28 -35.64 -49.08 -41.23
CA ARG Z 28 -36.96 -49.63 -40.95
C ARG Z 28 -37.75 -48.70 -40.04
N LYS Z 29 -37.09 -48.10 -39.06
CA LYS Z 29 -37.75 -47.06 -38.27
C LYS Z 29 -38.23 -45.92 -39.18
N ALA Z 30 -37.43 -45.59 -40.20
CA ALA Z 30 -37.82 -44.52 -41.11
C ALA Z 30 -39.10 -44.87 -41.85
N GLN Z 31 -39.19 -46.08 -42.41
CA GLN Z 31 -40.44 -46.41 -43.10
C GLN Z 31 -41.60 -46.50 -42.11
N TRP Z 32 -41.36 -46.95 -40.88
CA TRP Z 32 -42.45 -47.01 -39.91
C TRP Z 32 -43.03 -45.62 -39.67
N TYR Z 33 -42.17 -44.65 -39.40
CA TYR Z 33 -42.69 -43.31 -39.14
C TYR Z 33 -43.25 -42.68 -40.41
N ASP Z 34 -42.70 -43.00 -41.57
CA ASP Z 34 -43.28 -42.49 -42.81
C ASP Z 34 -44.70 -43.01 -43.00
N ARG Z 35 -44.92 -44.29 -42.69
CA ARG Z 35 -46.23 -44.89 -42.87
C ARG Z 35 -47.23 -44.33 -41.87
N PHE Z 36 -46.87 -44.28 -40.59
CA PHE Z 36 -47.84 -44.00 -39.55
C PHE Z 36 -47.79 -42.58 -39.00
N SER Z 37 -47.06 -41.67 -39.66
CA SER Z 37 -47.02 -40.31 -39.15
C SER Z 37 -47.17 -39.25 -40.24
N ARG Z 38 -46.86 -39.59 -41.48
CA ARG Z 38 -46.95 -38.62 -42.57
C ARG Z 38 -47.99 -39.04 -43.61
N GLN Z 39 -47.85 -40.23 -44.18
CA GLN Z 39 -48.84 -40.70 -45.14
C GLN Z 39 -50.22 -40.79 -44.50
N PHE Z 40 -50.28 -41.10 -43.21
CA PHE Z 40 -51.56 -41.12 -42.50
C PHE Z 40 -52.21 -39.75 -42.54
N TRP Z 41 -51.44 -38.70 -42.23
CA TRP Z 41 -52.02 -37.36 -42.25
C TRP Z 41 -52.40 -36.94 -43.65
N ALA Z 42 -51.61 -37.34 -44.65
CA ALA Z 42 -51.96 -37.03 -46.03
C ALA Z 42 -53.31 -37.66 -46.40
N ASN Z 43 -53.48 -38.93 -46.08
CA ASN Z 43 -54.74 -39.61 -46.39
C ASN Z 43 -55.90 -38.99 -45.59
N TRP Z 44 -55.65 -38.65 -44.33
CA TRP Z 44 -56.70 -38.04 -43.51
C TRP Z 44 -57.15 -36.72 -44.10
N GLU Z 45 -56.20 -35.89 -44.52
CA GLU Z 45 -56.55 -34.61 -45.13
C GLU Z 45 -57.29 -34.83 -46.44
N ARG Z 46 -56.85 -35.81 -47.24
CA ARG Z 46 -57.53 -36.08 -48.50
C ARG Z 46 -58.94 -36.61 -48.28
N ASP Z 47 -59.18 -37.26 -47.15
CA ASP Z 47 -60.52 -37.77 -46.85
C ASP Z 47 -61.43 -36.68 -46.31
N VAL Z 48 -60.94 -35.89 -45.34
CA VAL Z 48 -61.69 -34.75 -44.85
C VAL Z 48 -61.84 -33.70 -45.94
N PHE Z 49 -60.99 -33.73 -46.96
CA PHE Z 49 -61.17 -32.90 -48.15
C PHE Z 49 -62.54 -33.19 -48.75
N HIS Z 50 -63.42 -32.19 -48.74
CA HIS Z 50 -64.84 -32.45 -48.92
C HIS Z 50 -65.22 -32.75 -50.36
N LEU Z 51 -64.56 -32.11 -51.33
CA LEU Z 51 -64.96 -32.26 -52.72
C LEU Z 51 -64.87 -33.71 -53.19
N LYS Z 52 -63.96 -34.48 -52.62
CA LYS Z 52 -63.85 -35.90 -52.94
C LYS Z 52 -63.68 -36.71 -51.66
N THR Z 53 -64.56 -36.45 -50.70
CA THR Z 53 -64.57 -37.24 -49.47
C THR Z 53 -65.14 -38.62 -49.76
N ALA Z 54 -64.35 -39.66 -49.47
CA ALA Z 54 -64.77 -41.03 -49.73
C ALA Z 54 -65.09 -41.82 -48.47
N ASN Z 55 -64.58 -41.39 -47.32
CA ASN Z 55 -64.80 -42.14 -46.09
C ASN Z 55 -66.22 -41.94 -45.60
N PRO Z 56 -67.01 -42.99 -45.44
CA PRO Z 56 -68.31 -42.84 -44.77
C PRO Z 56 -68.17 -42.32 -43.35
N PHE Z 57 -67.06 -42.65 -42.66
CA PHE Z 57 -66.83 -42.06 -41.35
C PHE Z 57 -66.69 -40.55 -41.44
N GLY Z 58 -65.97 -40.06 -42.45
CA GLY Z 58 -65.87 -38.63 -42.65
C GLY Z 58 -67.20 -37.98 -42.95
N LEU Z 59 -68.03 -38.66 -43.76
CA LEU Z 59 -69.36 -38.13 -44.06
C LEU Z 59 -70.22 -38.08 -42.81
N MET Z 60 -70.15 -39.11 -41.97
CA MET Z 60 -70.88 -39.10 -40.71
C MET Z 60 -70.39 -37.98 -39.81
N VAL Z 61 -69.08 -37.74 -39.78
CA VAL Z 61 -68.54 -36.65 -38.99
C VAL Z 61 -69.06 -35.31 -39.49
N TRP Z 62 -69.09 -35.14 -40.81
CA TRP Z 62 -69.64 -33.91 -41.39
C TRP Z 62 -71.09 -33.73 -41.01
N CYS Z 63 -71.88 -34.81 -41.07
CA CYS Z 63 -73.27 -34.74 -40.67
C CYS Z 63 -73.42 -34.34 -39.22
N ILE Z 64 -72.55 -34.87 -38.35
CA ILE Z 64 -72.57 -34.47 -36.94
C ILE Z 64 -72.20 -33.00 -36.82
N ILE Z 65 -71.31 -32.51 -37.68
CA ILE Z 65 -70.98 -31.09 -37.68
C ILE Z 65 -72.23 -30.27 -38.00
N LEU Z 66 -72.98 -30.70 -39.00
CA LEU Z 66 -74.16 -29.97 -39.44
C LEU Z 66 -75.42 -30.36 -38.69
N GLY Z 67 -75.41 -31.48 -37.96
CA GLY Z 67 -76.54 -31.88 -37.15
C GLY Z 67 -77.66 -32.57 -37.89
N THR Z 68 -77.49 -32.86 -39.18
CA THR Z 68 -78.58 -33.45 -39.96
C THR Z 68 -78.80 -34.92 -39.58
N PRO Z 69 -80.05 -35.38 -39.68
CA PRO Z 69 -80.28 -36.83 -39.68
C PRO Z 69 -79.54 -37.50 -40.83
N SER Z 70 -79.13 -38.74 -40.61
CA SER Z 70 -78.39 -39.48 -41.62
C SER Z 70 -78.98 -40.84 -41.94
N LYS Z 71 -80.16 -41.18 -41.41
CA LYS Z 71 -80.72 -42.51 -41.62
C LYS Z 71 -81.13 -42.76 -43.07
N GLY Z 72 -81.40 -41.70 -43.83
CA GLY Z 72 -81.81 -41.88 -45.20
C GLY Z 72 -80.72 -42.04 -46.22
N PHE Z 73 -79.48 -42.24 -45.77
CA PHE Z 73 -78.32 -42.33 -46.66
C PHE Z 73 -77.72 -43.72 -46.58
N GLY Z 74 -77.35 -44.26 -47.74
CA GLY Z 74 -76.66 -45.53 -47.77
C GLY Z 74 -75.24 -45.38 -47.26
N LEU Z 75 -74.95 -45.91 -46.08
CA LEU Z 75 -73.66 -45.67 -45.44
C LEU Z 75 -72.52 -46.27 -46.26
N TYR Z 76 -72.64 -47.54 -46.64
CA TYR Z 76 -71.54 -48.21 -47.31
C TYR Z 76 -72.01 -49.39 -48.14
N PRO Z 77 -71.49 -49.54 -49.36
CA PRO Z 77 -71.64 -50.82 -50.07
C PRO Z 77 -70.47 -51.73 -49.76
N LYS Z 78 -69.75 -51.40 -48.69
CA LYS Z 78 -68.44 -51.98 -48.42
C LYS Z 78 -68.57 -53.43 -47.97
N ASN Z 79 -67.42 -54.04 -47.71
CA ASN Z 79 -67.38 -55.44 -47.29
C ASN Z 79 -67.99 -55.65 -45.91
N SER Z 80 -67.87 -54.65 -45.02
CA SER Z 80 -68.32 -54.81 -43.64
C SER Z 80 -69.83 -54.98 -43.54
N SER Z 81 -70.57 -54.69 -44.60
CA SER Z 81 -72.01 -54.88 -44.56
C SER Z 81 -72.35 -56.37 -44.53
N TRP Z 82 -73.57 -56.66 -44.10
CA TRP Z 82 -74.01 -58.04 -43.96
C TRP Z 82 -74.06 -58.72 -45.33
N ALA Z 83 -73.68 -59.99 -45.36
CA ALA Z 83 -73.79 -60.82 -46.56
C ALA Z 83 -73.01 -60.24 -47.74
N PHE Z 84 -71.69 -60.16 -47.56
CA PHE Z 84 -70.79 -59.77 -48.65
C PHE Z 84 -69.43 -60.42 -48.39
N GLY Z 85 -68.99 -61.27 -49.32
CA GLY Z 85 -67.73 -61.96 -49.17
C GLY Z 85 -67.21 -62.43 -50.51
N ARG Z 86 -66.04 -63.07 -50.47
CA ARG Z 86 -65.41 -63.55 -51.69
C ARG Z 86 -66.23 -64.67 -52.32
N LEU Z 87 -66.58 -65.69 -51.54
CA LEU Z 87 -67.45 -66.74 -52.04
C LEU Z 87 -68.93 -66.34 -51.91
N ARG Z 88 -69.40 -66.18 -50.68
CA ARG Z 88 -70.73 -65.65 -50.33
C ARG Z 88 -71.86 -66.35 -51.06
N GLN Z 89 -71.58 -67.51 -51.67
CA GLN Z 89 -72.57 -68.22 -52.46
C GLN Z 89 -73.45 -69.13 -51.63
N ASN Z 90 -73.14 -69.34 -50.36
CA ASN Z 90 -73.91 -70.28 -49.55
C ASN Z 90 -75.26 -69.69 -49.18
N PHE Z 91 -76.25 -70.58 -49.09
CA PHE Z 91 -77.61 -70.22 -48.64
C PHE Z 91 -78.24 -69.14 -49.52
N ILE Z 92 -77.99 -69.20 -50.83
CA ILE Z 92 -78.56 -68.25 -51.77
C ILE Z 92 -78.85 -68.99 -53.08
N TYR Z 93 -79.61 -68.33 -53.96
CA TYR Z 93 -79.90 -68.87 -55.28
C TYR Z 93 -78.67 -68.74 -56.16
N SER Z 94 -77.94 -69.83 -56.33
CA SER Z 94 -76.73 -69.86 -57.14
C SER Z 94 -76.99 -70.43 -58.53
N GLY Z 95 -78.21 -70.32 -59.02
CA GLY Z 95 -78.58 -70.88 -60.31
C GLY Z 95 -79.00 -72.33 -60.28
N THR Z 96 -78.85 -73.00 -59.13
CA THR Z 96 -79.27 -74.40 -59.04
C THR Z 96 -80.79 -74.52 -59.00
N GLN Z 97 -81.45 -73.70 -58.18
CA GLN Z 97 -82.88 -73.83 -57.95
C GLN Z 97 -83.71 -72.91 -58.84
N VAL Z 98 -83.52 -71.59 -58.71
CA VAL Z 98 -84.34 -70.62 -59.44
C VAL Z 98 -83.46 -69.49 -59.93
N PRO Z 99 -83.63 -69.02 -61.16
CA PRO Z 99 -82.85 -67.88 -61.65
C PRO Z 99 -83.10 -66.65 -60.81
N PRO Z 100 -82.08 -66.10 -60.18
CA PRO Z 100 -82.25 -64.89 -59.37
C PRO Z 100 -81.98 -63.64 -60.20
N PRO Z 101 -82.44 -62.47 -59.75
CA PRO Z 101 -82.15 -61.24 -60.47
C PRO Z 101 -80.66 -60.98 -60.56
N ALA Z 102 -80.23 -60.41 -61.69
CA ALA Z 102 -78.82 -60.19 -61.98
C ALA Z 102 -78.41 -58.72 -61.90
N ASP Z 103 -79.28 -57.79 -62.28
CA ASP Z 103 -78.95 -56.37 -62.22
C ASP Z 103 -79.28 -55.86 -60.83
N ALA Z 104 -78.26 -55.82 -59.97
CA ALA Z 104 -78.44 -55.40 -58.58
C ALA Z 104 -77.10 -54.96 -58.03
N SER Z 105 -77.15 -54.26 -56.90
CA SER Z 105 -75.93 -53.83 -56.22
C SER Z 105 -75.20 -55.04 -55.64
N PRO Z 106 -73.86 -54.98 -55.58
CA PRO Z 106 -73.11 -56.07 -54.94
C PRO Z 106 -73.52 -56.23 -53.48
N GLY Z 107 -73.57 -57.48 -53.03
CA GLY Z 107 -74.07 -57.78 -51.71
C GLY Z 107 -75.51 -58.22 -51.74
N GLY Z 108 -76.06 -58.39 -50.54
CA GLY Z 108 -77.42 -58.85 -50.43
C GLY Z 108 -78.41 -57.88 -51.04
N ASN Z 109 -79.54 -58.41 -51.48
CA ASN Z 109 -80.60 -57.59 -52.05
C ASN Z 109 -81.36 -56.81 -51.00
N PHE Z 110 -81.31 -57.25 -49.73
CA PHE Z 110 -82.07 -56.61 -48.67
C PHE Z 110 -81.51 -55.24 -48.28
N TYR Z 111 -80.22 -55.00 -48.51
CA TYR Z 111 -79.65 -53.70 -48.19
C TYR Z 111 -80.21 -52.61 -49.09
N GLY Z 112 -80.27 -51.41 -48.56
CA GLY Z 112 -80.81 -50.28 -49.30
C GLY Z 112 -82.30 -50.41 -49.58
N GLY Z 113 -83.06 -50.97 -48.63
CA GLY Z 113 -84.48 -51.10 -48.82
C GLY Z 113 -85.20 -49.76 -48.71
N GLY Z 114 -86.40 -49.73 -49.27
CA GLY Z 114 -87.18 -48.51 -49.28
C GLY Z 114 -86.87 -47.63 -50.48
N ASN Z 115 -87.87 -46.86 -50.92
CA ASN Z 115 -87.67 -45.97 -52.06
C ASN Z 115 -86.93 -44.70 -51.70
N ALA Z 116 -86.71 -44.44 -50.41
CA ALA Z 116 -86.00 -43.25 -49.99
C ALA Z 116 -84.52 -43.51 -49.73
N GLU Z 117 -84.03 -44.72 -49.96
CA GLU Z 117 -82.64 -45.05 -49.67
C GLU Z 117 -81.77 -44.78 -50.88
N ILE Z 118 -80.66 -44.08 -50.68
CA ILE Z 118 -79.76 -43.70 -51.76
C ILE Z 118 -78.47 -44.50 -51.65
N LEU Z 119 -77.97 -44.99 -52.79
CA LEU Z 119 -76.86 -45.91 -52.79
C LEU Z 119 -75.63 -45.43 -53.56
N ASN Z 120 -75.65 -44.21 -54.12
CA ASN Z 120 -74.49 -43.66 -54.80
C ASN Z 120 -73.95 -42.47 -54.01
N LEU Z 121 -72.74 -42.62 -53.47
CA LEU Z 121 -72.21 -41.66 -52.51
C LEU Z 121 -72.13 -40.25 -53.07
N ASP Z 122 -72.02 -40.13 -54.39
CA ASP Z 122 -71.83 -38.82 -55.00
C ASP Z 122 -72.96 -37.87 -54.65
N GLU Z 123 -74.21 -38.32 -54.82
CA GLU Z 123 -75.32 -37.44 -54.52
C GLU Z 123 -75.46 -37.19 -53.02
N ILE Z 124 -74.92 -38.08 -52.17
CA ILE Z 124 -74.84 -37.72 -50.75
C ILE Z 124 -73.88 -36.55 -50.57
N ARG Z 125 -72.73 -36.59 -51.24
CA ARG Z 125 -71.82 -35.43 -51.15
C ARG Z 125 -72.54 -34.16 -51.57
N LYS Z 126 -73.27 -34.23 -52.69
CA LYS Z 126 -74.08 -33.08 -53.08
C LYS Z 126 -75.11 -32.70 -52.02
N VAL Z 127 -75.73 -33.66 -51.35
CA VAL Z 127 -76.80 -33.27 -50.44
C VAL Z 127 -76.22 -32.56 -49.22
N LEU Z 128 -75.06 -32.99 -48.73
CA LEU Z 128 -74.45 -32.22 -47.65
C LEU Z 128 -74.01 -30.84 -48.12
N GLN Z 129 -73.47 -30.74 -49.34
CA GLN Z 129 -73.10 -29.41 -49.84
C GLN Z 129 -74.33 -28.50 -49.92
N LEU Z 130 -75.44 -29.03 -50.43
CA LEU Z 130 -76.67 -28.26 -50.50
C LEU Z 130 -77.17 -27.89 -49.11
N ARG Z 131 -77.04 -28.80 -48.16
CA ARG Z 131 -77.48 -28.49 -46.80
C ARG Z 131 -76.69 -27.33 -46.23
N TYR Z 132 -75.37 -27.34 -46.41
CA TYR Z 132 -74.58 -26.22 -45.91
C TYR Z 132 -74.96 -24.93 -46.62
N VAL Z 133 -75.21 -25.00 -47.93
CA VAL Z 133 -75.67 -23.82 -48.66
C VAL Z 133 -76.95 -23.29 -48.04
N ALA Z 134 -77.86 -24.18 -47.66
CA ALA Z 134 -79.09 -23.76 -47.02
C ALA Z 134 -78.81 -23.10 -45.68
N LEU Z 135 -77.92 -23.69 -44.88
CA LEU Z 135 -77.62 -23.12 -43.57
C LEU Z 135 -76.94 -21.76 -43.68
N ILE Z 136 -76.31 -21.46 -44.80
CA ILE Z 136 -75.66 -20.16 -44.95
C ILE Z 136 -76.51 -19.14 -45.69
N SER Z 137 -77.53 -19.58 -46.44
CA SER Z 137 -78.31 -18.66 -47.26
C SER Z 137 -79.14 -17.71 -46.41
N ASN Z 138 -79.46 -16.55 -47.00
CA ASN Z 138 -80.38 -15.60 -46.39
C ASN Z 138 -81.75 -15.61 -47.04
N GLY Z 139 -81.83 -15.96 -48.32
CA GLY Z 139 -83.10 -15.98 -49.02
C GLY Z 139 -83.02 -15.58 -50.48
N SER Z 140 -81.96 -14.88 -50.86
CA SER Z 140 -81.82 -14.46 -52.26
C SER Z 140 -81.61 -15.67 -53.14
N ILE Z 141 -82.35 -15.73 -54.24
CA ILE Z 141 -82.41 -16.95 -55.02
C ILE Z 141 -81.35 -17.02 -56.11
N ALA Z 142 -80.88 -15.87 -56.61
CA ALA Z 142 -79.92 -15.89 -57.70
C ALA Z 142 -78.62 -16.58 -57.27
N TYR Z 143 -78.14 -16.27 -56.07
CA TYR Z 143 -76.93 -16.91 -55.58
C TYR Z 143 -77.17 -18.38 -55.27
N ILE Z 144 -78.38 -18.71 -54.83
CA ILE Z 144 -78.73 -20.12 -54.67
C ILE Z 144 -78.59 -20.85 -56.00
N ASN Z 145 -79.07 -20.23 -57.08
CA ASN Z 145 -78.93 -20.85 -58.38
C ASN Z 145 -77.48 -20.94 -58.82
N ARG Z 146 -76.65 -19.95 -58.46
CA ARG Z 146 -75.27 -20.01 -58.91
C ARG Z 146 -74.54 -21.13 -58.16
N MET Z 147 -74.81 -21.25 -56.84
CA MET Z 147 -74.45 -22.44 -56.08
C MET Z 147 -74.87 -23.72 -56.78
N LEU Z 148 -76.12 -23.76 -57.24
CA LEU Z 148 -76.67 -24.96 -57.87
C LEU Z 148 -75.88 -25.34 -59.11
N ARG Z 149 -75.60 -24.35 -59.96
CA ARG Z 149 -74.78 -24.59 -61.14
C ARG Z 149 -73.40 -25.13 -60.74
N TYR Z 150 -72.77 -24.51 -59.74
CA TYR Z 150 -71.44 -24.93 -59.34
C TYR Z 150 -71.45 -26.37 -58.84
N ILE Z 151 -72.43 -26.72 -58.01
CA ILE Z 151 -72.42 -28.03 -57.36
C ILE Z 151 -72.80 -29.13 -58.34
N PHE Z 152 -73.79 -28.91 -59.20
CA PHE Z 152 -74.20 -29.97 -60.12
C PHE Z 152 -73.45 -29.92 -61.45
N ASN Z 153 -73.55 -28.80 -62.17
CA ASN Z 153 -72.96 -28.70 -63.50
C ASN Z 153 -71.48 -28.34 -63.45
N ASP Z 154 -70.92 -28.15 -62.26
CA ASP Z 154 -69.48 -27.90 -62.10
C ASP Z 154 -69.05 -26.63 -62.83
N ASP Z 155 -69.89 -25.59 -62.76
CA ASP Z 155 -69.64 -24.30 -63.41
C ASP Z 155 -69.43 -24.50 -64.92
N GLU Z 156 -70.48 -24.95 -65.57
CA GLU Z 156 -70.46 -25.22 -67.00
C GLU Z 156 -71.78 -24.77 -67.61
N PRO Z 157 -71.74 -24.08 -68.74
CA PRO Z 157 -72.98 -23.55 -69.34
C PRO Z 157 -73.97 -24.65 -69.68
N TRP Z 158 -75.24 -24.35 -69.50
CA TRP Z 158 -76.30 -25.34 -69.59
C TRP Z 158 -76.88 -25.37 -71.01
N ASP Z 159 -77.78 -26.32 -71.24
CA ASP Z 159 -78.49 -26.44 -72.50
C ASP Z 159 -79.96 -26.72 -72.20
N GLU Z 160 -80.84 -25.78 -72.58
CA GLU Z 160 -82.25 -25.91 -72.29
C GLU Z 160 -82.93 -27.01 -73.08
N ALA Z 161 -82.25 -27.60 -74.06
CA ALA Z 161 -82.85 -28.62 -74.91
C ALA Z 161 -83.36 -29.81 -74.11
N THR Z 162 -82.84 -30.03 -72.91
CA THR Z 162 -83.31 -31.10 -72.03
C THR Z 162 -84.09 -30.55 -70.83
N GLY Z 163 -84.48 -29.27 -70.88
CA GLY Z 163 -85.26 -28.67 -69.81
C GLY Z 163 -84.59 -28.80 -68.45
N LEU Z 164 -83.49 -28.10 -68.25
CA LEU Z 164 -82.57 -28.41 -67.16
C LEU Z 164 -83.11 -27.85 -65.84
N TYR Z 165 -82.27 -27.85 -64.82
CA TYR Z 165 -82.68 -27.73 -63.43
C TYR Z 165 -82.50 -26.30 -62.93
N PHE Z 166 -83.56 -25.73 -62.35
CA PHE Z 166 -83.52 -24.38 -61.79
C PHE Z 166 -84.47 -24.29 -60.61
N TYR Z 167 -84.28 -23.27 -59.78
CA TYR Z 167 -85.00 -23.15 -58.53
C TYR Z 167 -86.50 -22.99 -58.78
N LEU Z 168 -86.93 -21.83 -59.28
CA LEU Z 168 -88.16 -21.66 -60.05
C LEU Z 168 -88.33 -20.19 -60.44
N MET Z 169 -89.43 -19.90 -61.12
CA MET Z 169 -89.79 -18.53 -61.49
C MET Z 169 -90.46 -17.76 -60.36
N ASP Z 170 -90.88 -18.44 -59.29
CA ASP Z 170 -91.57 -17.83 -58.16
C ASP Z 170 -92.88 -17.21 -58.62
N SER Z 171 -93.52 -16.42 -57.74
CA SER Z 171 -94.75 -15.73 -58.13
C SER Z 171 -94.51 -14.81 -59.31
N THR Z 172 -93.28 -14.36 -59.50
CA THR Z 172 -92.95 -13.55 -60.67
C THR Z 172 -93.11 -14.39 -61.94
N GLY Z 173 -93.65 -13.77 -62.98
CA GLY Z 173 -93.78 -14.43 -64.25
C GLY Z 173 -92.49 -14.41 -65.05
N GLU Z 174 -92.45 -15.25 -66.08
CA GLU Z 174 -91.28 -15.28 -66.94
C GLU Z 174 -91.34 -14.18 -68.01
N ASN Z 175 -92.33 -14.25 -68.89
CA ASN Z 175 -92.40 -13.31 -70.00
C ASN Z 175 -93.82 -13.19 -70.50
N GLY Z 176 -94.07 -12.07 -71.17
CA GLY Z 176 -95.31 -11.83 -71.88
C GLY Z 176 -95.09 -11.80 -73.37
N PRO Z 177 -94.99 -10.59 -73.94
CA PRO Z 177 -94.81 -10.46 -75.38
C PRO Z 177 -93.46 -10.99 -75.88
N VAL Z 178 -93.20 -10.82 -77.17
CA VAL Z 178 -91.97 -11.28 -77.79
C VAL Z 178 -91.04 -10.10 -78.02
N GLU Z 179 -89.77 -10.27 -77.67
CA GLU Z 179 -88.76 -9.23 -77.83
C GLU Z 179 -87.51 -9.81 -78.48
N ASN Z 180 -86.84 -8.97 -79.26
CA ASN Z 180 -85.54 -9.27 -79.84
C ASN Z 180 -85.56 -10.59 -80.59
N LEU Z 181 -86.35 -10.61 -81.66
CA LEU Z 181 -86.42 -11.77 -82.52
C LEU Z 181 -85.27 -11.77 -83.53
N ALA Z 182 -85.14 -12.88 -84.25
CA ALA Z 182 -84.13 -12.99 -85.29
C ALA Z 182 -84.65 -13.94 -86.36
N VAL Z 183 -84.11 -13.79 -87.58
CA VAL Z 183 -84.51 -14.59 -88.72
C VAL Z 183 -83.33 -15.46 -89.12
N TYR Z 184 -83.42 -16.75 -88.80
CA TYR Z 184 -82.43 -17.74 -89.21
C TYR Z 184 -83.07 -18.59 -90.30
N ARG Z 185 -82.60 -18.43 -91.53
CA ARG Z 185 -83.19 -19.11 -92.68
C ARG Z 185 -82.15 -20.05 -93.28
N LYS Z 186 -82.52 -21.33 -93.40
CA LYS Z 186 -81.67 -22.32 -94.06
C LYS Z 186 -82.00 -22.41 -95.54
N ASP Z 187 -80.98 -22.29 -96.38
CA ASP Z 187 -81.14 -22.41 -97.82
C ASP Z 187 -79.84 -22.96 -98.39
N TRP Z 188 -79.67 -22.81 -99.71
CA TRP Z 188 -78.43 -23.18 -100.38
C TRP Z 188 -77.21 -22.57 -99.69
N GLU Z 189 -77.25 -21.27 -99.42
CA GLU Z 189 -76.10 -20.54 -98.91
C GLU Z 189 -75.99 -20.57 -97.40
N GLY Z 190 -76.57 -21.58 -96.75
CA GLY Z 190 -76.38 -21.74 -95.33
C GLY Z 190 -77.09 -20.68 -94.50
N MET Z 191 -76.66 -20.59 -93.25
CA MET Z 191 -77.25 -19.65 -92.31
C MET Z 191 -77.02 -18.20 -92.71
N VAL Z 192 -78.09 -17.41 -92.63
CA VAL Z 192 -78.04 -15.97 -92.83
C VAL Z 192 -78.99 -15.33 -91.83
N LEU Z 193 -78.52 -14.27 -91.16
CA LEU Z 193 -79.37 -13.49 -90.28
C LEU Z 193 -79.91 -12.27 -91.02
N LEU Z 194 -81.13 -11.88 -90.67
CA LEU Z 194 -81.83 -10.78 -91.34
C LEU Z 194 -82.19 -9.70 -90.34
N SER Z 195 -82.47 -8.51 -90.86
CA SER Z 195 -82.79 -7.34 -90.05
C SER Z 195 -84.13 -6.77 -90.46
N SER Z 196 -84.94 -6.41 -89.48
CA SER Z 196 -86.23 -5.76 -89.77
C SER Z 196 -86.01 -4.40 -90.40
N SER Z 197 -85.02 -3.65 -89.94
CA SER Z 197 -84.72 -2.36 -90.55
C SER Z 197 -84.22 -2.56 -91.98
N PRO Z 198 -84.57 -1.66 -92.90
CA PRO Z 198 -84.06 -1.77 -94.26
C PRO Z 198 -82.54 -1.67 -94.31
N ARG Z 199 -81.94 -2.41 -95.23
CA ARG Z 199 -80.49 -2.55 -95.32
C ARG Z 199 -79.98 -1.96 -96.64
N THR Z 200 -78.85 -1.26 -96.56
CA THR Z 200 -78.26 -0.61 -97.71
C THR Z 200 -77.12 -1.45 -98.29
N ASN Z 201 -77.04 -1.46 -99.61
CA ASN Z 201 -75.99 -2.21 -100.32
C ASN Z 201 -75.40 -1.28 -101.36
N HIS Z 202 -74.22 -0.73 -101.08
CA HIS Z 202 -73.65 0.34 -101.89
C HIS Z 202 -72.84 -0.16 -103.08
N VAL Z 203 -72.81 -1.47 -103.33
CA VAL Z 203 -72.07 -1.98 -104.48
C VAL Z 203 -72.77 -1.55 -105.76
N LEU Z 204 -72.02 -0.92 -106.65
CA LEU Z 204 -72.61 -0.40 -107.88
C LEU Z 204 -72.97 -1.53 -108.85
N THR Z 205 -72.06 -2.48 -109.03
CA THR Z 205 -72.26 -3.58 -109.97
C THR Z 205 -72.10 -4.90 -109.24
N SER Z 206 -73.12 -5.76 -109.35
CA SER Z 206 -73.05 -7.07 -108.72
C SER Z 206 -71.94 -7.92 -109.33
N THR Z 207 -71.70 -7.76 -110.62
CA THR Z 207 -70.64 -8.46 -111.32
C THR Z 207 -69.87 -7.49 -112.20
N PRO Z 208 -68.56 -7.70 -112.35
CA PRO Z 208 -67.79 -6.86 -113.27
C PRO Z 208 -68.13 -7.16 -114.72
N ALA Z 209 -67.93 -6.16 -115.58
CA ALA Z 209 -68.14 -6.30 -117.01
C ALA Z 209 -66.84 -6.34 -117.79
N SER Z 210 -65.96 -5.37 -117.58
CA SER Z 210 -64.66 -5.32 -118.26
C SER Z 210 -63.73 -4.47 -117.41
N ASP Z 211 -62.53 -4.19 -117.95
CA ASP Z 211 -61.60 -3.32 -117.25
C ASP Z 211 -62.17 -1.92 -117.07
N ALA Z 212 -62.96 -1.44 -118.04
CA ALA Z 212 -63.62 -0.15 -117.89
C ALA Z 212 -64.62 -0.17 -116.75
N ASP Z 213 -65.32 -1.30 -116.55
CA ASP Z 213 -66.31 -1.39 -115.49
C ASP Z 213 -65.66 -1.22 -114.11
N TRP Z 214 -64.63 -2.01 -113.83
CA TRP Z 214 -63.91 -1.95 -112.56
C TRP Z 214 -62.46 -1.56 -112.84
N PRO Z 215 -62.12 -0.27 -112.72
CA PRO Z 215 -60.77 0.16 -113.13
C PRO Z 215 -59.68 -0.45 -112.27
N GLY Z 216 -58.51 -0.62 -112.88
CA GLY Z 216 -57.33 -1.12 -112.19
C GLY Z 216 -56.28 -0.03 -112.03
N VAL Z 217 -55.65 0.01 -110.86
CA VAL Z 217 -54.68 1.04 -110.52
C VAL Z 217 -53.34 0.38 -110.19
N ASP Z 218 -52.27 0.94 -110.76
CA ASP Z 218 -50.92 0.41 -110.65
C ASP Z 218 -49.96 1.52 -110.22
N PRO Z 219 -49.43 1.45 -109.00
CA PRO Z 219 -48.40 2.41 -108.58
C PRO Z 219 -47.07 2.23 -109.30
N ALA Z 220 -46.60 0.99 -109.36
CA ALA Z 220 -45.26 0.71 -109.87
C ALA Z 220 -45.14 0.96 -111.37
N ALA Z 221 -46.20 0.72 -112.14
CA ALA Z 221 -46.15 0.80 -113.59
C ALA Z 221 -45.08 -0.11 -114.17
N SER Z 222 -44.93 -1.28 -113.56
CA SER Z 222 -43.94 -2.26 -114.00
C SER Z 222 -44.50 -3.26 -115.01
N GLY Z 223 -45.81 -3.28 -115.23
CA GLY Z 223 -46.38 -4.23 -116.16
C GLY Z 223 -47.80 -3.85 -116.52
N ILE Z 224 -48.45 -4.75 -117.24
CA ILE Z 224 -49.83 -4.55 -117.69
C ILE Z 224 -50.77 -4.66 -116.51
N PRO Z 225 -51.88 -3.93 -116.49
CA PRO Z 225 -52.87 -4.10 -115.43
C PRO Z 225 -53.57 -5.44 -115.53
N VAL Z 226 -54.11 -5.88 -114.40
CA VAL Z 226 -54.88 -7.12 -114.37
C VAL Z 226 -56.16 -6.97 -115.19
N THR Z 227 -56.45 -7.97 -116.01
CA THR Z 227 -57.62 -7.97 -116.87
C THR Z 227 -58.80 -8.63 -116.17
N VAL Z 228 -60.01 -8.30 -116.63
CA VAL Z 228 -61.25 -8.83 -116.08
C VAL Z 228 -62.17 -9.21 -117.24
N GLU Z 229 -62.75 -10.41 -117.16
CA GLU Z 229 -63.77 -10.83 -118.10
C GLU Z 229 -64.67 -11.87 -117.47
N THR Z 230 -65.85 -12.04 -118.07
CA THR Z 230 -66.91 -12.89 -117.52
C THR Z 230 -66.96 -14.21 -118.29
N ALA Z 231 -66.64 -15.30 -117.60
CA ALA Z 231 -66.74 -16.64 -118.14
C ALA Z 231 -67.94 -17.37 -117.56
N SER Z 232 -68.07 -18.64 -117.94
CA SER Z 232 -69.23 -19.45 -117.56
C SER Z 232 -68.77 -20.55 -116.61
N ALA Z 233 -69.33 -20.56 -115.41
CA ALA Z 233 -69.14 -21.66 -114.48
C ALA Z 233 -70.35 -21.76 -113.56
N THR Z 234 -70.49 -22.92 -112.93
CA THR Z 234 -71.69 -23.23 -112.16
C THR Z 234 -71.73 -22.35 -110.91
N ALA Z 235 -72.55 -21.31 -110.93
CA ALA Z 235 -72.72 -20.47 -109.76
C ALA Z 235 -73.48 -21.22 -108.67
N PRO Z 236 -73.23 -20.91 -107.40
CA PRO Z 236 -73.95 -21.61 -106.31
C PRO Z 236 -75.45 -21.38 -106.34
N ASP Z 237 -75.89 -20.20 -106.81
CA ASP Z 237 -77.31 -19.88 -106.78
C ASP Z 237 -78.09 -20.56 -107.90
N GLY Z 238 -77.42 -21.03 -108.95
CA GLY Z 238 -78.08 -21.79 -109.99
C GLY Z 238 -77.99 -21.21 -111.38
N SER Z 239 -76.94 -20.46 -111.67
CA SER Z 239 -76.75 -19.85 -112.99
C SER Z 239 -75.29 -19.97 -113.37
N ALA Z 240 -74.91 -19.30 -114.46
CA ALA Z 240 -73.54 -19.25 -114.95
C ALA Z 240 -73.20 -17.79 -115.20
N THR Z 241 -72.73 -17.09 -114.15
CA THR Z 241 -72.42 -15.67 -114.26
C THR Z 241 -71.13 -15.34 -113.50
N VAL Z 242 -70.23 -16.32 -113.36
CA VAL Z 242 -68.98 -16.09 -112.67
C VAL Z 242 -68.08 -15.18 -113.51
N CYS Z 243 -67.02 -14.68 -112.87
CA CYS Z 243 -66.09 -13.77 -113.51
C CYS Z 243 -64.67 -14.34 -113.42
N LYS Z 244 -63.85 -13.99 -114.41
CA LYS Z 244 -62.43 -14.33 -114.45
C LYS Z 244 -61.59 -13.08 -114.22
N LEU Z 245 -60.42 -13.28 -113.61
CA LEU Z 245 -59.33 -12.32 -113.71
C LEU Z 245 -58.03 -13.07 -113.43
N THR Z 246 -57.01 -12.78 -114.22
CA THR Z 246 -55.71 -13.44 -114.08
C THR Z 246 -54.64 -12.38 -113.89
N LYS Z 247 -53.58 -12.77 -113.19
CA LYS Z 247 -52.55 -11.82 -112.77
C LYS Z 247 -51.25 -12.16 -113.49
N PRO Z 248 -50.93 -11.50 -114.61
CA PRO Z 248 -49.71 -11.83 -115.33
C PRO Z 248 -48.47 -11.46 -114.53
N ALA Z 249 -47.37 -12.14 -114.85
CA ALA Z 249 -46.12 -11.92 -114.13
C ALA Z 249 -45.61 -10.51 -114.36
N GLY Z 250 -44.89 -9.99 -113.37
CA GLY Z 250 -44.35 -8.65 -113.44
C GLY Z 250 -45.39 -7.55 -113.42
N SER Z 251 -46.49 -7.74 -112.70
CA SER Z 251 -47.48 -6.70 -112.49
C SER Z 251 -47.93 -6.72 -111.04
N THR Z 252 -48.22 -5.55 -110.50
CA THR Z 252 -48.69 -5.41 -109.12
C THR Z 252 -49.98 -4.59 -109.20
N ALA Z 253 -51.10 -5.24 -109.50
CA ALA Z 253 -52.28 -4.50 -109.91
C ALA Z 253 -53.48 -4.97 -109.12
N TYR Z 254 -54.46 -4.08 -109.01
CA TYR Z 254 -55.68 -4.32 -108.27
C TYR Z 254 -56.81 -3.57 -108.94
N VAL Z 255 -57.97 -4.22 -109.06
CA VAL Z 255 -59.17 -3.62 -109.63
C VAL Z 255 -60.15 -3.29 -108.51
N SER Z 256 -60.74 -2.11 -108.58
CA SER Z 256 -61.67 -1.63 -107.55
C SER Z 256 -62.98 -1.24 -108.22
N ALA Z 257 -64.08 -1.79 -107.73
CA ALA Z 257 -65.39 -1.38 -108.19
C ALA Z 257 -65.70 0.00 -107.63
N PRO Z 258 -65.97 1.00 -108.46
CA PRO Z 258 -66.22 2.34 -107.93
C PRO Z 258 -67.50 2.37 -107.10
N ILE Z 259 -67.38 2.89 -105.88
CA ILE Z 259 -68.48 2.96 -104.93
C ILE Z 259 -68.59 4.40 -104.42
N ASP Z 260 -69.80 4.80 -104.06
CA ASP Z 260 -70.03 6.14 -103.54
C ASP Z 260 -69.37 6.34 -102.19
N GLY Z 261 -69.10 7.60 -101.87
CA GLY Z 261 -68.47 7.95 -100.61
C GLY Z 261 -68.90 9.31 -100.12
N PRO Z 262 -68.80 9.55 -98.80
CA PRO Z 262 -68.32 8.58 -97.80
C PRO Z 262 -69.38 7.53 -97.46
N LEU Z 263 -68.92 6.35 -97.03
CA LEU Z 263 -69.85 5.26 -96.75
C LEU Z 263 -70.63 5.50 -95.46
N GLY Z 264 -69.96 5.99 -94.43
CA GLY Z 264 -70.60 6.21 -93.15
C GLY Z 264 -69.76 7.11 -92.28
N SER Z 265 -70.28 7.39 -91.08
CA SER Z 265 -69.64 8.28 -90.12
C SER Z 265 -69.11 7.45 -88.96
N GLY Z 266 -67.90 6.91 -89.13
CA GLY Z 266 -67.21 6.20 -88.06
C GLY Z 266 -67.97 5.02 -87.48
N SER Z 267 -68.61 4.25 -88.33
CA SER Z 267 -69.39 3.10 -87.91
C SER Z 267 -68.86 1.83 -88.57
N THR Z 268 -69.51 0.71 -88.28
CA THR Z 268 -69.04 -0.59 -88.77
C THR Z 268 -69.21 -0.68 -90.28
N VAL Z 269 -68.23 -1.32 -90.93
CA VAL Z 269 -68.24 -1.58 -92.35
C VAL Z 269 -68.08 -3.07 -92.56
N THR Z 270 -69.05 -3.70 -93.19
CA THR Z 270 -69.08 -5.15 -93.37
C THR Z 270 -68.90 -5.46 -94.86
N PHE Z 271 -67.64 -5.60 -95.28
CA PHE Z 271 -67.34 -6.01 -96.64
C PHE Z 271 -67.63 -7.50 -96.82
N SER Z 272 -68.13 -7.86 -98.00
CA SER Z 272 -68.42 -9.25 -98.31
C SER Z 272 -67.94 -9.56 -99.72
N PHE Z 273 -67.63 -10.83 -99.95
CA PHE Z 273 -67.02 -11.26 -101.21
C PHE Z 273 -67.15 -12.77 -101.29
N PHE Z 274 -67.89 -13.26 -102.30
CA PHE Z 274 -68.10 -14.69 -102.44
C PHE Z 274 -66.78 -15.39 -102.72
N ALA Z 275 -66.64 -16.59 -102.17
CA ALA Z 275 -65.44 -17.39 -102.34
C ALA Z 275 -65.65 -18.40 -103.45
N LYS Z 276 -64.91 -18.21 -104.55
CA LYS Z 276 -65.01 -19.06 -105.73
C LYS Z 276 -63.69 -19.75 -105.98
N ALA Z 277 -63.73 -21.06 -106.22
CA ALA Z 277 -62.51 -21.83 -106.46
C ALA Z 277 -61.78 -21.30 -107.68
N GLY Z 278 -60.46 -21.12 -107.55
CA GLY Z 278 -59.65 -20.67 -108.65
C GLY Z 278 -58.38 -21.46 -108.81
N SER Z 279 -57.48 -21.02 -109.70
CA SER Z 279 -56.20 -21.70 -109.85
C SER Z 279 -55.36 -21.61 -108.58
N THR Z 280 -55.40 -20.45 -107.92
CA THR Z 280 -54.69 -20.22 -106.67
C THR Z 280 -55.61 -20.50 -105.48
N ARG Z 281 -55.02 -20.95 -104.38
CA ARG Z 281 -55.76 -21.34 -103.20
C ARG Z 281 -55.98 -20.20 -102.23
N PHE Z 282 -55.59 -18.97 -102.58
CA PHE Z 282 -55.69 -17.84 -101.68
C PHE Z 282 -56.28 -16.65 -102.41
N ILE Z 283 -57.02 -15.82 -101.66
CA ILE Z 283 -57.65 -14.62 -102.20
C ILE Z 283 -57.37 -13.45 -101.26
N ALA Z 284 -57.03 -12.31 -101.83
CA ALA Z 284 -56.64 -11.13 -101.07
C ALA Z 284 -57.67 -10.03 -101.25
N ILE Z 285 -58.00 -9.35 -100.14
CA ILE Z 285 -58.97 -8.26 -100.13
C ILE Z 285 -58.39 -7.10 -99.35
N GLN Z 286 -58.99 -5.93 -99.54
CA GLN Z 286 -58.52 -4.72 -98.86
C GLN Z 286 -59.65 -3.72 -98.77
N SER Z 287 -59.77 -3.06 -97.62
CA SER Z 287 -60.74 -1.99 -97.39
C SER Z 287 -59.96 -0.72 -97.05
N ALA Z 288 -59.66 0.07 -98.07
CA ALA Z 288 -58.82 1.24 -97.89
C ALA Z 288 -59.55 2.33 -97.12
N ALA Z 289 -58.79 3.36 -96.74
CA ALA Z 289 -59.28 4.47 -95.94
C ALA Z 289 -58.37 5.66 -96.18
N ASP Z 290 -58.45 6.67 -95.32
CA ASP Z 290 -57.60 7.84 -95.44
C ASP Z 290 -56.12 7.43 -95.44
N PHE Z 291 -55.36 8.03 -96.33
CA PHE Z 291 -53.94 7.68 -96.47
C PHE Z 291 -53.13 8.37 -95.38
N PRO Z 292 -52.34 7.62 -94.59
CA PRO Z 292 -52.34 6.15 -94.60
C PRO Z 292 -53.13 5.52 -93.45
N SER Z 293 -54.23 4.82 -93.76
CA SER Z 293 -54.94 4.07 -92.72
C SER Z 293 -55.55 2.75 -93.21
N ARG Z 294 -55.11 2.18 -94.32
CA ARG Z 294 -55.80 1.03 -94.89
C ARG Z 294 -55.73 -0.18 -93.98
N ALA Z 295 -56.84 -0.90 -93.91
CA ALA Z 295 -56.92 -2.19 -93.23
C ALA Z 295 -57.40 -3.24 -94.22
N ASP Z 296 -56.67 -4.35 -94.29
CA ASP Z 296 -56.92 -5.37 -95.30
C ASP Z 296 -56.85 -6.75 -94.67
N ALA Z 297 -57.16 -7.77 -95.48
CA ALA Z 297 -57.19 -9.13 -95.00
C ALA Z 297 -56.94 -10.08 -96.17
N VAL Z 298 -56.59 -11.32 -95.85
CA VAL Z 298 -56.37 -12.36 -96.84
C VAL Z 298 -57.04 -13.65 -96.35
N PHE Z 299 -57.72 -14.33 -97.27
CA PHE Z 299 -58.45 -15.55 -96.95
C PHE Z 299 -57.78 -16.75 -97.61
N ASP Z 300 -57.74 -17.88 -96.90
CA ASP Z 300 -57.28 -19.14 -97.45
C ASP Z 300 -58.48 -19.83 -98.09
N LEU Z 301 -58.54 -19.81 -99.42
CA LEU Z 301 -59.66 -20.42 -100.11
C LEU Z 301 -59.70 -21.92 -99.87
N ASP Z 302 -58.54 -22.59 -99.94
CA ASP Z 302 -58.52 -24.04 -99.87
C ASP Z 302 -58.84 -24.54 -98.47
N SER Z 303 -58.18 -23.97 -97.45
CA SER Z 303 -58.32 -24.49 -96.09
C SER Z 303 -59.35 -23.73 -95.27
N GLY Z 304 -59.45 -22.42 -95.47
CA GLY Z 304 -60.44 -21.64 -94.75
C GLY Z 304 -59.92 -21.02 -93.47
N ASN Z 305 -58.76 -20.38 -93.53
CA ASN Z 305 -58.20 -19.69 -92.39
C ASN Z 305 -57.68 -18.32 -92.82
N VAL Z 306 -57.97 -17.30 -92.03
CA VAL Z 306 -57.43 -15.97 -92.29
C VAL Z 306 -55.97 -15.95 -91.88
N ILE Z 307 -55.13 -15.29 -92.68
CA ILE Z 307 -53.68 -15.26 -92.44
C ILE Z 307 -53.19 -13.82 -92.26
N SER Z 308 -53.31 -13.00 -93.30
CA SER Z 308 -52.72 -11.67 -93.32
C SER Z 308 -53.80 -10.62 -93.09
N ASP Z 309 -53.54 -9.74 -92.12
CA ASP Z 309 -54.40 -8.62 -91.75
C ASP Z 309 -53.69 -7.77 -90.71
N GLN Z 310 -53.88 -6.45 -90.78
CA GLN Z 310 -52.91 -5.54 -90.21
C GLN Z 310 -53.56 -4.29 -89.62
N MET Z 311 -52.72 -3.54 -88.89
CA MET Z 311 -53.04 -2.22 -88.34
C MET Z 311 -52.35 -1.12 -89.13
N LEU Z 312 -53.14 -0.19 -89.65
CA LEU Z 312 -52.67 1.15 -89.97
C LEU Z 312 -53.42 2.20 -89.19
N ASP Z 313 -54.69 1.94 -88.90
CA ASP Z 313 -55.54 2.70 -88.01
C ASP Z 313 -56.13 1.73 -86.98
N SER Z 314 -57.15 2.21 -86.27
CA SER Z 314 -57.83 1.40 -85.26
C SER Z 314 -59.00 0.66 -85.88
N SER Z 315 -58.86 0.29 -87.16
CA SER Z 315 -60.01 -0.02 -88.00
C SER Z 315 -60.70 -1.34 -87.64
N VAL Z 316 -59.99 -2.47 -87.76
CA VAL Z 316 -60.68 -3.75 -87.96
C VAL Z 316 -61.47 -4.15 -86.72
N VAL Z 317 -62.45 -5.02 -86.92
CA VAL Z 317 -63.13 -5.71 -85.83
C VAL Z 317 -62.80 -7.20 -85.86
N SER Z 318 -63.17 -7.90 -86.94
CA SER Z 318 -62.95 -9.34 -87.06
C SER Z 318 -63.15 -9.76 -88.50
N ALA Z 319 -62.68 -10.96 -88.82
CA ALA Z 319 -62.85 -11.55 -90.14
C ALA Z 319 -62.93 -13.05 -89.98
N ARG Z 320 -63.94 -13.68 -90.59
CA ARG Z 320 -64.21 -15.09 -90.39
C ARG Z 320 -64.75 -15.68 -91.69
N MET Z 321 -64.55 -16.98 -91.86
CA MET Z 321 -64.91 -17.70 -93.08
C MET Z 321 -66.01 -18.71 -92.78
N ILE Z 322 -66.95 -18.85 -93.71
CA ILE Z 322 -68.07 -19.78 -93.56
C ILE Z 322 -68.04 -20.75 -94.74
N ARG Z 323 -68.20 -22.04 -94.44
CA ARG Z 323 -68.11 -23.08 -95.46
C ARG Z 323 -69.39 -23.16 -96.28
N LEU Z 324 -69.22 -23.39 -97.58
CA LEU Z 324 -70.31 -23.70 -98.49
C LEU Z 324 -69.96 -24.97 -99.26
N GLU Z 325 -70.97 -25.58 -99.84
CA GLU Z 325 -70.81 -26.87 -100.51
C GLU Z 325 -70.26 -26.68 -101.92
N ASN Z 326 -69.51 -27.68 -102.38
CA ASN Z 326 -68.99 -27.77 -103.75
C ASN Z 326 -67.94 -26.70 -104.05
N GLY Z 327 -66.98 -26.54 -103.16
CA GLY Z 327 -65.83 -25.71 -103.43
C GLY Z 327 -66.08 -24.22 -103.38
N TRP Z 328 -66.96 -23.76 -102.51
CA TRP Z 328 -67.18 -22.34 -102.31
C TRP Z 328 -67.30 -22.06 -100.82
N TRP Z 329 -67.07 -20.80 -100.44
CA TRP Z 329 -67.08 -20.41 -99.04
C TRP Z 329 -67.73 -19.04 -98.92
N ARG Z 330 -67.82 -18.55 -97.68
CA ARG Z 330 -68.37 -17.24 -97.38
C ARG Z 330 -67.33 -16.43 -96.63
N CYS Z 331 -67.04 -15.22 -97.10
CA CYS Z 331 -66.01 -14.38 -96.53
C CYS Z 331 -66.63 -13.06 -96.06
N VAL Z 332 -66.26 -12.64 -94.84
CA VAL Z 332 -66.75 -11.41 -94.25
C VAL Z 332 -65.58 -10.63 -93.68
N LEU Z 333 -65.81 -9.33 -93.48
CA LEU Z 333 -64.82 -8.46 -92.83
C LEU Z 333 -65.57 -7.38 -92.08
N THR Z 334 -65.08 -7.04 -90.90
CA THR Z 334 -65.71 -6.05 -90.04
C THR Z 334 -64.68 -5.03 -89.59
N THR Z 335 -65.12 -3.79 -89.39
CA THR Z 335 -64.21 -2.68 -89.16
C THR Z 335 -64.93 -1.57 -88.40
N LYS Z 336 -64.30 -1.06 -87.34
CA LYS Z 336 -64.78 0.15 -86.67
C LYS Z 336 -63.63 1.15 -86.63
N THR Z 337 -63.80 2.27 -87.33
CA THR Z 337 -62.76 3.28 -87.41
C THR Z 337 -63.23 4.56 -86.73
N VAL Z 338 -62.32 5.18 -85.97
CA VAL Z 338 -62.65 6.44 -85.29
C VAL Z 338 -62.96 7.52 -86.31
N SER Z 339 -62.14 7.63 -87.35
CA SER Z 339 -62.43 8.54 -88.44
C SER Z 339 -63.57 7.97 -89.29
N SER Z 340 -63.86 8.65 -90.40
CA SER Z 340 -64.91 8.21 -91.30
C SER Z 340 -64.50 8.34 -92.77
N SER Z 341 -63.22 8.52 -93.05
CA SER Z 341 -62.76 8.77 -94.42
C SER Z 341 -62.56 7.44 -95.14
N PHE Z 342 -63.68 6.84 -95.51
CA PHE Z 342 -63.67 5.66 -96.38
C PHE Z 342 -63.58 6.15 -97.83
N ARG Z 343 -62.67 5.56 -98.59
CA ARG Z 343 -62.44 6.00 -99.96
C ARG Z 343 -62.73 4.92 -100.99
N ALA Z 344 -62.14 3.73 -100.85
CA ALA Z 344 -62.32 2.68 -101.85
C ALA Z 344 -61.97 1.34 -101.22
N ALA Z 345 -62.37 0.28 -101.91
CA ALA Z 345 -62.06 -1.09 -101.52
C ALA Z 345 -61.42 -1.80 -102.69
N TYR Z 346 -60.29 -2.46 -102.45
CA TYR Z 346 -59.52 -3.12 -103.49
C TYR Z 346 -59.56 -4.63 -103.29
N VAL Z 347 -59.65 -5.37 -104.40
CA VAL Z 347 -59.55 -6.83 -104.38
C VAL Z 347 -58.70 -7.26 -105.57
N ALA Z 348 -57.73 -8.14 -105.31
CA ALA Z 348 -56.83 -8.64 -106.35
C ALA Z 348 -56.26 -9.97 -105.89
N PRO Z 349 -55.83 -10.83 -106.81
CA PRO Z 349 -55.32 -12.14 -106.43
C PRO Z 349 -53.89 -12.06 -105.88
N ALA Z 350 -53.55 -13.07 -105.08
CA ALA Z 350 -52.23 -13.18 -104.49
C ALA Z 350 -51.74 -14.62 -104.58
N GLU Z 351 -50.42 -14.79 -104.54
CA GLU Z 351 -49.83 -16.11 -104.71
C GLU Z 351 -49.98 -16.96 -103.44
N THR Z 352 -49.38 -16.52 -102.35
CA THR Z 352 -49.38 -17.29 -101.11
C THR Z 352 -50.30 -16.67 -100.09
N ASN Z 353 -50.52 -17.41 -99.00
CA ASN Z 353 -51.45 -16.98 -97.97
C ASN Z 353 -51.00 -15.68 -97.31
N PHE Z 354 -49.70 -15.57 -97.04
CA PHE Z 354 -49.21 -14.38 -96.37
C PHE Z 354 -48.98 -13.22 -97.33
N SER Z 355 -49.13 -13.45 -98.64
CA SER Z 355 -48.85 -12.41 -99.62
C SER Z 355 -49.79 -11.22 -99.43
N TRP Z 356 -49.27 -10.05 -99.73
CA TRP Z 356 -50.02 -8.81 -99.57
C TRP Z 356 -50.75 -8.46 -100.85
N ILE Z 357 -51.72 -7.56 -100.74
CA ILE Z 357 -52.53 -7.17 -101.89
C ILE Z 357 -51.68 -6.46 -102.94
N ASP Z 358 -50.63 -5.76 -102.51
CA ASP Z 358 -49.80 -4.97 -103.40
C ASP Z 358 -48.46 -5.63 -103.70
N SER Z 359 -48.33 -6.92 -103.40
CA SER Z 359 -47.12 -7.67 -103.71
C SER Z 359 -47.01 -7.91 -105.21
N ASN Z 360 -45.80 -8.19 -105.66
CA ASN Z 360 -45.58 -8.44 -107.08
C ASN Z 360 -45.93 -9.89 -107.43
N SER Z 361 -45.99 -10.15 -108.73
CA SER Z 361 -46.37 -11.45 -109.27
C SER Z 361 -45.17 -12.11 -109.91
N SER Z 362 -45.06 -13.42 -109.72
CA SER Z 362 -43.98 -14.19 -110.33
C SER Z 362 -44.44 -14.98 -111.54
N ALA Z 363 -45.76 -15.19 -111.68
CA ALA Z 363 -46.31 -15.96 -112.78
C ALA Z 363 -47.75 -15.54 -113.00
N ALA Z 364 -48.49 -16.32 -113.79
CA ALA Z 364 -49.89 -16.04 -114.07
C ALA Z 364 -50.77 -16.89 -113.16
N ILE Z 365 -51.63 -16.23 -112.40
CA ILE Z 365 -52.54 -16.89 -111.47
C ILE Z 365 -53.96 -16.43 -111.77
N ASP Z 366 -54.93 -17.35 -111.62
CA ASP Z 366 -56.30 -17.07 -112.00
C ASP Z 366 -57.24 -17.45 -110.87
N VAL Z 367 -58.39 -16.77 -110.82
CA VAL Z 367 -59.35 -16.94 -109.73
C VAL Z 367 -60.70 -16.45 -110.22
N LEU Z 368 -61.76 -16.91 -109.56
CA LEU Z 368 -63.13 -16.56 -109.90
C LEU Z 368 -63.72 -15.62 -108.84
N ILE Z 369 -64.63 -14.75 -109.26
CA ILE Z 369 -65.29 -13.81 -108.36
C ILE Z 369 -66.76 -13.70 -108.74
N TRP Z 370 -67.61 -13.55 -107.74
CA TRP Z 370 -69.03 -13.29 -107.98
C TRP Z 370 -69.64 -12.62 -106.76
N GLY Z 371 -70.71 -11.87 -106.99
CA GLY Z 371 -71.64 -11.45 -105.96
C GLY Z 371 -71.08 -10.63 -104.81
N ALA Z 372 -70.65 -9.40 -105.10
CA ALA Z 372 -70.12 -8.51 -104.07
C ALA Z 372 -71.25 -7.73 -103.39
N GLN Z 373 -71.02 -7.37 -102.14
CA GLN Z 373 -71.98 -6.56 -101.39
C GLN Z 373 -71.28 -5.88 -100.23
N ILE Z 374 -71.85 -4.75 -99.82
CA ILE Z 374 -71.36 -3.97 -98.69
C ILE Z 374 -72.56 -3.46 -97.89
N GLU Z 375 -72.45 -3.52 -96.56
CA GLU Z 375 -73.53 -3.02 -95.72
C GLU Z 375 -72.94 -2.46 -94.43
N LEU Z 376 -73.73 -1.61 -93.76
CA LEU Z 376 -73.33 -0.97 -92.52
C LEU Z 376 -73.88 -1.79 -91.35
N GLY Z 377 -73.08 -2.75 -90.91
CA GLY Z 377 -73.46 -3.58 -89.79
C GLY Z 377 -72.29 -4.40 -89.30
N ASP Z 378 -72.59 -5.35 -88.41
CA ASP Z 378 -71.57 -6.23 -87.87
C ASP Z 378 -71.81 -7.70 -88.21
N THR Z 379 -72.90 -8.04 -88.88
CA THR Z 379 -73.22 -9.42 -89.20
C THR Z 379 -73.64 -9.51 -90.67
N PRO Z 380 -73.17 -10.53 -91.40
CA PRO Z 380 -73.57 -10.68 -92.80
C PRO Z 380 -75.06 -10.95 -92.94
N THR Z 381 -75.61 -10.50 -94.06
CA THR Z 381 -77.02 -10.71 -94.38
C THR Z 381 -77.16 -11.39 -95.75
N GLY Z 382 -78.40 -11.55 -96.21
CA GLY Z 382 -78.62 -12.22 -97.47
C GLY Z 382 -78.15 -11.41 -98.65
N TYR Z 383 -77.91 -12.10 -99.76
CA TYR Z 383 -77.42 -11.45 -100.96
C TYR Z 383 -78.56 -10.93 -101.80
N LEU Z 384 -78.32 -9.80 -102.46
CA LEU Z 384 -79.31 -9.11 -103.26
C LEU Z 384 -78.64 -8.44 -104.44
N LYS Z 385 -79.25 -8.54 -105.61
CA LYS Z 385 -78.64 -8.03 -106.83
C LYS Z 385 -78.69 -6.50 -106.85
N THR Z 386 -77.61 -5.90 -107.35
CA THR Z 386 -77.51 -4.46 -107.49
C THR Z 386 -77.01 -4.11 -108.89
N THR Z 387 -77.42 -2.95 -109.37
CA THR Z 387 -76.90 -2.41 -110.62
C THR Z 387 -77.09 -0.90 -110.63
N GLY Z 388 -75.99 -0.17 -110.72
CA GLY Z 388 -76.04 1.27 -110.87
C GLY Z 388 -76.44 2.06 -109.64
N ALA Z 389 -77.14 1.42 -108.70
CA ALA Z 389 -77.67 2.14 -107.55
C ALA Z 389 -77.81 1.17 -106.38
N PRO Z 390 -77.73 1.67 -105.15
CA PRO Z 390 -77.97 0.80 -103.99
C PRO Z 390 -79.38 0.26 -103.99
N VAL Z 391 -79.54 -0.97 -103.51
CA VAL Z 391 -80.83 -1.66 -103.49
C VAL Z 391 -81.17 -1.96 -102.04
N THR Z 392 -82.25 -1.37 -101.55
CA THR Z 392 -82.65 -1.45 -100.15
C THR Z 392 -83.97 -2.19 -100.03
N ILE Z 393 -83.97 -3.25 -99.23
CA ILE Z 393 -85.14 -4.12 -99.07
C ILE Z 393 -85.36 -4.40 -97.60
N THR Z 394 -86.60 -4.29 -97.15
CA THR Z 394 -87.04 -4.84 -95.88
C THR Z 394 -87.74 -6.17 -96.15
N ASP Z 395 -87.19 -7.25 -95.61
CA ASP Z 395 -87.68 -8.57 -95.96
C ASP Z 395 -88.87 -9.01 -95.11
N TYR Z 396 -88.89 -8.63 -93.84
CA TYR Z 396 -89.94 -9.05 -92.91
C TYR Z 396 -90.37 -7.90 -92.03
N VAL Z 397 -91.57 -8.02 -91.47
CA VAL Z 397 -92.08 -7.06 -90.50
C VAL Z 397 -93.02 -7.80 -89.55
N LEU Z 398 -92.95 -7.45 -88.27
CA LEU Z 398 -93.77 -8.10 -87.25
C LEU Z 398 -95.15 -7.48 -87.27
N GLN Z 399 -96.10 -8.15 -87.92
CA GLN Z 399 -97.44 -7.59 -88.07
C GLN Z 399 -98.22 -7.64 -86.76
N ASN Z 400 -98.17 -8.78 -86.06
CA ASN Z 400 -98.73 -8.88 -84.71
C ASN Z 400 -97.73 -9.58 -83.80
N ALA Z 401 -97.39 -8.91 -82.69
CA ALA Z 401 -96.45 -9.49 -81.73
C ALA Z 401 -97.14 -10.45 -80.78
N GLN Z 402 -98.18 -9.97 -80.09
CA GLN Z 402 -98.85 -10.79 -79.10
C GLN Z 402 -99.53 -12.00 -79.72
N THR Z 403 -99.89 -11.91 -81.00
CA THR Z 403 -100.46 -13.07 -81.69
C THR Z 403 -99.40 -14.15 -81.91
N GLY Z 404 -98.19 -13.74 -82.29
CA GLY Z 404 -97.15 -14.70 -82.61
C GLY Z 404 -97.11 -15.01 -84.09
N THR Z 405 -97.11 -13.97 -84.92
CA THR Z 405 -97.21 -14.12 -86.36
C THR Z 405 -96.40 -13.03 -87.05
N VAL Z 406 -96.06 -13.29 -88.31
CA VAL Z 406 -95.24 -12.38 -89.11
C VAL Z 406 -95.65 -12.48 -90.57
N LYS Z 407 -95.65 -11.34 -91.26
CA LYS Z 407 -95.92 -11.27 -92.69
C LYS Z 407 -94.65 -10.84 -93.41
N PHE Z 408 -94.30 -11.56 -94.45
CA PHE Z 408 -93.08 -11.29 -95.20
C PHE Z 408 -93.40 -10.39 -96.40
N THR Z 409 -92.38 -9.65 -96.84
CA THR Z 409 -92.59 -8.70 -97.93
C THR Z 409 -92.94 -9.40 -99.24
N GLN Z 410 -92.37 -10.57 -99.45
CA GLN Z 410 -92.60 -11.35 -100.67
C GLN Z 410 -92.86 -12.81 -100.31
N PRO Z 411 -93.59 -13.53 -101.15
CA PRO Z 411 -93.77 -14.98 -100.93
C PRO Z 411 -92.44 -15.70 -101.12
N LEU Z 412 -92.06 -16.48 -100.11
CA LEU Z 412 -90.80 -17.20 -100.17
C LEU Z 412 -90.88 -18.34 -101.19
N PRO Z 413 -89.75 -18.67 -101.82
CA PRO Z 413 -89.75 -19.77 -102.80
C PRO Z 413 -89.92 -21.12 -102.13
N THR Z 414 -89.99 -22.15 -102.97
CA THR Z 414 -90.15 -23.51 -102.49
C THR Z 414 -88.85 -24.02 -101.87
N GLY Z 415 -88.98 -24.81 -100.80
CA GLY Z 415 -87.83 -25.37 -100.13
C GLY Z 415 -87.13 -24.44 -99.16
N VAL Z 416 -87.61 -23.21 -99.01
CA VAL Z 416 -87.00 -22.26 -98.08
C VAL Z 416 -87.50 -22.59 -96.68
N GLU Z 417 -86.57 -22.84 -95.77
CA GLU Z 417 -86.87 -23.18 -94.39
C GLU Z 417 -86.22 -22.16 -93.48
N ALA Z 418 -86.88 -21.85 -92.36
CA ALA Z 418 -86.43 -20.76 -91.50
C ALA Z 418 -86.48 -21.18 -90.04
N TYR Z 419 -85.63 -20.54 -89.24
CA TYR Z 419 -85.54 -20.71 -87.80
C TYR Z 419 -85.86 -19.35 -87.15
N TRP Z 420 -85.67 -19.27 -85.85
CA TRP Z 420 -85.86 -18.02 -85.12
C TRP Z 420 -85.28 -18.16 -83.72
N THR Z 421 -85.11 -17.03 -83.04
CA THR Z 421 -84.68 -17.03 -81.66
C THR Z 421 -85.23 -15.77 -80.97
N GLY Z 422 -85.24 -15.81 -79.65
CA GLY Z 422 -85.72 -14.72 -78.83
C GLY Z 422 -86.45 -15.26 -77.61
N ASP Z 423 -87.36 -14.44 -77.08
CA ASP Z 423 -88.18 -14.82 -75.94
C ASP Z 423 -89.64 -14.63 -76.29
N TRP Z 424 -90.45 -15.68 -76.12
CA TRP Z 424 -91.85 -15.63 -76.47
C TRP Z 424 -92.60 -16.65 -75.62
N LYS Z 425 -93.89 -16.37 -75.40
CA LYS Z 425 -94.80 -17.17 -74.59
C LYS Z 425 -94.11 -17.71 -73.34
N GLY Z 426 -93.25 -16.90 -72.73
CA GLY Z 426 -92.51 -17.31 -71.57
C GLY Z 426 -91.39 -18.29 -71.83
N GLY Z 427 -91.18 -18.69 -73.08
CA GLY Z 427 -90.19 -19.69 -73.41
C GLY Z 427 -88.84 -19.09 -73.80
N THR Z 428 -87.88 -19.99 -73.98
CA THR Z 428 -86.55 -19.65 -74.45
C THR Z 428 -86.23 -20.50 -75.66
N ALA Z 429 -85.76 -19.86 -76.72
CA ALA Z 429 -85.42 -20.53 -77.98
C ALA Z 429 -84.06 -20.07 -78.47
N ALA Z 430 -83.08 -20.09 -77.56
CA ALA Z 430 -81.72 -19.68 -77.92
C ALA Z 430 -81.17 -20.53 -79.05
N GLU Z 431 -81.40 -21.84 -78.98
CA GLU Z 431 -81.14 -22.69 -80.13
C GLU Z 431 -82.21 -22.43 -81.19
N PRO Z 432 -81.83 -22.25 -82.45
CA PRO Z 432 -82.82 -21.94 -83.49
C PRO Z 432 -83.88 -23.03 -83.60
N ALA Z 433 -85.12 -22.61 -83.88
CA ALA Z 433 -86.26 -23.50 -83.97
C ALA Z 433 -86.99 -23.25 -85.28
N ARG Z 434 -87.27 -24.34 -86.02
CA ARG Z 434 -88.01 -24.23 -87.27
C ARG Z 434 -89.40 -23.69 -87.04
N PHE Z 435 -89.81 -22.74 -87.89
CA PHE Z 435 -91.18 -22.23 -87.83
C PHE Z 435 -91.87 -22.08 -89.18
N ALA Z 436 -91.14 -21.99 -90.29
CA ALA Z 436 -91.76 -21.71 -91.58
C ALA Z 436 -91.35 -22.76 -92.60
N VAL Z 437 -92.31 -23.14 -93.44
CA VAL Z 437 -92.09 -24.12 -94.52
C VAL Z 437 -92.58 -23.47 -95.80
N GLY Z 438 -91.68 -22.80 -96.52
CA GLY Z 438 -92.04 -22.09 -97.73
C GLY Z 438 -92.20 -22.97 -98.95
N ASN Z 439 -93.42 -23.10 -99.45
CA ASN Z 439 -93.69 -23.93 -100.62
C ASN Z 439 -93.66 -23.16 -101.93
N GLY Z 440 -93.53 -21.84 -101.90
CA GLY Z 440 -93.40 -21.09 -103.13
C GLY Z 440 -94.24 -19.82 -103.21
N THR Z 441 -95.42 -19.82 -102.57
CA THR Z 441 -96.35 -18.71 -102.71
C THR Z 441 -96.83 -18.13 -101.39
N GLN Z 442 -96.53 -18.74 -100.26
CA GLN Z 442 -97.04 -18.25 -98.98
C GLN Z 442 -96.20 -17.10 -98.46
N ASP Z 443 -96.84 -16.21 -97.70
CA ASP Z 443 -96.14 -15.13 -97.00
C ASP Z 443 -96.65 -14.91 -95.59
N THR Z 444 -97.53 -15.77 -95.07
CA THR Z 444 -98.06 -15.66 -93.72
C THR Z 444 -97.82 -16.98 -92.99
N PHE Z 445 -97.16 -16.90 -91.83
CA PHE Z 445 -96.83 -18.10 -91.06
C PHE Z 445 -97.01 -17.81 -89.58
N THR Z 446 -96.75 -18.82 -88.75
CA THR Z 446 -96.85 -18.71 -87.31
C THR Z 446 -95.69 -19.45 -86.66
N LEU Z 447 -95.12 -18.87 -85.62
CA LEU Z 447 -93.96 -19.46 -84.96
C LEU Z 447 -94.33 -20.77 -84.25
N SER Z 448 -93.33 -21.61 -84.05
CA SER Z 448 -93.52 -22.91 -83.41
C SER Z 448 -93.52 -22.74 -81.90
N ASP Z 449 -93.42 -23.86 -81.18
CA ASP Z 449 -93.41 -23.85 -79.73
C ASP Z 449 -92.00 -23.99 -79.20
N PRO Z 450 -91.46 -23.00 -78.49
CA PRO Z 450 -90.16 -23.18 -77.83
C PRO Z 450 -90.13 -24.32 -76.83
N ALA Z 451 -88.99 -24.51 -76.16
CA ALA Z 451 -88.86 -25.52 -75.13
C ALA Z 451 -89.84 -25.33 -73.99
N TYR Z 452 -90.54 -24.20 -73.93
CA TYR Z 452 -91.62 -23.92 -72.99
C TYR Z 452 -91.14 -23.70 -71.56
N ILE Z 453 -91.77 -22.75 -70.87
CA ILE Z 453 -91.54 -22.48 -69.46
C ILE Z 453 -92.90 -22.16 -68.83
N GLY Z 454 -93.10 -22.64 -67.61
CA GLY Z 454 -94.33 -22.34 -66.89
C GLY Z 454 -94.30 -20.93 -66.36
N LEU Z 455 -94.50 -19.96 -67.25
CA LEU Z 455 -94.06 -18.59 -66.98
C LEU Z 455 -94.61 -17.98 -65.70
N PRO Z 456 -95.94 -17.97 -65.43
CA PRO Z 456 -96.41 -17.18 -64.29
C PRO Z 456 -96.05 -17.79 -62.95
N THR Z 457 -96.40 -19.05 -62.75
CA THR Z 457 -96.30 -19.74 -61.46
C THR Z 457 -96.84 -18.81 -60.35
N SER Z 458 -98.12 -18.48 -60.49
CA SER Z 458 -98.75 -17.48 -59.63
C SER Z 458 -98.92 -18.00 -58.21
N GLY Z 459 -98.85 -17.08 -57.26
CA GLY Z 459 -99.09 -17.41 -55.86
C GLY Z 459 -98.01 -16.89 -54.92
N ALA Z 460 -98.42 -16.11 -53.93
CA ALA Z 460 -97.48 -15.69 -52.89
C ALA Z 460 -97.14 -16.86 -51.99
N PHE Z 461 -95.92 -16.84 -51.45
CA PHE Z 461 -95.43 -17.88 -50.56
C PHE Z 461 -95.41 -19.25 -51.22
N LYS Z 462 -95.24 -19.29 -52.54
CA LYS Z 462 -95.30 -20.52 -53.32
C LYS Z 462 -93.95 -20.72 -54.02
N LEU Z 463 -93.38 -21.91 -53.87
CA LEU Z 463 -92.10 -22.23 -54.48
C LEU Z 463 -91.93 -23.73 -54.60
N GLU Z 464 -91.44 -24.16 -55.75
CA GLU Z 464 -91.19 -25.57 -56.04
C GLU Z 464 -90.06 -25.65 -57.06
N TYR Z 465 -89.46 -26.83 -57.17
CA TYR Z 465 -88.29 -27.02 -58.02
C TYR Z 465 -88.65 -27.78 -59.30
N ARG Z 466 -87.90 -27.48 -60.36
CA ARG Z 466 -88.12 -28.07 -61.67
C ARG Z 466 -86.85 -28.73 -62.15
N VAL Z 467 -86.97 -29.98 -62.61
CA VAL Z 467 -85.81 -30.84 -62.86
C VAL Z 467 -85.80 -31.26 -64.32
N GLY Z 468 -84.59 -31.62 -64.79
CA GLY Z 468 -84.42 -32.15 -66.12
C GLY Z 468 -83.99 -33.61 -66.09
N PRO Z 469 -84.28 -34.34 -67.17
CA PRO Z 469 -83.92 -35.77 -67.19
C PRO Z 469 -82.49 -36.04 -67.60
N ALA Z 470 -81.80 -35.09 -68.23
CA ALA Z 470 -80.47 -35.35 -68.77
C ALA Z 470 -79.49 -35.72 -67.66
N LEU Z 471 -79.60 -35.06 -66.50
CA LEU Z 471 -78.67 -35.28 -65.41
C LEU Z 471 -78.82 -36.66 -64.77
N ASN Z 472 -79.91 -37.37 -65.04
CA ASN Z 472 -80.14 -38.71 -64.50
C ASN Z 472 -80.07 -38.69 -62.97
N LEU Z 473 -80.64 -37.65 -62.37
CA LEU Z 473 -80.70 -37.58 -60.92
C LEU Z 473 -81.70 -38.60 -60.39
N SER Z 474 -81.32 -39.28 -59.32
CA SER Z 474 -82.12 -40.39 -58.81
C SER Z 474 -83.45 -39.88 -58.25
N PRO Z 475 -84.52 -40.67 -58.39
CA PRO Z 475 -85.79 -40.32 -57.74
C PRO Z 475 -85.82 -40.61 -56.25
N GLN Z 476 -84.86 -41.38 -55.72
CA GLN Z 476 -84.81 -41.62 -54.28
C GLN Z 476 -84.61 -40.32 -53.52
N LEU Z 477 -83.66 -39.50 -53.97
CA LEU Z 477 -83.47 -38.19 -53.36
C LEU Z 477 -84.71 -37.32 -53.55
N ILE Z 478 -85.35 -37.43 -54.72
CA ILE Z 478 -86.55 -36.64 -55.00
C ILE Z 478 -87.62 -36.94 -53.95
N ASN Z 479 -87.81 -38.22 -53.65
CA ASN Z 479 -88.68 -38.59 -52.54
C ASN Z 479 -88.14 -38.06 -51.21
N LEU Z 480 -86.82 -38.09 -51.04
CA LEU Z 480 -86.23 -37.78 -49.75
C LEU Z 480 -86.46 -36.34 -49.34
N MET Z 481 -86.16 -35.38 -50.22
CA MET Z 481 -86.04 -34.01 -49.72
C MET Z 481 -87.38 -33.36 -49.43
N ASN Z 482 -88.51 -33.96 -49.82
CA ASN Z 482 -89.80 -33.34 -49.60
C ASN Z 482 -90.10 -33.17 -48.11
N ASP Z 483 -89.47 -33.97 -47.26
CA ASP Z 483 -89.68 -33.87 -45.82
C ASP Z 483 -89.11 -32.57 -45.27
N ARG Z 484 -89.64 -32.17 -44.12
CA ARG Z 484 -89.23 -30.96 -43.42
C ARG Z 484 -88.29 -31.26 -42.27
N ALA Z 485 -88.41 -32.45 -41.67
CA ALA Z 485 -87.65 -32.75 -40.46
C ALA Z 485 -86.15 -32.67 -40.68
N VAL Z 486 -85.67 -33.21 -41.81
CA VAL Z 486 -84.24 -33.20 -42.06
C VAL Z 486 -83.74 -31.79 -42.30
N GLY Z 487 -84.53 -30.97 -42.98
CA GLY Z 487 -84.19 -29.57 -43.19
C GLY Z 487 -82.96 -29.36 -44.06
N ILE Z 488 -83.07 -29.71 -45.35
CA ILE Z 488 -81.93 -29.65 -46.26
C ILE Z 488 -82.18 -28.77 -47.47
N MET Z 489 -83.11 -27.82 -47.37
CA MET Z 489 -83.32 -26.87 -48.46
C MET Z 489 -83.40 -25.44 -47.93
N PRO Z 490 -82.99 -24.45 -48.73
CA PRO Z 490 -83.23 -23.06 -48.35
C PRO Z 490 -84.71 -22.80 -48.19
N THR Z 491 -85.05 -22.00 -47.18
CA THR Z 491 -86.46 -21.73 -46.88
C THR Z 491 -86.56 -20.41 -46.13
N CYS Z 492 -87.77 -19.84 -46.16
CA CYS Z 492 -88.10 -18.67 -45.37
C CYS Z 492 -89.44 -18.92 -44.69
N ALA Z 493 -89.59 -18.36 -43.50
CA ALA Z 493 -90.81 -18.58 -42.73
C ALA Z 493 -92.01 -18.03 -43.47
N GLY Z 494 -93.07 -18.84 -43.57
CA GLY Z 494 -94.29 -18.45 -44.22
C GLY Z 494 -94.51 -19.01 -45.61
N CYS Z 495 -93.61 -19.83 -46.12
CA CYS Z 495 -93.76 -20.44 -47.43
C CYS Z 495 -93.72 -21.96 -47.30
N ASP Z 496 -93.87 -22.64 -48.43
CA ASP Z 496 -93.86 -24.10 -48.48
C ASP Z 496 -92.96 -24.56 -49.61
N VAL Z 497 -92.39 -25.76 -49.44
CA VAL Z 497 -91.35 -26.28 -50.31
C VAL Z 497 -91.82 -27.57 -50.95
N LYS Z 498 -91.63 -27.69 -52.26
CA LYS Z 498 -91.91 -28.90 -53.01
C LYS Z 498 -90.77 -29.16 -53.97
N VAL Z 499 -90.34 -30.42 -54.06
CA VAL Z 499 -89.24 -30.76 -54.95
C VAL Z 499 -89.67 -30.65 -56.41
N ILE Z 500 -90.94 -30.94 -56.69
CA ILE Z 500 -91.48 -30.81 -58.03
C ILE Z 500 -92.92 -30.31 -57.94
N LYS AA 1 -38.02 -39.31 -2.63
CA LYS AA 1 -36.84 -40.12 -2.44
C LYS AA 1 -35.89 -39.49 -1.42
N ILE AA 2 -34.82 -40.20 -1.09
CA ILE AA 2 -33.83 -39.73 -0.12
C ILE AA 2 -32.47 -39.70 -0.81
N PRO AA 3 -31.81 -38.54 -0.91
CA PRO AA 3 -30.46 -38.51 -1.46
C PRO AA 3 -29.48 -39.28 -0.59
N LEU AA 4 -28.55 -39.97 -1.24
CA LEU AA 4 -27.57 -40.79 -0.54
C LEU AA 4 -26.24 -40.68 -1.27
N THR AA 5 -25.31 -41.56 -0.93
CA THR AA 5 -24.03 -41.66 -1.60
C THR AA 5 -23.46 -43.04 -1.36
N ALA AA 6 -22.30 -43.32 -1.95
CA ALA AA 6 -21.67 -44.63 -1.86
C ALA AA 6 -20.57 -44.60 -0.80
N VAL AA 7 -20.99 -44.81 0.44
CA VAL AA 7 -20.08 -44.78 1.59
C VAL AA 7 -20.53 -45.85 2.58
N PRO AA 8 -19.60 -46.64 3.14
CA PRO AA 8 -20.03 -47.73 4.04
C PRO AA 8 -20.70 -47.25 5.32
N ASN AA 9 -20.53 -46.00 5.72
CA ASN AA 9 -21.09 -45.51 6.98
C ASN AA 9 -21.50 -44.06 6.79
N GLN AA 10 -22.79 -43.77 6.96
CA GLN AA 10 -23.29 -42.42 6.76
C GLN AA 10 -24.52 -42.19 7.62
N ALA AA 11 -24.89 -40.92 7.74
CA ALA AA 11 -26.09 -40.53 8.46
C ALA AA 11 -26.60 -39.22 7.89
N ILE AA 12 -27.92 -39.14 7.71
CA ILE AA 12 -28.56 -37.97 7.11
C ILE AA 12 -29.70 -37.52 8.00
N SER AA 13 -29.93 -36.21 8.04
CA SER AA 13 -31.05 -35.61 8.75
C SER AA 13 -31.88 -34.84 7.74
N PHE AA 14 -33.19 -35.03 7.78
CA PHE AA 14 -34.08 -34.37 6.85
C PHE AA 14 -35.44 -34.15 7.50
N ASN AA 15 -36.19 -33.22 6.94
CA ASN AA 15 -37.49 -32.82 7.48
C ASN AA 15 -38.57 -33.15 6.46
N ALA AA 16 -39.36 -34.17 6.76
CA ALA AA 16 -40.43 -34.59 5.86
C ALA AA 16 -41.60 -35.10 6.67
N GLY AA 17 -42.80 -34.99 6.09
CA GLY AA 17 -44.00 -35.37 6.80
C GLY AA 17 -44.25 -34.58 8.06
N SER AA 18 -43.81 -33.33 8.08
CA SER AA 18 -43.96 -32.46 9.26
C SER AA 18 -43.35 -33.10 10.51
N SER AA 19 -42.20 -33.76 10.33
CA SER AA 19 -41.50 -34.37 11.45
C SER AA 19 -40.01 -34.45 11.11
N TYR AA 20 -39.20 -34.54 12.16
CA TYR AA 20 -37.75 -34.52 12.03
C TYR AA 20 -37.23 -35.95 12.03
N TRP AA 21 -36.50 -36.30 10.97
CA TRP AA 21 -36.01 -37.66 10.79
C TRP AA 21 -34.49 -37.68 10.75
N LYS AA 22 -33.91 -38.78 11.23
CA LYS AA 22 -32.48 -38.99 11.16
C LYS AA 22 -32.23 -40.49 10.99
N ILE AA 23 -31.49 -40.84 9.95
CA ILE AA 23 -31.26 -42.24 9.58
C ILE AA 23 -29.78 -42.51 9.51
N ARG AA 24 -29.35 -43.63 10.08
CA ARG AA 24 -27.96 -44.07 10.02
C ARG AA 24 -27.88 -45.36 9.24
N LEU AA 25 -27.00 -45.41 8.24
CA LEU AA 25 -26.83 -46.58 7.39
C LEU AA 25 -25.40 -47.09 7.53
N TYR AA 26 -25.25 -48.39 7.75
CA TYR AA 26 -23.92 -48.95 7.96
C TYR AA 26 -23.94 -50.44 7.66
N GLN AA 27 -22.81 -50.93 7.18
CA GLN AA 27 -22.67 -52.34 6.83
C GLN AA 27 -22.31 -53.16 8.06
N ASN AA 28 -22.94 -54.33 8.17
CA ASN AA 28 -22.63 -55.27 9.23
C ASN AA 28 -22.52 -56.65 8.60
N MET AA 29 -21.31 -57.19 8.54
CA MET AA 29 -21.05 -58.47 7.89
C MET AA 29 -21.54 -58.45 6.45
N ASP AA 30 -22.68 -59.10 6.20
CA ASP AA 30 -23.20 -59.25 4.85
C ASP AA 30 -24.35 -58.28 4.56
N MET AA 31 -25.40 -58.33 5.37
CA MET AA 31 -26.56 -57.47 5.14
C MET AA 31 -26.29 -56.06 5.65
N MET AA 32 -27.11 -55.13 5.18
CA MET AA 32 -27.08 -53.76 5.66
C MET AA 32 -27.97 -53.62 6.90
N ASN AA 33 -27.71 -52.57 7.67
CA ASN AA 33 -28.49 -52.28 8.87
C ASN AA 33 -28.77 -50.80 8.94
N ALA AA 34 -29.82 -50.44 9.66
CA ALA AA 34 -30.24 -49.05 9.76
C ALA AA 34 -30.64 -48.73 11.19
N ASP AA 35 -30.56 -47.45 11.52
CA ASP AA 35 -30.99 -46.92 12.82
C ASP AA 35 -31.81 -45.67 12.57
N ILE AA 36 -33.05 -45.67 13.06
CA ILE AA 36 -34.01 -44.62 12.78
C ILE AA 36 -34.40 -43.95 14.08
N SER AA 37 -34.42 -42.63 14.09
CA SER AA 37 -34.81 -41.85 15.24
C SER AA 37 -35.59 -40.63 14.79
N ARG AA 38 -36.57 -40.23 15.58
CA ARG AA 38 -37.44 -39.11 15.24
C ARG AA 38 -37.45 -38.08 16.36
N ASP AA 39 -37.37 -36.81 15.96
CA ASP AA 39 -37.48 -35.68 16.88
C ASP AA 39 -36.52 -35.81 18.06
N GLY AA 40 -35.29 -36.22 17.75
CA GLY AA 40 -34.30 -36.38 18.80
C GLY AA 40 -34.55 -37.53 19.74
N VAL AA 41 -35.54 -38.37 19.46
CA VAL AA 41 -35.85 -39.52 20.28
C VAL AA 41 -35.68 -40.77 19.42
N ILE AA 42 -34.93 -41.74 19.94
CA ILE AA 42 -34.67 -42.95 19.19
C ILE AA 42 -35.97 -43.71 18.98
N VAL AA 43 -36.04 -44.45 17.87
CA VAL AA 43 -37.23 -45.20 17.52
C VAL AA 43 -36.93 -46.69 17.56
N CYS AA 44 -36.09 -47.16 16.64
CA CYS AA 44 -35.72 -48.56 16.59
C CYS AA 44 -34.25 -48.67 16.25
N HIS AA 45 -33.66 -49.80 16.60
CA HIS AA 45 -32.22 -50.02 16.54
C HIS AA 45 -31.91 -51.27 15.74
N GLY AA 46 -30.98 -51.15 14.79
CA GLY AA 46 -30.45 -52.31 14.10
C GLY AA 46 -31.44 -53.11 13.31
N VAL AA 47 -32.27 -52.45 12.51
CA VAL AA 47 -33.20 -53.15 11.63
C VAL AA 47 -32.42 -53.67 10.43
N ARG AA 48 -32.70 -54.91 10.04
CA ARG AA 48 -32.10 -55.44 8.84
C ARG AA 48 -32.75 -54.82 7.60
N CYS AA 49 -32.06 -54.93 6.48
CA CYS AA 49 -32.46 -54.29 5.24
C CYS AA 49 -32.83 -55.34 4.21
N PHE AA 50 -33.94 -55.11 3.51
CA PHE AA 50 -34.43 -56.06 2.51
C PHE AA 50 -35.27 -55.31 1.50
N GLY AA 51 -35.44 -55.92 0.34
CA GLY AA 51 -36.14 -55.28 -0.75
C GLY AA 51 -37.65 -55.36 -0.65
N GLY AA 52 -38.30 -54.20 -0.57
CA GLY AA 52 -39.73 -54.10 -0.67
C GLY AA 52 -40.49 -54.13 0.64
N ILE AA 53 -39.88 -54.62 1.72
CA ILE AA 53 -40.60 -54.70 3.00
C ILE AA 53 -40.32 -53.43 3.79
N PRO AA 54 -41.28 -52.94 4.57
CA PRO AA 54 -41.07 -51.68 5.28
C PRO AA 54 -40.04 -51.81 6.38
N LEU AA 55 -39.39 -50.69 6.68
CA LEU AA 55 -38.37 -50.68 7.73
C LEU AA 55 -39.01 -50.78 9.11
N LEU AA 56 -40.06 -50.02 9.36
CA LEU AA 56 -40.71 -49.99 10.66
C LEU AA 56 -41.68 -51.16 10.76
N GLN AA 57 -41.40 -52.11 11.64
CA GLN AA 57 -42.15 -53.35 11.71
C GLN AA 57 -43.27 -53.31 12.75
N TYR AA 58 -42.93 -53.08 14.01
CA TYR AA 58 -43.91 -53.19 15.07
C TYR AA 58 -45.02 -52.15 14.91
N SER AA 59 -46.20 -52.50 15.43
CA SER AA 59 -47.43 -51.77 15.07
C SER AA 59 -47.40 -50.33 15.54
N HIS AA 60 -46.96 -50.07 16.76
CA HIS AA 60 -47.06 -48.72 17.30
C HIS AA 60 -46.16 -47.74 16.59
N GLN AA 61 -44.99 -48.19 16.15
CA GLN AA 61 -43.98 -47.27 15.64
C GLN AA 61 -44.40 -46.65 14.31
N TYR AA 62 -44.85 -47.48 13.36
CA TYR AA 62 -44.81 -47.05 11.97
C TYR AA 62 -45.75 -45.88 11.69
N ARG AA 63 -47.03 -45.98 12.10
CA ARG AA 63 -47.77 -44.71 12.16
C ARG AA 63 -49.07 -44.87 12.92
N PRO AA 64 -49.45 -43.89 13.72
CA PRO AA 64 -50.87 -43.54 13.80
C PRO AA 64 -51.26 -42.70 12.58
N ASP AA 65 -50.40 -41.73 12.24
CA ASP AA 65 -50.63 -40.85 11.10
C ASP AA 65 -49.35 -40.61 10.32
N TYR AA 66 -48.21 -41.10 10.81
CA TYR AA 66 -46.90 -40.78 10.26
C TYR AA 66 -46.67 -41.56 8.96
N GLY AA 67 -45.42 -41.56 8.49
CA GLY AA 67 -45.09 -42.29 7.28
C GLY AA 67 -44.25 -43.53 7.51
N ASN AA 68 -43.55 -44.01 6.49
CA ASN AA 68 -42.66 -45.16 6.63
C ASN AA 68 -41.68 -45.17 5.45
N PHE AA 69 -40.76 -46.13 5.47
CA PHE AA 69 -39.66 -46.21 4.53
C PHE AA 69 -39.55 -47.60 3.94
N VAL AA 70 -39.30 -47.69 2.63
CA VAL AA 70 -39.15 -48.95 1.94
C VAL AA 70 -38.03 -48.85 0.93
N PHE AA 71 -37.20 -49.89 0.85
CA PHE AA 71 -36.20 -50.06 -0.19
C PHE AA 71 -36.74 -50.90 -1.33
N ASP AA 72 -36.46 -50.47 -2.56
CA ASP AA 72 -36.93 -51.20 -3.74
C ASP AA 72 -36.28 -52.58 -3.81
N ARG AA 73 -34.97 -52.66 -3.66
CA ARG AA 73 -34.27 -53.93 -3.69
C ARG AA 73 -33.36 -54.09 -2.47
N ASP AA 74 -32.59 -55.17 -2.44
CA ASP AA 74 -31.60 -55.32 -1.39
C ASP AA 74 -30.50 -54.27 -1.53
N ALA AA 75 -30.07 -53.73 -0.40
CA ALA AA 75 -29.15 -52.60 -0.41
C ALA AA 75 -27.71 -53.04 -0.61
N ASP AA 76 -26.90 -52.12 -1.11
CA ASP AA 76 -25.45 -52.31 -1.20
C ASP AA 76 -24.81 -50.94 -1.25
N TRP AA 77 -23.85 -50.70 -0.36
CA TRP AA 77 -23.29 -49.37 -0.24
C TRP AA 77 -22.49 -48.95 -1.46
N THR AA 78 -22.18 -49.86 -2.38
CA THR AA 78 -21.47 -49.50 -3.59
C THR AA 78 -22.39 -49.17 -4.76
N LEU AA 79 -23.71 -49.25 -4.57
CA LEU AA 79 -24.65 -48.99 -5.66
C LEU AA 79 -25.50 -47.75 -5.43
N PHE AA 80 -25.43 -47.11 -4.27
CA PHE AA 80 -26.27 -45.94 -4.04
C PHE AA 80 -25.95 -44.83 -5.04
N GLY AA 81 -27.00 -44.16 -5.49
CA GLY AA 81 -26.89 -43.21 -6.57
C GLY AA 81 -27.00 -43.81 -7.94
N ASP AA 82 -26.93 -45.13 -8.07
CA ASP AA 82 -26.94 -45.81 -9.37
C ASP AA 82 -27.82 -47.06 -9.24
N GLY AA 83 -29.10 -46.91 -9.55
CA GLY AA 83 -29.99 -48.05 -9.69
C GLY AA 83 -30.61 -48.56 -8.41
N ILE AA 84 -30.25 -48.03 -7.25
CA ILE AA 84 -30.85 -48.42 -5.98
C ILE AA 84 -31.25 -47.15 -5.24
N ASN AA 85 -32.46 -47.16 -4.69
CA ASN AA 85 -33.07 -45.94 -4.16
C ASN AA 85 -33.82 -46.24 -2.87
N LEU AA 86 -34.11 -45.16 -2.14
CA LEU AA 86 -34.95 -45.19 -0.95
C LEU AA 86 -36.08 -44.18 -1.11
N PHE AA 87 -37.30 -44.59 -0.77
CA PHE AA 87 -38.48 -43.75 -0.95
C PHE AA 87 -39.24 -43.59 0.34
N TYR AA 88 -39.84 -42.42 0.53
CA TYR AA 88 -40.64 -42.10 1.70
C TYR AA 88 -42.11 -42.01 1.30
N LEU AA 89 -42.96 -42.64 2.09
CA LEU AA 89 -44.40 -42.64 1.87
C LEU AA 89 -45.10 -42.18 3.13
N ASP AA 90 -45.99 -41.20 3.00
CA ASP AA 90 -46.74 -40.73 4.15
C ASP AA 90 -47.98 -41.61 4.36
N GLY AA 91 -48.87 -41.19 5.26
CA GLY AA 91 -49.96 -42.02 5.73
C GLY AA 91 -50.84 -42.69 4.70
N ALA AA 92 -51.47 -41.90 3.83
CA ALA AA 92 -52.50 -42.45 2.95
C ALA AA 92 -51.93 -43.49 2.00
N GLU AA 93 -50.87 -43.13 1.28
CA GLU AA 93 -50.34 -44.06 0.30
C GLU AA 93 -49.68 -45.25 0.97
N PHE AA 94 -49.10 -45.06 2.15
CA PHE AA 94 -48.54 -46.20 2.86
C PHE AA 94 -49.63 -47.17 3.28
N ALA AA 95 -50.77 -46.66 3.73
CA ALA AA 95 -51.89 -47.55 4.06
C ALA AA 95 -52.36 -48.29 2.81
N GLU AA 96 -52.43 -47.58 1.68
CA GLU AA 96 -52.81 -48.23 0.42
C GLU AA 96 -51.83 -49.35 0.08
N TYR AA 97 -50.53 -49.08 0.24
CA TYR AA 97 -49.50 -50.08 -0.01
C TYR AA 97 -49.64 -51.27 0.92
N GLN AA 98 -49.91 -51.01 2.20
CA GLN AA 98 -50.06 -52.09 3.17
C GLN AA 98 -51.26 -52.97 2.82
N ALA AA 99 -52.36 -52.35 2.40
CA ALA AA 99 -53.50 -53.14 1.94
C ALA AA 99 -53.12 -53.98 0.73
N LEU AA 100 -52.37 -53.40 -0.21
CA LEU AA 100 -51.91 -54.16 -1.37
C LEU AA 100 -50.96 -55.28 -1.00
N ALA AA 101 -50.32 -55.19 0.16
CA ALA AA 101 -49.35 -56.23 0.54
C ALA AA 101 -50.02 -57.59 0.68
N THR AA 102 -51.21 -57.62 1.27
CA THR AA 102 -51.93 -58.88 1.46
C THR AA 102 -52.72 -59.24 0.20
N SER BA 1 -24.28 -5.67 -45.84
CA SER BA 1 -25.28 -5.15 -44.92
C SER BA 1 -25.81 -3.81 -45.40
N THR BA 2 -25.07 -3.18 -46.32
CA THR BA 2 -25.46 -1.88 -46.83
C THR BA 2 -26.04 -2.01 -48.23
N SER BA 3 -26.39 -0.87 -48.82
CA SER BA 3 -26.98 -0.83 -50.15
C SER BA 3 -26.89 0.58 -50.68
N THR BA 4 -27.05 0.71 -52.00
CA THR BA 4 -27.00 2.01 -52.66
C THR BA 4 -27.58 1.84 -54.06
N ILE BA 5 -27.55 2.91 -54.84
CA ILE BA 5 -28.08 2.95 -56.19
C ILE BA 5 -26.93 2.96 -57.18
N ARG BA 6 -26.99 2.09 -58.18
CA ARG BA 6 -25.89 1.96 -59.12
C ARG BA 6 -25.74 3.24 -59.94
N THR BA 7 -24.49 3.61 -60.19
CA THR BA 7 -24.16 4.76 -61.02
C THR BA 7 -23.12 4.36 -62.06
N GLY BA 8 -23.10 5.11 -63.15
CA GLY BA 8 -22.21 4.80 -64.26
C GLY BA 8 -20.81 5.31 -64.05
N THR BA 9 -20.04 5.29 -65.13
CA THR BA 9 -18.68 5.82 -65.07
C THR BA 9 -18.68 7.30 -64.72
N ASN BA 10 -19.64 8.04 -65.26
CA ASN BA 10 -19.93 9.37 -64.73
C ASN BA 10 -20.84 9.23 -63.51
N ASN BA 11 -20.82 10.24 -62.65
CA ASN BA 11 -21.46 10.13 -61.33
C ASN BA 11 -22.95 10.44 -61.43
N ASP BA 12 -23.63 9.68 -62.28
CA ASP BA 12 -25.05 9.86 -62.52
C ASP BA 12 -25.75 8.52 -62.42
N ILE BA 13 -27.07 8.58 -62.16
CA ILE BA 13 -27.86 7.38 -62.03
C ILE BA 13 -27.90 6.64 -63.36
N LEU BA 14 -27.60 5.35 -63.32
CA LEU BA 14 -27.64 4.50 -64.50
C LEU BA 14 -28.89 3.63 -64.43
N LEU BA 15 -29.64 3.60 -65.53
CA LEU BA 15 -30.89 2.86 -65.60
C LEU BA 15 -30.75 1.70 -66.58
N ASP BA 16 -31.34 0.57 -66.23
CA ASP BA 16 -31.32 -0.60 -67.09
C ASP BA 16 -32.28 -0.41 -68.27
N ASP BA 17 -32.34 -1.41 -69.14
CA ASP BA 17 -33.22 -1.34 -70.30
C ASP BA 17 -34.68 -1.24 -69.88
N ASN BA 18 -35.06 -1.97 -68.83
CA ASN BA 18 -36.44 -1.96 -68.36
C ASN BA 18 -36.86 -0.62 -67.77
N GLY BA 19 -35.91 0.29 -67.56
CA GLY BA 19 -36.25 1.56 -66.96
C GLY BA 19 -36.54 1.49 -65.47
N ASN BA 20 -35.83 0.63 -64.75
CA ASN BA 20 -36.00 0.47 -63.32
C ASN BA 20 -34.72 0.83 -62.59
N MET BA 21 -34.85 1.55 -61.48
CA MET BA 21 -33.73 1.78 -60.60
C MET BA 21 -33.31 0.46 -59.95
N VAL BA 22 -32.01 0.33 -59.69
CA VAL BA 22 -31.45 -0.89 -59.15
C VAL BA 22 -30.75 -0.58 -57.83
N ILE BA 23 -31.04 -1.38 -56.82
CA ILE BA 23 -30.43 -1.22 -55.50
C ILE BA 23 -29.34 -2.28 -55.37
N LEU BA 24 -28.10 -1.85 -55.43
CA LEU BA 24 -26.99 -2.78 -55.34
C LEU BA 24 -26.86 -3.34 -53.92
N ARG BA 25 -26.48 -4.60 -53.82
CA ARG BA 25 -26.26 -5.24 -52.54
C ARG BA 25 -24.84 -4.92 -52.06
N ASP BA 26 -24.37 -5.65 -51.06
CA ASP BA 26 -23.07 -5.37 -50.45
C ASP BA 26 -21.92 -5.63 -51.43
N VAL BA 27 -20.69 -5.41 -50.96
CA VAL BA 27 -19.47 -5.61 -51.74
C VAL BA 27 -19.40 -4.58 -52.86
N GLU BA 28 -20.26 -4.70 -53.86
CA GLU BA 28 -20.26 -3.73 -54.96
C GLU BA 28 -20.62 -2.35 -54.45
N ALA BA 29 -21.59 -2.27 -53.55
CA ALA BA 29 -21.91 -1.00 -52.90
C ALA BA 29 -20.69 -0.43 -52.20
N CYS BA 30 -19.88 -1.31 -51.59
CA CYS BA 30 -18.66 -0.84 -50.95
C CYS BA 30 -17.72 -0.21 -51.96
N ALA BA 31 -17.57 -0.83 -53.13
CA ALA BA 31 -16.69 -0.27 -54.14
C ALA BA 31 -17.17 1.10 -54.60
N GLN BA 32 -18.47 1.21 -54.91
CA GLN BA 32 -18.99 2.50 -55.34
C GLN BA 32 -18.82 3.55 -54.26
N ASP BA 33 -19.10 3.17 -53.01
CA ASP BA 33 -19.03 4.13 -51.91
C ASP BA 33 -17.60 4.61 -51.69
N VAL BA 34 -16.63 3.71 -51.72
CA VAL BA 34 -15.26 4.14 -51.49
C VAL BA 34 -14.76 5.00 -52.64
N ARG BA 35 -15.15 4.69 -53.86
CA ARG BA 35 -14.79 5.56 -54.98
C ARG BA 35 -15.35 6.96 -54.77
N ALA BA 36 -16.64 7.04 -54.45
CA ALA BA 36 -17.26 8.35 -54.26
C ALA BA 36 -16.61 9.10 -53.11
N ALA BA 37 -16.33 8.42 -52.00
CA ALA BA 37 -15.69 9.08 -50.87
C ALA BA 37 -14.32 9.60 -51.23
N MET BA 38 -13.54 8.81 -51.97
CA MET BA 38 -12.22 9.27 -52.39
C MET BA 38 -12.30 10.44 -53.36
N LEU BA 39 -13.41 10.59 -54.07
CA LEU BA 39 -13.57 11.71 -54.99
C LEU BA 39 -14.23 12.94 -54.35
N MET BA 40 -14.43 12.93 -53.03
CA MET BA 40 -15.33 13.90 -52.44
C MET BA 40 -14.73 15.30 -52.37
N ARG BA 41 -13.45 15.41 -51.98
CA ARG BA 41 -12.80 16.68 -51.65
C ARG BA 41 -13.36 17.27 -50.36
N THR BA 42 -12.51 17.95 -49.59
CA THR BA 42 -12.93 18.55 -48.33
C THR BA 42 -13.62 19.90 -48.58
N GLY BA 43 -14.31 20.37 -47.56
CA GLY BA 43 -14.99 21.64 -47.60
C GLY BA 43 -16.26 21.66 -48.42
N GLU BA 44 -16.75 20.51 -48.86
CA GLU BA 44 -17.93 20.46 -49.72
C GLU BA 44 -19.18 20.08 -48.96
N ASN BA 45 -19.04 19.27 -47.92
CA ASN BA 45 -20.19 18.71 -47.21
C ASN BA 45 -20.77 19.79 -46.31
N ILE BA 46 -21.90 20.38 -46.71
CA ILE BA 46 -22.64 21.21 -45.79
C ILE BA 46 -23.25 20.31 -44.71
N PHE BA 47 -23.25 20.81 -43.48
CA PHE BA 47 -23.64 20.12 -42.24
C PHE BA 47 -22.55 19.21 -41.72
N ASP BA 48 -21.41 19.10 -42.40
CA ASP BA 48 -20.25 18.42 -41.81
C ASP BA 48 -18.99 18.95 -42.49
N VAL BA 49 -18.32 19.88 -41.84
CA VAL BA 49 -17.08 20.43 -42.36
C VAL BA 49 -15.93 19.55 -41.88
N ASN BA 50 -14.79 19.67 -42.54
CA ASN BA 50 -13.57 18.91 -42.23
C ASN BA 50 -13.68 17.45 -42.60
N SER BA 51 -14.52 17.13 -43.58
CA SER BA 51 -14.62 15.77 -44.13
C SER BA 51 -14.38 15.82 -45.63
N GLY BA 52 -13.65 14.84 -46.12
CA GLY BA 52 -13.27 14.77 -47.51
C GLY BA 52 -11.78 14.56 -47.63
N VAL BA 53 -11.23 14.92 -48.79
CA VAL BA 53 -9.81 14.80 -49.06
C VAL BA 53 -9.25 16.19 -49.30
N GLY BA 54 -8.22 16.55 -48.56
CA GLY BA 54 -7.62 17.85 -48.71
C GLY BA 54 -6.67 17.91 -49.89
N TYR BA 55 -7.21 17.90 -51.10
CA TYR BA 55 -6.36 17.91 -52.29
C TYR BA 55 -5.54 19.18 -52.37
N PHE BA 56 -6.20 20.34 -52.29
CA PHE BA 56 -5.54 21.59 -52.59
C PHE BA 56 -4.60 22.03 -51.48
N GLU BA 57 -4.65 21.40 -50.31
CA GLU BA 57 -3.75 21.78 -49.24
C GLU BA 57 -2.70 20.73 -48.95
N TYR BA 58 -2.90 19.50 -49.41
CA TYR BA 58 -2.01 18.40 -49.05
C TYR BA 58 -1.37 17.70 -50.22
N ILE BA 59 -1.91 17.82 -51.43
CA ILE BA 59 -1.37 17.13 -52.59
C ILE BA 59 -0.91 18.11 -53.67
N PHE BA 60 -1.84 18.94 -54.16
CA PHE BA 60 -1.49 19.82 -55.26
C PHE BA 60 -0.53 20.91 -54.83
N SER BA 61 -0.70 21.44 -53.62
CA SER BA 61 0.21 22.45 -53.11
C SER BA 61 1.58 21.85 -52.86
N PRO BA 62 2.64 22.64 -52.97
CA PRO BA 62 3.97 22.15 -52.58
C PRO BA 62 4.00 21.83 -51.10
N GLN BA 63 4.43 20.61 -50.78
CA GLN BA 63 4.41 20.10 -49.42
C GLN BA 63 5.82 19.74 -48.98
N LYS BA 64 5.95 19.46 -47.69
CA LYS BA 64 7.23 19.09 -47.09
C LYS BA 64 7.37 17.58 -46.94
N SER BA 65 6.33 16.90 -46.48
CA SER BA 65 6.44 15.52 -46.04
C SER BA 65 5.68 14.52 -46.92
N TYR BA 66 4.46 14.83 -47.31
CA TYR BA 66 3.52 13.98 -48.04
C TYR BA 66 2.88 12.93 -47.15
N ASP BA 67 3.27 12.82 -45.89
CA ASP BA 67 2.60 11.89 -44.99
C ASP BA 67 1.17 12.34 -44.71
N ASP BA 68 0.94 13.65 -44.62
CA ASP BA 68 -0.37 14.15 -44.28
C ASP BA 68 -1.41 13.78 -45.34
N ALA BA 69 -1.01 13.79 -46.61
CA ALA BA 69 -1.91 13.33 -47.65
C ALA BA 69 -2.28 11.86 -47.45
N ARG BA 70 -1.30 11.04 -47.07
CA ARG BA 70 -1.60 9.64 -46.81
C ARG BA 70 -2.60 9.50 -45.67
N LYS BA 71 -2.42 10.29 -44.61
CA LYS BA 71 -3.36 10.25 -43.49
C LYS BA 71 -4.76 10.65 -43.94
N SER BA 72 -4.87 11.72 -44.73
CA SER BA 72 -6.17 12.19 -45.17
C SER BA 72 -6.87 11.15 -46.04
N ILE BA 73 -6.14 10.54 -46.98
CA ILE BA 73 -6.76 9.53 -47.84
C ILE BA 73 -7.16 8.31 -47.03
N ALA BA 74 -6.32 7.92 -46.07
CA ALA BA 74 -6.66 6.77 -45.23
C ALA BA 74 -7.93 7.03 -44.43
N ASP BA 75 -8.09 8.25 -43.91
CA ASP BA 75 -9.32 8.59 -43.21
C ASP BA 75 -10.52 8.57 -44.16
N ALA BA 76 -10.34 9.12 -45.37
CA ALA BA 76 -11.45 9.18 -46.31
C ALA BA 76 -11.93 7.80 -46.71
N ILE BA 77 -11.01 6.86 -46.92
CA ILE BA 77 -11.40 5.50 -47.26
C ILE BA 77 -12.17 4.87 -46.10
N LEU BA 78 -11.76 5.17 -44.87
CA LEU BA 78 -12.54 4.77 -43.70
C LEU BA 78 -13.79 5.63 -43.64
N SER BA 79 -14.56 5.48 -42.56
CA SER BA 79 -15.85 6.11 -42.33
C SER BA 79 -16.94 5.56 -43.23
N SER BA 80 -16.60 4.65 -44.15
CA SER BA 80 -17.63 3.92 -44.86
C SER BA 80 -18.29 2.92 -43.90
N PRO BA 81 -19.57 2.63 -44.10
CA PRO BA 81 -20.27 1.76 -43.14
C PRO BA 81 -19.66 0.38 -42.98
N ASP BA 82 -19.13 -0.22 -44.04
CA ASP BA 82 -18.67 -1.59 -43.99
C ASP BA 82 -17.16 -1.74 -43.93
N VAL BA 83 -16.40 -0.71 -44.31
CA VAL BA 83 -14.95 -0.84 -44.34
C VAL BA 83 -14.43 -1.01 -42.92
N THR BA 84 -13.65 -2.06 -42.71
CA THR BA 84 -13.08 -2.36 -41.39
C THR BA 84 -11.62 -1.91 -41.30
N GLY BA 85 -10.78 -2.40 -42.19
CA GLY BA 85 -9.37 -2.07 -42.14
C GLY BA 85 -8.80 -1.92 -43.54
N ILE BA 86 -7.66 -1.24 -43.60
CA ILE BA 86 -7.00 -0.94 -44.86
C ILE BA 86 -5.72 -1.77 -44.94
N GLU BA 87 -5.52 -2.44 -46.07
CA GLU BA 87 -4.36 -3.33 -46.20
C GLU BA 87 -3.14 -2.58 -46.73
N GLN BA 88 -3.24 -1.99 -47.92
CA GLN BA 88 -2.11 -1.42 -48.62
C GLN BA 88 -2.40 -0.02 -49.13
N LEU BA 89 -1.38 0.83 -49.11
CA LEU BA 89 -1.33 2.07 -49.87
C LEU BA 89 0.06 2.19 -50.49
N ASP BA 90 0.15 2.86 -51.63
CA ASP BA 90 1.42 2.96 -52.34
C ASP BA 90 1.94 4.39 -52.40
N ILE BA 91 1.15 5.33 -52.93
CA ILE BA 91 1.62 6.70 -53.18
C ILE BA 91 2.89 6.65 -54.01
N ASP BA 92 2.76 6.33 -55.29
CA ASP BA 92 3.93 6.11 -56.13
C ASP BA 92 4.70 7.41 -56.35
N ILE BA 93 4.05 8.40 -56.95
CA ILE BA 93 4.67 9.68 -57.29
C ILE BA 93 5.84 9.42 -58.22
N THR BA 94 5.55 9.07 -59.47
CA THR BA 94 6.57 8.79 -60.46
C THR BA 94 6.32 9.63 -61.70
N GLY BA 95 7.36 10.30 -62.17
CA GLY BA 95 7.19 11.16 -63.32
C GLY BA 95 6.33 12.35 -62.95
N GLU BA 96 5.22 12.51 -63.69
CA GLU BA 96 4.35 13.68 -63.52
C GLU BA 96 3.10 13.37 -62.72
N VAL BA 97 2.66 12.11 -62.71
CA VAL BA 97 1.40 11.75 -62.07
C VAL BA 97 1.63 11.35 -60.62
N PHE BA 98 0.55 11.40 -59.85
CA PHE BA 98 0.55 11.04 -58.43
C PHE BA 98 -0.18 9.72 -58.30
N GLY BA 99 0.58 8.63 -58.26
CA GLY BA 99 -0.04 7.31 -58.23
C GLY BA 99 -0.61 6.99 -56.85
N VAL BA 100 -1.74 6.29 -56.86
CA VAL BA 100 -2.38 5.82 -55.63
C VAL BA 100 -2.90 4.40 -55.87
N ASP BA 101 -2.67 3.52 -54.90
CA ASP BA 101 -3.21 2.18 -54.96
C ASP BA 101 -3.67 1.80 -53.56
N ALA BA 102 -4.71 0.97 -53.49
CA ALA BA 102 -5.26 0.59 -52.19
C ALA BA 102 -5.99 -0.74 -52.30
N LYS BA 103 -6.01 -1.48 -51.20
CA LYS BA 103 -6.82 -2.68 -51.06
C LYS BA 103 -7.47 -2.65 -49.68
N VAL BA 104 -8.79 -2.78 -49.65
CA VAL BA 104 -9.55 -2.60 -48.42
C VAL BA 104 -10.04 -3.97 -47.93
N ILE BA 105 -10.61 -3.97 -46.73
CA ILE BA 105 -11.10 -5.18 -46.09
C ILE BA 105 -12.52 -4.92 -45.60
N THR BA 106 -13.43 -5.85 -45.90
CA THR BA 106 -14.82 -5.74 -45.50
C THR BA 106 -15.24 -7.00 -44.76
N ILE BA 107 -16.29 -6.87 -43.95
CA ILE BA 107 -16.81 -8.02 -43.23
C ILE BA 107 -17.36 -9.04 -44.21
N HIS BA 108 -18.05 -8.59 -45.25
CA HIS BA 108 -18.67 -9.49 -46.21
C HIS BA 108 -17.81 -9.65 -47.46
N MET CA 1 79.29 -18.94 -6.24
CA MET CA 1 79.22 -20.35 -6.59
C MET CA 1 78.03 -21.00 -5.89
N ILE CA 2 76.82 -20.73 -6.39
CA ILE CA 2 75.58 -21.27 -5.84
C ILE CA 2 74.91 -22.10 -6.92
N ASN CA 3 74.59 -23.35 -6.59
CA ASN CA 3 74.01 -24.27 -7.56
C ASN CA 3 72.50 -24.24 -7.45
N VAL CA 4 71.83 -23.96 -8.56
CA VAL CA 4 70.37 -23.88 -8.62
C VAL CA 4 69.79 -24.83 -9.66
N SER CA 5 70.53 -25.87 -10.01
CA SER CA 5 70.06 -26.81 -11.01
C SER CA 5 68.91 -27.65 -10.48
N GLY CA 6 68.04 -28.07 -11.38
CA GLY CA 6 66.91 -28.92 -11.03
C GLY CA 6 67.08 -30.38 -11.41
N PHE CA 7 68.28 -30.81 -11.79
CA PHE CA 7 68.50 -32.20 -12.14
C PHE CA 7 68.40 -33.08 -10.90
N GLY CA 8 67.81 -34.25 -11.06
CA GLY CA 8 67.69 -35.20 -9.98
C GLY CA 8 66.51 -35.01 -9.07
N THR CA 9 65.61 -34.08 -9.38
CA THR CA 9 64.44 -33.87 -8.56
C THR CA 9 63.46 -35.02 -8.71
N GLY CA 10 62.90 -35.46 -7.60
CA GLY CA 10 61.91 -36.53 -7.62
C GLY CA 10 60.72 -36.16 -6.75
N ILE CA 11 59.56 -36.65 -7.16
CA ILE CA 11 58.30 -36.38 -6.46
C ILE CA 11 57.56 -37.68 -6.22
N VAL CA 12 57.02 -37.84 -5.01
CA VAL CA 12 56.22 -38.99 -4.64
C VAL CA 12 54.84 -38.50 -4.27
N ILE CA 13 53.81 -39.09 -4.86
CA ILE CA 13 52.42 -38.71 -4.63
C ILE CA 13 51.69 -39.90 -4.03
N VAL CA 14 50.99 -39.66 -2.92
CA VAL CA 14 50.23 -40.70 -2.23
C VAL CA 14 48.80 -40.21 -2.05
N SER CA 15 47.84 -41.08 -2.31
CA SER CA 15 46.42 -40.77 -2.20
C SER CA 15 45.78 -41.59 -1.09
N ALA CA 16 44.53 -41.26 -0.79
CA ALA CA 16 43.84 -41.93 0.31
C ALA CA 16 43.24 -43.26 -0.12
N SER CA 17 42.61 -43.31 -1.29
CA SER CA 17 41.96 -44.53 -1.75
C SER CA 17 42.47 -45.01 -3.10
N SER CA 18 42.70 -44.10 -4.05
CA SER CA 18 43.11 -44.52 -5.38
C SER CA 18 44.48 -45.20 -5.35
N PHE CA 19 45.46 -44.57 -4.70
CA PHE CA 19 46.78 -45.15 -4.51
C PHE CA 19 47.11 -45.08 -3.03
N PRO CA 20 46.67 -46.05 -2.24
CA PRO CA 20 46.99 -46.03 -0.81
C PRO CA 20 48.47 -46.02 -0.53
N MET CA 21 49.29 -46.53 -1.44
CA MET CA 21 50.73 -46.51 -1.25
C MET CA 21 51.43 -45.42 -2.05
N GLY CA 22 50.98 -45.16 -3.27
CA GLY CA 22 51.50 -44.05 -4.04
C GLY CA 22 52.60 -44.45 -5.02
N PHE CA 23 52.89 -43.53 -5.93
CA PHE CA 23 53.87 -43.76 -6.98
C PHE CA 23 54.91 -42.66 -7.01
N SER CA 24 55.75 -42.64 -8.04
CA SER CA 24 56.84 -41.68 -8.14
C SER CA 24 56.83 -41.02 -9.51
N LEU CA 25 57.31 -39.78 -9.56
CA LEU CA 25 57.47 -39.03 -10.79
C LEU CA 25 58.95 -38.87 -11.10
N SER CA 26 59.35 -39.28 -12.31
CA SER CA 26 60.73 -39.11 -12.73
C SER CA 26 60.89 -38.62 -14.15
N LYS CA 27 59.85 -38.63 -14.97
CA LYS CA 27 59.94 -38.22 -16.36
C LYS CA 27 59.20 -36.89 -16.51
N PHE CA 28 59.94 -35.80 -16.56
CA PHE CA 28 59.37 -34.46 -16.66
C PHE CA 28 59.56 -33.92 -18.07
N ALA CA 29 58.53 -33.26 -18.57
CA ALA CA 29 58.53 -32.82 -19.96
C ALA CA 29 59.65 -31.80 -20.20
N ASP CA 30 59.85 -31.48 -21.47
CA ASP CA 30 60.95 -30.63 -21.91
C ASP CA 30 60.49 -29.24 -22.34
N ASP CA 31 59.47 -29.14 -23.17
CA ASP CA 31 59.04 -27.82 -23.64
C ASP CA 31 58.25 -27.05 -22.60
N GLU CA 32 57.44 -27.73 -21.78
CA GLU CA 32 56.72 -27.07 -20.71
C GLU CA 32 57.56 -27.00 -19.45
N SER CA 33 57.14 -26.15 -18.54
CA SER CA 33 57.81 -26.04 -17.25
C SER CA 33 57.51 -27.28 -16.43
N PRO CA 34 58.51 -28.02 -15.96
CA PRO CA 34 58.23 -29.28 -15.24
C PRO CA 34 57.42 -29.08 -13.98
N ILE CA 35 57.63 -27.99 -13.26
CA ILE CA 35 56.88 -27.71 -12.05
C ILE CA 35 56.80 -26.21 -11.87
N SER CA 36 55.63 -25.72 -11.47
CA SER CA 36 55.43 -24.29 -11.33
C SER CA 36 54.25 -24.06 -10.40
N SER CA 37 54.19 -22.87 -9.83
CA SER CA 37 53.13 -22.50 -8.91
C SER CA 37 52.74 -21.06 -9.12
N LYS CA 38 51.53 -20.72 -8.72
CA LYS CA 38 51.09 -19.34 -8.75
C LYS CA 38 51.51 -18.65 -7.46
N GLU CA 39 51.20 -17.36 -7.35
CA GLU CA 39 51.65 -16.58 -6.21
C GLU CA 39 50.75 -16.79 -5.01
N LEU CA 40 51.37 -16.99 -3.85
CA LEU CA 40 50.65 -17.11 -2.59
C LEU CA 40 50.44 -15.70 -2.04
N GLU CA 41 49.19 -15.33 -1.82
CA GLU CA 41 48.82 -13.95 -1.50
C GLU CA 41 47.94 -13.99 -0.26
N PRO CA 42 48.55 -14.15 0.92
CA PRO CA 42 47.78 -14.40 2.15
C PRO CA 42 47.48 -13.18 2.99
N PHE CA 43 47.75 -11.96 2.53
CA PHE CA 43 47.47 -10.76 3.30
C PHE CA 43 46.77 -9.74 2.41
N GLY CA 44 45.96 -8.89 3.05
CA GLY CA 44 45.27 -7.83 2.35
C GLY CA 44 45.46 -6.51 3.07
N TYR CA 45 44.95 -5.45 2.46
CA TYR CA 45 45.06 -4.13 3.07
C TYR CA 45 43.89 -3.25 2.65
N GLU CA 46 43.60 -2.27 3.49
CA GLU CA 46 42.47 -1.38 3.32
C GLU CA 46 42.90 0.04 3.68
N MET CA 47 42.28 1.02 3.04
CA MET CA 47 42.57 2.42 3.30
C MET CA 47 41.48 3.06 4.15
N LEU CA 48 41.90 3.84 5.14
CA LEU CA 48 41.01 4.61 5.99
C LEU CA 48 40.86 6.01 5.45
N TYR CA 49 39.77 6.69 5.84
CA TYR CA 49 39.54 8.01 5.28
C TYR CA 49 40.52 9.01 5.85
N ASP CA 50 41.11 8.71 7.00
CA ASP CA 50 42.16 9.56 7.54
C ASP CA 50 43.35 9.61 6.60
N GLY CA 51 43.73 8.46 6.05
CA GLY CA 51 44.87 8.39 5.15
C GLY CA 51 45.83 7.30 5.56
N GLY CA 52 45.49 6.58 6.63
CA GLY CA 52 46.35 5.55 7.16
C GLY CA 52 46.24 4.25 6.41
N LEU CA 53 46.72 3.19 7.05
CA LEU CA 53 46.77 1.86 6.44
C LEU CA 53 46.31 0.84 7.46
N PHE CA 54 45.68 -0.22 6.98
CA PHE CA 54 45.27 -1.33 7.84
C PHE CA 54 45.47 -2.63 7.10
N ALA CA 55 46.00 -3.64 7.80
CA ALA CA 55 46.32 -4.92 7.21
C ALA CA 55 45.63 -6.03 7.98
N PHE CA 56 45.19 -7.07 7.26
CA PHE CA 56 44.44 -8.16 7.85
C PHE CA 56 44.90 -9.46 7.22
N ASP CA 57 44.21 -10.55 7.53
CA ASP CA 57 44.55 -11.88 7.06
C ASP CA 57 43.36 -12.48 6.33
N LYS CA 58 43.61 -13.16 5.22
CA LYS CA 58 42.54 -13.80 4.48
C LYS CA 58 43.03 -15.15 3.96
N ALA CA 59 42.07 -16.02 3.68
CA ALA CA 59 42.38 -17.37 3.22
C ALA CA 59 43.03 -17.33 1.85
N ALA CA 60 43.98 -18.25 1.62
CA ALA CA 60 44.69 -18.31 0.37
C ALA CA 60 45.00 -19.76 0.02
N PRO CA 61 44.65 -20.22 -1.17
CA PRO CA 61 45.01 -21.58 -1.56
C PRO CA 61 46.42 -21.64 -2.11
N LEU CA 62 46.81 -22.81 -2.62
CA LEU CA 62 48.12 -22.95 -3.25
C LEU CA 62 47.96 -23.86 -4.45
N GLU CA 63 48.40 -23.42 -5.62
CA GLU CA 63 48.23 -24.15 -6.86
C GLU CA 63 49.58 -24.58 -7.42
N VAL CA 64 49.63 -25.78 -7.95
CA VAL CA 64 50.86 -26.36 -8.49
C VAL CA 64 50.54 -26.99 -9.85
N SER CA 65 51.44 -26.80 -10.80
CA SER CA 65 51.33 -27.40 -12.13
C SER CA 65 52.51 -28.34 -12.36
N VAL CA 66 52.21 -29.54 -12.86
CA VAL CA 66 53.23 -30.55 -13.12
C VAL CA 66 53.05 -31.05 -14.55
N SER CA 67 54.16 -31.18 -15.27
CA SER CA 67 54.13 -31.61 -16.66
C SER CA 67 55.02 -32.82 -16.87
N VAL CA 68 54.55 -33.78 -17.66
CA VAL CA 68 55.27 -35.02 -17.92
C VAL CA 68 55.25 -35.32 -19.41
N ILE CA 69 56.13 -36.23 -19.82
CA ILE CA 69 56.16 -36.68 -21.21
C ILE CA 69 54.93 -37.52 -21.50
N ALA CA 70 54.28 -37.26 -22.63
CA ALA CA 70 53.14 -38.06 -23.03
C ALA CA 70 53.57 -39.49 -23.30
N GLY CA 71 52.71 -40.44 -22.90
CA GLY CA 71 52.96 -41.84 -23.14
C GLY CA 71 53.72 -42.56 -22.04
N SER CA 72 54.25 -41.85 -21.06
CA SER CA 72 54.93 -42.51 -19.95
C SER CA 72 53.91 -43.11 -18.99
N GLU CA 73 54.39 -43.99 -18.12
CA GLU CA 73 53.50 -44.60 -17.12
C GLU CA 73 53.05 -43.58 -16.08
N ASP CA 74 53.87 -42.57 -15.82
CA ASP CA 74 53.48 -41.53 -14.87
C ASP CA 74 52.28 -40.75 -15.38
N ASP CA 75 52.24 -40.49 -16.69
CA ASP CA 75 51.07 -39.90 -17.29
C ASP CA 75 49.84 -40.77 -17.07
N ILE CA 76 50.00 -42.09 -17.19
CA ILE CA 76 48.87 -43.00 -16.97
C ILE CA 76 48.37 -42.89 -15.53
N ASN CA 77 49.30 -42.87 -14.56
CA ASN CA 77 48.89 -42.77 -13.17
C ASN CA 77 48.15 -41.46 -12.90
N LEU CA 78 48.68 -40.36 -13.42
CA LEU CA 78 48.00 -39.08 -13.24
C LEU CA 78 46.64 -39.08 -13.92
N ARG CA 79 46.50 -39.77 -15.04
CA ARG CA 79 45.20 -39.89 -15.67
C ARG CA 79 44.23 -40.68 -14.79
N ILE CA 80 44.71 -41.71 -14.10
CA ILE CA 80 43.85 -42.43 -13.17
C ILE CA 80 43.36 -41.51 -12.08
N LEU CA 81 44.27 -40.71 -11.51
CA LEU CA 81 43.86 -39.76 -10.48
C LEU CA 81 42.83 -38.78 -11.01
N LEU CA 82 43.03 -38.26 -12.22
CA LEU CA 82 42.09 -37.32 -12.79
C LEU CA 82 40.73 -37.95 -13.00
N ASN CA 83 40.71 -39.20 -13.46
CA ASN CA 83 39.45 -39.86 -13.79
C ASN CA 83 38.69 -40.34 -12.58
N SER CA 84 39.36 -40.58 -11.45
CA SER CA 84 38.63 -41.02 -10.26
C SER CA 84 37.63 -39.95 -9.83
N LYS CA 85 36.48 -40.40 -9.33
CA LYS CA 85 35.36 -39.52 -9.01
C LYS CA 85 35.17 -39.42 -7.50
N LYS CA 86 34.92 -38.20 -7.01
CA LYS CA 86 34.72 -38.00 -5.58
C LYS CA 86 33.47 -38.70 -5.08
N GLY CA 87 32.39 -38.65 -5.87
CA GLY CA 87 31.14 -39.25 -5.44
C GLY CA 87 31.23 -40.73 -5.17
N SER CA 88 32.21 -41.41 -5.75
CA SER CA 88 32.39 -42.84 -5.51
C SER CA 88 32.94 -43.07 -4.10
N PHE CA 89 33.15 -44.35 -3.79
CA PHE CA 89 33.66 -44.89 -2.52
C PHE CA 89 33.07 -44.24 -1.28
N ARG CA 90 33.63 -44.59 -0.13
CA ARG CA 90 33.06 -44.18 1.16
C ARG CA 90 33.60 -42.82 1.57
N PHE CA 91 33.11 -42.34 2.71
CA PHE CA 91 33.45 -41.03 3.22
C PHE CA 91 33.51 -41.07 4.74
N LEU CA 92 34.38 -40.24 5.32
CA LEU CA 92 34.45 -40.08 6.75
C LEU CA 92 34.75 -38.61 7.05
N PRO CA 93 34.32 -38.10 8.21
CA PRO CA 93 34.16 -36.64 8.35
C PRO CA 93 35.46 -35.86 8.23
N GLY CA 94 35.36 -34.69 7.61
CA GLY CA 94 36.39 -33.68 7.61
C GLY CA 94 37.74 -34.07 7.07
N ILE CA 95 37.78 -34.71 5.90
CA ILE CA 95 39.04 -35.12 5.30
C ILE CA 95 39.17 -34.75 3.83
N ILE CA 96 38.18 -34.08 3.25
CA ILE CA 96 38.22 -33.76 1.81
C ILE CA 96 38.41 -35.05 1.03
N PRO CA 97 37.35 -35.85 0.85
CA PRO CA 97 37.49 -37.25 0.40
C PRO CA 97 38.57 -37.49 -0.64
N ASP CA 98 39.36 -38.53 -0.42
CA ASP CA 98 40.51 -38.87 -1.25
C ASP CA 98 41.55 -37.75 -1.23
N MET CA 99 41.97 -37.40 -0.02
CA MET CA 99 43.02 -36.41 0.15
C MET CA 99 44.34 -36.94 -0.38
N THR CA 100 45.09 -36.07 -1.06
CA THR CA 100 46.33 -36.47 -1.71
C THR CA 100 47.49 -35.69 -1.10
N THR CA 101 48.57 -36.40 -0.78
CA THR CA 101 49.76 -35.81 -0.19
C THR CA 101 50.91 -35.91 -1.17
N LEU CA 102 51.67 -34.83 -1.31
CA LEU CA 102 52.78 -34.74 -2.25
C LEU CA 102 54.06 -34.45 -1.49
N VAL CA 103 55.13 -35.16 -1.82
CA VAL CA 103 56.44 -34.94 -1.22
C VAL CA 103 57.45 -34.75 -2.35
N ALA CA 104 58.18 -33.64 -2.31
CA ALA CA 104 59.14 -33.30 -3.34
C ALA CA 104 60.52 -33.14 -2.73
N THR CA 105 61.52 -33.72 -3.38
CA THR CA 105 62.91 -33.67 -2.91
C THR CA 105 63.73 -32.85 -3.88
N LEU CA 106 64.42 -31.85 -3.37
CA LEU CA 106 65.34 -31.09 -4.20
C LEU CA 106 66.67 -31.83 -4.30
N PRO CA 107 67.43 -31.60 -5.37
CA PRO CA 107 68.72 -32.29 -5.50
C PRO CA 107 69.67 -32.01 -4.35
N ASP CA 108 69.66 -30.78 -3.84
CA ASP CA 108 70.54 -30.46 -2.72
C ASP CA 108 70.18 -31.26 -1.48
N GLY CA 109 68.89 -31.45 -1.23
CA GLY CA 109 68.43 -32.14 -0.05
C GLY CA 109 67.21 -31.48 0.55
N GLY CA 110 66.87 -30.30 0.05
CA GLY CA 110 65.69 -29.61 0.54
C GLY CA 110 64.44 -30.39 0.20
N ARG CA 111 63.48 -30.38 1.13
CA ARG CA 111 62.28 -31.19 1.02
C ARG CA 111 61.09 -30.36 1.47
N THR CA 112 59.92 -30.69 0.94
CA THR CA 112 58.68 -30.01 1.28
C THR CA 112 57.54 -31.00 1.15
N VAL CA 113 56.52 -30.84 1.98
CA VAL CA 113 55.36 -31.71 1.97
C VAL CA 113 54.10 -30.87 1.91
N LEU CA 114 53.14 -31.31 1.12
CA LEU CA 114 51.87 -30.62 0.94
C LEU CA 114 50.74 -31.61 1.14
N SER CA 115 49.70 -31.18 1.85
CA SER CA 115 48.60 -32.07 2.19
C SER CA 115 47.29 -31.29 2.11
N ASN CA 116 46.19 -32.00 2.34
CA ASN CA 116 44.84 -31.44 2.26
C ASN CA 116 44.61 -30.80 0.89
N GLY CA 117 44.65 -31.64 -0.13
CA GLY CA 117 44.46 -31.15 -1.49
C GLY CA 117 44.22 -32.30 -2.44
N THR CA 118 43.83 -31.95 -3.66
CA THR CA 118 43.47 -32.94 -4.64
C THR CA 118 43.77 -32.41 -6.04
N ILE CA 119 43.80 -33.33 -7.00
CA ILE CA 119 44.01 -32.93 -8.39
C ILE CA 119 42.85 -32.08 -8.85
N LEU CA 120 43.12 -31.15 -9.75
CA LEU CA 120 42.11 -30.17 -10.14
C LEU CA 120 41.72 -30.27 -11.61
N LYS CA 121 42.69 -30.23 -12.53
CA LYS CA 121 42.36 -30.25 -13.95
C LYS CA 121 43.54 -30.79 -14.74
N GLY CA 122 43.23 -31.27 -15.95
CA GLY CA 122 44.23 -31.87 -16.80
C GLY CA 122 43.67 -32.28 -18.15
N PRO CA 123 44.50 -32.87 -19.00
CA PRO CA 123 44.05 -33.28 -20.33
C PRO CA 123 43.39 -34.64 -20.31
N ALA CA 124 42.67 -34.93 -21.39
CA ALA CA 124 42.00 -36.21 -21.55
C ALA CA 124 42.58 -37.05 -22.67
N ILE CA 125 42.95 -36.45 -23.79
CA ILE CA 125 43.58 -37.15 -24.89
C ILE CA 125 44.78 -36.34 -25.36
N ASP CA 126 45.70 -37.03 -26.04
CA ASP CA 126 46.91 -36.39 -26.51
C ASP CA 126 46.61 -35.45 -27.67
N THR CA 127 47.49 -34.46 -27.85
CA THR CA 127 47.38 -33.50 -28.93
C THR CA 127 48.64 -33.58 -29.79
N ILE CA 128 48.48 -33.32 -31.08
CA ILE CA 128 49.60 -33.30 -32.02
C ILE CA 128 49.73 -31.90 -32.59
N GLN CA 129 50.95 -31.37 -32.53
CA GLN CA 129 51.24 -30.05 -33.08
C GLN CA 129 51.59 -30.16 -34.56
N ASN CA 130 51.79 -29.00 -35.19
CA ASN CA 130 52.06 -28.98 -36.62
C ASN CA 130 53.37 -29.69 -36.96
N THR CA 131 54.28 -29.78 -36.00
CA THR CA 131 55.56 -30.45 -36.24
C THR CA 131 55.45 -31.96 -36.18
N GLY CA 132 54.30 -32.51 -35.78
CA GLY CA 132 54.15 -33.94 -35.68
C GLY CA 132 54.56 -34.54 -34.36
N ARG CA 133 54.63 -33.74 -33.29
CA ARG CA 133 55.09 -34.19 -31.99
C ARG CA 133 53.97 -34.03 -30.97
N ARG CA 134 53.76 -35.06 -30.16
CA ARG CA 134 52.76 -34.99 -29.11
C ARG CA 134 53.18 -33.98 -28.05
N LYS CA 135 52.23 -33.18 -27.60
CA LYS CA 135 52.51 -32.15 -26.61
C LYS CA 135 52.68 -32.76 -25.23
N GLY CA 136 53.38 -32.03 -24.35
CA GLY CA 136 53.60 -32.49 -23.00
C GLY CA 136 52.38 -32.21 -22.14
N ASN CA 137 51.79 -33.25 -21.56
CA ASN CA 137 50.59 -33.08 -20.75
C ASN CA 137 50.91 -32.34 -19.46
N THR CA 138 49.97 -31.51 -19.02
CA THR CA 138 50.12 -30.73 -17.81
C THR CA 138 48.94 -30.94 -16.89
N TYR CA 139 49.21 -31.00 -15.58
CA TYR CA 139 48.18 -31.24 -14.59
C TYR CA 139 48.31 -30.20 -13.48
N THR CA 140 47.19 -29.84 -12.88
CA THR CA 140 47.14 -28.80 -11.87
C THR CA 140 46.59 -29.36 -10.58
N PHE CA 141 47.26 -29.05 -9.47
CA PHE CA 141 46.83 -29.45 -8.14
C PHE CA 141 46.46 -28.22 -7.32
N VAL CA 142 45.80 -28.46 -6.20
CA VAL CA 142 45.53 -27.42 -5.23
C VAL CA 142 45.78 -28.00 -3.84
N PHE CA 143 46.35 -27.19 -2.96
CA PHE CA 143 46.68 -27.65 -1.62
C PHE CA 143 46.26 -26.61 -0.60
N GLY CA 144 45.74 -27.07 0.52
CA GLY CA 144 45.27 -26.16 1.53
C GLY CA 144 46.23 -26.04 2.71
N SER CA 145 46.92 -27.11 3.02
CA SER CA 145 47.78 -27.17 4.19
C SER CA 145 49.24 -27.14 3.73
N TYR CA 146 49.77 -25.94 3.56
CA TYR CA 146 51.20 -25.78 3.34
C TYR CA 146 51.99 -26.10 4.59
N LEU CA 147 52.63 -27.26 4.62
CA LEU CA 147 53.54 -27.58 5.70
C LEU CA 147 54.89 -26.92 5.43
N GLY CA 148 55.23 -25.92 6.22
CA GLY CA 148 56.43 -25.14 5.98
C GLY CA 148 57.70 -25.86 6.34
N ALA CA 149 57.96 -26.99 5.67
CA ALA CA 149 59.18 -27.75 5.89
C ALA CA 149 60.16 -27.45 4.76
N GLN CA 150 61.36 -27.00 5.12
CA GLN CA 150 62.41 -26.73 4.14
C GLN CA 150 63.76 -27.24 4.64
N THR CA 151 63.78 -28.40 5.30
CA THR CA 151 64.98 -28.89 5.94
C THR CA 151 66.06 -29.20 4.90
N ALA CA 152 67.31 -29.07 5.33
CA ALA CA 152 68.45 -29.35 4.47
C ALA CA 152 68.89 -30.81 4.61
N MET DA 1 -47.23 12.40 -42.36
CA MET DA 1 -46.88 11.33 -41.43
C MET DA 1 -45.86 11.82 -40.39
N ALA DA 2 -44.72 12.31 -40.88
CA ALA DA 2 -43.66 12.82 -40.03
C ALA DA 2 -43.75 14.34 -39.83
N ASN DA 3 -44.83 14.96 -40.29
CA ASN DA 3 -44.98 16.40 -40.16
C ASN DA 3 -45.06 16.81 -38.70
N TYR DA 4 -44.48 17.96 -38.40
CA TYR DA 4 -44.62 18.60 -37.10
C TYR DA 4 -45.48 19.84 -37.27
N ASN DA 5 -46.46 20.01 -36.39
CA ASN DA 5 -47.36 21.16 -36.45
C ASN DA 5 -46.66 22.34 -35.79
N TYR DA 6 -45.78 22.98 -36.54
CA TYR DA 6 -45.00 24.09 -36.00
C TYR DA 6 -45.76 25.39 -35.99
N ILE DA 7 -46.97 25.44 -36.55
CA ILE DA 7 -47.83 26.60 -36.49
C ILE DA 7 -48.91 26.31 -35.46
N VAL DA 8 -48.88 27.03 -34.34
CA VAL DA 8 -49.81 26.82 -33.25
C VAL DA 8 -50.39 28.16 -32.82
N ASP DA 9 -51.24 28.11 -31.80
CA ASP DA 9 -51.90 29.34 -31.33
C ASP DA 9 -50.88 30.35 -30.80
N THR DA 10 -49.89 29.88 -30.05
CA THR DA 10 -48.91 30.78 -29.45
C THR DA 10 -47.97 31.38 -30.48
N GLY DA 11 -47.96 30.88 -31.71
CA GLY DA 11 -47.09 31.41 -32.74
C GLY DA 11 -46.51 30.34 -33.65
N VAL DA 12 -45.33 30.60 -34.19
CA VAL DA 12 -44.66 29.66 -35.09
C VAL DA 12 -43.45 29.09 -34.36
N ILE DA 13 -43.10 27.87 -34.71
CA ILE DA 13 -42.01 27.13 -34.06
C ILE DA 13 -40.97 26.74 -35.09
N VAL DA 14 -39.70 26.98 -34.77
CA VAL DA 14 -38.59 26.50 -35.57
C VAL DA 14 -37.77 25.54 -34.73
N ALA DA 15 -37.35 24.45 -35.36
CA ALA DA 15 -36.52 23.43 -34.73
C ALA DA 15 -35.10 23.51 -35.25
N ASP DA 16 -34.18 22.91 -34.50
CA ASP DA 16 -32.78 22.92 -34.89
C ASP DA 16 -32.57 22.07 -36.14
N THR DA 17 -31.53 22.43 -36.91
CA THR DA 17 -31.29 21.77 -38.18
C THR DA 17 -31.03 20.28 -38.00
N ALA DA 18 -30.49 19.87 -36.85
CA ALA DA 18 -30.25 18.46 -36.61
C ALA DA 18 -31.54 17.66 -36.62
N ASP DA 19 -32.59 18.20 -36.00
CA ASP DA 19 -33.87 17.50 -35.97
C ASP DA 19 -34.46 17.36 -37.37
N VAL DA 20 -34.38 18.44 -38.17
CA VAL DA 20 -34.86 18.37 -39.54
C VAL DA 20 -34.10 17.31 -40.32
N LEU DA 21 -32.77 17.29 -40.16
CA LEU DA 21 -31.97 16.31 -40.87
C LEU DA 21 -32.34 14.89 -40.47
N SER DA 22 -32.53 14.66 -39.17
CA SER DA 22 -32.89 13.32 -38.72
C SER DA 22 -34.25 12.90 -39.25
N ASP DA 23 -35.21 13.83 -39.29
CA ASP DA 23 -36.52 13.49 -39.82
C ASP DA 23 -36.46 13.14 -41.29
N VAL DA 24 -35.70 13.90 -42.07
CA VAL DA 24 -35.57 13.59 -43.50
C VAL DA 24 -34.88 12.24 -43.68
N GLU DA 25 -33.87 11.97 -42.85
CA GLU DA 25 -33.18 10.70 -42.91
C GLU DA 25 -34.13 9.54 -42.65
N ALA DA 26 -34.99 9.69 -41.64
CA ALA DA 26 -35.97 8.66 -41.36
C ALA DA 26 -36.94 8.49 -42.52
N GLU DA 27 -37.36 9.60 -43.13
CA GLU DA 27 -38.26 9.51 -44.27
C GLU DA 27 -37.65 8.68 -45.39
N PHE DA 28 -36.42 9.00 -45.80
CA PHE DA 28 -35.82 8.23 -46.89
C PHE DA 28 -35.47 6.81 -46.47
N ARG DA 29 -35.13 6.58 -45.20
CA ARG DA 29 -34.87 5.22 -44.76
C ARG DA 29 -36.11 4.35 -44.88
N ALA DA 30 -37.27 4.89 -44.49
CA ALA DA 30 -38.51 4.16 -44.70
C ALA DA 30 -38.85 4.07 -46.18
N ALA DA 31 -38.40 5.04 -46.98
CA ALA DA 31 -38.75 5.06 -48.40
C ALA DA 31 -38.10 3.91 -49.16
N LEU DA 32 -36.83 3.62 -48.88
CA LEU DA 32 -36.07 2.66 -49.67
C LEU DA 32 -35.75 1.38 -48.88
N GLY DA 33 -35.10 1.51 -47.73
CA GLY DA 33 -34.74 0.34 -46.97
C GLY DA 33 -34.08 0.75 -45.67
N ALA DA 34 -34.11 -0.17 -44.71
CA ALA DA 34 -33.59 0.11 -43.38
C ALA DA 34 -32.07 0.19 -43.33
N ASN DA 35 -31.38 -0.19 -44.40
CA ASN DA 35 -29.92 -0.23 -44.38
C ASN DA 35 -29.31 0.48 -45.57
N ILE DA 36 -29.95 1.53 -46.06
CA ILE DA 36 -29.38 2.32 -47.15
C ILE DA 36 -28.25 3.17 -46.62
N ASN DA 37 -27.33 3.56 -47.50
CA ASN DA 37 -26.22 4.44 -47.14
C ASN DA 37 -26.63 5.88 -47.38
N LEU DA 38 -26.42 6.73 -46.39
CA LEU DA 38 -26.74 8.16 -46.47
C LEU DA 38 -25.49 8.97 -46.13
N ALA DA 39 -24.70 9.28 -47.15
CA ALA DA 39 -23.54 10.15 -47.03
C ALA DA 39 -23.56 11.15 -48.17
N ALA DA 40 -22.78 12.21 -48.03
CA ALA DA 40 -22.82 13.29 -49.00
C ALA DA 40 -22.41 12.82 -50.39
N SER DA 41 -21.47 11.88 -50.46
CA SER DA 41 -20.95 11.45 -51.76
C SER DA 41 -22.03 10.76 -52.60
N THR DA 42 -22.79 9.88 -51.99
CA THR DA 42 -23.78 9.11 -52.75
C THR DA 42 -24.97 9.99 -53.14
N PRO DA 43 -25.59 9.75 -54.30
CA PRO DA 43 -26.66 10.65 -54.76
C PRO DA 43 -27.82 10.80 -53.78
N GLN DA 44 -28.25 9.71 -53.15
CA GLN DA 44 -29.37 9.84 -52.22
C GLN DA 44 -29.02 10.72 -51.04
N GLY DA 45 -27.75 10.76 -50.65
CA GLY DA 45 -27.35 11.72 -49.64
C GLY DA 45 -27.52 13.15 -50.11
N SER DA 46 -27.22 13.41 -51.38
CA SER DA 46 -27.45 14.74 -51.93
C SER DA 46 -28.94 15.08 -51.91
N LEU DA 47 -29.79 14.12 -52.22
CA LEU DA 47 -31.22 14.36 -52.12
C LEU DA 47 -31.63 14.67 -50.68
N VAL DA 48 -31.04 13.94 -49.72
CA VAL DA 48 -31.30 14.22 -48.30
C VAL DA 48 -30.96 15.67 -47.99
N ALA DA 49 -29.77 16.10 -48.39
CA ALA DA 49 -29.33 17.46 -48.10
C ALA DA 49 -30.25 18.49 -48.75
N ALA DA 50 -30.63 18.25 -50.00
CA ALA DA 50 -31.51 19.18 -50.69
C ALA DA 50 -32.83 19.32 -49.98
N GLU DA 51 -33.41 18.19 -49.57
CA GLU DA 51 -34.69 18.25 -48.87
C GLU DA 51 -34.56 18.97 -47.54
N ALA DA 52 -33.50 18.70 -46.79
CA ALA DA 52 -33.33 19.35 -45.50
C ALA DA 52 -33.19 20.86 -45.66
N ILE DA 53 -32.37 21.29 -46.61
CA ILE DA 53 -32.19 22.71 -46.84
C ILE DA 53 -33.50 23.36 -47.25
N ALA DA 54 -34.24 22.71 -48.15
CA ALA DA 54 -35.50 23.30 -48.61
C ALA DA 54 -36.49 23.45 -47.46
N ARG DA 55 -36.66 22.40 -46.66
CA ARG DA 55 -37.62 22.46 -45.56
C ARG DA 55 -37.22 23.54 -44.56
N SER DA 56 -35.94 23.56 -44.15
CA SER DA 56 -35.51 24.56 -43.19
C SER DA 56 -35.70 25.97 -43.74
N SER DA 57 -35.34 26.18 -45.02
CA SER DA 57 -35.44 27.52 -45.60
C SER DA 57 -36.88 28.01 -45.63
N VAL DA 58 -37.80 27.18 -46.12
CA VAL DA 58 -39.18 27.64 -46.22
C VAL DA 58 -39.77 27.86 -44.84
N MET DA 59 -39.46 26.97 -43.89
CA MET DA 59 -40.00 27.12 -42.55
C MET DA 59 -39.51 28.41 -41.90
N ARG DA 60 -38.22 28.70 -42.00
CA ARG DA 60 -37.71 29.94 -41.44
C ARG DA 60 -38.29 31.16 -42.15
N ASN DA 61 -38.44 31.09 -43.47
CA ASN DA 61 -38.97 32.23 -44.21
C ASN DA 61 -40.40 32.54 -43.77
N GLU DA 62 -41.22 31.50 -43.61
CA GLU DA 62 -42.57 31.72 -43.10
C GLU DA 62 -42.53 32.26 -41.68
N ALA DA 63 -41.60 31.79 -40.86
CA ALA DA 63 -41.46 32.34 -39.52
C ALA DA 63 -41.05 33.80 -39.54
N ARG DA 64 -40.45 34.28 -40.64
CA ARG DA 64 -40.02 35.67 -40.69
C ARG DA 64 -41.19 36.64 -40.70
N ILE DA 65 -42.30 36.28 -41.35
CA ILE DA 65 -43.41 37.20 -41.54
C ILE DA 65 -44.61 36.70 -40.75
N ALA DA 66 -44.36 36.07 -39.61
CA ALA DA 66 -45.43 35.46 -38.83
C ALA DA 66 -46.40 36.51 -38.29
N ASN DA 67 -45.86 37.56 -37.66
CA ASN DA 67 -46.66 38.65 -37.13
C ASN DA 67 -46.21 39.94 -37.79
N THR DA 68 -47.12 40.62 -38.46
CA THR DA 68 -46.74 41.81 -39.22
C THR DA 68 -47.68 42.99 -39.03
N ILE DA 69 -48.94 42.80 -38.64
CA ILE DA 69 -49.86 43.92 -38.47
C ILE DA 69 -49.39 44.80 -37.32
N ASN DA 70 -48.79 44.21 -36.30
CA ASN DA 70 -48.23 44.99 -35.21
C ASN DA 70 -47.13 45.89 -35.76
N PRO DA 71 -47.15 47.19 -35.45
CA PRO DA 71 -46.17 48.11 -36.05
C PRO DA 71 -44.73 47.84 -35.65
N ASN DA 72 -44.44 46.78 -34.87
CA ASN DA 72 -43.06 46.51 -34.52
C ASN DA 72 -42.21 46.18 -35.73
N VAL DA 73 -42.77 45.47 -36.71
CA VAL DA 73 -42.01 44.98 -37.87
C VAL DA 73 -41.52 46.14 -38.71
N SER DA 74 -40.64 45.86 -39.66
CA SER DA 74 -40.04 46.88 -40.50
C SER DA 74 -39.81 46.32 -41.91
N PHE DA 75 -39.00 47.04 -42.69
CA PHE DA 75 -38.59 46.66 -44.04
C PHE DA 75 -39.79 46.50 -44.98
N GLY DA 76 -40.44 47.61 -45.24
CA GLY DA 76 -41.46 47.64 -46.29
C GLY DA 76 -42.90 47.43 -45.87
N THR DA 77 -43.17 46.35 -45.15
CA THR DA 77 -44.48 46.20 -44.55
C THR DA 77 -44.75 47.34 -43.57
N PHE DA 78 -43.75 47.69 -42.77
CA PHE DA 78 -43.87 48.86 -41.92
C PHE DA 78 -43.97 50.13 -42.73
N LEU DA 79 -43.36 50.16 -43.91
CA LEU DA 79 -43.54 51.32 -44.79
C LEU DA 79 -45.00 51.47 -45.19
N ASP DA 80 -45.65 50.36 -45.53
CA ASP DA 80 -47.09 50.40 -45.80
C ASP DA 80 -47.84 50.91 -44.58
N ALA DA 81 -47.50 50.38 -43.40
CA ALA DA 81 -48.22 50.76 -42.19
C ALA DA 81 -48.10 52.26 -41.92
N ILE DA 82 -46.89 52.81 -42.06
CA ILE DA 82 -46.70 54.23 -41.79
C ILE DA 82 -47.33 55.08 -42.87
N CYS DA 83 -47.24 54.65 -44.13
CA CYS DA 83 -47.84 55.42 -45.22
C CYS DA 83 -49.35 55.42 -45.16
N ALA DA 84 -49.95 54.44 -44.47
CA ALA DA 84 -51.40 54.46 -44.27
C ALA DA 84 -51.83 55.77 -43.60
N LEU DA 85 -51.06 56.24 -42.62
CA LEU DA 85 -51.36 57.52 -41.98
C LEU DA 85 -50.62 58.66 -42.65
N MET DA 86 -49.29 58.63 -42.59
CA MET DA 86 -48.43 59.60 -43.24
C MET DA 86 -47.00 59.11 -43.11
N GLY DA 87 -46.24 59.19 -44.20
CA GLY DA 87 -44.88 58.72 -44.15
C GLY DA 87 -44.12 58.94 -45.44
N ILE DA 88 -42.83 59.18 -45.33
CA ILE DA 88 -41.95 59.35 -46.48
C ILE DA 88 -40.84 58.31 -46.36
N GLU DA 89 -40.30 57.92 -47.50
CA GLU DA 89 -39.21 56.95 -47.56
C GLU DA 89 -38.22 57.47 -48.60
N ARG DA 90 -37.31 56.59 -49.03
CA ARG DA 90 -36.17 56.98 -49.84
C ARG DA 90 -35.36 58.00 -49.07
N GLY DA 91 -35.54 59.28 -49.39
CA GLY DA 91 -34.75 60.32 -48.73
C GLY DA 91 -33.27 60.09 -48.92
N SER DA 92 -32.88 59.63 -50.11
CA SER DA 92 -31.51 59.25 -50.42
C SER DA 92 -31.13 59.99 -51.69
N ASP DA 93 -30.30 61.03 -51.54
CA ASP DA 93 -29.91 61.86 -52.67
C ASP DA 93 -28.48 62.33 -52.48
N LEU DA 94 -27.88 62.76 -53.58
CA LEU DA 94 -26.54 63.34 -53.57
C LEU DA 94 -26.64 64.85 -53.66
N SER DA 95 -25.71 65.53 -53.00
CA SER DA 95 -25.65 66.99 -53.05
C SER DA 95 -25.11 67.40 -54.42
N THR DA 96 -25.96 67.21 -55.43
CA THR DA 96 -25.58 67.56 -56.79
C THR DA 96 -25.39 69.06 -56.93
N PHE DA 97 -24.49 69.46 -57.82
CA PHE DA 97 -24.07 70.84 -57.97
C PHE DA 97 -24.23 71.30 -59.41
N GLY DA 98 -23.69 72.48 -59.68
CA GLY DA 98 -23.63 73.04 -61.01
C GLY DA 98 -22.84 74.32 -60.94
N TYR DA 99 -22.56 74.89 -62.11
CA TYR DA 99 -21.91 76.19 -62.21
C TYR DA 99 -20.59 76.22 -61.44
N GLY DA 100 -19.68 75.31 -61.79
CA GLY DA 100 -18.40 75.26 -61.14
C GLY DA 100 -17.46 76.34 -61.61
N VAL DA 101 -16.40 76.57 -60.84
CA VAL DA 101 -15.37 77.56 -61.18
C VAL DA 101 -14.01 76.86 -61.17
N GLN DA 102 -13.28 76.99 -62.29
CA GLN DA 102 -12.00 76.30 -62.43
C GLN DA 102 -11.14 77.08 -63.41
N VAL DA 103 -9.93 77.42 -62.99
CA VAL DA 103 -8.96 78.12 -63.84
C VAL DA 103 -7.77 77.19 -64.08
N THR DA 104 -7.38 77.05 -65.34
CA THR DA 104 -6.35 76.09 -65.73
C THR DA 104 -5.47 76.75 -66.79
N GLY DA 105 -4.70 75.92 -67.49
CA GLY DA 105 -3.92 76.37 -68.63
C GLY DA 105 -4.79 76.56 -69.86
N ARG DA 106 -4.30 76.14 -71.02
CA ARG DA 106 -5.00 76.36 -72.27
C ARG DA 106 -5.25 75.05 -72.99
N SER DA 107 -6.44 74.96 -73.61
CA SER DA 107 -6.83 73.87 -74.51
C SER DA 107 -6.48 72.51 -73.94
N GLN DA 108 -7.11 72.19 -72.80
CA GLN DA 108 -6.91 70.90 -72.16
C GLN DA 108 -8.27 70.35 -71.73
N THR DA 109 -8.31 69.04 -71.53
CA THR DA 109 -9.53 68.34 -71.14
C THR DA 109 -9.42 67.87 -69.69
N ARG DA 110 -10.43 68.19 -68.89
CA ARG DA 110 -10.50 67.68 -67.52
C ARG DA 110 -11.09 66.28 -67.54
N ILE DA 111 -10.40 65.34 -66.93
CA ILE DA 111 -10.85 63.95 -66.91
C ILE DA 111 -11.97 63.80 -65.89
N SER DA 112 -12.93 62.94 -66.20
CA SER DA 112 -14.09 62.78 -65.34
C SER DA 112 -13.70 62.15 -64.01
N THR DA 113 -14.59 62.33 -63.03
CA THR DA 113 -14.45 61.72 -61.71
C THR DA 113 -13.15 62.13 -61.02
N GLY DA 114 -12.75 63.38 -61.17
CA GLY DA 114 -11.67 63.90 -60.38
C GLY DA 114 -12.06 64.08 -58.92
N SER DA 115 -11.06 64.22 -58.06
CA SER DA 115 -11.27 64.33 -56.63
C SER DA 115 -11.04 65.76 -56.16
N ARG DA 116 -12.04 66.32 -55.49
CA ARG DA 116 -11.95 67.63 -54.89
C ARG DA 116 -12.19 67.52 -53.39
N VAL DA 117 -11.56 68.39 -52.61
CA VAL DA 117 -11.74 68.41 -51.17
C VAL DA 117 -11.85 69.87 -50.70
N GLN DA 118 -12.77 70.11 -49.77
CA GLN DA 118 -12.88 71.39 -49.10
C GLN DA 118 -12.31 71.29 -47.69
N THR DA 119 -12.07 72.45 -47.08
CA THR DA 119 -11.25 72.52 -45.87
C THR DA 119 -11.80 71.75 -44.67
N PRO DA 120 -13.12 71.45 -44.56
CA PRO DA 120 -13.54 70.49 -43.52
C PRO DA 120 -13.32 69.04 -43.93
N ALA DA 121 -12.51 68.83 -44.96
CA ALA DA 121 -12.09 67.49 -45.41
C ALA DA 121 -13.29 66.66 -45.90
N GLY DA 122 -13.99 67.20 -46.89
CA GLY DA 122 -15.05 66.47 -47.56
C GLY DA 122 -14.61 66.05 -48.96
N ALA DA 123 -14.85 64.79 -49.30
CA ALA DA 123 -14.43 64.24 -50.58
C ALA DA 123 -15.49 64.52 -51.63
N ILE DA 124 -15.09 65.12 -52.74
CA ILE DA 124 -15.99 65.53 -53.80
C ILE DA 124 -15.48 64.96 -55.13
N PHE DA 125 -16.39 64.44 -55.94
CA PHE DA 125 -16.08 63.99 -57.28
C PHE DA 125 -16.87 64.78 -58.32
N THR DA 126 -16.22 65.06 -59.45
CA THR DA 126 -16.86 65.76 -60.55
C THR DA 126 -17.66 64.78 -61.41
N VAL DA 127 -18.41 65.33 -62.37
CA VAL DA 127 -19.33 64.52 -63.16
C VAL DA 127 -18.95 64.52 -64.62
N MET DA 128 -18.94 65.69 -65.24
CA MET DA 128 -18.80 65.81 -66.69
C MET DA 128 -17.41 66.30 -67.07
N SER DA 129 -16.83 65.68 -68.08
CA SER DA 129 -15.56 66.12 -68.65
C SER DA 129 -15.79 67.29 -69.58
N ASP DA 130 -14.81 68.19 -69.65
CA ASP DA 130 -14.93 69.39 -70.45
C ASP DA 130 -13.55 69.91 -70.82
N VAL DA 131 -13.53 70.81 -71.80
CA VAL DA 131 -12.31 71.45 -72.23
C VAL DA 131 -12.21 72.82 -71.59
N THR DA 132 -11.04 73.44 -71.67
CA THR DA 132 -10.83 74.77 -71.12
C THR DA 132 -10.49 75.74 -72.24
N ILE DA 133 -11.18 76.88 -72.26
CA ILE DA 133 -10.93 77.95 -73.22
C ILE DA 133 -9.65 78.67 -72.81
N PRO DA 134 -9.00 79.40 -73.72
CA PRO DA 134 -7.73 80.06 -73.36
C PRO DA 134 -7.85 81.08 -72.26
N ALA DA 135 -9.05 81.62 -72.00
CA ALA DA 135 -9.19 82.61 -70.94
C ALA DA 135 -8.86 82.02 -69.58
N GLY DA 136 -9.32 80.80 -69.30
CA GLY DA 136 -9.07 80.18 -68.02
C GLY DA 136 -10.30 80.15 -67.13
N GLY DA 137 -11.47 79.90 -67.71
CA GLY DA 137 -12.69 79.82 -66.94
C GLY DA 137 -13.65 78.80 -67.51
N VAL DA 138 -14.10 77.86 -66.66
CA VAL DA 138 -15.03 76.83 -67.08
C VAL DA 138 -16.01 76.54 -65.94
N ALA DA 139 -17.10 75.88 -66.30
CA ALA DA 139 -18.15 75.48 -65.36
C ALA DA 139 -18.16 73.97 -65.20
N THR DA 140 -18.16 73.51 -63.96
CA THR DA 140 -18.08 72.09 -63.65
C THR DA 140 -19.31 71.66 -62.85
N ILE DA 141 -19.50 70.35 -62.78
CA ILE DA 141 -20.61 69.75 -62.04
C ILE DA 141 -20.04 68.71 -61.08
N ASP DA 142 -20.45 68.77 -59.83
CA ASP DA 142 -19.89 67.92 -58.78
C ASP DA 142 -20.92 66.94 -58.25
N ILE DA 143 -20.42 66.01 -57.43
CA ILE DA 143 -21.26 65.04 -56.73
C ILE DA 143 -20.50 64.62 -55.49
N LYS DA 144 -21.21 64.00 -54.55
CA LYS DA 144 -20.64 63.67 -53.25
C LYS DA 144 -20.19 62.21 -53.21
N SER DA 145 -19.17 61.95 -52.38
CA SER DA 145 -18.73 60.58 -52.17
C SER DA 145 -19.72 59.78 -51.34
N GLN DA 146 -20.45 60.46 -50.44
CA GLN DA 146 -21.33 59.80 -49.50
C GLN DA 146 -22.78 60.16 -49.78
N GLU DA 147 -23.68 59.27 -49.35
CA GLU DA 147 -25.12 59.45 -49.56
C GLU DA 147 -25.68 60.35 -48.44
N TYR DA 148 -25.04 61.50 -48.27
CA TYR DA 148 -25.27 62.34 -47.10
C TYR DA 148 -25.71 63.75 -47.52
N GLY DA 149 -26.51 64.37 -46.66
CA GLY DA 149 -26.94 65.73 -46.86
C GLY DA 149 -25.89 66.76 -46.46
N ASN DA 150 -24.70 66.64 -47.04
CA ASN DA 150 -23.60 67.52 -46.67
C ASN DA 150 -23.85 68.94 -47.19
N ILE DA 151 -23.14 69.89 -46.59
CA ILE DA 151 -23.25 71.30 -46.93
C ILE DA 151 -21.88 71.78 -47.38
N PRO DA 152 -21.78 72.61 -48.42
CA PRO DA 152 -20.47 73.14 -48.84
C PRO DA 152 -20.10 74.40 -48.07
N LEU DA 153 -18.96 74.38 -47.41
CA LEU DA 153 -18.51 75.58 -46.71
C LEU DA 153 -18.08 76.64 -47.72
N PRO DA 154 -18.43 77.91 -47.51
CA PRO DA 154 -17.98 78.96 -48.42
C PRO DA 154 -16.49 79.25 -48.31
N VAL DA 155 -15.66 78.28 -48.71
CA VAL DA 155 -14.20 78.42 -48.67
C VAL DA 155 -13.64 77.87 -49.98
N GLY DA 156 -12.50 78.42 -50.39
CA GLY DA 156 -11.80 77.85 -51.54
C GLY DA 156 -11.42 76.40 -51.28
N ASN DA 157 -11.54 75.58 -52.31
CA ASN DA 157 -11.37 74.14 -52.20
C ASN DA 157 -9.91 73.74 -52.38
N LEU DA 158 -9.63 72.49 -52.04
CA LEU DA 158 -8.34 71.88 -52.25
C LEU DA 158 -8.50 70.68 -53.18
N ILE DA 159 -7.38 70.23 -53.74
CA ILE DA 159 -7.39 69.22 -54.80
C ILE DA 159 -6.72 67.95 -54.27
N ILE DA 160 -7.37 66.81 -54.48
CA ILE DA 160 -6.79 65.53 -54.11
C ILE DA 160 -6.17 64.88 -55.34
N ILE DA 161 -7.01 64.55 -56.32
CA ILE DA 161 -6.54 64.00 -57.58
C ILE DA 161 -6.25 65.16 -58.51
N ASP DA 162 -5.02 65.26 -58.97
CA ASP DA 162 -4.55 66.44 -59.70
C ASP DA 162 -4.38 66.08 -61.17
N GLY DA 163 -5.07 66.80 -62.03
CA GLY DA 163 -4.75 66.82 -63.43
C GLY DA 163 -3.59 67.75 -63.69
N THR DA 164 -3.26 67.89 -64.97
CA THR DA 164 -2.19 68.80 -65.35
C THR DA 164 -2.70 70.23 -65.43
N ILE DA 165 -1.89 71.16 -64.93
CA ILE DA 165 -2.05 72.61 -65.07
C ILE DA 165 -3.46 73.06 -64.70
N GLY DA 166 -4.10 72.35 -63.77
CA GLY DA 166 -5.43 72.76 -63.36
C GLY DA 166 -5.62 72.92 -61.86
N TRP DA 167 -5.87 74.16 -61.42
CA TRP DA 167 -5.91 74.52 -60.01
C TRP DA 167 -7.16 75.34 -59.70
N SER DA 168 -7.27 75.69 -58.41
CA SER DA 168 -8.22 76.69 -57.91
C SER DA 168 -9.66 76.32 -58.23
N GLY DA 169 -10.11 75.21 -57.63
CA GLY DA 169 -11.53 74.99 -57.52
C GLY DA 169 -12.10 76.05 -56.59
N ALA DA 170 -12.83 77.02 -57.13
CA ALA DA 170 -13.16 78.23 -56.40
C ALA DA 170 -14.65 78.31 -56.12
N LYS DA 171 -15.01 79.24 -55.23
CA LYS DA 171 -16.38 79.44 -54.83
C LYS DA 171 -17.21 80.07 -55.95
N VAL DA 172 -18.53 79.99 -55.77
CA VAL DA 172 -19.51 80.61 -56.64
C VAL DA 172 -20.84 80.62 -55.90
N ILE DA 173 -21.59 81.71 -56.00
CA ILE DA 173 -22.90 81.78 -55.37
C ILE DA 173 -24.03 81.73 -56.38
N ALA DA 174 -23.72 81.82 -57.68
CA ALA DA 174 -24.71 81.62 -58.73
C ALA DA 174 -24.98 80.14 -58.98
N SER DA 175 -24.23 79.26 -58.32
CA SER DA 175 -24.42 77.82 -58.49
C SER DA 175 -25.64 77.36 -57.69
N THR DA 176 -26.55 76.67 -58.37
CA THR DA 176 -27.74 76.16 -57.70
C THR DA 176 -27.36 75.08 -56.70
N ARG DA 177 -27.95 75.16 -55.50
CA ARG DA 177 -27.73 74.16 -54.46
C ARG DA 177 -28.90 73.18 -54.44
N VAL DA 178 -28.57 71.89 -54.41
CA VAL DA 178 -29.56 70.85 -54.23
C VAL DA 178 -29.24 70.17 -52.90
N ASP DA 179 -29.96 70.54 -51.85
CA ASP DA 179 -29.74 69.93 -50.56
C ASP DA 179 -30.31 68.51 -50.58
N PRO DA 180 -29.49 67.49 -50.33
CA PRO DA 180 -29.97 66.11 -50.45
C PRO DA 180 -30.45 65.52 -49.15
N GLY DA 181 -31.55 64.77 -49.23
CA GLY DA 181 -31.92 63.90 -48.14
C GLY DA 181 -30.93 62.75 -48.00
N SER DA 182 -30.73 62.31 -46.77
CA SER DA 182 -29.78 61.23 -46.48
C SER DA 182 -30.48 60.18 -45.63
N ARG DA 183 -31.22 59.29 -46.29
CA ARG DA 183 -31.95 58.20 -45.65
C ARG DA 183 -32.58 58.68 -44.35
N GLN DA 184 -33.26 59.82 -44.43
CA GLN DA 184 -33.67 60.57 -43.24
C GLN DA 184 -34.61 59.79 -42.33
N MET DA 185 -35.03 58.59 -42.73
CA MET DA 185 -35.97 57.81 -41.94
C MET DA 185 -35.64 56.32 -42.13
N SER DA 186 -34.89 55.75 -41.18
CA SER DA 186 -34.48 54.35 -41.32
C SER DA 186 -35.53 53.39 -40.79
N ASP DA 187 -35.64 53.27 -39.46
CA ASP DA 187 -36.62 52.40 -38.83
C ASP DA 187 -37.28 52.96 -37.56
N ALA DA 188 -36.63 53.85 -36.82
CA ALA DA 188 -37.06 54.21 -35.48
C ALA DA 188 -37.71 55.59 -35.41
N GLU DA 189 -37.14 56.57 -36.11
CA GLU DA 189 -37.81 57.85 -36.24
C GLU DA 189 -39.19 57.71 -36.87
N LEU DA 190 -39.42 56.68 -37.69
CA LEU DA 190 -40.78 56.39 -38.13
C LEU DA 190 -41.65 55.98 -36.96
N LYS DA 191 -41.09 55.19 -36.03
CA LYS DA 191 -41.83 54.84 -34.83
C LYS DA 191 -42.18 56.08 -34.02
N ASN DA 192 -41.22 57.01 -33.89
CA ASN DA 192 -41.50 58.23 -33.16
C ASN DA 192 -42.57 59.06 -33.86
N ALA DA 193 -42.58 59.06 -35.19
CA ALA DA 193 -43.63 59.73 -35.93
C ALA DA 193 -44.99 59.11 -35.63
N ARG DA 194 -45.05 57.77 -35.60
CA ARG DA 194 -46.30 57.10 -35.26
C ARG DA 194 -46.75 57.47 -33.86
N VAL DA 195 -45.82 57.50 -32.91
CA VAL DA 195 -46.16 57.85 -31.54
C VAL DA 195 -46.71 59.27 -31.49
N ASN DA 196 -46.04 60.20 -32.18
CA ASN DA 196 -46.49 61.59 -32.18
C ASN DA 196 -47.88 61.72 -32.79
N ARG DA 197 -48.13 61.02 -33.89
CA ARG DA 197 -49.45 61.11 -34.51
C ARG DA 197 -50.54 60.54 -33.62
N LEU DA 198 -50.29 59.38 -33.00
CA LEU DA 198 -51.30 58.81 -32.10
C LEU DA 198 -51.47 59.68 -30.85
N ALA DA 199 -50.45 60.44 -30.47
CA ALA DA 199 -50.64 61.42 -29.39
C ALA DA 199 -51.48 62.59 -29.87
N ILE DA 200 -51.29 63.00 -31.13
CA ILE DA 200 -52.05 64.10 -31.68
C ILE DA 200 -53.54 63.75 -31.72
N GLN DA 201 -53.86 62.56 -32.22
CA GLN DA 201 -55.25 62.18 -32.37
C GLN DA 201 -55.92 61.77 -31.06
N GLY DA 202 -55.13 61.51 -30.01
CA GLY DA 202 -55.72 61.03 -28.77
C GLY DA 202 -56.58 62.07 -28.06
N ARG DA 203 -56.14 63.33 -28.08
CA ARG DA 203 -56.78 64.36 -27.29
C ARG DA 203 -58.14 64.74 -27.88
N ASN DA 204 -59.01 65.26 -27.01
CA ASN DA 204 -60.30 65.79 -27.42
C ASN DA 204 -60.14 67.27 -27.77
N SER DA 205 -61.25 67.98 -27.93
CA SER DA 205 -61.20 69.36 -28.40
C SER DA 205 -60.41 70.25 -27.45
N THR DA 206 -60.91 70.46 -26.24
CA THR DA 206 -60.32 71.45 -25.34
C THR DA 206 -58.90 71.09 -24.93
N MET DA 207 -58.68 69.82 -24.59
CA MET DA 207 -57.35 69.40 -24.15
C MET DA 207 -56.32 69.61 -25.25
N ALA DA 208 -56.68 69.29 -26.49
CA ALA DA 208 -55.77 69.54 -27.60
C ALA DA 208 -55.48 71.02 -27.73
N ILE DA 209 -56.50 71.86 -27.57
CA ILE DA 209 -56.31 73.30 -27.68
C ILE DA 209 -55.31 73.79 -26.63
N LYS DA 210 -55.53 73.42 -25.38
CA LYS DA 210 -54.65 73.90 -24.32
C LYS DA 210 -53.23 73.35 -24.48
N ALA DA 211 -53.10 72.09 -24.89
CA ALA DA 211 -51.77 71.53 -25.10
C ALA DA 211 -51.04 72.22 -26.24
N TYR DA 212 -51.74 72.48 -27.34
CA TYR DA 212 -51.09 73.13 -28.48
C TYR DA 212 -50.69 74.56 -28.14
N VAL DA 213 -51.57 75.30 -27.47
CA VAL DA 213 -51.27 76.69 -27.17
C VAL DA 213 -50.15 76.78 -26.13
N SER DA 214 -50.15 75.85 -25.16
CA SER DA 214 -49.09 75.86 -24.15
C SER DA 214 -47.70 75.70 -24.77
N ALA DA 215 -47.61 75.09 -25.96
CA ALA DA 215 -46.33 74.91 -26.64
C ALA DA 215 -45.81 76.19 -27.25
N VAL DA 216 -46.63 77.22 -27.38
CA VAL DA 216 -46.20 78.47 -28.02
C VAL DA 216 -45.17 79.15 -27.13
N PRO DA 217 -44.10 79.72 -27.69
CA PRO DA 217 -43.09 80.39 -26.84
C PRO DA 217 -43.67 81.61 -26.14
N ASN DA 218 -43.15 81.88 -24.94
CA ASN DA 218 -43.46 83.02 -24.10
C ASN DA 218 -44.86 82.98 -23.51
N VAL DA 219 -45.67 81.99 -23.84
CA VAL DA 219 -47.02 81.90 -23.31
C VAL DA 219 -46.96 81.41 -21.87
N THR DA 220 -47.67 82.09 -20.97
CA THR DA 220 -47.63 81.77 -19.56
C THR DA 220 -48.84 80.95 -19.10
N SER DA 221 -50.06 81.38 -19.42
CA SER DA 221 -51.24 80.69 -18.95
C SER DA 221 -52.33 80.75 -20.00
N VAL DA 222 -53.28 79.82 -19.90
CA VAL DA 222 -54.38 79.69 -20.84
C VAL DA 222 -55.63 79.27 -20.09
N ASN DA 223 -56.77 79.83 -20.49
CA ASN DA 223 -58.07 79.38 -19.99
C ASN DA 223 -58.98 79.07 -21.17
N VAL DA 224 -59.64 77.93 -21.11
CA VAL DA 224 -60.58 77.51 -22.14
C VAL DA 224 -61.83 76.97 -21.47
N ILE DA 225 -62.99 77.51 -21.81
CA ILE DA 225 -64.27 77.00 -21.32
C ILE DA 225 -65.26 76.98 -22.47
N GLU DA 226 -65.95 75.86 -22.63
CA GLU DA 226 -67.02 75.71 -23.61
C GLU DA 226 -68.36 75.86 -22.91
N ASN DA 227 -69.18 76.79 -23.40
CA ASN DA 227 -70.49 77.01 -22.78
C ASN DA 227 -71.39 75.80 -22.98
N ASN DA 228 -71.46 75.30 -24.21
CA ASN DA 228 -72.30 74.15 -24.56
C ASN DA 228 -73.78 74.44 -24.32
N THR DA 229 -74.09 75.69 -23.98
CA THR DA 229 -75.46 76.10 -23.67
C THR DA 229 -75.60 77.57 -24.02
N GLY DA 230 -76.83 77.99 -24.29
CA GLY DA 230 -77.15 79.36 -24.58
C GLY DA 230 -77.39 80.24 -23.37
N ALA DA 231 -77.07 79.76 -22.18
CA ALA DA 231 -77.23 80.50 -20.94
C ALA DA 231 -75.87 80.70 -20.27
N VAL DA 232 -75.88 81.42 -19.15
CA VAL DA 232 -74.67 81.73 -18.40
C VAL DA 232 -74.31 80.51 -17.56
N GLN DA 233 -73.11 79.96 -17.79
CA GLN DA 233 -72.68 78.79 -17.03
C GLN DA 233 -71.61 79.16 -15.99
N VAL DA 234 -70.56 79.85 -16.41
CA VAL DA 234 -69.53 80.35 -15.50
C VAL DA 234 -69.43 81.86 -15.72
N VAL DA 235 -69.46 82.27 -16.98
CA VAL DA 235 -69.46 83.66 -17.38
C VAL DA 235 -70.60 83.87 -18.38
N ASN DA 236 -70.80 85.13 -18.78
CA ASN DA 236 -71.98 85.50 -19.55
C ASN DA 236 -71.86 84.97 -20.97
N GLY DA 237 -72.06 83.67 -21.11
CA GLY DA 237 -72.09 83.11 -22.45
C GLY DA 237 -73.50 82.97 -22.98
N VAL DA 238 -73.95 83.98 -23.74
CA VAL DA 238 -75.23 83.92 -24.42
C VAL DA 238 -74.98 84.45 -25.83
N SER DA 239 -73.71 84.61 -26.18
CA SER DA 239 -73.33 85.20 -27.46
C SER DA 239 -73.95 84.43 -28.61
N PHE DA 240 -73.56 83.18 -28.79
CA PHE DA 240 -74.23 82.25 -29.68
C PHE DA 240 -74.86 81.13 -28.85
N THR DA 241 -75.59 80.25 -29.52
CA THR DA 241 -76.16 79.11 -28.81
C THR DA 241 -75.10 78.11 -28.40
N LEU DA 242 -74.12 77.86 -29.27
CA LEU DA 242 -73.04 76.89 -29.01
C LEU DA 242 -71.69 77.42 -29.49
N PRO DA 243 -71.15 78.45 -28.83
CA PRO DA 243 -69.80 78.93 -29.19
C PRO DA 243 -68.74 78.03 -28.58
N TYR DA 244 -67.49 78.35 -28.92
CA TYR DA 244 -66.32 77.89 -28.17
C TYR DA 244 -65.53 79.13 -27.74
N ALA DA 245 -65.25 79.22 -26.44
CA ALA DA 245 -64.66 80.42 -25.84
C ALA DA 245 -63.27 80.10 -25.31
N VAL DA 246 -62.31 80.99 -25.59
CA VAL DA 246 -60.94 80.82 -25.17
C VAL DA 246 -60.44 82.11 -24.54
N TRP DA 247 -59.38 81.96 -23.74
CA TRP DA 247 -58.70 83.10 -23.12
C TRP DA 247 -57.23 82.74 -22.95
N VAL DA 248 -56.34 83.61 -23.42
CA VAL DA 248 -54.91 83.33 -23.42
C VAL DA 248 -54.15 84.49 -22.78
N CYS DA 249 -53.18 84.16 -21.94
CA CYS DA 249 -52.27 85.13 -21.37
C CYS DA 249 -50.86 84.86 -21.89
N VAL DA 250 -50.00 85.87 -21.80
CA VAL DA 250 -48.66 85.78 -22.35
C VAL DA 250 -47.81 86.88 -21.72
N ALA DA 251 -46.48 86.69 -21.75
CA ALA DA 251 -45.54 87.66 -21.24
C ALA DA 251 -44.98 88.57 -22.33
N GLY DA 252 -45.79 88.88 -23.35
CA GLY DA 252 -45.35 89.79 -24.39
C GLY DA 252 -45.77 89.37 -25.78
N ASN DA 253 -45.87 88.06 -26.02
CA ASN DA 253 -46.29 87.49 -27.29
C ASN DA 253 -45.47 88.04 -28.44
N PRO DA 254 -44.20 87.63 -28.57
CA PRO DA 254 -43.40 88.12 -29.71
C PRO DA 254 -44.00 87.77 -31.06
N ASP DA 255 -44.60 86.59 -31.19
CA ASP DA 255 -45.25 86.19 -32.43
C ASP DA 255 -46.77 86.39 -32.33
N LYS DA 256 -47.16 87.65 -32.41
CA LYS DA 256 -48.56 88.01 -32.27
C LYS DA 256 -49.43 87.42 -33.38
N GLN DA 257 -48.82 86.94 -34.46
CA GLN DA 257 -49.56 86.31 -35.55
C GLN DA 257 -49.43 84.79 -35.51
N ALA DA 258 -48.28 84.26 -35.09
CA ALA DA 258 -48.08 82.81 -35.06
C ALA DA 258 -48.86 82.15 -33.94
N VAL DA 259 -49.30 82.92 -32.94
CA VAL DA 259 -50.14 82.35 -31.90
C VAL DA 259 -51.47 81.89 -32.48
N ALA DA 260 -51.91 82.53 -33.56
CA ALA DA 260 -53.12 82.08 -34.24
C ALA DA 260 -52.92 80.73 -34.92
N ASP DA 261 -51.69 80.44 -35.37
CA ASP DA 261 -51.42 79.19 -36.05
C ASP DA 261 -51.70 78.01 -35.15
N ALA DA 262 -51.31 78.11 -33.87
CA ALA DA 262 -51.59 77.03 -32.93
C ALA DA 262 -53.08 76.81 -32.77
N LEU DA 263 -53.85 77.90 -32.64
CA LEU DA 263 -55.29 77.76 -32.52
C LEU DA 263 -55.90 77.14 -33.76
N TRP DA 264 -55.44 77.56 -34.93
CA TRP DA 264 -55.97 77.03 -36.19
C TRP DA 264 -55.71 75.54 -36.33
N ALA DA 265 -54.70 75.01 -35.64
CA ALA DA 265 -54.43 73.58 -35.69
C ALA DA 265 -55.59 72.78 -35.09
N ALA DA 266 -56.32 73.37 -34.15
CA ALA DA 266 -57.39 72.68 -33.44
C ALA DA 266 -58.73 73.29 -33.82
N HIS DA 267 -59.53 72.53 -34.56
CA HIS DA 267 -60.89 72.93 -34.90
C HIS DA 267 -61.73 71.68 -35.09
N ASN DA 268 -62.99 71.73 -34.64
CA ASN DA 268 -63.84 70.56 -34.58
C ASN DA 268 -64.79 70.42 -35.75
N GLY DA 269 -64.88 71.42 -36.63
CA GLY DA 269 -65.63 71.30 -37.86
C GLY DA 269 -67.08 71.70 -37.79
N GLY DA 270 -67.61 71.99 -36.60
CA GLY DA 270 -68.99 72.40 -36.49
C GLY DA 270 -69.24 73.44 -35.42
N THR DA 271 -68.20 74.18 -35.03
CA THR DA 271 -68.30 75.12 -33.92
C THR DA 271 -67.59 76.43 -34.22
N PRO DA 272 -68.28 77.55 -34.13
CA PRO DA 272 -67.61 78.85 -34.29
C PRO DA 272 -66.80 79.21 -33.05
N TRP DA 273 -65.91 80.19 -33.21
CA TRP DA 273 -64.97 80.58 -32.17
C TRP DA 273 -65.32 81.86 -31.43
N ASP DA 274 -66.27 82.65 -31.93
CA ASP DA 274 -66.52 83.96 -31.34
C ASP DA 274 -67.15 83.82 -29.97
N TYR DA 275 -66.81 84.78 -29.10
CA TYR DA 275 -67.39 84.85 -27.78
C TYR DA 275 -67.31 86.29 -27.28
N GLY DA 276 -68.22 86.63 -26.37
CA GLY DA 276 -68.21 87.93 -25.73
C GLY DA 276 -69.58 88.57 -25.72
N ALA DA 277 -69.89 89.26 -24.62
CA ALA DA 277 -71.10 90.05 -24.47
C ALA DA 277 -70.75 91.47 -24.06
N THR DA 278 -69.71 92.02 -24.68
CA THR DA 278 -69.17 93.36 -24.40
C THR DA 278 -68.70 93.52 -22.97
N ASN DA 279 -68.66 92.43 -22.20
CA ASN DA 279 -68.18 92.47 -20.83
C ASN DA 279 -66.99 91.56 -20.57
N ASN DA 280 -66.74 90.58 -21.43
CA ASN DA 280 -65.67 89.62 -21.22
C ASN DA 280 -64.33 90.24 -21.63
N GLY DA 281 -63.31 89.39 -21.77
CA GLY DA 281 -61.98 89.90 -22.07
C GLY DA 281 -61.93 90.63 -23.39
N VAL DA 282 -61.04 91.61 -23.47
CA VAL DA 282 -60.94 92.47 -24.64
C VAL DA 282 -60.33 91.69 -25.81
N PRO DA 283 -61.02 91.61 -26.93
CA PRO DA 283 -60.43 90.94 -28.10
C PRO DA 283 -59.28 91.74 -28.67
N VAL DA 284 -58.35 91.03 -29.32
CA VAL DA 284 -57.21 91.70 -29.94
C VAL DA 284 -57.66 92.58 -31.09
N ASP DA 285 -58.50 92.02 -31.98
CA ASP DA 285 -58.96 92.75 -33.14
C ASP DA 285 -60.44 92.43 -33.37
N GLY DA 286 -61.12 93.32 -34.07
CA GLY DA 286 -62.55 93.23 -34.26
C GLY DA 286 -62.97 92.02 -35.07
N PRO DA 287 -62.68 92.02 -36.37
CA PRO DA 287 -63.12 90.91 -37.22
C PRO DA 287 -62.27 89.65 -37.11
N ASN DA 288 -60.94 89.79 -37.04
CA ASN DA 288 -60.06 88.62 -37.06
C ASN DA 288 -58.63 89.08 -36.81
N GLY DA 289 -57.76 88.11 -36.56
CA GLY DA 289 -56.33 88.33 -36.44
C GLY DA 289 -55.54 87.92 -37.67
N VAL DA 290 -56.24 87.73 -38.79
CA VAL DA 290 -55.69 87.46 -40.11
C VAL DA 290 -54.55 86.44 -40.07
N PRO DA 291 -54.85 85.17 -39.86
CA PRO DA 291 -53.79 84.16 -39.73
C PRO DA 291 -53.12 83.81 -41.06
N VAL DA 292 -52.24 82.80 -41.03
CA VAL DA 292 -51.61 82.32 -42.26
C VAL DA 292 -52.65 81.65 -43.15
N ARG DA 293 -52.46 81.82 -44.46
CA ARG DA 293 -53.43 81.36 -45.45
C ARG DA 293 -53.60 79.84 -45.32
N ASP DA 294 -52.54 79.08 -45.60
CA ASP DA 294 -52.48 77.65 -45.38
C ASP DA 294 -51.07 77.15 -45.64
N PRO DA 295 -50.53 76.28 -44.79
CA PRO DA 295 -49.18 75.75 -45.06
C PRO DA 295 -49.08 74.95 -46.34
N ALA DA 296 -50.15 74.24 -46.71
CA ALA DA 296 -50.06 73.32 -47.85
C ALA DA 296 -51.43 73.15 -48.47
N SER DA 297 -51.63 73.78 -49.63
CA SER DA 297 -52.76 73.51 -50.52
C SER DA 297 -54.09 73.64 -49.80
N GLY DA 298 -54.37 74.87 -49.36
CA GLY DA 298 -55.62 75.18 -48.72
C GLY DA 298 -55.91 76.65 -48.88
N ARG DA 299 -57.05 77.06 -48.35
CA ARG DA 299 -57.45 78.46 -48.36
C ARG DA 299 -57.79 78.90 -46.94
N LYS DA 300 -58.36 80.10 -46.81
CA LYS DA 300 -58.23 80.88 -45.60
C LYS DA 300 -59.46 80.77 -44.70
N TYR DA 301 -59.21 80.84 -43.39
CA TYR DA 301 -60.21 80.80 -42.32
C TYR DA 301 -59.91 81.91 -41.31
N VAL DA 302 -60.55 81.84 -40.15
CA VAL DA 302 -60.44 82.90 -39.14
C VAL DA 302 -59.85 82.33 -37.86
N VAL DA 303 -59.51 83.22 -36.94
CA VAL DA 303 -59.21 82.88 -35.55
C VAL DA 303 -59.85 83.95 -34.66
N LYS DA 304 -60.28 83.54 -33.47
CA LYS DA 304 -60.86 84.46 -32.52
C LYS DA 304 -60.42 84.09 -31.11
N TRP DA 305 -59.66 84.99 -30.48
CA TRP DA 305 -59.20 84.78 -29.11
C TRP DA 305 -59.13 86.13 -28.40
N THR DA 306 -59.30 86.10 -27.09
CA THR DA 306 -59.34 87.30 -26.27
C THR DA 306 -58.33 87.19 -25.13
N THR DA 307 -57.68 88.31 -24.84
CA THR DA 307 -56.73 88.41 -23.74
C THR DA 307 -57.39 89.00 -22.51
N PRO DA 308 -57.00 88.56 -21.31
CA PRO DA 308 -57.69 89.02 -20.10
C PRO DA 308 -57.38 90.47 -19.79
N ILE DA 309 -58.24 91.05 -18.95
CA ILE DA 309 -58.03 92.43 -18.51
C ILE DA 309 -56.91 92.48 -17.49
N MET DA 310 -55.94 93.36 -17.72
CA MET DA 310 -54.85 93.51 -16.78
C MET DA 310 -55.35 94.10 -15.46
N TYR DA 311 -54.58 93.84 -14.40
CA TYR DA 311 -54.92 94.33 -13.07
C TYR DA 311 -53.65 94.58 -12.28
N ASP DA 312 -53.78 95.37 -11.23
CA ASP DA 312 -52.70 95.58 -10.27
C ASP DA 312 -53.25 95.37 -8.87
N GLY DA 313 -52.57 94.54 -8.08
CA GLY DA 313 -52.98 94.22 -6.74
C GLY DA 313 -52.13 94.96 -5.72
N TYR DA 314 -52.78 95.40 -4.64
CA TYR DA 314 -52.12 96.12 -3.57
C TYR DA 314 -52.21 95.30 -2.29
N VAL DA 315 -51.07 95.13 -1.62
CA VAL DA 315 -50.98 94.29 -0.44
C VAL DA 315 -50.21 95.03 0.65
N ASN DA 316 -50.69 94.90 1.88
CA ASN DA 316 -50.02 95.46 3.05
C ASN DA 316 -49.59 94.33 3.96
N VAL DA 317 -48.46 94.53 4.64
CA VAL DA 317 -47.92 93.55 5.56
C VAL DA 317 -47.43 94.25 6.82
N THR DA 318 -47.69 93.63 7.96
CA THR DA 318 -47.20 94.08 9.25
C THR DA 318 -46.40 92.95 9.88
N VAL DA 319 -45.20 93.25 10.39
CA VAL DA 319 -44.29 92.22 10.83
C VAL DA 319 -43.37 92.78 11.90
N GLN DA 320 -43.04 91.93 12.87
CA GLN DA 320 -42.03 92.23 13.87
C GLN DA 320 -40.70 91.58 13.46
N GLN DA 321 -39.61 92.27 13.79
CA GLN DA 321 -38.30 91.84 13.31
C GLN DA 321 -37.93 90.47 13.86
N GLY DA 322 -38.18 90.25 15.14
CA GLY DA 322 -37.75 89.02 15.79
C GLY DA 322 -36.36 89.18 16.39
N SER DA 323 -35.44 88.29 16.00
CA SER DA 323 -34.07 88.31 16.53
C SER DA 323 -33.07 88.07 15.41
N SER DA 324 -33.30 88.67 14.24
CA SER DA 324 -32.40 88.54 13.11
C SER DA 324 -32.58 89.75 12.20
N SER DA 325 -31.83 89.76 11.10
CA SER DA 325 -31.90 90.82 10.11
C SER DA 325 -32.47 90.27 8.81
N VAL DA 326 -33.53 90.89 8.32
CA VAL DA 326 -34.16 90.50 7.06
C VAL DA 326 -34.40 91.76 6.24
N ALA DA 327 -33.86 91.79 5.03
CA ALA DA 327 -34.05 92.94 4.17
C ALA DA 327 -35.51 93.03 3.70
N PRO DA 328 -36.16 94.18 3.84
CA PRO DA 328 -37.52 94.31 3.29
C PRO DA 328 -37.57 94.03 1.80
N GLU DA 329 -36.55 94.46 1.07
CA GLU DA 329 -36.47 94.15 -0.35
C GLU DA 329 -36.34 92.65 -0.58
N ALA DA 330 -35.71 91.92 0.35
CA ALA DA 330 -35.67 90.46 0.22
C ALA DA 330 -37.06 89.85 0.31
N ILE DA 331 -37.86 90.33 1.26
CA ILE DA 331 -39.24 89.86 1.38
C ILE DA 331 -40.03 90.20 0.12
N GLN DA 332 -39.85 91.41 -0.40
CA GLN DA 332 -40.55 91.80 -1.61
C GLN DA 332 -40.15 90.93 -2.79
N ASN DA 333 -38.86 90.61 -2.89
CA ASN DA 333 -38.39 89.73 -3.95
C ASN DA 333 -39.00 88.34 -3.81
N ALA DA 334 -39.06 87.82 -2.59
CA ALA DA 334 -39.70 86.52 -2.37
C ALA DA 334 -41.14 86.55 -2.82
N VAL DA 335 -41.87 87.60 -2.45
CA VAL DA 335 -43.29 87.69 -2.81
C VAL DA 335 -43.44 87.74 -4.32
N VAL DA 336 -42.67 88.60 -4.99
CA VAL DA 336 -42.87 88.78 -6.42
C VAL DA 336 -42.46 87.52 -7.19
N ASN DA 337 -41.37 86.86 -6.79
CA ASN DA 337 -41.00 85.64 -7.47
C ASN DA 337 -41.97 84.51 -7.18
N TYR DA 338 -42.69 84.58 -6.07
CA TYR DA 338 -43.83 83.68 -5.91
C TYR DA 338 -44.96 84.05 -6.86
N ALA DA 339 -45.16 85.34 -7.12
CA ALA DA 339 -46.34 85.81 -7.83
C ALA DA 339 -46.44 85.18 -9.22
N GLN DA 340 -45.36 85.27 -9.99
CA GLN DA 340 -45.35 84.60 -11.28
C GLN DA 340 -45.14 83.10 -11.14
N GLY DA 341 -44.46 82.67 -10.08
CA GLY DA 341 -44.38 81.26 -9.75
C GLY DA 341 -43.13 80.51 -10.15
N LYS DA 342 -41.95 81.05 -9.86
CA LYS DA 342 -40.74 80.25 -10.02
C LYS DA 342 -40.55 79.23 -8.91
N VAL DA 343 -41.27 79.34 -7.80
CA VAL DA 343 -41.19 78.36 -6.73
C VAL DA 343 -42.00 77.12 -7.12
N GLU DA 344 -41.39 75.95 -6.95
CA GLU DA 344 -42.03 74.72 -7.38
C GLU DA 344 -43.22 74.38 -6.49
N GLY DA 345 -44.21 73.75 -7.10
CA GLY DA 345 -45.41 73.32 -6.41
C GLY DA 345 -46.56 74.29 -6.46
N GLU DA 346 -46.30 75.56 -6.78
CA GLU DA 346 -47.33 76.59 -6.87
C GLU DA 346 -47.38 77.11 -8.30
N GLU DA 347 -48.57 77.05 -8.91
CA GLU DA 347 -48.70 77.48 -10.30
C GLU DA 347 -48.45 78.98 -10.45
N GLY DA 348 -48.95 79.78 -9.51
CA GLY DA 348 -48.76 81.21 -9.58
C GLY DA 348 -50.04 81.97 -9.84
N LEU DA 349 -49.92 83.21 -10.31
CA LEU DA 349 -51.09 84.04 -10.59
C LEU DA 349 -51.44 83.95 -12.07
N VAL DA 350 -52.03 82.80 -12.42
CA VAL DA 350 -52.51 82.54 -13.78
C VAL DA 350 -53.86 83.19 -13.96
N VAL DA 351 -54.36 83.20 -15.20
CA VAL DA 351 -55.70 83.71 -15.47
C VAL DA 351 -56.70 83.04 -14.54
N GLY DA 352 -57.70 83.82 -14.12
CA GLY DA 352 -58.75 83.29 -13.26
C GLY DA 352 -58.26 82.71 -11.95
N ALA DA 353 -57.25 83.33 -11.35
CA ALA DA 353 -56.70 82.87 -10.08
C ALA DA 353 -56.83 83.99 -9.06
N SER DA 354 -57.65 83.77 -8.03
CA SER DA 354 -57.78 84.73 -6.96
C SER DA 354 -56.54 84.71 -6.07
N LEU DA 355 -56.37 85.76 -5.29
CA LEU DA 355 -55.24 85.87 -4.37
C LEU DA 355 -55.76 86.17 -2.97
N SER DA 356 -55.13 85.56 -1.98
CA SER DA 356 -55.48 85.76 -0.59
C SER DA 356 -54.22 86.01 0.23
N ALA DA 357 -54.38 86.81 1.29
CA ALA DA 357 -53.26 87.07 2.17
C ALA DA 357 -52.73 85.80 2.80
N PHE DA 358 -53.60 84.80 2.96
CA PHE DA 358 -53.16 83.52 3.53
C PHE DA 358 -52.11 82.87 2.65
N GLU DA 359 -52.33 82.86 1.34
CA GLU DA 359 -51.37 82.22 0.43
C GLU DA 359 -50.06 82.99 0.39
N VAL DA 360 -50.13 84.32 0.46
CA VAL DA 360 -48.91 85.13 0.49
C VAL DA 360 -48.12 84.83 1.77
N ALA DA 361 -48.82 84.76 2.91
CA ALA DA 361 -48.16 84.43 4.15
C ALA DA 361 -47.55 83.03 4.10
N GLY DA 362 -48.24 82.09 3.44
CA GLY DA 362 -47.68 80.77 3.29
C GLY DA 362 -46.42 80.76 2.43
N ALA DA 363 -46.43 81.54 1.35
CA ALA DA 363 -45.22 81.66 0.53
C ALA DA 363 -44.07 82.23 1.34
N ILE DA 364 -44.34 83.26 2.15
CA ILE DA 364 -43.31 83.83 3.00
C ILE DA 364 -42.79 82.77 3.98
N ALA DA 365 -43.70 82.02 4.59
CA ALA DA 365 -43.30 81.03 5.59
C ALA DA 365 -42.43 79.94 4.98
N ARG DA 366 -42.82 79.42 3.81
CA ARG DA 366 -41.99 78.44 3.14
C ARG DA 366 -40.65 79.04 2.75
N GLU DA 367 -40.65 80.31 2.33
CA GLU DA 367 -39.39 80.98 1.99
C GLU DA 367 -38.48 81.13 3.20
N ILE DA 368 -39.03 81.54 4.34
CA ILE DA 368 -38.25 81.69 5.56
C ILE DA 368 -39.10 81.35 6.78
N PRO DA 369 -38.70 80.37 7.58
CA PRO DA 369 -39.46 80.03 8.79
C PRO DA 369 -39.00 80.82 10.00
N GLY DA 370 -39.62 80.56 11.15
CA GLY DA 370 -39.21 81.19 12.39
C GLY DA 370 -39.35 82.70 12.42
N ILE DA 371 -40.40 83.23 11.79
CA ILE DA 371 -40.62 84.67 11.74
C ILE DA 371 -42.07 84.95 12.10
N TYR DA 372 -42.27 85.95 12.98
CA TYR DA 372 -43.62 86.34 13.37
C TYR DA 372 -44.26 87.16 12.26
N ILE DA 373 -45.41 86.72 11.77
CA ILE DA 373 -46.21 87.45 10.80
C ILE DA 373 -47.44 87.96 11.52
N LYS DA 374 -47.58 89.29 11.60
CA LYS DA 374 -48.64 89.88 12.40
C LYS DA 374 -49.95 89.99 11.62
N LEU DA 375 -49.95 90.74 10.52
CA LEU DA 375 -51.17 90.97 9.76
C LEU DA 375 -50.81 91.24 8.31
N CYS DA 376 -51.70 90.82 7.42
CA CYS DA 376 -51.52 91.05 5.99
C CYS DA 376 -52.87 91.39 5.38
N GLN DA 377 -52.93 92.50 4.65
CA GLN DA 377 -54.13 92.94 3.95
C GLN DA 377 -53.83 93.05 2.46
N VAL DA 378 -54.84 92.75 1.64
CA VAL DA 378 -54.68 92.73 0.20
C VAL DA 378 -55.85 93.48 -0.43
N ALA DA 379 -55.63 94.00 -1.64
CA ALA DA 379 -56.67 94.64 -2.43
C ALA DA 379 -56.22 94.69 -3.88
N CYS DA 380 -57.19 94.73 -4.78
CA CYS DA 380 -56.89 94.81 -6.21
C CYS DA 380 -57.98 95.60 -6.90
N VAL DA 381 -57.57 96.52 -7.78
CA VAL DA 381 -58.48 97.40 -8.50
C VAL DA 381 -57.97 97.48 -9.94
N ALA DA 382 -58.76 98.12 -10.80
CA ALA DA 382 -58.40 98.22 -12.20
C ALA DA 382 -57.09 98.96 -12.39
N ALA DA 383 -56.31 98.53 -13.38
CA ALA DA 383 -55.00 99.11 -13.62
C ALA DA 383 -55.12 100.55 -14.12
N GLY DA 384 -54.17 101.39 -13.72
CA GLY DA 384 -54.15 102.78 -14.09
C GLY DA 384 -54.80 103.72 -13.10
N SER DA 385 -55.63 103.20 -12.20
CA SER DA 385 -56.27 104.04 -11.20
C SER DA 385 -55.25 104.47 -10.15
N PRO DA 386 -55.48 105.61 -9.49
CA PRO DA 386 -54.59 106.04 -8.41
C PRO DA 386 -54.59 105.03 -7.26
N ALA DA 387 -53.64 105.22 -6.35
CA ALA DA 387 -53.50 104.32 -5.22
C ALA DA 387 -54.74 104.38 -4.34
N PRO DA 388 -55.34 103.26 -3.99
CA PRO DA 388 -56.57 103.29 -3.18
C PRO DA 388 -56.29 103.62 -1.72
N ALA DA 389 -57.34 104.05 -1.04
CA ALA DA 389 -57.26 104.38 0.37
C ALA DA 389 -57.07 103.12 1.21
N PRO DA 390 -56.56 103.25 2.44
CA PRO DA 390 -56.39 102.06 3.30
C PRO DA 390 -57.69 101.35 3.61
N GLY DA 391 -58.83 102.01 3.48
CA GLY DA 391 -60.09 101.36 3.70
C GLY DA 391 -60.55 100.45 2.58
N ASP DA 392 -59.80 100.40 1.48
CA ASP DA 392 -60.13 99.56 0.34
C ASP DA 392 -59.51 98.18 0.42
N PHE DA 393 -58.71 97.89 1.43
CA PHE DA 393 -58.06 96.59 1.54
C PHE DA 393 -58.99 95.56 2.15
N THR DA 394 -58.62 94.29 1.97
CA THR DA 394 -59.41 93.18 2.48
C THR DA 394 -58.50 91.98 2.70
N SER DA 395 -59.08 90.91 3.24
CA SER DA 395 -58.32 89.68 3.43
C SER DA 395 -58.11 88.93 2.12
N GLU DA 396 -59.13 88.90 1.27
CA GLU DA 396 -59.06 88.17 0.02
C GLU DA 396 -59.91 88.91 -1.02
N TYR DA 397 -59.41 88.94 -2.25
CA TYR DA 397 -60.10 89.59 -3.37
C TYR DA 397 -60.43 88.53 -4.42
N VAL DA 398 -61.71 88.21 -4.56
CA VAL DA 398 -62.15 87.33 -5.63
C VAL DA 398 -61.98 88.06 -6.96
N MET DA 399 -61.44 87.35 -7.95
CA MET DA 399 -61.12 87.96 -9.23
C MET DA 399 -61.77 87.13 -10.34
N SER DA 400 -62.13 87.80 -11.42
CA SER DA 400 -63.03 87.22 -12.41
C SER DA 400 -62.37 86.08 -13.18
N ALA DA 401 -63.22 85.30 -13.85
CA ALA DA 401 -62.72 84.19 -14.65
C ALA DA 401 -61.87 84.69 -15.81
N PHE DA 402 -62.29 85.79 -16.45
CA PHE DA 402 -61.59 86.32 -17.61
C PHE DA 402 -60.68 87.49 -17.25
N GLY DA 403 -60.07 87.46 -16.07
CA GLY DA 403 -59.17 88.54 -15.69
C GLY DA 403 -57.79 88.06 -15.31
N GLN DA 404 -56.82 88.96 -15.36
CA GLN DA 404 -55.44 88.65 -14.99
C GLN DA 404 -54.94 89.67 -13.97
N ALA DA 405 -54.26 89.19 -12.94
CA ALA DA 405 -53.74 90.02 -11.88
C ALA DA 405 -52.21 90.02 -11.90
N THR DA 406 -51.63 91.17 -11.55
CA THR DA 406 -50.18 91.34 -11.56
C THR DA 406 -49.77 92.07 -10.29
N ILE DA 407 -48.58 91.74 -9.79
CA ILE DA 407 -48.04 92.32 -8.57
C ILE DA 407 -46.74 93.03 -8.89
N SER DA 408 -46.61 94.26 -8.42
CA SER DA 408 -45.43 95.08 -8.63
C SER DA 408 -44.71 95.33 -7.32
N VAL DA 409 -43.42 95.61 -7.42
CA VAL DA 409 -42.60 95.85 -6.24
C VAL DA 409 -43.07 97.10 -5.50
N GLY DA 410 -43.47 98.13 -6.24
CA GLY DA 410 -43.92 99.36 -5.61
C GLY DA 410 -45.28 99.26 -4.97
N ASN DA 411 -46.10 98.31 -5.42
CA ASN DA 411 -47.45 98.19 -4.87
C ASN DA 411 -47.41 97.77 -3.41
N VAL DA 412 -46.53 96.83 -3.05
CA VAL DA 412 -46.50 96.33 -1.69
C VAL DA 412 -45.98 97.41 -0.74
N ARG DA 413 -46.65 97.57 0.39
CA ARG DA 413 -46.24 98.45 1.47
C ARG DA 413 -45.91 97.60 2.68
N VAL DA 414 -44.69 97.72 3.18
CA VAL DA 414 -44.23 96.95 4.33
C VAL DA 414 -44.15 97.87 5.54
N THR DA 415 -44.47 97.33 6.71
CA THR DA 415 -44.45 98.08 7.96
C THR DA 415 -43.69 97.25 8.99
N PHE DA 416 -42.49 97.68 9.33
CA PHE DA 416 -41.65 96.99 10.31
C PHE DA 416 -41.79 97.63 11.69
N VAL DA 417 -43.00 97.54 12.23
CA VAL DA 417 -43.29 98.07 13.56
C VAL DA 417 -42.39 97.39 14.59
N LEU EA 1 -25.44 39.14 -38.05
CA LEU EA 1 -24.30 39.59 -38.85
C LEU EA 1 -23.71 38.50 -39.77
N PRO EA 2 -23.51 37.28 -39.27
CA PRO EA 2 -23.02 36.22 -40.16
C PRO EA 2 -23.99 35.97 -41.30
N ALA EA 3 -23.43 35.65 -42.47
CA ALA EA 3 -24.25 35.46 -43.66
C ALA EA 3 -25.06 34.18 -43.56
N TYR EA 4 -26.26 34.22 -44.14
CA TYR EA 4 -27.16 33.08 -44.19
C TYR EA 4 -27.56 32.86 -45.63
N ASN EA 5 -27.24 31.67 -46.17
CA ASN EA 5 -27.35 31.45 -47.61
C ASN EA 5 -28.70 30.86 -48.01
N SER EA 6 -29.01 29.67 -47.49
CA SER EA 6 -30.29 29.00 -47.75
C SER EA 6 -30.54 28.83 -49.25
N ASP EA 7 -29.68 28.06 -49.89
CA ASP EA 7 -29.80 27.79 -51.31
C ASP EA 7 -29.96 26.28 -51.51
N ILE EA 8 -30.84 25.92 -52.44
CA ILE EA 8 -31.09 24.51 -52.72
C ILE EA 8 -29.89 23.88 -53.40
N GLN EA 9 -29.23 24.63 -54.29
CA GLN EA 9 -28.18 24.05 -55.11
C GLN EA 9 -26.93 23.69 -54.31
N GLN EA 10 -26.89 24.00 -53.02
CA GLN EA 10 -25.78 23.57 -52.18
C GLN EA 10 -25.62 22.05 -52.18
N ALA EA 11 -26.71 21.31 -52.39
CA ALA EA 11 -26.62 19.86 -52.38
C ALA EA 11 -25.71 19.35 -53.50
N LEU EA 12 -25.82 19.94 -54.68
CA LEU EA 12 -24.96 19.56 -55.78
C LEU EA 12 -23.51 19.91 -55.44
N LYS EA 13 -22.59 19.08 -55.94
CA LYS EA 13 -21.19 19.29 -55.65
C LYS EA 13 -20.34 18.90 -56.85
N TRP EA 14 -19.05 19.12 -56.73
CA TRP EA 14 -18.09 18.98 -57.81
C TRP EA 14 -17.98 17.56 -58.32
N LEU EA 15 -18.43 16.58 -57.53
CA LEU EA 15 -18.47 15.21 -58.00
C LEU EA 15 -19.44 15.06 -59.18
N HIS EA 16 -20.58 15.75 -59.11
CA HIS EA 16 -21.61 15.67 -60.14
C HIS EA 16 -21.35 16.79 -61.15
N ASN EA 17 -20.39 16.56 -62.03
CA ASN EA 17 -20.01 17.59 -62.98
C ASN EA 17 -20.69 17.38 -64.34
N GLN EA 18 -20.51 16.20 -64.92
CA GLN EA 18 -21.07 15.87 -66.22
C GLN EA 18 -22.28 14.96 -66.07
N ALA EA 19 -23.08 15.17 -65.03
CA ALA EA 19 -24.25 14.36 -64.80
C ALA EA 19 -25.49 15.11 -65.29
N PRO EA 20 -26.14 14.66 -66.36
CA PRO EA 20 -27.38 15.33 -66.77
C PRO EA 20 -28.56 15.02 -65.88
N GLY EA 21 -28.56 13.87 -65.20
CA GLY EA 21 -29.70 13.46 -64.42
C GLY EA 21 -29.84 14.14 -63.07
N ILE EA 22 -28.87 13.93 -62.18
CA ILE EA 22 -28.96 14.47 -60.83
C ILE EA 22 -29.01 15.99 -60.86
N THR EA 23 -28.15 16.60 -61.66
CA THR EA 23 -28.13 18.06 -61.75
C THR EA 23 -29.46 18.59 -62.25
N GLY EA 24 -30.01 17.97 -63.30
CA GLY EA 24 -31.29 18.41 -63.81
C GLY EA 24 -32.39 18.29 -62.76
N LEU EA 25 -32.42 17.18 -62.04
CA LEU EA 25 -33.42 16.98 -61.00
C LEU EA 25 -33.31 18.06 -59.93
N ILE EA 26 -32.10 18.32 -59.45
CA ILE EA 26 -31.92 19.29 -58.39
C ILE EA 26 -32.30 20.68 -58.87
N GLN EA 27 -31.91 21.04 -60.09
CA GLN EA 27 -32.25 22.36 -60.61
C GLN EA 27 -33.76 22.51 -60.77
N ARG EA 28 -34.44 21.45 -61.20
CA ARG EA 28 -35.89 21.52 -61.33
C ARG EA 28 -36.54 21.72 -59.97
N LYS EA 29 -36.08 21.00 -58.95
CA LYS EA 29 -36.58 21.23 -57.61
C LYS EA 29 -36.33 22.65 -57.15
N ALA EA 30 -35.14 23.18 -57.44
CA ALA EA 30 -34.79 24.52 -57.02
C ALA EA 30 -35.72 25.55 -57.65
N GLN EA 31 -35.97 25.43 -58.95
CA GLN EA 31 -36.85 26.41 -59.58
C GLN EA 31 -38.29 26.22 -59.12
N TRP EA 32 -38.71 25.00 -58.80
CA TRP EA 32 -40.05 24.81 -58.26
C TRP EA 32 -40.22 25.55 -56.94
N TYR EA 33 -39.30 25.35 -56.00
CA TYR EA 33 -39.40 26.09 -54.75
C TYR EA 33 -39.25 27.59 -54.96
N ASP EA 34 -38.42 28.00 -55.91
CA ASP EA 34 -38.32 29.41 -56.21
C ASP EA 34 -39.66 29.98 -56.64
N ARG EA 35 -40.38 29.26 -57.49
CA ARG EA 35 -41.63 29.80 -58.02
C ARG EA 35 -42.72 29.77 -56.95
N PHE EA 36 -42.78 28.72 -56.14
CA PHE EA 36 -43.87 28.56 -55.19
C PHE EA 36 -43.52 28.99 -53.76
N SER EA 37 -42.36 29.62 -53.54
CA SER EA 37 -42.07 30.01 -52.17
C SER EA 37 -41.48 31.41 -52.06
N ARG EA 38 -40.90 31.92 -53.14
CA ARG EA 38 -40.23 33.21 -53.12
C ARG EA 38 -40.95 34.25 -53.97
N GLN EA 39 -41.14 33.96 -55.26
CA GLN EA 39 -41.93 34.87 -56.08
C GLN EA 39 -43.35 34.98 -55.57
N PHE EA 40 -43.87 33.91 -54.99
CA PHE EA 40 -45.18 33.96 -54.34
C PHE EA 40 -45.23 35.06 -53.30
N TRP EA 41 -44.28 35.05 -52.37
CA TRP EA 41 -44.31 36.05 -51.30
C TRP EA 41 -43.98 37.43 -51.82
N ALA EA 42 -43.15 37.52 -52.87
CA ALA EA 42 -42.88 38.83 -53.47
C ALA EA 42 -44.14 39.44 -54.05
N ASN EA 43 -44.88 38.65 -54.84
CA ASN EA 43 -46.12 39.15 -55.42
C ASN EA 43 -47.15 39.46 -54.35
N TRP EA 44 -47.24 38.62 -53.33
CA TRP EA 44 -48.19 38.86 -52.25
C TRP EA 44 -47.86 40.14 -51.51
N GLU EA 45 -46.58 40.36 -51.22
CA GLU EA 45 -46.17 41.58 -50.53
C GLU EA 45 -46.44 42.81 -51.39
N ARG EA 46 -46.20 42.70 -52.70
CA ARG EA 46 -46.52 43.82 -53.58
C ARG EA 46 -48.02 44.09 -53.61
N ASP EA 47 -48.83 43.03 -53.51
CA ASP EA 47 -50.28 43.20 -53.47
C ASP EA 47 -50.77 43.74 -52.13
N VAL EA 48 -49.98 43.59 -51.07
CA VAL EA 48 -50.34 44.21 -49.80
C VAL EA 48 -50.09 45.70 -49.83
N PHE EA 49 -49.19 46.17 -50.69
CA PHE EA 49 -49.00 47.61 -50.89
C PHE EA 49 -50.32 48.26 -51.25
N HIS EA 50 -50.80 49.16 -50.37
CA HIS EA 50 -52.09 49.77 -50.59
C HIS EA 50 -52.07 50.72 -51.78
N LEU EA 51 -50.93 51.34 -52.05
CA LEU EA 51 -50.82 52.22 -53.21
C LEU EA 51 -50.84 51.45 -54.52
N LYS EA 52 -50.62 50.13 -54.49
CA LYS EA 52 -50.58 49.36 -55.72
C LYS EA 52 -51.38 48.06 -55.57
N THR EA 53 -52.36 48.04 -54.68
CA THR EA 53 -53.18 46.85 -54.48
C THR EA 53 -54.10 46.67 -55.69
N ALA EA 54 -53.77 45.72 -56.55
CA ALA EA 54 -54.58 45.42 -57.72
C ALA EA 54 -55.51 44.24 -57.52
N ASN EA 55 -55.26 43.40 -56.52
CA ASN EA 55 -56.09 42.22 -56.31
C ASN EA 55 -57.41 42.61 -55.67
N PRO EA 56 -58.54 42.29 -56.29
CA PRO EA 56 -59.82 42.46 -55.60
C PRO EA 56 -59.93 41.65 -54.33
N PHE EA 57 -59.25 40.49 -54.25
CA PHE EA 57 -59.24 39.75 -52.99
C PHE EA 57 -58.58 40.56 -51.89
N GLY EA 58 -57.44 41.19 -52.18
CA GLY EA 58 -56.83 42.06 -51.20
C GLY EA 58 -57.73 43.23 -50.83
N LEU EA 59 -58.46 43.76 -51.80
CA LEU EA 59 -59.34 44.88 -51.54
C LEU EA 59 -60.49 44.48 -50.60
N MET EA 60 -61.12 43.34 -50.85
CA MET EA 60 -62.19 42.90 -49.95
C MET EA 60 -61.64 42.51 -48.59
N VAL EA 61 -60.41 41.99 -48.54
CA VAL EA 61 -59.78 41.73 -47.25
C VAL EA 61 -59.59 43.03 -46.48
N TRP EA 62 -59.10 44.07 -47.16
CA TRP EA 62 -58.97 45.39 -46.53
C TRP EA 62 -60.32 45.88 -46.04
N CYS EA 63 -61.36 45.69 -46.84
CA CYS EA 63 -62.70 46.12 -46.43
C CYS EA 63 -63.15 45.39 -45.17
N ILE EA 64 -62.86 44.08 -45.09
CA ILE EA 64 -63.19 43.33 -43.88
C ILE EA 64 -62.38 43.85 -42.70
N ILE EA 65 -61.13 44.27 -42.95
CA ILE EA 65 -60.33 44.88 -41.90
C ILE EA 65 -61.01 46.14 -41.37
N LEU EA 66 -61.49 46.97 -42.28
CA LEU EA 66 -62.11 48.24 -41.92
C LEU EA 66 -63.60 48.12 -41.63
N GLY EA 67 -64.24 47.03 -42.03
CA GLY EA 67 -65.63 46.79 -41.71
C GLY EA 67 -66.64 47.47 -42.62
N THR EA 68 -66.19 48.17 -43.66
CA THR EA 68 -67.12 48.86 -44.54
C THR EA 68 -67.95 47.88 -45.36
N PRO EA 69 -69.17 48.26 -45.74
CA PRO EA 69 -69.86 47.52 -46.79
C PRO EA 69 -69.10 47.61 -48.09
N SER EA 70 -69.17 46.53 -48.87
CA SER EA 70 -68.40 46.43 -50.11
C SER EA 70 -69.23 46.09 -51.33
N LYS EA 71 -70.45 45.60 -51.17
CA LYS EA 71 -71.22 45.13 -52.31
C LYS EA 71 -71.70 46.26 -53.22
N GLY EA 72 -71.57 47.51 -52.79
CA GLY EA 72 -71.91 48.63 -53.65
C GLY EA 72 -70.72 49.09 -54.46
N PHE EA 73 -69.68 48.25 -54.55
CA PHE EA 73 -68.43 48.61 -55.21
C PHE EA 73 -68.22 47.72 -56.43
N GLY EA 74 -67.75 48.33 -57.51
CA GLY EA 74 -67.34 47.56 -58.67
C GLY EA 74 -66.14 46.69 -58.33
N LEU EA 75 -66.24 45.39 -58.63
CA LEU EA 75 -65.23 44.43 -58.21
C LEU EA 75 -64.12 44.27 -59.24
N TYR EA 76 -64.47 43.80 -60.44
CA TYR EA 76 -63.44 43.41 -61.40
C TYR EA 76 -64.02 43.46 -62.80
N PRO EA 77 -63.19 43.69 -63.82
CA PRO EA 77 -63.59 43.43 -65.21
C PRO EA 77 -63.21 42.05 -65.73
N LYS EA 78 -62.83 41.12 -64.84
CA LYS EA 78 -62.25 39.86 -65.25
C LYS EA 78 -63.32 38.91 -65.79
N ASN EA 79 -62.85 37.75 -66.29
CA ASN EA 79 -63.71 36.74 -66.85
C ASN EA 79 -64.71 36.18 -65.83
N SER EA 80 -64.41 36.28 -64.54
CA SER EA 80 -65.31 35.76 -63.52
C SER EA 80 -66.67 36.44 -63.58
N SER EA 81 -66.71 37.68 -64.05
CA SER EA 81 -67.98 38.36 -64.26
C SER EA 81 -68.77 37.68 -65.37
N TRP EA 82 -70.09 37.80 -65.28
CA TRP EA 82 -70.98 37.10 -66.20
C TRP EA 82 -70.72 37.52 -67.64
N ALA EA 83 -70.75 36.54 -68.55
CA ALA EA 83 -70.70 36.77 -69.99
C ALA EA 83 -69.43 37.52 -70.42
N PHE EA 84 -68.30 36.84 -70.22
CA PHE EA 84 -67.03 37.28 -70.77
C PHE EA 84 -66.33 36.11 -71.45
N GLY EA 85 -65.64 36.41 -72.55
CA GLY EA 85 -64.94 35.38 -73.29
C GLY EA 85 -64.06 35.97 -74.36
N ARG EA 86 -63.16 35.13 -74.88
CA ARG EA 86 -62.23 35.56 -75.92
C ARG EA 86 -62.97 35.92 -77.20
N LEU EA 87 -63.95 35.10 -77.59
CA LEU EA 87 -64.77 35.41 -78.77
C LEU EA 87 -66.05 36.15 -78.37
N ARG EA 88 -66.88 35.49 -77.54
CA ARG EA 88 -68.09 36.05 -76.93
C ARG EA 88 -69.01 36.73 -77.94
N GLN EA 89 -68.78 36.48 -79.23
CA GLN EA 89 -69.57 37.13 -80.27
C GLN EA 89 -70.91 36.46 -80.50
N ASN EA 90 -71.08 35.22 -80.02
CA ASN EA 90 -72.34 34.53 -80.22
C ASN EA 90 -73.40 35.06 -79.26
N PHE EA 91 -74.66 34.86 -79.64
CA PHE EA 91 -75.82 35.24 -78.85
C PHE EA 91 -75.87 36.75 -78.59
N ILE EA 92 -75.18 37.54 -79.42
CA ILE EA 92 -75.20 38.99 -79.32
C ILE EA 92 -75.43 39.56 -80.71
N TYR EA 93 -75.80 40.83 -80.76
CA TYR EA 93 -76.13 41.51 -82.01
C TYR EA 93 -74.83 41.98 -82.65
N SER EA 94 -74.26 41.14 -83.52
CA SER EA 94 -72.96 41.40 -84.13
C SER EA 94 -73.08 42.06 -85.51
N GLY EA 95 -74.13 42.85 -85.71
CA GLY EA 95 -74.40 43.48 -86.99
C GLY EA 95 -75.36 42.72 -87.87
N THR EA 96 -75.47 41.41 -87.67
CA THR EA 96 -76.46 40.63 -88.41
C THR EA 96 -77.88 41.06 -88.03
N GLN EA 97 -78.12 41.32 -86.75
CA GLN EA 97 -79.43 41.76 -86.28
C GLN EA 97 -79.50 43.28 -86.14
N VAL EA 98 -78.67 43.87 -85.29
CA VAL EA 98 -78.72 45.29 -85.01
C VAL EA 98 -77.31 45.80 -84.70
N PRO EA 99 -76.90 46.93 -85.26
CA PRO EA 99 -75.61 47.52 -84.88
C PRO EA 99 -75.65 48.04 -83.46
N PRO EA 100 -74.79 47.54 -82.58
CA PRO EA 100 -74.83 47.96 -81.18
C PRO EA 100 -73.87 49.11 -80.92
N PRO EA 101 -73.97 49.77 -79.76
CA PRO EA 101 -73.01 50.82 -79.43
C PRO EA 101 -71.60 50.26 -79.29
N ALA EA 102 -70.61 51.09 -79.62
CA ALA EA 102 -69.21 50.69 -79.59
C ALA EA 102 -68.46 51.17 -78.35
N ASP EA 103 -68.81 52.34 -77.80
CA ASP EA 103 -68.14 52.87 -76.61
C ASP EA 103 -68.81 52.28 -75.38
N ALA EA 104 -68.44 51.04 -75.06
CA ALA EA 104 -69.01 50.34 -73.92
C ALA EA 104 -67.98 49.37 -73.37
N SER EA 105 -68.17 48.99 -72.10
CA SER EA 105 -67.28 48.03 -71.46
C SER EA 105 -67.48 46.64 -72.06
N PRO EA 106 -66.41 45.84 -72.13
CA PRO EA 106 -66.56 44.46 -72.60
C PRO EA 106 -67.46 43.65 -71.67
N GLY EA 107 -68.19 42.72 -72.26
CA GLY EA 107 -69.17 41.94 -71.53
C GLY EA 107 -70.54 42.60 -71.53
N GLY EA 108 -71.54 41.80 -71.16
CA GLY EA 108 -72.91 42.28 -71.11
C GLY EA 108 -73.07 43.48 -70.21
N ASN EA 109 -73.79 44.49 -70.70
CA ASN EA 109 -73.87 45.78 -70.02
C ASN EA 109 -74.59 45.72 -68.68
N PHE EA 110 -75.04 44.54 -68.25
CA PHE EA 110 -75.65 44.42 -66.93
C PHE EA 110 -74.65 44.71 -65.82
N TYR EA 111 -73.38 44.38 -66.03
CA TYR EA 111 -72.36 44.71 -65.05
C TYR EA 111 -72.12 46.22 -65.01
N GLY EA 112 -71.96 46.75 -63.81
CA GLY EA 112 -71.81 48.18 -63.65
C GLY EA 112 -73.08 48.97 -63.81
N GLY EA 113 -74.24 48.31 -63.80
CA GLY EA 113 -75.49 49.02 -63.96
C GLY EA 113 -75.80 49.91 -62.77
N GLY EA 114 -76.73 50.83 -62.97
CA GLY EA 114 -77.04 51.82 -61.96
C GLY EA 114 -76.02 52.92 -61.92
N ASN EA 115 -76.10 53.72 -60.86
CA ASN EA 115 -75.18 54.84 -60.70
C ASN EA 115 -73.97 54.47 -59.84
N ALA EA 116 -74.24 54.06 -58.59
CA ALA EA 116 -73.19 53.96 -57.59
C ALA EA 116 -72.08 52.98 -57.95
N GLU EA 117 -72.33 52.06 -58.88
CA GLU EA 117 -71.30 51.09 -59.25
C GLU EA 117 -70.11 51.78 -59.90
N ILE EA 118 -68.92 51.32 -59.55
CA ILE EA 118 -67.67 51.95 -59.96
C ILE EA 118 -66.99 51.08 -61.01
N LEU EA 119 -66.26 51.73 -61.92
CA LEU EA 119 -65.64 51.04 -63.04
C LEU EA 119 -64.12 51.13 -63.07
N ASN EA 120 -63.50 51.91 -62.18
CA ASN EA 120 -62.04 52.00 -62.11
C ASN EA 120 -61.59 51.68 -60.69
N LEU EA 121 -60.53 50.89 -60.59
CA LEU EA 121 -60.04 50.46 -59.28
C LEU EA 121 -59.30 51.58 -58.55
N ASP EA 122 -58.81 52.57 -59.29
CA ASP EA 122 -58.01 53.63 -58.69
C ASP EA 122 -58.80 54.35 -57.60
N GLU EA 123 -60.00 54.83 -57.93
CA GLU EA 123 -60.79 55.52 -56.92
C GLU EA 123 -61.31 54.57 -55.85
N ILE EA 124 -61.35 53.27 -56.11
CA ILE EA 124 -61.63 52.33 -55.03
C ILE EA 124 -60.50 52.36 -54.00
N ARG EA 125 -59.26 52.29 -54.47
CA ARG EA 125 -58.14 52.44 -53.56
C ARG EA 125 -58.22 53.77 -52.82
N LYS EA 126 -58.58 54.83 -53.55
CA LYS EA 126 -58.70 56.15 -52.95
C LYS EA 126 -59.75 56.17 -51.84
N VAL EA 127 -60.90 55.53 -52.07
CA VAL EA 127 -61.97 55.62 -51.09
C VAL EA 127 -61.62 54.78 -49.86
N LEU EA 128 -60.94 53.64 -50.03
CA LEU EA 128 -60.48 52.93 -48.83
C LEU EA 128 -59.46 53.75 -48.04
N GLN EA 129 -58.54 54.42 -48.72
CA GLN EA 129 -57.61 55.29 -48.00
C GLN EA 129 -58.36 56.39 -47.25
N LEU EA 130 -59.35 56.98 -47.92
CA LEU EA 130 -60.15 58.03 -47.29
C LEU EA 130 -60.89 57.49 -46.08
N ARG EA 131 -61.44 56.27 -46.18
CA ARG EA 131 -62.15 55.69 -45.05
C ARG EA 131 -61.22 55.49 -43.86
N TYR EA 132 -60.00 55.01 -44.11
CA TYR EA 132 -59.06 54.86 -43.00
C TYR EA 132 -58.73 56.21 -42.39
N VAL EA 133 -58.49 57.22 -43.23
CA VAL EA 133 -58.22 58.56 -42.71
C VAL EA 133 -59.37 59.03 -41.85
N ALA EA 134 -60.60 58.78 -42.29
CA ALA EA 134 -61.77 59.17 -41.52
C ALA EA 134 -61.81 58.45 -40.18
N LEU EA 135 -61.55 57.15 -40.18
CA LEU EA 135 -61.65 56.38 -38.95
C LEU EA 135 -60.58 56.78 -37.95
N ILE EA 136 -59.44 57.28 -38.43
CA ILE EA 136 -58.38 57.68 -37.52
C ILE EA 136 -58.46 59.14 -37.10
N SER EA 137 -59.11 59.99 -37.88
CA SER EA 137 -59.08 61.43 -37.62
C SER EA 137 -59.83 61.79 -36.35
N ASN EA 138 -59.50 62.96 -35.80
CA ASN EA 138 -60.16 63.51 -34.63
C ASN EA 138 -61.12 64.64 -34.95
N GLY EA 139 -60.87 65.40 -36.01
CA GLY EA 139 -61.75 66.49 -36.39
C GLY EA 139 -61.06 67.71 -36.95
N SER EA 140 -59.73 67.77 -36.85
CA SER EA 140 -59.00 68.93 -37.36
C SER EA 140 -59.08 68.99 -38.88
N ILE EA 141 -58.99 70.20 -39.41
CA ILE EA 141 -59.15 70.43 -40.84
C ILE EA 141 -57.79 70.60 -41.52
N ALA EA 142 -56.80 71.12 -40.78
CA ALA EA 142 -55.49 71.34 -41.39
C ALA EA 142 -54.87 70.02 -41.81
N TYR EA 143 -54.81 69.04 -40.90
CA TYR EA 143 -54.24 67.76 -41.25
C TYR EA 143 -55.08 67.05 -42.29
N ILE EA 144 -56.41 67.16 -42.20
CA ILE EA 144 -57.24 66.42 -43.15
C ILE EA 144 -57.03 66.98 -44.56
N ASN EA 145 -56.84 68.30 -44.68
CA ASN EA 145 -56.57 68.88 -45.99
C ASN EA 145 -55.17 68.52 -46.48
N ARG EA 146 -54.20 68.49 -45.58
CA ARG EA 146 -52.85 68.09 -45.99
C ARG EA 146 -52.84 66.65 -46.49
N MET EA 147 -53.54 65.76 -45.77
CA MET EA 147 -53.63 64.37 -46.20
C MET EA 147 -54.40 64.27 -47.51
N LEU EA 148 -55.41 65.12 -47.71
CA LEU EA 148 -56.13 65.13 -48.96
C LEU EA 148 -55.22 65.52 -50.12
N ARG EA 149 -54.38 66.54 -49.90
CA ARG EA 149 -53.38 66.91 -50.91
C ARG EA 149 -52.47 65.73 -51.22
N TYR EA 150 -51.99 65.05 -50.17
CA TYR EA 150 -51.09 63.91 -50.36
C TYR EA 150 -51.76 62.83 -51.19
N ILE EA 151 -53.00 62.47 -50.83
CA ILE EA 151 -53.66 61.33 -51.46
C ILE EA 151 -54.06 61.65 -52.90
N PHE EA 152 -54.49 62.89 -53.17
CA PHE EA 152 -55.03 63.22 -54.48
C PHE EA 152 -53.99 63.82 -55.41
N ASN EA 153 -53.35 64.92 -55.01
CA ASN EA 153 -52.41 65.60 -55.88
C ASN EA 153 -50.98 65.10 -55.71
N ASP EA 154 -50.76 64.10 -54.84
CA ASP EA 154 -49.45 63.48 -54.67
C ASP EA 154 -48.39 64.50 -54.25
N ASP EA 155 -48.80 65.43 -53.39
CA ASP EA 155 -47.89 66.41 -52.78
C ASP EA 155 -47.17 67.25 -53.84
N GLU EA 156 -47.98 68.02 -54.58
CA GLU EA 156 -47.45 68.99 -55.51
C GLU EA 156 -48.30 70.24 -55.44
N PRO EA 157 -47.74 71.41 -55.71
CA PRO EA 157 -48.51 72.66 -55.59
C PRO EA 157 -49.72 72.68 -56.51
N TRP EA 158 -50.79 73.30 -56.04
CA TRP EA 158 -52.07 73.28 -56.71
C TRP EA 158 -52.25 74.49 -57.61
N ASP EA 159 -53.23 74.41 -58.51
CA ASP EA 159 -53.63 75.51 -59.38
C ASP EA 159 -55.06 75.90 -59.04
N GLU EA 160 -55.27 77.18 -58.75
CA GLU EA 160 -56.61 77.65 -58.40
C GLU EA 160 -57.48 77.86 -59.63
N ALA EA 161 -56.89 77.89 -60.82
CA ALA EA 161 -57.65 78.18 -62.04
C ALA EA 161 -58.78 77.18 -62.28
N THR EA 162 -58.66 75.96 -61.75
CA THR EA 162 -59.69 74.96 -61.89
C THR EA 162 -60.55 74.79 -60.64
N GLY EA 163 -60.32 75.60 -59.61
CA GLY EA 163 -61.09 75.49 -58.38
C GLY EA 163 -61.03 74.10 -57.78
N LEU EA 164 -59.87 73.74 -57.25
CA LEU EA 164 -59.59 72.35 -56.92
C LEU EA 164 -60.33 71.91 -55.65
N TYR EA 165 -60.01 70.72 -55.15
CA TYR EA 165 -60.84 70.06 -54.15
C TYR EA 165 -60.34 70.30 -52.73
N PHE EA 166 -61.28 70.58 -51.84
CA PHE EA 166 -61.03 70.99 -50.46
C PHE EA 166 -62.30 70.85 -49.62
N TYR EA 167 -62.11 70.78 -48.30
CA TYR EA 167 -63.17 70.35 -47.39
C TYR EA 167 -64.37 71.30 -47.39
N LEU EA 168 -64.22 72.47 -46.74
CA LEU EA 168 -65.14 73.58 -46.89
C LEU EA 168 -64.72 74.76 -46.03
N MET EA 169 -65.50 75.85 -46.12
CA MET EA 169 -65.25 77.04 -45.30
C MET EA 169 -65.68 76.84 -43.86
N ASP EA 170 -66.60 75.89 -43.62
CA ASP EA 170 -67.26 75.69 -42.33
C ASP EA 170 -68.13 76.92 -42.09
N SER EA 171 -68.70 77.08 -40.89
CA SER EA 171 -69.56 78.22 -40.64
C SER EA 171 -68.82 79.54 -40.79
N THR EA 172 -67.49 79.51 -40.80
CA THR EA 172 -66.70 80.73 -40.94
C THR EA 172 -66.28 80.96 -42.39
N GLY EA 173 -66.00 82.22 -42.71
CA GLY EA 173 -65.39 82.62 -43.96
C GLY EA 173 -64.52 83.84 -43.74
N GLU EA 174 -63.25 83.77 -44.14
CA GLU EA 174 -62.29 84.77 -43.70
C GLU EA 174 -62.40 86.11 -44.41
N ASN EA 175 -62.16 86.12 -45.71
CA ASN EA 175 -61.69 87.32 -46.39
C ASN EA 175 -62.85 88.19 -46.85
N GLY EA 176 -62.97 89.35 -46.23
CA GLY EA 176 -63.93 90.34 -46.63
C GLY EA 176 -63.22 91.37 -47.48
N PRO EA 177 -62.86 92.50 -46.88
CA PRO EA 177 -62.08 93.51 -47.62
C PRO EA 177 -60.78 92.91 -48.15
N VAL EA 178 -60.41 93.35 -49.35
CA VAL EA 178 -59.19 92.84 -49.97
C VAL EA 178 -57.97 93.42 -49.27
N GLU EA 179 -57.01 92.55 -48.94
CA GLU EA 179 -55.82 92.95 -48.22
C GLU EA 179 -54.59 92.33 -48.88
N ASN EA 180 -53.45 92.99 -48.70
CA ASN EA 180 -52.17 92.55 -49.25
C ASN EA 180 -52.28 92.33 -50.75
N LEU EA 181 -52.59 93.40 -51.46
CA LEU EA 181 -52.76 93.37 -52.90
C LEU EA 181 -51.60 94.07 -53.59
N ALA EA 182 -51.35 93.68 -54.84
CA ALA EA 182 -50.27 94.23 -55.64
C ALA EA 182 -50.81 94.57 -57.02
N VAL EA 183 -49.98 95.24 -57.82
CA VAL EA 183 -50.34 95.61 -59.19
C VAL EA 183 -49.26 95.12 -60.14
N TYR EA 184 -49.67 94.44 -61.20
CA TYR EA 184 -48.76 93.91 -62.20
C TYR EA 184 -49.14 94.53 -63.54
N ARG EA 185 -48.52 95.66 -63.85
CA ARG EA 185 -48.76 96.36 -65.10
C ARG EA 185 -47.92 95.72 -66.21
N LYS EA 186 -48.55 95.39 -67.32
CA LYS EA 186 -47.86 94.86 -68.49
C LYS EA 186 -47.58 96.00 -69.46
N ASP EA 187 -46.35 96.06 -69.95
CA ASP EA 187 -45.91 97.13 -70.82
C ASP EA 187 -44.80 96.60 -71.72
N TRP EA 188 -44.04 97.52 -72.33
CA TRP EA 188 -42.84 97.14 -73.04
C TRP EA 188 -41.83 96.46 -72.12
N GLU EA 189 -41.82 96.83 -70.83
CA GLU EA 189 -40.90 96.26 -69.85
C GLU EA 189 -41.37 94.92 -69.31
N GLY EA 190 -42.33 94.26 -69.97
CA GLY EA 190 -42.77 92.96 -69.53
C GLY EA 190 -43.53 93.01 -68.22
N MET EA 191 -43.54 91.87 -67.53
CA MET EA 191 -44.22 91.75 -66.25
C MET EA 191 -43.54 92.64 -65.21
N VAL EA 192 -44.25 93.67 -64.74
CA VAL EA 192 -43.68 94.67 -63.86
C VAL EA 192 -44.60 94.84 -62.65
N LEU EA 193 -44.01 94.81 -61.46
CA LEU EA 193 -44.69 95.09 -60.21
C LEU EA 193 -44.38 96.52 -59.78
N LEU EA 194 -45.26 97.08 -58.94
CA LEU EA 194 -45.11 98.43 -58.44
C LEU EA 194 -45.35 98.44 -56.93
N SER EA 195 -45.12 99.60 -56.33
CA SER EA 195 -45.28 99.79 -54.89
C SER EA 195 -46.06 101.06 -54.60
N SER EA 196 -46.84 101.03 -53.52
CA SER EA 196 -47.61 102.19 -53.10
C SER EA 196 -46.79 103.17 -52.26
N SER EA 197 -45.75 102.69 -51.59
CA SER EA 197 -44.88 103.60 -50.87
C SER EA 197 -44.09 104.46 -51.87
N PRO EA 198 -43.74 105.68 -51.48
CA PRO EA 198 -42.91 106.51 -52.38
C PRO EA 198 -41.53 105.91 -52.56
N ARG EA 199 -41.19 105.60 -53.80
CA ARG EA 199 -39.91 104.99 -54.14
C ARG EA 199 -38.83 106.05 -54.29
N THR EA 200 -37.58 105.61 -54.22
CA THR EA 200 -36.42 106.48 -54.32
C THR EA 200 -35.55 106.06 -55.49
N ASN EA 201 -34.75 107.00 -55.99
CA ASN EA 201 -33.82 106.71 -57.08
C ASN EA 201 -32.67 107.71 -56.99
N HIS EA 202 -31.46 107.23 -56.73
CA HIS EA 202 -30.31 108.08 -56.48
C HIS EA 202 -29.44 108.29 -57.71
N VAL EA 203 -29.85 107.79 -58.88
CA VAL EA 203 -29.06 107.97 -60.08
C VAL EA 203 -29.21 109.40 -60.59
N LEU EA 204 -28.08 110.05 -60.87
CA LEU EA 204 -28.13 111.43 -61.35
C LEU EA 204 -28.60 111.51 -62.79
N THR EA 205 -28.10 110.64 -63.66
CA THR EA 205 -28.46 110.70 -65.08
C THR EA 205 -28.85 109.34 -65.59
N SER EA 206 -29.93 109.31 -66.38
CA SER EA 206 -30.36 108.07 -67.03
C SER EA 206 -29.50 107.76 -68.25
N THR EA 207 -29.06 108.79 -68.95
CA THR EA 207 -28.30 108.63 -70.19
C THR EA 207 -26.96 109.33 -70.07
N PRO EA 208 -25.85 108.64 -70.35
CA PRO EA 208 -24.54 109.30 -70.34
C PRO EA 208 -24.45 110.39 -71.40
N ALA EA 209 -23.67 111.42 -71.10
CA ALA EA 209 -23.50 112.56 -71.99
C ALA EA 209 -22.09 112.67 -72.55
N SER EA 210 -21.08 112.74 -71.70
CA SER EA 210 -19.70 112.92 -72.13
C SER EA 210 -18.78 112.43 -71.02
N ASP EA 211 -17.50 112.79 -71.13
CA ASP EA 211 -16.51 112.33 -70.16
C ASP EA 211 -16.85 112.82 -68.75
N ALA EA 212 -17.24 114.09 -68.63
CA ALA EA 212 -17.53 114.65 -67.31
C ALA EA 212 -18.76 114.04 -66.67
N ASP EA 213 -19.67 113.46 -67.47
CA ASP EA 213 -20.85 112.82 -66.90
C ASP EA 213 -20.49 111.61 -66.07
N TRP EA 214 -19.60 110.76 -66.58
CA TRP EA 214 -19.23 109.50 -65.95
C TRP EA 214 -17.72 109.44 -65.85
N PRO EA 215 -17.14 110.05 -64.81
CA PRO EA 215 -15.68 110.08 -64.68
C PRO EA 215 -15.10 108.67 -64.58
N GLY EA 216 -13.94 108.48 -65.19
CA GLY EA 216 -13.28 107.18 -65.26
C GLY EA 216 -12.01 107.17 -64.42
N VAL EA 217 -11.75 106.03 -63.78
CA VAL EA 217 -10.60 105.85 -62.92
C VAL EA 217 -9.76 104.70 -63.47
N ASP EA 218 -8.47 104.95 -63.68
CA ASP EA 218 -7.55 103.95 -64.21
C ASP EA 218 -6.44 103.70 -63.19
N PRO EA 219 -6.57 102.68 -62.34
CA PRO EA 219 -5.55 102.48 -61.30
C PRO EA 219 -4.19 102.06 -61.84
N ALA EA 220 -4.16 101.27 -62.91
CA ALA EA 220 -2.90 100.72 -63.41
C ALA EA 220 -2.13 101.70 -64.29
N ALA EA 221 -2.76 102.79 -64.74
CA ALA EA 221 -2.13 103.77 -65.63
C ALA EA 221 -1.60 103.11 -66.90
N SER EA 222 -2.31 102.10 -67.40
CA SER EA 222 -1.88 101.38 -68.59
C SER EA 222 -2.15 102.17 -69.87
N GLY EA 223 -3.19 102.98 -69.89
CA GLY EA 223 -3.53 103.72 -71.08
C GLY EA 223 -4.65 104.70 -70.82
N ILE EA 224 -5.29 105.12 -71.91
CA ILE EA 224 -6.38 106.09 -71.83
C ILE EA 224 -7.58 105.44 -71.13
N PRO EA 225 -8.42 106.22 -70.45
CA PRO EA 225 -9.60 105.63 -69.81
C PRO EA 225 -10.67 105.25 -70.82
N VAL EA 226 -11.81 104.78 -70.32
CA VAL EA 226 -12.92 104.43 -71.21
C VAL EA 226 -13.65 105.70 -71.61
N THR EA 227 -13.80 105.90 -72.92
CA THR EA 227 -14.53 107.05 -73.42
C THR EA 227 -16.03 106.79 -73.36
N VAL EA 228 -16.80 107.88 -73.33
CA VAL EA 228 -18.25 107.82 -73.33
C VAL EA 228 -18.76 108.66 -74.49
N GLU EA 229 -19.57 108.05 -75.36
CA GLU EA 229 -20.13 108.72 -76.53
C GLU EA 229 -21.60 108.37 -76.63
N THR EA 230 -22.45 109.40 -76.80
CA THR EA 230 -23.87 109.19 -76.96
C THR EA 230 -24.14 108.76 -78.39
N ALA EA 231 -24.53 107.51 -78.58
CA ALA EA 231 -24.75 106.93 -79.90
C ALA EA 231 -26.21 107.05 -80.31
N SER EA 232 -26.46 106.82 -81.59
CA SER EA 232 -27.79 106.90 -82.17
C SER EA 232 -28.23 105.49 -82.56
N ALA EA 233 -29.21 104.96 -81.82
CA ALA EA 233 -29.78 103.66 -82.13
C ALA EA 233 -31.22 103.64 -81.65
N THR EA 234 -31.98 102.70 -82.23
CA THR EA 234 -33.41 102.59 -81.94
C THR EA 234 -33.59 102.16 -80.49
N ALA EA 235 -34.00 103.10 -79.63
CA ALA EA 235 -34.26 102.77 -78.24
C ALA EA 235 -35.54 101.91 -78.14
N PRO EA 236 -35.64 101.08 -77.11
CA PRO EA 236 -36.86 100.26 -76.96
C PRO EA 236 -38.11 101.09 -76.75
N ASP EA 237 -38.00 102.24 -76.08
CA ASP EA 237 -39.17 103.05 -75.78
C ASP EA 237 -39.70 103.79 -77.01
N GLY EA 238 -38.85 104.03 -78.01
CA GLY EA 238 -39.29 104.71 -79.21
C GLY EA 238 -38.58 106.03 -79.49
N SER EA 239 -37.32 106.11 -79.08
CA SER EA 239 -36.50 107.30 -79.32
C SER EA 239 -35.10 106.86 -79.71
N ALA EA 240 -34.15 107.79 -79.69
CA ALA EA 240 -32.74 107.52 -79.95
C ALA EA 240 -31.94 108.23 -78.86
N THR EA 241 -31.73 107.53 -77.74
CA THR EA 241 -31.04 108.12 -76.59
C THR EA 241 -30.07 107.14 -75.96
N VAL EA 242 -29.56 106.19 -76.74
CA VAL EA 242 -28.62 105.20 -76.25
C VAL EA 242 -27.24 105.84 -76.13
N CYS EA 243 -26.33 105.16 -75.43
CA CYS EA 243 -24.96 105.63 -75.28
C CYS EA 243 -24.00 104.51 -75.66
N LYS EA 244 -22.78 104.92 -75.99
CA LYS EA 244 -21.75 104.00 -76.49
C LYS EA 244 -20.44 104.26 -75.77
N LEU EA 245 -19.72 103.18 -75.47
CA LEU EA 245 -18.39 103.28 -74.90
C LEU EA 245 -17.50 102.21 -75.53
N THR EA 246 -16.20 102.48 -75.54
CA THR EA 246 -15.22 101.57 -76.09
C THR EA 246 -14.11 101.31 -75.07
N LYS EA 247 -13.46 100.17 -75.24
CA LYS EA 247 -12.40 99.71 -74.33
C LYS EA 247 -11.12 99.53 -75.14
N PRO EA 248 -10.32 100.57 -75.28
CA PRO EA 248 -9.08 100.45 -76.06
C PRO EA 248 -8.13 99.43 -75.43
N ALA EA 249 -7.35 98.78 -76.28
CA ALA EA 249 -6.45 97.74 -75.83
C ALA EA 249 -5.44 98.30 -74.83
N GLY EA 250 -5.08 97.46 -73.85
CA GLY EA 250 -4.15 97.87 -72.83
C GLY EA 250 -4.67 98.96 -71.91
N SER EA 251 -5.94 98.88 -71.52
CA SER EA 251 -6.54 99.83 -70.60
C SER EA 251 -7.27 99.07 -69.50
N THR EA 252 -7.18 99.59 -68.27
CA THR EA 252 -7.91 99.06 -67.12
C THR EA 252 -8.55 100.25 -66.42
N ALA EA 253 -9.75 100.63 -66.86
CA ALA EA 253 -10.44 101.79 -66.33
C ALA EA 253 -11.92 101.47 -66.17
N TYR EA 254 -12.54 102.19 -65.23
CA TYR EA 254 -13.97 102.05 -64.98
C TYR EA 254 -14.55 103.43 -64.71
N VAL EA 255 -15.80 103.63 -65.12
CA VAL EA 255 -16.47 104.92 -65.07
C VAL EA 255 -17.61 104.87 -64.06
N SER EA 256 -17.76 105.94 -63.29
CA SER EA 256 -18.82 106.01 -62.28
C SER EA 256 -19.03 107.46 -61.88
N ALA EA 257 -20.25 107.95 -62.06
CA ALA EA 257 -20.60 109.29 -61.62
C ALA EA 257 -20.84 109.30 -60.12
N PRO EA 258 -20.34 110.31 -59.40
CA PRO EA 258 -20.54 110.33 -57.94
C PRO EA 258 -22.03 110.36 -57.58
N ILE EA 259 -22.35 109.64 -56.50
CA ILE EA 259 -23.71 109.55 -55.98
C ILE EA 259 -23.66 109.95 -54.51
N ASP EA 260 -24.82 110.38 -54.00
CA ASP EA 260 -24.90 110.79 -52.60
C ASP EA 260 -24.64 109.59 -51.68
N GLY EA 261 -23.92 109.86 -50.59
CA GLY EA 261 -23.57 108.84 -49.64
C GLY EA 261 -23.81 109.28 -48.21
N PRO EA 262 -24.11 108.33 -47.32
CA PRO EA 262 -24.23 106.91 -47.64
C PRO EA 262 -25.56 106.57 -48.29
N LEU EA 263 -25.58 105.50 -49.10
CA LEU EA 263 -26.80 105.12 -49.80
C LEU EA 263 -27.87 104.67 -48.82
N GLY EA 264 -27.49 103.91 -47.79
CA GLY EA 264 -28.44 103.42 -46.82
C GLY EA 264 -27.73 102.97 -45.55
N SER EA 265 -28.52 102.53 -44.59
CA SER EA 265 -28.02 102.10 -43.28
C SER EA 265 -28.25 100.59 -43.15
N GLY EA 266 -27.31 99.81 -43.68
CA GLY EA 266 -27.37 98.37 -43.53
C GLY EA 266 -28.62 97.73 -44.09
N SER EA 267 -29.02 98.13 -45.30
CA SER EA 267 -30.22 97.60 -45.94
C SER EA 267 -29.87 97.12 -47.34
N THR EA 268 -30.87 96.56 -48.02
CA THR EA 268 -30.66 95.99 -49.34
C THR EA 268 -30.43 97.08 -50.38
N VAL EA 269 -29.64 96.74 -51.40
CA VAL EA 269 -29.37 97.62 -52.53
C VAL EA 269 -29.67 96.84 -53.80
N THR EA 270 -30.58 97.36 -54.62
CA THR EA 270 -30.99 96.72 -55.87
C THR EA 270 -30.54 97.59 -57.03
N PHE EA 271 -29.40 97.23 -57.62
CA PHE EA 271 -28.95 97.88 -58.85
C PHE EA 271 -29.77 97.39 -60.03
N SER EA 272 -30.09 98.32 -60.93
CA SER EA 272 -30.81 97.98 -62.15
C SER EA 272 -30.14 98.69 -63.33
N PHE EA 273 -30.21 98.05 -64.50
CA PHE EA 273 -29.42 98.49 -65.63
C PHE EA 273 -29.88 97.75 -66.88
N PHE EA 274 -29.96 98.47 -67.99
CA PHE EA 274 -30.30 97.90 -69.29
C PHE EA 274 -29.12 98.03 -70.23
N ALA EA 275 -29.08 97.18 -71.25
CA ALA EA 275 -27.97 97.20 -72.19
C ALA EA 275 -28.39 96.56 -73.51
N LYS EA 276 -27.58 96.83 -74.54
CA LYS EA 276 -27.72 96.23 -75.85
C LYS EA 276 -26.39 95.64 -76.29
N ALA EA 277 -26.46 94.70 -77.22
CA ALA EA 277 -25.25 94.08 -77.73
C ALA EA 277 -24.38 95.11 -78.43
N GLY EA 278 -23.07 94.96 -78.27
CA GLY EA 278 -22.09 95.79 -78.93
C GLY EA 278 -21.06 94.94 -79.64
N SER EA 279 -19.83 95.46 -79.71
CA SER EA 279 -18.73 94.68 -80.26
C SER EA 279 -18.47 93.44 -79.43
N THR EA 280 -18.52 93.57 -78.11
CA THR EA 280 -18.35 92.44 -77.20
C THR EA 280 -19.68 91.72 -77.02
N ARG EA 281 -19.74 90.82 -76.04
CA ARG EA 281 -20.93 90.04 -75.78
C ARG EA 281 -21.30 89.93 -74.31
N PHE EA 282 -20.52 90.52 -73.42
CA PHE EA 282 -20.78 90.45 -71.99
C PHE EA 282 -20.61 91.82 -71.37
N ILE EA 283 -21.30 92.04 -70.26
CA ILE EA 283 -21.24 93.30 -69.52
C ILE EA 283 -20.93 93.00 -68.06
N ALA EA 284 -19.99 93.77 -67.50
CA ALA EA 284 -19.52 93.56 -66.15
C ALA EA 284 -20.08 94.64 -65.22
N ILE EA 285 -20.58 94.21 -64.07
CA ILE EA 285 -21.26 95.09 -63.12
C ILE EA 285 -20.60 94.95 -61.76
N GLN EA 286 -20.28 96.08 -61.14
CA GLN EA 286 -19.58 96.09 -59.86
C GLN EA 286 -20.30 97.05 -58.90
N SER EA 287 -20.43 96.62 -57.65
CA SER EA 287 -21.00 97.45 -56.59
C SER EA 287 -19.93 97.67 -55.53
N ALA EA 288 -19.49 98.92 -55.38
CA ALA EA 288 -18.43 99.22 -54.44
C ALA EA 288 -18.94 99.24 -53.00
N ALA EA 289 -18.01 99.14 -52.06
CA ALA EA 289 -18.31 99.16 -50.64
C ALA EA 289 -17.02 99.51 -49.90
N ASP EA 290 -17.04 99.35 -48.58
CA ASP EA 290 -15.84 99.59 -47.79
C ASP EA 290 -14.70 98.69 -48.28
N PHE EA 291 -13.50 99.25 -48.33
CA PHE EA 291 -12.36 98.54 -48.88
C PHE EA 291 -11.67 97.71 -47.79
N PRO EA 292 -11.51 96.39 -47.98
CA PRO EA 292 -12.11 95.66 -49.10
C PRO EA 292 -13.37 94.88 -48.72
N SER EA 293 -14.52 95.28 -49.27
CA SER EA 293 -15.73 94.47 -49.10
C SER EA 293 -16.61 94.45 -50.34
N ARG EA 294 -16.10 94.87 -51.50
CA ARG EA 294 -16.98 95.14 -52.63
C ARG EA 294 -17.43 93.84 -53.30
N ALA EA 295 -18.53 93.95 -54.05
CA ALA EA 295 -19.16 92.83 -54.72
C ALA EA 295 -19.46 93.19 -56.16
N ASP EA 296 -19.48 92.18 -57.03
CA ASP EA 296 -19.59 92.41 -58.46
C ASP EA 296 -20.12 91.16 -59.15
N ALA EA 297 -20.53 91.33 -60.41
CA ALA EA 297 -21.10 90.25 -61.20
C ALA EA 297 -20.98 90.60 -62.67
N VAL EA 298 -21.23 89.60 -63.52
CA VAL EA 298 -21.17 89.76 -64.98
C VAL EA 298 -22.38 89.07 -65.58
N PHE EA 299 -22.96 89.70 -66.60
CA PHE EA 299 -24.16 89.19 -67.27
C PHE EA 299 -23.81 88.71 -68.67
N ASP EA 300 -24.43 87.60 -69.08
CA ASP EA 300 -24.26 87.05 -70.41
C ASP EA 300 -25.43 87.50 -71.27
N LEU EA 301 -25.15 88.30 -72.31
CA LEU EA 301 -26.21 88.91 -73.09
C LEU EA 301 -26.95 87.88 -73.94
N ASP EA 302 -26.22 87.02 -74.64
CA ASP EA 302 -26.84 86.17 -75.65
C ASP EA 302 -27.79 85.16 -75.03
N SER EA 303 -27.33 84.42 -74.03
CA SER EA 303 -28.12 83.34 -73.45
C SER EA 303 -28.78 83.70 -72.13
N GLY EA 304 -28.24 84.66 -71.40
CA GLY EA 304 -28.86 85.08 -70.16
C GLY EA 304 -28.45 84.25 -68.96
N ASN EA 305 -27.15 84.19 -68.68
CA ASN EA 305 -26.64 83.48 -67.52
C ASN EA 305 -25.77 84.42 -66.70
N VAL EA 306 -25.94 84.38 -65.38
CA VAL EA 306 -25.17 85.22 -64.46
C VAL EA 306 -23.90 84.45 -64.14
N ILE EA 307 -22.83 84.75 -64.89
CA ILE EA 307 -21.60 83.99 -64.75
C ILE EA 307 -20.87 84.36 -63.47
N SER EA 308 -20.58 85.65 -63.28
CA SER EA 308 -19.69 86.08 -62.22
C SER EA 308 -20.47 86.46 -60.97
N ASP EA 309 -19.84 86.25 -59.82
CA ASP EA 309 -20.42 86.56 -58.51
C ASP EA 309 -19.31 86.43 -57.48
N GLN EA 310 -19.14 87.43 -56.63
CA GLN EA 310 -18.01 87.43 -55.71
C GLN EA 310 -18.46 87.87 -54.31
N MET EA 311 -17.83 87.30 -53.29
CA MET EA 311 -18.17 87.49 -51.88
C MET EA 311 -16.95 87.96 -51.10
N LEU EA 312 -16.72 89.26 -51.03
CA LEU EA 312 -15.77 89.77 -50.05
C LEU EA 312 -16.44 89.99 -48.70
N ASP EA 313 -17.68 90.47 -48.72
CA ASP EA 313 -18.50 90.66 -47.53
C ASP EA 313 -19.73 89.77 -47.65
N SER EA 314 -20.67 89.95 -46.72
CA SER EA 314 -21.89 89.15 -46.73
C SER EA 314 -22.92 89.78 -47.65
N SER EA 315 -22.46 90.56 -48.63
CA SER EA 315 -23.34 91.49 -49.34
C SER EA 315 -24.38 90.77 -50.20
N VAL EA 316 -23.93 90.04 -51.22
CA VAL EA 316 -24.82 89.61 -52.28
C VAL EA 316 -25.88 88.65 -51.74
N VAL EA 317 -27.07 88.72 -52.34
CA VAL EA 317 -28.16 87.81 -52.01
C VAL EA 317 -28.64 87.12 -53.27
N SER EA 318 -29.02 87.90 -54.28
CA SER EA 318 -29.55 87.34 -55.51
C SER EA 318 -29.26 88.26 -56.68
N ALA EA 319 -29.05 87.66 -57.85
CA ALA EA 319 -28.83 88.40 -59.09
C ALA EA 319 -29.49 87.63 -60.22
N ARG EA 320 -30.31 88.33 -61.01
CA ARG EA 320 -31.10 87.69 -62.05
C ARG EA 320 -31.13 88.59 -63.28
N MET EA 321 -31.37 87.99 -64.44
CA MET EA 321 -31.40 88.71 -65.70
C MET EA 321 -32.75 88.49 -66.37
N ILE EA 322 -33.36 89.57 -66.83
CA ILE EA 322 -34.75 89.56 -67.29
C ILE EA 322 -34.79 89.61 -68.81
N ARG EA 323 -35.63 88.78 -69.40
CA ARG EA 323 -35.78 88.72 -70.84
C ARG EA 323 -36.50 89.95 -71.38
N LEU EA 324 -35.91 90.56 -72.40
CA LEU EA 324 -36.56 91.63 -73.17
C LEU EA 324 -36.47 91.27 -74.65
N GLU EA 325 -37.20 92.01 -75.46
CA GLU EA 325 -37.43 91.64 -76.85
C GLU EA 325 -36.67 92.57 -77.79
N ASN EA 326 -36.17 92.00 -78.89
CA ASN EA 326 -35.23 92.65 -79.83
C ASN EA 326 -33.91 93.06 -79.17
N GLY EA 327 -33.37 92.20 -78.31
CA GLY EA 327 -31.98 92.29 -77.91
C GLY EA 327 -31.71 93.09 -76.66
N TRP EA 328 -32.69 93.77 -76.09
CA TRP EA 328 -32.48 94.38 -74.79
C TRP EA 328 -32.58 93.34 -73.68
N TRP EA 329 -32.10 93.73 -72.50
CA TRP EA 329 -32.12 92.88 -71.32
C TRP EA 329 -32.17 93.77 -70.09
N ARG EA 330 -32.52 93.17 -68.97
CA ARG EA 330 -32.57 93.88 -67.69
C ARG EA 330 -31.67 93.16 -66.69
N CYS EA 331 -30.81 93.92 -66.02
CA CYS EA 331 -29.84 93.37 -65.07
C CYS EA 331 -30.18 93.89 -63.67
N VAL EA 332 -30.23 92.98 -62.71
CA VAL EA 332 -30.47 93.34 -61.32
C VAL EA 332 -29.35 92.76 -60.47
N LEU EA 333 -29.13 93.37 -59.30
CA LEU EA 333 -28.10 92.92 -58.39
C LEU EA 333 -28.51 93.33 -56.98
N THR EA 334 -28.86 92.35 -56.16
CA THR EA 334 -29.35 92.59 -54.81
C THR EA 334 -28.24 92.23 -53.81
N THR EA 335 -27.98 93.13 -52.88
CA THR EA 335 -26.99 92.91 -51.85
C THR EA 335 -27.61 93.17 -50.49
N LYS EA 336 -27.01 92.57 -49.46
CA LYS EA 336 -27.41 92.79 -48.07
C LYS EA 336 -26.16 92.66 -47.20
N THR EA 337 -25.51 93.78 -46.95
CA THR EA 337 -24.29 93.81 -46.16
C THR EA 337 -24.58 94.31 -44.76
N VAL EA 338 -23.88 93.73 -43.78
CA VAL EA 338 -24.11 94.12 -42.38
C VAL EA 338 -23.70 95.57 -42.17
N SER EA 339 -22.58 95.98 -42.76
CA SER EA 339 -22.18 97.37 -42.70
C SER EA 339 -23.08 98.24 -43.56
N SER EA 340 -22.81 99.54 -43.55
CA SER EA 340 -23.55 100.50 -44.37
C SER EA 340 -22.63 101.36 -45.23
N SER EA 341 -21.35 100.97 -45.37
CA SER EA 341 -20.36 101.80 -46.03
C SER EA 341 -20.44 101.61 -47.55
N PHE EA 342 -21.58 102.02 -48.09
CA PHE EA 342 -21.73 102.11 -49.54
C PHE EA 342 -21.02 103.35 -50.03
N ARG EA 343 -20.16 103.19 -51.05
CA ARG EA 343 -19.35 104.29 -51.53
C ARG EA 343 -19.58 104.62 -52.99
N ALA EA 344 -19.62 103.63 -53.88
CA ALA EA 344 -19.74 103.89 -55.30
C ALA EA 344 -20.32 102.67 -55.99
N ALA EA 345 -20.33 102.71 -57.32
CA ALA EA 345 -20.83 101.59 -58.13
C ALA EA 345 -20.24 101.74 -59.53
N TYR EA 346 -19.41 100.78 -59.92
CA TYR EA 346 -18.68 100.85 -61.18
C TYR EA 346 -19.31 99.94 -62.23
N VAL EA 347 -19.28 100.39 -63.48
CA VAL EA 347 -19.71 99.58 -64.62
C VAL EA 347 -18.70 99.77 -65.75
N ALA EA 348 -18.29 98.67 -66.35
CA ALA EA 348 -17.27 98.70 -67.40
C ALA EA 348 -17.46 97.48 -68.29
N PRO EA 349 -17.01 97.55 -69.54
CA PRO EA 349 -17.14 96.39 -70.44
C PRO EA 349 -16.21 95.26 -70.05
N ALA EA 350 -16.63 94.05 -70.39
CA ALA EA 350 -15.93 92.82 -70.00
C ALA EA 350 -15.37 92.12 -71.24
N GLU EA 351 -14.14 91.62 -71.11
CA GLU EA 351 -13.51 90.91 -72.21
C GLU EA 351 -14.23 89.59 -72.48
N THR EA 352 -14.46 88.79 -71.44
CA THR EA 352 -15.14 87.52 -71.56
C THR EA 352 -16.13 87.37 -70.43
N ASN EA 353 -16.89 86.26 -70.45
CA ASN EA 353 -17.96 86.08 -69.47
C ASN EA 353 -17.41 85.99 -68.06
N PHE EA 354 -16.30 85.28 -67.87
CA PHE EA 354 -15.75 85.13 -66.53
C PHE EA 354 -14.85 86.30 -66.14
N SER EA 355 -14.60 87.23 -67.06
CA SER EA 355 -13.66 88.31 -66.81
C SER EA 355 -14.15 89.25 -65.72
N TRP EA 356 -13.23 90.06 -65.21
CA TRP EA 356 -13.49 91.07 -64.19
C TRP EA 356 -13.36 92.44 -64.83
N ILE EA 357 -13.89 93.45 -64.13
CA ILE EA 357 -13.77 94.82 -64.63
C ILE EA 357 -12.31 95.25 -64.67
N ASP EA 358 -11.54 94.91 -63.65
CA ASP EA 358 -10.18 95.38 -63.50
C ASP EA 358 -9.16 94.60 -64.32
N SER EA 359 -9.60 93.56 -65.03
CA SER EA 359 -8.71 92.82 -65.91
C SER EA 359 -8.38 93.63 -67.16
N ASN EA 360 -7.15 93.47 -67.63
CA ASN EA 360 -6.74 94.15 -68.85
C ASN EA 360 -7.31 93.46 -70.08
N SER EA 361 -7.41 94.23 -71.17
CA SER EA 361 -8.00 93.77 -72.41
C SER EA 361 -6.91 93.63 -73.47
N SER EA 362 -7.31 93.07 -74.62
CA SER EA 362 -6.39 92.88 -75.73
C SER EA 362 -6.74 93.69 -76.96
N ALA EA 363 -7.97 94.18 -77.07
CA ALA EA 363 -8.40 94.93 -78.24
C ALA EA 363 -9.54 95.86 -77.83
N ALA EA 364 -10.24 96.42 -78.82
CA ALA EA 364 -11.32 97.36 -78.59
C ALA EA 364 -12.66 96.63 -78.65
N ILE EA 365 -13.49 96.83 -77.63
CA ILE EA 365 -14.83 96.27 -77.57
C ILE EA 365 -15.81 97.39 -77.24
N ASP EA 366 -17.07 97.16 -77.59
CA ASP EA 366 -18.10 98.18 -77.49
C ASP EA 366 -19.39 97.59 -76.94
N VAL EA 367 -20.22 98.46 -76.37
CA VAL EA 367 -21.48 98.05 -75.77
C VAL EA 367 -22.38 99.28 -75.68
N LEU EA 368 -23.69 99.04 -75.59
CA LEU EA 368 -24.70 100.09 -75.56
C LEU EA 368 -25.38 100.13 -74.19
N ILE EA 369 -25.69 101.34 -73.73
CA ILE EA 369 -26.14 101.59 -72.37
C ILE EA 369 -27.33 102.53 -72.40
N TRP EA 370 -28.32 102.28 -71.54
CA TRP EA 370 -29.43 103.19 -71.33
C TRP EA 370 -30.16 102.81 -70.04
N GLY EA 371 -30.70 103.82 -69.36
CA GLY EA 371 -31.63 103.59 -68.27
C GLY EA 371 -31.06 103.02 -66.98
N ALA EA 372 -30.27 103.81 -66.27
CA ALA EA 372 -29.72 103.39 -64.98
C ALA EA 372 -30.62 103.85 -63.84
N GLN EA 373 -30.63 103.06 -62.77
CA GLN EA 373 -31.37 103.43 -61.56
C GLN EA 373 -30.86 102.62 -60.37
N ILE EA 374 -31.01 103.19 -59.18
CA ILE EA 374 -30.66 102.55 -57.92
C ILE EA 374 -31.75 102.86 -56.92
N GLU EA 375 -32.16 101.85 -56.15
CA GLU EA 375 -33.20 102.05 -55.15
C GLU EA 375 -32.95 101.14 -53.96
N LEU EA 376 -33.56 101.50 -52.83
CA LEU EA 376 -33.44 100.74 -51.58
C LEU EA 376 -34.63 99.80 -51.47
N GLY EA 377 -34.49 98.64 -52.10
CA GLY EA 377 -35.53 97.63 -52.05
C GLY EA 377 -34.98 96.23 -52.23
N ASP EA 378 -35.87 95.28 -52.57
CA ASP EA 378 -35.45 93.91 -52.82
C ASP EA 378 -36.02 93.34 -54.12
N THR EA 379 -36.86 94.11 -54.84
CA THR EA 379 -37.51 93.63 -56.05
C THR EA 379 -37.54 94.77 -57.06
N PRO EA 380 -37.20 94.52 -58.31
CA PRO EA 380 -37.28 95.57 -59.32
C PRO EA 380 -38.73 95.92 -59.65
N THR EA 381 -38.90 97.13 -60.17
CA THR EA 381 -40.22 97.67 -60.52
C THR EA 381 -40.09 98.39 -61.86
N GLY EA 382 -41.09 99.19 -62.20
CA GLY EA 382 -41.02 99.99 -63.41
C GLY EA 382 -39.98 101.08 -63.30
N TYR EA 383 -39.63 101.66 -64.44
CA TYR EA 383 -38.54 102.62 -64.50
C TYR EA 383 -39.07 104.05 -64.53
N LEU EA 384 -38.26 104.96 -63.99
CA LEU EA 384 -38.58 106.37 -63.91
C LEU EA 384 -37.33 107.18 -64.27
N LYS EA 385 -37.52 108.27 -65.01
CA LYS EA 385 -36.42 109.07 -65.49
C LYS EA 385 -35.94 110.05 -64.43
N THR EA 386 -34.63 110.29 -64.39
CA THR EA 386 -34.02 111.26 -63.49
C THR EA 386 -33.02 112.10 -64.27
N THR EA 387 -32.80 113.33 -63.79
CA THR EA 387 -31.77 114.21 -64.35
C THR EA 387 -31.17 115.01 -63.19
N GLY EA 388 -30.11 114.46 -62.59
CA GLY EA 388 -29.35 115.16 -61.57
C GLY EA 388 -29.99 115.20 -60.20
N ALA EA 389 -31.22 114.71 -60.05
CA ALA EA 389 -31.91 114.79 -58.77
C ALA EA 389 -32.69 113.50 -58.54
N PRO EA 390 -32.84 113.11 -57.26
CA PRO EA 390 -33.68 111.95 -56.97
C PRO EA 390 -35.14 112.22 -57.30
N VAL EA 391 -35.82 111.16 -57.72
CA VAL EA 391 -37.22 111.23 -58.13
C VAL EA 391 -38.04 110.30 -57.25
N THR EA 392 -39.11 110.83 -56.66
CA THR EA 392 -39.92 110.10 -55.68
C THR EA 392 -41.38 110.21 -56.09
N ILE EA 393 -41.88 109.19 -56.79
CA ILE EA 393 -43.24 109.20 -57.34
C ILE EA 393 -43.98 107.97 -56.83
N THR EA 394 -45.21 108.18 -56.35
CA THR EA 394 -46.16 107.11 -56.10
C THR EA 394 -47.23 107.14 -57.18
N ASP EA 395 -47.51 105.99 -57.77
CA ASP EA 395 -48.42 105.95 -58.91
C ASP EA 395 -49.87 105.69 -58.51
N TYR EA 396 -50.11 104.78 -57.57
CA TYR EA 396 -51.46 104.37 -57.22
C TYR EA 396 -51.70 104.57 -55.73
N VAL EA 397 -52.98 104.50 -55.37
CA VAL EA 397 -53.40 104.58 -53.97
C VAL EA 397 -54.71 103.81 -53.83
N LEU EA 398 -54.93 103.28 -52.63
CA LEU EA 398 -56.13 102.51 -52.36
C LEU EA 398 -57.31 103.46 -52.12
N GLN EA 399 -58.44 103.17 -52.76
CA GLN EA 399 -59.67 103.92 -52.53
C GLN EA 399 -60.56 103.23 -51.50
N ASN EA 400 -60.92 101.97 -51.74
CA ASN EA 400 -61.74 101.23 -50.80
C ASN EA 400 -61.38 99.76 -50.88
N ALA EA 401 -61.51 99.07 -49.75
CA ALA EA 401 -61.29 97.63 -49.66
C ALA EA 401 -62.55 96.84 -49.35
N GLN EA 402 -63.44 97.39 -48.51
CA GLN EA 402 -64.66 96.68 -48.16
C GLN EA 402 -65.56 96.49 -49.38
N THR EA 403 -65.63 97.49 -50.26
CA THR EA 403 -66.35 97.33 -51.52
C THR EA 403 -65.45 96.87 -52.65
N GLY EA 404 -64.14 96.82 -52.44
CA GLY EA 404 -63.23 96.36 -53.47
C GLY EA 404 -62.98 97.35 -54.59
N THR EA 405 -63.24 98.63 -54.36
CA THR EA 405 -63.04 99.65 -55.38
C THR EA 405 -61.75 100.40 -55.10
N VAL EA 406 -60.85 100.39 -56.08
CA VAL EA 406 -59.57 101.09 -55.98
C VAL EA 406 -59.45 102.04 -57.17
N LYS EA 407 -58.76 103.15 -56.95
CA LYS EA 407 -58.62 104.19 -57.95
C LYS EA 407 -57.14 104.48 -58.19
N PHE EA 408 -56.75 104.51 -59.45
CA PHE EA 408 -55.39 104.90 -59.82
C PHE EA 408 -55.34 106.42 -60.00
N THR EA 409 -54.15 106.98 -59.76
CA THR EA 409 -54.06 108.43 -59.67
C THR EA 409 -53.98 109.10 -61.05
N GLN EA 410 -52.92 108.80 -61.80
CA GLN EA 410 -52.64 109.51 -63.04
C GLN EA 410 -53.42 108.91 -64.21
N PRO EA 411 -53.58 109.67 -65.29
CA PRO EA 411 -54.21 109.10 -66.49
C PRO EA 411 -53.37 107.97 -67.07
N LEU EA 412 -54.06 106.95 -67.59
CA LEU EA 412 -53.37 105.79 -68.15
C LEU EA 412 -53.17 105.97 -69.65
N PRO EA 413 -51.95 105.77 -70.16
CA PRO EA 413 -51.76 105.74 -71.61
C PRO EA 413 -52.48 104.57 -72.25
N THR EA 414 -52.79 104.72 -73.53
CA THR EA 414 -53.51 103.69 -74.26
C THR EA 414 -52.65 102.43 -74.41
N GLY EA 415 -53.33 101.29 -74.45
CA GLY EA 415 -52.65 100.02 -74.63
C GLY EA 415 -51.88 99.53 -73.42
N VAL EA 416 -52.18 100.06 -72.24
CA VAL EA 416 -51.52 99.66 -71.01
C VAL EA 416 -52.51 98.84 -70.19
N GLU EA 417 -52.14 97.61 -69.87
CA GLU EA 417 -52.94 96.72 -69.06
C GLU EA 417 -52.20 96.39 -67.78
N ALA EA 418 -52.96 96.12 -66.72
CA ALA EA 418 -52.38 95.84 -65.41
C ALA EA 418 -53.05 94.63 -64.80
N TYR EA 419 -52.30 93.95 -63.93
CA TYR EA 419 -52.77 92.78 -63.20
C TYR EA 419 -52.71 93.07 -61.70
N TRP EA 420 -53.30 92.17 -60.92
CA TRP EA 420 -53.29 92.33 -59.47
C TRP EA 420 -53.40 90.96 -58.82
N THR EA 421 -52.98 90.88 -57.55
CA THR EA 421 -53.00 89.66 -56.78
C THR EA 421 -53.47 89.96 -55.36
N GLY EA 422 -53.94 88.93 -54.67
CA GLY EA 422 -54.41 89.07 -53.30
C GLY EA 422 -55.58 88.17 -53.00
N ASP EA 423 -56.42 88.57 -52.03
CA ASP EA 423 -57.63 87.82 -51.72
C ASP EA 423 -58.78 88.82 -51.56
N TRP EA 424 -59.87 88.57 -52.28
CA TRP EA 424 -61.00 89.49 -52.31
C TRP EA 424 -62.28 88.68 -52.46
N LYS EA 425 -63.33 89.10 -51.76
CA LYS EA 425 -64.62 88.40 -51.73
C LYS EA 425 -64.45 86.94 -51.32
N GLY EA 426 -63.41 86.66 -50.54
CA GLY EA 426 -63.09 85.30 -50.16
C GLY EA 426 -62.26 84.54 -51.19
N GLY EA 427 -62.49 84.84 -52.47
CA GLY EA 427 -61.76 84.17 -53.52
C GLY EA 427 -60.31 84.59 -53.60
N THR EA 428 -59.52 83.75 -54.25
CA THR EA 428 -58.08 83.94 -54.35
C THR EA 428 -57.70 84.22 -55.81
N ALA EA 429 -56.77 85.17 -55.99
CA ALA EA 429 -56.29 85.60 -57.29
C ALA EA 429 -54.78 85.65 -57.30
N ALA EA 430 -54.13 84.58 -56.84
CA ALA EA 430 -52.68 84.54 -56.73
C ALA EA 430 -52.02 84.77 -58.08
N GLU EA 431 -52.53 84.15 -59.13
CA GLU EA 431 -52.05 84.45 -60.47
C GLU EA 431 -52.46 85.86 -60.87
N PRO EA 432 -51.65 86.53 -61.69
CA PRO EA 432 -52.00 87.89 -62.12
C PRO EA 432 -53.36 87.91 -62.81
N ALA EA 433 -54.16 88.92 -62.48
CA ALA EA 433 -55.52 89.05 -62.99
C ALA EA 433 -55.71 90.46 -63.53
N ARG EA 434 -55.98 90.58 -64.82
CA ARG EA 434 -56.16 91.88 -65.44
C ARG EA 434 -57.48 92.52 -64.99
N PHE EA 435 -57.42 93.81 -64.71
CA PHE EA 435 -58.59 94.54 -64.23
C PHE EA 435 -58.85 95.85 -64.95
N ALA EA 436 -57.85 96.46 -65.59
CA ALA EA 436 -58.02 97.75 -66.25
C ALA EA 436 -57.42 97.71 -67.65
N VAL EA 437 -58.03 98.44 -68.57
CA VAL EA 437 -57.56 98.57 -69.94
C VAL EA 437 -57.44 100.06 -70.25
N GLY EA 438 -56.23 100.52 -70.56
CA GLY EA 438 -55.98 101.92 -70.79
C GLY EA 438 -56.69 102.51 -72.00
N ASN EA 439 -57.45 103.59 -71.79
CA ASN EA 439 -58.14 104.27 -72.87
C ASN EA 439 -57.49 105.60 -73.25
N GLY EA 440 -56.61 106.14 -72.40
CA GLY EA 440 -55.90 107.36 -72.74
C GLY EA 440 -55.89 108.43 -71.66
N THR EA 441 -57.01 108.60 -70.96
CA THR EA 441 -57.09 109.60 -69.89
C THR EA 441 -57.75 109.12 -68.61
N GLN EA 442 -58.47 108.01 -68.61
CA GLN EA 442 -59.16 107.55 -67.41
C GLN EA 442 -58.15 107.10 -66.35
N ASP EA 443 -58.50 107.36 -65.09
CA ASP EA 443 -57.69 106.92 -63.96
C ASP EA 443 -58.45 106.12 -62.92
N THR EA 444 -59.78 106.07 -62.99
CA THR EA 444 -60.59 105.31 -62.04
C THR EA 444 -61.03 104.00 -62.68
N PHE EA 445 -60.83 102.90 -61.97
CA PHE EA 445 -61.18 101.57 -62.46
C PHE EA 445 -61.68 100.73 -61.29
N THR EA 446 -61.88 99.45 -61.55
CA THR EA 446 -62.36 98.50 -60.55
C THR EA 446 -61.65 97.17 -60.73
N LEU EA 447 -61.72 96.34 -59.69
CA LEU EA 447 -61.12 95.02 -59.73
C LEU EA 447 -61.93 94.08 -60.61
N SER EA 448 -61.28 93.01 -61.05
CA SER EA 448 -61.94 91.95 -61.79
C SER EA 448 -62.55 90.95 -60.81
N ASP EA 449 -62.97 89.79 -61.33
CA ASP EA 449 -63.57 88.77 -60.48
C ASP EA 449 -62.63 87.58 -60.34
N PRO EA 450 -62.02 87.38 -59.17
CA PRO EA 450 -61.19 86.19 -58.96
C PRO EA 450 -61.97 84.90 -59.06
N ALA EA 451 -61.29 83.77 -58.81
CA ALA EA 451 -61.93 82.46 -58.87
C ALA EA 451 -63.08 82.32 -57.87
N TYR EA 452 -63.17 83.21 -56.89
CA TYR EA 452 -64.29 83.31 -55.96
C TYR EA 452 -64.34 82.18 -54.94
N ILE EA 453 -64.63 82.53 -53.69
CA ILE EA 453 -64.91 81.58 -52.62
C ILE EA 453 -66.10 82.12 -51.83
N GLY EA 454 -67.11 81.29 -51.64
CA GLY EA 454 -68.31 81.70 -50.92
C GLY EA 454 -68.11 81.64 -49.41
N LEU EA 455 -67.41 82.64 -48.88
CA LEU EA 455 -66.80 82.56 -47.55
C LEU EA 455 -67.75 82.10 -46.44
N PRO EA 456 -68.95 82.67 -46.25
CA PRO EA 456 -69.64 82.46 -44.96
C PRO EA 456 -70.05 81.02 -44.71
N THR EA 457 -70.80 80.43 -45.64
CA THR EA 457 -71.40 79.11 -45.44
C THR EA 457 -72.14 79.07 -44.09
N SER EA 458 -73.16 79.91 -44.01
CA SER EA 458 -73.84 80.17 -42.74
C SER EA 458 -74.45 78.90 -42.18
N GLY EA 459 -74.45 78.80 -40.86
CA GLY EA 459 -75.01 77.65 -40.18
C GLY EA 459 -73.96 76.77 -39.54
N ALA EA 460 -73.85 76.83 -38.23
CA ALA EA 460 -72.96 75.93 -37.51
C ALA EA 460 -73.50 74.50 -37.57
N PHE EA 461 -72.62 73.55 -37.27
CA PHE EA 461 -72.99 72.13 -37.26
C PHE EA 461 -73.50 71.68 -38.62
N LYS EA 462 -72.80 72.10 -39.66
CA LYS EA 462 -73.24 71.87 -41.04
C LYS EA 462 -72.03 71.93 -41.95
N LEU EA 463 -71.82 70.90 -42.76
CA LEU EA 463 -70.65 70.90 -43.63
C LEU EA 463 -71.00 70.30 -44.99
N GLU EA 464 -70.29 70.78 -46.00
CA GLU EA 464 -70.42 70.33 -47.38
C GLU EA 464 -69.05 70.36 -48.03
N TYR EA 465 -68.98 69.88 -49.27
CA TYR EA 465 -67.74 69.83 -50.04
C TYR EA 465 -68.00 70.37 -51.44
N ARG EA 466 -66.92 70.82 -52.09
CA ARG EA 466 -67.01 71.24 -53.49
C ARG EA 466 -65.75 70.84 -54.24
N VAL EA 467 -65.93 70.46 -55.51
CA VAL EA 467 -64.87 69.88 -56.31
C VAL EA 467 -64.79 70.61 -57.65
N GLY EA 468 -63.61 70.56 -58.27
CA GLY EA 468 -63.41 71.17 -59.57
C GLY EA 468 -63.42 70.14 -60.68
N PRO EA 469 -63.23 70.59 -61.91
CA PRO EA 469 -63.25 69.66 -63.05
C PRO EA 469 -61.90 69.00 -63.32
N ALA EA 470 -60.82 69.62 -62.84
CA ALA EA 470 -59.49 69.12 -63.16
C ALA EA 470 -59.26 67.71 -62.62
N LEU EA 471 -59.80 67.42 -61.42
CA LEU EA 471 -59.67 66.08 -60.86
C LEU EA 471 -60.32 65.03 -61.76
N ASN EA 472 -61.34 65.42 -62.51
CA ASN EA 472 -62.06 64.50 -63.41
C ASN EA 472 -62.71 63.36 -62.64
N LEU EA 473 -63.02 63.61 -61.37
CA LEU EA 473 -63.58 62.59 -60.51
C LEU EA 473 -65.00 62.24 -60.96
N SER EA 474 -65.34 60.95 -60.93
CA SER EA 474 -66.60 60.52 -61.51
C SER EA 474 -67.77 60.93 -60.62
N PRO EA 475 -68.89 61.36 -61.21
CA PRO EA 475 -70.04 61.79 -60.39
C PRO EA 475 -70.66 60.66 -59.58
N GLN EA 476 -70.52 59.41 -60.00
CA GLN EA 476 -71.23 58.31 -59.34
C GLN EA 476 -70.77 58.09 -57.91
N LEU EA 477 -69.47 58.10 -57.66
CA LEU EA 477 -68.97 58.01 -56.30
C LEU EA 477 -69.37 59.24 -55.48
N ILE EA 478 -69.43 60.40 -56.13
CA ILE EA 478 -69.95 61.60 -55.47
C ILE EA 478 -71.36 61.34 -54.96
N ASN EA 479 -72.19 60.73 -55.80
CA ASN EA 479 -73.53 60.33 -55.36
C ASN EA 479 -73.44 59.28 -54.25
N LEU EA 480 -72.40 58.45 -54.29
CA LEU EA 480 -72.27 57.35 -53.36
C LEU EA 480 -71.99 57.79 -51.92
N MET EA 481 -70.96 58.59 -51.68
CA MET EA 481 -70.57 58.84 -50.29
C MET EA 481 -71.55 59.72 -49.53
N ASN EA 482 -72.54 60.32 -50.19
CA ASN EA 482 -73.43 61.25 -49.51
C ASN EA 482 -74.18 60.56 -48.37
N ASP EA 483 -74.50 59.28 -48.53
CA ASP EA 483 -75.20 58.55 -47.48
C ASP EA 483 -74.32 58.36 -46.25
N ARG EA 484 -74.96 58.15 -45.10
CA ARG EA 484 -74.23 57.91 -43.86
C ARG EA 484 -74.01 56.43 -43.61
N ALA EA 485 -74.78 55.56 -44.26
CA ALA EA 485 -74.74 54.14 -43.94
C ALA EA 485 -73.38 53.53 -44.26
N VAL EA 486 -72.78 53.90 -45.39
CA VAL EA 486 -71.54 53.26 -45.80
C VAL EA 486 -70.40 53.68 -44.89
N GLY EA 487 -70.48 54.90 -44.31
CA GLY EA 487 -69.50 55.37 -43.37
C GLY EA 487 -68.09 55.45 -43.92
N ILE EA 488 -67.86 56.35 -44.87
CA ILE EA 488 -66.56 56.40 -45.56
C ILE EA 488 -66.02 57.83 -45.58
N MET EA 489 -66.65 58.73 -44.83
CA MET EA 489 -66.26 60.12 -44.90
C MET EA 489 -66.18 60.71 -43.49
N PRO EA 490 -65.16 61.51 -43.18
CA PRO EA 490 -65.02 62.02 -41.81
C PRO EA 490 -66.22 62.85 -41.38
N THR EA 491 -66.54 62.75 -40.09
CA THR EA 491 -67.70 63.45 -39.53
C THR EA 491 -67.43 63.74 -38.06
N CYS EA 492 -68.24 64.63 -37.50
CA CYS EA 492 -68.25 64.90 -36.08
C CYS EA 492 -69.69 64.89 -35.58
N ALA EA 493 -69.88 64.38 -34.37
CA ALA EA 493 -71.22 64.23 -33.83
C ALA EA 493 -71.88 65.59 -33.65
N GLY EA 494 -73.17 65.65 -33.95
CA GLY EA 494 -73.91 66.89 -33.91
C GLY EA 494 -73.90 67.70 -35.20
N CYS EA 495 -73.21 67.22 -36.23
CA CYS EA 495 -73.08 67.94 -37.48
C CYS EA 495 -73.61 67.09 -38.62
N ASP EA 496 -73.98 67.75 -39.71
CA ASP EA 496 -74.46 67.09 -40.91
C ASP EA 496 -73.51 67.33 -42.06
N VAL EA 497 -73.49 66.37 -43.00
CA VAL EA 497 -72.47 66.28 -44.03
C VAL EA 497 -73.13 66.30 -45.40
N LYS EA 498 -72.59 67.12 -46.30
CA LYS EA 498 -72.91 67.07 -47.73
C LYS EA 498 -71.63 66.85 -48.51
N VAL EA 499 -71.79 66.32 -49.72
CA VAL EA 499 -70.66 66.14 -50.62
C VAL EA 499 -70.58 67.24 -51.68
N ILE EA 500 -71.70 67.70 -52.21
CA ILE EA 500 -71.74 68.95 -52.98
C ILE EA 500 -72.97 69.75 -52.58
N LYS FA 1 -46.14 -0.21 -29.58
CA LYS FA 1 -45.41 -1.29 -30.22
C LYS FA 1 -44.64 -2.10 -29.19
N ILE FA 2 -44.03 -3.20 -29.62
CA ILE FA 2 -43.32 -4.11 -28.75
C ILE FA 2 -41.87 -4.19 -29.22
N PRO FA 3 -40.90 -3.91 -28.35
CA PRO FA 3 -39.50 -4.07 -28.77
C PRO FA 3 -39.12 -5.54 -28.87
N LEU FA 4 -38.51 -5.91 -29.99
CA LEU FA 4 -38.18 -7.30 -30.29
C LEU FA 4 -36.77 -7.35 -30.83
N THR FA 5 -36.40 -8.52 -31.36
CA THR FA 5 -35.07 -8.72 -31.92
C THR FA 5 -35.13 -9.88 -32.89
N ALA FA 6 -34.00 -10.19 -33.52
CA ALA FA 6 -33.91 -11.23 -34.54
C ALA FA 6 -33.28 -12.48 -33.94
N VAL FA 7 -34.11 -13.30 -33.30
CA VAL FA 7 -33.67 -14.54 -32.66
C VAL FA 7 -34.78 -15.58 -32.86
N PRO FA 8 -34.45 -16.81 -33.24
CA PRO FA 8 -35.51 -17.80 -33.52
C PRO FA 8 -36.35 -18.17 -32.31
N ASN FA 9 -35.88 -17.92 -31.09
CA ASN FA 9 -36.61 -18.30 -29.88
C ASN FA 9 -36.42 -17.22 -28.84
N GLN FA 10 -37.50 -16.52 -28.49
CA GLN FA 10 -37.40 -15.44 -27.52
C GLN FA 10 -38.70 -15.33 -26.74
N ALA FA 11 -38.63 -14.62 -25.63
CA ALA FA 11 -39.81 -14.39 -24.79
C ALA FA 11 -39.60 -13.11 -24.00
N ILE FA 12 -40.61 -12.24 -24.01
CA ILE FA 12 -40.54 -10.96 -23.33
C ILE FA 12 -41.77 -10.79 -22.46
N SER FA 13 -41.60 -10.04 -21.38
CA SER FA 13 -42.68 -9.69 -20.46
C SER FA 13 -42.76 -8.17 -20.35
N PHE FA 14 -43.98 -7.66 -20.32
CA PHE FA 14 -44.18 -6.22 -20.27
C PHE FA 14 -45.49 -5.93 -19.55
N ASN FA 15 -45.61 -4.69 -19.07
CA ASN FA 15 -46.76 -4.25 -18.30
C ASN FA 15 -47.47 -3.16 -19.10
N ALA FA 16 -48.60 -3.52 -19.71
CA ALA FA 16 -49.36 -2.57 -20.49
C ALA FA 16 -50.84 -2.86 -20.35
N GLY FA 17 -51.66 -1.82 -20.51
CA GLY FA 17 -53.09 -1.96 -20.33
C GLY FA 17 -53.49 -2.37 -18.94
N SER FA 18 -52.73 -1.94 -17.92
CA SER FA 18 -53.01 -2.29 -16.53
C SER FA 18 -53.08 -3.80 -16.34
N SER FA 19 -52.20 -4.52 -17.00
CA SER FA 19 -52.15 -5.97 -16.86
C SER FA 19 -50.75 -6.46 -17.20
N TYR FA 20 -50.43 -7.64 -16.71
CA TYR FA 20 -49.10 -8.23 -16.86
C TYR FA 20 -49.13 -9.24 -18.01
N TRP FA 21 -48.25 -9.06 -18.98
CA TRP FA 21 -48.24 -9.88 -20.17
C TRP FA 21 -46.90 -10.57 -20.34
N LYS FA 22 -46.93 -11.72 -21.01
CA LYS FA 22 -45.71 -12.46 -21.34
C LYS FA 22 -45.96 -13.23 -22.62
N ILE FA 23 -45.12 -12.99 -23.63
CA ILE FA 23 -45.30 -13.56 -24.95
C ILE FA 23 -44.03 -14.31 -25.34
N ARG FA 24 -44.18 -15.51 -25.88
CA ARG FA 24 -43.07 -16.32 -26.35
C ARG FA 24 -43.21 -16.54 -27.84
N LEU FA 25 -42.14 -16.23 -28.59
CA LEU FA 25 -42.12 -16.39 -30.03
C LEU FA 25 -41.09 -17.44 -30.41
N TYR FA 26 -41.46 -18.35 -31.29
CA TYR FA 26 -40.56 -19.43 -31.68
C TYR FA 26 -40.97 -19.94 -33.06
N GLN FA 27 -39.97 -20.25 -33.88
CA GLN FA 27 -40.22 -20.77 -35.21
C GLN FA 27 -40.61 -22.24 -35.13
N ASN FA 28 -41.61 -22.63 -35.93
CA ASN FA 28 -42.01 -24.01 -36.03
C ASN FA 28 -42.25 -24.32 -37.50
N MET FA 29 -41.51 -25.30 -38.03
CA MET FA 29 -41.61 -25.68 -39.42
C MET FA 29 -41.40 -24.47 -40.33
N ASP FA 30 -42.50 -23.89 -40.81
CA ASP FA 30 -42.45 -22.76 -41.72
C ASP FA 30 -43.08 -21.50 -41.17
N MET FA 31 -44.20 -21.62 -40.45
CA MET FA 31 -44.91 -20.47 -39.94
C MET FA 31 -44.42 -20.12 -38.54
N MET FA 32 -44.57 -18.84 -38.19
CA MET FA 32 -44.28 -18.37 -36.84
C MET FA 32 -45.36 -18.86 -35.88
N ASN FA 33 -45.01 -18.91 -34.60
CA ASN FA 33 -45.95 -19.32 -33.57
C ASN FA 33 -45.74 -18.48 -32.32
N ALA FA 34 -46.77 -18.43 -31.48
CA ALA FA 34 -46.74 -17.58 -30.29
C ALA FA 34 -47.47 -18.26 -29.14
N ASP FA 35 -47.05 -17.91 -27.93
CA ASP FA 35 -47.70 -18.34 -26.69
C ASP FA 35 -47.90 -17.13 -25.80
N ILE FA 36 -49.10 -16.96 -25.28
CA ILE FA 36 -49.49 -15.75 -24.58
C ILE FA 36 -49.95 -16.11 -23.17
N SER FA 37 -49.48 -15.36 -22.18
CA SER FA 37 -49.86 -15.54 -20.79
C SER FA 37 -50.16 -14.18 -20.18
N ARG FA 38 -51.16 -14.13 -19.31
CA ARG FA 38 -51.50 -12.91 -18.61
C ARG FA 38 -51.54 -13.16 -17.12
N ASP FA 39 -50.88 -12.27 -16.36
CA ASP FA 39 -50.94 -12.28 -14.90
C ASP FA 39 -50.57 -13.65 -14.33
N GLY FA 40 -49.56 -14.28 -14.93
CA GLY FA 40 -49.01 -15.51 -14.41
C GLY FA 40 -49.83 -16.74 -14.69
N VAL FA 41 -50.94 -16.63 -15.43
CA VAL FA 41 -51.76 -17.78 -15.78
C VAL FA 41 -51.82 -17.86 -17.30
N ILE FA 42 -51.75 -19.09 -17.82
CA ILE FA 42 -51.72 -19.28 -19.26
C ILE FA 42 -53.03 -18.80 -19.88
N VAL FA 43 -52.95 -18.39 -21.15
CA VAL FA 43 -54.11 -17.92 -21.87
C VAL FA 43 -54.39 -18.84 -23.05
N CYS FA 44 -53.47 -18.89 -24.00
CA CYS FA 44 -53.63 -19.76 -25.16
C CYS FA 44 -52.27 -20.26 -25.61
N HIS FA 45 -52.28 -21.36 -26.37
CA HIS FA 45 -51.07 -22.07 -26.76
C HIS FA 45 -51.05 -22.23 -28.27
N GLY FA 46 -49.86 -22.12 -28.85
CA GLY FA 46 -49.66 -22.45 -30.25
C GLY FA 46 -50.48 -21.63 -31.23
N VAL FA 47 -50.51 -20.32 -31.05
CA VAL FA 47 -51.24 -19.45 -31.97
C VAL FA 47 -50.39 -19.27 -33.22
N ARG FA 48 -50.96 -19.57 -34.37
CA ARG FA 48 -50.28 -19.27 -35.61
C ARG FA 48 -50.25 -17.77 -35.84
N CYS FA 49 -49.22 -17.32 -36.54
CA CYS FA 49 -48.99 -15.90 -36.78
C CYS FA 49 -49.29 -15.56 -38.22
N PHE FA 50 -50.01 -14.45 -38.42
CA PHE FA 50 -50.39 -14.01 -39.75
C PHE FA 50 -50.53 -12.50 -39.76
N GLY FA 51 -50.48 -11.93 -40.95
CA GLY FA 51 -50.52 -10.49 -41.09
C GLY FA 51 -51.92 -9.91 -41.02
N GLY FA 52 -52.18 -9.07 -40.01
CA GLY FA 52 -53.38 -8.29 -39.93
C GLY FA 52 -54.47 -8.89 -39.05
N ILE FA 53 -54.52 -10.21 -38.91
CA ILE FA 53 -55.57 -10.82 -38.10
C ILE FA 53 -55.11 -10.85 -36.64
N PRO FA 54 -56.02 -10.75 -35.68
CA PRO FA 54 -55.60 -10.69 -34.28
C PRO FA 54 -55.08 -12.03 -33.79
N LEU FA 55 -54.31 -11.97 -32.71
CA LEU FA 55 -53.73 -13.19 -32.13
C LEU FA 55 -54.77 -13.96 -31.32
N LEU FA 56 -55.69 -13.26 -30.67
CA LEU FA 56 -56.67 -13.90 -29.80
C LEU FA 56 -57.98 -14.09 -30.56
N GLN FA 57 -58.36 -15.35 -30.78
CA GLN FA 57 -59.51 -15.66 -31.61
C GLN FA 57 -60.79 -15.84 -30.79
N TYR FA 58 -60.80 -16.80 -29.87
CA TYR FA 58 -62.02 -17.12 -29.16
C TYR FA 58 -62.47 -15.93 -28.32
N SER FA 59 -63.80 -15.79 -28.19
CA SER FA 59 -64.38 -14.56 -27.66
C SER FA 59 -64.01 -14.33 -26.20
N HIS FA 60 -64.03 -15.39 -25.39
CA HIS FA 60 -63.85 -15.22 -23.95
C HIS FA 60 -62.45 -14.76 -23.58
N GLN FA 61 -61.49 -14.84 -24.50
CA GLN FA 61 -60.12 -14.52 -24.15
C GLN FA 61 -59.78 -13.05 -24.35
N TYR FA 62 -60.07 -12.52 -25.54
CA TYR FA 62 -59.44 -11.27 -25.95
C TYR FA 62 -59.82 -10.12 -25.04
N ARG FA 63 -61.12 -9.92 -24.79
CA ARG FA 63 -61.44 -8.89 -23.81
C ARG FA 63 -62.88 -8.93 -23.32
N PRO FA 64 -63.09 -8.90 -22.02
CA PRO FA 64 -64.20 -8.11 -21.48
C PRO FA 64 -63.86 -6.64 -21.65
N ASP FA 65 -62.65 -6.26 -21.22
CA ASP FA 65 -62.18 -4.88 -21.32
C ASP FA 65 -60.72 -4.81 -21.74
N TYR FA 66 -60.02 -5.94 -21.87
CA TYR FA 66 -58.59 -5.94 -22.15
C TYR FA 66 -58.33 -5.58 -23.61
N GLY FA 67 -57.10 -5.77 -24.05
CA GLY FA 67 -56.72 -5.45 -25.43
C GLY FA 67 -56.47 -6.68 -26.29
N ASN FA 68 -55.65 -6.51 -27.32
CA ASN FA 68 -55.28 -7.61 -28.21
C ASN FA 68 -54.01 -7.22 -28.97
N PHE FA 69 -53.51 -8.14 -29.78
CA PHE FA 69 -52.27 -7.97 -30.53
C PHE FA 69 -52.47 -8.33 -31.98
N VAL FA 70 -51.86 -7.56 -32.88
CA VAL FA 70 -51.97 -7.78 -34.32
C VAL FA 70 -50.61 -7.56 -34.97
N PHE FA 71 -50.26 -8.44 -35.90
CA PHE FA 71 -49.07 -8.30 -36.73
C PHE FA 71 -49.44 -7.69 -38.07
N ASP FA 72 -48.68 -6.66 -38.47
CA ASP FA 72 -48.98 -5.96 -39.72
C ASP FA 72 -48.80 -6.87 -40.93
N ARG FA 73 -47.70 -7.62 -40.96
CA ARG FA 73 -47.43 -8.57 -42.05
C ARG FA 73 -47.04 -9.91 -41.47
N ASP FA 74 -46.89 -10.90 -42.34
CA ASP FA 74 -46.44 -12.21 -41.90
C ASP FA 74 -45.04 -12.12 -41.31
N ALA FA 75 -44.84 -12.77 -40.17
CA ALA FA 75 -43.61 -12.58 -39.42
C ALA FA 75 -42.47 -13.40 -39.99
N ASP FA 76 -41.26 -13.03 -39.61
CA ASP FA 76 -40.04 -13.73 -40.01
C ASP FA 76 -38.95 -13.37 -39.02
N TRP FA 77 -38.43 -14.37 -38.32
CA TRP FA 77 -37.52 -14.10 -37.20
C TRP FA 77 -36.27 -13.36 -37.63
N THR FA 78 -35.95 -13.36 -38.92
CA THR FA 78 -34.80 -12.63 -39.41
C THR FA 78 -35.10 -11.16 -39.69
N LEU FA 79 -36.37 -10.76 -39.71
CA LEU FA 79 -36.72 -9.39 -40.11
C LEU FA 79 -37.07 -8.47 -38.96
N PHE FA 80 -37.20 -8.96 -37.73
CA PHE FA 80 -37.57 -8.08 -36.63
C PHE FA 80 -36.53 -6.99 -36.40
N GLY FA 81 -37.01 -5.79 -36.10
CA GLY FA 81 -36.18 -4.61 -36.02
C GLY FA 81 -36.04 -3.85 -37.32
N ASP FA 82 -36.50 -4.42 -38.44
CA ASP FA 82 -36.39 -3.79 -39.76
C ASP FA 82 -37.64 -4.17 -40.56
N GLY FA 83 -38.63 -3.28 -40.54
CA GLY FA 83 -39.75 -3.39 -41.46
C GLY FA 83 -40.88 -4.28 -41.01
N ILE FA 84 -40.74 -5.02 -39.91
CA ILE FA 84 -41.81 -5.84 -39.38
C ILE FA 84 -41.96 -5.52 -37.90
N ASN FA 85 -43.19 -5.23 -37.48
CA ASN FA 85 -43.47 -4.74 -36.13
C ASN FA 85 -44.66 -5.47 -35.54
N LEU FA 86 -44.80 -5.34 -34.22
CA LEU FA 86 -45.94 -5.84 -33.48
C LEU FA 86 -46.54 -4.70 -32.68
N PHE FA 87 -47.87 -4.59 -32.68
CA PHE FA 87 -48.55 -3.47 -32.06
C PHE FA 87 -49.61 -3.95 -31.07
N TYR FA 88 -49.83 -3.14 -30.03
CA TYR FA 88 -50.81 -3.42 -29.00
C TYR FA 88 -51.92 -2.38 -29.06
N LEU FA 89 -53.16 -2.83 -28.81
CA LEU FA 89 -54.33 -1.97 -28.86
C LEU FA 89 -55.12 -2.12 -27.57
N ASP FA 90 -55.66 -1.01 -27.08
CA ASP FA 90 -56.51 -1.05 -25.89
C ASP FA 90 -57.91 -1.52 -26.28
N GLY FA 91 -58.85 -1.47 -25.34
CA GLY FA 91 -60.19 -1.96 -25.63
C GLY FA 91 -60.90 -1.14 -26.70
N ALA FA 92 -60.85 0.17 -26.59
CA ALA FA 92 -61.60 1.03 -27.50
C ALA FA 92 -61.07 0.94 -28.92
N GLU FA 93 -59.74 1.08 -29.07
CA GLU FA 93 -59.15 1.02 -30.40
C GLU FA 93 -59.37 -0.35 -31.04
N PHE FA 94 -59.23 -1.42 -30.24
CA PHE FA 94 -59.44 -2.75 -30.80
C PHE FA 94 -60.89 -2.95 -31.21
N ALA FA 95 -61.84 -2.42 -30.44
CA ALA FA 95 -63.24 -2.53 -30.84
C ALA FA 95 -63.49 -1.79 -32.13
N GLU FA 96 -62.91 -0.60 -32.28
CA GLU FA 96 -63.05 0.16 -33.52
C GLU FA 96 -62.47 -0.63 -34.70
N TYR FA 97 -61.30 -1.23 -34.49
CA TYR FA 97 -60.67 -2.05 -35.52
C TYR FA 97 -61.53 -3.24 -35.89
N GLN FA 98 -62.11 -3.90 -34.89
CA GLN FA 98 -62.97 -5.05 -35.16
C GLN FA 98 -64.20 -4.65 -35.94
N ALA FA 99 -64.78 -3.48 -35.62
CA ALA FA 99 -65.90 -2.98 -36.41
C ALA FA 99 -65.48 -2.75 -37.86
N LEU FA 100 -64.30 -2.17 -38.06
CA LEU FA 100 -63.81 -2.00 -39.42
C LEU FA 100 -63.48 -3.31 -40.11
N ALA FA 101 -63.28 -4.39 -39.35
CA ALA FA 101 -62.92 -5.66 -39.95
C ALA FA 101 -64.02 -6.17 -40.89
N THR FA 102 -65.27 -6.05 -40.48
CA THR FA 102 -66.38 -6.53 -41.29
C THR FA 102 -66.71 -5.54 -42.40
N SER GA 1 -15.20 -47.30 -15.96
CA SER GA 1 -16.36 -46.57 -15.47
C SER GA 1 -17.36 -46.33 -16.59
N THR GA 2 -17.05 -46.84 -17.77
CA THR GA 2 -17.93 -46.72 -18.92
C THR GA 2 -18.23 -48.09 -19.50
N SER GA 3 -19.03 -48.09 -20.57
CA SER GA 3 -19.45 -49.33 -21.20
C SER GA 3 -20.01 -49.01 -22.58
N THR GA 4 -20.06 -50.02 -23.44
CA THR GA 4 -20.58 -49.84 -24.78
C THR GA 4 -20.89 -51.22 -25.37
N ILE GA 5 -21.39 -51.22 -26.60
CA ILE GA 5 -21.81 -52.42 -27.30
C ILE GA 5 -20.75 -52.80 -28.32
N ARG GA 6 -20.37 -54.07 -28.35
CA ARG GA 6 -19.28 -54.51 -29.21
C ARG GA 6 -19.65 -54.40 -30.68
N THR GA 7 -18.69 -53.97 -31.48
CA THR GA 7 -18.85 -53.91 -32.93
C THR GA 7 -17.64 -54.56 -33.59
N GLY GA 8 -17.85 -55.06 -34.80
CA GLY GA 8 -16.81 -55.76 -35.52
C GLY GA 8 -15.84 -54.81 -36.20
N THR GA 9 -15.03 -55.36 -37.10
CA THR GA 9 -14.11 -54.54 -37.87
C THR GA 9 -14.88 -53.50 -38.68
N ASN GA 10 -16.03 -53.88 -39.23
CA ASN GA 10 -16.99 -52.90 -39.70
C ASN GA 10 -17.85 -52.41 -38.54
N ASN GA 11 -18.29 -51.16 -38.65
CA ASN GA 11 -18.96 -50.50 -37.53
C ASN GA 11 -20.42 -50.94 -37.42
N ASP GA 12 -20.61 -52.23 -37.19
CA ASP GA 12 -21.93 -52.81 -37.00
C ASP GA 12 -21.93 -53.68 -35.76
N ILE GA 13 -23.12 -53.85 -35.19
CA ILE GA 13 -23.26 -54.63 -33.96
C ILE GA 13 -22.90 -56.08 -34.25
N LEU GA 14 -22.04 -56.64 -33.41
CA LEU GA 14 -21.59 -58.02 -33.56
C LEU GA 14 -22.20 -58.86 -32.46
N LEU GA 15 -22.79 -59.99 -32.84
CA LEU GA 15 -23.44 -60.90 -31.91
C LEU GA 15 -22.61 -62.14 -31.72
N ASP GA 16 -22.66 -62.70 -30.52
CA ASP GA 16 -21.99 -63.95 -30.23
C ASP GA 16 -22.82 -65.13 -30.74
N ASP GA 17 -22.33 -66.34 -30.49
CA ASP GA 17 -23.05 -67.53 -30.93
C ASP GA 17 -24.40 -67.66 -30.25
N ASN GA 18 -24.47 -67.31 -28.96
CA ASN GA 18 -25.71 -67.39 -28.21
C ASN GA 18 -26.73 -66.37 -28.65
N GLY GA 19 -26.35 -65.41 -29.50
CA GLY GA 19 -27.28 -64.38 -29.91
C GLY GA 19 -27.60 -63.35 -28.86
N ASN GA 20 -26.60 -62.94 -28.07
CA ASN GA 20 -26.78 -61.93 -27.05
C ASN GA 20 -25.76 -60.82 -27.27
N MET GA 21 -26.24 -59.57 -27.22
CA MET GA 21 -25.34 -58.43 -27.25
C MET GA 21 -24.52 -58.39 -25.97
N VAL GA 22 -23.26 -58.01 -26.09
CA VAL GA 22 -22.33 -57.99 -24.96
C VAL GA 22 -21.97 -56.55 -24.66
N ILE GA 23 -21.99 -56.21 -23.37
CA ILE GA 23 -21.66 -54.87 -22.90
C ILE GA 23 -20.26 -54.92 -22.34
N LEU GA 24 -19.31 -54.31 -23.05
CA LEU GA 24 -17.92 -54.31 -22.62
C LEU GA 24 -17.73 -53.44 -21.39
N ARG GA 25 -16.85 -53.87 -20.50
CA ARG GA 25 -16.46 -53.05 -19.36
C ARG GA 25 -15.41 -52.05 -19.83
N ASP GA 26 -14.70 -51.43 -18.87
CA ASP GA 26 -13.73 -50.40 -19.20
C ASP GA 26 -12.56 -50.92 -20.02
N VAL GA 27 -11.63 -50.02 -20.37
CA VAL GA 27 -10.42 -50.32 -21.13
C VAL GA 27 -10.78 -50.67 -22.57
N GLU GA 28 -11.38 -51.84 -22.79
CA GLU GA 28 -11.74 -52.24 -24.14
C GLU GA 28 -12.77 -51.29 -24.73
N ALA GA 29 -13.75 -50.88 -23.92
CA ALA GA 29 -14.70 -49.88 -24.36
C ALA GA 29 -13.99 -48.59 -24.71
N CYS GA 30 -12.94 -48.24 -23.96
CA CYS GA 30 -12.17 -47.05 -24.29
C CYS GA 30 -11.54 -47.18 -25.68
N ALA GA 31 -10.98 -48.34 -25.99
CA ALA GA 31 -10.36 -48.53 -27.30
C ALA GA 31 -11.38 -48.40 -28.42
N GLN GA 32 -12.52 -49.07 -28.26
CA GLN GA 32 -13.57 -48.95 -29.27
C GLN GA 32 -14.01 -47.51 -29.43
N ASP GA 33 -14.20 -46.81 -28.32
CA ASP GA 33 -14.69 -45.44 -28.37
C ASP GA 33 -13.69 -44.51 -29.05
N VAL GA 34 -12.40 -44.65 -28.74
CA VAL GA 34 -11.43 -43.75 -29.36
C VAL GA 34 -11.30 -44.04 -30.85
N ARG GA 35 -11.36 -45.32 -31.24
CA ARG GA 35 -11.36 -45.62 -32.67
C ARG GA 35 -12.53 -44.95 -33.36
N ALA GA 36 -13.73 -45.11 -32.80
CA ALA GA 36 -14.91 -44.51 -33.42
C ALA GA 36 -14.82 -43.00 -33.47
N ALA GA 37 -14.33 -42.38 -32.40
CA ALA GA 37 -14.22 -40.92 -32.38
C ALA GA 37 -13.24 -40.43 -33.43
N MET GA 38 -12.09 -41.10 -33.56
CA MET GA 38 -11.13 -40.71 -34.58
C MET GA 38 -11.66 -40.95 -35.98
N LEU GA 39 -12.64 -41.83 -36.14
CA LEU GA 39 -13.18 -42.15 -37.46
C LEU GA 39 -14.37 -41.29 -37.85
N MET GA 40 -14.74 -40.28 -37.05
CA MET GA 40 -16.09 -39.74 -37.14
C MET GA 40 -16.21 -38.52 -38.05
N ARG GA 41 -15.16 -37.72 -38.19
CA ARG GA 41 -15.12 -36.57 -39.11
C ARG GA 41 -16.02 -35.42 -38.67
N THR GA 42 -15.60 -34.19 -38.92
CA THR GA 42 -16.35 -33.02 -38.50
C THR GA 42 -17.57 -32.81 -39.39
N GLY GA 43 -18.45 -31.90 -38.95
CA GLY GA 43 -19.62 -31.56 -39.73
C GLY GA 43 -20.66 -32.64 -39.83
N GLU GA 44 -20.75 -33.54 -38.86
CA GLU GA 44 -21.63 -34.70 -38.96
C GLU GA 44 -22.66 -34.74 -37.84
N ASN GA 45 -22.20 -34.57 -36.59
CA ASN GA 45 -23.06 -34.73 -35.42
C ASN GA 45 -24.07 -33.60 -35.40
N ILE GA 46 -25.30 -33.89 -35.81
CA ILE GA 46 -26.39 -32.95 -35.60
C ILE GA 46 -26.62 -32.81 -34.11
N PHE GA 47 -26.87 -31.58 -33.67
CA PHE GA 47 -26.94 -31.10 -32.29
C PHE GA 47 -25.57 -30.84 -31.69
N ASP GA 48 -24.47 -31.10 -32.42
CA ASP GA 48 -23.15 -30.66 -31.96
C ASP GA 48 -22.30 -30.44 -33.21
N VAL GA 49 -22.30 -29.21 -33.70
CA VAL GA 49 -21.47 -28.86 -34.83
C VAL GA 49 -20.08 -28.50 -34.30
N ASN GA 50 -19.08 -28.52 -35.19
CA ASN GA 50 -17.69 -28.21 -34.88
C ASN GA 50 -17.03 -29.29 -34.03
N SER GA 51 -17.52 -30.52 -34.11
CA SER GA 51 -16.90 -31.65 -33.45
C SER GA 51 -16.61 -32.74 -34.47
N GLY GA 52 -15.43 -33.35 -34.36
CA GLY GA 52 -14.97 -34.35 -35.29
C GLY GA 52 -13.56 -34.04 -35.74
N VAL GA 53 -13.17 -34.65 -36.85
CA VAL GA 53 -11.85 -34.45 -37.43
C VAL GA 53 -12.02 -33.72 -38.74
N GLY GA 54 -11.35 -32.59 -38.89
CA GLY GA 54 -11.43 -31.82 -40.10
C GLY GA 54 -10.55 -32.38 -41.20
N TYR GA 55 -10.93 -33.53 -41.75
CA TYR GA 55 -10.10 -34.17 -42.77
C TYR GA 55 -9.98 -33.29 -44.01
N PHE GA 56 -11.12 -32.88 -44.56
CA PHE GA 56 -11.11 -32.19 -45.84
C PHE GA 56 -10.57 -30.77 -45.72
N GLU GA 57 -10.49 -30.24 -44.51
CA GLU GA 57 -10.00 -28.89 -44.32
C GLU GA 57 -8.54 -28.87 -43.90
N TYR GA 58 -8.07 -29.93 -43.25
CA TYR GA 58 -6.78 -29.88 -42.58
C TYR GA 58 -5.79 -30.94 -43.02
N ILE GA 59 -6.23 -32.01 -43.69
CA ILE GA 59 -5.29 -33.06 -44.07
C ILE GA 59 -5.29 -33.23 -45.58
N PHE GA 60 -6.43 -33.55 -46.16
CA PHE GA 60 -6.47 -33.85 -47.58
C PHE GA 60 -6.16 -32.61 -48.42
N SER GA 61 -6.69 -31.46 -48.03
CA SER GA 61 -6.41 -30.24 -48.75
C SER GA 61 -4.92 -29.88 -48.62
N PRO GA 62 -4.35 -29.23 -49.63
CA PRO GA 62 -2.98 -28.72 -49.48
C PRO GA 62 -2.91 -27.74 -48.32
N GLN GA 63 -1.83 -27.86 -47.53
CA GLN GA 63 -1.74 -27.10 -46.29
C GLN GA 63 -0.34 -26.54 -46.14
N LYS GA 64 -0.21 -25.62 -45.18
CA LYS GA 64 1.05 -24.92 -44.93
C LYS GA 64 1.87 -25.57 -43.81
N SER GA 65 1.25 -25.79 -42.66
CA SER GA 65 1.99 -26.16 -41.45
C SER GA 65 1.75 -27.58 -40.98
N TYR GA 66 0.52 -28.07 -41.04
CA TYR GA 66 0.04 -29.37 -40.58
C TYR GA 66 -0.10 -29.42 -39.06
N ASP GA 67 0.21 -28.34 -38.34
CA ASP GA 67 0.00 -28.33 -36.90
C ASP GA 67 -1.49 -28.42 -36.58
N ASP GA 68 -2.31 -27.75 -37.39
CA ASP GA 68 -3.75 -27.71 -37.12
C ASP GA 68 -4.35 -29.11 -37.15
N ALA GA 69 -3.90 -29.95 -38.08
CA ALA GA 69 -4.40 -31.32 -38.12
C ALA GA 69 -4.05 -32.05 -36.83
N ARG GA 70 -2.83 -31.85 -36.33
CA ARG GA 70 -2.45 -32.47 -35.06
C ARG GA 70 -3.34 -32.00 -33.93
N LYS GA 71 -3.63 -30.70 -33.88
CA LYS GA 71 -4.51 -30.17 -32.85
C LYS GA 71 -5.90 -30.80 -32.93
N SER GA 72 -6.44 -30.90 -34.14
CA SER GA 72 -7.78 -31.46 -34.30
C SER GA 72 -7.81 -32.92 -33.89
N ILE GA 73 -6.82 -33.70 -34.29
CA ILE GA 73 -6.79 -35.10 -33.92
C ILE GA 73 -6.65 -35.26 -32.40
N ALA GA 74 -5.81 -34.43 -31.78
CA ALA GA 74 -5.65 -34.50 -30.33
C ALA GA 74 -6.95 -34.18 -29.62
N ASP GA 75 -7.69 -33.18 -30.12
CA ASP GA 75 -8.99 -32.89 -29.53
C ASP GA 75 -9.96 -34.05 -29.71
N ALA GA 76 -9.96 -34.66 -30.90
CA ALA GA 76 -10.87 -35.78 -31.15
C ALA GA 76 -10.58 -36.95 -30.23
N ILE GA 77 -9.30 -37.24 -29.98
CA ILE GA 77 -8.96 -38.31 -29.06
C ILE GA 77 -9.46 -37.99 -27.65
N LEU GA 78 -9.33 -36.73 -27.23
CA LEU GA 78 -9.95 -36.29 -26.00
C LEU GA 78 -11.45 -36.19 -26.21
N SER GA 79 -12.16 -35.69 -25.19
CA SER GA 79 -13.61 -35.62 -25.11
C SER GA 79 -14.23 -37.00 -24.92
N SER GA 80 -13.44 -38.07 -24.93
CA SER GA 80 -13.92 -39.35 -24.51
C SER GA 80 -14.11 -39.35 -22.99
N PRO GA 81 -15.03 -40.16 -22.47
CA PRO GA 81 -15.32 -40.09 -21.03
C PRO GA 81 -14.12 -40.38 -20.13
N ASP GA 82 -13.23 -41.29 -20.53
CA ASP GA 82 -12.17 -41.73 -19.63
C ASP GA 82 -10.77 -41.30 -20.03
N VAL GA 83 -10.59 -40.78 -21.24
CA VAL GA 83 -9.27 -40.36 -21.67
C VAL GA 83 -8.79 -39.20 -20.81
N THR GA 84 -7.58 -39.33 -20.28
CA THR GA 84 -6.99 -38.28 -19.44
C THR GA 84 -6.00 -37.43 -20.22
N GLY GA 85 -5.00 -38.07 -20.83
CA GLY GA 85 -4.00 -37.34 -21.59
C GLY GA 85 -3.38 -38.22 -22.65
N ILE GA 86 -2.73 -37.56 -23.61
CA ILE GA 86 -2.08 -38.24 -24.72
C ILE GA 86 -0.59 -38.34 -24.42
N GLU GA 87 -0.04 -39.54 -24.53
CA GLU GA 87 1.39 -39.74 -24.30
C GLU GA 87 2.22 -39.39 -25.53
N GLN GA 88 1.85 -39.88 -26.70
CA GLN GA 88 2.63 -39.68 -27.91
C GLN GA 88 1.71 -39.42 -29.10
N LEU GA 89 2.24 -38.70 -30.08
CA LEU GA 89 1.62 -38.53 -31.38
C LEU GA 89 2.73 -38.30 -32.39
N ASP GA 90 2.62 -38.93 -33.56
CA ASP GA 90 3.72 -38.98 -34.50
C ASP GA 90 3.49 -38.13 -35.75
N ILE GA 91 2.41 -38.40 -36.50
CA ILE GA 91 2.15 -37.73 -37.76
C ILE GA 91 3.35 -37.91 -38.67
N ASP GA 92 3.42 -39.05 -39.35
CA ASP GA 92 4.64 -39.41 -40.06
C ASP GA 92 4.80 -38.62 -41.35
N ILE GA 93 3.85 -38.77 -42.28
CA ILE GA 93 3.93 -38.19 -43.61
C ILE GA 93 5.21 -38.68 -44.28
N THR GA 94 5.24 -39.95 -44.67
CA THR GA 94 6.40 -40.52 -45.34
C THR GA 94 5.94 -41.18 -46.64
N GLY GA 95 6.60 -40.83 -47.73
CA GLY GA 95 6.20 -41.38 -49.01
C GLY GA 95 4.81 -40.94 -49.37
N GLU GA 96 3.89 -41.89 -49.42
CA GLU GA 96 2.54 -41.63 -49.87
C GLU GA 96 1.51 -41.60 -48.75
N VAL GA 97 1.70 -42.40 -47.69
CA VAL GA 97 0.68 -42.51 -46.65
C VAL GA 97 0.88 -41.43 -45.59
N PHE GA 98 -0.20 -41.11 -44.90
CA PHE GA 98 -0.20 -40.14 -43.80
C PHE GA 98 -0.24 -40.95 -42.51
N GLY GA 99 0.93 -41.32 -42.00
CA GLY GA 99 1.00 -42.15 -40.83
C GLY GA 99 0.56 -41.40 -39.58
N VAL GA 100 -0.17 -42.09 -38.72
CA VAL GA 100 -0.59 -41.56 -37.42
C VAL GA 100 -0.39 -42.65 -36.38
N ASP GA 101 0.19 -42.30 -35.25
CA ASP GA 101 0.37 -43.23 -34.15
C ASP GA 101 0.15 -42.49 -32.84
N ALA GA 102 -0.49 -43.15 -31.88
CA ALA GA 102 -0.81 -42.52 -30.61
C ALA GA 102 -0.80 -43.56 -29.51
N LYS GA 103 -0.49 -43.11 -28.30
CA LYS GA 103 -0.61 -43.92 -27.09
C LYS GA 103 -1.37 -43.10 -26.06
N VAL GA 104 -2.46 -43.66 -25.54
CA VAL GA 104 -3.41 -42.93 -24.72
C VAL GA 104 -3.25 -43.36 -23.27
N ILE GA 105 -3.73 -42.51 -22.35
CA ILE GA 105 -3.63 -42.75 -20.93
C ILE GA 105 -5.03 -42.71 -20.32
N THR GA 106 -5.38 -43.73 -19.54
CA THR GA 106 -6.69 -43.83 -18.91
C THR GA 106 -6.53 -44.00 -17.41
N ILE GA 107 -7.58 -43.65 -16.68
CA ILE GA 107 -7.57 -43.83 -15.23
C ILE GA 107 -7.47 -45.30 -14.87
N HIS GA 108 -8.19 -46.16 -15.59
CA HIS GA 108 -8.20 -47.58 -15.29
C HIS GA 108 -7.28 -48.35 -16.23
N MET HA 1 79.19 13.53 -16.23
CA MET HA 1 79.09 12.11 -15.96
C MET HA 1 78.30 11.84 -14.68
N ILE HA 2 77.25 11.05 -14.80
CA ILE HA 2 76.41 10.67 -13.67
C ILE HA 2 76.51 9.16 -13.49
N ASN HA 3 76.85 8.72 -12.29
CA ASN HA 3 77.01 7.30 -11.99
C ASN HA 3 75.70 6.78 -11.41
N VAL HA 4 74.98 6.01 -12.21
CA VAL HA 4 73.69 5.47 -11.80
C VAL HA 4 73.76 3.97 -11.53
N SER HA 5 74.96 3.45 -11.28
CA SER HA 5 75.12 2.03 -11.03
C SER HA 5 74.46 1.63 -9.72
N GLY HA 6 73.89 0.43 -9.70
CA GLY HA 6 73.25 -0.11 -8.53
C GLY HA 6 74.07 -1.11 -7.75
N PHE HA 7 75.28 -1.41 -8.19
CA PHE HA 7 76.11 -2.38 -7.48
C PHE HA 7 76.54 -1.83 -6.13
N GLY HA 8 76.51 -2.68 -5.12
CA GLY HA 8 76.94 -2.30 -3.79
C GLY HA 8 75.83 -1.86 -2.86
N THR HA 9 74.58 -1.89 -3.30
CA THR HA 9 73.48 -1.48 -2.45
C THR HA 9 73.17 -2.56 -1.41
N GLY HA 10 72.44 -2.17 -0.38
CA GLY HA 10 72.13 -3.08 0.71
C GLY HA 10 70.77 -2.76 1.30
N ILE HA 11 70.16 -3.78 1.90
CA ILE HA 11 68.82 -3.67 2.48
C ILE HA 11 68.86 -4.24 3.89
N VAL HA 12 68.21 -3.56 4.82
CA VAL HA 12 68.06 -4.04 6.18
C VAL HA 12 66.58 -3.98 6.54
N ILE HA 13 66.04 -5.08 7.06
CA ILE HA 13 64.63 -5.20 7.38
C ILE HA 13 64.49 -5.50 8.87
N VAL HA 14 63.61 -4.77 9.54
CA VAL HA 14 63.37 -4.94 10.97
C VAL HA 14 61.88 -5.20 11.17
N SER HA 15 61.57 -6.23 11.93
CA SER HA 15 60.19 -6.60 12.25
C SER HA 15 59.92 -6.40 13.72
N ALA HA 16 58.66 -6.07 14.04
CA ALA HA 16 58.30 -5.76 15.41
C ALA HA 16 58.44 -6.98 16.32
N SER HA 17 57.98 -8.15 15.87
CA SER HA 17 57.96 -9.33 16.71
C SER HA 17 58.83 -10.46 16.17
N SER HA 18 58.64 -10.85 14.92
CA SER HA 18 59.36 -12.02 14.40
C SER HA 18 60.85 -11.79 14.35
N PHE HA 19 61.28 -10.61 13.93
CA PHE HA 19 62.70 -10.27 13.81
C PHE HA 19 62.96 -8.95 14.51
N PRO HA 20 62.98 -8.95 15.85
CA PRO HA 20 63.18 -7.70 16.57
C PRO HA 20 64.49 -7.02 16.27
N MET HA 21 65.55 -7.77 15.95
CA MET HA 21 66.84 -7.16 15.70
C MET HA 21 67.11 -6.93 14.22
N GLY HA 22 66.48 -7.70 13.34
CA GLY HA 22 66.56 -7.45 11.91
C GLY HA 22 67.69 -8.23 11.25
N PHE HA 23 67.57 -8.37 9.94
CA PHE HA 23 68.58 -9.05 9.13
C PHE HA 23 68.87 -8.20 7.90
N SER HA 24 69.76 -8.70 7.05
CA SER HA 24 70.24 -7.95 5.91
C SER HA 24 70.11 -8.76 4.63
N LEU HA 25 69.82 -8.07 3.54
CA LEU HA 25 69.74 -8.67 2.22
C LEU HA 25 70.96 -8.27 1.40
N SER HA 26 71.58 -9.25 0.77
CA SER HA 26 72.74 -8.99 -0.09
C SER HA 26 72.72 -9.73 -1.41
N LYS HA 27 71.99 -10.84 -1.53
CA LYS HA 27 71.98 -11.63 -2.75
C LYS HA 27 70.72 -11.32 -3.53
N PHE HA 28 70.86 -10.55 -4.61
CA PHE HA 28 69.75 -10.12 -5.43
C PHE HA 28 69.74 -10.88 -6.74
N ALA HA 29 68.55 -11.29 -7.18
CA ALA HA 29 68.44 -12.14 -8.34
C ALA HA 29 68.93 -11.43 -9.60
N ASP HA 30 69.00 -12.19 -10.68
CA ASP HA 30 69.57 -11.72 -11.95
C ASP HA 30 68.56 -11.58 -13.07
N ASP HA 31 67.66 -12.55 -13.25
CA ASP HA 31 66.74 -12.48 -14.36
C ASP HA 31 65.64 -11.46 -14.13
N GLU HA 32 65.27 -11.21 -12.88
CA GLU HA 32 64.18 -10.31 -12.54
C GLU HA 32 64.72 -9.03 -11.91
N SER HA 33 63.90 -8.00 -11.91
CA SER HA 33 64.31 -6.72 -11.37
C SER HA 33 64.60 -6.83 -9.89
N PRO HA 34 65.74 -6.36 -9.41
CA PRO HA 34 66.04 -6.49 -7.97
C PRO HA 34 65.09 -5.71 -7.09
N ILE HA 35 64.87 -4.43 -7.36
CA ILE HA 35 63.95 -3.61 -6.60
C ILE HA 35 63.02 -2.90 -7.57
N SER HA 36 61.72 -3.01 -7.35
CA SER HA 36 60.73 -2.41 -8.22
C SER HA 36 59.62 -1.82 -7.39
N SER HA 37 58.88 -0.88 -7.99
CA SER HA 37 57.80 -0.22 -7.30
C SER HA 37 56.79 0.29 -8.30
N LYS HA 38 55.60 0.60 -7.80
CA LYS HA 38 54.54 1.18 -8.60
C LYS HA 38 54.53 2.70 -8.43
N GLU HA 39 53.79 3.37 -9.30
CA GLU HA 39 53.71 4.82 -9.23
C GLU HA 39 52.89 5.26 -8.03
N LEU HA 40 53.18 6.47 -7.56
CA LEU HA 40 52.49 7.06 -6.42
C LEU HA 40 51.50 8.11 -6.92
N GLU HA 41 50.24 8.01 -6.49
CA GLU HA 41 49.18 8.91 -6.95
C GLU HA 41 48.51 9.54 -5.74
N PRO HA 42 49.14 10.53 -5.13
CA PRO HA 42 48.53 11.22 -3.99
C PRO HA 42 47.60 12.36 -4.35
N PHE HA 43 47.35 12.60 -5.63
CA PHE HA 43 46.51 13.70 -6.07
C PHE HA 43 45.51 13.21 -7.11
N GLY HA 44 44.38 13.92 -7.19
CA GLY HA 44 43.35 13.63 -8.17
C GLY HA 44 42.76 14.92 -8.70
N TYR HA 45 41.85 14.78 -9.65
CA TYR HA 45 41.24 15.96 -10.26
C TYR HA 45 39.84 15.64 -10.74
N GLU HA 46 39.04 16.70 -10.87
CA GLU HA 46 37.64 16.60 -11.24
C GLU HA 46 37.30 17.82 -12.10
N MET HA 47 36.36 17.64 -13.01
CA MET HA 47 35.92 18.71 -13.90
C MET HA 47 34.62 19.34 -13.44
N LEU HA 48 34.52 20.65 -13.63
CA LEU HA 48 33.31 21.41 -13.34
C LEU HA 48 32.50 21.60 -14.61
N TYR HA 49 31.24 21.99 -14.45
CA TYR HA 49 30.39 22.03 -15.63
C TYR HA 49 30.61 23.29 -16.45
N ASP HA 50 31.37 24.24 -15.94
CA ASP HA 50 31.72 25.45 -16.69
C ASP HA 50 33.00 25.29 -17.49
N GLY HA 51 33.65 24.14 -17.40
CA GLY HA 51 34.89 23.90 -18.11
C GLY HA 51 36.15 24.04 -17.29
N GLY HA 52 36.03 24.39 -16.02
CA GLY HA 52 37.19 24.59 -15.18
C GLY HA 52 37.79 23.29 -14.72
N LEU HA 53 38.76 23.41 -13.82
CA LEU HA 53 39.46 22.26 -13.26
C LEU HA 53 39.59 22.44 -11.76
N PHE HA 54 39.42 21.34 -11.02
CA PHE HA 54 39.57 21.35 -9.58
C PHE HA 54 40.43 20.16 -9.15
N ALA HA 55 41.34 20.41 -8.22
CA ALA HA 55 42.30 19.40 -7.78
C ALA HA 55 42.18 19.20 -6.28
N PHE HA 56 42.18 17.93 -5.86
CA PHE HA 56 42.04 17.59 -4.46
C PHE HA 56 43.14 16.64 -4.03
N ASP HA 57 43.01 16.08 -2.83
CA ASP HA 57 44.02 15.20 -2.26
C ASP HA 57 43.44 13.81 -2.09
N LYS HA 58 44.26 12.81 -2.36
CA LYS HA 58 43.86 11.40 -2.34
C LYS HA 58 44.82 10.61 -1.47
N ALA HA 59 44.30 9.53 -0.87
CA ALA HA 59 45.11 8.62 -0.08
C ALA HA 59 45.67 7.52 -0.96
N ALA HA 60 46.99 7.32 -0.90
CA ALA HA 60 47.64 6.34 -1.76
C ALA HA 60 48.70 5.56 -1.00
N PRO HA 61 48.80 4.25 -1.26
CA PRO HA 61 49.84 3.45 -0.61
C PRO HA 61 51.12 3.42 -1.42
N LEU HA 62 52.12 2.68 -0.94
CA LEU HA 62 53.37 2.49 -1.65
C LEU HA 62 53.67 1.01 -1.70
N GLU HA 63 53.95 0.48 -2.89
CA GLU HA 63 54.24 -0.93 -3.07
C GLU HA 63 55.67 -1.11 -3.55
N VAL HA 64 56.39 -2.06 -2.96
CA VAL HA 64 57.76 -2.35 -3.31
C VAL HA 64 57.89 -3.84 -3.58
N SER HA 65 58.77 -4.20 -4.51
CA SER HA 65 59.00 -5.59 -4.87
C SER HA 65 60.49 -5.86 -4.87
N VAL HA 66 60.90 -6.98 -4.24
CA VAL HA 66 62.29 -7.39 -4.22
C VAL HA 66 62.37 -8.84 -4.70
N SER HA 67 63.54 -9.20 -5.22
CA SER HA 67 63.77 -10.55 -5.72
C SER HA 67 65.16 -11.01 -5.31
N VAL HA 68 65.26 -12.27 -4.92
CA VAL HA 68 66.52 -12.85 -4.44
C VAL HA 68 66.75 -14.19 -5.11
N ILE HA 69 68.01 -14.66 -5.02
CA ILE HA 69 68.35 -15.97 -5.55
C ILE HA 69 67.71 -17.04 -4.69
N ALA HA 70 67.09 -18.02 -5.34
CA ALA HA 70 66.49 -19.13 -4.61
C ALA HA 70 67.56 -19.93 -3.89
N GLY HA 71 67.24 -20.37 -2.67
CA GLY HA 71 68.13 -21.19 -1.89
C GLY HA 71 69.10 -20.43 -1.02
N SER HA 72 69.15 -19.11 -1.11
CA SER HA 72 70.02 -18.33 -0.25
C SER HA 72 69.37 -18.14 1.12
N GLU HA 73 70.15 -17.58 2.05
CA GLU HA 73 69.65 -17.34 3.39
C GLU HA 73 68.55 -16.29 3.39
N ASP HA 74 68.69 -15.26 2.56
CA ASP HA 74 67.69 -14.20 2.52
C ASP HA 74 66.34 -14.74 2.09
N ASP HA 75 66.34 -15.70 1.15
CA ASP HA 75 65.09 -16.29 0.70
C ASP HA 75 64.36 -16.97 1.84
N ILE HA 76 65.06 -17.75 2.66
CA ILE HA 76 64.38 -18.46 3.74
C ILE HA 76 63.97 -17.49 4.84
N ASN HA 77 64.75 -16.43 5.07
CA ASN HA 77 64.32 -15.41 6.02
C ASN HA 77 63.00 -14.79 5.58
N LEU HA 78 62.91 -14.39 4.31
CA LEU HA 78 61.66 -13.82 3.81
C LEU HA 78 60.54 -14.84 3.83
N ARG HA 79 60.84 -16.12 3.62
CA ARG HA 79 59.80 -17.13 3.73
C ARG HA 79 59.24 -17.20 5.14
N ILE HA 80 60.11 -17.13 6.14
CA ILE HA 80 59.64 -17.10 7.52
C ILE HA 80 58.77 -15.88 7.77
N LEU HA 81 59.22 -14.73 7.28
CA LEU HA 81 58.44 -13.50 7.45
C LEU HA 81 57.06 -13.65 6.81
N LEU HA 82 56.99 -14.26 5.64
CA LEU HA 82 55.72 -14.45 4.96
C LEU HA 82 54.82 -15.41 5.72
N ASN HA 83 55.38 -16.51 6.22
CA ASN HA 83 54.57 -17.51 6.89
C ASN HA 83 54.14 -17.11 8.28
N SER HA 84 54.76 -16.09 8.87
CA SER HA 84 54.28 -15.58 10.15
C SER HA 84 52.84 -15.09 10.01
N LYS HA 85 51.98 -15.50 10.94
CA LYS HA 85 50.56 -15.17 10.88
C LYS HA 85 50.23 -14.04 11.85
N LYS HA 86 49.48 -13.05 11.35
CA LYS HA 86 49.13 -11.90 12.17
C LYS HA 86 48.11 -12.22 13.25
N GLY HA 87 47.48 -13.39 13.21
CA GLY HA 87 46.51 -13.74 14.23
C GLY HA 87 47.14 -13.83 15.60
N SER HA 88 48.35 -14.35 15.69
CA SER HA 88 49.01 -14.54 16.97
C SER HA 88 49.52 -13.20 17.51
N PHE HA 89 50.08 -13.26 18.72
CA PHE HA 89 50.54 -12.13 19.53
C PHE HA 89 49.61 -10.92 19.54
N ARG HA 90 50.06 -9.82 20.13
CA ARG HA 90 49.22 -8.66 20.39
C ARG HA 90 49.90 -7.42 19.82
N PHE HA 91 49.32 -6.25 20.09
CA PHE HA 91 49.83 -5.01 19.53
C PHE HA 91 49.37 -3.84 20.37
N LEU HA 92 50.16 -2.76 20.35
CA LEU HA 92 49.75 -1.50 20.93
C LEU HA 92 48.64 -0.88 20.09
N PRO HA 93 47.76 -0.09 20.70
CA PRO HA 93 46.60 0.44 19.96
C PRO HA 93 47.03 1.28 18.76
N GLY HA 94 46.38 1.02 17.63
CA GLY HA 94 46.62 1.77 16.40
C GLY HA 94 48.03 1.65 15.87
N ILE HA 95 48.60 0.45 15.89
CA ILE HA 95 49.99 0.27 15.51
C ILE HA 95 50.19 -0.76 14.41
N ILE HA 96 49.23 -1.66 14.18
CA ILE HA 96 49.30 -2.75 13.20
C ILE HA 96 50.29 -3.80 13.69
N PRO HA 97 49.92 -5.08 13.69
CA PRO HA 97 50.87 -6.12 14.10
C PRO HA 97 52.05 -6.19 13.15
N ASP HA 98 53.24 -6.38 13.70
CA ASP HA 98 54.46 -6.56 12.93
C ASP HA 98 54.71 -5.38 11.98
N MET HA 99 54.85 -4.20 12.57
CA MET HA 99 55.22 -3.03 11.79
C MET HA 99 56.65 -3.21 11.30
N THR HA 100 56.80 -3.53 10.02
CA THR HA 100 58.12 -3.84 9.47
C THR HA 100 58.75 -2.60 8.88
N THR HA 101 60.00 -2.34 9.25
CA THR HA 101 60.74 -1.19 8.80
C THR HA 101 61.84 -1.62 7.85
N LEU HA 102 62.00 -0.88 6.75
CA LEU HA 102 63.00 -1.19 5.74
C LEU HA 102 63.91 0.01 5.56
N VAL HA 103 65.21 -0.23 5.51
CA VAL HA 103 66.20 0.81 5.27
C VAL HA 103 67.06 0.38 4.09
N ALA HA 104 67.12 1.23 3.06
CA ALA HA 104 67.84 0.94 1.84
C ALA HA 104 68.96 1.95 1.66
N THR HA 105 70.17 1.47 1.39
CA THR HA 105 71.34 2.32 1.21
C THR HA 105 71.78 2.28 -0.24
N LEU HA 106 71.89 3.44 -0.85
CA LEU HA 106 72.40 3.54 -2.21
C LEU HA 106 73.92 3.54 -2.21
N PRO HA 107 74.55 3.12 -3.30
CA PRO HA 107 76.02 3.06 -3.32
C PRO HA 107 76.69 4.39 -3.06
N ASP HA 108 76.14 5.49 -3.58
CA ASP HA 108 76.80 6.78 -3.40
C ASP HA 108 76.77 7.22 -1.95
N GLY HA 109 75.71 6.86 -1.23
CA GLY HA 109 75.60 7.19 0.17
C GLY HA 109 74.20 7.57 0.62
N GLY HA 110 73.36 7.98 -0.33
CA GLY HA 110 71.99 8.34 0.00
C GLY HA 110 71.20 7.12 0.46
N ARG HA 111 70.13 7.37 1.21
CA ARG HA 111 69.34 6.30 1.77
C ARG HA 111 67.93 6.76 2.06
N THR HA 112 67.10 5.81 2.49
CA THR HA 112 65.67 6.04 2.66
C THR HA 112 65.16 5.05 3.70
N VAL HA 113 64.17 5.48 4.49
CA VAL HA 113 63.54 4.62 5.49
C VAL HA 113 62.05 4.54 5.18
N LEU HA 114 61.48 3.35 5.34
CA LEU HA 114 60.07 3.12 5.12
C LEU HA 114 59.50 2.38 6.32
N SER HA 115 58.33 2.80 6.78
CA SER HA 115 57.73 2.22 7.97
C SER HA 115 56.23 2.09 7.79
N ASN HA 116 55.59 1.50 8.79
CA ASN HA 116 54.14 1.28 8.79
C ASN HA 116 53.72 0.44 7.58
N GLY HA 117 54.20 -0.80 7.55
CA GLY HA 117 53.85 -1.68 6.46
C GLY HA 117 54.29 -3.10 6.74
N THR HA 118 53.88 -4.01 5.86
CA THR HA 118 54.14 -5.42 6.03
C THR HA 118 54.19 -6.11 4.69
N ILE HA 119 54.77 -7.30 4.68
CA ILE HA 119 54.81 -8.13 3.48
C ILE HA 119 53.42 -8.65 3.18
N LEU HA 120 53.10 -8.84 1.90
CA LEU HA 120 51.76 -9.33 1.59
C LEU HA 120 51.66 -10.41 0.53
N LYS HA 121 52.70 -10.73 -0.24
CA LYS HA 121 52.58 -11.84 -1.17
C LYS HA 121 53.97 -12.34 -1.56
N GLY HA 122 54.07 -13.64 -1.80
CA GLY HA 122 55.32 -14.26 -2.17
C GLY HA 122 55.13 -15.69 -2.62
N PRO HA 123 56.19 -16.31 -3.15
CA PRO HA 123 56.10 -17.71 -3.52
C PRO HA 123 56.16 -18.61 -2.30
N ALA HA 124 55.67 -19.83 -2.47
CA ALA HA 124 55.71 -20.83 -1.42
C ALA HA 124 56.70 -21.96 -1.70
N ILE HA 125 56.77 -22.43 -2.95
CA ILE HA 125 57.74 -23.45 -3.34
C ILE HA 125 58.42 -22.99 -4.62
N ASP HA 126 59.55 -23.62 -4.90
CA ASP HA 126 60.38 -23.20 -6.02
C ASP HA 126 59.74 -23.57 -7.36
N THR HA 127 60.01 -22.73 -8.35
CA THR HA 127 59.54 -22.93 -9.72
C THR HA 127 60.73 -23.29 -10.59
N ILE HA 128 60.53 -24.19 -11.55
CA ILE HA 128 61.58 -24.67 -12.43
C ILE HA 128 61.23 -24.31 -13.87
N GLN HA 129 62.10 -23.53 -14.51
CA GLN HA 129 61.93 -23.22 -15.92
C GLN HA 129 62.23 -24.44 -16.77
N ASN HA 130 61.86 -24.37 -18.05
CA ASN HA 130 62.17 -25.45 -18.96
C ASN HA 130 63.67 -25.56 -19.23
N THR HA 131 64.42 -24.49 -19.02
CA THR HA 131 65.87 -24.54 -19.20
C THR HA 131 66.55 -25.41 -18.15
N GLY HA 132 65.88 -25.68 -17.03
CA GLY HA 132 66.42 -26.54 -16.02
C GLY HA 132 66.90 -25.88 -14.75
N ARG HA 133 66.62 -24.60 -14.56
CA ARG HA 133 67.04 -23.88 -13.37
C ARG HA 133 65.81 -23.38 -12.61
N ARG HA 134 66.07 -22.67 -11.51
CA ARG HA 134 65.01 -22.23 -10.61
C ARG HA 134 64.80 -20.73 -10.75
N LYS HA 135 63.54 -20.32 -10.70
CA LYS HA 135 63.21 -18.90 -10.81
C LYS HA 135 63.70 -18.12 -9.60
N GLY HA 136 63.87 -16.81 -9.79
CA GLY HA 136 64.17 -15.94 -8.67
C GLY HA 136 62.90 -15.55 -7.96
N ASN HA 137 62.81 -15.92 -6.68
CA ASN HA 137 61.61 -15.64 -5.90
C ASN HA 137 61.45 -14.14 -5.70
N THR HA 138 60.21 -13.67 -5.87
CA THR HA 138 59.90 -12.25 -5.73
C THR HA 138 58.85 -12.04 -4.65
N TYR HA 139 59.04 -11.00 -3.84
CA TYR HA 139 58.14 -10.68 -2.75
C TYR HA 139 57.70 -9.23 -2.87
N THR HA 140 56.50 -8.95 -2.38
CA THR HA 140 55.91 -7.62 -2.48
C THR HA 140 55.57 -7.09 -1.10
N PHE HA 141 55.92 -5.85 -0.85
CA PHE HA 141 55.63 -5.16 0.40
C PHE HA 141 54.63 -4.04 0.15
N VAL HA 142 54.23 -3.40 1.25
CA VAL HA 142 53.42 -2.20 1.20
C VAL HA 142 53.80 -1.33 2.39
N PHE HA 143 53.71 -0.02 2.22
CA PHE HA 143 54.12 0.91 3.25
C PHE HA 143 53.18 2.11 3.28
N GLY HA 144 53.04 2.70 4.46
CA GLY HA 144 52.16 3.82 4.63
C GLY HA 144 52.90 5.14 4.74
N SER HA 145 54.07 5.11 5.36
CA SER HA 145 54.86 6.31 5.58
C SER HA 145 56.28 6.09 5.10
N TYR HA 146 56.92 7.18 4.66
CA TYR HA 146 58.27 7.09 4.13
C TYR HA 146 59.01 8.39 4.45
N LEU HA 147 60.15 8.57 3.79
CA LEU HA 147 61.06 9.66 4.10
C LEU HA 147 62.05 9.76 2.94
N GLY HA 148 62.87 10.82 2.97
CA GLY HA 148 63.95 10.95 2.00
C GLY HA 148 65.18 11.60 2.59
N ALA HA 149 66.35 10.99 2.40
CA ALA HA 149 67.62 11.55 2.87
C ALA HA 149 68.70 11.18 1.86
N GLN HA 150 68.92 12.05 0.88
CA GLN HA 150 69.77 11.74 -0.26
C GLN HA 150 71.12 12.45 -0.21
N THR HA 151 71.65 12.70 0.98
CA THR HA 151 72.93 13.37 1.13
C THR HA 151 73.89 12.49 1.94
N ALA HA 152 75.14 12.44 1.48
CA ALA HA 152 76.19 11.72 2.19
C ALA HA 152 77.57 12.15 1.69
N MET IA 1 -43.68 -43.74 -18.92
CA MET IA 1 -43.02 -43.33 -17.69
C MET IA 1 -42.64 -41.86 -17.74
N ALA IA 2 -41.68 -41.53 -18.61
CA ALA IA 2 -41.24 -40.15 -18.81
C ALA IA 2 -42.11 -39.41 -19.82
N ASN IA 3 -43.32 -39.89 -20.07
CA ASN IA 3 -44.21 -39.27 -21.04
C ASN IA 3 -44.60 -37.87 -20.60
N TYR IA 4 -44.74 -36.98 -21.57
CA TYR IA 4 -45.27 -35.64 -21.36
C TYR IA 4 -46.58 -35.52 -22.11
N ASN IA 5 -47.64 -35.15 -21.40
CA ASN IA 5 -48.94 -34.88 -22.01
C ASN IA 5 -48.98 -33.44 -22.53
N TYR IA 6 -48.17 -33.21 -23.57
CA TYR IA 6 -47.96 -31.86 -24.09
C TYR IA 6 -49.22 -31.25 -24.71
N ILE IA 7 -50.25 -32.04 -24.97
CA ILE IA 7 -51.53 -31.51 -25.43
C ILE IA 7 -52.45 -31.36 -24.23
N VAL IA 8 -52.97 -30.15 -24.02
CA VAL IA 8 -53.79 -29.84 -22.86
C VAL IA 8 -55.01 -29.05 -23.33
N ASP IA 9 -55.82 -28.63 -22.37
CA ASP IA 9 -57.02 -27.86 -22.68
C ASP IA 9 -56.65 -26.53 -23.34
N THR IA 10 -55.61 -25.87 -22.84
CA THR IA 10 -55.24 -24.55 -23.36
C THR IA 10 -54.74 -24.65 -24.79
N GLY IA 11 -54.18 -25.79 -25.19
CA GLY IA 11 -53.67 -25.96 -26.53
C GLY IA 11 -52.64 -27.07 -26.57
N VAL IA 12 -51.67 -26.91 -27.47
CA VAL IA 12 -50.57 -27.85 -27.63
C VAL IA 12 -49.28 -27.16 -27.23
N ILE IA 13 -48.42 -27.89 -26.52
CA ILE IA 13 -47.14 -27.38 -26.02
C ILE IA 13 -46.02 -28.06 -26.77
N VAL IA 14 -45.08 -27.27 -27.29
CA VAL IA 14 -43.89 -27.77 -27.94
C VAL IA 14 -42.68 -27.31 -27.14
N ALA IA 15 -41.78 -28.24 -26.84
CA ALA IA 15 -40.61 -27.99 -26.02
C ALA IA 15 -39.36 -27.89 -26.88
N ASP IA 16 -38.29 -27.38 -26.26
CA ASP IA 16 -37.04 -27.20 -26.97
C ASP IA 16 -36.33 -28.52 -27.17
N THR IA 17 -35.47 -28.56 -28.19
CA THR IA 17 -34.80 -29.80 -28.55
C THR IA 17 -33.88 -30.31 -27.45
N ALA IA 18 -33.33 -29.40 -26.64
CA ALA IA 18 -32.48 -29.83 -25.54
C ALA IA 18 -33.25 -30.67 -24.54
N ASP IA 19 -34.49 -30.28 -24.25
CA ASP IA 19 -35.27 -31.01 -23.25
C ASP IA 19 -35.61 -32.42 -23.73
N VAL IA 20 -36.07 -32.54 -24.97
CA VAL IA 20 -36.39 -33.87 -25.49
C VAL IA 20 -35.13 -34.71 -25.60
N LEU IA 21 -34.00 -34.09 -25.95
CA LEU IA 21 -32.75 -34.83 -26.02
C LEU IA 21 -32.38 -35.37 -24.65
N SER IA 22 -32.50 -34.55 -23.61
CA SER IA 22 -32.18 -35.01 -22.27
C SER IA 22 -33.12 -36.13 -21.83
N ASP IA 23 -34.40 -36.01 -22.18
CA ASP IA 23 -35.35 -37.06 -21.82
C ASP IA 23 -35.00 -38.39 -22.49
N VAL IA 24 -34.64 -38.34 -23.77
CA VAL IA 24 -34.27 -39.58 -24.46
C VAL IA 24 -32.99 -40.15 -23.87
N GLU IA 25 -32.04 -39.29 -23.51
CA GLU IA 25 -30.81 -39.76 -22.88
C GLU IA 25 -31.13 -40.47 -21.57
N ALA IA 26 -32.02 -39.89 -20.76
CA ALA IA 26 -32.41 -40.53 -19.51
C ALA IA 26 -33.07 -41.88 -19.77
N GLU IA 27 -33.93 -41.93 -20.79
CA GLU IA 27 -34.58 -43.20 -21.14
C GLU IA 27 -33.55 -44.28 -21.45
N PHE IA 28 -32.59 -43.96 -22.32
CA PHE IA 28 -31.59 -44.95 -22.68
C PHE IA 28 -30.72 -45.32 -21.48
N ARG IA 29 -30.36 -44.34 -20.67
CA ARG IA 29 -29.49 -44.62 -19.53
C ARG IA 29 -30.18 -45.55 -18.53
N ALA IA 30 -31.47 -45.35 -18.30
CA ALA IA 30 -32.21 -46.28 -17.46
C ALA IA 30 -32.38 -47.63 -18.16
N ALA IA 31 -32.43 -47.63 -19.49
CA ALA IA 31 -32.63 -48.89 -20.21
C ALA IA 31 -31.44 -49.83 -20.06
N LEU IA 32 -30.22 -49.28 -20.09
CA LEU IA 32 -29.02 -50.10 -20.08
C LEU IA 32 -28.24 -49.96 -18.78
N GLY IA 33 -27.85 -48.75 -18.40
CA GLY IA 33 -27.11 -48.54 -17.18
C GLY IA 33 -26.57 -47.13 -17.08
N ALA IA 34 -26.18 -46.71 -15.88
CA ALA IA 34 -25.66 -45.36 -15.69
C ALA IA 34 -24.26 -45.19 -16.26
N ASN IA 35 -23.59 -46.28 -16.66
CA ASN IA 35 -22.22 -46.23 -17.15
C ASN IA 35 -22.13 -46.37 -18.66
N ILE IA 36 -23.21 -46.07 -19.39
CA ILE IA 36 -23.15 -46.12 -20.83
C ILE IA 36 -22.55 -44.82 -21.36
N ASN IA 37 -22.05 -44.88 -22.60
CA ASN IA 37 -21.47 -43.73 -23.28
C ASN IA 37 -22.39 -43.34 -24.43
N LEU IA 38 -22.80 -42.08 -24.44
CA LEU IA 38 -23.74 -41.56 -25.44
C LEU IA 38 -23.07 -40.44 -26.21
N ALA IA 39 -22.38 -40.81 -27.29
CA ALA IA 39 -21.79 -39.86 -28.23
C ALA IA 39 -22.23 -40.24 -29.64
N ALA IA 40 -21.93 -39.36 -30.59
CA ALA IA 40 -22.37 -39.60 -31.96
C ALA IA 40 -21.77 -40.87 -32.54
N SER IA 41 -20.50 -41.11 -32.26
CA SER IA 41 -19.79 -42.21 -32.93
C SER IA 41 -20.36 -43.57 -32.55
N THR IA 42 -20.64 -43.79 -31.27
CA THR IA 42 -21.10 -45.10 -30.84
C THR IA 42 -22.54 -45.35 -31.32
N PRO IA 43 -22.88 -46.60 -31.62
CA PRO IA 43 -24.22 -46.89 -32.18
C PRO IA 43 -25.38 -46.46 -31.28
N GLN IA 44 -25.26 -46.63 -29.97
CA GLN IA 44 -26.35 -46.21 -29.11
C GLN IA 44 -26.59 -44.71 -29.21
N GLY IA 45 -25.53 -43.93 -29.43
CA GLY IA 45 -25.71 -42.51 -29.68
C GLY IA 45 -26.52 -42.27 -30.94
N SER IA 46 -26.28 -43.08 -31.98
CA SER IA 46 -27.08 -42.96 -33.20
C SER IA 46 -28.55 -43.26 -32.92
N LEU IA 47 -28.82 -44.29 -32.12
CA LEU IA 47 -30.20 -44.59 -31.77
C LEU IA 47 -30.84 -43.44 -31.00
N VAL IA 48 -30.09 -42.85 -30.07
CA VAL IA 48 -30.60 -41.73 -29.30
C VAL IA 48 -30.94 -40.57 -30.22
N ALA IA 49 -30.03 -40.25 -31.14
CA ALA IA 49 -30.28 -39.14 -32.06
C ALA IA 49 -31.49 -39.41 -32.93
N ALA IA 50 -31.61 -40.64 -33.44
CA ALA IA 50 -32.75 -40.97 -34.29
C ALA IA 50 -34.06 -40.84 -33.52
N GLU IA 51 -34.10 -41.34 -32.29
CA GLU IA 51 -35.31 -41.24 -31.50
C GLU IA 51 -35.67 -39.80 -31.21
N ALA IA 52 -34.68 -38.97 -30.86
CA ALA IA 52 -34.95 -37.57 -30.56
C ALA IA 52 -35.49 -36.85 -31.79
N ILE IA 53 -34.86 -37.08 -32.95
CA ILE IA 53 -35.33 -36.47 -34.18
C ILE IA 53 -36.77 -36.88 -34.46
N ALA IA 54 -37.06 -38.17 -34.31
CA ALA IA 54 -38.40 -38.67 -34.60
C ALA IA 54 -39.44 -38.02 -33.68
N ARG IA 55 -39.16 -38.00 -32.39
CA ARG IA 55 -40.12 -37.45 -31.43
C ARG IA 55 -40.37 -35.98 -31.72
N SER IA 56 -39.29 -35.21 -31.89
CA SER IA 56 -39.46 -33.77 -32.14
C SER IA 56 -40.23 -33.53 -33.43
N SER IA 57 -39.90 -34.28 -34.49
CA SER IA 57 -40.54 -34.06 -35.77
C SER IA 57 -42.03 -34.37 -35.69
N VAL IA 58 -42.40 -35.52 -35.14
CA VAL IA 58 -43.81 -35.89 -35.10
C VAL IA 58 -44.58 -34.92 -34.23
N MET IA 59 -43.99 -34.49 -33.11
CA MET IA 59 -44.69 -33.61 -32.20
C MET IA 59 -44.90 -32.23 -32.82
N ARG IA 60 -43.87 -31.70 -33.50
CA ARG IA 60 -44.04 -30.43 -34.19
C ARG IA 60 -45.07 -30.53 -35.29
N ASN IA 61 -45.04 -31.62 -36.07
CA ASN IA 61 -45.99 -31.77 -37.16
C ASN IA 61 -47.42 -31.80 -36.62
N GLU IA 62 -47.64 -32.54 -35.53
CA GLU IA 62 -48.97 -32.56 -34.92
C GLU IA 62 -49.37 -31.18 -34.45
N ALA IA 63 -48.44 -30.44 -33.85
CA ALA IA 63 -48.75 -29.08 -33.43
C ALA IA 63 -49.03 -28.15 -34.59
N ARG IA 64 -48.59 -28.51 -35.81
CA ARG IA 64 -48.79 -27.63 -36.94
C ARG IA 64 -50.26 -27.42 -37.26
N ILE IA 65 -51.08 -28.47 -37.17
CA ILE IA 65 -52.46 -28.41 -37.61
C ILE IA 65 -53.39 -28.63 -36.42
N ALA IA 66 -53.00 -28.13 -35.25
CA ALA IA 66 -53.78 -28.34 -34.05
C ALA IA 66 -55.18 -27.75 -34.18
N ASN IA 67 -55.30 -26.56 -34.75
CA ASN IA 67 -56.59 -25.95 -35.03
C ASN IA 67 -56.66 -25.55 -36.49
N THR IA 68 -57.72 -25.95 -37.17
CA THR IA 68 -57.81 -25.72 -38.61
C THR IA 68 -59.18 -25.16 -39.00
N ILE IA 69 -60.22 -25.47 -38.21
CA ILE IA 69 -61.56 -25.04 -38.57
C ILE IA 69 -61.67 -23.53 -38.59
N ASN IA 70 -60.86 -22.84 -37.79
CA ASN IA 70 -60.85 -21.39 -37.81
C ASN IA 70 -60.37 -20.89 -39.17
N PRO IA 71 -60.92 -19.81 -39.69
CA PRO IA 71 -60.52 -19.36 -41.02
C PRO IA 71 -59.17 -18.66 -41.06
N ASN IA 72 -58.38 -18.76 -39.98
CA ASN IA 72 -57.04 -18.20 -40.02
C ASN IA 72 -56.06 -19.07 -40.81
N VAL IA 73 -56.27 -20.38 -40.82
CA VAL IA 73 -55.33 -21.32 -41.42
C VAL IA 73 -55.29 -21.15 -42.93
N SER IA 74 -54.35 -21.81 -43.59
CA SER IA 74 -54.15 -21.66 -45.02
C SER IA 74 -53.67 -23.00 -45.60
N PHE IA 75 -53.18 -22.94 -46.85
CA PHE IA 75 -52.48 -24.04 -47.50
C PHE IA 75 -53.38 -25.28 -47.65
N GLY IA 76 -54.38 -25.14 -48.48
CA GLY IA 76 -55.16 -26.31 -48.90
C GLY IA 76 -56.32 -26.69 -48.02
N THR IA 77 -56.05 -26.86 -46.72
CA THR IA 77 -57.16 -27.05 -45.79
C THR IA 77 -58.09 -25.85 -45.83
N PHE IA 78 -57.51 -24.65 -45.81
CA PHE IA 78 -58.32 -23.45 -45.93
C PHE IA 78 -58.91 -23.31 -47.33
N LEU IA 79 -58.21 -23.81 -48.35
CA LEU IA 79 -58.79 -23.84 -49.69
C LEU IA 79 -60.09 -24.61 -49.71
N ASP IA 80 -60.09 -25.79 -49.10
CA ASP IA 80 -61.32 -26.56 -49.02
C ASP IA 80 -62.37 -25.84 -48.17
N ALA IA 81 -61.93 -25.24 -47.05
CA ALA IA 81 -62.88 -24.55 -46.18
C ALA IA 81 -63.58 -23.42 -46.91
N ILE IA 82 -62.85 -22.69 -47.75
CA ILE IA 82 -63.46 -21.58 -48.48
C ILE IA 82 -64.24 -22.06 -49.71
N CYS IA 83 -63.80 -23.15 -50.34
CA CYS IA 83 -64.60 -23.72 -51.42
C CYS IA 83 -65.90 -24.29 -50.92
N ALA IA 84 -65.99 -24.58 -49.62
CA ALA IA 84 -67.28 -24.95 -49.03
C ALA IA 84 -68.35 -23.91 -49.35
N LEU IA 85 -67.98 -22.63 -49.34
CA LEU IA 85 -68.86 -21.59 -49.84
C LEU IA 85 -68.58 -21.30 -51.30
N MET IA 86 -67.40 -20.77 -51.60
CA MET IA 86 -67.01 -20.42 -52.95
C MET IA 86 -65.53 -20.05 -52.98
N GLY IA 87 -64.84 -20.45 -54.04
CA GLY IA 87 -63.43 -20.13 -54.14
C GLY IA 87 -62.74 -20.90 -55.23
N ILE IA 88 -61.82 -20.24 -55.93
CA ILE IA 88 -61.06 -20.84 -57.00
C ILE IA 88 -59.60 -20.86 -56.56
N GLU IA 89 -58.82 -21.75 -57.17
CA GLU IA 89 -57.39 -21.82 -56.92
C GLU IA 89 -56.69 -22.04 -58.25
N ARG IA 90 -55.41 -22.43 -58.19
CA ARG IA 90 -54.54 -22.46 -59.36
C ARG IA 90 -54.51 -21.06 -59.98
N GLY IA 91 -55.21 -20.88 -61.09
CA GLY IA 91 -55.23 -19.57 -61.74
C GLY IA 91 -53.84 -19.07 -62.09
N SER IA 92 -52.98 -19.95 -62.58
CA SER IA 92 -51.60 -19.60 -62.92
C SER IA 92 -51.28 -20.29 -64.26
N ASP IA 93 -51.55 -19.59 -65.35
CA ASP IA 93 -51.34 -20.10 -66.70
C ASP IA 93 -50.34 -19.23 -67.43
N LEU IA 94 -50.17 -19.53 -68.71
CA LEU IA 94 -49.26 -18.80 -69.58
C LEU IA 94 -50.04 -18.15 -70.71
N SER IA 95 -49.57 -16.97 -71.13
CA SER IA 95 -50.23 -16.23 -72.21
C SER IA 95 -49.89 -16.89 -73.55
N THR IA 96 -50.35 -18.14 -73.68
CA THR IA 96 -50.08 -18.90 -74.89
C THR IA 96 -50.78 -18.26 -76.09
N PHE IA 97 -50.10 -18.27 -77.23
CA PHE IA 97 -50.55 -17.58 -78.44
C PHE IA 97 -50.74 -18.55 -79.59
N GLY IA 98 -50.98 -17.97 -80.76
CA GLY IA 98 -51.01 -18.70 -82.01
C GLY IA 98 -50.90 -17.70 -83.14
N TYR IA 99 -50.62 -18.23 -84.33
CA TYR IA 99 -50.52 -17.41 -85.55
C TYR IA 99 -49.43 -16.35 -85.40
N GLY IA 100 -48.19 -16.82 -85.29
CA GLY IA 100 -47.05 -15.92 -85.28
C GLY IA 100 -46.72 -15.42 -86.68
N VAL IA 101 -45.91 -14.36 -86.74
CA VAL IA 101 -45.48 -13.76 -88.00
C VAL IA 101 -43.97 -13.75 -88.03
N GLN IA 102 -43.39 -14.37 -89.06
CA GLN IA 102 -41.93 -14.47 -89.21
C GLN IA 102 -41.58 -14.36 -90.68
N VAL IA 103 -40.71 -13.40 -91.02
CA VAL IA 103 -40.10 -13.33 -92.34
C VAL IA 103 -38.60 -13.57 -92.16
N THR IA 104 -38.08 -14.51 -92.94
CA THR IA 104 -36.70 -14.98 -92.74
C THR IA 104 -36.09 -15.24 -94.12
N GLY IA 105 -34.99 -15.99 -94.14
CA GLY IA 105 -34.38 -16.41 -95.38
C GLY IA 105 -35.15 -17.55 -96.01
N ARG IA 106 -34.45 -18.52 -96.60
CA ARG IA 106 -35.10 -19.61 -97.31
C ARG IA 106 -34.69 -20.95 -96.73
N SER IA 107 -35.68 -21.84 -96.57
CA SER IA 107 -35.46 -23.24 -96.22
C SER IA 107 -34.59 -23.38 -94.97
N GLN IA 108 -34.84 -22.53 -93.98
CA GLN IA 108 -34.12 -22.60 -92.71
C GLN IA 108 -35.11 -22.91 -91.59
N THR IA 109 -34.56 -23.39 -90.47
CA THR IA 109 -35.35 -23.86 -89.34
C THR IA 109 -35.11 -22.98 -88.14
N ARG IA 110 -36.18 -22.54 -87.49
CA ARG IA 110 -36.09 -21.79 -86.24
C ARG IA 110 -36.06 -22.77 -85.08
N ILE IA 111 -35.01 -22.69 -84.27
CA ILE IA 111 -34.84 -23.63 -83.16
C ILE IA 111 -35.84 -23.31 -82.06
N SER IA 112 -36.26 -24.35 -81.34
CA SER IA 112 -37.27 -24.18 -80.30
C SER IA 112 -36.71 -23.34 -79.15
N THR IA 113 -37.64 -22.79 -78.36
CA THR IA 113 -37.31 -22.06 -77.13
C THR IA 113 -36.41 -20.86 -77.39
N GLY IA 114 -36.63 -20.19 -78.51
CA GLY IA 114 -35.97 -18.92 -78.74
C GLY IA 114 -36.53 -17.83 -77.83
N SER IA 115 -35.81 -16.72 -77.76
CA SER IA 115 -36.17 -15.61 -76.89
C SER IA 115 -36.69 -14.45 -77.72
N ARG IA 116 -37.75 -13.80 -77.22
CA ARG IA 116 -38.33 -12.64 -77.88
C ARG IA 116 -38.57 -11.57 -76.84
N VAL IA 117 -38.44 -10.30 -77.23
CA VAL IA 117 -38.67 -9.19 -76.30
C VAL IA 117 -39.51 -8.13 -76.99
N GLN IA 118 -40.43 -7.55 -76.23
CA GLN IA 118 -41.30 -6.50 -76.70
C GLN IA 118 -41.11 -5.26 -75.83
N THR IA 119 -41.51 -4.10 -76.37
CA THR IA 119 -40.83 -2.84 -76.05
C THR IA 119 -40.67 -2.52 -74.56
N PRO IA 120 -41.65 -2.77 -73.66
CA PRO IA 120 -41.37 -2.55 -72.23
C PRO IA 120 -40.57 -3.67 -71.59
N ALA IA 121 -39.86 -4.44 -72.43
CA ALA IA 121 -38.94 -5.50 -71.99
C ALA IA 121 -39.68 -6.66 -71.33
N GLY IA 122 -40.65 -7.21 -72.04
CA GLY IA 122 -41.25 -8.47 -71.66
C GLY IA 122 -40.56 -9.62 -72.37
N ALA IA 123 -40.30 -10.69 -71.63
CA ALA IA 123 -39.57 -11.85 -72.15
C ALA IA 123 -40.55 -12.93 -72.57
N ILE IA 124 -40.45 -13.36 -73.83
CA ILE IA 124 -41.35 -14.34 -74.40
C ILE IA 124 -40.53 -15.41 -75.12
N PHE IA 125 -40.84 -16.68 -74.85
CA PHE IA 125 -40.22 -17.81 -75.52
C PHE IA 125 -41.19 -18.45 -76.50
N THR IA 126 -40.63 -19.04 -77.55
CA THR IA 126 -41.41 -19.79 -78.51
C THR IA 126 -41.58 -21.23 -78.06
N VAL IA 127 -42.36 -21.99 -78.82
CA VAL IA 127 -42.70 -23.36 -78.43
C VAL IA 127 -42.22 -24.35 -79.47
N MET IA 128 -42.71 -24.23 -80.70
CA MET IA 128 -42.50 -25.23 -81.73
C MET IA 128 -41.45 -24.76 -82.74
N SER IA 129 -40.71 -25.72 -83.28
CA SER IA 129 -39.71 -25.47 -84.31
C SER IA 129 -40.33 -25.75 -85.68
N ASP IA 130 -40.05 -24.89 -86.64
CA ASP IA 130 -40.63 -25.00 -87.97
C ASP IA 130 -39.65 -24.50 -89.02
N VAL IA 131 -39.93 -24.85 -90.26
CA VAL IA 131 -39.13 -24.42 -91.39
C VAL IA 131 -39.82 -23.24 -92.04
N THR IA 132 -39.09 -22.54 -92.92
CA THR IA 132 -39.63 -21.38 -93.62
C THR IA 132 -39.69 -21.67 -95.11
N ILE IA 133 -40.86 -21.41 -95.70
CA ILE IA 133 -41.06 -21.55 -97.14
C ILE IA 133 -40.35 -20.40 -97.85
N PRO IA 134 -40.03 -20.52 -99.14
CA PRO IA 134 -39.28 -19.45 -99.81
C PRO IA 134 -39.99 -18.11 -99.84
N ALA IA 135 -41.31 -18.07 -99.63
CA ALA IA 135 -42.01 -16.79 -99.62
C ALA IA 135 -41.51 -15.91 -98.48
N GLY IA 136 -41.32 -16.48 -97.30
CA GLY IA 136 -40.88 -15.72 -96.14
C GLY IA 136 -42.00 -15.42 -95.17
N GLY IA 137 -42.85 -16.41 -94.90
CA GLY IA 137 -43.90 -16.23 -93.94
C GLY IA 137 -44.34 -17.54 -93.30
N VAL IA 138 -44.32 -17.59 -91.98
CA VAL IA 138 -44.73 -18.77 -91.22
C VAL IA 138 -45.46 -18.32 -89.96
N ALA IA 139 -46.09 -19.29 -89.29
CA ALA IA 139 -46.83 -19.04 -88.06
C ALA IA 139 -46.13 -19.75 -86.89
N THR IA 140 -45.99 -19.04 -85.77
CA THR IA 140 -45.26 -19.53 -84.62
C THR IA 140 -46.18 -19.62 -83.41
N ILE IA 141 -45.66 -20.24 -82.35
CA ILE IA 141 -46.38 -20.40 -81.09
C ILE IA 141 -45.48 -19.88 -79.97
N ASP IA 142 -46.04 -19.06 -79.08
CA ASP IA 142 -45.26 -18.40 -78.05
C ASP IA 142 -45.70 -18.83 -76.65
N ILE IA 143 -44.89 -18.42 -75.68
CA ILE IA 143 -45.17 -18.66 -74.27
C ILE IA 143 -44.35 -17.66 -73.47
N LYS IA 144 -44.75 -17.41 -72.23
CA LYS IA 144 -44.09 -16.43 -71.38
C LYS IA 144 -43.12 -17.09 -70.40
N SER IA 145 -42.19 -16.28 -69.90
CA SER IA 145 -41.23 -16.77 -68.92
C SER IA 145 -41.89 -17.02 -67.58
N GLN IA 146 -42.77 -16.11 -67.16
CA GLN IA 146 -43.40 -16.18 -65.85
C GLN IA 146 -44.85 -16.63 -65.98
N GLU IA 147 -45.34 -17.27 -64.91
CA GLU IA 147 -46.69 -17.81 -64.90
C GLU IA 147 -47.70 -16.71 -64.62
N TYR IA 148 -47.64 -15.62 -65.38
CA TYR IA 148 -48.37 -14.41 -65.06
C TYR IA 148 -49.23 -13.99 -66.26
N GLY IA 149 -50.34 -13.32 -65.95
CA GLY IA 149 -51.23 -12.82 -66.97
C GLY IA 149 -50.73 -11.56 -67.64
N ASN IA 150 -49.67 -11.70 -68.44
CA ASN IA 150 -49.02 -10.56 -69.05
C ASN IA 150 -49.91 -9.96 -70.14
N ILE IA 151 -49.63 -8.69 -70.45
CA ILE IA 151 -50.35 -7.94 -71.46
C ILE IA 151 -49.40 -7.64 -72.61
N PRO IA 152 -49.67 -8.13 -73.83
CA PRO IA 152 -48.77 -7.84 -74.96
C PRO IA 152 -49.16 -6.58 -75.71
N LEU IA 153 -48.21 -5.68 -75.90
CA LEU IA 153 -48.48 -4.50 -76.71
C LEU IA 153 -48.47 -4.88 -78.19
N PRO IA 154 -49.52 -4.55 -78.93
CA PRO IA 154 -49.54 -4.88 -80.37
C PRO IA 154 -48.52 -4.09 -81.18
N VAL IA 155 -47.24 -4.39 -80.99
CA VAL IA 155 -46.15 -3.71 -81.67
C VAL IA 155 -45.17 -4.75 -82.18
N GLY IA 156 -44.45 -4.40 -83.24
CA GLY IA 156 -43.36 -5.24 -83.70
C GLY IA 156 -42.34 -5.48 -82.60
N ASN IA 157 -42.00 -6.73 -82.36
CA ASN IA 157 -41.16 -7.11 -81.23
C ASN IA 157 -39.68 -6.95 -81.55
N LEU IA 158 -38.86 -7.12 -80.53
CA LEU IA 158 -37.41 -7.16 -80.67
C LEU IA 158 -36.90 -8.55 -80.29
N ILE IA 159 -35.67 -8.85 -80.69
CA ILE IA 159 -35.13 -10.19 -80.60
C ILE IA 159 -34.02 -10.22 -79.56
N ILE IA 160 -34.03 -11.25 -78.72
CA ILE IA 160 -32.93 -11.47 -77.77
C ILE IA 160 -32.04 -12.59 -78.29
N ILE IA 161 -32.60 -13.79 -78.39
CA ILE IA 161 -31.89 -14.93 -78.94
C ILE IA 161 -32.10 -14.95 -80.44
N ASP IA 162 -31.01 -14.97 -81.20
CA ASP IA 162 -31.07 -14.79 -82.64
C ASP IA 162 -30.65 -16.07 -83.34
N GLY IA 163 -31.55 -16.62 -84.15
CA GLY IA 163 -31.14 -17.57 -85.15
C GLY IA 163 -30.58 -16.86 -86.36
N THR IA 164 -30.03 -17.64 -87.28
CA THR IA 164 -29.50 -17.04 -88.50
C THR IA 164 -30.65 -16.64 -89.42
N ILE IA 165 -30.47 -15.50 -90.11
CA ILE IA 165 -31.34 -15.01 -91.17
C ILE IA 165 -32.82 -15.00 -90.76
N GLY IA 166 -33.08 -14.80 -89.47
CA GLY IA 166 -34.46 -14.72 -89.03
C GLY IA 166 -34.80 -13.50 -88.21
N TRP IA 167 -35.66 -12.64 -88.74
CA TRP IA 167 -36.00 -11.36 -88.12
C TRP IA 167 -37.51 -11.17 -88.07
N SER IA 168 -37.90 -9.98 -87.62
CA SER IA 168 -39.28 -9.48 -87.67
C SER IA 168 -40.24 -10.36 -86.88
N GLY IA 169 -39.99 -10.45 -85.59
CA GLY IA 169 -41.04 -10.91 -84.70
C GLY IA 169 -42.10 -9.83 -84.63
N ALA IA 170 -43.23 -10.04 -85.31
CA ALA IA 170 -44.22 -9.00 -85.47
C ALA IA 170 -45.60 -9.52 -85.13
N LYS IA 171 -46.44 -8.62 -84.63
CA LYS IA 171 -47.81 -8.97 -84.29
C LYS IA 171 -48.61 -9.28 -85.54
N VAL IA 172 -49.74 -9.94 -85.33
CA VAL IA 172 -50.82 -10.00 -86.30
C VAL IA 172 -52.13 -9.91 -85.55
N ILE IA 173 -53.09 -9.17 -86.12
CA ILE IA 173 -54.39 -9.03 -85.50
C ILE IA 173 -55.25 -10.26 -85.65
N ALA IA 174 -54.80 -11.25 -86.41
CA ALA IA 174 -55.48 -12.54 -86.51
C ALA IA 174 -54.97 -13.55 -85.49
N SER IA 175 -53.98 -13.17 -84.68
CA SER IA 175 -53.44 -14.09 -83.70
C SER IA 175 -54.41 -14.31 -82.55
N THR IA 176 -54.57 -15.56 -82.14
CA THR IA 176 -55.39 -15.85 -80.97
C THR IA 176 -54.74 -15.29 -79.72
N ARG IA 177 -55.54 -14.67 -78.87
CA ARG IA 177 -55.10 -14.10 -77.60
C ARG IA 177 -55.80 -14.83 -76.48
N VAL IA 178 -55.02 -15.48 -75.62
CA VAL IA 178 -55.55 -16.20 -74.46
C VAL IA 178 -54.99 -15.55 -73.21
N ASP IA 179 -55.85 -14.92 -72.43
CA ASP IA 179 -55.41 -14.24 -71.23
C ASP IA 179 -55.27 -15.25 -70.09
N PRO IA 180 -54.08 -15.39 -69.50
CA PRO IA 180 -53.89 -16.37 -68.43
C PRO IA 180 -54.08 -15.76 -67.05
N GLY IA 181 -54.54 -16.60 -66.13
CA GLY IA 181 -54.54 -16.23 -64.74
C GLY IA 181 -53.13 -16.21 -64.19
N SER IA 182 -52.93 -15.41 -63.13
CA SER IA 182 -51.63 -15.29 -62.48
C SER IA 182 -51.82 -15.48 -60.98
N ARG IA 183 -51.90 -16.73 -60.54
CA ARG IA 183 -52.08 -17.09 -59.13
C ARG IA 183 -52.97 -16.07 -58.42
N GLN IA 184 -54.12 -15.80 -59.05
CA GLN IA 184 -54.88 -14.60 -58.74
C GLN IA 184 -55.28 -14.52 -57.28
N MET IA 185 -55.31 -15.64 -56.58
CA MET IA 185 -55.77 -15.69 -55.20
C MET IA 185 -54.76 -16.50 -54.38
N SER IA 186 -53.92 -15.80 -53.63
CA SER IA 186 -52.87 -16.53 -52.92
C SER IA 186 -53.33 -17.05 -51.58
N ASP IA 187 -53.47 -16.16 -50.59
CA ASP IA 187 -54.00 -16.57 -49.29
C ASP IA 187 -54.93 -15.57 -48.63
N ALA IA 188 -54.75 -14.27 -48.82
CA ALA IA 188 -55.42 -13.26 -48.00
C ALA IA 188 -56.70 -12.73 -48.63
N GLU IA 189 -56.69 -12.52 -49.94
CA GLU IA 189 -57.91 -12.20 -50.65
C GLU IA 189 -58.97 -13.29 -50.48
N LEU IA 190 -58.56 -14.51 -50.12
CA LEU IA 190 -59.55 -15.51 -49.73
C LEU IA 190 -60.31 -15.08 -48.48
N LYS IA 191 -59.58 -14.62 -47.45
CA LYS IA 191 -60.25 -14.10 -46.27
C LYS IA 191 -61.10 -12.87 -46.61
N ASN IA 192 -60.60 -12.03 -47.50
CA ASN IA 192 -61.39 -10.85 -47.88
C ASN IA 192 -62.69 -11.27 -48.55
N ALA IA 193 -62.65 -12.26 -49.43
CA ALA IA 193 -63.87 -12.75 -50.06
C ALA IA 193 -64.82 -13.35 -49.04
N ARG IA 194 -64.28 -14.14 -48.10
CA ARG IA 194 -65.14 -14.70 -47.06
C ARG IA 194 -65.79 -13.60 -46.23
N VAL IA 195 -65.02 -12.56 -45.90
CA VAL IA 195 -65.55 -11.45 -45.13
C VAL IA 195 -66.66 -10.75 -45.90
N ASN IA 196 -66.44 -10.51 -47.19
CA ASN IA 196 -67.46 -9.87 -48.02
C ASN IA 196 -68.74 -10.70 -48.06
N ARG IA 197 -68.60 -12.00 -48.22
CA ARG IA 197 -69.80 -12.84 -48.29
C ARG IA 197 -70.53 -12.89 -46.96
N LEU IA 198 -69.79 -12.96 -45.85
CA LEU IA 198 -70.45 -12.92 -44.55
C LEU IA 198 -71.11 -11.58 -44.29
N ALA IA 199 -70.56 -10.49 -44.82
CA ALA IA 199 -71.25 -9.22 -44.75
C ALA IA 199 -72.53 -9.26 -45.59
N ILE IA 200 -72.48 -9.92 -46.73
CA ILE IA 200 -73.66 -10.03 -47.59
C ILE IA 200 -74.78 -10.76 -46.86
N GLN IA 201 -74.47 -11.92 -46.26
CA GLN IA 201 -75.49 -12.70 -45.58
C GLN IA 201 -75.94 -12.06 -44.27
N GLY IA 202 -75.22 -11.06 -43.76
CA GLY IA 202 -75.63 -10.42 -42.52
C GLY IA 202 -76.92 -9.64 -42.66
N ARG IA 203 -77.12 -9.00 -43.81
CA ARG IA 203 -78.25 -8.11 -44.00
C ARG IA 203 -79.55 -8.89 -44.11
N ASN IA 204 -80.64 -8.24 -43.67
CA ASN IA 204 -81.98 -8.79 -43.83
C ASN IA 204 -82.56 -8.32 -45.17
N SER IA 205 -83.87 -8.47 -45.36
CA SER IA 205 -84.47 -8.16 -46.65
C SER IA 205 -84.31 -6.69 -47.02
N THR IA 206 -84.85 -5.79 -46.20
CA THR IA 206 -84.91 -4.38 -46.57
C THR IA 206 -83.53 -3.73 -46.57
N MET IA 207 -82.75 -3.99 -45.52
CA MET IA 207 -81.44 -3.36 -45.41
C MET IA 207 -80.54 -3.77 -46.56
N ALA IA 208 -80.60 -5.03 -46.98
CA ALA IA 208 -79.84 -5.46 -48.15
C ALA IA 208 -80.28 -4.70 -49.39
N ILE IA 209 -81.59 -4.48 -49.56
CA ILE IA 209 -82.08 -3.75 -50.71
C ILE IA 209 -81.51 -2.34 -50.72
N LYS IA 210 -81.62 -1.64 -49.58
CA LYS IA 210 -81.16 -0.25 -49.55
C LYS IA 210 -79.64 -0.17 -49.74
N ALA IA 211 -78.90 -1.10 -49.16
CA ALA IA 211 -77.45 -1.09 -49.34
C ALA IA 211 -77.07 -1.35 -50.79
N TYR IA 212 -77.70 -2.33 -51.42
CA TYR IA 212 -77.37 -2.65 -52.81
C TYR IA 212 -77.73 -1.50 -53.74
N VAL IA 213 -78.90 -0.89 -53.54
CA VAL IA 213 -79.32 0.19 -54.41
C VAL IA 213 -78.45 1.42 -54.19
N SER IA 214 -78.01 1.64 -52.95
CA SER IA 214 -77.12 2.77 -52.70
C SER IA 214 -75.81 2.64 -53.47
N ALA IA 215 -75.47 1.43 -53.90
CA ALA IA 215 -74.18 1.18 -54.55
C ALA IA 215 -74.15 1.63 -56.01
N VAL IA 216 -75.29 1.67 -56.68
CA VAL IA 216 -75.27 1.92 -58.14
C VAL IA 216 -74.84 3.36 -58.40
N PRO IA 217 -74.26 3.66 -59.56
CA PRO IA 217 -73.84 5.04 -59.84
C PRO IA 217 -75.03 5.98 -59.98
N ASN IA 218 -74.79 7.25 -59.65
CA ASN IA 218 -75.69 8.37 -59.85
C ASN IA 218 -76.94 8.35 -58.96
N VAL IA 219 -77.13 7.32 -58.15
CA VAL IA 219 -78.30 7.26 -57.27
C VAL IA 219 -78.10 8.24 -56.12
N THR IA 220 -79.19 8.91 -55.73
CA THR IA 220 -79.14 9.90 -54.66
C THR IA 220 -79.79 9.42 -53.38
N SER IA 221 -81.04 8.98 -53.44
CA SER IA 221 -81.76 8.57 -52.24
C SER IA 221 -82.70 7.42 -52.57
N VAL IA 222 -83.08 6.69 -51.52
CA VAL IA 222 -83.92 5.50 -51.64
C VAL IA 222 -84.92 5.49 -50.49
N ASN IA 223 -86.14 5.05 -50.77
CA ASN IA 223 -87.14 4.79 -49.74
C ASN IA 223 -87.70 3.38 -49.92
N VAL IA 224 -87.75 2.63 -48.82
CA VAL IA 224 -88.27 1.27 -48.82
C VAL IA 224 -89.19 1.11 -47.63
N ILE IA 225 -90.29 0.39 -47.82
CA ILE IA 225 -91.22 0.10 -46.73
C ILE IA 225 -92.01 -1.15 -47.08
N GLU IA 226 -92.35 -1.93 -46.04
CA GLU IA 226 -93.10 -3.16 -46.19
C GLU IA 226 -94.43 -3.03 -45.46
N ASN IA 227 -95.52 -3.31 -46.18
CA ASN IA 227 -96.84 -3.22 -45.57
C ASN IA 227 -97.05 -4.32 -44.54
N ASN IA 228 -96.70 -5.56 -44.89
CA ASN IA 228 -96.79 -6.72 -44.01
C ASN IA 228 -98.23 -7.06 -43.66
N THR IA 229 -99.19 -6.28 -44.15
CA THR IA 229 -100.61 -6.53 -43.93
C THR IA 229 -101.38 -6.00 -45.13
N GLY IA 230 -102.70 -6.20 -45.10
CA GLY IA 230 -103.61 -5.65 -46.07
C GLY IA 230 -104.21 -4.31 -45.71
N ALA IA 231 -103.71 -3.68 -44.65
CA ALA IA 231 -104.16 -2.38 -44.19
C ALA IA 231 -103.27 -1.28 -44.76
N VAL IA 232 -103.44 -0.06 -44.25
CA VAL IA 232 -102.62 1.08 -44.62
C VAL IA 232 -101.67 1.38 -43.46
N GLN IA 233 -100.37 1.32 -43.73
CA GLN IA 233 -99.36 1.50 -42.70
C GLN IA 233 -98.69 2.88 -42.74
N VAL IA 234 -98.20 3.29 -43.91
CA VAL IA 234 -97.69 4.65 -44.10
C VAL IA 234 -98.44 5.27 -45.27
N VAL IA 235 -98.64 4.49 -46.32
CA VAL IA 235 -99.36 4.92 -47.50
C VAL IA 235 -100.40 3.85 -47.83
N ASN IA 236 -101.38 4.24 -48.64
CA ASN IA 236 -102.49 3.35 -48.94
C ASN IA 236 -102.05 2.24 -49.89
N GLY IA 237 -101.16 1.37 -49.41
CA GLY IA 237 -100.74 0.25 -50.23
C GLY IA 237 -101.47 -1.03 -49.89
N VAL IA 238 -102.51 -1.34 -50.66
CA VAL IA 238 -103.23 -2.59 -50.50
C VAL IA 238 -103.32 -3.18 -51.91
N SER IA 239 -102.32 -2.86 -52.74
CA SER IA 239 -102.27 -3.41 -54.09
C SER IA 239 -102.36 -4.93 -54.05
N PHE IA 240 -101.50 -5.55 -53.27
CA PHE IA 240 -101.62 -6.93 -52.83
C PHE IA 240 -101.65 -6.96 -51.31
N THR IA 241 -101.86 -8.16 -50.76
CA THR IA 241 -101.88 -8.27 -49.31
C THR IA 241 -100.49 -8.19 -48.70
N LEU IA 242 -99.45 -8.60 -49.44
CA LEU IA 242 -98.08 -8.64 -48.91
C LEU IA 242 -97.07 -8.24 -49.98
N PRO IA 243 -97.08 -6.97 -50.45
CA PRO IA 243 -96.00 -6.51 -51.34
C PRO IA 243 -94.75 -6.10 -50.59
N TYR IA 244 -93.78 -5.58 -51.34
CA TYR IA 244 -92.72 -4.72 -50.80
C TYR IA 244 -92.73 -3.42 -51.58
N ALA IA 245 -92.94 -2.31 -50.87
CA ALA IA 245 -93.09 -1.01 -51.50
C ALA IA 245 -91.73 -0.31 -51.56
N VAL IA 246 -91.33 0.07 -52.77
CA VAL IA 246 -90.00 0.61 -53.02
C VAL IA 246 -90.12 1.92 -53.78
N TRP IA 247 -89.29 2.90 -53.41
CA TRP IA 247 -89.18 4.15 -54.15
C TRP IA 247 -87.71 4.54 -54.25
N VAL IA 248 -87.27 4.87 -55.46
CA VAL IA 248 -85.87 5.18 -55.71
C VAL IA 248 -85.78 6.50 -56.47
N CYS IA 249 -84.89 7.38 -56.02
CA CYS IA 249 -84.57 8.62 -56.72
C CYS IA 249 -83.19 8.51 -57.33
N VAL IA 250 -82.93 9.37 -58.31
CA VAL IA 250 -81.68 9.33 -59.06
C VAL IA 250 -81.50 10.66 -59.77
N ALA IA 251 -80.26 10.96 -60.15
CA ALA IA 251 -79.94 12.16 -60.93
C ALA IA 251 -79.89 11.87 -62.42
N GLY IA 252 -80.68 10.93 -62.90
CA GLY IA 252 -80.76 10.64 -64.33
C GLY IA 252 -80.76 9.18 -64.66
N ASN IA 253 -80.04 8.37 -63.87
CA ASN IA 253 -79.95 6.93 -64.04
C ASN IA 253 -79.58 6.54 -65.47
N PRO IA 254 -78.33 6.77 -65.89
CA PRO IA 254 -77.92 6.30 -67.22
C PRO IA 254 -78.02 4.79 -67.38
N ASP IA 255 -77.79 4.03 -66.32
CA ASP IA 255 -77.82 2.57 -66.37
C ASP IA 255 -79.17 2.09 -65.84
N LYS IA 256 -80.18 2.18 -66.70
CA LYS IA 256 -81.50 1.71 -66.33
C LYS IA 256 -81.50 0.21 -66.05
N GLN IA 257 -80.78 -0.55 -66.89
CA GLN IA 257 -80.73 -2.00 -66.71
C GLN IA 257 -80.04 -2.37 -65.40
N ALA IA 258 -78.98 -1.64 -65.05
CA ALA IA 258 -78.23 -1.97 -63.84
C ALA IA 258 -79.06 -1.81 -62.58
N VAL IA 259 -79.99 -0.84 -62.57
CA VAL IA 259 -80.84 -0.63 -61.41
C VAL IA 259 -81.71 -1.86 -61.17
N ALA IA 260 -82.28 -2.42 -62.24
CA ALA IA 260 -83.04 -3.65 -62.10
C ALA IA 260 -82.15 -4.79 -61.62
N ASP IA 261 -80.91 -4.85 -62.11
CA ASP IA 261 -79.98 -5.88 -61.69
C ASP IA 261 -79.72 -5.80 -60.19
N ALA IA 262 -79.54 -4.58 -59.68
CA ALA IA 262 -79.30 -4.41 -58.25
C ALA IA 262 -80.49 -4.89 -57.43
N LEU IA 263 -81.71 -4.52 -57.85
CA LEU IA 263 -82.90 -4.98 -57.14
C LEU IA 263 -83.03 -6.49 -57.19
N TRP IA 264 -82.77 -7.08 -58.36
CA TRP IA 264 -82.90 -8.51 -58.53
C TRP IA 264 -81.93 -9.29 -57.64
N ALA IA 265 -80.85 -8.65 -57.18
CA ALA IA 265 -79.94 -9.32 -56.27
C ALA IA 265 -80.64 -9.68 -54.96
N ALA IA 266 -81.51 -8.81 -54.48
CA ALA IA 266 -82.20 -9.02 -53.20
C ALA IA 266 -83.61 -9.52 -53.47
N HIS IA 267 -83.90 -10.73 -53.03
CA HIS IA 267 -85.22 -11.31 -53.15
C HIS IA 267 -85.44 -12.28 -52.00
N ASN IA 268 -86.71 -12.52 -51.67
CA ASN IA 268 -87.06 -13.30 -50.48
C ASN IA 268 -87.64 -14.68 -50.80
N GLY IA 269 -88.22 -14.87 -51.97
CA GLY IA 269 -88.68 -16.17 -52.41
C GLY IA 269 -90.17 -16.38 -52.37
N GLY IA 270 -90.92 -15.53 -51.67
CA GLY IA 270 -92.35 -15.69 -51.61
C GLY IA 270 -93.12 -14.38 -51.59
N THR IA 271 -92.48 -13.31 -52.02
CA THR IA 271 -93.10 -11.98 -51.96
C THR IA 271 -93.01 -11.28 -53.30
N PRO IA 272 -94.15 -10.90 -53.90
CA PRO IA 272 -94.12 -10.13 -55.14
C PRO IA 272 -93.70 -8.69 -54.89
N TRP IA 273 -93.32 -8.02 -55.99
CA TRP IA 273 -92.80 -6.65 -55.91
C TRP IA 273 -93.73 -5.61 -56.52
N ASP IA 274 -94.81 -6.03 -57.19
CA ASP IA 274 -95.68 -5.08 -57.86
C ASP IA 274 -96.38 -4.17 -56.84
N TYR IA 275 -96.51 -2.90 -57.21
CA TYR IA 275 -97.13 -1.92 -56.32
C TYR IA 275 -97.67 -0.77 -57.14
N GLY IA 276 -98.64 -0.07 -56.56
CA GLY IA 276 -99.25 1.09 -57.17
C GLY IA 276 -100.74 1.12 -56.90
N ALA IA 277 -101.26 2.33 -56.70
CA ALA IA 277 -102.69 2.54 -56.50
C ALA IA 277 -103.17 3.74 -57.30
N THR IA 278 -102.57 3.95 -58.47
CA THR IA 278 -102.88 5.01 -59.41
C THR IA 278 -102.70 6.41 -58.81
N ASN IA 279 -102.13 6.50 -57.61
CA ASN IA 279 -101.89 7.78 -56.96
C ASN IA 279 -100.49 7.91 -56.38
N ASN IA 280 -99.81 6.80 -56.10
CA ASN IA 280 -98.47 6.84 -55.51
C ASN IA 280 -97.45 7.12 -56.61
N GLY IA 281 -96.17 6.91 -56.30
CA GLY IA 281 -95.12 7.25 -57.25
C GLY IA 281 -95.32 6.53 -58.57
N VAL IA 282 -95.15 7.28 -59.65
CA VAL IA 282 -95.44 6.78 -60.99
C VAL IA 282 -94.41 5.73 -61.39
N PRO IA 283 -94.83 4.52 -61.72
CA PRO IA 283 -93.88 3.50 -62.15
C PRO IA 283 -93.29 3.83 -63.51
N VAL IA 284 -92.07 3.34 -63.74
CA VAL IA 284 -91.42 3.56 -65.03
C VAL IA 284 -92.19 2.85 -66.14
N ASP IA 285 -92.58 1.60 -65.91
CA ASP IA 285 -93.29 0.82 -66.90
C ASP IA 285 -94.44 0.07 -66.24
N GLY IA 286 -95.43 -0.28 -67.06
CA GLY IA 286 -96.63 -0.91 -66.57
C GLY IA 286 -96.40 -2.32 -66.05
N PRO IA 287 -96.08 -3.26 -66.94
CA PRO IA 287 -95.97 -4.66 -66.50
C PRO IA 287 -94.62 -5.05 -65.90
N ASN IA 288 -93.52 -4.44 -66.36
CA ASN IA 288 -92.20 -4.87 -65.92
C ASN IA 288 -91.15 -3.88 -66.40
N GLY IA 289 -90.01 -3.89 -65.72
CA GLY IA 289 -88.85 -3.11 -66.11
C GLY IA 289 -87.83 -3.92 -66.86
N VAL IA 290 -88.25 -5.07 -67.36
CA VAL IA 290 -87.47 -6.02 -68.18
C VAL IA 290 -86.06 -6.20 -67.61
N PRO IA 291 -85.91 -6.89 -66.48
CA PRO IA 291 -84.58 -7.17 -65.95
C PRO IA 291 -83.84 -8.19 -66.81
N VAL IA 292 -82.52 -8.24 -66.62
CA VAL IA 292 -81.71 -9.25 -67.29
C VAL IA 292 -82.16 -10.63 -66.84
N ARG IA 293 -82.06 -11.61 -67.74
CA ARG IA 293 -82.47 -12.98 -67.41
C ARG IA 293 -81.66 -13.51 -66.23
N ASP IA 294 -80.36 -13.72 -66.42
CA ASP IA 294 -79.48 -14.23 -65.38
C ASP IA 294 -78.02 -14.12 -65.83
N PRO IA 295 -77.11 -13.71 -64.95
CA PRO IA 295 -75.69 -13.72 -65.32
C PRO IA 295 -75.17 -15.12 -65.63
N ALA IA 296 -75.72 -16.15 -65.00
CA ALA IA 296 -75.17 -17.50 -65.18
C ALA IA 296 -76.27 -18.53 -64.98
N SER IA 297 -76.62 -19.23 -66.05
CA SER IA 297 -77.51 -20.40 -66.01
C SER IA 297 -78.87 -20.04 -65.41
N GLY IA 298 -79.59 -19.20 -66.15
CA GLY IA 298 -80.93 -18.84 -65.71
C GLY IA 298 -81.71 -18.22 -66.84
N ARG IA 299 -82.97 -17.91 -66.55
CA ARG IA 299 -83.92 -17.41 -67.52
C ARG IA 299 -84.49 -16.07 -67.04
N LYS IA 300 -85.40 -15.53 -67.85
CA LYS IA 300 -85.94 -14.19 -67.62
C LYS IA 300 -86.77 -14.12 -66.34
N TYR IA 301 -86.61 -13.02 -65.62
CA TYR IA 301 -87.41 -12.72 -64.43
C TYR IA 301 -87.94 -11.30 -64.52
N VAL IA 302 -88.90 -10.98 -63.67
CA VAL IA 302 -89.57 -9.68 -63.66
C VAL IA 302 -89.52 -9.10 -62.26
N VAL IA 303 -89.53 -7.77 -62.20
CA VAL IA 303 -89.55 -7.04 -60.93
C VAL IA 303 -89.98 -5.61 -61.23
N LYS IA 304 -90.59 -4.95 -60.25
CA LYS IA 304 -91.15 -3.62 -60.44
C LYS IA 304 -90.57 -2.64 -59.43
N TRP IA 305 -90.31 -1.42 -59.89
CA TRP IA 305 -89.90 -0.33 -59.02
C TRP IA 305 -90.46 0.97 -59.55
N THR IA 306 -90.62 1.95 -58.66
CA THR IA 306 -91.23 3.23 -58.97
C THR IA 306 -90.23 4.36 -58.76
N THR IA 307 -90.63 5.55 -59.16
CA THR IA 307 -89.85 6.77 -59.00
C THR IA 307 -90.73 7.85 -58.38
N PRO IA 308 -90.14 8.79 -57.65
CA PRO IA 308 -90.95 9.79 -56.95
C PRO IA 308 -91.50 10.83 -57.91
N ILE IA 309 -92.36 11.68 -57.37
CA ILE IA 309 -93.02 12.73 -58.14
C ILE IA 309 -92.24 14.02 -57.95
N MET IA 310 -91.70 14.55 -59.04
CA MET IA 310 -90.92 15.79 -58.97
C MET IA 310 -91.79 16.95 -58.52
N TYR IA 311 -91.20 17.83 -57.71
CA TYR IA 311 -91.92 18.98 -57.17
C TYR IA 311 -91.05 20.23 -57.32
N ASP IA 312 -91.66 21.38 -57.10
CA ASP IA 312 -90.96 22.65 -57.10
C ASP IA 312 -91.37 23.43 -55.86
N GLY IA 313 -90.39 23.93 -55.11
CA GLY IA 313 -90.64 24.65 -53.88
C GLY IA 313 -90.50 26.15 -54.06
N TYR IA 314 -91.38 26.89 -53.38
CA TYR IA 314 -91.39 28.34 -53.44
C TYR IA 314 -91.19 28.90 -52.03
N VAL IA 315 -90.21 29.78 -51.87
CA VAL IA 315 -89.88 30.33 -50.56
C VAL IA 315 -89.73 31.84 -50.67
N ASN IA 316 -90.25 32.54 -49.67
CA ASN IA 316 -90.07 33.98 -49.52
C ASN IA 316 -89.14 34.24 -48.36
N VAL IA 317 -88.16 35.11 -48.56
CA VAL IA 317 -87.21 35.50 -47.52
C VAL IA 317 -87.13 37.01 -47.46
N THR IA 318 -87.14 37.55 -46.23
CA THR IA 318 -86.97 38.97 -46.00
C THR IA 318 -85.81 39.16 -45.04
N VAL IA 319 -84.86 40.02 -45.42
CA VAL IA 319 -83.61 40.19 -44.69
C VAL IA 319 -83.24 41.66 -44.68
N GLN IA 320 -82.49 42.06 -43.65
CA GLN IA 320 -81.90 43.38 -43.55
C GLN IA 320 -80.39 43.25 -43.66
N GLN IA 321 -79.77 44.20 -44.37
CA GLN IA 321 -78.35 44.08 -44.68
C GLN IA 321 -77.50 44.07 -43.42
N GLY IA 322 -77.81 44.93 -42.47
CA GLY IA 322 -76.99 45.07 -41.27
C GLY IA 322 -75.91 46.13 -41.46
N SER IA 323 -74.65 45.71 -41.36
CA SER IA 323 -73.52 46.61 -41.54
C SER IA 323 -72.59 46.17 -42.67
N SER IA 324 -72.90 45.06 -43.34
CA SER IA 324 -72.12 44.60 -44.49
C SER IA 324 -73.09 44.17 -45.58
N SER IA 325 -72.76 44.50 -46.82
CA SER IA 325 -73.64 44.24 -47.95
C SER IA 325 -73.15 43.04 -48.73
N VAL IA 326 -74.07 42.13 -49.05
CA VAL IA 326 -73.76 40.90 -49.78
C VAL IA 326 -74.79 40.74 -50.90
N ALA IA 327 -74.31 40.34 -52.07
CA ALA IA 327 -75.20 40.16 -53.21
C ALA IA 327 -76.21 39.04 -52.93
N PRO IA 328 -77.44 39.18 -53.42
CA PRO IA 328 -78.45 38.13 -53.17
C PRO IA 328 -78.05 36.78 -53.74
N GLU IA 329 -77.33 36.78 -54.86
CA GLU IA 329 -76.97 35.52 -55.50
C GLU IA 329 -76.10 34.66 -54.60
N ALA IA 330 -75.31 35.27 -53.73
CA ALA IA 330 -74.50 34.49 -52.79
C ALA IA 330 -75.39 33.68 -51.85
N ILE IA 331 -76.38 34.34 -51.25
CA ILE IA 331 -77.31 33.64 -50.37
C ILE IA 331 -78.09 32.59 -51.14
N GLN IA 332 -78.53 32.93 -52.34
CA GLN IA 332 -79.30 31.99 -53.15
C GLN IA 332 -78.49 30.73 -53.44
N ASN IA 333 -77.24 30.90 -53.88
CA ASN IA 333 -76.43 29.73 -54.21
C ASN IA 333 -76.11 28.92 -52.98
N ALA IA 334 -75.84 29.59 -51.85
CA ALA IA 334 -75.60 28.86 -50.61
C ALA IA 334 -76.80 28.00 -50.25
N VAL IA 335 -78.01 28.56 -50.36
CA VAL IA 335 -79.20 27.79 -50.02
C VAL IA 335 -79.35 26.61 -50.97
N VAL IA 336 -79.24 26.85 -52.28
CA VAL IA 336 -79.56 25.80 -53.24
C VAL IA 336 -78.53 24.67 -53.17
N ASN IA 337 -77.26 24.99 -52.98
CA ASN IA 337 -76.29 23.92 -52.85
C ASN IA 337 -76.22 23.36 -51.45
N TYR IA 338 -76.92 23.97 -50.48
CA TYR IA 338 -77.25 23.24 -49.27
C TYR IA 338 -78.32 22.19 -49.55
N ALA IA 339 -79.27 22.52 -50.43
CA ALA IA 339 -80.38 21.61 -50.69
C ALA IA 339 -79.88 20.26 -51.18
N GLN IA 340 -78.74 20.22 -51.86
CA GLN IA 340 -78.13 18.95 -52.21
C GLN IA 340 -77.28 18.38 -51.08
N GLY IA 341 -77.01 19.16 -50.03
CA GLY IA 341 -76.35 18.64 -48.85
C GLY IA 341 -74.84 18.50 -48.96
N LYS IA 342 -74.13 19.62 -49.15
CA LYS IA 342 -72.67 19.54 -49.18
C LYS IA 342 -72.10 19.24 -47.80
N VAL IA 343 -72.76 19.70 -46.75
CA VAL IA 343 -72.21 19.76 -45.41
C VAL IA 343 -72.65 18.53 -44.63
N GLU IA 344 -71.75 18.00 -43.81
CA GLU IA 344 -72.06 16.85 -42.98
C GLU IA 344 -73.15 17.20 -41.97
N GLY IA 345 -73.95 16.20 -41.62
CA GLY IA 345 -75.01 16.35 -40.66
C GLY IA 345 -76.37 16.66 -41.24
N GLU IA 346 -76.45 17.03 -42.51
CA GLU IA 346 -77.72 17.32 -43.17
C GLU IA 346 -77.77 16.55 -44.48
N GLU IA 347 -78.68 15.57 -44.55
CA GLU IA 347 -78.78 14.72 -45.73
C GLU IA 347 -79.29 15.50 -46.94
N GLY IA 348 -80.26 16.38 -46.72
CA GLY IA 348 -80.82 17.16 -47.81
C GLY IA 348 -82.29 16.87 -48.05
N LEU IA 349 -82.79 17.18 -49.24
CA LEU IA 349 -84.18 16.96 -49.57
C LEU IA 349 -84.33 15.61 -50.31
N VAL IA 350 -84.16 14.55 -49.53
CA VAL IA 350 -84.26 13.18 -50.02
C VAL IA 350 -85.73 12.80 -50.12
N VAL IA 351 -86.00 11.65 -50.74
CA VAL IA 351 -87.37 11.17 -50.86
C VAL IA 351 -87.99 11.08 -49.46
N GLY IA 352 -89.25 11.49 -49.37
CA GLY IA 352 -89.96 11.47 -48.10
C GLY IA 352 -89.35 12.37 -47.04
N ALA IA 353 -88.80 13.52 -47.43
CA ALA IA 353 -88.25 14.48 -46.51
C ALA IA 353 -89.04 15.78 -46.64
N SER IA 354 -89.67 16.20 -45.55
CA SER IA 354 -90.42 17.44 -45.55
C SER IA 354 -89.47 18.63 -45.56
N LEU IA 355 -90.03 19.80 -45.88
CA LEU IA 355 -89.26 21.03 -45.97
C LEU IA 355 -89.87 22.06 -45.03
N SER IA 356 -89.04 22.69 -44.22
CA SER IA 356 -89.49 23.74 -43.30
C SER IA 356 -88.55 24.93 -43.39
N ALA IA 357 -89.12 26.12 -43.27
CA ALA IA 357 -88.31 27.34 -43.35
C ALA IA 357 -87.34 27.44 -42.18
N PHE IA 358 -87.65 26.80 -41.05
CA PHE IA 358 -86.76 26.85 -39.91
C PHE IA 358 -85.40 26.23 -40.25
N GLU IA 359 -85.41 25.08 -40.92
CA GLU IA 359 -84.16 24.42 -41.26
C GLU IA 359 -83.41 25.21 -42.33
N VAL IA 360 -84.12 25.87 -43.24
CA VAL IA 360 -83.46 26.72 -44.23
C VAL IA 360 -82.76 27.88 -43.54
N ALA IA 361 -83.44 28.52 -42.58
CA ALA IA 361 -82.82 29.59 -41.83
C ALA IA 361 -81.63 29.08 -41.03
N GLY IA 362 -81.73 27.87 -40.49
CA GLY IA 362 -80.60 27.29 -39.78
C GLY IA 362 -79.41 27.06 -40.68
N ALA IA 363 -79.65 26.58 -41.91
CA ALA IA 363 -78.57 26.40 -42.86
C ALA IA 363 -77.93 27.74 -43.20
N ILE IA 364 -78.74 28.77 -43.40
CA ILE IA 364 -78.20 30.09 -43.67
C ILE IA 364 -77.33 30.57 -42.52
N ALA IA 365 -77.82 30.39 -41.29
CA ALA IA 365 -77.09 30.87 -40.12
C ALA IA 365 -75.78 30.14 -39.95
N ARG IA 366 -75.79 28.81 -40.08
CA ARG IA 366 -74.55 28.05 -39.97
C ARG IA 366 -73.59 28.40 -41.11
N GLU IA 367 -74.13 28.78 -42.26
CA GLU IA 367 -73.29 29.17 -43.39
C GLU IA 367 -72.62 30.51 -43.14
N ILE IA 368 -73.38 31.49 -42.65
CA ILE IA 368 -72.83 32.81 -42.35
C ILE IA 368 -73.45 33.36 -41.07
N PRO IA 369 -72.68 33.52 -40.00
CA PRO IA 369 -73.21 34.15 -38.79
C PRO IA 369 -73.14 35.66 -38.87
N GLY IA 370 -73.51 36.33 -37.78
CA GLY IA 370 -73.45 37.78 -37.74
C GLY IA 370 -74.38 38.48 -38.70
N ILE IA 371 -75.56 37.91 -38.96
CA ILE IA 371 -76.54 38.51 -39.85
C ILE IA 371 -77.92 38.39 -39.21
N TYR IA 372 -78.85 39.20 -39.71
CA TYR IA 372 -80.21 39.28 -39.18
C TYR IA 372 -81.21 38.75 -40.20
N ILE IA 373 -82.19 38.00 -39.72
CA ILE IA 373 -83.24 37.43 -40.55
C ILE IA 373 -84.58 37.94 -40.07
N LYS IA 374 -85.39 38.45 -40.99
CA LYS IA 374 -86.69 39.02 -40.63
C LYS IA 374 -87.82 37.99 -40.73
N LEU IA 375 -88.03 37.43 -41.91
CA LEU IA 375 -89.11 36.47 -42.12
C LEU IA 375 -88.67 35.47 -43.18
N CYS IA 376 -89.25 34.28 -43.10
CA CYS IA 376 -88.99 33.23 -44.08
C CYS IA 376 -90.21 32.32 -44.13
N GLN IA 377 -90.95 32.37 -45.23
CA GLN IA 377 -92.09 31.50 -45.44
C GLN IA 377 -91.91 30.75 -46.75
N VAL IA 378 -92.54 29.58 -46.86
CA VAL IA 378 -92.29 28.65 -47.94
C VAL IA 378 -93.61 28.11 -48.47
N ALA IA 379 -93.55 27.56 -49.69
CA ALA IA 379 -94.68 26.84 -50.28
C ALA IA 379 -94.14 25.86 -51.30
N CYS IA 380 -94.97 24.88 -51.64
CA CYS IA 380 -94.57 23.86 -52.62
C CYS IA 380 -95.81 23.27 -53.27
N VAL IA 381 -95.85 23.28 -54.60
CA VAL IA 381 -96.96 22.76 -55.37
C VAL IA 381 -96.42 21.79 -56.42
N ALA IA 382 -97.32 21.30 -57.27
CA ALA IA 382 -96.93 20.37 -58.31
C ALA IA 382 -96.01 21.04 -59.33
N ALA IA 383 -95.12 20.25 -59.91
CA ALA IA 383 -94.17 20.78 -60.88
C ALA IA 383 -94.88 21.13 -62.17
N GLY IA 384 -94.43 22.22 -62.80
CA GLY IA 384 -94.99 22.69 -64.05
C GLY IA 384 -96.14 23.67 -63.90
N SER IA 385 -96.65 23.87 -62.70
CA SER IA 385 -97.74 24.79 -62.46
C SER IA 385 -97.22 26.24 -62.47
N PRO IA 386 -98.09 27.20 -62.78
CA PRO IA 386 -97.68 28.61 -62.71
C PRO IA 386 -97.36 29.01 -61.28
N ALA IA 387 -96.59 30.08 -61.16
CA ALA IA 387 -96.16 30.54 -59.84
C ALA IA 387 -97.37 30.95 -59.01
N PRO IA 388 -97.47 30.49 -57.76
CA PRO IA 388 -98.66 30.78 -56.95
C PRO IA 388 -98.61 32.18 -56.34
N ALA IA 389 -99.77 32.60 -55.84
CA ALA IA 389 -99.89 33.90 -55.21
C ALA IA 389 -99.19 33.90 -53.86
N PRO IA 390 -98.82 35.09 -53.35
CA PRO IA 390 -98.16 35.15 -52.03
C PRO IA 390 -99.01 34.61 -50.90
N GLY IA 391 -100.33 34.56 -51.06
CA GLY IA 391 -101.17 33.98 -50.03
C GLY IA 391 -101.10 32.47 -49.94
N ASP IA 392 -100.35 31.82 -50.83
CA ASP IA 392 -100.21 30.38 -50.85
C ASP IA 392 -99.00 29.89 -50.05
N PHE IA 393 -98.26 30.79 -49.41
CA PHE IA 393 -97.07 30.42 -48.67
C PHE IA 393 -97.41 30.00 -47.24
N THR IA 394 -96.44 29.36 -46.58
CA THR IA 394 -96.62 28.89 -45.22
C THR IA 394 -95.24 28.71 -44.59
N SER IA 395 -95.25 28.42 -43.29
CA SER IA 395 -93.99 28.19 -42.58
C SER IA 395 -93.41 26.82 -42.94
N GLU IA 396 -94.25 25.78 -42.97
CA GLU IA 396 -93.79 24.43 -43.19
C GLU IA 396 -94.76 23.73 -44.12
N TYR IA 397 -94.23 22.90 -45.02
CA TYR IA 397 -95.01 22.15 -46.00
C TYR IA 397 -94.77 20.67 -45.78
N VAL IA 398 -95.75 19.97 -45.20
CA VAL IA 398 -95.68 18.52 -45.11
C VAL IA 398 -95.73 17.92 -46.50
N MET IA 399 -94.86 16.95 -46.75
CA MET IA 399 -94.73 16.39 -48.08
C MET IA 399 -94.80 14.87 -47.97
N SER IA 400 -95.35 14.23 -49.00
CA SER IA 400 -95.80 12.84 -48.90
C SER IA 400 -94.62 11.87 -48.87
N ALA IA 401 -94.95 10.62 -48.53
CA ALA IA 401 -93.92 9.58 -48.49
C ALA IA 401 -93.33 9.33 -49.87
N PHE IA 402 -94.15 9.35 -50.91
CA PHE IA 402 -93.71 9.05 -52.27
C PHE IA 402 -93.47 10.32 -53.09
N GLY IA 403 -93.01 11.39 -52.47
CA GLY IA 403 -92.75 12.61 -53.20
C GLY IA 403 -91.32 13.10 -53.09
N GLN IA 404 -90.85 13.82 -54.09
CA GLN IA 404 -89.50 14.38 -54.11
C GLN IA 404 -89.61 15.87 -54.39
N ALA IA 405 -88.93 16.68 -53.58
CA ALA IA 405 -88.93 18.12 -53.72
C ALA IA 405 -87.61 18.61 -54.29
N THR IA 406 -87.69 19.61 -55.18
CA THR IA 406 -86.52 20.17 -55.83
C THR IA 406 -86.54 21.69 -55.67
N ILE IA 407 -85.38 22.30 -55.88
CA ILE IA 407 -85.23 23.75 -55.74
C ILE IA 407 -84.48 24.30 -56.93
N SER IA 408 -84.73 25.57 -57.25
CA SER IA 408 -84.05 26.27 -58.33
C SER IA 408 -83.58 27.63 -57.86
N VAL IA 409 -82.46 28.08 -58.43
CA VAL IA 409 -81.88 29.36 -58.03
C VAL IA 409 -82.82 30.51 -58.37
N GLY IA 410 -83.32 30.53 -59.60
CA GLY IA 410 -84.23 31.59 -60.00
C GLY IA 410 -85.62 31.44 -59.42
N ASN IA 411 -85.99 30.23 -59.00
CA ASN IA 411 -87.30 30.04 -58.38
C ASN IA 411 -87.41 30.82 -57.08
N VAL IA 412 -86.34 30.83 -56.28
CA VAL IA 412 -86.34 31.55 -55.02
C VAL IA 412 -86.33 33.04 -55.29
N ARG IA 413 -87.23 33.78 -54.66
CA ARG IA 413 -87.28 35.23 -54.73
C ARG IA 413 -86.89 35.82 -53.38
N VAL IA 414 -85.95 36.76 -53.39
CA VAL IA 414 -85.43 37.35 -52.18
C VAL IA 414 -85.77 38.83 -52.16
N THR IA 415 -85.91 39.38 -50.96
CA THR IA 415 -86.22 40.80 -50.76
C THR IA 415 -85.23 41.39 -49.78
N PHE IA 416 -84.43 42.34 -50.24
CA PHE IA 416 -83.45 43.02 -49.39
C PHE IA 416 -84.06 44.35 -48.93
N VAL IA 417 -84.97 44.26 -47.99
CA VAL IA 417 -85.61 45.44 -47.44
C VAL IA 417 -84.57 46.26 -46.68
N LEU JA 1 4.04 59.26 9.42
CA LEU JA 1 5.46 59.54 9.18
C LEU JA 1 5.89 59.37 7.71
N PRO JA 2 5.49 58.28 7.05
CA PRO JA 2 5.82 58.15 5.62
C PRO JA 2 5.22 59.31 4.83
N ALA JA 3 5.97 59.75 3.82
CA ALA JA 3 5.56 60.91 3.04
C ALA JA 3 4.39 60.57 2.12
N TYR JA 4 3.50 61.53 1.93
CA TYR JA 4 2.38 61.42 1.01
C TYR JA 4 2.54 62.49 -0.05
N ASN JA 5 2.59 62.07 -1.32
CA ASN JA 5 2.91 63.01 -2.39
C ASN JA 5 1.67 63.68 -2.97
N SER JA 6 0.73 62.90 -3.50
CA SER JA 6 -0.52 63.41 -4.04
C SER JA 6 -0.28 64.49 -5.09
N ASP JA 7 0.37 64.10 -6.18
CA ASP JA 7 0.69 65.01 -7.26
C ASP JA 7 0.15 64.47 -8.57
N ILE JA 8 -0.43 65.37 -9.38
CA ILE JA 8 -0.97 64.97 -10.67
C ILE JA 8 0.14 64.61 -11.64
N GLN JA 9 1.25 65.35 -11.60
CA GLN JA 9 2.29 65.18 -12.60
C GLN JA 9 2.94 63.80 -12.55
N GLN JA 10 2.75 63.05 -11.46
CA GLN JA 10 3.34 61.73 -11.36
C GLN JA 10 2.85 60.79 -12.46
N ALA JA 11 1.69 61.09 -13.07
CA ALA JA 11 1.19 60.26 -14.14
C ALA JA 11 2.13 60.28 -15.34
N LEU JA 12 2.81 61.40 -15.57
CA LEU JA 12 3.71 61.49 -16.70
C LEU JA 12 4.94 60.61 -16.49
N LYS JA 13 5.21 59.74 -17.47
CA LYS JA 13 6.38 58.90 -17.49
C LYS JA 13 7.28 59.34 -18.63
N TRP JA 14 8.57 58.99 -18.54
CA TRP JA 14 9.53 59.65 -19.38
C TRP JA 14 9.78 58.92 -20.68
N LEU JA 15 8.84 58.06 -21.05
CA LEU JA 15 8.55 57.83 -22.45
C LEU JA 15 8.12 59.12 -23.13
N HIS JA 16 7.64 60.10 -22.36
CA HIS JA 16 7.08 61.34 -22.88
C HIS JA 16 8.03 62.48 -22.56
N ASN JA 17 8.87 62.84 -23.52
CA ASN JA 17 9.72 64.02 -23.40
C ASN JA 17 9.50 65.03 -24.52
N GLN JA 18 9.46 64.56 -25.76
CA GLN JA 18 9.26 65.44 -26.91
C GLN JA 18 7.81 65.49 -27.33
N ALA JA 19 6.88 65.30 -26.38
CA ALA JA 19 5.47 65.30 -26.67
C ALA JA 19 4.86 66.62 -26.24
N PRO JA 20 4.46 67.49 -27.15
CA PRO JA 20 3.78 68.72 -26.75
C PRO JA 20 2.34 68.48 -26.36
N GLY JA 21 1.70 67.49 -26.97
CA GLY JA 21 0.28 67.27 -26.78
C GLY JA 21 -0.13 66.69 -25.45
N ILE JA 22 0.28 65.44 -25.18
CA ILE JA 22 -0.18 64.77 -23.98
C ILE JA 22 0.37 65.45 -22.73
N THR JA 23 1.62 65.90 -22.78
CA THR JA 23 2.20 66.61 -21.64
C THR JA 23 1.45 67.91 -21.39
N GLY JA 24 1.14 68.65 -22.45
CA GLY JA 24 0.38 69.87 -22.29
C GLY JA 24 -1.00 69.62 -21.69
N LEU JA 25 -1.66 68.56 -22.14
CA LEU JA 25 -2.96 68.22 -21.60
C LEU JA 25 -2.88 67.93 -20.11
N ILE JA 26 -1.93 67.08 -19.71
CA ILE JA 26 -1.79 66.73 -18.30
C ILE JA 26 -1.47 67.97 -17.48
N GLN JA 27 -0.55 68.80 -17.98
CA GLN JA 27 -0.17 70.00 -17.23
C GLN JA 27 -1.36 70.94 -17.05
N ARG JA 28 -2.15 71.13 -18.10
CA ARG JA 28 -3.30 72.03 -18.02
C ARG JA 28 -4.31 71.50 -17.00
N LYS JA 29 -4.56 70.20 -17.00
CA LYS JA 29 -5.35 69.61 -15.93
C LYS JA 29 -4.73 69.90 -14.57
N ALA JA 30 -3.40 69.89 -14.50
CA ALA JA 30 -2.73 70.11 -13.24
C ALA JA 30 -3.01 71.51 -12.69
N GLN JA 31 -2.86 72.55 -13.52
CA GLN JA 31 -3.14 73.86 -12.93
C GLN JA 31 -4.63 74.07 -12.73
N TRP JA 32 -5.49 73.38 -13.51
CA TRP JA 32 -6.92 73.44 -13.21
C TRP JA 32 -7.18 72.97 -11.78
N TYR JA 33 -6.69 71.78 -11.44
CA TYR JA 33 -6.91 71.27 -10.10
C TYR JA 33 -6.18 72.11 -9.06
N ASP JA 34 -5.02 72.67 -9.40
CA ASP JA 34 -4.32 73.55 -8.47
C ASP JA 34 -5.15 74.78 -8.15
N ARG JA 35 -5.76 75.38 -9.17
CA ARG JA 35 -6.54 76.59 -8.97
C ARG JA 35 -7.81 76.31 -8.19
N PHE JA 36 -8.54 75.28 -8.57
CA PHE JA 36 -9.90 75.10 -8.07
C PHE JA 36 -10.02 74.04 -6.98
N SER JA 37 -8.91 73.58 -6.42
CA SER JA 37 -9.06 72.59 -5.36
C SER JA 37 -8.30 72.93 -4.09
N ARG JA 38 -7.11 73.52 -4.19
CA ARG JA 38 -6.30 73.80 -3.01
C ARG JA 38 -6.09 75.28 -2.75
N GLN JA 39 -5.79 76.07 -3.78
CA GLN JA 39 -5.75 77.51 -3.59
C GLN JA 39 -7.12 78.03 -3.16
N PHE JA 40 -8.19 77.40 -3.65
CA PHE JA 40 -9.52 77.67 -3.13
C PHE JA 40 -9.57 77.48 -1.62
N TRP JA 41 -9.06 76.36 -1.14
CA TRP JA 41 -9.11 76.09 0.29
C TRP JA 41 -8.28 77.09 1.07
N ALA JA 42 -7.12 77.48 0.53
CA ALA JA 42 -6.28 78.46 1.21
C ALA JA 42 -6.99 79.80 1.32
N ASN JA 43 -7.61 80.25 0.22
CA ASN JA 43 -8.35 81.52 0.27
C ASN JA 43 -9.52 81.43 1.22
N TRP JA 44 -10.26 80.32 1.20
CA TRP JA 44 -11.38 80.15 2.10
C TRP JA 44 -10.94 80.18 3.56
N GLU JA 45 -9.83 79.51 3.87
CA GLU JA 45 -9.32 79.52 5.23
C GLU JA 45 -8.89 80.92 5.64
N ARG JA 46 -8.23 81.65 4.76
CA ARG JA 46 -7.79 82.99 5.09
C ARG JA 46 -8.97 83.95 5.24
N ASP JA 47 -10.08 83.68 4.55
CA ASP JA 47 -11.26 84.53 4.68
C ASP JA 47 -12.03 84.21 5.96
N VAL JA 48 -12.26 82.93 6.23
CA VAL JA 48 -12.89 82.54 7.48
C VAL JA 48 -11.96 82.78 8.66
N PHE JA 49 -10.66 82.91 8.41
CA PHE JA 49 -9.72 83.38 9.43
C PHE JA 49 -10.19 84.71 9.98
N HIS JA 50 -10.55 84.73 11.27
CA HIS JA 50 -11.38 85.82 11.78
C HIS JA 50 -10.62 87.14 11.84
N LEU JA 51 -9.36 87.11 12.28
CA LEU JA 51 -8.61 88.35 12.44
C LEU JA 51 -8.40 89.08 11.12
N LYS JA 52 -8.50 88.38 9.99
CA LYS JA 52 -8.37 88.98 8.67
C LYS JA 52 -9.52 88.48 7.79
N THR JA 53 -10.75 88.73 8.25
CA THR JA 53 -11.93 88.41 7.47
C THR JA 53 -12.17 89.53 6.46
N ALA JA 54 -11.39 89.49 5.38
CA ALA JA 54 -11.47 90.55 4.37
C ALA JA 54 -12.84 90.58 3.71
N ASN JA 55 -13.39 89.43 3.37
CA ASN JA 55 -14.65 89.47 2.67
C ASN JA 55 -15.80 89.81 3.61
N PRO JA 56 -16.80 90.55 3.11
CA PRO JA 56 -18.04 90.70 3.88
C PRO JA 56 -18.78 89.39 4.08
N PHE JA 57 -18.58 88.41 3.19
CA PHE JA 57 -19.28 87.15 3.34
C PHE JA 57 -18.87 86.45 4.62
N GLY JA 58 -17.59 86.45 4.94
CA GLY JA 58 -17.15 85.86 6.20
C GLY JA 58 -17.76 86.55 7.40
N LEU JA 59 -17.86 87.88 7.34
CA LEU JA 59 -18.49 88.63 8.43
C LEU JA 59 -19.94 88.24 8.59
N MET JA 60 -20.67 88.11 7.47
CA MET JA 60 -22.06 87.67 7.56
C MET JA 60 -22.17 86.27 8.12
N VAL JA 61 -21.24 85.38 7.73
CA VAL JA 61 -21.25 84.02 8.27
C VAL JA 61 -21.04 84.05 9.76
N TRP JA 62 -20.09 84.85 10.24
CA TRP JA 62 -19.86 84.96 11.67
C TRP JA 62 -21.08 85.52 12.39
N CYS JA 63 -21.73 86.53 11.80
CA CYS JA 63 -22.95 87.07 12.39
C CYS JA 63 -24.02 85.99 12.53
N ILE JA 64 -24.16 85.17 11.48
CA ILE JA 64 -25.12 84.06 11.57
C ILE JA 64 -24.71 83.07 12.64
N ILE JA 65 -23.39 82.88 12.83
CA ILE JA 65 -22.91 81.99 13.88
C ILE JA 65 -23.36 82.50 15.24
N LEU JA 66 -23.20 83.79 15.49
CA LEU JA 66 -23.48 84.36 16.80
C LEU JA 66 -24.93 84.77 16.99
N GLY JA 67 -25.74 84.76 15.93
CA GLY JA 67 -27.15 85.07 16.04
C GLY JA 67 -27.50 86.54 16.13
N THR JA 68 -26.51 87.43 16.00
CA THR JA 68 -26.78 88.85 16.13
C THR JA 68 -27.54 89.38 14.91
N PRO JA 69 -28.33 90.43 15.09
CA PRO JA 69 -28.80 91.19 13.93
C PRO JA 69 -27.65 91.96 13.27
N SER JA 70 -27.83 92.26 11.99
CA SER JA 70 -26.77 92.85 11.20
C SER JA 70 -27.24 94.04 10.36
N LYS JA 71 -28.37 94.65 10.69
CA LYS JA 71 -28.89 95.73 9.86
C LYS JA 71 -28.00 96.96 9.90
N GLY JA 72 -27.40 97.26 11.04
CA GLY JA 72 -26.64 98.48 11.19
C GLY JA 72 -25.24 98.45 10.63
N PHE JA 73 -24.81 97.35 10.04
CA PHE JA 73 -23.44 97.19 9.56
C PHE JA 73 -23.41 97.39 8.05
N GLY JA 74 -22.52 98.27 7.59
CA GLY JA 74 -22.33 98.45 6.16
C GLY JA 74 -21.78 97.19 5.53
N LEU JA 75 -22.49 96.64 4.54
CA LEU JA 75 -22.10 95.35 3.98
C LEU JA 75 -20.89 95.49 3.06
N TYR JA 76 -21.01 96.28 2.00
CA TYR JA 76 -19.99 96.32 0.98
C TYR JA 76 -19.93 97.65 0.24
N PRO JA 77 -18.74 98.15 -0.05
CA PRO JA 77 -18.61 99.24 -1.02
C PRO JA 77 -18.39 98.70 -2.42
N LYS JA 78 -18.68 97.42 -2.60
CA LYS JA 78 -18.32 96.70 -3.80
C LYS JA 78 -19.10 97.22 -5.02
N ASN JA 79 -18.67 96.77 -6.20
CA ASN JA 79 -19.27 97.18 -7.46
C ASN JA 79 -20.71 96.70 -7.61
N SER JA 80 -21.15 95.74 -6.80
CA SER JA 80 -22.50 95.19 -6.95
C SER JA 80 -23.57 96.24 -6.64
N SER JA 81 -23.24 97.23 -5.82
CA SER JA 81 -24.21 98.27 -5.50
C SER JA 81 -24.37 99.22 -6.69
N TRP JA 82 -25.53 99.86 -6.74
CA TRP JA 82 -25.83 100.81 -7.80
C TRP JA 82 -24.99 102.08 -7.63
N ALA JA 83 -24.83 102.81 -8.74
CA ALA JA 83 -24.09 104.07 -8.78
C ALA JA 83 -22.61 103.86 -8.45
N PHE JA 84 -22.01 102.88 -9.11
CA PHE JA 84 -20.58 102.62 -8.99
C PHE JA 84 -20.12 101.88 -10.23
N GLY JA 85 -19.18 102.45 -10.97
CA GLY JA 85 -18.69 101.84 -12.17
C GLY JA 85 -17.44 102.52 -12.67
N ARG JA 86 -17.02 102.13 -13.88
CA ARG JA 86 -15.84 102.74 -14.49
C ARG JA 86 -16.12 104.17 -14.90
N LEU JA 87 -17.16 104.38 -15.72
CA LEU JA 87 -17.56 105.74 -16.06
C LEU JA 87 -18.45 106.33 -14.97
N ARG JA 88 -19.62 105.73 -14.77
CA ARG JA 88 -20.57 106.03 -13.69
C ARG JA 88 -20.91 107.51 -13.60
N GLN JA 89 -20.56 108.29 -14.62
CA GLN JA 89 -20.82 109.72 -14.61
C GLN JA 89 -22.20 110.06 -15.15
N ASN JA 90 -22.96 109.07 -15.61
CA ASN JA 90 -24.24 109.34 -16.23
C ASN JA 90 -25.29 109.67 -15.17
N PHE JA 91 -26.15 110.64 -15.47
CA PHE JA 91 -27.22 111.07 -14.57
C PHE JA 91 -26.68 111.52 -13.21
N ILE JA 92 -25.51 112.13 -13.19
CA ILE JA 92 -24.92 112.66 -11.96
C ILE JA 92 -24.31 114.03 -12.29
N TYR JA 93 -24.00 114.77 -11.23
CA TYR JA 93 -23.43 116.11 -11.36
C TYR JA 93 -21.93 115.98 -11.64
N SER JA 94 -21.53 116.25 -12.89
CA SER JA 94 -20.14 116.16 -13.31
C SER JA 94 -19.49 117.52 -13.48
N GLY JA 95 -19.95 118.52 -12.73
CA GLY JA 95 -19.44 119.86 -12.85
C GLY JA 95 -20.12 120.71 -13.90
N THR JA 96 -21.01 120.13 -14.69
CA THR JA 96 -21.73 120.92 -15.69
C THR JA 96 -22.77 121.82 -15.03
N GLN JA 97 -23.53 121.28 -14.07
CA GLN JA 97 -24.61 122.02 -13.43
C GLN JA 97 -24.24 122.48 -12.02
N VAL JA 98 -23.83 121.54 -11.16
CA VAL JA 98 -23.46 121.88 -9.80
C VAL JA 98 -22.13 121.20 -9.47
N PRO JA 99 -21.18 121.91 -8.87
CA PRO JA 99 -19.90 121.29 -8.51
C PRO JA 99 -20.11 120.10 -7.58
N PRO JA 100 -19.33 119.04 -7.76
CA PRO JA 100 -19.52 117.84 -6.93
C PRO JA 100 -18.61 117.86 -5.72
N PRO JA 101 -19.10 117.38 -4.57
CA PRO JA 101 -18.22 117.21 -3.42
C PRO JA 101 -17.16 116.14 -3.68
N ALA JA 102 -16.01 116.30 -3.02
CA ALA JA 102 -14.88 115.40 -3.20
C ALA JA 102 -14.69 114.42 -2.06
N ASP JA 103 -14.85 114.87 -0.81
CA ASP JA 103 -14.65 114.00 0.35
C ASP JA 103 -15.96 113.25 0.63
N ALA JA 104 -16.05 112.05 0.07
CA ALA JA 104 -17.23 111.22 0.24
C ALA JA 104 -16.85 109.77 -0.02
N SER JA 105 -17.76 108.86 0.34
CA SER JA 105 -17.55 107.45 0.09
C SER JA 105 -17.57 107.18 -1.42
N PRO JA 106 -16.70 106.30 -1.92
CA PRO JA 106 -16.73 105.97 -3.35
C PRO JA 106 -18.06 105.37 -3.74
N GLY JA 107 -18.55 105.76 -4.92
CA GLY JA 107 -19.84 105.31 -5.38
C GLY JA 107 -20.97 106.27 -5.02
N GLY JA 108 -22.17 105.73 -4.84
CA GLY JA 108 -23.31 106.58 -4.55
C GLY JA 108 -23.18 107.27 -3.21
N ASN JA 109 -23.85 108.41 -3.08
CA ASN JA 109 -23.85 109.17 -1.85
C ASN JA 109 -24.93 108.72 -0.87
N PHE JA 110 -25.92 107.95 -1.35
CA PHE JA 110 -27.05 107.56 -0.52
C PHE JA 110 -26.81 106.29 0.28
N TYR JA 111 -25.76 105.54 -0.01
CA TYR JA 111 -25.49 104.32 0.73
C TYR JA 111 -25.01 104.64 2.15
N GLY JA 112 -25.40 103.79 3.09
CA GLY JA 112 -25.00 103.99 4.48
C GLY JA 112 -25.60 105.23 5.11
N GLY JA 113 -26.85 105.54 4.79
CA GLY JA 113 -27.49 106.70 5.39
C GLY JA 113 -27.84 106.47 6.84
N GLY JA 114 -28.22 107.55 7.50
CA GLY JA 114 -28.54 107.49 8.92
C GLY JA 114 -27.31 107.50 9.79
N ASN JA 115 -27.52 107.14 11.06
CA ASN JA 115 -26.45 107.15 12.05
C ASN JA 115 -25.91 105.75 12.33
N ALA JA 116 -26.81 104.75 12.38
CA ALA JA 116 -26.39 103.42 12.79
C ALA JA 116 -25.43 102.78 11.79
N GLU JA 117 -25.52 103.15 10.52
CA GLU JA 117 -24.75 102.49 9.49
C GLU JA 117 -23.25 102.76 9.64
N ILE JA 118 -22.43 101.77 9.28
CA ILE JA 118 -20.99 101.85 9.40
C ILE JA 118 -20.39 101.78 8.00
N LEU JA 119 -19.27 102.46 7.82
CA LEU JA 119 -18.62 102.54 6.52
C LEU JA 119 -17.30 101.79 6.42
N ASN JA 120 -16.72 101.37 7.54
CA ASN JA 120 -15.45 100.65 7.54
C ASN JA 120 -15.65 99.28 8.19
N LEU JA 121 -15.23 98.23 7.49
CA LEU JA 121 -15.42 96.87 7.98
C LEU JA 121 -14.56 96.55 9.19
N ASP JA 122 -13.49 97.32 9.41
CA ASP JA 122 -12.59 97.04 10.51
C ASP JA 122 -13.33 97.10 11.85
N GLU JA 123 -14.09 98.17 12.07
CA GLU JA 123 -14.90 98.27 13.27
C GLU JA 123 -15.95 97.19 13.33
N ILE JA 124 -16.43 96.70 12.19
CA ILE JA 124 -17.36 95.58 12.22
C ILE JA 124 -16.67 94.35 12.80
N ARG JA 125 -15.45 94.06 12.34
CA ARG JA 125 -14.72 92.93 12.88
C ARG JA 125 -14.53 93.09 14.39
N LYS JA 126 -14.17 94.30 14.81
CA LYS JA 126 -14.04 94.55 16.24
C LYS JA 126 -15.36 94.31 16.99
N VAL JA 127 -16.48 94.71 16.40
CA VAL JA 127 -17.72 94.58 17.15
C VAL JA 127 -18.13 93.11 17.25
N LEU JA 128 -17.88 92.29 16.22
CA LEU JA 128 -18.17 90.87 16.39
C LEU JA 128 -17.24 90.24 17.44
N GLN JA 129 -15.96 90.63 17.45
CA GLN JA 129 -15.08 90.11 18.49
C GLN JA 129 -15.59 90.49 19.88
N LEU JA 130 -16.02 91.74 20.04
CA LEU JA 130 -16.57 92.18 21.32
C LEU JA 130 -17.83 91.41 21.68
N ARG JA 131 -18.69 91.14 20.69
CA ARG JA 131 -19.91 90.40 20.97
C ARG JA 131 -19.60 89.00 21.47
N TYR JA 132 -18.63 88.33 20.84
CA TYR JA 132 -18.28 86.99 21.32
C TYR JA 132 -17.68 87.06 22.72
N VAL JA 133 -16.83 88.05 22.97
CA VAL JA 133 -16.27 88.20 24.32
C VAL JA 133 -17.39 88.38 25.33
N ALA JA 134 -18.40 89.17 24.99
CA ALA JA 134 -19.54 89.36 25.88
C ALA JA 134 -20.29 88.05 26.09
N LEU JA 135 -20.52 87.31 25.01
CA LEU JA 135 -21.30 86.08 25.11
C LEU JA 135 -20.58 85.02 25.95
N ILE JA 136 -19.26 85.06 25.98
CA ILE JA 136 -18.53 84.07 26.77
C ILE JA 136 -18.26 84.53 28.20
N SER JA 137 -18.27 85.84 28.46
CA SER JA 137 -17.86 86.34 29.77
C SER JA 137 -18.85 85.95 30.86
N ASN JA 138 -18.34 85.94 32.10
CA ASN JA 138 -19.15 85.65 33.28
C ASN JA 138 -19.52 86.90 34.06
N GLY JA 139 -18.69 87.93 34.01
CA GLY JA 139 -18.97 89.17 34.72
C GLY JA 139 -17.76 89.85 35.30
N SER JA 140 -16.63 89.14 35.38
CA SER JA 140 -15.41 89.73 35.93
C SER JA 140 -14.91 90.86 35.04
N ILE JA 141 -14.42 91.92 35.66
CA ILE JA 141 -14.08 93.13 34.93
C ILE JA 141 -12.63 93.13 34.43
N ALA JA 142 -11.70 92.56 35.19
CA ALA JA 142 -10.30 92.61 34.81
C ALA JA 142 -10.06 91.90 33.49
N TYR JA 143 -10.67 90.72 33.31
CA TYR JA 143 -10.53 90.02 32.04
C TYR JA 143 -11.12 90.83 30.90
N ILE JA 144 -12.26 91.50 31.13
CA ILE JA 144 -12.85 92.31 30.08
C ILE JA 144 -11.90 93.43 29.67
N ASN JA 145 -11.29 94.09 30.65
CA ASN JA 145 -10.35 95.17 30.33
C ASN JA 145 -9.13 94.64 29.58
N ARG JA 146 -8.60 93.49 30.01
CA ARG JA 146 -7.44 92.93 29.34
C ARG JA 146 -7.76 92.56 27.90
N MET JA 147 -8.90 91.91 27.68
CA MET JA 147 -9.31 91.54 26.34
C MET JA 147 -9.59 92.78 25.49
N LEU JA 148 -10.10 93.84 26.11
CA LEU JA 148 -10.31 95.10 25.41
C LEU JA 148 -9.00 95.69 24.94
N ARG JA 149 -7.98 95.68 25.79
CA ARG JA 149 -6.65 96.10 25.36
C ARG JA 149 -6.17 95.25 24.20
N TYR JA 150 -6.34 93.94 24.30
CA TYR JA 150 -5.89 93.05 23.24
C TYR JA 150 -6.56 93.38 21.91
N ILE JA 151 -7.88 93.55 21.92
CA ILE JA 151 -8.61 93.74 20.68
C ILE JA 151 -8.33 95.12 20.08
N PHE JA 152 -8.24 96.16 20.92
CA PHE JA 152 -8.14 97.53 20.40
C PHE JA 152 -6.70 97.99 20.27
N ASN JA 153 -5.93 97.99 21.35
CA ASN JA 153 -4.56 98.47 21.33
C ASN JA 153 -3.56 97.38 20.97
N ASP JA 154 -4.03 96.16 20.71
CA ASP JA 154 -3.17 95.06 20.24
C ASP JA 154 -2.06 94.75 21.24
N ASP JA 155 -2.41 94.77 22.53
CA ASP JA 155 -1.48 94.47 23.63
C ASP JA 155 -0.26 95.38 23.57
N GLU JA 156 -0.54 96.68 23.75
CA GLU JA 156 0.49 97.69 23.72
C GLU JA 156 0.23 98.70 24.84
N PRO JA 157 1.27 99.07 25.59
CA PRO JA 157 1.06 99.95 26.74
C PRO JA 157 0.41 101.28 26.36
N TRP JA 158 -0.47 101.75 27.24
CA TRP JA 158 -1.33 102.88 26.95
C TRP JA 158 -0.70 104.19 27.43
N ASP JA 159 -1.26 105.30 26.95
CA ASP JA 159 -0.86 106.64 27.37
C ASP JA 159 -2.10 107.39 27.81
N GLU JA 160 -2.15 107.76 29.09
CA GLU JA 160 -3.32 108.46 29.64
C GLU JA 160 -3.41 109.90 29.14
N ALA JA 161 -2.38 110.41 28.46
CA ALA JA 161 -2.40 111.80 28.01
C ALA JA 161 -3.60 112.11 27.13
N THR JA 162 -4.14 111.10 26.45
CA THR JA 162 -5.33 111.27 25.62
C THR JA 162 -6.58 110.70 26.25
N GLY JA 163 -6.52 110.31 27.54
CA GLY JA 163 -7.70 109.80 28.23
C GLY JA 163 -8.33 108.62 27.54
N LEU JA 164 -7.65 107.47 27.57
CA LEU JA 164 -7.97 106.36 26.69
C LEU JA 164 -9.23 105.64 27.17
N TYR JA 165 -9.52 104.49 26.57
CA TYR JA 165 -10.82 103.83 26.67
C TYR JA 165 -10.80 102.73 27.72
N PHE JA 166 -11.68 102.85 28.71
CA PHE JA 166 -11.78 101.86 29.78
C PHE JA 166 -13.25 101.59 30.10
N TYR JA 167 -13.48 100.47 30.77
CA TYR JA 167 -14.83 99.96 30.98
C TYR JA 167 -15.63 100.95 31.85
N LEU JA 168 -15.30 101.04 33.14
CA LEU JA 168 -15.56 102.23 33.95
C LEU JA 168 -15.01 102.00 35.35
N MET JA 169 -15.23 102.97 36.24
CA MET JA 169 -14.81 102.84 37.63
C MET JA 169 -15.83 102.11 38.50
N ASP JA 170 -17.04 101.85 38.00
CA ASP JA 170 -18.10 101.17 38.74
C ASP JA 170 -18.53 101.99 39.96
N SER JA 171 -19.53 101.51 40.70
CA SER JA 171 -19.91 102.18 41.94
C SER JA 171 -18.74 102.25 42.91
N THR JA 172 -17.83 101.29 42.84
CA THR JA 172 -16.63 101.35 43.68
C THR JA 172 -15.77 102.55 43.29
N GLY JA 173 -15.09 103.12 44.27
CA GLY JA 173 -14.35 104.35 44.06
C GLY JA 173 -13.00 104.13 43.42
N GLU JA 174 -12.39 105.24 43.00
CA GLU JA 174 -11.07 105.20 42.38
C GLU JA 174 -9.95 105.49 43.39
N ASN JA 175 -9.98 106.68 44.00
CA ASN JA 175 -8.92 107.09 44.90
C ASN JA 175 -9.41 108.16 45.87
N GLY JA 176 -8.76 108.21 47.03
CA GLY JA 176 -8.94 109.26 48.00
C GLY JA 176 -7.68 110.09 48.13
N PRO JA 177 -6.90 109.82 49.18
CA PRO JA 177 -5.69 110.61 49.44
C PRO JA 177 -4.58 110.40 48.41
N VAL JA 178 -3.44 111.03 48.64
CA VAL JA 178 -2.29 110.95 47.75
C VAL JA 178 -1.41 109.77 48.16
N GLU JA 179 -0.75 109.16 47.18
CA GLU JA 179 0.14 108.05 47.45
C GLU JA 179 1.32 108.09 46.50
N ASN JA 180 2.51 107.85 47.04
CA ASN JA 180 3.75 107.71 46.28
C ASN JA 180 4.00 108.95 45.41
N LEU JA 181 4.23 110.06 46.09
CA LEU JA 181 4.55 111.31 45.41
C LEU JA 181 5.99 111.27 44.91
N ALA JA 182 6.32 112.27 44.09
CA ALA JA 182 7.67 112.40 43.55
C ALA JA 182 7.95 113.87 43.28
N VAL JA 183 9.24 114.21 43.23
CA VAL JA 183 9.69 115.57 42.97
C VAL JA 183 10.70 115.50 41.83
N TYR JA 184 10.35 116.09 40.69
CA TYR JA 184 11.21 116.11 39.51
C TYR JA 184 11.56 117.57 39.21
N ARG JA 185 12.61 118.06 39.86
CA ARG JA 185 13.05 119.44 39.67
C ARG JA 185 13.94 119.56 38.45
N LYS JA 186 13.79 120.68 37.74
CA LYS JA 186 14.47 120.92 36.47
C LYS JA 186 15.52 122.00 36.60
N ASP JA 187 16.75 121.68 36.24
CA ASP JA 187 17.87 122.61 36.25
C ASP JA 187 18.93 122.06 35.30
N TRP JA 188 20.17 122.55 35.43
CA TRP JA 188 21.27 122.01 34.66
C TRP JA 188 21.49 120.52 34.94
N GLU JA 189 21.03 120.03 36.11
CA GLU JA 189 21.15 118.62 36.44
C GLU JA 189 20.24 117.74 35.61
N GLY JA 190 19.32 118.31 34.83
CA GLY JA 190 18.46 117.50 34.02
C GLY JA 190 17.36 116.82 34.84
N MET JA 191 16.97 115.64 34.40
CA MET JA 191 15.89 114.91 35.06
C MET JA 191 16.40 114.37 36.39
N VAL JA 192 15.85 114.89 37.49
CA VAL JA 192 16.32 114.53 38.83
C VAL JA 192 15.11 114.26 39.72
N LEU JA 193 15.16 113.14 40.43
CA LEU JA 193 14.18 112.79 41.45
C LEU JA 193 14.78 112.98 42.84
N LEU JA 194 13.91 113.22 43.81
CA LEU JA 194 14.31 113.48 45.18
C LEU JA 194 13.66 112.49 46.14
N SER JA 195 14.06 112.56 47.40
CA SER JA 195 13.56 111.68 48.45
C SER JA 195 13.20 112.49 49.68
N SER JA 196 12.03 112.19 50.26
CA SER JA 196 11.61 112.88 51.49
C SER JA 196 12.52 112.53 52.66
N SER JA 197 12.94 111.28 52.76
CA SER JA 197 13.82 110.87 53.83
C SER JA 197 15.18 111.56 53.70
N PRO JA 198 15.83 111.89 54.82
CA PRO JA 198 17.16 112.50 54.74
C PRO JA 198 18.16 111.56 54.09
N ARG JA 199 19.13 112.16 53.41
CA ARG JA 199 20.07 111.42 52.57
C ARG JA 199 21.50 111.67 53.04
N THR JA 200 22.34 110.66 52.91
CA THR JA 200 23.73 110.74 53.35
C THR JA 200 24.66 110.95 52.16
N ASN JA 201 25.85 111.47 52.45
CA ASN JA 201 26.87 111.70 51.41
C ASN JA 201 28.22 111.56 52.08
N HIS JA 202 28.83 110.38 51.94
CA HIS JA 202 30.01 110.03 52.72
C HIS JA 202 31.32 110.53 52.11
N VAL JA 203 31.27 111.24 50.99
CA VAL JA 203 32.49 111.78 50.42
C VAL JA 203 33.05 112.87 51.34
N LEU JA 204 34.32 112.73 51.69
CA LEU JA 204 34.93 113.69 52.62
C LEU JA 204 35.11 115.05 51.98
N THR JA 205 35.68 115.09 50.77
CA THR JA 205 35.94 116.32 50.06
C THR JA 205 35.26 116.27 48.70
N SER JA 206 34.39 117.27 48.44
CA SER JA 206 33.72 117.33 47.15
C SER JA 206 34.65 117.78 46.03
N THR JA 207 35.82 118.31 46.37
CA THR JA 207 36.79 118.77 45.39
C THR JA 207 38.17 118.26 45.74
N PRO JA 208 39.01 117.99 44.74
CA PRO JA 208 40.40 117.61 45.02
C PRO JA 208 41.25 118.83 45.33
N ALA JA 209 42.25 118.62 46.19
CA ALA JA 209 43.17 119.69 46.57
C ALA JA 209 44.58 119.43 46.06
N SER JA 210 45.16 118.27 46.38
CA SER JA 210 46.50 117.92 45.92
C SER JA 210 46.67 116.41 46.06
N ASP JA 211 47.89 115.93 45.87
CA ASP JA 211 48.16 114.51 46.10
C ASP JA 211 47.92 114.14 47.56
N ALA JA 212 48.10 115.08 48.49
CA ALA JA 212 47.78 114.83 49.88
C ALA JA 212 46.28 114.71 50.12
N ASP JA 213 45.46 115.36 49.28
CA ASP JA 213 44.01 115.27 49.45
C ASP JA 213 43.53 113.85 49.27
N TRP JA 214 43.90 113.21 48.16
CA TRP JA 214 43.55 111.82 47.90
C TRP JA 214 44.82 111.06 47.56
N PRO JA 215 45.31 110.19 48.43
CA PRO JA 215 46.58 109.50 48.16
C PRO JA 215 46.50 108.59 46.94
N GLY JA 216 47.63 108.46 46.26
CA GLY JA 216 47.74 107.60 45.09
C GLY JA 216 48.45 106.30 45.45
N VAL JA 217 47.93 105.20 44.93
CA VAL JA 217 48.44 103.87 45.22
C VAL JA 217 48.98 103.25 43.95
N ASP JA 218 50.19 102.70 44.01
CA ASP JA 218 50.86 102.05 42.88
C ASP JA 218 51.25 100.65 43.32
N PRO JA 219 50.33 99.68 43.24
CA PRO JA 219 50.69 98.30 43.61
C PRO JA 219 51.84 97.73 42.80
N ALA JA 220 51.94 98.09 41.52
CA ALA JA 220 53.00 97.56 40.68
C ALA JA 220 54.37 98.12 41.08
N ALA JA 221 54.41 99.33 41.62
CA ALA JA 221 55.64 99.99 42.04
C ALA JA 221 56.65 100.10 40.91
N SER JA 222 56.17 100.40 39.70
CA SER JA 222 57.03 100.55 38.54
C SER JA 222 56.92 101.92 37.88
N GLY JA 223 56.19 102.86 38.48
CA GLY JA 223 56.02 104.17 37.91
C GLY JA 223 55.71 105.19 38.98
N ILE JA 224 55.66 106.46 38.56
CA ILE JA 224 55.39 107.57 39.46
C ILE JA 224 53.90 107.62 39.76
N PRO JA 225 53.49 108.12 40.92
CA PRO JA 225 52.06 108.26 41.20
C PRO JA 225 51.42 109.33 40.33
N VAL JA 226 50.11 109.19 40.15
CA VAL JA 226 49.35 110.19 39.40
C VAL JA 226 49.29 111.49 40.19
N THR JA 227 49.39 112.61 39.48
CA THR JA 227 49.37 113.93 40.09
C THR JA 227 48.00 114.57 39.90
N VAL JA 228 47.54 115.27 40.94
CA VAL JA 228 46.23 115.92 40.93
C VAL JA 228 46.39 117.34 41.44
N GLU JA 229 45.83 118.30 40.68
CA GLU JA 229 45.85 119.69 41.10
C GLU JA 229 44.66 120.40 40.46
N THR JA 230 44.15 121.41 41.16
CA THR JA 230 42.95 122.11 40.71
C THR JA 230 43.22 122.88 39.42
N ALA JA 231 42.27 122.79 38.48
CA ALA JA 231 42.37 123.45 37.19
C ALA JA 231 41.33 124.56 37.09
N SER JA 232 41.53 125.44 36.10
CA SER JA 232 40.65 126.58 35.87
C SER JA 232 39.90 126.36 34.56
N ALA JA 233 38.61 126.07 34.66
CA ALA JA 233 37.75 125.89 33.49
C ALA JA 233 36.32 126.11 33.92
N THR JA 234 35.44 126.30 32.92
CA THR JA 234 34.04 126.58 33.17
C THR JA 234 33.37 125.39 33.84
N ALA JA 235 33.09 125.52 35.14
CA ALA JA 235 32.38 124.48 35.84
C ALA JA 235 30.93 124.41 35.35
N PRO JA 236 30.31 123.22 35.38
CA PRO JA 236 28.93 123.10 34.89
C PRO JA 236 27.92 123.90 35.71
N ASP JA 237 28.23 124.23 36.96
CA ASP JA 237 27.29 124.94 37.82
C ASP JA 237 27.43 126.45 37.76
N GLY JA 238 28.45 126.97 37.07
CA GLY JA 238 28.59 128.41 36.92
C GLY JA 238 29.74 129.01 37.68
N SER JA 239 30.85 128.29 37.80
CA SER JA 239 32.03 128.78 38.49
C SER JA 239 33.26 128.23 37.78
N ALA JA 240 34.42 128.34 38.44
CA ALA JA 240 35.68 127.79 37.96
C ALA JA 240 36.27 126.97 39.10
N THR JA 241 35.88 125.70 39.19
CA THR JA 241 36.33 124.85 40.29
C THR JA 241 36.67 123.44 39.82
N VAL JA 242 36.94 123.25 38.53
CA VAL JA 242 37.28 121.95 37.98
C VAL JA 242 38.65 121.52 38.48
N CYS JA 243 38.98 120.24 38.31
CA CYS JA 243 40.28 119.73 38.70
C CYS JA 243 40.76 118.74 37.64
N LYS JA 244 42.05 118.82 37.30
CA LYS JA 244 42.64 117.96 36.28
C LYS JA 244 43.63 117.00 36.92
N LEU JA 245 44.04 116.00 36.14
CA LEU JA 245 45.07 115.06 36.55
C LEU JA 245 45.63 114.38 35.32
N THR JA 246 46.94 114.14 35.34
CA THR JA 246 47.62 113.53 34.20
C THR JA 246 48.25 112.20 34.62
N LYS JA 247 48.31 111.27 33.67
CA LYS JA 247 48.86 109.94 33.88
C LYS JA 247 50.07 109.77 32.97
N PRO JA 248 51.27 110.05 33.46
CA PRO JA 248 52.46 109.91 32.63
C PRO JA 248 52.70 108.47 32.23
N ALA JA 249 53.43 108.30 31.13
CA ALA JA 249 53.68 106.98 30.58
C ALA JA 249 54.46 106.11 31.57
N GLY JA 250 54.22 104.81 31.49
CA GLY JA 250 54.88 103.87 32.38
C GLY JA 250 54.49 104.04 33.84
N SER JA 251 53.23 104.37 34.10
CA SER JA 251 52.73 104.54 35.46
C SER JA 251 51.45 103.74 35.63
N THR JA 252 51.31 103.11 36.79
CA THR JA 252 50.10 102.38 37.17
C THR JA 252 49.70 102.88 38.56
N ALA JA 253 48.95 103.97 38.60
CA ALA JA 253 48.57 104.59 39.86
C ALA JA 253 47.12 105.06 39.79
N TYR JA 254 46.50 105.15 40.95
CA TYR JA 254 45.13 105.64 41.07
C TYR JA 254 44.97 106.34 42.40
N VAL JA 255 44.15 107.39 42.41
CA VAL JA 255 43.85 108.15 43.62
C VAL JA 255 42.73 107.44 44.37
N SER JA 256 42.94 107.22 45.67
CA SER JA 256 41.96 106.58 46.53
C SER JA 256 41.42 107.61 47.50
N ALA JA 257 40.11 107.80 47.51
CA ALA JA 257 39.49 108.80 48.38
C ALA JA 257 39.24 108.19 49.75
N PRO JA 258 39.86 108.69 50.82
CA PRO JA 258 39.60 108.14 52.16
C PRO JA 258 38.19 108.46 52.61
N ILE JA 259 37.37 107.41 52.76
CA ILE JA 259 35.98 107.54 53.16
C ILE JA 259 35.76 106.66 54.39
N ASP JA 260 34.78 107.05 55.21
CA ASP JA 260 34.46 106.29 56.40
C ASP JA 260 33.95 104.90 56.01
N GLY JA 261 34.23 103.93 56.89
CA GLY JA 261 33.81 102.57 56.67
C GLY JA 261 33.36 101.90 57.95
N PRO JA 262 32.40 100.98 57.84
CA PRO JA 262 31.79 100.57 56.59
C PRO JA 262 30.62 101.44 56.08
N LEU JA 263 30.44 101.41 54.75
CA LEU JA 263 29.42 102.26 54.14
C LEU JA 263 28.01 101.77 54.49
N GLY JA 264 27.81 100.46 54.49
CA GLY JA 264 26.50 99.91 54.77
C GLY JA 264 26.60 98.43 55.07
N SER JA 265 25.44 97.84 55.35
CA SER JA 265 25.35 96.42 55.70
C SER JA 265 24.55 95.70 54.62
N GLY JA 266 25.25 95.26 53.58
CA GLY JA 266 24.65 94.48 52.51
C GLY JA 266 23.49 95.15 51.83
N SER JA 267 23.67 96.42 51.44
CA SER JA 267 22.63 97.19 50.76
C SER JA 267 23.22 97.82 49.51
N THR JA 268 22.35 98.49 48.75
CA THR JA 268 22.77 99.10 47.50
C THR JA 268 23.76 100.24 47.73
N VAL JA 269 24.70 100.39 46.82
CA VAL JA 269 25.68 101.46 46.84
C VAL JA 269 25.57 102.23 45.54
N THR JA 270 25.37 103.54 45.63
CA THR JA 270 25.22 104.39 44.46
C THR JA 270 26.42 105.33 44.36
N PHE JA 271 27.04 105.37 43.19
CA PHE JA 271 28.19 106.21 42.92
C PHE JA 271 27.81 107.25 41.86
N SER JA 272 28.24 108.49 42.08
CA SER JA 272 27.97 109.57 41.14
C SER JA 272 29.27 110.29 40.82
N PHE JA 273 29.32 110.89 39.63
CA PHE JA 273 30.57 111.43 39.12
C PHE JA 273 30.28 112.30 37.92
N PHE JA 274 31.07 113.36 37.75
CA PHE JA 274 30.99 114.26 36.61
C PHE JA 274 32.38 114.45 36.03
N ALA JA 275 32.46 114.70 34.73
CA ALA JA 275 33.76 114.83 34.09
C ALA JA 275 33.64 115.60 32.79
N LYS JA 276 34.77 116.16 32.36
CA LYS JA 276 34.93 116.83 31.07
C LYS JA 276 36.02 116.12 30.28
N ALA JA 277 35.77 115.93 28.98
CA ALA JA 277 36.76 115.28 28.13
C ALA JA 277 38.04 116.10 28.09
N GLY JA 278 39.17 115.43 28.27
CA GLY JA 278 40.46 116.08 28.21
C GLY JA 278 41.32 115.54 27.08
N SER JA 279 42.57 115.20 27.39
CA SER JA 279 43.44 114.58 26.39
C SER JA 279 42.88 113.23 25.98
N THR JA 280 42.40 112.45 26.94
CA THR JA 280 41.83 111.13 26.67
C THR JA 280 40.32 111.26 26.42
N ARG JA 281 39.63 110.12 26.38
CA ARG JA 281 38.19 110.09 26.16
C ARG JA 281 37.46 109.11 27.05
N PHE JA 282 38.14 108.44 27.98
CA PHE JA 282 37.53 107.41 28.81
C PHE JA 282 38.01 107.56 30.24
N ILE JA 283 37.16 107.15 31.18
CA ILE JA 283 37.46 107.25 32.60
C ILE JA 283 37.13 105.92 33.27
N ALA JA 284 37.97 105.51 34.22
CA ALA JA 284 37.81 104.25 34.92
C ALA JA 284 37.20 104.48 36.29
N ILE JA 285 36.22 103.65 36.64
CA ILE JA 285 35.49 103.74 37.90
C ILE JA 285 35.54 102.39 38.58
N GLN JA 286 35.92 102.37 39.86
CA GLN JA 286 36.04 101.13 40.61
C GLN JA 286 35.48 101.31 42.01
N SER JA 287 34.72 100.33 42.46
CA SER JA 287 34.19 100.28 43.83
C SER JA 287 34.74 99.01 44.49
N ALA JA 288 35.82 99.16 45.24
CA ALA JA 288 36.51 98.02 45.82
C ALA JA 288 35.68 97.39 46.94
N ALA JA 289 36.09 96.20 47.35
CA ALA JA 289 35.41 95.44 48.39
C ALA JA 289 36.42 94.47 49.01
N ASP JA 290 35.93 93.49 49.75
CA ASP JA 290 36.80 92.52 50.40
C ASP JA 290 37.67 91.81 49.36
N PHE JA 291 38.93 91.58 49.73
CA PHE JA 291 39.89 90.98 48.81
C PHE JA 291 39.65 89.48 48.70
N PRO JA 292 39.49 88.93 47.49
CA PRO JA 292 39.28 89.71 46.26
C PRO JA 292 37.82 89.75 45.81
N SER JA 293 37.19 90.93 45.82
CA SER JA 293 35.82 91.04 45.32
C SER JA 293 35.52 92.36 44.62
N ARG JA 294 36.51 93.09 44.13
CA ARG JA 294 36.25 94.43 43.62
C ARG JA 294 35.35 94.41 42.39
N ALA JA 295 34.56 95.45 42.26
CA ALA JA 295 33.69 95.67 41.11
C ALA JA 295 33.98 97.03 40.53
N ASP JA 296 34.05 97.11 39.20
CA ASP JA 296 34.53 98.31 38.53
C ASP JA 296 33.85 98.48 37.17
N ALA JA 297 33.98 99.67 36.62
CA ALA JA 297 33.29 100.03 35.39
C ALA JA 297 34.07 101.11 34.65
N VAL JA 298 33.74 101.29 33.37
CA VAL JA 298 34.35 102.30 32.52
C VAL JA 298 33.25 102.99 31.72
N PHE JA 299 33.37 104.31 31.57
CA PHE JA 299 32.38 105.11 30.86
C PHE JA 299 32.99 105.73 29.61
N ASP JA 300 32.18 105.84 28.56
CA ASP JA 300 32.58 106.48 27.31
C ASP JA 300 32.04 107.90 27.31
N LEU JA 301 32.93 108.89 27.45
CA LEU JA 301 32.50 110.26 27.64
C LEU JA 301 31.79 110.82 26.41
N ASP JA 302 32.42 110.70 25.23
CA ASP JA 302 31.88 111.39 24.06
C ASP JA 302 30.67 110.68 23.48
N SER JA 303 30.70 109.35 23.45
CA SER JA 303 29.60 108.59 22.85
C SER JA 303 28.50 108.26 23.83
N GLY JA 304 28.86 107.92 25.07
CA GLY JA 304 27.86 107.65 26.09
C GLY JA 304 27.41 106.20 26.14
N ASN JA 305 28.36 105.27 26.25
CA ASN JA 305 28.06 103.85 26.37
C ASN JA 305 28.86 103.27 27.52
N VAL JA 306 28.18 102.54 28.40
CA VAL JA 306 28.83 101.84 29.50
C VAL JA 306 29.57 100.64 28.89
N ILE JA 307 30.90 100.71 28.87
CA ILE JA 307 31.66 99.73 28.10
C ILE JA 307 31.78 98.42 28.86
N SER JA 308 32.43 98.43 30.03
CA SER JA 308 32.80 97.20 30.71
C SER JA 308 32.44 97.28 32.18
N ASP JA 309 31.77 96.25 32.67
CA ASP JA 309 31.51 96.06 34.09
C ASP JA 309 31.95 94.65 34.45
N GLN JA 310 32.43 94.47 35.68
CA GLN JA 310 33.08 93.22 36.04
C GLN JA 310 32.46 92.66 37.31
N MET JA 311 32.41 91.32 37.38
CA MET JA 311 31.83 90.56 38.50
C MET JA 311 32.93 89.73 39.17
N LEU JA 312 33.52 90.28 40.22
CA LEU JA 312 34.33 89.44 41.11
C LEU JA 312 33.46 88.79 42.18
N ASP JA 313 32.50 89.55 42.70
CA ASP JA 313 31.51 89.11 43.65
C ASP JA 313 30.13 89.32 43.03
N SER JA 314 29.10 89.20 43.85
CA SER JA 314 27.71 89.40 43.41
C SER JA 314 27.32 90.87 43.41
N SER JA 315 28.29 91.77 43.28
CA SER JA 315 28.10 93.18 43.61
C SER JA 315 27.19 93.94 42.66
N VAL JA 316 27.61 94.09 41.39
CA VAL JA 316 26.99 95.09 40.52
C VAL JA 316 25.59 94.64 40.11
N VAL JA 317 24.71 95.62 39.92
CA VAL JA 317 23.37 95.38 39.40
C VAL JA 317 23.20 96.12 38.07
N SER JA 318 23.44 97.44 38.08
CA SER JA 318 23.22 98.24 36.88
C SER JA 318 24.15 99.44 36.88
N ALA JA 319 24.37 99.98 35.69
CA ALA JA 319 25.17 101.18 35.49
C ALA JA 319 24.66 101.90 34.25
N ARG JA 320 24.67 103.23 34.28
CA ARG JA 320 24.04 104.01 33.23
C ARG JA 320 24.73 105.36 33.11
N MET JA 321 24.58 105.99 31.94
CA MET JA 321 25.14 107.30 31.66
C MET JA 321 24.04 108.21 31.16
N ILE JA 322 24.05 109.46 31.61
CA ILE JA 322 23.00 110.42 31.26
C ILE JA 322 23.63 111.65 30.64
N ARG JA 323 22.98 112.16 29.60
CA ARG JA 323 23.51 113.29 28.83
C ARG JA 323 23.26 114.60 29.56
N LEU JA 324 24.28 115.46 29.58
CA LEU JA 324 24.17 116.81 30.11
C LEU JA 324 24.85 117.78 29.15
N GLU JA 325 24.54 119.06 29.32
CA GLU JA 325 24.98 120.08 28.39
C GLU JA 325 26.47 120.39 28.56
N ASN JA 326 27.12 120.77 27.45
CA ASN JA 326 28.49 121.30 27.45
C ASN JA 326 29.51 120.25 27.89
N GLY JA 327 29.46 119.09 27.25
CA GLY JA 327 30.47 118.07 27.48
C GLY JA 327 30.48 117.49 28.87
N TRP JA 328 29.37 117.60 29.60
CA TRP JA 328 29.28 117.11 30.96
C TRP JA 328 28.37 115.89 30.99
N TRP JA 329 28.72 114.92 31.84
CA TRP JA 329 27.95 113.69 31.97
C TRP JA 329 27.96 113.25 33.43
N ARG JA 330 26.99 112.43 33.79
CA ARG JA 330 26.85 111.89 35.14
C ARG JA 330 26.89 110.37 35.09
N CYS JA 331 27.68 109.77 35.98
CA CYS JA 331 27.87 108.34 36.05
C CYS JA 331 27.12 107.78 37.26
N VAL JA 332 26.41 106.68 37.07
CA VAL JA 332 25.69 106.01 38.14
C VAL JA 332 26.11 104.55 38.20
N LEU JA 333 26.39 104.07 39.41
CA LEU JA 333 26.77 102.69 39.63
C LEU JA 333 25.91 102.12 40.74
N THR JA 334 25.31 100.95 40.50
CA THR JA 334 24.50 100.27 41.48
C THR JA 334 25.17 98.96 41.85
N THR JA 335 25.42 98.77 43.15
CA THR JA 335 26.09 97.58 43.65
C THR JA 335 25.24 96.97 44.76
N LYS JA 336 24.89 95.70 44.60
CA LYS JA 336 24.11 94.96 45.60
C LYS JA 336 24.84 93.66 45.89
N THR JA 337 25.78 93.71 46.83
CA THR JA 337 26.58 92.56 47.20
C THR JA 337 26.05 91.93 48.48
N VAL JA 338 26.18 90.61 48.57
CA VAL JA 338 25.70 89.89 49.75
C VAL JA 338 26.48 90.30 50.98
N SER JA 339 27.80 90.39 50.86
CA SER JA 339 28.63 90.87 51.95
C SER JA 339 28.45 92.37 52.14
N SER JA 340 29.22 92.94 53.07
CA SER JA 340 29.15 94.37 53.34
C SER JA 340 30.53 95.00 53.53
N SER JA 341 31.59 94.32 53.09
CA SER JA 341 32.96 94.77 53.36
C SER JA 341 33.39 95.79 52.31
N PHE JA 342 32.71 96.94 52.35
CA PHE JA 342 33.13 98.09 51.56
C PHE JA 342 34.38 98.68 52.20
N ARG JA 343 35.42 98.89 51.39
CA ARG JA 343 36.69 99.39 51.91
C ARG JA 343 37.11 100.70 51.28
N ALA JA 344 37.09 100.80 49.95
CA ALA JA 344 37.56 102.01 49.29
C ALA JA 344 36.96 102.07 47.88
N ALA JA 345 37.08 103.25 47.27
CA ALA JA 345 36.63 103.48 45.90
C ALA JA 345 37.72 104.21 45.15
N TYR JA 346 38.05 103.73 43.95
CA TYR JA 346 39.15 104.26 43.17
C TYR JA 346 38.62 104.84 41.86
N VAL JA 347 39.24 105.94 41.41
CA VAL JA 347 38.94 106.55 40.13
C VAL JA 347 40.25 106.98 39.48
N ALA JA 348 40.42 106.68 38.20
CA ALA JA 348 41.66 106.96 37.49
C ALA JA 348 41.36 107.01 36.00
N PRO JA 349 42.20 107.66 35.21
CA PRO JA 349 41.99 107.70 33.76
C PRO JA 349 42.45 106.42 33.08
N ALA JA 350 41.88 106.18 31.91
CA ALA JA 350 42.14 104.96 31.15
C ALA JA 350 42.58 105.31 29.74
N GLU JA 351 43.46 104.46 29.19
CA GLU JA 351 43.97 104.70 27.84
C GLU JA 351 42.88 104.52 26.79
N THR JA 352 42.12 103.44 26.88
CA THR JA 352 41.07 103.13 25.92
C THR JA 352 39.81 102.73 26.66
N ASN JA 353 38.74 102.48 25.90
CA ASN JA 353 37.46 102.14 26.49
C ASN JA 353 37.51 100.84 27.28
N PHE JA 354 38.23 99.84 26.76
CA PHE JA 354 38.36 98.58 27.45
C PHE JA 354 39.50 98.56 28.44
N SER JA 355 40.25 99.65 28.56
CA SER JA 355 41.36 99.70 29.50
C SER JA 355 40.85 99.60 30.94
N TRP JA 356 41.60 98.89 31.77
CA TRP JA 356 41.24 98.73 33.16
C TRP JA 356 41.96 99.78 34.00
N ILE JA 357 41.40 100.07 35.17
CA ILE JA 357 41.97 101.09 36.04
C ILE JA 357 43.37 100.70 36.48
N ASP JA 358 43.65 99.40 36.56
CA ASP JA 358 44.93 98.89 37.03
C ASP JA 358 45.89 98.58 35.89
N SER JA 359 45.54 98.95 34.67
CA SER JA 359 46.42 98.79 33.53
C SER JA 359 47.42 99.94 33.45
N ASN JA 360 48.45 99.75 32.64
CA ASN JA 360 49.47 100.78 32.46
C ASN JA 360 49.05 101.76 31.37
N SER JA 361 49.92 102.73 31.09
CA SER JA 361 49.67 103.77 30.12
C SER JA 361 50.86 103.88 29.16
N SER JA 362 50.58 104.30 27.94
CA SER JA 362 51.65 104.48 26.95
C SER JA 362 52.11 105.93 26.85
N ALA JA 363 51.30 106.87 27.32
CA ALA JA 363 51.62 108.28 27.21
C ALA JA 363 50.90 109.03 28.32
N ALA JA 364 50.86 110.36 28.22
CA ALA JA 364 50.23 111.21 29.22
C ALA JA 364 48.84 111.64 28.74
N ILE JA 365 47.85 111.43 29.60
CA ILE JA 365 46.47 111.82 29.30
C ILE JA 365 45.90 112.59 30.48
N ASP JA 366 45.03 113.55 30.19
CA ASP JA 366 44.47 114.43 31.19
C ASP JA 366 42.95 114.44 31.08
N VAL JA 367 42.29 114.67 32.21
CA VAL JA 367 40.84 114.68 32.28
C VAL JA 367 40.42 115.55 33.45
N LEU JA 368 39.22 116.11 33.36
CA LEU JA 368 38.69 117.04 34.35
C LEU JA 368 37.63 116.35 35.21
N ILE JA 369 37.60 116.71 36.50
CA ILE JA 369 36.78 116.03 37.49
C ILE JA 369 36.08 117.06 38.36
N TRP JA 370 34.80 116.82 38.65
CA TRP JA 370 34.06 117.60 39.64
C TRP JA 370 32.82 116.83 40.06
N GLY JA 371 32.25 117.22 41.19
CA GLY JA 371 30.94 116.74 41.61
C GLY JA 371 30.85 115.29 42.01
N ALA JA 372 31.43 114.94 43.15
CA ALA JA 372 31.42 113.57 43.65
C ALA JA 372 30.43 113.44 44.81
N GLN JA 373 29.69 112.33 44.82
CA GLN JA 373 28.78 112.05 45.92
C GLN JA 373 28.50 110.55 45.96
N ILE JA 374 28.18 110.06 47.16
CA ILE JA 374 27.85 108.65 47.39
C ILE JA 374 26.64 108.59 48.32
N GLU JA 375 25.73 107.66 48.04
CA GLU JA 375 24.55 107.50 48.89
C GLU JA 375 24.11 106.05 48.89
N LEU JA 376 23.34 105.69 49.92
CA LEU JA 376 22.81 104.34 50.09
C LEU JA 376 21.44 104.27 49.42
N GLY JA 377 21.45 104.03 48.12
CA GLY JA 377 20.21 103.93 47.37
C GLY JA 377 20.45 103.28 46.02
N ASP JA 378 19.40 103.32 45.20
CA ASP JA 378 19.46 102.75 43.85
C ASP JA 378 19.17 103.77 42.75
N THR JA 379 18.86 105.01 43.10
CA THR JA 379 18.48 106.01 42.12
C THR JA 379 19.25 107.31 42.41
N PRO JA 380 19.76 107.98 41.38
CA PRO JA 380 20.45 109.25 41.61
C PRO JA 380 19.48 110.34 42.04
N THR JA 381 20.03 111.34 42.74
CA THR JA 381 19.28 112.49 43.21
C THR JA 381 20.09 113.75 42.90
N GLY JA 382 19.67 114.87 43.47
CA GLY JA 382 20.40 116.11 43.28
C GLY JA 382 21.74 116.11 43.99
N TYR JA 383 22.56 117.09 43.64
CA TYR JA 383 23.92 117.20 44.18
C TYR JA 383 23.96 118.21 45.31
N LEU JA 384 24.87 117.98 46.25
CA LEU JA 384 25.01 118.80 47.44
C LEU JA 384 26.47 118.82 47.86
N LYS JA 385 26.92 120.00 48.30
CA LYS JA 385 28.33 120.18 48.66
C LYS JA 385 28.64 119.54 50.01
N THR JA 386 29.85 118.97 50.11
CA THR JA 386 30.33 118.38 51.34
C THR JA 386 31.76 118.80 51.59
N THR JA 387 32.16 118.80 52.86
CA THR JA 387 33.56 119.01 53.22
C THR JA 387 33.79 118.45 54.62
N GLY JA 388 34.72 117.50 54.73
CA GLY JA 388 35.15 116.99 56.01
C GLY JA 388 34.18 116.05 56.71
N ALA JA 389 32.89 116.14 56.37
CA ALA JA 389 31.89 115.34 57.06
C ALA JA 389 30.69 115.14 56.14
N PRO JA 390 29.95 114.05 56.32
CA PRO JA 390 28.73 113.87 55.52
C PRO JA 390 27.71 114.96 55.80
N VAL JA 391 26.98 115.34 54.77
CA VAL JA 391 25.99 116.41 54.86
C VAL JA 391 24.63 115.81 54.56
N THR JA 392 23.72 115.90 55.53
CA THR JA 392 22.41 115.26 55.46
C THR JA 392 21.32 116.33 55.38
N ILE JA 393 20.49 116.24 54.33
CA ILE JA 393 19.45 117.23 54.09
C ILE JA 393 18.16 116.52 53.71
N THR JA 394 17.06 116.92 54.33
CA THR JA 394 15.72 116.60 53.84
C THR JA 394 15.22 117.81 53.07
N ASP JA 395 15.21 117.70 51.74
CA ASP JA 395 14.91 118.88 50.93
C ASP JA 395 13.44 119.27 51.03
N TYR JA 396 12.53 118.30 51.02
CA TYR JA 396 11.11 118.58 50.98
C TYR JA 396 10.37 117.69 51.97
N VAL JA 397 9.18 118.15 52.34
CA VAL JA 397 8.24 117.36 53.13
C VAL JA 397 6.88 118.04 53.03
N LEU JA 398 5.83 117.23 53.01
CA LEU JA 398 4.48 117.75 52.99
C LEU JA 398 3.92 117.78 54.41
N GLN JA 399 3.13 118.80 54.71
CA GLN JA 399 2.48 118.90 56.01
C GLN JA 399 1.10 118.25 56.00
N ASN JA 400 0.31 118.53 54.97
CA ASN JA 400 -1.03 117.99 54.83
C ASN JA 400 -1.18 117.37 53.45
N ALA JA 401 -1.80 116.19 53.42
CA ALA JA 401 -1.97 115.43 52.18
C ALA JA 401 -3.37 115.55 51.61
N GLN JA 402 -4.40 115.42 52.45
CA GLN JA 402 -5.77 115.50 51.96
C GLN JA 402 -6.09 116.87 51.37
N THR JA 403 -5.37 117.91 51.81
CA THR JA 403 -5.52 119.21 51.17
C THR JA 403 -5.08 119.18 49.72
N GLY JA 404 -3.95 118.51 49.46
CA GLY JA 404 -3.38 118.48 48.14
C GLY JA 404 -2.26 119.48 47.91
N THR JA 405 -1.53 119.87 48.95
CA THR JA 405 -0.46 120.84 48.83
C THR JA 405 0.78 120.33 49.57
N VAL JA 406 1.93 120.86 49.17
CA VAL JA 406 3.20 120.58 49.82
C VAL JA 406 3.88 121.91 50.14
N LYS JA 407 4.42 122.02 51.35
CA LYS JA 407 5.14 123.21 51.80
C LYS JA 407 6.62 122.88 51.77
N PHE JA 408 7.29 123.31 50.71
CA PHE JA 408 8.70 122.97 50.54
C PHE JA 408 9.54 123.64 51.63
N THR JA 409 10.61 122.94 52.03
CA THR JA 409 11.33 123.35 53.24
C THR JA 409 12.02 124.70 53.07
N GLN JA 410 12.61 124.97 51.91
CA GLN JA 410 13.43 126.16 51.76
C GLN JA 410 12.92 127.08 50.66
N PRO JA 411 13.42 128.32 50.58
CA PRO JA 411 13.11 129.16 49.42
C PRO JA 411 13.86 128.69 48.19
N LEU JA 412 13.12 128.30 47.17
CA LEU JA 412 13.73 127.87 45.92
C LEU JA 412 14.35 129.07 45.20
N PRO JA 413 15.38 128.84 44.37
CA PRO JA 413 15.95 129.93 43.59
C PRO JA 413 15.00 130.43 42.50
N THR JA 414 15.46 131.39 41.70
CA THR JA 414 14.62 131.95 40.65
C THR JA 414 14.68 131.09 39.39
N GLY JA 415 13.53 130.96 38.73
CA GLY JA 415 13.46 130.23 37.48
C GLY JA 415 13.51 128.72 37.59
N VAL JA 416 13.64 128.18 38.80
CA VAL JA 416 13.68 126.73 38.98
C VAL JA 416 12.28 126.18 38.81
N GLU JA 417 12.17 125.02 38.16
CA GLU JA 417 10.89 124.43 37.82
C GLU JA 417 10.92 122.95 38.17
N ALA JA 418 9.77 122.40 38.53
CA ALA JA 418 9.72 121.02 39.03
C ALA JA 418 8.51 120.28 38.49
N TYR JA 419 8.65 118.96 38.40
CA TYR JA 419 7.57 118.02 38.10
C TYR JA 419 7.31 117.11 39.31
N TRP JA 420 6.31 116.26 39.15
CA TRP JA 420 5.86 115.34 40.18
C TRP JA 420 5.12 114.18 39.53
N THR JA 421 5.01 113.08 40.26
CA THR JA 421 4.20 111.95 39.81
C THR JA 421 3.68 111.19 41.02
N GLY JA 422 2.61 110.44 40.80
CA GLY JA 422 1.94 109.69 41.85
C GLY JA 422 0.47 109.53 41.53
N ASP JA 423 -0.35 109.54 42.58
CA ASP JA 423 -1.80 109.43 42.44
C ASP JA 423 -2.48 110.39 43.40
N TRP JA 424 -3.50 111.08 42.89
CA TRP JA 424 -4.22 112.11 43.62
C TRP JA 424 -5.43 112.56 42.83
N LYS JA 425 -6.49 112.92 43.54
CA LYS JA 425 -7.76 113.35 42.95
C LYS JA 425 -8.34 112.30 42.02
N GLY JA 426 -7.97 111.04 42.23
CA GLY JA 426 -8.47 109.96 41.39
C GLY JA 426 -7.73 109.85 40.07
N GLY JA 427 -7.25 110.98 39.55
CA GLY JA 427 -6.55 110.96 38.29
C GLY JA 427 -5.13 110.42 38.43
N THR JA 428 -4.58 110.02 37.29
CA THR JA 428 -3.26 109.43 37.22
C THR JA 428 -2.31 110.40 36.54
N ALA JA 429 -1.15 110.62 37.14
CA ALA JA 429 -0.14 111.53 36.64
C ALA JA 429 1.20 110.82 36.50
N ALA JA 430 1.17 109.64 35.86
CA ALA JA 430 2.39 108.87 35.67
C ALA JA 430 3.44 109.66 34.91
N GLU JA 431 3.02 110.37 33.86
CA GLU JA 431 3.92 111.32 33.22
C GLU JA 431 4.15 112.52 34.13
N PRO JA 432 5.39 112.96 34.30
CA PRO JA 432 5.66 114.10 35.19
C PRO JA 432 4.93 115.35 34.73
N ALA JA 433 4.44 116.12 35.70
CA ALA JA 433 3.61 117.30 35.44
C ALA JA 433 4.14 118.50 36.22
N ARG JA 434 4.09 119.68 35.60
CA ARG JA 434 4.61 120.88 36.23
C ARG JA 434 3.70 121.34 37.35
N PHE JA 435 4.28 121.66 38.51
CA PHE JA 435 3.51 122.17 39.64
C PHE JA 435 4.12 123.37 40.34
N ALA JA 436 5.43 123.61 40.23
CA ALA JA 436 6.09 124.67 40.96
C ALA JA 436 6.83 125.60 40.01
N VAL JA 437 6.75 126.90 40.29
CA VAL JA 437 7.42 127.93 39.52
C VAL JA 437 8.19 128.79 40.51
N GLY JA 438 9.48 128.48 40.70
CA GLY JA 438 10.29 129.16 41.69
C GLY JA 438 10.83 130.50 41.22
N ASN JA 439 10.35 131.59 41.85
CA ASN JA 439 10.76 132.93 41.46
C ASN JA 439 11.93 133.47 42.29
N GLY JA 440 12.35 132.76 43.34
CA GLY JA 440 13.52 133.20 44.08
C GLY JA 440 13.42 133.11 45.59
N THR JA 441 12.20 133.25 46.15
CA THR JA 441 12.03 133.28 47.60
C THR JA 441 10.89 132.42 48.11
N GLN JA 442 10.00 131.92 47.25
CA GLN JA 442 8.85 131.18 47.73
C GLN JA 442 9.23 129.81 48.28
N ASP JA 443 8.43 129.34 49.23
CA ASP JA 443 8.61 128.00 49.79
C ASP JA 443 7.32 127.21 49.93
N THR JA 444 6.16 127.80 49.67
CA THR JA 444 4.88 127.12 49.74
C THR JA 444 4.22 127.11 48.38
N PHE JA 445 3.83 125.93 47.90
CA PHE JA 445 3.27 125.75 46.57
C PHE JA 445 2.05 124.85 46.65
N THR JA 446 1.50 124.52 45.47
CA THR JA 446 0.34 123.64 45.38
C THR JA 446 0.42 122.87 44.07
N LEU JA 447 0.16 121.57 44.13
CA LEU JA 447 0.24 120.72 42.94
C LEU JA 447 -0.82 121.12 41.92
N SER JA 448 -0.50 120.87 40.66
CA SER JA 448 -1.39 121.21 39.55
C SER JA 448 -2.44 120.11 39.39
N ASP JA 449 -3.18 120.17 38.28
CA ASP JA 449 -4.23 119.20 38.01
C ASP JA 449 -3.69 118.09 37.12
N PRO JA 450 -3.67 116.84 37.58
CA PRO JA 450 -3.31 115.72 36.69
C PRO JA 450 -4.34 115.48 35.60
N ALA JA 451 -4.13 114.42 34.81
CA ALA JA 451 -5.05 114.11 33.73
C ALA JA 451 -6.47 113.84 34.22
N TYR JA 452 -6.64 113.59 35.51
CA TYR JA 452 -7.94 113.49 36.17
C TYR JA 452 -8.73 112.24 35.80
N ILE JA 453 -9.43 111.68 36.78
CA ILE JA 453 -10.37 110.58 36.60
C ILE JA 453 -11.59 110.87 37.45
N GLY JA 454 -12.77 110.56 36.92
CA GLY JA 454 -14.00 110.78 37.64
C GLY JA 454 -14.18 109.78 38.75
N LEU JA 455 -13.41 109.97 39.83
CA LEU JA 455 -13.12 108.88 40.75
C LEU JA 455 -14.35 108.17 41.32
N PRO JA 456 -15.37 108.85 41.89
CA PRO JA 456 -16.37 108.09 42.64
C PRO JA 456 -17.28 107.24 41.77
N THR JA 457 -17.91 107.85 40.76
CA THR JA 457 -18.95 107.20 39.95
C THR JA 457 -19.94 106.46 40.83
N SER JA 458 -20.50 107.19 41.79
CA SER JA 458 -21.39 106.59 42.79
C SER JA 458 -22.68 106.08 42.14
N GLY JA 459 -23.26 105.07 42.77
CA GLY JA 459 -24.50 104.49 42.30
C GLY JA 459 -24.35 103.05 41.85
N ALA JA 460 -24.88 102.13 42.64
CA ALA JA 460 -24.85 100.72 42.26
C ALA JA 460 -25.83 100.47 41.11
N PHE JA 461 -25.66 99.33 40.45
CA PHE JA 461 -26.53 98.87 39.38
C PHE JA 461 -26.53 99.82 38.18
N LYS JA 462 -25.49 100.62 38.02
CA LYS JA 462 -25.38 101.54 36.89
C LYS JA 462 -24.00 101.41 36.27
N LEU JA 463 -23.95 101.30 34.95
CA LEU JA 463 -22.69 101.11 34.26
C LEU JA 463 -22.63 102.01 33.03
N GLU JA 464 -21.46 102.59 32.79
CA GLU JA 464 -21.23 103.43 31.62
C GLU JA 464 -19.81 103.17 31.13
N TYR JA 465 -19.43 103.85 30.05
CA TYR JA 465 -18.11 103.66 29.45
C TYR JA 465 -17.51 105.00 29.10
N ARG JA 466 -16.18 105.05 29.05
CA ARG JA 466 -15.46 106.30 28.82
C ARG JA 466 -14.44 106.09 27.72
N VAL JA 467 -14.41 107.01 26.76
CA VAL JA 467 -13.63 106.87 25.53
C VAL JA 467 -12.76 108.09 25.36
N GLY JA 468 -11.68 107.93 24.58
CA GLY JA 468 -10.80 109.01 24.25
C GLY JA 468 -10.86 109.39 22.77
N PRO JA 469 -10.21 110.49 22.41
CA PRO JA 469 -10.22 110.93 21.02
C PRO JA 469 -9.11 110.32 20.18
N ALA JA 470 -8.04 109.85 20.82
CA ALA JA 470 -6.86 109.40 20.09
C ALA JA 470 -7.19 108.22 19.18
N LEU JA 471 -8.02 107.29 19.65
CA LEU JA 471 -8.34 106.12 18.86
C LEU JA 471 -9.20 106.45 17.65
N ASN JA 472 -9.81 107.63 17.61
CA ASN JA 472 -10.64 108.08 16.49
C ASN JA 472 -11.77 107.09 16.22
N LEU JA 473 -12.38 106.57 17.28
CA LEU JA 473 -13.49 105.64 17.12
C LEU JA 473 -14.73 106.39 16.65
N SER JA 474 -15.44 105.81 15.70
CA SER JA 474 -16.53 106.51 15.04
C SER JA 474 -17.70 106.76 16.00
N PRO JA 475 -18.36 107.91 15.88
CA PRO JA 475 -19.57 108.15 16.70
C PRO JA 475 -20.74 107.28 16.31
N GLN JA 476 -20.77 106.77 15.08
CA GLN JA 476 -21.87 105.89 14.66
C GLN JA 476 -21.91 104.62 15.51
N LEU JA 477 -20.76 104.00 15.76
CA LEU JA 477 -20.74 102.83 16.64
C LEU JA 477 -21.12 103.23 18.06
N ILE JA 478 -20.69 104.41 18.50
CA ILE JA 478 -21.06 104.91 19.83
C ILE JA 478 -22.58 104.92 19.96
N ASN JA 479 -23.26 105.43 18.93
CA ASN JA 479 -24.72 105.33 18.91
C ASN JA 479 -25.17 103.87 18.86
N LEU JA 480 -24.43 103.04 18.14
CA LEU JA 480 -24.87 101.66 17.92
C LEU JA 480 -24.96 100.87 19.21
N MET JA 481 -24.04 101.09 20.16
CA MET JA 481 -24.09 100.31 21.39
C MET JA 481 -25.03 100.89 22.45
N ASN JA 482 -26.06 101.64 22.06
CA ASN JA 482 -27.11 102.06 22.99
C ASN JA 482 -28.30 101.13 23.02
N ASP JA 483 -28.58 100.43 21.93
CA ASP JA 483 -29.70 99.50 21.87
C ASP JA 483 -29.42 98.22 22.66
N ARG JA 484 -30.49 97.54 23.03
CA ARG JA 484 -30.40 96.29 23.77
C ARG JA 484 -30.77 95.07 22.94
N ALA JA 485 -31.46 95.26 21.82
CA ALA JA 485 -31.88 94.12 21.01
C ALA JA 485 -30.68 93.39 20.44
N VAL JA 486 -29.66 94.14 20.00
CA VAL JA 486 -28.49 93.49 19.40
C VAL JA 486 -27.68 92.75 20.45
N GLY JA 487 -27.66 93.26 21.69
CA GLY JA 487 -26.99 92.60 22.80
C GLY JA 487 -25.53 92.29 22.55
N ILE JA 488 -24.70 93.32 22.43
CA ILE JA 488 -23.31 93.14 22.02
C ILE JA 488 -22.34 93.67 23.06
N MET JA 489 -22.77 93.82 24.31
CA MET JA 489 -21.85 94.32 25.31
C MET JA 489 -22.03 93.49 26.57
N PRO JA 490 -20.96 93.18 27.30
CA PRO JA 490 -21.10 92.38 28.52
C PRO JA 490 -22.00 93.07 29.53
N THR JA 491 -22.79 92.27 30.23
CA THR JA 491 -23.79 92.79 31.16
C THR JA 491 -24.12 91.74 32.20
N CYS JA 492 -24.74 92.21 33.29
CA CYS JA 492 -25.26 91.33 34.33
C CYS JA 492 -26.70 91.76 34.63
N ALA JA 493 -27.50 90.80 35.04
CA ALA JA 493 -28.89 91.10 35.36
C ALA JA 493 -28.97 91.99 36.59
N GLY JA 494 -29.73 93.09 36.48
CA GLY JA 494 -29.89 94.00 37.57
C GLY JA 494 -29.15 95.32 37.46
N CYS JA 495 -28.55 95.62 36.32
CA CYS JA 495 -27.84 96.87 36.12
C CYS JA 495 -28.19 97.42 34.75
N ASP JA 496 -27.66 98.61 34.45
CA ASP JA 496 -27.90 99.28 33.17
C ASP JA 496 -26.57 99.76 32.60
N VAL JA 497 -26.51 99.82 31.27
CA VAL JA 497 -25.27 100.05 30.54
C VAL JA 497 -25.47 101.22 29.58
N LYS JA 498 -24.48 102.12 29.53
CA LYS JA 498 -24.49 103.24 28.61
C LYS JA 498 -23.11 103.38 28.00
N VAL JA 499 -23.05 103.87 26.75
CA VAL JA 499 -21.77 104.02 26.08
C VAL JA 499 -20.96 105.15 26.73
N ILE JA 500 -21.62 106.23 27.10
CA ILE JA 500 -20.96 107.36 27.76
C ILE JA 500 -21.90 107.95 28.79
#